data_8U11
#
_entry.id   8U11
#
_cell.length_a   1.00
_cell.length_b   1.00
_cell.length_c   1.00
_cell.angle_alpha   90.00
_cell.angle_beta   90.00
_cell.angle_gamma   90.00
#
_symmetry.space_group_name_H-M   'P 1'
#
loop_
_entity.id
_entity.type
_entity.pdbx_description
1 polymer 'Packaged DNA stabilization protein gp10'
2 polymer 'Tail spike protein'
3 polymer 'Portal protein'
4 polymer 'Peptidoglycan hydrolase gp4'
5 polymer 'Major capsid protein'
#
loop_
_entity_poly.entity_id
_entity_poly.type
_entity_poly.pdbx_seq_one_letter_code
_entity_poly.pdbx_strand_id
1 'polypeptide(L)'
;MPIQQLPMMKGMGKDFKNADYIDYLPVNMLATPKEILNSSGYLRSFPGITKRYDMNGVSRGVEYNTAQNAVYRVCGGKLY
KGESEVGDVAGSGRVSMAHGRTSQAVGVNGQLVEYRYDGTVKTVSNWPADSGFTQYELGSVRDITRLRGRYAWSKDGTDS
WFITDLEDESHPDRYSAQYRAESQPDGIIGIGTWRDFIVCFGSSTIEYFSLTGATTAGAALYVAQPSLMVQKGIAGTYCK
TPFADSYAFISHPATGAPSVYIIGSGQASPIATASIEKIIRSYTAEEMATGVMETLRFDSHELLIIHLPRHVLVYDASSS
QNGPQWCVLKTGLYDDVYRGVDFMYEGNQITCGDKSEAVVGQLQFDISSQYDKQQEHLLFTPLFKADNARCFDLEVESST
GVAQYADRLFLSATTDGINYGREQMIEQNEPFVYDKRVLWKRVGRIRRLIGFKLRVITKSPVTLSGCQIRLE
;
1,2,3,4,5,6
2 'polypeptide(L)'
;MTDITANVVVSNPRPIFTESRSFKAVANGKIYIGQIDTDPVNPANQIPVYIENEDGSHVQITQPLIINAAGKIVYNGQLV
KIVTVQGHSMAIYDANGSQVDYIANVLKYDPDQYSIEADKKFKYSVKLSDYPTLQDAASAAVDGLLIDRDYNFYGGETVD
FGGKVLTIECKAKFIGDGNLIFTKLGKGSRIAGVFMESTTTPWVIKPWTDDNQWLTDAAAVVATLKQSKTDGYQPTVSDY
VKFPGIETLLPPNAKGQNITSTLEIRECIGVEVHRASGLMAGFLFRGCHFCKMVDANNPSGGKDGIITFENLSGDWGKGN
YVIGGRTSYGSVSSAQFLRNNGGFERDGGVIGFTSYRAGESGVKTWQGTVGSTTSRNYNLQFRDSVVIYPVWDGFDLGAD
TDMNPELDRPGDYPITQYPLHQLPLNHLIDNLLVRGALGVGFGMDGKGMYVSNITVEDCAGSGAYLLTHESVFTNIAIID
TNTKDFQANQIYISGACRVNGLRLIGIRSTDGQGLTIDAPNSTVSGITGMVDPSRINVANLAEEGLGNIRANSFGYDSAA
IKLRIHKLSKTLDSGALYSHINGGAGSGSAYTQLTAISGSTPDAVSLKVNHKDCRGAEIPFVPDIASDDFIKDSSCFLPY
WENNSTSLKALVKKPNGELVRLTLATL
;
7,8,9,10,11,12,13,14,15,16,17,18,19,20,21,22,23,24
3 'polypeptide(L)'
;MADNENRLESILSRFDADWTASDEARREAKNDLFFSRVSQWDDWLSQYTTLQYRGQFDVVRPVVRKLVSEMRQNPIDVLY
RPKDGARPDAADVLMGMYRTDMRHNTAKIAVNIAVREQIEAGVGAWRLVTDYEDQSPTSNNQVIRREPIHSACSHVIWDS
NSKLMDKSDARHCTVIHSMSQNGWEDFAEKYDLDADDIPSFQNPNDWVFPWLTQDTIQIAEFYEVVEKKETAFIYQDPVT
GEPVSYFKRDIKDVIDDLADSGFIKIAERQIKRRRVYKSIITCTAVLKDKQLIAGEHIPIVPVFGEWGFVEDKEVYEGVV
RLTKDGQRLRNMIMSFNADIVARTPKKKPFFWPEQIAGFEHMYDGNDDYPYYLLNRTDENSGDLPTQPLAYYENPEVPQA
NAYMLEAATSAVKEVATLGVDTEAVNGGQVAFDTVNQLNMRADLETYVFQDNLATAMRRDGEIYQSIVNDIYDVPRNVTI
TLEDGSEKDVQLMAEVVDLATGEKQVLNDIRGRYECYTDVGPSFQSMKQQNRAEILELLGKTPQGTPEYQLLLLQYFTLL
DGKGVEMMRDYANKQLIQMGVKKPETPEEQQWLVEAQQAKQGQQDPAMVQAQGVLLQGQAELAKAQNQTLSLQIDAAKVE
AQNQLNAARIAEIFNNMDLSKQSEFREFLKTVASFQQDRSEDARANAELLLKGDEQTHKQRMDIANILQSQRQNQPSGSV
AETPQ
;
a,b,c,d,e,l,f,k,i,j,h,g
4 'polypeptide(L)'
;MQIKTKGDLVRAALRKLGVASDATLTDVEPQSMQDAVDDLEAMMAEWYQDGKGIITGYVFSDDENPPAEGDDHGLRSSAV
SAVFHNLACRIAPDYALEATAKIIATAKYGKELLYKQTAISRAKRAPYPSRMPTGSGNSFANLNEWHYFPGEQNADSTTP
HDEGNG
;
y,m,n,o,p,q,r,s,t,u,v,x
5 'polypeptide(L)'
;MALNEGQIVTLAVDEIIETISAITPMAQKAKKYTPPAASMQRSSNTIWMPVEQESPTQEGWDLTDKATGLLELNVAVNMG
EPDNDFFQLRADDLRDETAYRRRIQSAARKLANNVELKVANMAAEMGSLVITSPDAIGTNTADAWNFVADAEEIMFSREL
NRDMGTSYFFNPQDYKKAGYDLTKRDIFGRIPEEAYRDGTIQRQVAGFDDVLRSPKLPVLTKSTATGITVSGAQSFKPVA
WQLDNDGNKVNVDNRFATVTLSATTGMKRGDKISFAGVKFLGQMAKNVLAQDATFSVVRVVDGTHVEITPKPVALDDVSL
SPEQRAYANVNTSLADAMAVNILNVKDARTNVFWADDAIRIVSQPIPANHELFAGMKTTSFSIPDVGLNGIFATQGDIST
LSGLCRIALWYGVNATRPEAIGVGLPGQTA
;
E,C,A,G,I,D,B,F,H,J
#
# COMPACT_ATOMS: atom_id res chain seq x y z
N PRO A 2 -31.00 -24.23 -37.21
CA PRO A 2 -30.93 -24.76 -38.58
C PRO A 2 -32.29 -25.11 -39.14
N ILE A 3 -32.57 -24.63 -40.34
CA ILE A 3 -33.81 -24.93 -41.05
C ILE A 3 -33.45 -25.83 -42.22
N GLN A 4 -34.18 -26.94 -42.37
CA GLN A 4 -33.93 -27.91 -43.43
C GLN A 4 -35.22 -28.15 -44.20
N GLN A 5 -35.12 -28.20 -45.51
CA GLN A 5 -36.27 -28.44 -46.37
C GLN A 5 -36.34 -29.92 -46.73
N LEU A 6 -37.52 -30.51 -46.55
CA LEU A 6 -37.73 -31.92 -46.84
C LEU A 6 -38.41 -32.07 -48.19
N PRO A 7 -37.83 -32.81 -49.14
CA PRO A 7 -38.54 -33.06 -50.40
C PRO A 7 -39.81 -33.85 -50.15
N MET A 8 -40.85 -33.51 -50.92
CA MET A 8 -42.15 -34.13 -50.76
C MET A 8 -42.66 -34.80 -52.02
N MET A 9 -41.98 -34.64 -53.15
CA MET A 9 -42.44 -35.22 -54.39
C MET A 9 -42.31 -36.74 -54.41
N LYS A 10 -41.50 -37.31 -53.53
CA LYS A 10 -41.32 -38.77 -53.53
C LYS A 10 -40.73 -39.19 -52.19
N GLY A 11 -41.48 -39.98 -51.42
CA GLY A 11 -41.00 -40.47 -50.16
C GLY A 11 -40.20 -41.74 -50.31
N MET A 12 -39.79 -42.29 -49.17
CA MET A 12 -38.92 -43.46 -49.14
C MET A 12 -39.36 -44.36 -48.00
N GLY A 13 -39.08 -45.65 -48.12
CA GLY A 13 -39.41 -46.54 -47.03
C GLY A 13 -38.96 -47.95 -47.30
N LYS A 14 -39.39 -48.86 -46.43
CA LYS A 14 -39.09 -50.27 -46.58
C LYS A 14 -40.37 -51.06 -46.80
N ASP A 15 -40.26 -52.12 -47.59
CA ASP A 15 -41.35 -53.05 -47.85
C ASP A 15 -41.22 -54.17 -46.83
N PHE A 16 -42.27 -54.39 -46.04
CA PHE A 16 -42.15 -55.31 -44.91
C PHE A 16 -42.24 -56.77 -45.32
N LYS A 17 -42.28 -57.07 -46.62
CA LYS A 17 -42.25 -58.45 -47.08
C LYS A 17 -40.84 -58.92 -47.40
N ASN A 18 -40.09 -58.14 -48.17
CA ASN A 18 -38.72 -58.51 -48.52
C ASN A 18 -37.69 -57.55 -47.94
N ALA A 19 -38.11 -56.61 -47.10
CA ALA A 19 -37.20 -55.66 -46.46
C ALA A 19 -36.37 -54.90 -47.48
N ASP A 20 -37.00 -54.54 -48.61
CA ASP A 20 -36.33 -53.81 -49.66
C ASP A 20 -36.75 -52.35 -49.62
N TYR A 21 -35.82 -51.48 -49.96
CA TYR A 21 -36.13 -50.05 -50.03
C TYR A 21 -37.00 -49.76 -51.24
N ILE A 22 -38.11 -49.06 -51.01
CA ILE A 22 -38.99 -48.67 -52.09
C ILE A 22 -39.29 -47.18 -51.99
N ASP A 23 -39.70 -46.61 -53.10
CA ASP A 23 -40.13 -45.23 -53.16
C ASP A 23 -41.61 -45.16 -52.85
N TYR A 24 -41.98 -44.27 -51.94
CA TYR A 24 -43.37 -44.06 -51.57
C TYR A 24 -43.92 -42.99 -52.49
N LEU A 25 -44.82 -43.36 -53.30
CA LEU A 25 -45.23 -42.34 -54.26
C LEU A 25 -46.40 -41.53 -53.72
N PRO A 26 -46.51 -40.26 -54.09
CA PRO A 26 -47.65 -39.47 -53.63
C PRO A 26 -48.94 -40.04 -54.19
N VAL A 27 -50.01 -39.87 -53.41
CA VAL A 27 -51.32 -40.40 -53.76
C VAL A 27 -52.23 -39.23 -54.10
N ASN A 28 -52.76 -39.22 -55.31
CA ASN A 28 -53.70 -38.20 -55.79
C ASN A 28 -53.07 -36.82 -55.85
N MET A 29 -51.75 -36.71 -55.86
CA MET A 29 -51.07 -35.43 -55.93
C MET A 29 -50.15 -35.40 -57.14
N LEU A 30 -50.17 -34.28 -57.86
CA LEU A 30 -49.28 -34.06 -59.00
C LEU A 30 -48.30 -32.96 -58.64
N ALA A 31 -47.02 -33.18 -58.94
CA ALA A 31 -45.98 -32.23 -58.62
C ALA A 31 -45.77 -31.28 -59.80
N THR A 32 -45.94 -29.99 -59.55
CA THR A 32 -45.74 -28.99 -60.58
C THR A 32 -44.43 -28.26 -60.32
N PRO A 33 -43.46 -28.34 -61.22
CA PRO A 33 -42.18 -27.65 -61.00
C PRO A 33 -42.34 -26.15 -61.26
N LYS A 34 -42.12 -25.36 -60.21
CA LYS A 34 -42.30 -23.92 -60.29
C LYS A 34 -41.69 -23.25 -59.07
N GLU A 35 -40.87 -22.23 -59.27
CA GLU A 35 -40.27 -21.52 -58.13
C GLU A 35 -41.33 -20.60 -57.54
N ILE A 36 -41.86 -20.98 -56.37
CA ILE A 36 -42.89 -20.17 -55.73
C ILE A 36 -42.23 -19.29 -54.67
N LEU A 37 -41.67 -19.92 -53.65
CA LEU A 37 -40.91 -19.20 -52.63
C LEU A 37 -40.04 -20.22 -51.88
N ASN A 38 -38.74 -20.17 -52.11
CA ASN A 38 -37.77 -21.07 -51.50
C ASN A 38 -38.09 -22.53 -51.76
N SER A 39 -38.91 -22.84 -52.76
CA SER A 39 -39.42 -24.19 -52.95
C SER A 39 -39.02 -24.84 -54.25
N SER A 40 -39.12 -24.11 -55.37
CA SER A 40 -38.84 -24.65 -56.71
C SER A 40 -39.77 -25.81 -57.05
N GLY A 41 -41.04 -25.64 -56.71
CA GLY A 41 -42.04 -26.64 -57.06
C GLY A 41 -43.09 -26.85 -56.00
N TYR A 42 -44.34 -27.03 -56.40
CA TYR A 42 -45.41 -27.28 -55.44
C TYR A 42 -46.11 -28.58 -55.81
N LEU A 43 -47.14 -28.93 -55.06
CA LEU A 43 -47.90 -30.14 -55.33
C LEU A 43 -49.38 -29.80 -55.24
N ARG A 44 -50.14 -30.20 -56.24
CA ARG A 44 -51.55 -29.88 -56.35
C ARG A 44 -52.35 -31.17 -56.46
N SER A 45 -53.50 -31.21 -55.79
CA SER A 45 -54.34 -32.38 -55.87
C SER A 45 -54.82 -32.59 -57.30
N PHE A 46 -54.96 -33.87 -57.68
CA PHE A 46 -55.52 -34.19 -58.98
C PHE A 46 -56.95 -33.66 -59.06
N PRO A 47 -57.34 -33.04 -60.17
CA PRO A 47 -58.66 -32.39 -60.23
C PRO A 47 -59.79 -33.41 -60.07
N GLY A 48 -60.89 -32.94 -59.50
CA GLY A 48 -61.96 -33.82 -59.12
C GLY A 48 -62.87 -34.13 -60.27
N ILE A 49 -63.82 -35.04 -60.04
CA ILE A 49 -64.71 -35.52 -61.07
C ILE A 49 -66.14 -35.13 -60.69
N THR A 50 -66.82 -34.41 -61.58
CA THR A 50 -68.22 -34.06 -61.40
C THR A 50 -69.06 -34.72 -62.49
N LYS A 51 -70.24 -35.19 -62.09
CA LYS A 51 -71.10 -35.89 -63.02
C LYS A 51 -71.59 -34.96 -64.14
N ARG A 52 -71.50 -35.45 -65.36
CA ARG A 52 -71.92 -34.70 -66.54
C ARG A 52 -73.07 -35.37 -67.29
N TYR A 53 -73.00 -36.68 -67.49
CA TYR A 53 -74.02 -37.38 -68.27
C TYR A 53 -74.48 -38.67 -67.60
N ASP A 54 -75.21 -39.49 -68.36
CA ASP A 54 -75.67 -40.80 -67.92
C ASP A 54 -75.55 -41.75 -69.11
N MET A 55 -74.46 -42.49 -69.16
CA MET A 55 -74.22 -43.44 -70.25
C MET A 55 -75.01 -44.71 -69.96
N ASN A 56 -74.71 -45.78 -70.71
CA ASN A 56 -75.39 -47.05 -70.53
C ASN A 56 -74.60 -48.04 -69.69
N GLY A 57 -73.30 -47.85 -69.53
CA GLY A 57 -72.50 -48.78 -68.78
C GLY A 57 -71.08 -48.27 -68.62
N VAL A 58 -70.24 -49.14 -68.04
CA VAL A 58 -68.84 -48.77 -67.83
C VAL A 58 -68.17 -48.54 -69.17
N SER A 59 -67.31 -47.52 -69.23
CA SER A 59 -66.76 -47.09 -70.50
C SER A 59 -65.88 -48.17 -71.10
N ARG A 60 -66.07 -48.44 -72.38
CA ARG A 60 -65.28 -49.43 -73.08
C ARG A 60 -64.38 -48.83 -74.14
N GLY A 61 -64.48 -47.54 -74.42
CA GLY A 61 -63.53 -46.89 -75.30
C GLY A 61 -63.85 -45.43 -75.46
N VAL A 62 -62.84 -44.68 -75.90
CA VAL A 62 -62.99 -43.27 -76.21
C VAL A 62 -62.14 -42.94 -77.43
N GLU A 63 -62.61 -41.99 -78.23
CA GLU A 63 -61.80 -41.49 -79.32
C GLU A 63 -62.26 -40.08 -79.67
N TYR A 64 -61.38 -39.33 -80.32
CA TYR A 64 -61.66 -37.99 -80.80
C TYR A 64 -61.78 -38.05 -82.32
N ASN A 65 -63.01 -37.94 -82.81
CA ASN A 65 -63.25 -37.90 -84.24
C ASN A 65 -62.95 -36.51 -84.75
N THR A 66 -61.94 -36.41 -85.61
CA THR A 66 -61.55 -35.14 -86.23
C THR A 66 -62.32 -34.84 -87.50
N ALA A 67 -63.10 -35.81 -88.02
CA ALA A 67 -64.00 -35.52 -89.14
C ALA A 67 -65.28 -34.87 -88.65
N GLN A 68 -65.97 -35.53 -87.72
CA GLN A 68 -67.16 -34.94 -87.13
C GLN A 68 -66.82 -33.94 -86.03
N ASN A 69 -65.55 -33.81 -85.67
CA ASN A 69 -65.10 -32.90 -84.62
C ASN A 69 -65.91 -33.11 -83.34
N ALA A 70 -65.78 -34.32 -82.79
CA ALA A 70 -66.53 -34.69 -81.61
C ALA A 70 -65.79 -35.79 -80.86
N VAL A 71 -66.39 -36.22 -79.76
CA VAL A 71 -65.82 -37.27 -78.91
C VAL A 71 -66.78 -38.45 -78.93
N TYR A 72 -66.28 -39.61 -79.33
CA TYR A 72 -67.08 -40.82 -79.41
C TYR A 72 -66.72 -41.72 -78.24
N ARG A 73 -67.71 -42.05 -77.42
CA ARG A 73 -67.54 -42.93 -76.27
C ARG A 73 -68.30 -44.22 -76.52
N VAL A 74 -67.63 -45.35 -76.25
CA VAL A 74 -68.25 -46.66 -76.26
C VAL A 74 -68.43 -47.05 -74.80
N CYS A 75 -69.66 -46.89 -74.30
CA CYS A 75 -70.01 -47.12 -72.92
C CYS A 75 -71.15 -48.13 -72.88
N GLY A 76 -71.01 -49.15 -72.06
CA GLY A 76 -72.04 -50.18 -72.00
C GLY A 76 -72.20 -50.85 -73.36
N GLY A 77 -73.44 -50.97 -73.80
CA GLY A 77 -73.76 -51.57 -75.07
C GLY A 77 -74.05 -50.61 -76.20
N LYS A 78 -73.99 -49.30 -75.95
CA LYS A 78 -74.30 -48.29 -76.93
C LYS A 78 -73.04 -47.59 -77.40
N LEU A 79 -73.19 -46.74 -78.41
CA LEU A 79 -72.11 -45.89 -78.89
C LEU A 79 -72.64 -44.46 -78.98
N TYR A 80 -71.91 -43.52 -78.39
CA TYR A 80 -72.34 -42.14 -78.28
C TYR A 80 -71.38 -41.24 -79.04
N LYS A 81 -71.93 -40.34 -79.84
CA LYS A 81 -71.18 -39.23 -80.41
C LYS A 81 -71.47 -38.03 -79.53
N GLY A 82 -70.53 -37.68 -78.66
CA GLY A 82 -70.80 -36.66 -77.69
C GLY A 82 -71.69 -37.20 -76.59
N GLU A 83 -72.96 -36.78 -76.58
CA GLU A 83 -73.90 -37.19 -75.56
C GLU A 83 -74.98 -38.14 -76.04
N SER A 84 -75.31 -38.11 -77.33
CA SER A 84 -76.45 -38.84 -77.87
C SER A 84 -76.02 -40.17 -78.45
N GLU A 85 -76.79 -41.22 -78.15
CA GLU A 85 -76.51 -42.54 -78.69
C GLU A 85 -76.54 -42.52 -80.21
N VAL A 86 -75.61 -43.24 -80.83
CA VAL A 86 -75.50 -43.26 -82.28
C VAL A 86 -75.64 -44.69 -82.78
N GLY A 87 -75.23 -45.66 -81.97
CA GLY A 87 -75.28 -47.03 -82.40
C GLY A 87 -75.35 -47.98 -81.23
N ASP A 88 -75.11 -49.25 -81.52
CA ASP A 88 -75.10 -50.31 -80.53
C ASP A 88 -73.85 -51.15 -80.70
N VAL A 89 -73.22 -51.50 -79.59
CA VAL A 89 -71.99 -52.29 -79.60
C VAL A 89 -72.21 -53.54 -78.77
N ALA A 90 -71.87 -54.70 -79.36
CA ALA A 90 -71.97 -55.95 -78.63
C ALA A 90 -70.75 -56.12 -77.73
N GLY A 91 -70.76 -57.22 -76.96
CA GLY A 91 -69.64 -57.53 -76.11
C GLY A 91 -69.67 -56.78 -74.79
N SER A 92 -68.65 -57.06 -73.96
CA SER A 92 -68.59 -56.48 -72.62
C SER A 92 -67.19 -56.05 -72.21
N GLY A 93 -66.22 -56.00 -73.12
CA GLY A 93 -64.87 -55.61 -72.78
C GLY A 93 -64.45 -54.31 -73.48
N ARG A 94 -63.20 -53.94 -73.21
CA ARG A 94 -62.60 -52.80 -73.89
C ARG A 94 -62.49 -53.08 -75.38
N VAL A 95 -62.78 -52.07 -76.19
CA VAL A 95 -62.84 -52.21 -77.64
C VAL A 95 -61.81 -51.28 -78.26
N SER A 96 -61.47 -51.56 -79.52
CA SER A 96 -60.58 -50.67 -80.26
C SER A 96 -61.42 -49.67 -81.04
N MET A 97 -60.85 -48.49 -81.28
CA MET A 97 -61.56 -47.45 -82.01
C MET A 97 -60.67 -46.81 -83.06
N ALA A 98 -61.29 -46.43 -84.17
CA ALA A 98 -60.62 -45.64 -85.20
C ALA A 98 -61.72 -44.90 -85.96
N HIS A 99 -61.31 -44.01 -86.86
CA HIS A 99 -62.29 -43.28 -87.63
C HIS A 99 -61.64 -42.79 -88.91
N GLY A 100 -62.48 -42.45 -89.88
CA GLY A 100 -62.00 -41.99 -91.17
C GLY A 100 -62.92 -40.98 -91.81
N ARG A 101 -62.82 -40.87 -93.13
CA ARG A 101 -63.62 -39.90 -93.87
C ARG A 101 -65.12 -40.17 -93.72
N THR A 102 -65.52 -41.44 -93.83
CA THR A 102 -66.93 -41.78 -93.94
C THR A 102 -67.49 -42.55 -92.76
N SER A 103 -66.66 -43.10 -91.89
CA SER A 103 -67.18 -43.97 -90.84
C SER A 103 -66.28 -43.96 -89.62
N GLN A 104 -66.90 -44.14 -88.47
CA GLN A 104 -66.20 -44.41 -87.23
C GLN A 104 -66.24 -45.91 -86.99
N ALA A 105 -65.08 -46.55 -86.95
CA ALA A 105 -65.00 -48.00 -86.87
C ALA A 105 -64.61 -48.43 -85.47
N VAL A 106 -65.25 -49.50 -85.00
CA VAL A 106 -64.98 -50.07 -83.69
C VAL A 106 -64.61 -51.53 -83.88
N GLY A 107 -63.49 -51.92 -83.29
CA GLY A 107 -63.11 -53.32 -83.26
C GLY A 107 -63.62 -53.96 -82.00
N VAL A 108 -64.54 -54.91 -82.15
CA VAL A 108 -65.22 -55.54 -81.03
C VAL A 108 -65.55 -56.98 -81.41
N ASN A 109 -65.32 -57.89 -80.46
CA ASN A 109 -65.67 -59.31 -80.62
C ASN A 109 -65.05 -59.90 -81.89
N GLY A 110 -63.81 -59.52 -82.17
CA GLY A 110 -63.14 -60.03 -83.34
C GLY A 110 -63.77 -59.61 -84.66
N GLN A 111 -64.52 -58.51 -84.66
CA GLN A 111 -65.14 -57.98 -85.86
C GLN A 111 -64.86 -56.49 -85.95
N LEU A 112 -64.61 -56.01 -87.16
CA LEU A 112 -64.39 -54.60 -87.43
C LEU A 112 -65.69 -54.01 -87.95
N VAL A 113 -66.42 -53.32 -87.07
CA VAL A 113 -67.77 -52.85 -87.38
C VAL A 113 -67.71 -51.35 -87.58
N GLU A 114 -68.09 -50.90 -88.77
CA GLU A 114 -68.00 -49.49 -89.13
C GLU A 114 -69.39 -48.86 -89.06
N TYR A 115 -69.51 -47.77 -88.33
CA TYR A 115 -70.74 -47.00 -88.23
C TYR A 115 -70.52 -45.74 -89.06
N ARG A 116 -71.20 -45.65 -90.19
CA ARG A 116 -71.06 -44.46 -91.01
C ARG A 116 -71.89 -43.33 -90.45
N TYR A 117 -71.55 -42.11 -90.86
CA TYR A 117 -72.22 -40.94 -90.33
C TYR A 117 -73.64 -40.79 -90.87
N ASP A 118 -73.98 -41.45 -91.96
CA ASP A 118 -75.33 -41.39 -92.52
C ASP A 118 -76.29 -42.36 -91.84
N GLY A 119 -75.80 -43.18 -90.91
CA GLY A 119 -76.64 -44.13 -90.22
C GLY A 119 -76.53 -45.56 -90.71
N THR A 120 -75.64 -45.85 -91.64
CA THR A 120 -75.47 -47.19 -92.20
C THR A 120 -74.34 -47.91 -91.49
N VAL A 121 -74.57 -49.15 -91.08
CA VAL A 121 -73.59 -49.94 -90.37
C VAL A 121 -73.14 -51.07 -91.27
N LYS A 122 -71.83 -51.26 -91.37
CA LYS A 122 -71.26 -52.36 -92.14
C LYS A 122 -70.22 -53.08 -91.31
N THR A 123 -69.74 -54.20 -91.84
CA THR A 123 -68.70 -54.96 -91.17
C THR A 123 -67.66 -55.37 -92.19
N VAL A 124 -66.38 -55.28 -91.82
CA VAL A 124 -65.33 -55.64 -92.74
C VAL A 124 -65.40 -57.13 -93.00
N SER A 125 -65.66 -57.51 -94.26
CA SER A 125 -65.79 -58.90 -94.64
C SER A 125 -65.29 -59.07 -96.05
N ASN A 126 -64.99 -60.32 -96.41
CA ASN A 126 -64.30 -60.60 -97.66
C ASN A 126 -65.17 -60.21 -98.86
N TRP A 127 -64.52 -59.90 -99.96
CA TRP A 127 -65.22 -59.58 -101.20
C TRP A 127 -66.10 -60.76 -101.60
N PRO A 128 -67.33 -60.51 -102.05
CA PRO A 128 -68.15 -61.60 -102.59
C PRO A 128 -67.47 -62.26 -103.77
N ALA A 129 -67.61 -63.58 -103.86
CA ALA A 129 -66.89 -64.34 -104.88
C ALA A 129 -67.37 -64.04 -106.30
N ASP A 130 -68.51 -63.37 -106.46
CA ASP A 130 -68.93 -62.92 -107.78
C ASP A 130 -67.94 -61.91 -108.36
N SER A 131 -67.27 -61.16 -107.49
CA SER A 131 -66.22 -60.27 -107.94
C SER A 131 -65.03 -61.07 -108.48
N GLY A 132 -64.28 -60.43 -109.37
CA GLY A 132 -63.07 -61.05 -109.88
C GLY A 132 -61.89 -60.77 -108.98
N PHE A 133 -62.18 -60.31 -107.76
CA PHE A 133 -61.17 -59.87 -106.82
C PHE A 133 -60.74 -61.02 -105.90
N THR A 134 -59.68 -60.74 -105.13
CA THR A 134 -59.04 -61.77 -104.31
C THR A 134 -59.86 -62.08 -103.07
N GLN A 135 -59.67 -63.28 -102.54
CA GLN A 135 -60.28 -63.72 -101.29
C GLN A 135 -59.19 -63.97 -100.28
N TYR A 136 -59.35 -63.42 -99.08
CA TYR A 136 -58.34 -63.52 -98.02
C TYR A 136 -58.88 -64.33 -96.85
N GLU A 137 -57.94 -64.77 -96.01
CA GLU A 137 -58.25 -65.56 -94.82
C GLU A 137 -58.52 -64.62 -93.64
N LEU A 138 -59.63 -63.90 -93.75
CA LEU A 138 -60.03 -62.95 -92.71
C LEU A 138 -60.43 -63.73 -91.47
N GLY A 139 -59.55 -63.77 -90.48
CA GLY A 139 -59.87 -64.46 -89.26
C GLY A 139 -60.58 -63.57 -88.27
N SER A 140 -60.06 -63.48 -87.06
CA SER A 140 -60.57 -62.54 -86.07
C SER A 140 -59.82 -61.23 -86.17
N VAL A 141 -60.36 -60.21 -85.51
CA VAL A 141 -59.77 -58.88 -85.51
C VAL A 141 -59.36 -58.54 -84.09
N ARG A 142 -58.07 -58.22 -83.91
CA ARG A 142 -57.52 -57.90 -82.59
C ARG A 142 -57.40 -56.41 -82.36
N ASP A 143 -56.65 -55.72 -83.21
CA ASP A 143 -56.40 -54.29 -83.07
C ASP A 143 -56.58 -53.61 -84.42
N ILE A 144 -57.17 -52.42 -84.41
CA ILE A 144 -57.50 -51.70 -85.63
C ILE A 144 -56.88 -50.31 -85.56
N THR A 145 -56.68 -49.73 -86.74
CA THR A 145 -56.16 -48.37 -86.86
C THR A 145 -56.55 -47.85 -88.23
N ARG A 146 -56.24 -46.58 -88.48
CA ARG A 146 -56.51 -45.95 -89.76
C ARG A 146 -55.30 -45.16 -90.24
N LEU A 147 -54.99 -45.27 -91.52
CA LEU A 147 -53.89 -44.50 -92.10
C LEU A 147 -54.13 -44.32 -93.58
N ARG A 148 -53.96 -43.09 -94.06
CA ARG A 148 -54.07 -42.76 -95.49
C ARG A 148 -55.39 -43.26 -96.06
N GLY A 149 -56.46 -43.09 -95.29
CA GLY A 149 -57.77 -43.49 -95.76
C GLY A 149 -57.99 -44.98 -95.85
N ARG A 150 -57.21 -45.77 -95.13
CA ARG A 150 -57.35 -47.22 -95.13
C ARG A 150 -57.32 -47.72 -93.69
N TYR A 151 -58.31 -48.52 -93.33
CA TYR A 151 -58.25 -49.21 -92.05
C TYR A 151 -57.22 -50.33 -92.14
N ALA A 152 -56.42 -50.48 -91.09
CA ALA A 152 -55.46 -51.57 -90.98
C ALA A 152 -55.77 -52.32 -89.70
N TRP A 153 -55.96 -53.63 -89.80
CA TRP A 153 -56.33 -54.43 -88.65
C TRP A 153 -55.52 -55.71 -88.60
N SER A 154 -55.29 -56.19 -87.38
CA SER A 154 -54.39 -57.31 -87.17
C SER A 154 -55.18 -58.56 -86.81
N LYS A 155 -54.89 -59.66 -87.52
CA LYS A 155 -55.57 -60.92 -87.25
C LYS A 155 -55.13 -61.49 -85.92
N ASP A 156 -56.08 -62.11 -85.21
CA ASP A 156 -55.84 -62.53 -83.84
C ASP A 156 -54.86 -63.69 -83.81
N GLY A 157 -53.64 -63.42 -83.37
CA GLY A 157 -52.67 -64.47 -83.11
C GLY A 157 -52.03 -65.09 -84.32
N THR A 158 -52.07 -64.42 -85.47
CA THR A 158 -51.49 -64.99 -86.68
C THR A 158 -50.47 -64.07 -87.33
N ASP A 159 -50.04 -63.02 -86.65
CA ASP A 159 -48.91 -62.17 -87.03
C ASP A 159 -49.21 -61.34 -88.28
N SER A 160 -50.34 -61.56 -88.93
CA SER A 160 -50.67 -60.86 -90.17
C SER A 160 -51.59 -59.67 -89.91
N TRP A 161 -51.54 -58.69 -90.80
CA TRP A 161 -52.48 -57.57 -90.79
C TRP A 161 -53.00 -57.35 -92.21
N PHE A 162 -54.13 -56.67 -92.29
CA PHE A 162 -54.81 -56.42 -93.55
C PHE A 162 -55.18 -54.94 -93.62
N ILE A 163 -55.29 -54.45 -94.85
CA ILE A 163 -55.78 -53.09 -95.08
C ILE A 163 -57.03 -53.14 -95.93
N THR A 164 -57.92 -52.19 -95.69
CA THR A 164 -59.16 -52.08 -96.46
C THR A 164 -58.90 -51.33 -97.76
N ASP A 165 -59.96 -51.17 -98.55
CA ASP A 165 -59.87 -50.62 -99.89
C ASP A 165 -60.08 -49.12 -99.89
N LEU A 166 -59.50 -48.46 -100.89
CA LEU A 166 -59.68 -47.01 -101.03
C LEU A 166 -61.11 -46.67 -101.40
N GLU A 167 -61.70 -47.39 -102.35
CA GLU A 167 -63.04 -47.09 -102.82
C GLU A 167 -64.14 -47.80 -102.04
N ASP A 168 -63.78 -48.72 -101.14
CA ASP A 168 -64.80 -49.38 -100.33
C ASP A 168 -64.14 -49.84 -99.04
N GLU A 169 -64.33 -49.06 -97.98
CA GLU A 169 -63.73 -49.37 -96.69
C GLU A 169 -64.33 -50.60 -96.04
N SER A 170 -65.48 -51.06 -96.52
CA SER A 170 -66.14 -52.22 -95.93
C SER A 170 -65.57 -53.54 -96.41
N HIS A 171 -64.70 -53.53 -97.42
CA HIS A 171 -64.07 -54.73 -97.93
C HIS A 171 -62.57 -54.48 -98.06
N PRO A 172 -61.76 -55.53 -97.91
CA PRO A 172 -60.30 -55.35 -98.01
C PRO A 172 -59.86 -54.92 -99.40
N ASP A 173 -58.57 -54.64 -99.56
CA ASP A 173 -58.07 -54.24 -100.87
C ASP A 173 -58.27 -55.35 -101.88
N ARG A 174 -58.59 -54.95 -103.12
CA ARG A 174 -58.99 -55.92 -104.13
C ARG A 174 -57.86 -56.88 -104.48
N TYR A 175 -56.65 -56.36 -104.68
CA TYR A 175 -55.54 -57.18 -105.19
C TYR A 175 -54.61 -57.63 -104.08
N SER A 176 -54.01 -56.70 -103.35
CA SER A 176 -53.04 -57.02 -102.29
C SER A 176 -53.48 -56.30 -101.02
N ALA A 177 -53.98 -57.06 -100.05
CA ALA A 177 -54.47 -56.49 -98.81
C ALA A 177 -53.84 -57.08 -97.56
N GLN A 178 -53.11 -58.18 -97.67
CA GLN A 178 -52.53 -58.85 -96.52
C GLN A 178 -51.03 -58.62 -96.48
N TYR A 179 -50.53 -58.16 -95.33
CA TYR A 179 -49.12 -57.97 -95.09
C TYR A 179 -48.76 -58.66 -93.78
N ARG A 180 -47.47 -58.85 -93.56
CA ARG A 180 -47.00 -59.56 -92.38
C ARG A 180 -45.72 -58.93 -91.87
N ALA A 181 -45.43 -59.17 -90.59
CA ALA A 181 -44.18 -58.69 -90.02
C ALA A 181 -43.01 -59.60 -90.43
N GLU A 182 -43.12 -60.89 -90.11
CA GLU A 182 -42.25 -61.95 -90.61
C GLU A 182 -40.86 -61.88 -90.02
N SER A 183 -40.53 -60.80 -89.30
CA SER A 183 -39.26 -60.75 -88.57
C SER A 183 -39.48 -61.14 -87.11
N GLN A 184 -40.20 -62.25 -86.91
CA GLN A 184 -40.56 -62.71 -85.57
C GLN A 184 -41.21 -64.08 -85.65
N PRO A 185 -40.94 -64.96 -84.70
CA PRO A 185 -41.72 -66.20 -84.62
C PRO A 185 -43.19 -65.99 -84.36
N ASP A 186 -43.58 -64.90 -83.69
CA ASP A 186 -44.98 -64.64 -83.42
C ASP A 186 -45.16 -63.23 -82.91
N GLY A 187 -46.40 -62.75 -82.96
CA GLY A 187 -46.78 -61.51 -82.31
C GLY A 187 -47.29 -60.41 -83.21
N ILE A 188 -48.56 -60.07 -83.06
CA ILE A 188 -49.11 -58.87 -83.69
C ILE A 188 -49.92 -58.05 -82.68
N ILE A 189 -49.54 -58.16 -81.41
CA ILE A 189 -50.36 -57.78 -80.25
C ILE A 189 -51.17 -56.51 -80.47
N GLY A 190 -50.55 -55.49 -81.06
CA GLY A 190 -51.25 -54.25 -81.31
C GLY A 190 -50.76 -53.59 -82.58
N ILE A 191 -51.55 -52.62 -83.05
CA ILE A 191 -51.23 -51.86 -84.25
C ILE A 191 -51.57 -50.40 -84.02
N GLY A 192 -50.73 -49.52 -84.53
CA GLY A 192 -50.96 -48.09 -84.47
C GLY A 192 -50.34 -47.44 -85.68
N THR A 193 -50.37 -46.11 -85.72
CA THR A 193 -49.74 -45.36 -86.80
C THR A 193 -48.91 -44.25 -86.18
N TRP A 194 -47.61 -44.22 -86.50
CA TRP A 194 -46.76 -43.26 -85.79
C TRP A 194 -46.80 -41.88 -86.43
N ARG A 195 -46.23 -41.75 -87.62
CA ARG A 195 -46.35 -40.51 -88.40
C ARG A 195 -47.04 -40.78 -89.73
N ASP A 196 -46.46 -41.66 -90.53
CA ASP A 196 -47.09 -42.22 -91.71
C ASP A 196 -46.79 -43.70 -91.80
N PHE A 197 -46.13 -44.26 -90.78
CA PHE A 197 -45.78 -45.68 -90.75
C PHE A 197 -46.82 -46.42 -89.94
N ILE A 198 -47.31 -47.52 -90.50
CA ILE A 198 -48.08 -48.48 -89.73
C ILE A 198 -47.13 -49.23 -88.81
N VAL A 199 -47.37 -49.14 -87.51
CA VAL A 199 -46.49 -49.72 -86.51
C VAL A 199 -47.18 -50.95 -85.94
N CYS A 200 -46.50 -52.08 -85.98
CA CYS A 200 -47.00 -53.32 -85.41
C CYS A 200 -46.18 -53.65 -84.17
N PHE A 201 -46.84 -53.67 -83.01
CA PHE A 201 -46.23 -54.14 -81.78
C PHE A 201 -46.58 -55.61 -81.61
N GLY A 202 -45.64 -56.48 -81.89
CA GLY A 202 -45.75 -57.86 -81.51
C GLY A 202 -45.12 -58.05 -80.15
N SER A 203 -45.00 -59.30 -79.74
CA SER A 203 -44.20 -59.62 -78.58
C SER A 203 -42.76 -59.76 -79.03
N SER A 204 -41.85 -59.06 -78.36
CA SER A 204 -40.42 -59.06 -78.62
C SER A 204 -40.03 -58.36 -79.92
N THR A 205 -40.96 -57.73 -80.63
CA THR A 205 -40.64 -56.95 -81.81
C THR A 205 -41.61 -55.80 -81.97
N ILE A 206 -41.12 -54.70 -82.54
CA ILE A 206 -41.94 -53.60 -83.00
C ILE A 206 -41.46 -53.24 -84.39
N GLU A 207 -42.37 -53.18 -85.36
CA GLU A 207 -42.00 -52.99 -86.76
C GLU A 207 -42.73 -51.79 -87.36
N TYR A 208 -42.06 -51.16 -88.33
CA TYR A 208 -42.55 -49.96 -89.00
C TYR A 208 -42.71 -50.26 -90.49
N PHE A 209 -43.85 -49.90 -91.03
CA PHE A 209 -44.16 -50.09 -92.45
C PHE A 209 -44.50 -48.74 -93.07
N SER A 210 -43.96 -48.49 -94.26
CA SER A 210 -44.25 -47.26 -94.99
C SER A 210 -44.90 -47.57 -96.32
N LEU A 211 -45.62 -46.58 -96.85
CA LEU A 211 -46.27 -46.73 -98.15
C LEU A 211 -45.23 -46.84 -99.25
N THR A 212 -45.40 -47.82 -100.14
CA THR A 212 -44.53 -47.96 -101.29
C THR A 212 -45.04 -47.17 -102.49
N GLY A 213 -46.36 -47.00 -102.60
CA GLY A 213 -46.92 -46.26 -103.72
C GLY A 213 -47.02 -47.04 -105.01
N ALA A 214 -46.92 -48.36 -104.95
CA ALA A 214 -47.01 -49.17 -106.15
C ALA A 214 -48.41 -49.12 -106.74
N THR A 215 -48.49 -49.05 -108.07
CA THR A 215 -49.78 -48.94 -108.77
C THR A 215 -50.16 -50.20 -109.52
N THR A 216 -49.22 -51.11 -109.77
CA THR A 216 -49.56 -52.36 -110.42
C THR A 216 -50.33 -53.28 -109.47
N ALA A 217 -51.24 -54.06 -110.05
CA ALA A 217 -52.05 -54.97 -109.25
C ALA A 217 -51.16 -56.03 -108.60
N GLY A 218 -51.50 -56.39 -107.36
CA GLY A 218 -50.77 -57.40 -106.64
C GLY A 218 -49.45 -56.96 -106.08
N ALA A 219 -49.10 -55.67 -106.20
CA ALA A 219 -47.85 -55.18 -105.65
C ALA A 219 -48.04 -54.74 -104.20
N ALA A 220 -46.94 -54.78 -103.45
CA ALA A 220 -46.99 -54.49 -102.02
C ALA A 220 -47.05 -52.98 -101.81
N LEU A 221 -48.14 -52.51 -101.19
CA LEU A 221 -48.30 -51.09 -100.91
C LEU A 221 -47.54 -50.64 -99.68
N TYR A 222 -47.25 -51.55 -98.75
CA TYR A 222 -46.55 -51.25 -97.51
C TYR A 222 -45.29 -52.08 -97.42
N VAL A 223 -44.14 -51.42 -97.26
CA VAL A 223 -42.85 -52.09 -97.18
C VAL A 223 -42.24 -51.79 -95.83
N ALA A 224 -41.68 -52.81 -95.18
CA ALA A 224 -41.12 -52.64 -93.86
C ALA A 224 -39.84 -51.80 -93.91
N GLN A 225 -39.68 -50.92 -92.93
CA GLN A 225 -38.47 -50.13 -92.74
C GLN A 225 -37.73 -50.76 -91.57
N PRO A 226 -36.85 -51.74 -91.81
CA PRO A 226 -36.22 -52.43 -90.68
C PRO A 226 -35.26 -51.58 -89.89
N SER A 227 -34.82 -50.45 -90.45
CA SER A 227 -33.92 -49.56 -89.73
C SER A 227 -34.58 -49.00 -88.47
N LEU A 228 -35.90 -48.90 -88.47
CA LEU A 228 -36.63 -48.31 -87.36
C LEU A 228 -37.21 -49.36 -86.43
N MET A 229 -36.85 -50.62 -86.59
CA MET A 229 -37.43 -51.64 -85.73
C MET A 229 -36.91 -51.49 -84.30
N VAL A 230 -37.79 -51.77 -83.35
CA VAL A 230 -37.45 -51.77 -81.93
C VAL A 230 -37.52 -53.20 -81.44
N GLN A 231 -36.47 -53.65 -80.74
CA GLN A 231 -36.37 -55.03 -80.32
C GLN A 231 -37.03 -55.25 -78.95
N LYS A 232 -38.33 -54.96 -78.90
CA LYS A 232 -39.10 -55.16 -77.68
C LYS A 232 -40.57 -55.25 -78.04
N GLY A 233 -41.35 -55.82 -77.12
CA GLY A 233 -42.75 -56.05 -77.37
C GLY A 233 -43.67 -55.32 -76.41
N ILE A 234 -44.97 -55.60 -76.48
CA ILE A 234 -45.93 -55.00 -75.56
C ILE A 234 -46.71 -56.11 -74.87
N ALA A 235 -47.14 -55.84 -73.64
CA ALA A 235 -47.70 -56.90 -72.81
C ALA A 235 -49.14 -57.22 -73.19
N GLY A 236 -49.90 -56.23 -73.65
CA GLY A 236 -51.28 -56.44 -74.00
C GLY A 236 -51.65 -55.63 -75.22
N THR A 237 -52.92 -55.72 -75.61
CA THR A 237 -53.39 -54.97 -76.78
C THR A 237 -53.42 -53.48 -76.50
N TYR A 238 -53.83 -53.09 -75.29
CA TYR A 238 -53.99 -51.69 -74.90
C TYR A 238 -52.88 -51.21 -73.98
N CYS A 239 -51.70 -51.80 -74.08
CA CYS A 239 -50.57 -51.43 -73.24
C CYS A 239 -49.64 -50.46 -73.98
N LYS A 240 -50.22 -49.56 -74.75
CA LYS A 240 -49.48 -48.67 -75.64
C LYS A 240 -50.29 -47.40 -75.87
N THR A 241 -49.60 -46.28 -76.00
CA THR A 241 -50.22 -45.00 -76.30
C THR A 241 -49.23 -44.12 -77.04
N PRO A 242 -49.68 -43.09 -77.73
CA PRO A 242 -48.77 -42.04 -78.21
C PRO A 242 -48.53 -41.02 -77.12
N PHE A 243 -47.29 -40.94 -76.65
CA PHE A 243 -47.03 -40.09 -75.50
C PHE A 243 -46.58 -38.69 -75.88
N ALA A 244 -45.40 -38.55 -76.49
CA ALA A 244 -44.89 -37.23 -76.82
C ALA A 244 -44.78 -37.02 -78.33
N ASP A 245 -44.00 -37.84 -79.00
CA ASP A 245 -44.02 -37.91 -80.46
C ASP A 245 -43.82 -39.34 -80.93
N SER A 246 -43.77 -40.29 -80.00
CA SER A 246 -43.62 -41.70 -80.32
C SER A 246 -44.56 -42.43 -79.37
N TYR A 247 -44.38 -43.74 -79.26
CA TYR A 247 -45.27 -44.57 -78.47
C TYR A 247 -44.62 -44.92 -77.14
N ALA A 248 -45.40 -44.87 -76.07
CA ALA A 248 -45.02 -45.38 -74.76
C ALA A 248 -45.77 -46.68 -74.52
N PHE A 249 -45.06 -47.70 -74.03
CA PHE A 249 -45.67 -49.02 -73.93
C PHE A 249 -45.10 -49.78 -72.75
N ILE A 250 -45.88 -50.76 -72.28
CA ILE A 250 -45.45 -51.68 -71.23
C ILE A 250 -44.90 -52.93 -71.89
N SER A 251 -43.63 -53.23 -71.66
CA SER A 251 -42.97 -54.29 -72.39
C SER A 251 -43.53 -55.66 -72.02
N HIS A 252 -43.31 -56.62 -72.91
CA HIS A 252 -43.79 -57.98 -72.82
C HIS A 252 -42.87 -58.82 -71.94
N PRO A 253 -43.39 -59.90 -71.33
CA PRO A 253 -42.52 -60.83 -70.62
C PRO A 253 -41.52 -61.55 -71.51
N ALA A 254 -41.72 -61.53 -72.83
CA ALA A 254 -40.79 -62.22 -73.72
C ALA A 254 -39.40 -61.61 -73.67
N THR A 255 -39.29 -60.34 -73.31
CA THR A 255 -38.01 -59.64 -73.30
C THR A 255 -37.48 -59.40 -71.90
N GLY A 256 -37.95 -60.16 -70.92
CA GLY A 256 -37.54 -59.98 -69.54
C GLY A 256 -38.63 -59.35 -68.70
N ALA A 257 -38.26 -58.72 -67.61
CA ALA A 257 -39.26 -58.13 -66.72
C ALA A 257 -40.00 -57.00 -67.43
N PRO A 258 -41.31 -56.92 -67.31
CA PRO A 258 -42.03 -55.79 -67.91
C PRO A 258 -41.73 -54.49 -67.19
N SER A 259 -41.66 -53.42 -67.98
CA SER A 259 -41.58 -52.06 -67.45
C SER A 259 -42.01 -51.12 -68.57
N VAL A 260 -42.11 -49.84 -68.23
CA VAL A 260 -42.61 -48.83 -69.16
C VAL A 260 -41.45 -48.28 -69.97
N TYR A 261 -41.64 -48.19 -71.28
CA TYR A 261 -40.64 -47.68 -72.20
C TYR A 261 -41.27 -46.61 -73.07
N ILE A 262 -40.42 -45.72 -73.58
CA ILE A 262 -40.79 -44.77 -74.63
C ILE A 262 -39.87 -45.00 -75.81
N ILE A 263 -40.47 -45.22 -76.99
CA ILE A 263 -39.69 -45.50 -78.18
C ILE A 263 -38.90 -44.27 -78.58
N GLY A 264 -37.61 -44.46 -78.86
CA GLY A 264 -36.80 -43.37 -79.35
C GLY A 264 -36.73 -43.37 -80.86
N SER A 265 -35.55 -43.69 -81.41
CA SER A 265 -35.37 -43.88 -82.85
C SER A 265 -34.66 -45.23 -83.01
N GLY A 266 -35.45 -46.29 -83.14
CA GLY A 266 -34.86 -47.60 -83.13
C GLY A 266 -34.39 -48.04 -81.76
N GLN A 267 -34.81 -47.35 -80.71
CA GLN A 267 -34.37 -47.64 -79.36
C GLN A 267 -35.49 -47.31 -78.38
N ALA A 268 -35.67 -48.19 -77.39
CA ALA A 268 -36.66 -47.99 -76.34
C ALA A 268 -35.93 -47.62 -75.05
N SER A 269 -36.46 -46.62 -74.35
CA SER A 269 -35.81 -46.08 -73.17
C SER A 269 -36.64 -46.38 -71.93
N PRO A 270 -36.04 -46.97 -70.90
CA PRO A 270 -36.81 -47.23 -69.67
C PRO A 270 -37.28 -45.94 -69.02
N ILE A 271 -38.47 -46.00 -68.43
CA ILE A 271 -39.07 -44.84 -67.79
C ILE A 271 -39.46 -45.18 -66.37
N ALA A 272 -39.72 -46.45 -66.11
CA ALA A 272 -40.19 -46.87 -64.80
C ALA A 272 -39.01 -47.04 -63.84
N THR A 273 -39.11 -46.40 -62.68
CA THR A 273 -38.11 -46.62 -61.65
C THR A 273 -38.29 -48.00 -61.04
N ALA A 274 -37.34 -48.39 -60.18
CA ALA A 274 -37.34 -49.74 -59.64
C ALA A 274 -38.64 -50.05 -58.91
N SER A 275 -39.18 -49.08 -58.16
CA SER A 275 -40.43 -49.31 -57.46
C SER A 275 -41.57 -49.59 -58.41
N ILE A 276 -41.65 -48.84 -59.51
CA ILE A 276 -42.70 -49.07 -60.49
C ILE A 276 -42.52 -50.45 -61.14
N GLU A 277 -41.27 -50.84 -61.38
CA GLU A 277 -41.05 -52.16 -61.96
C GLU A 277 -41.48 -53.26 -61.00
N LYS A 278 -41.25 -53.10 -59.71
CA LYS A 278 -41.74 -54.09 -58.75
C LYS A 278 -43.26 -54.15 -58.75
N ILE A 279 -43.91 -52.98 -58.79
CA ILE A 279 -45.36 -52.94 -58.81
C ILE A 279 -45.89 -53.67 -60.03
N ILE A 280 -45.29 -53.41 -61.19
CA ILE A 280 -45.70 -54.07 -62.43
C ILE A 280 -45.47 -55.57 -62.34
N ARG A 281 -44.32 -55.98 -61.84
CA ARG A 281 -43.99 -57.39 -61.74
C ARG A 281 -44.87 -58.13 -60.74
N SER A 282 -45.54 -57.41 -59.83
CA SER A 282 -46.48 -58.07 -58.95
C SER A 282 -47.62 -58.74 -59.71
N TYR A 283 -48.00 -58.23 -60.88
CA TYR A 283 -49.07 -58.80 -61.67
C TYR A 283 -48.56 -59.94 -62.54
N THR A 284 -49.41 -60.95 -62.74
CA THR A 284 -49.11 -62.04 -63.65
C THR A 284 -49.19 -61.54 -65.09
N ALA A 285 -48.99 -62.45 -66.05
CA ALA A 285 -49.15 -62.08 -67.45
C ALA A 285 -50.59 -61.67 -67.74
N GLU A 286 -51.54 -62.46 -67.28
CA GLU A 286 -52.90 -61.99 -67.14
C GLU A 286 -52.99 -61.07 -65.93
N GLU A 287 -53.98 -60.18 -65.95
CA GLU A 287 -54.06 -58.99 -65.12
C GLU A 287 -53.03 -57.95 -65.52
N MET A 288 -52.13 -58.27 -66.44
CA MET A 288 -51.26 -57.29 -67.07
C MET A 288 -51.65 -57.01 -68.49
N ALA A 289 -51.98 -58.06 -69.24
CA ALA A 289 -52.47 -57.87 -70.61
C ALA A 289 -53.75 -57.04 -70.64
N THR A 290 -54.45 -56.92 -69.51
CA THR A 290 -55.67 -56.14 -69.41
C THR A 290 -55.42 -54.71 -68.94
N GLY A 291 -54.16 -54.29 -68.86
CA GLY A 291 -53.88 -52.92 -68.50
C GLY A 291 -54.19 -51.96 -69.63
N VAL A 292 -54.64 -50.76 -69.26
CA VAL A 292 -55.01 -49.74 -70.23
C VAL A 292 -54.15 -48.51 -69.99
N MET A 293 -53.47 -48.05 -71.04
CA MET A 293 -52.65 -46.86 -70.95
C MET A 293 -53.35 -45.71 -71.65
N GLU A 294 -53.12 -44.51 -71.14
CA GLU A 294 -53.75 -43.29 -71.65
C GLU A 294 -52.75 -42.15 -71.52
N THR A 295 -53.05 -41.05 -72.20
CA THR A 295 -52.25 -39.83 -72.10
C THR A 295 -53.17 -38.65 -71.87
N LEU A 296 -52.74 -37.76 -70.99
CA LEU A 296 -53.47 -36.55 -70.66
C LEU A 296 -52.54 -35.35 -70.76
N ARG A 297 -53.13 -34.17 -70.94
CA ARG A 297 -52.34 -32.97 -71.12
C ARG A 297 -53.15 -31.78 -70.61
N PHE A 298 -52.67 -31.15 -69.55
CA PHE A 298 -53.32 -29.94 -69.07
C PHE A 298 -52.37 -29.17 -68.18
N ASP A 299 -52.36 -27.84 -68.35
CA ASP A 299 -51.54 -26.94 -67.54
C ASP A 299 -50.06 -27.33 -67.62
N SER A 300 -49.59 -27.54 -68.84
CA SER A 300 -48.23 -27.98 -69.14
C SER A 300 -47.89 -29.32 -68.51
N HIS A 301 -48.88 -30.00 -67.94
CA HIS A 301 -48.71 -31.35 -67.44
C HIS A 301 -48.92 -32.32 -68.58
N GLU A 302 -47.95 -33.19 -68.82
CA GLU A 302 -48.02 -34.23 -69.84
C GLU A 302 -48.03 -35.57 -69.12
N LEU A 303 -49.23 -36.02 -68.75
CA LEU A 303 -49.39 -37.22 -67.94
C LEU A 303 -49.54 -38.44 -68.82
N LEU A 304 -48.99 -39.56 -68.35
CA LEU A 304 -49.19 -40.88 -68.92
C LEU A 304 -49.83 -41.74 -67.83
N ILE A 305 -51.06 -42.15 -68.04
CA ILE A 305 -51.81 -42.91 -67.04
C ILE A 305 -51.77 -44.38 -67.41
N ILE A 306 -51.61 -45.23 -66.41
CA ILE A 306 -51.58 -46.67 -66.58
C ILE A 306 -52.55 -47.25 -65.57
N HIS A 307 -53.66 -47.80 -66.06
CA HIS A 307 -54.63 -48.48 -65.23
C HIS A 307 -54.32 -49.97 -65.26
N LEU A 308 -54.12 -50.56 -64.09
CA LEU A 308 -53.97 -51.99 -63.92
C LEU A 308 -55.09 -52.41 -62.98
N PRO A 309 -55.32 -53.70 -62.77
CA PRO A 309 -56.43 -54.10 -61.90
C PRO A 309 -56.33 -53.58 -60.48
N ARG A 310 -55.15 -53.20 -60.00
CA ARG A 310 -55.02 -52.74 -58.63
C ARG A 310 -54.20 -51.48 -58.44
N HIS A 311 -53.60 -50.92 -59.50
CA HIS A 311 -52.84 -49.69 -59.38
C HIS A 311 -53.08 -48.81 -60.58
N VAL A 312 -53.34 -47.53 -60.34
CA VAL A 312 -53.39 -46.52 -61.39
C VAL A 312 -52.20 -45.60 -61.18
N LEU A 313 -51.27 -45.62 -62.13
CA LEU A 313 -50.01 -44.88 -62.01
C LEU A 313 -49.96 -43.79 -63.06
N VAL A 314 -49.61 -42.58 -62.64
CA VAL A 314 -49.50 -41.44 -63.53
C VAL A 314 -48.06 -40.99 -63.57
N TYR A 315 -47.51 -40.85 -64.77
CA TYR A 315 -46.14 -40.39 -64.97
C TYR A 315 -46.18 -39.01 -65.60
N ASP A 316 -45.61 -38.02 -64.93
CA ASP A 316 -45.59 -36.65 -65.42
C ASP A 316 -44.24 -36.40 -66.08
N ALA A 317 -44.23 -36.32 -67.40
CA ALA A 317 -42.99 -36.08 -68.12
C ALA A 317 -42.52 -34.64 -68.01
N SER A 318 -43.38 -33.74 -67.57
CA SER A 318 -43.03 -32.32 -67.46
C SER A 318 -42.42 -31.96 -66.13
N SER A 319 -42.32 -32.90 -65.20
CA SER A 319 -41.74 -32.67 -63.88
C SER A 319 -40.76 -33.77 -63.52
N SER A 320 -39.98 -34.21 -64.49
CA SER A 320 -39.03 -35.30 -64.30
C SER A 320 -37.60 -34.82 -64.48
N GLN A 321 -37.25 -33.67 -63.90
CA GLN A 321 -35.91 -33.16 -64.00
C GLN A 321 -34.95 -33.78 -62.99
N ASN A 322 -35.45 -34.62 -62.09
CA ASN A 322 -34.63 -35.33 -61.12
C ASN A 322 -34.80 -36.83 -61.24
N GLY A 323 -35.29 -37.31 -62.37
CA GLY A 323 -35.68 -38.69 -62.51
C GLY A 323 -37.17 -38.80 -62.75
N PRO A 324 -37.63 -39.99 -63.12
CA PRO A 324 -39.06 -40.14 -63.46
C PRO A 324 -39.95 -39.77 -62.29
N GLN A 325 -41.04 -39.07 -62.59
CA GLN A 325 -41.97 -38.58 -61.58
C GLN A 325 -43.27 -39.39 -61.69
N TRP A 326 -43.43 -40.36 -60.81
CA TRP A 326 -44.62 -41.19 -60.76
C TRP A 326 -45.45 -40.81 -59.54
N CYS A 327 -46.77 -40.88 -59.72
CA CYS A 327 -47.71 -40.73 -58.61
C CYS A 327 -48.81 -41.77 -58.79
N VAL A 328 -49.61 -41.96 -57.75
CA VAL A 328 -50.61 -43.00 -57.70
C VAL A 328 -51.98 -42.38 -57.51
N LEU A 329 -52.94 -42.78 -58.34
CA LEU A 329 -54.31 -42.31 -58.23
C LEU A 329 -55.18 -43.41 -57.62
N LYS A 330 -56.11 -43.01 -56.77
CA LYS A 330 -56.97 -43.97 -56.10
C LYS A 330 -58.26 -43.29 -55.69
N THR A 331 -59.26 -44.10 -55.37
CA THR A 331 -60.57 -43.62 -54.95
C THR A 331 -60.90 -44.20 -53.59
N GLY A 332 -61.32 -43.35 -52.67
CA GLY A 332 -61.67 -43.78 -51.34
C GLY A 332 -60.55 -43.57 -50.36
N LEU A 333 -60.70 -44.22 -49.20
CA LEU A 333 -59.75 -44.10 -48.12
C LEU A 333 -59.00 -45.40 -47.86
N TYR A 334 -59.23 -46.43 -48.68
CA TYR A 334 -58.65 -47.75 -48.47
C TYR A 334 -58.11 -48.30 -49.78
N ASP A 335 -57.27 -47.50 -50.44
CA ASP A 335 -56.52 -47.78 -51.66
C ASP A 335 -57.29 -48.62 -52.68
N ASP A 336 -58.57 -48.31 -52.87
CA ASP A 336 -59.32 -48.86 -54.00
C ASP A 336 -58.85 -48.20 -55.29
N VAL A 337 -58.93 -48.95 -56.38
CA VAL A 337 -58.41 -48.47 -57.66
C VAL A 337 -59.18 -47.23 -58.10
N TYR A 338 -58.53 -46.40 -58.91
CA TYR A 338 -59.13 -45.16 -59.36
C TYR A 338 -60.32 -45.45 -60.26
N ARG A 339 -61.37 -44.66 -60.13
CA ARG A 339 -62.59 -44.93 -60.87
C ARG A 339 -62.63 -44.24 -62.23
N GLY A 340 -61.92 -43.13 -62.40
CA GLY A 340 -61.90 -42.48 -63.69
C GLY A 340 -61.16 -43.30 -64.73
N VAL A 341 -61.55 -43.11 -65.99
CA VAL A 341 -60.94 -43.82 -67.11
C VAL A 341 -61.39 -43.15 -68.40
N ASP A 342 -60.57 -43.26 -69.46
CA ASP A 342 -60.87 -42.71 -70.78
C ASP A 342 -61.04 -41.18 -70.71
N PHE A 343 -59.94 -40.52 -70.39
CA PHE A 343 -59.92 -39.06 -70.37
C PHE A 343 -59.74 -38.53 -71.79
N MET A 344 -60.68 -37.69 -72.23
CA MET A 344 -60.59 -37.07 -73.53
C MET A 344 -60.94 -35.60 -73.40
N TYR A 345 -60.14 -34.74 -74.03
CA TYR A 345 -60.38 -33.30 -74.00
C TYR A 345 -61.30 -32.92 -75.15
N GLU A 346 -62.48 -32.39 -74.82
CA GLU A 346 -63.41 -31.90 -75.81
C GLU A 346 -63.82 -30.48 -75.45
N GLY A 347 -63.97 -29.63 -76.46
CA GLY A 347 -64.32 -28.25 -76.21
C GLY A 347 -63.30 -27.57 -75.34
N ASN A 348 -63.67 -27.31 -74.08
CA ASN A 348 -62.74 -26.74 -73.11
C ASN A 348 -62.75 -27.53 -71.81
N GLN A 349 -63.05 -28.82 -71.87
CA GLN A 349 -63.15 -29.63 -70.66
C GLN A 349 -62.63 -31.04 -70.93
N ILE A 350 -62.09 -31.65 -69.88
CA ILE A 350 -61.62 -33.03 -69.93
C ILE A 350 -62.72 -33.93 -69.37
N THR A 351 -63.17 -34.87 -70.18
CA THR A 351 -64.29 -35.73 -69.85
C THR A 351 -63.80 -37.15 -69.67
N CYS A 352 -64.32 -37.82 -68.64
CA CYS A 352 -63.87 -39.16 -68.29
C CYS A 352 -65.07 -40.09 -68.15
N GLY A 353 -64.85 -41.34 -68.55
CA GLY A 353 -65.84 -42.39 -68.36
C GLY A 353 -65.77 -42.94 -66.94
N ASP A 354 -65.94 -44.24 -66.79
CA ASP A 354 -65.95 -44.81 -65.44
C ASP A 354 -65.64 -46.30 -65.53
N LYS A 355 -65.40 -46.89 -64.36
CA LYS A 355 -65.10 -48.30 -64.24
C LYS A 355 -66.17 -49.10 -63.53
N SER A 356 -67.04 -48.46 -62.77
CA SER A 356 -68.04 -49.16 -61.98
C SER A 356 -69.47 -48.69 -62.21
N GLU A 357 -69.68 -47.46 -62.65
CA GLU A 357 -71.02 -46.93 -62.86
C GLU A 357 -71.19 -46.43 -64.28
N ALA A 358 -72.44 -46.26 -64.68
CA ALA A 358 -72.78 -45.81 -66.04
C ALA A 358 -72.91 -44.29 -66.10
N VAL A 359 -71.89 -43.61 -65.60
CA VAL A 359 -71.90 -42.15 -65.54
C VAL A 359 -70.62 -41.63 -66.17
N VAL A 360 -70.70 -40.43 -66.72
CA VAL A 360 -69.56 -39.79 -67.37
C VAL A 360 -69.39 -38.41 -66.74
N GLY A 361 -68.18 -38.15 -66.22
CA GLY A 361 -67.88 -36.93 -65.52
C GLY A 361 -66.94 -36.03 -66.31
N GLN A 362 -66.66 -34.86 -65.76
CA GLN A 362 -66.00 -33.82 -66.55
C GLN A 362 -64.80 -33.15 -65.87
N LEU A 363 -64.25 -33.70 -64.79
CA LEU A 363 -62.92 -33.34 -64.29
C LEU A 363 -62.81 -31.83 -64.03
N GLN A 364 -63.54 -31.40 -63.00
CA GLN A 364 -63.48 -30.00 -62.58
C GLN A 364 -62.21 -29.72 -61.80
N PHE A 365 -61.72 -28.48 -61.93
CA PHE A 365 -60.37 -28.13 -61.49
C PHE A 365 -60.32 -27.42 -60.14
N ASP A 366 -61.44 -26.91 -59.64
CA ASP A 366 -61.47 -26.22 -58.36
C ASP A 366 -62.02 -27.09 -57.24
N ILE A 367 -62.01 -28.41 -57.41
CA ILE A 367 -62.40 -29.34 -56.36
C ILE A 367 -61.44 -30.53 -56.38
N SER A 368 -61.67 -31.48 -55.48
CA SER A 368 -60.93 -32.73 -55.47
C SER A 368 -61.83 -33.93 -55.23
N SER A 369 -63.13 -33.72 -55.06
CA SER A 369 -64.06 -34.82 -54.83
C SER A 369 -64.37 -35.54 -56.13
N GLN A 370 -64.69 -36.83 -56.01
CA GLN A 370 -65.10 -37.65 -57.15
C GLN A 370 -66.57 -37.99 -56.97
N TYR A 371 -67.43 -37.33 -57.74
CA TYR A 371 -68.88 -37.49 -57.63
C TYR A 371 -69.34 -37.26 -56.20
N ASP A 372 -68.90 -36.14 -55.64
CA ASP A 372 -69.27 -35.70 -54.29
C ASP A 372 -68.79 -36.67 -53.22
N LYS A 373 -67.59 -37.20 -53.40
CA LYS A 373 -66.96 -38.05 -52.40
C LYS A 373 -65.58 -37.48 -52.06
N GLN A 374 -65.33 -37.27 -50.78
CA GLN A 374 -64.03 -36.77 -50.36
C GLN A 374 -62.95 -37.78 -50.65
N GLN A 375 -61.79 -37.28 -51.06
CA GLN A 375 -60.69 -38.14 -51.47
C GLN A 375 -59.47 -37.88 -50.62
N GLU A 376 -58.67 -38.94 -50.42
CA GLU A 376 -57.53 -38.93 -49.52
C GLU A 376 -56.26 -38.65 -50.30
N HIS A 377 -55.43 -37.74 -49.80
CA HIS A 377 -54.17 -37.39 -50.44
C HIS A 377 -53.01 -37.67 -49.49
N LEU A 378 -51.95 -38.27 -50.03
CA LEU A 378 -50.79 -38.67 -49.27
C LEU A 378 -49.58 -37.90 -49.76
N LEU A 379 -48.63 -37.64 -48.86
CA LEU A 379 -47.41 -36.93 -49.22
C LEU A 379 -46.29 -37.39 -48.29
N PHE A 380 -45.52 -38.38 -48.74
CA PHE A 380 -44.46 -38.96 -47.93
C PHE A 380 -43.15 -38.23 -48.15
N THR A 381 -42.39 -38.09 -47.09
CA THR A 381 -41.06 -37.53 -46.99
C THR A 381 -40.03 -38.65 -46.85
N PRO A 382 -38.93 -38.59 -47.57
CA PRO A 382 -37.95 -39.69 -47.51
C PRO A 382 -37.34 -39.83 -46.13
N LEU A 383 -36.87 -41.03 -45.85
CA LEU A 383 -36.17 -41.27 -44.60
C LEU A 383 -34.82 -40.56 -44.60
N PHE A 384 -34.38 -40.15 -43.40
CA PHE A 384 -33.02 -39.66 -43.27
C PHE A 384 -32.54 -39.90 -41.84
N LYS A 385 -31.21 -39.87 -41.69
CA LYS A 385 -30.56 -40.06 -40.40
C LYS A 385 -30.35 -38.72 -39.71
N ALA A 386 -30.87 -38.60 -38.50
CA ALA A 386 -30.66 -37.42 -37.66
C ALA A 386 -30.41 -37.84 -36.21
N ASP A 387 -29.46 -38.75 -36.00
CA ASP A 387 -29.21 -39.33 -34.68
C ASP A 387 -29.16 -38.27 -33.58
N ASN A 388 -30.10 -38.37 -32.65
CA ASN A 388 -30.19 -37.50 -31.47
C ASN A 388 -30.27 -36.03 -31.88
N ALA A 389 -31.30 -35.70 -32.65
CA ALA A 389 -31.39 -34.37 -33.23
C ALA A 389 -32.36 -33.45 -32.53
N ARG A 390 -33.48 -33.97 -32.01
CA ARG A 390 -34.63 -33.16 -31.62
C ARG A 390 -35.18 -32.44 -32.84
N CYS A 391 -36.44 -32.03 -32.79
CA CYS A 391 -37.09 -31.67 -34.04
C CYS A 391 -38.23 -30.72 -33.74
N PHE A 392 -38.18 -29.53 -34.33
CA PHE A 392 -39.16 -28.49 -34.00
C PHE A 392 -39.58 -27.78 -35.27
N ASP A 393 -40.76 -27.15 -35.20
CA ASP A 393 -41.24 -26.24 -36.23
C ASP A 393 -41.33 -26.92 -37.60
N LEU A 394 -42.20 -27.92 -37.68
CA LEU A 394 -42.50 -28.59 -38.94
C LEU A 394 -43.57 -27.79 -39.66
N GLU A 395 -43.17 -27.05 -40.68
CA GLU A 395 -44.02 -26.10 -41.37
C GLU A 395 -44.21 -26.54 -42.83
N VAL A 396 -45.41 -26.32 -43.35
CA VAL A 396 -45.66 -26.53 -44.78
C VAL A 396 -46.47 -25.35 -45.28
N GLU A 397 -46.23 -24.96 -46.53
CA GLU A 397 -46.92 -23.83 -47.14
C GLU A 397 -48.09 -24.36 -47.96
N SER A 398 -49.30 -24.06 -47.50
CA SER A 398 -50.52 -24.53 -48.16
C SER A 398 -51.30 -23.35 -48.69
N SER A 399 -51.72 -23.44 -49.95
CA SER A 399 -52.55 -22.41 -50.56
C SER A 399 -53.99 -22.67 -50.15
N THR A 400 -54.54 -21.82 -49.30
CA THR A 400 -55.85 -22.03 -48.70
C THR A 400 -56.85 -21.03 -49.28
N GLY A 401 -58.10 -21.19 -48.86
CA GLY A 401 -59.12 -20.22 -49.18
C GLY A 401 -60.33 -20.77 -49.89
N VAL A 402 -60.14 -21.69 -50.81
CA VAL A 402 -61.23 -22.25 -51.62
C VAL A 402 -61.54 -23.62 -51.04
N ALA A 403 -62.45 -23.66 -50.07
CA ALA A 403 -62.86 -24.90 -49.44
C ALA A 403 -64.22 -24.69 -48.80
N GLN A 404 -64.98 -25.78 -48.72
CA GLN A 404 -66.30 -25.75 -48.11
C GLN A 404 -66.27 -26.02 -46.61
N TYR A 405 -65.09 -26.35 -46.06
CA TYR A 405 -64.94 -26.62 -44.64
C TYR A 405 -63.46 -26.60 -44.31
N ALA A 406 -63.16 -26.30 -43.05
CA ALA A 406 -61.77 -26.20 -42.62
C ALA A 406 -61.15 -27.58 -42.55
N ASP A 407 -60.92 -28.19 -43.70
CA ASP A 407 -60.47 -29.57 -43.74
C ASP A 407 -59.11 -29.73 -43.09
N ARG A 408 -58.99 -30.74 -42.24
CA ARG A 408 -57.82 -30.94 -41.41
C ARG A 408 -56.86 -31.93 -42.07
N LEU A 409 -55.78 -32.25 -41.37
CA LEU A 409 -54.63 -32.90 -41.97
C LEU A 409 -53.96 -33.77 -40.92
N PHE A 410 -53.83 -35.06 -41.19
CA PHE A 410 -53.23 -35.99 -40.25
C PHE A 410 -51.74 -36.09 -40.52
N LEU A 411 -50.94 -35.61 -39.59
CA LEU A 411 -49.50 -35.67 -39.69
C LEU A 411 -49.00 -36.75 -38.74
N SER A 412 -48.21 -37.67 -39.25
CA SER A 412 -47.66 -38.75 -38.44
C SER A 412 -46.24 -39.04 -38.87
N ALA A 413 -45.47 -39.63 -37.96
CA ALA A 413 -44.06 -39.88 -38.19
C ALA A 413 -43.76 -41.35 -37.98
N THR A 414 -42.74 -41.82 -38.68
CA THR A 414 -42.27 -43.20 -38.57
C THR A 414 -40.77 -43.20 -38.31
N THR A 415 -40.33 -44.17 -37.52
CA THR A 415 -38.93 -44.36 -37.20
C THR A 415 -38.31 -45.54 -37.94
N ASP A 416 -39.09 -46.23 -38.77
CA ASP A 416 -38.57 -47.32 -39.58
C ASP A 416 -39.05 -47.30 -41.02
N GLY A 417 -39.98 -46.42 -41.39
CA GLY A 417 -40.46 -46.37 -42.74
C GLY A 417 -41.59 -47.31 -43.05
N ILE A 418 -41.95 -48.20 -42.13
CA ILE A 418 -43.04 -49.14 -42.33
C ILE A 418 -44.26 -48.75 -41.53
N ASN A 419 -44.12 -48.67 -40.21
CA ASN A 419 -45.24 -48.40 -39.32
C ASN A 419 -45.16 -46.95 -38.86
N TYR A 420 -46.22 -46.20 -39.08
CA TYR A 420 -46.28 -44.80 -38.70
C TYR A 420 -46.86 -44.64 -37.31
N GLY A 421 -46.47 -43.57 -36.64
CA GLY A 421 -46.83 -43.34 -35.25
C GLY A 421 -48.14 -42.60 -35.09
N ARG A 422 -48.26 -41.92 -33.95
CA ARG A 422 -49.48 -41.19 -33.61
C ARG A 422 -49.72 -40.09 -34.63
N GLU A 423 -50.99 -39.94 -35.04
CA GLU A 423 -51.40 -38.95 -36.01
C GLU A 423 -52.00 -37.74 -35.30
N GLN A 424 -51.56 -36.56 -35.71
CA GLN A 424 -52.04 -35.30 -35.15
C GLN A 424 -52.81 -34.54 -36.23
N MET A 425 -53.95 -33.98 -35.87
CA MET A 425 -54.81 -33.29 -36.81
C MET A 425 -54.55 -31.79 -36.73
N ILE A 426 -54.10 -31.22 -37.86
CA ILE A 426 -53.82 -29.79 -37.97
C ILE A 426 -54.65 -29.23 -39.10
N GLU A 427 -55.22 -28.05 -38.91
CA GLU A 427 -56.00 -27.43 -39.97
C GLU A 427 -55.11 -27.06 -41.13
N GLN A 428 -55.42 -27.58 -42.32
CA GLN A 428 -54.65 -27.28 -43.51
C GLN A 428 -55.33 -26.30 -44.44
N ASN A 429 -56.58 -25.95 -44.17
CA ASN A 429 -57.35 -25.09 -45.05
C ASN A 429 -58.45 -24.44 -44.22
N GLU A 430 -59.16 -23.49 -44.83
CA GLU A 430 -60.23 -22.81 -44.14
C GLU A 430 -61.01 -22.03 -45.19
N PRO A 431 -62.33 -22.00 -45.12
CA PRO A 431 -63.10 -21.29 -46.16
C PRO A 431 -62.81 -19.80 -46.15
N PHE A 432 -62.37 -19.30 -47.31
CA PHE A 432 -62.14 -17.87 -47.55
C PHE A 432 -61.10 -17.28 -46.61
N VAL A 433 -60.21 -18.13 -46.09
CA VAL A 433 -59.06 -17.68 -45.33
C VAL A 433 -57.82 -17.92 -46.19
N TYR A 434 -57.14 -16.84 -46.57
CA TYR A 434 -56.04 -16.92 -47.51
C TYR A 434 -54.67 -16.78 -46.83
N ASP A 435 -54.62 -16.98 -45.51
CA ASP A 435 -53.36 -16.93 -44.76
C ASP A 435 -53.50 -17.87 -43.57
N LYS A 436 -52.87 -19.03 -43.64
CA LYS A 436 -53.14 -20.08 -42.66
C LYS A 436 -51.92 -20.52 -41.86
N ARG A 437 -50.77 -20.64 -42.49
CA ARG A 437 -49.56 -21.10 -41.75
C ARG A 437 -49.79 -22.49 -41.15
N VAL A 438 -49.88 -23.53 -41.98
CA VAL A 438 -49.93 -24.92 -41.51
C VAL A 438 -48.60 -25.27 -40.89
N LEU A 439 -48.60 -25.52 -39.58
CA LEU A 439 -47.39 -25.58 -38.79
C LEU A 439 -47.63 -26.39 -37.53
N TRP A 440 -46.73 -27.31 -37.25
CA TRP A 440 -46.70 -28.04 -35.99
C TRP A 440 -45.45 -27.64 -35.23
N LYS A 441 -45.63 -27.20 -33.98
CA LYS A 441 -44.52 -26.60 -33.25
C LYS A 441 -43.50 -27.63 -32.78
N ARG A 442 -43.95 -28.61 -32.00
CA ARG A 442 -43.05 -29.51 -31.29
C ARG A 442 -43.15 -30.92 -31.86
N VAL A 443 -42.23 -31.26 -32.77
CA VAL A 443 -41.99 -32.64 -33.14
C VAL A 443 -41.06 -33.23 -32.08
N GLY A 444 -40.85 -34.54 -32.11
CA GLY A 444 -40.09 -35.20 -31.08
C GLY A 444 -38.60 -35.18 -31.30
N ARG A 445 -37.93 -36.15 -30.69
CA ARG A 445 -36.51 -36.35 -30.84
C ARG A 445 -36.26 -37.52 -31.77
N ILE A 446 -35.41 -37.30 -32.77
CA ILE A 446 -35.12 -38.32 -33.77
C ILE A 446 -34.08 -39.27 -33.20
N ARG A 447 -34.49 -40.52 -32.95
CA ARG A 447 -33.57 -41.48 -32.37
C ARG A 447 -32.58 -41.99 -33.40
N ARG A 448 -33.05 -42.68 -34.43
CA ARG A 448 -32.22 -43.08 -35.56
C ARG A 448 -32.69 -42.49 -36.87
N LEU A 449 -33.95 -42.69 -37.24
CA LEU A 449 -34.52 -42.24 -38.50
C LEU A 449 -35.82 -41.50 -38.25
N ILE A 450 -36.32 -40.85 -39.29
CA ILE A 450 -37.60 -40.16 -39.20
C ILE A 450 -38.15 -39.96 -40.60
N GLY A 451 -39.44 -40.20 -40.74
CA GLY A 451 -40.15 -39.89 -41.97
C GLY A 451 -41.54 -39.44 -41.62
N PHE A 452 -42.16 -38.65 -42.50
CA PHE A 452 -43.46 -38.07 -42.23
C PHE A 452 -44.47 -38.51 -43.28
N LYS A 453 -45.74 -38.54 -42.89
CA LYS A 453 -46.79 -39.07 -43.75
C LYS A 453 -47.66 -38.00 -44.39
N LEU A 454 -48.22 -37.08 -43.61
CA LEU A 454 -48.87 -35.88 -44.15
C LEU A 454 -50.05 -36.24 -45.05
N ARG A 455 -51.09 -36.81 -44.44
CA ARG A 455 -52.27 -37.29 -45.15
C ARG A 455 -53.43 -36.31 -45.04
N VAL A 456 -54.15 -36.10 -46.14
CA VAL A 456 -55.27 -35.16 -46.18
C VAL A 456 -56.47 -35.87 -46.79
N ILE A 457 -57.61 -35.80 -46.09
CA ILE A 457 -58.89 -36.24 -46.63
C ILE A 457 -59.79 -35.03 -46.74
N THR A 458 -60.21 -34.70 -47.96
CA THR A 458 -60.85 -33.41 -48.19
C THR A 458 -61.69 -33.46 -49.45
N LYS A 459 -62.55 -32.47 -49.60
CA LYS A 459 -63.38 -32.28 -50.78
C LYS A 459 -62.96 -31.05 -51.58
N SER A 460 -61.78 -30.50 -51.32
CA SER A 460 -61.32 -29.25 -51.88
C SER A 460 -59.88 -29.40 -52.35
N PRO A 461 -59.42 -28.53 -53.24
CA PRO A 461 -58.05 -28.66 -53.74
C PRO A 461 -57.03 -28.52 -52.63
N VAL A 462 -55.96 -29.31 -52.71
CA VAL A 462 -54.88 -29.29 -51.75
C VAL A 462 -53.61 -28.86 -52.48
N THR A 463 -53.01 -27.76 -52.04
CA THR A 463 -51.77 -27.26 -52.59
C THR A 463 -50.74 -27.21 -51.48
N LEU A 464 -49.63 -27.91 -51.65
CA LEU A 464 -48.62 -28.00 -50.61
C LEU A 464 -47.24 -27.80 -51.21
N SER A 465 -46.42 -26.99 -50.53
CA SER A 465 -45.06 -26.74 -50.99
C SER A 465 -44.23 -26.25 -49.81
N GLY A 466 -42.91 -26.32 -49.99
CA GLY A 466 -42.00 -25.76 -49.02
C GLY A 466 -42.06 -26.39 -47.65
N CYS A 467 -42.08 -27.72 -47.60
CA CYS A 467 -42.00 -28.41 -46.32
C CYS A 467 -40.64 -28.17 -45.70
N GLN A 468 -40.63 -27.47 -44.57
CA GLN A 468 -39.39 -27.15 -43.87
C GLN A 468 -39.53 -27.53 -42.41
N ILE A 469 -38.39 -27.63 -41.73
CA ILE A 469 -38.40 -28.10 -40.36
C ILE A 469 -37.11 -27.62 -39.68
N ARG A 470 -37.23 -27.22 -38.42
CA ARG A 470 -36.10 -26.71 -37.65
C ARG A 470 -35.47 -27.87 -36.90
N LEU A 471 -34.23 -28.19 -37.25
CA LEU A 471 -33.57 -29.38 -36.73
C LEU A 471 -32.68 -29.10 -35.53
N GLU A 472 -32.33 -27.85 -35.27
CA GLU A 472 -31.37 -27.50 -34.23
C GLU A 472 -30.05 -28.24 -34.41
N PRO B 2 -10.06 1.41 -53.44
CA PRO B 2 -10.87 0.67 -54.42
C PRO B 2 -10.76 1.24 -55.82
N ILE B 3 -9.90 0.63 -56.61
CA ILE B 3 -9.69 1.03 -57.99
C ILE B 3 -10.63 0.22 -58.87
N GLN B 4 -11.42 0.92 -59.68
CA GLN B 4 -12.39 0.31 -60.58
C GLN B 4 -12.05 0.68 -62.01
N GLN B 5 -12.05 -0.32 -62.89
CA GLN B 5 -11.81 -0.09 -64.31
C GLN B 5 -13.13 0.26 -65.00
N LEU B 6 -13.12 1.35 -65.76
CA LEU B 6 -14.31 1.79 -66.47
C LEU B 6 -14.13 1.54 -67.95
N PRO B 7 -14.88 0.61 -68.55
CA PRO B 7 -14.69 0.33 -69.98
C PRO B 7 -15.11 1.50 -70.85
N MET B 8 -14.44 1.63 -71.99
CA MET B 8 -14.74 2.70 -72.92
C MET B 8 -15.03 2.24 -74.33
N MET B 9 -15.10 0.93 -74.58
CA MET B 9 -15.39 0.46 -75.92
C MET B 9 -16.83 0.75 -76.33
N LYS B 10 -17.71 1.03 -75.37
CA LYS B 10 -19.11 1.32 -75.67
C LYS B 10 -19.70 2.00 -74.46
N GLY B 11 -20.22 3.21 -74.64
CA GLY B 11 -20.79 3.96 -73.55
C GLY B 11 -22.22 3.55 -73.27
N MET B 12 -22.95 4.46 -72.65
CA MET B 12 -24.35 4.22 -72.31
C MET B 12 -24.97 5.56 -71.92
N GLY B 13 -26.11 5.89 -72.52
CA GLY B 13 -26.73 7.16 -72.26
C GLY B 13 -28.22 7.14 -72.44
N LYS B 14 -28.83 8.33 -72.38
CA LYS B 14 -30.27 8.47 -72.43
C LYS B 14 -30.67 9.26 -73.67
N ASP B 15 -31.84 8.94 -74.21
CA ASP B 15 -32.37 9.61 -75.39
C ASP B 15 -33.36 10.67 -74.93
N PHE B 16 -32.98 11.94 -75.06
CA PHE B 16 -33.83 12.99 -74.52
C PHE B 16 -35.07 13.24 -75.34
N LYS B 17 -35.30 12.49 -76.41
CA LYS B 17 -36.50 12.66 -77.21
C LYS B 17 -37.61 11.68 -76.82
N ASN B 18 -37.26 10.51 -76.29
CA ASN B 18 -38.27 9.56 -75.83
C ASN B 18 -37.90 8.88 -74.53
N ALA B 19 -36.84 9.33 -73.85
CA ALA B 19 -36.45 8.80 -72.55
C ALA B 19 -36.22 7.29 -72.58
N ASP B 20 -35.43 6.85 -73.56
CA ASP B 20 -35.01 5.46 -73.68
C ASP B 20 -33.51 5.37 -73.42
N TYR B 21 -33.04 4.14 -73.25
CA TYR B 21 -31.63 3.89 -72.93
C TYR B 21 -30.92 3.47 -74.21
N ILE B 22 -29.98 4.28 -74.65
CA ILE B 22 -29.25 3.98 -75.87
C ILE B 22 -27.78 3.75 -75.53
N ASP B 23 -27.06 3.18 -76.48
CA ASP B 23 -25.62 3.04 -76.35
C ASP B 23 -24.93 4.24 -77.00
N TYR B 24 -23.80 4.61 -76.43
CA TYR B 24 -22.95 5.65 -77.00
C TYR B 24 -21.84 4.98 -77.79
N LEU B 25 -21.76 5.30 -79.07
CA LEU B 25 -20.74 4.56 -79.80
C LEU B 25 -19.49 5.41 -79.97
N PRO B 26 -18.31 4.83 -79.78
CA PRO B 26 -17.08 5.61 -79.92
C PRO B 26 -17.00 6.19 -81.32
N VAL B 27 -16.49 7.42 -81.40
CA VAL B 27 -16.43 8.17 -82.65
C VAL B 27 -14.98 8.21 -83.11
N ASN B 28 -14.75 7.81 -84.35
CA ASN B 28 -13.43 7.80 -84.96
C ASN B 28 -12.47 6.89 -84.21
N MET B 29 -12.95 5.88 -83.49
CA MET B 29 -12.08 4.97 -82.75
C MET B 29 -12.50 3.53 -82.99
N LEU B 30 -11.51 2.65 -82.99
CA LEU B 30 -11.72 1.22 -83.15
C LEU B 30 -11.14 0.47 -81.95
N ALA B 31 -11.90 -0.50 -81.44
CA ALA B 31 -11.48 -1.28 -80.28
C ALA B 31 -10.63 -2.45 -80.75
N THR B 32 -9.38 -2.50 -80.30
CA THR B 32 -8.47 -3.57 -80.63
C THR B 32 -8.34 -4.50 -79.44
N PRO B 33 -8.86 -5.72 -79.50
CA PRO B 33 -8.75 -6.62 -78.34
C PRO B 33 -7.35 -7.21 -78.20
N LYS B 34 -6.61 -6.78 -77.19
CA LYS B 34 -5.22 -7.15 -77.04
C LYS B 34 -4.78 -6.85 -75.61
N GLU B 35 -4.22 -7.85 -74.94
CA GLU B 35 -3.79 -7.70 -73.55
C GLU B 35 -2.53 -6.86 -73.49
N ILE B 36 -2.68 -5.59 -73.14
CA ILE B 36 -1.52 -4.70 -73.06
C ILE B 36 -0.98 -4.70 -71.64
N LEU B 37 -1.75 -4.16 -70.70
CA LEU B 37 -1.38 -4.16 -69.30
C LEU B 37 -2.64 -3.90 -68.48
N ASN B 38 -3.09 -4.92 -67.75
CA ASN B 38 -4.31 -4.85 -66.94
C ASN B 38 -5.53 -4.42 -67.72
N SER B 39 -5.52 -4.53 -69.06
CA SER B 39 -6.61 -4.00 -69.87
C SER B 39 -7.32 -5.05 -70.70
N SER B 40 -6.58 -5.89 -71.43
CA SER B 40 -7.16 -6.81 -72.39
C SER B 40 -7.93 -6.08 -73.48
N GLY B 41 -7.26 -5.12 -74.12
CA GLY B 41 -7.85 -4.40 -75.22
C GLY B 41 -7.67 -2.90 -75.11
N TYR B 42 -7.38 -2.23 -76.23
CA TYR B 42 -7.25 -0.79 -76.23
C TYR B 42 -8.12 -0.17 -77.33
N LEU B 43 -8.02 1.14 -77.54
CA LEU B 43 -8.77 1.81 -78.58
C LEU B 43 -7.83 2.70 -79.38
N ARG B 44 -7.89 2.56 -80.70
CA ARG B 44 -6.99 3.23 -81.63
C ARG B 44 -7.79 4.16 -82.51
N SER B 45 -7.29 5.37 -82.71
CA SER B 45 -7.95 6.31 -83.61
C SER B 45 -7.94 5.76 -85.02
N PHE B 46 -9.02 6.03 -85.75
CA PHE B 46 -9.10 5.60 -87.14
C PHE B 46 -8.04 6.32 -87.97
N PRO B 47 -7.39 5.62 -88.89
CA PRO B 47 -6.27 6.23 -89.62
C PRO B 47 -6.73 7.41 -90.47
N GLY B 48 -5.80 8.34 -90.69
CA GLY B 48 -6.16 9.57 -91.37
C GLY B 48 -6.06 9.44 -92.86
N ILE B 49 -6.64 10.40 -93.57
CA ILE B 49 -6.65 10.41 -95.02
C ILE B 49 -5.72 11.50 -95.52
N THR B 50 -4.88 11.17 -96.49
CA THR B 50 -4.03 12.13 -97.14
C THR B 50 -4.30 12.10 -98.64
N LYS B 51 -4.33 13.28 -99.24
CA LYS B 51 -4.60 13.40 -100.67
C LYS B 51 -3.55 12.65 -101.47
N ARG B 52 -4.03 11.84 -102.42
CA ARG B 52 -3.15 11.03 -103.26
C ARG B 52 -3.27 11.38 -104.72
N TYR B 53 -4.49 11.38 -105.26
CA TYR B 53 -4.74 11.69 -106.67
C TYR B 53 -5.83 12.75 -106.76
N ASP B 54 -5.85 13.43 -107.91
CA ASP B 54 -6.92 14.35 -108.24
C ASP B 54 -7.74 13.74 -109.36
N MET B 55 -9.04 13.55 -109.13
CA MET B 55 -9.93 12.93 -110.09
C MET B 55 -10.87 13.97 -110.69
N ASN B 56 -11.75 13.50 -111.57
CA ASN B 56 -12.67 14.41 -112.25
C ASN B 56 -13.72 14.95 -111.28
N GLY B 57 -14.31 14.09 -110.46
CA GLY B 57 -15.36 14.52 -109.56
C GLY B 57 -15.46 13.69 -108.30
N VAL B 58 -16.67 13.59 -107.75
CA VAL B 58 -16.87 12.75 -106.56
C VAL B 58 -16.75 11.28 -106.94
N SER B 59 -16.62 10.45 -105.91
CA SER B 59 -16.46 8.99 -106.13
C SER B 59 -17.80 8.32 -106.37
N ARG B 60 -17.86 7.46 -107.38
CA ARG B 60 -19.09 6.77 -107.74
C ARG B 60 -18.95 5.26 -107.81
N GLY B 61 -17.75 4.72 -107.74
CA GLY B 61 -17.61 3.27 -107.65
C GLY B 61 -16.15 2.88 -107.60
N VAL B 62 -15.93 1.64 -107.17
CA VAL B 62 -14.58 1.08 -107.08
C VAL B 62 -14.65 -0.43 -107.23
N GLU B 63 -13.57 -1.01 -107.74
CA GLU B 63 -13.48 -2.46 -107.84
C GLU B 63 -12.04 -2.88 -108.09
N TYR B 64 -11.63 -3.97 -107.45
CA TYR B 64 -10.30 -4.54 -107.71
C TYR B 64 -10.40 -5.48 -108.89
N ASN B 65 -10.08 -4.97 -110.08
CA ASN B 65 -10.01 -5.82 -111.26
C ASN B 65 -8.87 -6.81 -111.10
N THR B 66 -9.23 -8.09 -110.95
CA THR B 66 -8.23 -9.14 -110.82
C THR B 66 -7.57 -9.46 -112.15
N ALA B 67 -8.25 -9.19 -113.27
CA ALA B 67 -7.68 -9.51 -114.57
C ALA B 67 -6.43 -8.69 -114.84
N GLN B 68 -6.51 -7.38 -114.59
CA GLN B 68 -5.35 -6.50 -114.73
C GLN B 68 -4.58 -6.34 -113.44
N ASN B 69 -5.04 -6.94 -112.34
CA ASN B 69 -4.43 -6.78 -111.03
C ASN B 69 -4.31 -5.30 -110.68
N ALA B 70 -5.41 -4.57 -110.87
CA ALA B 70 -5.39 -3.12 -110.67
C ALA B 70 -6.75 -2.66 -110.20
N VAL B 71 -6.78 -1.48 -109.61
CA VAL B 71 -8.00 -0.92 -109.04
C VAL B 71 -8.65 0.02 -110.05
N TYR B 72 -9.95 -0.16 -110.26
CA TYR B 72 -10.73 0.69 -111.15
C TYR B 72 -11.67 1.54 -110.33
N ARG B 73 -11.66 2.85 -110.61
CA ARG B 73 -12.51 3.81 -109.93
C ARG B 73 -13.41 4.53 -110.93
N VAL B 74 -14.66 4.70 -110.56
CA VAL B 74 -15.60 5.55 -111.27
C VAL B 74 -15.74 6.81 -110.43
N CYS B 75 -14.97 7.84 -110.77
CA CYS B 75 -14.91 9.08 -110.03
C CYS B 75 -15.37 10.21 -110.94
N GLY B 76 -16.59 10.69 -110.75
CA GLY B 76 -17.08 11.75 -111.60
C GLY B 76 -17.56 11.20 -112.93
N GLY B 77 -17.19 11.86 -114.01
CA GLY B 77 -17.62 11.46 -115.33
C GLY B 77 -16.58 10.68 -116.10
N LYS B 78 -15.58 10.14 -115.40
CA LYS B 78 -14.51 9.39 -116.03
C LYS B 78 -14.43 8.01 -115.41
N LEU B 79 -13.50 7.21 -115.94
CA LEU B 79 -13.18 5.89 -115.39
C LEU B 79 -11.67 5.74 -115.38
N TYR B 80 -11.13 5.24 -114.27
CA TYR B 80 -9.70 5.25 -114.04
C TYR B 80 -9.18 3.84 -113.80
N LYS B 81 -8.04 3.52 -114.42
CA LYS B 81 -7.24 2.37 -114.05
C LYS B 81 -6.05 2.90 -113.26
N GLY B 82 -6.03 2.63 -111.96
CA GLY B 82 -5.06 3.28 -111.11
C GLY B 82 -5.24 4.78 -111.13
N GLU B 83 -4.28 5.49 -111.71
CA GLU B 83 -4.36 6.94 -111.85
C GLU B 83 -4.90 7.38 -113.21
N SER B 84 -4.56 6.65 -114.28
CA SER B 84 -4.90 7.10 -115.62
C SER B 84 -6.38 6.94 -115.90
N GLU B 85 -6.95 7.93 -116.58
CA GLU B 85 -8.30 7.83 -117.11
C GLU B 85 -8.37 6.75 -118.18
N VAL B 86 -9.51 6.08 -118.27
CA VAL B 86 -9.66 5.00 -119.24
C VAL B 86 -10.91 5.20 -120.11
N GLY B 87 -11.92 5.88 -119.57
CA GLY B 87 -13.16 6.02 -120.33
C GLY B 87 -14.04 7.08 -119.73
N ASP B 88 -15.19 7.28 -120.36
CA ASP B 88 -16.17 8.26 -119.93
C ASP B 88 -17.43 7.54 -119.49
N VAL B 89 -17.94 7.90 -118.31
CA VAL B 89 -19.15 7.30 -117.75
C VAL B 89 -20.16 8.40 -117.52
N ALA B 90 -21.37 8.22 -118.03
CA ALA B 90 -22.45 9.13 -117.73
C ALA B 90 -23.09 8.77 -116.39
N GLY B 91 -23.97 9.63 -115.92
CA GLY B 91 -24.67 9.41 -114.67
C GLY B 91 -24.14 10.32 -113.57
N SER B 92 -24.79 10.21 -112.41
CA SER B 92 -24.48 11.10 -111.29
C SER B 92 -24.48 10.43 -109.93
N GLY B 93 -24.51 9.10 -109.86
CA GLY B 93 -24.52 8.45 -108.56
C GLY B 93 -23.74 7.16 -108.51
N ARG B 94 -24.08 6.30 -107.56
CA ARG B 94 -23.40 5.01 -107.44
C ARG B 94 -23.72 4.15 -108.64
N VAL B 95 -22.68 3.58 -109.24
CA VAL B 95 -22.81 2.72 -110.41
C VAL B 95 -22.25 1.36 -110.07
N SER B 96 -22.93 0.31 -110.54
CA SER B 96 -22.45 -1.03 -110.25
C SER B 96 -21.24 -1.35 -111.09
N MET B 97 -20.39 -2.25 -110.62
CA MET B 97 -19.17 -2.57 -111.34
C MET B 97 -18.94 -4.07 -111.36
N ALA B 98 -18.34 -4.55 -112.44
CA ALA B 98 -17.93 -5.94 -112.57
C ALA B 98 -16.80 -6.00 -113.59
N HIS B 99 -16.20 -7.17 -113.73
CA HIS B 99 -15.12 -7.29 -114.69
C HIS B 99 -14.97 -8.74 -115.11
N GLY B 100 -14.51 -8.95 -116.33
CA GLY B 100 -14.31 -10.29 -116.84
C GLY B 100 -12.96 -10.45 -117.49
N ARG B 101 -12.82 -11.48 -118.33
CA ARG B 101 -11.53 -11.73 -118.95
C ARG B 101 -11.09 -10.59 -119.85
N THR B 102 -12.00 -10.09 -120.69
CA THR B 102 -11.60 -9.10 -121.73
C THR B 102 -12.13 -7.68 -121.52
N SER B 103 -12.96 -7.44 -120.51
CA SER B 103 -13.52 -6.11 -120.36
C SER B 103 -13.81 -5.82 -118.89
N GLN B 104 -14.04 -4.54 -118.60
CA GLN B 104 -14.54 -4.10 -117.31
C GLN B 104 -15.89 -3.46 -117.53
N ALA B 105 -16.92 -3.99 -116.89
CA ALA B 105 -18.29 -3.57 -117.13
C ALA B 105 -18.78 -2.67 -116.01
N VAL B 106 -19.54 -1.66 -116.38
CA VAL B 106 -20.17 -0.75 -115.43
C VAL B 106 -21.67 -0.74 -115.71
N GLY B 107 -22.46 -1.01 -114.68
CA GLY B 107 -23.89 -0.88 -114.76
C GLY B 107 -24.29 0.52 -114.35
N VAL B 108 -24.86 1.27 -115.28
CA VAL B 108 -25.15 2.68 -115.07
C VAL B 108 -26.23 3.11 -116.05
N ASN B 109 -27.16 3.94 -115.56
CA ASN B 109 -28.20 4.54 -116.40
C ASN B 109 -29.04 3.47 -117.09
N GLY B 110 -29.34 2.39 -116.37
CA GLY B 110 -30.08 1.31 -116.96
C GLY B 110 -29.37 0.61 -118.09
N GLN B 111 -28.05 0.65 -118.11
CA GLN B 111 -27.25 0.11 -119.18
C GLN B 111 -26.10 -0.71 -118.61
N LEU B 112 -25.62 -1.66 -119.40
CA LEU B 112 -24.42 -2.42 -119.08
C LEU B 112 -23.37 -2.02 -120.11
N VAL B 113 -22.49 -1.10 -119.71
CA VAL B 113 -21.49 -0.53 -120.61
C VAL B 113 -20.15 -1.18 -120.30
N GLU B 114 -19.58 -1.85 -121.29
CA GLU B 114 -18.33 -2.61 -121.09
C GLU B 114 -17.19 -1.88 -121.79
N TYR B 115 -16.20 -1.47 -121.01
CA TYR B 115 -14.98 -0.88 -121.55
C TYR B 115 -13.95 -1.99 -121.69
N ARG B 116 -13.54 -2.26 -122.93
CA ARG B 116 -12.54 -3.29 -123.17
C ARG B 116 -11.15 -2.71 -122.99
N TYR B 117 -10.22 -3.59 -122.63
CA TYR B 117 -8.86 -3.15 -122.31
C TYR B 117 -8.14 -2.55 -123.50
N ASP B 118 -8.50 -2.96 -124.72
CA ASP B 118 -7.89 -2.37 -125.91
C ASP B 118 -8.25 -0.90 -126.05
N GLY B 119 -9.51 -0.54 -125.78
CA GLY B 119 -9.91 0.84 -125.86
C GLY B 119 -11.31 1.11 -126.39
N THR B 120 -12.03 0.06 -126.78
CA THR B 120 -13.37 0.21 -127.33
C THR B 120 -14.43 0.03 -126.24
N VAL B 121 -15.53 0.76 -126.38
CA VAL B 121 -16.59 0.77 -125.40
C VAL B 121 -17.86 0.21 -126.05
N LYS B 122 -18.29 -0.96 -125.60
CA LYS B 122 -19.49 -1.60 -126.09
C LYS B 122 -20.62 -1.44 -125.07
N THR B 123 -21.83 -1.78 -125.51
CA THR B 123 -23.00 -1.76 -124.64
C THR B 123 -23.77 -3.05 -124.85
N VAL B 124 -24.34 -3.59 -123.76
CA VAL B 124 -25.10 -4.82 -123.87
C VAL B 124 -26.41 -4.52 -124.60
N SER B 125 -26.70 -5.30 -125.62
CA SER B 125 -27.90 -5.11 -126.42
C SER B 125 -28.40 -6.45 -126.92
N ASN B 126 -29.67 -6.50 -127.28
CA ASN B 126 -30.27 -7.73 -127.78
C ASN B 126 -29.63 -8.11 -129.12
N TRP B 127 -29.59 -9.41 -129.39
CA TRP B 127 -28.95 -9.89 -130.61
C TRP B 127 -29.62 -9.27 -131.84
N PRO B 128 -28.86 -8.99 -132.90
CA PRO B 128 -29.45 -8.41 -134.10
C PRO B 128 -30.53 -9.30 -134.66
N ALA B 129 -31.62 -8.68 -135.14
CA ALA B 129 -32.80 -9.42 -135.56
C ALA B 129 -32.54 -10.32 -136.76
N ASP B 130 -31.51 -10.02 -137.56
CA ASP B 130 -31.23 -10.86 -138.73
C ASP B 130 -30.82 -12.27 -138.33
N SER B 131 -30.33 -12.44 -137.11
CA SER B 131 -30.05 -13.76 -136.58
C SER B 131 -31.35 -14.47 -136.21
N GLY B 132 -31.27 -15.79 -136.14
CA GLY B 132 -32.41 -16.58 -135.71
C GLY B 132 -32.42 -16.75 -134.21
N PHE B 133 -31.49 -16.06 -133.54
CA PHE B 133 -31.33 -16.19 -132.11
C PHE B 133 -32.48 -15.52 -131.37
N THR B 134 -32.70 -15.97 -130.13
CA THR B 134 -33.87 -15.55 -129.38
C THR B 134 -33.76 -14.08 -129.01
N GLN B 135 -34.90 -13.44 -128.83
CA GLN B 135 -34.97 -12.04 -128.42
C GLN B 135 -35.67 -11.95 -127.07
N TYR B 136 -35.25 -10.97 -126.27
CA TYR B 136 -35.80 -10.77 -124.94
C TYR B 136 -36.08 -9.29 -124.71
N GLU B 137 -36.98 -9.02 -123.77
CA GLU B 137 -37.25 -7.66 -123.32
C GLU B 137 -36.19 -7.26 -122.31
N LEU B 138 -35.06 -6.77 -122.83
CA LEU B 138 -33.99 -6.25 -122.00
C LEU B 138 -34.40 -4.85 -121.53
N GLY B 139 -34.88 -4.75 -120.30
CA GLY B 139 -35.30 -3.45 -119.80
C GLY B 139 -34.15 -2.61 -119.30
N SER B 140 -34.33 -1.97 -118.14
CA SER B 140 -33.27 -1.17 -117.55
C SER B 140 -32.42 -2.02 -116.62
N VAL B 141 -31.11 -1.90 -116.77
CA VAL B 141 -30.16 -2.66 -115.97
C VAL B 141 -30.10 -2.06 -114.58
N ARG B 142 -30.30 -2.90 -113.56
CA ARG B 142 -30.22 -2.45 -112.18
C ARG B 142 -28.88 -2.80 -111.55
N ASP B 143 -28.53 -4.09 -111.53
CA ASP B 143 -27.31 -4.54 -110.90
C ASP B 143 -26.65 -5.60 -111.76
N ILE B 144 -25.32 -5.53 -111.87
CA ILE B 144 -24.55 -6.43 -112.70
C ILE B 144 -23.55 -7.19 -111.82
N THR B 145 -23.13 -8.34 -112.31
CA THR B 145 -22.14 -9.16 -111.64
C THR B 145 -21.53 -10.10 -112.67
N ARG B 146 -20.49 -10.81 -112.27
CA ARG B 146 -19.77 -11.70 -113.17
C ARG B 146 -19.69 -13.09 -112.57
N LEU B 147 -19.92 -14.10 -113.39
CA LEU B 147 -19.69 -15.48 -112.97
C LEU B 147 -19.41 -16.34 -114.19
N ARG B 148 -18.35 -17.13 -114.11
CA ARG B 148 -18.00 -18.12 -115.13
C ARG B 148 -18.03 -17.51 -116.53
N GLY B 149 -17.26 -16.44 -116.68
CA GLY B 149 -17.12 -15.80 -117.98
C GLY B 149 -18.39 -15.18 -118.51
N ARG B 150 -19.37 -14.93 -117.65
CA ARG B 150 -20.64 -14.36 -118.07
C ARG B 150 -20.99 -13.17 -117.20
N TYR B 151 -21.64 -12.17 -117.78
CA TYR B 151 -22.21 -11.07 -117.03
C TYR B 151 -23.66 -11.39 -116.72
N ALA B 152 -24.02 -11.35 -115.45
CA ALA B 152 -25.39 -11.57 -115.01
C ALA B 152 -25.93 -10.25 -114.49
N TRP B 153 -27.04 -9.80 -115.05
CA TRP B 153 -27.61 -8.52 -114.65
C TRP B 153 -29.10 -8.64 -114.45
N SER B 154 -29.64 -7.78 -113.59
CA SER B 154 -31.04 -7.82 -113.19
C SER B 154 -31.80 -6.69 -113.86
N LYS B 155 -32.95 -7.02 -114.44
CA LYS B 155 -33.82 -6.00 -115.02
C LYS B 155 -34.52 -5.22 -113.91
N ASP B 156 -34.71 -3.93 -114.15
CA ASP B 156 -35.15 -3.00 -113.10
C ASP B 156 -36.56 -3.36 -112.65
N GLY B 157 -36.66 -3.99 -111.47
CA GLY B 157 -37.94 -4.25 -110.86
C GLY B 157 -38.86 -5.16 -111.63
N THR B 158 -38.31 -6.19 -112.29
CA THR B 158 -39.13 -7.11 -113.06
C THR B 158 -38.86 -8.57 -112.74
N ASP B 159 -38.11 -8.86 -111.67
CA ASP B 159 -37.90 -10.21 -111.15
C ASP B 159 -37.13 -11.10 -112.12
N SER B 160 -36.53 -10.53 -113.17
CA SER B 160 -35.84 -11.31 -114.18
C SER B 160 -34.38 -10.89 -114.28
N TRP B 161 -33.53 -11.85 -114.59
CA TRP B 161 -32.10 -11.59 -114.74
C TRP B 161 -31.57 -12.36 -115.95
N PHE B 162 -30.64 -11.74 -116.65
CA PHE B 162 -30.10 -12.28 -117.88
C PHE B 162 -28.60 -12.47 -117.76
N ILE B 163 -28.12 -13.54 -118.41
CA ILE B 163 -26.70 -13.84 -118.49
C ILE B 163 -26.25 -13.64 -119.94
N THR B 164 -25.09 -13.02 -120.10
CA THR B 164 -24.59 -12.71 -121.43
C THR B 164 -24.02 -13.95 -122.11
N ASP B 165 -23.79 -13.82 -123.41
CA ASP B 165 -23.27 -14.93 -124.20
C ASP B 165 -21.84 -15.26 -123.79
N LEU B 166 -21.46 -16.52 -124.00
CA LEU B 166 -20.10 -16.94 -123.66
C LEU B 166 -19.09 -16.38 -124.65
N GLU B 167 -19.37 -16.44 -125.94
CA GLU B 167 -18.45 -15.94 -126.96
C GLU B 167 -18.80 -14.55 -127.46
N ASP B 168 -19.74 -13.86 -126.82
CA ASP B 168 -19.99 -12.45 -127.09
C ASP B 168 -20.58 -11.82 -125.83
N GLU B 169 -19.73 -11.16 -125.03
CA GLU B 169 -20.20 -10.56 -123.76
C GLU B 169 -21.13 -9.37 -124.01
N SER B 170 -21.18 -8.84 -125.23
CA SER B 170 -22.00 -7.67 -125.50
C SER B 170 -23.44 -8.02 -125.86
N HIS B 171 -23.75 -9.29 -126.02
CA HIS B 171 -25.12 -9.72 -126.27
C HIS B 171 -25.48 -10.82 -125.29
N PRO B 172 -26.76 -10.98 -124.95
CA PRO B 172 -27.16 -12.07 -124.07
C PRO B 172 -26.87 -13.42 -124.69
N ASP B 173 -27.10 -14.50 -123.96
CA ASP B 173 -26.88 -15.82 -124.52
C ASP B 173 -27.79 -16.03 -125.71
N ARG B 174 -27.31 -16.81 -126.67
CA ARG B 174 -28.03 -16.97 -127.93
C ARG B 174 -29.41 -17.55 -127.70
N TYR B 175 -29.52 -18.59 -126.88
CA TYR B 175 -30.75 -19.35 -126.74
C TYR B 175 -31.39 -19.17 -125.36
N SER B 176 -30.67 -19.46 -124.29
CA SER B 176 -31.19 -19.36 -122.93
C SER B 176 -30.38 -18.32 -122.17
N ALA B 177 -30.97 -17.15 -121.95
CA ALA B 177 -30.31 -16.09 -121.19
C ALA B 177 -31.14 -15.53 -120.05
N GLN B 178 -32.45 -15.71 -120.06
CA GLN B 178 -33.33 -15.10 -119.07
C GLN B 178 -33.76 -16.12 -118.02
N TYR B 179 -33.78 -15.67 -116.76
CA TYR B 179 -34.21 -16.50 -115.65
C TYR B 179 -35.05 -15.66 -114.69
N ARG B 180 -35.91 -16.36 -113.96
CA ARG B 180 -36.82 -15.76 -113.00
C ARG B 180 -36.55 -16.33 -111.62
N ALA B 181 -36.58 -15.47 -110.60
CA ALA B 181 -36.48 -15.96 -109.23
C ALA B 181 -37.74 -16.72 -108.84
N GLU B 182 -38.88 -16.04 -108.88
CA GLU B 182 -40.21 -16.66 -108.95
C GLU B 182 -40.67 -17.31 -107.64
N SER B 183 -39.80 -17.42 -106.65
CA SER B 183 -40.21 -18.02 -105.38
C SER B 183 -40.69 -16.96 -104.41
N GLN B 184 -41.56 -16.09 -104.88
CA GLN B 184 -41.82 -14.84 -104.22
C GLN B 184 -42.95 -14.09 -104.92
N PRO B 185 -43.52 -13.08 -104.31
CA PRO B 185 -44.32 -12.15 -105.10
C PRO B 185 -43.46 -11.43 -106.12
N ASP B 186 -42.40 -10.75 -105.70
CA ASP B 186 -41.53 -10.03 -106.64
C ASP B 186 -40.28 -9.56 -105.94
N GLY B 187 -39.46 -8.78 -106.67
CA GLY B 187 -38.26 -8.15 -106.14
C GLY B 187 -36.97 -8.71 -106.70
N ILE B 188 -36.10 -7.86 -107.27
CA ILE B 188 -34.81 -8.35 -107.72
C ILE B 188 -33.69 -7.39 -107.32
N ILE B 189 -33.90 -6.60 -106.26
CA ILE B 189 -33.07 -5.43 -105.93
C ILE B 189 -31.57 -5.59 -106.11
N GLY B 190 -30.99 -6.72 -105.70
CA GLY B 190 -29.56 -6.90 -105.78
C GLY B 190 -29.19 -8.21 -106.44
N ILE B 191 -27.98 -8.24 -107.00
CA ILE B 191 -27.42 -9.46 -107.55
C ILE B 191 -25.94 -9.52 -107.21
N GLY B 192 -25.46 -10.72 -106.91
CA GLY B 192 -24.07 -10.96 -106.61
C GLY B 192 -23.75 -12.41 -106.88
N THR B 193 -22.51 -12.80 -106.60
CA THR B 193 -22.09 -14.20 -106.72
C THR B 193 -21.47 -14.62 -105.41
N TRP B 194 -21.99 -15.69 -104.81
CA TRP B 194 -21.50 -16.05 -103.48
C TRP B 194 -20.22 -16.90 -103.55
N ARG B 195 -20.34 -18.15 -103.98
CA ARG B 195 -19.17 -18.99 -104.19
C ARG B 195 -19.13 -19.52 -105.61
N ASP B 196 -20.16 -20.21 -106.04
CA ASP B 196 -20.37 -20.53 -107.45
C ASP B 196 -21.83 -20.32 -107.79
N PHE B 197 -22.62 -19.81 -106.86
CA PHE B 197 -24.03 -19.51 -107.08
C PHE B 197 -24.20 -18.04 -107.41
N ILE B 198 -25.15 -17.75 -108.28
CA ILE B 198 -25.65 -16.39 -108.46
C ILE B 198 -26.70 -16.16 -107.38
N VAL B 199 -26.50 -15.13 -106.58
CA VAL B 199 -27.41 -14.78 -105.50
C VAL B 199 -28.22 -13.58 -105.94
N CYS B 200 -29.53 -13.71 -105.87
CA CYS B 200 -30.47 -12.66 -106.23
C CYS B 200 -31.22 -12.24 -104.97
N PHE B 201 -30.95 -11.02 -104.50
CA PHE B 201 -31.61 -10.48 -103.33
C PHE B 201 -32.84 -9.71 -103.79
N GLY B 202 -34.02 -10.28 -103.59
CA GLY B 202 -35.25 -9.57 -103.76
C GLY B 202 -35.58 -8.81 -102.51
N SER B 203 -36.86 -8.53 -102.33
CA SER B 203 -37.36 -8.05 -101.04
C SER B 203 -38.10 -9.20 -100.39
N SER B 204 -37.77 -9.48 -99.14
CA SER B 204 -38.28 -10.63 -98.39
C SER B 204 -37.89 -11.96 -99.04
N THR B 205 -36.86 -12.00 -99.89
CA THR B 205 -36.35 -13.28 -100.36
C THR B 205 -34.92 -13.12 -100.84
N ILE B 206 -34.15 -14.19 -100.70
CA ILE B 206 -32.80 -14.30 -101.26
C ILE B 206 -32.70 -15.65 -101.95
N GLU B 207 -32.37 -15.65 -103.23
CA GLU B 207 -32.37 -16.86 -104.04
C GLU B 207 -30.96 -17.19 -104.53
N TYR B 208 -30.71 -18.48 -104.71
CA TYR B 208 -29.42 -19.00 -105.15
C TYR B 208 -29.61 -19.81 -106.42
N PHE B 209 -28.77 -19.57 -107.42
CA PHE B 209 -28.86 -20.23 -108.71
C PHE B 209 -27.52 -20.87 -109.05
N SER B 210 -27.54 -22.14 -109.44
CA SER B 210 -26.33 -22.87 -109.78
C SER B 210 -26.46 -23.45 -111.18
N LEU B 211 -25.30 -23.71 -111.80
CA LEU B 211 -25.29 -24.24 -113.16
C LEU B 211 -25.89 -25.64 -113.21
N THR B 212 -26.73 -25.87 -114.22
CA THR B 212 -27.25 -27.22 -114.46
C THR B 212 -26.22 -28.13 -115.11
N GLY B 213 -25.45 -27.59 -116.05
CA GLY B 213 -24.56 -28.40 -116.87
C GLY B 213 -25.20 -28.91 -118.14
N ALA B 214 -26.49 -28.67 -118.36
CA ALA B 214 -27.14 -29.10 -119.58
C ALA B 214 -26.63 -28.31 -120.78
N THR B 215 -26.36 -29.01 -121.87
CA THR B 215 -25.76 -28.42 -123.06
C THR B 215 -26.72 -28.30 -124.23
N THR B 216 -27.90 -28.93 -124.16
CA THR B 216 -28.83 -28.86 -125.27
C THR B 216 -29.36 -27.44 -125.43
N ALA B 217 -29.56 -27.03 -126.69
CA ALA B 217 -30.02 -25.67 -126.96
C ALA B 217 -31.41 -25.45 -126.40
N GLY B 218 -31.62 -24.28 -125.81
CA GLY B 218 -32.87 -23.94 -125.19
C GLY B 218 -33.00 -24.36 -123.74
N ALA B 219 -32.15 -25.28 -123.28
CA ALA B 219 -32.21 -25.73 -121.90
C ALA B 219 -31.65 -24.64 -120.97
N ALA B 220 -32.23 -24.57 -119.78
CA ALA B 220 -31.78 -23.59 -118.80
C ALA B 220 -30.43 -24.01 -118.22
N LEU B 221 -29.48 -23.09 -118.22
CA LEU B 221 -28.17 -23.41 -117.64
C LEU B 221 -28.19 -23.29 -116.12
N TYR B 222 -28.94 -22.37 -115.56
CA TYR B 222 -29.00 -22.16 -114.12
C TYR B 222 -30.27 -22.77 -113.56
N VAL B 223 -30.18 -23.31 -112.35
CA VAL B 223 -31.34 -23.82 -111.63
C VAL B 223 -31.33 -23.23 -110.23
N ALA B 224 -32.48 -22.73 -109.79
CA ALA B 224 -32.58 -22.15 -108.45
C ALA B 224 -32.41 -23.24 -107.39
N GLN B 225 -31.65 -22.91 -106.35
CA GLN B 225 -31.48 -23.80 -105.21
C GLN B 225 -32.30 -23.27 -104.06
N PRO B 226 -33.42 -23.89 -103.71
CA PRO B 226 -34.26 -23.37 -102.63
C PRO B 226 -33.87 -23.86 -101.25
N SER B 227 -33.00 -24.87 -101.17
CA SER B 227 -32.48 -25.31 -99.88
C SER B 227 -31.60 -24.26 -99.23
N LEU B 228 -31.16 -23.24 -99.98
CA LEU B 228 -30.40 -22.13 -99.45
C LEU B 228 -31.21 -20.85 -99.40
N MET B 229 -32.54 -20.94 -99.46
CA MET B 229 -33.37 -19.75 -99.54
C MET B 229 -33.43 -19.03 -98.20
N VAL B 230 -33.14 -17.74 -98.21
CA VAL B 230 -33.19 -16.89 -97.03
C VAL B 230 -34.41 -15.98 -97.16
N GLN B 231 -35.24 -15.96 -96.11
CA GLN B 231 -36.53 -15.28 -96.17
C GLN B 231 -36.40 -13.82 -95.71
N LYS B 232 -35.54 -13.08 -96.38
CA LYS B 232 -35.34 -11.67 -96.06
C LYS B 232 -34.65 -10.99 -97.23
N GLY B 233 -35.11 -9.77 -97.55
CA GLY B 233 -34.56 -9.02 -98.66
C GLY B 233 -33.67 -7.88 -98.20
N ILE B 234 -33.14 -7.16 -99.19
CA ILE B 234 -32.21 -6.07 -98.93
C ILE B 234 -32.91 -4.76 -99.21
N ALA B 235 -32.43 -3.69 -98.55
CA ALA B 235 -33.10 -2.40 -98.64
C ALA B 235 -32.85 -1.73 -99.98
N GLY B 236 -31.62 -1.80 -100.48
CA GLY B 236 -31.28 -1.19 -101.74
C GLY B 236 -30.25 -2.02 -102.47
N THR B 237 -29.92 -1.58 -103.68
CA THR B 237 -29.00 -2.33 -104.51
C THR B 237 -27.62 -2.45 -103.88
N TYR B 238 -27.21 -1.44 -103.11
CA TYR B 238 -25.88 -1.39 -102.50
C TYR B 238 -25.91 -1.68 -101.02
N CYS B 239 -27.04 -2.17 -100.50
CA CYS B 239 -27.17 -2.57 -99.11
C CYS B 239 -26.82 -4.04 -98.91
N LYS B 240 -25.93 -4.56 -99.74
CA LYS B 240 -25.43 -5.92 -99.72
C LYS B 240 -23.92 -5.88 -99.85
N THR B 241 -23.25 -6.89 -99.30
CA THR B 241 -21.79 -6.91 -99.35
C THR B 241 -21.30 -8.31 -99.01
N PRO B 242 -20.23 -8.78 -99.67
CA PRO B 242 -19.59 -10.04 -99.24
C PRO B 242 -18.66 -9.78 -98.07
N PHE B 243 -19.04 -10.25 -96.88
CA PHE B 243 -18.30 -9.88 -95.68
C PHE B 243 -17.26 -10.92 -95.25
N ALA B 244 -17.71 -12.09 -94.80
CA ALA B 244 -16.78 -13.06 -94.23
C ALA B 244 -16.70 -14.33 -95.06
N ASP B 245 -17.82 -15.01 -95.23
CA ASP B 245 -17.93 -16.12 -96.17
C ASP B 245 -19.29 -16.08 -96.83
N SER B 246 -20.09 -15.08 -96.52
CA SER B 246 -21.44 -14.92 -97.04
C SER B 246 -21.68 -13.42 -97.17
N TYR B 247 -22.95 -13.03 -97.28
CA TYR B 247 -23.30 -11.64 -97.51
C TYR B 247 -23.88 -11.02 -96.25
N ALA B 248 -23.33 -9.88 -95.88
CA ALA B 248 -23.95 -8.99 -94.91
C ALA B 248 -24.83 -7.99 -95.66
N PHE B 249 -26.06 -7.82 -95.19
CA PHE B 249 -26.99 -6.93 -95.87
C PHE B 249 -27.83 -6.17 -94.85
N ILE B 250 -28.58 -5.20 -95.35
CA ILE B 250 -29.56 -4.47 -94.54
C ILE B 250 -30.95 -4.89 -94.98
N SER B 251 -31.76 -5.33 -94.03
CA SER B 251 -33.06 -5.90 -94.36
C SER B 251 -34.03 -4.82 -94.81
N HIS B 252 -35.05 -5.24 -95.59
CA HIS B 252 -36.05 -4.41 -96.24
C HIS B 252 -37.32 -4.32 -95.39
N PRO B 253 -38.01 -3.18 -95.42
CA PRO B 253 -39.22 -3.03 -94.59
C PRO B 253 -40.35 -3.97 -94.97
N ALA B 254 -40.21 -4.79 -96.00
CA ALA B 254 -41.25 -5.76 -96.28
C ALA B 254 -41.32 -6.86 -95.23
N THR B 255 -40.29 -6.99 -94.40
CA THR B 255 -40.18 -8.01 -93.38
C THR B 255 -39.89 -7.39 -92.02
N GLY B 256 -40.65 -6.36 -91.67
CA GLY B 256 -40.48 -5.72 -90.38
C GLY B 256 -39.41 -4.65 -90.41
N ALA B 257 -39.03 -4.22 -89.21
CA ALA B 257 -38.09 -3.12 -89.09
C ALA B 257 -36.74 -3.51 -89.67
N PRO B 258 -36.08 -2.61 -90.40
CA PRO B 258 -34.77 -2.93 -90.96
C PRO B 258 -33.73 -3.17 -89.87
N SER B 259 -32.81 -4.08 -90.17
CA SER B 259 -31.66 -4.34 -89.33
C SER B 259 -30.50 -4.72 -90.23
N VAL B 260 -29.39 -5.14 -89.62
CA VAL B 260 -28.21 -5.57 -90.35
C VAL B 260 -27.99 -7.04 -90.05
N TYR B 261 -27.84 -7.84 -91.11
CA TYR B 261 -27.78 -9.28 -90.99
C TYR B 261 -26.56 -9.82 -91.72
N ILE B 262 -26.15 -11.03 -91.33
CA ILE B 262 -25.14 -11.79 -92.04
C ILE B 262 -25.75 -13.13 -92.42
N ILE B 263 -25.68 -13.47 -93.71
CA ILE B 263 -26.30 -14.70 -94.21
C ILE B 263 -25.60 -15.90 -93.63
N GLY B 264 -26.37 -16.87 -93.15
CA GLY B 264 -25.81 -18.10 -92.66
C GLY B 264 -25.95 -19.23 -93.66
N SER B 265 -26.62 -20.30 -93.28
CA SER B 265 -26.92 -21.43 -94.16
C SER B 265 -28.43 -21.60 -94.15
N GLY B 266 -29.11 -20.88 -95.03
CA GLY B 266 -30.55 -20.88 -95.05
C GLY B 266 -31.20 -19.93 -94.07
N GLN B 267 -30.42 -19.12 -93.36
CA GLN B 267 -30.97 -18.21 -92.38
C GLN B 267 -30.03 -17.03 -92.20
N ALA B 268 -30.59 -15.91 -91.78
CA ALA B 268 -29.84 -14.69 -91.52
C ALA B 268 -29.84 -14.39 -90.03
N SER B 269 -28.68 -14.00 -89.51
CA SER B 269 -28.50 -13.74 -88.10
C SER B 269 -28.24 -12.28 -87.85
N PRO B 270 -28.90 -11.66 -86.89
CA PRO B 270 -28.75 -10.22 -86.69
C PRO B 270 -27.35 -9.84 -86.22
N ILE B 271 -26.94 -8.63 -86.59
CA ILE B 271 -25.63 -8.10 -86.25
C ILE B 271 -25.83 -6.75 -85.56
N ALA B 272 -26.95 -6.10 -85.85
CA ALA B 272 -27.24 -4.80 -85.28
C ALA B 272 -27.73 -4.94 -83.84
N THR B 273 -27.52 -3.88 -83.07
CA THR B 273 -28.00 -3.78 -81.71
C THR B 273 -29.25 -2.89 -81.70
N ALA B 274 -29.84 -2.72 -80.51
CA ALA B 274 -31.05 -1.92 -80.41
C ALA B 274 -30.79 -0.47 -80.82
N SER B 275 -29.65 0.09 -80.39
CA SER B 275 -29.32 1.46 -80.77
C SER B 275 -29.08 1.59 -82.26
N ILE B 276 -28.41 0.61 -82.86
CA ILE B 276 -28.19 0.63 -84.31
C ILE B 276 -29.53 0.56 -85.04
N GLU B 277 -30.44 -0.28 -84.55
CA GLU B 277 -31.74 -0.40 -85.20
C GLU B 277 -32.55 0.88 -85.06
N LYS B 278 -32.44 1.55 -83.91
CA LYS B 278 -33.07 2.86 -83.78
C LYS B 278 -32.48 3.85 -84.78
N ILE B 279 -31.16 3.83 -84.95
CA ILE B 279 -30.52 4.72 -85.91
C ILE B 279 -31.02 4.45 -87.31
N ILE B 280 -31.14 3.18 -87.69
CA ILE B 280 -31.64 2.83 -89.02
C ILE B 280 -33.09 3.25 -89.18
N ARG B 281 -33.91 3.02 -88.16
CA ARG B 281 -35.33 3.37 -88.25
C ARG B 281 -35.52 4.87 -88.33
N SER B 282 -34.55 5.65 -87.85
CA SER B 282 -34.65 7.10 -87.99
C SER B 282 -34.64 7.55 -89.45
N TYR B 283 -34.14 6.73 -90.37
CA TYR B 283 -34.18 7.03 -91.79
C TYR B 283 -35.49 6.55 -92.40
N THR B 284 -35.86 7.15 -93.52
CA THR B 284 -37.02 6.69 -94.27
C THR B 284 -36.61 5.60 -95.25
N ALA B 285 -37.61 5.01 -95.90
CA ALA B 285 -37.32 4.02 -96.94
C ALA B 285 -36.50 4.66 -98.06
N GLU B 286 -36.83 5.89 -98.42
CA GLU B 286 -35.89 6.74 -99.13
C GLU B 286 -34.81 7.18 -98.14
N GLU B 287 -33.57 7.24 -98.62
CA GLU B 287 -32.36 7.42 -97.81
C GLU B 287 -32.03 6.17 -97.02
N MET B 288 -32.94 5.20 -96.99
CA MET B 288 -32.58 3.85 -96.61
C MET B 288 -32.12 3.07 -97.83
N ALA B 289 -32.79 3.28 -98.96
CA ALA B 289 -32.40 2.65 -100.21
C ALA B 289 -31.14 3.25 -100.80
N THR B 290 -30.68 4.39 -100.30
CA THR B 290 -29.46 5.01 -100.79
C THR B 290 -28.23 4.64 -99.95
N GLY B 291 -28.39 3.79 -98.95
CA GLY B 291 -27.25 3.39 -98.14
C GLY B 291 -26.26 2.57 -98.93
N VAL B 292 -25.01 2.62 -98.51
CA VAL B 292 -23.92 1.89 -99.15
C VAL B 292 -23.24 1.04 -98.07
N MET B 293 -22.59 -0.04 -98.49
CA MET B 293 -21.90 -0.90 -97.56
C MET B 293 -20.54 -1.28 -98.14
N GLU B 294 -19.55 -1.42 -97.26
CA GLU B 294 -18.17 -1.68 -97.66
C GLU B 294 -17.47 -2.54 -96.63
N THR B 295 -16.28 -3.02 -96.96
CA THR B 295 -15.46 -3.77 -96.02
C THR B 295 -14.02 -3.28 -96.08
N LEU B 296 -13.32 -3.48 -94.97
CA LEU B 296 -11.87 -3.34 -94.93
C LEU B 296 -11.29 -4.43 -94.07
N ARG B 297 -9.99 -4.65 -94.26
CA ARG B 297 -9.24 -5.67 -93.56
C ARG B 297 -7.85 -5.11 -93.34
N PHE B 298 -7.51 -4.81 -92.09
CA PHE B 298 -6.17 -4.35 -91.77
C PHE B 298 -5.91 -4.50 -90.28
N ASP B 299 -4.73 -4.99 -89.94
CA ASP B 299 -4.33 -5.21 -88.55
C ASP B 299 -5.28 -6.16 -87.83
N SER B 300 -5.67 -7.23 -88.54
CA SER B 300 -6.63 -8.21 -88.04
C SER B 300 -7.99 -7.57 -87.79
N HIS B 301 -8.13 -6.31 -88.17
CA HIS B 301 -9.41 -5.61 -88.13
C HIS B 301 -10.20 -6.00 -89.36
N GLU B 302 -11.39 -6.56 -89.15
CA GLU B 302 -12.29 -6.96 -90.23
C GLU B 302 -13.52 -6.09 -90.12
N LEU B 303 -13.48 -4.91 -90.74
CA LEU B 303 -14.51 -3.91 -90.55
C LEU B 303 -15.52 -3.97 -91.68
N LEU B 304 -16.79 -3.76 -91.32
CA LEU B 304 -17.88 -3.58 -92.26
C LEU B 304 -18.46 -2.19 -92.05
N ILE B 305 -18.42 -1.37 -93.08
CA ILE B 305 -18.95 -0.02 -92.98
C ILE B 305 -20.31 0.07 -93.65
N ILE B 306 -21.17 0.90 -93.08
CA ILE B 306 -22.46 1.26 -93.63
C ILE B 306 -22.49 2.78 -93.72
N HIS B 307 -22.68 3.30 -94.92
CA HIS B 307 -22.85 4.72 -95.14
C HIS B 307 -24.33 5.04 -95.31
N LEU B 308 -24.82 5.99 -94.54
CA LEU B 308 -26.18 6.50 -94.63
C LEU B 308 -26.11 8.01 -94.61
N PRO B 309 -27.09 8.69 -95.22
CA PRO B 309 -26.93 10.13 -95.48
C PRO B 309 -26.65 10.98 -94.26
N ARG B 310 -26.66 10.42 -93.05
CA ARG B 310 -26.29 11.18 -91.87
C ARG B 310 -25.35 10.43 -90.93
N HIS B 311 -25.13 9.13 -91.12
CA HIS B 311 -24.30 8.37 -90.21
C HIS B 311 -23.49 7.34 -90.97
N VAL B 312 -22.21 7.24 -90.61
CA VAL B 312 -21.33 6.22 -91.14
C VAL B 312 -20.99 5.31 -89.97
N LEU B 313 -21.56 4.11 -89.96
CA LEU B 313 -21.39 3.16 -88.88
C LEU B 313 -20.40 2.09 -89.31
N VAL B 314 -19.56 1.64 -88.38
CA VAL B 314 -18.57 0.62 -88.65
C VAL B 314 -18.71 -0.48 -87.63
N TYR B 315 -18.77 -1.72 -88.09
CA TYR B 315 -18.89 -2.89 -87.23
C TYR B 315 -17.62 -3.70 -87.37
N ASP B 316 -16.93 -3.92 -86.25
CA ASP B 316 -15.67 -4.64 -86.23
C ASP B 316 -15.96 -6.09 -85.87
N ALA B 317 -15.78 -6.99 -86.84
CA ALA B 317 -16.07 -8.40 -86.60
C ALA B 317 -15.05 -9.04 -85.67
N SER B 318 -13.86 -8.45 -85.55
CA SER B 318 -12.79 -9.03 -84.76
C SER B 318 -12.84 -8.66 -83.29
N SER B 319 -13.69 -7.70 -82.91
CA SER B 319 -13.76 -7.24 -81.53
C SER B 319 -15.20 -7.28 -81.04
N SER B 320 -15.89 -8.40 -81.28
CA SER B 320 -17.27 -8.55 -80.87
C SER B 320 -17.46 -9.85 -80.10
N GLN B 321 -16.58 -10.09 -79.14
CA GLN B 321 -16.71 -11.26 -78.27
C GLN B 321 -17.71 -11.03 -77.14
N ASN B 322 -18.08 -9.77 -76.89
CA ASN B 322 -19.05 -9.44 -75.84
C ASN B 322 -20.37 -8.97 -76.42
N GLY B 323 -20.52 -9.01 -77.74
CA GLY B 323 -21.62 -8.38 -78.41
C GLY B 323 -21.09 -7.47 -79.51
N PRO B 324 -21.94 -7.11 -80.47
CA PRO B 324 -21.45 -6.35 -81.62
C PRO B 324 -20.84 -5.03 -81.20
N GLN B 325 -19.73 -4.68 -81.84
CA GLN B 325 -18.96 -3.48 -81.49
C GLN B 325 -19.11 -2.48 -82.63
N TRP B 326 -20.09 -1.59 -82.50
CA TRP B 326 -20.41 -0.61 -83.52
C TRP B 326 -19.83 0.75 -83.12
N CYS B 327 -18.97 1.29 -83.96
CA CYS B 327 -18.43 2.63 -83.78
C CYS B 327 -18.93 3.51 -84.91
N VAL B 328 -18.63 4.80 -84.82
CA VAL B 328 -19.11 5.79 -85.77
C VAL B 328 -17.89 6.50 -86.37
N LEU B 329 -18.02 6.93 -87.62
CA LEU B 329 -17.01 7.75 -88.27
C LEU B 329 -17.62 9.07 -88.68
N LYS B 330 -16.85 10.16 -88.58
CA LYS B 330 -17.36 11.46 -88.95
C LYS B 330 -16.19 12.39 -89.27
N THR B 331 -16.51 13.46 -89.99
CA THR B 331 -15.54 14.49 -90.36
C THR B 331 -15.93 15.79 -89.69
N GLY B 332 -14.95 16.45 -89.07
CA GLY B 332 -15.21 17.72 -88.43
C GLY B 332 -15.55 17.54 -86.96
N LEU B 333 -16.20 18.56 -86.40
CA LEU B 333 -16.52 18.60 -84.99
C LEU B 333 -18.02 18.67 -84.72
N TYR B 334 -18.85 18.56 -85.75
CA TYR B 334 -20.30 18.70 -85.59
C TYR B 334 -21.03 17.62 -86.36
N ASP B 335 -20.61 16.37 -86.16
CA ASP B 335 -21.28 15.17 -86.67
C ASP B 335 -21.68 15.29 -88.14
N ASP B 336 -20.70 15.63 -88.97
CA ASP B 336 -20.88 15.53 -90.42
C ASP B 336 -20.57 14.10 -90.87
N VAL B 337 -20.95 13.81 -92.11
CA VAL B 337 -20.78 12.46 -92.62
C VAL B 337 -19.33 12.24 -93.02
N TYR B 338 -18.81 11.05 -92.68
CA TYR B 338 -17.43 10.73 -93.02
C TYR B 338 -17.23 10.81 -94.52
N ARG B 339 -16.17 11.50 -94.93
CA ARG B 339 -15.93 11.70 -96.35
C ARG B 339 -15.41 10.44 -97.06
N GLY B 340 -14.74 9.55 -96.34
CA GLY B 340 -14.19 8.36 -96.97
C GLY B 340 -15.29 7.44 -97.47
N VAL B 341 -15.04 6.83 -98.62
CA VAL B 341 -15.98 5.92 -99.26
C VAL B 341 -15.21 5.17 -100.34
N ASP B 342 -15.63 3.95 -100.64
CA ASP B 342 -14.98 3.15 -101.71
C ASP B 342 -13.54 2.83 -101.28
N PHE B 343 -13.40 2.11 -100.17
CA PHE B 343 -12.09 1.71 -99.72
C PHE B 343 -11.62 0.48 -100.49
N MET B 344 -10.46 0.58 -101.11
CA MET B 344 -9.83 -0.55 -101.77
C MET B 344 -8.38 -0.64 -101.33
N TYR B 345 -7.93 -1.84 -101.01
CA TYR B 345 -6.54 -2.07 -100.65
C TYR B 345 -5.80 -2.58 -101.87
N GLU B 346 -4.76 -1.86 -102.29
CA GLU B 346 -3.93 -2.28 -103.40
C GLU B 346 -2.48 -2.02 -103.08
N GLY B 347 -1.61 -2.87 -103.63
CA GLY B 347 -0.20 -2.79 -103.31
C GLY B 347 -0.01 -3.03 -101.84
N ASN B 348 0.33 -1.97 -101.11
CA ASN B 348 0.43 -2.04 -99.66
C ASN B 348 -0.33 -0.89 -99.00
N GLN B 349 -1.25 -0.26 -99.72
CA GLN B 349 -1.93 0.93 -99.23
C GLN B 349 -3.43 0.79 -99.43
N ILE B 350 -4.19 1.34 -98.49
CA ILE B 350 -5.64 1.45 -98.60
C ILE B 350 -5.97 2.83 -99.15
N THR B 351 -6.77 2.88 -100.20
CA THR B 351 -7.18 4.13 -100.82
C THR B 351 -8.69 4.26 -100.75
N CYS B 352 -9.15 5.50 -100.78
CA CYS B 352 -10.58 5.78 -100.68
C CYS B 352 -10.92 6.97 -101.57
N GLY B 353 -12.19 7.01 -101.98
CA GLY B 353 -12.72 8.14 -102.69
C GLY B 353 -13.14 9.23 -101.71
N ASP B 354 -13.82 10.22 -102.25
CA ASP B 354 -14.28 11.35 -101.45
C ASP B 354 -15.74 11.63 -101.76
N LYS B 355 -16.52 11.87 -100.70
CA LYS B 355 -17.95 12.12 -100.86
C LYS B 355 -18.26 13.53 -101.30
N SER B 356 -17.30 14.46 -101.19
CA SER B 356 -17.56 15.86 -101.47
C SER B 356 -16.56 16.52 -102.40
N GLU B 357 -15.37 15.95 -102.58
CA GLU B 357 -14.34 16.58 -103.39
C GLU B 357 -13.82 15.62 -104.44
N ALA B 358 -13.25 16.19 -105.49
CA ALA B 358 -12.71 15.42 -106.61
C ALA B 358 -11.29 14.94 -106.34
N VAL B 359 -11.10 14.26 -105.22
CA VAL B 359 -9.78 13.76 -104.83
C VAL B 359 -9.91 12.30 -104.44
N VAL B 360 -8.76 11.64 -104.38
CA VAL B 360 -8.65 10.27 -103.88
C VAL B 360 -7.52 10.22 -102.87
N GLY B 361 -7.80 9.69 -101.68
CA GLY B 361 -6.87 9.68 -100.59
C GLY B 361 -6.35 8.28 -100.28
N GLN B 362 -5.29 8.22 -99.47
CA GLN B 362 -4.55 6.97 -99.31
C GLN B 362 -4.44 6.47 -97.87
N LEU B 363 -5.24 6.98 -96.94
CA LEU B 363 -5.46 6.36 -95.62
C LEU B 363 -4.14 6.00 -94.92
N GLN B 364 -3.39 7.04 -94.60
CA GLN B 364 -2.14 6.86 -93.86
C GLN B 364 -2.45 6.55 -92.39
N PHE B 365 -1.49 5.91 -91.73
CA PHE B 365 -1.74 5.30 -90.43
C PHE B 365 -1.20 6.09 -89.25
N ASP B 366 -0.11 6.84 -89.40
CA ASP B 366 0.49 7.54 -88.28
C ASP B 366 -0.10 8.94 -88.09
N ILE B 367 -1.31 9.18 -88.58
CA ILE B 367 -1.98 10.46 -88.44
C ILE B 367 -3.46 10.19 -88.17
N SER B 368 -4.19 11.27 -87.89
CA SER B 368 -5.63 11.19 -87.76
C SER B 368 -6.35 12.29 -88.50
N SER B 369 -5.64 13.23 -89.12
CA SER B 369 -6.27 14.31 -89.85
C SER B 369 -6.72 13.82 -91.22
N GLN B 370 -7.87 14.30 -91.64
CA GLN B 370 -8.40 14.00 -92.97
C GLN B 370 -8.10 15.17 -93.88
N TYR B 371 -7.18 14.96 -94.82
CA TYR B 371 -6.74 16.00 -95.74
C TYR B 371 -6.26 17.23 -94.98
N ASP B 372 -5.30 17.00 -94.09
CA ASP B 372 -4.61 18.04 -93.31
C ASP B 372 -5.55 18.81 -92.40
N LYS B 373 -6.71 18.26 -92.06
CA LYS B 373 -7.65 18.91 -91.16
C LYS B 373 -7.85 18.03 -89.94
N GLN B 374 -7.66 18.61 -88.76
CA GLN B 374 -7.76 17.83 -87.52
C GLN B 374 -9.18 17.34 -87.31
N GLN B 375 -9.31 16.24 -86.58
CA GLN B 375 -10.60 15.60 -86.36
C GLN B 375 -10.89 15.49 -84.87
N GLU B 376 -12.07 14.97 -84.56
CA GLU B 376 -12.56 14.87 -83.19
C GLU B 376 -12.83 13.40 -82.86
N HIS B 377 -12.34 12.94 -81.71
CA HIS B 377 -12.54 11.58 -81.24
C HIS B 377 -13.25 11.60 -79.90
N LEU B 378 -14.14 10.63 -79.71
CA LEU B 378 -14.99 10.55 -78.52
C LEU B 378 -14.90 9.15 -77.92
N LEU B 379 -15.01 9.06 -76.59
CA LEU B 379 -14.99 7.77 -75.90
C LEU B 379 -15.85 7.88 -74.63
N PHE B 380 -17.06 7.35 -74.70
CA PHE B 380 -18.00 7.46 -73.59
C PHE B 380 -17.93 6.23 -72.71
N THR B 381 -18.08 6.44 -71.41
CA THR B 381 -18.07 5.47 -70.33
C THR B 381 -19.50 5.20 -69.86
N PRO B 382 -19.88 3.93 -69.67
CA PRO B 382 -21.26 3.64 -69.27
C PRO B 382 -21.61 4.24 -67.92
N LEU B 383 -22.89 4.55 -67.75
CA LEU B 383 -23.39 5.03 -66.48
C LEU B 383 -23.37 3.93 -65.43
N PHE B 384 -23.13 4.31 -64.18
CA PHE B 384 -23.19 3.35 -63.09
C PHE B 384 -23.60 4.07 -61.82
N LYS B 385 -24.24 3.32 -60.93
CA LYS B 385 -24.75 3.84 -59.67
C LYS B 385 -23.66 3.78 -58.62
N ALA B 386 -23.24 4.95 -58.13
CA ALA B 386 -22.20 5.04 -57.12
C ALA B 386 -22.62 6.05 -56.05
N ASP B 387 -23.83 5.89 -55.52
CA ASP B 387 -24.41 6.86 -54.60
C ASP B 387 -23.44 7.21 -53.48
N ASN B 388 -23.25 8.51 -53.26
CA ASN B 388 -22.48 9.03 -52.13
C ASN B 388 -21.06 8.47 -52.12
N ALA B 389 -20.45 8.41 -53.30
CA ALA B 389 -19.08 7.95 -53.43
C ALA B 389 -18.24 9.07 -54.02
N ARG B 390 -17.17 9.45 -53.32
CA ARG B 390 -16.25 10.45 -53.81
C ARG B 390 -15.21 9.79 -54.69
N CYS B 391 -14.89 10.41 -55.81
CA CYS B 391 -14.00 9.82 -56.80
C CYS B 391 -12.69 10.59 -56.91
N PHE B 392 -11.61 9.86 -57.20
CA PHE B 392 -10.31 10.48 -57.31
C PHE B 392 -9.47 9.72 -58.34
N ASP B 393 -8.46 10.40 -58.86
CA ASP B 393 -7.38 9.77 -59.62
C ASP B 393 -7.91 8.99 -60.82
N LEU B 394 -8.53 9.70 -61.75
CA LEU B 394 -8.99 9.11 -62.98
C LEU B 394 -7.83 9.04 -63.96
N GLU B 395 -7.39 7.83 -64.28
CA GLU B 395 -6.22 7.59 -65.11
C GLU B 395 -6.63 6.98 -66.43
N VAL B 396 -5.91 7.32 -67.50
CA VAL B 396 -6.02 6.61 -68.76
C VAL B 396 -4.62 6.35 -69.29
N GLU B 397 -4.36 5.11 -69.71
CA GLU B 397 -3.07 4.75 -70.28
C GLU B 397 -3.10 5.08 -71.77
N SER B 398 -2.39 6.13 -72.15
CA SER B 398 -2.37 6.60 -73.53
C SER B 398 -0.99 6.41 -74.12
N SER B 399 -0.93 5.82 -75.31
CA SER B 399 0.35 5.63 -76.01
C SER B 399 0.70 6.94 -76.69
N THR B 400 1.78 7.57 -76.24
CA THR B 400 2.16 8.91 -76.65
C THR B 400 3.40 8.85 -77.53
N GLY B 401 3.91 10.02 -77.88
CA GLY B 401 5.19 10.11 -78.54
C GLY B 401 5.15 10.70 -79.94
N VAL B 402 4.16 10.29 -80.73
CA VAL B 402 4.01 10.78 -82.09
C VAL B 402 2.92 11.83 -82.08
N ALA B 403 3.30 13.07 -82.33
CA ALA B 403 2.37 14.19 -82.34
C ALA B 403 3.09 15.41 -82.88
N GLN B 404 2.37 16.24 -83.62
CA GLN B 404 2.91 17.53 -84.04
C GLN B 404 2.60 18.64 -83.04
N TYR B 405 1.86 18.34 -81.98
CA TYR B 405 1.55 19.31 -80.95
C TYR B 405 1.22 18.56 -79.68
N ALA B 406 1.35 19.25 -78.55
CA ALA B 406 0.96 18.70 -77.25
C ALA B 406 -0.55 18.80 -77.12
N ASP B 407 -1.24 17.90 -77.79
CA ASP B 407 -2.69 17.95 -77.88
C ASP B 407 -3.32 17.66 -76.52
N ARG B 408 -4.43 18.37 -76.28
CA ARG B 408 -5.11 18.20 -74.98
C ARG B 408 -6.34 17.32 -75.13
N LEU B 409 -7.08 17.16 -74.06
CA LEU B 409 -8.25 16.32 -74.00
C LEU B 409 -9.27 16.98 -73.10
N PHE B 410 -10.53 16.91 -73.51
CA PHE B 410 -11.64 17.50 -72.75
C PHE B 410 -12.31 16.39 -71.96
N LEU B 411 -12.23 16.47 -70.64
CA LEU B 411 -12.84 15.50 -69.75
C LEU B 411 -14.06 16.15 -69.10
N SER B 412 -15.20 15.47 -69.17
CA SER B 412 -16.42 15.98 -68.56
C SER B 412 -17.24 14.80 -68.09
N ALA B 413 -18.17 15.07 -67.18
CA ALA B 413 -18.95 14.03 -66.56
C ALA B 413 -20.42 14.42 -66.50
N THR B 414 -21.28 13.51 -66.94
CA THR B 414 -22.72 13.66 -66.86
C THR B 414 -23.27 12.94 -65.66
N THR B 415 -24.34 13.49 -65.10
CA THR B 415 -25.01 12.92 -63.95
C THR B 415 -26.44 12.49 -64.25
N ASP B 416 -26.88 12.59 -65.51
CA ASP B 416 -28.17 12.08 -65.92
C ASP B 416 -28.13 11.30 -67.22
N GLY B 417 -26.99 11.24 -67.90
CA GLY B 417 -26.84 10.51 -69.14
C GLY B 417 -27.02 11.35 -70.39
N ILE B 418 -27.66 12.50 -70.29
CA ILE B 418 -27.92 13.35 -71.43
C ILE B 418 -27.10 14.62 -71.39
N ASN B 419 -26.84 15.14 -70.20
CA ASN B 419 -26.34 16.50 -70.04
C ASN B 419 -25.01 16.46 -69.32
N TYR B 420 -24.00 17.10 -69.91
CA TYR B 420 -22.63 16.99 -69.44
C TYR B 420 -22.16 18.27 -68.77
N GLY B 421 -21.26 18.11 -67.80
CA GLY B 421 -20.71 19.22 -67.04
C GLY B 421 -19.52 19.86 -67.72
N ARG B 422 -18.79 20.65 -66.94
CA ARG B 422 -17.70 21.43 -67.50
C ARG B 422 -16.61 20.52 -68.02
N GLU B 423 -15.90 20.99 -69.04
CA GLU B 423 -14.83 20.22 -69.67
C GLU B 423 -13.48 20.74 -69.20
N GLN B 424 -12.69 19.85 -68.63
CA GLN B 424 -11.34 20.17 -68.20
C GLN B 424 -10.36 19.71 -69.25
N MET B 425 -9.32 20.51 -69.45
CA MET B 425 -8.37 20.18 -70.53
C MET B 425 -7.11 19.61 -69.90
N ILE B 426 -6.76 18.38 -70.28
CA ILE B 426 -5.59 17.67 -69.78
C ILE B 426 -4.86 17.06 -70.97
N GLU B 427 -3.54 17.22 -71.00
CA GLU B 427 -2.76 16.78 -72.16
C GLU B 427 -2.71 15.26 -72.24
N GLN B 428 -2.83 14.72 -73.45
CA GLN B 428 -2.74 13.29 -73.65
C GLN B 428 -1.66 12.88 -74.64
N ASN B 429 -1.03 13.83 -75.32
CA ASN B 429 0.05 13.54 -76.24
C ASN B 429 1.09 14.64 -76.13
N GLU B 430 2.34 14.29 -76.44
CA GLU B 430 3.39 15.28 -76.45
C GLU B 430 4.41 14.84 -77.46
N PRO B 431 4.90 15.74 -78.31
CA PRO B 431 5.87 15.33 -79.34
C PRO B 431 7.13 14.74 -78.72
N PHE B 432 7.34 13.45 -78.99
CA PHE B 432 8.53 12.70 -78.57
C PHE B 432 8.60 12.53 -77.07
N VAL B 433 7.46 12.47 -76.40
CA VAL B 433 7.38 12.06 -74.99
C VAL B 433 6.63 10.74 -74.94
N TYR B 434 7.32 9.68 -74.57
CA TYR B 434 6.75 8.35 -74.57
C TYR B 434 6.24 7.92 -73.20
N ASP B 435 6.19 8.84 -72.23
CA ASP B 435 5.61 8.61 -70.92
C ASP B 435 4.91 9.89 -70.49
N LYS B 436 3.59 9.85 -70.37
CA LYS B 436 2.82 11.06 -70.17
C LYS B 436 1.90 11.03 -68.97
N ARG B 437 1.31 9.88 -68.65
CA ARG B 437 0.46 9.73 -67.47
C ARG B 437 -0.74 10.69 -67.55
N VAL B 438 -1.63 10.41 -68.51
CA VAL B 438 -2.87 11.16 -68.62
C VAL B 438 -3.74 10.85 -67.40
N LEU B 439 -3.98 11.87 -66.58
CA LEU B 439 -4.52 11.70 -65.25
C LEU B 439 -5.24 12.96 -64.81
N TRP B 440 -6.34 12.78 -64.08
CA TRP B 440 -7.03 13.88 -63.41
C TRP B 440 -7.18 13.51 -61.95
N LYS B 441 -6.67 14.35 -61.06
CA LYS B 441 -6.58 13.96 -59.65
C LYS B 441 -7.95 13.92 -58.98
N ARG B 442 -8.64 15.06 -58.92
CA ARG B 442 -9.81 15.20 -58.06
C ARG B 442 -11.08 15.33 -58.90
N VAL B 443 -11.78 14.23 -59.05
CA VAL B 443 -13.16 14.25 -59.55
C VAL B 443 -14.08 14.41 -58.34
N GLY B 444 -15.33 14.78 -58.60
CA GLY B 444 -16.24 15.14 -57.53
C GLY B 444 -16.82 13.97 -56.77
N ARG B 445 -17.99 14.19 -56.21
CA ARG B 445 -18.78 13.15 -55.56
C ARG B 445 -19.91 12.74 -56.49
N ILE B 446 -20.24 11.45 -56.48
CA ILE B 446 -21.26 10.88 -57.33
C ILE B 446 -22.56 10.83 -56.54
N ARG B 447 -23.51 11.70 -56.87
CA ARG B 447 -24.78 11.72 -56.15
C ARG B 447 -25.57 10.45 -56.42
N ARG B 448 -25.99 10.24 -57.66
CA ARG B 448 -26.62 8.99 -58.07
C ARG B 448 -25.87 8.29 -59.18
N LEU B 449 -25.60 8.98 -60.28
CA LEU B 449 -25.00 8.38 -61.47
C LEU B 449 -23.80 9.22 -61.89
N ILE B 450 -22.96 8.64 -62.75
CA ILE B 450 -21.84 9.36 -63.30
C ILE B 450 -21.38 8.68 -64.58
N GLY B 451 -21.06 9.48 -65.58
CA GLY B 451 -20.46 8.97 -66.80
C GLY B 451 -19.51 10.00 -67.36
N PHE B 452 -18.53 9.56 -68.14
CA PHE B 452 -17.48 10.46 -68.60
C PHE B 452 -17.45 10.53 -70.12
N LYS B 453 -17.02 11.68 -70.63
CA LYS B 453 -17.07 11.97 -72.06
C LYS B 453 -15.76 11.71 -72.78
N LEU B 454 -14.66 12.30 -72.30
CA LEU B 454 -13.32 11.97 -72.76
C LEU B 454 -13.15 12.25 -74.26
N ARG B 455 -13.22 13.51 -74.61
CA ARG B 455 -13.14 13.96 -76.00
C ARG B 455 -11.72 14.40 -76.36
N VAL B 456 -11.32 14.17 -77.60
CA VAL B 456 -9.99 14.52 -78.08
C VAL B 456 -10.10 15.16 -79.45
N ILE B 457 -9.30 16.20 -79.67
CA ILE B 457 -9.13 16.81 -80.98
C ILE B 457 -7.65 16.77 -81.31
N THR B 458 -7.30 16.09 -82.40
CA THR B 458 -5.91 15.83 -82.73
C THR B 458 -5.71 15.85 -84.23
N LYS B 459 -4.45 16.00 -84.63
CA LYS B 459 -3.98 15.65 -85.96
C LYS B 459 -3.12 14.40 -85.95
N SER B 460 -3.03 13.71 -84.83
CA SER B 460 -2.12 12.61 -84.59
C SER B 460 -2.88 11.43 -84.00
N PRO B 461 -2.34 10.22 -84.10
CA PRO B 461 -3.09 9.05 -83.62
C PRO B 461 -3.30 9.10 -82.12
N VAL B 462 -4.47 8.65 -81.68
CA VAL B 462 -4.83 8.61 -80.28
C VAL B 462 -5.02 7.15 -79.89
N THR B 463 -4.15 6.64 -79.02
CA THR B 463 -4.23 5.29 -78.50
C THR B 463 -4.55 5.38 -77.02
N LEU B 464 -5.63 4.75 -76.59
CA LEU B 464 -6.08 4.90 -75.21
C LEU B 464 -6.55 3.57 -74.65
N SER B 465 -6.19 3.29 -73.41
CA SER B 465 -6.61 2.04 -72.77
C SER B 465 -6.58 2.20 -71.27
N GLY B 466 -7.25 1.26 -70.60
CA GLY B 466 -7.14 1.12 -69.16
C GLY B 466 -7.67 2.28 -68.35
N CYS B 467 -8.81 2.84 -68.73
CA CYS B 467 -9.42 3.90 -67.94
C CYS B 467 -9.77 3.36 -66.56
N GLN B 468 -9.24 3.98 -65.52
CA GLN B 468 -9.46 3.50 -64.17
C GLN B 468 -9.73 4.68 -63.25
N ILE B 469 -10.39 4.36 -62.13
CA ILE B 469 -10.91 5.35 -61.21
C ILE B 469 -10.67 4.85 -59.80
N ARG B 470 -10.58 5.76 -58.85
CA ARG B 470 -10.40 5.41 -57.45
C ARG B 470 -11.63 5.89 -56.69
N LEU B 471 -12.49 4.96 -56.31
CA LEU B 471 -13.77 5.32 -55.72
C LEU B 471 -13.73 5.39 -54.20
N GLU B 472 -12.68 4.88 -53.58
CA GLU B 472 -12.60 4.79 -52.13
C GLU B 472 -13.78 4.02 -51.54
N PRO C 2 -29.50 -5.40 -45.33
CA PRO C 2 -28.96 -5.67 -46.66
C PRO C 2 -29.95 -5.38 -47.78
N ILE C 3 -29.43 -5.06 -48.95
CA ILE C 3 -30.25 -4.71 -50.11
C ILE C 3 -30.59 -5.98 -50.88
N GLN C 4 -31.79 -6.02 -51.41
CA GLN C 4 -32.27 -7.13 -52.23
C GLN C 4 -32.92 -6.56 -53.48
N GLN C 5 -32.57 -7.12 -54.63
CA GLN C 5 -33.12 -6.67 -55.90
C GLN C 5 -34.35 -7.51 -56.25
N LEU C 6 -35.48 -6.84 -56.47
CA LEU C 6 -36.73 -7.52 -56.74
C LEU C 6 -36.99 -7.54 -58.24
N PRO C 7 -37.08 -8.71 -58.86
CA PRO C 7 -37.45 -8.75 -60.28
C PRO C 7 -38.87 -8.23 -60.48
N MET C 8 -39.08 -7.55 -61.60
CA MET C 8 -40.38 -7.00 -61.94
C MET C 8 -40.94 -7.52 -63.24
N MET C 9 -40.12 -8.18 -64.07
CA MET C 9 -40.59 -8.63 -65.37
C MET C 9 -41.75 -9.60 -65.28
N LYS C 10 -41.90 -10.30 -64.15
CA LYS C 10 -42.77 -11.45 -64.11
C LYS C 10 -43.05 -11.76 -62.64
N GLY C 11 -44.29 -11.56 -62.19
CA GLY C 11 -44.63 -11.74 -60.79
C GLY C 11 -45.39 -13.03 -60.55
N MET C 12 -45.68 -13.26 -59.28
CA MET C 12 -46.38 -14.46 -58.84
C MET C 12 -47.64 -14.05 -58.11
N GLY C 13 -48.61 -14.94 -58.04
CA GLY C 13 -49.81 -14.66 -57.27
C GLY C 13 -50.63 -15.92 -57.12
N LYS C 14 -51.72 -15.80 -56.38
CA LYS C 14 -52.65 -16.90 -56.19
C LYS C 14 -53.97 -16.58 -56.86
N ASP C 15 -54.50 -17.56 -57.59
CA ASP C 15 -55.77 -17.44 -58.28
C ASP C 15 -56.84 -17.99 -57.34
N PHE C 16 -57.78 -17.13 -56.95
CA PHE C 16 -58.80 -17.44 -55.97
C PHE C 16 -59.96 -18.22 -56.54
N LYS C 17 -60.02 -18.41 -57.86
CA LYS C 17 -61.05 -19.27 -58.41
C LYS C 17 -60.86 -20.70 -57.94
N ASN C 18 -59.61 -21.17 -57.90
CA ASN C 18 -59.32 -22.52 -57.42
C ASN C 18 -58.14 -22.56 -56.48
N ALA C 19 -57.76 -21.42 -55.90
CA ALA C 19 -56.62 -21.33 -54.97
C ALA C 19 -55.35 -21.90 -55.57
N ASP C 20 -55.08 -21.59 -56.82
CA ASP C 20 -53.87 -22.10 -57.45
C ASP C 20 -52.77 -21.05 -57.43
N TYR C 21 -51.58 -21.45 -57.87
CA TYR C 21 -50.48 -20.52 -58.03
C TYR C 21 -50.38 -20.13 -59.49
N ILE C 22 -50.74 -18.88 -59.81
CA ILE C 22 -50.67 -18.38 -61.17
C ILE C 22 -49.59 -17.31 -61.24
N ASP C 23 -49.33 -16.86 -62.47
CA ASP C 23 -48.35 -15.84 -62.73
C ASP C 23 -49.04 -14.51 -62.96
N TYR C 24 -48.34 -13.43 -62.64
CA TYR C 24 -48.81 -12.08 -62.85
C TYR C 24 -47.94 -11.46 -63.94
N LEU C 25 -48.56 -11.15 -65.07
CA LEU C 25 -47.82 -10.69 -66.24
C LEU C 25 -47.89 -9.18 -66.35
N PRO C 26 -46.78 -8.55 -66.73
CA PRO C 26 -46.78 -7.09 -66.84
C PRO C 26 -47.80 -6.63 -67.87
N VAL C 27 -48.50 -5.56 -67.55
CA VAL C 27 -49.55 -5.02 -68.41
C VAL C 27 -49.00 -3.80 -69.12
N ASN C 28 -49.04 -3.82 -70.44
CA ASN C 28 -48.55 -2.74 -71.29
C ASN C 28 -47.06 -2.49 -71.14
N MET C 29 -46.35 -3.43 -70.53
CA MET C 29 -44.91 -3.36 -70.34
C MET C 29 -44.21 -4.44 -71.15
N LEU C 30 -43.09 -4.09 -71.76
CA LEU C 30 -42.23 -5.03 -72.45
C LEU C 30 -40.86 -5.05 -71.80
N ALA C 31 -40.31 -6.24 -71.62
CA ALA C 31 -39.04 -6.42 -70.94
C ALA C 31 -37.91 -6.31 -71.95
N THR C 32 -37.10 -5.27 -71.83
CA THR C 32 -35.98 -5.05 -72.73
C THR C 32 -34.70 -5.46 -72.02
N PRO C 33 -34.04 -6.53 -72.45
CA PRO C 33 -32.85 -7.00 -71.73
C PRO C 33 -31.62 -6.21 -72.14
N LYS C 34 -31.06 -5.47 -71.18
CA LYS C 34 -29.88 -4.65 -71.44
C LYS C 34 -29.28 -4.27 -70.11
N GLU C 35 -27.96 -4.36 -70.00
CA GLU C 35 -27.29 -4.00 -68.76
C GLU C 35 -27.23 -2.50 -68.64
N ILE C 36 -28.06 -1.93 -67.78
CA ILE C 36 -28.05 -0.48 -67.58
C ILE C 36 -27.12 -0.14 -66.43
N LEU C 37 -27.51 -0.54 -65.23
CA LEU C 37 -26.71 -0.31 -64.03
C LEU C 37 -27.21 -1.19 -62.91
N ASN C 38 -26.41 -2.17 -62.51
CA ASN C 38 -26.79 -3.17 -61.51
C ASN C 38 -28.11 -3.86 -61.84
N SER C 39 -28.53 -3.84 -63.12
CA SER C 39 -29.86 -4.31 -63.49
C SER C 39 -29.84 -5.48 -64.45
N SER C 40 -29.15 -5.35 -65.59
CA SER C 40 -29.24 -6.31 -66.69
C SER C 40 -30.68 -6.45 -67.18
N GLY C 41 -31.30 -5.32 -67.52
CA GLY C 41 -32.62 -5.31 -68.12
C GLY C 41 -33.55 -4.29 -67.50
N TYR C 42 -34.47 -3.77 -68.32
CA TYR C 42 -35.48 -2.82 -67.84
C TYR C 42 -36.81 -3.17 -68.45
N LEU C 43 -37.82 -2.33 -68.18
CA LEU C 43 -39.16 -2.52 -68.70
C LEU C 43 -39.65 -1.20 -69.25
N ARG C 44 -40.25 -1.24 -70.44
CA ARG C 44 -40.68 -0.04 -71.15
C ARG C 44 -42.12 -0.17 -71.59
N SER C 45 -42.84 0.94 -71.56
CA SER C 45 -44.23 0.94 -71.98
C SER C 45 -44.34 0.63 -73.47
N PHE C 46 -45.43 -0.02 -73.83
CA PHE C 46 -45.70 -0.27 -75.23
C PHE C 46 -45.93 1.07 -75.95
N PRO C 47 -45.39 1.24 -77.16
CA PRO C 47 -45.54 2.52 -77.85
C PRO C 47 -47.01 2.88 -78.04
N GLY C 48 -47.30 4.17 -77.92
CA GLY C 48 -48.67 4.62 -77.97
C GLY C 48 -49.18 4.66 -79.38
N ILE C 49 -50.50 4.77 -79.52
CA ILE C 49 -51.14 4.77 -80.82
C ILE C 49 -51.72 6.16 -81.05
N THR C 50 -51.35 6.78 -82.17
CA THR C 50 -51.85 8.09 -82.54
C THR C 50 -52.45 8.02 -83.93
N LYS C 51 -53.49 8.82 -84.15
CA LYS C 51 -54.32 8.68 -85.33
C LYS C 51 -53.54 9.04 -86.60
N ARG C 52 -53.69 8.20 -87.62
CA ARG C 52 -53.09 8.43 -88.94
C ARG C 52 -54.14 8.64 -90.02
N TYR C 53 -55.07 7.71 -90.16
CA TYR C 53 -56.09 7.76 -91.22
C TYR C 53 -57.45 7.44 -90.63
N ASP C 54 -58.49 7.86 -91.34
CA ASP C 54 -59.85 7.41 -91.06
C ASP C 54 -60.33 6.56 -92.22
N MET C 55 -60.96 5.43 -91.90
CA MET C 55 -61.33 4.45 -92.90
C MET C 55 -62.82 4.13 -92.84
N ASN C 56 -63.24 3.09 -93.57
CA ASN C 56 -64.66 2.78 -93.66
C ASN C 56 -65.17 1.98 -92.47
N GLY C 57 -64.30 1.22 -91.82
CA GLY C 57 -64.75 0.40 -90.70
C GLY C 57 -63.56 -0.21 -89.98
N VAL C 58 -63.87 -1.15 -89.08
CA VAL C 58 -62.83 -1.82 -88.32
C VAL C 58 -62.03 -2.72 -89.25
N SER C 59 -60.76 -2.91 -88.92
CA SER C 59 -59.87 -3.64 -89.80
C SER C 59 -60.28 -5.10 -89.91
N ARG C 60 -60.02 -5.70 -91.07
CA ARG C 60 -60.38 -7.10 -91.30
C ARG C 60 -59.26 -7.91 -91.92
N GLY C 61 -58.09 -7.34 -92.14
CA GLY C 61 -57.01 -8.05 -92.77
C GLY C 61 -55.97 -7.10 -93.34
N VAL C 62 -54.71 -7.51 -93.35
CA VAL C 62 -53.63 -6.63 -93.79
C VAL C 62 -52.53 -7.47 -94.41
N GLU C 63 -51.84 -6.89 -95.38
CA GLU C 63 -50.71 -7.57 -96.01
C GLU C 63 -49.77 -6.52 -96.57
N TYR C 64 -48.56 -6.95 -96.87
CA TYR C 64 -47.55 -6.09 -97.48
C TYR C 64 -47.37 -6.55 -98.92
N ASN C 65 -48.06 -5.90 -99.84
CA ASN C 65 -47.92 -6.21 -101.25
C ASN C 65 -46.54 -5.74 -101.69
N THR C 66 -45.61 -6.67 -101.84
CA THR C 66 -44.28 -6.34 -102.33
C THR C 66 -44.29 -6.01 -103.82
N ALA C 67 -45.25 -6.54 -104.57
CA ALA C 67 -45.36 -6.20 -105.98
C ALA C 67 -45.63 -4.71 -106.17
N GLN C 68 -46.49 -4.15 -105.33
CA GLN C 68 -46.73 -2.71 -105.32
C GLN C 68 -46.04 -2.02 -104.15
N ASN C 69 -45.09 -2.71 -103.48
CA ASN C 69 -44.32 -2.23 -102.34
C ASN C 69 -45.13 -1.29 -101.44
N ALA C 70 -46.30 -1.74 -101.03
CA ALA C 70 -47.19 -0.92 -100.20
C ALA C 70 -48.04 -1.82 -99.32
N VAL C 71 -48.58 -1.23 -98.26
CA VAL C 71 -49.40 -1.95 -97.31
C VAL C 71 -50.84 -1.93 -97.79
N TYR C 72 -51.43 -3.11 -97.98
CA TYR C 72 -52.82 -3.24 -98.34
C TYR C 72 -53.62 -3.61 -97.10
N ARG C 73 -54.73 -2.93 -96.88
CA ARG C 73 -55.54 -3.09 -95.69
C ARG C 73 -57.01 -3.18 -96.06
N VAL C 74 -57.74 -4.00 -95.32
CA VAL C 74 -59.18 -4.17 -95.53
C VAL C 74 -59.88 -3.65 -94.29
N CYS C 75 -60.35 -2.41 -94.35
CA CYS C 75 -61.10 -1.80 -93.26
C CYS C 75 -62.54 -1.66 -93.69
N GLY C 76 -63.46 -2.26 -92.92
CA GLY C 76 -64.85 -2.21 -93.30
C GLY C 76 -65.11 -2.93 -94.59
N GLY C 77 -66.00 -2.37 -95.40
CA GLY C 77 -66.32 -2.94 -96.70
C GLY C 77 -65.45 -2.48 -97.84
N LYS C 78 -64.44 -1.66 -97.58
CA LYS C 78 -63.59 -1.10 -98.62
C LYS C 78 -62.19 -1.69 -98.52
N LEU C 79 -61.42 -1.53 -99.58
CA LEU C 79 -60.05 -2.01 -99.66
C LEU C 79 -59.13 -0.85 -99.97
N TYR C 80 -57.97 -0.83 -99.31
CA TYR C 80 -57.04 0.29 -99.38
C TYR C 80 -55.67 -0.20 -99.78
N LYS C 81 -55.07 0.48 -100.77
CA LYS C 81 -53.66 0.30 -101.10
C LYS C 81 -52.95 1.49 -100.48
N GLY C 82 -52.42 1.29 -99.27
CA GLY C 82 -51.86 2.41 -98.55
C GLY C 82 -52.97 3.26 -97.97
N GLU C 83 -53.21 4.41 -98.59
CA GLU C 83 -54.28 5.32 -98.16
C GLU C 83 -55.47 5.31 -99.09
N SER C 84 -55.24 5.35 -100.40
CA SER C 84 -56.34 5.49 -101.35
C SER C 84 -57.14 4.19 -101.46
N GLU C 85 -58.45 4.34 -101.59
CA GLU C 85 -59.34 3.20 -101.78
C GLU C 85 -59.15 2.63 -103.18
N VAL C 86 -59.01 1.31 -103.28
CA VAL C 86 -58.78 0.67 -104.57
C VAL C 86 -59.71 -0.52 -104.77
N GLY C 87 -60.77 -0.60 -103.98
CA GLY C 87 -61.70 -1.70 -104.13
C GLY C 87 -62.73 -1.71 -103.03
N ASP C 88 -63.67 -2.63 -103.17
CA ASP C 88 -64.71 -2.85 -102.18
C ASP C 88 -64.74 -4.32 -101.82
N VAL C 89 -65.00 -4.61 -100.54
CA VAL C 89 -65.04 -5.97 -100.04
C VAL C 89 -66.37 -6.20 -99.35
N ALA C 90 -66.93 -7.40 -99.51
CA ALA C 90 -68.18 -7.76 -98.87
C ALA C 90 -67.91 -8.28 -97.46
N GLY C 91 -68.98 -8.73 -96.80
CA GLY C 91 -68.84 -9.38 -95.51
C GLY C 91 -68.40 -8.44 -94.41
N SER C 92 -68.26 -9.01 -93.22
CA SER C 92 -67.83 -8.25 -92.05
C SER C 92 -66.77 -8.92 -91.20
N GLY C 93 -66.49 -10.21 -91.38
CA GLY C 93 -65.49 -10.89 -90.59
C GLY C 93 -64.09 -10.68 -91.12
N ARG C 94 -63.13 -11.32 -90.45
CA ARG C 94 -61.74 -11.26 -90.89
C ARG C 94 -61.60 -11.94 -92.24
N VAL C 95 -60.82 -11.32 -93.13
CA VAL C 95 -60.62 -11.84 -94.47
C VAL C 95 -59.16 -12.28 -94.61
N SER C 96 -58.94 -13.21 -95.52
CA SER C 96 -57.58 -13.63 -95.83
C SER C 96 -57.02 -12.77 -96.94
N MET C 97 -55.71 -12.64 -97.00
CA MET C 97 -55.10 -11.78 -98.00
C MET C 97 -53.89 -12.47 -98.60
N ALA C 98 -53.63 -12.18 -99.89
CA ALA C 98 -52.43 -12.64 -100.57
C ALA C 98 -52.25 -11.74 -101.77
N HIS C 99 -51.12 -11.90 -102.45
CA HIS C 99 -50.87 -11.05 -103.60
C HIS C 99 -49.88 -11.71 -104.53
N GLY C 100 -49.88 -11.25 -105.77
CA GLY C 100 -48.94 -11.74 -106.76
C GLY C 100 -48.48 -10.63 -107.67
N ARG C 101 -47.87 -11.00 -108.80
CA ARG C 101 -47.39 -10.00 -109.74
C ARG C 101 -48.55 -9.23 -110.35
N THR C 102 -49.66 -9.92 -110.63
CA THR C 102 -50.75 -9.33 -111.40
C THR C 102 -51.86 -8.73 -110.55
N SER C 103 -52.11 -9.24 -109.36
CA SER C 103 -53.28 -8.82 -108.61
C SER C 103 -53.03 -8.92 -107.10
N GLN C 104 -54.00 -8.43 -106.34
CA GLN C 104 -54.06 -8.63 -104.91
C GLN C 104 -55.32 -9.42 -104.61
N ALA C 105 -55.16 -10.61 -104.06
CA ALA C 105 -56.27 -11.53 -103.84
C ALA C 105 -56.73 -11.44 -102.40
N VAL C 106 -58.04 -11.53 -102.20
CA VAL C 106 -58.66 -11.51 -100.89
C VAL C 106 -59.60 -12.69 -100.79
N GLY C 107 -59.46 -13.46 -99.72
CA GLY C 107 -60.38 -14.54 -99.44
C GLY C 107 -61.48 -14.06 -98.51
N VAL C 108 -62.72 -14.06 -99.01
CA VAL C 108 -63.86 -13.50 -98.30
C VAL C 108 -65.12 -14.20 -98.77
N ASN C 109 -66.00 -14.53 -97.81
CA ASN C 109 -67.31 -15.11 -98.10
C ASN C 109 -67.19 -16.39 -98.93
N GLY C 110 -66.18 -17.20 -98.63
CA GLY C 110 -65.95 -18.40 -99.41
C GLY C 110 -65.61 -18.12 -100.86
N GLN C 111 -64.87 -17.04 -101.13
CA GLN C 111 -64.51 -16.67 -102.49
C GLN C 111 -63.09 -16.13 -102.50
N LEU C 112 -62.43 -16.32 -103.64
CA LEU C 112 -61.10 -15.77 -103.89
C LEU C 112 -61.27 -14.64 -104.90
N VAL C 113 -61.35 -13.42 -104.40
CA VAL C 113 -61.63 -12.24 -105.22
C VAL C 113 -60.32 -11.51 -105.47
N GLU C 114 -59.93 -11.39 -106.73
CA GLU C 114 -58.65 -10.82 -107.12
C GLU C 114 -58.89 -9.43 -107.70
N TYR C 115 -58.34 -8.42 -107.03
CA TYR C 115 -58.37 -7.05 -107.53
C TYR C 115 -57.07 -6.85 -108.30
N ARG C 116 -57.17 -6.84 -109.62
CA ARG C 116 -55.99 -6.67 -110.45
C ARG C 116 -55.54 -5.23 -110.42
N TYR C 117 -54.24 -5.02 -110.64
CA TYR C 117 -53.70 -3.68 -110.57
C TYR C 117 -54.17 -2.79 -111.72
N ASP C 118 -54.79 -3.37 -112.74
CA ASP C 118 -55.34 -2.58 -113.83
C ASP C 118 -56.77 -2.12 -113.57
N GLY C 119 -57.38 -2.55 -112.47
CA GLY C 119 -58.70 -2.08 -112.10
C GLY C 119 -59.84 -3.05 -112.34
N THR C 120 -59.55 -4.32 -112.57
CA THR C 120 -60.59 -5.32 -112.83
C THR C 120 -60.69 -6.27 -111.64
N VAL C 121 -61.91 -6.55 -111.23
CA VAL C 121 -62.19 -7.41 -110.08
C VAL C 121 -62.66 -8.75 -110.62
N LYS C 122 -61.87 -9.79 -110.44
CA LYS C 122 -62.22 -11.13 -110.88
C LYS C 122 -62.44 -12.03 -109.69
N THR C 123 -62.98 -13.21 -109.95
CA THR C 123 -63.25 -14.18 -108.89
C THR C 123 -62.89 -15.57 -109.38
N VAL C 124 -62.24 -16.34 -108.52
CA VAL C 124 -61.82 -17.69 -108.90
C VAL C 124 -63.06 -18.55 -109.12
N SER C 125 -63.09 -19.27 -110.24
CA SER C 125 -64.22 -20.13 -110.60
C SER C 125 -63.74 -21.16 -111.60
N ASN C 126 -64.60 -22.14 -111.85
CA ASN C 126 -64.26 -23.24 -112.75
C ASN C 126 -64.07 -22.73 -114.18
N TRP C 127 -63.26 -23.45 -114.94
CA TRP C 127 -63.15 -23.17 -116.36
C TRP C 127 -64.49 -23.40 -117.04
N PRO C 128 -64.80 -22.62 -118.08
CA PRO C 128 -66.06 -22.85 -118.80
C PRO C 128 -66.08 -24.23 -119.45
N ALA C 129 -67.27 -24.81 -119.52
CA ALA C 129 -67.42 -26.15 -120.07
C ALA C 129 -67.00 -26.22 -121.53
N ASP C 130 -66.90 -25.07 -122.21
CA ASP C 130 -66.44 -25.04 -123.59
C ASP C 130 -65.00 -25.50 -123.70
N SER C 131 -64.22 -25.39 -122.62
CA SER C 131 -62.82 -25.79 -122.66
C SER C 131 -62.68 -27.31 -122.68
N GLY C 132 -61.51 -27.77 -123.09
CA GLY C 132 -61.18 -29.17 -123.01
C GLY C 132 -60.52 -29.49 -121.69
N PHE C 133 -60.68 -28.60 -120.73
CA PHE C 133 -60.01 -28.68 -119.44
C PHE C 133 -60.93 -29.27 -118.38
N THR C 134 -60.31 -29.69 -117.29
CA THR C 134 -61.01 -30.43 -116.25
C THR C 134 -61.94 -29.52 -115.46
N GLN C 135 -62.96 -30.13 -114.86
CA GLN C 135 -63.85 -29.46 -113.93
C GLN C 135 -63.60 -30.02 -112.53
N TYR C 136 -63.30 -29.13 -111.59
CA TYR C 136 -63.08 -29.50 -110.20
C TYR C 136 -64.25 -29.08 -109.34
N GLU C 137 -64.41 -29.78 -108.22
CA GLU C 137 -65.50 -29.53 -107.28
C GLU C 137 -65.03 -28.49 -106.26
N LEU C 138 -65.11 -27.23 -106.66
CA LEU C 138 -64.66 -26.12 -105.82
C LEU C 138 -65.73 -25.84 -104.78
N GLY C 139 -65.35 -25.94 -103.50
CA GLY C 139 -66.27 -25.64 -102.43
C GLY C 139 -66.14 -24.20 -101.97
N SER C 140 -66.24 -23.98 -100.67
CA SER C 140 -66.06 -22.66 -100.10
C SER C 140 -64.60 -22.47 -99.73
N VAL C 141 -64.07 -21.28 -100.04
CA VAL C 141 -62.67 -20.99 -99.78
C VAL C 141 -62.51 -20.60 -98.32
N ARG C 142 -61.55 -21.23 -97.65
CA ARG C 142 -61.27 -20.93 -96.24
C ARG C 142 -60.03 -20.06 -96.08
N ASP C 143 -58.89 -20.48 -96.63
CA ASP C 143 -57.66 -19.70 -96.56
C ASP C 143 -56.94 -19.80 -97.89
N ILE C 144 -56.18 -18.75 -98.21
CA ILE C 144 -55.46 -18.65 -99.46
C ILE C 144 -54.01 -18.28 -99.19
N THR C 145 -53.16 -18.59 -100.17
CA THR C 145 -51.75 -18.25 -100.11
C THR C 145 -51.22 -18.15 -101.54
N ARG C 146 -50.03 -17.58 -101.68
CA ARG C 146 -49.41 -17.41 -102.98
C ARG C 146 -48.04 -18.06 -103.01
N LEU C 147 -47.72 -18.75 -104.11
CA LEU C 147 -46.43 -19.40 -104.23
C LEU C 147 -46.12 -19.65 -105.70
N ARG C 148 -44.93 -19.22 -106.13
CA ARG C 148 -44.45 -19.47 -107.49
C ARG C 148 -45.45 -19.03 -108.54
N GLY C 149 -46.05 -17.86 -108.32
CA GLY C 149 -47.05 -17.37 -109.26
C GLY C 149 -48.28 -18.24 -109.33
N ARG C 150 -48.75 -18.76 -108.20
CA ARG C 150 -49.98 -19.53 -108.14
C ARG C 150 -50.68 -19.25 -106.83
N TYR C 151 -51.99 -19.02 -106.89
CA TYR C 151 -52.79 -18.93 -105.68
C TYR C 151 -53.22 -20.34 -105.30
N ALA C 152 -52.95 -20.72 -104.06
CA ALA C 152 -53.43 -21.98 -103.51
C ALA C 152 -54.46 -21.67 -102.44
N TRP C 153 -55.67 -22.22 -102.61
CA TRP C 153 -56.75 -21.97 -101.67
C TRP C 153 -57.29 -23.30 -101.16
N SER C 154 -57.94 -23.23 -100.00
CA SER C 154 -58.40 -24.42 -99.30
C SER C 154 -59.92 -24.52 -99.36
N LYS C 155 -60.42 -25.69 -99.78
CA LYS C 155 -61.85 -25.93 -99.73
C LYS C 155 -62.31 -25.97 -98.28
N ASP C 156 -63.58 -25.69 -98.06
CA ASP C 156 -64.09 -25.58 -96.70
C ASP C 156 -64.29 -26.97 -96.10
N GLY C 157 -63.43 -27.31 -95.14
CA GLY C 157 -63.64 -28.48 -94.30
C GLY C 157 -63.69 -29.80 -95.04
N THR C 158 -62.93 -29.93 -96.13
CA THR C 158 -62.91 -31.17 -96.89
C THR C 158 -61.50 -31.55 -97.34
N ASP C 159 -60.46 -31.09 -96.64
CA ASP C 159 -59.14 -31.70 -96.73
C ASP C 159 -58.48 -31.33 -98.08
N SER C 160 -59.23 -30.69 -98.97
CA SER C 160 -58.78 -30.49 -100.35
C SER C 160 -58.30 -29.07 -100.56
N TRP C 161 -57.27 -28.91 -101.39
CA TRP C 161 -56.77 -27.58 -101.72
C TRP C 161 -56.43 -27.52 -103.19
N PHE C 162 -56.73 -26.38 -103.81
CA PHE C 162 -56.64 -26.19 -105.25
C PHE C 162 -55.69 -25.05 -105.57
N ILE C 163 -54.88 -25.26 -106.58
CA ILE C 163 -53.93 -24.26 -107.07
C ILE C 163 -54.42 -23.72 -108.41
N THR C 164 -54.16 -22.45 -108.65
CA THR C 164 -54.65 -21.79 -109.86
C THR C 164 -53.76 -22.11 -111.06
N ASP C 165 -54.24 -21.73 -112.24
CA ASP C 165 -53.49 -21.93 -113.47
C ASP C 165 -52.41 -20.87 -113.62
N LEU C 166 -51.34 -21.25 -114.32
CA LEU C 166 -50.17 -20.37 -114.39
C LEU C 166 -50.46 -19.09 -115.15
N GLU C 167 -51.12 -19.19 -116.30
CA GLU C 167 -51.34 -18.04 -117.17
C GLU C 167 -52.76 -17.50 -117.10
N ASP C 168 -53.67 -18.18 -116.41
CA ASP C 168 -54.98 -17.62 -116.11
C ASP C 168 -55.21 -17.81 -114.63
N GLU C 169 -55.05 -16.74 -113.86
CA GLU C 169 -55.08 -16.84 -112.42
C GLU C 169 -56.50 -16.90 -111.86
N SER C 170 -57.52 -16.69 -112.68
CA SER C 170 -58.90 -16.68 -112.20
C SER C 170 -59.54 -18.06 -112.24
N HIS C 171 -58.81 -19.08 -112.65
CA HIS C 171 -59.35 -20.43 -112.77
C HIS C 171 -58.34 -21.42 -112.21
N PRO C 172 -58.80 -22.59 -111.78
CA PRO C 172 -57.86 -23.61 -111.31
C PRO C 172 -56.95 -24.12 -112.42
N ASP C 173 -56.01 -24.98 -112.07
CA ASP C 173 -55.09 -25.52 -113.05
C ASP C 173 -55.84 -26.33 -114.11
N ARG C 174 -55.25 -26.43 -115.29
CA ARG C 174 -55.92 -27.09 -116.41
C ARG C 174 -56.16 -28.57 -116.11
N TYR C 175 -55.16 -29.27 -115.59
CA TYR C 175 -55.21 -30.71 -115.49
C TYR C 175 -55.02 -31.26 -114.10
N SER C 176 -54.24 -30.58 -113.24
CA SER C 176 -54.00 -31.05 -111.88
C SER C 176 -54.01 -29.83 -110.96
N ALA C 177 -55.18 -29.56 -110.38
CA ALA C 177 -55.34 -28.43 -109.47
C ALA C 177 -55.74 -28.83 -108.07
N GLN C 178 -56.19 -30.06 -107.87
CA GLN C 178 -56.69 -30.51 -106.57
C GLN C 178 -55.67 -31.41 -105.90
N TYR C 179 -55.51 -31.23 -104.60
CA TYR C 179 -54.64 -32.09 -103.80
C TYR C 179 -55.27 -32.28 -102.42
N ARG C 180 -54.81 -33.30 -101.73
CA ARG C 180 -55.35 -33.70 -100.44
C ARG C 180 -54.22 -33.91 -99.45
N ALA C 181 -54.53 -33.76 -98.16
CA ALA C 181 -53.60 -34.19 -97.13
C ALA C 181 -53.61 -35.70 -97.00
N GLU C 182 -54.77 -36.26 -96.66
CA GLU C 182 -55.06 -37.70 -96.81
C GLU C 182 -54.29 -38.55 -95.80
N SER C 183 -53.35 -37.97 -95.09
CA SER C 183 -52.75 -38.66 -93.94
C SER C 183 -53.47 -38.28 -92.67
N GLN C 184 -54.78 -38.34 -92.72
CA GLN C 184 -55.63 -37.71 -91.73
C GLN C 184 -57.10 -38.00 -92.00
N PRO C 185 -57.95 -37.89 -91.02
CA PRO C 185 -59.39 -38.02 -91.28
C PRO C 185 -60.02 -36.73 -91.78
N ASP C 186 -59.49 -35.58 -91.40
CA ASP C 186 -60.06 -34.30 -91.79
C ASP C 186 -59.13 -33.17 -91.39
N GLY C 187 -59.37 -32.00 -91.99
CA GLY C 187 -58.69 -30.79 -91.59
C GLY C 187 -57.86 -30.10 -92.66
N ILE C 188 -58.32 -28.93 -93.11
CA ILE C 188 -57.51 -28.05 -93.94
C ILE C 188 -57.58 -26.65 -93.34
N ILE C 189 -57.73 -26.57 -92.01
CA ILE C 189 -58.05 -25.34 -91.28
C ILE C 189 -57.33 -24.11 -91.81
N GLY C 190 -56.04 -24.23 -92.11
CA GLY C 190 -55.29 -23.11 -92.63
C GLY C 190 -54.29 -23.54 -93.68
N ILE C 191 -53.81 -22.56 -94.44
CA ILE C 191 -52.80 -22.79 -95.46
C ILE C 191 -51.79 -21.67 -95.43
N GLY C 192 -50.53 -22.02 -95.65
CA GLY C 192 -49.46 -21.04 -95.69
C GLY C 192 -48.34 -21.52 -96.58
N THR C 193 -47.30 -20.71 -96.69
CA THR C 193 -46.11 -21.06 -97.45
C THR C 193 -44.88 -20.83 -96.57
N TRP C 194 -44.13 -21.89 -96.31
CA TRP C 194 -43.02 -21.73 -95.36
C TRP C 194 -41.75 -21.20 -96.05
N ARG C 195 -41.11 -22.02 -96.89
CA ARG C 195 -39.97 -21.55 -97.67
C ARG C 195 -40.25 -21.67 -99.16
N ASP C 196 -40.50 -22.88 -99.63
CA ASP C 196 -41.15 -23.11 -100.90
C ASP C 196 -42.22 -24.18 -100.75
N PHE C 197 -42.43 -24.68 -99.53
CA PHE C 197 -43.42 -25.70 -99.26
C PHE C 197 -44.75 -25.05 -98.95
N ILE C 198 -45.80 -25.55 -99.59
CA ILE C 198 -47.15 -25.27 -99.15
C ILE C 198 -47.40 -26.04 -97.87
N VAL C 199 -47.81 -25.35 -96.83
CA VAL C 199 -47.99 -25.94 -95.51
C VAL C 199 -49.48 -25.93 -95.21
N CYS C 200 -50.05 -27.11 -95.01
CA CYS C 200 -51.48 -27.28 -94.78
C CYS C 200 -51.70 -27.66 -93.33
N PHE C 201 -52.34 -26.77 -92.58
CA PHE C 201 -52.60 -26.98 -91.16
C PHE C 201 -54.01 -27.53 -91.01
N GLY C 202 -54.11 -28.80 -90.64
CA GLY C 202 -55.38 -29.37 -90.26
C GLY C 202 -55.59 -29.27 -88.77
N SER C 203 -56.39 -30.19 -88.24
CA SER C 203 -56.49 -30.39 -86.80
C SER C 203 -55.78 -31.70 -86.48
N SER C 204 -54.73 -31.62 -85.68
CA SER C 204 -53.84 -32.72 -85.31
C SER C 204 -52.91 -33.15 -86.43
N THR C 205 -52.62 -32.27 -87.40
CA THR C 205 -51.54 -32.54 -88.35
C THR C 205 -51.20 -31.27 -89.13
N ILE C 206 -49.94 -31.21 -89.56
CA ILE C 206 -49.46 -30.17 -90.45
C ILE C 206 -48.65 -30.84 -91.55
N GLU C 207 -49.01 -30.57 -92.80
CA GLU C 207 -48.43 -31.28 -93.94
C GLU C 207 -47.63 -30.31 -94.81
N TYR C 208 -46.58 -30.82 -95.41
CA TYR C 208 -45.70 -30.05 -96.28
C TYR C 208 -45.76 -30.62 -97.69
N PHE C 209 -45.98 -29.75 -98.68
CA PHE C 209 -45.97 -30.13 -100.09
C PHE C 209 -44.94 -29.29 -100.83
N SER C 210 -44.23 -29.91 -101.76
CA SER C 210 -43.24 -29.20 -102.56
C SER C 210 -43.47 -29.48 -104.04
N LEU C 211 -42.99 -28.57 -104.88
CA LEU C 211 -43.15 -28.69 -106.32
C LEU C 211 -42.50 -29.98 -106.82
N THR C 212 -43.24 -30.74 -107.63
CA THR C 212 -42.70 -31.97 -108.19
C THR C 212 -41.77 -31.68 -109.36
N GLY C 213 -42.06 -30.68 -110.17
CA GLY C 213 -41.39 -30.51 -111.44
C GLY C 213 -41.94 -31.35 -112.56
N ALA C 214 -43.07 -32.02 -112.34
CA ALA C 214 -43.69 -32.84 -113.37
C ALA C 214 -44.22 -31.97 -114.50
N THR C 215 -44.01 -32.41 -115.74
CA THR C 215 -44.38 -31.64 -116.92
C THR C 215 -45.51 -32.25 -117.73
N THR C 216 -45.68 -33.57 -117.67
CA THR C 216 -46.71 -34.22 -118.47
C THR C 216 -48.10 -33.80 -117.99
N ALA C 217 -49.07 -33.86 -118.89
CA ALA C 217 -50.43 -33.46 -118.56
C ALA C 217 -51.05 -34.43 -117.57
N GLY C 218 -51.69 -33.86 -116.54
CA GLY C 218 -52.36 -34.63 -115.53
C GLY C 218 -51.48 -35.05 -114.37
N ALA C 219 -50.16 -34.96 -114.51
CA ALA C 219 -49.27 -35.33 -113.43
C ALA C 219 -49.36 -34.32 -112.29
N ALA C 220 -49.11 -34.80 -111.07
CA ALA C 220 -49.21 -33.95 -109.89
C ALA C 220 -48.11 -32.89 -109.90
N LEU C 221 -48.48 -31.68 -109.51
CA LEU C 221 -47.53 -30.58 -109.41
C LEU C 221 -47.11 -30.31 -107.96
N TYR C 222 -47.46 -31.19 -107.04
CA TYR C 222 -47.03 -31.11 -105.65
C TYR C 222 -46.95 -32.51 -105.08
N VAL C 223 -45.93 -32.75 -104.26
CA VAL C 223 -45.76 -34.02 -103.58
C VAL C 223 -45.58 -33.75 -102.10
N ALA C 224 -46.30 -34.48 -101.27
CA ALA C 224 -46.14 -34.34 -99.83
C ALA C 224 -44.77 -34.86 -99.39
N GLN C 225 -44.12 -34.12 -98.50
CA GLN C 225 -42.87 -34.55 -97.90
C GLN C 225 -43.17 -35.01 -96.48
N PRO C 226 -43.44 -36.31 -96.28
CA PRO C 226 -43.83 -36.77 -94.95
C PRO C 226 -42.71 -36.71 -93.94
N SER C 227 -41.46 -36.51 -94.37
CA SER C 227 -40.36 -36.41 -93.44
C SER C 227 -40.44 -35.16 -92.56
N LEU C 228 -41.29 -34.21 -92.92
CA LEU C 228 -41.40 -32.94 -92.20
C LEU C 228 -42.77 -32.74 -91.57
N MET C 229 -43.57 -33.79 -91.46
CA MET C 229 -44.91 -33.65 -90.92
C MET C 229 -44.85 -33.33 -89.43
N VAL C 230 -45.72 -32.42 -88.99
CA VAL C 230 -45.85 -32.06 -87.59
C VAL C 230 -47.19 -32.56 -87.08
N GLN C 231 -47.17 -33.38 -86.04
CA GLN C 231 -48.36 -34.06 -85.55
C GLN C 231 -49.13 -33.18 -84.55
N LYS C 232 -49.54 -32.01 -85.00
CA LYS C 232 -50.35 -31.13 -84.18
C LYS C 232 -51.06 -30.13 -85.07
N GLY C 233 -52.29 -29.77 -84.70
CA GLY C 233 -53.12 -28.91 -85.51
C GLY C 233 -53.23 -27.51 -84.94
N ILE C 234 -54.11 -26.72 -85.56
CA ILE C 234 -54.33 -25.35 -85.12
C ILE C 234 -55.81 -25.16 -84.84
N ALA C 235 -56.11 -24.24 -83.92
CA ALA C 235 -57.47 -24.13 -83.40
C ALA C 235 -58.40 -23.45 -84.40
N GLY C 236 -57.92 -22.41 -85.08
CA GLY C 236 -58.74 -21.68 -86.03
C GLY C 236 -57.93 -21.35 -87.26
N THR C 237 -58.58 -20.65 -88.20
CA THR C 237 -57.92 -20.35 -89.45
C THR C 237 -56.86 -19.25 -89.31
N TYR C 238 -56.97 -18.38 -88.30
CA TYR C 238 -55.96 -17.34 -88.08
C TYR C 238 -55.16 -17.59 -86.81
N CYS C 239 -54.93 -18.85 -86.45
CA CYS C 239 -54.22 -19.22 -85.25
C CYS C 239 -52.79 -19.66 -85.54
N LYS C 240 -52.13 -18.96 -86.49
CA LYS C 240 -50.78 -19.29 -86.93
C LYS C 240 -50.20 -18.07 -87.65
N THR C 241 -48.90 -17.85 -87.48
CA THR C 241 -48.17 -16.77 -88.14
C THR C 241 -46.70 -17.13 -88.25
N PRO C 242 -46.00 -16.63 -89.27
CA PRO C 242 -44.57 -16.98 -89.43
C PRO C 242 -43.68 -16.22 -88.46
N PHE C 243 -43.10 -16.93 -87.48
CA PHE C 243 -42.46 -16.25 -86.36
C PHE C 243 -40.95 -16.09 -86.52
N ALA C 244 -40.19 -17.19 -86.55
CA ALA C 244 -38.74 -17.08 -86.53
C ALA C 244 -38.11 -17.56 -87.83
N ASP C 245 -38.30 -18.82 -88.17
CA ASP C 245 -38.03 -19.33 -89.50
C ASP C 245 -39.13 -20.29 -89.91
N SER C 246 -40.08 -20.56 -89.03
CA SER C 246 -41.21 -21.42 -89.28
C SER C 246 -42.42 -20.73 -88.69
N TYR C 247 -43.50 -21.48 -88.52
CA TYR C 247 -44.74 -20.90 -88.03
C TYR C 247 -44.85 -21.08 -86.53
N ALA C 248 -45.62 -20.20 -85.91
CA ALA C 248 -46.08 -20.35 -84.54
C ALA C 248 -47.59 -20.44 -84.57
N PHE C 249 -48.15 -21.43 -83.88
CA PHE C 249 -49.57 -21.69 -83.95
C PHE C 249 -50.12 -21.98 -82.56
N ILE C 250 -51.44 -22.00 -82.47
CA ILE C 250 -52.15 -22.36 -81.24
C ILE C 250 -52.80 -23.72 -81.47
N SER C 251 -52.39 -24.73 -80.71
CA SER C 251 -52.81 -26.08 -81.01
C SER C 251 -54.32 -26.25 -80.81
N HIS C 252 -54.87 -27.24 -81.49
CA HIS C 252 -56.29 -27.56 -81.52
C HIS C 252 -56.67 -28.46 -80.36
N PRO C 253 -57.92 -28.41 -79.89
CA PRO C 253 -58.39 -29.38 -78.90
C PRO C 253 -58.30 -30.83 -79.35
N ALA C 254 -58.00 -31.09 -80.62
CA ALA C 254 -57.88 -32.46 -81.11
C ALA C 254 -56.64 -33.17 -80.59
N THR C 255 -55.71 -32.45 -79.97
CA THR C 255 -54.47 -33.00 -79.46
C THR C 255 -54.21 -32.51 -78.04
N GLY C 256 -55.22 -32.63 -77.18
CA GLY C 256 -55.08 -32.23 -75.80
C GLY C 256 -55.38 -30.76 -75.59
N ALA C 257 -55.02 -30.28 -74.42
CA ALA C 257 -55.26 -28.89 -74.06
C ALA C 257 -54.47 -27.97 -74.96
N PRO C 258 -55.08 -26.92 -75.52
CA PRO C 258 -54.35 -26.04 -76.43
C PRO C 258 -53.26 -25.24 -75.73
N SER C 259 -52.21 -24.93 -76.49
CA SER C 259 -51.16 -24.02 -76.07
C SER C 259 -50.43 -23.54 -77.32
N VAL C 260 -49.49 -22.64 -77.12
CA VAL C 260 -48.77 -22.01 -78.22
C VAL C 260 -47.53 -22.83 -78.54
N TYR C 261 -47.38 -23.20 -79.80
CA TYR C 261 -46.25 -23.99 -80.26
C TYR C 261 -45.54 -23.29 -81.40
N ILE C 262 -44.31 -23.71 -81.65
CA ILE C 262 -43.53 -23.28 -82.82
C ILE C 262 -43.01 -24.53 -83.51
N ILE C 263 -43.14 -24.58 -84.84
CA ILE C 263 -42.58 -25.69 -85.60
C ILE C 263 -41.07 -25.66 -85.48
N GLY C 264 -40.48 -26.81 -85.16
CA GLY C 264 -39.04 -26.95 -85.17
C GLY C 264 -38.58 -27.49 -86.51
N SER C 265 -38.15 -28.76 -86.53
CA SER C 265 -37.88 -29.47 -87.77
C SER C 265 -38.59 -30.81 -87.68
N GLY C 266 -39.87 -30.81 -88.03
CA GLY C 266 -40.70 -31.99 -87.89
C GLY C 266 -41.33 -32.15 -86.52
N GLN C 267 -41.07 -31.24 -85.59
CA GLN C 267 -41.64 -31.31 -84.25
C GLN C 267 -42.03 -29.91 -83.81
N ALA C 268 -42.90 -29.86 -82.80
CA ALA C 268 -43.38 -28.61 -82.22
C ALA C 268 -42.87 -28.47 -80.80
N SER C 269 -42.43 -27.27 -80.45
CA SER C 269 -41.89 -26.99 -79.12
C SER C 269 -42.76 -25.96 -78.42
N PRO C 270 -43.34 -26.28 -77.26
CA PRO C 270 -44.28 -25.36 -76.63
C PRO C 270 -43.60 -24.06 -76.20
N ILE C 271 -44.38 -22.99 -76.23
CA ILE C 271 -43.88 -21.64 -75.94
C ILE C 271 -44.65 -21.07 -74.76
N ALA C 272 -45.89 -21.49 -74.60
CA ALA C 272 -46.73 -20.97 -73.54
C ALA C 272 -46.37 -21.62 -72.21
N THR C 273 -46.38 -20.81 -71.16
CA THR C 273 -46.19 -21.32 -69.81
C THR C 273 -47.53 -21.77 -69.26
N ALA C 274 -47.53 -22.27 -68.03
CA ALA C 274 -48.76 -22.82 -67.45
C ALA C 274 -49.84 -21.76 -67.33
N SER C 275 -49.45 -20.52 -67.02
CA SER C 275 -50.44 -19.47 -66.86
C SER C 275 -51.09 -19.10 -68.19
N ILE C 276 -50.30 -18.99 -69.25
CA ILE C 276 -50.87 -18.75 -70.58
C ILE C 276 -51.74 -19.92 -70.99
N GLU C 277 -51.34 -21.14 -70.62
CA GLU C 277 -52.14 -22.30 -70.92
C GLU C 277 -53.49 -22.22 -70.23
N LYS C 278 -53.52 -21.78 -68.98
CA LYS C 278 -54.78 -21.61 -68.26
C LYS C 278 -55.63 -20.53 -68.91
N ILE C 279 -55.00 -19.43 -69.33
CA ILE C 279 -55.75 -18.36 -69.98
C ILE C 279 -56.40 -18.87 -71.25
N ILE C 280 -55.67 -19.67 -72.04
CA ILE C 280 -56.25 -20.25 -73.24
C ILE C 280 -57.34 -21.25 -72.89
N ARG C 281 -57.12 -22.08 -71.89
CA ARG C 281 -58.10 -23.07 -71.47
C ARG C 281 -59.38 -22.43 -70.96
N SER C 282 -59.33 -21.16 -70.56
CA SER C 282 -60.54 -20.47 -70.12
C SER C 282 -61.51 -20.20 -71.26
N TYR C 283 -61.13 -20.43 -72.51
CA TYR C 283 -62.00 -20.22 -73.66
C TYR C 283 -62.49 -21.55 -74.22
N THR C 284 -63.67 -21.51 -74.83
CA THR C 284 -64.26 -22.67 -75.47
C THR C 284 -63.58 -22.89 -76.82
N ALA C 285 -64.03 -23.89 -77.59
CA ALA C 285 -63.51 -24.06 -78.94
C ALA C 285 -63.89 -22.88 -79.83
N GLU C 286 -65.11 -22.40 -79.68
CA GLU C 286 -65.43 -21.05 -80.12
C GLU C 286 -64.73 -20.05 -79.21
N GLU C 287 -64.56 -18.82 -79.70
CA GLU C 287 -63.77 -17.81 -79.03
C GLU C 287 -62.30 -18.23 -78.91
N MET C 288 -61.97 -19.42 -79.40
CA MET C 288 -60.60 -19.83 -79.62
C MET C 288 -60.28 -20.01 -81.08
N ALA C 289 -61.24 -20.51 -81.86
CA ALA C 289 -61.10 -20.51 -83.31
C ALA C 289 -61.16 -19.12 -83.90
N THR C 290 -61.62 -18.13 -83.13
CA THR C 290 -61.66 -16.73 -83.57
C THR C 290 -60.45 -15.93 -83.14
N GLY C 291 -59.48 -16.56 -82.49
CA GLY C 291 -58.27 -15.86 -82.13
C GLY C 291 -57.45 -15.48 -83.35
N VAL C 292 -56.73 -14.37 -83.24
CA VAL C 292 -55.95 -13.83 -84.35
C VAL C 292 -54.54 -13.62 -83.87
N MET C 293 -53.59 -14.34 -84.46
CA MET C 293 -52.18 -14.16 -84.14
C MET C 293 -51.51 -13.30 -85.20
N GLU C 294 -50.42 -12.65 -84.79
CA GLU C 294 -49.66 -11.80 -85.69
C GLU C 294 -48.29 -11.57 -85.07
N THR C 295 -47.43 -10.90 -85.82
CA THR C 295 -46.06 -10.66 -85.38
C THR C 295 -45.72 -9.19 -85.50
N LEU C 296 -44.69 -8.79 -84.75
CA LEU C 296 -44.17 -7.44 -84.80
C LEU C 296 -42.68 -7.49 -84.47
N ARG C 297 -41.94 -6.50 -84.94
CA ARG C 297 -40.49 -6.51 -84.78
C ARG C 297 -39.97 -5.09 -84.81
N PHE C 298 -39.33 -4.67 -83.72
CA PHE C 298 -38.72 -3.35 -83.66
C PHE C 298 -37.78 -3.27 -82.47
N ASP C 299 -36.62 -2.65 -82.68
CA ASP C 299 -35.60 -2.49 -81.63
C ASP C 299 -35.19 -3.85 -81.05
N SER C 300 -35.04 -4.83 -81.93
CA SER C 300 -34.73 -6.22 -81.63
C SER C 300 -35.87 -6.94 -80.92
N HIS C 301 -36.93 -6.24 -80.56
CA HIS C 301 -38.11 -6.87 -79.98
C HIS C 301 -38.80 -7.69 -81.07
N GLU C 302 -38.88 -9.00 -80.87
CA GLU C 302 -39.56 -9.90 -81.79
C GLU C 302 -40.82 -10.41 -81.09
N LEU C 303 -41.90 -9.65 -81.20
CA LEU C 303 -43.12 -9.92 -80.47
C LEU C 303 -44.06 -10.76 -81.31
N LEU C 304 -44.70 -11.73 -80.66
CA LEU C 304 -45.80 -12.48 -81.23
C LEU C 304 -47.06 -12.14 -80.45
N ILE C 305 -48.02 -11.50 -81.11
CA ILE C 305 -49.21 -10.96 -80.48
C ILE C 305 -50.38 -11.88 -80.78
N ILE C 306 -51.16 -12.21 -79.76
CA ILE C 306 -52.32 -13.08 -79.90
C ILE C 306 -53.52 -12.35 -79.34
N HIS C 307 -54.52 -12.11 -80.19
CA HIS C 307 -55.76 -11.48 -79.78
C HIS C 307 -56.83 -12.54 -79.60
N LEU C 308 -57.43 -12.57 -78.43
CA LEU C 308 -58.57 -13.42 -78.15
C LEU C 308 -59.72 -12.49 -77.80
N PRO C 309 -60.94 -12.99 -77.64
CA PRO C 309 -62.05 -12.07 -77.32
C PRO C 309 -61.83 -11.25 -76.06
N ARG C 310 -61.08 -11.76 -75.09
CA ARG C 310 -60.95 -11.08 -73.80
C ARG C 310 -59.51 -10.90 -73.36
N HIS C 311 -58.53 -11.12 -74.24
CA HIS C 311 -57.13 -10.97 -73.86
C HIS C 311 -56.31 -10.60 -75.08
N VAL C 312 -55.16 -9.98 -74.82
CA VAL C 312 -54.12 -9.80 -75.84
C VAL C 312 -52.80 -10.17 -75.18
N LEU C 313 -52.19 -11.25 -75.63
CA LEU C 313 -50.96 -11.78 -75.05
C LEU C 313 -49.82 -11.59 -76.04
N VAL C 314 -48.74 -10.97 -75.57
CA VAL C 314 -47.59 -10.67 -76.41
C VAL C 314 -46.40 -11.44 -75.86
N TYR C 315 -45.80 -12.28 -76.69
CA TYR C 315 -44.65 -13.08 -76.32
C TYR C 315 -43.41 -12.47 -76.95
N ASP C 316 -42.45 -12.08 -76.12
CA ASP C 316 -41.22 -11.46 -76.56
C ASP C 316 -40.15 -12.54 -76.67
N ALA C 317 -39.79 -12.89 -77.91
CA ALA C 317 -38.80 -13.93 -78.13
C ALA C 317 -37.38 -13.47 -77.88
N SER C 318 -37.11 -12.17 -78.00
CA SER C 318 -35.76 -11.67 -77.80
C SER C 318 -35.36 -11.60 -76.34
N SER C 319 -36.32 -11.60 -75.43
CA SER C 319 -36.06 -11.47 -73.99
C SER C 319 -36.63 -12.66 -73.23
N SER C 320 -36.38 -13.86 -73.74
CA SER C 320 -36.82 -15.10 -73.12
C SER C 320 -35.63 -15.94 -72.68
N GLN C 321 -34.64 -15.30 -72.08
CA GLN C 321 -33.44 -16.02 -71.65
C GLN C 321 -33.66 -16.79 -70.35
N ASN C 322 -34.67 -16.45 -69.57
CA ASN C 322 -35.00 -17.18 -68.36
C ASN C 322 -36.24 -18.04 -68.52
N GLY C 323 -36.77 -18.15 -69.73
CA GLY C 323 -38.03 -18.80 -69.95
C GLY C 323 -38.94 -17.90 -70.76
N PRO C 324 -40.10 -18.43 -71.18
CA PRO C 324 -41.02 -17.62 -71.98
C PRO C 324 -41.45 -16.36 -71.26
N GLN C 325 -41.42 -15.24 -71.99
CA GLN C 325 -41.71 -13.93 -71.43
C GLN C 325 -42.98 -13.40 -72.09
N TRP C 326 -44.10 -13.49 -71.38
CA TRP C 326 -45.38 -13.02 -71.88
C TRP C 326 -45.78 -11.76 -71.16
N CYS C 327 -46.50 -10.88 -71.87
CA CYS C 327 -47.08 -9.69 -71.28
C CYS C 327 -48.50 -9.51 -71.80
N VAL C 328 -49.28 -8.71 -71.09
CA VAL C 328 -50.69 -8.49 -71.40
C VAL C 328 -50.85 -7.06 -71.90
N LEU C 329 -51.53 -6.91 -73.03
CA LEU C 329 -51.85 -5.60 -73.57
C LEU C 329 -53.33 -5.31 -73.38
N LYS C 330 -53.64 -4.10 -72.93
CA LYS C 330 -55.02 -3.75 -72.64
C LYS C 330 -55.24 -2.27 -72.90
N THR C 331 -56.50 -1.91 -73.09
CA THR C 331 -56.91 -0.55 -73.36
C THR C 331 -57.82 -0.08 -72.24
N GLY C 332 -57.49 1.06 -71.65
CA GLY C 332 -58.27 1.58 -70.55
C GLY C 332 -57.70 1.19 -69.21
N LEU C 333 -58.52 1.41 -68.18
CA LEU C 333 -58.13 1.11 -66.81
C LEU C 333 -58.77 -0.14 -66.25
N TYR C 334 -59.56 -0.86 -67.04
CA TYR C 334 -60.38 -1.96 -66.55
C TYR C 334 -60.32 -3.14 -67.49
N ASP C 335 -59.10 -3.54 -67.84
CA ASP C 335 -58.78 -4.78 -68.57
C ASP C 335 -59.59 -4.96 -69.84
N ASP C 336 -60.10 -3.88 -70.42
CA ASP C 336 -60.72 -3.94 -71.72
C ASP C 336 -59.68 -4.31 -72.77
N VAL C 337 -60.11 -5.05 -73.78
CA VAL C 337 -59.19 -5.64 -74.74
C VAL C 337 -58.48 -4.55 -75.53
N TYR C 338 -57.22 -4.79 -75.86
CA TYR C 338 -56.44 -3.84 -76.64
C TYR C 338 -57.12 -3.53 -77.96
N ARG C 339 -57.08 -2.27 -78.36
CA ARG C 339 -57.79 -1.84 -79.56
C ARG C 339 -56.97 -1.97 -80.83
N GLY C 340 -55.65 -1.82 -80.74
CA GLY C 340 -54.83 -1.94 -81.92
C GLY C 340 -54.81 -3.36 -82.45
N VAL C 341 -54.62 -3.49 -83.76
CA VAL C 341 -54.66 -4.79 -84.42
C VAL C 341 -54.06 -4.64 -85.80
N ASP C 342 -53.53 -5.74 -86.33
CA ASP C 342 -53.00 -5.81 -87.70
C ASP C 342 -51.86 -4.81 -87.90
N PHE C 343 -50.78 -5.01 -87.14
CA PHE C 343 -49.60 -4.17 -87.25
C PHE C 343 -48.82 -4.51 -88.51
N MET C 344 -48.40 -3.49 -89.25
CA MET C 344 -47.50 -3.65 -90.38
C MET C 344 -46.53 -2.49 -90.44
N TYR C 345 -45.26 -2.80 -90.66
CA TYR C 345 -44.22 -1.80 -90.79
C TYR C 345 -44.12 -1.35 -92.24
N GLU C 346 -44.27 -0.05 -92.48
CA GLU C 346 -44.18 0.52 -93.81
C GLU C 346 -43.37 1.80 -93.74
N GLY C 347 -42.53 2.02 -94.74
CA GLY C 347 -41.65 3.18 -94.73
C GLY C 347 -40.72 3.12 -93.54
N ASN C 348 -40.95 3.97 -92.56
CA ASN C 348 -40.21 3.93 -91.30
C ASN C 348 -41.14 3.99 -90.11
N GLN C 349 -42.38 3.52 -90.28
CA GLN C 349 -43.37 3.60 -89.21
C GLN C 349 -44.17 2.32 -89.16
N ILE C 350 -44.60 1.96 -87.95
CA ILE C 350 -45.49 0.82 -87.75
C ILE C 350 -46.90 1.34 -87.69
N THR C 351 -47.75 0.91 -88.61
CA THR C 351 -49.14 1.34 -88.65
C THR C 351 -50.02 0.17 -88.24
N CYS C 352 -51.09 0.48 -87.53
CA CYS C 352 -51.99 -0.53 -86.99
C CYS C 352 -53.43 -0.13 -87.24
N GLY C 353 -54.29 -1.14 -87.36
CA GLY C 353 -55.69 -0.91 -87.62
C GLY C 353 -56.45 -0.55 -86.37
N ASP C 354 -57.64 -1.12 -86.20
CA ASP C 354 -58.44 -0.87 -85.01
C ASP C 354 -59.47 -1.97 -84.87
N LYS C 355 -60.13 -2.00 -83.72
CA LYS C 355 -61.14 -3.00 -83.44
C LYS C 355 -62.51 -2.43 -83.17
N SER C 356 -62.60 -1.16 -82.79
CA SER C 356 -63.87 -0.56 -82.38
C SER C 356 -64.25 0.68 -83.15
N GLU C 357 -63.31 1.37 -83.78
CA GLU C 357 -63.59 2.57 -84.56
C GLU C 357 -62.94 2.45 -85.91
N ALA C 358 -63.42 3.25 -86.86
CA ALA C 358 -62.91 3.23 -88.23
C ALA C 358 -61.69 4.14 -88.38
N VAL C 359 -60.64 3.80 -87.65
CA VAL C 359 -59.41 4.59 -87.63
C VAL C 359 -58.22 3.68 -87.87
N VAL C 360 -57.11 4.28 -88.28
CA VAL C 360 -55.82 3.60 -88.42
C VAL C 360 -54.77 4.49 -87.76
N GLY C 361 -54.02 3.92 -86.81
CA GLY C 361 -53.02 4.65 -86.07
C GLY C 361 -51.61 4.25 -86.49
N GLN C 362 -50.62 4.97 -85.97
CA GLN C 362 -49.26 4.83 -86.46
C GLN C 362 -48.19 4.60 -85.40
N LEU C 363 -48.56 4.19 -84.19
CA LEU C 363 -47.61 3.64 -83.21
C LEU C 363 -46.43 4.59 -82.97
N GLN C 364 -46.75 5.72 -82.35
CA GLN C 364 -45.73 6.65 -81.91
C GLN C 364 -44.95 6.10 -80.73
N PHE C 365 -43.65 6.35 -80.70
CA PHE C 365 -42.80 5.86 -79.61
C PHE C 365 -42.55 6.91 -78.53
N ASP C 366 -42.78 8.18 -78.83
CA ASP C 366 -42.57 9.24 -77.86
C ASP C 366 -43.64 9.20 -76.77
N ILE C 367 -44.86 8.80 -77.10
CA ILE C 367 -45.97 8.79 -76.16
C ILE C 367 -46.33 7.36 -75.82
N SER C 368 -47.26 7.22 -74.87
CA SER C 368 -47.86 5.92 -74.56
C SER C 368 -49.38 5.97 -74.54
N SER C 369 -49.99 7.10 -74.90
CA SER C 369 -51.43 7.22 -74.91
C SER C 369 -52.01 6.69 -76.20
N GLN C 370 -53.15 6.02 -76.11
CA GLN C 370 -53.81 5.44 -77.28
C GLN C 370 -54.92 6.39 -77.71
N TYR C 371 -54.68 7.10 -78.82
CA TYR C 371 -55.61 8.10 -79.35
C TYR C 371 -55.95 9.14 -78.30
N ASP C 372 -54.90 9.69 -77.68
CA ASP C 372 -54.99 10.73 -76.66
C ASP C 372 -55.67 10.25 -75.39
N LYS C 373 -55.68 8.95 -75.14
CA LYS C 373 -56.26 8.38 -73.94
C LYS C 373 -55.15 7.76 -73.09
N GLN C 374 -55.11 8.13 -71.81
CA GLN C 374 -54.10 7.61 -70.91
C GLN C 374 -54.32 6.12 -70.66
N GLN C 375 -53.23 5.42 -70.34
CA GLN C 375 -53.25 3.97 -70.24
C GLN C 375 -52.67 3.53 -68.90
N GLU C 376 -53.16 2.40 -68.41
CA GLU C 376 -52.77 1.83 -67.13
C GLU C 376 -51.66 0.81 -67.33
N HIS C 377 -50.54 1.02 -66.63
CA HIS C 377 -49.39 0.13 -66.71
C HIS C 377 -49.14 -0.50 -65.36
N LEU C 378 -48.93 -1.81 -65.35
CA LEU C 378 -48.77 -2.58 -64.12
C LEU C 378 -47.45 -3.33 -64.14
N LEU C 379 -46.90 -3.61 -62.96
CA LEU C 379 -45.64 -4.33 -62.84
C LEU C 379 -45.59 -5.04 -61.50
N PHE C 380 -45.84 -6.35 -61.49
CA PHE C 380 -45.93 -7.12 -60.26
C PHE C 380 -44.60 -7.78 -59.93
N THR C 381 -44.36 -7.92 -58.63
CA THR C 381 -43.17 -8.52 -58.05
C THR C 381 -43.53 -9.87 -57.43
N PRO C 382 -42.73 -10.92 -57.66
CA PRO C 382 -43.09 -12.23 -57.13
C PRO C 382 -43.15 -12.24 -55.62
N LEU C 383 -44.04 -13.07 -55.08
CA LEU C 383 -44.14 -13.23 -53.65
C LEU C 383 -42.88 -13.88 -53.09
N PHE C 384 -42.51 -13.50 -51.87
CA PHE C 384 -41.43 -14.19 -51.18
C PHE C 384 -41.72 -14.21 -49.68
N LYS C 385 -41.09 -15.16 -49.01
CA LYS C 385 -41.28 -15.39 -47.58
C LYS C 385 -40.17 -14.67 -46.82
N ALA C 386 -40.55 -13.67 -46.04
CA ALA C 386 -39.60 -12.82 -45.33
C ALA C 386 -40.06 -12.57 -43.90
N ASP C 387 -40.37 -13.66 -43.19
CA ASP C 387 -40.96 -13.51 -41.84
C ASP C 387 -40.23 -12.46 -41.00
N ASN C 388 -40.97 -11.48 -40.49
CA ASN C 388 -40.42 -10.44 -39.62
C ASN C 388 -39.21 -9.77 -40.27
N ALA C 389 -39.45 -9.08 -41.39
CA ALA C 389 -38.36 -8.50 -42.16
C ALA C 389 -38.24 -6.99 -42.02
N ARG C 390 -39.35 -6.27 -41.89
CA ARG C 390 -39.31 -4.83 -41.68
C ARG C 390 -38.60 -4.12 -42.83
N CYS C 391 -39.24 -4.13 -44.00
CA CYS C 391 -38.59 -3.60 -45.18
C CYS C 391 -38.51 -2.08 -45.15
N PHE C 392 -37.56 -1.53 -45.90
CA PHE C 392 -37.36 -0.10 -46.03
C PHE C 392 -36.79 0.22 -47.40
N ASP C 393 -36.97 1.47 -47.83
CA ASP C 393 -36.29 2.05 -48.99
C ASP C 393 -36.57 1.25 -50.27
N LEU C 394 -37.85 1.26 -50.66
CA LEU C 394 -38.25 0.72 -51.96
C LEU C 394 -37.84 1.71 -53.04
N GLU C 395 -36.82 1.38 -53.82
CA GLU C 395 -36.29 2.26 -54.84
C GLU C 395 -36.53 1.65 -56.22
N VAL C 396 -36.83 2.51 -57.19
CA VAL C 396 -36.89 2.11 -58.59
C VAL C 396 -36.17 3.16 -59.43
N GLU C 397 -35.31 2.71 -60.33
CA GLU C 397 -34.64 3.62 -61.26
C GLU C 397 -35.56 3.83 -62.45
N SER C 398 -36.27 4.95 -62.47
CA SER C 398 -37.23 5.25 -63.52
C SER C 398 -36.66 6.29 -64.45
N SER C 399 -36.68 6.00 -65.74
CA SER C 399 -36.19 6.92 -66.76
C SER C 399 -37.23 8.01 -66.95
N THR C 400 -36.89 9.23 -66.55
CA THR C 400 -37.81 10.36 -66.55
C THR C 400 -37.45 11.35 -67.64
N GLY C 401 -38.18 12.46 -67.67
CA GLY C 401 -37.82 13.59 -68.51
C GLY C 401 -38.83 13.95 -69.57
N VAL C 402 -39.37 12.96 -70.25
CA VAL C 402 -40.33 13.18 -71.32
C VAL C 402 -41.71 12.91 -70.74
N ALA C 403 -42.47 13.97 -70.55
CA ALA C 403 -43.80 13.87 -69.96
C ALA C 403 -44.54 15.17 -70.20
N GLN C 404 -45.86 15.11 -70.03
CA GLN C 404 -46.70 16.30 -70.10
C GLN C 404 -47.18 16.76 -68.74
N TYR C 405 -47.21 15.86 -67.76
CA TYR C 405 -47.56 16.20 -66.39
C TYR C 405 -46.71 15.34 -65.47
N ALA C 406 -46.52 15.82 -64.24
CA ALA C 406 -45.72 15.07 -63.27
C ALA C 406 -46.52 13.87 -62.80
N ASP C 407 -46.72 12.91 -63.70
CA ASP C 407 -47.56 11.76 -63.42
C ASP C 407 -47.00 10.93 -62.28
N ARG C 408 -47.91 10.35 -61.50
CA ARG C 408 -47.57 9.61 -60.30
C ARG C 408 -47.72 8.11 -60.54
N LEU C 409 -47.50 7.36 -59.45
CA LEU C 409 -47.43 5.91 -59.48
C LEU C 409 -48.07 5.41 -58.20
N PHE C 410 -49.07 4.54 -58.33
CA PHE C 410 -49.74 3.95 -57.19
C PHE C 410 -48.96 2.70 -56.77
N LEU C 411 -48.26 2.78 -55.66
CA LEU C 411 -47.54 1.65 -55.09
C LEU C 411 -48.40 1.00 -54.02
N SER C 412 -48.50 -0.33 -54.06
CA SER C 412 -49.27 -1.05 -53.07
C SER C 412 -48.63 -2.40 -52.82
N ALA C 413 -49.03 -3.04 -51.73
CA ALA C 413 -48.48 -4.31 -51.31
C ALA C 413 -49.58 -5.28 -50.96
N THR C 414 -49.34 -6.56 -51.22
CA THR C 414 -50.24 -7.64 -50.84
C THR C 414 -49.53 -8.60 -49.90
N THR C 415 -50.31 -9.27 -49.07
CA THR C 415 -49.79 -10.24 -48.12
C THR C 415 -50.21 -11.67 -48.41
N ASP C 416 -51.28 -11.88 -49.17
CA ASP C 416 -51.72 -13.21 -49.54
C ASP C 416 -51.66 -13.47 -51.04
N GLY C 417 -51.25 -12.50 -51.84
CA GLY C 417 -51.15 -12.67 -53.27
C GLY C 417 -52.43 -12.39 -54.03
N ILE C 418 -53.53 -12.10 -53.34
CA ILE C 418 -54.81 -11.87 -54.00
C ILE C 418 -55.25 -10.43 -53.78
N ASN C 419 -55.45 -10.05 -52.52
CA ASN C 419 -55.94 -8.71 -52.20
C ASN C 419 -54.75 -7.81 -51.85
N TYR C 420 -54.78 -6.59 -52.39
CA TYR C 420 -53.69 -5.65 -52.21
C TYR C 420 -54.12 -4.54 -51.26
N GLY C 421 -53.13 -3.97 -50.56
CA GLY C 421 -53.39 -2.98 -49.54
C GLY C 421 -53.53 -1.59 -50.11
N ARG C 422 -53.28 -0.60 -49.25
CA ARG C 422 -53.45 0.79 -49.62
C ARG C 422 -52.49 1.19 -50.71
N GLU C 423 -52.90 2.15 -51.54
CA GLU C 423 -52.11 2.64 -52.65
C GLU C 423 -51.56 4.02 -52.31
N GLN C 424 -50.24 4.16 -52.41
CA GLN C 424 -49.56 5.41 -52.15
C GLN C 424 -49.08 5.98 -53.48
N MET C 425 -49.36 7.26 -53.72
CA MET C 425 -48.94 7.91 -54.96
C MET C 425 -47.56 8.49 -54.77
N ILE C 426 -46.63 8.10 -55.65
CA ILE C 426 -45.27 8.60 -55.66
C ILE C 426 -44.97 9.15 -57.05
N GLU C 427 -44.41 10.34 -57.11
CA GLU C 427 -44.03 10.93 -58.40
C GLU C 427 -43.00 10.05 -59.08
N GLN C 428 -43.40 9.40 -60.17
CA GLN C 428 -42.48 8.58 -60.94
C GLN C 428 -41.87 9.31 -62.13
N ASN C 429 -42.34 10.53 -62.42
CA ASN C 429 -41.87 11.26 -63.59
C ASN C 429 -42.24 12.72 -63.43
N GLU C 430 -41.56 13.57 -64.20
CA GLU C 430 -41.89 14.99 -64.20
C GLU C 430 -41.32 15.60 -65.46
N PRO C 431 -42.01 16.58 -66.08
CA PRO C 431 -41.54 17.11 -67.36
C PRO C 431 -40.18 17.80 -67.26
N PHE C 432 -39.28 17.43 -68.17
CA PHE C 432 -37.99 18.08 -68.36
C PHE C 432 -37.14 18.05 -67.09
N VAL C 433 -37.15 16.93 -66.38
CA VAL C 433 -36.18 16.65 -65.34
C VAL C 433 -35.65 15.25 -65.57
N TYR C 434 -34.33 15.09 -65.50
CA TYR C 434 -33.70 13.84 -65.90
C TYR C 434 -32.96 13.19 -64.74
N ASP C 435 -33.35 13.51 -63.51
CA ASP C 435 -32.77 12.87 -62.32
C ASP C 435 -33.83 12.97 -61.22
N LYS C 436 -34.45 11.83 -60.90
CA LYS C 436 -35.67 11.86 -60.09
C LYS C 436 -35.58 11.07 -58.79
N ARG C 437 -34.99 9.87 -58.79
CA ARG C 437 -34.91 9.03 -57.59
C ARG C 437 -36.31 8.70 -57.06
N VAL C 438 -37.00 7.85 -57.82
CA VAL C 438 -38.30 7.33 -57.39
C VAL C 438 -38.08 6.36 -56.24
N LEU C 439 -38.66 6.66 -55.09
CA LEU C 439 -38.29 6.00 -53.85
C LEU C 439 -39.38 6.18 -52.80
N TRP C 440 -39.66 5.12 -52.05
CA TRP C 440 -40.54 5.16 -50.90
C TRP C 440 -39.75 4.69 -49.69
N LYS C 441 -39.59 5.56 -48.69
CA LYS C 441 -38.67 5.29 -47.60
C LYS C 441 -39.13 4.14 -46.73
N ARG C 442 -40.31 4.27 -46.13
CA ARG C 442 -40.75 3.38 -45.06
C ARG C 442 -41.84 2.44 -45.56
N VAL C 443 -41.43 1.31 -46.12
CA VAL C 443 -42.36 0.21 -46.30
C VAL C 443 -42.56 -0.50 -44.97
N GLY C 444 -43.62 -1.29 -44.87
CA GLY C 444 -44.00 -1.87 -43.60
C GLY C 444 -43.11 -3.01 -43.12
N ARG C 445 -43.73 -3.91 -42.37
CA ARG C 445 -43.08 -5.11 -41.86
C ARG C 445 -43.74 -6.33 -42.47
N ILE C 446 -42.93 -7.22 -43.04
CA ILE C 446 -43.45 -8.45 -43.63
C ILE C 446 -43.78 -9.43 -42.52
N ARG C 447 -45.04 -9.84 -42.45
CA ARG C 447 -45.43 -10.81 -41.44
C ARG C 447 -45.07 -12.22 -41.88
N ARG C 448 -45.68 -12.70 -42.97
CA ARG C 448 -45.30 -13.96 -43.58
C ARG C 448 -44.87 -13.81 -45.03
N LEU C 449 -45.67 -13.13 -45.85
CA LEU C 449 -45.37 -12.94 -47.26
C LEU C 449 -45.63 -11.49 -47.65
N ILE C 450 -45.12 -11.12 -48.82
CA ILE C 450 -45.29 -9.77 -49.33
C ILE C 450 -45.11 -9.79 -50.83
N GLY C 451 -45.84 -8.90 -51.51
CA GLY C 451 -45.64 -8.66 -52.94
C GLY C 451 -46.04 -7.24 -53.23
N PHE C 452 -45.56 -6.72 -54.35
CA PHE C 452 -45.76 -5.31 -54.67
C PHE C 452 -46.44 -5.16 -56.03
N LYS C 453 -47.19 -4.07 -56.20
CA LYS C 453 -48.03 -3.89 -57.37
C LYS C 453 -47.51 -2.85 -58.35
N LEU C 454 -47.26 -1.61 -57.91
CA LEU C 454 -46.56 -0.61 -58.71
C LEU C 454 -47.28 -0.31 -60.03
N ARG C 455 -48.46 0.30 -59.93
CA ARG C 455 -49.30 0.65 -61.07
C ARG C 455 -49.07 2.08 -61.52
N VAL C 456 -49.02 2.32 -62.83
CA VAL C 456 -48.79 3.66 -63.38
C VAL C 456 -49.84 3.95 -64.43
N ILE C 457 -50.40 5.16 -64.39
CA ILE C 457 -51.36 5.63 -65.38
C ILE C 457 -50.80 6.91 -65.99
N THR C 458 -50.47 6.86 -67.29
CA THR C 458 -49.72 7.94 -67.91
C THR C 458 -50.21 8.19 -69.32
N LYS C 459 -49.94 9.40 -69.79
CA LYS C 459 -49.96 9.74 -71.20
C LYS C 459 -48.56 9.79 -71.79
N SER C 460 -47.57 9.37 -71.02
CA SER C 460 -46.15 9.48 -71.35
C SER C 460 -45.51 8.12 -71.15
N PRO C 461 -44.34 7.89 -71.76
CA PRO C 461 -43.72 6.57 -71.62
C PRO C 461 -43.29 6.30 -70.19
N VAL C 462 -43.32 5.03 -69.82
CA VAL C 462 -42.89 4.57 -68.50
C VAL C 462 -41.73 3.60 -68.69
N THR C 463 -40.60 3.90 -68.06
CA THR C 463 -39.40 3.10 -68.18
C THR C 463 -38.86 2.83 -66.78
N LEU C 464 -38.99 1.58 -66.32
CA LEU C 464 -38.66 1.23 -64.95
C LEU C 464 -37.63 0.12 -64.91
N SER C 465 -36.67 0.25 -64.01
CA SER C 465 -35.60 -0.73 -63.87
C SER C 465 -35.03 -0.65 -62.46
N GLY C 466 -34.31 -1.71 -62.09
CA GLY C 466 -33.55 -1.71 -60.85
C GLY C 466 -34.38 -1.60 -59.59
N CYS C 467 -35.48 -2.32 -59.51
CA CYS C 467 -36.30 -2.29 -58.31
C CYS C 467 -35.53 -2.96 -57.17
N GLN C 468 -35.41 -2.26 -56.05
CA GLN C 468 -34.65 -2.78 -54.92
C GLN C 468 -35.32 -2.40 -53.62
N ILE C 469 -35.01 -3.16 -52.58
CA ILE C 469 -35.55 -2.96 -51.24
C ILE C 469 -34.41 -3.16 -50.24
N ARG C 470 -34.58 -2.58 -49.06
CA ARG C 470 -33.62 -2.76 -47.97
C ARG C 470 -34.30 -3.60 -46.90
N LEU C 471 -33.94 -4.88 -46.84
CA LEU C 471 -34.66 -5.82 -46.00
C LEU C 471 -34.16 -5.85 -44.57
N GLU C 472 -33.05 -5.18 -44.28
CA GLU C 472 -32.42 -5.25 -42.97
C GLU C 472 -32.16 -6.70 -42.52
N PRO D 2 4.97 -30.78 -44.56
CA PRO D 2 4.27 -30.95 -45.83
C PRO D 2 4.70 -32.21 -46.58
N ILE D 3 3.75 -33.12 -46.76
CA ILE D 3 3.99 -34.38 -47.46
C ILE D 3 3.62 -34.18 -48.93
N GLN D 4 4.57 -34.38 -49.81
CA GLN D 4 4.38 -34.22 -51.25
C GLN D 4 4.48 -35.57 -51.93
N GLN D 5 3.53 -35.85 -52.82
CA GLN D 5 3.55 -37.05 -53.65
C GLN D 5 4.33 -36.77 -54.92
N LEU D 6 5.27 -37.64 -55.26
CA LEU D 6 6.11 -37.45 -56.42
C LEU D 6 5.76 -38.46 -57.49
N PRO D 7 5.32 -38.03 -58.68
CA PRO D 7 5.01 -39.00 -59.74
C PRO D 7 6.26 -39.76 -60.16
N MET D 8 6.07 -41.03 -60.51
CA MET D 8 7.17 -41.90 -60.88
C MET D 8 7.08 -42.42 -62.31
N MET D 9 5.93 -42.30 -62.96
CA MET D 9 5.75 -42.90 -64.27
C MET D 9 6.58 -42.21 -65.35
N LYS D 10 7.13 -41.03 -65.08
CA LYS D 10 7.85 -40.27 -66.10
C LYS D 10 8.72 -39.24 -65.41
N GLY D 11 10.04 -39.35 -65.55
CA GLY D 11 10.96 -38.39 -64.97
C GLY D 11 11.41 -37.35 -65.98
N MET D 12 12.23 -36.43 -65.51
CA MET D 12 12.80 -35.38 -66.34
C MET D 12 14.29 -35.27 -66.06
N GLY D 13 15.05 -34.92 -67.09
CA GLY D 13 16.47 -34.72 -66.91
C GLY D 13 17.04 -33.91 -68.05
N LYS D 14 18.36 -33.82 -68.07
CA LYS D 14 19.07 -33.10 -69.12
C LYS D 14 19.93 -34.07 -69.92
N ASP D 15 20.12 -33.76 -71.19
CA ASP D 15 20.96 -34.53 -72.09
C ASP D 15 22.30 -33.83 -72.21
N PHE D 16 23.34 -34.44 -71.67
CA PHE D 16 24.62 -33.75 -71.60
C PHE D 16 25.26 -33.57 -72.97
N LYS D 17 24.73 -34.20 -74.02
CA LYS D 17 25.27 -33.97 -75.35
C LYS D 17 24.96 -32.55 -75.83
N ASN D 18 23.71 -32.10 -75.65
CA ASN D 18 23.29 -30.80 -76.14
C ASN D 18 22.53 -29.97 -75.11
N ALA D 19 22.55 -30.38 -73.84
CA ALA D 19 21.92 -29.60 -72.77
C ALA D 19 20.45 -29.32 -73.05
N ASP D 20 19.72 -30.34 -73.47
CA ASP D 20 18.30 -30.24 -73.75
C ASP D 20 17.53 -31.09 -72.75
N TYR D 21 16.36 -30.62 -72.35
CA TYR D 21 15.52 -31.37 -71.43
C TYR D 21 14.96 -32.59 -72.13
N ILE D 22 15.09 -33.75 -71.48
CA ILE D 22 14.57 -34.99 -72.03
C ILE D 22 13.77 -35.70 -70.94
N ASP D 23 12.86 -36.56 -71.39
CA ASP D 23 12.12 -37.41 -70.47
C ASP D 23 13.03 -38.53 -69.98
N TYR D 24 12.65 -39.10 -68.85
CA TYR D 24 13.27 -40.30 -68.33
C TYR D 24 12.18 -41.35 -68.25
N LEU D 25 12.27 -42.34 -69.12
CA LEU D 25 11.26 -43.37 -69.23
C LEU D 25 11.57 -44.51 -68.26
N PRO D 26 10.57 -45.02 -67.55
CA PRO D 26 10.81 -46.14 -66.65
C PRO D 26 11.32 -47.34 -67.43
N VAL D 27 12.21 -48.09 -66.81
CA VAL D 27 12.86 -49.22 -67.45
C VAL D 27 12.30 -50.51 -66.87
N ASN D 28 11.78 -51.37 -67.74
CA ASN D 28 11.19 -52.65 -67.37
C ASN D 28 10.00 -52.49 -66.42
N MET D 29 9.38 -51.31 -66.40
CA MET D 29 8.26 -51.04 -65.51
C MET D 29 7.09 -50.50 -66.32
N LEU D 30 5.89 -50.99 -66.01
CA LEU D 30 4.66 -50.55 -66.65
C LEU D 30 3.80 -49.82 -65.64
N ALA D 31 3.29 -48.66 -66.04
CA ALA D 31 2.41 -47.86 -65.19
C ALA D 31 0.98 -48.34 -65.35
N THR D 32 0.43 -48.88 -64.27
CA THR D 32 -0.94 -49.37 -64.28
C THR D 32 -1.82 -48.36 -63.58
N PRO D 33 -2.74 -47.70 -64.27
CA PRO D 33 -3.62 -46.70 -63.63
C PRO D 33 -4.73 -47.39 -62.86
N LYS D 34 -4.68 -47.24 -61.54
CA LYS D 34 -5.64 -47.90 -60.66
C LYS D 34 -5.59 -47.26 -59.28
N GLU D 35 -6.74 -46.91 -58.73
CA GLU D 35 -6.79 -46.21 -57.44
C GLU D 35 -6.47 -47.21 -56.34
N ILE D 36 -5.21 -47.25 -55.91
CA ILE D 36 -4.84 -48.22 -54.89
C ILE D 36 -5.12 -47.62 -53.52
N LEU D 37 -4.34 -46.61 -53.16
CA LEU D 37 -4.54 -45.90 -51.90
C LEU D 37 -3.71 -44.62 -51.92
N ASN D 38 -4.39 -43.47 -51.91
CA ASN D 38 -3.77 -42.15 -51.99
C ASN D 38 -2.80 -42.00 -53.16
N SER D 39 -2.84 -42.89 -54.14
CA SER D 39 -1.88 -42.84 -55.23
C SER D 39 -2.51 -42.79 -56.61
N SER D 40 -3.59 -43.55 -56.84
CA SER D 40 -4.26 -43.62 -58.13
C SER D 40 -3.31 -44.07 -59.23
N GLY D 41 -2.78 -45.27 -59.06
CA GLY D 41 -1.89 -45.86 -60.04
C GLY D 41 -0.62 -46.40 -59.40
N TYR D 42 -0.08 -47.45 -59.99
CA TYR D 42 1.15 -48.06 -59.49
C TYR D 42 2.05 -48.42 -60.66
N LEU D 43 3.18 -49.04 -60.36
CA LEU D 43 4.14 -49.46 -61.37
C LEU D 43 4.51 -50.92 -61.10
N ARG D 44 4.37 -51.75 -62.12
CA ARG D 44 4.57 -53.19 -62.01
C ARG D 44 5.67 -53.61 -62.97
N SER D 45 6.55 -54.49 -62.52
CA SER D 45 7.63 -54.95 -63.36
C SER D 45 7.09 -55.77 -64.52
N PHE D 46 7.70 -55.62 -65.69
CA PHE D 46 7.31 -56.40 -66.85
C PHE D 46 7.57 -57.88 -66.57
N PRO D 47 6.61 -58.77 -66.88
CA PRO D 47 6.77 -60.17 -66.49
C PRO D 47 7.96 -60.83 -67.15
N GLY D 48 8.54 -61.80 -66.45
CA GLY D 48 9.78 -62.38 -66.89
C GLY D 48 9.57 -63.45 -67.92
N ILE D 49 10.66 -63.90 -68.52
CA ILE D 49 10.60 -64.93 -69.56
C ILE D 49 11.17 -66.22 -69.01
N THR D 50 10.42 -67.30 -69.16
CA THR D 50 10.85 -68.63 -68.77
C THR D 50 10.96 -69.50 -70.02
N LYS D 51 11.99 -70.33 -70.06
CA LYS D 51 12.22 -71.15 -71.25
C LYS D 51 11.07 -72.10 -71.48
N ARG D 52 10.63 -72.19 -72.74
CA ARG D 52 9.55 -73.09 -73.14
C ARG D 52 10.02 -74.13 -74.14
N TYR D 53 10.64 -73.69 -75.23
CA TYR D 53 11.04 -74.59 -76.30
C TYR D 53 12.45 -74.26 -76.75
N ASP D 54 13.07 -75.23 -77.40
CA ASP D 54 14.36 -75.06 -78.05
C ASP D 54 14.11 -75.20 -79.55
N MET D 55 14.54 -74.20 -80.31
CA MET D 55 14.24 -74.11 -81.74
C MET D 55 15.52 -74.15 -82.55
N ASN D 56 15.39 -73.89 -83.86
CA ASN D 56 16.53 -73.93 -84.76
C ASN D 56 17.45 -72.74 -84.55
N GLY D 57 16.89 -71.54 -84.43
CA GLY D 57 17.70 -70.36 -84.30
C GLY D 57 16.86 -69.19 -83.82
N VAL D 58 17.42 -67.98 -83.95
CA VAL D 58 16.70 -66.79 -83.52
C VAL D 58 15.42 -66.64 -84.34
N SER D 59 14.41 -66.05 -83.71
CA SER D 59 13.10 -65.98 -84.36
C SER D 59 13.12 -64.99 -85.51
N ARG D 60 12.47 -65.37 -86.61
CA ARG D 60 12.33 -64.50 -87.77
C ARG D 60 10.88 -64.23 -88.12
N GLY D 61 9.93 -64.85 -87.45
CA GLY D 61 8.54 -64.51 -87.68
C GLY D 61 7.64 -65.26 -86.73
N VAL D 62 6.45 -64.69 -86.52
CA VAL D 62 5.41 -65.33 -85.73
C VAL D 62 4.05 -64.91 -86.30
N GLU D 63 3.09 -65.83 -86.21
CA GLU D 63 1.73 -65.51 -86.62
C GLU D 63 0.78 -66.46 -85.92
N TYR D 64 -0.49 -66.09 -85.88
CA TYR D 64 -1.53 -66.92 -85.30
C TYR D 64 -2.40 -67.45 -86.43
N ASN D 65 -2.09 -68.66 -86.90
CA ASN D 65 -2.91 -69.31 -87.91
C ASN D 65 -4.28 -69.60 -87.32
N THR D 66 -5.28 -68.83 -87.75
CA THR D 66 -6.63 -69.02 -87.27
C THR D 66 -7.32 -70.21 -87.92
N ALA D 67 -6.99 -70.50 -89.17
CA ALA D 67 -7.56 -71.68 -89.82
C ALA D 67 -7.12 -72.94 -89.09
N GLN D 68 -5.84 -73.04 -88.74
CA GLN D 68 -5.33 -74.17 -87.99
C GLN D 68 -5.45 -73.98 -86.48
N ASN D 69 -5.75 -72.77 -86.02
CA ASN D 69 -5.90 -72.48 -84.60
C ASN D 69 -4.63 -72.80 -83.82
N ALA D 70 -3.51 -72.27 -84.31
CA ALA D 70 -2.24 -72.52 -83.66
C ALA D 70 -1.25 -71.43 -84.07
N VAL D 71 -0.20 -71.27 -83.28
CA VAL D 71 0.81 -70.26 -83.53
C VAL D 71 1.91 -70.87 -84.38
N TYR D 72 2.22 -70.21 -85.50
CA TYR D 72 3.28 -70.63 -86.41
C TYR D 72 4.47 -69.71 -86.22
N ARG D 73 5.61 -70.28 -85.87
CA ARG D 73 6.83 -69.52 -85.60
C ARG D 73 7.92 -69.95 -86.56
N VAL D 74 8.52 -68.97 -87.24
CA VAL D 74 9.69 -69.19 -88.07
C VAL D 74 10.91 -68.75 -87.29
N CYS D 75 11.66 -69.73 -86.80
CA CYS D 75 12.84 -69.49 -85.98
C CYS D 75 14.03 -70.20 -86.63
N GLY D 76 15.06 -69.43 -86.97
CA GLY D 76 16.25 -70.02 -87.55
C GLY D 76 16.05 -70.34 -89.01
N GLY D 77 16.22 -71.61 -89.37
CA GLY D 77 16.07 -72.03 -90.75
C GLY D 77 14.94 -73.02 -90.93
N LYS D 78 13.90 -72.91 -90.12
CA LYS D 78 12.77 -73.83 -90.19
C LYS D 78 11.51 -73.12 -89.74
N LEU D 79 10.38 -73.66 -90.18
CA LEU D 79 9.06 -73.15 -89.80
C LEU D 79 8.43 -74.11 -88.80
N TYR D 80 7.94 -73.58 -87.70
CA TYR D 80 7.40 -74.37 -86.60
C TYR D 80 5.92 -74.11 -86.45
N LYS D 81 5.14 -75.17 -86.30
CA LYS D 81 3.76 -75.08 -85.86
C LYS D 81 3.71 -75.51 -84.41
N GLY D 82 3.39 -74.58 -83.52
CA GLY D 82 3.50 -74.86 -82.10
C GLY D 82 4.92 -75.24 -81.75
N GLU D 83 5.10 -76.46 -81.24
CA GLU D 83 6.41 -76.98 -80.93
C GLU D 83 6.94 -77.94 -81.98
N SER D 84 6.22 -78.10 -83.09
CA SER D 84 6.54 -79.11 -84.09
C SER D 84 7.05 -78.45 -85.37
N GLU D 85 7.86 -79.21 -86.11
CA GLU D 85 8.52 -78.72 -87.33
C GLU D 85 7.65 -79.07 -88.53
N VAL D 86 7.35 -78.09 -89.37
CA VAL D 86 6.45 -78.32 -90.49
C VAL D 86 7.01 -77.78 -91.79
N GLY D 87 8.32 -77.51 -91.83
CA GLY D 87 8.94 -77.08 -93.07
C GLY D 87 10.26 -76.42 -92.82
N ASP D 88 10.88 -75.99 -93.92
CA ASP D 88 12.15 -75.30 -93.91
C ASP D 88 12.00 -73.95 -94.60
N VAL D 89 12.59 -72.91 -94.02
CA VAL D 89 12.62 -71.59 -94.63
C VAL D 89 14.06 -71.13 -94.69
N ALA D 90 14.50 -70.69 -95.86
CA ALA D 90 15.87 -70.28 -96.08
C ALA D 90 15.99 -68.76 -96.11
N GLY D 91 16.88 -68.22 -95.28
CA GLY D 91 17.06 -66.79 -95.18
C GLY D 91 17.62 -66.39 -93.83
N SER D 92 17.77 -65.09 -93.56
CA SER D 92 18.32 -64.67 -92.28
C SER D 92 17.50 -63.58 -91.62
N GLY D 93 16.83 -62.75 -92.40
CA GLY D 93 16.12 -61.60 -91.88
C GLY D 93 14.70 -61.93 -91.46
N ARG D 94 13.98 -60.89 -91.07
CA ARG D 94 12.57 -61.04 -90.76
C ARG D 94 11.79 -61.40 -92.03
N VAL D 95 10.87 -62.34 -91.91
CA VAL D 95 10.06 -62.78 -93.03
C VAL D 95 8.63 -62.33 -92.80
N SER D 96 7.90 -62.13 -93.88
CA SER D 96 6.49 -61.80 -93.76
C SER D 96 5.69 -63.10 -93.70
N MET D 97 4.54 -63.06 -93.03
CA MET D 97 3.72 -64.26 -92.93
C MET D 97 2.25 -63.93 -93.14
N ALA D 98 1.53 -64.90 -93.69
CA ALA D 98 0.09 -64.85 -93.83
C ALA D 98 -0.41 -66.29 -93.85
N HIS D 99 -1.73 -66.47 -93.89
CA HIS D 99 -2.25 -67.82 -93.89
C HIS D 99 -3.64 -67.82 -94.49
N GLY D 100 -4.13 -69.02 -94.80
CA GLY D 100 -5.47 -69.17 -95.33
C GLY D 100 -6.04 -70.54 -95.04
N ARG D 101 -7.09 -70.91 -95.77
CA ARG D 101 -7.73 -72.20 -95.56
C ARG D 101 -6.82 -73.35 -95.92
N THR D 102 -5.94 -73.16 -96.91
CA THR D 102 -5.20 -74.26 -97.48
C THR D 102 -3.69 -74.18 -97.26
N SER D 103 -3.18 -73.06 -96.79
CA SER D 103 -1.74 -72.90 -96.73
C SER D 103 -1.35 -71.91 -95.64
N GLN D 104 -0.08 -71.96 -95.26
CA GLN D 104 0.57 -70.91 -94.50
C GLN D 104 1.68 -70.34 -95.36
N ALA D 105 1.57 -69.07 -95.73
CA ALA D 105 2.46 -68.46 -96.70
C ALA D 105 3.48 -67.59 -96.00
N VAL D 106 4.72 -67.65 -96.52
CA VAL D 106 5.84 -66.90 -95.99
C VAL D 106 6.46 -66.11 -97.14
N GLY D 107 6.57 -64.81 -96.97
CA GLY D 107 7.33 -63.99 -97.89
C GLY D 107 8.77 -63.91 -97.42
N VAL D 108 9.68 -64.55 -98.17
CA VAL D 108 11.07 -64.70 -97.76
C VAL D 108 11.93 -64.80 -99.01
N ASN D 109 13.06 -64.10 -98.99
CA ASN D 109 14.03 -64.12 -100.08
C ASN D 109 13.39 -63.77 -101.41
N GLY D 110 12.43 -62.85 -101.38
CA GLY D 110 11.75 -62.45 -102.60
C GLY D 110 10.82 -63.49 -103.17
N GLN D 111 10.34 -64.42 -102.34
CA GLN D 111 9.47 -65.49 -102.80
C GLN D 111 8.31 -65.68 -101.85
N LEU D 112 7.14 -65.95 -102.42
CA LEU D 112 5.94 -66.29 -101.66
C LEU D 112 5.88 -67.81 -101.60
N VAL D 113 6.39 -68.38 -100.52
CA VAL D 113 6.46 -69.82 -100.33
C VAL D 113 5.26 -70.24 -99.50
N GLU D 114 4.41 -71.10 -100.06
CA GLU D 114 3.20 -71.54 -99.40
C GLU D 114 3.40 -72.97 -98.92
N TYR D 115 3.33 -73.18 -97.61
CA TYR D 115 3.40 -74.51 -97.03
C TYR D 115 1.97 -74.96 -96.79
N ARG D 116 1.49 -75.92 -97.58
CA ARG D 116 0.12 -76.37 -97.44
C ARG D 116 0.03 -77.41 -96.34
N TYR D 117 -1.15 -77.46 -95.70
CA TYR D 117 -1.35 -78.31 -94.53
C TYR D 117 -1.33 -79.79 -94.87
N ASP D 118 -1.38 -80.15 -96.14
CA ASP D 118 -1.23 -81.55 -96.55
C ASP D 118 0.22 -81.96 -96.71
N GLY D 119 1.15 -81.02 -96.69
CA GLY D 119 2.57 -81.33 -96.71
C GLY D 119 3.33 -80.93 -97.96
N THR D 120 2.71 -80.19 -98.87
CA THR D 120 3.36 -79.79 -100.10
C THR D 120 3.75 -78.31 -100.03
N VAL D 121 4.94 -78.01 -100.52
CA VAL D 121 5.47 -76.65 -100.54
C VAL D 121 5.39 -76.14 -101.97
N LYS D 122 4.62 -75.08 -102.18
CA LYS D 122 4.50 -74.46 -103.50
C LYS D 122 5.07 -73.06 -103.43
N THR D 123 5.22 -72.44 -104.59
CA THR D 123 5.74 -71.09 -104.70
C THR D 123 4.88 -70.30 -105.67
N VAL D 124 4.56 -69.06 -105.31
CA VAL D 124 3.79 -68.23 -106.22
C VAL D 124 4.65 -67.84 -107.41
N SER D 125 4.13 -68.07 -108.61
CA SER D 125 4.86 -67.79 -109.85
C SER D 125 3.84 -67.64 -110.97
N ASN D 126 4.34 -67.18 -112.12
CA ASN D 126 3.47 -66.92 -113.25
C ASN D 126 2.77 -68.20 -113.71
N TRP D 127 1.62 -68.04 -114.35
CA TRP D 127 0.91 -69.16 -114.92
C TRP D 127 1.77 -69.83 -116.00
N PRO D 128 1.73 -71.16 -116.09
CA PRO D 128 2.48 -71.83 -117.15
C PRO D 128 2.00 -71.37 -118.51
N ALA D 129 2.96 -71.20 -119.43
CA ALA D 129 2.66 -70.55 -120.71
C ALA D 129 1.66 -71.31 -121.54
N ASP D 130 1.44 -72.60 -121.25
CA ASP D 130 0.55 -73.42 -122.06
C ASP D 130 -0.87 -72.85 -122.05
N SER D 131 -1.37 -72.49 -120.87
CA SER D 131 -2.69 -71.89 -120.76
C SER D 131 -2.68 -70.46 -121.30
N GLY D 132 -3.86 -69.98 -121.68
CA GLY D 132 -3.96 -68.68 -122.33
C GLY D 132 -3.99 -67.51 -121.38
N PHE D 133 -3.74 -67.78 -120.09
CA PHE D 133 -3.86 -66.77 -119.05
C PHE D 133 -2.74 -65.75 -119.15
N THR D 134 -2.96 -64.61 -118.52
CA THR D 134 -2.03 -63.49 -118.59
C THR D 134 -0.72 -63.84 -117.91
N GLN D 135 0.37 -63.27 -118.43
CA GLN D 135 1.68 -63.40 -117.83
C GLN D 135 2.10 -62.04 -117.30
N TYR D 136 2.40 -61.97 -116.01
CA TYR D 136 2.80 -60.74 -115.34
C TYR D 136 4.29 -60.76 -115.01
N GLU D 137 4.79 -59.58 -114.63
CA GLU D 137 6.19 -59.41 -114.24
C GLU D 137 6.30 -59.54 -112.72
N LEU D 138 6.05 -60.76 -112.24
CA LEU D 138 6.10 -61.06 -110.82
C LEU D 138 7.56 -61.01 -110.37
N GLY D 139 8.00 -59.86 -109.91
CA GLY D 139 9.39 -59.71 -109.50
C GLY D 139 9.62 -60.25 -108.11
N SER D 140 10.45 -59.56 -107.33
CA SER D 140 10.67 -59.96 -105.95
C SER D 140 9.42 -59.66 -105.13
N VAL D 141 9.34 -60.29 -103.96
CA VAL D 141 8.20 -60.16 -103.07
C VAL D 141 8.66 -59.49 -101.79
N ARG D 142 8.03 -58.37 -101.43
CA ARG D 142 8.40 -57.60 -100.25
C ARG D 142 7.46 -57.87 -99.07
N ASP D 143 6.17 -57.62 -99.26
CA ASP D 143 5.19 -57.78 -98.21
C ASP D 143 4.01 -58.58 -98.74
N ILE D 144 3.50 -59.49 -97.91
CA ILE D 144 2.40 -60.37 -98.28
C ILE D 144 1.30 -60.24 -97.24
N THR D 145 0.10 -60.67 -97.62
CA THR D 145 -1.07 -60.60 -96.76
C THR D 145 -2.15 -61.46 -97.37
N ARG D 146 -3.23 -61.64 -96.62
CA ARG D 146 -4.36 -62.45 -97.06
C ARG D 146 -5.63 -61.61 -97.01
N LEU D 147 -6.48 -61.76 -98.01
CA LEU D 147 -7.80 -61.13 -97.99
C LEU D 147 -8.74 -61.93 -98.87
N ARG D 148 -9.86 -62.36 -98.30
CA ARG D 148 -10.90 -63.09 -99.04
C ARG D 148 -10.36 -64.35 -99.69
N GLY D 149 -9.36 -64.98 -99.08
CA GLY D 149 -8.78 -66.16 -99.66
C GLY D 149 -7.80 -65.90 -100.78
N ARG D 150 -7.40 -64.66 -101.00
CA ARG D 150 -6.41 -64.30 -102.00
C ARG D 150 -5.17 -63.77 -101.30
N TYR D 151 -4.01 -64.23 -101.73
CA TYR D 151 -2.75 -63.70 -101.23
C TYR D 151 -2.40 -62.45 -102.02
N ALA D 152 -2.18 -61.35 -101.32
CA ALA D 152 -1.79 -60.09 -101.94
C ALA D 152 -0.38 -59.78 -101.52
N TRP D 153 0.51 -59.57 -102.49
CA TRP D 153 1.89 -59.24 -102.20
C TRP D 153 2.32 -58.08 -103.06
N SER D 154 3.46 -57.48 -102.70
CA SER D 154 3.96 -56.29 -103.38
C SER D 154 5.22 -56.60 -104.17
N LYS D 155 5.58 -55.69 -105.08
CA LYS D 155 6.80 -55.82 -105.87
C LYS D 155 7.79 -54.74 -105.46
N ASP D 156 9.05 -55.15 -105.25
CA ASP D 156 10.05 -54.31 -104.61
C ASP D 156 10.35 -53.02 -105.37
N GLY D 157 9.99 -51.89 -104.78
CA GLY D 157 10.35 -50.59 -105.32
C GLY D 157 9.80 -50.31 -106.70
N THR D 158 8.53 -50.64 -106.90
CA THR D 158 7.90 -50.44 -108.21
C THR D 158 6.53 -49.79 -108.13
N ASP D 159 5.86 -49.82 -106.98
CA ASP D 159 4.50 -49.32 -106.71
C ASP D 159 3.44 -50.30 -107.17
N SER D 160 3.81 -51.48 -107.65
CA SER D 160 2.85 -52.44 -108.16
C SER D 160 2.69 -53.61 -107.19
N TRP D 161 1.51 -54.19 -107.18
CA TRP D 161 1.26 -55.31 -106.29
C TRP D 161 0.26 -56.25 -106.94
N PHE D 162 0.36 -57.53 -106.59
CA PHE D 162 -0.37 -58.59 -107.27
C PHE D 162 -1.14 -59.44 -106.28
N ILE D 163 -2.29 -59.93 -106.72
CA ILE D 163 -3.10 -60.86 -105.95
C ILE D 163 -3.12 -62.20 -106.67
N THR D 164 -3.25 -63.27 -105.90
CA THR D 164 -3.30 -64.61 -106.45
C THR D 164 -4.70 -64.94 -106.93
N ASP D 165 -4.78 -66.00 -107.73
CA ASP D 165 -6.06 -66.46 -108.27
C ASP D 165 -6.93 -67.04 -107.15
N LEU D 166 -8.24 -66.94 -107.34
CA LEU D 166 -9.18 -67.39 -106.32
C LEU D 166 -9.11 -68.90 -106.10
N GLU D 167 -9.01 -69.67 -107.19
CA GLU D 167 -9.06 -71.13 -107.08
C GLU D 167 -7.68 -71.76 -106.97
N ASP D 168 -6.68 -71.28 -107.71
CA ASP D 168 -5.31 -71.78 -107.59
C ASP D 168 -4.47 -70.65 -107.01
N GLU D 169 -4.22 -70.73 -105.70
CA GLU D 169 -3.48 -69.67 -105.02
C GLU D 169 -2.01 -69.65 -105.38
N SER D 170 -1.49 -70.68 -106.05
CA SER D 170 -0.08 -70.70 -106.40
C SER D 170 0.25 -69.87 -107.63
N HIS D 171 -0.76 -69.32 -108.29
CA HIS D 171 -0.58 -68.47 -109.45
C HIS D 171 -1.39 -67.20 -109.26
N PRO D 172 -0.94 -66.08 -109.85
CA PRO D 172 -1.73 -64.85 -109.78
C PRO D 172 -3.07 -65.03 -110.47
N ASP D 173 -3.92 -64.01 -110.35
CA ASP D 173 -5.23 -64.07 -110.98
C ASP D 173 -5.08 -64.17 -112.49
N ARG D 174 -5.96 -64.96 -113.10
CA ARG D 174 -5.80 -65.28 -114.51
C ARG D 174 -5.84 -64.04 -115.39
N TYR D 175 -6.79 -63.15 -115.13
CA TYR D 175 -7.06 -62.03 -116.03
C TYR D 175 -6.68 -60.67 -115.45
N SER D 176 -7.00 -60.39 -114.20
CA SER D 176 -6.63 -59.14 -113.56
C SER D 176 -6.04 -59.46 -112.19
N ALA D 177 -4.72 -59.37 -112.08
CA ALA D 177 -4.02 -59.61 -110.83
C ALA D 177 -3.12 -58.47 -110.40
N GLN D 178 -2.81 -57.53 -111.29
CA GLN D 178 -1.88 -56.45 -111.00
C GLN D 178 -2.62 -55.15 -110.74
N TYR D 179 -2.19 -54.42 -109.72
CA TYR D 179 -2.72 -53.10 -109.41
C TYR D 179 -1.59 -52.22 -108.95
N ARG D 180 -1.84 -50.91 -108.91
CA ARG D 180 -0.84 -49.94 -108.52
C ARG D 180 -1.44 -48.94 -107.56
N ALA D 181 -0.64 -48.52 -106.58
CA ALA D 181 -1.08 -47.43 -105.71
C ALA D 181 -1.26 -46.15 -106.50
N GLU D 182 -0.24 -45.75 -107.25
CA GLU D 182 -0.38 -44.87 -108.41
C GLU D 182 -0.69 -43.43 -108.04
N SER D 183 -1.03 -43.17 -106.79
CA SER D 183 -1.19 -41.79 -106.33
C SER D 183 0.09 -41.27 -105.68
N GLN D 184 1.24 -41.60 -106.27
CA GLN D 184 2.52 -41.23 -105.63
C GLN D 184 3.68 -41.56 -106.57
N PRO D 185 4.73 -40.72 -106.67
CA PRO D 185 5.90 -41.07 -107.49
C PRO D 185 6.41 -42.47 -107.22
N ASP D 186 6.36 -42.88 -105.96
CA ASP D 186 6.84 -44.22 -105.60
C ASP D 186 6.45 -44.59 -104.19
N GLY D 187 6.75 -45.84 -103.81
CA GLY D 187 6.49 -46.28 -102.47
C GLY D 187 5.47 -47.41 -102.36
N ILE D 188 5.95 -48.62 -102.13
CA ILE D 188 5.06 -49.73 -101.82
C ILE D 188 5.56 -50.48 -100.59
N ILE D 189 6.25 -49.76 -99.70
CA ILE D 189 7.07 -50.31 -98.62
C ILE D 189 6.44 -51.50 -97.91
N GLY D 190 5.16 -51.44 -97.61
CA GLY D 190 4.50 -52.54 -96.92
C GLY D 190 3.08 -52.73 -97.37
N ILE D 191 2.55 -53.91 -97.08
CA ILE D 191 1.16 -54.23 -97.38
C ILE D 191 0.51 -54.87 -96.16
N GLY D 192 -0.80 -54.67 -96.04
CA GLY D 192 -1.59 -55.27 -94.98
C GLY D 192 -3.05 -55.19 -95.35
N THR D 193 -3.90 -55.59 -94.40
CA THR D 193 -5.35 -55.54 -94.59
C THR D 193 -5.99 -54.92 -93.36
N TRP D 194 -6.78 -53.86 -93.55
CA TRP D 194 -7.38 -53.22 -92.38
C TRP D 194 -8.65 -53.91 -91.94
N ARG D 195 -9.74 -53.76 -92.70
CA ARG D 195 -10.97 -54.47 -92.42
C ARG D 195 -11.41 -55.34 -93.59
N ASP D 196 -11.72 -54.72 -94.72
CA ASP D 196 -11.88 -55.38 -96.00
C ASP D 196 -11.05 -54.67 -97.04
N PHE D 197 -10.26 -53.69 -96.63
CA PHE D 197 -9.44 -52.89 -97.52
C PHE D 197 -8.01 -53.41 -97.49
N ILE D 198 -7.44 -53.60 -98.66
CA ILE D 198 -6.00 -53.79 -98.76
C ILE D 198 -5.33 -52.44 -98.56
N VAL D 199 -4.47 -52.37 -97.55
CA VAL D 199 -3.74 -51.15 -97.23
C VAL D 199 -2.33 -51.30 -97.76
N CYS D 200 -1.90 -50.34 -98.58
CA CYS D 200 -0.55 -50.28 -99.09
C CYS D 200 0.13 -49.06 -98.52
N PHE D 201 1.15 -49.27 -97.70
CA PHE D 201 1.90 -48.18 -97.06
C PHE D 201 3.15 -47.96 -97.89
N GLY D 202 3.17 -46.87 -98.64
CA GLY D 202 4.38 -46.44 -99.32
C GLY D 202 5.13 -45.46 -98.46
N SER D 203 6.06 -44.76 -99.08
CA SER D 203 6.63 -43.56 -98.49
C SER D 203 5.85 -42.37 -99.02
N SER D 204 5.35 -41.54 -98.12
CA SER D 204 4.55 -40.34 -98.36
C SER D 204 3.09 -40.63 -98.64
N THR D 205 2.69 -41.91 -98.67
CA THR D 205 1.24 -42.16 -98.84
C THR D 205 0.80 -43.54 -98.36
N ILE D 206 -0.42 -43.63 -97.88
CA ILE D 206 -1.04 -44.90 -97.51
C ILE D 206 -2.35 -44.99 -98.27
N GLU D 207 -2.53 -46.08 -99.02
CA GLU D 207 -3.69 -46.22 -99.89
C GLU D 207 -4.54 -47.40 -99.47
N TYR D 208 -5.84 -47.29 -99.73
CA TYR D 208 -6.83 -48.30 -99.38
C TYR D 208 -7.53 -48.79 -100.64
N PHE D 209 -7.62 -50.09 -100.80
CA PHE D 209 -8.25 -50.71 -101.96
C PHE D 209 -9.38 -51.62 -101.53
N SER D 210 -10.50 -51.56 -102.25
CA SER D 210 -11.69 -52.31 -101.90
C SER D 210 -12.20 -53.09 -103.10
N LEU D 211 -12.87 -54.20 -102.82
CA LEU D 211 -13.42 -55.03 -103.88
C LEU D 211 -14.50 -54.30 -104.67
N THR D 212 -14.43 -54.41 -105.99
CA THR D 212 -15.52 -53.91 -106.83
C THR D 212 -16.63 -54.94 -106.97
N GLY D 213 -16.31 -56.23 -106.90
CA GLY D 213 -17.29 -57.26 -107.14
C GLY D 213 -17.60 -57.49 -108.60
N ALA D 214 -16.81 -56.94 -109.50
CA ALA D 214 -17.05 -57.12 -110.92
C ALA D 214 -16.88 -58.59 -111.32
N THR D 215 -17.56 -58.98 -112.38
CA THR D 215 -17.62 -60.37 -112.80
C THR D 215 -16.98 -60.64 -114.14
N THR D 216 -17.09 -59.73 -115.10
CA THR D 216 -16.55 -59.97 -116.42
C THR D 216 -15.04 -60.12 -116.37
N ALA D 217 -14.50 -61.00 -117.22
CA ALA D 217 -13.08 -61.26 -117.22
C ALA D 217 -12.30 -59.99 -117.56
N GLY D 218 -11.15 -59.82 -116.92
CA GLY D 218 -10.31 -58.67 -117.16
C GLY D 218 -10.69 -57.42 -116.42
N ALA D 219 -11.87 -57.39 -115.79
CA ALA D 219 -12.27 -56.22 -115.03
C ALA D 219 -11.48 -56.14 -113.73
N ALA D 220 -11.09 -54.92 -113.37
CA ALA D 220 -10.35 -54.71 -112.13
C ALA D 220 -11.20 -55.09 -110.94
N LEU D 221 -10.63 -55.89 -110.04
CA LEU D 221 -11.34 -56.30 -108.84
C LEU D 221 -11.26 -55.27 -107.72
N TYR D 222 -10.13 -54.57 -107.59
CA TYR D 222 -9.90 -53.63 -106.52
C TYR D 222 -9.85 -52.21 -107.07
N VAL D 223 -10.43 -51.27 -106.33
CA VAL D 223 -10.42 -49.86 -106.70
C VAL D 223 -9.96 -49.06 -105.50
N ALA D 224 -9.15 -48.03 -105.74
CA ALA D 224 -8.65 -47.18 -104.67
C ALA D 224 -9.79 -46.42 -104.02
N GLN D 225 -9.66 -46.21 -102.71
CA GLN D 225 -10.62 -45.41 -101.96
C GLN D 225 -10.00 -44.05 -101.66
N PRO D 226 -10.45 -42.98 -102.30
CA PRO D 226 -9.76 -41.69 -102.15
C PRO D 226 -10.07 -40.99 -100.85
N SER D 227 -11.15 -41.35 -100.18
CA SER D 227 -11.53 -40.67 -98.95
C SER D 227 -10.78 -41.18 -97.73
N LEU D 228 -10.11 -42.32 -97.83
CA LEU D 228 -9.43 -42.93 -96.69
C LEU D 228 -7.91 -42.85 -96.80
N MET D 229 -7.38 -42.01 -97.67
CA MET D 229 -5.95 -41.98 -97.91
C MET D 229 -5.25 -41.09 -96.90
N VAL D 230 -4.11 -41.56 -96.40
CA VAL D 230 -3.29 -40.86 -95.43
C VAL D 230 -2.04 -40.35 -96.14
N GLN D 231 -1.73 -39.08 -95.97
CA GLN D 231 -0.54 -38.50 -96.61
C GLN D 231 0.72 -38.71 -95.77
N LYS D 232 0.96 -39.92 -95.31
CA LYS D 232 2.14 -40.23 -94.53
C LYS D 232 2.64 -41.62 -94.89
N GLY D 233 3.96 -41.78 -94.95
CA GLY D 233 4.57 -43.04 -95.29
C GLY D 233 4.99 -43.82 -94.07
N ILE D 234 5.74 -44.89 -94.32
CA ILE D 234 6.36 -45.67 -93.26
C ILE D 234 7.84 -45.83 -93.59
N ALA D 235 8.64 -46.13 -92.57
CA ALA D 235 10.08 -46.14 -92.74
C ALA D 235 10.59 -47.48 -93.26
N GLY D 236 10.13 -48.58 -92.68
CA GLY D 236 10.56 -49.90 -93.10
C GLY D 236 9.36 -50.77 -93.41
N THR D 237 9.64 -51.98 -93.90
CA THR D 237 8.55 -52.89 -94.22
C THR D 237 7.92 -53.49 -92.98
N TYR D 238 8.61 -53.47 -91.84
CA TYR D 238 8.08 -53.98 -90.58
C TYR D 238 7.82 -52.86 -89.57
N CYS D 239 7.72 -51.63 -90.04
CA CYS D 239 7.46 -50.49 -89.18
C CYS D 239 5.98 -50.15 -89.11
N LYS D 240 5.14 -51.19 -89.18
CA LYS D 240 3.68 -51.07 -89.13
C LYS D 240 3.12 -52.26 -88.39
N THR D 241 1.97 -52.06 -87.75
CA THR D 241 1.24 -53.16 -87.11
C THR D 241 -0.17 -52.72 -86.73
N PRO D 242 -1.17 -53.59 -86.85
CA PRO D 242 -2.52 -53.20 -86.41
C PRO D 242 -2.58 -53.10 -84.90
N PHE D 243 -2.83 -51.90 -84.39
CA PHE D 243 -2.69 -51.69 -82.96
C PHE D 243 -4.00 -51.90 -82.20
N ALA D 244 -4.99 -51.04 -82.42
CA ALA D 244 -6.27 -51.18 -81.72
C ALA D 244 -7.42 -51.45 -82.67
N ASP D 245 -7.68 -50.54 -83.60
CA ASP D 245 -8.67 -50.74 -84.65
C ASP D 245 -8.18 -50.16 -85.96
N SER D 246 -6.98 -49.61 -85.99
CA SER D 246 -6.35 -49.11 -87.20
C SER D 246 -4.89 -49.52 -87.11
N TYR D 247 -4.06 -48.91 -87.94
CA TYR D 247 -2.65 -49.27 -87.98
C TYR D 247 -1.82 -48.27 -87.22
N ALA D 248 -0.79 -48.76 -86.54
CA ALA D 248 0.25 -47.95 -85.93
C ALA D 248 1.51 -48.10 -86.76
N PHE D 249 2.21 -47.00 -86.99
CA PHE D 249 3.37 -47.08 -87.85
C PHE D 249 4.40 -46.03 -87.47
N ILE D 250 5.60 -46.19 -88.02
CA ILE D 250 6.67 -45.20 -87.89
C ILE D 250 6.82 -44.50 -89.23
N SER D 251 6.74 -43.18 -89.23
CA SER D 251 6.78 -42.42 -90.47
C SER D 251 8.15 -42.57 -91.15
N HIS D 252 8.22 -42.09 -92.40
CA HIS D 252 9.36 -42.10 -93.31
C HIS D 252 10.05 -40.75 -93.33
N PRO D 253 11.35 -40.71 -93.63
CA PRO D 253 12.03 -39.43 -93.78
C PRO D 253 11.50 -38.55 -94.89
N ALA D 254 10.74 -39.11 -95.83
CA ALA D 254 10.23 -38.32 -96.94
C ALA D 254 9.30 -37.21 -96.48
N THR D 255 8.65 -37.38 -95.33
CA THR D 255 7.67 -36.41 -94.85
C THR D 255 8.10 -35.82 -93.52
N GLY D 256 9.35 -35.41 -93.41
CA GLY D 256 9.86 -34.87 -92.17
C GLY D 256 10.52 -35.93 -91.31
N ALA D 257 10.95 -35.50 -90.14
CA ALA D 257 11.59 -36.43 -89.21
C ALA D 257 10.60 -37.52 -88.80
N PRO D 258 11.05 -38.75 -88.61
CA PRO D 258 10.12 -39.83 -88.29
C PRO D 258 9.51 -39.68 -86.91
N SER D 259 8.31 -40.24 -86.76
CA SER D 259 7.62 -40.31 -85.48
C SER D 259 6.59 -41.41 -85.56
N VAL D 260 6.06 -41.79 -84.42
CA VAL D 260 5.08 -42.88 -84.34
C VAL D 260 3.69 -42.28 -84.48
N TYR D 261 2.87 -42.88 -85.36
CA TYR D 261 1.55 -42.37 -85.67
C TYR D 261 0.51 -43.47 -85.60
N ILE D 262 -0.73 -43.06 -85.33
CA ILE D 262 -1.91 -43.93 -85.39
C ILE D 262 -2.79 -43.43 -86.50
N ILE D 263 -3.26 -44.34 -87.36
CA ILE D 263 -4.14 -43.95 -88.45
C ILE D 263 -5.53 -43.64 -87.91
N GLY D 264 -6.05 -42.46 -88.27
CA GLY D 264 -7.39 -42.08 -87.86
C GLY D 264 -8.39 -42.35 -88.95
N SER D 265 -8.87 -41.30 -89.60
CA SER D 265 -9.77 -41.41 -90.76
C SER D 265 -9.24 -40.45 -91.81
N GLY D 266 -8.32 -40.91 -92.64
CA GLY D 266 -7.65 -40.04 -93.57
C GLY D 266 -6.55 -39.19 -92.97
N GLN D 267 -6.23 -39.40 -91.69
CA GLN D 267 -5.21 -38.61 -91.03
C GLN D 267 -4.51 -39.49 -90.00
N ALA D 268 -3.30 -39.09 -89.64
CA ALA D 268 -2.50 -39.78 -88.65
C ALA D 268 -2.28 -38.87 -87.45
N SER D 269 -2.45 -39.41 -86.24
CA SER D 269 -2.31 -38.66 -85.02
C SER D 269 -1.04 -39.07 -84.31
N PRO D 270 -0.08 -38.17 -84.09
CA PRO D 270 1.20 -38.57 -83.51
C PRO D 270 1.04 -39.10 -82.10
N ILE D 271 1.89 -40.07 -81.75
CA ILE D 271 1.82 -40.74 -80.46
C ILE D 271 3.14 -40.55 -79.73
N ALA D 272 4.23 -40.38 -80.47
CA ALA D 272 5.53 -40.17 -79.84
C ALA D 272 5.61 -38.77 -79.24
N THR D 273 6.47 -38.63 -78.24
CA THR D 273 6.78 -37.35 -77.64
C THR D 273 8.10 -36.83 -78.19
N ALA D 274 8.53 -35.68 -77.67
CA ALA D 274 9.80 -35.11 -78.13
C ALA D 274 10.96 -36.03 -77.82
N SER D 275 10.95 -36.64 -76.64
CA SER D 275 12.03 -37.56 -76.27
C SER D 275 12.06 -38.78 -77.17
N ILE D 276 10.90 -39.35 -77.46
CA ILE D 276 10.84 -40.51 -78.35
C ILE D 276 11.32 -40.13 -79.74
N GLU D 277 10.94 -38.94 -80.21
CA GLU D 277 11.39 -38.51 -81.54
C GLU D 277 12.90 -38.32 -81.58
N LYS D 278 13.48 -37.77 -80.51
CA LYS D 278 14.94 -37.68 -80.46
C LYS D 278 15.58 -39.06 -80.50
N ILE D 279 15.01 -40.01 -79.77
CA ILE D 279 15.51 -41.39 -79.81
C ILE D 279 15.43 -41.93 -81.24
N ILE D 280 14.34 -41.64 -81.94
CA ILE D 280 14.15 -42.16 -83.29
C ILE D 280 15.18 -41.58 -84.24
N ARG D 281 15.41 -40.27 -84.18
CA ARG D 281 16.43 -39.71 -85.07
C ARG D 281 17.85 -40.01 -84.61
N SER D 282 18.04 -40.59 -83.43
CA SER D 282 19.37 -41.06 -83.07
C SER D 282 19.87 -42.12 -84.04
N TYR D 283 18.98 -42.79 -84.77
CA TYR D 283 19.34 -43.79 -85.76
C TYR D 283 19.37 -43.17 -87.16
N THR D 284 20.00 -43.89 -88.08
CA THR D 284 20.09 -43.47 -89.48
C THR D 284 18.81 -43.87 -90.20
N ALA D 285 18.77 -43.69 -91.52
CA ALA D 285 17.66 -44.22 -92.30
C ALA D 285 17.63 -45.73 -92.22
N GLU D 286 18.77 -46.37 -92.45
CA GLU D 286 18.95 -47.73 -91.98
C GLU D 286 19.07 -47.73 -90.47
N GLU D 287 18.91 -48.91 -89.87
CA GLU D 287 18.82 -49.09 -88.42
C GLU D 287 17.48 -48.56 -87.93
N MET D 288 16.75 -47.89 -88.82
CA MET D 288 15.35 -47.56 -88.62
C MET D 288 14.45 -48.28 -89.60
N ALA D 289 14.95 -48.52 -90.81
CA ALA D 289 14.26 -49.40 -91.74
C ALA D 289 14.14 -50.82 -91.19
N THR D 290 14.99 -51.20 -90.25
CA THR D 290 14.97 -52.54 -89.66
C THR D 290 14.20 -52.62 -88.35
N GLY D 291 13.60 -51.53 -87.90
CA GLY D 291 12.80 -51.58 -86.69
C GLY D 291 11.58 -52.47 -86.90
N VAL D 292 11.21 -53.18 -85.84
CA VAL D 292 10.11 -54.14 -85.88
C VAL D 292 9.07 -53.72 -84.86
N MET D 293 7.86 -53.47 -85.31
CA MET D 293 6.77 -53.08 -84.43
C MET D 293 5.80 -54.24 -84.26
N GLU D 294 5.30 -54.41 -83.04
CA GLU D 294 4.31 -55.44 -82.75
C GLU D 294 3.42 -54.93 -81.63
N THR D 295 2.47 -55.77 -81.21
CA THR D 295 1.50 -55.39 -80.21
C THR D 295 1.35 -56.49 -79.17
N LEU D 296 0.96 -56.07 -77.97
CA LEU D 296 0.70 -56.97 -76.87
C LEU D 296 -0.59 -56.54 -76.19
N ARG D 297 -1.32 -57.52 -75.66
CA ARG D 297 -2.61 -57.27 -75.04
C ARG D 297 -2.72 -58.18 -73.85
N PHE D 298 -2.62 -57.62 -72.64
CA PHE D 298 -2.81 -58.44 -71.46
C PHE D 298 -3.03 -57.57 -70.24
N ASP D 299 -4.00 -57.96 -69.42
CA ASP D 299 -4.28 -57.30 -68.14
C ASP D 299 -4.86 -55.90 -68.37
N SER D 300 -5.67 -55.77 -69.40
CA SER D 300 -6.16 -54.50 -69.93
C SER D 300 -5.03 -53.62 -70.46
N HIS D 301 -3.81 -54.13 -70.44
CA HIS D 301 -2.66 -53.41 -70.98
C HIS D 301 -2.66 -53.54 -72.50
N GLU D 302 -2.55 -52.41 -73.18
CA GLU D 302 -2.55 -52.29 -74.63
C GLU D 302 -1.18 -51.79 -75.05
N LEU D 303 -0.22 -52.69 -75.20
CA LEU D 303 1.15 -52.30 -75.47
C LEU D 303 1.41 -52.30 -76.97
N LEU D 304 2.10 -51.27 -77.43
CA LEU D 304 2.66 -51.22 -78.78
C LEU D 304 4.17 -51.18 -78.62
N ILE D 305 4.84 -52.24 -79.07
CA ILE D 305 6.27 -52.44 -78.83
C ILE D 305 7.02 -52.17 -80.11
N ILE D 306 8.14 -51.46 -80.01
CA ILE D 306 9.00 -51.13 -81.13
C ILE D 306 10.41 -51.59 -80.79
N HIS D 307 10.95 -52.49 -81.59
CA HIS D 307 12.33 -52.95 -81.45
C HIS D 307 13.20 -52.24 -82.46
N LEU D 308 14.32 -51.71 -82.00
CA LEU D 308 15.32 -51.06 -82.82
C LEU D 308 16.66 -51.62 -82.39
N PRO D 309 17.74 -51.32 -83.11
CA PRO D 309 19.04 -51.91 -82.74
C PRO D 309 19.48 -51.61 -81.33
N ARG D 310 19.13 -50.47 -80.76
CA ARG D 310 19.59 -50.09 -79.43
C ARG D 310 18.47 -49.81 -78.43
N HIS D 311 17.22 -49.94 -78.82
CA HIS D 311 16.12 -49.61 -77.94
C HIS D 311 14.97 -50.58 -78.15
N VAL D 312 14.17 -50.74 -77.12
CA VAL D 312 12.86 -51.38 -77.22
C VAL D 312 11.91 -50.48 -76.46
N LEU D 313 11.01 -49.82 -77.17
CA LEU D 313 10.11 -48.83 -76.61
C LEU D 313 8.70 -49.38 -76.58
N VAL D 314 8.02 -49.23 -75.45
CA VAL D 314 6.66 -49.72 -75.29
C VAL D 314 5.75 -48.55 -74.99
N TYR D 315 4.72 -48.37 -75.81
CA TYR D 315 3.71 -47.36 -75.59
C TYR D 315 2.45 -48.06 -75.09
N ASP D 316 2.02 -47.72 -73.88
CA ASP D 316 0.83 -48.30 -73.28
C ASP D 316 -0.33 -47.35 -73.53
N ALA D 317 -1.31 -47.79 -74.31
CA ALA D 317 -2.43 -46.93 -74.66
C ALA D 317 -3.55 -46.96 -73.63
N SER D 318 -3.50 -47.87 -72.67
CA SER D 318 -4.50 -47.90 -71.61
C SER D 318 -4.12 -47.05 -70.41
N SER D 319 -2.91 -46.51 -70.39
CA SER D 319 -2.42 -45.69 -69.30
C SER D 319 -1.86 -44.38 -69.83
N SER D 320 -2.58 -43.72 -70.73
CA SER D 320 -2.13 -42.49 -71.36
C SER D 320 -3.14 -41.37 -71.17
N GLN D 321 -3.67 -41.23 -69.96
CA GLN D 321 -4.60 -40.14 -69.68
C GLN D 321 -3.89 -38.81 -69.47
N ASN D 322 -2.57 -38.82 -69.27
CA ASN D 322 -1.78 -37.61 -69.08
C ASN D 322 -0.70 -37.50 -70.15
N GLY D 323 -1.06 -37.81 -71.39
CA GLY D 323 -0.09 -37.84 -72.46
C GLY D 323 0.43 -39.24 -72.68
N PRO D 324 1.26 -39.41 -73.71
CA PRO D 324 1.77 -40.74 -74.03
C PRO D 324 2.58 -41.32 -72.88
N GLN D 325 2.46 -42.63 -72.69
CA GLN D 325 3.14 -43.33 -71.60
C GLN D 325 4.12 -44.31 -72.21
N TRP D 326 5.34 -43.83 -72.47
CA TRP D 326 6.38 -44.66 -73.05
C TRP D 326 7.27 -45.22 -71.95
N CYS D 327 7.71 -46.44 -72.12
CA CYS D 327 8.68 -47.06 -71.22
C CYS D 327 9.69 -47.81 -72.07
N VAL D 328 10.77 -48.24 -71.43
CA VAL D 328 11.90 -48.87 -72.11
C VAL D 328 12.10 -50.26 -71.54
N LEU D 329 12.29 -51.24 -72.42
CA LEU D 329 12.60 -52.60 -72.02
C LEU D 329 14.05 -52.91 -72.36
N LYS D 330 14.70 -53.69 -71.51
CA LYS D 330 16.12 -54.00 -71.72
C LYS D 330 16.46 -55.28 -70.99
N THR D 331 17.61 -55.84 -71.35
CA THR D 331 18.12 -57.07 -70.75
C THR D 331 19.44 -56.77 -70.05
N GLY D 332 19.72 -57.51 -68.98
CA GLY D 332 20.95 -57.30 -68.26
C GLY D 332 20.89 -56.03 -67.45
N LEU D 333 22.07 -55.55 -67.06
CA LEU D 333 22.18 -54.38 -66.20
C LEU D 333 22.81 -53.18 -66.88
N TYR D 334 23.26 -53.31 -68.12
CA TYR D 334 24.07 -52.29 -68.78
C TYR D 334 23.51 -51.99 -70.16
N ASP D 335 22.22 -51.71 -70.22
CA ASP D 335 21.46 -51.22 -71.38
C ASP D 335 21.47 -52.19 -72.56
N ASP D 336 21.82 -53.46 -72.33
CA ASP D 336 21.68 -54.46 -73.37
C ASP D 336 20.22 -54.55 -73.80
N VAL D 337 20.01 -54.57 -75.12
CA VAL D 337 18.65 -54.48 -75.64
C VAL D 337 17.83 -55.71 -75.24
N TYR D 338 16.51 -55.55 -75.25
CA TYR D 338 15.61 -56.62 -74.85
C TYR D 338 15.76 -57.82 -75.76
N ARG D 339 15.71 -59.02 -75.19
CA ARG D 339 15.92 -60.22 -75.97
C ARG D 339 14.61 -60.86 -76.43
N GLY D 340 13.51 -60.64 -75.72
CA GLY D 340 12.24 -61.16 -76.18
C GLY D 340 11.77 -60.46 -77.43
N VAL D 341 11.07 -61.21 -78.29
CA VAL D 341 10.58 -60.69 -79.55
C VAL D 341 9.51 -61.63 -80.08
N ASP D 342 8.65 -61.13 -80.96
CA ASP D 342 7.60 -61.93 -81.59
C ASP D 342 6.68 -62.54 -80.53
N PHE D 343 5.99 -61.66 -79.81
CA PHE D 343 5.03 -62.08 -78.81
C PHE D 343 3.72 -62.51 -79.46
N MET D 344 3.18 -63.63 -78.98
CA MET D 344 1.87 -64.09 -79.42
C MET D 344 1.20 -64.79 -78.26
N TYR D 345 -0.08 -64.49 -78.04
CA TYR D 345 -0.83 -65.11 -76.97
C TYR D 345 -1.59 -66.32 -77.52
N GLU D 346 -1.44 -67.46 -76.85
CA GLU D 346 -2.17 -68.66 -77.21
C GLU D 346 -2.53 -69.43 -75.94
N GLY D 347 -3.66 -70.12 -76.01
CA GLY D 347 -4.16 -70.81 -74.83
C GLY D 347 -4.40 -69.84 -73.69
N ASN D 348 -3.54 -69.92 -72.67
CA ASN D 348 -3.57 -68.96 -71.57
C ASN D 348 -2.19 -68.40 -71.29
N GLN D 349 -1.29 -68.42 -72.26
CA GLN D 349 0.09 -67.99 -72.07
C GLN D 349 0.52 -67.11 -73.23
N ILE D 350 1.41 -66.17 -72.93
CA ILE D 350 2.03 -65.33 -73.94
C ILE D 350 3.41 -65.90 -74.23
N THR D 351 3.68 -66.20 -75.49
CA THR D 351 4.90 -66.88 -75.90
C THR D 351 5.72 -65.97 -76.80
N CYS D 352 7.02 -65.92 -76.56
CA CYS D 352 7.92 -65.06 -77.28
C CYS D 352 9.12 -65.85 -77.77
N GLY D 353 9.67 -65.44 -78.90
CA GLY D 353 10.85 -66.08 -79.44
C GLY D 353 12.10 -65.60 -78.75
N ASP D 354 13.14 -65.28 -79.52
CA ASP D 354 14.32 -64.68 -78.93
C ASP D 354 15.07 -63.90 -80.00
N LYS D 355 15.89 -62.96 -79.55
CA LYS D 355 16.69 -62.16 -80.46
C LYS D 355 18.11 -62.68 -80.63
N SER D 356 18.60 -63.49 -79.70
CA SER D 356 20.00 -63.88 -79.73
C SER D 356 20.18 -65.39 -79.67
N GLU D 357 19.25 -66.08 -79.00
CA GLU D 357 19.38 -67.51 -78.76
C GLU D 357 18.30 -68.27 -79.50
N ALA D 358 18.54 -69.56 -79.67
CA ALA D 358 17.63 -70.46 -80.35
C ALA D 358 16.62 -71.07 -79.38
N VAL D 359 15.92 -70.23 -78.62
CA VAL D 359 14.97 -70.69 -77.63
C VAL D 359 13.66 -69.94 -77.79
N VAL D 360 12.67 -70.34 -77.00
CA VAL D 360 11.36 -69.70 -76.97
C VAL D 360 10.85 -69.74 -75.53
N GLY D 361 10.43 -68.58 -75.01
CA GLY D 361 9.97 -68.45 -73.64
C GLY D 361 8.50 -68.08 -73.56
N GLN D 362 8.00 -68.03 -72.33
CA GLN D 362 6.54 -67.98 -72.12
C GLN D 362 6.05 -66.92 -71.15
N LEU D 363 6.86 -65.91 -70.80
CA LEU D 363 6.39 -64.73 -70.07
C LEU D 363 5.58 -65.10 -68.82
N GLN D 364 6.29 -65.69 -67.87
CA GLN D 364 5.73 -65.93 -66.55
C GLN D 364 5.52 -64.62 -65.80
N PHE D 365 4.41 -64.53 -65.08
CA PHE D 365 3.98 -63.28 -64.46
C PHE D 365 4.50 -63.11 -63.04
N ASP D 366 4.82 -64.20 -62.35
CA ASP D 366 5.21 -64.10 -60.95
C ASP D 366 6.72 -63.96 -60.76
N ILE D 367 7.46 -63.60 -61.81
CA ILE D 367 8.88 -63.35 -61.72
C ILE D 367 9.22 -62.19 -62.64
N SER D 368 10.44 -61.68 -62.52
CA SER D 368 10.94 -60.65 -63.41
C SER D 368 12.26 -61.03 -64.08
N SER D 369 12.81 -62.19 -63.74
CA SER D 369 14.02 -62.67 -64.39
C SER D 369 13.72 -63.06 -65.83
N GLN D 370 14.71 -62.88 -66.69
CA GLN D 370 14.60 -63.28 -68.09
C GLN D 370 15.52 -64.46 -68.30
N TYR D 371 14.94 -65.66 -68.41
CA TYR D 371 15.69 -66.91 -68.52
C TYR D 371 16.63 -67.07 -67.33
N ASP D 372 16.08 -66.87 -66.14
CA ASP D 372 16.80 -67.01 -64.88
C ASP D 372 18.00 -66.09 -64.78
N LYS D 373 17.92 -64.91 -65.40
CA LYS D 373 18.89 -63.85 -65.22
C LYS D 373 18.20 -62.68 -64.56
N GLN D 374 18.78 -62.18 -63.47
CA GLN D 374 18.19 -61.05 -62.77
C GLN D 374 18.17 -59.82 -63.65
N GLN D 375 17.13 -59.01 -63.52
CA GLN D 375 16.92 -57.86 -64.35
C GLN D 375 16.91 -56.58 -63.53
N GLU D 376 17.08 -55.46 -64.21
CA GLU D 376 17.25 -54.16 -63.57
C GLU D 376 16.06 -53.26 -63.92
N HIS D 377 15.44 -52.69 -62.90
CA HIS D 377 14.28 -51.82 -63.07
C HIS D 377 14.60 -50.45 -62.49
N LEU D 378 14.38 -49.41 -63.28
CA LEU D 378 14.64 -48.03 -62.89
C LEU D 378 13.31 -47.28 -62.76
N LEU D 379 13.30 -46.26 -61.90
CA LEU D 379 12.11 -45.42 -61.71
C LEU D 379 12.54 -44.01 -61.35
N PHE D 380 12.68 -43.15 -62.35
CA PHE D 380 13.12 -41.78 -62.14
C PHE D 380 11.96 -40.88 -61.72
N THR D 381 12.29 -39.83 -60.99
CA THR D 381 11.35 -38.84 -60.49
C THR D 381 11.68 -37.48 -61.09
N PRO D 382 10.68 -36.73 -61.56
CA PRO D 382 10.97 -35.47 -62.26
C PRO D 382 11.70 -34.48 -61.36
N LEU D 383 12.55 -33.66 -61.99
CA LEU D 383 13.22 -32.60 -61.28
C LEU D 383 12.23 -31.56 -60.80
N PHE D 384 12.47 -31.04 -59.60
CA PHE D 384 11.67 -29.94 -59.08
C PHE D 384 12.57 -29.05 -58.25
N LYS D 385 12.31 -27.75 -58.27
CA LYS D 385 13.11 -26.80 -57.51
C LYS D 385 12.43 -26.52 -56.18
N ALA D 386 13.17 -26.68 -55.09
CA ALA D 386 12.64 -26.50 -53.75
C ALA D 386 13.70 -25.84 -52.85
N ASP D 387 14.33 -24.78 -53.35
CA ASP D 387 15.52 -24.18 -52.74
C ASP D 387 15.43 -24.14 -51.21
N ASN D 388 16.43 -24.72 -50.56
CA ASN D 388 16.50 -24.82 -49.10
C ASN D 388 15.29 -25.55 -48.53
N ALA D 389 15.17 -26.84 -48.90
CA ALA D 389 13.99 -27.62 -48.55
C ALA D 389 14.18 -28.47 -47.31
N ARG D 390 15.32 -29.17 -47.20
CA ARG D 390 15.59 -30.08 -46.09
C ARG D 390 14.54 -31.19 -46.04
N CYS D 391 14.61 -32.06 -47.05
CA CYS D 391 13.58 -33.08 -47.23
C CYS D 391 13.84 -34.30 -46.35
N PHE D 392 12.76 -34.96 -45.93
CA PHE D 392 12.82 -36.12 -45.06
C PHE D 392 11.79 -37.16 -45.50
N ASP D 393 11.94 -38.37 -44.96
CA ASP D 393 10.90 -39.39 -44.96
C ASP D 393 10.45 -39.74 -46.39
N LEU D 394 11.38 -40.33 -47.14
CA LEU D 394 11.08 -40.81 -48.47
C LEU D 394 10.47 -42.20 -48.36
N GLU D 395 9.16 -42.29 -48.60
CA GLU D 395 8.41 -43.52 -48.43
C GLU D 395 7.89 -43.99 -49.78
N VAL D 396 8.04 -45.28 -50.06
CA VAL D 396 7.47 -45.88 -51.25
C VAL D 396 6.59 -47.05 -50.81
N GLU D 397 5.35 -47.06 -51.30
CA GLU D 397 4.44 -48.17 -51.01
C GLU D 397 4.71 -49.30 -51.99
N SER D 398 5.17 -50.44 -51.47
CA SER D 398 5.53 -51.58 -52.30
C SER D 398 4.72 -52.80 -51.88
N SER D 399 4.28 -53.57 -52.87
CA SER D 399 3.55 -54.82 -52.65
C SER D 399 4.57 -55.95 -52.59
N THR D 400 4.88 -56.39 -51.38
CA THR D 400 5.93 -57.36 -51.13
C THR D 400 5.36 -58.77 -51.05
N GLY D 401 6.20 -59.71 -50.64
CA GLY D 401 5.75 -61.04 -50.29
C GLY D 401 6.30 -62.15 -51.14
N VAL D 402 6.35 -61.97 -52.45
CA VAL D 402 6.83 -63.00 -53.37
C VAL D 402 8.24 -62.65 -53.79
N ALA D 403 9.20 -63.47 -53.36
CA ALA D 403 10.61 -63.26 -53.66
C ALA D 403 11.39 -64.45 -53.14
N GLN D 404 12.55 -64.69 -53.74
CA GLN D 404 13.46 -65.70 -53.24
C GLN D 404 14.52 -65.11 -52.31
N TYR D 405 14.70 -63.80 -52.33
CA TYR D 405 15.70 -63.14 -51.51
C TYR D 405 15.24 -61.72 -51.27
N ALA D 406 15.66 -61.16 -50.13
CA ALA D 406 15.25 -59.82 -49.74
C ALA D 406 15.95 -58.78 -50.61
N ASP D 407 15.56 -58.72 -51.88
CA ASP D 407 16.25 -57.87 -52.85
C ASP D 407 16.20 -56.42 -52.43
N ARG D 408 17.33 -55.74 -52.53
CA ARG D 408 17.46 -54.39 -52.03
C ARG D 408 17.19 -53.38 -53.15
N LEU D 409 17.46 -52.12 -52.85
CA LEU D 409 17.03 -50.99 -53.67
C LEU D 409 18.08 -49.91 -53.59
N PHE D 410 18.63 -49.50 -54.72
CA PHE D 410 19.62 -48.42 -54.75
C PHE D 410 18.89 -47.11 -54.99
N LEU D 411 18.83 -46.27 -53.97
CA LEU D 411 18.19 -44.96 -54.04
C LEU D 411 19.26 -43.88 -54.07
N SER D 412 19.15 -42.97 -55.01
CA SER D 412 20.12 -41.90 -55.16
C SER D 412 19.41 -40.68 -55.70
N ALA D 413 20.07 -39.52 -55.58
CA ALA D 413 19.48 -38.26 -55.98
C ALA D 413 20.46 -37.45 -56.82
N THR D 414 19.93 -36.86 -57.88
CA THR D 414 20.67 -35.92 -58.71
C THR D 414 20.30 -34.50 -58.33
N THR D 415 21.25 -33.59 -58.53
CA THR D 415 21.06 -32.18 -58.28
C THR D 415 21.13 -31.34 -59.54
N ASP D 416 21.42 -31.96 -60.68
CA ASP D 416 21.52 -31.25 -61.94
C ASP D 416 20.81 -31.97 -63.09
N GLY D 417 20.24 -33.14 -62.85
CA GLY D 417 19.48 -33.85 -63.86
C GLY D 417 20.28 -34.82 -64.69
N ILE D 418 21.61 -34.77 -64.62
CA ILE D 418 22.45 -35.63 -65.42
C ILE D 418 23.21 -36.57 -64.49
N ASN D 419 23.86 -36.00 -63.49
CA ASN D 419 24.80 -36.71 -62.65
C ASN D 419 24.11 -37.13 -61.36
N TYR D 420 24.14 -38.42 -61.06
CA TYR D 420 23.53 -38.93 -59.84
C TYR D 420 24.61 -39.15 -58.79
N GLY D 421 24.20 -39.09 -57.54
CA GLY D 421 25.12 -39.07 -56.42
C GLY D 421 25.19 -40.39 -55.69
N ARG D 422 25.32 -40.30 -54.37
CA ARG D 422 25.51 -41.48 -53.54
C ARG D 422 24.28 -42.37 -53.56
N GLU D 423 24.51 -43.68 -53.64
CA GLU D 423 23.43 -44.67 -53.68
C GLU D 423 23.35 -45.39 -52.35
N GLN D 424 22.14 -45.47 -51.79
CA GLN D 424 21.89 -46.16 -50.54
C GLN D 424 21.05 -47.39 -50.81
N MET D 425 21.33 -48.47 -50.08
CA MET D 425 20.66 -49.74 -50.28
C MET D 425 19.59 -49.92 -49.22
N ILE D 426 18.33 -49.80 -49.63
CA ILE D 426 17.18 -49.99 -48.75
C ILE D 426 16.52 -51.30 -49.13
N GLU D 427 16.27 -52.15 -48.15
CA GLU D 427 15.69 -53.45 -48.44
C GLU D 427 14.25 -53.28 -48.90
N GLN D 428 13.96 -53.74 -50.11
CA GLN D 428 12.72 -53.42 -50.79
C GLN D 428 11.70 -54.56 -50.76
N ASN D 429 12.14 -55.81 -50.64
CA ASN D 429 11.22 -56.93 -50.60
C ASN D 429 11.73 -57.95 -49.59
N GLU D 430 10.89 -58.94 -49.29
CA GLU D 430 11.28 -60.02 -48.41
C GLU D 430 10.43 -61.22 -48.76
N PRO D 431 10.98 -62.44 -48.69
CA PRO D 431 10.15 -63.63 -48.95
C PRO D 431 9.09 -63.80 -47.89
N PHE D 432 7.83 -63.81 -48.32
CA PHE D 432 6.67 -64.09 -47.48
C PHE D 432 6.49 -63.05 -46.38
N VAL D 433 6.88 -61.81 -46.63
CA VAL D 433 6.58 -60.68 -45.76
C VAL D 433 5.71 -59.73 -46.56
N TYR D 434 4.42 -59.67 -46.24
CA TYR D 434 3.47 -58.93 -47.05
C TYR D 434 3.19 -57.55 -46.49
N ASP D 435 4.06 -57.03 -45.62
CA ASP D 435 3.82 -55.76 -44.97
C ASP D 435 5.19 -55.21 -44.53
N LYS D 436 5.72 -54.26 -45.30
CA LYS D 436 7.15 -53.99 -45.18
C LYS D 436 7.52 -52.53 -44.88
N ARG D 437 6.84 -51.56 -45.51
CA ARG D 437 7.12 -50.13 -45.32
C ARG D 437 8.54 -49.76 -45.77
N VAL D 438 8.75 -49.85 -47.09
CA VAL D 438 9.99 -49.35 -47.69
C VAL D 438 10.07 -47.84 -47.50
N LEU D 439 11.10 -47.40 -46.77
CA LEU D 439 11.20 -46.01 -46.36
C LEU D 439 12.65 -45.67 -46.01
N TRP D 440 13.05 -44.44 -46.33
CA TRP D 440 14.35 -43.89 -45.97
C TRP D 440 14.12 -42.62 -45.16
N LYS D 441 14.63 -42.59 -43.93
CA LYS D 441 14.22 -41.53 -43.01
C LYS D 441 14.81 -40.18 -43.41
N ARG D 442 16.13 -40.06 -43.41
CA ARG D 442 16.79 -38.78 -43.60
C ARG D 442 17.27 -38.65 -45.04
N VAL D 443 16.75 -37.66 -45.74
CA VAL D 443 17.30 -37.23 -47.02
C VAL D 443 17.86 -35.83 -46.83
N GLY D 444 18.64 -35.38 -47.80
CA GLY D 444 19.43 -34.18 -47.63
C GLY D 444 18.64 -32.90 -47.68
N ARG D 445 19.36 -31.83 -47.95
CA ARG D 445 18.81 -30.49 -48.11
C ARG D 445 18.94 -30.07 -49.55
N ILE D 446 17.82 -29.70 -50.17
CA ILE D 446 17.82 -29.34 -51.58
C ILE D 446 18.42 -27.96 -51.74
N ARG D 447 19.46 -27.85 -52.56
CA ARG D 447 20.09 -26.56 -52.78
C ARG D 447 19.32 -25.75 -53.81
N ARG D 448 19.27 -26.23 -55.05
CA ARG D 448 18.41 -25.64 -56.07
C ARG D 448 17.43 -26.66 -56.63
N LEU D 449 17.93 -27.83 -57.02
CA LEU D 449 17.14 -28.84 -57.72
C LEU D 449 17.40 -30.21 -57.10
N ILE D 450 16.48 -31.14 -57.34
CA ILE D 450 16.67 -32.51 -56.90
C ILE D 450 15.82 -33.44 -57.76
N GLY D 451 16.31 -34.66 -57.94
CA GLY D 451 15.54 -35.73 -58.56
C GLY D 451 16.06 -37.04 -57.99
N PHE D 452 15.29 -38.10 -58.17
CA PHE D 452 15.60 -39.38 -57.56
C PHE D 452 15.69 -40.49 -58.60
N LYS D 453 16.41 -41.57 -58.26
CA LYS D 453 16.68 -42.63 -59.22
C LYS D 453 15.91 -43.92 -58.95
N LEU D 454 16.03 -44.50 -57.75
CA LEU D 454 15.19 -45.63 -57.33
C LEU D 454 15.36 -46.85 -58.25
N ARG D 455 16.56 -47.41 -58.23
CA ARG D 455 16.93 -48.55 -59.07
C ARG D 455 16.78 -49.86 -58.32
N VAL D 456 16.36 -50.91 -59.02
CA VAL D 456 16.06 -52.20 -58.39
C VAL D 456 16.61 -53.32 -59.26
N ILE D 457 17.18 -54.35 -58.61
CA ILE D 457 17.67 -55.55 -59.28
C ILE D 457 17.13 -56.76 -58.52
N THR D 458 16.24 -57.53 -59.15
CA THR D 458 15.66 -58.71 -58.54
C THR D 458 15.53 -59.83 -59.55
N LYS D 459 14.85 -60.89 -59.11
CA LYS D 459 14.33 -61.94 -59.97
C LYS D 459 12.82 -62.08 -59.82
N SER D 460 12.19 -61.24 -59.01
CA SER D 460 10.79 -61.31 -58.63
C SER D 460 10.08 -60.03 -59.05
N PRO D 461 8.75 -60.03 -59.09
CA PRO D 461 8.04 -58.83 -59.51
C PRO D 461 8.24 -57.69 -58.53
N VAL D 462 8.29 -56.48 -59.08
CA VAL D 462 8.46 -55.26 -58.31
C VAL D 462 7.19 -54.42 -58.51
N THR D 463 6.54 -54.05 -57.41
CA THR D 463 5.33 -53.24 -57.44
C THR D 463 5.58 -52.01 -56.56
N LEU D 464 5.65 -50.84 -57.18
CA LEU D 464 5.95 -49.62 -56.45
C LEU D 464 4.90 -48.56 -56.74
N SER D 465 4.44 -47.89 -55.69
CA SER D 465 3.42 -46.85 -55.85
C SER D 465 3.52 -45.88 -54.68
N GLY D 466 2.95 -44.70 -54.89
CA GLY D 466 2.80 -43.73 -53.82
C GLY D 466 4.09 -43.20 -53.24
N CYS D 467 5.04 -42.88 -54.11
CA CYS D 467 6.26 -42.23 -53.64
C CYS D 467 5.90 -40.90 -53.00
N GLN D 468 6.28 -40.73 -51.73
CA GLN D 468 6.02 -39.49 -51.04
C GLN D 468 7.24 -39.07 -50.25
N ILE D 469 7.35 -37.77 -50.02
CA ILE D 469 8.46 -37.18 -49.28
C ILE D 469 7.89 -36.14 -48.33
N ARG D 470 8.68 -35.79 -47.31
CA ARG D 470 8.32 -34.74 -46.37
C ARG D 470 9.29 -33.59 -46.54
N LEU D 471 8.78 -32.43 -46.92
CA LEU D 471 9.65 -31.31 -47.24
C LEU D 471 9.92 -30.41 -46.05
N GLU D 472 8.92 -30.14 -45.23
CA GLU D 472 9.05 -29.20 -44.12
C GLU D 472 9.45 -27.81 -44.61
N PRO E 2 -14.18 -37.41 -36.82
CA PRO E 2 -14.05 -37.64 -38.26
C PRO E 2 -14.75 -38.91 -38.71
N ILE E 3 -15.97 -38.77 -39.21
CA ILE E 3 -16.72 -39.89 -39.74
C ILE E 3 -16.33 -40.10 -41.19
N GLN E 4 -15.85 -41.30 -41.51
CA GLN E 4 -15.42 -41.66 -42.85
C GLN E 4 -16.35 -42.74 -43.38
N GLN E 5 -16.85 -42.56 -44.60
CA GLN E 5 -17.67 -43.57 -45.25
C GLN E 5 -16.78 -44.52 -46.05
N LEU E 6 -17.11 -45.81 -45.98
CA LEU E 6 -16.36 -46.83 -46.68
C LEU E 6 -17.22 -47.43 -47.78
N PRO E 7 -16.81 -47.37 -49.04
CA PRO E 7 -17.56 -48.06 -50.09
C PRO E 7 -17.33 -49.56 -50.03
N MET E 8 -18.42 -50.32 -50.19
CA MET E 8 -18.34 -51.77 -50.15
C MET E 8 -18.64 -52.43 -51.48
N MET E 9 -18.95 -51.67 -52.52
CA MET E 9 -19.29 -52.27 -53.80
C MET E 9 -18.12 -53.00 -54.43
N LYS E 10 -16.90 -52.76 -53.98
CA LYS E 10 -15.71 -53.41 -54.52
C LYS E 10 -14.52 -53.17 -53.59
N GLY E 11 -13.87 -54.23 -53.13
CA GLY E 11 -12.75 -54.11 -52.23
C GLY E 11 -11.44 -54.02 -52.96
N MET E 12 -10.35 -54.25 -52.23
CA MET E 12 -9.01 -54.20 -52.77
C MET E 12 -8.12 -55.16 -52.01
N GLY E 13 -7.06 -55.61 -52.66
CA GLY E 13 -6.11 -56.48 -51.97
C GLY E 13 -4.99 -56.87 -52.91
N LYS E 14 -4.11 -57.74 -52.42
CA LYS E 14 -3.06 -58.29 -53.25
C LYS E 14 -3.22 -59.80 -53.37
N ASP E 15 -2.83 -60.32 -54.52
CA ASP E 15 -2.89 -61.75 -54.80
C ASP E 15 -1.58 -62.38 -54.36
N PHE E 16 -1.64 -63.25 -53.36
CA PHE E 16 -0.43 -63.77 -52.73
C PHE E 16 0.39 -64.64 -53.66
N LYS E 17 -0.13 -65.03 -54.82
CA LYS E 17 0.66 -65.78 -55.77
C LYS E 17 1.63 -64.89 -56.55
N ASN E 18 1.26 -63.64 -56.80
CA ASN E 18 2.15 -62.72 -57.51
C ASN E 18 2.17 -61.32 -56.94
N ALA E 19 1.50 -61.06 -55.82
CA ALA E 19 1.56 -59.78 -55.12
C ALA E 19 1.05 -58.63 -55.96
N ASP E 20 0.28 -58.91 -56.99
CA ASP E 20 -0.34 -57.87 -57.79
C ASP E 20 -1.59 -57.38 -57.10
N TYR E 21 -1.96 -56.14 -57.37
CA TYR E 21 -3.12 -55.53 -56.74
C TYR E 21 -4.38 -55.92 -57.51
N ILE E 22 -5.24 -56.69 -56.86
CA ILE E 22 -6.48 -57.17 -57.46
C ILE E 22 -7.65 -56.64 -56.64
N ASP E 23 -8.85 -56.80 -57.19
CA ASP E 23 -10.08 -56.38 -56.54
C ASP E 23 -10.73 -57.56 -55.84
N TYR E 24 -11.53 -57.24 -54.84
CA TYR E 24 -12.36 -58.22 -54.15
C TYR E 24 -13.79 -57.90 -54.51
N LEU E 25 -14.32 -58.63 -55.45
CA LEU E 25 -15.68 -58.41 -55.88
C LEU E 25 -16.66 -58.97 -54.85
N PRO E 26 -17.77 -58.29 -54.59
CA PRO E 26 -18.73 -58.81 -53.62
C PRO E 26 -19.27 -60.15 -54.06
N VAL E 27 -19.48 -61.03 -53.09
CA VAL E 27 -19.99 -62.37 -53.35
C VAL E 27 -21.48 -62.39 -53.02
N ASN E 28 -22.29 -62.76 -54.00
CA ASN E 28 -23.73 -62.93 -53.87
C ASN E 28 -24.47 -61.62 -53.60
N MET E 29 -23.82 -60.47 -53.80
CA MET E 29 -24.46 -59.19 -53.54
C MET E 29 -24.48 -58.34 -54.80
N LEU E 30 -25.55 -57.56 -54.94
CA LEU E 30 -25.80 -56.69 -56.08
C LEU E 30 -25.83 -55.25 -55.62
N ALA E 31 -25.14 -54.39 -56.34
CA ALA E 31 -25.05 -52.98 -55.98
C ALA E 31 -26.22 -52.24 -56.61
N THR E 32 -27.26 -52.00 -55.82
CA THR E 32 -28.41 -51.23 -56.29
C THR E 32 -28.13 -49.75 -56.02
N PRO E 33 -27.96 -48.91 -57.04
CA PRO E 33 -27.66 -47.49 -56.81
C PRO E 33 -28.95 -46.71 -56.59
N LYS E 34 -29.05 -46.08 -55.42
CA LYS E 34 -30.24 -45.35 -55.02
C LYS E 34 -29.89 -44.49 -53.82
N GLU E 35 -30.44 -43.28 -53.77
CA GLU E 35 -30.19 -42.37 -52.65
C GLU E 35 -31.02 -42.82 -51.46
N ILE E 36 -30.42 -43.60 -50.57
CA ILE E 36 -31.15 -44.14 -49.43
C ILE E 36 -31.08 -43.17 -48.26
N LEU E 37 -29.89 -42.99 -47.71
CA LEU E 37 -29.70 -42.02 -46.65
C LEU E 37 -28.20 -41.78 -46.52
N ASN E 38 -27.74 -40.59 -46.91
CA ASN E 38 -26.32 -40.23 -46.85
C ASN E 38 -25.43 -41.22 -47.58
N SER E 39 -26.00 -42.09 -48.42
CA SER E 39 -25.28 -43.23 -48.95
C SER E 39 -25.20 -43.26 -50.46
N SER E 40 -26.33 -43.06 -51.15
CA SER E 40 -26.41 -43.17 -52.61
C SER E 40 -26.04 -44.59 -53.06
N GLY E 41 -26.83 -45.55 -52.60
CA GLY E 41 -26.64 -46.93 -53.02
C GLY E 41 -26.65 -47.92 -51.87
N TYR E 42 -27.00 -49.17 -52.16
CA TYR E 42 -26.95 -50.23 -51.15
C TYR E 42 -26.61 -51.54 -51.83
N LEU E 43 -26.39 -52.57 -51.02
CA LEU E 43 -25.97 -53.89 -51.48
C LEU E 43 -27.02 -54.89 -51.04
N ARG E 44 -27.67 -55.53 -52.01
CA ARG E 44 -28.78 -56.43 -51.75
C ARG E 44 -28.42 -57.83 -52.25
N SER E 45 -28.74 -58.84 -51.45
CA SER E 45 -28.37 -60.20 -51.80
C SER E 45 -29.12 -60.68 -53.04
N PHE E 46 -28.48 -61.55 -53.80
CA PHE E 46 -29.13 -62.16 -54.95
C PHE E 46 -30.24 -63.08 -54.47
N PRO E 47 -31.46 -62.94 -54.99
CA PRO E 47 -32.59 -63.71 -54.46
C PRO E 47 -32.35 -65.21 -54.52
N GLY E 48 -32.97 -65.93 -53.60
CA GLY E 48 -32.70 -67.33 -53.45
C GLY E 48 -33.45 -68.16 -54.45
N ILE E 49 -33.06 -69.41 -54.55
CA ILE E 49 -33.67 -70.36 -55.47
C ILE E 49 -34.48 -71.35 -54.66
N THR E 50 -35.75 -71.51 -55.02
CA THR E 50 -36.61 -72.48 -54.38
C THR E 50 -37.17 -73.43 -55.43
N LYS E 51 -37.34 -74.69 -55.05
CA LYS E 51 -37.66 -75.75 -55.99
C LYS E 51 -39.04 -75.55 -56.61
N ARG E 52 -39.12 -75.70 -57.93
CA ARG E 52 -40.36 -75.57 -58.68
C ARG E 52 -40.77 -76.87 -59.34
N TYR E 53 -39.91 -77.45 -60.16
CA TYR E 53 -40.20 -78.68 -60.89
C TYR E 53 -39.09 -79.69 -60.68
N ASP E 54 -39.43 -80.96 -60.87
CA ASP E 54 -38.48 -82.05 -60.88
C ASP E 54 -38.33 -82.56 -62.30
N MET E 55 -37.13 -82.44 -62.86
CA MET E 55 -36.90 -82.72 -64.28
C MET E 55 -36.14 -84.03 -64.45
N ASN E 56 -35.79 -84.32 -65.70
CA ASN E 56 -35.02 -85.52 -66.02
C ASN E 56 -33.58 -85.40 -65.53
N GLY E 57 -32.93 -84.30 -65.83
CA GLY E 57 -31.55 -84.12 -65.45
C GLY E 57 -31.14 -82.67 -65.44
N VAL E 58 -29.83 -82.44 -65.58
CA VAL E 58 -29.30 -81.09 -65.57
C VAL E 58 -29.73 -80.35 -66.84
N SER E 59 -29.72 -79.03 -66.77
CA SER E 59 -30.20 -78.22 -67.88
C SER E 59 -29.16 -78.15 -68.99
N ARG E 60 -29.65 -78.01 -70.22
CA ARG E 60 -28.77 -77.91 -71.37
C ARG E 60 -29.20 -76.83 -72.37
N GLY E 61 -30.25 -76.07 -72.07
CA GLY E 61 -30.71 -75.02 -72.96
C GLY E 61 -32.08 -74.52 -72.58
N VAL E 62 -32.31 -73.23 -72.75
CA VAL E 62 -33.61 -72.63 -72.46
C VAL E 62 -33.93 -71.64 -73.58
N GLU E 63 -35.22 -71.40 -73.77
CA GLU E 63 -35.67 -70.38 -74.71
C GLU E 63 -37.08 -69.98 -74.35
N TYR E 64 -37.42 -68.72 -74.67
CA TYR E 64 -38.80 -68.25 -74.55
C TYR E 64 -39.45 -68.35 -75.92
N ASN E 65 -40.03 -69.51 -76.20
CA ASN E 65 -40.76 -69.71 -77.44
C ASN E 65 -41.91 -68.74 -77.52
N THR E 66 -41.81 -67.76 -78.43
CA THR E 66 -42.85 -66.76 -78.58
C THR E 66 -44.02 -67.24 -79.44
N ALA E 67 -43.84 -68.32 -80.20
CA ALA E 67 -44.95 -68.84 -80.98
C ALA E 67 -46.09 -69.29 -80.08
N GLN E 68 -45.76 -70.00 -79.00
CA GLN E 68 -46.72 -70.42 -78.01
C GLN E 68 -46.66 -69.60 -76.73
N ASN E 69 -45.72 -68.68 -76.62
CA ASN E 69 -45.50 -67.89 -75.41
C ASN E 69 -45.29 -68.81 -74.21
N ALA E 70 -44.32 -69.71 -74.36
CA ALA E 70 -44.00 -70.64 -73.30
C ALA E 70 -42.50 -70.86 -73.24
N VAL E 71 -42.01 -71.29 -72.09
CA VAL E 71 -40.60 -71.51 -71.88
C VAL E 71 -40.27 -72.96 -72.21
N TYR E 72 -39.36 -73.15 -73.15
CA TYR E 72 -38.89 -74.47 -73.53
C TYR E 72 -37.51 -74.70 -72.93
N ARG E 73 -37.30 -75.91 -72.41
CA ARG E 73 -36.06 -76.26 -71.73
C ARG E 73 -35.62 -77.65 -72.16
N VAL E 74 -34.31 -77.87 -72.11
CA VAL E 74 -33.74 -79.19 -72.33
C VAL E 74 -33.10 -79.60 -71.01
N CYS E 75 -33.78 -80.43 -70.24
CA CYS E 75 -33.27 -80.95 -68.99
C CYS E 75 -33.06 -82.45 -69.12
N GLY E 76 -31.84 -82.91 -68.87
CA GLY E 76 -31.56 -84.32 -69.04
C GLY E 76 -31.67 -84.70 -70.51
N GLY E 77 -32.48 -85.71 -70.79
CA GLY E 77 -32.68 -86.19 -72.14
C GLY E 77 -33.99 -85.78 -72.79
N LYS E 78 -34.84 -85.06 -72.09
CA LYS E 78 -36.17 -84.71 -72.57
C LYS E 78 -36.24 -83.25 -72.95
N LEU E 79 -37.36 -82.87 -73.58
CA LEU E 79 -37.64 -81.48 -73.92
C LEU E 79 -38.98 -81.11 -73.31
N TYR E 80 -39.01 -80.02 -72.55
CA TYR E 80 -40.18 -79.62 -71.78
C TYR E 80 -40.72 -78.30 -72.30
N LYS E 81 -42.03 -78.23 -72.46
CA LYS E 81 -42.73 -76.96 -72.70
C LYS E 81 -43.49 -76.64 -71.42
N GLY E 82 -42.98 -75.67 -70.67
CA GLY E 82 -43.50 -75.44 -69.34
C GLY E 82 -43.15 -76.60 -68.45
N GLU E 83 -44.15 -77.30 -67.93
CA GLU E 83 -43.93 -78.52 -67.16
C GLU E 83 -43.99 -79.78 -68.02
N SER E 84 -44.94 -79.85 -68.95
CA SER E 84 -45.16 -81.06 -69.71
C SER E 84 -43.99 -81.31 -70.67
N GLU E 85 -43.45 -82.52 -70.64
CA GLU E 85 -42.46 -82.92 -71.63
C GLU E 85 -43.11 -83.07 -73.00
N VAL E 86 -42.40 -82.65 -74.05
CA VAL E 86 -42.95 -82.68 -75.40
C VAL E 86 -41.99 -83.33 -76.38
N GLY E 87 -41.01 -84.06 -75.90
CA GLY E 87 -40.10 -84.72 -76.81
C GLY E 87 -38.90 -85.30 -76.08
N ASP E 88 -37.95 -85.77 -76.87
CA ASP E 88 -36.70 -86.34 -76.39
C ASP E 88 -35.53 -85.71 -77.14
N VAL E 89 -34.48 -85.37 -76.40
CA VAL E 89 -33.29 -84.77 -76.97
C VAL E 89 -32.08 -85.58 -76.50
N ALA E 90 -31.31 -86.10 -77.45
CA ALA E 90 -30.21 -86.99 -77.12
C ALA E 90 -28.89 -86.24 -77.04
N GLY E 91 -28.03 -86.68 -76.14
CA GLY E 91 -26.76 -86.05 -75.90
C GLY E 91 -26.58 -85.68 -74.45
N SER E 92 -25.45 -85.03 -74.16
CA SER E 92 -25.12 -84.63 -72.79
C SER E 92 -24.60 -83.21 -72.65
N GLY E 93 -24.16 -82.56 -73.73
CA GLY E 93 -23.67 -81.21 -73.63
C GLY E 93 -24.75 -80.17 -73.86
N ARG E 94 -24.36 -78.91 -73.66
CA ARG E 94 -25.29 -77.81 -73.89
C ARG E 94 -25.76 -77.83 -75.34
N VAL E 95 -27.05 -77.59 -75.54
CA VAL E 95 -27.67 -77.64 -76.85
C VAL E 95 -28.07 -76.23 -77.26
N SER E 96 -28.25 -76.04 -78.57
CA SER E 96 -28.74 -74.75 -79.06
C SER E 96 -30.24 -74.85 -79.30
N MET E 97 -30.96 -73.76 -79.05
CA MET E 97 -32.39 -73.75 -79.31
C MET E 97 -32.79 -72.55 -80.15
N ALA E 98 -33.69 -72.78 -81.09
CA ALA E 98 -34.32 -71.72 -81.87
C ALA E 98 -35.76 -72.11 -82.08
N HIS E 99 -36.59 -71.15 -82.48
CA HIS E 99 -38.00 -71.46 -82.65
C HIS E 99 -38.57 -70.65 -83.79
N GLY E 100 -39.68 -71.12 -84.34
CA GLY E 100 -40.32 -70.48 -85.48
C GLY E 100 -41.82 -70.67 -85.46
N ARG E 101 -42.43 -70.55 -86.64
CA ARG E 101 -43.88 -70.61 -86.75
C ARG E 101 -44.43 -71.97 -86.32
N THR E 102 -43.89 -73.06 -86.87
CA THR E 102 -44.44 -74.38 -86.58
C THR E 102 -43.39 -75.36 -86.08
N SER E 103 -42.29 -74.88 -85.51
CA SER E 103 -41.32 -75.82 -84.99
C SER E 103 -40.46 -75.15 -83.92
N GLN E 104 -39.87 -76.00 -83.09
CA GLN E 104 -38.81 -75.60 -82.16
C GLN E 104 -37.61 -76.49 -82.45
N ALA E 105 -36.53 -75.88 -82.91
CA ALA E 105 -35.37 -76.61 -83.37
C ALA E 105 -34.31 -76.66 -82.28
N VAL E 106 -33.78 -77.86 -82.05
CA VAL E 106 -32.68 -78.09 -81.13
C VAL E 106 -31.47 -78.51 -81.96
N GLY E 107 -30.39 -77.78 -81.83
CA GLY E 107 -29.14 -78.16 -82.43
C GLY E 107 -28.33 -78.93 -81.43
N VAL E 108 -28.09 -80.21 -81.73
CA VAL E 108 -27.42 -81.10 -80.78
C VAL E 108 -26.89 -82.30 -81.56
N ASN E 109 -25.75 -82.82 -81.11
CA ASN E 109 -25.09 -83.95 -81.77
C ASN E 109 -24.84 -83.66 -83.24
N GLY E 110 -24.55 -82.41 -83.57
CA GLY E 110 -24.35 -82.05 -84.96
C GLY E 110 -25.57 -82.23 -85.82
N GLN E 111 -26.76 -82.05 -85.26
CA GLN E 111 -28.00 -82.22 -86.01
C GLN E 111 -28.97 -81.12 -85.64
N LEU E 112 -29.85 -80.81 -86.59
CA LEU E 112 -30.90 -79.80 -86.43
C LEU E 112 -32.22 -80.56 -86.30
N VAL E 113 -32.58 -80.91 -85.08
CA VAL E 113 -33.77 -81.71 -84.81
C VAL E 113 -34.93 -80.77 -84.54
N GLU E 114 -35.94 -80.80 -85.39
CA GLU E 114 -37.09 -79.92 -85.25
C GLU E 114 -38.23 -80.68 -84.58
N TYR E 115 -38.76 -80.12 -83.50
CA TYR E 115 -39.92 -80.66 -82.83
C TYR E 115 -41.10 -79.76 -83.18
N ARG E 116 -42.00 -80.28 -84.01
CA ARG E 116 -43.09 -79.46 -84.50
C ARG E 116 -44.25 -79.49 -83.52
N TYR E 117 -45.00 -78.39 -83.48
CA TYR E 117 -46.05 -78.25 -82.48
C TYR E 117 -47.18 -79.24 -82.67
N ASP E 118 -47.26 -79.91 -83.81
CA ASP E 118 -48.25 -80.95 -84.03
C ASP E 118 -47.74 -82.33 -83.67
N GLY E 119 -46.56 -82.43 -83.07
CA GLY E 119 -46.12 -83.65 -82.42
C GLY E 119 -45.03 -84.42 -83.13
N THR E 120 -44.79 -84.16 -84.41
CA THR E 120 -43.78 -84.91 -85.13
C THR E 120 -42.39 -84.35 -84.87
N VAL E 121 -41.39 -85.16 -85.15
CA VAL E 121 -39.99 -84.78 -85.07
C VAL E 121 -39.38 -84.92 -86.45
N LYS E 122 -38.91 -83.82 -87.00
CA LYS E 122 -38.21 -83.79 -88.28
C LYS E 122 -36.74 -83.52 -88.05
N THR E 123 -35.96 -83.61 -89.11
CA THR E 123 -34.54 -83.28 -89.04
C THR E 123 -34.17 -82.52 -90.30
N VAL E 124 -33.33 -81.49 -90.15
CA VAL E 124 -32.84 -80.80 -91.32
C VAL E 124 -31.87 -81.70 -92.06
N SER E 125 -32.18 -82.02 -93.30
CA SER E 125 -31.34 -82.85 -94.14
C SER E 125 -31.53 -82.43 -95.57
N ASN E 126 -30.60 -82.86 -96.42
CA ASN E 126 -30.58 -82.41 -97.80
C ASN E 126 -31.87 -82.82 -98.52
N TRP E 127 -32.14 -82.14 -99.63
CA TRP E 127 -33.28 -82.51 -100.45
C TRP E 127 -33.08 -83.93 -100.99
N PRO E 128 -34.16 -84.71 -101.08
CA PRO E 128 -34.05 -86.01 -101.75
C PRO E 128 -33.63 -85.81 -103.20
N ALA E 129 -32.83 -86.75 -103.70
CA ALA E 129 -32.25 -86.62 -105.03
C ALA E 129 -33.32 -86.57 -106.12
N ASP E 130 -34.54 -87.00 -105.80
CA ASP E 130 -35.60 -87.03 -106.80
C ASP E 130 -35.86 -85.65 -107.38
N SER E 131 -35.92 -84.64 -106.53
CA SER E 131 -36.14 -83.28 -107.00
C SER E 131 -34.91 -82.77 -107.73
N GLY E 132 -35.13 -81.79 -108.60
CA GLY E 132 -34.04 -81.17 -109.33
C GLY E 132 -33.41 -80.03 -108.55
N PHE E 133 -33.35 -80.18 -107.23
CA PHE E 133 -32.85 -79.14 -106.35
C PHE E 133 -31.42 -79.43 -105.94
N THR E 134 -30.68 -78.37 -105.65
CA THR E 134 -29.25 -78.48 -105.38
C THR E 134 -28.98 -79.29 -104.12
N GLN E 135 -27.91 -80.08 -104.17
CA GLN E 135 -27.46 -80.86 -103.03
C GLN E 135 -26.25 -80.17 -102.40
N TYR E 136 -26.32 -79.97 -101.08
CA TYR E 136 -25.29 -79.26 -100.34
C TYR E 136 -24.51 -80.22 -99.46
N GLU E 137 -23.26 -79.86 -99.18
CA GLU E 137 -22.40 -80.62 -98.28
C GLU E 137 -22.75 -80.26 -96.84
N LEU E 138 -23.86 -80.81 -96.39
CA LEU E 138 -24.39 -80.50 -95.06
C LEU E 138 -23.59 -81.26 -94.02
N GLY E 139 -22.67 -80.58 -93.34
CA GLY E 139 -21.88 -81.20 -92.31
C GLY E 139 -22.65 -81.32 -91.01
N SER E 140 -21.96 -81.12 -89.89
CA SER E 140 -22.62 -81.15 -88.59
C SER E 140 -23.36 -79.83 -88.37
N VAL E 141 -23.87 -79.62 -87.17
CA VAL E 141 -24.52 -78.37 -86.79
C VAL E 141 -23.81 -77.84 -85.55
N ARG E 142 -23.27 -76.63 -85.67
CA ARG E 142 -22.60 -75.97 -84.56
C ARG E 142 -23.56 -75.06 -83.79
N ASP E 143 -24.14 -74.07 -84.46
CA ASP E 143 -25.15 -73.20 -83.86
C ASP E 143 -26.26 -72.94 -84.86
N ILE E 144 -27.43 -72.61 -84.32
CA ILE E 144 -28.62 -72.35 -85.13
C ILE E 144 -29.23 -71.02 -84.72
N THR E 145 -30.07 -70.50 -85.60
CA THR E 145 -30.86 -69.30 -85.32
C THR E 145 -32.02 -69.27 -86.31
N ARG E 146 -33.00 -68.42 -86.01
CA ARG E 146 -34.16 -68.26 -86.87
C ARG E 146 -34.29 -66.81 -87.27
N LEU E 147 -34.58 -66.57 -88.54
CA LEU E 147 -34.78 -65.20 -89.02
C LEU E 147 -35.62 -65.21 -90.27
N ARG E 148 -36.63 -64.35 -90.30
CA ARG E 148 -37.42 -64.08 -91.51
C ARG E 148 -38.00 -65.35 -92.11
N GLY E 149 -38.50 -66.24 -91.26
CA GLY E 149 -39.11 -67.46 -91.74
C GLY E 149 -38.15 -68.53 -92.20
N ARG E 150 -36.86 -68.38 -91.92
CA ARG E 150 -35.88 -69.39 -92.27
C ARG E 150 -35.06 -69.74 -91.04
N TYR E 151 -34.36 -70.87 -91.12
CA TYR E 151 -33.45 -71.31 -90.08
C TYR E 151 -32.04 -71.28 -90.64
N ALA E 152 -31.15 -70.55 -89.98
CA ALA E 152 -29.75 -70.52 -90.35
C ALA E 152 -28.96 -71.39 -89.38
N TRP E 153 -27.92 -72.04 -89.89
CA TRP E 153 -27.07 -72.84 -89.04
C TRP E 153 -25.65 -72.85 -89.58
N SER E 154 -24.69 -73.14 -88.71
CA SER E 154 -23.27 -73.06 -89.03
C SER E 154 -22.66 -74.45 -89.11
N LYS E 155 -21.86 -74.67 -90.15
CA LYS E 155 -21.17 -75.95 -90.32
C LYS E 155 -19.84 -75.92 -89.58
N ASP E 156 -19.63 -76.91 -88.72
CA ASP E 156 -18.57 -76.84 -87.71
C ASP E 156 -17.18 -76.69 -88.30
N GLY E 157 -16.57 -75.52 -88.10
CA GLY E 157 -15.19 -75.30 -88.49
C GLY E 157 -14.95 -75.16 -89.97
N THR E 158 -15.99 -74.99 -90.78
CA THR E 158 -15.83 -74.89 -92.22
C THR E 158 -16.30 -73.56 -92.78
N ASP E 159 -16.33 -72.51 -91.94
CA ASP E 159 -16.58 -71.10 -92.39
C ASP E 159 -17.94 -70.87 -93.06
N SER E 160 -18.79 -71.88 -93.17
CA SER E 160 -20.00 -71.75 -93.96
C SER E 160 -21.24 -71.90 -93.09
N TRP E 161 -22.31 -71.23 -93.52
CA TRP E 161 -23.60 -71.34 -92.87
C TRP E 161 -24.69 -71.48 -93.94
N PHE E 162 -25.69 -72.29 -93.64
CA PHE E 162 -26.80 -72.53 -94.56
C PHE E 162 -28.09 -71.98 -94.00
N ILE E 163 -29.04 -71.78 -94.91
CA ILE E 163 -30.40 -71.37 -94.57
C ILE E 163 -31.38 -72.40 -95.14
N THR E 164 -32.44 -72.66 -94.38
CA THR E 164 -33.48 -73.57 -94.83
C THR E 164 -34.38 -72.88 -95.86
N ASP E 165 -35.38 -73.61 -96.33
CA ASP E 165 -36.30 -73.12 -97.34
C ASP E 165 -37.52 -72.50 -96.70
N LEU E 166 -38.16 -71.58 -97.42
CA LEU E 166 -39.29 -70.85 -96.88
C LEU E 166 -40.50 -71.76 -96.67
N GLU E 167 -40.86 -72.54 -97.68
CA GLU E 167 -42.02 -73.41 -97.57
C GLU E 167 -41.66 -74.82 -97.13
N ASP E 168 -40.37 -75.13 -96.92
CA ASP E 168 -39.98 -76.40 -96.34
C ASP E 168 -38.73 -76.16 -95.50
N GLU E 169 -38.95 -75.91 -94.21
CA GLU E 169 -37.86 -75.69 -93.28
C GLU E 169 -37.12 -76.96 -92.92
N SER E 170 -37.63 -78.12 -93.33
CA SER E 170 -36.97 -79.39 -93.04
C SER E 170 -35.80 -79.67 -93.96
N HIS E 171 -35.61 -78.88 -95.01
CA HIS E 171 -34.52 -79.04 -95.95
C HIS E 171 -33.96 -77.67 -96.30
N PRO E 172 -32.68 -77.58 -96.68
CA PRO E 172 -32.11 -76.27 -97.03
C PRO E 172 -32.78 -75.65 -98.24
N ASP E 173 -32.39 -74.43 -98.59
CA ASP E 173 -33.02 -73.72 -99.69
C ASP E 173 -32.79 -74.47 -101.00
N ARG E 174 -33.77 -74.35 -101.90
CA ARG E 174 -33.72 -75.11 -103.14
C ARG E 174 -32.54 -74.71 -104.00
N TYR E 175 -32.25 -73.42 -104.10
CA TYR E 175 -31.29 -72.92 -105.08
C TYR E 175 -30.07 -72.27 -104.46
N SER E 176 -30.25 -71.33 -103.53
CA SER E 176 -29.13 -70.67 -102.86
C SER E 176 -29.34 -70.80 -101.36
N ALA E 177 -28.56 -71.67 -100.73
CA ALA E 177 -28.67 -71.90 -99.30
C ALA E 177 -27.37 -71.72 -98.54
N GLN E 178 -26.21 -71.87 -99.20
CA GLN E 178 -24.92 -71.83 -98.55
C GLN E 178 -24.28 -70.46 -98.71
N TYR E 179 -23.72 -69.94 -97.61
CA TYR E 179 -22.99 -68.69 -97.63
C TYR E 179 -21.76 -68.84 -96.75
N ARG E 180 -20.77 -67.98 -96.98
CA ARG E 180 -19.53 -67.99 -96.21
C ARG E 180 -19.21 -66.57 -95.78
N ALA E 181 -18.59 -66.46 -94.59
CA ALA E 181 -18.10 -65.16 -94.15
C ALA E 181 -17.01 -64.64 -95.08
N GLU E 182 -15.99 -65.46 -95.32
CA GLU E 182 -15.04 -65.30 -96.41
C GLU E 182 -14.10 -64.12 -96.24
N SER E 183 -14.36 -63.25 -95.26
CA SER E 183 -13.38 -62.23 -94.90
C SER E 183 -12.57 -62.68 -93.70
N GLN E 184 -12.04 -63.90 -93.77
CA GLN E 184 -11.40 -64.54 -92.63
C GLN E 184 -10.73 -65.83 -93.06
N PRO E 185 -9.57 -66.15 -92.52
CA PRO E 185 -8.96 -67.45 -92.84
C PRO E 185 -9.83 -68.65 -92.46
N ASP E 186 -10.59 -68.58 -91.37
CA ASP E 186 -11.61 -69.55 -90.96
C ASP E 186 -12.24 -69.12 -89.64
N GLY E 187 -13.26 -69.88 -89.24
CA GLY E 187 -13.96 -69.68 -87.99
C GLY E 187 -15.43 -69.36 -88.17
N ILE E 188 -16.31 -70.23 -87.66
CA ILE E 188 -17.74 -69.95 -87.67
C ILE E 188 -18.35 -70.21 -86.29
N ILE E 189 -17.54 -69.96 -85.25
CA ILE E 189 -17.82 -70.37 -83.88
C ILE E 189 -19.28 -70.25 -83.47
N GLY E 190 -19.94 -69.15 -83.82
CA GLY E 190 -21.33 -68.97 -83.43
C GLY E 190 -22.12 -68.18 -84.44
N ILE E 191 -23.45 -68.31 -84.35
CA ILE E 191 -24.37 -67.60 -85.23
C ILE E 191 -25.49 -67.00 -84.39
N GLY E 192 -26.01 -65.87 -84.85
CA GLY E 192 -27.11 -65.21 -84.19
C GLY E 192 -27.80 -64.24 -85.12
N THR E 193 -28.78 -63.52 -84.59
CA THR E 193 -29.50 -62.52 -85.36
C THR E 193 -29.61 -61.25 -84.52
N TRP E 194 -29.05 -60.15 -85.03
CA TRP E 194 -29.00 -58.93 -84.21
C TRP E 194 -30.29 -58.11 -84.30
N ARG E 195 -30.56 -57.51 -85.46
CA ARG E 195 -31.82 -56.83 -85.69
C ARG E 195 -32.58 -57.44 -86.85
N ASP E 196 -31.98 -57.42 -88.03
CA ASP E 196 -32.42 -58.17 -89.19
C ASP E 196 -31.22 -58.87 -89.80
N PHE E 197 -30.04 -58.64 -89.24
CA PHE E 197 -28.78 -59.14 -89.76
C PHE E 197 -28.46 -60.47 -89.11
N ILE E 198 -28.05 -61.43 -89.93
CA ILE E 198 -27.45 -62.67 -89.43
C ILE E 198 -26.00 -62.37 -89.07
N VAL E 199 -25.63 -62.62 -87.83
CA VAL E 199 -24.31 -62.29 -87.32
C VAL E 199 -23.54 -63.59 -87.16
N CYS E 200 -22.39 -63.66 -87.82
CA CYS E 200 -21.51 -64.84 -87.78
C CYS E 200 -20.26 -64.46 -87.01
N PHE E 201 -20.08 -65.06 -85.85
CA PHE E 201 -18.93 -64.81 -84.98
C PHE E 201 -17.92 -65.91 -85.20
N GLY E 202 -16.80 -65.59 -85.82
CA GLY E 202 -15.77 -66.61 -85.99
C GLY E 202 -14.74 -66.51 -84.88
N SER E 203 -13.48 -66.50 -85.26
CA SER E 203 -12.40 -66.11 -84.37
C SER E 203 -11.67 -64.96 -85.04
N SER E 204 -11.52 -63.86 -84.31
CA SER E 204 -10.90 -62.63 -84.79
C SER E 204 -11.74 -61.90 -85.84
N THR E 205 -13.04 -62.22 -85.95
CA THR E 205 -13.92 -61.43 -86.81
C THR E 205 -15.38 -61.76 -86.51
N ILE E 206 -16.23 -60.77 -86.75
CA ILE E 206 -17.68 -60.91 -86.63
C ILE E 206 -18.30 -60.23 -87.85
N GLU E 207 -19.13 -60.96 -88.58
CA GLU E 207 -19.66 -60.49 -89.85
C GLU E 207 -21.17 -60.37 -89.77
N TYR E 208 -21.72 -59.43 -90.53
CA TYR E 208 -23.15 -59.19 -90.60
C TYR E 208 -23.65 -59.45 -92.01
N PHE E 209 -24.80 -60.09 -92.12
CA PHE E 209 -25.42 -60.41 -93.41
C PHE E 209 -26.85 -59.90 -93.40
N SER E 210 -27.27 -59.31 -94.51
CA SER E 210 -28.61 -58.78 -94.65
C SER E 210 -29.27 -59.39 -95.89
N LEU E 211 -30.60 -59.39 -95.90
CA LEU E 211 -31.34 -59.95 -97.02
C LEU E 211 -31.27 -59.03 -98.22
N THR E 212 -30.93 -59.60 -99.37
CA THR E 212 -30.94 -58.85 -100.63
C THR E 212 -32.35 -58.63 -101.14
N GLY E 213 -33.25 -59.58 -100.92
CA GLY E 213 -34.55 -59.54 -101.54
C GLY E 213 -34.58 -59.97 -102.98
N ALA E 214 -33.46 -60.49 -103.50
CA ALA E 214 -33.40 -60.90 -104.89
C ALA E 214 -34.30 -62.11 -105.13
N THR E 215 -34.93 -62.15 -106.30
CA THR E 215 -35.89 -63.20 -106.64
C THR E 215 -35.35 -64.24 -107.59
N THR E 216 -34.41 -63.89 -108.46
CA THR E 216 -33.92 -64.84 -109.45
C THR E 216 -33.27 -66.04 -108.76
N ALA E 217 -33.49 -67.22 -109.33
CA ALA E 217 -32.89 -68.43 -108.78
C ALA E 217 -31.37 -68.35 -108.88
N GLY E 218 -30.69 -68.78 -107.83
CA GLY E 218 -29.26 -68.72 -107.75
C GLY E 218 -28.71 -67.43 -107.18
N ALA E 219 -29.55 -66.41 -106.97
CA ALA E 219 -29.09 -65.16 -106.41
C ALA E 219 -28.78 -65.31 -104.93
N ALA E 220 -27.75 -64.61 -104.46
CA ALA E 220 -27.38 -64.64 -103.05
C ALA E 220 -28.43 -63.88 -102.25
N LEU E 221 -29.23 -64.61 -101.47
CA LEU E 221 -30.29 -63.99 -100.70
C LEU E 221 -29.78 -63.21 -99.50
N TYR E 222 -28.56 -63.47 -99.05
CA TYR E 222 -27.96 -62.78 -97.92
C TYR E 222 -26.62 -62.20 -98.35
N VAL E 223 -26.43 -60.91 -98.12
CA VAL E 223 -25.25 -60.18 -98.55
C VAL E 223 -24.49 -59.71 -97.31
N ALA E 224 -23.17 -59.89 -97.32
CA ALA E 224 -22.35 -59.44 -96.20
C ALA E 224 -22.36 -57.92 -96.11
N GLN E 225 -22.54 -57.42 -94.90
CA GLN E 225 -22.38 -56.00 -94.63
C GLN E 225 -20.98 -55.77 -94.10
N PRO E 226 -20.11 -55.10 -94.83
CA PRO E 226 -18.70 -55.00 -94.39
C PRO E 226 -18.46 -53.88 -93.39
N SER E 227 -19.25 -52.81 -93.48
CA SER E 227 -19.03 -51.68 -92.59
C SER E 227 -19.33 -52.01 -91.13
N LEU E 228 -20.15 -53.02 -90.89
CA LEU E 228 -20.54 -53.40 -89.53
C LEU E 228 -19.66 -54.48 -88.94
N MET E 229 -18.62 -54.93 -89.64
CA MET E 229 -17.80 -56.02 -89.15
C MET E 229 -16.91 -55.55 -88.01
N VAL E 230 -16.87 -56.36 -86.94
CA VAL E 230 -16.06 -56.08 -85.76
C VAL E 230 -14.81 -56.95 -85.83
N GLN E 231 -13.64 -56.32 -85.72
CA GLN E 231 -12.41 -57.07 -85.88
C GLN E 231 -12.05 -57.84 -84.61
N LYS E 232 -12.98 -58.66 -84.13
CA LYS E 232 -12.74 -59.48 -82.95
C LYS E 232 -13.71 -60.66 -82.99
N GLY E 233 -13.22 -61.84 -82.60
CA GLY E 233 -14.04 -63.03 -82.55
C GLY E 233 -14.42 -63.41 -81.14
N ILE E 234 -15.14 -64.52 -81.03
CA ILE E 234 -15.63 -65.00 -79.74
C ILE E 234 -14.93 -66.31 -79.41
N ALA E 235 -14.76 -66.54 -78.11
CA ALA E 235 -13.94 -67.66 -77.67
C ALA E 235 -14.60 -69.00 -77.95
N GLY E 236 -15.87 -69.15 -77.57
CA GLY E 236 -16.55 -70.41 -77.69
C GLY E 236 -17.92 -70.21 -78.32
N THR E 237 -18.56 -71.34 -78.63
CA THR E 237 -19.87 -71.28 -79.27
C THR E 237 -20.93 -70.69 -78.36
N TYR E 238 -20.65 -70.56 -77.07
CA TYR E 238 -21.64 -70.07 -76.12
C TYR E 238 -21.13 -68.87 -75.33
N CYS E 239 -20.06 -68.24 -75.82
CA CYS E 239 -19.44 -67.10 -75.18
C CYS E 239 -19.98 -65.79 -75.72
N LYS E 240 -21.27 -65.76 -76.02
CA LYS E 240 -21.95 -64.61 -76.57
C LYS E 240 -23.40 -64.63 -76.13
N THR E 241 -24.02 -63.45 -76.12
CA THR E 241 -25.44 -63.33 -75.78
C THR E 241 -25.97 -61.94 -76.09
N PRO E 242 -27.27 -61.79 -76.37
CA PRO E 242 -27.83 -60.45 -76.54
C PRO E 242 -27.96 -59.72 -75.22
N PHE E 243 -27.12 -58.71 -74.96
CA PHE E 243 -27.09 -58.13 -73.63
C PHE E 243 -28.00 -56.91 -73.50
N ALA E 244 -27.70 -55.84 -74.24
CA ALA E 244 -28.47 -54.61 -74.07
C ALA E 244 -29.24 -54.25 -75.33
N ASP E 245 -28.55 -53.98 -76.42
CA ASP E 245 -29.16 -53.91 -77.74
C ASP E 245 -28.24 -54.48 -78.80
N SER E 246 -27.09 -54.99 -78.41
CA SER E 246 -26.14 -55.63 -79.29
C SER E 246 -25.63 -56.86 -78.56
N TYR E 247 -24.56 -57.46 -79.08
CA TYR E 247 -24.08 -58.73 -78.58
C TYR E 247 -22.91 -58.52 -77.63
N ALA E 248 -22.97 -59.16 -76.48
CA ALA E 248 -21.85 -59.19 -75.54
C ALA E 248 -21.16 -60.54 -75.68
N PHE E 249 -19.83 -60.51 -75.72
CA PHE E 249 -19.10 -61.74 -76.01
C PHE E 249 -17.76 -61.74 -75.28
N ILE E 250 -17.12 -62.91 -75.28
CA ILE E 250 -15.78 -63.09 -74.73
C ILE E 250 -14.83 -63.29 -75.89
N SER E 251 -13.86 -62.40 -76.03
CA SER E 251 -13.00 -62.43 -77.20
C SER E 251 -12.15 -63.70 -77.23
N HIS E 252 -11.61 -63.99 -78.41
CA HIS E 252 -10.84 -65.17 -78.75
C HIS E 252 -9.36 -64.96 -78.46
N PRO E 253 -8.62 -66.03 -78.17
CA PRO E 253 -7.16 -65.91 -78.06
C PRO E 253 -6.48 -65.42 -79.32
N ALA E 254 -7.16 -65.49 -80.48
CA ALA E 254 -6.58 -64.99 -81.71
C ALA E 254 -6.38 -63.49 -81.69
N THR E 255 -7.08 -62.77 -80.83
CA THR E 255 -6.97 -61.32 -80.73
C THR E 255 -6.41 -60.91 -79.36
N GLY E 256 -5.38 -61.60 -78.91
CA GLY E 256 -4.83 -61.32 -77.61
C GLY E 256 -5.60 -62.01 -76.50
N ALA E 257 -5.32 -61.59 -75.28
CA ALA E 257 -5.95 -62.21 -74.12
C ALA E 257 -7.46 -62.02 -74.19
N PRO E 258 -8.25 -63.01 -73.80
CA PRO E 258 -9.70 -62.85 -73.81
C PRO E 258 -10.18 -61.87 -72.75
N SER E 259 -11.25 -61.17 -73.09
CA SER E 259 -11.96 -60.33 -72.15
C SER E 259 -13.38 -60.11 -72.68
N VAL E 260 -14.20 -59.49 -71.85
CA VAL E 260 -15.61 -59.33 -72.16
C VAL E 260 -15.82 -58.01 -72.90
N TYR E 261 -16.50 -58.06 -74.02
CA TYR E 261 -16.79 -56.90 -74.83
C TYR E 261 -18.27 -56.78 -75.09
N ILE E 262 -18.70 -55.55 -75.39
CA ILE E 262 -20.03 -55.26 -75.90
C ILE E 262 -19.86 -54.58 -77.25
N ILE E 263 -20.61 -55.05 -78.25
CA ILE E 263 -20.46 -54.54 -79.60
C ILE E 263 -21.10 -53.16 -79.70
N GLY E 264 -20.39 -52.22 -80.31
CA GLY E 264 -20.94 -50.91 -80.57
C GLY E 264 -21.45 -50.78 -81.99
N SER E 265 -20.77 -49.98 -82.80
CA SER E 265 -21.09 -49.84 -84.23
C SER E 265 -19.79 -49.97 -85.00
N GLY E 266 -19.46 -51.20 -85.39
CA GLY E 266 -18.20 -51.46 -86.05
C GLY E 266 -17.02 -51.61 -85.12
N GLN E 267 -17.25 -51.59 -83.80
CA GLN E 267 -16.17 -51.77 -82.85
C GLN E 267 -16.75 -52.42 -81.60
N ALA E 268 -15.86 -53.06 -80.84
CA ALA E 268 -16.22 -53.74 -79.61
C ALA E 268 -15.61 -52.96 -78.44
N SER E 269 -16.46 -52.58 -77.48
CA SER E 269 -16.06 -51.77 -76.34
C SER E 269 -15.81 -52.65 -75.13
N PRO E 270 -14.67 -52.53 -74.47
CA PRO E 270 -14.32 -53.49 -73.41
C PRO E 270 -15.10 -53.22 -72.14
N ILE E 271 -15.44 -54.31 -71.44
CA ILE E 271 -16.23 -54.25 -70.23
C ILE E 271 -15.50 -54.84 -69.03
N ALA E 272 -14.82 -55.96 -69.21
CA ALA E 272 -14.13 -56.59 -68.10
C ALA E 272 -12.99 -55.71 -67.62
N THR E 273 -12.77 -55.71 -66.31
CA THR E 273 -11.67 -54.98 -65.71
C THR E 273 -10.42 -55.86 -65.65
N ALA E 274 -9.35 -55.30 -65.07
CA ALA E 274 -8.10 -56.05 -64.99
C ALA E 274 -8.27 -57.32 -64.20
N SER E 275 -9.03 -57.27 -63.10
CA SER E 275 -9.23 -58.46 -62.29
C SER E 275 -10.00 -59.53 -63.05
N ILE E 276 -11.03 -59.12 -63.81
CA ILE E 276 -11.79 -60.08 -64.58
C ILE E 276 -10.91 -60.69 -65.69
N GLU E 277 -10.01 -59.89 -66.25
CA GLU E 277 -9.09 -60.43 -67.24
C GLU E 277 -8.11 -61.42 -66.61
N LYS E 278 -7.67 -61.17 -65.38
CA LYS E 278 -6.93 -62.19 -64.65
C LYS E 278 -7.74 -63.47 -64.53
N ILE E 279 -9.00 -63.34 -64.13
CA ILE E 279 -9.85 -64.50 -63.91
C ILE E 279 -10.00 -65.30 -65.19
N ILE E 280 -10.19 -64.60 -66.30
CA ILE E 280 -10.36 -65.27 -67.59
C ILE E 280 -9.06 -65.93 -68.04
N ARG E 281 -7.93 -65.24 -67.89
CA ARG E 281 -6.66 -65.82 -68.26
C ARG E 281 -6.30 -67.02 -67.40
N SER E 282 -6.92 -67.17 -66.23
CA SER E 282 -6.65 -68.36 -65.43
C SER E 282 -7.17 -69.64 -66.08
N TYR E 283 -8.11 -69.53 -67.01
CA TYR E 283 -8.65 -70.70 -67.71
C TYR E 283 -7.92 -70.89 -69.04
N THR E 284 -7.73 -72.15 -69.42
CA THR E 284 -7.09 -72.46 -70.69
C THR E 284 -8.01 -72.10 -71.85
N ALA E 285 -7.56 -72.37 -73.08
CA ALA E 285 -8.43 -72.18 -74.23
C ALA E 285 -9.66 -73.07 -74.13
N GLU E 286 -9.44 -74.35 -73.78
CA GLU E 286 -10.50 -75.19 -73.26
C GLU E 286 -10.75 -74.80 -71.81
N GLU E 287 -11.94 -75.14 -71.33
CA GLU E 287 -12.57 -74.58 -70.13
C GLU E 287 -12.96 -73.13 -70.33
N MET E 288 -12.59 -72.52 -71.43
CA MET E 288 -13.08 -71.20 -71.84
C MET E 288 -13.98 -71.29 -73.06
N ALA E 289 -13.66 -72.19 -73.98
CA ALA E 289 -14.61 -72.52 -75.04
C ALA E 289 -15.89 -73.12 -74.49
N THR E 290 -15.87 -73.62 -73.26
CA THR E 290 -17.04 -74.18 -72.60
C THR E 290 -17.76 -73.16 -71.73
N GLY E 291 -17.36 -71.89 -71.77
CA GLY E 291 -18.09 -70.88 -71.05
C GLY E 291 -19.48 -70.69 -71.59
N VAL E 292 -20.36 -70.20 -70.72
CA VAL E 292 -21.74 -69.90 -71.08
C VAL E 292 -22.00 -68.45 -70.71
N MET E 293 -22.92 -67.81 -71.42
CA MET E 293 -23.28 -66.43 -71.09
C MET E 293 -24.79 -66.28 -71.18
N GLU E 294 -25.37 -65.65 -70.17
CA GLU E 294 -26.81 -65.39 -70.12
C GLU E 294 -27.03 -63.93 -69.76
N THR E 295 -28.30 -63.53 -69.81
CA THR E 295 -28.72 -62.19 -69.42
C THR E 295 -29.94 -62.29 -68.52
N LEU E 296 -29.96 -61.46 -67.49
CA LEU E 296 -31.11 -61.33 -66.61
C LEU E 296 -31.50 -59.87 -66.51
N ARG E 297 -32.75 -59.64 -66.11
CA ARG E 297 -33.28 -58.28 -66.06
C ARG E 297 -34.38 -58.25 -65.01
N PHE E 298 -34.16 -57.50 -63.94
CA PHE E 298 -35.21 -57.34 -62.93
C PHE E 298 -34.90 -56.17 -62.02
N ASP E 299 -35.93 -55.37 -61.73
CA ASP E 299 -35.80 -54.19 -60.87
C ASP E 299 -34.76 -53.22 -61.40
N SER E 300 -34.75 -53.04 -62.72
CA SER E 300 -33.80 -52.22 -63.47
C SER E 300 -32.38 -52.79 -63.41
N HIS E 301 -32.15 -53.88 -62.69
CA HIS E 301 -30.88 -54.58 -62.78
C HIS E 301 -30.77 -55.23 -64.14
N GLU E 302 -29.72 -54.88 -64.89
CA GLU E 302 -29.43 -55.44 -66.20
C GLU E 302 -28.21 -56.34 -66.05
N LEU E 303 -28.42 -57.57 -65.66
CA LEU E 303 -27.32 -58.46 -65.32
C LEU E 303 -26.84 -59.22 -66.56
N LEU E 304 -25.53 -59.24 -66.76
CA LEU E 304 -24.88 -60.10 -67.73
C LEU E 304 -24.13 -61.18 -66.96
N ILE E 305 -24.57 -62.43 -67.07
CA ILE E 305 -24.02 -63.52 -66.29
C ILE E 305 -23.08 -64.32 -67.17
N ILE E 306 -21.91 -64.65 -66.65
CA ILE E 306 -20.91 -65.43 -67.34
C ILE E 306 -20.59 -66.63 -66.49
N HIS E 307 -20.92 -67.82 -66.98
CA HIS E 307 -20.64 -69.07 -66.30
C HIS E 307 -19.35 -69.66 -66.86
N LEU E 308 -18.47 -70.07 -65.96
CA LEU E 308 -17.22 -70.74 -66.30
C LEU E 308 -17.10 -71.96 -65.40
N PRO E 309 -16.13 -72.83 -65.64
CA PRO E 309 -16.02 -74.04 -64.82
C PRO E 309 -15.85 -73.79 -63.34
N ARG E 310 -15.41 -72.60 -62.93
CA ARG E 310 -15.19 -72.36 -61.51
C ARG E 310 -15.83 -71.07 -61.02
N HIS E 311 -16.02 -70.09 -61.91
CA HIS E 311 -16.52 -68.78 -61.51
C HIS E 311 -17.79 -68.43 -62.27
N VAL E 312 -18.74 -67.83 -61.56
CA VAL E 312 -19.90 -67.21 -62.15
C VAL E 312 -19.80 -65.71 -61.87
N LEU E 313 -19.68 -64.92 -62.93
CA LEU E 313 -19.47 -63.48 -62.81
C LEU E 313 -20.67 -62.74 -63.36
N VAL E 314 -21.25 -61.86 -62.56
CA VAL E 314 -22.40 -61.06 -62.96
C VAL E 314 -21.95 -59.62 -63.09
N TYR E 315 -22.26 -59.01 -64.23
CA TYR E 315 -21.93 -57.62 -64.51
C TYR E 315 -23.22 -56.82 -64.56
N ASP E 316 -23.30 -55.77 -63.76
CA ASP E 316 -24.48 -54.93 -63.69
C ASP E 316 -24.27 -53.69 -64.55
N ALA E 317 -24.99 -53.61 -65.65
CA ALA E 317 -24.86 -52.46 -66.54
C ALA E 317 -25.61 -51.24 -66.04
N SER E 318 -26.54 -51.42 -65.10
CA SER E 318 -27.29 -50.31 -64.53
C SER E 318 -26.61 -49.70 -63.33
N SER E 319 -25.56 -50.32 -62.82
CA SER E 319 -24.82 -49.81 -61.67
C SER E 319 -23.34 -49.72 -62.00
N SER E 320 -23.02 -49.32 -63.22
CA SER E 320 -21.64 -49.23 -63.68
C SER E 320 -21.29 -47.82 -64.10
N GLN E 321 -21.74 -46.83 -63.31
CA GLN E 321 -21.42 -45.44 -63.60
C GLN E 321 -19.99 -45.08 -63.22
N ASN E 322 -19.47 -45.66 -62.13
CA ASN E 322 -18.12 -45.38 -61.66
C ASN E 322 -17.11 -46.35 -62.22
N GLY E 323 -17.51 -47.19 -63.18
CA GLY E 323 -16.67 -48.25 -63.66
C GLY E 323 -17.44 -49.54 -63.64
N PRO E 324 -16.93 -50.56 -64.33
CA PRO E 324 -17.65 -51.83 -64.42
C PRO E 324 -17.89 -52.42 -63.03
N GLN E 325 -19.09 -52.95 -62.83
CA GLN E 325 -19.52 -53.48 -61.54
C GLN E 325 -19.69 -54.98 -61.67
N TRP E 326 -18.71 -55.73 -61.20
CA TRP E 326 -18.71 -57.18 -61.30
C TRP E 326 -18.84 -57.77 -59.91
N CYS E 327 -19.79 -58.68 -59.74
CA CYS E 327 -19.92 -59.45 -58.52
C CYS E 327 -19.83 -60.92 -58.85
N VAL E 328 -19.47 -61.73 -57.86
CA VAL E 328 -19.23 -63.15 -58.05
C VAL E 328 -20.33 -63.93 -57.35
N LEU E 329 -20.98 -64.81 -58.09
CA LEU E 329 -22.01 -65.69 -57.54
C LEU E 329 -21.39 -67.01 -57.14
N LYS E 330 -21.96 -67.64 -56.12
CA LYS E 330 -21.43 -68.90 -55.66
C LYS E 330 -22.46 -69.60 -54.81
N THR E 331 -22.24 -70.89 -54.57
CA THR E 331 -23.10 -71.73 -53.75
C THR E 331 -22.26 -72.38 -52.66
N GLY E 332 -22.81 -72.42 -51.46
CA GLY E 332 -22.13 -73.04 -50.35
C GLY E 332 -21.17 -72.08 -49.68
N LEU E 333 -20.29 -72.64 -48.85
CA LEU E 333 -19.37 -71.85 -48.05
C LEU E 333 -17.92 -71.96 -48.50
N TYR E 334 -17.64 -72.64 -49.60
CA TYR E 334 -16.26 -72.86 -50.04
C TYR E 334 -16.12 -72.65 -51.54
N ASP E 335 -16.64 -71.51 -52.02
CA ASP E 335 -16.44 -71.02 -53.39
C ASP E 335 -16.75 -72.08 -54.45
N ASP E 336 -17.83 -72.82 -54.24
CA ASP E 336 -18.33 -73.68 -55.29
C ASP E 336 -19.05 -72.84 -56.35
N VAL E 337 -19.17 -73.40 -57.54
CA VAL E 337 -19.83 -72.70 -58.63
C VAL E 337 -21.31 -72.50 -58.28
N TYR E 338 -21.88 -71.40 -58.75
CA TYR E 338 -23.31 -71.18 -58.59
C TYR E 338 -24.08 -72.29 -59.29
N ARG E 339 -25.10 -72.82 -58.60
CA ARG E 339 -25.83 -73.96 -59.14
C ARG E 339 -26.96 -73.55 -60.07
N GLY E 340 -27.32 -72.28 -60.14
CA GLY E 340 -28.39 -71.85 -61.02
C GLY E 340 -27.87 -71.52 -62.42
N VAL E 341 -28.68 -71.86 -63.43
CA VAL E 341 -28.28 -71.69 -64.81
C VAL E 341 -29.53 -71.66 -65.68
N ASP E 342 -29.44 -70.99 -66.82
CA ASP E 342 -30.55 -70.83 -67.77
C ASP E 342 -31.71 -70.09 -67.11
N PHE E 343 -31.47 -68.82 -66.77
CA PHE E 343 -32.50 -67.98 -66.19
C PHE E 343 -33.42 -67.46 -67.28
N MET E 344 -34.72 -67.68 -67.11
CA MET E 344 -35.73 -67.20 -68.06
C MET E 344 -36.90 -66.65 -67.27
N TYR E 345 -37.35 -65.45 -67.62
CA TYR E 345 -38.51 -64.84 -66.98
C TYR E 345 -39.77 -65.37 -67.67
N GLU E 346 -40.59 -66.10 -66.94
CA GLU E 346 -41.86 -66.62 -67.43
C GLU E 346 -42.97 -66.18 -66.51
N GLY E 347 -44.11 -65.83 -67.09
CA GLY E 347 -45.21 -65.33 -66.29
C GLY E 347 -44.83 -64.06 -65.56
N ASN E 348 -44.69 -64.15 -64.24
CA ASN E 348 -44.16 -63.04 -63.45
C ASN E 348 -43.07 -63.53 -62.49
N GLN E 349 -42.38 -64.60 -62.87
CA GLN E 349 -41.35 -65.21 -62.04
C GLN E 349 -40.17 -65.58 -62.92
N ILE E 350 -38.98 -65.57 -62.33
CA ILE E 350 -37.77 -65.98 -63.03
C ILE E 350 -37.48 -67.43 -62.67
N THR E 351 -37.37 -68.27 -63.68
CA THR E 351 -37.20 -69.71 -63.54
C THR E 351 -35.80 -70.10 -64.00
N CYS E 352 -35.13 -70.94 -63.22
CA CYS E 352 -33.77 -71.33 -63.51
C CYS E 352 -33.62 -72.84 -63.40
N GLY E 353 -32.70 -73.37 -64.20
CA GLY E 353 -32.32 -74.76 -64.10
C GLY E 353 -31.26 -74.96 -63.04
N ASP E 354 -30.66 -76.14 -63.05
CA ASP E 354 -29.58 -76.46 -62.13
C ASP E 354 -28.41 -77.04 -62.90
N LYS E 355 -27.23 -76.97 -62.29
CA LYS E 355 -26.02 -77.50 -62.89
C LYS E 355 -25.67 -78.90 -62.43
N SER E 356 -26.07 -79.28 -61.22
CA SER E 356 -25.68 -80.57 -60.67
C SER E 356 -26.83 -81.42 -60.18
N GLU E 357 -28.06 -80.91 -60.20
CA GLU E 357 -29.22 -81.67 -59.76
C GLU E 357 -30.29 -81.64 -60.83
N ALA E 358 -31.22 -82.59 -60.74
CA ALA E 358 -32.29 -82.75 -61.73
C ALA E 358 -33.55 -82.01 -61.34
N VAL E 359 -33.44 -80.71 -61.05
CA VAL E 359 -34.57 -79.91 -60.61
C VAL E 359 -34.58 -78.60 -61.38
N VAL E 360 -35.60 -77.81 -61.11
CA VAL E 360 -35.76 -76.47 -61.66
C VAL E 360 -36.37 -75.58 -60.58
N GLY E 361 -35.71 -74.45 -60.29
CA GLY E 361 -36.15 -73.53 -59.26
C GLY E 361 -36.75 -72.25 -59.86
N GLN E 362 -37.26 -71.40 -58.97
CA GLN E 362 -38.03 -70.25 -59.42
C GLN E 362 -37.64 -68.91 -58.80
N LEU E 363 -36.47 -68.80 -58.17
CA LEU E 363 -35.88 -67.50 -57.82
C LEU E 363 -36.84 -66.65 -56.97
N GLN E 364 -37.06 -67.12 -55.75
CA GLN E 364 -37.84 -66.36 -54.78
C GLN E 364 -37.04 -65.17 -54.26
N PHE E 365 -37.73 -64.05 -54.05
CA PHE E 365 -37.08 -62.77 -53.78
C PHE E 365 -36.97 -62.43 -52.29
N ASP E 366 -37.72 -63.11 -51.42
CA ASP E 366 -37.68 -62.80 -50.00
C ASP E 366 -36.88 -63.81 -49.20
N ILE E 367 -36.06 -64.63 -49.85
CA ILE E 367 -35.11 -65.50 -49.19
C ILE E 367 -33.78 -65.42 -49.94
N SER E 368 -32.73 -65.95 -49.31
CA SER E 368 -31.43 -66.03 -49.95
C SER E 368 -30.91 -67.45 -50.04
N SER E 369 -31.63 -68.42 -49.52
CA SER E 369 -31.20 -69.80 -49.56
C SER E 369 -31.39 -70.39 -50.95
N GLN E 370 -30.56 -71.36 -51.28
CA GLN E 370 -30.67 -72.09 -52.54
C GLN E 370 -31.17 -73.49 -52.21
N TYR E 371 -32.45 -73.74 -52.50
CA TYR E 371 -33.11 -75.00 -52.15
C TYR E 371 -32.99 -75.27 -50.65
N ASP E 372 -33.46 -74.30 -49.86
CA ASP E 372 -33.49 -74.40 -48.41
C ASP E 372 -32.11 -74.62 -47.81
N LYS E 373 -31.09 -74.04 -48.42
CA LYS E 373 -29.71 -74.20 -47.96
C LYS E 373 -29.07 -72.82 -47.79
N GLN E 374 -28.54 -72.56 -46.61
CA GLN E 374 -27.99 -71.24 -46.30
C GLN E 374 -26.74 -70.96 -47.12
N GLN E 375 -26.56 -69.70 -47.49
CA GLN E 375 -25.48 -69.29 -48.37
C GLN E 375 -24.57 -68.29 -47.67
N GLU E 376 -23.46 -67.99 -48.32
CA GLU E 376 -22.42 -67.12 -47.77
C GLU E 376 -22.34 -65.85 -48.61
N HIS E 377 -22.41 -64.70 -47.94
CA HIS E 377 -22.32 -63.41 -48.60
C HIS E 377 -21.10 -62.67 -48.06
N LEU E 378 -20.37 -62.01 -48.95
CA LEU E 378 -19.14 -61.30 -48.60
C LEU E 378 -19.20 -59.89 -49.12
N LEU E 379 -18.54 -58.96 -48.43
CA LEU E 379 -18.53 -57.55 -48.79
C LEU E 379 -17.23 -56.93 -48.29
N PHE E 380 -16.31 -56.66 -49.21
CA PHE E 380 -15.00 -56.17 -48.86
C PHE E 380 -14.88 -54.66 -49.07
N THR E 381 -14.04 -54.02 -48.27
CA THR E 381 -13.73 -52.61 -48.39
C THR E 381 -12.29 -52.42 -48.85
N PRO E 382 -12.02 -51.39 -49.66
CA PRO E 382 -10.67 -51.18 -50.17
C PRO E 382 -9.66 -50.87 -49.08
N LEU E 383 -8.43 -51.30 -49.30
CA LEU E 383 -7.32 -50.95 -48.41
C LEU E 383 -7.08 -49.46 -48.44
N PHE E 384 -6.83 -48.87 -47.27
CA PHE E 384 -6.48 -47.46 -47.23
C PHE E 384 -5.44 -47.24 -46.15
N LYS E 385 -4.63 -46.20 -46.34
CA LYS E 385 -3.52 -45.89 -45.45
C LYS E 385 -4.00 -44.93 -44.37
N ALA E 386 -3.94 -45.38 -43.12
CA ALA E 386 -4.44 -44.60 -41.99
C ALA E 386 -3.47 -44.69 -40.81
N ASP E 387 -2.19 -44.40 -41.07
CA ASP E 387 -1.15 -44.51 -40.05
C ASP E 387 -1.57 -43.94 -38.71
N ASN E 388 -1.63 -44.80 -37.69
CA ASN E 388 -1.96 -44.41 -36.32
C ASN E 388 -3.32 -43.71 -36.25
N ALA E 389 -4.37 -44.46 -36.57
CA ALA E 389 -5.68 -43.83 -36.69
C ALA E 389 -6.64 -44.12 -35.54
N ARG E 390 -6.56 -45.32 -34.94
CA ARG E 390 -7.38 -45.65 -33.76
C ARG E 390 -8.88 -45.54 -34.08
N CYS E 391 -9.35 -46.47 -34.91
CA CYS E 391 -10.72 -46.39 -35.40
C CYS E 391 -11.72 -46.95 -34.39
N PHE E 392 -12.85 -46.25 -34.28
CA PHE E 392 -13.97 -46.67 -33.44
C PHE E 392 -15.27 -46.51 -34.21
N ASP E 393 -16.35 -47.04 -33.65
CA ASP E 393 -17.71 -46.79 -34.11
C ASP E 393 -17.90 -47.24 -35.57
N LEU E 394 -17.78 -48.55 -35.78
CA LEU E 394 -17.97 -49.11 -37.11
C LEU E 394 -19.45 -49.41 -37.30
N GLU E 395 -20.09 -48.66 -38.21
CA GLU E 395 -21.53 -48.69 -38.41
C GLU E 395 -21.84 -49.24 -39.78
N VAL E 396 -22.96 -49.96 -39.88
CA VAL E 396 -23.53 -50.31 -41.18
C VAL E 396 -25.05 -50.35 -41.04
N GLU E 397 -25.75 -49.96 -42.09
CA GLU E 397 -27.21 -49.94 -42.10
C GLU E 397 -27.71 -51.23 -42.73
N SER E 398 -28.53 -51.98 -41.99
CA SER E 398 -29.09 -53.21 -42.50
C SER E 398 -30.60 -53.19 -42.35
N SER E 399 -31.31 -53.52 -43.42
CA SER E 399 -32.77 -53.57 -43.43
C SER E 399 -33.19 -54.92 -42.88
N THR E 400 -33.56 -54.95 -41.61
CA THR E 400 -33.90 -56.18 -40.91
C THR E 400 -35.40 -56.41 -40.95
N GLY E 401 -35.85 -57.39 -40.17
CA GLY E 401 -37.27 -57.64 -40.01
C GLY E 401 -37.71 -58.96 -40.59
N VAL E 402 -37.22 -59.31 -41.77
CA VAL E 402 -37.57 -60.55 -42.43
C VAL E 402 -36.44 -61.54 -42.23
N ALA E 403 -36.70 -62.57 -41.44
CA ALA E 403 -35.74 -63.62 -41.13
C ALA E 403 -36.39 -64.69 -40.26
N GLN E 404 -35.86 -65.91 -40.33
CA GLN E 404 -36.29 -66.97 -39.44
C GLN E 404 -35.40 -67.10 -38.21
N TYR E 405 -34.25 -66.44 -38.21
CA TYR E 405 -33.31 -66.50 -37.09
C TYR E 405 -32.52 -65.20 -37.07
N ALA E 406 -32.11 -64.80 -35.87
CA ALA E 406 -31.32 -63.59 -35.72
C ALA E 406 -29.91 -63.81 -36.21
N ASP E 407 -29.75 -64.03 -37.51
CA ASP E 407 -28.46 -64.46 -38.05
C ASP E 407 -27.40 -63.38 -37.86
N ARG E 408 -26.19 -63.81 -37.59
CA ARG E 408 -25.10 -62.93 -37.22
C ARG E 408 -24.15 -62.69 -38.40
N LEU E 409 -23.28 -61.71 -38.20
CA LEU E 409 -22.35 -61.24 -39.21
C LEU E 409 -20.94 -61.40 -38.64
N PHE E 410 -20.07 -62.07 -39.40
CA PHE E 410 -18.67 -62.23 -39.02
C PHE E 410 -17.90 -61.05 -39.59
N LEU E 411 -17.42 -60.20 -38.70
CA LEU E 411 -16.66 -59.01 -39.08
C LEU E 411 -15.19 -59.24 -38.75
N SER E 412 -14.31 -58.98 -39.72
CA SER E 412 -12.89 -59.15 -39.50
C SER E 412 -12.14 -58.12 -40.32
N ALA E 413 -10.89 -57.90 -39.95
CA ALA E 413 -10.07 -56.88 -40.59
C ALA E 413 -8.70 -57.45 -40.94
N THR E 414 -8.16 -56.98 -42.05
CA THR E 414 -6.83 -57.34 -42.50
C THR E 414 -5.95 -56.10 -42.53
N THR E 415 -4.66 -56.29 -42.30
CA THR E 415 -3.68 -55.22 -42.34
C THR E 415 -2.79 -55.27 -43.56
N ASP E 416 -2.87 -56.33 -44.36
CA ASP E 416 -2.10 -56.43 -45.58
C ASP E 416 -2.93 -56.79 -46.80
N GLY E 417 -4.23 -57.01 -46.65
CA GLY E 417 -5.09 -57.34 -47.77
C GLY E 417 -5.08 -58.79 -48.17
N ILE E 418 -4.41 -59.67 -47.42
CA ILE E 418 -4.36 -61.08 -47.77
C ILE E 418 -4.90 -61.91 -46.61
N ASN E 419 -4.23 -61.84 -45.46
CA ASN E 419 -4.61 -62.62 -44.29
C ASN E 419 -5.44 -61.74 -43.37
N TYR E 420 -6.59 -62.26 -42.96
CA TYR E 420 -7.50 -61.51 -42.12
C TYR E 420 -7.32 -61.88 -40.65
N GLY E 421 -7.82 -61.01 -39.79
CA GLY E 421 -7.73 -61.18 -38.36
C GLY E 421 -8.90 -61.97 -37.81
N ARG E 422 -9.15 -61.78 -36.52
CA ARG E 422 -10.21 -62.51 -35.85
C ARG E 422 -11.57 -62.03 -36.34
N GLU E 423 -12.55 -62.93 -36.30
CA GLU E 423 -13.91 -62.65 -36.73
C GLU E 423 -14.81 -62.50 -35.51
N GLN E 424 -15.47 -61.37 -35.40
CA GLN E 424 -16.42 -61.11 -34.33
C GLN E 424 -17.84 -61.23 -34.88
N MET E 425 -18.73 -61.79 -34.09
CA MET E 425 -20.11 -62.00 -34.51
C MET E 425 -20.99 -60.87 -33.98
N ILE E 426 -21.70 -60.20 -34.88
CA ILE E 426 -22.64 -59.15 -34.51
C ILE E 426 -23.99 -59.48 -35.13
N GLU E 427 -25.04 -59.45 -34.31
CA GLU E 427 -26.38 -59.81 -34.79
C GLU E 427 -26.85 -58.77 -35.79
N GLN E 428 -26.84 -59.12 -37.07
CA GLN E 428 -27.17 -58.18 -38.12
C GLN E 428 -28.62 -58.23 -38.57
N ASN E 429 -29.41 -59.15 -38.03
CA ASN E 429 -30.81 -59.25 -38.42
C ASN E 429 -31.56 -59.93 -37.29
N GLU E 430 -32.89 -59.85 -37.34
CA GLU E 430 -33.70 -60.38 -36.26
C GLU E 430 -35.12 -60.53 -36.76
N PRO E 431 -35.83 -61.59 -36.39
CA PRO E 431 -37.22 -61.74 -36.85
C PRO E 431 -38.13 -60.65 -36.31
N PHE E 432 -38.66 -59.83 -37.22
CA PHE E 432 -39.67 -58.82 -36.95
C PHE E 432 -39.15 -57.65 -36.14
N VAL E 433 -37.84 -57.44 -36.11
CA VAL E 433 -37.24 -56.23 -35.56
C VAL E 433 -36.80 -55.39 -36.75
N TYR E 434 -37.45 -54.25 -36.95
CA TYR E 434 -37.19 -53.42 -38.12
C TYR E 434 -36.18 -52.31 -37.85
N ASP E 435 -35.76 -52.13 -36.60
CA ASP E 435 -34.70 -51.19 -36.24
C ASP E 435 -33.59 -51.96 -35.53
N LYS E 436 -32.40 -51.99 -36.12
CA LYS E 436 -31.33 -52.82 -35.56
C LYS E 436 -30.08 -52.05 -35.17
N ARG E 437 -29.56 -51.19 -36.04
CA ARG E 437 -28.30 -50.47 -35.81
C ARG E 437 -27.13 -51.42 -35.65
N VAL E 438 -26.78 -52.08 -36.76
CA VAL E 438 -25.60 -52.95 -36.79
C VAL E 438 -24.33 -52.12 -36.58
N LEU E 439 -23.61 -52.43 -35.50
CA LEU E 439 -22.58 -51.56 -34.96
C LEU E 439 -21.54 -52.40 -34.24
N TRP E 440 -20.27 -51.97 -34.34
CA TRP E 440 -19.20 -52.49 -33.50
C TRP E 440 -18.47 -51.30 -32.87
N LYS E 441 -18.42 -51.28 -31.55
CA LYS E 441 -17.99 -50.08 -30.85
C LYS E 441 -16.49 -49.85 -31.01
N ARG E 442 -15.67 -50.81 -30.60
CA ARG E 442 -14.23 -50.63 -30.52
C ARG E 442 -13.53 -51.44 -31.60
N VAL E 443 -12.99 -50.74 -32.59
CA VAL E 443 -12.02 -51.34 -33.49
C VAL E 443 -10.65 -50.89 -33.02
N GLY E 444 -9.61 -51.53 -33.52
CA GLY E 444 -8.28 -51.28 -33.01
C GLY E 444 -7.64 -50.01 -33.55
N ARG E 445 -6.33 -49.96 -33.43
CA ARG E 445 -5.52 -48.93 -34.05
C ARG E 445 -4.98 -49.47 -35.37
N ILE E 446 -5.04 -48.64 -36.40
CA ILE E 446 -4.48 -49.01 -37.70
C ILE E 446 -2.98 -48.69 -37.68
N ARG E 447 -2.16 -49.72 -37.86
CA ARG E 447 -0.73 -49.49 -37.92
C ARG E 447 -0.36 -48.79 -39.22
N ARG E 448 -0.57 -49.47 -40.35
CA ARG E 448 -0.38 -48.85 -41.66
C ARG E 448 -1.64 -48.86 -42.50
N LEU E 449 -2.25 -50.04 -42.71
CA LEU E 449 -3.38 -50.20 -43.62
C LEU E 449 -4.45 -51.02 -42.93
N ILE E 450 -5.66 -51.01 -43.48
CA ILE E 450 -6.75 -51.81 -42.95
C ILE E 450 -7.79 -52.06 -44.03
N GLY E 451 -8.43 -53.22 -43.94
CA GLY E 451 -9.59 -53.53 -44.76
C GLY E 451 -10.50 -54.44 -43.97
N PHE E 452 -11.77 -54.48 -44.37
CA PHE E 452 -12.79 -55.21 -43.62
C PHE E 452 -13.47 -56.24 -44.50
N LYS E 453 -13.86 -57.37 -43.90
CA LYS E 453 -14.34 -58.53 -44.65
C LYS E 453 -15.86 -58.65 -44.65
N LEU E 454 -16.50 -58.62 -43.48
CA LEU E 454 -17.95 -58.46 -43.38
C LEU E 454 -18.68 -59.61 -44.10
N ARG E 455 -18.52 -60.81 -43.56
CA ARG E 455 -19.15 -62.01 -44.09
C ARG E 455 -20.48 -62.26 -43.41
N VAL E 456 -21.46 -62.72 -44.18
CA VAL E 456 -22.79 -63.02 -43.66
C VAL E 456 -23.26 -64.35 -44.21
N ILE E 457 -23.77 -65.22 -43.34
CA ILE E 457 -24.31 -66.51 -43.73
C ILE E 457 -25.76 -66.57 -43.28
N THR E 458 -26.67 -66.66 -44.24
CA THR E 458 -28.08 -66.45 -43.96
C THR E 458 -28.95 -67.33 -44.85
N LYS E 459 -30.20 -67.48 -44.43
CA LYS E 459 -31.26 -67.98 -45.29
C LYS E 459 -32.27 -66.89 -45.64
N SER E 460 -31.95 -65.64 -45.35
CA SER E 460 -32.85 -64.50 -45.48
C SER E 460 -32.13 -63.38 -46.21
N PRO E 461 -32.88 -62.47 -46.84
CA PRO E 461 -32.23 -61.44 -47.65
C PRO E 461 -31.33 -60.54 -46.82
N VAL E 462 -30.28 -60.04 -47.45
CA VAL E 462 -29.29 -59.18 -46.82
C VAL E 462 -29.30 -57.85 -47.54
N THR E 463 -29.45 -56.76 -46.79
CA THR E 463 -29.43 -55.40 -47.33
C THR E 463 -28.48 -54.59 -46.48
N LEU E 464 -27.42 -54.06 -47.09
CA LEU E 464 -26.40 -53.35 -46.34
C LEU E 464 -26.00 -52.06 -47.04
N SER E 465 -25.81 -51.00 -46.26
CA SER E 465 -25.41 -49.72 -46.83
C SER E 465 -24.85 -48.85 -45.72
N GLY E 466 -24.27 -47.72 -46.13
CA GLY E 466 -23.83 -46.72 -45.18
C GLY E 466 -22.77 -47.19 -44.21
N CYS E 467 -21.80 -47.95 -44.68
CA CYS E 467 -20.69 -48.36 -43.83
C CYS E 467 -19.85 -47.14 -43.47
N GLN E 468 -19.59 -46.95 -42.18
CA GLN E 468 -18.83 -45.79 -41.74
C GLN E 468 -18.01 -46.13 -40.52
N ILE E 469 -16.97 -45.32 -40.30
CA ILE E 469 -16.12 -45.43 -39.12
C ILE E 469 -15.89 -44.04 -38.57
N ARG E 470 -15.42 -43.98 -37.33
CA ARG E 470 -14.98 -42.73 -36.71
C ARG E 470 -13.49 -42.84 -36.46
N LEU E 471 -12.70 -42.12 -37.25
CA LEU E 471 -11.26 -42.25 -37.25
C LEU E 471 -10.56 -41.30 -36.30
N GLU E 472 -11.31 -40.52 -35.53
CA GLU E 472 -10.74 -39.52 -34.63
C GLU E 472 -9.78 -38.58 -35.36
N PRO F 2 6.93 -11.29 -52.69
CA PRO F 2 6.01 -11.56 -53.80
C PRO F 2 6.74 -11.95 -55.07
N ILE F 3 6.87 -13.24 -55.33
CA ILE F 3 7.55 -13.74 -56.51
C ILE F 3 6.55 -13.79 -57.65
N GLN F 4 6.90 -13.17 -58.78
CA GLN F 4 6.05 -13.11 -59.95
C GLN F 4 6.78 -13.65 -61.15
N GLN F 5 6.07 -14.38 -62.00
CA GLN F 5 6.62 -15.03 -63.18
C GLN F 5 6.38 -14.16 -64.41
N LEU F 6 7.43 -13.94 -65.20
CA LEU F 6 7.34 -13.13 -66.40
C LEU F 6 7.37 -14.02 -67.63
N PRO F 7 6.29 -14.10 -68.41
CA PRO F 7 6.34 -14.88 -69.64
C PRO F 7 7.34 -14.31 -70.64
N MET F 8 8.02 -15.21 -71.36
CA MET F 8 9.07 -14.84 -72.28
C MET F 8 8.70 -15.05 -73.74
N MET F 9 7.74 -15.93 -74.03
CA MET F 9 7.52 -16.41 -75.38
C MET F 9 7.05 -15.32 -76.33
N LYS F 10 6.62 -14.18 -75.81
CA LYS F 10 6.15 -13.08 -76.65
C LYS F 10 6.11 -11.82 -75.82
N GLY F 11 6.86 -10.80 -76.22
CA GLY F 11 6.91 -9.56 -75.48
C GLY F 11 5.96 -8.53 -76.07
N MET F 12 5.92 -7.37 -75.41
CA MET F 12 5.08 -6.28 -75.85
C MET F 12 5.89 -5.00 -75.90
N GLY F 13 5.65 -4.18 -76.91
CA GLY F 13 6.33 -2.91 -77.02
C GLY F 13 5.49 -1.95 -77.82
N LYS F 14 6.10 -0.83 -78.19
CA LYS F 14 5.44 0.18 -78.99
C LYS F 14 6.24 0.45 -80.26
N ASP F 15 5.53 0.64 -81.37
CA ASP F 15 6.15 1.01 -82.63
C ASP F 15 6.22 2.53 -82.69
N PHE F 16 7.43 3.08 -82.53
CA PHE F 16 7.57 4.52 -82.35
C PHE F 16 7.21 5.31 -83.60
N LYS F 17 7.04 4.65 -84.75
CA LYS F 17 6.66 5.38 -85.95
C LYS F 17 5.22 5.88 -85.86
N ASN F 18 4.29 5.02 -85.44
CA ASN F 18 2.89 5.39 -85.35
C ASN F 18 2.35 5.29 -83.92
N ALA F 19 3.20 4.96 -82.95
CA ALA F 19 2.83 4.91 -81.55
C ALA F 19 1.69 3.92 -81.30
N ASP F 20 1.85 2.70 -81.79
CA ASP F 20 0.87 1.64 -81.60
C ASP F 20 1.54 0.44 -80.96
N TYR F 21 0.79 -0.25 -80.11
CA TYR F 21 1.34 -1.40 -79.42
C TYR F 21 1.53 -2.57 -80.38
N ILE F 22 2.72 -3.16 -80.35
CA ILE F 22 3.06 -4.30 -81.18
C ILE F 22 3.66 -5.37 -80.31
N ASP F 23 3.71 -6.58 -80.85
CA ASP F 23 4.35 -7.69 -80.16
C ASP F 23 5.82 -7.73 -80.52
N TYR F 24 6.61 -8.25 -79.58
CA TYR F 24 8.04 -8.43 -79.77
C TYR F 24 8.30 -9.93 -79.86
N LEU F 25 8.93 -10.35 -80.94
CA LEU F 25 8.98 -11.79 -81.04
C LEU F 25 10.38 -12.31 -80.74
N PRO F 26 10.50 -13.49 -80.14
CA PRO F 26 11.84 -14.01 -79.83
C PRO F 26 12.67 -14.19 -81.09
N VAL F 27 13.94 -13.82 -81.00
CA VAL F 27 14.88 -13.94 -82.11
C VAL F 27 15.69 -15.21 -81.90
N ASN F 28 15.59 -16.13 -82.85
CA ASN F 28 16.33 -17.39 -82.84
C ASN F 28 15.96 -18.28 -81.65
N MET F 29 14.78 -18.11 -81.07
CA MET F 29 14.34 -18.93 -79.95
C MET F 29 12.98 -19.52 -80.25
N LEU F 30 12.86 -20.83 -80.05
CA LEU F 30 11.60 -21.55 -80.23
C LEU F 30 11.06 -21.96 -78.88
N ALA F 31 9.77 -21.72 -78.66
CA ALA F 31 9.12 -22.04 -77.40
C ALA F 31 8.62 -23.48 -77.44
N THR F 32 9.11 -24.31 -76.53
CA THR F 32 8.68 -25.69 -76.42
C THR F 32 7.78 -25.84 -75.21
N PRO F 33 6.49 -26.13 -75.37
CA PRO F 33 5.59 -26.29 -74.22
C PRO F 33 5.80 -27.62 -73.55
N LYS F 34 6.28 -27.58 -72.30
CA LYS F 34 6.63 -28.78 -71.56
C LYS F 34 6.82 -28.43 -70.09
N GLU F 35 6.24 -29.21 -69.19
CA GLU F 35 6.35 -28.89 -67.77
C GLU F 35 7.77 -29.11 -67.31
N ILE F 36 8.41 -28.07 -66.78
CA ILE F 36 9.80 -28.23 -66.37
C ILE F 36 9.97 -27.98 -64.88
N LEU F 37 9.79 -26.74 -64.45
CA LEU F 37 9.99 -26.37 -63.04
C LEU F 37 9.12 -25.14 -62.80
N ASN F 38 7.91 -25.34 -62.30
CA ASN F 38 6.94 -24.26 -62.11
C ASN F 38 6.78 -23.40 -63.36
N SER F 39 7.06 -23.95 -64.54
CA SER F 39 7.07 -23.16 -65.77
C SER F 39 6.08 -23.64 -66.81
N SER F 40 6.04 -24.94 -67.10
CA SER F 40 5.24 -25.48 -68.20
C SER F 40 5.65 -24.84 -69.53
N GLY F 41 6.90 -25.08 -69.92
CA GLY F 41 7.39 -24.60 -71.18
C GLY F 41 8.71 -23.86 -71.08
N TYR F 42 9.60 -24.07 -72.06
CA TYR F 42 10.90 -23.41 -72.06
C TYR F 42 11.17 -22.83 -73.44
N LEU F 43 12.36 -22.22 -73.59
CA LEU F 43 12.76 -21.55 -74.82
C LEU F 43 14.13 -22.10 -75.21
N ARG F 44 14.22 -22.65 -76.40
CA ARG F 44 15.46 -23.27 -76.88
C ARG F 44 15.91 -22.61 -78.17
N SER F 45 17.20 -22.37 -78.29
CA SER F 45 17.74 -21.69 -79.46
C SER F 45 17.57 -22.55 -80.70
N PHE F 46 17.43 -21.88 -81.84
CA PHE F 46 17.33 -22.56 -83.12
C PHE F 46 18.64 -23.30 -83.41
N PRO F 47 18.58 -24.50 -83.99
CA PRO F 47 19.79 -25.26 -84.22
C PRO F 47 20.76 -24.55 -85.16
N GLY F 48 22.03 -24.80 -84.96
CA GLY F 48 23.04 -24.11 -85.73
C GLY F 48 23.29 -24.79 -87.05
N ILE F 49 23.97 -24.08 -87.95
CA ILE F 49 24.26 -24.57 -89.29
C ILE F 49 25.75 -24.84 -89.41
N THR F 50 26.09 -26.03 -89.90
CA THR F 50 27.47 -26.43 -90.09
C THR F 50 27.67 -26.95 -91.50
N LYS F 51 28.83 -26.64 -92.07
CA LYS F 51 29.11 -26.91 -93.48
C LYS F 51 28.95 -28.39 -93.81
N ARG F 52 28.30 -28.67 -94.93
CA ARG F 52 28.25 -30.01 -95.48
C ARG F 52 28.84 -30.11 -96.88
N TYR F 53 28.38 -29.29 -97.81
CA TYR F 53 28.76 -29.40 -99.21
C TYR F 53 29.09 -28.03 -99.79
N ASP F 54 29.86 -28.04 -100.88
CA ASP F 54 30.06 -26.88 -101.74
C ASP F 54 29.25 -27.09 -103.01
N MET F 55 28.39 -26.13 -103.35
CA MET F 55 27.54 -26.24 -104.51
C MET F 55 27.92 -25.19 -105.56
N ASN F 56 27.11 -25.13 -106.61
CA ASN F 56 27.38 -24.21 -107.72
C ASN F 56 27.11 -22.77 -107.34
N GLY F 57 26.18 -22.53 -106.45
CA GLY F 57 25.82 -21.16 -106.08
C GLY F 57 24.75 -21.16 -105.03
N VAL F 58 24.05 -20.02 -104.93
CA VAL F 58 22.95 -19.92 -103.99
C VAL F 58 21.85 -20.88 -104.41
N SER F 59 21.13 -21.41 -103.42
CA SER F 59 20.12 -22.42 -103.69
C SER F 59 18.93 -21.80 -104.43
N ARG F 60 18.29 -22.62 -105.26
CA ARG F 60 17.10 -22.20 -105.97
C ARG F 60 15.93 -23.15 -105.81
N GLY F 61 16.14 -24.40 -105.44
CA GLY F 61 15.01 -25.29 -105.21
C GLY F 61 15.47 -26.57 -104.54
N VAL F 62 14.51 -27.25 -103.94
CA VAL F 62 14.79 -28.50 -103.23
C VAL F 62 13.56 -29.38 -103.29
N GLU F 63 13.79 -30.69 -103.33
CA GLU F 63 12.70 -31.65 -103.31
C GLU F 63 13.22 -32.98 -102.80
N TYR F 64 12.30 -33.82 -102.37
CA TYR F 64 12.62 -35.18 -101.95
C TYR F 64 12.14 -36.14 -103.04
N ASN F 65 13.08 -36.66 -103.82
CA ASN F 65 12.79 -37.68 -104.81
C ASN F 65 12.41 -38.95 -104.06
N THR F 66 11.11 -39.25 -104.00
CA THR F 66 10.65 -40.50 -103.42
C THR F 66 10.82 -41.67 -104.36
N ALA F 67 10.98 -41.41 -105.66
CA ALA F 67 11.30 -42.48 -106.59
C ALA F 67 12.70 -42.99 -106.35
N GLN F 68 13.67 -42.10 -106.24
CA GLN F 68 15.06 -42.47 -106.00
C GLN F 68 15.43 -42.46 -104.53
N ASN F 69 14.53 -42.04 -103.65
CA ASN F 69 14.80 -41.88 -102.22
C ASN F 69 16.07 -41.06 -102.01
N ALA F 70 16.03 -39.84 -102.51
CA ALA F 70 17.14 -38.91 -102.39
C ALA F 70 16.59 -37.50 -102.28
N VAL F 71 17.49 -36.52 -102.20
CA VAL F 71 17.11 -35.12 -102.15
C VAL F 71 17.75 -34.41 -103.34
N TYR F 72 16.93 -33.77 -104.14
CA TYR F 72 17.40 -33.03 -105.31
C TYR F 72 17.43 -31.56 -104.99
N ARG F 73 18.56 -30.92 -105.28
CA ARG F 73 18.75 -29.51 -104.95
C ARG F 73 19.24 -28.77 -106.19
N VAL F 74 18.45 -27.81 -106.65
CA VAL F 74 18.85 -26.90 -107.72
C VAL F 74 19.54 -25.71 -107.03
N CYS F 75 20.87 -25.75 -107.00
CA CYS F 75 21.67 -24.68 -106.44
C CYS F 75 22.46 -24.03 -107.57
N GLY F 76 22.38 -22.71 -107.66
CA GLY F 76 23.06 -22.02 -108.74
C GLY F 76 22.48 -22.44 -110.07
N GLY F 77 23.36 -22.83 -111.00
CA GLY F 77 22.95 -23.31 -112.29
C GLY F 77 22.96 -24.81 -112.46
N LYS F 78 23.47 -25.55 -111.48
CA LYS F 78 23.55 -26.99 -111.57
C LYS F 78 22.43 -27.64 -110.76
N LEU F 79 22.18 -28.90 -111.04
CA LEU F 79 21.18 -29.68 -110.31
C LEU F 79 21.90 -30.86 -109.67
N TYR F 80 21.75 -31.01 -108.36
CA TYR F 80 22.47 -32.01 -107.58
C TYR F 80 21.51 -33.05 -107.03
N LYS F 81 21.83 -34.32 -107.23
CA LYS F 81 21.13 -35.42 -106.55
C LYS F 81 22.02 -35.84 -105.39
N GLY F 82 21.61 -35.48 -104.18
CA GLY F 82 22.47 -35.68 -103.03
C GLY F 82 23.60 -34.69 -103.05
N GLU F 83 24.81 -35.18 -103.36
CA GLU F 83 25.97 -34.31 -103.51
C GLU F 83 26.51 -34.25 -104.93
N SER F 84 26.11 -35.18 -105.79
CA SER F 84 26.67 -35.30 -107.13
C SER F 84 25.78 -34.58 -108.13
N GLU F 85 26.40 -33.79 -109.00
CA GLU F 85 25.67 -33.10 -110.06
C GLU F 85 25.08 -34.11 -111.03
N VAL F 86 23.87 -33.85 -111.50
CA VAL F 86 23.22 -34.71 -112.48
C VAL F 86 22.62 -33.95 -113.65
N GLY F 87 22.80 -32.64 -113.71
CA GLY F 87 22.24 -31.88 -114.83
C GLY F 87 22.63 -30.43 -114.72
N ASP F 88 22.19 -29.67 -115.73
CA ASP F 88 22.43 -28.24 -115.80
C ASP F 88 21.09 -27.52 -115.90
N VAL F 89 20.96 -26.41 -115.18
CA VAL F 89 19.70 -25.67 -115.10
C VAL F 89 19.97 -24.23 -115.51
N ALA F 90 19.07 -23.67 -116.31
CA ALA F 90 19.15 -22.28 -116.72
C ALA F 90 18.46 -21.37 -115.70
N GLY F 91 18.60 -20.07 -115.89
CA GLY F 91 17.94 -19.09 -115.06
C GLY F 91 18.64 -18.88 -113.72
N SER F 92 18.14 -17.89 -112.99
CA SER F 92 18.75 -17.49 -111.72
C SER F 92 17.79 -17.39 -110.55
N GLY F 93 16.48 -17.35 -110.78
CA GLY F 93 15.52 -17.22 -109.71
C GLY F 93 15.08 -18.55 -109.14
N ARG F 94 14.15 -18.48 -108.19
CA ARG F 94 13.58 -19.68 -107.62
C ARG F 94 12.84 -20.47 -108.69
N VAL F 95 13.07 -21.78 -108.72
CA VAL F 95 12.52 -22.64 -109.75
C VAL F 95 11.53 -23.60 -109.13
N SER F 96 10.49 -23.95 -109.89
CA SER F 96 9.54 -24.95 -109.43
C SER F 96 10.13 -26.34 -109.63
N MET F 97 9.73 -27.27 -108.78
CA MET F 97 10.30 -28.61 -108.81
C MET F 97 9.17 -29.63 -108.68
N ALA F 98 9.29 -30.73 -109.42
CA ALA F 98 8.38 -31.86 -109.30
C ALA F 98 9.14 -33.11 -109.70
N HIS F 99 8.58 -34.27 -109.38
CA HIS F 99 9.29 -35.49 -109.71
C HIS F 99 8.29 -36.62 -109.89
N GLY F 100 8.71 -37.64 -110.64
CA GLY F 100 7.82 -38.74 -110.91
C GLY F 100 8.52 -40.08 -111.02
N ARG F 101 7.88 -41.06 -111.65
CA ARG F 101 8.51 -42.41 -111.68
C ARG F 101 9.67 -42.43 -112.67
N THR F 102 9.65 -41.57 -113.69
CA THR F 102 10.68 -41.67 -114.72
C THR F 102 11.70 -40.55 -114.69
N SER F 103 11.38 -39.41 -114.09
CA SER F 103 12.24 -38.24 -114.26
C SER F 103 12.04 -37.28 -113.09
N GLN F 104 12.85 -36.22 -113.11
CA GLN F 104 12.75 -35.11 -112.18
C GLN F 104 12.57 -33.84 -112.99
N ALA F 105 11.41 -33.20 -112.87
CA ALA F 105 11.06 -32.06 -113.69
C ALA F 105 11.31 -30.77 -112.92
N VAL F 106 11.80 -29.76 -113.63
CA VAL F 106 12.03 -28.43 -113.09
C VAL F 106 11.31 -27.44 -113.98
N GLY F 107 10.50 -26.58 -113.37
CA GLY F 107 9.89 -25.48 -114.08
C GLY F 107 10.74 -24.24 -113.95
N VAL F 108 11.28 -23.78 -115.07
CA VAL F 108 12.21 -22.67 -115.11
C VAL F 108 12.13 -21.96 -116.46
N ASN F 109 12.02 -20.62 -116.43
CA ASN F 109 11.97 -19.80 -117.65
C ASN F 109 10.77 -20.17 -118.52
N GLY F 110 9.65 -20.50 -117.88
CA GLY F 110 8.49 -20.92 -118.63
C GLY F 110 8.64 -22.26 -119.30
N GLN F 111 9.66 -23.03 -118.93
CA GLN F 111 9.94 -24.33 -119.52
C GLN F 111 9.77 -25.41 -118.47
N LEU F 112 9.41 -26.60 -118.92
CA LEU F 112 9.30 -27.77 -118.06
C LEU F 112 10.39 -28.75 -118.50
N VAL F 113 11.58 -28.62 -117.91
CA VAL F 113 12.73 -29.40 -118.32
C VAL F 113 12.83 -30.62 -117.41
N GLU F 114 12.81 -31.80 -118.00
CA GLU F 114 12.83 -33.07 -117.27
C GLU F 114 14.23 -33.67 -117.37
N TYR F 115 14.83 -33.96 -116.22
CA TYR F 115 16.10 -34.67 -116.15
C TYR F 115 15.76 -36.11 -115.76
N ARG F 116 15.93 -37.03 -116.69
CA ARG F 116 15.53 -38.40 -116.46
C ARG F 116 16.66 -39.19 -115.83
N TYR F 117 16.29 -40.25 -115.12
CA TYR F 117 17.26 -40.96 -114.31
C TYR F 117 18.30 -41.70 -115.13
N ASP F 118 18.10 -41.84 -116.44
CA ASP F 118 19.05 -42.53 -117.29
C ASP F 118 20.07 -41.59 -117.93
N GLY F 119 20.00 -40.29 -117.65
CA GLY F 119 20.96 -39.35 -118.17
C GLY F 119 20.53 -38.56 -119.38
N THR F 120 19.23 -38.44 -119.64
CA THR F 120 18.71 -37.69 -120.77
C THR F 120 17.86 -36.53 -120.29
N VAL F 121 17.93 -35.41 -121.00
CA VAL F 121 17.22 -34.19 -120.63
C VAL F 121 16.24 -33.86 -121.73
N LYS F 122 14.96 -33.80 -121.38
CA LYS F 122 13.92 -33.45 -122.33
C LYS F 122 13.22 -32.18 -121.89
N THR F 123 12.37 -31.65 -122.76
CA THR F 123 11.59 -30.46 -122.48
C THR F 123 10.15 -30.72 -122.89
N VAL F 124 9.20 -30.35 -122.02
CA VAL F 124 7.80 -30.57 -122.36
C VAL F 124 7.42 -29.63 -123.50
N SER F 125 6.85 -30.19 -124.56
CA SER F 125 6.49 -29.43 -125.74
C SER F 125 5.31 -30.09 -126.42
N ASN F 126 4.71 -29.35 -127.35
CA ASN F 126 3.53 -29.82 -128.05
C ASN F 126 3.88 -30.98 -128.98
N TRP F 127 2.88 -31.78 -129.30
CA TRP F 127 3.09 -32.93 -130.17
C TRP F 127 3.53 -32.47 -131.55
N PRO F 128 4.35 -33.26 -132.25
CA PRO F 128 4.68 -32.92 -133.64
C PRO F 128 3.42 -32.91 -134.50
N ALA F 129 3.41 -31.97 -135.46
CA ALA F 129 2.23 -31.77 -136.29
C ALA F 129 1.94 -32.94 -137.21
N ASP F 130 2.87 -33.88 -137.36
CA ASP F 130 2.65 -35.03 -138.23
C ASP F 130 1.52 -35.91 -137.72
N SER F 131 1.23 -35.86 -136.42
CA SER F 131 0.13 -36.62 -135.85
C SER F 131 -1.15 -35.80 -135.91
N GLY F 132 -2.27 -36.47 -135.66
CA GLY F 132 -3.56 -35.83 -135.56
C GLY F 132 -3.92 -35.33 -134.18
N PHE F 133 -3.01 -35.44 -133.22
CA PHE F 133 -3.27 -35.00 -131.87
C PHE F 133 -3.28 -33.48 -131.79
N THR F 134 -4.07 -32.96 -130.85
CA THR F 134 -4.36 -31.53 -130.79
C THR F 134 -3.10 -30.73 -130.49
N GLN F 135 -3.03 -29.54 -131.08
CA GLN F 135 -1.98 -28.57 -130.80
C GLN F 135 -2.55 -27.49 -129.89
N TYR F 136 -2.10 -27.48 -128.64
CA TYR F 136 -2.52 -26.51 -127.66
C TYR F 136 -1.61 -25.28 -127.71
N GLU F 137 -2.11 -24.17 -127.16
CA GLU F 137 -1.33 -22.94 -127.07
C GLU F 137 -0.53 -22.95 -125.76
N LEU F 138 0.45 -23.83 -125.72
CA LEU F 138 1.35 -23.93 -124.58
C LEU F 138 2.14 -22.63 -124.45
N GLY F 139 1.83 -21.84 -123.43
CA GLY F 139 2.49 -20.55 -123.26
C GLY F 139 3.75 -20.64 -122.43
N SER F 140 3.79 -19.89 -121.33
CA SER F 140 4.91 -19.92 -120.40
C SER F 140 4.47 -20.63 -119.12
N VAL F 141 5.30 -21.58 -118.68
CA VAL F 141 4.97 -22.36 -117.49
C VAL F 141 5.26 -21.52 -116.25
N ARG F 142 4.28 -21.45 -115.35
CA ARG F 142 4.44 -20.69 -114.11
C ARG F 142 4.83 -21.59 -112.94
N ASP F 143 4.02 -22.60 -112.63
CA ASP F 143 4.31 -23.48 -111.52
C ASP F 143 3.79 -24.88 -111.86
N ILE F 144 4.56 -25.89 -111.46
CA ILE F 144 4.37 -27.26 -111.92
C ILE F 144 4.19 -28.18 -110.73
N THR F 145 3.66 -29.37 -111.01
CA THR F 145 3.44 -30.38 -109.99
C THR F 145 3.27 -31.72 -110.69
N ARG F 146 3.31 -32.79 -109.90
CA ARG F 146 3.14 -34.14 -110.42
C ARG F 146 2.09 -34.87 -109.59
N LEU F 147 1.13 -35.50 -110.28
CA LEU F 147 0.09 -36.26 -109.61
C LEU F 147 -0.39 -37.39 -110.52
N ARG F 148 -0.54 -38.58 -109.94
CA ARG F 148 -1.13 -39.73 -110.62
C ARG F 148 -0.43 -40.01 -111.95
N GLY F 149 0.89 -39.92 -111.94
CA GLY F 149 1.64 -40.14 -113.17
C GLY F 149 1.38 -39.09 -114.23
N ARG F 150 1.29 -37.82 -113.84
CA ARG F 150 1.11 -36.75 -114.79
C ARG F 150 1.81 -35.50 -114.28
N TYR F 151 2.55 -34.83 -115.17
CA TYR F 151 3.07 -33.51 -114.88
C TYR F 151 2.02 -32.49 -115.28
N ALA F 152 1.49 -31.77 -114.31
CA ALA F 152 0.52 -30.71 -114.53
C ALA F 152 1.17 -29.37 -114.24
N TRP F 153 1.03 -28.44 -115.16
CA TRP F 153 1.68 -27.15 -115.04
C TRP F 153 0.73 -26.04 -115.43
N SER F 154 0.90 -24.88 -114.81
CA SER F 154 0.04 -23.73 -115.06
C SER F 154 0.68 -22.80 -116.07
N LYS F 155 -0.10 -22.33 -117.04
CA LYS F 155 0.37 -21.39 -118.04
C LYS F 155 0.37 -19.98 -117.46
N ASP F 156 1.48 -19.27 -117.64
CA ASP F 156 1.69 -18.01 -116.92
C ASP F 156 0.73 -16.93 -117.40
N GLY F 157 -0.10 -16.44 -116.49
CA GLY F 157 -0.96 -15.31 -116.77
C GLY F 157 -2.14 -15.60 -117.67
N THR F 158 -2.61 -16.85 -117.72
CA THR F 158 -3.69 -17.19 -118.63
C THR F 158 -4.74 -18.10 -118.02
N ASP F 159 -4.76 -18.29 -116.70
CA ASP F 159 -5.87 -18.96 -116.02
C ASP F 159 -6.00 -20.43 -116.41
N SER F 160 -5.12 -20.94 -117.25
CA SER F 160 -5.23 -22.28 -117.79
C SER F 160 -4.07 -23.15 -117.31
N TRP F 161 -4.32 -24.46 -117.26
CA TRP F 161 -3.28 -25.41 -116.88
C TRP F 161 -3.38 -26.65 -117.75
N PHE F 162 -2.29 -27.41 -117.80
CA PHE F 162 -2.14 -28.52 -118.71
C PHE F 162 -1.60 -29.74 -117.97
N ILE F 163 -1.96 -30.92 -118.48
CA ILE F 163 -1.46 -32.19 -118.00
C ILE F 163 -0.75 -32.91 -119.13
N THR F 164 0.37 -33.56 -118.82
CA THR F 164 1.07 -34.34 -119.84
C THR F 164 0.37 -35.68 -120.07
N ASP F 165 0.76 -36.34 -121.15
CA ASP F 165 0.19 -37.63 -121.48
C ASP F 165 0.66 -38.70 -120.51
N LEU F 166 -0.09 -39.80 -120.46
CA LEU F 166 0.22 -40.91 -119.57
C LEU F 166 1.37 -41.76 -120.09
N GLU F 167 1.52 -41.86 -121.41
CA GLU F 167 2.52 -42.70 -122.03
C GLU F 167 3.72 -41.92 -122.56
N ASP F 168 3.72 -40.60 -122.44
CA ASP F 168 4.87 -39.81 -122.83
C ASP F 168 4.81 -38.50 -122.04
N GLU F 169 5.68 -38.38 -121.04
CA GLU F 169 5.69 -37.19 -120.19
C GLU F 169 6.22 -35.96 -120.91
N SER F 170 6.79 -36.11 -122.10
CA SER F 170 7.38 -34.98 -122.81
C SER F 170 6.35 -34.14 -123.54
N HIS F 171 5.11 -34.60 -123.65
CA HIS F 171 4.10 -33.90 -124.41
C HIS F 171 2.80 -33.86 -123.61
N PRO F 172 1.95 -32.86 -123.88
CA PRO F 172 0.64 -32.84 -123.22
C PRO F 172 -0.21 -34.04 -123.60
N ASP F 173 -1.40 -34.16 -123.01
CA ASP F 173 -2.26 -35.28 -123.33
C ASP F 173 -2.72 -35.20 -124.77
N ARG F 174 -3.05 -36.36 -125.34
CA ARG F 174 -3.39 -36.45 -126.74
C ARG F 174 -4.64 -35.64 -127.07
N TYR F 175 -5.67 -35.74 -126.26
CA TYR F 175 -6.95 -35.11 -126.55
C TYR F 175 -7.34 -34.07 -125.51
N SER F 176 -7.36 -34.42 -124.24
CA SER F 176 -7.79 -33.51 -123.17
C SER F 176 -6.60 -33.23 -122.27
N ALA F 177 -5.94 -32.10 -122.50
CA ALA F 177 -4.79 -31.70 -121.71
C ALA F 177 -4.92 -30.32 -121.10
N GLN F 178 -5.85 -29.49 -121.58
CA GLN F 178 -6.00 -28.11 -121.17
C GLN F 178 -7.27 -27.94 -120.34
N TYR F 179 -7.16 -27.24 -119.22
CA TYR F 179 -8.30 -26.96 -118.36
C TYR F 179 -8.21 -25.53 -117.87
N ARG F 180 -9.34 -25.01 -117.40
CA ARG F 180 -9.44 -23.65 -116.95
C ARG F 180 -10.17 -23.60 -115.61
N ALA F 181 -9.80 -22.64 -114.77
CA ALA F 181 -10.51 -22.42 -113.51
C ALA F 181 -11.93 -21.95 -113.77
N GLU F 182 -12.08 -20.93 -114.61
CA GLU F 182 -13.36 -20.43 -115.12
C GLU F 182 -14.22 -19.75 -114.08
N SER F 183 -13.84 -19.77 -112.80
CA SER F 183 -14.63 -19.13 -111.76
C SER F 183 -14.05 -17.79 -111.33
N GLN F 184 -13.25 -17.16 -112.20
CA GLN F 184 -12.45 -16.03 -111.76
C GLN F 184 -12.04 -15.19 -112.96
N PRO F 185 -12.09 -13.87 -112.87
CA PRO F 185 -11.59 -13.04 -113.98
C PRO F 185 -10.12 -13.22 -114.28
N ASP F 186 -9.31 -13.73 -113.35
CA ASP F 186 -7.93 -14.11 -113.62
C ASP F 186 -7.34 -14.76 -112.39
N GLY F 187 -6.09 -15.19 -112.52
CA GLY F 187 -5.33 -15.74 -111.42
C GLY F 187 -5.02 -17.22 -111.55
N ILE F 188 -3.78 -17.55 -111.89
CA ILE F 188 -3.35 -18.94 -111.85
C ILE F 188 -2.01 -19.05 -111.11
N ILE F 189 -1.79 -18.15 -110.15
CA ILE F 189 -0.51 -17.92 -109.50
C ILE F 189 0.26 -19.20 -109.20
N GLY F 190 -0.42 -20.23 -108.71
CA GLY F 190 0.28 -21.45 -108.37
C GLY F 190 -0.59 -22.68 -108.52
N ILE F 191 0.05 -23.85 -108.47
CA ILE F 191 -0.63 -25.13 -108.56
C ILE F 191 -0.06 -26.06 -107.51
N GLY F 192 -0.82 -27.09 -107.17
CA GLY F 192 -0.36 -28.10 -106.22
C GLY F 192 -1.29 -29.28 -106.24
N THR F 193 -1.00 -30.25 -105.39
CA THR F 193 -1.84 -31.44 -105.22
C THR F 193 -2.14 -31.59 -103.75
N TRP F 194 -3.43 -31.61 -103.39
CA TRP F 194 -3.74 -31.70 -101.97
C TRP F 194 -3.74 -33.14 -101.47
N ARG F 195 -4.73 -33.93 -101.88
CA ARG F 195 -4.73 -35.36 -101.57
C ARG F 195 -4.79 -36.19 -102.85
N ASP F 196 -5.82 -35.97 -103.65
CA ASP F 196 -5.88 -36.45 -105.01
C ASP F 196 -6.42 -35.36 -105.91
N PHE F 197 -6.80 -34.23 -105.36
CA PHE F 197 -7.22 -33.08 -106.12
C PHE F 197 -6.01 -32.27 -106.55
N ILE F 198 -6.08 -31.74 -107.76
CA ILE F 198 -5.19 -30.66 -108.16
C ILE F 198 -5.77 -29.36 -107.64
N VAL F 199 -5.00 -28.68 -106.80
CA VAL F 199 -5.37 -27.38 -106.26
C VAL F 199 -4.78 -26.32 -107.18
N CYS F 200 -5.60 -25.34 -107.57
CA CYS F 200 -5.14 -24.22 -108.37
C CYS F 200 -5.38 -22.94 -107.59
N PHE F 201 -4.29 -22.26 -107.24
CA PHE F 201 -4.33 -21.04 -106.44
C PHE F 201 -4.22 -19.85 -107.40
N GLY F 202 -5.29 -19.10 -107.56
CA GLY F 202 -5.21 -17.87 -108.30
C GLY F 202 -4.99 -16.68 -107.38
N SER F 203 -5.62 -15.57 -107.72
CA SER F 203 -5.83 -14.48 -106.79
C SER F 203 -7.33 -14.35 -106.58
N SER F 204 -7.73 -14.29 -105.31
CA SER F 204 -9.10 -14.25 -104.83
C SER F 204 -9.79 -15.61 -104.88
N THR F 205 -9.18 -16.66 -105.45
CA THR F 205 -9.82 -17.97 -105.52
C THR F 205 -8.80 -19.09 -105.40
N ILE F 206 -9.26 -20.22 -104.87
CA ILE F 206 -8.53 -21.48 -104.88
C ILE F 206 -9.52 -22.56 -105.27
N GLU F 207 -9.20 -23.31 -106.33
CA GLU F 207 -10.11 -24.31 -106.88
C GLU F 207 -9.51 -25.69 -106.79
N TYR F 208 -10.37 -26.70 -106.79
CA TYR F 208 -9.97 -28.10 -106.66
C TYR F 208 -10.52 -28.89 -107.83
N PHE F 209 -9.66 -29.72 -108.44
CA PHE F 209 -10.05 -30.55 -109.57
C PHE F 209 -9.81 -32.01 -109.21
N SER F 210 -10.78 -32.87 -109.53
CA SER F 210 -10.67 -34.29 -109.28
C SER F 210 -10.94 -35.07 -110.57
N LEU F 211 -10.26 -36.21 -110.70
CA LEU F 211 -10.35 -37.00 -111.92
C LEU F 211 -11.74 -37.58 -112.09
N THR F 212 -12.32 -37.41 -113.28
CA THR F 212 -13.64 -37.95 -113.58
C THR F 212 -13.59 -39.44 -113.88
N GLY F 213 -12.52 -39.93 -114.47
CA GLY F 213 -12.49 -41.29 -114.96
C GLY F 213 -13.05 -41.47 -116.35
N ALA F 214 -13.20 -40.40 -117.12
CA ALA F 214 -13.68 -40.52 -118.49
C ALA F 214 -12.70 -41.34 -119.31
N THR F 215 -13.25 -42.13 -120.24
CA THR F 215 -12.47 -43.04 -121.07
C THR F 215 -12.30 -42.57 -122.50
N THR F 216 -13.33 -41.99 -123.10
CA THR F 216 -13.27 -41.62 -124.50
C THR F 216 -12.32 -40.46 -124.72
N ALA F 217 -11.98 -40.24 -125.99
CA ALA F 217 -11.16 -39.11 -126.37
C ALA F 217 -11.98 -37.83 -126.38
N GLY F 218 -11.33 -36.70 -126.10
CA GLY F 218 -11.99 -35.41 -126.09
C GLY F 218 -12.74 -35.09 -124.82
N ALA F 219 -12.96 -36.07 -123.95
CA ALA F 219 -13.63 -35.82 -122.69
C ALA F 219 -12.63 -35.32 -121.65
N ALA F 220 -13.08 -34.41 -120.81
CA ALA F 220 -12.23 -33.83 -119.79
C ALA F 220 -11.83 -34.87 -118.75
N LEU F 221 -10.55 -34.89 -118.39
CA LEU F 221 -10.04 -35.80 -117.37
C LEU F 221 -10.02 -35.19 -115.98
N TYR F 222 -10.44 -33.94 -115.83
CA TYR F 222 -10.52 -33.29 -114.53
C TYR F 222 -11.76 -32.42 -114.50
N VAL F 223 -12.44 -32.43 -113.36
CA VAL F 223 -13.62 -31.60 -113.14
C VAL F 223 -13.42 -30.81 -111.87
N ALA F 224 -13.89 -29.57 -111.87
CA ALA F 224 -13.75 -28.71 -110.70
C ALA F 224 -14.56 -29.25 -109.53
N GLN F 225 -14.21 -28.78 -108.33
CA GLN F 225 -14.94 -29.08 -107.10
C GLN F 225 -15.36 -27.75 -106.48
N PRO F 226 -16.52 -27.22 -106.86
CA PRO F 226 -16.97 -25.97 -106.25
C PRO F 226 -17.37 -26.12 -104.80
N SER F 227 -17.54 -27.35 -104.32
CA SER F 227 -17.83 -27.56 -102.90
C SER F 227 -16.61 -27.29 -102.03
N LEU F 228 -15.41 -27.57 -102.53
CA LEU F 228 -14.20 -27.41 -101.76
C LEU F 228 -13.44 -26.13 -102.08
N MET F 229 -14.03 -25.23 -102.87
CA MET F 229 -13.33 -24.02 -103.27
C MET F 229 -13.26 -23.01 -102.13
N VAL F 230 -12.12 -22.34 -102.01
CA VAL F 230 -11.88 -21.32 -101.01
C VAL F 230 -11.79 -19.97 -101.70
N GLN F 231 -12.52 -18.98 -101.20
CA GLN F 231 -12.53 -17.65 -101.82
C GLN F 231 -11.38 -16.80 -101.29
N LYS F 232 -10.17 -17.18 -101.69
CA LYS F 232 -8.97 -16.45 -101.30
C LYS F 232 -7.79 -16.86 -102.15
N GLY F 233 -7.08 -15.90 -102.73
CA GLY F 233 -5.92 -16.17 -103.54
C GLY F 233 -4.63 -16.01 -102.75
N ILE F 234 -3.54 -16.41 -103.39
CA ILE F 234 -2.21 -16.33 -102.78
C ILE F 234 -1.43 -15.21 -103.43
N ALA F 235 -0.54 -14.59 -102.65
CA ALA F 235 0.16 -13.41 -103.13
C ALA F 235 1.13 -13.74 -104.25
N GLY F 236 1.97 -14.76 -104.05
CA GLY F 236 3.00 -15.09 -105.00
C GLY F 236 2.95 -16.55 -105.38
N THR F 237 3.78 -16.91 -106.36
CA THR F 237 3.82 -18.29 -106.82
C THR F 237 4.43 -19.22 -105.78
N TYR F 238 5.28 -18.71 -104.90
CA TYR F 238 5.93 -19.52 -103.88
C TYR F 238 5.43 -19.16 -102.48
N CYS F 239 4.19 -18.69 -102.37
CA CYS F 239 3.60 -18.27 -101.11
C CYS F 239 2.60 -19.29 -100.58
N LYS F 240 2.92 -20.58 -100.75
CA LYS F 240 2.05 -21.67 -100.33
C LYS F 240 2.90 -22.87 -99.97
N THR F 241 2.47 -23.62 -98.96
CA THR F 241 3.20 -24.83 -98.57
C THR F 241 2.25 -25.79 -97.88
N PRO F 242 2.30 -27.08 -98.17
CA PRO F 242 1.44 -28.03 -97.45
C PRO F 242 1.84 -28.13 -95.98
N PHE F 243 1.01 -27.64 -95.07
CA PHE F 243 1.48 -27.50 -93.69
C PHE F 243 1.09 -28.69 -92.82
N ALA F 244 -0.19 -28.88 -92.56
CA ALA F 244 -0.61 -29.93 -91.63
C ALA F 244 -1.37 -31.04 -92.34
N ASP F 245 -2.49 -30.72 -92.96
CA ASP F 245 -3.15 -31.62 -93.89
C ASP F 245 -3.70 -30.86 -95.07
N SER F 246 -3.39 -29.58 -95.18
CA SER F 246 -3.79 -28.73 -96.28
C SER F 246 -2.65 -27.76 -96.52
N TYR F 247 -2.92 -26.68 -97.26
CA TYR F 247 -1.88 -25.72 -97.61
C TYR F 247 -2.03 -24.46 -96.76
N ALA F 248 -0.93 -24.02 -96.18
CA ALA F 248 -0.84 -22.72 -95.56
C ALA F 248 -0.28 -21.75 -96.58
N PHE F 249 -0.90 -20.58 -96.70
CA PHE F 249 -0.56 -19.67 -97.78
C PHE F 249 -0.68 -18.23 -97.32
N ILE F 250 0.02 -17.35 -98.02
CA ILE F 250 -0.10 -15.91 -97.79
C ILE F 250 -1.10 -15.35 -98.79
N SER F 251 -2.16 -14.72 -98.29
CA SER F 251 -3.23 -14.28 -99.15
C SER F 251 -2.76 -13.17 -100.10
N HIS F 252 -3.66 -12.77 -100.99
CA HIS F 252 -3.47 -11.82 -102.07
C HIS F 252 -4.10 -10.47 -101.73
N PRO F 253 -3.53 -9.37 -102.23
CA PRO F 253 -4.18 -8.07 -102.05
C PRO F 253 -5.54 -7.94 -102.73
N ALA F 254 -5.92 -8.92 -103.55
CA ALA F 254 -7.24 -8.91 -104.16
C ALA F 254 -8.35 -9.17 -103.15
N THR F 255 -8.02 -9.58 -101.94
CA THR F 255 -8.99 -9.82 -100.88
C THR F 255 -8.72 -8.97 -99.65
N GLY F 256 -8.07 -7.83 -99.81
CA GLY F 256 -7.69 -6.98 -98.71
C GLY F 256 -6.24 -7.16 -98.32
N ALA F 257 -5.96 -6.84 -97.06
CA ALA F 257 -4.59 -6.90 -96.58
C ALA F 257 -4.10 -8.34 -96.53
N PRO F 258 -2.87 -8.60 -96.95
CA PRO F 258 -2.34 -9.97 -96.90
C PRO F 258 -2.17 -10.46 -95.48
N SER F 259 -2.30 -11.77 -95.31
CA SER F 259 -2.05 -12.43 -94.03
C SER F 259 -1.94 -13.93 -94.29
N VAL F 260 -1.52 -14.65 -93.26
CA VAL F 260 -1.20 -16.07 -93.39
C VAL F 260 -2.40 -16.90 -92.98
N TYR F 261 -2.76 -17.87 -93.81
CA TYR F 261 -3.95 -18.69 -93.61
C TYR F 261 -3.60 -20.16 -93.74
N ILE F 262 -4.48 -21.00 -93.18
CA ILE F 262 -4.44 -22.43 -93.37
C ILE F 262 -5.81 -22.88 -93.87
N ILE F 263 -5.83 -23.69 -94.93
CA ILE F 263 -7.09 -24.16 -95.48
C ILE F 263 -7.68 -25.23 -94.58
N GLY F 264 -8.98 -25.13 -94.34
CA GLY F 264 -9.70 -26.15 -93.60
C GLY F 264 -10.54 -27.00 -94.52
N SER F 265 -11.84 -26.71 -94.58
CA SER F 265 -12.75 -27.38 -95.52
C SER F 265 -13.66 -26.29 -96.07
N GLY F 266 -13.26 -25.73 -97.21
CA GLY F 266 -13.99 -24.64 -97.81
C GLY F 266 -13.73 -23.28 -97.20
N GLN F 267 -12.81 -23.19 -96.24
CA GLN F 267 -12.50 -21.93 -95.60
C GLN F 267 -11.05 -21.94 -95.16
N ALA F 268 -10.49 -20.74 -94.99
CA ALA F 268 -9.12 -20.56 -94.54
C ALA F 268 -9.12 -19.89 -93.18
N SER F 269 -8.40 -20.47 -92.24
CA SER F 269 -8.36 -19.97 -90.87
C SER F 269 -7.13 -19.09 -90.68
N PRO F 270 -7.28 -17.83 -90.31
CA PRO F 270 -6.11 -16.95 -90.16
C PRO F 270 -5.15 -17.46 -89.11
N ILE F 271 -3.86 -17.27 -89.37
CA ILE F 271 -2.81 -17.76 -88.47
C ILE F 271 -1.95 -16.59 -88.01
N ALA F 272 -1.85 -15.55 -88.84
CA ALA F 272 -1.06 -14.40 -88.46
C ALA F 272 -1.79 -13.57 -87.40
N THR F 273 -0.99 -12.92 -86.55
CA THR F 273 -1.51 -11.99 -85.58
C THR F 273 -1.37 -10.57 -86.11
N ALA F 274 -1.75 -9.58 -85.30
CA ALA F 274 -1.70 -8.20 -85.77
C ALA F 274 -0.28 -7.76 -86.12
N SER F 275 0.69 -8.14 -85.29
CA SER F 275 2.07 -7.76 -85.55
C SER F 275 2.59 -8.40 -86.82
N ILE F 276 2.24 -9.67 -87.05
CA ILE F 276 2.65 -10.36 -88.28
C ILE F 276 2.01 -9.70 -89.49
N GLU F 277 0.74 -9.30 -89.37
CA GLU F 277 0.08 -8.62 -90.48
C GLU F 277 0.73 -7.27 -90.77
N LYS F 278 1.10 -6.53 -89.73
CA LYS F 278 1.81 -5.27 -89.95
C LYS F 278 3.15 -5.51 -90.64
N ILE F 279 3.87 -6.54 -90.21
CA ILE F 279 5.15 -6.88 -90.81
C ILE F 279 4.97 -7.20 -92.29
N ILE F 280 3.93 -7.96 -92.62
CA ILE F 280 3.69 -8.33 -94.00
C ILE F 280 3.29 -7.10 -94.82
N ARG F 281 2.42 -6.24 -94.27
CA ARG F 281 2.01 -5.04 -94.99
C ARG F 281 3.16 -4.08 -95.21
N SER F 282 4.21 -4.13 -94.38
CA SER F 282 5.35 -3.25 -94.61
C SER F 282 6.00 -3.47 -95.98
N TYR F 283 5.79 -4.62 -96.61
CA TYR F 283 6.28 -4.86 -97.96
C TYR F 283 5.24 -4.48 -99.01
N THR F 284 5.68 -4.38 -100.25
CA THR F 284 4.80 -4.09 -101.37
C THR F 284 4.39 -5.39 -102.08
N ALA F 285 3.55 -5.25 -103.09
CA ALA F 285 3.17 -6.41 -103.89
C ALA F 285 4.40 -7.05 -104.51
N GLU F 286 5.32 -6.23 -105.02
CA GLU F 286 6.68 -6.67 -105.22
C GLU F 286 7.36 -6.76 -103.86
N GLU F 287 8.22 -7.78 -103.70
CA GLU F 287 8.81 -8.16 -102.42
C GLU F 287 7.78 -8.87 -101.55
N MET F 288 6.53 -8.87 -101.97
CA MET F 288 5.55 -9.76 -101.38
C MET F 288 5.31 -11.00 -102.23
N ALA F 289 5.33 -10.85 -103.55
CA ALA F 289 5.22 -11.97 -104.47
C ALA F 289 6.46 -12.83 -104.50
N THR F 290 7.55 -12.41 -103.87
CA THR F 290 8.77 -13.19 -103.81
C THR F 290 8.96 -13.93 -102.49
N GLY F 291 8.04 -13.78 -101.55
CA GLY F 291 8.16 -14.51 -100.29
C GLY F 291 8.06 -16.01 -100.50
N VAL F 292 8.95 -16.74 -99.84
CA VAL F 292 9.07 -18.18 -100.02
C VAL F 292 8.70 -18.86 -98.72
N MET F 293 7.80 -19.84 -98.78
CA MET F 293 7.34 -20.52 -97.58
C MET F 293 7.74 -21.99 -97.60
N GLU F 294 8.18 -22.47 -96.43
CA GLU F 294 8.60 -23.86 -96.26
C GLU F 294 8.01 -24.40 -94.98
N THR F 295 8.17 -25.70 -94.80
CA THR F 295 7.72 -26.40 -93.60
C THR F 295 8.87 -27.23 -93.05
N LEU F 296 9.15 -27.08 -91.77
CA LEU F 296 10.07 -27.96 -91.06
C LEU F 296 9.32 -28.77 -90.01
N ARG F 297 9.97 -29.82 -89.56
CA ARG F 297 9.36 -30.74 -88.60
C ARG F 297 10.50 -31.43 -87.87
N PHE F 298 10.58 -31.21 -86.56
CA PHE F 298 11.58 -31.89 -85.74
C PHE F 298 11.24 -31.73 -84.27
N ASP F 299 11.35 -32.83 -83.51
CA ASP F 299 11.12 -32.81 -82.07
C ASP F 299 9.76 -32.24 -81.73
N SER F 300 8.72 -32.79 -82.35
CA SER F 300 7.34 -32.35 -82.19
C SER F 300 7.13 -30.90 -82.58
N HIS F 301 8.13 -30.27 -83.19
CA HIS F 301 8.01 -28.91 -83.70
C HIS F 301 7.55 -28.97 -85.15
N GLU F 302 6.44 -28.32 -85.44
CA GLU F 302 5.90 -28.22 -86.79
C GLU F 302 6.01 -26.76 -87.22
N LEU F 303 7.16 -26.41 -87.79
CA LEU F 303 7.45 -25.02 -88.11
C LEU F 303 7.00 -24.69 -89.53
N LEU F 304 6.51 -23.47 -89.70
CA LEU F 304 6.21 -22.91 -91.00
C LEU F 304 7.08 -21.66 -91.16
N ILE F 305 8.02 -21.70 -92.09
CA ILE F 305 9.05 -20.67 -92.22
C ILE F 305 8.76 -19.84 -93.46
N ILE F 306 8.78 -18.52 -93.29
CA ILE F 306 8.48 -17.58 -94.37
C ILE F 306 9.67 -16.66 -94.55
N HIS F 307 10.28 -16.71 -95.73
CA HIS F 307 11.40 -15.84 -96.08
C HIS F 307 10.87 -14.68 -96.91
N LEU F 308 11.04 -13.48 -96.42
CA LEU F 308 10.68 -12.27 -97.11
C LEU F 308 11.96 -11.48 -97.26
N PRO F 309 11.99 -10.35 -97.99
CA PRO F 309 13.26 -9.64 -98.17
C PRO F 309 13.94 -9.24 -96.87
N ARG F 310 13.20 -8.97 -95.80
CA ARG F 310 13.83 -8.49 -94.59
C ARG F 310 13.26 -9.15 -93.32
N HIS F 311 12.76 -10.37 -93.42
CA HIS F 311 12.15 -11.05 -92.28
C HIS F 311 12.09 -12.54 -92.58
N VAL F 312 12.57 -13.35 -91.65
CA VAL F 312 12.34 -14.79 -91.70
C VAL F 312 11.49 -15.12 -90.49
N LEU F 313 10.19 -15.34 -90.73
CA LEU F 313 9.21 -15.51 -89.67
C LEU F 313 8.83 -16.98 -89.58
N VAL F 314 8.93 -17.55 -88.38
CA VAL F 314 8.66 -18.96 -88.16
C VAL F 314 7.43 -19.07 -87.25
N TYR F 315 6.43 -19.80 -87.71
CA TYR F 315 5.23 -20.06 -86.94
C TYR F 315 5.28 -21.49 -86.43
N ASP F 316 5.16 -21.66 -85.13
CA ASP F 316 5.23 -22.98 -84.50
C ASP F 316 3.81 -23.43 -84.17
N ALA F 317 3.29 -24.36 -84.96
CA ALA F 317 1.91 -24.80 -84.77
C ALA F 317 1.74 -25.71 -83.57
N SER F 318 2.83 -26.25 -83.04
CA SER F 318 2.77 -27.15 -81.90
C SER F 318 2.84 -26.43 -80.57
N SER F 319 3.05 -25.12 -80.58
CA SER F 319 3.15 -24.33 -79.35
C SER F 319 2.27 -23.10 -79.45
N SER F 320 1.08 -23.25 -80.02
CA SER F 320 0.16 -22.14 -80.20
C SER F 320 -1.13 -22.37 -79.42
N GLN F 321 -1.01 -22.83 -78.17
CA GLN F 321 -2.18 -23.02 -77.33
C GLN F 321 -2.75 -21.70 -76.82
N ASN F 322 -1.89 -20.74 -76.49
CA ASN F 322 -2.31 -19.43 -76.00
C ASN F 322 -2.37 -18.40 -77.13
N GLY F 323 -2.65 -18.83 -78.35
CA GLY F 323 -2.61 -17.96 -79.50
C GLY F 323 -1.44 -18.31 -80.39
N PRO F 324 -1.42 -17.77 -81.61
CA PRO F 324 -0.33 -18.08 -82.54
C PRO F 324 1.01 -17.70 -81.98
N GLN F 325 2.01 -18.56 -82.21
CA GLN F 325 3.35 -18.39 -81.65
C GLN F 325 4.33 -18.16 -82.79
N TRP F 326 4.73 -16.91 -82.97
CA TRP F 326 5.61 -16.51 -84.05
C TRP F 326 6.96 -16.07 -83.50
N CYS F 327 8.03 -16.48 -84.17
CA CYS F 327 9.37 -16.05 -83.82
C CYS F 327 10.10 -15.62 -85.09
N VAL F 328 11.29 -15.09 -84.93
CA VAL F 328 12.07 -14.53 -86.02
C VAL F 328 13.45 -15.16 -86.03
N LEU F 329 13.93 -15.55 -87.20
CA LEU F 329 15.28 -16.06 -87.36
C LEU F 329 16.12 -15.03 -88.10
N LYS F 330 17.36 -14.86 -87.67
CA LYS F 330 18.21 -13.86 -88.27
C LYS F 330 19.68 -14.29 -88.16
N THR F 331 20.50 -13.71 -89.02
CA THR F 331 21.93 -13.97 -89.06
C THR F 331 22.68 -12.69 -88.73
N GLY F 332 23.66 -12.78 -87.85
CA GLY F 332 24.43 -11.63 -87.45
C GLY F 332 23.91 -11.02 -86.17
N LEU F 333 24.27 -9.75 -85.99
CA LEU F 333 23.87 -9.01 -84.80
C LEU F 333 23.06 -7.77 -85.12
N TYR F 334 22.74 -7.52 -86.39
CA TYR F 334 22.08 -6.29 -86.81
C TYR F 334 20.93 -6.59 -87.76
N ASP F 335 20.04 -7.50 -87.33
CA ASP F 335 18.76 -7.79 -87.99
C ASP F 335 18.93 -8.07 -89.49
N ASP F 336 20.03 -8.71 -89.86
CA ASP F 336 20.14 -9.22 -91.20
C ASP F 336 19.30 -10.50 -91.34
N VAL F 337 18.97 -10.84 -92.58
CA VAL F 337 18.05 -11.93 -92.84
C VAL F 337 18.74 -13.26 -92.56
N TYR F 338 17.96 -14.25 -92.15
CA TYR F 338 18.46 -15.61 -91.98
C TYR F 338 18.96 -16.14 -93.31
N ARG F 339 20.12 -16.78 -93.30
CA ARG F 339 20.72 -17.22 -94.55
C ARG F 339 20.21 -18.59 -94.99
N GLY F 340 19.92 -19.47 -94.05
CA GLY F 340 19.43 -20.79 -94.42
C GLY F 340 18.10 -20.73 -95.14
N VAL F 341 17.90 -21.68 -96.05
CA VAL F 341 16.69 -21.71 -96.88
C VAL F 341 16.58 -23.11 -97.47
N ASP F 342 15.36 -23.52 -97.78
CA ASP F 342 15.08 -24.83 -98.39
C ASP F 342 15.57 -25.97 -97.49
N PHE F 343 14.96 -26.06 -96.31
CA PHE F 343 15.28 -27.14 -95.39
C PHE F 343 14.65 -28.44 -95.86
N MET F 344 15.41 -29.52 -95.77
CA MET F 344 14.90 -30.83 -96.13
C MET F 344 15.56 -31.87 -95.26
N TYR F 345 14.77 -32.83 -94.79
CA TYR F 345 15.25 -33.88 -93.90
C TYR F 345 15.63 -35.10 -94.71
N GLU F 346 16.89 -35.52 -94.61
CA GLU F 346 17.37 -36.73 -95.25
C GLU F 346 18.09 -37.60 -94.24
N GLY F 347 17.81 -38.90 -94.29
CA GLY F 347 18.43 -39.81 -93.34
C GLY F 347 18.11 -39.45 -91.91
N ASN F 348 19.09 -38.95 -91.18
CA ASN F 348 18.88 -38.49 -89.82
C ASN F 348 19.34 -37.05 -89.62
N GLN F 349 19.43 -36.27 -90.70
CA GLN F 349 19.92 -34.90 -90.61
C GLN F 349 19.12 -33.99 -91.51
N ILE F 350 19.00 -32.74 -91.09
CA ILE F 350 18.25 -31.73 -91.83
C ILE F 350 19.25 -30.83 -92.54
N THR F 351 19.19 -30.81 -93.85
CA THR F 351 20.10 -30.01 -94.66
C THR F 351 19.40 -28.74 -95.13
N CYS F 352 20.19 -27.70 -95.33
CA CYS F 352 19.69 -26.41 -95.77
C CYS F 352 20.61 -25.84 -96.85
N GLY F 353 20.00 -25.09 -97.76
CA GLY F 353 20.74 -24.35 -98.77
C GLY F 353 21.32 -23.09 -98.19
N ASP F 354 21.30 -22.02 -98.99
CA ASP F 354 21.80 -20.74 -98.54
C ASP F 354 21.22 -19.64 -99.41
N LYS F 355 21.50 -18.40 -99.02
CA LYS F 355 21.06 -17.24 -99.76
C LYS F 355 22.20 -16.36 -100.25
N SER F 356 23.40 -16.53 -99.71
CA SER F 356 24.52 -15.66 -100.05
C SER F 356 25.72 -16.40 -100.62
N GLU F 357 26.06 -17.57 -100.08
CA GLU F 357 27.24 -18.30 -100.51
C GLU F 357 26.85 -19.59 -101.21
N ALA F 358 27.83 -20.20 -101.87
CA ALA F 358 27.63 -21.45 -102.60
C ALA F 358 27.87 -22.66 -101.70
N VAL F 359 27.17 -22.69 -100.58
CA VAL F 359 27.41 -23.67 -99.54
C VAL F 359 26.10 -24.38 -99.22
N VAL F 360 26.21 -25.52 -98.56
CA VAL F 360 25.04 -26.27 -98.09
C VAL F 360 25.37 -26.83 -96.71
N GLY F 361 24.52 -26.52 -95.72
CA GLY F 361 24.77 -26.88 -94.35
C GLY F 361 23.81 -27.96 -93.87
N GLN F 362 24.07 -28.45 -92.64
CA GLN F 362 23.32 -29.62 -92.17
C GLN F 362 22.72 -29.52 -90.78
N LEU F 363 22.64 -28.32 -90.19
CA LEU F 363 21.76 -28.03 -89.05
C LEU F 363 22.06 -28.95 -87.86
N GLN F 364 23.24 -28.73 -87.28
CA GLN F 364 23.63 -29.39 -86.05
C GLN F 364 22.80 -28.86 -84.87
N PHE F 365 22.66 -29.69 -83.85
CA PHE F 365 21.76 -29.40 -82.73
C PHE F 365 22.48 -28.98 -81.45
N ASP F 366 23.79 -29.16 -81.36
CA ASP F 366 24.52 -28.75 -80.17
C ASP F 366 25.33 -27.48 -80.40
N ILE F 367 24.97 -26.68 -81.40
CA ILE F 367 25.52 -25.34 -81.58
C ILE F 367 24.37 -24.41 -81.93
N SER F 368 24.61 -23.12 -81.74
CA SER F 368 23.72 -22.09 -82.27
C SER F 368 24.41 -21.21 -83.30
N SER F 369 25.69 -21.42 -83.54
CA SER F 369 26.42 -20.65 -84.53
C SER F 369 26.03 -21.08 -85.94
N GLN F 370 26.08 -20.12 -86.86
CA GLN F 370 25.77 -20.36 -88.26
C GLN F 370 27.06 -20.27 -89.05
N TYR F 371 27.56 -21.41 -89.50
CA TYR F 371 28.83 -21.50 -90.21
C TYR F 371 29.96 -20.92 -89.36
N ASP F 372 30.07 -21.42 -88.13
CA ASP F 372 31.12 -21.02 -87.20
C ASP F 372 31.09 -19.52 -86.89
N LYS F 373 29.92 -18.92 -86.97
CA LYS F 373 29.74 -17.51 -86.62
C LYS F 373 28.76 -17.40 -85.47
N GLN F 374 29.15 -16.69 -84.42
CA GLN F 374 28.27 -16.52 -83.26
C GLN F 374 27.03 -15.74 -83.64
N GLN F 375 25.90 -16.14 -83.07
CA GLN F 375 24.61 -15.54 -83.38
C GLN F 375 24.06 -14.80 -82.16
N GLU F 376 23.03 -14.01 -82.40
CA GLU F 376 22.37 -13.20 -81.39
C GLU F 376 20.99 -13.77 -81.11
N HIS F 377 20.71 -14.05 -79.83
CA HIS F 377 19.43 -14.59 -79.42
C HIS F 377 18.73 -13.59 -78.51
N LEU F 378 17.47 -13.28 -78.83
CA LEU F 378 16.71 -12.26 -78.13
C LEU F 378 15.44 -12.85 -77.54
N LEU F 379 15.16 -12.50 -76.31
CA LEU F 379 13.88 -12.76 -75.67
C LEU F 379 13.26 -11.42 -75.27
N PHE F 380 12.04 -11.48 -74.74
CA PHE F 380 11.37 -10.24 -74.35
C PHE F 380 10.36 -10.55 -73.26
N THR F 381 10.01 -9.52 -72.51
CA THR F 381 9.01 -9.61 -71.46
C THR F 381 7.96 -8.54 -71.69
N PRO F 382 6.67 -8.87 -71.62
CA PRO F 382 5.65 -7.84 -71.85
C PRO F 382 5.75 -6.72 -70.83
N LEU F 383 5.39 -5.52 -71.26
CA LEU F 383 5.29 -4.40 -70.32
C LEU F 383 4.18 -4.68 -69.32
N PHE F 384 4.47 -4.37 -68.05
CA PHE F 384 3.45 -4.46 -67.02
C PHE F 384 3.54 -3.23 -66.13
N LYS F 385 2.39 -2.85 -65.56
CA LYS F 385 2.27 -1.64 -64.77
C LYS F 385 2.40 -2.02 -63.30
N ALA F 386 3.50 -1.61 -62.68
CA ALA F 386 3.85 -2.00 -61.32
C ALA F 386 4.33 -0.79 -60.53
N ASP F 387 3.53 0.27 -60.53
CA ASP F 387 3.89 1.55 -59.93
C ASP F 387 4.60 1.40 -58.59
N ASN F 388 5.68 2.17 -58.42
CA ASN F 388 6.34 2.35 -57.13
C ASN F 388 6.89 1.06 -56.56
N ALA F 389 7.15 0.07 -57.41
CA ALA F 389 7.49 -1.27 -56.93
C ALA F 389 8.95 -1.60 -57.22
N ARG F 390 9.67 -2.04 -56.21
CA ARG F 390 11.09 -2.33 -56.36
C ARG F 390 11.27 -3.79 -56.77
N CYS F 391 12.06 -4.03 -57.81
CA CYS F 391 12.36 -5.40 -58.23
C CYS F 391 13.66 -5.89 -57.61
N PHE F 392 13.65 -7.15 -57.18
CA PHE F 392 14.84 -7.81 -56.67
C PHE F 392 14.85 -9.25 -57.14
N ASP F 393 16.04 -9.82 -57.22
CA ASP F 393 16.24 -11.25 -57.49
C ASP F 393 15.57 -11.66 -58.80
N LEU F 394 15.99 -11.02 -59.89
CA LEU F 394 15.54 -11.39 -61.23
C LEU F 394 16.28 -12.65 -61.65
N GLU F 395 15.60 -13.79 -61.60
CA GLU F 395 16.23 -15.09 -61.78
C GLU F 395 15.68 -15.77 -63.01
N VAL F 396 16.56 -16.38 -63.81
CA VAL F 396 16.14 -17.15 -64.98
C VAL F 396 16.78 -18.52 -64.91
N GLU F 397 16.03 -19.54 -65.31
CA GLU F 397 16.50 -20.92 -65.30
C GLU F 397 17.09 -21.26 -66.66
N SER F 398 18.38 -21.61 -66.67
CA SER F 398 19.07 -21.95 -67.91
C SER F 398 19.74 -23.31 -67.77
N SER F 399 19.59 -24.16 -68.79
CA SER F 399 20.22 -25.46 -68.81
C SER F 399 21.61 -25.29 -69.39
N THR F 400 22.59 -25.16 -68.49
CA THR F 400 23.98 -24.90 -68.94
C THR F 400 24.73 -26.20 -69.12
N GLY F 401 26.04 -26.11 -69.26
CA GLY F 401 26.87 -27.28 -69.34
C GLY F 401 27.59 -27.45 -70.65
N VAL F 402 26.90 -27.19 -71.76
CA VAL F 402 27.45 -27.43 -73.09
C VAL F 402 27.79 -26.06 -73.68
N ALA F 403 29.09 -25.77 -73.73
CA ALA F 403 29.61 -24.55 -74.32
C ALA F 403 31.11 -24.66 -74.43
N GLN F 404 31.67 -23.92 -75.38
CA GLN F 404 33.12 -23.77 -75.48
C GLN F 404 33.60 -22.47 -74.86
N TYR F 405 32.70 -21.67 -74.31
CA TYR F 405 33.09 -20.45 -73.60
C TYR F 405 32.00 -20.11 -72.60
N ALA F 406 32.39 -19.35 -71.58
CA ALA F 406 31.45 -18.87 -70.56
C ALA F 406 30.71 -17.67 -71.13
N ASP F 407 29.71 -17.95 -71.96
CA ASP F 407 28.99 -16.90 -72.66
C ASP F 407 28.26 -16.00 -71.68
N ARG F 408 28.19 -14.73 -72.06
CA ARG F 408 27.52 -13.73 -71.18
C ARG F 408 26.18 -13.35 -71.77
N LEU F 409 25.33 -12.75 -70.95
CA LEU F 409 23.97 -12.35 -71.30
C LEU F 409 23.78 -10.90 -70.90
N PHE F 410 23.29 -10.08 -71.82
CA PHE F 410 23.03 -8.68 -71.55
C PHE F 410 21.58 -8.54 -71.10
N LEU F 411 21.38 -8.03 -69.89
CA LEU F 411 20.06 -7.80 -69.33
C LEU F 411 19.86 -6.29 -69.22
N SER F 412 18.74 -5.81 -69.74
CA SER F 412 18.42 -4.40 -69.73
C SER F 412 16.91 -4.25 -69.63
N ALA F 413 16.48 -3.07 -69.22
CA ALA F 413 15.06 -2.81 -69.00
C ALA F 413 14.67 -1.50 -69.65
N THR F 414 13.41 -1.43 -70.07
CA THR F 414 12.80 -0.23 -70.61
C THR F 414 11.62 0.18 -69.74
N THR F 415 11.35 1.48 -69.70
CA THR F 415 10.22 2.01 -68.98
C THR F 415 9.10 2.51 -69.89
N ASP F 416 9.33 2.58 -71.20
CA ASP F 416 8.32 3.04 -72.14
C ASP F 416 8.04 2.04 -73.25
N GLY F 417 8.90 1.05 -73.46
CA GLY F 417 8.68 0.02 -74.45
C GLY F 417 9.53 0.15 -75.70
N ILE F 418 10.22 1.27 -75.88
CA ILE F 418 10.99 1.54 -77.10
C ILE F 418 12.47 1.66 -76.81
N ASN F 419 12.84 2.49 -75.84
CA ASN F 419 14.23 2.76 -75.54
C ASN F 419 14.64 1.96 -74.31
N TYR F 420 15.70 1.18 -74.43
CA TYR F 420 16.21 0.35 -73.36
C TYR F 420 17.41 1.03 -72.72
N GLY F 421 17.62 0.74 -71.43
CA GLY F 421 18.64 1.43 -70.67
C GLY F 421 19.96 0.69 -70.58
N ARG F 422 20.51 0.64 -69.37
CA ARG F 422 21.80 0.01 -69.14
C ARG F 422 21.72 -1.48 -69.36
N GLU F 423 22.73 -2.03 -70.06
CA GLU F 423 22.84 -3.46 -70.31
C GLU F 423 23.92 -4.01 -69.40
N GLN F 424 23.51 -4.85 -68.44
CA GLN F 424 24.44 -5.50 -67.53
C GLN F 424 24.70 -6.92 -68.02
N MET F 425 25.95 -7.35 -67.93
CA MET F 425 26.35 -8.66 -68.43
C MET F 425 26.43 -9.65 -67.27
N ILE F 426 25.66 -10.74 -67.37
CA ILE F 426 25.67 -11.82 -66.40
C ILE F 426 26.12 -13.09 -67.10
N GLU F 427 27.06 -13.81 -66.50
CA GLU F 427 27.59 -15.02 -67.12
C GLU F 427 26.50 -16.09 -67.14
N GLN F 428 25.93 -16.35 -68.31
CA GLN F 428 24.78 -17.22 -68.44
C GLN F 428 25.13 -18.66 -68.75
N ASN F 429 26.40 -18.98 -68.93
CA ASN F 429 26.81 -20.33 -69.24
C ASN F 429 28.26 -20.52 -68.86
N GLU F 430 28.66 -21.78 -68.75
CA GLU F 430 30.05 -22.08 -68.42
C GLU F 430 30.33 -23.50 -68.83
N PRO F 431 31.46 -23.78 -69.47
CA PRO F 431 31.70 -25.12 -70.03
C PRO F 431 31.75 -26.19 -68.95
N PHE F 432 30.97 -27.25 -69.16
CA PHE F 432 30.97 -28.42 -68.30
C PHE F 432 30.58 -28.09 -66.86
N VAL F 433 29.56 -27.25 -66.72
CA VAL F 433 28.99 -26.90 -65.39
C VAL F 433 27.47 -26.98 -65.55
N TYR F 434 26.81 -27.92 -64.86
CA TYR F 434 25.39 -28.16 -65.03
C TYR F 434 24.56 -27.56 -63.90
N ASP F 435 25.08 -26.53 -63.23
CA ASP F 435 24.34 -25.85 -62.17
C ASP F 435 24.92 -24.43 -62.06
N LYS F 436 24.15 -23.44 -62.49
CA LYS F 436 24.71 -22.10 -62.58
C LYS F 436 23.91 -21.05 -61.83
N ARG F 437 22.59 -21.15 -61.82
CA ARG F 437 21.72 -20.22 -61.10
C ARG F 437 21.94 -18.78 -61.58
N VAL F 438 21.53 -18.53 -62.81
CA VAL F 438 21.70 -17.21 -63.41
C VAL F 438 20.65 -16.26 -62.86
N LEU F 439 21.11 -15.17 -62.25
CA LEU F 439 20.20 -14.22 -61.62
C LEU F 439 20.91 -12.89 -61.44
N TRP F 440 20.10 -11.85 -61.23
CA TRP F 440 20.57 -10.49 -60.97
C TRP F 440 19.91 -10.03 -59.68
N LYS F 441 20.73 -9.67 -58.68
CA LYS F 441 20.21 -9.47 -57.34
C LYS F 441 19.32 -8.23 -57.26
N ARG F 442 19.87 -7.08 -57.59
CA ARG F 442 19.17 -5.80 -57.41
C ARG F 442 18.77 -5.24 -58.76
N VAL F 443 17.46 -5.14 -58.98
CA VAL F 443 16.93 -4.38 -60.10
C VAL F 443 16.35 -3.09 -59.52
N GLY F 444 15.98 -2.17 -60.40
CA GLY F 444 15.57 -0.87 -59.93
C GLY F 444 14.17 -0.80 -59.34
N ARG F 445 13.51 0.31 -59.58
CA ARG F 445 12.19 0.58 -59.04
C ARG F 445 11.27 0.99 -60.19
N ILE F 446 10.27 0.16 -60.47
CA ILE F 446 9.24 0.49 -61.44
C ILE F 446 8.49 1.71 -60.94
N ARG F 447 8.61 2.81 -61.69
CA ARG F 447 7.80 4.00 -61.46
C ARG F 447 6.44 3.86 -62.10
N ARG F 448 6.41 3.58 -63.40
CA ARG F 448 5.16 3.27 -64.09
C ARG F 448 5.18 1.91 -64.76
N LEU F 449 6.17 1.63 -65.61
CA LEU F 449 6.21 0.40 -66.40
C LEU F 449 7.62 -0.14 -66.39
N ILE F 450 7.76 -1.40 -66.81
CA ILE F 450 9.08 -1.99 -67.02
C ILE F 450 8.93 -3.18 -67.95
N GLY F 451 9.97 -3.42 -68.74
CA GLY F 451 10.07 -4.61 -69.56
C GLY F 451 11.52 -4.97 -69.77
N PHE F 452 11.80 -6.26 -69.87
CA PHE F 452 13.18 -6.74 -69.87
C PHE F 452 13.57 -7.28 -71.24
N LYS F 453 14.86 -7.16 -71.57
CA LYS F 453 15.36 -7.51 -72.90
C LYS F 453 16.00 -8.88 -72.98
N LEU F 454 16.98 -9.19 -72.12
CA LEU F 454 17.48 -10.55 -71.97
C LEU F 454 18.06 -11.09 -73.29
N ARG F 455 19.16 -10.48 -73.72
CA ARG F 455 19.80 -10.79 -75.00
C ARG F 455 21.04 -11.65 -74.80
N VAL F 456 21.20 -12.66 -75.65
CA VAL F 456 22.31 -13.61 -75.54
C VAL F 456 23.02 -13.73 -76.88
N ILE F 457 24.35 -13.64 -76.85
CA ILE F 457 25.19 -13.88 -78.02
C ILE F 457 26.11 -15.05 -77.72
N THR F 458 26.12 -16.04 -78.59
CA THR F 458 26.79 -17.30 -78.26
C THR F 458 27.14 -18.08 -79.52
N LYS F 459 28.02 -19.06 -79.34
CA LYS F 459 28.26 -20.12 -80.30
C LYS F 459 27.79 -21.48 -79.80
N SER F 460 27.01 -21.50 -78.74
CA SER F 460 26.55 -22.70 -78.06
C SER F 460 25.04 -22.62 -77.89
N PRO F 461 24.38 -23.75 -77.64
CA PRO F 461 22.92 -23.72 -77.49
C PRO F 461 22.50 -22.94 -76.26
N VAL F 462 21.32 -22.31 -76.34
CA VAL F 462 20.77 -21.51 -75.26
C VAL F 462 19.40 -22.06 -74.88
N THR F 463 19.24 -22.37 -73.61
CA THR F 463 17.96 -22.83 -73.07
C THR F 463 17.60 -21.96 -71.88
N LEU F 464 16.37 -21.45 -71.85
CA LEU F 464 15.96 -20.53 -70.80
C LEU F 464 14.49 -20.72 -70.49
N SER F 465 14.12 -20.61 -69.21
CA SER F 465 12.73 -20.66 -68.82
C SER F 465 12.59 -20.10 -67.42
N GLY F 466 11.34 -19.83 -67.03
CA GLY F 466 11.03 -19.45 -65.67
C GLY F 466 11.67 -18.16 -65.19
N CYS F 467 11.60 -17.11 -65.98
CA CYS F 467 12.04 -15.80 -65.51
C CYS F 467 11.10 -15.34 -64.40
N GLN F 468 11.66 -15.01 -63.25
CA GLN F 468 10.86 -14.57 -62.13
C GLN F 468 11.54 -13.39 -61.44
N ILE F 469 10.72 -12.58 -60.77
CA ILE F 469 11.21 -11.44 -60.00
C ILE F 469 10.57 -11.49 -58.63
N ARG F 470 11.16 -10.75 -57.71
CA ARG F 470 10.55 -10.46 -56.42
C ARG F 470 10.14 -9.00 -56.44
N LEU F 471 8.84 -8.74 -56.28
CA LEU F 471 8.33 -7.40 -56.45
C LEU F 471 8.21 -6.64 -55.15
N GLU F 472 8.10 -7.34 -54.02
CA GLU F 472 7.94 -6.70 -52.72
C GLU F 472 6.77 -5.71 -52.69
N THR G 5 -33.40 24.34 -80.45
CA THR G 5 -34.53 24.99 -81.11
C THR G 5 -34.63 26.43 -80.61
N ALA G 6 -33.48 27.09 -80.47
CA ALA G 6 -33.44 28.44 -79.95
C ALA G 6 -32.20 29.13 -80.49
N ASN G 7 -32.16 30.45 -80.35
CA ASN G 7 -31.13 31.25 -81.01
C ASN G 7 -30.38 32.21 -80.11
N VAL G 8 -30.99 32.70 -79.03
CA VAL G 8 -30.38 33.79 -78.25
C VAL G 8 -30.21 33.35 -76.82
N VAL G 9 -29.01 33.54 -76.29
CA VAL G 9 -28.69 33.24 -74.91
C VAL G 9 -29.46 34.20 -74.00
N VAL G 10 -30.03 33.67 -72.92
CA VAL G 10 -30.60 34.56 -71.92
C VAL G 10 -29.46 35.28 -71.22
N SER G 11 -29.73 36.51 -70.79
CA SER G 11 -28.70 37.31 -70.16
C SER G 11 -29.35 38.16 -69.08
N ASN G 12 -28.57 39.09 -68.53
CA ASN G 12 -29.08 40.09 -67.60
C ASN G 12 -29.12 41.42 -68.34
N PRO G 13 -30.24 41.76 -68.99
CA PRO G 13 -30.29 43.01 -69.74
C PRO G 13 -30.15 44.24 -68.87
N ARG G 14 -30.56 44.19 -67.62
CA ARG G 14 -30.40 45.33 -66.73
C ARG G 14 -28.91 45.60 -66.53
N PRO G 15 -28.45 46.82 -66.76
CA PRO G 15 -27.01 47.09 -66.68
C PRO G 15 -26.54 47.37 -65.26
N ILE G 16 -25.29 47.00 -65.00
CA ILE G 16 -24.64 47.30 -63.74
C ILE G 16 -23.34 48.01 -64.05
N PHE G 17 -22.89 48.85 -63.12
CA PHE G 17 -21.71 49.68 -63.31
C PHE G 17 -20.72 49.39 -62.19
N THR G 18 -19.50 49.01 -62.57
CA THR G 18 -18.45 48.73 -61.61
C THR G 18 -17.24 49.62 -61.90
N GLU G 19 -16.36 49.71 -60.92
CA GLU G 19 -15.18 50.56 -61.04
C GLU G 19 -14.26 50.04 -62.13
N SER G 20 -13.38 50.92 -62.60
CA SER G 20 -12.46 50.53 -63.66
C SER G 20 -11.35 49.62 -63.15
N ARG G 21 -10.76 49.98 -62.00
CA ARG G 21 -9.54 49.31 -61.56
C ARG G 21 -9.77 48.21 -60.54
N SER G 22 -10.89 48.22 -59.83
CA SER G 22 -11.16 47.24 -58.80
C SER G 22 -12.57 46.69 -58.94
N PHE G 23 -12.77 45.46 -58.47
CA PHE G 23 -14.04 44.76 -58.59
C PHE G 23 -14.95 45.17 -57.43
N LYS G 24 -15.60 46.31 -57.59
CA LYS G 24 -16.65 46.71 -56.66
C LYS G 24 -17.60 47.64 -57.39
N ALA G 25 -18.82 47.70 -56.89
CA ALA G 25 -19.84 48.50 -57.53
C ALA G 25 -19.62 49.98 -57.25
N VAL G 26 -20.21 50.82 -58.10
CA VAL G 26 -20.11 52.28 -57.94
C VAL G 26 -21.25 52.66 -57.02
N ALA G 27 -21.01 52.53 -55.72
CA ALA G 27 -22.02 52.88 -54.74
C ALA G 27 -22.20 54.39 -54.71
N ASN G 28 -23.46 54.83 -54.79
CA ASN G 28 -23.78 56.26 -54.76
C ASN G 28 -23.04 57.01 -55.86
N GLY G 29 -23.06 56.44 -57.06
CA GLY G 29 -22.36 57.02 -58.19
C GLY G 29 -23.24 57.97 -58.99
N LYS G 30 -22.60 58.75 -59.86
CA LYS G 30 -23.29 59.76 -60.65
C LYS G 30 -22.99 59.57 -62.13
N ILE G 31 -24.03 59.39 -62.93
CA ILE G 31 -23.91 59.29 -64.38
C ILE G 31 -24.31 60.63 -64.97
N TYR G 32 -23.57 61.08 -65.97
CA TYR G 32 -23.87 62.27 -66.73
C TYR G 32 -23.98 61.89 -68.21
N ILE G 33 -25.04 62.38 -68.85
CA ILE G 33 -25.32 62.11 -70.25
C ILE G 33 -25.28 63.44 -70.99
N GLY G 34 -24.40 63.54 -71.99
CA GLY G 34 -24.21 64.77 -72.74
C GLY G 34 -24.24 64.52 -74.24
N GLN G 35 -24.00 65.59 -74.98
CA GLN G 35 -23.97 65.50 -76.42
C GLN G 35 -22.80 64.63 -76.88
N ILE G 36 -22.90 64.15 -78.12
CA ILE G 36 -21.86 63.27 -78.65
C ILE G 36 -20.53 64.01 -78.70
N ASP G 37 -19.46 63.30 -78.34
CA ASP G 37 -18.09 63.83 -78.40
C ASP G 37 -17.91 65.08 -77.56
N THR G 38 -18.64 65.19 -76.46
CA THR G 38 -18.51 66.35 -75.58
C THR G 38 -18.27 65.95 -74.14
N ASP G 39 -18.21 66.93 -73.25
CA ASP G 39 -18.05 66.68 -71.83
C ASP G 39 -19.41 66.78 -71.16
N PRO G 40 -19.95 65.70 -70.61
CA PRO G 40 -21.33 65.72 -70.12
C PRO G 40 -21.50 66.27 -68.72
N VAL G 41 -20.50 66.94 -68.15
CA VAL G 41 -20.68 67.55 -66.84
C VAL G 41 -21.27 68.95 -66.95
N ASN G 42 -21.11 69.62 -68.09
CA ASN G 42 -21.70 70.94 -68.27
C ASN G 42 -23.22 70.79 -68.42
N PRO G 43 -24.01 71.51 -67.62
CA PRO G 43 -25.47 71.48 -67.81
C PRO G 43 -25.88 71.94 -69.20
N ALA G 44 -25.05 72.75 -69.85
CA ALA G 44 -25.30 73.09 -71.25
C ALA G 44 -25.08 71.88 -72.16
N ASN G 45 -24.01 71.12 -71.91
CA ASN G 45 -23.68 69.98 -72.77
C ASN G 45 -24.59 68.79 -72.53
N GLN G 46 -25.27 68.72 -71.40
CA GLN G 46 -26.14 67.59 -71.12
C GLN G 46 -27.37 67.61 -72.02
N ILE G 47 -27.99 66.46 -72.18
CA ILE G 47 -29.16 66.29 -73.04
C ILE G 47 -30.29 65.73 -72.17
N PRO G 48 -31.53 65.80 -72.64
CA PRO G 48 -32.64 65.30 -71.82
C PRO G 48 -32.69 63.77 -71.83
N VAL G 49 -32.69 63.19 -70.63
CA VAL G 49 -32.78 61.75 -70.45
C VAL G 49 -34.16 61.42 -69.90
N TYR G 50 -34.83 60.44 -70.49
CA TYR G 50 -36.14 60.02 -70.02
C TYR G 50 -36.03 58.64 -69.40
N ILE G 51 -37.07 58.21 -68.69
CA ILE G 51 -37.15 56.88 -68.15
C ILE G 51 -38.36 56.19 -68.75
N GLU G 52 -38.19 54.93 -69.14
CA GLU G 52 -39.25 54.15 -69.76
C GLU G 52 -39.82 53.21 -68.72
N ASN G 53 -41.11 53.37 -68.42
CA ASN G 53 -41.74 52.57 -67.38
C ASN G 53 -42.02 51.17 -67.93
N GLU G 54 -42.75 50.37 -67.16
CA GLU G 54 -43.03 48.99 -67.57
C GLU G 54 -43.85 48.94 -68.85
N ASP G 55 -44.87 49.80 -68.95
CA ASP G 55 -45.68 49.83 -70.16
C ASP G 55 -44.95 50.51 -71.31
N GLY G 56 -44.26 51.61 -71.03
CA GLY G 56 -43.56 52.33 -72.07
C GLY G 56 -43.71 53.84 -72.00
N SER G 57 -44.34 54.34 -70.94
CA SER G 57 -44.59 55.77 -70.82
C SER G 57 -43.31 56.48 -70.40
N HIS G 58 -42.75 57.29 -71.29
CA HIS G 58 -41.51 57.99 -71.06
C HIS G 58 -41.77 59.29 -70.32
N VAL G 59 -40.98 59.53 -69.26
CA VAL G 59 -41.09 60.76 -68.47
C VAL G 59 -39.71 61.40 -68.38
N GLN G 60 -39.67 62.72 -68.35
CA GLN G 60 -38.41 63.44 -68.32
C GLN G 60 -37.95 63.62 -66.89
N ILE G 61 -36.67 63.29 -66.63
CA ILE G 61 -36.12 63.34 -65.29
C ILE G 61 -34.82 64.16 -65.31
N THR G 62 -34.41 64.59 -64.12
CA THR G 62 -33.23 65.41 -63.97
C THR G 62 -31.98 64.66 -64.41
N GLN G 63 -30.90 65.42 -64.63
CA GLN G 63 -29.75 64.86 -65.35
C GLN G 63 -28.93 63.91 -64.51
N PRO G 64 -28.35 64.32 -63.35
CA PRO G 64 -27.40 63.41 -62.68
C PRO G 64 -28.07 62.13 -62.23
N LEU G 65 -27.71 61.02 -62.88
CA LEU G 65 -28.36 59.74 -62.63
C LEU G 65 -27.68 59.04 -61.47
N ILE G 66 -28.44 58.70 -60.45
CA ILE G 66 -27.89 58.15 -59.22
C ILE G 66 -27.80 56.64 -59.33
N ILE G 67 -26.64 56.10 -58.94
CA ILE G 67 -26.36 54.68 -58.97
C ILE G 67 -26.25 54.19 -57.53
N ASN G 68 -27.11 53.24 -57.16
CA ASN G 68 -27.24 52.83 -55.77
C ASN G 68 -26.08 51.90 -55.39
N ALA G 69 -26.19 51.24 -54.24
CA ALA G 69 -25.09 50.45 -53.71
C ALA G 69 -24.75 49.24 -54.57
N ALA G 70 -25.66 48.80 -55.43
CA ALA G 70 -25.45 47.61 -56.23
C ALA G 70 -24.87 47.91 -57.61
N GLY G 71 -24.50 49.16 -57.87
CA GLY G 71 -24.03 49.51 -59.19
C GLY G 71 -25.13 49.67 -60.22
N LYS G 72 -26.38 49.76 -59.79
CA LYS G 72 -27.52 49.90 -60.67
C LYS G 72 -28.10 51.31 -60.56
N ILE G 73 -28.87 51.70 -61.57
CA ILE G 73 -29.43 53.04 -61.66
C ILE G 73 -30.80 53.04 -61.01
N VAL G 74 -31.07 54.04 -60.18
CA VAL G 74 -32.35 54.18 -59.51
C VAL G 74 -32.80 55.64 -59.56
N TYR G 75 -34.09 55.86 -59.77
CA TYR G 75 -34.67 57.21 -59.61
C TYR G 75 -35.43 57.32 -58.29
N ASN G 76 -36.51 56.55 -58.14
CA ASN G 76 -37.32 56.57 -56.92
C ASN G 76 -36.94 55.45 -55.98
N GLY G 77 -35.65 55.31 -55.68
CA GLY G 77 -35.21 54.13 -54.95
C GLY G 77 -35.59 52.83 -55.62
N GLN G 78 -35.78 52.85 -56.94
CA GLN G 78 -36.28 51.70 -57.69
C GLN G 78 -35.49 51.58 -58.98
N LEU G 79 -35.34 50.34 -59.45
CA LEU G 79 -34.61 50.12 -60.69
C LEU G 79 -35.41 50.68 -61.86
N VAL G 80 -34.74 51.46 -62.71
CA VAL G 80 -35.39 52.12 -63.83
C VAL G 80 -34.55 51.92 -65.08
N LYS G 81 -35.19 52.07 -66.23
CA LYS G 81 -34.53 52.02 -67.52
C LYS G 81 -34.51 53.41 -68.13
N ILE G 82 -33.32 53.86 -68.54
CA ILE G 82 -33.11 55.21 -69.04
C ILE G 82 -33.01 55.16 -70.55
N VAL G 83 -33.61 56.15 -71.22
CA VAL G 83 -33.62 56.24 -72.67
C VAL G 83 -33.27 57.66 -73.09
N THR G 84 -32.85 57.79 -74.34
CA THR G 84 -32.56 59.07 -74.97
C THR G 84 -33.06 59.05 -76.41
N VAL G 85 -33.33 60.25 -76.94
CA VAL G 85 -33.82 60.35 -78.32
C VAL G 85 -32.67 60.24 -79.31
N GLN G 86 -31.44 60.45 -78.85
CA GLN G 86 -30.28 60.51 -79.74
C GLN G 86 -29.11 59.79 -79.12
N GLY G 87 -28.04 59.65 -79.89
CA GLY G 87 -26.78 59.20 -79.34
C GLY G 87 -26.22 60.23 -78.39
N HIS G 88 -25.33 59.79 -77.51
CA HIS G 88 -24.85 60.66 -76.46
C HIS G 88 -23.50 60.19 -75.96
N SER G 89 -22.90 61.01 -75.11
CA SER G 89 -21.67 60.69 -74.42
C SER G 89 -21.98 60.43 -72.95
N MET G 90 -21.41 59.36 -72.40
CA MET G 90 -21.73 58.93 -71.04
C MET G 90 -20.46 59.02 -70.19
N ALA G 91 -20.55 59.73 -69.07
CA ALA G 91 -19.46 59.80 -68.12
C ALA G 91 -19.96 59.41 -66.75
N ILE G 92 -19.30 58.42 -66.13
CA ILE G 92 -19.71 57.92 -64.83
C ILE G 92 -18.62 58.25 -63.82
N TYR G 93 -19.05 58.81 -62.68
CA TYR G 93 -18.21 59.22 -61.58
C TYR G 93 -18.59 58.43 -60.34
N ASP G 94 -17.59 58.12 -59.52
CA ASP G 94 -17.88 57.41 -58.28
C ASP G 94 -18.36 58.40 -57.22
N ALA G 95 -18.52 57.91 -55.99
CA ALA G 95 -19.06 58.73 -54.91
C ALA G 95 -18.13 59.86 -54.52
N ASN G 96 -16.82 59.68 -54.64
CA ASN G 96 -15.86 60.69 -54.24
C ASN G 96 -15.64 61.76 -55.29
N GLY G 97 -16.31 61.66 -56.44
CA GLY G 97 -16.17 62.64 -57.49
C GLY G 97 -15.15 62.30 -58.56
N SER G 98 -14.38 61.23 -58.40
CA SER G 98 -13.46 60.82 -59.45
C SER G 98 -14.21 60.20 -60.62
N GLN G 99 -13.62 60.29 -61.80
CA GLN G 99 -14.27 59.80 -63.02
C GLN G 99 -13.98 58.31 -63.18
N VAL G 100 -15.00 57.49 -62.95
CA VAL G 100 -14.86 56.05 -63.16
C VAL G 100 -14.62 55.74 -64.63
N ASP G 101 -15.41 56.35 -65.51
CA ASP G 101 -15.27 56.05 -66.94
C ASP G 101 -15.88 57.17 -67.77
N TYR G 102 -15.50 57.19 -69.05
CA TYR G 102 -16.04 58.12 -70.03
C TYR G 102 -16.06 57.45 -71.40
N ILE G 103 -17.18 57.59 -72.10
CA ILE G 103 -17.35 57.11 -73.47
C ILE G 103 -17.96 58.24 -74.29
N ALA G 104 -17.24 58.70 -75.32
CA ALA G 104 -17.68 59.86 -76.08
C ALA G 104 -18.85 59.53 -76.98
N ASN G 105 -18.80 58.42 -77.69
CA ASN G 105 -19.88 58.02 -78.60
C ASN G 105 -20.29 56.60 -78.26
N VAL G 106 -21.45 56.48 -77.62
CA VAL G 106 -21.90 55.16 -77.16
C VAL G 106 -22.22 54.27 -78.35
N LEU G 107 -22.91 54.80 -79.36
CA LEU G 107 -23.28 54.03 -80.54
C LEU G 107 -22.44 54.35 -81.75
N LYS G 108 -21.55 55.35 -81.67
CA LYS G 108 -20.70 55.76 -82.79
C LYS G 108 -21.52 56.25 -83.98
N TYR G 109 -22.73 56.73 -83.71
CA TYR G 109 -23.61 57.36 -84.70
C TYR G 109 -24.80 57.93 -83.96
N ASP G 110 -25.33 59.04 -84.47
CA ASP G 110 -26.45 59.73 -83.85
C ASP G 110 -27.74 59.21 -84.47
N PRO G 111 -28.49 58.33 -83.80
CA PRO G 111 -29.72 57.82 -84.40
C PRO G 111 -30.76 58.88 -84.66
N ASP G 112 -30.74 60.00 -83.93
CA ASP G 112 -31.73 61.04 -84.16
C ASP G 112 -31.62 61.60 -85.58
N GLN G 113 -30.50 62.25 -85.89
CA GLN G 113 -30.34 62.82 -87.22
C GLN G 113 -30.18 61.74 -88.28
N TYR G 114 -29.71 60.55 -87.87
CA TYR G 114 -29.62 59.45 -88.86
C TYR G 114 -31.04 59.03 -89.25
N SER G 115 -32.00 59.18 -88.34
CA SER G 115 -33.38 58.92 -88.73
C SER G 115 -33.77 59.77 -89.94
N ILE G 116 -33.50 61.07 -89.87
CA ILE G 116 -33.78 61.97 -90.99
C ILE G 116 -33.00 61.54 -92.22
N GLU G 117 -31.71 61.25 -92.04
CA GLU G 117 -30.84 60.95 -93.18
C GLU G 117 -31.30 59.67 -93.88
N ALA G 118 -31.57 58.61 -93.12
CA ALA G 118 -32.01 57.36 -93.72
C ALA G 118 -33.41 57.47 -94.29
N ASP G 119 -34.28 58.27 -93.68
CA ASP G 119 -35.60 58.49 -94.26
C ASP G 119 -35.49 59.19 -95.62
N LYS G 120 -34.60 60.17 -95.72
CA LYS G 120 -34.43 60.90 -96.97
C LYS G 120 -33.62 60.12 -98.00
N LYS G 121 -32.92 59.07 -97.59
CA LYS G 121 -32.09 58.34 -98.54
C LYS G 121 -32.68 57.00 -98.96
N PHE G 122 -33.02 56.12 -98.01
CA PHE G 122 -33.40 54.76 -98.34
C PHE G 122 -34.82 54.69 -98.87
N LYS G 123 -35.16 53.54 -99.47
CA LYS G 123 -36.47 53.35 -100.06
C LYS G 123 -37.34 52.52 -99.13
N TYR G 124 -38.51 53.05 -98.79
CA TYR G 124 -39.37 52.48 -97.77
C TYR G 124 -39.78 51.06 -98.08
N THR H 5 -14.95 42.07 -92.24
CA THR H 5 -15.14 43.03 -91.17
C THR H 5 -15.36 42.34 -89.85
N ALA H 6 -15.08 43.05 -88.75
CA ALA H 6 -15.18 42.50 -87.40
C ALA H 6 -16.44 43.04 -86.75
N ASN H 7 -17.35 42.15 -86.38
CA ASN H 7 -18.62 42.56 -85.80
C ASN H 7 -19.08 41.65 -84.67
N VAL H 8 -18.17 40.92 -84.03
CA VAL H 8 -18.50 40.06 -82.90
C VAL H 8 -17.68 40.52 -81.71
N VAL H 9 -18.36 41.00 -80.68
CA VAL H 9 -17.71 41.57 -79.51
C VAL H 9 -17.41 40.46 -78.52
N VAL H 10 -16.24 40.54 -77.90
CA VAL H 10 -15.83 39.58 -76.86
C VAL H 10 -16.40 40.12 -75.54
N SER H 11 -17.55 39.60 -75.15
CA SER H 11 -18.19 39.98 -73.91
C SER H 11 -18.25 38.77 -72.98
N ASN H 12 -18.89 38.96 -71.83
CA ASN H 12 -18.89 37.86 -70.83
C ASN H 12 -20.00 36.86 -71.13
N PRO H 13 -19.66 35.59 -71.40
CA PRO H 13 -20.64 34.51 -71.51
C PRO H 13 -20.93 33.91 -70.15
N ARG H 14 -22.04 33.19 -70.08
CA ARG H 14 -22.54 32.79 -68.76
C ARG H 14 -22.81 34.06 -67.97
N PRO H 15 -23.90 34.75 -68.28
CA PRO H 15 -24.19 36.05 -67.66
C PRO H 15 -24.24 35.98 -66.14
N ILE H 16 -24.17 37.15 -65.53
CA ILE H 16 -24.09 37.30 -64.08
C ILE H 16 -25.37 37.96 -63.59
N PHE H 17 -25.96 37.37 -62.56
CA PHE H 17 -27.13 37.93 -61.89
C PHE H 17 -26.70 38.49 -60.54
N THR H 18 -27.25 39.64 -60.18
CA THR H 18 -26.81 40.37 -59.00
C THR H 18 -28.02 40.88 -58.24
N GLU H 19 -27.85 41.09 -56.94
CA GLU H 19 -28.91 41.65 -56.12
C GLU H 19 -29.21 43.08 -56.53
N SER H 20 -30.49 43.45 -56.45
CA SER H 20 -30.90 44.80 -56.79
C SER H 20 -30.37 45.84 -55.81
N ARG H 21 -30.28 45.51 -54.52
CA ARG H 21 -29.92 46.50 -53.51
C ARG H 21 -28.48 46.43 -53.05
N SER H 22 -27.79 45.30 -53.25
CA SER H 22 -26.42 45.15 -52.78
C SER H 22 -25.61 44.38 -53.81
N PHE H 23 -24.30 44.64 -53.81
CA PHE H 23 -23.39 44.07 -54.80
C PHE H 23 -23.03 42.64 -54.40
N LYS H 24 -24.00 41.75 -54.57
CA LYS H 24 -23.81 40.33 -54.30
C LYS H 24 -24.52 39.52 -55.36
N ALA H 25 -23.98 38.37 -55.69
CA ALA H 25 -24.68 37.45 -56.58
C ALA H 25 -25.93 36.90 -55.89
N VAL H 26 -26.93 36.57 -56.69
CA VAL H 26 -28.17 36.03 -56.15
C VAL H 26 -28.01 34.53 -55.98
N ALA H 27 -27.46 34.11 -54.84
CA ALA H 27 -27.24 32.70 -54.59
C ALA H 27 -28.56 31.97 -54.50
N ASN H 28 -28.64 30.81 -55.16
CA ASN H 28 -29.85 29.99 -55.18
C ASN H 28 -31.05 30.79 -55.67
N GLY H 29 -30.80 31.65 -56.65
CA GLY H 29 -31.89 32.45 -57.20
C GLY H 29 -32.72 31.65 -58.19
N LYS H 30 -33.99 32.01 -58.29
CA LYS H 30 -34.92 31.35 -59.21
C LYS H 30 -35.29 32.33 -60.31
N ILE H 31 -35.00 31.98 -61.56
CA ILE H 31 -35.32 32.84 -62.69
C ILE H 31 -36.33 32.13 -63.58
N TYR H 32 -37.39 32.83 -63.95
CA TYR H 32 -38.39 32.34 -64.89
C TYR H 32 -38.35 33.22 -66.13
N ILE H 33 -38.57 32.59 -67.28
CA ILE H 33 -38.66 33.32 -68.54
C ILE H 33 -39.91 32.84 -69.26
N GLY H 34 -40.70 33.77 -69.75
CA GLY H 34 -41.99 33.47 -70.35
C GLY H 34 -42.34 34.45 -71.45
N GLN H 35 -43.64 34.56 -71.73
CA GLN H 35 -44.11 35.37 -72.84
C GLN H 35 -43.93 36.86 -72.55
N ILE H 36 -43.93 37.65 -73.61
CA ILE H 36 -43.69 39.09 -73.52
C ILE H 36 -44.79 39.76 -72.72
N ASP H 37 -44.39 40.74 -71.89
CA ASP H 37 -45.32 41.64 -71.22
C ASP H 37 -46.30 40.89 -70.31
N THR H 38 -45.91 39.67 -69.93
CA THR H 38 -46.77 38.82 -69.06
C THR H 38 -45.87 38.05 -68.10
N ASP H 39 -46.20 37.99 -66.80
CA ASP H 39 -45.30 37.40 -65.84
C ASP H 39 -45.02 35.94 -66.20
N PRO H 40 -43.80 35.46 -65.93
CA PRO H 40 -43.43 34.08 -66.30
C PRO H 40 -43.54 33.07 -65.17
N VAL H 41 -43.99 33.46 -63.98
CA VAL H 41 -44.14 32.49 -62.90
C VAL H 41 -45.26 31.52 -63.21
N ASN H 42 -46.32 32.00 -63.83
CA ASN H 42 -47.45 31.14 -64.17
C ASN H 42 -47.03 30.09 -65.20
N PRO H 43 -47.20 28.80 -64.91
CA PRO H 43 -46.75 27.78 -65.88
C PRO H 43 -47.48 27.85 -67.20
N ALA H 44 -48.64 28.52 -67.25
CA ALA H 44 -49.29 28.77 -68.54
C ALA H 44 -48.63 29.92 -69.29
N ASN H 45 -47.68 30.63 -68.67
CA ASN H 45 -47.09 31.85 -69.31
C ASN H 45 -45.60 31.66 -69.56
N GLN H 46 -45.15 30.43 -69.74
CA GLN H 46 -43.73 30.15 -69.89
C GLN H 46 -43.40 29.63 -71.28
N ILE H 47 -42.27 30.06 -71.80
CA ILE H 47 -41.78 29.61 -73.09
C ILE H 47 -40.73 28.52 -72.85
N PRO H 48 -40.54 27.59 -73.79
CA PRO H 48 -39.52 26.56 -73.60
C PRO H 48 -38.13 27.17 -73.48
N VAL H 49 -37.29 26.52 -72.66
CA VAL H 49 -35.92 26.94 -72.45
C VAL H 49 -35.00 25.74 -72.62
N TYR H 50 -33.92 25.92 -73.39
CA TYR H 50 -33.06 24.81 -73.76
C TYR H 50 -31.64 25.10 -73.29
N ILE H 51 -30.85 24.05 -73.14
CA ILE H 51 -29.43 24.21 -72.88
C ILE H 51 -28.66 23.68 -74.08
N GLU H 52 -27.77 24.51 -74.62
CA GLU H 52 -27.00 24.13 -75.81
C GLU H 52 -25.80 23.33 -75.36
N ASN H 53 -25.86 22.02 -75.58
CA ASN H 53 -24.78 21.13 -75.16
C ASN H 53 -23.56 21.32 -76.04
N GLU H 54 -22.56 20.46 -75.83
CA GLU H 54 -21.33 20.55 -76.61
C GLU H 54 -21.53 20.03 -78.02
N ASP H 55 -22.29 18.95 -78.18
CA ASP H 55 -22.56 18.37 -79.49
C ASP H 55 -23.69 19.07 -80.22
N GLY H 56 -24.08 20.26 -79.77
CA GLY H 56 -25.04 21.07 -80.48
C GLY H 56 -26.49 20.76 -80.17
N SER H 57 -26.77 19.75 -79.37
CA SER H 57 -28.15 19.41 -79.06
C SER H 57 -28.75 20.45 -78.13
N HIS H 58 -30.03 20.73 -78.32
CA HIS H 58 -30.78 21.65 -77.45
C HIS H 58 -31.72 20.83 -76.59
N VAL H 59 -31.31 20.55 -75.36
CA VAL H 59 -32.10 19.77 -74.43
C VAL H 59 -32.89 20.74 -73.57
N GLN H 60 -34.21 20.58 -73.55
CA GLN H 60 -35.08 21.44 -72.78
C GLN H 60 -35.05 21.01 -71.31
N ILE H 61 -35.19 21.97 -70.41
CA ILE H 61 -35.11 21.72 -68.98
C ILE H 61 -36.33 22.31 -68.28
N THR H 62 -36.49 21.94 -67.01
CA THR H 62 -37.56 22.48 -66.19
C THR H 62 -37.36 23.98 -65.98
N GLN H 63 -38.46 24.70 -65.72
CA GLN H 63 -38.44 26.14 -65.95
C GLN H 63 -37.66 26.93 -64.92
N PRO H 64 -37.98 26.90 -63.61
CA PRO H 64 -37.27 27.81 -62.69
C PRO H 64 -35.79 27.50 -62.63
N LEU H 65 -34.96 28.40 -63.17
CA LEU H 65 -33.54 28.13 -63.29
C LEU H 65 -32.81 28.66 -62.07
N ILE H 66 -31.69 28.01 -61.76
CA ILE H 66 -30.99 28.18 -60.49
C ILE H 66 -29.78 29.07 -60.70
N ILE H 67 -29.64 30.08 -59.85
CA ILE H 67 -28.46 30.94 -59.83
C ILE H 67 -27.63 30.56 -58.62
N ASN H 68 -26.37 30.22 -58.85
CA ASN H 68 -25.45 29.77 -57.82
C ASN H 68 -24.75 30.96 -57.17
N ALA H 69 -23.72 30.69 -56.37
CA ALA H 69 -23.05 31.74 -55.61
C ALA H 69 -22.26 32.70 -56.49
N ALA H 70 -21.91 32.29 -57.71
CA ALA H 70 -21.20 33.17 -58.63
C ALA H 70 -22.14 34.03 -59.46
N GLY H 71 -23.45 33.77 -59.38
CA GLY H 71 -24.42 34.52 -60.15
C GLY H 71 -24.73 33.96 -61.51
N LYS H 72 -24.30 32.75 -61.81
CA LYS H 72 -24.49 32.16 -63.14
C LYS H 72 -25.47 31.00 -63.06
N ILE H 73 -26.20 30.80 -64.16
CA ILE H 73 -27.20 29.75 -64.20
C ILE H 73 -26.52 28.40 -64.19
N VAL H 74 -27.00 27.49 -63.34
CA VAL H 74 -26.47 26.14 -63.24
C VAL H 74 -27.62 25.16 -63.39
N TYR H 75 -27.27 23.93 -63.77
CA TYR H 75 -28.25 22.86 -63.91
C TYR H 75 -28.11 21.79 -62.83
N ASN H 76 -26.90 21.32 -62.59
CA ASN H 76 -26.60 20.40 -61.50
C ASN H 76 -25.33 20.87 -60.78
N GLY H 77 -25.27 22.17 -60.51
CA GLY H 77 -24.06 22.77 -60.00
C GLY H 77 -23.05 23.15 -61.05
N GLN H 78 -23.34 22.89 -62.32
CA GLN H 78 -22.44 23.18 -63.43
C GLN H 78 -23.04 24.28 -64.30
N LEU H 79 -22.20 25.23 -64.72
CA LEU H 79 -22.66 26.31 -65.56
C LEU H 79 -23.07 25.78 -66.92
N VAL H 80 -24.25 26.18 -67.38
CA VAL H 80 -24.79 25.73 -68.65
C VAL H 80 -25.04 26.93 -69.54
N LYS H 81 -25.30 26.65 -70.81
CA LYS H 81 -25.60 27.67 -71.81
C LYS H 81 -27.09 27.64 -72.09
N ILE H 82 -27.79 28.66 -71.65
CA ILE H 82 -29.25 28.70 -71.73
C ILE H 82 -29.65 29.49 -72.96
N VAL H 83 -30.51 28.91 -73.80
CA VAL H 83 -30.98 29.55 -75.01
C VAL H 83 -32.51 29.52 -75.05
N THR H 84 -33.10 30.55 -75.65
CA THR H 84 -34.53 30.67 -75.84
C THR H 84 -34.77 31.47 -77.12
N VAL H 85 -36.01 31.91 -77.31
CA VAL H 85 -36.38 32.73 -78.46
C VAL H 85 -36.03 34.19 -78.18
N GLN H 86 -36.11 35.02 -79.22
CA GLN H 86 -35.63 36.41 -79.11
C GLN H 86 -36.38 37.16 -78.02
N GLY H 87 -37.71 37.03 -77.99
CA GLY H 87 -38.54 37.79 -77.09
C GLY H 87 -39.02 36.97 -75.92
N HIS H 88 -38.64 37.40 -74.71
CA HIS H 88 -39.13 36.76 -73.51
C HIS H 88 -39.12 37.77 -72.37
N SER H 89 -39.96 37.50 -71.37
CA SER H 89 -40.04 38.29 -70.15
C SER H 89 -39.39 37.51 -69.02
N MET H 90 -38.51 38.16 -68.29
CA MET H 90 -37.66 37.50 -67.30
C MET H 90 -37.95 38.03 -65.92
N ALA H 91 -38.30 37.14 -64.99
CA ALA H 91 -38.53 37.49 -63.61
C ALA H 91 -37.51 36.77 -62.74
N ILE H 92 -36.85 37.50 -61.84
CA ILE H 92 -35.79 36.96 -61.01
C ILE H 92 -36.19 37.13 -59.56
N TYR H 93 -36.25 36.01 -58.83
CA TYR H 93 -36.56 35.95 -57.41
C TYR H 93 -35.37 35.40 -56.64
N ASP H 94 -35.30 35.78 -55.37
CA ASP H 94 -34.27 35.22 -54.49
C ASP H 94 -34.77 33.91 -53.89
N ALA H 95 -33.90 33.25 -53.12
CA ALA H 95 -34.22 31.95 -52.56
C ALA H 95 -35.33 32.02 -51.52
N ASN H 96 -35.67 33.21 -51.04
CA ASN H 96 -36.75 33.36 -50.08
C ASN H 96 -38.07 33.74 -50.74
N GLY H 97 -38.11 33.83 -52.06
CA GLY H 97 -39.32 34.21 -52.77
C GLY H 97 -39.48 35.69 -53.03
N SER H 98 -38.55 36.53 -52.57
CA SER H 98 -38.66 37.96 -52.80
C SER H 98 -38.34 38.29 -54.26
N GLN H 99 -39.15 39.16 -54.83
CA GLN H 99 -39.02 39.58 -56.23
C GLN H 99 -37.77 40.44 -56.36
N VAL H 100 -36.70 39.86 -56.93
CA VAL H 100 -35.48 40.63 -57.10
C VAL H 100 -35.64 41.66 -58.21
N ASP H 101 -36.07 41.21 -59.39
CA ASP H 101 -36.35 42.17 -60.47
C ASP H 101 -37.22 41.54 -61.53
N TYR H 102 -37.67 42.38 -62.47
CA TYR H 102 -38.56 41.98 -63.55
C TYR H 102 -38.16 42.71 -64.82
N ILE H 103 -38.41 42.07 -65.96
CA ILE H 103 -38.19 42.66 -67.27
C ILE H 103 -39.29 42.15 -68.20
N ALA H 104 -40.11 43.05 -68.72
CA ALA H 104 -41.23 42.63 -69.56
C ALA H 104 -40.79 42.25 -70.96
N ASN H 105 -39.79 42.93 -71.50
CA ASN H 105 -39.27 42.61 -72.82
C ASN H 105 -37.78 42.85 -72.81
N VAL H 106 -37.00 41.79 -72.99
CA VAL H 106 -35.54 41.93 -72.89
C VAL H 106 -34.99 42.75 -74.06
N LEU H 107 -35.56 42.60 -75.25
CA LEU H 107 -35.04 43.32 -76.40
C LEU H 107 -35.23 44.82 -76.28
N LYS H 108 -36.09 45.26 -75.37
CA LYS H 108 -36.23 46.68 -75.11
C LYS H 108 -35.14 47.19 -74.18
N TYR H 109 -34.06 46.45 -74.05
CA TYR H 109 -32.90 46.87 -73.28
C TYR H 109 -31.63 46.96 -74.10
N ASP H 110 -31.70 46.69 -75.40
CA ASP H 110 -30.51 46.74 -76.23
C ASP H 110 -29.98 48.16 -76.32
N PRO H 111 -28.67 48.33 -76.54
CA PRO H 111 -28.10 49.69 -76.54
C PRO H 111 -28.75 50.61 -77.55
N ASP H 112 -29.14 50.14 -78.72
CA ASP H 112 -29.78 50.99 -79.71
C ASP H 112 -31.17 50.44 -80.03
N GLN H 113 -32.14 51.35 -80.13
CA GLN H 113 -33.50 51.01 -80.46
C GLN H 113 -33.85 51.34 -81.90
N TYR H 114 -32.97 52.05 -82.61
CA TYR H 114 -33.26 52.44 -83.99
C TYR H 114 -33.27 51.24 -84.92
N SER H 115 -32.45 50.22 -84.63
CA SER H 115 -32.29 49.10 -85.55
C SER H 115 -33.60 48.40 -85.82
N ILE H 116 -34.45 48.27 -84.79
CA ILE H 116 -35.70 47.53 -84.94
C ILE H 116 -36.56 48.16 -86.02
N GLU H 117 -36.99 49.42 -85.82
CA GLU H 117 -37.85 50.00 -86.83
C GLU H 117 -37.12 50.25 -88.14
N ALA H 118 -35.80 50.46 -88.10
CA ALA H 118 -35.06 50.65 -89.35
C ALA H 118 -35.20 49.43 -90.25
N ASP H 119 -34.86 48.25 -89.71
CA ASP H 119 -34.94 47.05 -90.52
C ASP H 119 -36.39 46.62 -90.76
N LYS H 120 -37.31 47.15 -89.98
CA LYS H 120 -38.72 46.70 -90.12
C LYS H 120 -39.44 47.57 -91.15
N LYS H 121 -38.94 48.78 -91.41
CA LYS H 121 -39.64 49.67 -92.34
C LYS H 121 -38.88 49.97 -93.62
N PHE H 122 -37.55 49.96 -93.61
CA PHE H 122 -36.86 49.98 -94.90
C PHE H 122 -36.94 48.60 -95.54
N LYS H 123 -36.63 48.54 -96.83
CA LYS H 123 -36.85 47.30 -97.58
C LYS H 123 -35.57 46.49 -97.74
N TYR H 124 -35.69 45.19 -97.48
CA TYR H 124 -34.60 44.24 -97.61
C TYR H 124 -34.43 43.81 -99.05
N THR I 5 -39.90 59.65 -78.26
CA THR I 5 -39.70 58.22 -78.42
C THR I 5 -38.33 57.79 -77.89
N ALA I 6 -38.13 56.47 -77.78
CA ALA I 6 -36.88 55.93 -77.28
C ALA I 6 -36.01 55.47 -78.44
N ASN I 7 -34.75 55.90 -78.42
CA ASN I 7 -33.86 55.62 -79.54
C ASN I 7 -32.58 54.95 -79.05
N VAL I 8 -32.17 55.25 -77.83
CA VAL I 8 -30.93 54.74 -77.27
C VAL I 8 -31.16 54.46 -75.78
N VAL I 9 -30.77 53.26 -75.34
CA VAL I 9 -30.91 52.85 -73.94
C VAL I 9 -29.57 52.99 -73.25
N VAL I 10 -29.57 53.64 -72.09
CA VAL I 10 -28.35 53.86 -71.34
C VAL I 10 -27.92 52.55 -70.70
N SER I 11 -26.69 52.13 -70.97
CA SER I 11 -26.17 50.88 -70.45
C SER I 11 -24.65 50.92 -70.53
N ASN I 12 -24.01 50.03 -69.76
CA ASN I 12 -22.57 50.08 -69.97
C ASN I 12 -22.12 48.98 -70.92
N PRO I 13 -21.13 49.25 -71.77
CA PRO I 13 -20.63 48.23 -72.70
C PRO I 13 -19.38 47.50 -72.24
N ARG I 14 -18.94 47.70 -71.00
CA ARG I 14 -17.71 47.08 -70.52
C ARG I 14 -18.00 45.70 -69.96
N PRO I 15 -17.42 44.63 -70.50
CA PRO I 15 -17.64 43.30 -69.95
C PRO I 15 -16.93 43.11 -68.63
N ILE I 16 -17.45 42.17 -67.85
CA ILE I 16 -16.91 41.80 -66.54
C ILE I 16 -16.59 40.32 -66.60
N PHE I 17 -15.43 39.92 -66.08
CA PHE I 17 -15.05 38.52 -66.03
C PHE I 17 -14.86 38.09 -64.58
N THR I 18 -15.68 37.15 -64.13
CA THR I 18 -15.71 36.68 -62.75
C THR I 18 -15.28 35.22 -62.70
N GLU I 19 -15.20 34.69 -61.48
CA GLU I 19 -14.89 33.28 -61.30
C GLU I 19 -16.11 32.44 -61.69
N SER I 20 -15.98 31.13 -61.54
CA SER I 20 -17.07 30.22 -61.87
C SER I 20 -17.92 29.85 -60.66
N ARG I 21 -17.33 29.80 -59.47
CA ARG I 21 -18.05 29.43 -58.26
C ARG I 21 -18.22 30.56 -57.26
N SER I 22 -17.38 31.59 -57.31
CA SER I 22 -17.48 32.71 -56.38
C SER I 22 -17.75 33.99 -57.16
N PHE I 23 -18.11 35.03 -56.43
CA PHE I 23 -18.37 36.34 -57.03
C PHE I 23 -17.13 37.23 -56.87
N LYS I 24 -16.11 36.91 -57.66
CA LYS I 24 -14.89 37.70 -57.67
C LYS I 24 -14.27 37.65 -59.06
N ALA I 25 -13.72 38.78 -59.48
CA ALA I 25 -13.21 38.90 -60.85
C ALA I 25 -11.91 38.14 -61.01
N VAL I 26 -11.73 37.59 -62.21
CA VAL I 26 -10.51 36.84 -62.53
C VAL I 26 -9.40 37.87 -62.71
N ALA I 27 -8.56 38.02 -61.68
CA ALA I 27 -7.54 39.05 -61.69
C ALA I 27 -6.32 38.58 -62.48
N ASN I 28 -5.80 39.46 -63.32
CA ASN I 28 -4.64 39.17 -64.18
C ASN I 28 -4.81 37.86 -64.93
N GLY I 29 -6.04 37.49 -65.20
CA GLY I 29 -6.31 36.29 -65.95
C GLY I 29 -6.09 36.50 -67.43
N LYS I 30 -6.22 35.41 -68.17
CA LYS I 30 -5.97 35.40 -69.60
C LYS I 30 -7.15 34.80 -70.33
N ILE I 31 -7.43 35.34 -71.52
CA ILE I 31 -8.50 34.85 -72.38
C ILE I 31 -7.90 34.43 -73.70
N TYR I 32 -8.26 33.24 -74.15
CA TYR I 32 -7.95 32.76 -75.50
C TYR I 32 -9.25 32.54 -76.23
N ILE I 33 -9.38 33.13 -77.41
CA ILE I 33 -10.53 32.90 -78.28
C ILE I 33 -10.05 32.24 -79.55
N GLY I 34 -10.65 31.11 -79.88
CA GLY I 34 -10.28 30.37 -81.08
C GLY I 34 -11.49 29.85 -81.81
N GLN I 35 -11.30 28.88 -82.69
CA GLN I 35 -12.42 28.35 -83.46
C GLN I 35 -13.38 27.61 -82.55
N ILE I 36 -14.60 27.42 -83.04
CA ILE I 36 -15.66 26.82 -82.23
C ILE I 36 -15.29 25.38 -81.88
N ASP I 37 -15.56 25.00 -80.63
CA ASP I 37 -15.43 23.62 -80.16
C ASP I 37 -14.00 23.08 -80.35
N THR I 38 -13.02 23.90 -80.00
CA THR I 38 -11.62 23.53 -80.21
C THR I 38 -10.82 23.87 -78.97
N ASP I 39 -9.51 23.82 -79.11
CA ASP I 39 -8.55 24.12 -78.06
C ASP I 39 -7.94 25.48 -78.36
N PRO I 40 -8.34 26.55 -77.66
CA PRO I 40 -7.91 27.89 -78.10
C PRO I 40 -6.44 28.17 -77.88
N VAL I 41 -5.83 27.64 -76.81
CA VAL I 41 -4.47 28.04 -76.46
C VAL I 41 -3.49 27.59 -77.55
N ASN I 42 -3.82 26.54 -78.27
CA ASN I 42 -3.03 26.14 -79.43
C ASN I 42 -3.07 27.26 -80.47
N PRO I 43 -1.93 27.83 -80.85
CA PRO I 43 -1.96 29.01 -81.73
C PRO I 43 -2.56 28.73 -83.10
N ALA I 44 -2.65 27.47 -83.53
CA ALA I 44 -3.26 27.19 -84.82
C ALA I 44 -4.76 27.45 -84.80
N ASN I 45 -5.41 27.25 -83.66
CA ASN I 45 -6.86 27.35 -83.57
C ASN I 45 -7.35 28.76 -83.25
N GLN I 46 -6.45 29.70 -82.99
CA GLN I 46 -6.87 31.05 -82.60
C GLN I 46 -7.39 31.82 -83.82
N ILE I 47 -8.01 32.96 -83.54
CA ILE I 47 -8.50 33.84 -84.59
C ILE I 47 -8.08 35.26 -84.25
N PRO I 48 -8.02 36.15 -85.25
CA PRO I 48 -7.60 37.53 -85.00
C PRO I 48 -8.54 38.25 -84.06
N VAL I 49 -7.99 39.21 -83.33
CA VAL I 49 -8.73 40.05 -82.39
C VAL I 49 -8.46 41.50 -82.75
N TYR I 50 -9.38 42.39 -82.39
CA TYR I 50 -9.18 43.79 -82.70
C TYR I 50 -9.72 44.68 -81.59
N ILE I 51 -8.88 45.59 -81.11
CA ILE I 51 -9.37 46.70 -80.29
C ILE I 51 -10.16 47.63 -81.19
N GLU I 52 -11.40 47.89 -80.81
CA GLU I 52 -12.23 48.88 -81.50
C GLU I 52 -12.06 50.20 -80.77
N ASN I 53 -11.22 51.07 -81.34
CA ASN I 53 -11.02 52.38 -80.74
C ASN I 53 -12.31 53.20 -80.83
N GLU I 54 -12.29 54.37 -80.18
CA GLU I 54 -13.51 55.18 -80.11
C GLU I 54 -13.98 55.57 -81.50
N ASP I 55 -13.02 55.71 -82.42
CA ASP I 55 -13.31 56.13 -83.81
C ASP I 55 -13.34 54.91 -84.74
N GLY I 56 -13.50 53.71 -84.18
CA GLY I 56 -13.63 52.51 -85.01
C GLY I 56 -12.41 52.29 -85.89
N SER I 57 -11.25 52.08 -85.28
CA SER I 57 -10.00 51.90 -86.06
C SER I 57 -9.68 50.41 -86.25
N HIS I 58 -10.13 49.55 -85.35
CA HIS I 58 -9.92 48.08 -85.49
C HIS I 58 -8.43 47.78 -85.56
N VAL I 59 -7.73 47.97 -84.45
CA VAL I 59 -6.29 47.70 -84.38
C VAL I 59 -6.05 46.35 -83.73
N GLN I 60 -5.33 45.47 -84.41
CA GLN I 60 -5.18 44.09 -83.97
C GLN I 60 -4.10 43.97 -82.89
N ILE I 61 -4.28 43.00 -82.00
CA ILE I 61 -3.34 42.71 -80.93
C ILE I 61 -3.06 41.21 -80.89
N THR I 62 -2.17 40.80 -79.99
CA THR I 62 -1.85 39.39 -79.85
C THR I 62 -3.02 38.65 -79.20
N GLN I 63 -2.86 37.34 -79.06
CA GLN I 63 -4.00 36.53 -78.66
C GLN I 63 -4.32 36.56 -77.17
N PRO I 64 -3.36 36.28 -76.26
CA PRO I 64 -3.75 36.15 -74.85
C PRO I 64 -4.20 37.48 -74.28
N LEU I 65 -5.50 37.63 -74.06
CA LEU I 65 -6.06 38.89 -73.59
C LEU I 65 -5.94 38.95 -72.07
N ILE I 66 -5.39 40.06 -71.57
CA ILE I 66 -5.11 40.21 -70.15
C ILE I 66 -6.28 40.90 -69.47
N ILE I 67 -6.70 40.35 -68.33
CA ILE I 67 -7.83 40.87 -67.57
C ILE I 67 -7.32 41.69 -66.39
N ASN I 68 -7.98 42.80 -66.12
CA ASN I 68 -7.65 43.63 -64.98
C ASN I 68 -8.08 42.95 -63.68
N ALA I 69 -7.81 43.63 -62.56
CA ALA I 69 -8.29 43.18 -61.27
C ALA I 69 -9.79 43.38 -61.11
N ALA I 70 -10.42 44.14 -62.00
CA ALA I 70 -11.85 44.37 -61.96
C ALA I 70 -12.61 43.47 -62.92
N GLY I 71 -11.93 42.60 -63.64
CA GLY I 71 -12.56 41.77 -64.64
C GLY I 71 -12.58 42.37 -66.03
N LYS I 72 -12.24 43.64 -66.18
CA LYS I 72 -12.25 44.29 -67.48
C LYS I 72 -10.94 44.06 -68.21
N ILE I 73 -11.03 43.78 -69.51
CA ILE I 73 -9.84 43.62 -70.33
C ILE I 73 -9.09 44.94 -70.40
N VAL I 74 -7.76 44.86 -70.44
CA VAL I 74 -6.90 46.03 -70.54
C VAL I 74 -5.83 45.80 -71.59
N TYR I 75 -5.23 46.89 -72.02
CA TYR I 75 -4.10 46.87 -72.95
C TYR I 75 -3.35 48.18 -72.76
N ASN I 76 -2.05 48.10 -72.48
CA ASN I 76 -1.23 49.27 -72.18
C ASN I 76 -1.80 50.06 -71.01
N GLY I 77 -2.46 49.37 -70.08
CA GLY I 77 -2.97 50.04 -68.91
C GLY I 77 -4.25 50.83 -69.11
N GLN I 78 -4.92 50.65 -70.24
CA GLN I 78 -6.18 51.34 -70.49
C GLN I 78 -7.23 50.33 -70.93
N LEU I 79 -8.46 50.52 -70.44
CA LEU I 79 -9.55 49.62 -70.77
C LEU I 79 -9.86 49.69 -72.27
N VAL I 80 -10.06 48.53 -72.88
CA VAL I 80 -10.31 48.44 -74.30
C VAL I 80 -11.56 47.61 -74.56
N LYS I 81 -12.15 47.80 -75.73
CA LYS I 81 -13.23 46.98 -76.23
C LYS I 81 -12.70 46.12 -77.37
N ILE I 82 -12.95 44.81 -77.29
CA ILE I 82 -12.32 43.83 -78.15
C ILE I 82 -13.39 43.13 -78.98
N VAL I 83 -13.15 43.04 -80.30
CA VAL I 83 -14.10 42.43 -81.22
C VAL I 83 -13.37 41.37 -82.05
N THR I 84 -14.17 40.49 -82.65
CA THR I 84 -13.68 39.36 -83.41
C THR I 84 -14.43 39.31 -84.74
N VAL I 85 -14.02 38.40 -85.61
CA VAL I 85 -14.64 38.28 -86.93
C VAL I 85 -15.71 37.20 -87.00
N GLN I 86 -15.72 36.24 -86.07
CA GLN I 86 -16.58 35.07 -86.21
C GLN I 86 -16.91 34.51 -84.84
N GLY I 87 -17.92 33.64 -84.82
CA GLY I 87 -18.24 32.92 -83.60
C GLY I 87 -17.06 32.09 -83.13
N HIS I 88 -16.78 32.18 -81.83
CA HIS I 88 -15.53 31.71 -81.26
C HIS I 88 -15.79 30.79 -80.09
N SER I 89 -14.70 30.20 -79.60
CA SER I 89 -14.68 29.42 -78.37
C SER I 89 -13.69 30.05 -77.41
N MET I 90 -14.07 30.14 -76.16
CA MET I 90 -13.32 30.90 -75.17
C MET I 90 -12.73 30.00 -74.10
N ALA I 91 -11.51 30.31 -73.69
CA ALA I 91 -10.83 29.67 -72.58
C ALA I 91 -10.32 30.77 -71.66
N ILE I 92 -10.86 30.83 -70.45
CA ILE I 92 -10.50 31.82 -69.46
C ILE I 92 -9.67 31.14 -68.38
N TYR I 93 -8.44 31.62 -68.23
CA TYR I 93 -7.51 31.02 -67.24
C TYR I 93 -7.22 32.05 -66.15
N ASP I 94 -7.05 31.61 -64.91
CA ASP I 94 -6.75 32.47 -63.76
C ASP I 94 -5.29 32.90 -63.80
N ALA I 95 -4.91 33.75 -62.83
CA ALA I 95 -3.54 34.24 -62.76
C ALA I 95 -2.56 33.12 -62.48
N ASN I 96 -2.93 32.18 -61.61
CA ASN I 96 -2.06 31.04 -61.32
C ASN I 96 -1.83 30.19 -62.56
N GLY I 97 -2.87 29.97 -63.35
CA GLY I 97 -2.76 29.16 -64.55
C GLY I 97 -3.86 28.13 -64.65
N SER I 98 -4.77 28.14 -63.69
CA SER I 98 -5.88 27.21 -63.67
C SER I 98 -6.94 27.63 -64.68
N GLN I 99 -7.66 26.64 -65.21
CA GLN I 99 -8.71 26.89 -66.18
C GLN I 99 -9.96 27.35 -65.45
N VAL I 100 -10.24 28.65 -65.51
CA VAL I 100 -11.46 29.16 -64.90
C VAL I 100 -12.68 28.67 -65.66
N ASP I 101 -12.64 28.72 -66.99
CA ASP I 101 -13.79 28.29 -67.76
C ASP I 101 -13.38 27.94 -69.18
N TYR I 102 -14.17 27.08 -69.80
CA TYR I 102 -14.03 26.77 -71.22
C TYR I 102 -15.42 26.67 -71.84
N ILE I 103 -15.60 27.36 -72.96
CA ILE I 103 -16.88 27.42 -73.66
C ILE I 103 -16.63 27.18 -75.14
N ALA I 104 -17.44 26.30 -75.74
CA ALA I 104 -17.21 25.83 -77.09
C ALA I 104 -17.78 26.74 -78.16
N ASN I 105 -18.88 27.43 -77.88
CA ASN I 105 -19.55 28.24 -78.90
C ASN I 105 -20.18 29.44 -78.21
N VAL I 106 -19.58 30.61 -78.40
CA VAL I 106 -20.12 31.85 -77.87
C VAL I 106 -20.14 32.87 -79.00
N LEU I 107 -21.25 33.61 -79.11
CA LEU I 107 -21.42 34.55 -80.21
C LEU I 107 -22.24 35.73 -79.72
N LYS I 108 -21.66 36.93 -79.77
CA LYS I 108 -22.37 38.14 -79.41
C LYS I 108 -22.03 39.22 -80.43
N TYR I 109 -23.05 39.89 -80.95
CA TYR I 109 -22.85 40.86 -82.02
C TYR I 109 -22.59 42.25 -81.45
N ASP I 110 -21.79 43.00 -82.18
CA ASP I 110 -21.49 44.38 -81.83
C ASP I 110 -22.77 45.21 -81.88
N PRO I 111 -23.14 45.90 -80.80
CA PRO I 111 -24.39 46.69 -80.83
C PRO I 111 -24.26 48.07 -81.43
N ASP I 112 -23.05 48.54 -81.72
CA ASP I 112 -22.83 49.89 -82.22
C ASP I 112 -22.63 49.87 -83.73
N GLN I 113 -22.37 51.06 -84.28
CA GLN I 113 -22.06 51.25 -85.70
C GLN I 113 -23.16 50.66 -86.59
N TYR I 114 -24.41 50.96 -86.25
CA TYR I 114 -25.50 50.56 -87.14
C TYR I 114 -25.52 51.38 -88.42
N SER I 115 -24.98 52.60 -88.39
CA SER I 115 -25.06 53.47 -89.55
C SER I 115 -24.34 52.86 -90.75
N ILE I 116 -23.15 52.29 -90.53
CA ILE I 116 -22.39 51.73 -91.64
C ILE I 116 -23.08 50.47 -92.17
N GLU I 117 -23.58 49.62 -91.28
CA GLU I 117 -24.27 48.41 -91.71
C GLU I 117 -25.52 48.75 -92.52
N ALA I 118 -26.30 49.74 -92.06
CA ALA I 118 -27.47 50.16 -92.82
C ALA I 118 -27.07 50.80 -94.15
N ASP I 119 -26.01 51.61 -94.13
CA ASP I 119 -25.51 52.19 -95.39
C ASP I 119 -25.31 51.05 -96.38
N LYS I 120 -24.53 50.04 -96.00
CA LYS I 120 -24.24 48.97 -96.94
C LYS I 120 -25.53 48.23 -97.33
N LYS I 121 -26.39 47.94 -96.36
CA LYS I 121 -27.45 46.96 -96.58
C LYS I 121 -28.64 47.55 -97.33
N PHE I 122 -29.10 48.73 -96.93
CA PHE I 122 -30.34 49.25 -97.47
C PHE I 122 -30.11 49.99 -98.79
N LYS I 123 -31.21 50.19 -99.52
CA LYS I 123 -31.16 50.56 -100.94
C LYS I 123 -31.34 52.07 -101.12
N TYR I 124 -30.50 52.64 -101.98
CA TYR I 124 -30.46 54.07 -102.20
C TYR I 124 -31.52 54.50 -103.20
N THR J 5 34.56 -42.00 -72.17
CA THR J 5 35.61 -41.87 -73.16
C THR J 5 36.97 -41.76 -72.49
N ALA J 6 37.24 -42.67 -71.56
CA ALA J 6 38.51 -42.69 -70.86
C ALA J 6 38.75 -44.07 -70.29
N ASN J 7 40.02 -44.36 -69.98
CA ASN J 7 40.41 -45.68 -69.52
C ASN J 7 40.68 -45.76 -68.03
N VAL J 8 41.38 -44.80 -67.45
CA VAL J 8 41.98 -44.96 -66.14
C VAL J 8 41.36 -43.97 -65.16
N VAL J 9 41.46 -44.32 -63.88
CA VAL J 9 40.92 -43.52 -62.79
C VAL J 9 42.06 -42.66 -62.25
N VAL J 10 41.74 -41.40 -61.95
CA VAL J 10 42.71 -40.52 -61.32
C VAL J 10 42.98 -41.00 -59.90
N SER J 11 44.27 -41.12 -59.55
CA SER J 11 44.66 -41.65 -58.26
C SER J 11 45.68 -40.70 -57.64
N ASN J 12 46.23 -41.10 -56.49
CA ASN J 12 47.33 -40.38 -55.85
C ASN J 12 48.58 -41.25 -55.98
N PRO J 13 49.32 -41.15 -57.08
CA PRO J 13 50.45 -42.06 -57.29
C PRO J 13 51.56 -41.89 -56.26
N ARG J 14 51.64 -40.76 -55.58
CA ARG J 14 52.69 -40.59 -54.58
C ARG J 14 52.41 -41.52 -53.40
N PRO J 15 53.33 -42.42 -53.06
CA PRO J 15 53.05 -43.37 -51.98
C PRO J 15 52.91 -42.68 -50.64
N ILE J 16 52.04 -43.25 -49.79
CA ILE J 16 51.90 -42.82 -48.42
C ILE J 16 52.06 -44.04 -47.52
N PHE J 17 52.82 -43.88 -46.45
CA PHE J 17 53.16 -44.97 -45.54
C PHE J 17 52.51 -44.68 -44.19
N THR J 18 51.58 -45.53 -43.79
CA THR J 18 50.95 -45.43 -42.48
C THR J 18 51.23 -46.70 -41.68
N GLU J 19 50.91 -46.65 -40.40
CA GLU J 19 51.14 -47.77 -39.51
C GLU J 19 50.22 -48.93 -39.87
N SER J 20 50.59 -50.12 -39.38
CA SER J 20 49.86 -51.32 -39.74
C SER J 20 48.86 -51.75 -38.68
N ARG J 21 48.98 -51.27 -37.45
CA ARG J 21 48.06 -51.65 -36.37
C ARG J 21 47.16 -50.51 -35.93
N SER J 22 47.38 -49.29 -36.41
CA SER J 22 46.48 -48.17 -36.16
C SER J 22 46.65 -47.16 -37.29
N PHE J 23 45.66 -46.28 -37.42
CA PHE J 23 45.62 -45.32 -38.52
C PHE J 23 46.40 -44.08 -38.15
N LYS J 24 47.67 -44.05 -38.53
CA LYS J 24 48.51 -42.87 -38.42
C LYS J 24 49.73 -43.08 -39.31
N ALA J 25 50.32 -41.98 -39.75
CA ALA J 25 51.46 -42.05 -40.65
C ALA J 25 52.70 -42.52 -39.91
N VAL J 26 53.67 -43.00 -40.66
CA VAL J 26 54.94 -43.46 -40.08
C VAL J 26 55.81 -42.22 -40.00
N ALA J 27 55.60 -41.43 -38.96
CA ALA J 27 56.33 -40.18 -38.79
C ALA J 27 57.75 -40.49 -38.36
N ASN J 28 58.71 -39.80 -38.98
CA ASN J 28 60.13 -40.02 -38.72
C ASN J 28 60.47 -41.51 -38.88
N GLY J 29 59.83 -42.12 -39.86
CA GLY J 29 60.05 -43.53 -40.12
C GLY J 29 61.26 -43.80 -40.99
N LYS J 30 61.61 -45.08 -41.10
CA LYS J 30 62.85 -45.49 -41.74
C LYS J 30 62.55 -46.61 -42.71
N ILE J 31 62.81 -46.37 -44.00
CA ILE J 31 62.68 -47.39 -45.04
C ILE J 31 64.07 -47.90 -45.39
N TYR J 32 64.21 -49.21 -45.46
CA TYR J 32 65.44 -49.86 -45.89
C TYR J 32 65.13 -50.73 -47.11
N ILE J 33 65.89 -50.51 -48.17
CA ILE J 33 65.71 -51.22 -49.44
C ILE J 33 66.92 -52.12 -49.62
N GLY J 34 66.67 -53.41 -49.85
CA GLY J 34 67.76 -54.36 -49.90
C GLY J 34 67.55 -55.53 -50.84
N GLN J 35 68.36 -56.57 -50.68
CA GLN J 35 68.32 -57.70 -51.59
C GLN J 35 67.05 -58.51 -51.40
N ILE J 36 66.71 -59.28 -52.44
CA ILE J 36 65.43 -59.95 -52.52
C ILE J 36 65.40 -61.18 -51.61
N ASP J 37 64.28 -61.38 -50.92
CA ASP J 37 64.12 -62.43 -49.90
C ASP J 37 65.11 -62.29 -48.75
N THR J 38 65.59 -61.08 -48.49
CA THR J 38 66.60 -60.86 -47.46
C THR J 38 66.25 -59.63 -46.64
N ASP J 39 66.85 -59.53 -45.45
CA ASP J 39 66.69 -58.36 -44.61
C ASP J 39 67.41 -57.17 -45.24
N PRO J 40 66.76 -56.03 -45.41
CA PRO J 40 67.44 -54.87 -46.00
C PRO J 40 68.16 -53.98 -45.01
N VAL J 41 68.04 -54.25 -43.70
CA VAL J 41 68.75 -53.41 -42.74
C VAL J 41 70.25 -53.63 -42.84
N ASN J 42 70.69 -54.82 -43.23
CA ASN J 42 72.11 -55.14 -43.22
C ASN J 42 72.81 -54.38 -44.34
N PRO J 43 73.82 -53.57 -44.03
CA PRO J 43 74.42 -52.71 -45.07
C PRO J 43 75.03 -53.49 -46.22
N ALA J 44 75.61 -54.66 -45.95
CA ALA J 44 76.12 -55.49 -47.03
C ALA J 44 74.99 -56.05 -47.88
N ASN J 45 73.77 -56.06 -47.37
CA ASN J 45 72.62 -56.58 -48.09
C ASN J 45 71.83 -55.50 -48.80
N GLN J 46 72.12 -54.24 -48.44
CA GLN J 46 71.39 -53.10 -49.04
C GLN J 46 71.80 -52.88 -50.49
N ILE J 47 70.91 -52.32 -51.29
CA ILE J 47 71.17 -52.03 -52.71
C ILE J 47 71.09 -50.52 -52.93
N PRO J 48 71.72 -49.97 -53.97
CA PRO J 48 71.67 -48.52 -54.17
C PRO J 48 70.32 -48.05 -54.65
N VAL J 49 69.97 -46.84 -54.21
CA VAL J 49 68.67 -46.22 -54.57
C VAL J 49 68.96 -44.84 -55.17
N TYR J 50 68.22 -44.44 -56.19
CA TYR J 50 68.39 -43.15 -56.84
C TYR J 50 67.07 -42.40 -56.79
N ILE J 51 67.13 -41.10 -56.52
CA ILE J 51 65.93 -40.28 -56.64
C ILE J 51 65.78 -39.86 -58.08
N GLU J 52 64.57 -39.93 -58.61
CA GLU J 52 64.30 -39.60 -60.00
C GLU J 52 63.56 -38.28 -60.06
N ASN J 53 64.23 -37.26 -60.60
CA ASN J 53 63.66 -35.93 -60.63
C ASN J 53 62.50 -35.87 -61.61
N GLU J 54 61.90 -34.68 -61.70
CA GLU J 54 60.74 -34.50 -62.59
C GLU J 54 61.11 -34.75 -64.04
N ASP J 55 62.27 -34.24 -64.47
CA ASP J 55 62.69 -34.44 -65.85
C ASP J 55 63.04 -35.89 -66.13
N GLY J 56 63.64 -36.59 -65.18
CA GLY J 56 64.03 -37.97 -65.38
C GLY J 56 65.43 -38.28 -64.88
N SER J 57 66.17 -37.25 -64.49
CA SER J 57 67.53 -37.43 -64.01
C SER J 57 67.54 -38.24 -62.71
N HIS J 58 68.74 -38.56 -62.24
CA HIS J 58 68.93 -39.38 -61.05
C HIS J 58 69.94 -38.74 -60.11
N VAL J 59 69.78 -38.99 -58.82
CA VAL J 59 70.73 -38.55 -57.79
C VAL J 59 70.85 -39.69 -56.78
N GLN J 60 71.97 -40.40 -56.81
CA GLN J 60 72.19 -41.49 -55.88
C GLN J 60 72.23 -40.96 -54.45
N ILE J 61 71.48 -41.61 -53.56
CA ILE J 61 71.38 -41.17 -52.17
C ILE J 61 71.62 -42.34 -51.24
N THR J 62 71.89 -42.02 -49.98
CA THR J 62 72.15 -43.04 -48.97
C THR J 62 70.89 -43.84 -48.69
N GLN J 63 71.08 -45.13 -48.41
CA GLN J 63 69.95 -46.05 -48.37
C GLN J 63 68.91 -45.75 -47.30
N PRO J 64 69.26 -45.38 -46.05
CA PRO J 64 68.21 -45.09 -45.07
C PRO J 64 67.26 -44.00 -45.55
N LEU J 65 66.00 -44.35 -45.82
CA LEU J 65 65.05 -43.41 -46.39
C LEU J 65 64.17 -42.85 -45.28
N ILE J 66 64.15 -41.53 -45.17
CA ILE J 66 63.47 -40.84 -44.08
C ILE J 66 62.02 -40.58 -44.47
N ILE J 67 61.09 -40.97 -43.60
CA ILE J 67 59.68 -40.73 -43.80
C ILE J 67 59.26 -39.65 -42.82
N ASN J 68 58.77 -38.53 -43.34
CA ASN J 68 58.45 -37.38 -42.50
C ASN J 68 57.10 -37.60 -41.82
N ALA J 69 56.55 -36.53 -41.22
CA ALA J 69 55.32 -36.63 -40.44
C ALA J 69 54.10 -36.92 -41.30
N ALA J 70 54.20 -36.81 -42.61
CA ALA J 70 53.07 -37.07 -43.49
C ALA J 70 53.03 -38.49 -44.02
N GLY J 71 53.93 -39.35 -43.58
CA GLY J 71 53.99 -40.69 -44.11
C GLY J 71 54.64 -40.79 -45.48
N LYS J 72 55.26 -39.72 -45.96
CA LYS J 72 55.88 -39.69 -47.27
C LYS J 72 57.40 -39.56 -47.12
N ILE J 73 58.10 -39.72 -48.22
CA ILE J 73 59.57 -39.71 -48.22
C ILE J 73 60.06 -38.35 -48.66
N VAL J 74 60.98 -37.77 -47.90
CA VAL J 74 61.60 -36.49 -48.21
C VAL J 74 63.12 -36.67 -48.17
N TYR J 75 63.82 -36.05 -49.12
CA TYR J 75 65.28 -36.12 -49.06
C TYR J 75 65.90 -34.86 -48.48
N ASN J 76 65.79 -33.74 -49.18
CA ASN J 76 66.23 -32.44 -48.65
C ASN J 76 65.07 -31.64 -48.09
N GLY J 77 64.27 -32.23 -47.22
CA GLY J 77 63.01 -31.58 -46.86
C GLY J 77 62.11 -31.36 -48.05
N GLN J 78 62.09 -32.30 -48.99
CA GLN J 78 61.25 -32.20 -50.18
C GLN J 78 60.93 -33.61 -50.64
N LEU J 79 59.65 -33.84 -50.99
CA LEU J 79 59.23 -35.16 -51.41
C LEU J 79 60.00 -35.59 -52.64
N VAL J 80 60.39 -36.87 -52.67
CA VAL J 80 61.18 -37.42 -53.76
C VAL J 80 60.56 -38.74 -54.20
N LYS J 81 60.98 -39.20 -55.37
CA LYS J 81 60.63 -40.52 -55.89
C LYS J 81 61.88 -41.37 -55.88
N ILE J 82 61.82 -42.50 -55.18
CA ILE J 82 62.97 -43.38 -55.00
C ILE J 82 62.82 -44.58 -55.92
N VAL J 83 63.83 -44.83 -56.74
CA VAL J 83 63.80 -45.89 -57.73
C VAL J 83 65.09 -46.68 -57.65
N THR J 84 64.96 -48.00 -57.81
CA THR J 84 66.09 -48.91 -57.87
C THR J 84 66.15 -49.55 -59.24
N VAL J 85 67.32 -50.03 -59.62
CA VAL J 85 67.48 -50.66 -60.93
C VAL J 85 67.11 -52.14 -60.91
N GLN J 86 66.86 -52.72 -59.74
CA GLN J 86 66.54 -54.12 -59.63
C GLN J 86 65.47 -54.32 -58.58
N GLY J 87 64.94 -55.54 -58.52
CA GLY J 87 63.99 -55.89 -57.48
C GLY J 87 64.63 -55.81 -56.11
N HIS J 88 63.79 -55.77 -55.08
CA HIS J 88 64.31 -55.50 -53.75
C HIS J 88 63.36 -56.04 -52.69
N SER J 89 63.81 -55.92 -51.44
CA SER J 89 62.99 -56.13 -50.27
C SER J 89 62.89 -54.82 -49.52
N MET J 90 61.68 -54.46 -49.10
CA MET J 90 61.43 -53.19 -48.44
C MET J 90 61.04 -53.43 -46.99
N ALA J 91 61.79 -52.85 -46.06
CA ALA J 91 61.48 -52.97 -44.64
C ALA J 91 61.25 -51.58 -44.07
N ILE J 92 60.05 -51.34 -43.53
CA ILE J 92 59.68 -50.05 -42.97
C ILE J 92 59.59 -50.20 -41.47
N TYR J 93 60.34 -49.35 -40.76
CA TYR J 93 60.36 -49.32 -39.31
C TYR J 93 59.86 -47.96 -38.85
N ASP J 94 59.19 -47.93 -37.70
CA ASP J 94 58.67 -46.66 -37.20
C ASP J 94 59.82 -45.84 -36.62
N ALA J 95 59.49 -44.69 -36.04
CA ALA J 95 60.53 -43.82 -35.48
C ALA J 95 61.18 -44.43 -34.24
N ASN J 96 60.51 -45.37 -33.59
CA ASN J 96 61.04 -45.99 -32.38
C ASN J 96 61.75 -47.31 -32.67
N GLY J 97 61.95 -47.66 -33.94
CA GLY J 97 62.65 -48.86 -34.31
C GLY J 97 61.78 -50.07 -34.54
N SER J 98 60.52 -50.02 -34.16
CA SER J 98 59.64 -51.16 -34.36
C SER J 98 59.34 -51.35 -35.84
N GLN J 99 59.26 -52.60 -36.27
CA GLN J 99 59.07 -52.93 -37.68
C GLN J 99 57.61 -52.69 -38.05
N VAL J 100 57.36 -51.65 -38.84
CA VAL J 100 56.00 -51.38 -39.30
C VAL J 100 55.57 -52.42 -40.32
N ASP J 101 56.45 -52.71 -41.29
CA ASP J 101 56.09 -53.64 -42.35
C ASP J 101 57.36 -54.19 -42.98
N TYR J 102 57.20 -55.29 -43.71
CA TYR J 102 58.34 -55.94 -44.34
C TYR J 102 57.84 -56.75 -45.53
N ILE J 103 58.30 -56.41 -46.72
CA ILE J 103 58.02 -57.17 -47.93
C ILE J 103 59.35 -57.73 -48.41
N ALA J 104 59.52 -59.05 -48.29
CA ALA J 104 60.77 -59.69 -48.66
C ALA J 104 61.04 -59.60 -50.14
N ASN J 105 60.01 -59.39 -50.95
CA ASN J 105 60.16 -59.27 -52.39
C ASN J 105 58.90 -58.60 -52.92
N VAL J 106 59.08 -57.52 -53.68
CA VAL J 106 57.98 -56.63 -54.01
C VAL J 106 57.22 -57.14 -55.24
N LEU J 107 57.91 -57.23 -56.38
CA LEU J 107 57.25 -57.50 -57.64
C LEU J 107 57.01 -58.99 -57.89
N LYS J 108 57.55 -59.86 -57.04
CA LYS J 108 57.55 -61.32 -57.23
C LYS J 108 58.40 -61.74 -58.44
N TYR J 109 59.29 -60.87 -58.89
CA TYR J 109 60.24 -61.18 -59.94
C TYR J 109 61.33 -60.12 -59.96
N ASP J 110 62.55 -60.53 -60.28
CA ASP J 110 63.71 -59.65 -60.25
C ASP J 110 63.96 -59.08 -61.63
N PRO J 111 63.67 -57.80 -61.88
CA PRO J 111 63.87 -57.26 -63.24
C PRO J 111 65.32 -57.19 -63.66
N ASP J 112 66.27 -57.23 -62.73
CA ASP J 112 67.68 -57.13 -63.08
C ASP J 112 68.05 -58.26 -64.04
N GLN J 113 67.97 -59.51 -63.57
CA GLN J 113 68.32 -60.63 -64.41
C GLN J 113 67.26 -60.89 -65.48
N TYR J 114 66.00 -60.57 -65.17
CA TYR J 114 64.94 -60.83 -66.13
C TYR J 114 65.08 -59.95 -67.37
N SER J 115 65.68 -58.77 -67.25
CA SER J 115 65.93 -57.97 -68.43
C SER J 115 66.80 -58.73 -69.43
N ILE J 116 67.95 -59.25 -68.96
CA ILE J 116 68.85 -59.95 -69.86
C ILE J 116 68.23 -61.27 -70.33
N GLU J 117 67.50 -61.95 -69.44
CA GLU J 117 66.85 -63.19 -69.83
C GLU J 117 65.83 -62.95 -70.93
N ALA J 118 65.03 -61.88 -70.81
CA ALA J 118 64.00 -61.60 -71.80
C ALA J 118 64.61 -61.17 -73.12
N ASP J 119 65.66 -60.34 -73.09
CA ASP J 119 66.31 -59.99 -74.35
C ASP J 119 66.88 -61.23 -75.03
N LYS J 120 67.52 -62.12 -74.27
CA LYS J 120 68.08 -63.33 -74.88
C LYS J 120 66.99 -64.26 -75.38
N LYS J 121 65.82 -64.27 -74.74
CA LYS J 121 64.81 -65.27 -75.08
C LYS J 121 63.81 -64.78 -76.13
N PHE J 122 63.08 -63.71 -75.82
CA PHE J 122 61.88 -63.36 -76.58
C PHE J 122 62.21 -62.86 -77.97
N LYS J 123 61.29 -63.13 -78.89
CA LYS J 123 61.45 -62.67 -80.27
C LYS J 123 61.11 -61.20 -80.37
N TYR J 124 62.11 -60.41 -80.78
CA TYR J 124 61.95 -58.96 -80.87
C TYR J 124 60.81 -58.56 -81.80
N THR K 5 43.23 -68.06 -62.76
CA THR K 5 44.20 -67.03 -62.40
C THR K 5 43.49 -65.73 -62.05
N ALA K 6 43.82 -65.19 -60.88
CA ALA K 6 43.27 -63.93 -60.41
C ALA K 6 44.32 -62.84 -60.60
N ASN K 7 43.99 -61.83 -61.40
CA ASN K 7 44.96 -60.80 -61.79
C ASN K 7 44.52 -59.40 -61.44
N VAL K 8 43.38 -59.22 -60.76
CA VAL K 8 42.86 -57.92 -60.42
C VAL K 8 42.92 -57.77 -58.91
N VAL K 9 43.75 -56.86 -58.43
CA VAL K 9 43.91 -56.64 -57.00
C VAL K 9 42.70 -55.90 -56.47
N VAL K 10 42.40 -56.12 -55.20
CA VAL K 10 41.30 -55.44 -54.52
C VAL K 10 41.95 -54.30 -53.73
N SER K 11 42.02 -53.14 -54.35
CA SER K 11 42.63 -51.95 -53.78
C SER K 11 41.54 -51.02 -53.26
N ASN K 12 41.93 -49.81 -52.88
CA ASN K 12 40.96 -48.81 -52.43
C ASN K 12 40.51 -47.97 -53.61
N PRO K 13 39.25 -48.04 -54.01
CA PRO K 13 38.71 -47.06 -54.95
C PRO K 13 38.47 -45.74 -54.22
N ARG K 14 38.23 -44.69 -55.02
CA ARG K 14 38.12 -43.34 -54.46
C ARG K 14 39.41 -42.97 -53.74
N PRO K 15 40.49 -42.68 -54.46
CA PRO K 15 41.79 -42.46 -53.83
C PRO K 15 41.76 -41.28 -52.86
N ILE K 16 42.86 -41.19 -52.10
CA ILE K 16 42.98 -40.25 -50.99
C ILE K 16 44.11 -39.29 -51.29
N PHE K 17 43.84 -38.00 -51.14
CA PHE K 17 44.85 -36.96 -51.28
C PHE K 17 45.14 -36.38 -49.91
N THR K 18 46.42 -36.30 -49.55
CA THR K 18 46.84 -35.99 -48.20
C THR K 18 47.91 -34.91 -48.24
N GLU K 19 48.03 -34.17 -47.14
CA GLU K 19 48.99 -33.08 -47.07
C GLU K 19 50.41 -33.61 -47.14
N SER K 20 51.31 -32.76 -47.64
CA SER K 20 52.71 -33.16 -47.81
C SER K 20 53.53 -32.98 -46.55
N ARG K 21 53.05 -32.23 -45.56
CA ARG K 21 53.78 -31.99 -44.33
C ARG K 21 53.13 -32.58 -43.10
N SER K 22 51.83 -32.88 -43.15
CA SER K 22 51.13 -33.46 -42.01
C SER K 22 50.19 -34.55 -42.51
N PHE K 23 49.89 -35.48 -41.62
CA PHE K 23 48.96 -36.57 -41.93
C PHE K 23 47.55 -36.03 -41.82
N LYS K 24 47.12 -35.31 -42.85
CA LYS K 24 45.81 -34.69 -42.87
C LYS K 24 45.34 -34.60 -44.31
N ALA K 25 44.04 -34.75 -44.52
CA ALA K 25 43.49 -34.68 -45.87
C ALA K 25 43.54 -33.25 -46.40
N VAL K 26 43.61 -33.13 -47.72
CA VAL K 26 43.62 -31.82 -48.34
C VAL K 26 42.18 -31.38 -48.49
N ALA K 27 41.63 -30.79 -47.44
CA ALA K 27 40.23 -30.40 -47.46
C ALA K 27 40.02 -29.22 -48.38
N ASN K 28 38.97 -29.29 -49.20
CA ASN K 28 38.67 -28.25 -50.19
C ASN K 28 39.87 -28.00 -51.09
N GLY K 29 40.54 -29.08 -51.48
CA GLY K 29 41.68 -28.94 -52.34
C GLY K 29 41.30 -28.84 -53.80
N LYS K 30 42.22 -28.37 -54.62
CA LYS K 30 42.01 -28.23 -56.06
C LYS K 30 42.98 -29.12 -56.80
N ILE K 31 42.47 -29.85 -57.79
CA ILE K 31 43.27 -30.75 -58.60
C ILE K 31 43.17 -30.29 -60.04
N TYR K 32 44.32 -30.13 -60.69
CA TYR K 32 44.36 -29.86 -62.12
C TYR K 32 45.05 -31.03 -62.80
N ILE K 33 44.49 -31.48 -63.91
CA ILE K 33 45.02 -32.61 -64.67
C ILE K 33 45.29 -32.15 -66.09
N GLY K 34 46.52 -32.33 -66.54
CA GLY K 34 46.93 -31.84 -67.84
C GLY K 34 47.77 -32.81 -68.64
N GLN K 35 48.42 -32.33 -69.70
CA GLN K 35 49.21 -33.20 -70.55
C GLN K 35 50.52 -33.58 -69.86
N ILE K 36 51.27 -34.47 -70.51
CA ILE K 36 52.46 -35.05 -69.90
C ILE K 36 53.57 -34.02 -69.83
N ASP K 37 54.21 -33.91 -68.66
CA ASP K 37 55.37 -33.05 -68.47
C ASP K 37 55.04 -31.58 -68.78
N THR K 38 53.87 -31.14 -68.34
CA THR K 38 53.49 -29.75 -68.46
C THR K 38 52.49 -29.40 -67.37
N ASP K 39 52.63 -28.21 -66.81
CA ASP K 39 51.80 -27.82 -65.67
C ASP K 39 50.34 -27.70 -66.09
N PRO K 40 49.40 -28.23 -65.32
CA PRO K 40 48.00 -28.20 -65.71
C PRO K 40 47.20 -27.02 -65.18
N VAL K 41 47.82 -26.11 -64.43
CA VAL K 41 47.09 -24.94 -63.95
C VAL K 41 46.64 -24.08 -65.12
N ASN K 42 47.52 -23.85 -66.07
CA ASN K 42 47.15 -23.09 -67.27
C ASN K 42 46.14 -23.88 -68.08
N PRO K 43 45.01 -23.28 -68.46
CA PRO K 43 43.97 -24.06 -69.16
C PRO K 43 44.41 -24.63 -70.49
N ALA K 44 45.46 -24.09 -71.09
CA ALA K 44 45.92 -24.60 -72.38
C ALA K 44 46.46 -26.02 -72.27
N ASN K 45 47.05 -26.37 -71.12
CA ASN K 45 47.69 -27.67 -70.95
C ASN K 45 46.78 -28.70 -70.31
N GLN K 46 45.52 -28.36 -70.06
CA GLN K 46 44.61 -29.31 -69.46
C GLN K 46 44.06 -30.28 -70.52
N ILE K 47 43.50 -31.38 -70.05
CA ILE K 47 42.89 -32.37 -70.93
C ILE K 47 41.47 -32.64 -70.44
N PRO K 48 40.58 -33.13 -71.28
CA PRO K 48 39.22 -33.46 -70.81
C PRO K 48 39.28 -34.51 -69.72
N VAL K 49 38.42 -34.35 -68.72
CA VAL K 49 38.29 -35.29 -67.61
C VAL K 49 36.81 -35.56 -67.37
N TYR K 50 36.44 -36.83 -67.35
CA TYR K 50 35.05 -37.23 -67.30
C TYR K 50 34.76 -37.88 -65.95
N ILE K 51 33.49 -38.16 -65.69
CA ILE K 51 33.15 -38.94 -64.51
C ILE K 51 32.34 -40.14 -64.94
N GLU K 52 32.49 -41.23 -64.20
CA GLU K 52 31.88 -42.52 -64.55
C GLU K 52 30.65 -42.71 -63.68
N ASN K 53 29.48 -42.54 -64.29
CA ASN K 53 28.23 -42.71 -63.57
C ASN K 53 27.92 -44.19 -63.42
N GLU K 54 26.83 -44.49 -62.72
CA GLU K 54 26.38 -45.87 -62.61
C GLU K 54 25.99 -46.42 -63.97
N ASP K 55 25.27 -45.64 -64.76
CA ASP K 55 24.77 -46.09 -66.05
C ASP K 55 25.86 -46.32 -67.09
N GLY K 56 27.13 -46.09 -66.74
CA GLY K 56 28.23 -46.29 -67.66
C GLY K 56 28.58 -45.10 -68.50
N SER K 57 27.73 -44.08 -68.56
CA SER K 57 28.03 -42.89 -69.35
C SER K 57 29.18 -42.12 -68.72
N HIS K 58 29.96 -41.45 -69.56
CA HIS K 58 31.08 -40.63 -69.12
C HIS K 58 30.72 -39.17 -69.38
N VAL K 59 30.50 -38.43 -68.30
CA VAL K 59 30.12 -37.03 -68.36
C VAL K 59 31.34 -36.19 -67.99
N GLN K 60 31.65 -35.19 -68.82
CA GLN K 60 32.82 -34.37 -68.60
C GLN K 60 32.49 -33.23 -67.63
N ILE K 61 33.44 -32.95 -66.73
CA ILE K 61 33.28 -31.90 -65.73
C ILE K 61 34.46 -30.94 -65.83
N THR K 62 34.34 -29.81 -65.14
CA THR K 62 35.39 -28.79 -65.17
C THR K 62 36.67 -29.30 -64.55
N GLN K 63 37.78 -28.73 -64.99
CA GLN K 63 39.09 -29.28 -64.63
C GLN K 63 39.40 -29.20 -63.15
N PRO K 64 39.24 -28.07 -62.45
CA PRO K 64 39.66 -28.05 -61.05
C PRO K 64 38.75 -28.91 -60.19
N LEU K 65 39.22 -30.11 -59.87
CA LEU K 65 38.45 -31.04 -59.07
C LEU K 65 38.63 -30.69 -57.61
N ILE K 66 37.61 -30.98 -56.81
CA ILE K 66 37.53 -30.49 -55.44
C ILE K 66 37.70 -31.68 -54.50
N ILE K 67 38.69 -31.59 -53.63
CA ILE K 67 38.96 -32.60 -52.62
C ILE K 67 38.25 -32.20 -51.33
N ASN K 68 37.46 -33.13 -50.78
CA ASN K 68 36.68 -32.86 -49.59
C ASN K 68 37.47 -33.24 -48.34
N ALA K 69 36.77 -33.29 -47.21
CA ALA K 69 37.43 -33.49 -45.93
C ALA K 69 38.08 -34.86 -45.79
N ALA K 70 37.64 -35.85 -46.56
CA ALA K 70 38.18 -37.20 -46.46
C ALA K 70 39.32 -37.45 -47.42
N GLY K 71 39.71 -36.46 -48.21
CA GLY K 71 40.75 -36.63 -49.18
C GLY K 71 40.29 -37.14 -50.53
N LYS K 72 39.01 -37.41 -50.70
CA LYS K 72 38.51 -37.97 -51.94
C LYS K 72 37.97 -36.86 -52.83
N ILE K 73 37.48 -37.24 -54.01
CA ILE K 73 37.05 -36.29 -55.02
C ILE K 73 35.53 -36.19 -54.99
N VAL K 74 35.02 -34.97 -54.87
CA VAL K 74 33.59 -34.74 -54.86
C VAL K 74 33.24 -33.86 -56.04
N TYR K 75 32.01 -33.99 -56.53
CA TYR K 75 31.51 -33.12 -57.59
C TYR K 75 30.61 -32.02 -57.02
N ASN K 76 29.53 -32.41 -56.36
CA ASN K 76 28.63 -31.48 -55.70
C ASN K 76 28.52 -31.82 -54.22
N GLY K 77 29.66 -32.07 -53.60
CA GLY K 77 29.67 -32.58 -52.24
C GLY K 77 29.45 -34.06 -52.13
N GLN K 78 29.35 -34.77 -53.26
CA GLN K 78 29.11 -36.20 -53.28
C GLN K 78 30.24 -36.90 -54.01
N LEU K 79 30.66 -38.04 -53.48
CA LEU K 79 31.78 -38.76 -54.05
C LEU K 79 31.46 -39.28 -55.44
N VAL K 80 32.36 -39.05 -56.38
CA VAL K 80 32.21 -39.50 -57.75
C VAL K 80 33.48 -40.20 -58.21
N LYS K 81 33.34 -41.00 -59.26
CA LYS K 81 34.45 -41.66 -59.91
C LYS K 81 34.93 -40.82 -61.09
N ILE K 82 36.23 -40.55 -61.14
CA ILE K 82 36.81 -39.63 -62.12
C ILE K 82 37.66 -40.45 -63.06
N VAL K 83 37.53 -40.21 -64.36
CA VAL K 83 38.33 -40.89 -65.37
C VAL K 83 38.94 -39.88 -66.32
N THR K 84 40.03 -40.29 -66.97
CA THR K 84 40.73 -39.47 -67.95
C THR K 84 41.63 -40.40 -68.76
N VAL K 85 42.43 -39.82 -69.65
CA VAL K 85 43.28 -40.60 -70.55
C VAL K 85 44.43 -41.21 -69.76
N GLN K 86 45.14 -42.16 -70.37
CA GLN K 86 46.14 -42.95 -69.66
C GLN K 86 47.23 -42.05 -69.09
N GLY K 87 47.84 -41.22 -69.94
CA GLY K 87 48.96 -40.42 -69.50
C GLY K 87 48.59 -38.99 -69.23
N HIS K 88 48.82 -38.52 -68.00
CA HIS K 88 48.49 -37.15 -67.65
C HIS K 88 49.40 -36.70 -66.52
N SER K 89 49.55 -35.39 -66.42
CA SER K 89 50.20 -34.75 -65.29
C SER K 89 49.14 -34.24 -64.33
N MET K 90 49.53 -34.06 -63.07
CA MET K 90 48.57 -33.67 -62.05
C MET K 90 49.21 -32.71 -61.06
N ALA K 91 48.56 -31.57 -60.86
CA ALA K 91 48.97 -30.60 -59.85
C ALA K 91 47.91 -30.54 -58.77
N ILE K 92 48.35 -30.43 -57.52
CA ILE K 92 47.48 -30.51 -56.35
C ILE K 92 47.74 -29.26 -55.53
N TYR K 93 46.73 -28.41 -55.41
CA TYR K 93 46.81 -27.16 -54.67
C TYR K 93 45.90 -27.22 -53.46
N ASP K 94 46.32 -26.56 -52.37
CA ASP K 94 45.46 -26.48 -51.21
C ASP K 94 44.42 -25.37 -51.40
N ALA K 95 43.54 -25.24 -50.41
CA ALA K 95 42.48 -24.23 -50.50
C ALA K 95 43.01 -22.81 -50.40
N ASN K 96 44.25 -22.62 -49.93
CA ASN K 96 44.85 -21.31 -49.86
C ASN K 96 45.78 -21.02 -51.02
N GLY K 97 45.76 -21.85 -52.06
CA GLY K 97 46.51 -21.58 -53.27
C GLY K 97 47.94 -22.05 -53.27
N SER K 98 48.43 -22.61 -52.17
CA SER K 98 49.80 -23.09 -52.13
C SER K 98 49.93 -24.42 -52.87
N GLN K 99 51.06 -24.60 -53.53
CA GLN K 99 51.39 -25.87 -54.17
C GLN K 99 51.51 -26.96 -53.12
N VAL K 100 50.72 -28.03 -53.27
CA VAL K 100 50.90 -29.19 -52.41
C VAL K 100 51.69 -30.27 -53.12
N ASP K 101 51.35 -30.57 -54.38
CA ASP K 101 52.10 -31.60 -55.09
C ASP K 101 52.07 -31.35 -56.58
N TYR K 102 53.07 -31.90 -57.26
CA TYR K 102 53.15 -31.87 -58.71
C TYR K 102 53.68 -33.20 -59.20
N ILE K 103 53.01 -33.76 -60.21
CA ILE K 103 53.39 -35.04 -60.81
C ILE K 103 53.42 -34.81 -62.32
N ALA K 104 54.62 -34.82 -62.90
CA ALA K 104 54.73 -34.54 -64.32
C ALA K 104 54.18 -35.67 -65.18
N ASN K 105 54.19 -36.89 -64.66
CA ASN K 105 53.63 -38.03 -65.37
C ASN K 105 53.21 -39.08 -64.35
N VAL K 106 51.91 -39.37 -64.31
CA VAL K 106 51.41 -40.32 -63.33
C VAL K 106 51.82 -41.74 -63.70
N LEU K 107 52.15 -41.97 -64.97
CA LEU K 107 52.56 -43.31 -65.40
C LEU K 107 53.98 -43.63 -64.97
N LYS K 108 54.79 -42.62 -64.66
CA LYS K 108 56.12 -42.83 -64.14
C LYS K 108 56.12 -43.17 -62.66
N TYR K 109 54.96 -43.47 -62.10
CA TYR K 109 54.83 -43.84 -60.70
C TYR K 109 54.30 -45.24 -60.50
N ASP K 110 54.18 -46.03 -61.56
CA ASP K 110 53.82 -47.42 -61.43
C ASP K 110 54.93 -48.14 -60.66
N PRO K 111 54.59 -49.12 -59.82
CA PRO K 111 55.65 -49.82 -59.07
C PRO K 111 56.77 -50.37 -59.93
N ASP K 112 56.48 -50.86 -61.13
CA ASP K 112 57.52 -51.33 -62.03
C ASP K 112 57.54 -50.54 -63.33
N GLN K 113 58.75 -50.37 -63.88
CA GLN K 113 58.93 -49.68 -65.14
C GLN K 113 59.34 -50.61 -66.28
N TYR K 114 59.65 -51.88 -65.98
CA TYR K 114 60.09 -52.80 -67.02
C TYR K 114 58.97 -53.13 -67.99
N SER K 115 57.73 -53.13 -67.50
CA SER K 115 56.61 -53.62 -68.32
C SER K 115 56.43 -52.78 -69.57
N ILE K 116 56.53 -51.45 -69.44
CA ILE K 116 56.19 -50.58 -70.56
C ILE K 116 57.12 -50.84 -71.74
N GLU K 117 58.44 -50.78 -71.51
CA GLU K 117 59.35 -50.92 -72.64
C GLU K 117 59.49 -52.38 -73.06
N ALA K 118 59.29 -53.34 -72.16
CA ALA K 118 59.26 -54.73 -72.61
C ALA K 118 58.11 -54.94 -73.59
N ASP K 119 56.94 -54.39 -73.27
CA ASP K 119 55.80 -54.53 -74.17
C ASP K 119 56.01 -53.77 -75.47
N LYS K 120 56.78 -52.67 -75.39
CA LYS K 120 57.05 -51.86 -76.61
C LYS K 120 58.11 -52.56 -77.45
N LYS K 121 58.93 -53.42 -76.85
CA LYS K 121 60.06 -54.04 -77.55
C LYS K 121 59.69 -55.39 -78.17
N PHE K 122 59.17 -56.32 -77.39
CA PHE K 122 58.95 -57.67 -77.90
C PHE K 122 57.59 -57.79 -78.56
N LYS K 123 57.56 -58.42 -79.73
CA LYS K 123 56.33 -58.58 -80.48
C LYS K 123 55.36 -59.51 -79.74
N TYR K 124 54.14 -59.60 -80.25
CA TYR K 124 53.10 -60.38 -79.61
C TYR K 124 53.01 -61.80 -80.19
N THR L 5 69.45 -48.24 -65.59
CA THR L 5 68.27 -47.39 -65.60
C THR L 5 67.30 -47.77 -64.49
N ALA L 6 66.49 -46.81 -64.06
CA ALA L 6 65.50 -47.07 -63.02
C ALA L 6 64.43 -48.02 -63.52
N ASN L 7 64.14 -49.05 -62.72
CA ASN L 7 63.27 -50.11 -63.19
C ASN L 7 62.15 -50.41 -62.21
N VAL L 8 62.40 -50.20 -60.92
CA VAL L 8 61.42 -50.46 -59.88
C VAL L 8 61.26 -49.19 -59.05
N VAL L 9 60.01 -48.79 -58.82
CA VAL L 9 59.69 -47.59 -58.06
C VAL L 9 59.29 -48.01 -56.65
N VAL L 10 59.79 -47.29 -55.66
CA VAL L 10 59.47 -47.59 -54.27
C VAL L 10 58.08 -47.07 -53.96
N SER L 11 57.21 -47.96 -53.46
CA SER L 11 55.84 -47.59 -53.17
C SER L 11 55.24 -48.61 -52.22
N ASN L 12 54.42 -48.13 -51.29
CA ASN L 12 53.80 -49.02 -50.33
C ASN L 12 52.68 -49.81 -51.00
N PRO L 13 52.69 -51.13 -50.93
CA PRO L 13 51.68 -51.95 -51.62
C PRO L 13 50.42 -52.25 -50.81
N ARG L 14 50.19 -51.58 -49.69
CA ARG L 14 49.08 -51.92 -48.81
C ARG L 14 47.94 -50.95 -49.01
N PRO L 15 46.76 -51.41 -49.43
CA PRO L 15 45.62 -50.50 -49.58
C PRO L 15 45.11 -50.00 -48.24
N ILE L 16 44.41 -48.86 -48.30
CA ILE L 16 43.92 -48.17 -47.12
C ILE L 16 42.46 -47.82 -47.34
N PHE L 17 41.60 -48.21 -46.40
CA PHE L 17 40.16 -47.97 -46.49
C PHE L 17 39.76 -46.97 -45.42
N THR L 18 39.19 -45.84 -45.84
CA THR L 18 38.78 -44.79 -44.94
C THR L 18 37.32 -44.43 -45.20
N GLU L 19 36.81 -43.49 -44.41
CA GLU L 19 35.42 -43.05 -44.47
C GLU L 19 35.19 -42.14 -45.67
N SER L 20 33.93 -41.92 -45.99
CA SER L 20 33.58 -41.10 -47.15
C SER L 20 33.60 -39.61 -46.83
N ARG L 21 33.19 -39.23 -45.62
CA ARG L 21 33.14 -37.82 -45.24
C ARG L 21 34.25 -37.39 -44.29
N SER L 22 34.87 -38.32 -43.58
CA SER L 22 35.88 -37.99 -42.58
C SER L 22 37.17 -38.74 -42.89
N PHE L 23 38.28 -38.20 -42.39
CA PHE L 23 39.60 -38.78 -42.62
C PHE L 23 39.96 -39.77 -41.51
N LYS L 24 39.17 -40.83 -41.42
CA LYS L 24 39.39 -41.87 -40.42
C LYS L 24 39.25 -43.24 -41.08
N ALA L 25 40.06 -44.18 -40.62
CA ALA L 25 39.99 -45.53 -41.15
C ALA L 25 38.68 -46.19 -40.75
N VAL L 26 38.19 -47.09 -41.60
CA VAL L 26 36.93 -47.79 -41.33
C VAL L 26 37.31 -49.02 -40.51
N ALA L 27 37.49 -48.80 -39.21
CA ALA L 27 38.01 -49.84 -38.35
C ALA L 27 36.98 -50.94 -38.17
N ASN L 28 37.44 -52.19 -38.30
CA ASN L 28 36.58 -53.37 -38.13
C ASN L 28 35.40 -53.35 -39.09
N GLY L 29 35.56 -52.67 -40.21
CA GLY L 29 34.56 -52.69 -41.26
C GLY L 29 34.64 -53.95 -42.07
N LYS L 30 33.72 -54.05 -43.03
CA LYS L 30 33.60 -55.23 -43.87
C LYS L 30 33.60 -54.84 -45.33
N ILE L 31 34.18 -55.70 -46.15
CA ILE L 31 34.27 -55.50 -47.59
C ILE L 31 33.50 -56.64 -48.26
N TYR L 32 32.60 -56.30 -49.17
CA TYR L 32 31.96 -57.28 -50.05
C TYR L 32 32.25 -56.89 -51.48
N ILE L 33 32.85 -57.79 -52.26
CA ILE L 33 33.05 -57.54 -53.67
C ILE L 33 32.22 -58.55 -54.45
N GLY L 34 31.58 -58.08 -55.50
CA GLY L 34 30.68 -58.92 -56.26
C GLY L 34 30.56 -58.51 -57.71
N GLN L 35 29.58 -59.05 -58.42
CA GLN L 35 29.43 -58.75 -59.83
C GLN L 35 29.20 -57.26 -60.05
N ILE L 36 29.56 -56.79 -61.24
CA ILE L 36 29.50 -55.36 -61.52
C ILE L 36 28.05 -54.89 -61.49
N ASP L 37 27.82 -53.75 -60.84
CA ASP L 37 26.51 -53.10 -60.81
C ASP L 37 25.45 -54.00 -60.17
N THR L 38 25.81 -54.62 -59.06
CA THR L 38 24.88 -55.46 -58.33
C THR L 38 24.98 -55.17 -56.84
N ASP L 39 24.22 -55.94 -56.06
CA ASP L 39 24.25 -55.90 -54.61
C ASP L 39 25.22 -56.96 -54.12
N PRO L 40 26.44 -56.61 -53.75
CA PRO L 40 27.43 -57.63 -53.37
C PRO L 40 27.01 -58.48 -52.21
N VAL L 41 26.23 -57.94 -51.27
CA VAL L 41 25.92 -58.66 -50.04
C VAL L 41 25.15 -59.94 -50.33
N ASN L 42 24.42 -59.99 -51.43
CA ASN L 42 23.77 -61.21 -51.85
C ASN L 42 24.83 -62.25 -52.19
N PRO L 43 24.88 -63.39 -51.51
CA PRO L 43 25.93 -64.36 -51.80
C PRO L 43 25.94 -64.84 -53.24
N ALA L 44 24.79 -64.86 -53.91
CA ALA L 44 24.76 -65.26 -55.30
C ALA L 44 25.44 -64.25 -56.21
N ASN L 45 25.68 -63.03 -55.74
CA ASN L 45 26.35 -62.02 -56.53
C ASN L 45 27.83 -61.93 -56.23
N GLN L 46 28.35 -62.70 -55.28
CA GLN L 46 29.73 -62.59 -54.85
C GLN L 46 30.65 -63.42 -55.74
N ILE L 47 31.89 -62.96 -55.85
CA ILE L 47 32.91 -63.63 -56.65
C ILE L 47 34.04 -64.06 -55.73
N PRO L 48 34.82 -65.07 -56.09
CA PRO L 48 35.87 -65.56 -55.19
C PRO L 48 36.99 -64.54 -54.99
N VAL L 49 37.60 -64.61 -53.81
CA VAL L 49 38.69 -63.73 -53.42
C VAL L 49 39.84 -64.58 -52.91
N TYR L 50 41.06 -64.29 -53.38
CA TYR L 50 42.23 -65.08 -53.02
C TYR L 50 43.27 -64.20 -52.36
N ILE L 51 43.74 -64.61 -51.19
CA ILE L 51 44.97 -64.07 -50.64
C ILE L 51 46.12 -64.49 -51.53
N GLU L 52 46.81 -63.52 -52.12
CA GLU L 52 48.02 -63.77 -52.87
C GLU L 52 49.18 -63.65 -51.89
N ASN L 53 49.73 -64.78 -51.46
CA ASN L 53 50.74 -64.78 -50.43
C ASN L 53 52.03 -64.15 -50.96
N GLU L 54 53.04 -64.10 -50.09
CA GLU L 54 54.30 -63.48 -50.44
C GLU L 54 54.98 -64.19 -51.60
N ASP L 55 54.56 -65.43 -51.89
CA ASP L 55 55.08 -66.17 -53.04
C ASP L 55 54.08 -66.35 -54.16
N GLY L 56 52.78 -66.29 -53.88
CA GLY L 56 51.76 -66.43 -54.90
C GLY L 56 50.92 -67.69 -54.78
N SER L 57 50.70 -68.13 -53.54
CA SER L 57 49.96 -69.36 -53.32
C SER L 57 48.49 -69.24 -53.72
N HIS L 58 47.90 -68.06 -53.56
CA HIS L 58 46.53 -67.78 -53.99
C HIS L 58 45.52 -68.70 -53.29
N VAL L 59 45.40 -68.48 -51.98
CA VAL L 59 44.51 -69.28 -51.15
C VAL L 59 43.19 -68.54 -50.98
N GLN L 60 42.08 -69.25 -51.23
CA GLN L 60 40.77 -68.61 -51.25
C GLN L 60 40.20 -68.48 -49.83
N ILE L 61 39.42 -67.43 -49.61
CA ILE L 61 38.76 -67.16 -48.34
C ILE L 61 37.30 -66.81 -48.60
N THR L 62 36.58 -66.50 -47.52
CA THR L 62 35.18 -66.13 -47.57
C THR L 62 35.03 -64.65 -47.92
N GLN L 63 33.79 -64.24 -48.18
CA GLN L 63 33.57 -62.96 -48.83
C GLN L 63 33.66 -61.74 -47.91
N PRO L 64 33.07 -61.73 -46.71
CA PRO L 64 33.20 -60.52 -45.89
C PRO L 64 34.62 -60.33 -45.45
N LEU L 65 35.32 -59.38 -46.05
CA LEU L 65 36.73 -59.15 -45.77
C LEU L 65 36.83 -58.16 -44.61
N ILE L 66 37.50 -58.57 -43.55
CA ILE L 66 37.59 -57.76 -42.34
C ILE L 66 38.61 -56.66 -42.54
N ILE L 67 38.34 -55.47 -42.00
CA ILE L 67 39.24 -54.34 -42.12
C ILE L 67 39.90 -54.09 -40.77
N ASN L 68 41.21 -53.91 -40.79
CA ASN L 68 41.97 -53.61 -39.59
C ASN L 68 41.55 -52.26 -39.02
N ALA L 69 42.06 -51.97 -37.82
CA ALA L 69 41.86 -50.65 -37.23
C ALA L 69 42.57 -49.56 -38.02
N ALA L 70 43.55 -49.93 -38.84
CA ALA L 70 44.27 -48.97 -39.67
C ALA L 70 43.68 -48.85 -41.06
N GLY L 71 42.54 -49.48 -41.32
CA GLY L 71 41.93 -49.44 -42.62
C GLY L 71 42.41 -50.50 -43.58
N LYS L 72 43.41 -51.31 -43.18
CA LYS L 72 43.95 -52.34 -44.04
C LYS L 72 43.20 -53.65 -43.81
N ILE L 73 43.33 -54.56 -44.77
CA ILE L 73 42.63 -55.84 -44.72
C ILE L 73 43.48 -56.82 -43.93
N VAL L 74 42.84 -57.59 -43.07
CA VAL L 74 43.54 -58.55 -42.22
C VAL L 74 42.94 -59.93 -42.42
N TYR L 75 43.71 -60.94 -42.02
CA TYR L 75 43.23 -62.31 -42.00
C TYR L 75 44.06 -63.07 -40.97
N ASN L 76 43.39 -63.61 -39.95
CA ASN L 76 44.06 -64.27 -38.83
C ASN L 76 45.05 -63.33 -38.15
N GLY L 77 44.67 -62.06 -38.01
CA GLY L 77 45.50 -61.07 -37.37
C GLY L 77 46.65 -60.57 -38.20
N GLN L 78 46.85 -61.11 -39.41
CA GLN L 78 47.95 -60.74 -40.26
C GLN L 78 47.43 -59.98 -41.47
N LEU L 79 48.20 -58.99 -41.90
CA LEU L 79 47.85 -58.24 -43.10
C LEU L 79 48.01 -59.11 -44.33
N VAL L 80 47.09 -58.98 -45.28
CA VAL L 80 47.10 -59.79 -46.49
C VAL L 80 46.84 -58.90 -47.70
N LYS L 81 47.11 -59.47 -48.88
CA LYS L 81 46.79 -58.85 -50.15
C LYS L 81 45.76 -59.71 -50.86
N ILE L 82 44.66 -59.10 -51.26
CA ILE L 82 43.49 -59.82 -51.78
C ILE L 82 43.36 -59.51 -53.27
N VAL L 83 43.18 -60.56 -54.07
CA VAL L 83 43.11 -60.47 -55.52
C VAL L 83 41.89 -61.22 -55.99
N THR L 84 41.32 -60.79 -57.12
CA THR L 84 40.14 -61.41 -57.68
C THR L 84 40.31 -61.59 -59.18
N VAL L 85 39.25 -62.06 -59.84
CA VAL L 85 39.34 -62.48 -61.22
C VAL L 85 38.92 -61.40 -62.23
N GLN L 86 38.12 -60.42 -61.81
CA GLN L 86 37.53 -59.51 -62.78
C GLN L 86 37.19 -58.19 -62.09
N GLY L 87 36.90 -57.18 -62.92
CA GLY L 87 36.36 -55.95 -62.40
C GLY L 87 35.05 -56.21 -61.69
N HIS L 88 34.85 -55.53 -60.56
CA HIS L 88 33.82 -55.92 -59.62
C HIS L 88 33.13 -54.68 -59.07
N SER L 89 32.17 -54.92 -58.19
CA SER L 89 31.50 -53.89 -57.44
C SER L 89 31.82 -54.06 -55.96
N MET L 90 32.14 -52.95 -55.29
CA MET L 90 32.62 -52.99 -53.92
C MET L 90 31.65 -52.31 -52.98
N ALA L 91 31.36 -52.98 -51.87
CA ALA L 91 30.54 -52.42 -50.80
C ALA L 91 31.37 -52.41 -49.53
N ILE L 92 31.54 -51.22 -48.96
CA ILE L 92 32.30 -51.02 -47.74
C ILE L 92 31.31 -50.68 -46.65
N TYR L 93 31.26 -51.51 -45.60
CA TYR L 93 30.36 -51.32 -44.48
C TYR L 93 31.16 -51.00 -43.23
N ASP L 94 30.61 -50.12 -42.40
CA ASP L 94 31.27 -49.69 -41.17
C ASP L 94 31.10 -50.74 -40.08
N ALA L 95 31.71 -50.47 -38.93
CA ALA L 95 31.62 -51.38 -37.79
C ALA L 95 30.19 -51.48 -37.26
N ASN L 96 29.49 -50.35 -37.19
CA ASN L 96 28.11 -50.37 -36.71
C ASN L 96 27.20 -51.11 -37.67
N GLY L 97 27.42 -50.94 -38.97
CA GLY L 97 26.61 -51.61 -39.96
C GLY L 97 26.12 -50.69 -41.05
N SER L 98 26.51 -49.42 -40.96
CA SER L 98 26.12 -48.44 -41.95
C SER L 98 26.88 -48.69 -43.25
N GLN L 99 26.34 -48.13 -44.33
CA GLN L 99 26.94 -48.28 -45.65
C GLN L 99 27.96 -47.16 -45.85
N VAL L 100 29.24 -47.46 -45.63
CA VAL L 100 30.27 -46.46 -45.88
C VAL L 100 30.33 -46.11 -47.35
N ASP L 101 30.26 -47.12 -48.22
CA ASP L 101 30.40 -46.84 -49.64
C ASP L 101 29.85 -48.00 -50.46
N TYR L 102 29.40 -47.68 -51.67
CA TYR L 102 29.07 -48.68 -52.68
C TYR L 102 29.48 -48.15 -54.03
N ILE L 103 30.29 -48.92 -54.75
CA ILE L 103 30.83 -48.54 -56.05
C ILE L 103 30.52 -49.64 -57.04
N ALA L 104 29.96 -49.26 -58.19
CA ALA L 104 29.41 -50.22 -59.12
C ALA L 104 30.47 -50.96 -59.93
N ASN L 105 31.55 -50.29 -60.30
CA ASN L 105 32.54 -50.85 -61.21
C ASN L 105 33.92 -50.36 -60.80
N VAL L 106 34.75 -51.25 -60.28
CA VAL L 106 36.11 -50.93 -59.88
C VAL L 106 37.04 -52.02 -60.41
N LEU L 107 38.16 -51.61 -61.00
CA LEU L 107 39.12 -52.55 -61.56
C LEU L 107 40.52 -51.94 -61.46
N LYS L 108 41.40 -52.59 -60.71
CA LYS L 108 42.81 -52.21 -60.68
C LYS L 108 43.63 -53.47 -60.89
N TYR L 109 44.41 -53.49 -61.96
CA TYR L 109 45.18 -54.67 -62.31
C TYR L 109 46.36 -54.85 -61.37
N ASP L 110 46.67 -56.10 -61.08
CA ASP L 110 47.81 -56.42 -60.22
C ASP L 110 49.10 -55.96 -60.89
N PRO L 111 49.89 -55.11 -60.23
CA PRO L 111 51.13 -54.61 -60.85
C PRO L 111 52.36 -55.47 -60.62
N ASP L 112 52.24 -56.71 -60.17
CA ASP L 112 53.40 -57.54 -59.87
C ASP L 112 53.48 -58.73 -60.81
N GLN L 113 54.45 -59.60 -60.56
CA GLN L 113 54.66 -60.88 -61.26
C GLN L 113 54.48 -60.74 -62.77
N TYR L 114 55.11 -59.71 -63.33
CA TYR L 114 55.11 -59.54 -64.78
C TYR L 114 55.87 -60.64 -65.50
N SER L 115 56.68 -61.41 -64.76
CA SER L 115 57.40 -62.52 -65.39
C SER L 115 56.43 -63.48 -66.06
N ILE L 116 55.42 -63.94 -65.31
CA ILE L 116 54.48 -64.91 -65.86
C ILE L 116 53.69 -64.31 -67.00
N GLU L 117 53.31 -63.03 -66.87
CA GLU L 117 52.52 -62.39 -67.92
C GLU L 117 53.31 -62.32 -69.22
N ALA L 118 54.56 -61.88 -69.15
CA ALA L 118 55.40 -61.85 -70.35
C ALA L 118 55.62 -63.25 -70.89
N ASP L 119 55.81 -64.22 -70.00
CA ASP L 119 56.04 -65.60 -70.43
C ASP L 119 54.87 -66.13 -71.23
N LYS L 120 53.65 -65.86 -70.78
CA LYS L 120 52.47 -66.31 -71.49
C LYS L 120 52.08 -65.41 -72.64
N LYS L 121 52.69 -64.24 -72.76
CA LYS L 121 52.26 -63.25 -73.74
C LYS L 121 53.18 -63.13 -74.96
N PHE L 122 54.49 -63.34 -74.80
CA PHE L 122 55.43 -63.06 -75.87
C PHE L 122 55.74 -64.31 -76.69
N LYS L 123 56.68 -64.16 -77.64
CA LYS L 123 56.99 -65.18 -78.62
C LYS L 123 58.33 -65.84 -78.31
N TYR L 124 58.31 -67.16 -78.22
CA TYR L 124 59.51 -67.93 -77.87
C TYR L 124 60.39 -68.22 -79.08
N THR M 5 19.81 8.14 -89.37
CA THR M 5 19.45 9.44 -89.93
C THR M 5 20.44 10.51 -89.46
N ALA M 6 21.24 10.16 -88.46
CA ALA M 6 22.14 11.10 -87.84
C ALA M 6 23.48 10.42 -87.57
N ASN M 7 24.56 11.14 -87.86
CA ASN M 7 25.88 10.52 -87.88
C ASN M 7 26.81 10.96 -86.75
N VAL M 8 26.60 12.13 -86.16
CA VAL M 8 27.55 12.70 -85.22
C VAL M 8 26.99 12.60 -83.81
N VAL M 9 27.78 12.01 -82.92
CA VAL M 9 27.42 11.94 -81.50
C VAL M 9 27.55 13.33 -80.90
N VAL M 10 26.53 13.75 -80.16
CA VAL M 10 26.59 15.04 -79.48
C VAL M 10 27.68 15.01 -78.43
N SER M 11 28.51 16.06 -78.41
CA SER M 11 29.64 16.10 -77.49
C SER M 11 29.79 17.47 -76.85
N ASN M 12 30.89 17.68 -76.13
CA ASN M 12 31.21 18.97 -75.51
C ASN M 12 32.43 19.53 -76.22
N PRO M 13 32.25 20.39 -77.21
CA PRO M 13 33.40 20.92 -77.96
C PRO M 13 34.36 21.73 -77.12
N ARG M 14 33.90 22.36 -76.05
CA ARG M 14 34.77 23.23 -75.28
C ARG M 14 35.84 22.40 -74.57
N PRO M 15 37.12 22.63 -74.82
CA PRO M 15 38.16 21.83 -74.13
C PRO M 15 38.18 22.11 -72.64
N ILE M 16 38.49 21.08 -71.88
CA ILE M 16 38.66 21.18 -70.44
C ILE M 16 39.98 20.50 -70.09
N PHE M 17 40.77 21.16 -69.24
CA PHE M 17 42.13 20.70 -68.93
C PHE M 17 42.17 20.21 -67.50
N THR M 18 42.61 18.97 -67.32
CA THR M 18 42.75 18.35 -66.02
C THR M 18 44.19 17.90 -65.82
N GLU M 19 44.52 17.56 -64.58
CA GLU M 19 45.86 17.13 -64.27
C GLU M 19 46.13 15.73 -64.85
N SER M 20 47.37 15.26 -64.66
CA SER M 20 47.76 13.97 -65.18
C SER M 20 47.65 12.86 -64.16
N ARG M 21 47.97 13.13 -62.89
CA ARG M 21 48.02 12.11 -61.86
C ARG M 21 46.87 12.16 -60.87
N SER M 22 46.13 13.26 -60.81
CA SER M 22 44.96 13.37 -59.96
C SER M 22 43.80 13.91 -60.78
N PHE M 23 42.59 13.52 -60.39
CA PHE M 23 41.38 13.94 -61.11
C PHE M 23 40.96 15.30 -60.58
N LYS M 24 41.52 16.35 -61.17
CA LYS M 24 41.09 17.70 -60.85
C LYS M 24 41.53 18.62 -61.97
N ALA M 25 40.90 19.79 -62.04
CA ALA M 25 41.25 20.78 -63.05
C ALA M 25 42.55 21.47 -62.66
N VAL M 26 43.25 21.96 -63.68
CA VAL M 26 44.50 22.73 -63.44
C VAL M 26 44.07 24.17 -63.25
N ALA M 27 43.62 24.47 -62.04
CA ALA M 27 43.10 25.79 -61.73
C ALA M 27 44.23 26.81 -61.73
N ASN M 28 43.91 28.02 -62.18
CA ASN M 28 44.88 29.12 -62.22
C ASN M 28 46.15 28.68 -62.97
N GLY M 29 45.94 27.95 -64.05
CA GLY M 29 47.05 27.33 -64.75
C GLY M 29 47.52 28.12 -65.96
N LYS M 30 48.66 27.70 -66.50
CA LYS M 30 49.27 28.36 -67.65
C LYS M 30 49.27 27.41 -68.84
N ILE M 31 48.97 27.95 -70.01
CA ILE M 31 49.11 27.22 -71.27
C ILE M 31 50.07 28.02 -72.15
N TYR M 32 51.06 27.34 -72.71
CA TYR M 32 52.06 27.94 -73.58
C TYR M 32 51.99 27.30 -74.96
N ILE M 33 51.83 28.12 -75.98
CA ILE M 33 51.74 27.68 -77.37
C ILE M 33 53.02 28.09 -78.08
N GLY M 34 53.70 27.12 -78.69
CA GLY M 34 54.97 27.42 -79.33
C GLY M 34 55.18 26.74 -80.66
N GLN M 35 56.38 26.91 -81.23
CA GLN M 35 56.70 26.28 -82.50
C GLN M 35 56.75 24.77 -82.35
N ILE M 36 56.59 24.09 -83.49
CA ILE M 36 56.55 22.63 -83.47
C ILE M 36 57.87 22.09 -82.98
N ASP M 37 57.79 21.16 -82.02
CA ASP M 37 58.98 20.53 -81.43
C ASP M 37 59.93 21.55 -80.82
N THR M 38 59.36 22.57 -80.19
CA THR M 38 60.16 23.54 -79.45
C THR M 38 59.51 23.78 -78.10
N ASP M 39 60.34 24.04 -77.09
CA ASP M 39 59.82 24.37 -75.78
C ASP M 39 59.18 25.75 -75.84
N PRO M 40 57.89 25.88 -75.56
CA PRO M 40 57.23 27.18 -75.67
C PRO M 40 57.39 28.08 -74.46
N VAL M 41 58.09 27.64 -73.42
CA VAL M 41 58.32 28.53 -72.29
C VAL M 41 59.26 29.66 -72.66
N ASN M 42 59.97 29.54 -73.77
CA ASN M 42 60.82 30.62 -74.25
C ASN M 42 60.01 31.60 -75.08
N PRO M 43 59.99 32.88 -74.73
CA PRO M 43 59.23 33.85 -75.53
C PRO M 43 59.68 33.91 -76.97
N ALA M 44 60.95 33.60 -77.24
CA ALA M 44 61.41 33.53 -78.63
C ALA M 44 60.67 32.45 -79.40
N ASN M 45 60.43 31.30 -78.76
CA ASN M 45 59.71 30.21 -79.40
C ASN M 45 58.19 30.39 -79.35
N GLN M 46 57.69 31.26 -78.48
CA GLN M 46 56.25 31.49 -78.43
C GLN M 46 55.74 32.09 -79.73
N ILE M 47 54.53 31.72 -80.12
CA ILE M 47 53.98 32.08 -81.43
C ILE M 47 52.61 32.71 -81.22
N PRO M 48 52.14 33.49 -82.20
CA PRO M 48 50.86 34.20 -82.03
C PRO M 48 49.68 33.26 -81.83
N VAL M 49 48.75 33.69 -80.97
CA VAL M 49 47.53 32.96 -80.67
C VAL M 49 46.36 33.94 -80.73
N TYR M 50 45.24 33.49 -81.28
CA TYR M 50 44.06 34.32 -81.47
C TYR M 50 42.91 33.79 -80.62
N ILE M 51 42.02 34.68 -80.21
CA ILE M 51 40.70 34.25 -79.75
C ILE M 51 39.73 34.44 -80.89
N GLU M 52 38.87 33.46 -81.11
CA GLU M 52 37.92 33.50 -82.21
C GLU M 52 36.54 33.77 -81.64
N ASN M 53 36.02 34.97 -81.89
CA ASN M 53 34.72 35.36 -81.36
C ASN M 53 33.62 34.55 -82.04
N GLU M 54 32.39 34.71 -81.55
CA GLU M 54 31.28 33.92 -82.07
C GLU M 54 31.07 34.17 -83.56
N ASP M 55 31.11 35.44 -83.97
CA ASP M 55 30.87 35.77 -85.37
C ASP M 55 31.99 35.27 -86.27
N GLY M 56 33.23 35.27 -85.79
CA GLY M 56 34.36 34.90 -86.61
C GLY M 56 35.50 35.90 -86.55
N SER M 57 35.45 36.81 -85.59
CA SER M 57 36.50 37.80 -85.43
C SER M 57 37.66 37.24 -84.62
N HIS M 58 38.88 37.61 -85.01
CA HIS M 58 40.10 37.14 -84.37
C HIS M 58 40.81 38.30 -83.69
N VAL M 59 41.44 38.03 -82.54
CA VAL M 59 42.12 39.06 -81.76
C VAL M 59 43.46 38.50 -81.29
N GLN M 60 44.50 39.33 -81.34
CA GLN M 60 45.80 38.95 -80.79
C GLN M 60 45.80 39.07 -79.28
N ILE M 61 46.31 38.03 -78.60
CA ILE M 61 46.40 37.97 -77.15
C ILE M 61 47.87 37.84 -76.76
N THR M 62 48.17 38.22 -75.51
CA THR M 62 49.42 37.85 -74.90
C THR M 62 49.48 36.32 -74.75
N GLN M 63 50.70 35.79 -74.71
CA GLN M 63 50.86 34.35 -74.87
C GLN M 63 50.30 33.55 -73.70
N PRO M 64 50.78 33.71 -72.45
CA PRO M 64 50.45 32.71 -71.42
C PRO M 64 48.97 32.67 -71.14
N LEU M 65 48.30 31.57 -71.53
CA LEU M 65 46.86 31.49 -71.48
C LEU M 65 46.41 30.98 -70.12
N ILE M 66 45.42 31.65 -69.55
CA ILE M 66 45.02 31.42 -68.17
C ILE M 66 43.91 30.37 -68.13
N ILE M 67 44.15 29.28 -67.41
CA ILE M 67 43.15 28.27 -67.12
C ILE M 67 42.53 28.62 -65.79
N ASN M 68 41.20 28.71 -65.75
CA ASN M 68 40.47 29.13 -64.57
C ASN M 68 40.21 27.93 -63.65
N ALA M 69 39.36 28.13 -62.65
CA ALA M 69 39.08 27.08 -61.68
C ALA M 69 38.38 25.89 -62.33
N ALA M 70 37.49 26.15 -63.28
CA ALA M 70 36.79 25.07 -63.97
C ALA M 70 37.71 24.24 -64.87
N GLY M 71 38.91 24.74 -65.17
CA GLY M 71 39.78 24.06 -66.09
C GLY M 71 39.55 24.42 -67.54
N LYS M 72 39.19 25.66 -67.82
CA LYS M 72 39.00 26.15 -69.18
C LYS M 72 39.80 27.42 -69.37
N ILE M 73 39.91 27.86 -70.62
CA ILE M 73 40.67 29.05 -70.94
C ILE M 73 39.73 30.25 -70.88
N VAL M 74 40.14 31.29 -70.16
CA VAL M 74 39.37 32.51 -70.02
C VAL M 74 40.31 33.69 -70.23
N TYR M 75 39.84 34.70 -70.98
CA TYR M 75 40.65 35.91 -71.13
C TYR M 75 40.15 37.05 -70.24
N ASN M 76 38.94 37.54 -70.49
CA ASN M 76 38.31 38.51 -69.60
C ASN M 76 37.30 37.85 -68.69
N GLY M 77 37.70 36.79 -67.99
CA GLY M 77 36.74 36.04 -67.22
C GLY M 77 35.64 35.38 -68.02
N GLN M 78 35.78 35.29 -69.33
CA GLN M 78 34.79 34.67 -70.21
C GLN M 78 35.43 33.53 -70.97
N LEU M 79 34.65 32.48 -71.24
CA LEU M 79 35.14 31.34 -71.98
C LEU M 79 35.41 31.72 -73.42
N VAL M 80 36.64 31.49 -73.89
CA VAL M 80 37.06 31.85 -75.23
C VAL M 80 37.65 30.62 -75.90
N LYS M 81 37.80 30.70 -77.22
CA LYS M 81 38.43 29.67 -78.01
C LYS M 81 39.70 30.22 -78.66
N ILE M 82 40.78 29.44 -78.60
CA ILE M 82 42.09 29.85 -79.07
C ILE M 82 42.40 29.14 -80.37
N VAL M 83 42.85 29.91 -81.37
CA VAL M 83 43.20 29.39 -82.68
C VAL M 83 44.60 29.86 -83.05
N THR M 84 45.20 29.14 -84.00
CA THR M 84 46.55 29.42 -84.46
C THR M 84 46.61 29.21 -85.97
N VAL M 85 47.34 30.08 -86.66
CA VAL M 85 47.46 29.98 -88.10
C VAL M 85 48.29 28.78 -88.51
N GLN M 86 49.35 28.50 -87.78
CA GLN M 86 50.24 27.39 -88.09
C GLN M 86 50.20 26.34 -86.98
N GLY M 87 50.87 25.22 -87.22
CA GLY M 87 50.94 24.18 -86.21
C GLY M 87 51.71 24.63 -84.99
N HIS M 88 51.52 23.93 -83.89
CA HIS M 88 52.05 24.39 -82.62
C HIS M 88 52.31 23.21 -81.70
N SER M 89 53.10 23.47 -80.66
CA SER M 89 53.29 22.56 -79.55
C SER M 89 52.70 23.19 -78.30
N MET M 90 52.17 22.36 -77.42
CA MET M 90 51.45 22.82 -76.24
C MET M 90 52.19 22.39 -74.98
N ALA M 91 52.37 23.33 -74.06
CA ALA M 91 52.92 23.03 -72.74
C ALA M 91 51.92 23.52 -71.70
N ILE M 92 51.39 22.61 -70.91
CA ILE M 92 50.41 22.96 -69.88
C ILE M 92 51.08 22.85 -68.52
N TYR M 93 51.12 23.97 -67.81
CA TYR M 93 51.70 24.07 -66.48
C TYR M 93 50.59 24.34 -65.48
N ASP M 94 50.73 23.79 -64.28
CA ASP M 94 49.76 24.07 -63.23
C ASP M 94 50.05 25.44 -62.62
N ALA M 95 49.30 25.79 -61.56
CA ALA M 95 49.50 27.08 -60.92
C ALA M 95 50.80 27.14 -60.13
N ASN M 96 51.37 25.99 -59.78
CA ASN M 96 52.64 25.93 -59.06
C ASN M 96 53.85 26.00 -59.98
N GLY M 97 53.63 26.13 -61.28
CA GLY M 97 54.72 26.17 -62.23
C GLY M 97 55.22 24.81 -62.67
N SER M 98 54.68 23.73 -62.11
CA SER M 98 55.07 22.39 -62.54
C SER M 98 54.43 22.08 -63.89
N GLN M 99 55.22 21.58 -64.82
CA GLN M 99 54.73 21.25 -66.15
C GLN M 99 53.80 20.04 -66.04
N VAL M 100 52.50 20.28 -66.13
CA VAL M 100 51.54 19.19 -66.10
C VAL M 100 51.75 18.27 -67.28
N ASP M 101 51.88 18.83 -68.48
CA ASP M 101 52.00 17.99 -69.67
C ASP M 101 52.62 18.78 -70.81
N TYR M 102 53.11 18.03 -71.80
CA TYR M 102 53.72 18.61 -72.99
C TYR M 102 53.38 17.74 -74.19
N ILE M 103 53.03 18.38 -75.29
CA ILE M 103 52.84 17.70 -76.57
C ILE M 103 53.55 18.51 -77.64
N ALA M 104 54.35 17.83 -78.45
CA ALA M 104 55.23 18.52 -79.39
C ALA M 104 54.56 18.84 -80.72
N ASN M 105 53.53 18.10 -81.10
CA ASN M 105 52.85 18.33 -82.37
C ASN M 105 51.40 17.88 -82.18
N VAL M 106 50.51 18.85 -82.01
CA VAL M 106 49.12 18.52 -81.71
C VAL M 106 48.40 17.93 -82.93
N LEU M 107 48.95 18.08 -84.12
CA LEU M 107 48.39 17.44 -85.30
C LEU M 107 49.41 16.61 -86.08
N LYS M 108 50.68 16.65 -85.69
CA LYS M 108 51.76 15.91 -86.33
C LYS M 108 51.98 16.34 -87.77
N TYR M 109 51.60 17.58 -88.11
CA TYR M 109 51.91 18.18 -89.39
C TYR M 109 51.56 19.65 -89.34
N ASP M 110 52.40 20.49 -89.95
CA ASP M 110 52.18 21.93 -89.93
C ASP M 110 51.23 22.32 -91.04
N PRO M 111 50.05 22.87 -90.73
CA PRO M 111 49.09 23.19 -91.80
C PRO M 111 49.40 24.48 -92.55
N ASP M 112 50.19 25.39 -91.98
CA ASP M 112 50.50 26.63 -92.70
C ASP M 112 51.38 26.35 -93.90
N GLN M 113 52.45 25.58 -93.70
CA GLN M 113 53.32 25.21 -94.82
C GLN M 113 52.63 24.20 -95.72
N TYR M 114 51.88 23.27 -95.13
CA TYR M 114 51.18 22.30 -95.96
C TYR M 114 50.08 22.94 -96.79
N SER M 115 49.59 24.12 -96.40
CA SER M 115 48.65 24.84 -97.25
C SER M 115 49.25 25.08 -98.62
N ILE M 116 50.38 25.79 -98.68
CA ILE M 116 51.02 26.09 -99.95
C ILE M 116 51.56 24.81 -100.59
N GLU M 117 52.04 23.86 -99.79
CA GLU M 117 52.58 22.63 -100.36
C GLU M 117 51.49 21.88 -101.12
N ALA M 118 50.31 21.72 -100.52
CA ALA M 118 49.22 21.04 -101.20
C ALA M 118 48.68 21.88 -102.34
N ASP M 119 48.72 23.21 -102.20
CA ASP M 119 48.30 24.07 -103.29
C ASP M 119 49.15 23.82 -104.53
N LYS M 120 50.46 23.70 -104.36
CA LYS M 120 51.33 23.47 -105.50
C LYS M 120 51.33 22.01 -105.95
N LYS M 121 50.97 21.07 -105.07
CA LYS M 121 51.12 19.67 -105.42
C LYS M 121 49.85 19.03 -105.99
N PHE M 122 48.68 19.37 -105.44
CA PHE M 122 47.46 18.72 -105.84
C PHE M 122 46.72 19.53 -106.92
N LYS M 123 45.58 19.00 -107.35
CA LYS M 123 44.74 19.67 -108.33
C LYS M 123 43.65 20.48 -107.64
N TYR M 124 42.88 21.21 -108.44
CA TYR M 124 41.85 22.08 -107.91
C TYR M 124 40.46 21.61 -108.33
N THR N 5 46.41 0.29 -91.11
CA THR N 5 46.36 1.69 -90.70
C THR N 5 45.22 1.92 -89.72
N ALA N 6 45.54 2.51 -88.56
CA ALA N 6 44.56 2.72 -87.50
C ALA N 6 44.18 4.20 -87.45
N ASN N 7 42.88 4.48 -87.51
CA ASN N 7 42.40 5.85 -87.54
C ASN N 7 41.29 6.14 -86.53
N VAL N 8 40.82 5.14 -85.79
CA VAL N 8 39.76 5.34 -84.80
C VAL N 8 40.42 5.46 -83.43
N VAL N 9 40.38 6.66 -82.87
CA VAL N 9 40.96 6.91 -81.56
C VAL N 9 40.03 6.37 -80.48
N VAL N 10 40.60 5.69 -79.50
CA VAL N 10 39.82 5.25 -78.36
C VAL N 10 39.64 6.43 -77.44
N SER N 11 38.57 7.19 -77.65
CA SER N 11 38.24 8.34 -76.84
C SER N 11 37.16 7.94 -75.83
N ASN N 12 36.62 8.93 -75.13
CA ASN N 12 35.57 8.69 -74.17
C ASN N 12 34.25 9.10 -74.77
N PRO N 13 33.35 8.17 -75.06
CA PRO N 13 31.98 8.53 -75.41
C PRO N 13 31.22 8.90 -74.15
N ARG N 14 29.95 9.24 -74.32
CA ARG N 14 29.20 9.83 -73.22
C ARG N 14 29.96 11.04 -72.69
N PRO N 15 29.94 12.14 -73.41
CA PRO N 15 30.82 13.27 -73.09
C PRO N 15 30.43 13.94 -71.77
N ILE N 16 31.33 14.80 -71.30
CA ILE N 16 31.24 15.43 -69.99
C ILE N 16 30.95 16.91 -70.17
N PHE N 17 29.94 17.39 -69.48
CA PHE N 17 29.63 18.81 -69.41
C PHE N 17 29.97 19.33 -68.02
N THR N 18 30.52 20.53 -67.95
CA THR N 18 31.11 21.05 -66.72
C THR N 18 30.69 22.50 -66.51
N GLU N 19 30.47 22.88 -65.26
CA GLU N 19 30.18 24.26 -64.94
C GLU N 19 31.31 25.16 -65.40
N SER N 20 30.94 26.30 -65.99
CA SER N 20 31.91 27.20 -66.59
C SER N 20 32.79 27.91 -65.56
N ARG N 21 32.44 27.84 -64.28
CA ARG N 21 33.18 28.53 -63.23
C ARG N 21 33.78 27.61 -62.17
N SER N 22 33.29 26.39 -62.05
CA SER N 22 33.80 25.45 -61.06
C SER N 22 33.88 24.07 -61.67
N PHE N 23 34.77 23.24 -61.13
CA PHE N 23 35.02 21.90 -61.67
C PHE N 23 33.96 20.94 -61.12
N LYS N 24 32.78 21.01 -61.72
CA LYS N 24 31.67 20.17 -61.30
C LYS N 24 30.81 19.84 -62.50
N ALA N 25 30.04 18.77 -62.38
CA ALA N 25 29.09 18.39 -63.40
C ALA N 25 27.88 19.32 -63.37
N VAL N 26 27.24 19.48 -64.52
CA VAL N 26 26.04 20.30 -64.63
C VAL N 26 24.88 19.37 -64.32
N ALA N 27 24.62 19.17 -63.03
CA ALA N 27 23.59 18.24 -62.62
C ALA N 27 22.21 18.80 -62.95
N ASN N 28 21.38 17.97 -63.57
CA ASN N 28 20.03 18.35 -63.98
C ASN N 28 20.07 19.58 -64.88
N GLY N 29 21.04 19.60 -65.80
CA GLY N 29 21.20 20.73 -66.70
C GLY N 29 20.50 20.50 -68.03
N LYS N 30 20.06 21.57 -68.65
CA LYS N 30 19.33 21.50 -69.91
C LYS N 30 20.26 21.83 -71.07
N ILE N 31 20.24 21.00 -72.10
CA ILE N 31 21.00 21.32 -73.32
C ILE N 31 20.03 21.38 -74.48
N TYR N 32 20.16 22.42 -75.30
CA TYR N 32 19.40 22.62 -76.51
C TYR N 32 20.33 22.54 -77.71
N ILE N 33 19.90 21.83 -78.74
CA ILE N 33 20.67 21.66 -79.96
C ILE N 33 19.87 22.28 -81.09
N GLY N 34 20.45 23.27 -81.76
CA GLY N 34 19.76 24.01 -82.79
C GLY N 34 20.55 24.17 -84.07
N GLN N 35 20.11 25.09 -84.93
CA GLN N 35 20.78 25.32 -86.20
C GLN N 35 22.07 26.11 -85.99
N ILE N 36 22.86 26.20 -87.05
CA ILE N 36 24.13 26.90 -86.97
C ILE N 36 23.88 28.39 -86.75
N ASP N 37 24.74 29.01 -85.92
CA ASP N 37 24.76 30.45 -85.73
C ASP N 37 23.40 30.99 -85.29
N THR N 38 22.69 30.21 -84.48
CA THR N 38 21.38 30.63 -83.97
C THR N 38 21.20 30.07 -82.58
N ASP N 39 20.33 30.71 -81.80
CA ASP N 39 20.08 30.24 -80.45
C ASP N 39 19.04 29.10 -80.47
N PRO N 40 19.30 28.00 -79.77
CA PRO N 40 18.40 26.85 -79.82
C PRO N 40 17.30 26.85 -78.77
N VAL N 41 17.22 27.88 -77.92
CA VAL N 41 16.20 27.90 -76.87
C VAL N 41 14.81 27.97 -77.50
N ASN N 42 14.68 28.73 -78.58
CA ASN N 42 13.42 28.81 -79.29
C ASN N 42 13.20 27.54 -80.10
N PRO N 43 12.08 26.85 -79.93
CA PRO N 43 11.87 25.60 -80.69
C PRO N 43 11.83 25.79 -82.20
N ALA N 44 11.71 27.03 -82.67
CA ALA N 44 11.74 27.28 -84.11
C ALA N 44 13.15 27.19 -84.67
N ASN N 45 14.17 27.18 -83.82
CA ASN N 45 15.56 27.08 -84.25
C ASN N 45 16.19 25.73 -83.93
N GLN N 46 15.40 24.76 -83.52
CA GLN N 46 15.93 23.48 -83.07
C GLN N 46 15.88 22.45 -84.19
N ILE N 47 16.64 21.38 -84.00
CA ILE N 47 16.74 20.30 -84.98
C ILE N 47 16.54 18.97 -84.28
N PRO N 48 16.07 17.93 -84.96
CA PRO N 48 15.89 16.63 -84.31
C PRO N 48 17.19 16.11 -83.73
N VAL N 49 17.10 15.50 -82.55
CA VAL N 49 18.21 14.80 -81.92
C VAL N 49 17.71 13.43 -81.49
N TYR N 50 18.32 12.39 -82.04
CA TYR N 50 17.88 11.03 -81.81
C TYR N 50 18.73 10.36 -80.74
N ILE N 51 18.22 9.26 -80.21
CA ILE N 51 19.02 8.34 -79.39
C ILE N 51 19.25 7.08 -80.21
N GLU N 52 20.50 6.65 -80.26
CA GLU N 52 20.85 5.47 -81.05
C GLU N 52 20.77 4.25 -80.14
N ASN N 53 19.81 3.38 -80.41
CA ASN N 53 19.57 2.21 -79.57
C ASN N 53 20.65 1.16 -79.80
N GLU N 54 20.55 0.05 -79.07
CA GLU N 54 21.46 -1.06 -79.29
C GLU N 54 21.25 -1.68 -80.66
N ASP N 55 19.99 -1.92 -81.03
CA ASP N 55 19.69 -2.56 -82.30
C ASP N 55 19.97 -1.68 -83.49
N GLY N 56 20.23 -0.39 -83.29
CA GLY N 56 20.52 0.53 -84.36
C GLY N 56 19.38 1.45 -84.74
N SER N 57 18.18 1.20 -84.24
CA SER N 57 17.07 2.09 -84.53
C SER N 57 17.30 3.45 -83.89
N HIS N 58 16.81 4.50 -84.54
CA HIS N 58 16.94 5.85 -84.05
C HIS N 58 15.57 6.36 -83.61
N VAL N 59 15.49 6.84 -82.37
CA VAL N 59 14.27 7.35 -81.80
C VAL N 59 14.51 8.80 -81.41
N GLN N 60 13.64 9.70 -81.87
CA GLN N 60 13.81 11.12 -81.61
C GLN N 60 13.11 11.51 -80.31
N ILE N 61 13.78 12.35 -79.53
CA ILE N 61 13.30 12.71 -78.20
C ILE N 61 13.05 14.21 -78.13
N THR N 62 12.53 14.68 -77.00
CA THR N 62 12.32 16.11 -76.80
C THR N 62 13.66 16.84 -76.72
N GLN N 63 13.60 18.15 -76.86
CA GLN N 63 14.83 18.88 -77.11
C GLN N 63 15.68 19.17 -75.87
N PRO N 64 15.12 19.67 -74.75
CA PRO N 64 15.99 19.93 -73.60
C PRO N 64 16.49 18.62 -73.02
N LEU N 65 17.74 18.28 -73.30
CA LEU N 65 18.30 17.02 -72.81
C LEU N 65 18.97 17.27 -71.47
N ILE N 66 18.92 16.25 -70.62
CA ILE N 66 19.22 16.38 -69.20
C ILE N 66 20.63 15.89 -68.92
N ILE N 67 21.44 16.74 -68.31
CA ILE N 67 22.75 16.37 -67.81
C ILE N 67 22.60 16.00 -66.33
N ASN N 68 23.03 14.79 -65.98
CA ASN N 68 22.84 14.25 -64.64
C ASN N 68 24.06 14.57 -63.78
N ALA N 69 24.14 13.93 -62.60
CA ALA N 69 25.19 14.24 -61.64
C ALA N 69 26.57 13.83 -62.12
N ALA N 70 26.67 13.01 -63.14
CA ALA N 70 27.95 12.59 -63.68
C ALA N 70 28.44 13.47 -64.79
N GLY N 71 27.65 14.46 -65.21
CA GLY N 71 28.00 15.29 -66.33
C GLY N 71 27.64 14.72 -67.69
N LYS N 72 26.86 13.65 -67.74
CA LYS N 72 26.49 13.01 -68.98
C LYS N 72 25.00 13.21 -69.26
N ILE N 73 24.60 12.83 -70.46
CA ILE N 73 23.20 12.94 -70.87
C ILE N 73 22.47 11.68 -70.44
N VAL N 74 21.23 11.85 -69.97
CA VAL N 74 20.38 10.75 -69.56
C VAL N 74 18.99 10.97 -70.14
N TYR N 75 18.24 9.88 -70.25
CA TYR N 75 16.87 9.95 -70.76
C TYR N 75 15.84 9.77 -69.66
N ASN N 76 15.88 8.66 -68.92
CA ASN N 76 15.07 8.45 -67.73
C ASN N 76 15.97 8.15 -66.55
N GLY N 77 17.04 8.91 -66.42
CA GLY N 77 18.12 8.57 -65.53
C GLY N 77 19.10 7.58 -66.12
N GLN N 78 18.83 7.09 -67.32
CA GLN N 78 19.64 6.08 -67.98
C GLN N 78 20.47 6.73 -69.07
N LEU N 79 21.72 6.30 -69.18
CA LEU N 79 22.65 6.91 -70.12
C LEU N 79 22.31 6.50 -71.54
N VAL N 80 22.23 7.49 -72.44
CA VAL N 80 21.89 7.28 -73.83
C VAL N 80 22.92 7.97 -74.69
N LYS N 81 23.01 7.54 -75.95
CA LYS N 81 23.87 8.19 -76.94
C LYS N 81 22.99 8.98 -77.91
N ILE N 82 23.33 10.25 -78.06
CA ILE N 82 22.55 11.20 -78.85
C ILE N 82 23.26 11.43 -80.17
N VAL N 83 22.50 11.43 -81.26
CA VAL N 83 23.01 11.60 -82.60
C VAL N 83 22.22 12.69 -83.29
N THR N 84 22.88 13.51 -84.10
CA THR N 84 22.22 14.58 -84.83
C THR N 84 22.94 14.78 -86.15
N VAL N 85 22.62 15.87 -86.85
CA VAL N 85 23.28 16.19 -88.12
C VAL N 85 24.60 16.88 -87.84
N GLN N 86 25.44 16.98 -88.87
CA GLN N 86 26.82 17.45 -88.68
C GLN N 86 26.87 18.82 -88.02
N GLY N 87 26.15 19.79 -88.58
CA GLY N 87 26.24 21.17 -88.13
C GLY N 87 25.09 21.50 -87.20
N HIS N 88 25.44 22.06 -86.05
CA HIS N 88 24.43 22.44 -85.07
C HIS N 88 25.06 23.39 -84.07
N SER N 89 24.20 24.09 -83.35
CA SER N 89 24.60 24.93 -82.23
C SER N 89 24.13 24.26 -80.94
N MET N 90 24.80 24.61 -79.85
CA MET N 90 24.61 23.92 -78.59
C MET N 90 24.54 24.93 -77.45
N ALA N 91 23.50 24.86 -76.65
CA ALA N 91 23.35 25.72 -75.47
C ALA N 91 23.23 24.86 -74.23
N ILE N 92 24.08 25.11 -73.24
CA ILE N 92 24.03 24.45 -71.94
C ILE N 92 23.53 25.48 -70.94
N TYR N 93 22.37 25.19 -70.35
CA TYR N 93 21.77 26.00 -69.30
C TYR N 93 21.74 25.18 -68.01
N ASP N 94 21.91 25.86 -66.90
CA ASP N 94 22.05 25.17 -65.63
C ASP N 94 20.69 24.69 -65.13
N ALA N 95 20.71 23.98 -63.99
CA ALA N 95 19.46 23.55 -63.38
C ALA N 95 18.69 24.73 -62.81
N ASN N 96 19.37 25.83 -62.52
CA ASN N 96 18.74 27.05 -62.03
C ASN N 96 18.33 28.00 -63.14
N GLY N 97 18.61 27.67 -64.39
CA GLY N 97 18.24 28.49 -65.52
C GLY N 97 19.30 29.44 -66.02
N SER N 98 20.49 29.45 -65.43
CA SER N 98 21.53 30.35 -65.89
C SER N 98 22.23 29.78 -67.11
N GLN N 99 22.95 30.65 -67.81
CA GLN N 99 23.66 30.28 -69.03
C GLN N 99 25.02 29.70 -68.67
N VAL N 100 25.24 28.44 -68.99
CA VAL N 100 26.54 27.82 -68.72
C VAL N 100 27.44 27.90 -69.95
N ASP N 101 26.92 27.56 -71.13
CA ASP N 101 27.76 27.54 -72.31
C ASP N 101 26.94 27.77 -73.56
N TYR N 102 27.59 28.33 -74.58
CA TYR N 102 26.99 28.52 -75.89
C TYR N 102 28.04 28.25 -76.95
N ILE N 103 27.67 27.50 -77.99
CA ILE N 103 28.57 27.13 -79.08
C ILE N 103 27.78 27.25 -80.37
N ALA N 104 28.11 28.25 -81.19
CA ALA N 104 27.30 28.53 -82.37
C ALA N 104 27.49 27.48 -83.45
N ASN N 105 28.73 27.03 -83.66
CA ASN N 105 29.03 26.01 -84.67
C ASN N 105 29.97 25.01 -84.04
N VAL N 106 29.47 23.81 -83.75
CA VAL N 106 30.30 22.80 -83.11
C VAL N 106 31.42 22.35 -84.03
N LEU N 107 31.22 22.41 -85.34
CA LEU N 107 32.28 22.04 -86.28
C LEU N 107 33.44 23.02 -86.24
N LYS N 108 33.27 24.18 -85.63
CA LYS N 108 34.34 25.18 -85.55
C LYS N 108 35.36 24.84 -84.47
N TYR N 109 35.07 23.88 -83.60
CA TYR N 109 35.95 23.54 -82.49
C TYR N 109 36.82 22.31 -82.73
N ASP N 110 36.82 21.76 -83.94
CA ASP N 110 37.68 20.62 -84.22
C ASP N 110 39.14 21.04 -84.17
N PRO N 111 40.04 20.14 -83.76
CA PRO N 111 41.45 20.51 -83.69
C PRO N 111 42.05 20.92 -85.02
N ASP N 112 41.59 20.34 -86.14
CA ASP N 112 42.14 20.64 -87.46
C ASP N 112 41.06 21.33 -88.28
N GLN N 113 41.09 22.65 -88.32
CA GLN N 113 40.12 23.41 -89.09
C GLN N 113 40.45 23.49 -90.57
N TYR N 114 41.66 23.05 -90.97
CA TYR N 114 42.00 23.06 -92.39
C TYR N 114 41.18 22.05 -93.17
N SER N 115 40.90 20.89 -92.57
CA SER N 115 40.36 19.77 -93.32
C SER N 115 39.16 20.16 -94.18
N ILE N 116 38.30 21.05 -93.67
CA ILE N 116 37.08 21.37 -94.39
C ILE N 116 37.40 22.09 -95.70
N GLU N 117 38.26 23.11 -95.69
CA GLU N 117 38.60 23.75 -96.96
C GLU N 117 39.48 22.85 -97.82
N ALA N 118 40.42 22.12 -97.19
CA ALA N 118 41.29 21.23 -97.95
C ALA N 118 40.51 20.12 -98.62
N ASP N 119 39.24 19.97 -98.25
CA ASP N 119 38.38 19.00 -98.95
C ASP N 119 37.58 19.78 -99.96
N LYS N 120 37.02 20.92 -99.57
CA LYS N 120 36.10 21.64 -100.48
C LYS N 120 36.81 22.12 -101.76
N LYS N 121 38.09 22.49 -101.70
CA LYS N 121 38.72 23.12 -102.86
C LYS N 121 39.65 22.19 -103.62
N PHE N 122 39.71 20.91 -103.26
CA PHE N 122 40.59 19.95 -103.92
C PHE N 122 39.78 18.88 -104.61
N LYS N 123 40.45 18.09 -105.45
CA LYS N 123 39.79 17.03 -106.20
C LYS N 123 40.14 15.67 -105.65
N TYR N 124 39.11 14.83 -105.51
CA TYR N 124 39.24 13.49 -104.96
C TYR N 124 39.64 12.50 -106.04
N THR O 5 44.09 33.22 -91.32
CA THR O 5 42.85 32.65 -90.85
C THR O 5 43.11 31.45 -89.94
N ALA O 6 42.10 31.07 -89.17
CA ALA O 6 42.26 30.01 -88.18
C ALA O 6 42.43 28.67 -88.86
N ASN O 7 43.47 27.95 -88.47
CA ASN O 7 43.78 26.64 -89.05
C ASN O 7 43.82 25.55 -88.01
N VAL O 8 44.42 25.80 -86.85
CA VAL O 8 44.51 24.82 -85.77
C VAL O 8 43.91 25.45 -84.52
N VAL O 9 43.01 24.71 -83.86
CA VAL O 9 42.35 25.17 -82.65
C VAL O 9 43.05 24.53 -81.46
N VAL O 10 43.36 25.36 -80.45
CA VAL O 10 43.96 24.84 -79.23
C VAL O 10 42.92 24.03 -78.47
N SER O 11 43.29 22.80 -78.08
CA SER O 11 42.35 21.89 -77.46
C SER O 11 43.12 20.88 -76.62
N ASN O 12 42.39 20.18 -75.76
CA ASN O 12 42.97 19.10 -74.98
C ASN O 12 42.81 17.79 -75.71
N PRO O 13 43.88 17.05 -75.97
CA PRO O 13 43.76 15.78 -76.71
C PRO O 13 43.43 14.58 -75.84
N ARG O 14 43.82 14.62 -74.57
CA ARG O 14 43.72 13.45 -73.71
C ARG O 14 42.26 13.22 -73.32
N PRO O 15 41.70 12.04 -73.59
CA PRO O 15 40.35 11.74 -73.09
C PRO O 15 40.37 11.38 -71.62
N ILE O 16 39.24 11.64 -70.96
CA ILE O 16 39.06 11.38 -69.54
C ILE O 16 37.88 10.43 -69.39
N PHE O 17 38.06 9.39 -68.58
CA PHE O 17 37.00 8.42 -68.30
C PHE O 17 36.55 8.60 -66.86
N THR O 18 35.25 8.83 -66.67
CA THR O 18 34.66 9.02 -65.35
C THR O 18 33.62 7.93 -65.08
N GLU O 19 33.06 7.96 -63.88
CA GLU O 19 32.03 7.00 -63.49
C GLU O 19 30.74 7.28 -64.24
N SER O 20 29.72 6.47 -63.96
CA SER O 20 28.46 6.56 -64.68
C SER O 20 27.39 7.36 -63.95
N ARG O 21 27.55 7.58 -62.65
CA ARG O 21 26.59 8.36 -61.87
C ARG O 21 27.20 9.48 -61.06
N SER O 22 28.50 9.46 -60.81
CA SER O 22 29.15 10.47 -59.99
C SER O 22 30.32 11.06 -60.74
N PHE O 23 30.61 12.33 -60.44
CA PHE O 23 31.69 13.04 -61.12
C PHE O 23 33.05 12.67 -60.51
N LYS O 24 33.40 11.40 -60.65
CA LYS O 24 34.69 10.91 -60.22
C LYS O 24 35.26 10.03 -61.32
N ALA O 25 36.57 10.06 -61.49
CA ALA O 25 37.20 9.29 -62.54
C ALA O 25 37.17 7.82 -62.20
N VAL O 26 37.17 6.98 -63.23
CA VAL O 26 37.29 5.55 -63.02
C VAL O 26 38.77 5.28 -62.84
N ALA O 27 39.26 5.44 -61.62
CA ALA O 27 40.68 5.28 -61.37
C ALA O 27 41.05 3.81 -61.47
N ASN O 28 42.10 3.52 -62.25
CA ASN O 28 42.70 2.18 -62.31
C ASN O 28 41.68 1.10 -62.67
N GLY O 29 40.69 1.47 -63.49
CA GLY O 29 39.82 0.50 -64.12
C GLY O 29 40.38 -0.02 -65.41
N LYS O 30 39.62 -0.89 -66.06
CA LYS O 30 40.07 -1.60 -67.24
C LYS O 30 39.11 -1.38 -68.40
N ILE O 31 39.68 -1.17 -69.58
CA ILE O 31 38.93 -0.94 -70.80
C ILE O 31 39.17 -2.11 -71.74
N TYR O 32 38.09 -2.70 -72.25
CA TYR O 32 38.15 -3.70 -73.30
C TYR O 32 37.41 -3.14 -74.50
N ILE O 33 37.98 -3.28 -75.69
CA ILE O 33 37.29 -2.90 -76.91
C ILE O 33 37.27 -4.12 -77.82
N GLY O 34 36.11 -4.34 -78.45
CA GLY O 34 35.95 -5.53 -79.31
C GLY O 34 35.01 -5.25 -80.46
N GLN O 35 34.44 -6.30 -81.05
CA GLN O 35 33.57 -6.09 -82.24
C GLN O 35 32.29 -5.38 -81.81
N ILE O 36 31.58 -4.74 -82.74
CA ILE O 36 30.38 -3.94 -82.35
C ILE O 36 29.28 -4.89 -81.86
N ASP O 37 28.52 -4.46 -80.85
CA ASP O 37 27.38 -5.26 -80.35
C ASP O 37 27.85 -6.64 -79.86
N THR O 38 28.93 -6.71 -79.08
CA THR O 38 29.40 -8.00 -78.52
C THR O 38 29.89 -7.83 -77.09
N ASP O 39 30.36 -8.90 -76.45
CA ASP O 39 30.97 -8.82 -75.10
C ASP O 39 32.47 -8.68 -75.31
N PRO O 40 33.06 -7.48 -75.27
CA PRO O 40 34.49 -7.32 -75.58
C PRO O 40 35.41 -7.98 -74.58
N VAL O 41 34.90 -8.59 -73.52
CA VAL O 41 35.77 -9.32 -72.60
C VAL O 41 36.19 -10.65 -73.19
N ASN O 42 35.56 -11.07 -74.29
CA ASN O 42 35.93 -12.31 -74.94
C ASN O 42 37.17 -12.11 -75.81
N PRO O 43 38.24 -12.88 -75.61
CA PRO O 43 39.40 -12.75 -76.49
C PRO O 43 39.10 -13.00 -77.95
N ALA O 44 38.13 -13.86 -78.26
CA ALA O 44 37.69 -14.06 -79.62
C ALA O 44 36.91 -12.87 -80.16
N ASN O 45 36.56 -11.92 -79.30
CA ASN O 45 35.84 -10.73 -79.73
C ASN O 45 36.69 -9.47 -79.67
N GLN O 46 37.84 -9.52 -78.99
CA GLN O 46 38.70 -8.36 -78.83
C GLN O 46 39.39 -8.03 -80.16
N ILE O 47 39.70 -6.74 -80.36
CA ILE O 47 40.35 -6.30 -81.58
C ILE O 47 41.61 -5.50 -81.25
N PRO O 48 42.59 -5.43 -82.16
CA PRO O 48 43.89 -4.86 -81.79
C PRO O 48 43.81 -3.38 -81.45
N VAL O 49 44.78 -2.94 -80.64
CA VAL O 49 44.93 -1.55 -80.24
C VAL O 49 46.37 -1.15 -80.51
N TYR O 50 46.60 0.17 -80.63
CA TYR O 50 47.95 0.65 -80.87
C TYR O 50 48.20 1.96 -80.16
N ILE O 51 49.36 2.09 -79.52
CA ILE O 51 49.81 3.38 -79.03
C ILE O 51 50.38 4.17 -80.19
N GLU O 52 49.92 5.41 -80.33
CA GLU O 52 50.46 6.37 -81.29
C GLU O 52 51.44 7.27 -80.55
N ASN O 53 52.74 7.09 -80.85
CA ASN O 53 53.78 7.84 -80.17
C ASN O 53 53.93 9.23 -80.78
N GLU O 54 55.02 9.92 -80.43
CA GLU O 54 55.27 11.24 -80.98
C GLU O 54 55.69 11.20 -82.44
N ASP O 55 55.99 10.02 -82.98
CA ASP O 55 56.34 9.88 -84.38
C ASP O 55 55.37 8.96 -85.13
N GLY O 56 54.20 8.69 -84.58
CA GLY O 56 53.27 7.77 -85.22
C GLY O 56 53.79 6.36 -85.31
N SER O 57 54.40 5.85 -84.24
CA SER O 57 54.97 4.50 -84.28
C SER O 57 53.90 3.44 -84.41
N HIS O 58 52.77 3.60 -83.72
CA HIS O 58 51.64 2.67 -83.79
C HIS O 58 52.06 1.27 -83.33
N VAL O 59 52.42 1.19 -82.05
CA VAL O 59 52.91 -0.06 -81.45
C VAL O 59 51.75 -0.78 -80.78
N GLN O 60 51.60 -2.07 -81.07
CA GLN O 60 50.45 -2.85 -80.61
C GLN O 60 50.73 -3.51 -79.27
N ILE O 61 49.75 -3.43 -78.37
CA ILE O 61 49.88 -3.89 -76.99
C ILE O 61 48.72 -4.83 -76.67
N THR O 62 48.77 -5.39 -75.46
CA THR O 62 47.69 -6.24 -74.98
C THR O 62 46.43 -5.40 -74.71
N GLN O 63 45.29 -6.07 -74.75
CA GLN O 63 44.02 -5.36 -74.86
C GLN O 63 43.57 -4.63 -73.59
N PRO O 64 43.56 -5.26 -72.40
CA PRO O 64 43.04 -4.53 -71.22
C PRO O 64 43.78 -3.23 -70.98
N LEU O 65 43.11 -2.11 -71.18
CA LEU O 65 43.73 -0.79 -71.06
C LEU O 65 43.53 -0.28 -69.65
N ILE O 66 44.60 0.04 -68.96
CA ILE O 66 44.55 0.41 -67.56
C ILE O 66 44.42 1.93 -67.45
N ILE O 67 43.36 2.38 -66.82
CA ILE O 67 43.13 3.80 -66.65
C ILE O 67 43.96 4.31 -65.49
N ASN O 68 44.39 5.56 -65.56
CA ASN O 68 45.15 6.19 -64.50
C ASN O 68 44.22 6.58 -63.35
N ALA O 69 44.82 6.95 -62.23
CA ALA O 69 44.06 7.50 -61.11
C ALA O 69 43.41 8.83 -61.43
N ALA O 70 43.79 9.46 -62.54
CA ALA O 70 43.20 10.71 -62.99
C ALA O 70 42.28 10.53 -64.19
N GLY O 71 41.82 9.31 -64.45
CA GLY O 71 40.87 9.06 -65.50
C GLY O 71 41.44 8.98 -66.90
N LYS O 72 42.75 9.07 -67.05
CA LYS O 72 43.39 8.94 -68.35
C LYS O 72 43.98 7.55 -68.52
N ILE O 73 44.30 7.21 -69.76
CA ILE O 73 44.85 5.90 -70.07
C ILE O 73 46.38 5.99 -70.01
N VAL O 74 47.00 4.99 -69.40
CA VAL O 74 48.46 4.95 -69.27
C VAL O 74 49.00 3.62 -69.75
N TYR O 75 50.25 3.65 -70.17
CA TYR O 75 51.04 2.45 -70.43
C TYR O 75 52.43 2.71 -69.89
N ASN O 76 52.97 1.74 -69.15
CA ASN O 76 54.24 1.91 -68.44
C ASN O 76 54.22 3.13 -67.53
N GLY O 77 53.06 3.45 -66.96
CA GLY O 77 52.97 4.61 -66.11
C GLY O 77 53.05 5.94 -66.83
N GLN O 78 52.92 5.95 -68.15
CA GLN O 78 52.97 7.16 -68.94
C GLN O 78 51.68 7.30 -69.72
N LEU O 79 51.16 8.52 -69.82
CA LEU O 79 49.97 8.76 -70.61
C LEU O 79 50.25 8.40 -72.06
N VAL O 80 49.28 7.74 -72.71
CA VAL O 80 49.43 7.31 -74.08
C VAL O 80 48.14 7.59 -74.84
N LYS O 81 48.23 7.54 -76.16
CA LYS O 81 47.08 7.66 -77.04
C LYS O 81 46.86 6.33 -77.74
N ILE O 82 45.65 5.79 -77.62
CA ILE O 82 45.31 4.47 -78.15
C ILE O 82 44.43 4.66 -79.36
N VAL O 83 44.69 3.89 -80.41
CA VAL O 83 44.01 3.99 -81.69
C VAL O 83 43.65 2.59 -82.17
N THR O 84 42.51 2.48 -82.83
CA THR O 84 41.98 1.20 -83.27
C THR O 84 41.67 1.26 -84.76
N VAL O 85 41.67 0.09 -85.40
CA VAL O 85 41.45 0.03 -86.83
C VAL O 85 40.00 0.28 -87.21
N GLN O 86 39.04 -0.23 -86.44
CA GLN O 86 37.64 -0.21 -86.86
C GLN O 86 36.78 0.32 -85.73
N GLY O 87 35.47 0.41 -85.99
CA GLY O 87 34.53 0.72 -84.94
C GLY O 87 34.40 -0.42 -83.95
N HIS O 88 34.02 -0.08 -82.72
CA HIS O 88 34.19 -1.04 -81.64
C HIS O 88 33.11 -0.88 -80.59
N SER O 89 32.95 -1.92 -79.78
CA SER O 89 32.13 -1.90 -78.59
C SER O 89 33.05 -1.88 -77.38
N MET O 90 32.74 -1.01 -76.43
CA MET O 90 33.61 -0.77 -75.29
C MET O 90 32.97 -1.29 -74.01
N ALA O 91 33.79 -1.87 -73.15
CA ALA O 91 33.39 -2.24 -71.79
C ALA O 91 34.40 -1.65 -70.82
N ILE O 92 33.91 -0.83 -69.89
CA ILE O 92 34.74 -0.20 -68.87
C ILE O 92 34.35 -0.78 -67.53
N TYR O 93 35.34 -1.35 -66.84
CA TYR O 93 35.16 -1.99 -65.54
C TYR O 93 35.93 -1.20 -64.50
N ASP O 94 35.38 -1.14 -63.29
CA ASP O 94 35.99 -0.37 -62.22
C ASP O 94 37.16 -1.13 -61.62
N ALA O 95 37.82 -0.50 -60.64
CA ALA O 95 38.93 -1.15 -59.95
C ALA O 95 38.46 -2.39 -59.19
N ASN O 96 37.30 -2.31 -58.55
CA ASN O 96 36.78 -3.47 -57.83
C ASN O 96 36.43 -4.59 -58.80
N GLY O 97 35.85 -4.25 -59.94
CA GLY O 97 35.46 -5.25 -60.92
C GLY O 97 34.06 -5.04 -61.44
N SER O 98 33.37 -4.04 -60.89
CA SER O 98 31.99 -3.76 -61.27
C SER O 98 31.94 -3.15 -62.65
N GLN O 99 30.93 -3.51 -63.42
CA GLN O 99 30.80 -3.01 -64.79
C GLN O 99 30.42 -1.54 -64.73
N VAL O 100 31.41 -0.67 -64.89
CA VAL O 100 31.13 0.77 -64.89
C VAL O 100 30.22 1.13 -66.04
N ASP O 101 30.52 0.62 -67.24
CA ASP O 101 29.73 1.01 -68.39
C ASP O 101 30.00 0.03 -69.52
N TYR O 102 29.02 -0.08 -70.43
CA TYR O 102 29.16 -0.88 -71.64
C TYR O 102 28.45 -0.17 -72.78
N ILE O 103 29.15 0.05 -73.88
CA ILE O 103 28.65 0.81 -75.02
C ILE O 103 28.79 -0.05 -76.27
N ALA O 104 27.70 -0.18 -77.01
CA ALA O 104 27.67 -1.11 -78.14
C ALA O 104 28.39 -0.56 -79.36
N ASN O 105 28.28 0.74 -79.61
CA ASN O 105 28.83 1.33 -80.82
C ASN O 105 29.49 2.67 -80.48
N VAL O 106 30.78 2.79 -80.78
CA VAL O 106 31.49 4.05 -80.58
C VAL O 106 32.53 4.17 -81.69
N LEU O 107 32.60 5.34 -82.32
CA LEU O 107 33.49 5.54 -83.46
C LEU O 107 33.78 7.04 -83.56
N LYS O 108 34.99 7.42 -83.17
CA LYS O 108 35.48 8.78 -83.33
C LYS O 108 36.79 8.72 -84.08
N TYR O 109 36.88 9.44 -85.19
CA TYR O 109 38.06 9.34 -86.03
C TYR O 109 39.21 10.14 -85.45
N ASP O 110 40.42 9.75 -85.84
CA ASP O 110 41.61 10.47 -85.43
C ASP O 110 41.60 11.86 -86.05
N PRO O 111 41.77 12.91 -85.26
CA PRO O 111 41.72 14.27 -85.80
C PRO O 111 43.05 14.82 -86.32
N ASP O 112 44.14 14.08 -86.16
CA ASP O 112 45.46 14.56 -86.53
C ASP O 112 45.88 13.99 -87.88
N GLN O 113 47.16 14.22 -88.23
CA GLN O 113 47.81 13.61 -89.39
C GLN O 113 46.96 13.69 -90.65
N TYR O 114 46.37 14.85 -90.89
CA TYR O 114 45.56 15.01 -92.14
C TYR O 114 46.49 14.98 -93.35
N SER O 115 47.77 15.34 -93.20
CA SER O 115 48.64 15.38 -94.37
C SER O 115 48.69 14.02 -95.06
N ILE O 116 48.83 12.95 -94.27
CA ILE O 116 48.91 11.62 -94.86
C ILE O 116 47.59 11.24 -95.52
N GLU O 117 46.47 11.57 -94.87
CA GLU O 117 45.17 11.26 -95.44
C GLU O 117 44.94 12.04 -96.74
N ALA O 118 45.35 13.31 -96.77
CA ALA O 118 45.24 14.09 -98.00
C ALA O 118 46.11 13.50 -99.10
N ASP O 119 47.34 13.11 -98.76
CA ASP O 119 48.24 12.53 -99.75
C ASP O 119 47.69 11.24 -100.33
N LYS O 120 47.06 10.41 -99.50
CA LYS O 120 46.48 9.17 -100.00
C LYS O 120 45.19 9.42 -100.77
N LYS O 121 44.40 10.42 -100.36
CA LYS O 121 43.05 10.60 -100.88
C LYS O 121 42.98 11.46 -102.13
N PHE O 122 43.90 12.40 -102.29
CA PHE O 122 43.82 13.36 -103.39
C PHE O 122 44.71 12.91 -104.53
N LYS O 123 44.41 13.40 -105.73
CA LYS O 123 45.22 13.17 -106.93
C LYS O 123 46.00 14.43 -107.28
N TYR O 124 47.28 14.24 -107.58
CA TYR O 124 48.26 15.30 -107.68
C TYR O 124 47.97 16.23 -108.83
N THR P 5 -53.71 -59.65 -41.40
CA THR P 5 -54.00 -61.08 -41.32
C THR P 5 -54.40 -61.48 -39.90
N ALA P 6 -55.46 -60.87 -39.40
CA ALA P 6 -55.96 -61.14 -38.06
C ALA P 6 -57.34 -60.53 -37.91
N ASN P 7 -58.06 -60.95 -36.87
CA ASN P 7 -59.44 -60.53 -36.70
C ASN P 7 -59.82 -60.14 -35.28
N VAL P 8 -58.90 -60.17 -34.33
CA VAL P 8 -59.23 -59.82 -32.95
C VAL P 8 -58.17 -58.88 -32.40
N VAL P 9 -58.60 -57.78 -31.81
CA VAL P 9 -57.69 -56.87 -31.12
C VAL P 9 -57.32 -57.48 -29.78
N VAL P 10 -56.03 -57.47 -29.45
CA VAL P 10 -55.60 -57.97 -28.16
C VAL P 10 -56.08 -57.02 -27.07
N SER P 11 -56.86 -57.55 -26.12
CA SER P 11 -57.46 -56.75 -25.07
C SER P 11 -57.07 -57.33 -23.71
N ASN P 12 -57.62 -56.75 -22.66
CA ASN P 12 -57.42 -57.27 -21.32
C ASN P 12 -58.68 -58.03 -20.92
N PRO P 13 -58.64 -59.35 -20.83
CA PRO P 13 -59.86 -60.09 -20.49
C PRO P 13 -60.26 -59.94 -19.03
N ARG P 14 -59.31 -59.80 -18.13
CA ARG P 14 -59.62 -59.77 -16.71
C ARG P 14 -60.35 -58.48 -16.33
N PRO P 15 -61.53 -58.55 -15.74
CA PRO P 15 -62.27 -57.32 -15.42
C PRO P 15 -61.59 -56.53 -14.31
N ILE P 16 -61.80 -55.21 -14.35
CA ILE P 16 -61.41 -54.33 -13.26
C ILE P 16 -62.62 -53.50 -12.87
N PHE P 17 -62.75 -53.22 -11.58
CA PHE P 17 -63.92 -52.52 -11.03
C PHE P 17 -63.47 -51.23 -10.37
N THR P 18 -63.81 -50.10 -10.97
CA THR P 18 -63.47 -48.79 -10.47
C THR P 18 -64.74 -48.07 -10.03
N GLU P 19 -64.57 -46.86 -9.50
CA GLU P 19 -65.69 -46.08 -9.02
C GLU P 19 -66.43 -45.42 -10.19
N SER P 20 -67.54 -44.76 -9.86
CA SER P 20 -68.35 -44.10 -10.86
C SER P 20 -68.06 -42.62 -11.00
N ARG P 21 -67.71 -41.94 -9.91
CA ARG P 21 -67.45 -40.50 -9.97
C ARG P 21 -65.98 -40.15 -9.78
N SER P 22 -65.11 -41.10 -9.47
CA SER P 22 -63.70 -40.82 -9.28
C SER P 22 -62.89 -41.96 -9.88
N PHE P 23 -61.65 -41.65 -10.24
CA PHE P 23 -60.79 -42.63 -10.90
C PHE P 23 -59.95 -43.35 -9.85
N LYS P 24 -60.60 -44.26 -9.14
CA LYS P 24 -59.89 -45.15 -8.23
C LYS P 24 -60.59 -46.50 -8.22
N ALA P 25 -59.84 -47.52 -7.84
CA ALA P 25 -60.39 -48.86 -7.77
C ALA P 25 -61.32 -48.99 -6.57
N VAL P 26 -62.23 -49.95 -6.65
CA VAL P 26 -63.15 -50.24 -5.54
C VAL P 26 -62.40 -51.24 -4.65
N ALA P 27 -61.55 -50.70 -3.78
CA ALA P 27 -60.76 -51.55 -2.91
C ALA P 27 -61.62 -52.15 -1.81
N ASN P 28 -61.29 -53.37 -1.41
CA ASN P 28 -61.99 -54.10 -0.35
C ASN P 28 -63.47 -54.30 -0.67
N GLY P 29 -63.88 -53.93 -1.87
CA GLY P 29 -65.29 -53.82 -2.18
C GLY P 29 -65.99 -55.15 -2.27
N LYS P 30 -67.31 -55.06 -2.38
CA LYS P 30 -68.19 -56.23 -2.42
C LYS P 30 -68.92 -56.29 -3.75
N ILE P 31 -68.94 -57.48 -4.35
CA ILE P 31 -69.76 -57.78 -5.51
C ILE P 31 -70.91 -58.66 -5.07
N TYR P 32 -72.13 -58.28 -5.43
CA TYR P 32 -73.33 -59.03 -5.12
C TYR P 32 -73.99 -59.47 -6.42
N ILE P 33 -74.46 -60.71 -6.46
CA ILE P 33 -75.03 -61.32 -7.65
C ILE P 33 -76.42 -61.84 -7.30
N GLY P 34 -77.40 -61.51 -8.13
CA GLY P 34 -78.77 -61.93 -7.91
C GLY P 34 -79.51 -62.28 -9.19
N GLN P 35 -80.81 -62.47 -9.14
CA GLN P 35 -81.54 -62.79 -10.36
C GLN P 35 -81.81 -61.52 -11.17
N ILE P 36 -82.39 -61.72 -12.35
CA ILE P 36 -82.62 -60.61 -13.27
C ILE P 36 -83.65 -59.65 -12.69
N ASP P 37 -83.29 -58.37 -12.65
CA ASP P 37 -84.15 -57.32 -12.09
C ASP P 37 -84.56 -57.67 -10.66
N THR P 38 -83.59 -58.08 -9.85
CA THR P 38 -83.78 -58.33 -8.43
C THR P 38 -82.72 -57.54 -7.66
N ASP P 39 -82.85 -57.52 -6.33
CA ASP P 39 -81.88 -56.81 -5.52
C ASP P 39 -80.86 -57.82 -5.00
N PRO P 40 -79.63 -57.84 -5.52
CA PRO P 40 -78.70 -58.92 -5.20
C PRO P 40 -78.19 -58.90 -3.77
N VAL P 41 -78.35 -57.79 -3.05
CA VAL P 41 -77.88 -57.72 -1.67
C VAL P 41 -78.61 -58.73 -0.82
N ASN P 42 -79.89 -58.96 -1.11
CA ASN P 42 -80.70 -59.86 -0.29
C ASN P 42 -80.17 -61.28 -0.39
N PRO P 43 -79.82 -61.91 0.73
CA PRO P 43 -79.28 -63.28 0.66
C PRO P 43 -80.21 -64.27 -0.01
N ALA P 44 -81.52 -64.17 0.24
CA ALA P 44 -82.46 -65.05 -0.45
C ALA P 44 -82.55 -64.74 -1.93
N ASN P 45 -82.18 -63.53 -2.33
CA ASN P 45 -82.14 -63.13 -3.73
C ASN P 45 -80.80 -63.43 -4.38
N GLN P 46 -79.81 -63.87 -3.61
CA GLN P 46 -78.56 -64.26 -4.22
C GLN P 46 -78.72 -65.58 -4.97
N ILE P 47 -77.78 -65.85 -5.88
CA ILE P 47 -77.82 -67.07 -6.68
C ILE P 47 -76.49 -67.79 -6.52
N PRO P 48 -76.44 -69.08 -6.85
CA PRO P 48 -75.16 -69.80 -6.78
C PRO P 48 -74.11 -69.19 -7.72
N VAL P 49 -72.87 -69.15 -7.23
CA VAL P 49 -71.77 -68.49 -7.93
C VAL P 49 -70.56 -69.41 -7.89
N TYR P 50 -69.97 -69.68 -9.07
CA TYR P 50 -68.84 -70.59 -9.18
C TYR P 50 -67.61 -69.81 -9.65
N ILE P 51 -66.44 -70.42 -9.52
CA ILE P 51 -65.22 -69.89 -10.11
C ILE P 51 -64.65 -70.95 -11.04
N GLU P 52 -64.05 -70.50 -12.14
CA GLU P 52 -63.57 -71.38 -13.19
C GLU P 52 -62.05 -71.39 -13.18
N ASN P 53 -61.48 -72.53 -12.78
CA ASN P 53 -60.03 -72.63 -12.75
C ASN P 53 -59.47 -72.67 -14.17
N GLU P 54 -58.15 -72.67 -14.27
CA GLU P 54 -57.50 -72.70 -15.58
C GLU P 54 -57.87 -73.96 -16.34
N ASP P 55 -57.85 -75.11 -15.67
CA ASP P 55 -58.19 -76.37 -16.31
C ASP P 55 -59.69 -76.51 -16.57
N GLY P 56 -60.51 -75.61 -16.04
CA GLY P 56 -61.93 -75.63 -16.29
C GLY P 56 -62.77 -76.24 -15.19
N SER P 57 -62.17 -76.64 -14.09
CA SER P 57 -62.95 -77.20 -12.98
C SER P 57 -63.58 -76.07 -12.18
N HIS P 58 -64.91 -76.13 -12.05
CA HIS P 58 -65.64 -75.12 -11.29
C HIS P 58 -65.72 -75.52 -9.83
N VAL P 59 -65.71 -74.52 -8.95
CA VAL P 59 -65.97 -74.74 -7.53
C VAL P 59 -66.93 -73.67 -7.04
N GLN P 60 -67.76 -74.03 -6.06
CA GLN P 60 -68.69 -73.10 -5.46
C GLN P 60 -68.02 -72.27 -4.37
N ILE P 61 -68.40 -70.99 -4.29
CA ILE P 61 -67.94 -70.11 -3.23
C ILE P 61 -69.11 -69.23 -2.77
N THR P 62 -68.89 -68.51 -1.68
CA THR P 62 -69.93 -67.67 -1.11
C THR P 62 -70.24 -66.49 -2.01
N GLN P 63 -71.36 -65.82 -1.73
CA GLN P 63 -71.85 -64.80 -2.66
C GLN P 63 -71.09 -63.49 -2.57
N PRO P 64 -70.92 -62.85 -1.39
CA PRO P 64 -70.23 -61.56 -1.38
C PRO P 64 -68.81 -61.69 -1.87
N LEU P 65 -68.52 -61.16 -3.05
CA LEU P 65 -67.23 -61.35 -3.69
C LEU P 65 -66.31 -60.21 -3.31
N ILE P 66 -65.09 -60.54 -2.88
CA ILE P 66 -64.14 -59.53 -2.43
C ILE P 66 -63.41 -58.96 -3.63
N ILE P 67 -63.36 -57.63 -3.71
CA ILE P 67 -62.59 -56.91 -4.71
C ILE P 67 -61.42 -56.24 -4.01
N ASN P 68 -60.20 -56.64 -4.35
CA ASN P 68 -59.01 -56.20 -3.65
C ASN P 68 -58.64 -54.77 -4.05
N ALA P 69 -57.46 -54.33 -3.65
CA ALA P 69 -57.06 -52.93 -3.88
C ALA P 69 -56.93 -52.61 -5.36
N ALA P 70 -56.57 -53.60 -6.18
CA ALA P 70 -56.37 -53.37 -7.59
C ALA P 70 -57.66 -53.31 -8.37
N GLY P 71 -58.80 -53.51 -7.71
CA GLY P 71 -60.07 -53.52 -8.41
C GLY P 71 -60.36 -54.82 -9.12
N LYS P 72 -59.83 -55.95 -8.62
CA LYS P 72 -60.02 -57.25 -9.24
C LYS P 72 -60.56 -58.22 -8.22
N ILE P 73 -61.29 -59.23 -8.70
CA ILE P 73 -61.89 -60.22 -7.82
C ILE P 73 -60.84 -61.23 -7.39
N VAL P 74 -60.71 -61.43 -6.09
CA VAL P 74 -59.82 -62.43 -5.52
C VAL P 74 -60.61 -63.25 -4.50
N TYR P 75 -60.42 -64.57 -4.52
CA TYR P 75 -61.04 -65.41 -3.51
C TYR P 75 -60.06 -65.85 -2.42
N ASN P 76 -59.06 -66.64 -2.77
CA ASN P 76 -58.04 -67.06 -1.80
C ASN P 76 -56.79 -66.21 -1.93
N GLY P 77 -56.93 -64.90 -1.90
CA GLY P 77 -55.80 -64.05 -2.24
C GLY P 77 -55.24 -64.34 -3.61
N GLN P 78 -56.10 -64.67 -4.58
CA GLN P 78 -55.68 -65.02 -5.93
C GLN P 78 -56.76 -64.60 -6.90
N LEU P 79 -56.35 -64.06 -8.04
CA LEU P 79 -57.31 -63.64 -9.06
C LEU P 79 -58.10 -64.84 -9.55
N VAL P 80 -59.42 -64.68 -9.66
CA VAL P 80 -60.30 -65.76 -10.08
C VAL P 80 -61.33 -65.25 -11.08
N LYS P 81 -61.59 -66.08 -12.08
CA LYS P 81 -62.70 -65.84 -13.00
C LYS P 81 -63.97 -66.47 -12.42
N ILE P 82 -65.05 -65.70 -12.41
CA ILE P 82 -66.29 -66.08 -11.74
C ILE P 82 -67.37 -66.30 -12.79
N VAL P 83 -68.17 -67.36 -12.60
CA VAL P 83 -69.22 -67.73 -13.53
C VAL P 83 -70.53 -67.96 -12.78
N THR P 84 -71.62 -67.78 -13.52
CA THR P 84 -72.96 -68.11 -13.06
C THR P 84 -73.69 -68.87 -14.16
N VAL P 85 -74.41 -69.91 -13.78
CA VAL P 85 -75.11 -70.73 -14.77
C VAL P 85 -76.27 -69.97 -15.40
N GLN P 86 -76.82 -69.00 -14.70
CA GLN P 86 -77.97 -68.24 -15.16
C GLN P 86 -77.63 -66.76 -15.21
N GLY P 87 -78.31 -66.04 -16.10
CA GLY P 87 -78.13 -64.59 -16.16
C GLY P 87 -78.53 -63.93 -14.86
N HIS P 88 -77.78 -62.89 -14.51
CA HIS P 88 -77.84 -62.35 -13.15
C HIS P 88 -77.83 -60.83 -13.18
N SER P 89 -78.17 -60.25 -12.03
CA SER P 89 -77.99 -58.83 -11.78
C SER P 89 -76.80 -58.64 -10.85
N MET P 90 -76.12 -57.51 -10.99
CA MET P 90 -74.92 -57.23 -10.24
C MET P 90 -75.07 -55.92 -9.47
N ALA P 91 -74.54 -55.91 -8.25
CA ALA P 91 -74.42 -54.70 -7.45
C ALA P 91 -72.98 -54.60 -6.95
N ILE P 92 -72.37 -53.44 -7.15
CA ILE P 92 -70.98 -53.20 -6.76
C ILE P 92 -70.98 -52.17 -5.65
N TYR P 93 -70.45 -52.56 -4.48
CA TYR P 93 -70.40 -51.73 -3.30
C TYR P 93 -68.94 -51.46 -2.93
N ASP P 94 -68.65 -50.23 -2.52
CA ASP P 94 -67.29 -49.87 -2.17
C ASP P 94 -66.97 -50.35 -0.76
N ALA P 95 -65.84 -49.90 -0.22
CA ALA P 95 -65.42 -50.34 1.11
C ALA P 95 -66.28 -49.76 2.21
N ASN P 96 -67.01 -48.68 1.94
CA ASN P 96 -67.77 -47.97 2.97
C ASN P 96 -69.21 -48.46 3.07
N GLY P 97 -69.63 -49.40 2.24
CA GLY P 97 -71.00 -49.85 2.23
C GLY P 97 -71.91 -49.12 1.26
N SER P 98 -71.40 -48.12 0.55
CA SER P 98 -72.20 -47.40 -0.42
C SER P 98 -72.30 -48.19 -1.72
N GLN P 99 -73.24 -47.78 -2.57
CA GLN P 99 -73.51 -48.48 -3.81
C GLN P 99 -72.74 -47.80 -4.94
N VAL P 100 -71.67 -48.44 -5.41
CA VAL P 100 -70.94 -47.91 -6.55
C VAL P 100 -71.75 -48.07 -7.82
N ASP P 101 -72.36 -49.24 -8.04
CA ASP P 101 -73.05 -49.46 -9.29
C ASP P 101 -74.10 -50.55 -9.17
N TYR P 102 -75.02 -50.57 -10.13
CA TYR P 102 -76.09 -51.55 -10.20
C TYR P 102 -76.41 -51.80 -11.67
N ILE P 103 -76.39 -53.06 -12.07
CA ILE P 103 -76.87 -53.46 -13.40
C ILE P 103 -77.88 -54.58 -13.21
N ALA P 104 -79.13 -54.32 -13.61
CA ALA P 104 -80.21 -55.27 -13.34
C ALA P 104 -80.14 -56.49 -14.24
N ASN P 105 -79.55 -56.37 -15.42
CA ASN P 105 -79.38 -57.49 -16.33
C ASN P 105 -78.04 -57.35 -17.02
N VAL P 106 -77.12 -58.27 -16.74
CA VAL P 106 -75.78 -58.13 -17.29
C VAL P 106 -75.75 -58.51 -18.75
N LEU P 107 -76.80 -59.16 -19.25
CA LEU P 107 -76.84 -59.61 -20.63
C LEU P 107 -78.13 -59.24 -21.35
N LYS P 108 -79.07 -58.58 -20.68
CA LYS P 108 -80.40 -58.29 -21.21
C LYS P 108 -81.21 -59.54 -21.52
N TYR P 109 -80.74 -60.72 -21.11
CA TYR P 109 -81.46 -61.95 -21.41
C TYR P 109 -80.91 -63.06 -20.53
N ASP P 110 -81.80 -63.83 -19.93
CA ASP P 110 -81.40 -64.98 -19.13
C ASP P 110 -81.10 -66.15 -20.07
N PRO P 111 -79.88 -66.67 -20.09
CA PRO P 111 -79.54 -67.76 -21.01
C PRO P 111 -79.82 -69.15 -20.48
N ASP P 112 -80.02 -69.31 -19.17
CA ASP P 112 -80.34 -70.62 -18.63
C ASP P 112 -81.67 -71.13 -19.17
N GLN P 113 -82.73 -70.33 -19.04
CA GLN P 113 -84.03 -70.76 -19.53
C GLN P 113 -84.13 -70.65 -21.04
N TYR P 114 -83.55 -69.60 -21.62
CA TYR P 114 -83.50 -69.50 -23.07
C TYR P 114 -82.76 -70.68 -23.67
N SER P 115 -81.88 -71.33 -22.91
CA SER P 115 -81.22 -72.53 -23.42
C SER P 115 -82.24 -73.62 -23.74
N ILE P 116 -83.10 -73.93 -22.77
CA ILE P 116 -84.14 -74.94 -22.99
C ILE P 116 -85.11 -74.45 -24.07
N GLU P 117 -85.48 -73.18 -24.00
CA GLU P 117 -86.44 -72.63 -24.95
C GLU P 117 -85.94 -72.79 -26.39
N ALA P 118 -84.69 -72.40 -26.63
CA ALA P 118 -84.12 -72.50 -27.97
C ALA P 118 -83.85 -73.94 -28.36
N ASP P 119 -83.51 -74.81 -27.40
CA ASP P 119 -83.34 -76.21 -27.72
C ASP P 119 -84.63 -76.83 -28.22
N LYS P 120 -85.75 -76.51 -27.56
CA LYS P 120 -87.03 -77.08 -27.95
C LYS P 120 -87.59 -76.42 -29.20
N LYS P 121 -87.25 -75.16 -29.45
CA LYS P 121 -87.88 -74.35 -30.48
C LYS P 121 -87.10 -74.29 -31.79
N PHE P 122 -85.78 -74.22 -31.75
CA PHE P 122 -84.99 -74.16 -32.96
C PHE P 122 -84.75 -75.56 -33.52
N LYS P 123 -84.30 -75.62 -34.76
CA LYS P 123 -84.00 -76.87 -35.43
C LYS P 123 -82.50 -77.13 -35.39
N TYR P 124 -82.10 -78.20 -34.70
CA TYR P 124 -80.71 -78.53 -34.49
C TYR P 124 -79.98 -78.67 -35.81
N THR Q 5 -80.65 -51.46 -36.71
CA THR Q 5 -80.24 -51.91 -35.38
C THR Q 5 -78.75 -51.68 -35.14
N ALA Q 6 -78.44 -51.25 -33.92
CA ALA Q 6 -77.09 -50.95 -33.50
C ALA Q 6 -76.56 -52.11 -32.66
N ASN Q 7 -75.50 -52.76 -33.13
CA ASN Q 7 -74.88 -53.85 -32.42
C ASN Q 7 -73.42 -53.58 -32.06
N VAL Q 8 -72.86 -52.46 -32.51
CA VAL Q 8 -71.47 -52.10 -32.27
C VAL Q 8 -71.44 -51.12 -31.11
N VAL Q 9 -70.71 -51.46 -30.06
CA VAL Q 9 -70.66 -50.63 -28.89
C VAL Q 9 -69.52 -49.63 -28.99
N VAL Q 10 -69.65 -48.52 -28.28
CA VAL Q 10 -68.61 -47.49 -28.19
C VAL Q 10 -67.90 -47.73 -26.87
N SER Q 11 -66.74 -48.38 -26.95
CA SER Q 11 -65.93 -48.71 -25.79
C SER Q 11 -64.59 -48.00 -25.89
N ASN Q 12 -63.69 -48.36 -24.99
CA ASN Q 12 -62.35 -47.81 -25.01
C ASN Q 12 -61.45 -48.65 -25.89
N PRO Q 13 -60.82 -48.09 -26.91
CA PRO Q 13 -59.79 -48.82 -27.66
C PRO Q 13 -58.47 -48.77 -26.89
N ARG Q 14 -57.48 -49.48 -27.41
CA ARG Q 14 -56.17 -49.47 -26.78
C ARG Q 14 -56.29 -49.86 -25.32
N PRO Q 15 -56.47 -51.13 -25.02
CA PRO Q 15 -56.81 -51.55 -23.65
C PRO Q 15 -55.74 -51.26 -22.62
N ILE Q 16 -56.07 -51.48 -21.36
CA ILE Q 16 -55.23 -51.13 -20.23
C ILE Q 16 -54.80 -52.41 -19.53
N PHE Q 17 -53.53 -52.51 -19.20
CA PHE Q 17 -52.99 -53.61 -18.41
C PHE Q 17 -52.57 -53.07 -17.06
N THR Q 18 -53.12 -53.66 -15.99
CA THR Q 18 -53.00 -53.12 -14.65
C THR Q 18 -52.38 -54.17 -13.74
N GLU Q 19 -51.61 -53.72 -12.75
CA GLU Q 19 -51.04 -54.63 -11.77
C GLU Q 19 -52.15 -55.32 -10.97
N SER Q 20 -51.90 -56.56 -10.59
CA SER Q 20 -52.90 -57.37 -9.91
C SER Q 20 -52.89 -57.22 -8.39
N ARG Q 21 -51.96 -56.44 -7.84
CA ARG Q 21 -51.94 -56.18 -6.41
C ARG Q 21 -52.18 -54.71 -6.04
N SER Q 22 -52.04 -53.80 -7.00
CA SER Q 22 -52.27 -52.38 -6.75
C SER Q 22 -52.79 -51.74 -8.02
N PHE Q 23 -53.49 -50.62 -7.86
CA PHE Q 23 -54.12 -49.93 -8.97
C PHE Q 23 -53.06 -49.11 -9.70
N LYS Q 24 -52.25 -49.79 -10.48
CA LYS Q 24 -51.17 -49.15 -11.22
C LYS Q 24 -51.02 -49.81 -12.58
N ALA Q 25 -50.70 -49.00 -13.58
CA ALA Q 25 -50.43 -49.53 -14.90
C ALA Q 25 -49.14 -50.32 -14.90
N VAL Q 26 -49.14 -51.47 -15.57
CA VAL Q 26 -47.96 -52.32 -15.63
C VAL Q 26 -47.01 -51.65 -16.61
N ALA Q 27 -46.06 -50.89 -16.09
CA ALA Q 27 -45.19 -50.05 -16.91
C ALA Q 27 -43.96 -50.83 -17.33
N ASN Q 28 -43.60 -50.71 -18.61
CA ASN Q 28 -42.54 -51.50 -19.21
C ASN Q 28 -42.84 -52.99 -19.04
N GLY Q 29 -44.11 -53.35 -19.20
CA GLY Q 29 -44.51 -54.73 -19.01
C GLY Q 29 -44.31 -55.55 -20.26
N LYS Q 30 -44.26 -56.87 -20.08
CA LYS Q 30 -44.05 -57.78 -21.19
C LYS Q 30 -45.27 -58.66 -21.37
N ILE Q 31 -45.77 -58.77 -22.60
CA ILE Q 31 -46.90 -59.65 -22.89
C ILE Q 31 -46.50 -60.65 -23.95
N TYR Q 32 -46.80 -61.92 -23.71
CA TYR Q 32 -46.60 -62.99 -24.67
C TYR Q 32 -47.95 -63.59 -25.02
N ILE Q 33 -48.23 -63.71 -26.31
CA ILE Q 33 -49.46 -64.30 -26.81
C ILE Q 33 -49.11 -65.62 -27.47
N GLY Q 34 -49.79 -66.69 -27.06
CA GLY Q 34 -49.50 -68.00 -27.59
C GLY Q 34 -50.73 -68.81 -27.91
N GLN Q 35 -50.56 -70.08 -28.23
CA GLN Q 35 -51.70 -70.94 -28.51
C GLN Q 35 -52.53 -71.15 -27.25
N ILE Q 36 -53.69 -71.78 -27.42
CA ILE Q 36 -54.61 -71.96 -26.31
C ILE Q 36 -54.07 -73.01 -25.35
N ASP Q 37 -54.24 -72.76 -24.05
CA ASP Q 37 -53.88 -73.73 -23.01
C ASP Q 37 -52.42 -74.13 -23.08
N THR Q 38 -51.54 -73.16 -23.31
CA THR Q 38 -50.11 -73.40 -23.32
C THR Q 38 -49.39 -72.15 -22.87
N ASP Q 39 -48.15 -72.32 -22.41
CA ASP Q 39 -47.40 -71.20 -21.88
C ASP Q 39 -46.73 -70.43 -23.02
N PRO Q 40 -47.07 -69.15 -23.21
CA PRO Q 40 -46.58 -68.40 -24.37
C PRO Q 40 -45.19 -67.82 -24.24
N VAL Q 41 -44.53 -67.95 -23.09
CA VAL Q 41 -43.18 -67.42 -22.95
C VAL Q 41 -42.24 -68.12 -23.91
N ASN Q 42 -42.35 -69.44 -24.01
CA ASN Q 42 -41.48 -70.19 -24.91
C ASN Q 42 -41.88 -69.93 -26.36
N PRO Q 43 -40.93 -69.53 -27.21
CA PRO Q 43 -41.30 -69.11 -28.58
C PRO Q 43 -41.94 -70.21 -29.42
N ALA Q 44 -41.80 -71.47 -29.02
CA ALA Q 44 -42.50 -72.54 -29.76
C ALA Q 44 -44.00 -72.39 -29.64
N ASN Q 45 -44.50 -72.01 -28.47
CA ASN Q 45 -45.94 -71.89 -28.25
C ASN Q 45 -46.49 -70.54 -28.66
N GLN Q 46 -45.66 -69.64 -29.18
CA GLN Q 46 -46.11 -68.32 -29.54
C GLN Q 46 -46.81 -68.33 -30.90
N ILE Q 47 -47.67 -67.33 -31.11
CA ILE Q 47 -48.41 -67.20 -32.37
C ILE Q 47 -48.22 -65.77 -32.87
N PRO Q 48 -48.40 -65.55 -34.18
CA PRO Q 48 -48.15 -64.23 -34.75
C PRO Q 48 -49.08 -63.14 -34.19
N VAL Q 49 -48.53 -61.94 -34.04
CA VAL Q 49 -49.28 -60.75 -33.67
C VAL Q 49 -48.87 -59.63 -34.61
N TYR Q 50 -49.85 -58.88 -35.10
CA TYR Q 50 -49.62 -57.82 -36.07
C TYR Q 50 -50.07 -56.49 -35.47
N ILE Q 51 -49.61 -55.40 -36.06
CA ILE Q 51 -50.13 -54.07 -35.74
C ILE Q 51 -50.82 -53.53 -36.98
N GLU Q 52 -52.02 -53.01 -36.80
CA GLU Q 52 -52.82 -52.58 -37.94
C GLU Q 52 -52.60 -51.08 -38.15
N ASN Q 53 -51.83 -50.74 -39.17
CA ASN Q 53 -51.51 -49.36 -39.45
C ASN Q 53 -52.74 -48.62 -39.97
N GLU Q 54 -52.56 -47.34 -40.30
CA GLU Q 54 -53.68 -46.57 -40.82
C GLU Q 54 -54.20 -47.15 -42.13
N ASP Q 55 -53.29 -47.53 -43.03
CA ASP Q 55 -53.72 -48.04 -44.32
C ASP Q 55 -54.28 -49.45 -44.24
N GLY Q 56 -54.25 -50.08 -43.08
CA GLY Q 56 -54.80 -51.40 -42.88
C GLY Q 56 -53.78 -52.51 -43.01
N SER Q 57 -52.62 -52.24 -43.57
CA SER Q 57 -51.60 -53.26 -43.70
C SER Q 57 -51.19 -53.77 -42.33
N HIS Q 58 -51.13 -55.09 -42.19
CA HIS Q 58 -50.80 -55.73 -40.92
C HIS Q 58 -49.33 -56.14 -40.96
N VAL Q 59 -48.54 -55.52 -40.10
CA VAL Q 59 -47.11 -55.76 -40.01
C VAL Q 59 -46.85 -56.55 -38.74
N GLN Q 60 -46.22 -57.71 -38.88
CA GLN Q 60 -45.95 -58.56 -37.74
C GLN Q 60 -44.76 -58.04 -36.95
N ILE Q 61 -44.86 -58.08 -35.63
CA ILE Q 61 -43.80 -57.59 -34.76
C ILE Q 61 -43.37 -58.68 -33.79
N THR Q 62 -42.28 -58.44 -33.06
CA THR Q 62 -41.74 -59.43 -32.15
C THR Q 62 -42.74 -59.70 -31.03
N GLN Q 63 -42.69 -60.93 -30.52
CA GLN Q 63 -43.76 -61.39 -29.63
C GLN Q 63 -43.84 -60.63 -28.31
N PRO Q 64 -42.76 -60.42 -27.54
CA PRO Q 64 -42.96 -59.76 -26.25
C PRO Q 64 -43.33 -58.32 -26.44
N LEU Q 65 -44.61 -58.03 -26.28
CA LEU Q 65 -45.11 -56.67 -26.43
C LEU Q 65 -44.82 -55.88 -25.17
N ILE Q 66 -44.60 -54.59 -25.34
CA ILE Q 66 -44.11 -53.72 -24.27
C ILE Q 66 -45.24 -52.80 -23.86
N ILE Q 67 -45.57 -52.81 -22.57
CA ILE Q 67 -46.61 -51.96 -22.00
C ILE Q 67 -45.96 -50.72 -21.41
N ASN Q 68 -46.46 -49.56 -21.78
CA ASN Q 68 -45.88 -48.27 -21.43
C ASN Q 68 -46.43 -47.77 -20.10
N ALA Q 69 -46.19 -46.49 -19.81
CA ALA Q 69 -46.54 -45.92 -18.52
C ALA Q 69 -48.05 -45.80 -18.31
N ALA Q 70 -48.84 -45.85 -19.37
CA ALA Q 70 -50.29 -45.74 -19.26
C ALA Q 70 -50.98 -47.10 -19.23
N GLY Q 71 -50.22 -48.19 -19.27
CA GLY Q 71 -50.83 -49.51 -19.34
C GLY Q 71 -51.27 -49.91 -20.73
N LYS Q 72 -50.74 -49.28 -21.78
CA LYS Q 72 -51.13 -49.57 -23.14
C LYS Q 72 -49.94 -50.11 -23.91
N ILE Q 73 -50.25 -50.78 -25.03
CA ILE Q 73 -49.20 -51.36 -25.87
C ILE Q 73 -48.54 -50.27 -26.68
N VAL Q 74 -47.21 -50.30 -26.77
CA VAL Q 74 -46.46 -49.39 -27.60
C VAL Q 74 -45.48 -50.20 -28.44
N TYR Q 75 -45.32 -49.78 -29.69
CA TYR Q 75 -44.32 -50.41 -30.55
C TYR Q 75 -42.96 -49.75 -30.42
N ASN Q 76 -42.89 -48.43 -30.54
CA ASN Q 76 -41.66 -47.70 -30.31
C ASN Q 76 -41.93 -46.47 -29.47
N GLY Q 77 -42.74 -46.62 -28.43
CA GLY Q 77 -43.23 -45.50 -27.67
C GLY Q 77 -44.51 -44.90 -28.18
N GLN Q 78 -45.00 -45.40 -29.32
CA GLN Q 78 -46.27 -44.89 -29.91
C GLN Q 78 -47.35 -45.96 -29.81
N LEU Q 79 -48.55 -45.59 -29.34
CA LEU Q 79 -49.63 -46.55 -29.21
C LEU Q 79 -49.93 -47.17 -30.56
N VAL Q 80 -50.06 -48.49 -30.60
CA VAL Q 80 -50.43 -49.22 -31.80
C VAL Q 80 -51.51 -50.22 -31.43
N LYS Q 81 -52.21 -50.71 -32.45
CA LYS Q 81 -53.29 -51.66 -32.25
C LYS Q 81 -52.85 -53.03 -32.72
N ILE Q 82 -52.91 -54.00 -31.81
CA ILE Q 82 -52.38 -55.34 -32.00
C ILE Q 82 -53.54 -56.27 -32.34
N VAL Q 83 -53.35 -57.11 -33.36
CA VAL Q 83 -54.37 -58.03 -33.82
C VAL Q 83 -53.75 -59.42 -33.99
N THR Q 84 -54.52 -60.45 -33.67
CA THR Q 84 -54.05 -61.83 -33.72
C THR Q 84 -55.23 -62.72 -34.09
N VAL Q 85 -55.10 -64.03 -33.85
CA VAL Q 85 -56.20 -64.95 -34.10
C VAL Q 85 -57.10 -65.01 -32.87
N GLN Q 86 -58.36 -65.39 -33.08
CA GLN Q 86 -59.37 -65.29 -32.04
C GLN Q 86 -58.97 -66.05 -30.79
N GLY Q 87 -58.51 -67.28 -30.95
CA GLY Q 87 -58.16 -68.11 -29.82
C GLY Q 87 -56.70 -68.06 -29.45
N HIS Q 88 -56.38 -67.51 -28.28
CA HIS Q 88 -55.00 -67.40 -27.86
C HIS Q 88 -54.93 -67.33 -26.35
N SER Q 89 -53.78 -67.72 -25.81
CA SER Q 89 -53.45 -67.54 -24.40
C SER Q 89 -52.54 -66.34 -24.24
N MET Q 90 -52.54 -65.77 -23.04
CA MET Q 90 -51.86 -64.52 -22.78
C MET Q 90 -51.12 -64.58 -21.45
N ALA Q 91 -49.86 -64.16 -21.45
CA ALA Q 91 -49.08 -64.09 -20.22
C ALA Q 91 -48.50 -62.69 -20.08
N ILE Q 92 -48.78 -62.03 -18.97
CA ILE Q 92 -48.30 -60.69 -18.70
C ILE Q 92 -47.33 -60.74 -17.53
N TYR Q 93 -46.10 -60.30 -17.78
CA TYR Q 93 -45.01 -60.22 -16.83
C TYR Q 93 -44.64 -58.77 -16.58
N ASP Q 94 -44.00 -58.53 -15.43
CA ASP Q 94 -43.57 -57.19 -15.08
C ASP Q 94 -42.12 -56.95 -15.49
N ALA Q 95 -41.61 -55.76 -15.17
CA ALA Q 95 -40.27 -55.37 -15.60
C ALA Q 95 -39.19 -56.18 -14.89
N ASN Q 96 -39.45 -56.63 -13.66
CA ASN Q 96 -38.48 -57.40 -12.92
C ASN Q 96 -38.56 -58.89 -13.22
N GLY Q 97 -39.43 -59.29 -14.15
CA GLY Q 97 -39.58 -60.68 -14.51
C GLY Q 97 -40.66 -61.43 -13.76
N SER Q 98 -41.30 -60.81 -12.77
CA SER Q 98 -42.35 -61.48 -12.03
C SER Q 98 -43.61 -61.59 -12.88
N GLN Q 99 -44.36 -62.66 -12.64
CA GLN Q 99 -45.60 -62.90 -13.36
C GLN Q 99 -46.71 -62.03 -12.81
N VAL Q 100 -47.47 -61.41 -13.72
CA VAL Q 100 -48.57 -60.54 -13.34
C VAL Q 100 -49.92 -61.18 -13.62
N ASP Q 101 -50.08 -61.82 -14.78
CA ASP Q 101 -51.38 -62.37 -15.14
C ASP Q 101 -51.20 -63.51 -16.13
N TYR Q 102 -52.04 -64.54 -16.00
CA TYR Q 102 -52.09 -65.64 -16.94
C TYR Q 102 -53.52 -65.88 -17.37
N ILE Q 103 -53.75 -65.94 -18.67
CA ILE Q 103 -55.04 -66.26 -19.27
C ILE Q 103 -54.82 -67.46 -20.18
N ALA Q 104 -55.44 -68.58 -19.85
CA ALA Q 104 -55.25 -69.78 -20.67
C ALA Q 104 -56.03 -69.70 -21.97
N ASN Q 105 -57.17 -69.02 -21.96
CA ASN Q 105 -57.98 -68.82 -23.16
C ASN Q 105 -58.72 -67.50 -22.99
N VAL Q 106 -58.69 -66.67 -24.01
CA VAL Q 106 -59.29 -65.35 -23.90
C VAL Q 106 -60.78 -65.37 -24.22
N LEU Q 107 -61.24 -66.38 -24.97
CA LEU Q 107 -62.67 -66.47 -25.27
C LEU Q 107 -63.48 -66.94 -24.07
N LYS Q 108 -62.83 -67.52 -23.07
CA LYS Q 108 -63.53 -67.98 -21.88
C LYS Q 108 -63.78 -66.86 -20.90
N TYR Q 109 -63.48 -65.62 -21.25
CA TYR Q 109 -63.74 -64.47 -20.40
C TYR Q 109 -64.88 -63.60 -20.92
N ASP Q 110 -65.44 -63.91 -22.08
CA ASP Q 110 -66.55 -63.15 -22.60
C ASP Q 110 -67.78 -63.33 -21.71
N PRO Q 111 -68.58 -62.29 -21.51
CA PRO Q 111 -69.70 -62.40 -20.57
C PRO Q 111 -70.77 -63.41 -21.00
N ASP Q 112 -70.83 -63.77 -22.28
CA ASP Q 112 -71.89 -64.63 -22.79
C ASP Q 112 -71.20 -65.87 -23.36
N GLN Q 113 -71.21 -66.95 -22.59
CA GLN Q 113 -70.60 -68.21 -23.02
C GLN Q 113 -71.56 -69.11 -23.76
N TYR Q 114 -72.86 -68.78 -23.76
CA TYR Q 114 -73.85 -69.63 -24.40
C TYR Q 114 -73.82 -69.53 -25.91
N SER Q 115 -73.43 -68.36 -26.44
CA SER Q 115 -73.49 -68.15 -27.88
C SER Q 115 -72.53 -69.05 -28.64
N ILE Q 116 -71.41 -69.42 -28.01
CA ILE Q 116 -70.48 -70.32 -28.68
C ILE Q 116 -71.16 -71.65 -29.00
N GLU Q 117 -71.79 -72.26 -28.00
CA GLU Q 117 -72.46 -73.53 -28.26
C GLU Q 117 -73.73 -73.36 -29.06
N ALA Q 118 -74.42 -72.23 -28.91
CA ALA Q 118 -75.60 -72.00 -29.72
C ALA Q 118 -75.25 -71.96 -31.21
N ASP Q 119 -74.19 -71.24 -31.56
CA ASP Q 119 -73.74 -71.20 -32.95
C ASP Q 119 -73.19 -72.54 -33.39
N LYS Q 120 -72.67 -73.33 -32.45
CA LYS Q 120 -72.06 -74.61 -32.83
C LYS Q 120 -73.18 -75.63 -33.07
N LYS Q 121 -74.33 -75.46 -32.42
CA LYS Q 121 -75.41 -76.42 -32.52
C LYS Q 121 -76.43 -76.05 -33.60
N PHE Q 122 -77.10 -74.92 -33.42
CA PHE Q 122 -78.29 -74.63 -34.22
C PHE Q 122 -77.94 -74.33 -35.66
N LYS Q 123 -78.65 -74.97 -36.58
CA LYS Q 123 -78.45 -74.70 -38.00
C LYS Q 123 -78.97 -73.31 -38.34
N TYR Q 124 -78.35 -72.68 -39.33
CA TYR Q 124 -78.68 -71.32 -39.69
C TYR Q 124 -79.88 -71.29 -40.63
N THR R 5 -73.77 -75.96 -16.18
CA THR R 5 -72.42 -75.62 -16.60
C THR R 5 -72.28 -74.12 -16.79
N ALA R 6 -71.04 -73.63 -16.80
CA ALA R 6 -70.79 -72.20 -16.89
C ALA R 6 -71.41 -71.63 -18.15
N ASN R 7 -72.15 -70.54 -18.00
CA ASN R 7 -72.86 -70.01 -19.15
C ASN R 7 -72.69 -68.49 -19.24
N VAL R 8 -72.44 -67.84 -18.10
CA VAL R 8 -72.27 -66.39 -18.04
C VAL R 8 -71.07 -66.07 -17.16
N VAL R 9 -70.21 -65.18 -17.63
CA VAL R 9 -69.00 -64.77 -16.91
C VAL R 9 -69.18 -63.31 -16.48
N VAL R 10 -68.95 -63.04 -15.21
CA VAL R 10 -69.14 -61.70 -14.67
C VAL R 10 -68.01 -60.80 -15.14
N SER R 11 -68.35 -59.57 -15.51
CA SER R 11 -67.37 -58.59 -15.96
C SER R 11 -67.94 -57.20 -15.78
N ASN R 12 -67.08 -56.20 -15.91
CA ASN R 12 -67.50 -54.81 -15.79
C ASN R 12 -67.96 -54.31 -17.15
N PRO R 13 -69.22 -53.90 -17.29
CA PRO R 13 -69.70 -53.37 -18.57
C PRO R 13 -69.39 -51.91 -18.83
N ARG R 14 -68.59 -51.26 -17.98
CA ARG R 14 -68.29 -49.84 -18.15
C ARG R 14 -66.85 -49.68 -18.64
N PRO R 15 -66.62 -49.16 -19.84
CA PRO R 15 -65.24 -48.93 -20.29
C PRO R 15 -64.66 -47.67 -19.66
N ILE R 16 -63.33 -47.64 -19.63
CA ILE R 16 -62.57 -46.58 -18.98
C ILE R 16 -61.72 -45.90 -20.03
N PHE R 17 -61.80 -44.58 -20.10
CA PHE R 17 -61.02 -43.78 -21.04
C PHE R 17 -59.93 -43.06 -20.25
N THR R 18 -58.67 -43.33 -20.61
CA THR R 18 -57.53 -42.77 -19.90
C THR R 18 -56.61 -42.05 -20.88
N GLU R 19 -55.59 -41.39 -20.33
CA GLU R 19 -54.64 -40.64 -21.14
C GLU R 19 -53.67 -41.59 -21.84
N SER R 20 -53.01 -41.06 -22.87
CA SER R 20 -52.15 -41.89 -23.69
C SER R 20 -50.83 -42.21 -23.02
N ARG R 21 -50.30 -41.31 -22.20
CA ARG R 21 -48.98 -41.49 -21.61
C ARG R 21 -49.00 -41.74 -20.12
N SER R 22 -50.04 -41.31 -19.41
CA SER R 22 -50.10 -41.47 -17.97
C SER R 22 -51.35 -42.25 -17.60
N PHE R 23 -51.34 -42.84 -16.41
CA PHE R 23 -52.46 -43.60 -15.90
C PHE R 23 -53.45 -42.69 -15.18
N LYS R 24 -54.06 -41.80 -15.95
CA LYS R 24 -55.08 -40.89 -15.44
C LYS R 24 -56.28 -40.91 -16.36
N ALA R 25 -57.47 -40.82 -15.77
CA ALA R 25 -58.69 -40.82 -16.55
C ALA R 25 -58.86 -39.49 -17.27
N VAL R 26 -59.51 -39.53 -18.43
CA VAL R 26 -59.82 -38.33 -19.18
C VAL R 26 -60.91 -37.59 -18.42
N ALA R 27 -60.55 -36.46 -17.82
CA ALA R 27 -61.51 -35.68 -17.05
C ALA R 27 -62.23 -34.72 -17.98
N ASN R 28 -63.55 -34.88 -18.07
CA ASN R 28 -64.40 -33.99 -18.89
C ASN R 28 -63.96 -33.97 -20.35
N GLY R 29 -63.43 -35.09 -20.82
CA GLY R 29 -63.07 -35.20 -22.21
C GLY R 29 -64.28 -35.32 -23.12
N LYS R 30 -64.01 -35.22 -24.42
CA LYS R 30 -65.05 -35.31 -25.42
C LYS R 30 -64.67 -36.36 -26.44
N ILE R 31 -65.59 -37.26 -26.76
CA ILE R 31 -65.37 -38.31 -27.73
C ILE R 31 -66.17 -37.98 -28.98
N TYR R 32 -65.52 -38.05 -30.14
CA TYR R 32 -66.16 -37.99 -31.43
C TYR R 32 -65.94 -39.32 -32.14
N ILE R 33 -66.95 -39.79 -32.85
CA ILE R 33 -66.81 -40.99 -33.66
C ILE R 33 -67.45 -40.74 -35.01
N GLY R 34 -66.74 -41.10 -36.07
CA GLY R 34 -67.21 -40.88 -37.42
C GLY R 34 -66.87 -42.03 -38.34
N GLN R 35 -66.95 -41.79 -39.65
CA GLN R 35 -66.66 -42.82 -40.63
C GLN R 35 -65.22 -43.31 -40.48
N ILE R 36 -64.98 -44.54 -40.93
CA ILE R 36 -63.66 -45.15 -40.75
C ILE R 36 -62.62 -44.34 -41.51
N ASP R 37 -61.50 -44.05 -40.85
CA ASP R 37 -60.35 -43.41 -41.48
C ASP R 37 -60.69 -42.00 -41.96
N THR R 38 -61.26 -41.21 -41.07
CA THR R 38 -61.73 -39.87 -41.43
C THR R 38 -61.38 -38.91 -40.28
N ASP R 39 -62.02 -37.74 -40.30
CA ASP R 39 -61.94 -36.76 -39.23
C ASP R 39 -63.28 -36.73 -38.51
N PRO R 40 -63.41 -37.38 -37.35
CA PRO R 40 -64.73 -37.48 -36.70
C PRO R 40 -65.31 -36.16 -36.26
N VAL R 41 -64.48 -35.13 -36.09
CA VAL R 41 -64.99 -33.85 -35.62
C VAL R 41 -65.94 -33.23 -36.63
N ASN R 42 -65.81 -33.59 -37.90
CA ASN R 42 -66.70 -33.06 -38.93
C ASN R 42 -68.09 -33.66 -38.77
N PRO R 43 -69.13 -32.84 -38.59
CA PRO R 43 -70.49 -33.40 -38.53
C PRO R 43 -70.87 -34.19 -39.76
N ALA R 44 -70.37 -33.79 -40.94
CA ALA R 44 -70.62 -34.57 -42.15
C ALA R 44 -69.91 -35.92 -42.13
N ASN R 45 -68.96 -36.10 -41.21
CA ASN R 45 -68.29 -37.39 -41.03
C ASN R 45 -68.88 -38.19 -39.88
N GLN R 46 -69.61 -37.55 -38.98
CA GLN R 46 -70.11 -38.24 -37.81
C GLN R 46 -71.15 -39.30 -38.19
N ILE R 47 -71.39 -40.22 -37.26
CA ILE R 47 -72.40 -41.27 -37.43
C ILE R 47 -73.30 -41.30 -36.20
N PRO R 48 -74.53 -41.81 -36.31
CA PRO R 48 -75.46 -41.76 -35.16
C PRO R 48 -75.01 -42.66 -34.01
N VAL R 49 -75.35 -42.24 -32.79
CA VAL R 49 -75.03 -43.00 -31.58
C VAL R 49 -76.29 -43.07 -30.71
N TYR R 50 -76.36 -44.11 -29.88
CA TYR R 50 -77.58 -44.37 -29.14
C TYR R 50 -77.26 -44.82 -27.72
N ILE R 51 -77.99 -44.28 -26.76
CA ILE R 51 -77.98 -44.82 -25.40
C ILE R 51 -78.83 -46.08 -25.39
N GLU R 52 -78.19 -47.21 -25.07
CA GLU R 52 -78.91 -48.47 -24.93
C GLU R 52 -79.31 -48.58 -23.47
N ASN R 53 -80.60 -48.39 -23.19
CA ASN R 53 -81.08 -48.32 -21.82
C ASN R 53 -81.06 -49.72 -21.20
N GLU R 54 -81.55 -49.83 -19.97
CA GLU R 54 -81.56 -51.11 -19.28
C GLU R 54 -82.46 -52.13 -19.96
N ASP R 55 -83.36 -51.69 -20.85
CA ASP R 55 -84.23 -52.58 -21.58
C ASP R 55 -83.98 -52.58 -23.09
N GLY R 56 -83.18 -51.67 -23.60
CA GLY R 56 -82.91 -51.58 -25.01
C GLY R 56 -83.70 -50.53 -25.76
N SER R 57 -84.02 -49.41 -25.12
CA SER R 57 -84.84 -48.39 -25.78
C SER R 57 -84.09 -47.73 -26.94
N HIS R 58 -82.76 -47.66 -26.87
CA HIS R 58 -81.93 -47.16 -27.96
C HIS R 58 -82.33 -45.73 -28.33
N VAL R 59 -82.11 -44.83 -27.37
CA VAL R 59 -82.47 -43.42 -27.54
C VAL R 59 -81.28 -42.65 -28.09
N GLN R 60 -81.46 -42.00 -29.22
CA GLN R 60 -80.40 -41.25 -29.87
C GLN R 60 -80.14 -39.93 -29.15
N ILE R 61 -78.88 -39.50 -29.16
CA ILE R 61 -78.47 -38.24 -28.56
C ILE R 61 -77.38 -37.62 -29.44
N THR R 62 -76.94 -36.42 -29.04
CA THR R 62 -75.98 -35.66 -29.83
C THR R 62 -74.61 -36.32 -29.82
N GLN R 63 -73.75 -35.89 -30.76
CA GLN R 63 -72.54 -36.65 -31.03
C GLN R 63 -71.45 -36.49 -29.98
N PRO R 64 -70.95 -35.27 -29.65
CA PRO R 64 -69.80 -35.22 -28.74
C PRO R 64 -70.15 -35.80 -27.39
N LEU R 65 -69.56 -36.95 -27.07
CA LEU R 65 -69.87 -37.67 -25.85
C LEU R 65 -69.01 -37.14 -24.72
N ILE R 66 -69.65 -36.72 -23.63
CA ILE R 66 -68.96 -36.12 -22.50
C ILE R 66 -68.49 -37.22 -21.56
N ILE R 67 -67.23 -37.17 -21.19
CA ILE R 67 -66.62 -38.18 -20.33
C ILE R 67 -66.70 -37.73 -18.88
N ASN R 68 -66.93 -38.68 -17.99
CA ASN R 68 -66.96 -38.42 -16.56
C ASN R 68 -65.58 -37.97 -16.07
N ALA R 69 -65.52 -37.63 -14.78
CA ALA R 69 -64.24 -37.45 -14.12
C ALA R 69 -63.58 -38.78 -13.77
N ALA R 70 -64.32 -39.88 -13.86
CA ALA R 70 -63.79 -41.21 -13.57
C ALA R 70 -63.43 -41.98 -14.84
N GLY R 71 -63.55 -41.36 -16.01
CA GLY R 71 -63.20 -42.00 -17.24
C GLY R 71 -64.33 -42.62 -18.01
N LYS R 72 -65.56 -42.54 -17.50
CA LYS R 72 -66.72 -43.19 -18.12
C LYS R 72 -67.58 -42.15 -18.83
N ILE R 73 -68.42 -42.64 -19.74
CA ILE R 73 -69.33 -41.78 -20.49
C ILE R 73 -70.59 -41.56 -19.67
N VAL R 74 -71.04 -40.31 -19.60
CA VAL R 74 -72.24 -39.96 -18.84
C VAL R 74 -73.20 -39.22 -19.74
N TYR R 75 -74.46 -39.20 -19.32
CA TYR R 75 -75.49 -38.41 -19.97
C TYR R 75 -76.54 -38.07 -18.93
N ASN R 76 -76.89 -36.79 -18.83
CA ASN R 76 -77.78 -36.30 -17.77
C ASN R 76 -77.22 -36.63 -16.40
N GLY R 77 -75.90 -36.65 -16.29
CA GLY R 77 -75.25 -36.95 -15.03
C GLY R 77 -75.30 -38.39 -14.62
N GLN R 78 -75.76 -39.28 -15.49
CA GLN R 78 -75.86 -40.70 -15.20
C GLN R 78 -75.05 -41.50 -16.18
N LEU R 79 -74.35 -42.51 -15.69
CA LEU R 79 -73.50 -43.34 -16.55
C LEU R 79 -74.37 -44.10 -17.55
N VAL R 80 -74.01 -44.04 -18.82
CA VAL R 80 -74.79 -44.66 -19.88
C VAL R 80 -73.90 -45.56 -20.72
N LYS R 81 -74.53 -46.51 -21.39
CA LYS R 81 -73.88 -47.39 -22.34
C LYS R 81 -74.30 -46.98 -23.74
N ILE R 82 -73.32 -46.75 -24.61
CA ILE R 82 -73.54 -46.10 -25.89
C ILE R 82 -73.13 -47.06 -27.00
N VAL R 83 -73.99 -47.20 -28.01
CA VAL R 83 -73.78 -48.12 -29.12
C VAL R 83 -73.87 -47.34 -30.42
N THR R 84 -73.25 -47.92 -31.45
CA THR R 84 -73.21 -47.33 -32.77
C THR R 84 -73.56 -48.39 -33.80
N VAL R 85 -73.74 -47.95 -35.04
CA VAL R 85 -74.28 -48.83 -36.07
C VAL R 85 -73.22 -49.59 -36.85
N GLN R 86 -71.96 -49.14 -36.83
CA GLN R 86 -70.95 -49.72 -37.68
C GLN R 86 -69.57 -49.47 -37.08
N GLY R 87 -68.56 -50.12 -37.65
CA GLY R 87 -67.20 -49.81 -37.29
C GLY R 87 -66.90 -48.35 -37.54
N HIS R 88 -66.25 -47.70 -36.58
CA HIS R 88 -66.13 -46.26 -36.57
C HIS R 88 -64.68 -45.86 -36.39
N SER R 89 -64.44 -44.57 -36.47
CA SER R 89 -63.14 -43.97 -36.15
C SER R 89 -63.34 -43.03 -34.96
N MET R 90 -62.48 -43.18 -33.95
CA MET R 90 -62.61 -42.49 -32.69
C MET R 90 -61.60 -41.36 -32.56
N ALA R 91 -62.02 -40.27 -31.95
CA ALA R 91 -61.13 -39.15 -31.62
C ALA R 91 -61.50 -38.65 -30.23
N ILE R 92 -60.59 -38.80 -29.28
CA ILE R 92 -60.82 -38.41 -27.89
C ILE R 92 -60.00 -37.17 -27.60
N TYR R 93 -60.67 -36.11 -27.17
CA TYR R 93 -60.08 -34.82 -26.85
C TYR R 93 -60.17 -34.59 -25.34
N ASP R 94 -59.17 -33.92 -24.79
CA ASP R 94 -59.13 -33.65 -23.37
C ASP R 94 -60.03 -32.46 -23.02
N ALA R 95 -60.06 -32.13 -21.72
CA ALA R 95 -60.86 -31.01 -21.26
C ALA R 95 -60.34 -29.69 -21.79
N ASN R 96 -59.04 -29.61 -22.07
CA ASN R 96 -58.48 -28.38 -22.62
C ASN R 96 -58.79 -28.24 -24.11
N GLY R 97 -58.87 -29.34 -24.83
CA GLY R 97 -59.10 -29.30 -26.27
C GLY R 97 -57.99 -29.98 -27.03
N SER R 98 -57.13 -30.69 -26.31
CA SER R 98 -55.99 -31.37 -26.91
C SER R 98 -56.33 -32.80 -27.27
N GLN R 99 -55.86 -33.24 -28.44
CA GLN R 99 -56.18 -34.57 -28.95
C GLN R 99 -55.51 -35.62 -28.07
N VAL R 100 -56.30 -36.28 -27.23
CA VAL R 100 -55.76 -37.37 -26.42
C VAL R 100 -55.46 -38.57 -27.30
N ASP R 101 -56.40 -38.92 -28.19
CA ASP R 101 -56.22 -40.12 -29.00
C ASP R 101 -56.98 -39.97 -30.31
N TYR R 102 -56.50 -40.67 -31.33
CA TYR R 102 -57.21 -40.80 -32.60
C TYR R 102 -56.90 -42.16 -33.17
N ILE R 103 -57.95 -42.96 -33.39
CA ILE R 103 -57.78 -44.30 -33.96
C ILE R 103 -58.78 -44.48 -35.08
N ALA R 104 -58.31 -45.02 -36.20
CA ALA R 104 -59.05 -44.94 -37.45
C ALA R 104 -60.00 -46.10 -37.69
N ASN R 105 -60.01 -47.12 -36.83
CA ASN R 105 -60.82 -48.30 -37.09
C ASN R 105 -61.07 -49.03 -35.78
N VAL R 106 -62.29 -48.92 -35.24
CA VAL R 106 -62.65 -49.56 -33.98
C VAL R 106 -63.90 -50.39 -34.20
N LEU R 107 -63.91 -51.60 -33.64
CA LEU R 107 -65.08 -52.47 -33.78
C LEU R 107 -65.02 -53.55 -32.71
N LYS R 108 -65.81 -53.40 -31.66
CA LYS R 108 -66.06 -54.52 -30.76
C LYS R 108 -67.57 -54.60 -30.54
N TYR R 109 -68.13 -55.76 -30.84
CA TYR R 109 -69.57 -55.94 -30.91
C TYR R 109 -70.19 -55.99 -29.52
N ASP R 110 -71.45 -55.59 -29.45
CA ASP R 110 -72.19 -55.68 -28.20
C ASP R 110 -72.28 -57.14 -27.78
N PRO R 111 -71.86 -57.50 -26.58
CA PRO R 111 -71.91 -58.90 -26.14
C PRO R 111 -73.20 -59.32 -25.44
N ASP R 112 -74.22 -58.48 -25.41
CA ASP R 112 -75.47 -58.83 -24.76
C ASP R 112 -76.58 -59.00 -25.79
N GLN R 113 -77.78 -59.29 -25.29
CA GLN R 113 -78.97 -59.48 -26.13
C GLN R 113 -78.75 -60.55 -27.19
N TYR R 114 -78.12 -61.66 -26.82
CA TYR R 114 -77.94 -62.73 -27.80
C TYR R 114 -79.24 -63.40 -28.15
N SER R 115 -80.26 -63.32 -27.31
CA SER R 115 -81.53 -63.98 -27.62
C SER R 115 -82.11 -63.43 -28.92
N ILE R 116 -82.16 -62.11 -29.05
CA ILE R 116 -82.73 -61.49 -30.25
C ILE R 116 -81.92 -61.87 -31.48
N GLU R 117 -80.59 -61.82 -31.38
CA GLU R 117 -79.76 -62.12 -32.53
C GLU R 117 -79.90 -63.57 -32.95
N ALA R 118 -79.98 -64.49 -31.98
CA ALA R 118 -80.19 -65.90 -32.31
C ALA R 118 -81.55 -66.12 -32.95
N ASP R 119 -82.59 -65.44 -32.44
CA ASP R 119 -83.91 -65.54 -33.03
C ASP R 119 -83.90 -65.09 -34.48
N LYS R 120 -83.23 -63.97 -34.76
CA LYS R 120 -83.15 -63.50 -36.13
C LYS R 120 -82.22 -64.34 -36.98
N LYS R 121 -81.30 -65.07 -36.37
CA LYS R 121 -80.27 -65.79 -37.12
C LYS R 121 -80.70 -67.20 -37.50
N PHE R 122 -81.01 -68.03 -36.51
CA PHE R 122 -81.37 -69.41 -36.76
C PHE R 122 -82.79 -69.50 -37.31
N LYS R 123 -83.09 -70.64 -37.93
CA LYS R 123 -84.40 -70.88 -38.51
C LYS R 123 -85.22 -71.82 -37.63
N TYR R 124 -86.48 -71.45 -37.42
CA TYR R 124 -87.37 -72.10 -36.46
C TYR R 124 -87.52 -73.60 -36.71
N THR S 5 -69.30 -9.50 -57.47
CA THR S 5 -70.55 -10.19 -57.20
C THR S 5 -71.27 -9.54 -56.03
N ALA S 6 -71.50 -8.24 -56.11
CA ALA S 6 -72.19 -7.50 -55.06
C ALA S 6 -72.57 -6.13 -55.60
N ASN S 7 -73.46 -5.45 -54.89
CA ASN S 7 -73.99 -4.18 -55.38
C ASN S 7 -74.07 -3.06 -54.35
N VAL S 8 -73.96 -3.32 -53.06
CA VAL S 8 -74.07 -2.28 -52.04
C VAL S 8 -72.90 -2.38 -51.09
N VAL S 9 -72.22 -1.25 -50.87
CA VAL S 9 -71.14 -1.22 -49.89
C VAL S 9 -71.72 -1.38 -48.50
N VAL S 10 -71.08 -2.23 -47.69
CA VAL S 10 -71.51 -2.40 -46.32
C VAL S 10 -71.26 -1.11 -45.55
N SER S 11 -72.29 -0.60 -44.88
CA SER S 11 -72.21 0.68 -44.20
C SER S 11 -72.85 0.56 -42.83
N ASN S 12 -72.77 1.63 -42.06
CA ASN S 12 -73.45 1.71 -40.78
C ASN S 12 -74.67 2.58 -40.95
N PRO S 13 -75.89 2.03 -40.90
CA PRO S 13 -77.07 2.84 -41.18
C PRO S 13 -77.50 3.72 -40.01
N ARG S 14 -77.22 3.32 -38.78
CA ARG S 14 -77.71 4.07 -37.64
C ARG S 14 -77.11 5.47 -37.62
N PRO S 15 -77.92 6.51 -37.49
CA PRO S 15 -77.38 7.88 -37.48
C PRO S 15 -76.55 8.13 -36.24
N ILE S 16 -75.58 9.02 -36.39
CA ILE S 16 -74.79 9.55 -35.28
C ILE S 16 -74.64 11.04 -35.51
N PHE S 17 -74.87 11.83 -34.46
CA PHE S 17 -74.89 13.28 -34.58
C PHE S 17 -73.69 13.86 -33.83
N THR S 18 -72.72 14.36 -34.58
CA THR S 18 -71.58 15.06 -34.03
C THR S 18 -71.80 16.57 -34.12
N GLU S 19 -70.92 17.31 -33.46
CA GLU S 19 -71.07 18.75 -33.41
C GLU S 19 -70.66 19.38 -34.74
N SER S 20 -71.11 20.61 -34.96
CA SER S 20 -70.97 21.23 -36.26
C SER S 20 -69.55 21.71 -36.53
N ARG S 21 -68.90 22.33 -35.55
CA ARG S 21 -67.61 22.96 -35.77
C ARG S 21 -66.44 22.22 -35.14
N SER S 22 -66.67 21.28 -34.24
CA SER S 22 -65.59 20.53 -33.61
C SER S 22 -65.95 19.06 -33.56
N PHE S 23 -64.92 18.21 -33.55
CA PHE S 23 -65.13 16.77 -33.61
C PHE S 23 -65.42 16.22 -32.22
N LYS S 24 -66.71 16.21 -31.87
CA LYS S 24 -67.16 15.53 -30.67
C LYS S 24 -68.65 15.26 -30.82
N ALA S 25 -69.12 14.27 -30.08
CA ALA S 25 -70.53 13.94 -30.16
C ALA S 25 -71.36 15.02 -29.47
N VAL S 26 -72.65 15.05 -29.79
CA VAL S 26 -73.57 15.96 -29.12
C VAL S 26 -74.09 15.20 -27.90
N ALA S 27 -73.29 15.23 -26.84
CA ALA S 27 -73.65 14.51 -25.63
C ALA S 27 -74.78 15.24 -24.91
N ASN S 28 -75.80 14.49 -24.50
CA ASN S 28 -76.98 15.05 -23.86
C ASN S 28 -77.61 16.13 -24.74
N GLY S 29 -77.68 15.83 -26.04
CA GLY S 29 -78.24 16.76 -26.99
C GLY S 29 -79.72 16.58 -27.19
N LYS S 30 -80.32 17.52 -27.92
CA LYS S 30 -81.74 17.51 -28.22
C LYS S 30 -81.95 17.51 -29.73
N ILE S 31 -82.92 16.74 -30.19
CA ILE S 31 -83.38 16.74 -31.57
C ILE S 31 -84.85 17.13 -31.59
N TYR S 32 -85.21 18.09 -32.44
CA TYR S 32 -86.58 18.55 -32.62
C TYR S 32 -86.97 18.35 -34.08
N ILE S 33 -88.15 17.79 -34.31
CA ILE S 33 -88.65 17.49 -35.64
C ILE S 33 -89.97 18.21 -35.84
N GLY S 34 -90.08 18.94 -36.94
CA GLY S 34 -91.26 19.75 -37.17
C GLY S 34 -91.73 19.82 -38.62
N GLN S 35 -92.65 20.73 -38.89
CA GLN S 35 -93.18 20.89 -40.23
C GLN S 35 -92.12 21.48 -41.15
N ILE S 36 -92.24 21.19 -42.44
CA ILE S 36 -91.22 21.60 -43.39
C ILE S 36 -91.15 23.12 -43.46
N ASP S 37 -89.92 23.65 -43.51
CA ASP S 37 -89.67 25.08 -43.64
C ASP S 37 -90.28 25.87 -42.50
N THR S 38 -89.97 25.44 -41.28
CA THR S 38 -90.40 26.15 -40.07
C THR S 38 -89.48 25.74 -38.93
N ASP S 39 -89.61 26.43 -37.81
CA ASP S 39 -88.79 26.18 -36.64
C ASP S 39 -89.46 25.09 -35.81
N PRO S 40 -88.85 23.91 -35.67
CA PRO S 40 -89.54 22.79 -34.99
C PRO S 40 -89.56 22.91 -33.48
N VAL S 41 -88.83 23.87 -32.89
CA VAL S 41 -88.86 24.03 -31.45
C VAL S 41 -90.22 24.49 -30.94
N ASN S 42 -91.06 25.03 -31.82
CA ASN S 42 -92.40 25.45 -31.42
C ASN S 42 -93.34 24.25 -31.42
N PRO S 43 -94.00 23.93 -30.30
CA PRO S 43 -94.95 22.81 -30.31
C PRO S 43 -96.10 23.00 -31.29
N ALA S 44 -96.39 24.25 -31.68
CA ALA S 44 -97.35 24.47 -32.76
C ALA S 44 -96.81 23.94 -34.08
N ASN S 45 -95.51 24.14 -34.33
CA ASN S 45 -94.88 23.65 -35.55
C ASN S 45 -94.46 22.20 -35.47
N GLN S 46 -94.51 21.60 -34.28
CA GLN S 46 -94.07 20.23 -34.08
C GLN S 46 -94.97 19.24 -34.82
N ILE S 47 -94.38 18.12 -35.23
CA ILE S 47 -95.09 17.01 -35.84
C ILE S 47 -94.72 15.77 -35.03
N PRO S 48 -95.49 14.64 -35.18
CA PRO S 48 -95.28 13.44 -34.40
C PRO S 48 -94.08 12.61 -34.86
N VAL S 49 -93.63 11.71 -33.99
CA VAL S 49 -92.49 10.85 -34.23
C VAL S 49 -92.77 9.48 -33.65
N TYR S 50 -92.36 8.43 -34.36
CA TYR S 50 -92.65 7.06 -33.96
C TYR S 50 -91.34 6.30 -33.83
N ILE S 51 -91.24 5.46 -32.80
CA ILE S 51 -90.10 4.56 -32.67
C ILE S 51 -90.42 3.29 -33.44
N GLU S 52 -89.76 3.11 -34.57
CA GLU S 52 -90.02 1.94 -35.41
C GLU S 52 -89.21 0.78 -34.87
N ASN S 53 -89.90 -0.20 -34.28
CA ASN S 53 -89.23 -1.31 -33.63
C ASN S 53 -88.59 -2.23 -34.68
N GLU S 54 -87.87 -3.24 -34.19
CA GLU S 54 -87.18 -4.15 -35.09
C GLU S 54 -88.16 -4.92 -35.96
N ASP S 55 -89.27 -5.38 -35.37
CA ASP S 55 -90.28 -6.09 -36.15
C ASP S 55 -91.15 -5.14 -36.97
N GLY S 56 -91.03 -3.83 -36.77
CA GLY S 56 -91.84 -2.86 -37.47
C GLY S 56 -92.97 -2.27 -36.67
N SER S 57 -93.12 -2.63 -35.40
CA SER S 57 -94.18 -2.08 -34.58
C SER S 57 -93.87 -0.64 -34.20
N HIS S 58 -94.84 0.25 -34.40
CA HIS S 58 -94.64 1.68 -34.19
C HIS S 58 -95.32 2.12 -32.91
N VAL S 59 -94.60 2.87 -32.08
CA VAL S 59 -95.15 3.49 -30.88
C VAL S 59 -94.86 4.99 -30.95
N GLN S 60 -95.80 5.79 -30.47
CA GLN S 60 -95.63 7.23 -30.47
C GLN S 60 -94.78 7.67 -29.28
N ILE S 61 -93.87 8.61 -29.52
CA ILE S 61 -92.97 9.13 -28.50
C ILE S 61 -93.03 10.64 -28.51
N THR S 62 -92.76 11.25 -27.36
CA THR S 62 -92.78 12.71 -27.26
C THR S 62 -91.63 13.32 -28.04
N GLN S 63 -91.85 14.54 -28.55
CA GLN S 63 -91.00 15.07 -29.61
C GLN S 63 -89.55 15.30 -29.19
N PRO S 64 -89.25 16.01 -28.09
CA PRO S 64 -87.84 16.31 -27.82
C PRO S 64 -87.01 15.05 -27.63
N LEU S 65 -86.15 14.74 -28.60
CA LEU S 65 -85.41 13.49 -28.61
C LEU S 65 -84.07 13.69 -27.93
N ILE S 66 -83.74 12.80 -27.01
CA ILE S 66 -82.52 12.92 -26.22
C ILE S 66 -81.41 12.15 -26.92
N ILE S 67 -80.25 12.78 -27.02
CA ILE S 67 -79.07 12.19 -27.64
C ILE S 67 -78.04 11.96 -26.54
N ASN S 68 -77.59 10.72 -26.40
CA ASN S 68 -76.71 10.33 -25.30
C ASN S 68 -75.28 10.76 -25.59
N ALA S 69 -74.34 10.25 -24.82
CA ALA S 69 -72.93 10.64 -24.95
C ALA S 69 -72.31 10.15 -26.24
N ALA S 70 -72.87 9.14 -26.88
CA ALA S 70 -72.32 8.58 -28.10
C ALA S 70 -72.87 9.24 -29.36
N GLY S 71 -73.71 10.26 -29.22
CA GLY S 71 -74.30 10.90 -30.37
C GLY S 71 -75.50 10.21 -30.95
N LYS S 72 -76.12 9.30 -30.21
CA LYS S 72 -77.20 8.48 -30.73
C LYS S 72 -78.47 8.70 -29.94
N ILE S 73 -79.60 8.47 -30.59
CA ILE S 73 -80.92 8.71 -30.00
C ILE S 73 -81.34 7.48 -29.21
N VAL S 74 -81.82 7.70 -27.99
CA VAL S 74 -82.33 6.63 -27.14
C VAL S 74 -83.60 7.11 -26.47
N TYR S 75 -84.58 6.20 -26.32
CA TYR S 75 -85.78 6.49 -25.55
C TYR S 75 -85.74 5.81 -24.18
N ASN S 76 -85.73 4.49 -24.16
CA ASN S 76 -85.61 3.73 -22.91
C ASN S 76 -84.18 3.27 -22.69
N GLY S 77 -83.21 4.19 -22.76
CA GLY S 77 -81.82 3.80 -22.61
C GLY S 77 -81.37 2.77 -23.63
N GLN S 78 -81.94 2.79 -24.83
CA GLN S 78 -81.59 1.85 -25.88
C GLN S 78 -81.66 2.55 -27.23
N LEU S 79 -80.79 2.15 -28.14
CA LEU S 79 -80.77 2.76 -29.47
C LEU S 79 -82.08 2.49 -30.19
N VAL S 80 -82.62 3.53 -30.82
CA VAL S 80 -83.92 3.45 -31.48
C VAL S 80 -83.81 4.08 -32.86
N LYS S 81 -84.82 3.78 -33.68
CA LYS S 81 -85.00 4.39 -35.00
C LYS S 81 -86.28 5.19 -34.97
N ILE S 82 -86.21 6.44 -35.43
CA ILE S 82 -87.34 7.37 -35.38
C ILE S 82 -87.85 7.58 -36.80
N VAL S 83 -89.16 7.54 -36.98
CA VAL S 83 -89.78 7.71 -38.28
C VAL S 83 -90.91 8.73 -38.18
N THR S 84 -91.23 9.35 -39.32
CA THR S 84 -92.33 10.29 -39.45
C THR S 84 -93.10 9.98 -40.72
N VAL S 85 -94.42 10.20 -40.67
CA VAL S 85 -95.28 9.91 -41.81
C VAL S 85 -95.08 10.93 -42.93
N GLN S 86 -94.77 12.17 -42.57
CA GLN S 86 -94.56 13.23 -43.54
C GLN S 86 -93.11 13.69 -43.52
N GLY S 87 -92.76 14.49 -44.53
CA GLY S 87 -91.48 15.18 -44.50
C GLY S 87 -91.44 16.19 -43.38
N HIS S 88 -90.22 16.60 -43.01
CA HIS S 88 -90.09 17.37 -41.78
C HIS S 88 -88.91 18.33 -41.89
N SER S 89 -88.70 19.06 -40.80
CA SER S 89 -87.54 19.91 -40.60
C SER S 89 -86.86 19.47 -39.31
N MET S 90 -85.55 19.40 -39.31
CA MET S 90 -84.80 18.84 -38.20
C MET S 90 -83.86 19.87 -37.61
N ALA S 91 -83.99 20.12 -36.31
CA ALA S 91 -83.12 21.04 -35.59
C ALA S 91 -82.41 20.27 -34.49
N ILE S 92 -81.09 20.40 -34.42
CA ILE S 92 -80.28 19.70 -33.43
C ILE S 92 -79.60 20.74 -32.55
N TYR S 93 -79.87 20.65 -31.26
CA TYR S 93 -79.36 21.55 -30.23
C TYR S 93 -78.42 20.79 -29.32
N ASP S 94 -77.36 21.45 -28.87
CA ASP S 94 -76.40 20.79 -27.99
C ASP S 94 -76.91 20.83 -26.55
N ALA S 95 -76.05 20.46 -25.60
CA ALA S 95 -76.44 20.42 -24.19
C ALA S 95 -76.43 21.79 -23.53
N ASN S 96 -75.88 22.81 -24.19
CA ASN S 96 -75.95 24.17 -23.69
C ASN S 96 -77.03 24.98 -24.38
N GLY S 97 -77.87 24.35 -25.19
CA GLY S 97 -78.95 25.03 -25.87
C GLY S 97 -78.56 25.71 -27.16
N SER S 98 -77.29 25.69 -27.54
CA SER S 98 -76.88 26.27 -28.81
C SER S 98 -77.37 25.40 -29.96
N GLN S 99 -77.70 26.05 -31.08
CA GLN S 99 -78.19 25.35 -32.25
C GLN S 99 -76.99 24.76 -32.98
N VAL S 100 -76.78 23.45 -32.83
CA VAL S 100 -75.70 22.78 -33.55
C VAL S 100 -75.99 22.77 -35.04
N ASP S 101 -77.21 22.40 -35.42
CA ASP S 101 -77.51 22.22 -36.83
C ASP S 101 -78.97 22.47 -37.09
N TYR S 102 -79.28 22.92 -38.31
CA TYR S 102 -80.66 23.10 -38.72
C TYR S 102 -80.79 22.70 -40.19
N ILE S 103 -81.85 21.94 -40.49
CA ILE S 103 -82.21 21.59 -41.86
C ILE S 103 -83.70 21.87 -42.01
N ALA S 104 -84.05 22.77 -42.93
CA ALA S 104 -85.45 23.10 -43.13
C ALA S 104 -86.21 22.01 -43.86
N ASN S 105 -85.55 21.28 -44.75
CA ASN S 105 -86.21 20.21 -45.49
C ASN S 105 -85.24 19.05 -45.62
N VAL S 106 -85.63 17.90 -45.09
CA VAL S 106 -84.68 16.80 -44.94
C VAL S 106 -84.70 15.82 -46.11
N LEU S 107 -85.80 15.74 -46.86
CA LEU S 107 -85.79 15.04 -48.14
C LEU S 107 -86.15 15.94 -49.31
N LYS S 108 -86.21 17.26 -49.11
CA LYS S 108 -86.52 18.23 -50.14
C LYS S 108 -87.89 18.01 -50.76
N TYR S 109 -88.76 17.30 -50.06
CA TYR S 109 -90.15 17.11 -50.47
C TYR S 109 -90.89 16.43 -49.33
N ASP S 110 -92.21 16.48 -49.41
CA ASP S 110 -93.05 15.92 -48.37
C ASP S 110 -93.67 14.62 -48.87
N PRO S 111 -93.18 13.46 -48.45
CA PRO S 111 -93.73 12.20 -48.99
C PRO S 111 -95.19 11.97 -48.65
N ASP S 112 -95.72 12.58 -47.59
CA ASP S 112 -97.12 12.36 -47.24
C ASP S 112 -98.04 12.88 -48.33
N GLN S 113 -98.04 14.19 -48.56
CA GLN S 113 -98.91 14.76 -49.57
C GLN S 113 -98.51 14.30 -50.97
N TYR S 114 -97.21 14.11 -51.20
CA TYR S 114 -96.77 13.63 -52.50
C TYR S 114 -97.27 12.22 -52.76
N SER S 115 -97.54 11.45 -51.70
CA SER S 115 -98.15 10.13 -51.90
C SER S 115 -99.53 10.26 -52.50
N ILE S 116 -100.35 11.18 -51.98
CA ILE S 116 -101.69 11.37 -52.52
C ILE S 116 -101.62 11.90 -53.95
N GLU S 117 -100.75 12.89 -54.20
CA GLU S 117 -100.60 13.39 -55.56
C GLU S 117 -100.15 12.30 -56.52
N ALA S 118 -99.17 11.49 -56.12
CA ALA S 118 -98.69 10.43 -56.98
C ALA S 118 -99.78 9.40 -57.25
N ASP S 119 -100.54 9.02 -56.23
CA ASP S 119 -101.63 8.08 -56.44
C ASP S 119 -102.68 8.66 -57.37
N LYS S 120 -102.82 9.99 -57.37
CA LYS S 120 -103.84 10.60 -58.22
C LYS S 120 -103.40 10.85 -59.65
N LYS S 121 -102.09 10.96 -59.94
CA LYS S 121 -101.67 11.16 -61.32
C LYS S 121 -100.96 9.96 -61.92
N PHE S 122 -99.94 9.40 -61.25
CA PHE S 122 -99.15 8.35 -61.85
C PHE S 122 -99.99 7.09 -62.06
N LYS S 123 -99.72 6.40 -63.16
CA LYS S 123 -100.49 5.22 -63.53
C LYS S 123 -100.15 4.04 -62.63
N TYR S 124 -101.15 3.19 -62.41
CA TYR S 124 -101.05 2.10 -61.45
C TYR S 124 -100.51 0.83 -62.10
N THR T 5 -77.45 18.39 -63.06
CA THR T 5 -78.16 17.24 -62.51
C THR T 5 -77.20 16.25 -61.87
N ALA T 6 -76.69 16.63 -60.70
CA ALA T 6 -75.74 15.81 -59.95
C ALA T 6 -76.53 14.99 -58.94
N ASN T 7 -76.67 13.69 -59.23
CA ASN T 7 -77.47 12.80 -58.40
C ASN T 7 -76.63 11.91 -57.50
N VAL T 8 -75.31 12.10 -57.48
CA VAL T 8 -74.41 11.32 -56.64
C VAL T 8 -73.85 12.25 -55.57
N VAL T 9 -74.04 11.88 -54.32
CA VAL T 9 -73.60 12.68 -53.18
C VAL T 9 -72.16 12.31 -52.86
N VAL T 10 -71.34 13.33 -52.63
CA VAL T 10 -69.96 13.12 -52.23
C VAL T 10 -69.96 12.94 -50.71
N SER T 11 -69.67 11.72 -50.27
CA SER T 11 -69.81 11.35 -48.88
C SER T 11 -68.57 10.63 -48.39
N ASN T 12 -68.67 10.07 -47.19
CA ASN T 12 -67.56 9.37 -46.57
C ASN T 12 -67.55 7.92 -47.02
N PRO T 13 -66.53 7.47 -47.73
CA PRO T 13 -66.36 6.03 -47.94
C PRO T 13 -65.73 5.42 -46.70
N ARG T 14 -65.69 4.08 -46.68
CA ARG T 14 -65.14 3.38 -45.54
C ARG T 14 -65.88 3.78 -44.28
N PRO T 15 -67.10 3.28 -44.09
CA PRO T 15 -67.93 3.69 -42.95
C PRO T 15 -67.22 3.54 -41.62
N ILE T 16 -67.80 4.18 -40.60
CA ILE T 16 -67.24 4.24 -39.27
C ILE T 16 -68.23 3.64 -38.29
N PHE T 17 -67.78 2.65 -37.53
CA PHE T 17 -68.60 2.01 -36.51
C PHE T 17 -68.13 2.47 -35.14
N THR T 18 -69.06 3.01 -34.36
CA THR T 18 -68.75 3.72 -33.13
C THR T 18 -69.50 3.08 -31.98
N GLU T 19 -68.95 3.21 -30.78
CA GLU T 19 -69.55 2.62 -29.59
C GLU T 19 -70.94 3.19 -29.35
N SER T 20 -71.85 2.34 -28.86
CA SER T 20 -73.22 2.76 -28.63
C SER T 20 -73.38 3.59 -27.37
N ARG T 21 -72.54 3.36 -26.36
CA ARG T 21 -72.64 4.06 -25.09
C ARG T 21 -71.60 5.16 -24.92
N SER T 22 -70.63 5.26 -25.83
CA SER T 22 -69.60 6.28 -25.74
C SER T 22 -69.13 6.64 -27.13
N PHE T 23 -68.49 7.80 -27.24
CA PHE T 23 -68.04 8.29 -28.54
C PHE T 23 -66.61 7.82 -28.79
N LYS T 24 -66.49 6.51 -29.01
CA LYS T 24 -65.17 5.88 -29.28
C LYS T 24 -65.38 4.75 -30.30
N ALA T 25 -64.43 4.54 -31.20
CA ALA T 25 -64.52 3.52 -32.21
C ALA T 25 -64.52 2.14 -31.56
N VAL T 26 -65.09 1.17 -32.28
CA VAL T 26 -65.13 -0.22 -31.79
C VAL T 26 -63.85 -0.88 -32.28
N ALA T 27 -62.78 -0.65 -31.54
CA ALA T 27 -61.49 -1.21 -31.91
C ALA T 27 -61.50 -2.73 -31.73
N ASN T 28 -60.98 -3.43 -32.73
CA ASN T 28 -61.01 -4.89 -32.75
C ASN T 28 -62.43 -5.42 -32.58
N GLY T 29 -63.37 -4.75 -33.22
CA GLY T 29 -64.75 -5.17 -33.15
C GLY T 29 -65.07 -6.19 -34.23
N LYS T 30 -66.22 -6.83 -34.08
CA LYS T 30 -66.66 -7.85 -35.03
C LYS T 30 -67.95 -7.39 -35.69
N ILE T 31 -68.06 -7.63 -36.99
CA ILE T 31 -69.32 -7.43 -37.71
C ILE T 31 -69.72 -8.76 -38.32
N TYR T 32 -70.94 -9.20 -38.03
CA TYR T 32 -71.55 -10.35 -38.68
C TYR T 32 -72.64 -9.87 -39.61
N ILE T 33 -72.60 -10.32 -40.85
CA ILE T 33 -73.54 -9.92 -41.88
C ILE T 33 -74.32 -11.15 -42.32
N GLY T 34 -75.64 -11.07 -42.24
CA GLY T 34 -76.47 -12.22 -42.51
C GLY T 34 -77.76 -11.92 -43.26
N GLN T 35 -78.66 -12.90 -43.30
CA GLN T 35 -79.90 -12.74 -44.02
C GLN T 35 -80.82 -11.79 -43.27
N ILE T 36 -81.86 -11.31 -43.97
CA ILE T 36 -82.73 -10.28 -43.41
C ILE T 36 -83.56 -10.87 -42.28
N ASP T 37 -83.62 -10.14 -41.16
CA ASP T 37 -84.45 -10.50 -40.01
C ASP T 37 -84.06 -11.84 -39.42
N THR T 38 -82.76 -12.12 -39.37
CA THR T 38 -82.22 -13.27 -38.67
C THR T 38 -80.84 -12.90 -38.16
N ASP T 39 -80.43 -13.54 -37.06
CA ASP T 39 -79.14 -13.23 -36.40
C ASP T 39 -77.96 -13.78 -37.18
N PRO T 40 -76.94 -12.96 -37.56
CA PRO T 40 -75.85 -13.43 -38.41
C PRO T 40 -74.71 -14.11 -37.67
N VAL T 41 -74.79 -14.21 -36.34
CA VAL T 41 -73.75 -14.91 -35.59
C VAL T 41 -73.70 -16.37 -35.97
N ASN T 42 -74.86 -16.99 -36.11
CA ASN T 42 -74.93 -18.38 -36.55
C ASN T 42 -74.44 -18.49 -37.99
N PRO T 43 -73.53 -19.41 -38.29
CA PRO T 43 -73.04 -19.51 -39.68
C PRO T 43 -74.10 -19.92 -40.67
N ALA T 44 -75.22 -20.49 -40.22
CA ALA T 44 -76.25 -20.89 -41.15
C ALA T 44 -77.01 -19.71 -41.73
N ASN T 45 -77.03 -18.56 -41.05
CA ASN T 45 -77.79 -17.39 -41.48
C ASN T 45 -76.92 -16.33 -42.14
N GLN T 46 -75.69 -16.67 -42.50
CA GLN T 46 -74.80 -15.69 -43.08
C GLN T 46 -74.90 -15.70 -44.60
N ILE T 47 -74.46 -14.60 -45.21
CA ILE T 47 -74.47 -14.47 -46.66
C ILE T 47 -73.08 -14.08 -47.12
N PRO T 48 -72.74 -14.36 -48.38
CA PRO T 48 -71.41 -14.00 -48.87
C PRO T 48 -71.12 -12.52 -48.73
N VAL T 49 -69.88 -12.21 -48.37
CA VAL T 49 -69.40 -10.85 -48.23
C VAL T 49 -68.09 -10.72 -49.00
N TYR T 50 -68.03 -9.77 -49.92
CA TYR T 50 -66.91 -9.63 -50.85
C TYR T 50 -66.14 -8.35 -50.55
N ILE T 51 -64.91 -8.30 -51.05
CA ILE T 51 -64.09 -7.09 -51.02
C ILE T 51 -63.79 -6.72 -52.46
N GLU T 52 -63.97 -5.44 -52.78
CA GLU T 52 -63.69 -4.97 -54.14
C GLU T 52 -62.28 -4.41 -54.19
N ASN T 53 -61.43 -5.02 -55.02
CA ASN T 53 -60.07 -4.57 -55.18
C ASN T 53 -60.01 -3.40 -56.16
N GLU T 54 -58.80 -2.91 -56.41
CA GLU T 54 -58.64 -1.83 -57.39
C GLU T 54 -59.07 -2.29 -58.78
N ASP T 55 -58.71 -3.52 -59.15
CA ASP T 55 -59.02 -4.03 -60.47
C ASP T 55 -60.49 -4.36 -60.64
N GLY T 56 -61.29 -4.27 -59.59
CA GLY T 56 -62.71 -4.51 -59.67
C GLY T 56 -63.14 -5.91 -59.31
N SER T 57 -62.20 -6.84 -59.19
CA SER T 57 -62.55 -8.20 -58.82
C SER T 57 -63.08 -8.25 -57.40
N HIS T 58 -64.14 -9.02 -57.18
CA HIS T 58 -64.71 -9.22 -55.86
C HIS T 58 -64.20 -10.56 -55.31
N VAL T 59 -63.54 -10.51 -54.16
CA VAL T 59 -63.01 -11.69 -53.50
C VAL T 59 -63.77 -11.89 -52.20
N GLN T 60 -64.34 -13.08 -52.02
CA GLN T 60 -65.11 -13.36 -50.82
C GLN T 60 -64.18 -13.58 -49.64
N ILE T 61 -64.58 -13.07 -48.47
CA ILE T 61 -63.77 -13.19 -47.26
C ILE T 61 -64.57 -13.85 -46.14
N THR T 62 -63.90 -14.17 -45.05
CA THR T 62 -64.54 -14.79 -43.91
C THR T 62 -65.53 -13.82 -43.27
N GLN T 63 -66.54 -14.37 -42.62
CA GLN T 63 -67.71 -13.55 -42.27
C GLN T 63 -67.45 -12.52 -41.18
N PRO T 64 -66.89 -12.85 -40.00
CA PRO T 64 -66.74 -11.80 -38.98
C PRO T 64 -65.68 -10.80 -39.39
N LEU T 65 -66.14 -9.63 -39.84
CA LEU T 65 -65.22 -8.59 -40.29
C LEU T 65 -64.66 -7.83 -39.10
N ILE T 66 -63.41 -7.43 -39.20
CA ILE T 66 -62.66 -6.85 -38.08
C ILE T 66 -62.71 -5.34 -38.19
N ILE T 67 -63.02 -4.67 -37.08
CA ILE T 67 -63.06 -3.22 -36.98
C ILE T 67 -61.83 -2.76 -36.22
N ASN T 68 -61.04 -1.89 -36.85
CA ASN T 68 -59.75 -1.46 -36.32
C ASN T 68 -59.93 -0.23 -35.43
N ALA T 69 -58.82 0.43 -35.11
CA ALA T 69 -58.84 1.54 -34.16
C ALA T 69 -59.66 2.73 -34.66
N ALA T 70 -59.81 2.90 -35.96
CA ALA T 70 -60.53 4.03 -36.52
C ALA T 70 -62.02 3.78 -36.64
N GLY T 71 -62.49 2.57 -36.31
CA GLY T 71 -63.87 2.24 -36.51
C GLY T 71 -64.21 1.78 -37.90
N LYS T 72 -63.22 1.57 -38.76
CA LYS T 72 -63.45 1.13 -40.13
C LYS T 72 -62.99 -0.31 -40.31
N ILE T 73 -63.60 -0.99 -41.27
CA ILE T 73 -63.28 -2.39 -41.50
C ILE T 73 -61.88 -2.52 -42.05
N VAL T 74 -61.16 -3.56 -41.61
CA VAL T 74 -59.83 -3.88 -42.10
C VAL T 74 -59.82 -5.36 -42.45
N TYR T 75 -58.88 -5.73 -43.32
CA TYR T 75 -58.70 -7.13 -43.69
C TYR T 75 -57.44 -7.73 -43.06
N ASN T 76 -56.27 -7.15 -43.33
CA ASN T 76 -55.01 -7.52 -42.70
C ASN T 76 -54.33 -6.28 -42.14
N GLY T 77 -55.10 -5.47 -41.43
CA GLY T 77 -54.66 -4.16 -41.04
C GLY T 77 -54.84 -3.09 -42.09
N GLN T 78 -55.37 -3.46 -43.26
CA GLN T 78 -55.53 -2.54 -44.37
C GLN T 78 -57.00 -2.22 -44.56
N LEU T 79 -57.28 -0.95 -44.84
CA LEU T 79 -58.64 -0.54 -45.14
C LEU T 79 -59.08 -1.14 -46.47
N VAL T 80 -60.26 -1.76 -46.48
CA VAL T 80 -60.81 -2.38 -47.66
C VAL T 80 -62.19 -1.79 -47.92
N LYS T 81 -62.73 -2.09 -49.10
CA LYS T 81 -64.11 -1.72 -49.43
C LYS T 81 -64.91 -3.00 -49.51
N ILE T 82 -65.89 -3.12 -48.62
CA ILE T 82 -66.70 -4.31 -48.44
C ILE T 82 -68.01 -4.15 -49.19
N VAL T 83 -68.49 -5.22 -49.81
CA VAL T 83 -69.77 -5.22 -50.51
C VAL T 83 -70.48 -6.53 -50.26
N THR T 84 -71.79 -6.53 -50.50
CA THR T 84 -72.65 -7.70 -50.34
C THR T 84 -73.94 -7.44 -51.11
N VAL T 85 -74.94 -8.30 -50.90
CA VAL T 85 -76.23 -8.16 -51.56
C VAL T 85 -76.99 -7.00 -50.93
N GLN T 86 -78.05 -6.55 -51.61
CA GLN T 86 -78.73 -5.32 -51.20
C GLN T 86 -79.27 -5.41 -49.78
N GLY T 87 -80.00 -6.47 -49.46
CA GLY T 87 -80.64 -6.61 -48.16
C GLY T 87 -79.86 -7.57 -47.28
N HIS T 88 -79.52 -7.10 -46.09
CA HIS T 88 -78.77 -7.91 -45.14
C HIS T 88 -79.04 -7.39 -43.74
N SER T 89 -78.68 -8.20 -42.75
CA SER T 89 -78.76 -7.82 -41.35
C SER T 89 -77.35 -7.72 -40.77
N MET T 90 -77.13 -6.73 -39.93
CA MET T 90 -75.83 -6.54 -39.30
C MET T 90 -75.93 -6.77 -37.79
N ALA T 91 -74.94 -7.47 -37.25
CA ALA T 91 -74.77 -7.59 -35.80
C ALA T 91 -73.33 -7.21 -35.50
N ILE T 92 -73.15 -6.09 -34.82
CA ILE T 92 -71.83 -5.59 -34.46
C ILE T 92 -71.59 -5.90 -33.00
N TYR T 93 -70.57 -6.72 -32.75
CA TYR T 93 -70.18 -7.16 -31.43
C TYR T 93 -68.85 -6.52 -31.04
N ASP T 94 -68.65 -6.37 -29.73
CA ASP T 94 -67.46 -5.75 -29.20
C ASP T 94 -66.35 -6.80 -29.08
N ALA T 95 -65.20 -6.36 -28.56
CA ALA T 95 -64.07 -7.28 -28.43
C ALA T 95 -64.35 -8.36 -27.40
N ASN T 96 -65.01 -8.00 -26.30
CA ASN T 96 -65.30 -8.94 -25.22
C ASN T 96 -66.62 -9.67 -25.40
N GLY T 97 -67.22 -9.61 -26.58
CA GLY T 97 -68.47 -10.27 -26.85
C GLY T 97 -69.71 -9.46 -26.60
N SER T 98 -69.58 -8.20 -26.17
CA SER T 98 -70.74 -7.36 -25.94
C SER T 98 -71.42 -6.98 -27.25
N GLN T 99 -72.74 -6.86 -27.19
CA GLN T 99 -73.56 -6.52 -28.35
C GLN T 99 -73.56 -5.01 -28.55
N VAL T 100 -72.86 -4.53 -29.57
CA VAL T 100 -72.86 -3.10 -29.84
C VAL T 100 -74.12 -2.69 -30.60
N ASP T 101 -74.48 -3.44 -31.63
CA ASP T 101 -75.68 -3.09 -32.38
C ASP T 101 -76.24 -4.30 -33.12
N TYR T 102 -77.55 -4.22 -33.41
CA TYR T 102 -78.25 -5.22 -34.21
C TYR T 102 -79.23 -4.49 -35.11
N ILE T 103 -78.94 -4.48 -36.40
CA ILE T 103 -79.80 -3.88 -37.41
C ILE T 103 -80.40 -5.02 -38.21
N ALA T 104 -81.71 -5.24 -38.08
CA ALA T 104 -82.35 -6.38 -38.71
C ALA T 104 -82.41 -6.22 -40.23
N ASN T 105 -82.75 -5.03 -40.70
CA ASN T 105 -82.77 -4.74 -42.13
C ASN T 105 -82.09 -3.40 -42.36
N VAL T 106 -80.99 -3.42 -43.11
CA VAL T 106 -80.26 -2.20 -43.36
C VAL T 106 -81.01 -1.32 -44.34
N LEU T 107 -81.83 -1.91 -45.22
CA LEU T 107 -82.61 -1.14 -46.17
C LEU T 107 -83.68 -0.29 -45.49
N LYS T 108 -84.10 -0.68 -44.29
CA LYS T 108 -85.12 0.07 -43.57
C LYS T 108 -84.55 1.25 -42.82
N TYR T 109 -83.38 1.73 -43.23
CA TYR T 109 -82.78 2.92 -42.63
C TYR T 109 -82.50 4.01 -43.64
N ASP T 110 -82.73 3.77 -44.92
CA ASP T 110 -82.61 4.84 -45.90
C ASP T 110 -83.63 5.92 -45.57
N PRO T 111 -83.25 7.20 -45.69
CA PRO T 111 -84.20 8.26 -45.33
C PRO T 111 -85.50 8.19 -46.08
N ASP T 112 -85.49 7.82 -47.34
CA ASP T 112 -86.68 7.80 -48.19
C ASP T 112 -87.24 6.40 -48.20
N GLN T 113 -88.13 6.11 -47.25
CA GLN T 113 -88.80 4.81 -47.25
C GLN T 113 -89.95 4.77 -48.24
N TYR T 114 -90.48 5.93 -48.63
CA TYR T 114 -91.63 5.95 -49.53
C TYR T 114 -91.24 5.48 -50.93
N SER T 115 -90.02 5.83 -51.37
CA SER T 115 -89.60 5.50 -52.73
C SER T 115 -89.62 4.00 -52.98
N ILE T 116 -89.43 3.19 -51.95
CA ILE T 116 -89.42 1.75 -52.13
C ILE T 116 -90.74 1.28 -52.72
N GLU T 117 -91.83 1.51 -51.98
CA GLU T 117 -93.14 1.11 -52.49
C GLU T 117 -93.52 1.88 -53.74
N ALA T 118 -93.13 3.15 -53.85
CA ALA T 118 -93.50 3.91 -55.04
C ALA T 118 -92.91 3.27 -56.30
N ASP T 119 -91.61 3.02 -56.25
CA ASP T 119 -90.92 2.44 -57.44
C ASP T 119 -91.30 0.96 -57.62
N LYS T 120 -91.97 0.37 -56.62
CA LYS T 120 -92.30 -1.07 -56.73
C LYS T 120 -93.69 -1.20 -57.34
N LYS T 121 -94.57 -0.24 -57.06
CA LYS T 121 -95.95 -0.40 -57.49
C LYS T 121 -96.34 0.47 -58.68
N PHE T 122 -95.79 1.68 -58.79
CA PHE T 122 -96.14 2.55 -59.91
C PHE T 122 -95.48 2.05 -61.19
N LYS T 123 -96.19 2.19 -62.31
CA LYS T 123 -95.68 1.71 -63.59
C LYS T 123 -94.71 2.71 -64.20
N TYR T 124 -93.75 2.19 -64.94
CA TYR T 124 -92.73 3.03 -65.57
C TYR T 124 -93.20 3.54 -66.92
N THR U 5 -98.33 4.65 -41.92
CA THR U 5 -97.09 3.94 -42.20
C THR U 5 -95.91 4.89 -42.19
N ALA U 6 -94.75 4.39 -41.79
CA ALA U 6 -93.55 5.21 -41.75
C ALA U 6 -93.13 5.59 -43.16
N ASN U 7 -92.70 6.84 -43.32
CA ASN U 7 -92.35 7.36 -44.63
C ASN U 7 -90.90 7.82 -44.73
N VAL U 8 -90.41 8.54 -43.72
CA VAL U 8 -89.00 8.93 -43.66
C VAL U 8 -88.48 8.60 -42.27
N VAL U 9 -87.16 8.45 -42.17
CA VAL U 9 -86.48 8.14 -40.92
C VAL U 9 -85.44 9.20 -40.66
N VAL U 10 -85.40 9.71 -39.43
CA VAL U 10 -84.49 10.79 -39.10
C VAL U 10 -83.06 10.28 -39.17
N SER U 11 -82.17 11.10 -39.73
CA SER U 11 -80.77 10.70 -39.93
C SER U 11 -79.93 11.94 -40.13
N ASN U 12 -78.62 11.78 -39.93
CA ASN U 12 -77.69 12.89 -40.08
C ASN U 12 -77.11 12.87 -41.48
N PRO U 13 -77.45 13.84 -42.33
CA PRO U 13 -76.95 13.81 -43.71
C PRO U 13 -75.50 14.23 -43.85
N ARG U 14 -74.96 14.97 -42.90
CA ARG U 14 -73.63 15.53 -43.05
C ARG U 14 -72.59 14.43 -42.95
N PRO U 15 -71.78 14.20 -43.98
CA PRO U 15 -70.72 13.20 -43.89
C PRO U 15 -69.59 13.69 -43.01
N ILE U 16 -68.79 12.73 -42.54
CA ILE U 16 -67.68 12.99 -41.64
C ILE U 16 -66.45 12.29 -42.19
N PHE U 17 -65.28 12.87 -41.95
CA PHE U 17 -64.03 12.36 -42.52
C PHE U 17 -62.99 12.24 -41.42
N THR U 18 -62.60 11.02 -41.10
CA THR U 18 -61.63 10.74 -40.05
C THR U 18 -60.40 10.07 -40.63
N GLU U 19 -59.32 10.08 -39.84
CA GLU U 19 -58.08 9.43 -40.24
C GLU U 19 -58.29 7.93 -40.38
N SER U 20 -57.42 7.30 -41.16
CA SER U 20 -57.57 5.88 -41.47
C SER U 20 -57.19 4.98 -40.29
N ARG U 21 -56.31 5.44 -39.41
CA ARG U 21 -55.81 4.60 -38.33
C ARG U 21 -56.29 5.00 -36.94
N SER U 22 -56.70 6.25 -36.75
CA SER U 22 -57.11 6.74 -35.46
C SER U 22 -58.49 7.36 -35.56
N PHE U 23 -59.18 7.44 -34.42
CA PHE U 23 -60.53 8.00 -34.39
C PHE U 23 -60.48 9.52 -34.23
N LYS U 24 -59.80 10.17 -35.16
CA LYS U 24 -59.66 11.61 -35.16
C LYS U 24 -60.15 12.16 -36.49
N ALA U 25 -60.82 13.30 -36.44
CA ALA U 25 -61.29 13.94 -37.65
C ALA U 25 -60.12 14.55 -38.42
N VAL U 26 -60.19 14.48 -39.74
CA VAL U 26 -59.18 15.09 -40.60
C VAL U 26 -59.42 16.60 -40.55
N ALA U 27 -58.55 17.32 -39.85
CA ALA U 27 -58.73 18.75 -39.68
C ALA U 27 -58.02 19.50 -40.79
N ASN U 28 -58.77 20.39 -41.45
CA ASN U 28 -58.24 21.27 -42.50
C ASN U 28 -57.62 20.48 -43.65
N GLY U 29 -58.06 19.25 -43.84
CA GLY U 29 -57.61 18.46 -44.97
C GLY U 29 -58.34 18.82 -46.25
N LYS U 30 -57.91 18.19 -47.33
CA LYS U 30 -58.41 18.48 -48.65
C LYS U 30 -58.92 17.19 -49.30
N ILE U 31 -59.94 17.32 -50.12
CA ILE U 31 -60.52 16.20 -50.85
C ILE U 31 -60.46 16.50 -52.34
N TYR U 32 -59.93 15.57 -53.11
CA TYR U 32 -59.97 15.63 -54.57
C TYR U 32 -60.77 14.43 -55.06
N ILE U 33 -61.64 14.64 -56.04
CA ILE U 33 -62.40 13.56 -56.63
C ILE U 33 -62.38 13.70 -58.14
N GLY U 34 -62.10 12.60 -58.83
CA GLY U 34 -61.99 12.63 -60.27
C GLY U 34 -62.39 11.33 -60.91
N GLN U 35 -61.91 11.06 -62.12
CA GLN U 35 -62.33 9.86 -62.83
C GLN U 35 -61.94 8.62 -62.04
N ILE U 36 -62.73 7.56 -62.20
CA ILE U 36 -62.55 6.35 -61.41
C ILE U 36 -61.24 5.68 -61.80
N ASP U 37 -60.57 5.11 -60.80
CA ASP U 37 -59.28 4.43 -60.97
C ASP U 37 -58.23 5.34 -61.60
N THR U 38 -58.16 6.58 -61.11
CA THR U 38 -57.17 7.54 -61.59
C THR U 38 -56.63 8.32 -60.40
N ASP U 39 -55.94 9.43 -60.71
CA ASP U 39 -55.33 10.30 -59.72
C ASP U 39 -56.15 11.58 -59.69
N PRO U 40 -56.97 11.81 -58.66
CA PRO U 40 -57.86 12.97 -58.66
C PRO U 40 -57.16 14.30 -58.47
N VAL U 41 -55.89 14.31 -58.07
CA VAL U 41 -55.18 15.58 -57.94
C VAL U 41 -54.93 16.21 -59.29
N ASN U 42 -55.00 15.43 -60.36
CA ASN U 42 -54.75 15.94 -61.70
C ASN U 42 -55.98 16.67 -62.23
N PRO U 43 -55.86 17.94 -62.62
CA PRO U 43 -57.02 18.62 -63.22
C PRO U 43 -57.48 17.97 -64.50
N ALA U 44 -56.63 17.18 -65.16
CA ALA U 44 -57.07 16.42 -66.32
C ALA U 44 -57.89 15.21 -65.94
N ASN U 45 -57.88 14.82 -64.66
CA ASN U 45 -58.72 13.73 -64.18
C ASN U 45 -59.87 14.20 -63.32
N GLN U 46 -59.90 15.46 -62.92
CA GLN U 46 -60.93 15.94 -62.02
C GLN U 46 -62.29 16.01 -62.72
N ILE U 47 -63.35 16.00 -61.92
CA ILE U 47 -64.72 16.16 -62.39
C ILE U 47 -65.39 17.25 -61.57
N PRO U 48 -66.44 17.87 -62.11
CA PRO U 48 -67.08 19.00 -61.42
C PRO U 48 -67.82 18.58 -60.16
N VAL U 49 -67.92 19.52 -59.22
CA VAL U 49 -68.58 19.32 -57.95
C VAL U 49 -69.55 20.47 -57.71
N TYR U 50 -70.76 20.14 -57.26
CA TYR U 50 -71.81 21.15 -57.12
C TYR U 50 -72.35 21.14 -55.70
N ILE U 51 -72.39 22.32 -55.08
CA ILE U 51 -73.11 22.48 -53.83
C ILE U 51 -74.60 22.41 -54.12
N GLU U 52 -75.30 21.50 -53.44
CA GLU U 52 -76.75 21.44 -53.50
C GLU U 52 -77.27 22.25 -52.32
N ASN U 53 -77.76 23.45 -52.60
CA ASN U 53 -78.19 24.36 -51.55
C ASN U 53 -79.52 23.90 -50.98
N GLU U 54 -80.09 24.71 -50.08
CA GLU U 54 -81.29 24.32 -49.36
C GLU U 54 -82.46 24.04 -50.29
N ASP U 55 -82.38 24.52 -51.52
CA ASP U 55 -83.49 24.30 -52.49
C ASP U 55 -83.02 23.37 -53.61
N GLY U 56 -81.70 23.17 -53.73
CA GLY U 56 -81.16 22.33 -54.78
C GLY U 56 -80.77 23.10 -56.02
N SER U 57 -80.10 24.25 -55.83
CA SER U 57 -79.74 25.10 -56.99
C SER U 57 -78.49 24.58 -57.69
N HIS U 58 -77.64 23.82 -57.00
CA HIS U 58 -76.50 23.16 -57.63
C HIS U 58 -75.51 24.17 -58.21
N VAL U 59 -74.87 24.91 -57.30
CA VAL U 59 -73.85 25.89 -57.69
C VAL U 59 -72.49 25.22 -57.72
N GLN U 60 -71.79 25.37 -58.84
CA GLN U 60 -70.50 24.70 -59.04
C GLN U 60 -69.39 25.43 -58.31
N ILE U 61 -68.44 24.66 -57.77
CA ILE U 61 -67.33 25.19 -56.99
C ILE U 61 -66.02 24.59 -57.50
N THR U 62 -64.91 25.12 -56.96
CA THR U 62 -63.59 24.62 -57.30
C THR U 62 -63.35 23.26 -56.65
N GLN U 63 -62.27 22.60 -57.08
CA GLN U 63 -62.13 21.17 -56.79
C GLN U 63 -61.77 20.88 -55.34
N PRO U 64 -60.64 21.37 -54.79
CA PRO U 64 -60.23 20.88 -53.47
C PRO U 64 -61.26 21.21 -52.41
N LEU U 65 -61.94 20.18 -51.91
CA LEU U 65 -62.97 20.36 -50.91
C LEU U 65 -62.32 20.42 -49.53
N ILE U 66 -62.54 21.50 -48.82
CA ILE U 66 -61.88 21.75 -47.53
C ILE U 66 -62.69 21.10 -46.42
N ILE U 67 -62.00 20.42 -45.51
CA ILE U 67 -62.64 19.73 -44.40
C ILE U 67 -62.48 20.56 -43.13
N ASN U 68 -63.57 20.77 -42.41
CA ASN U 68 -63.56 21.50 -41.17
C ASN U 68 -62.68 20.81 -40.13
N ALA U 69 -62.50 21.49 -38.99
CA ALA U 69 -61.91 20.86 -37.83
C ALA U 69 -62.80 19.77 -37.24
N ALA U 70 -64.05 19.69 -37.67
CA ALA U 70 -65.00 18.70 -37.19
C ALA U 70 -65.14 17.51 -38.12
N GLY U 71 -64.32 17.42 -39.16
CA GLY U 71 -64.42 16.32 -40.09
C GLY U 71 -65.47 16.49 -41.16
N LYS U 72 -66.03 17.68 -41.33
CA LYS U 72 -67.08 17.93 -42.30
C LYS U 72 -66.65 18.97 -43.31
N ILE U 73 -67.16 18.85 -44.53
CA ILE U 73 -66.83 19.75 -45.63
C ILE U 73 -67.54 21.08 -45.41
N VAL U 74 -66.87 22.18 -45.73
CA VAL U 74 -67.46 23.51 -45.67
C VAL U 74 -67.08 24.30 -46.92
N TYR U 75 -67.89 25.33 -47.19
CA TYR U 75 -67.60 26.32 -48.21
C TYR U 75 -67.96 27.68 -47.63
N ASN U 76 -66.98 28.58 -47.60
CA ASN U 76 -67.15 29.90 -47.00
C ASN U 76 -67.58 29.81 -45.53
N GLY U 77 -67.08 28.81 -44.82
CA GLY U 77 -67.35 28.69 -43.41
C GLY U 77 -68.68 28.07 -43.05
N GLN U 78 -69.50 27.70 -44.02
CA GLN U 78 -70.79 27.08 -43.78
C GLN U 78 -70.75 25.64 -44.25
N LEU U 79 -71.42 24.76 -43.51
CA LEU U 79 -71.53 23.36 -43.92
C LEU U 79 -72.31 23.28 -45.22
N VAL U 80 -71.81 22.49 -46.16
CA VAL U 80 -72.42 22.37 -47.47
C VAL U 80 -72.60 20.89 -47.80
N LYS U 81 -73.55 20.63 -48.70
CA LYS U 81 -73.75 19.30 -49.27
C LYS U 81 -73.22 19.31 -50.70
N ILE U 82 -72.33 18.38 -51.00
CA ILE U 82 -71.63 18.33 -52.27
C ILE U 82 -72.12 17.13 -53.06
N VAL U 83 -72.44 17.35 -54.34
CA VAL U 83 -72.88 16.27 -55.21
C VAL U 83 -72.06 16.30 -56.49
N THR U 84 -72.01 15.15 -57.16
CA THR U 84 -71.27 14.97 -58.39
C THR U 84 -72.11 14.15 -59.35
N VAL U 85 -71.69 14.15 -60.62
CA VAL U 85 -72.53 13.59 -61.68
C VAL U 85 -72.41 12.08 -61.84
N GLN U 86 -71.37 11.46 -61.31
CA GLN U 86 -71.18 10.02 -61.51
C GLN U 86 -70.18 9.49 -60.48
N GLY U 87 -70.03 8.17 -60.48
CA GLY U 87 -69.06 7.54 -59.61
C GLY U 87 -67.64 8.00 -59.93
N HIS U 88 -66.82 8.06 -58.89
CA HIS U 88 -65.53 8.73 -58.99
C HIS U 88 -64.50 8.00 -58.15
N SER U 89 -63.26 8.47 -58.27
CA SER U 89 -62.16 8.05 -57.42
C SER U 89 -61.74 9.24 -56.57
N MET U 90 -61.56 8.99 -55.27
CA MET U 90 -61.41 10.05 -54.29
C MET U 90 -60.07 9.90 -53.58
N ALA U 91 -59.45 11.03 -53.27
CA ALA U 91 -58.19 11.09 -52.54
C ALA U 91 -58.31 12.15 -51.46
N ILE U 92 -58.07 11.75 -50.22
CA ILE U 92 -58.16 12.64 -49.07
C ILE U 92 -56.75 12.86 -48.53
N TYR U 93 -56.35 14.13 -48.48
CA TYR U 93 -55.05 14.55 -47.99
C TYR U 93 -55.22 15.28 -46.67
N ASP U 94 -54.26 15.08 -45.77
CA ASP U 94 -54.30 15.70 -44.45
C ASP U 94 -53.90 17.17 -44.56
N ALA U 95 -53.92 17.86 -43.41
CA ALA U 95 -53.50 19.25 -43.39
C ALA U 95 -52.04 19.40 -43.75
N ASN U 96 -51.18 18.51 -43.25
CA ASN U 96 -49.76 18.55 -43.59
C ASN U 96 -49.55 18.25 -45.07
N GLY U 97 -50.31 17.31 -45.63
CA GLY U 97 -50.16 16.95 -47.02
C GLY U 97 -50.04 15.46 -47.20
N SER U 98 -50.05 14.72 -46.09
CA SER U 98 -49.96 13.28 -46.15
C SER U 98 -51.24 12.67 -46.66
N GLN U 99 -51.12 11.72 -47.58
CA GLN U 99 -52.27 11.07 -48.19
C GLN U 99 -52.99 10.26 -47.12
N VAL U 100 -54.11 10.79 -46.65
CA VAL U 100 -54.90 10.04 -45.66
C VAL U 100 -55.55 8.83 -46.32
N ASP U 101 -56.10 8.99 -47.51
CA ASP U 101 -56.81 7.87 -48.11
C ASP U 101 -56.88 8.03 -49.62
N TYR U 102 -57.09 6.90 -50.29
CA TYR U 102 -57.35 6.88 -51.72
C TYR U 102 -58.27 5.72 -52.03
N ILE U 103 -59.45 6.03 -52.57
CA ILE U 103 -60.46 5.04 -52.92
C ILE U 103 -60.70 5.11 -54.41
N ALA U 104 -60.51 3.97 -55.08
CA ALA U 104 -60.58 3.96 -56.54
C ALA U 104 -62.00 4.06 -57.07
N ASN U 105 -62.99 3.54 -56.36
CA ASN U 105 -64.38 3.57 -56.82
C ASN U 105 -65.29 3.91 -55.65
N VAL U 106 -65.98 5.04 -55.76
CA VAL U 106 -66.96 5.48 -54.78
C VAL U 106 -68.26 5.77 -55.49
N LEU U 107 -69.37 5.32 -54.89
CA LEU U 107 -70.70 5.60 -55.43
C LEU U 107 -71.72 5.44 -54.32
N LYS U 108 -72.29 6.56 -53.85
CA LYS U 108 -73.52 6.51 -53.07
C LYS U 108 -74.46 7.56 -53.65
N TYR U 109 -75.74 7.21 -53.71
CA TYR U 109 -76.71 8.00 -54.45
C TYR U 109 -77.38 9.02 -53.54
N ASP U 110 -77.70 10.17 -54.11
CA ASP U 110 -78.40 11.22 -53.37
C ASP U 110 -79.75 10.69 -52.92
N PRO U 111 -80.09 10.75 -51.63
CA PRO U 111 -81.37 10.23 -51.16
C PRO U 111 -82.54 11.19 -51.21
N ASP U 112 -82.31 12.48 -51.40
CA ASP U 112 -83.40 13.46 -51.39
C ASP U 112 -83.80 13.82 -52.81
N GLN U 113 -84.71 14.79 -52.92
CA GLN U 113 -85.24 15.25 -54.20
C GLN U 113 -85.79 14.09 -55.02
N TYR U 114 -86.53 13.19 -54.37
CA TYR U 114 -87.13 12.06 -55.11
C TYR U 114 -88.26 12.54 -56.02
N SER U 115 -88.94 13.62 -55.63
CA SER U 115 -90.09 14.04 -56.42
C SER U 115 -89.72 14.23 -57.88
N ILE U 116 -88.61 14.92 -58.14
CA ILE U 116 -88.18 15.15 -59.51
C ILE U 116 -87.86 13.83 -60.20
N GLU U 117 -87.17 12.94 -59.50
CA GLU U 117 -86.79 11.67 -60.09
C GLU U 117 -88.03 10.86 -60.48
N ALA U 118 -89.01 10.77 -59.56
CA ALA U 118 -90.22 10.03 -59.86
C ALA U 118 -91.01 10.69 -60.98
N ASP U 119 -91.10 12.03 -60.96
CA ASP U 119 -91.77 12.76 -62.03
C ASP U 119 -91.17 12.40 -63.38
N LYS U 120 -89.85 12.25 -63.45
CA LYS U 120 -89.25 11.92 -64.74
C LYS U 120 -89.45 10.45 -65.08
N LYS U 121 -89.34 9.55 -64.11
CA LYS U 121 -89.28 8.14 -64.46
C LYS U 121 -90.66 7.49 -64.60
N PHE U 122 -91.73 8.14 -64.16
CA PHE U 122 -93.05 7.55 -64.25
C PHE U 122 -93.84 8.13 -65.41
N LYS U 123 -94.89 7.41 -65.80
CA LYS U 123 -95.74 7.79 -66.93
C LYS U 123 -97.09 8.25 -66.42
N TYR U 124 -97.50 9.44 -66.86
CA TYR U 124 -98.70 10.07 -66.32
C TYR U 124 -99.96 9.51 -66.95
N THR V 5 -1.85 -75.96 -48.61
CA THR V 5 -0.84 -76.89 -49.12
C THR V 5 -0.21 -77.63 -47.95
N ALA V 6 -1.05 -78.09 -47.02
CA ALA V 6 -0.55 -78.80 -45.85
C ALA V 6 -1.69 -79.61 -45.24
N ASN V 7 -1.32 -80.66 -44.51
CA ASN V 7 -2.29 -81.64 -44.01
C ASN V 7 -2.17 -81.88 -42.51
N VAL V 8 -1.42 -81.05 -41.79
CA VAL V 8 -1.38 -81.11 -40.33
C VAL V 8 -1.21 -79.69 -39.81
N VAL V 9 -1.54 -79.49 -38.54
CA VAL V 9 -1.45 -78.20 -37.88
C VAL V 9 -0.36 -78.28 -36.82
N VAL V 10 0.52 -77.28 -36.80
CA VAL V 10 1.60 -77.28 -35.83
C VAL V 10 1.01 -77.19 -34.43
N SER V 11 1.72 -77.76 -33.46
CA SER V 11 1.20 -77.86 -32.10
C SER V 11 2.36 -78.06 -31.15
N ASN V 12 2.04 -78.31 -29.89
CA ASN V 12 3.03 -78.61 -28.86
C ASN V 12 2.95 -80.09 -28.53
N PRO V 13 3.84 -80.92 -29.07
CA PRO V 13 3.81 -82.35 -28.71
C PRO V 13 4.04 -82.59 -27.23
N ARG V 14 4.86 -81.79 -26.58
CA ARG V 14 5.28 -82.08 -25.21
C ARG V 14 4.10 -81.96 -24.25
N PRO V 15 3.85 -82.96 -23.41
CA PRO V 15 2.71 -82.90 -22.50
C PRO V 15 2.94 -81.94 -21.35
N ILE V 16 1.84 -81.39 -20.85
CA ILE V 16 1.83 -80.49 -19.69
C ILE V 16 0.71 -80.90 -18.76
N PHE V 17 1.00 -80.97 -17.47
CA PHE V 17 0.08 -81.52 -16.48
C PHE V 17 -0.34 -80.42 -15.52
N THR V 18 -1.61 -80.02 -15.60
CA THR V 18 -2.16 -79.01 -14.72
C THR V 18 -3.24 -79.63 -13.85
N GLU V 19 -3.58 -78.94 -12.76
CA GLU V 19 -4.58 -79.45 -11.83
C GLU V 19 -5.94 -79.53 -12.51
N SER V 20 -6.73 -80.51 -12.09
CA SER V 20 -8.02 -80.73 -12.70
C SER V 20 -9.08 -79.75 -12.22
N ARG V 21 -8.85 -79.04 -11.13
CA ARG V 21 -9.83 -78.13 -10.57
C ARG V 21 -9.42 -76.67 -10.60
N SER V 22 -8.14 -76.36 -10.80
CA SER V 22 -7.67 -74.99 -10.87
C SER V 22 -6.48 -74.93 -11.82
N PHE V 23 -6.22 -73.73 -12.35
CA PHE V 23 -5.29 -73.56 -13.46
C PHE V 23 -3.89 -73.28 -12.91
N LYS V 24 -3.18 -74.35 -12.58
CA LYS V 24 -1.76 -74.24 -12.28
C LYS V 24 -1.10 -75.58 -12.55
N ALA V 25 0.19 -75.53 -12.87
CA ALA V 25 0.94 -76.74 -13.13
C ALA V 25 1.05 -77.56 -11.85
N VAL V 26 1.21 -78.87 -12.03
CA VAL V 26 1.42 -79.74 -10.88
C VAL V 26 2.88 -79.61 -10.50
N ALA V 27 3.18 -78.65 -9.63
CA ALA V 27 4.56 -78.43 -9.21
C ALA V 27 5.03 -79.60 -8.36
N ASN V 28 6.18 -80.16 -8.70
CA ASN V 28 6.75 -81.31 -8.00
C ASN V 28 5.70 -82.40 -7.85
N GLY V 29 5.19 -82.85 -8.98
CA GLY V 29 4.17 -83.88 -8.99
C GLY V 29 4.74 -85.25 -9.26
N LYS V 30 3.95 -86.27 -8.96
CA LYS V 30 4.33 -87.66 -9.17
C LYS V 30 3.41 -88.29 -10.19
N ILE V 31 4.01 -88.95 -11.19
CA ILE V 31 3.27 -89.76 -12.15
C ILE V 31 3.64 -91.22 -11.90
N TYR V 32 2.62 -92.08 -11.79
CA TYR V 32 2.81 -93.51 -11.65
C TYR V 32 2.18 -94.21 -12.85
N ILE V 33 2.96 -95.08 -13.48
CA ILE V 33 2.54 -95.83 -14.66
C ILE V 33 2.41 -97.29 -14.27
N GLY V 34 1.22 -97.85 -14.44
CA GLY V 34 0.97 -99.21 -14.02
C GLY V 34 0.23 -100.05 -15.04
N GLN V 35 -0.23 -101.23 -14.63
CA GLN V 35 -0.93 -102.12 -15.54
C GLN V 35 -2.32 -101.57 -15.84
N ILE V 36 -2.93 -102.10 -16.91
CA ILE V 36 -4.17 -101.54 -17.43
C ILE V 36 -5.31 -101.88 -16.48
N ASP V 37 -6.10 -100.87 -16.12
CA ASP V 37 -7.16 -100.97 -15.11
C ASP V 37 -6.65 -101.58 -13.81
N THR V 38 -5.75 -100.86 -13.16
CA THR V 38 -5.24 -101.27 -11.86
C THR V 38 -4.92 -100.02 -11.05
N ASP V 39 -4.15 -100.21 -9.98
CA ASP V 39 -3.68 -99.12 -9.14
C ASP V 39 -2.20 -98.92 -9.40
N PRO V 40 -1.78 -97.86 -10.12
CA PRO V 40 -0.36 -97.72 -10.48
C PRO V 40 0.51 -97.23 -9.34
N VAL V 41 -0.06 -96.81 -8.20
CA VAL V 41 0.77 -96.53 -7.04
C VAL V 41 1.45 -97.80 -6.55
N ASN V 42 0.73 -98.90 -6.57
CA ASN V 42 1.22 -100.16 -6.03
C ASN V 42 2.38 -100.70 -6.86
N PRO V 43 3.56 -100.89 -6.27
CA PRO V 43 4.71 -101.34 -7.05
C PRO V 43 4.52 -102.71 -7.67
N ALA V 44 3.69 -103.57 -7.06
CA ALA V 44 3.40 -104.84 -7.68
C ALA V 44 2.62 -104.67 -8.97
N ASN V 45 1.92 -103.54 -9.12
CA ASN V 45 1.22 -103.25 -10.36
C ASN V 45 2.05 -102.40 -11.31
N GLN V 46 3.08 -101.73 -10.80
CA GLN V 46 3.88 -100.82 -11.61
C GLN V 46 4.60 -101.59 -12.73
N ILE V 47 4.77 -100.92 -13.86
CA ILE V 47 5.42 -101.52 -15.03
C ILE V 47 6.64 -100.69 -15.38
N PRO V 48 7.61 -101.26 -16.07
CA PRO V 48 8.81 -100.49 -16.43
C PRO V 48 8.50 -99.32 -17.33
N VAL V 49 9.24 -98.23 -17.14
CA VAL V 49 9.11 -97.04 -17.97
C VAL V 49 10.51 -96.64 -18.45
N TYR V 50 10.66 -96.44 -19.76
CA TYR V 50 11.90 -95.96 -20.33
C TYR V 50 11.73 -94.52 -20.75
N ILE V 51 12.84 -93.86 -21.05
CA ILE V 51 12.80 -92.57 -21.73
C ILE V 51 13.34 -92.78 -23.13
N GLU V 52 12.87 -91.98 -24.06
CA GLU V 52 13.35 -92.04 -25.44
C GLU V 52 14.09 -90.74 -25.73
N ASN V 53 15.34 -90.87 -26.17
CA ASN V 53 16.16 -89.70 -26.43
C ASN V 53 15.82 -89.13 -27.81
N GLU V 54 16.55 -88.10 -28.20
CA GLU V 54 16.39 -87.55 -29.54
C GLU V 54 16.84 -88.54 -30.60
N ASP V 55 17.95 -89.23 -30.34
CA ASP V 55 18.46 -90.21 -31.30
C ASP V 55 17.63 -91.49 -31.33
N GLY V 56 16.77 -91.71 -30.35
CA GLY V 56 15.97 -92.91 -30.27
C GLY V 56 16.45 -93.92 -29.26
N SER V 57 17.59 -93.68 -28.60
CA SER V 57 18.09 -94.61 -27.60
C SER V 57 17.25 -94.53 -26.33
N HIS V 58 17.10 -95.67 -25.67
CA HIS V 58 16.24 -95.78 -24.50
C HIS V 58 17.09 -96.05 -23.26
N VAL V 59 16.59 -95.60 -22.11
CA VAL V 59 17.19 -95.91 -20.82
C VAL V 59 16.10 -95.91 -19.76
N GLN V 60 16.06 -96.97 -18.95
CA GLN V 60 15.03 -97.13 -17.95
C GLN V 60 15.29 -96.26 -16.73
N ILE V 61 14.23 -95.71 -16.15
CA ILE V 61 14.32 -94.90 -14.94
C ILE V 61 13.31 -95.39 -13.92
N THR V 62 13.52 -94.99 -12.67
CA THR V 62 12.64 -95.38 -11.58
C THR V 62 11.23 -94.87 -11.82
N GLN V 63 10.24 -95.65 -11.41
CA GLN V 63 8.87 -95.44 -11.88
C GLN V 63 8.28 -94.09 -11.50
N PRO V 64 8.32 -93.62 -10.24
CA PRO V 64 7.66 -92.35 -9.94
C PRO V 64 8.30 -91.20 -10.72
N LEU V 65 7.56 -90.69 -11.69
CA LEU V 65 8.08 -89.67 -12.60
C LEU V 65 7.86 -88.30 -12.00
N ILE V 66 8.89 -87.47 -12.06
CA ILE V 66 8.86 -86.14 -11.46
C ILE V 66 8.29 -85.15 -12.47
N ILE V 67 7.30 -84.39 -12.04
CA ILE V 67 6.74 -83.26 -12.79
C ILE V 67 7.30 -82.00 -12.17
N ASN V 68 8.05 -81.23 -12.95
CA ASN V 68 8.77 -80.07 -12.44
C ASN V 68 7.82 -78.89 -12.26
N ALA V 69 8.38 -77.70 -12.06
CA ALA V 69 7.56 -76.53 -11.76
C ALA V 69 6.71 -76.08 -12.93
N ALA V 70 7.13 -76.34 -14.16
CA ALA V 70 6.37 -75.95 -15.33
C ALA V 70 5.41 -77.03 -15.78
N GLY V 71 5.12 -78.02 -14.94
CA GLY V 71 4.21 -79.08 -15.30
C GLY V 71 4.72 -79.99 -16.40
N LYS V 72 5.99 -80.39 -16.36
CA LYS V 72 6.56 -81.27 -17.35
C LYS V 72 7.44 -82.32 -16.67
N ILE V 73 7.64 -83.43 -17.37
CA ILE V 73 8.41 -84.54 -16.81
C ILE V 73 9.88 -84.27 -17.05
N VAL V 74 10.67 -84.29 -15.98
CA VAL V 74 12.12 -84.17 -16.05
C VAL V 74 12.73 -85.32 -15.25
N TYR V 75 13.80 -85.92 -15.79
CA TYR V 75 14.49 -86.96 -15.06
C TYR V 75 15.77 -86.46 -14.41
N ASN V 76 16.74 -86.04 -15.20
CA ASN V 76 17.97 -85.43 -14.69
C ASN V 76 17.91 -83.91 -14.72
N GLY V 77 16.82 -83.34 -14.20
CA GLY V 77 16.61 -81.92 -14.36
C GLY V 77 16.58 -81.48 -15.80
N GLN V 78 16.25 -82.39 -16.72
CA GLN V 78 16.21 -82.09 -18.14
C GLN V 78 14.93 -82.66 -18.73
N LEU V 79 14.38 -81.96 -19.71
CA LEU V 79 13.10 -82.38 -20.28
C LEU V 79 13.27 -83.66 -21.06
N VAL V 80 12.42 -84.65 -20.78
CA VAL V 80 12.53 -85.98 -21.36
C VAL V 80 11.19 -86.37 -21.97
N LYS V 81 11.22 -87.47 -22.73
CA LYS V 81 10.02 -88.12 -23.23
C LYS V 81 9.96 -89.52 -22.67
N ILE V 82 8.82 -89.90 -22.11
CA ILE V 82 8.66 -91.18 -21.42
C ILE V 82 7.87 -92.12 -22.31
N VAL V 83 8.37 -93.35 -22.47
CA VAL V 83 7.77 -94.35 -23.33
C VAL V 83 7.71 -95.68 -22.58
N THR V 84 6.87 -96.57 -23.08
CA THR V 84 6.76 -97.93 -22.58
C THR V 84 6.58 -98.89 -23.75
N VAL V 85 6.86 -100.16 -23.50
CA VAL V 85 6.70 -101.18 -24.54
C VAL V 85 5.27 -101.71 -24.60
N GLN V 86 4.48 -101.50 -23.55
CA GLN V 86 3.10 -101.95 -23.49
C GLN V 86 2.23 -100.80 -23.00
N GLY V 87 0.93 -100.94 -23.23
CA GLY V 87 -0.01 -99.96 -22.72
C GLY V 87 0.01 -99.91 -21.21
N HIS V 88 -0.65 -98.90 -20.67
CA HIS V 88 -0.53 -98.67 -19.23
C HIS V 88 -1.69 -97.84 -18.72
N SER V 89 -1.77 -97.75 -17.40
CA SER V 89 -2.64 -96.82 -16.71
C SER V 89 -1.79 -95.73 -16.07
N MET V 90 -2.33 -94.52 -16.04
CA MET V 90 -1.61 -93.37 -15.49
C MET V 90 -2.31 -92.89 -14.23
N ALA V 91 -1.52 -92.46 -13.25
CA ALA V 91 -2.06 -91.83 -12.05
C ALA V 91 -1.16 -90.67 -11.68
N ILE V 92 -1.74 -89.46 -11.64
CA ILE V 92 -1.00 -88.23 -11.40
C ILE V 92 -1.46 -87.63 -10.08
N TYR V 93 -0.51 -87.38 -9.18
CA TYR V 93 -0.76 -86.77 -7.88
C TYR V 93 0.14 -85.57 -7.68
N ASP V 94 -0.36 -84.57 -6.96
CA ASP V 94 0.44 -83.42 -6.61
C ASP V 94 1.35 -83.75 -5.43
N ALA V 95 2.16 -82.77 -5.01
CA ALA V 95 3.16 -83.03 -3.98
C ALA V 95 2.54 -83.43 -2.65
N ASN V 96 1.27 -83.13 -2.43
CA ASN V 96 0.61 -83.44 -1.17
C ASN V 96 -0.06 -84.81 -1.15
N GLY V 97 0.06 -85.58 -2.22
CA GLY V 97 -0.52 -86.90 -2.28
C GLY V 97 -1.95 -86.95 -2.75
N SER V 98 -2.59 -85.81 -2.97
CA SER V 98 -3.93 -85.80 -3.56
C SER V 98 -3.86 -86.27 -5.00
N GLN V 99 -4.86 -87.04 -5.41
CA GLN V 99 -4.88 -87.58 -6.76
C GLN V 99 -5.37 -86.50 -7.74
N VAL V 100 -4.46 -85.97 -8.54
CA VAL V 100 -4.83 -84.94 -9.51
C VAL V 100 -5.67 -85.55 -10.63
N ASP V 101 -5.25 -86.69 -11.16
CA ASP V 101 -6.05 -87.34 -12.18
C ASP V 101 -5.67 -88.82 -12.28
N TYR V 102 -6.54 -89.59 -12.90
CA TYR V 102 -6.33 -91.03 -13.03
C TYR V 102 -6.95 -91.52 -14.32
N ILE V 103 -6.15 -92.11 -15.19
CA ILE V 103 -6.63 -92.76 -16.41
C ILE V 103 -6.36 -94.24 -16.27
N ALA V 104 -7.43 -95.04 -16.30
CA ALA V 104 -7.30 -96.48 -16.10
C ALA V 104 -6.72 -97.17 -17.31
N ASN V 105 -6.93 -96.63 -18.50
CA ASN V 105 -6.45 -97.27 -19.73
C ASN V 105 -6.22 -96.16 -20.74
N VAL V 106 -4.96 -95.85 -21.02
CA VAL V 106 -4.61 -94.67 -21.79
C VAL V 106 -5.09 -94.80 -23.23
N LEU V 107 -4.62 -95.83 -23.92
CA LEU V 107 -4.95 -96.02 -25.34
C LEU V 107 -6.27 -96.74 -25.55
N LYS V 108 -6.95 -97.13 -24.48
CA LYS V 108 -8.17 -97.92 -24.53
C LYS V 108 -7.95 -99.29 -25.18
N TYR V 109 -6.70 -99.72 -25.28
CA TYR V 109 -6.34 -101.03 -25.81
C TYR V 109 -4.85 -101.26 -25.57
N ASP V 110 -4.49 -102.52 -25.36
CA ASP V 110 -3.09 -102.88 -25.11
C ASP V 110 -2.36 -103.06 -26.44
N PRO V 111 -1.32 -102.29 -26.72
CA PRO V 111 -0.62 -102.42 -28.00
C PRO V 111 0.37 -103.57 -28.03
N ASP V 112 0.91 -103.95 -26.87
CA ASP V 112 1.86 -105.06 -26.82
C ASP V 112 1.22 -106.35 -27.30
N GLN V 113 0.18 -106.81 -26.59
CA GLN V 113 -0.48 -108.04 -26.98
C GLN V 113 -1.16 -107.90 -28.34
N TYR V 114 -1.69 -106.72 -28.63
CA TYR V 114 -2.36 -106.56 -29.92
C TYR V 114 -1.37 -106.64 -31.07
N SER V 115 -0.09 -106.37 -30.85
CA SER V 115 0.90 -106.62 -31.89
C SER V 115 0.88 -108.09 -32.28
N ILE V 116 0.96 -108.98 -31.29
CA ILE V 116 0.95 -110.42 -31.57
C ILE V 116 -0.36 -110.82 -32.22
N GLU V 117 -1.49 -110.32 -31.70
CA GLU V 117 -2.77 -110.75 -32.25
C GLU V 117 -2.96 -110.26 -33.68
N ALA V 118 -2.50 -109.05 -33.98
CA ALA V 118 -2.57 -108.54 -35.34
C ALA V 118 -1.67 -109.33 -36.27
N ASP V 119 -0.48 -109.72 -35.79
CA ASP V 119 0.36 -110.61 -36.60
C ASP V 119 -0.34 -111.92 -36.87
N LYS V 120 -1.07 -112.44 -35.88
CA LYS V 120 -1.74 -113.73 -36.04
C LYS V 120 -2.98 -113.64 -36.93
N LYS V 121 -3.62 -112.46 -37.01
CA LYS V 121 -4.94 -112.37 -37.62
C LYS V 121 -5.00 -111.54 -38.90
N PHE V 122 -4.00 -110.70 -39.19
CA PHE V 122 -4.07 -109.81 -40.34
C PHE V 122 -3.12 -110.24 -41.43
N LYS V 123 -3.56 -110.13 -42.68
CA LYS V 123 -2.75 -110.55 -43.81
C LYS V 123 -1.75 -109.46 -44.19
N TYR V 124 -0.48 -109.84 -44.28
CA TYR V 124 0.61 -108.89 -44.53
C TYR V 124 0.47 -108.25 -45.89
N THR W 5 -19.82 -93.84 -35.10
CA THR W 5 -18.38 -93.73 -34.92
C THR W 5 -17.93 -92.27 -34.83
N ALA W 6 -17.65 -91.83 -33.62
CA ALA W 6 -17.18 -90.46 -33.37
C ALA W 6 -15.68 -90.55 -33.10
N ASN W 7 -14.89 -90.43 -34.16
CA ASN W 7 -13.43 -90.52 -34.07
C ASN W 7 -12.76 -89.16 -33.95
N VAL W 8 -13.52 -88.08 -34.00
CA VAL W 8 -12.98 -86.73 -33.88
C VAL W 8 -13.13 -86.29 -32.44
N VAL W 9 -12.02 -86.00 -31.80
CA VAL W 9 -12.02 -85.56 -30.41
C VAL W 9 -12.04 -84.04 -30.38
N VAL W 10 -12.83 -83.49 -29.46
CA VAL W 10 -12.86 -82.04 -29.26
C VAL W 10 -11.67 -81.69 -28.38
N SER W 11 -10.61 -81.17 -29.00
CA SER W 11 -9.38 -80.84 -28.32
C SER W 11 -9.16 -79.33 -28.38
N ASN W 12 -8.09 -78.89 -27.75
CA ASN W 12 -7.76 -77.47 -27.74
C ASN W 12 -7.16 -77.07 -29.07
N PRO W 13 -7.76 -76.13 -29.79
CA PRO W 13 -7.12 -75.55 -30.97
C PRO W 13 -6.29 -74.34 -30.58
N ARG W 14 -5.45 -73.90 -31.51
CA ARG W 14 -4.54 -72.80 -31.25
C ARG W 14 -3.67 -73.13 -30.04
N PRO W 15 -2.69 -74.00 -30.21
CA PRO W 15 -2.00 -74.59 -29.06
C PRO W 15 -1.20 -73.57 -28.28
N ILE W 16 -0.87 -73.95 -27.05
CA ILE W 16 -0.26 -73.07 -26.07
C ILE W 16 1.16 -73.53 -25.80
N PHE W 17 2.13 -72.65 -26.00
CA PHE W 17 3.53 -72.95 -25.77
C PHE W 17 3.96 -72.40 -24.42
N THR W 18 4.54 -73.26 -23.58
CA THR W 18 4.82 -72.96 -22.19
C THR W 18 6.31 -73.13 -21.92
N GLU W 19 6.84 -72.27 -21.06
CA GLU W 19 8.23 -72.36 -20.63
C GLU W 19 8.50 -73.71 -19.96
N SER W 20 9.77 -74.10 -19.96
CA SER W 20 10.16 -75.40 -19.44
C SER W 20 10.41 -75.40 -17.94
N ARG W 21 10.80 -74.25 -17.37
CA ARG W 21 11.09 -74.17 -15.95
C ARG W 21 9.99 -73.52 -15.13
N SER W 22 9.11 -72.75 -15.76
CA SER W 22 8.05 -72.05 -15.05
C SER W 22 6.75 -72.16 -15.84
N PHE W 23 5.64 -72.04 -15.12
CA PHE W 23 4.31 -72.16 -15.71
C PHE W 23 3.85 -70.80 -16.24
N LYS W 24 4.53 -70.34 -17.28
CA LYS W 24 4.19 -69.10 -17.94
C LYS W 24 4.35 -69.26 -19.43
N ALA W 25 3.51 -68.57 -20.20
CA ALA W 25 3.57 -68.66 -21.64
C ALA W 25 4.87 -68.07 -22.16
N VAL W 26 5.28 -68.51 -23.34
CA VAL W 26 6.51 -68.01 -23.94
C VAL W 26 6.17 -66.73 -24.70
N ALA W 27 6.10 -65.61 -23.99
CA ALA W 27 5.75 -64.36 -24.63
C ALA W 27 6.84 -63.91 -25.58
N ASN W 28 6.43 -63.53 -26.79
CA ASN W 28 7.37 -63.12 -27.84
C ASN W 28 8.40 -64.21 -28.09
N GLY W 29 7.96 -65.46 -28.08
CA GLY W 29 8.84 -66.54 -28.41
C GLY W 29 8.99 -66.73 -29.90
N LYS W 30 9.97 -67.54 -30.30
CA LYS W 30 10.20 -67.81 -31.72
C LYS W 30 10.11 -69.30 -31.97
N ILE W 31 9.39 -69.67 -33.03
CA ILE W 31 9.25 -71.07 -33.42
C ILE W 31 9.92 -71.25 -34.76
N TYR W 32 10.81 -72.23 -34.84
CA TYR W 32 11.44 -72.66 -36.07
C TYR W 32 10.97 -74.07 -36.39
N ILE W 33 10.65 -74.30 -37.66
CA ILE W 33 10.16 -75.59 -38.12
C ILE W 33 11.02 -76.05 -39.29
N GLY W 34 11.55 -77.26 -39.20
CA GLY W 34 12.45 -77.74 -40.23
C GLY W 34 12.33 -79.22 -40.54
N GLN W 35 13.27 -79.76 -41.30
CA GLN W 35 13.27 -81.18 -41.61
C GLN W 35 13.49 -81.99 -40.34
N ILE W 36 13.23 -83.29 -40.44
CA ILE W 36 13.21 -84.15 -39.26
C ILE W 36 14.63 -84.52 -38.84
N ASP W 37 14.83 -84.63 -37.53
CA ASP W 37 16.15 -84.93 -36.95
C ASP W 37 17.22 -83.95 -37.42
N THR W 38 16.86 -82.68 -37.52
CA THR W 38 17.83 -81.65 -37.90
C THR W 38 17.28 -80.30 -37.49
N ASP W 39 18.16 -79.44 -36.97
CA ASP W 39 17.72 -78.23 -36.28
C ASP W 39 17.16 -77.22 -37.26
N PRO W 40 16.05 -76.55 -36.94
CA PRO W 40 15.37 -75.66 -37.89
C PRO W 40 15.79 -74.20 -37.84
N VAL W 41 16.88 -73.86 -37.15
CA VAL W 41 17.32 -72.48 -37.16
C VAL W 41 18.05 -72.16 -38.45
N ASN W 42 18.55 -73.18 -39.13
CA ASN W 42 19.25 -72.96 -40.39
C ASN W 42 18.24 -72.71 -41.50
N PRO W 43 18.35 -71.58 -42.22
CA PRO W 43 17.41 -71.34 -43.33
C PRO W 43 17.46 -72.40 -44.40
N ALA W 44 18.61 -73.03 -44.63
CA ALA W 44 18.66 -74.15 -45.57
C ALA W 44 17.92 -75.37 -45.06
N ASN W 45 17.72 -75.48 -43.76
CA ASN W 45 17.07 -76.62 -43.15
C ASN W 45 15.58 -76.37 -42.95
N GLN W 46 15.17 -75.11 -42.93
CA GLN W 46 13.77 -74.77 -42.68
C GLN W 46 12.88 -75.26 -43.82
N ILE W 47 11.61 -75.50 -43.49
CA ILE W 47 10.66 -76.02 -44.46
C ILE W 47 9.47 -75.07 -44.51
N PRO W 48 8.71 -75.08 -45.61
CA PRO W 48 7.58 -74.16 -45.74
C PRO W 48 6.52 -74.37 -44.66
N VAL W 49 5.93 -73.27 -44.22
CA VAL W 49 4.87 -73.29 -43.22
C VAL W 49 3.83 -72.25 -43.65
N TYR W 50 2.56 -72.60 -43.54
CA TYR W 50 1.47 -71.81 -44.10
C TYR W 50 0.49 -71.43 -43.00
N ILE W 51 -0.36 -70.45 -43.30
CA ILE W 51 -1.49 -70.15 -42.43
C ILE W 51 -2.76 -70.50 -43.20
N GLU W 52 -3.79 -70.88 -42.46
CA GLU W 52 -5.05 -71.33 -43.03
C GLU W 52 -6.09 -70.23 -42.87
N ASN W 53 -6.35 -69.48 -43.93
CA ASN W 53 -7.31 -68.40 -43.87
C ASN W 53 -8.72 -68.94 -43.67
N GLU W 54 -9.67 -68.03 -43.50
CA GLU W 54 -11.06 -68.44 -43.38
C GLU W 54 -11.59 -69.03 -44.68
N ASP W 55 -11.23 -68.43 -45.81
CA ASP W 55 -11.68 -68.96 -47.09
C ASP W 55 -11.00 -70.27 -47.45
N GLY W 56 -9.93 -70.64 -46.73
CA GLY W 56 -9.24 -71.89 -46.96
C GLY W 56 -7.91 -71.76 -47.67
N SER W 57 -7.61 -70.61 -48.26
CA SER W 57 -6.34 -70.44 -48.94
C SER W 57 -5.19 -70.53 -47.95
N HIS W 58 -4.14 -71.25 -48.35
CA HIS W 58 -2.96 -71.44 -47.50
C HIS W 58 -1.87 -70.46 -47.96
N VAL W 59 -1.64 -69.43 -47.15
CA VAL W 59 -0.62 -68.43 -47.44
C VAL W 59 0.61 -68.77 -46.61
N GLN W 60 1.78 -68.74 -47.24
CA GLN W 60 3.03 -69.11 -46.57
C GLN W 60 3.67 -67.88 -45.95
N ILE W 61 4.15 -68.03 -44.72
CA ILE W 61 4.70 -66.93 -43.95
C ILE W 61 6.16 -67.20 -43.65
N THR W 62 6.83 -66.20 -43.10
CA THR W 62 8.23 -66.34 -42.72
C THR W 62 8.39 -67.35 -41.59
N GLN W 63 9.57 -67.97 -41.55
CA GLN W 63 9.76 -69.13 -40.68
C GLN W 63 9.62 -68.84 -39.19
N PRO W 64 10.29 -67.82 -38.62
CA PRO W 64 10.20 -67.67 -37.15
C PRO W 64 8.81 -67.20 -36.73
N LEU W 65 8.02 -68.13 -36.20
CA LEU W 65 6.67 -67.81 -35.78
C LEU W 65 6.68 -67.21 -34.39
N ILE W 66 5.98 -66.10 -34.23
CA ILE W 66 6.06 -65.29 -33.01
C ILE W 66 4.97 -65.74 -32.05
N ILE W 67 5.37 -66.13 -30.85
CA ILE W 67 4.46 -66.55 -29.79
C ILE W 67 4.17 -65.35 -28.90
N ASN W 68 2.89 -65.13 -28.61
CA ASN W 68 2.44 -63.96 -27.86
C ASN W 68 2.40 -64.29 -26.37
N ALA W 69 1.77 -63.39 -25.60
CA ALA W 69 1.75 -63.50 -24.14
C ALA W 69 0.84 -64.61 -23.65
N ALA W 70 -0.06 -65.12 -24.48
CA ALA W 70 -0.93 -66.23 -24.10
C ALA W 70 -0.37 -67.58 -24.47
N GLY W 71 0.76 -67.63 -25.16
CA GLY W 71 1.35 -68.88 -25.57
C GLY W 71 0.94 -69.37 -26.93
N LYS W 72 0.25 -68.54 -27.73
CA LYS W 72 -0.25 -68.95 -29.04
C LYS W 72 0.41 -68.12 -30.13
N ILE W 73 0.54 -68.73 -31.31
CA ILE W 73 1.22 -68.08 -32.42
C ILE W 73 0.33 -67.00 -33.02
N VAL W 74 0.91 -65.83 -33.30
CA VAL W 74 0.20 -64.72 -33.90
C VAL W 74 0.94 -64.28 -35.14
N TYR W 75 0.19 -63.77 -36.12
CA TYR W 75 0.81 -63.25 -37.33
C TYR W 75 1.11 -61.75 -37.19
N ASN W 76 0.07 -60.95 -36.96
CA ASN W 76 0.21 -59.52 -36.73
C ASN W 76 -0.50 -59.14 -35.44
N GLY W 77 -0.24 -59.91 -34.40
CA GLY W 77 -1.01 -59.80 -33.18
C GLY W 77 -2.32 -60.52 -33.22
N GLN W 78 -2.62 -61.22 -34.30
CA GLN W 78 -3.88 -61.93 -34.48
C GLN W 78 -3.63 -63.43 -34.49
N LEU W 79 -4.45 -64.16 -33.73
CA LEU W 79 -4.33 -65.61 -33.70
C LEU W 79 -4.66 -66.20 -35.06
N VAL W 80 -3.77 -67.05 -35.57
CA VAL W 80 -3.97 -67.71 -36.85
C VAL W 80 -3.61 -69.17 -36.72
N LYS W 81 -4.14 -69.97 -37.64
CA LYS W 81 -3.89 -71.41 -37.67
C LYS W 81 -2.73 -71.71 -38.60
N ILE W 82 -1.72 -72.40 -38.08
CA ILE W 82 -0.48 -72.65 -38.80
C ILE W 82 -0.44 -74.12 -39.20
N VAL W 83 -0.27 -74.38 -40.50
CA VAL W 83 -0.26 -75.74 -41.02
C VAL W 83 1.06 -75.98 -41.74
N THR W 84 1.43 -77.25 -41.83
CA THR W 84 2.67 -77.65 -42.48
C THR W 84 2.57 -79.14 -42.78
N VAL W 85 3.68 -79.75 -43.18
CA VAL W 85 3.69 -81.18 -43.49
C VAL W 85 3.66 -81.97 -42.19
N GLN W 86 3.38 -83.27 -42.30
CA GLN W 86 3.25 -84.12 -41.12
C GLN W 86 4.52 -84.13 -40.29
N GLY W 87 5.66 -84.40 -40.93
CA GLY W 87 6.91 -84.61 -40.24
C GLY W 87 7.79 -83.39 -40.28
N HIS W 88 8.10 -82.86 -39.09
CA HIS W 88 8.97 -81.70 -38.98
C HIS W 88 9.60 -81.69 -37.60
N SER W 89 10.73 -81.00 -37.49
CA SER W 89 11.38 -80.76 -36.22
C SER W 89 11.07 -79.35 -35.75
N MET W 90 10.82 -79.22 -34.47
CA MET W 90 10.32 -77.98 -33.87
C MET W 90 11.32 -77.45 -32.86
N ALA W 91 11.72 -76.19 -33.02
CA ALA W 91 12.63 -75.54 -32.09
C ALA W 91 11.96 -74.28 -31.56
N ILE W 92 11.72 -74.24 -30.26
CA ILE W 92 11.07 -73.12 -29.59
C ILE W 92 12.14 -72.36 -28.81
N TYR W 93 12.38 -71.12 -29.22
CA TYR W 93 13.38 -70.23 -28.65
C TYR W 93 12.70 -69.12 -27.87
N ASP W 94 13.41 -68.59 -26.87
CA ASP W 94 12.89 -67.52 -26.05
C ASP W 94 13.14 -66.16 -26.71
N ALA W 95 12.63 -65.11 -26.08
CA ALA W 95 12.81 -63.76 -26.61
C ALA W 95 14.23 -63.25 -26.44
N ASN W 96 14.98 -63.80 -25.49
CA ASN W 96 16.38 -63.43 -25.29
C ASN W 96 17.34 -64.38 -25.99
N GLY W 97 16.84 -65.28 -26.83
CA GLY W 97 17.67 -66.22 -27.54
C GLY W 97 17.89 -67.56 -26.87
N SER W 98 17.39 -67.74 -25.65
CA SER W 98 17.57 -69.01 -24.98
C SER W 98 16.74 -70.10 -25.64
N GLN W 99 17.27 -71.32 -25.61
CA GLN W 99 16.60 -72.48 -26.20
C GLN W 99 15.60 -73.03 -25.18
N VAL W 100 14.32 -72.97 -25.50
CA VAL W 100 13.29 -73.48 -24.62
C VAL W 100 13.01 -74.95 -24.89
N ASP W 101 12.81 -75.32 -26.15
CA ASP W 101 12.42 -76.68 -26.47
C ASP W 101 12.97 -77.09 -27.82
N TYR W 102 13.30 -78.37 -27.96
CA TYR W 102 13.73 -78.94 -29.23
C TYR W 102 13.12 -80.32 -29.38
N ILE W 103 12.49 -80.57 -30.52
CA ILE W 103 11.86 -81.85 -30.84
C ILE W 103 12.32 -82.25 -32.24
N ALA W 104 12.91 -83.43 -32.35
CA ALA W 104 13.44 -83.89 -33.64
C ALA W 104 12.32 -84.34 -34.56
N ASN W 105 11.34 -85.06 -34.05
CA ASN W 105 10.18 -85.49 -34.82
C ASN W 105 8.93 -85.25 -34.02
N VAL W 106 7.95 -84.57 -34.62
CA VAL W 106 6.69 -84.34 -33.92
C VAL W 106 5.90 -85.63 -33.78
N LEU W 107 5.92 -86.48 -34.81
CA LEU W 107 5.12 -87.70 -34.78
C LEU W 107 5.68 -88.74 -33.81
N LYS W 108 6.90 -88.55 -33.33
CA LYS W 108 7.46 -89.43 -32.32
C LYS W 108 6.91 -89.16 -30.92
N TYR W 109 5.88 -88.31 -30.82
CA TYR W 109 5.28 -87.95 -29.55
C TYR W 109 3.81 -88.34 -29.44
N ASP W 110 3.25 -88.98 -30.47
CA ASP W 110 1.86 -89.37 -30.41
C ASP W 110 1.63 -90.39 -29.29
N PRO W 111 0.44 -90.39 -28.71
CA PRO W 111 0.17 -91.37 -27.64
C PRO W 111 0.29 -92.81 -28.10
N ASP W 112 -0.06 -93.11 -29.35
CA ASP W 112 -0.05 -94.47 -29.87
C ASP W 112 1.01 -94.53 -30.97
N GLN W 113 2.09 -95.26 -30.70
CA GLN W 113 3.16 -95.40 -31.68
C GLN W 113 3.04 -96.67 -32.50
N TYR W 114 2.21 -97.62 -32.06
CA TYR W 114 2.08 -98.89 -32.75
C TYR W 114 1.44 -98.71 -34.12
N SER W 115 0.47 -97.80 -34.23
CA SER W 115 -0.33 -97.69 -35.44
C SER W 115 0.52 -97.39 -36.66
N ILE W 116 1.62 -96.66 -36.50
CA ILE W 116 2.47 -96.35 -37.64
C ILE W 116 2.95 -97.63 -38.30
N GLU W 117 3.66 -98.46 -37.55
CA GLU W 117 4.16 -99.72 -38.10
C GLU W 117 3.04 -100.68 -38.42
N ALA W 118 1.89 -100.62 -37.73
CA ALA W 118 0.77 -101.47 -38.11
C ALA W 118 0.32 -101.16 -39.54
N ASP W 119 0.13 -99.88 -39.84
CA ASP W 119 -0.26 -99.49 -41.19
C ASP W 119 0.83 -99.81 -42.19
N LYS W 120 2.08 -99.71 -41.75
CA LYS W 120 3.23 -99.96 -42.67
C LYS W 120 3.31 -101.44 -43.01
N LYS W 121 3.02 -102.32 -42.05
CA LYS W 121 3.15 -103.75 -42.27
C LYS W 121 1.92 -104.35 -42.94
N PHE W 122 0.78 -104.28 -42.26
CA PHE W 122 -0.40 -105.00 -42.76
C PHE W 122 -0.96 -104.31 -44.00
N LYS W 123 -1.58 -105.10 -44.87
CA LYS W 123 -2.05 -104.61 -46.15
C LYS W 123 -3.55 -104.32 -46.10
N TYR W 124 -3.93 -103.22 -46.73
CA TYR W 124 -5.30 -102.71 -46.68
C TYR W 124 -6.25 -103.57 -47.52
N THR X 5 11.00 -101.95 -27.21
CA THR X 5 10.65 -100.92 -28.18
C THR X 5 9.55 -100.01 -27.66
N ALA X 6 9.56 -98.76 -28.11
CA ALA X 6 8.55 -97.80 -27.66
C ALA X 6 7.24 -98.07 -28.38
N ASN X 7 6.15 -98.16 -27.62
CA ASN X 7 4.86 -98.46 -28.21
C ASN X 7 3.81 -97.41 -27.88
N VAL X 8 3.88 -96.84 -26.68
CA VAL X 8 3.05 -95.71 -26.31
C VAL X 8 3.95 -94.64 -25.71
N VAL X 9 3.45 -93.40 -25.73
CA VAL X 9 4.13 -92.27 -25.13
C VAL X 9 3.19 -91.62 -24.14
N VAL X 10 3.68 -91.33 -22.95
CA VAL X 10 2.84 -90.72 -21.93
C VAL X 10 2.51 -89.29 -22.34
N SER X 11 1.28 -88.87 -22.06
CA SER X 11 0.82 -87.54 -22.44
C SER X 11 -0.40 -87.21 -21.58
N ASN X 12 -0.83 -85.97 -21.68
CA ASN X 12 -2.02 -85.53 -20.94
C ASN X 12 -3.23 -85.66 -21.84
N PRO X 13 -4.21 -86.51 -21.50
CA PRO X 13 -5.39 -86.68 -22.36
C PRO X 13 -6.45 -85.60 -22.18
N ARG X 14 -6.23 -84.60 -21.33
CA ARG X 14 -7.21 -83.56 -21.08
C ARG X 14 -6.77 -82.28 -21.76
N PRO X 15 -7.51 -81.78 -22.74
CA PRO X 15 -7.16 -80.49 -23.35
C PRO X 15 -7.40 -79.34 -22.38
N ILE X 16 -6.70 -78.23 -22.65
CA ILE X 16 -6.78 -77.04 -21.81
C ILE X 16 -7.27 -75.88 -22.66
N PHE X 17 -8.20 -75.10 -22.12
CA PHE X 17 -8.79 -73.97 -22.83
C PHE X 17 -8.50 -72.70 -22.05
N THR X 18 -7.75 -71.78 -22.66
CA THR X 18 -7.34 -70.55 -22.02
C THR X 18 -7.78 -69.35 -22.85
N GLU X 19 -7.47 -68.16 -22.33
CA GLU X 19 -7.80 -66.91 -22.99
C GLU X 19 -6.89 -66.70 -24.20
N SER X 20 -7.29 -65.76 -25.05
CA SER X 20 -6.58 -65.53 -26.30
C SER X 20 -5.46 -64.51 -26.18
N ARG X 21 -5.45 -63.71 -25.11
CA ARG X 21 -4.46 -62.65 -24.94
C ARG X 21 -3.58 -62.83 -23.72
N SER X 22 -3.97 -63.66 -22.76
CA SER X 22 -3.19 -63.85 -21.56
C SER X 22 -3.25 -65.31 -21.15
N PHE X 23 -2.29 -65.71 -20.32
CA PHE X 23 -2.17 -67.09 -19.88
C PHE X 23 -2.97 -67.31 -18.60
N LYS X 24 -4.28 -67.50 -18.83
CA LYS X 24 -5.23 -67.78 -17.74
C LYS X 24 -6.35 -68.63 -18.34
N ALA X 25 -6.85 -69.62 -17.63
CA ALA X 25 -7.91 -70.48 -18.13
C ALA X 25 -9.21 -69.72 -18.24
N VAL X 26 -10.09 -70.22 -19.11
CA VAL X 26 -11.42 -69.66 -19.28
C VAL X 26 -12.30 -70.19 -18.17
N ALA X 27 -12.41 -69.45 -17.07
CA ALA X 27 -13.21 -69.89 -15.95
C ALA X 27 -14.68 -69.92 -16.33
N ASN X 28 -15.28 -71.09 -16.26
CA ASN X 28 -16.72 -71.28 -16.47
C ASN X 28 -17.18 -70.71 -17.81
N GLY X 29 -16.41 -71.00 -18.85
CA GLY X 29 -16.80 -70.62 -20.20
C GLY X 29 -17.68 -71.66 -20.86
N LYS X 30 -18.13 -71.33 -22.06
CA LYS X 30 -18.99 -72.21 -22.85
C LYS X 30 -18.35 -72.49 -24.20
N ILE X 31 -18.51 -73.71 -24.68
CA ILE X 31 -18.01 -74.11 -25.99
C ILE X 31 -19.19 -74.55 -26.85
N TYR X 32 -19.30 -73.99 -28.05
CA TYR X 32 -20.25 -74.43 -29.06
C TYR X 32 -19.47 -74.92 -30.27
N ILE X 33 -20.01 -75.92 -30.96
CA ILE X 33 -19.42 -76.41 -32.20
C ILE X 33 -20.51 -76.73 -33.20
N GLY X 34 -20.26 -76.35 -34.45
CA GLY X 34 -21.19 -76.59 -35.52
C GLY X 34 -20.50 -76.98 -36.80
N GLN X 35 -21.20 -76.92 -37.93
CA GLN X 35 -20.58 -77.24 -39.20
C GLN X 35 -19.49 -76.23 -39.52
N ILE X 36 -18.52 -76.64 -40.34
CA ILE X 36 -17.36 -75.80 -40.59
C ILE X 36 -17.77 -74.54 -41.32
N ASP X 37 -17.12 -73.43 -40.96
CA ASP X 37 -17.35 -72.13 -41.61
C ASP X 37 -18.79 -71.65 -41.40
N THR X 38 -19.29 -71.87 -40.18
CA THR X 38 -20.65 -71.42 -39.82
C THR X 38 -20.67 -70.88 -38.39
N ASP X 39 -21.81 -70.40 -37.93
CA ASP X 39 -22.00 -69.85 -36.61
C ASP X 39 -22.49 -70.97 -35.69
N PRO X 40 -21.66 -71.46 -34.77
CA PRO X 40 -22.05 -72.63 -33.97
C PRO X 40 -23.13 -72.36 -32.95
N VAL X 41 -23.41 -71.10 -32.62
CA VAL X 41 -24.45 -70.85 -31.63
C VAL X 41 -25.84 -71.11 -32.22
N ASN X 42 -25.93 -71.30 -33.53
CA ASN X 42 -27.20 -71.64 -34.15
C ASN X 42 -27.49 -73.12 -33.96
N PRO X 43 -28.59 -73.47 -33.29
CA PRO X 43 -28.89 -74.90 -33.09
C PRO X 43 -29.10 -75.67 -34.37
N ALA X 44 -29.39 -74.97 -35.47
CA ALA X 44 -29.44 -75.65 -36.77
C ALA X 44 -28.04 -75.96 -37.27
N ASN X 45 -27.08 -75.09 -36.98
CA ASN X 45 -25.70 -75.32 -37.40
C ASN X 45 -24.98 -76.31 -36.50
N GLN X 46 -25.45 -76.52 -35.28
CA GLN X 46 -24.75 -77.38 -34.33
C GLN X 46 -24.78 -78.84 -34.77
N ILE X 47 -23.82 -79.60 -34.24
CA ILE X 47 -23.70 -81.02 -34.52
C ILE X 47 -23.61 -81.78 -33.20
N PRO X 48 -23.99 -83.06 -33.20
CA PRO X 48 -24.00 -83.82 -31.94
C PRO X 48 -22.60 -84.06 -31.41
N VAL X 49 -22.51 -84.24 -30.09
CA VAL X 49 -21.24 -84.45 -29.40
C VAL X 49 -21.43 -85.50 -28.32
N TYR X 50 -20.42 -86.35 -28.14
CA TYR X 50 -20.55 -87.53 -27.30
C TYR X 50 -19.47 -87.55 -26.23
N ILE X 51 -19.86 -87.79 -25.00
CA ILE X 51 -18.92 -88.13 -23.94
C ILE X 51 -18.45 -89.56 -24.14
N GLU X 52 -17.14 -89.75 -24.24
CA GLU X 52 -16.55 -91.07 -24.40
C GLU X 52 -16.06 -91.53 -23.04
N ASN X 53 -16.77 -92.47 -22.43
CA ASN X 53 -16.45 -92.91 -21.08
C ASN X 53 -15.17 -93.75 -21.10
N GLU X 54 -14.78 -94.26 -19.94
CA GLU X 54 -13.59 -95.09 -19.85
C GLU X 54 -13.74 -96.38 -20.65
N ASP X 55 -14.97 -96.79 -20.96
CA ASP X 55 -15.24 -97.99 -21.74
C ASP X 55 -15.61 -97.68 -23.19
N GLY X 56 -15.82 -96.42 -23.53
CA GLY X 56 -16.26 -96.07 -24.87
C GLY X 56 -17.77 -96.16 -25.01
N SER X 57 -18.50 -95.65 -24.02
CA SER X 57 -19.95 -95.76 -24.03
C SER X 57 -20.61 -94.78 -25.00
N HIS X 58 -20.00 -93.61 -25.22
CA HIS X 58 -20.48 -92.63 -26.20
C HIS X 58 -21.89 -92.17 -25.86
N VAL X 59 -21.99 -91.47 -24.73
CA VAL X 59 -23.26 -90.92 -24.26
C VAL X 59 -23.42 -89.50 -24.78
N GLN X 60 -24.52 -89.23 -25.46
CA GLN X 60 -24.74 -87.92 -26.07
C GLN X 60 -25.20 -86.90 -25.03
N ILE X 61 -24.73 -85.66 -25.16
CA ILE X 61 -25.11 -84.56 -24.29
C ILE X 61 -25.55 -83.37 -25.13
N THR X 62 -25.84 -82.27 -24.44
CA THR X 62 -26.28 -81.04 -25.07
C THR X 62 -25.08 -80.22 -25.55
N GLN X 63 -25.36 -79.30 -26.48
CA GLN X 63 -24.27 -78.65 -27.21
C GLN X 63 -23.40 -77.76 -26.35
N PRO X 64 -23.93 -76.81 -25.55
CA PRO X 64 -23.02 -75.95 -24.79
C PRO X 64 -22.20 -76.73 -23.79
N LEU X 65 -20.89 -76.82 -24.02
CA LEU X 65 -20.00 -77.56 -23.14
C LEU X 65 -19.40 -76.60 -22.12
N ILE X 66 -19.63 -76.87 -20.83
CA ILE X 66 -19.08 -76.03 -19.78
C ILE X 66 -17.58 -76.23 -19.70
N ILE X 67 -16.88 -75.21 -19.21
CA ILE X 67 -15.44 -75.29 -19.00
C ILE X 67 -15.16 -75.10 -17.52
N ASN X 68 -14.29 -75.96 -16.98
CA ASN X 68 -13.91 -75.91 -15.58
C ASN X 68 -13.20 -74.60 -15.25
N ALA X 69 -12.95 -74.39 -13.95
CA ALA X 69 -12.11 -73.29 -13.52
C ALA X 69 -10.65 -73.51 -13.91
N ALA X 70 -10.28 -74.74 -14.23
CA ALA X 70 -8.93 -75.05 -14.69
C ALA X 70 -8.80 -75.01 -16.21
N GLY X 71 -9.90 -74.82 -16.93
CA GLY X 71 -9.86 -74.76 -18.37
C GLY X 71 -10.25 -76.02 -19.09
N LYS X 72 -10.75 -77.03 -18.38
CA LYS X 72 -11.14 -78.30 -18.97
C LYS X 72 -12.65 -78.42 -19.02
N ILE X 73 -13.12 -79.26 -19.93
CA ILE X 73 -14.55 -79.51 -20.07
C ILE X 73 -15.01 -80.40 -18.91
N VAL X 74 -16.19 -80.10 -18.36
CA VAL X 74 -16.75 -80.86 -17.28
C VAL X 74 -18.18 -81.26 -17.63
N TYR X 75 -18.64 -82.32 -16.99
CA TYR X 75 -20.04 -82.73 -17.07
C TYR X 75 -20.37 -83.46 -15.78
N ASN X 76 -21.36 -82.95 -15.05
CA ASN X 76 -21.71 -83.47 -13.73
C ASN X 76 -20.53 -83.39 -12.77
N GLY X 77 -19.65 -82.41 -12.96
CA GLY X 77 -18.49 -82.28 -12.11
C GLY X 77 -17.42 -83.31 -12.33
N GLN X 78 -17.37 -83.92 -13.51
CA GLN X 78 -16.34 -84.88 -13.86
C GLN X 78 -15.72 -84.47 -15.19
N LEU X 79 -14.40 -84.55 -15.26
CA LEU X 79 -13.72 -84.28 -16.52
C LEU X 79 -14.08 -85.33 -17.54
N VAL X 80 -14.67 -84.90 -18.65
CA VAL X 80 -15.16 -85.82 -19.66
C VAL X 80 -14.40 -85.60 -20.96
N LYS X 81 -14.44 -86.60 -21.82
CA LYS X 81 -13.78 -86.54 -23.12
C LYS X 81 -14.84 -86.38 -24.20
N ILE X 82 -14.97 -85.19 -24.73
CA ILE X 82 -15.96 -84.88 -25.75
C ILE X 82 -15.38 -85.25 -27.11
N VAL X 83 -16.16 -85.99 -27.91
CA VAL X 83 -15.76 -86.39 -29.24
C VAL X 83 -16.90 -86.09 -30.21
N THR X 84 -16.54 -85.93 -31.48
CA THR X 84 -17.48 -85.60 -32.53
C THR X 84 -17.24 -86.52 -33.71
N VAL X 85 -18.06 -86.38 -34.75
CA VAL X 85 -18.03 -87.30 -35.87
C VAL X 85 -17.35 -86.74 -37.12
N GLN X 86 -17.20 -85.43 -37.23
CA GLN X 86 -16.50 -84.85 -38.39
C GLN X 86 -15.92 -83.51 -38.00
N GLY X 87 -15.22 -82.89 -38.95
CA GLY X 87 -14.65 -81.57 -38.71
C GLY X 87 -15.72 -80.54 -38.38
N HIS X 88 -15.37 -79.62 -37.49
CA HIS X 88 -16.33 -78.71 -36.90
C HIS X 88 -15.73 -77.32 -36.81
N SER X 89 -16.61 -76.35 -36.59
CA SER X 89 -16.24 -74.98 -36.30
C SER X 89 -16.57 -74.69 -34.84
N MET X 90 -15.63 -74.09 -34.13
CA MET X 90 -15.70 -73.87 -32.70
C MET X 90 -15.97 -72.41 -32.39
N ALA X 91 -16.72 -72.18 -31.30
CA ALA X 91 -16.90 -70.85 -30.75
C ALA X 91 -16.81 -70.97 -29.24
N ILE X 92 -15.82 -70.34 -28.64
CA ILE X 92 -15.60 -70.38 -27.21
C ILE X 92 -15.95 -69.01 -26.65
N TYR X 93 -16.88 -68.99 -25.71
CA TYR X 93 -17.35 -67.79 -25.03
C TYR X 93 -16.89 -67.81 -23.58
N ASP X 94 -16.55 -66.64 -23.06
CA ASP X 94 -16.07 -66.54 -21.69
C ASP X 94 -17.23 -66.65 -20.71
N ALA X 95 -16.93 -66.47 -19.43
CA ALA X 95 -17.96 -66.54 -18.41
C ALA X 95 -18.98 -65.43 -18.56
N ASN X 96 -18.51 -64.22 -18.88
CA ASN X 96 -19.41 -63.08 -19.03
C ASN X 96 -20.36 -63.27 -20.21
N GLY X 97 -19.86 -63.82 -21.31
CA GLY X 97 -20.66 -63.98 -22.51
C GLY X 97 -20.02 -63.31 -23.70
N SER X 98 -18.72 -63.04 -23.59
CA SER X 98 -17.97 -62.44 -24.68
C SER X 98 -17.26 -63.52 -25.48
N GLN X 99 -16.97 -63.19 -26.74
CA GLN X 99 -16.42 -64.16 -27.67
C GLN X 99 -14.92 -64.28 -27.42
N VAL X 100 -14.51 -65.35 -26.74
CA VAL X 100 -13.09 -65.59 -26.55
C VAL X 100 -12.44 -66.01 -27.86
N ASP X 101 -13.08 -66.91 -28.60
CA ASP X 101 -12.48 -67.39 -29.85
C ASP X 101 -13.56 -67.89 -30.79
N TYR X 102 -13.25 -67.82 -32.09
CA TYR X 102 -14.06 -68.47 -33.12
C TYR X 102 -13.13 -69.03 -34.18
N ILE X 103 -13.25 -70.32 -34.45
CA ILE X 103 -12.38 -71.02 -35.39
C ILE X 103 -13.24 -71.75 -36.40
N ALA X 104 -13.06 -71.42 -37.68
CA ALA X 104 -13.97 -71.87 -38.72
C ALA X 104 -13.72 -73.30 -39.18
N ASN X 105 -12.59 -73.90 -38.83
CA ASN X 105 -12.30 -75.26 -39.27
C ASN X 105 -11.24 -75.84 -38.37
N VAL X 106 -11.57 -76.93 -37.66
CA VAL X 106 -10.63 -77.60 -36.79
C VAL X 106 -10.92 -79.09 -36.82
N LEU X 107 -9.86 -79.90 -36.85
CA LEU X 107 -9.99 -81.35 -37.00
C LEU X 107 -8.76 -82.02 -36.40
N LYS X 108 -8.96 -82.73 -35.30
CA LYS X 108 -7.91 -83.57 -34.72
C LYS X 108 -8.52 -84.90 -34.33
N TYR X 109 -7.99 -85.98 -34.88
CA TYR X 109 -8.56 -87.31 -34.71
C TYR X 109 -8.28 -87.86 -33.33
N ASP X 110 -9.15 -88.78 -32.89
CA ASP X 110 -8.95 -89.43 -31.60
C ASP X 110 -7.67 -90.26 -31.63
N PRO X 111 -6.80 -90.14 -30.63
CA PRO X 111 -5.56 -90.93 -30.62
C PRO X 111 -5.67 -92.30 -29.97
N ASP X 112 -6.86 -92.77 -29.60
CA ASP X 112 -7.01 -94.05 -28.92
C ASP X 112 -7.97 -94.96 -29.69
N GLN X 113 -8.13 -96.18 -29.17
CA GLN X 113 -8.98 -97.21 -29.77
C GLN X 113 -8.56 -97.51 -31.21
N TYR X 114 -7.25 -97.71 -31.41
CA TYR X 114 -6.76 -98.10 -32.72
C TYR X 114 -7.12 -99.54 -33.06
N SER X 115 -7.33 -100.38 -32.05
CA SER X 115 -7.64 -101.79 -32.30
C SER X 115 -8.94 -101.95 -33.05
N ILE X 116 -9.98 -101.23 -32.64
CA ILE X 116 -11.27 -101.32 -33.33
C ILE X 116 -11.15 -100.85 -34.77
N GLU X 117 -10.44 -99.75 -34.99
CA GLU X 117 -10.27 -99.25 -36.35
C GLU X 117 -9.50 -100.23 -37.22
N ALA X 118 -8.42 -100.81 -36.67
CA ALA X 118 -7.66 -101.79 -37.44
C ALA X 118 -8.50 -103.01 -37.76
N ASP X 119 -9.30 -103.47 -36.80
CA ASP X 119 -10.17 -104.62 -37.03
C ASP X 119 -11.16 -104.33 -38.14
N LYS X 120 -11.77 -103.15 -38.14
CA LYS X 120 -12.70 -102.80 -39.20
C LYS X 120 -12.00 -102.47 -40.51
N LYS X 121 -10.68 -102.23 -40.48
CA LYS X 121 -9.96 -101.73 -41.64
C LYS X 121 -9.25 -102.80 -42.45
N PHE X 122 -8.62 -103.78 -41.80
CA PHE X 122 -7.80 -104.76 -42.49
C PHE X 122 -8.60 -106.00 -42.85
N LYS X 123 -7.95 -106.92 -43.55
CA LYS X 123 -8.54 -108.19 -43.96
C LYS X 123 -7.94 -109.32 -43.15
N TYR X 124 -8.82 -110.10 -42.53
CA TYR X 124 -8.41 -111.10 -41.53
C TYR X 124 -7.71 -112.29 -42.16
N GLU Y 5 -15.54 -55.78 73.32
CA GLU Y 5 -14.82 -56.22 74.51
C GLU Y 5 -13.32 -56.21 74.27
N ASN Y 6 -12.93 -56.48 73.03
CA ASN Y 6 -11.53 -56.57 72.67
C ASN Y 6 -10.90 -55.18 72.70
N ARG Y 7 -9.84 -55.04 73.50
CA ARG Y 7 -9.12 -53.78 73.57
C ARG Y 7 -8.53 -53.42 72.22
N LEU Y 8 -7.98 -54.41 71.52
CA LEU Y 8 -7.44 -54.17 70.19
C LEU Y 8 -8.53 -53.68 69.25
N GLU Y 9 -9.71 -54.31 69.31
CA GLU Y 9 -10.79 -53.90 68.41
C GLU Y 9 -11.26 -52.49 68.71
N SER Y 10 -11.35 -52.13 69.98
CA SER Y 10 -11.75 -50.77 70.33
C SER Y 10 -10.73 -49.75 69.85
N ILE Y 11 -9.44 -50.00 70.12
CA ILE Y 11 -8.39 -49.08 69.71
C ILE Y 11 -8.38 -48.94 68.19
N LEU Y 12 -8.49 -50.06 67.48
CA LEU Y 12 -8.55 -50.02 66.03
C LEU Y 12 -9.73 -49.17 65.58
N SER Y 13 -10.95 -49.55 65.94
CA SER Y 13 -12.14 -48.84 65.47
C SER Y 13 -12.00 -47.34 65.67
N ARG Y 14 -11.47 -46.93 66.82
CA ARG Y 14 -11.22 -45.49 67.01
C ARG Y 14 -10.21 -44.96 66.00
N PHE Y 15 -9.10 -45.69 65.78
CA PHE Y 15 -8.08 -45.19 64.88
C PHE Y 15 -8.58 -45.08 63.45
N ASP Y 16 -9.29 -46.10 62.96
CA ASP Y 16 -9.85 -46.02 61.62
C ASP Y 16 -10.92 -44.94 61.50
N ALA Y 17 -11.71 -44.72 62.54
CA ALA Y 17 -12.64 -43.59 62.51
C ALA Y 17 -11.90 -42.28 62.25
N ASP Y 18 -10.84 -42.03 63.03
CA ASP Y 18 -10.09 -40.78 62.88
C ASP Y 18 -9.34 -40.73 61.54
N TRP Y 19 -8.76 -41.85 61.13
CA TRP Y 19 -7.98 -41.89 59.89
C TRP Y 19 -8.85 -41.70 58.66
N THR Y 20 -10.10 -42.17 58.72
CA THR Y 20 -11.03 -41.94 57.62
C THR Y 20 -11.56 -40.51 57.67
N ALA Y 21 -11.78 -39.97 58.87
CA ALA Y 21 -12.24 -38.60 58.98
C ALA Y 21 -11.24 -37.63 58.40
N SER Y 22 -9.95 -37.86 58.62
CA SER Y 22 -8.92 -36.90 58.23
C SER Y 22 -8.25 -37.26 56.91
N ASP Y 23 -8.99 -37.80 55.93
CA ASP Y 23 -8.35 -38.29 54.72
C ASP Y 23 -7.99 -37.16 53.75
N GLU Y 24 -8.96 -36.30 53.42
CA GLU Y 24 -8.72 -35.29 52.40
C GLU Y 24 -7.70 -34.26 52.85
N ALA Y 25 -7.82 -33.80 54.10
CA ALA Y 25 -6.87 -32.81 54.60
C ALA Y 25 -5.46 -33.37 54.63
N ARG Y 26 -5.31 -34.63 55.05
CA ARG Y 26 -3.98 -35.24 55.07
C ARG Y 26 -3.41 -35.38 53.66
N ARG Y 27 -4.24 -35.77 52.69
CA ARG Y 27 -3.76 -35.89 51.31
C ARG Y 27 -3.29 -34.55 50.77
N GLU Y 28 -4.07 -33.49 51.01
CA GLU Y 28 -3.68 -32.18 50.52
C GLU Y 28 -2.43 -31.67 51.23
N ALA Y 29 -2.29 -31.94 52.53
CA ALA Y 29 -1.10 -31.49 53.24
C ALA Y 29 0.14 -32.23 52.76
N LYS Y 30 0.04 -33.54 52.53
CA LYS Y 30 1.18 -34.28 52.01
C LYS Y 30 1.55 -33.82 50.62
N ASN Y 31 0.54 -33.49 49.79
CA ASN Y 31 0.84 -32.94 48.47
C ASN Y 31 1.50 -31.58 48.58
N ASP Y 32 1.11 -30.77 49.56
CA ASP Y 32 1.78 -29.49 49.78
C ASP Y 32 3.24 -29.68 50.17
N LEU Y 33 3.50 -30.65 51.06
CA LEU Y 33 4.87 -30.94 51.45
C LEU Y 33 5.71 -31.38 50.26
N PHE Y 34 5.17 -32.30 49.45
CA PHE Y 34 5.89 -32.77 48.28
C PHE Y 34 6.13 -31.62 47.29
N PHE Y 35 5.11 -30.81 47.05
CA PHE Y 35 5.22 -29.70 46.11
C PHE Y 35 6.28 -28.71 46.54
N SER Y 36 6.31 -28.36 47.83
CA SER Y 36 7.20 -27.32 48.30
C SER Y 36 8.56 -27.83 48.75
N ARG Y 37 8.78 -29.14 48.77
CA ARG Y 37 10.03 -29.66 49.30
C ARG Y 37 10.84 -30.47 48.29
N VAL Y 38 10.21 -31.33 47.51
CA VAL Y 38 10.91 -32.24 46.61
C VAL Y 38 10.82 -31.78 45.16
N SER Y 39 9.60 -31.72 44.61
CA SER Y 39 9.46 -31.42 43.20
C SER Y 39 8.09 -30.85 42.94
N GLN Y 40 7.96 -30.11 41.84
CA GLN Y 40 6.65 -29.49 41.49
C GLN Y 40 6.01 -30.28 40.34
N TRP Y 41 6.67 -31.34 39.88
CA TRP Y 41 6.08 -32.20 38.86
C TRP Y 41 5.59 -33.47 39.54
N ASP Y 42 4.40 -33.39 40.13
CA ASP Y 42 3.79 -34.58 40.70
C ASP Y 42 3.26 -35.46 39.57
N ASP Y 43 4.17 -35.93 38.74
CA ASP Y 43 3.88 -36.77 37.59
C ASP Y 43 4.31 -38.20 37.78
N TRP Y 44 5.36 -38.45 38.56
CA TRP Y 44 5.88 -39.79 38.75
C TRP Y 44 4.84 -40.73 39.32
N LEU Y 45 3.82 -40.19 39.99
CA LEU Y 45 2.86 -41.00 40.72
C LEU Y 45 2.19 -42.02 39.82
N SER Y 46 1.39 -41.57 38.86
CA SER Y 46 0.80 -42.50 37.89
C SER Y 46 0.41 -41.75 36.62
N GLN Y 47 1.30 -41.74 35.63
CA GLN Y 47 0.95 -41.26 34.29
C GLN Y 47 1.81 -42.00 33.28
N TYR Y 48 1.19 -42.53 32.23
CA TYR Y 48 1.89 -43.33 31.23
C TYR Y 48 2.41 -42.37 30.15
N THR Y 49 3.64 -41.91 30.33
CA THR Y 49 4.18 -40.83 29.50
C THR Y 49 5.54 -41.23 28.97
N THR Y 50 6.19 -40.29 28.28
CA THR Y 50 7.51 -40.46 27.70
C THR Y 50 8.46 -39.44 28.31
N LEU Y 51 9.66 -39.35 27.74
CA LEU Y 51 10.71 -38.45 28.26
C LEU Y 51 10.68 -37.17 27.45
N GLN Y 52 10.02 -36.15 27.98
CA GLN Y 52 9.99 -34.81 27.43
C GLN Y 52 10.74 -33.88 28.37
N TYR Y 53 10.72 -32.59 28.07
CA TYR Y 53 11.39 -31.60 28.89
C TYR Y 53 10.44 -31.16 30.00
N ARG Y 54 10.92 -31.23 31.25
CA ARG Y 54 10.14 -30.80 32.40
C ARG Y 54 11.06 -30.00 33.33
N GLY Y 55 10.95 -28.68 33.30
CA GLY Y 55 11.75 -27.83 34.14
C GLY Y 55 10.93 -27.20 35.24
N GLN Y 56 11.58 -26.92 36.37
CA GLN Y 56 10.93 -26.25 37.50
C GLN Y 56 11.52 -24.85 37.62
N PHE Y 57 10.78 -23.86 37.14
CA PHE Y 57 11.15 -22.45 37.26
C PHE Y 57 10.35 -21.89 38.42
N ASP Y 58 10.92 -22.09 39.62
CA ASP Y 58 10.18 -21.77 40.85
C ASP Y 58 9.88 -20.30 41.05
N VAL Y 59 8.74 -20.02 41.67
CA VAL Y 59 8.33 -18.67 42.02
C VAL Y 59 7.68 -18.64 43.40
N VAL Y 60 7.64 -19.79 44.08
CA VAL Y 60 7.02 -19.89 45.39
C VAL Y 60 8.03 -20.15 46.51
N ARG Y 61 9.17 -20.77 46.19
CA ARG Y 61 10.19 -20.96 47.22
C ARG Y 61 10.71 -19.65 47.79
N PRO Y 62 10.94 -18.59 47.02
CA PRO Y 62 11.29 -17.31 47.65
C PRO Y 62 10.26 -16.85 48.67
N VAL Y 63 8.97 -17.01 48.40
CA VAL Y 63 7.96 -16.59 49.37
C VAL Y 63 8.01 -17.45 50.61
N VAL Y 64 8.14 -18.76 50.44
CA VAL Y 64 8.21 -19.64 51.60
C VAL Y 64 9.44 -19.32 52.45
N ARG Y 65 10.58 -19.11 51.80
CA ARG Y 65 11.80 -18.77 52.52
C ARG Y 65 11.65 -17.46 53.26
N LYS Y 66 11.03 -16.46 52.63
CA LYS Y 66 10.83 -15.19 53.31
C LYS Y 66 9.96 -15.35 54.54
N LEU Y 67 8.88 -16.14 54.43
CA LEU Y 67 8.00 -16.33 55.58
C LEU Y 67 8.70 -17.06 56.71
N VAL Y 68 9.47 -18.10 56.38
CA VAL Y 68 10.16 -18.87 57.42
C VAL Y 68 11.23 -18.02 58.09
N SER Y 69 11.96 -17.22 57.32
CA SER Y 69 12.94 -16.33 57.92
C SER Y 69 12.28 -15.28 58.80
N GLU Y 70 11.16 -14.72 58.35
CA GLU Y 70 10.45 -13.72 59.14
C GLU Y 70 9.99 -14.31 60.46
N MET Y 71 9.49 -15.54 60.44
CA MET Y 71 9.00 -16.14 61.68
C MET Y 71 10.14 -16.69 62.54
N ARG Y 72 11.32 -16.92 61.95
CA ARG Y 72 12.49 -17.30 62.73
C ARG Y 72 13.10 -16.11 63.44
N GLN Y 73 13.01 -14.92 62.85
CA GLN Y 73 13.56 -13.73 63.50
C GLN Y 73 12.82 -13.36 64.77
N ASN Y 74 11.67 -13.97 65.05
CA ASN Y 74 10.84 -13.62 66.21
C ASN Y 74 10.55 -14.89 67.01
N PRO Y 75 11.51 -15.33 67.83
CA PRO Y 75 11.25 -16.50 68.67
C PRO Y 75 10.19 -16.23 69.73
N ILE Y 76 9.47 -17.26 70.09
CA ILE Y 76 8.39 -17.18 71.06
C ILE Y 76 8.51 -18.35 72.02
N ASP Y 77 8.25 -18.09 73.30
CA ASP Y 77 8.38 -19.13 74.31
C ASP Y 77 7.36 -18.88 75.42
N VAL Y 78 7.11 -19.91 76.22
CA VAL Y 78 6.18 -19.83 77.32
C VAL Y 78 6.67 -18.80 78.35
N LEU Y 79 5.74 -18.24 79.11
CA LEU Y 79 6.06 -17.33 80.21
C LEU Y 79 5.07 -17.56 81.32
N TYR Y 80 5.54 -18.04 82.46
CA TYR Y 80 4.66 -18.35 83.59
C TYR Y 80 4.49 -17.12 84.46
N ARG Y 81 3.23 -16.74 84.69
CA ARG Y 81 2.94 -15.58 85.51
C ARG Y 81 2.08 -15.99 86.71
N PRO Y 82 2.38 -15.47 87.90
CA PRO Y 82 1.58 -15.86 89.07
C PRO Y 82 0.13 -15.44 88.91
N LYS Y 83 -0.77 -16.27 89.43
CA LYS Y 83 -2.19 -15.97 89.34
C LYS Y 83 -2.54 -14.80 90.25
N ASP Y 84 -3.81 -14.39 90.21
CA ASP Y 84 -4.26 -13.27 91.01
C ASP Y 84 -4.43 -13.71 92.47
N GLY Y 85 -3.77 -13.00 93.38
CA GLY Y 85 -3.86 -13.32 94.79
C GLY Y 85 -2.79 -14.28 95.31
N ALA Y 86 -1.98 -14.86 94.42
CA ALA Y 86 -0.93 -15.77 94.83
C ALA Y 86 0.36 -15.01 95.13
N ARG Y 87 1.37 -15.72 95.61
CA ARG Y 87 2.63 -15.08 95.96
C ARG Y 87 3.25 -14.46 94.72
N PRO Y 88 3.87 -13.28 94.84
CA PRO Y 88 4.35 -12.56 93.65
C PRO Y 88 5.45 -13.30 92.90
N ASP Y 89 6.16 -14.22 93.55
CA ASP Y 89 7.19 -15.03 92.89
C ASP Y 89 6.79 -16.50 92.85
N ALA Y 90 5.51 -16.78 92.62
CA ALA Y 90 5.05 -18.16 92.59
C ALA Y 90 5.50 -18.90 91.34
N ALA Y 91 5.87 -18.17 90.28
CA ALA Y 91 6.19 -18.78 89.00
C ALA Y 91 7.68 -18.85 88.73
N ASP Y 92 8.53 -18.36 89.62
CA ASP Y 92 9.96 -18.32 89.32
C ASP Y 92 10.55 -19.74 89.26
N VAL Y 93 10.12 -20.62 90.16
CA VAL Y 93 10.65 -21.99 90.17
C VAL Y 93 10.25 -22.72 88.89
N LEU Y 94 8.97 -22.60 88.51
CA LEU Y 94 8.50 -23.25 87.29
C LEU Y 94 9.19 -22.69 86.07
N MET Y 95 9.36 -21.37 86.01
CA MET Y 95 10.03 -20.76 84.87
C MET Y 95 11.48 -21.20 84.79
N GLY Y 96 12.17 -21.28 85.94
CA GLY Y 96 13.54 -21.76 85.93
C GLY Y 96 13.66 -23.19 85.46
N MET Y 97 12.76 -24.06 85.93
CA MET Y 97 12.77 -25.44 85.46
C MET Y 97 12.53 -25.52 83.96
N TYR Y 98 11.54 -24.76 83.47
CA TYR Y 98 11.19 -24.79 82.05
C TYR Y 98 12.36 -24.31 81.19
N ARG Y 99 13.01 -23.22 81.58
CA ARG Y 99 14.18 -22.75 80.84
C ARG Y 99 15.28 -23.78 80.88
N THR Y 100 15.48 -24.42 82.04
CA THR Y 100 16.57 -25.38 82.18
C THR Y 100 16.41 -26.54 81.21
N ASP Y 101 15.20 -27.07 81.06
CA ASP Y 101 15.10 -28.24 80.20
C ASP Y 101 14.63 -27.91 78.79
N MET Y 102 14.33 -26.65 78.50
CA MET Y 102 13.94 -26.24 77.16
C MET Y 102 14.97 -25.34 76.50
N ARG Y 103 16.13 -25.13 77.14
CA ARG Y 103 17.22 -24.41 76.50
C ARG Y 103 18.01 -25.28 75.53
N HIS Y 104 17.70 -26.56 75.43
CA HIS Y 104 18.48 -27.48 74.61
C HIS Y 104 18.20 -27.24 73.13
N ASN Y 105 19.03 -27.87 72.30
CA ASN Y 105 18.86 -27.78 70.86
C ASN Y 105 17.66 -28.57 70.38
N THR Y 106 17.28 -29.63 71.09
CA THR Y 106 16.17 -30.45 70.64
C THR Y 106 14.85 -29.67 70.66
N ALA Y 107 14.64 -28.86 71.69
CA ALA Y 107 13.41 -28.08 71.76
C ALA Y 107 13.34 -27.06 70.64
N LYS Y 108 14.45 -26.36 70.40
CA LYS Y 108 14.47 -25.37 69.32
C LYS Y 108 14.27 -26.03 67.97
N ILE Y 109 14.86 -27.21 67.77
CA ILE Y 109 14.68 -27.91 66.50
C ILE Y 109 13.24 -28.35 66.31
N ALA Y 110 12.60 -28.83 67.38
CA ALA Y 110 11.21 -29.23 67.27
C ALA Y 110 10.33 -28.04 66.90
N VAL Y 111 10.55 -26.90 67.56
CA VAL Y 111 9.76 -25.72 67.25
C VAL Y 111 9.99 -25.27 65.81
N ASN Y 112 11.24 -25.29 65.35
CA ASN Y 112 11.53 -24.86 63.99
C ASN Y 112 10.90 -25.78 62.96
N ILE Y 113 10.95 -27.09 63.21
CA ILE Y 113 10.34 -28.04 62.27
C ILE Y 113 8.83 -27.82 62.21
N ALA Y 114 8.21 -27.65 63.38
CA ALA Y 114 6.77 -27.41 63.40
C ALA Y 114 6.42 -26.14 62.67
N VAL Y 115 7.22 -25.09 62.84
CA VAL Y 115 6.95 -23.82 62.18
C VAL Y 115 7.08 -23.96 60.67
N ARG Y 116 8.13 -24.65 60.20
CA ARG Y 116 8.29 -24.82 58.75
C ARG Y 116 7.15 -25.62 58.16
N GLU Y 117 6.73 -26.69 58.83
CA GLU Y 117 5.61 -27.46 58.31
C GLU Y 117 4.31 -26.68 58.38
N GLN Y 118 4.14 -25.83 59.39
CA GLN Y 118 2.96 -24.97 59.46
C GLN Y 118 2.93 -23.99 58.31
N ILE Y 119 4.08 -23.41 57.96
CA ILE Y 119 4.14 -22.51 56.83
C ILE Y 119 3.82 -23.24 55.53
N GLU Y 120 4.41 -24.44 55.35
CA GLU Y 120 4.31 -25.12 54.06
C GLU Y 120 2.99 -25.85 53.89
N ALA Y 121 2.74 -26.86 54.71
CA ALA Y 121 1.55 -27.70 54.52
C ALA Y 121 0.33 -27.12 55.23
N GLY Y 122 0.46 -26.81 56.50
CA GLY Y 122 -0.66 -26.26 57.25
C GLY Y 122 -0.72 -26.75 58.68
N VAL Y 123 -0.10 -27.89 58.97
CA VAL Y 123 -0.09 -28.45 60.31
C VAL Y 123 1.30 -28.99 60.63
N GLY Y 124 1.79 -28.68 61.83
CA GLY Y 124 2.98 -29.29 62.38
C GLY Y 124 2.69 -29.72 63.80
N ALA Y 125 3.66 -30.39 64.41
CA ALA Y 125 3.47 -30.84 65.78
C ALA Y 125 4.82 -31.15 66.41
N TRP Y 126 4.81 -31.25 67.75
CA TRP Y 126 5.96 -31.75 68.48
C TRP Y 126 5.46 -32.51 69.71
N ARG Y 127 6.39 -33.10 70.45
CA ARG Y 127 6.06 -33.97 71.56
C ARG Y 127 6.88 -33.57 72.78
N LEU Y 128 6.32 -33.81 73.97
CA LEU Y 128 7.03 -33.61 75.22
C LEU Y 128 7.18 -34.96 75.90
N VAL Y 129 8.42 -35.38 76.16
CA VAL Y 129 8.71 -36.67 76.76
C VAL Y 129 9.55 -36.44 78.01
N THR Y 130 9.71 -37.50 78.80
CA THR Y 130 10.50 -37.47 80.02
C THR Y 130 11.50 -38.62 80.00
N ASP Y 131 12.57 -38.47 80.77
CA ASP Y 131 13.60 -39.50 80.84
C ASP Y 131 14.35 -39.37 82.15
N TYR Y 132 15.18 -40.38 82.44
CA TYR Y 132 16.00 -40.41 83.63
C TYR Y 132 17.42 -40.00 83.26
N GLU Y 133 17.79 -38.77 83.60
CA GLU Y 133 19.13 -38.28 83.40
C GLU Y 133 19.86 -38.25 84.73
N ASP Y 134 21.04 -38.87 84.78
CA ASP Y 134 21.77 -39.02 86.02
C ASP Y 134 22.98 -38.11 86.15
N GLN Y 135 23.40 -37.46 85.07
CA GLN Y 135 24.53 -36.54 85.14
C GLN Y 135 24.07 -35.10 85.42
N SER Y 136 23.11 -34.62 84.66
CA SER Y 136 22.53 -33.30 84.85
C SER Y 136 21.01 -33.42 84.84
N PRO Y 137 20.41 -33.79 85.98
CA PRO Y 137 18.96 -33.89 86.05
C PRO Y 137 18.31 -32.58 86.47
N THR Y 138 17.13 -32.32 85.91
CA THR Y 138 16.39 -31.12 86.29
C THR Y 138 15.85 -31.23 87.70
N SER Y 139 15.28 -32.39 88.05
CA SER Y 139 14.76 -32.64 89.38
C SER Y 139 14.43 -34.12 89.49
N ASN Y 140 14.64 -34.67 90.69
CA ASN Y 140 14.26 -36.06 90.99
C ASN Y 140 14.91 -37.03 90.01
N ASN Y 141 16.13 -36.72 89.59
CA ASN Y 141 16.90 -37.56 88.67
C ASN Y 141 16.13 -37.78 87.37
N GLN Y 142 15.43 -36.74 86.91
CA GLN Y 142 14.60 -36.84 85.71
C GLN Y 142 14.68 -35.54 84.94
N VAL Y 143 14.40 -35.61 83.65
CA VAL Y 143 14.44 -34.46 82.77
C VAL Y 143 13.29 -34.55 81.78
N ILE Y 144 12.65 -33.40 81.50
CA ILE Y 144 11.57 -33.31 80.53
C ILE Y 144 12.13 -32.63 79.29
N ARG Y 145 12.13 -33.33 78.17
CA ARG Y 145 12.66 -32.80 76.93
C ARG Y 145 11.56 -32.78 75.88
N ARG Y 146 11.86 -32.15 74.76
CA ARG Y 146 10.92 -31.98 73.67
C ARG Y 146 11.49 -32.60 72.41
N GLU Y 147 10.66 -33.29 71.65
CA GLU Y 147 11.09 -34.01 70.47
C GLU Y 147 10.28 -33.58 69.26
N PRO Y 148 10.86 -33.64 68.07
CA PRO Y 148 10.13 -33.24 66.87
C PRO Y 148 9.26 -34.35 66.33
N ILE Y 149 8.31 -33.96 65.48
CA ILE Y 149 7.51 -34.89 64.70
C ILE Y 149 7.52 -34.40 63.27
N HIS Y 150 7.95 -35.25 62.35
CA HIS Y 150 8.01 -34.90 60.94
C HIS Y 150 6.76 -35.41 60.24
N SER Y 151 6.25 -34.61 59.31
CA SER Y 151 5.04 -34.93 58.58
C SER Y 151 3.88 -35.23 59.53
N ALA Y 152 3.56 -34.22 60.36
CA ALA Y 152 2.53 -34.40 61.37
C ALA Y 152 1.18 -34.68 60.75
N CYS Y 153 0.95 -34.21 59.52
CA CYS Y 153 -0.34 -34.38 58.86
C CYS Y 153 -0.70 -35.85 58.72
N SER Y 154 0.27 -36.69 58.39
CA SER Y 154 0.04 -38.12 58.24
C SER Y 154 0.53 -38.92 59.43
N HIS Y 155 1.32 -38.32 60.32
CA HIS Y 155 1.92 -39.08 61.39
C HIS Y 155 1.25 -38.88 62.75
N VAL Y 156 0.45 -37.83 62.91
CA VAL Y 156 -0.31 -37.62 64.14
C VAL Y 156 -1.78 -37.62 63.78
N ILE Y 157 -2.47 -38.69 64.17
CA ILE Y 157 -3.88 -38.86 63.86
C ILE Y 157 -4.65 -38.53 65.12
N TRP Y 158 -5.20 -37.32 65.18
CA TRP Y 158 -5.91 -36.83 66.35
C TRP Y 158 -7.31 -37.41 66.41
N ASP Y 159 -7.98 -37.16 67.53
CA ASP Y 159 -9.37 -37.53 67.69
C ASP Y 159 -10.23 -36.73 66.72
N SER Y 160 -11.19 -37.41 66.09
CA SER Y 160 -12.02 -36.74 65.09
C SER Y 160 -13.05 -35.83 65.73
N ASN Y 161 -13.44 -36.11 66.98
CA ASN Y 161 -14.43 -35.30 67.69
C ASN Y 161 -13.76 -34.20 68.50
N SER Y 162 -12.91 -33.41 67.87
CA SER Y 162 -12.20 -32.32 68.52
C SER Y 162 -12.41 -31.05 67.74
N LYS Y 163 -12.87 -30.00 68.42
CA LYS Y 163 -13.23 -28.74 67.77
C LYS Y 163 -12.37 -27.57 68.26
N LEU Y 164 -11.18 -27.86 68.77
CA LEU Y 164 -10.28 -26.84 69.27
C LEU Y 164 -8.97 -26.89 68.51
N MET Y 165 -8.38 -25.72 68.27
CA MET Y 165 -7.20 -25.63 67.42
C MET Y 165 -6.03 -26.40 68.02
N ASP Y 166 -5.84 -26.30 69.33
CA ASP Y 166 -4.76 -27.00 70.02
C ASP Y 166 -5.13 -28.42 70.42
N LYS Y 167 -6.37 -28.84 70.13
CA LYS Y 167 -6.84 -30.19 70.44
C LYS Y 167 -6.77 -30.48 71.93
N SER Y 168 -7.13 -29.49 72.75
CA SER Y 168 -7.19 -29.70 74.19
C SER Y 168 -8.39 -30.55 74.58
N ASP Y 169 -9.42 -30.62 73.75
CA ASP Y 169 -10.59 -31.45 74.03
C ASP Y 169 -10.51 -32.82 73.37
N ALA Y 170 -9.41 -33.14 72.69
CA ALA Y 170 -9.21 -34.48 72.18
C ALA Y 170 -9.03 -35.46 73.32
N ARG Y 171 -9.57 -36.66 73.16
CA ARG Y 171 -9.48 -37.67 74.20
C ARG Y 171 -8.50 -38.79 73.88
N HIS Y 172 -8.14 -38.97 72.63
CA HIS Y 172 -7.09 -39.93 72.27
C HIS Y 172 -6.35 -39.40 71.06
N CYS Y 173 -5.15 -39.93 70.86
CA CYS Y 173 -4.32 -39.58 69.71
C CYS Y 173 -3.37 -40.72 69.44
N THR Y 174 -3.23 -41.11 68.18
CA THR Y 174 -2.34 -42.17 67.79
C THR Y 174 -1.21 -41.61 66.94
N VAL Y 175 0.03 -41.84 67.37
CA VAL Y 175 1.22 -41.33 66.70
C VAL Y 175 1.93 -42.51 66.07
N ILE Y 176 2.23 -42.40 64.78
CA ILE Y 176 2.75 -43.50 63.98
C ILE Y 176 4.23 -43.27 63.73
N HIS Y 177 5.00 -44.34 63.97
CA HIS Y 177 6.46 -44.28 63.77
C HIS Y 177 6.88 -45.33 62.74
N SER Y 178 7.55 -44.92 61.67
CA SER Y 178 8.11 -45.83 60.69
C SER Y 178 9.63 -45.81 60.79
N MET Y 179 10.23 -46.99 60.86
CA MET Y 179 11.66 -47.10 61.07
C MET Y 179 12.22 -48.26 60.26
N SER Y 180 13.53 -48.24 60.08
CA SER Y 180 14.23 -49.32 59.38
C SER Y 180 14.39 -50.51 60.31
N GLN Y 181 15.17 -51.50 59.89
CA GLN Y 181 15.33 -52.71 60.70
C GLN Y 181 16.13 -52.42 61.97
N ASN Y 182 17.26 -51.72 61.84
CA ASN Y 182 18.03 -51.38 63.02
C ASN Y 182 17.29 -50.40 63.92
N GLY Y 183 16.55 -49.47 63.30
CA GLY Y 183 15.70 -48.60 64.09
C GLY Y 183 14.69 -49.37 64.89
N TRP Y 184 14.10 -50.41 64.30
CA TRP Y 184 13.15 -51.24 65.04
C TRP Y 184 13.84 -52.01 66.15
N GLU Y 185 15.04 -52.52 65.90
CA GLU Y 185 15.76 -53.26 66.93
C GLU Y 185 16.03 -52.37 68.14
N ASP Y 186 16.43 -51.13 67.88
CA ASP Y 186 16.68 -50.21 68.99
C ASP Y 186 15.39 -49.74 69.66
N PHE Y 187 14.31 -49.59 68.90
CA PHE Y 187 13.01 -49.30 69.51
C PHE Y 187 12.59 -50.42 70.44
N ALA Y 188 12.76 -51.66 70.01
CA ALA Y 188 12.41 -52.80 70.85
C ALA Y 188 13.28 -52.87 72.09
N GLU Y 189 14.58 -52.59 71.94
CA GLU Y 189 15.45 -52.54 73.11
C GLU Y 189 14.99 -51.45 74.07
N LYS Y 190 14.58 -50.29 73.54
CA LYS Y 190 14.18 -49.18 74.39
C LYS Y 190 12.88 -49.46 75.14
N TYR Y 191 11.93 -50.13 74.50
CA TYR Y 191 10.61 -50.30 75.09
C TYR Y 191 10.34 -51.72 75.57
N ASP Y 192 11.34 -52.59 75.63
CA ASP Y 192 11.17 -53.98 76.07
C ASP Y 192 10.11 -54.70 75.25
N LEU Y 193 10.21 -54.59 73.94
CA LEU Y 193 9.37 -55.35 73.02
C LEU Y 193 10.16 -56.52 72.45
N ASP Y 194 9.43 -57.43 71.79
CA ASP Y 194 10.05 -58.58 71.14
C ASP Y 194 10.50 -58.17 69.75
N ALA Y 195 11.81 -58.04 69.56
CA ALA Y 195 12.33 -57.53 68.30
C ALA Y 195 12.15 -58.53 67.16
N ASP Y 196 11.99 -59.81 67.47
CA ASP Y 196 11.85 -60.80 66.41
C ASP Y 196 10.56 -60.62 65.63
N ASP Y 197 9.44 -60.37 66.33
CA ASP Y 197 8.15 -60.20 65.67
C ASP Y 197 8.10 -58.78 65.11
N ILE Y 198 8.39 -58.66 63.83
CA ILE Y 198 8.45 -57.34 63.19
C ILE Y 198 7.04 -56.75 63.15
N PRO Y 199 6.84 -55.53 63.63
CA PRO Y 199 5.49 -54.95 63.66
C PRO Y 199 5.13 -54.35 62.32
N SER Y 200 3.84 -54.02 62.19
CA SER Y 200 3.31 -53.46 60.96
C SER Y 200 2.03 -52.72 61.28
N PHE Y 201 1.87 -51.56 60.68
CA PHE Y 201 0.72 -50.71 60.94
C PHE Y 201 0.31 -50.04 59.64
N GLN Y 202 -0.55 -49.03 59.75
CA GLN Y 202 -1.02 -48.32 58.56
C GLN Y 202 0.07 -47.41 58.02
N ASN Y 203 0.55 -47.70 56.83
CA ASN Y 203 1.64 -46.95 56.24
C ASN Y 203 1.23 -45.51 56.01
N PRO Y 204 1.94 -44.53 56.53
CA PRO Y 204 1.54 -43.13 56.34
C PRO Y 204 2.15 -42.46 55.13
N ASN Y 205 3.16 -43.07 54.51
CA ASN Y 205 3.88 -42.48 53.40
C ASN Y 205 3.51 -43.12 52.07
N ASP Y 206 3.56 -42.30 51.02
CA ASP Y 206 3.28 -42.75 49.67
C ASP Y 206 4.57 -42.69 48.84
N TRP Y 207 4.82 -43.73 48.07
CA TRP Y 207 6.04 -43.81 47.26
C TRP Y 207 5.93 -42.96 46.01
N VAL Y 208 6.11 -41.64 46.15
CA VAL Y 208 5.80 -40.68 45.10
C VAL Y 208 7.03 -40.22 44.34
N PHE Y 209 8.22 -40.59 44.76
CA PHE Y 209 9.50 -40.19 44.18
C PHE Y 209 10.34 -41.44 44.01
N PRO Y 210 11.25 -41.47 43.03
CA PRO Y 210 12.02 -42.69 42.81
C PRO Y 210 13.02 -43.00 43.92
N TRP Y 211 12.55 -43.01 45.16
CA TRP Y 211 13.37 -43.46 46.27
C TRP Y 211 13.55 -44.97 46.20
N LEU Y 212 14.74 -45.43 46.57
CA LEU Y 212 14.99 -46.87 46.56
C LEU Y 212 14.32 -47.56 47.73
N THR Y 213 14.73 -47.20 48.95
CA THR Y 213 14.27 -47.84 50.17
C THR Y 213 13.64 -46.78 51.05
N GLN Y 214 12.31 -46.74 51.09
CA GLN Y 214 11.65 -45.71 51.89
C GLN Y 214 11.53 -46.11 53.35
N ASP Y 215 10.75 -47.15 53.64
CA ASP Y 215 10.53 -47.65 55.00
C ASP Y 215 9.66 -48.88 54.97
N THR Y 216 9.80 -49.77 55.97
CA THR Y 216 9.02 -51.00 55.97
C THR Y 216 8.40 -51.38 57.30
N ILE Y 217 8.83 -50.81 58.42
CA ILE Y 217 8.36 -51.20 59.74
C ILE Y 217 7.61 -50.03 60.36
N GLN Y 218 6.40 -50.29 60.82
CA GLN Y 218 5.56 -49.25 61.40
C GLN Y 218 4.98 -49.72 62.73
N ILE Y 219 4.72 -48.76 63.61
CA ILE Y 219 4.10 -49.02 64.90
C ILE Y 219 3.39 -47.74 65.33
N ALA Y 220 2.48 -47.85 66.29
CA ALA Y 220 1.79 -46.66 66.77
C ALA Y 220 1.76 -46.65 68.29
N GLU Y 221 1.57 -45.44 68.82
CA GLU Y 221 1.44 -45.22 70.28
C GLU Y 221 0.12 -44.49 70.51
N PHE Y 222 -0.83 -45.11 71.22
CA PHE Y 222 -2.17 -44.60 71.46
C PHE Y 222 -2.18 -43.94 72.83
N TYR Y 223 -2.29 -42.61 72.85
CA TYR Y 223 -2.47 -41.86 74.09
C TYR Y 223 -3.95 -41.63 74.30
N GLU Y 224 -4.40 -41.81 75.53
CA GLU Y 224 -5.80 -41.56 75.87
C GLU Y 224 -5.87 -40.93 77.25
N VAL Y 225 -6.72 -39.92 77.38
CA VAL Y 225 -6.92 -39.22 78.64
C VAL Y 225 -8.25 -39.64 79.24
N VAL Y 226 -8.25 -39.93 80.54
CA VAL Y 226 -9.43 -40.34 81.27
C VAL Y 226 -9.60 -39.39 82.45
N GLU Y 227 -10.78 -38.78 82.55
CA GLU Y 227 -11.10 -37.83 83.61
C GLU Y 227 -12.01 -38.52 84.60
N LYS Y 228 -11.49 -38.79 85.80
CA LYS Y 228 -12.25 -39.56 86.78
C LYS Y 228 -11.91 -39.04 88.17
N LYS Y 229 -12.75 -39.43 89.13
CA LYS Y 229 -12.55 -39.10 90.53
C LYS Y 229 -11.67 -40.16 91.17
N GLU Y 230 -10.59 -39.73 91.81
CA GLU Y 230 -9.72 -40.63 92.52
C GLU Y 230 -9.52 -40.13 93.94
N THR Y 231 -9.21 -41.05 94.84
CA THR Y 231 -9.10 -40.74 96.26
C THR Y 231 -7.97 -39.76 96.52
N ALA Y 232 -8.25 -38.73 97.31
CA ALA Y 232 -7.25 -37.76 97.74
C ALA Y 232 -7.15 -37.81 99.25
N PHE Y 233 -5.94 -37.98 99.76
CA PHE Y 233 -5.70 -38.08 101.20
C PHE Y 233 -5.24 -36.74 101.73
N ILE Y 234 -5.87 -36.28 102.80
CA ILE Y 234 -5.49 -35.04 103.48
C ILE Y 234 -4.65 -35.41 104.69
N TYR Y 235 -3.52 -34.72 104.84
CA TYR Y 235 -2.60 -34.97 105.94
C TYR Y 235 -2.40 -33.69 106.75
N GLN Y 236 -1.56 -33.78 107.77
CA GLN Y 236 -1.15 -32.64 108.57
C GLN Y 236 0.37 -32.55 108.50
N ASP Y 237 0.87 -31.50 107.85
CA ASP Y 237 2.31 -31.32 107.69
C ASP Y 237 2.95 -31.09 109.06
N PRO Y 238 4.01 -31.82 109.40
CA PRO Y 238 4.67 -31.59 110.69
C PRO Y 238 5.23 -30.18 110.85
N VAL Y 239 5.48 -29.47 109.75
CA VAL Y 239 5.88 -28.07 109.85
C VAL Y 239 4.68 -27.18 110.17
N THR Y 240 3.71 -27.14 109.27
CA THR Y 240 2.49 -26.36 109.45
C THR Y 240 1.52 -26.67 108.31
N GLY Y 241 0.24 -26.40 108.56
CA GLY Y 241 -0.74 -26.51 107.51
C GLY Y 241 -1.08 -27.94 107.14
N GLU Y 242 -2.10 -28.08 106.30
CA GLU Y 242 -2.57 -29.39 105.85
C GLU Y 242 -2.26 -29.56 104.37
N PRO Y 243 -1.45 -30.55 103.99
CA PRO Y 243 -1.24 -30.85 102.58
C PRO Y 243 -2.18 -31.95 102.10
N VAL Y 244 -2.31 -32.04 100.79
CA VAL Y 244 -3.13 -33.04 100.13
C VAL Y 244 -2.23 -33.86 99.21
N SER Y 245 -2.53 -35.16 99.09
CA SER Y 245 -1.76 -36.03 98.22
C SER Y 245 -2.67 -37.13 97.70
N TYR Y 246 -2.59 -37.40 96.40
CA TYR Y 246 -3.43 -38.41 95.78
C TYR Y 246 -3.09 -39.80 96.31
N PHE Y 247 -4.11 -40.65 96.40
CA PHE Y 247 -3.90 -41.99 96.91
C PHE Y 247 -2.99 -42.80 95.99
N LYS Y 248 -3.21 -42.69 94.67
CA LYS Y 248 -2.47 -43.51 93.73
C LYS Y 248 -0.99 -43.14 93.70
N ARG Y 249 -0.66 -41.89 93.98
CA ARG Y 249 0.74 -41.47 93.87
C ARG Y 249 1.60 -42.00 95.01
N ASP Y 250 0.97 -42.38 96.12
CA ASP Y 250 1.66 -42.96 97.25
C ASP Y 250 0.90 -44.16 97.78
N ILE Y 251 0.37 -44.99 96.88
CA ILE Y 251 -0.50 -46.09 97.26
C ILE Y 251 0.26 -47.10 98.12
N LYS Y 252 1.49 -47.43 97.74
CA LYS Y 252 2.19 -48.51 98.43
C LYS Y 252 3.58 -48.10 98.87
N ASP Y 253 4.19 -47.17 98.15
CA ASP Y 253 5.58 -46.85 98.43
C ASP Y 253 5.75 -46.19 99.80
N VAL Y 254 4.96 -45.17 100.10
CA VAL Y 254 5.20 -44.40 101.32
C VAL Y 254 3.92 -44.25 102.13
N ILE Y 255 2.88 -45.01 101.78
CA ILE Y 255 1.58 -44.86 102.44
C ILE Y 255 1.73 -45.04 103.95
N ASP Y 256 2.55 -46.00 104.38
CA ASP Y 256 2.86 -46.18 105.78
C ASP Y 256 4.12 -45.44 106.21
N ASP Y 257 4.79 -44.73 105.29
CA ASP Y 257 5.95 -43.93 105.67
C ASP Y 257 5.58 -42.53 106.11
N LEU Y 258 4.48 -41.96 105.60
CA LEU Y 258 4.08 -40.63 106.07
C LEU Y 258 3.79 -40.63 107.57
N ALA Y 259 3.09 -41.66 108.06
CA ALA Y 259 2.77 -41.71 109.48
C ALA Y 259 4.05 -41.79 110.33
N ASP Y 260 5.01 -42.60 109.89
CA ASP Y 260 6.28 -42.70 110.62
C ASP Y 260 7.04 -41.38 110.58
N SER Y 261 7.03 -40.69 109.43
CA SER Y 261 7.75 -39.43 109.31
C SER Y 261 7.11 -38.31 110.12
N GLY Y 262 5.80 -38.36 110.32
CA GLY Y 262 5.13 -37.35 111.13
C GLY Y 262 3.87 -36.79 110.53
N PHE Y 263 3.40 -37.41 109.45
CA PHE Y 263 2.16 -37.00 108.79
C PHE Y 263 1.02 -37.86 109.35
N ILE Y 264 -0.04 -37.21 109.82
CA ILE Y 264 -1.21 -37.90 110.33
C ILE Y 264 -2.36 -37.68 109.35
N LYS Y 265 -3.09 -38.74 109.05
CA LYS Y 265 -4.20 -38.65 108.10
C LYS Y 265 -5.39 -37.95 108.74
N ILE Y 266 -5.74 -36.79 108.19
CA ILE Y 266 -6.88 -36.02 108.68
C ILE Y 266 -8.15 -36.52 108.03
N ALA Y 267 -8.22 -36.42 106.71
CA ALA Y 267 -9.43 -36.74 105.96
C ALA Y 267 -9.06 -37.43 104.66
N GLU Y 268 -10.06 -38.06 104.05
CA GLU Y 268 -9.92 -38.69 102.74
C GLU Y 268 -11.03 -38.15 101.86
N ARG Y 269 -10.67 -37.66 100.67
CA ARG Y 269 -11.65 -37.09 99.75
C ARG Y 269 -11.48 -37.71 98.37
N GLN Y 270 -12.47 -37.46 97.51
CA GLN Y 270 -12.42 -37.86 96.11
C GLN Y 270 -12.31 -36.60 95.26
N ILE Y 271 -11.25 -36.52 94.45
CA ILE Y 271 -11.01 -35.36 93.62
C ILE Y 271 -10.90 -35.82 92.16
N LYS Y 272 -11.56 -35.08 91.28
CA LYS Y 272 -11.59 -35.41 89.86
C LYS Y 272 -10.34 -34.87 89.18
N ARG Y 273 -9.68 -35.73 88.40
CA ARG Y 273 -8.49 -35.35 87.67
C ARG Y 273 -8.34 -36.25 86.45
N ARG Y 274 -7.40 -35.89 85.59
CA ARG Y 274 -7.15 -36.61 84.35
C ARG Y 274 -5.87 -37.43 84.45
N ARG Y 275 -5.89 -38.61 83.83
CA ARG Y 275 -4.73 -39.47 83.74
C ARG Y 275 -4.55 -39.90 82.29
N VAL Y 276 -3.29 -40.08 81.88
CA VAL Y 276 -2.94 -40.34 80.49
C VAL Y 276 -2.31 -41.71 80.37
N TYR Y 277 -2.83 -42.51 79.44
CA TYR Y 277 -2.38 -43.88 79.23
C TYR Y 277 -1.87 -44.04 77.81
N LYS Y 278 -0.73 -44.70 77.67
CA LYS Y 278 -0.11 -44.97 76.38
C LYS Y 278 -0.14 -46.46 76.10
N SER Y 279 -0.48 -46.82 74.87
CA SER Y 279 -0.51 -48.20 74.42
C SER Y 279 0.33 -48.32 73.15
N ILE Y 280 1.38 -49.12 73.20
CA ILE Y 280 2.20 -49.38 72.02
C ILE Y 280 1.53 -50.51 71.25
N ILE Y 281 1.00 -50.21 70.06
CA ILE Y 281 0.18 -51.15 69.34
C ILE Y 281 0.66 -51.30 67.90
N THR Y 282 0.35 -52.46 67.34
CA THR Y 282 0.54 -52.80 65.94
C THR Y 282 -0.83 -53.13 65.34
N CYS Y 283 -0.83 -53.64 64.11
CA CYS Y 283 -2.10 -53.87 63.44
C CYS Y 283 -2.81 -55.14 63.91
N THR Y 284 -2.09 -56.07 64.54
CA THR Y 284 -2.64 -57.36 64.89
C THR Y 284 -2.57 -57.70 66.37
N ALA Y 285 -1.90 -56.89 67.19
CA ALA Y 285 -1.74 -57.21 68.60
C ALA Y 285 -1.49 -55.91 69.37
N VAL Y 286 -1.57 -56.00 70.69
CA VAL Y 286 -1.16 -54.94 71.60
C VAL Y 286 0.07 -55.43 72.35
N LEU Y 287 1.12 -54.61 72.34
CA LEU Y 287 2.38 -55.00 72.97
C LEU Y 287 2.50 -54.42 74.37
N LYS Y 288 2.02 -53.20 74.58
CA LYS Y 288 1.91 -52.58 75.89
C LYS Y 288 0.51 -52.01 76.01
N ASP Y 289 -0.14 -52.22 77.15
CA ASP Y 289 -1.59 -52.04 77.19
C ASP Y 289 -2.02 -50.64 77.60
N LYS Y 290 -1.73 -50.23 78.84
CA LYS Y 290 -2.25 -48.96 79.35
C LYS Y 290 -1.22 -48.26 80.24
N GLN Y 291 0.02 -48.20 79.78
CA GLN Y 291 1.08 -47.66 80.61
C GLN Y 291 0.79 -46.22 81.01
N LEU Y 292 0.81 -45.95 82.32
CA LEU Y 292 0.62 -44.59 82.81
C LEU Y 292 1.79 -43.71 82.37
N ILE Y 293 1.47 -42.49 81.93
CA ILE Y 293 2.50 -41.50 81.69
C ILE Y 293 2.18 -40.24 82.48
N ALA Y 294 3.19 -39.39 82.61
CA ALA Y 294 3.07 -38.22 83.47
C ALA Y 294 2.16 -37.16 82.86
N GLY Y 295 1.51 -36.39 83.72
CA GLY Y 295 0.68 -35.30 83.29
C GLY Y 295 -0.78 -35.69 83.14
N GLU Y 296 -1.58 -34.70 82.74
CA GLU Y 296 -3.04 -34.91 82.57
C GLU Y 296 -3.44 -34.66 81.13
N HIS Y 297 -2.52 -34.14 80.30
CA HIS Y 297 -2.83 -33.86 78.91
C HIS Y 297 -1.99 -34.76 78.02
N ILE Y 298 -2.49 -34.96 76.80
CA ILE Y 298 -1.73 -35.72 75.80
C ILE Y 298 -0.48 -34.94 75.43
N PRO Y 299 0.70 -35.56 75.41
CA PRO Y 299 1.94 -34.78 75.29
C PRO Y 299 2.29 -34.34 73.88
N ILE Y 300 1.34 -34.34 72.95
CA ILE Y 300 1.56 -33.88 71.60
C ILE Y 300 0.95 -32.50 71.44
N VAL Y 301 1.74 -31.54 70.97
CA VAL Y 301 1.30 -30.16 70.78
C VAL Y 301 1.23 -29.88 69.28
N PRO Y 302 0.05 -29.54 68.74
CA PRO Y 302 -0.05 -29.19 67.32
C PRO Y 302 0.01 -27.69 67.05
N VAL Y 303 0.54 -27.32 65.89
CA VAL Y 303 0.58 -25.94 65.42
C VAL Y 303 -0.12 -25.90 64.07
N PHE Y 304 -1.00 -24.93 63.89
CA PHE Y 304 -1.82 -24.84 62.68
C PHE Y 304 -1.58 -23.53 61.96
N GLY Y 305 -1.95 -23.52 60.68
CA GLY Y 305 -1.87 -22.32 59.87
C GLY Y 305 -3.22 -21.63 59.82
N GLU Y 306 -3.93 -21.79 58.70
CA GLU Y 306 -5.34 -21.42 58.61
C GLU Y 306 -6.15 -22.67 58.90
N TRP Y 307 -6.89 -22.66 59.99
CA TRP Y 307 -7.57 -23.83 60.51
C TRP Y 307 -9.05 -23.56 60.67
N GLY Y 308 -9.87 -24.56 60.35
CA GLY Y 308 -11.30 -24.41 60.54
C GLY Y 308 -12.02 -25.70 60.20
N PHE Y 309 -13.34 -25.63 60.23
CA PHE Y 309 -14.20 -26.73 59.84
C PHE Y 309 -15.08 -26.26 58.69
N VAL Y 310 -15.34 -27.14 57.73
CA VAL Y 310 -16.26 -26.77 56.67
C VAL Y 310 -17.65 -27.27 57.00
N GLU Y 311 -17.82 -28.60 57.05
CA GLU Y 311 -19.07 -29.21 57.48
C GLU Y 311 -18.68 -30.42 58.33
N ASP Y 312 -18.48 -30.19 59.62
CA ASP Y 312 -18.01 -31.31 60.47
C ASP Y 312 -16.85 -31.99 59.76
N LYS Y 313 -15.94 -31.22 59.17
CA LYS Y 313 -14.76 -31.79 58.55
C LYS Y 313 -13.64 -30.76 58.59
N GLU Y 314 -12.49 -31.18 59.09
CA GLU Y 314 -11.40 -30.26 59.38
C GLU Y 314 -10.64 -29.88 58.11
N VAL Y 315 -10.40 -28.59 57.95
CA VAL Y 315 -9.58 -28.08 56.86
C VAL Y 315 -8.54 -27.15 57.45
N TYR Y 316 -7.27 -27.43 57.17
CA TYR Y 316 -6.16 -26.59 57.57
C TYR Y 316 -5.26 -26.41 56.37
N GLU Y 317 -4.60 -25.25 56.29
CA GLU Y 317 -3.77 -24.94 55.10
C GLU Y 317 -2.69 -23.90 55.37
N GLY Y 318 -1.47 -24.11 54.87
CA GLY Y 318 -0.40 -23.13 54.98
C GLY Y 318 -0.50 -22.04 53.92
N VAL Y 319 0.50 -21.93 53.06
CA VAL Y 319 0.55 -20.84 52.09
C VAL Y 319 0.70 -21.39 50.68
N VAL Y 320 1.11 -22.65 50.56
CA VAL Y 320 1.46 -23.21 49.26
C VAL Y 320 0.25 -23.72 48.48
N ARG Y 321 -0.90 -23.88 49.12
CA ARG Y 321 -1.99 -24.63 48.49
C ARG Y 321 -2.52 -23.93 47.24
N LEU Y 322 -2.70 -22.61 47.29
CA LEU Y 322 -3.30 -21.95 46.13
C LEU Y 322 -2.30 -21.63 45.05
N THR Y 323 -1.02 -21.52 45.37
CA THR Y 323 -0.02 -21.25 44.35
C THR Y 323 0.25 -22.44 43.45
N LYS Y 324 -0.27 -23.62 43.79
CA LYS Y 324 0.06 -24.83 43.06
C LYS Y 324 -0.42 -24.75 41.61
N ASP Y 325 -1.64 -24.26 41.40
CA ASP Y 325 -2.19 -24.20 40.05
C ASP Y 325 -1.37 -23.28 39.16
N GLY Y 326 -1.11 -22.06 39.63
CA GLY Y 326 -0.34 -21.12 38.83
C GLY Y 326 1.09 -21.58 38.61
N GLN Y 327 1.70 -22.19 39.63
CA GLN Y 327 3.06 -22.68 39.47
C GLN Y 327 3.13 -23.80 38.45
N ARG Y 328 2.18 -24.73 38.49
CA ARG Y 328 2.17 -25.82 37.53
C ARG Y 328 1.93 -25.30 36.12
N LEU Y 329 1.02 -24.34 35.96
CA LEU Y 329 0.78 -23.76 34.64
C LEU Y 329 2.02 -23.06 34.11
N ARG Y 330 2.70 -22.31 34.97
CA ARG Y 330 3.90 -21.59 34.55
C ARG Y 330 5.02 -22.56 34.18
N ASN Y 331 5.19 -23.64 34.95
CA ASN Y 331 6.15 -24.66 34.59
C ASN Y 331 5.82 -25.27 33.22
N MET Y 332 4.55 -25.59 32.99
CA MET Y 332 4.16 -26.20 31.73
C MET Y 332 4.43 -25.27 30.55
N ILE Y 333 4.09 -23.99 30.70
CA ILE Y 333 4.29 -23.05 29.60
C ILE Y 333 5.77 -22.85 29.31
N MET Y 334 6.59 -22.71 30.35
CA MET Y 334 8.02 -22.55 30.14
C MET Y 334 8.62 -23.78 29.48
N SER Y 335 8.14 -24.97 29.85
CA SER Y 335 8.63 -26.18 29.19
C SER Y 335 8.22 -26.21 27.73
N PHE Y 336 7.00 -25.80 27.41
CA PHE Y 336 6.57 -25.75 26.02
C PHE Y 336 7.45 -24.81 25.21
N ASN Y 337 7.75 -23.63 25.76
CA ASN Y 337 8.61 -22.69 25.04
C ASN Y 337 10.02 -23.25 24.87
N ALA Y 338 10.53 -23.96 25.89
CA ALA Y 338 11.85 -24.55 25.76
C ALA Y 338 11.87 -25.60 24.65
N ASP Y 339 10.80 -26.39 24.53
CA ASP Y 339 10.69 -27.31 23.41
C ASP Y 339 10.67 -26.56 22.08
N ILE Y 340 9.95 -25.43 22.04
CA ILE Y 340 9.92 -24.63 20.82
C ILE Y 340 11.32 -24.21 20.42
N VAL Y 341 12.12 -23.76 21.40
CA VAL Y 341 13.48 -23.33 21.09
C VAL Y 341 14.33 -24.50 20.62
N ALA Y 342 14.20 -25.65 21.28
CA ALA Y 342 15.10 -26.77 20.99
C ALA Y 342 14.75 -27.43 19.67
N ARG Y 343 13.55 -28.00 19.54
CA ARG Y 343 13.19 -28.76 18.36
C ARG Y 343 12.36 -27.89 17.42
N THR Y 344 13.02 -27.08 16.62
CA THR Y 344 12.34 -26.34 15.58
C THR Y 344 13.35 -25.97 14.50
N PRO Y 345 13.04 -26.23 13.23
CA PRO Y 345 14.00 -25.93 12.17
C PRO Y 345 14.33 -24.45 12.12
N LYS Y 346 15.60 -24.15 11.87
CA LYS Y 346 16.08 -22.77 11.87
C LYS Y 346 15.75 -22.11 10.54
N LYS Y 347 16.11 -20.82 10.42
CA LYS Y 347 15.81 -20.04 9.22
C LYS Y 347 16.90 -20.28 8.19
N LYS Y 348 16.55 -20.93 7.09
CA LYS Y 348 17.44 -21.19 5.97
C LYS Y 348 16.64 -21.01 4.69
N PRO Y 349 17.33 -20.82 3.57
CA PRO Y 349 16.61 -20.68 2.30
C PRO Y 349 16.02 -22.00 1.82
N PHE Y 350 14.91 -21.90 1.10
CA PHE Y 350 14.35 -23.00 0.33
C PHE Y 350 14.94 -22.95 -1.07
N PHE Y 351 15.53 -24.06 -1.50
CA PHE Y 351 16.19 -24.12 -2.80
C PHE Y 351 15.69 -25.30 -3.59
N TRP Y 352 15.69 -25.17 -4.91
CA TRP Y 352 15.63 -26.35 -5.74
C TRP Y 352 17.03 -26.90 -5.92
N PRO Y 353 17.18 -28.22 -6.03
CA PRO Y 353 18.53 -28.77 -6.26
C PRO Y 353 19.16 -28.24 -7.53
N GLU Y 354 18.36 -28.02 -8.58
CA GLU Y 354 18.87 -27.49 -9.84
C GLU Y 354 19.16 -26.01 -9.78
N GLN Y 355 18.69 -25.30 -8.76
CA GLN Y 355 18.97 -23.88 -8.63
C GLN Y 355 20.41 -23.62 -8.21
N ILE Y 356 21.02 -24.57 -7.50
CA ILE Y 356 22.36 -24.39 -6.97
C ILE Y 356 23.21 -25.61 -7.31
N ALA Y 357 22.75 -26.41 -8.26
CA ALA Y 357 23.55 -27.54 -8.71
C ALA Y 357 24.91 -27.08 -9.20
N GLY Y 358 25.97 -27.57 -8.56
CA GLY Y 358 27.32 -27.22 -8.91
C GLY Y 358 27.90 -26.09 -8.10
N PHE Y 359 27.06 -25.28 -7.46
CA PHE Y 359 27.48 -24.18 -6.61
C PHE Y 359 27.24 -24.46 -5.14
N GLU Y 360 27.03 -25.72 -4.77
CA GLU Y 360 26.60 -26.04 -3.42
C GLU Y 360 27.65 -25.70 -2.36
N HIS Y 361 28.91 -25.53 -2.74
CA HIS Y 361 29.93 -25.21 -1.76
C HIS Y 361 29.94 -23.75 -1.36
N MET Y 362 29.29 -22.88 -2.13
CA MET Y 362 29.23 -21.47 -1.76
C MET Y 362 28.31 -21.25 -0.57
N TYR Y 363 27.32 -22.11 -0.40
CA TYR Y 363 26.25 -21.89 0.57
C TYR Y 363 26.45 -22.63 1.88
N ASP Y 364 27.55 -23.37 2.02
CA ASP Y 364 27.75 -24.18 3.22
C ASP Y 364 28.04 -23.34 4.46
N GLY Y 365 28.29 -22.05 4.31
CA GLY Y 365 28.53 -21.18 5.46
C GLY Y 365 29.92 -20.61 5.53
N ASN Y 366 30.79 -20.85 4.56
CA ASN Y 366 32.14 -20.29 4.60
C ASN Y 366 32.11 -18.81 4.25
N ASP Y 367 33.29 -18.22 4.14
CA ASP Y 367 33.41 -16.80 3.83
C ASP Y 367 34.54 -16.59 2.82
N ASP Y 368 34.59 -17.44 1.79
CA ASP Y 368 35.65 -17.41 0.81
C ASP Y 368 35.24 -16.77 -0.50
N TYR Y 369 33.98 -16.40 -0.67
CA TYR Y 369 33.48 -15.88 -1.93
C TYR Y 369 32.83 -14.53 -1.70
N PRO Y 370 32.81 -13.66 -2.72
CA PRO Y 370 32.17 -12.35 -2.57
C PRO Y 370 30.68 -12.32 -2.87
N TYR Y 371 30.11 -13.43 -3.35
CA TYR Y 371 28.69 -13.46 -3.68
C TYR Y 371 28.25 -14.91 -3.80
N TYR Y 372 26.99 -15.09 -4.16
CA TYR Y 372 26.42 -16.41 -4.40
C TYR Y 372 25.93 -16.48 -5.84
N LEU Y 373 26.14 -17.63 -6.47
CA LEU Y 373 25.75 -17.84 -7.85
C LEU Y 373 24.65 -18.88 -7.92
N LEU Y 374 23.76 -18.73 -8.91
CA LEU Y 374 22.70 -19.69 -9.16
C LEU Y 374 22.66 -20.03 -10.65
N ASN Y 375 22.18 -21.23 -10.94
CA ASN Y 375 22.05 -21.67 -12.32
C ASN Y 375 20.86 -21.00 -12.98
N ARG Y 376 21.02 -20.59 -14.23
CA ARG Y 376 19.94 -19.83 -14.92
C ARG Y 376 19.24 -20.65 -15.99
N THR Y 377 19.88 -21.69 -16.51
CA THR Y 377 19.33 -22.36 -17.67
C THR Y 377 18.92 -23.79 -17.34
N ASP Y 378 17.94 -24.27 -18.11
CA ASP Y 378 17.52 -25.66 -18.10
C ASP Y 378 17.48 -26.14 -19.54
N GLU Y 379 18.05 -27.31 -19.80
CA GLU Y 379 18.16 -27.76 -21.19
C GLU Y 379 16.82 -28.19 -21.76
N ASN Y 380 15.91 -28.66 -20.92
CA ASN Y 380 14.62 -29.13 -21.38
C ASN Y 380 13.55 -28.06 -21.32
N SER Y 381 13.68 -27.08 -20.42
CA SER Y 381 12.68 -26.05 -20.22
C SER Y 381 13.18 -24.65 -20.55
N GLY Y 382 14.32 -24.54 -21.25
CA GLY Y 382 14.84 -23.25 -21.60
C GLY Y 382 15.47 -22.50 -20.45
N ASP Y 383 14.66 -22.09 -19.48
CA ASP Y 383 15.11 -21.27 -18.36
C ASP Y 383 14.43 -21.74 -17.08
N LEU Y 384 15.16 -21.62 -15.97
CA LEU Y 384 14.58 -21.94 -14.67
C LEU Y 384 13.55 -20.89 -14.28
N PRO Y 385 12.38 -21.30 -13.78
CA PRO Y 385 11.37 -20.31 -13.37
C PRO Y 385 11.90 -19.40 -12.28
N THR Y 386 11.45 -18.15 -12.33
CA THR Y 386 11.87 -17.12 -11.39
C THR Y 386 10.80 -16.92 -10.33
N GLN Y 387 11.19 -17.04 -9.06
CA GLN Y 387 10.30 -16.86 -7.93
C GLN Y 387 11.14 -16.26 -6.81
N PRO Y 388 10.59 -15.35 -6.00
CA PRO Y 388 11.37 -14.78 -4.91
C PRO Y 388 11.80 -15.87 -3.92
N LEU Y 389 12.99 -15.72 -3.36
CA LEU Y 389 13.48 -16.71 -2.42
C LEU Y 389 12.67 -16.68 -1.14
N ALA Y 390 12.40 -17.86 -0.60
CA ALA Y 390 11.67 -18.04 0.64
C ALA Y 390 12.60 -18.60 1.70
N TYR Y 391 12.42 -18.15 2.93
CA TYR Y 391 13.23 -18.59 4.06
C TYR Y 391 12.32 -19.19 5.12
N TYR Y 392 12.76 -20.29 5.71
CA TYR Y 392 12.00 -20.86 6.81
C TYR Y 392 11.84 -19.84 7.92
N GLU Y 393 10.62 -19.69 8.42
CA GLU Y 393 10.34 -18.64 9.38
C GLU Y 393 11.09 -18.85 10.68
N ASN Y 394 11.53 -17.76 11.28
CA ASN Y 394 12.20 -17.84 12.58
C ASN Y 394 11.22 -18.35 13.63
N PRO Y 395 11.67 -19.17 14.58
CA PRO Y 395 10.77 -19.61 15.65
C PRO Y 395 10.25 -18.43 16.46
N GLU Y 396 8.99 -18.51 16.87
CA GLU Y 396 8.36 -17.47 17.67
C GLU Y 396 7.59 -18.10 18.80
N VAL Y 397 7.63 -17.47 19.97
CA VAL Y 397 6.82 -17.92 21.11
C VAL Y 397 5.40 -17.39 20.92
N PRO Y 398 4.40 -18.26 20.95
CA PRO Y 398 3.03 -17.82 20.65
C PRO Y 398 2.52 -16.79 21.63
N GLN Y 399 1.65 -15.93 21.13
CA GLN Y 399 1.06 -14.91 21.98
C GLN Y 399 0.30 -15.53 23.15
N ALA Y 400 -0.33 -16.68 22.92
CA ALA Y 400 -1.02 -17.37 24.00
C ALA Y 400 -0.04 -17.81 25.08
N ASN Y 401 1.12 -18.36 24.67
CA ASN Y 401 2.11 -18.80 25.63
C ASN Y 401 2.64 -17.63 26.44
N ALA Y 402 2.93 -16.50 25.78
CA ALA Y 402 3.43 -15.33 26.50
C ALA Y 402 2.40 -14.79 27.46
N TYR Y 403 1.16 -14.61 26.98
CA TYR Y 403 0.09 -14.08 27.81
C TYR Y 403 -0.13 -14.94 29.03
N MET Y 404 -0.19 -16.26 28.85
CA MET Y 404 -0.49 -17.12 29.98
C MET Y 404 0.68 -17.28 30.92
N LEU Y 405 1.92 -17.22 30.44
CA LEU Y 405 3.03 -17.22 31.38
C LEU Y 405 2.98 -16.00 32.28
N GLU Y 406 2.78 -14.82 31.70
CA GLU Y 406 2.67 -13.61 32.51
C GLU Y 406 1.47 -13.69 33.45
N ALA Y 407 0.34 -14.22 32.97
CA ALA Y 407 -0.88 -14.25 33.79
C ALA Y 407 -0.76 -15.23 34.94
N ALA Y 408 -0.20 -16.41 34.70
CA ALA Y 408 -0.02 -17.38 35.77
C ALA Y 408 0.98 -16.88 36.80
N THR Y 409 2.08 -16.25 36.34
CA THR Y 409 3.02 -15.68 37.29
C THR Y 409 2.36 -14.59 38.13
N SER Y 410 1.56 -13.73 37.50
CA SER Y 410 0.86 -12.69 38.27
C SER Y 410 -0.12 -13.29 39.26
N ALA Y 411 -0.80 -14.38 38.87
CA ALA Y 411 -1.75 -15.01 39.78
C ALA Y 411 -1.06 -15.58 41.01
N VAL Y 412 0.08 -16.26 40.81
CA VAL Y 412 0.84 -16.76 41.95
C VAL Y 412 1.33 -15.61 42.81
N LYS Y 413 1.82 -14.53 42.18
CA LYS Y 413 2.28 -13.38 42.93
C LYS Y 413 1.16 -12.78 43.78
N GLU Y 414 -0.04 -12.72 43.23
CA GLU Y 414 -1.15 -12.10 43.95
C GLU Y 414 -1.70 -13.00 45.05
N VAL Y 415 -1.58 -14.32 44.88
CA VAL Y 415 -2.19 -15.22 45.87
C VAL Y 415 -1.20 -15.69 46.93
N ALA Y 416 0.11 -15.59 46.69
CA ALA Y 416 1.09 -16.01 47.69
C ALA Y 416 1.51 -14.86 48.58
N THR Y 417 0.52 -14.19 49.18
CA THR Y 417 0.74 -13.12 50.14
C THR Y 417 0.04 -13.52 51.43
N LEU Y 418 0.77 -14.18 52.32
CA LEU Y 418 0.24 -14.53 53.64
C LEU Y 418 -0.07 -13.26 54.40
N GLY Y 419 -1.35 -13.06 54.73
CA GLY Y 419 -1.74 -11.84 55.39
C GLY Y 419 -1.50 -10.64 54.49
N VAL Y 420 -0.89 -9.60 55.05
CA VAL Y 420 -0.59 -8.40 54.28
C VAL Y 420 0.73 -8.57 53.53
N GLU Y 445 3.71 -10.58 56.02
CA GLU Y 445 3.57 -10.53 57.47
C GLU Y 445 2.87 -11.79 57.96
N THR Y 446 3.32 -12.28 59.11
CA THR Y 446 2.90 -13.57 59.65
C THR Y 446 2.29 -13.42 61.03
N TYR Y 447 1.45 -12.41 61.23
CA TYR Y 447 0.86 -12.20 62.54
C TYR Y 447 -0.06 -13.35 62.93
N VAL Y 448 -0.91 -13.80 62.02
CA VAL Y 448 -1.84 -14.87 62.36
C VAL Y 448 -1.09 -16.17 62.62
N PHE Y 449 -0.05 -16.44 61.84
CA PHE Y 449 0.72 -17.66 62.06
C PHE Y 449 1.49 -17.60 63.37
N GLN Y 450 2.02 -16.43 63.73
CA GLN Y 450 2.69 -16.31 65.02
C GLN Y 450 1.70 -16.39 66.17
N ASP Y 451 0.45 -15.95 65.96
CA ASP Y 451 -0.56 -16.10 66.99
C ASP Y 451 -0.95 -17.57 67.18
N ASN Y 452 -1.03 -18.32 66.08
CA ASN Y 452 -1.26 -19.75 66.20
C ASN Y 452 -0.09 -20.44 66.90
N LEU Y 453 1.14 -20.01 66.60
CA LEU Y 453 2.29 -20.55 67.31
C LEU Y 453 2.22 -20.21 68.80
N ALA Y 454 1.73 -19.02 69.14
CA ALA Y 454 1.56 -18.66 70.54
C ALA Y 454 0.51 -19.53 71.22
N THR Y 455 -0.57 -19.87 70.50
CA THR Y 455 -1.55 -20.79 71.04
C THR Y 455 -0.92 -22.15 71.32
N ALA Y 456 -0.12 -22.65 70.39
CA ALA Y 456 0.56 -23.91 70.60
C ALA Y 456 1.53 -23.83 71.76
N MET Y 457 2.21 -22.70 71.92
CA MET Y 457 3.14 -22.55 73.04
C MET Y 457 2.42 -22.50 74.36
N ARG Y 458 1.24 -21.88 74.41
CA ARG Y 458 0.45 -21.92 75.65
C ARG Y 458 0.04 -23.34 75.98
N ARG Y 459 -0.35 -24.13 74.96
CA ARG Y 459 -0.65 -25.53 75.21
C ARG Y 459 0.57 -26.27 75.74
N ASP Y 460 1.75 -26.00 75.16
CA ASP Y 460 2.97 -26.63 75.63
C ASP Y 460 3.24 -26.28 77.08
N GLY Y 461 3.03 -25.02 77.46
CA GLY Y 461 3.22 -24.63 78.85
C GLY Y 461 2.28 -25.34 79.78
N GLU Y 462 1.01 -25.47 79.39
CA GLU Y 462 0.04 -26.21 80.21
C GLU Y 462 0.48 -27.66 80.41
N ILE Y 463 0.84 -28.34 79.32
CA ILE Y 463 1.23 -29.73 79.40
C ILE Y 463 2.47 -29.89 80.26
N TYR Y 464 3.46 -29.01 80.06
CA TYR Y 464 4.69 -29.09 80.83
C TYR Y 464 4.44 -28.85 82.30
N GLN Y 465 3.55 -27.92 82.64
CA GLN Y 465 3.21 -27.70 84.04
C GLN Y 465 2.61 -28.94 84.66
N SER Y 466 1.70 -29.61 83.95
CA SER Y 466 1.10 -30.84 84.48
C SER Y 466 2.17 -31.91 84.71
N ILE Y 467 3.06 -32.11 83.74
CA ILE Y 467 4.08 -33.14 83.88
C ILE Y 467 5.05 -32.81 85.00
N VAL Y 468 5.38 -31.53 85.16
CA VAL Y 468 6.27 -31.12 86.24
C VAL Y 468 5.63 -31.43 87.58
N ASN Y 469 4.36 -31.08 87.74
CA ASN Y 469 3.70 -31.36 89.01
C ASN Y 469 3.61 -32.86 89.27
N ASP Y 470 3.55 -33.67 88.21
CA ASP Y 470 3.49 -35.10 88.45
C ASP Y 470 4.85 -35.70 88.84
N ILE Y 471 5.95 -35.26 88.24
CA ILE Y 471 7.20 -36.00 88.45
C ILE Y 471 8.29 -35.23 89.18
N TYR Y 472 8.32 -33.91 89.07
CA TYR Y 472 9.39 -33.14 89.67
C TYR Y 472 9.10 -32.85 91.13
N ASP Y 473 10.14 -32.43 91.85
CA ASP Y 473 10.02 -32.04 93.26
C ASP Y 473 9.81 -30.54 93.32
N VAL Y 474 8.55 -30.12 93.31
CA VAL Y 474 8.19 -28.70 93.35
C VAL Y 474 8.15 -28.28 94.82
N PRO Y 475 8.97 -27.34 95.25
CA PRO Y 475 8.91 -26.87 96.63
C PRO Y 475 7.79 -25.87 96.86
N ARG Y 476 7.42 -25.71 98.12
CA ARG Y 476 6.45 -24.72 98.56
C ARG Y 476 7.19 -23.60 99.29
N ASN Y 477 6.89 -22.36 98.90
CA ASN Y 477 7.60 -21.19 99.42
C ASN Y 477 6.82 -20.61 100.60
N VAL Y 478 7.41 -20.66 101.79
CA VAL Y 478 6.79 -20.12 102.99
C VAL Y 478 7.35 -18.73 103.26
N THR Y 479 6.53 -17.89 103.89
CA THR Y 479 6.88 -16.51 104.18
C THR Y 479 7.34 -16.31 105.63
N ILE Y 480 7.50 -17.40 106.38
CA ILE Y 480 7.94 -17.31 107.77
C ILE Y 480 9.42 -16.93 107.81
N LEU Y 492 11.34 -18.87 102.47
CA LEU Y 492 12.17 -20.06 102.35
C LEU Y 492 11.42 -21.17 101.62
N MET Y 493 12.12 -21.92 100.78
CA MET Y 493 11.50 -23.01 100.03
C MET Y 493 11.64 -24.31 100.82
N ALA Y 494 10.52 -25.00 101.02
CA ALA Y 494 10.47 -26.21 101.84
C ALA Y 494 10.32 -27.42 100.93
N GLU Y 495 11.39 -28.19 100.79
CA GLU Y 495 11.37 -29.42 100.00
C GLU Y 495 11.07 -30.58 100.94
N VAL Y 496 9.83 -31.03 100.96
CA VAL Y 496 9.38 -32.10 101.85
C VAL Y 496 9.14 -33.34 100.98
N VAL Y 497 9.95 -34.37 101.20
CA VAL Y 497 9.82 -35.65 100.50
C VAL Y 497 10.20 -36.76 101.47
N ASP Y 498 9.87 -37.99 101.08
CA ASP Y 498 10.23 -39.16 101.86
C ASP Y 498 10.62 -40.30 100.92
N LEU Y 499 11.38 -41.24 101.46
CA LEU Y 499 11.87 -42.38 100.71
C LEU Y 499 11.26 -43.67 101.24
N ALA Y 500 11.00 -44.61 100.35
CA ALA Y 500 10.44 -45.90 100.70
C ALA Y 500 11.55 -46.86 101.14
N THR Y 501 11.16 -48.10 101.45
CA THR Y 501 12.13 -49.12 101.83
C THR Y 501 12.97 -49.60 100.66
N GLY Y 502 12.56 -49.31 99.43
CA GLY Y 502 13.31 -49.73 98.26
C GLY Y 502 14.27 -48.67 97.75
N GLU Y 503 14.57 -47.69 98.60
CA GLU Y 503 15.49 -46.59 98.31
C GLU Y 503 15.01 -45.72 97.16
N LYS Y 504 13.72 -45.73 96.85
CA LYS Y 504 13.16 -44.89 95.80
C LYS Y 504 12.46 -43.68 96.41
N GLN Y 505 12.69 -42.51 95.82
CA GLN Y 505 12.11 -41.27 96.32
C GLN Y 505 10.73 -41.07 95.73
N VAL Y 506 9.75 -40.83 96.60
CA VAL Y 506 8.38 -40.55 96.20
C VAL Y 506 8.10 -39.09 96.49
N LEU Y 507 7.87 -38.32 95.43
CA LEU Y 507 7.64 -36.89 95.57
C LEU Y 507 6.31 -36.60 96.25
N ASN Y 508 6.23 -35.42 96.88
CA ASN Y 508 5.02 -34.95 97.54
C ASN Y 508 4.74 -33.54 97.05
N ASP Y 509 3.65 -33.37 96.30
CA ASP Y 509 3.18 -32.06 95.89
C ASP Y 509 1.76 -31.85 96.42
N ILE Y 510 1.57 -30.74 97.13
CA ILE Y 510 0.23 -30.41 97.60
C ILE Y 510 -0.68 -30.14 96.41
N ARG Y 511 -1.99 -30.25 96.64
CA ARG Y 511 -2.96 -30.01 95.59
C ARG Y 511 -2.98 -28.56 95.12
N GLY Y 512 -2.55 -27.62 95.95
CA GLY Y 512 -2.48 -26.23 95.54
C GLY Y 512 -1.27 -25.95 94.67
N ARG Y 513 -1.29 -26.47 93.45
CA ARG Y 513 -0.14 -26.43 92.55
C ARG Y 513 -0.29 -25.43 91.41
N TYR Y 514 -1.51 -25.24 90.91
CA TYR Y 514 -1.72 -24.33 89.75
C TYR Y 514 -1.76 -22.89 90.23
N GLU Y 515 -0.65 -22.40 90.78
CA GLU Y 515 -0.55 -21.03 91.28
C GLU Y 515 -0.06 -20.06 90.22
N CYS Y 516 0.28 -20.52 89.03
CA CYS Y 516 0.68 -19.63 87.95
C CYS Y 516 0.08 -20.12 86.64
N TYR Y 517 -0.27 -19.15 85.80
CA TYR Y 517 -0.85 -19.42 84.48
C TYR Y 517 0.20 -19.17 83.40
N THR Y 518 -0.18 -19.47 82.17
CA THR Y 518 0.73 -19.51 81.04
C THR Y 518 0.44 -18.37 80.08
N ASP Y 519 1.49 -17.69 79.65
CA ASP Y 519 1.42 -16.61 78.68
C ASP Y 519 2.53 -16.83 77.67
N VAL Y 520 2.73 -15.84 76.79
CA VAL Y 520 3.72 -15.93 75.74
C VAL Y 520 4.60 -14.68 75.82
N GLY Y 521 5.91 -14.90 75.78
CA GLY Y 521 6.87 -13.82 75.80
C GLY Y 521 8.06 -14.15 74.94
N PRO Y 522 9.11 -13.33 75.02
CA PRO Y 522 10.32 -13.60 74.24
C PRO Y 522 11.00 -14.85 74.73
N SER Y 523 11.83 -15.43 73.87
CA SER Y 523 12.54 -16.66 74.20
C SER Y 523 13.84 -16.34 74.90
N PHE Y 524 14.01 -16.86 76.11
CA PHE Y 524 15.21 -16.62 76.91
C PHE Y 524 15.82 -17.95 77.29
N GLN Y 525 17.15 -18.01 77.24
CA GLN Y 525 17.87 -19.25 77.52
C GLN Y 525 18.04 -19.51 79.00
N SER Y 526 17.80 -18.51 79.85
CA SER Y 526 18.01 -18.68 81.28
C SER Y 526 17.36 -17.54 82.03
N MET Y 527 17.19 -17.75 83.34
CA MET Y 527 16.53 -16.76 84.19
C MET Y 527 17.38 -15.51 84.35
N LYS Y 528 18.71 -15.65 84.32
CA LYS Y 528 19.55 -14.45 84.35
C LYS Y 528 19.36 -13.62 83.09
N GLN Y 529 19.25 -14.28 81.94
CA GLN Y 529 18.96 -13.55 80.70
C GLN Y 529 17.60 -12.88 80.78
N GLN Y 530 16.60 -13.58 81.32
CA GLN Y 530 15.28 -12.97 81.47
C GLN Y 530 15.34 -11.74 82.36
N ASN Y 531 16.07 -11.83 83.47
CA ASN Y 531 16.19 -10.69 84.37
C ASN Y 531 16.91 -9.53 83.72
N ARG Y 532 17.96 -9.81 82.96
CA ARG Y 532 18.65 -8.75 82.24
C ARG Y 532 17.73 -8.06 81.25
N ALA Y 533 16.92 -8.85 80.54
CA ALA Y 533 15.96 -8.26 79.61
C ALA Y 533 14.95 -7.39 80.32
N GLU Y 534 14.45 -7.85 81.47
CA GLU Y 534 13.46 -7.06 82.22
C GLU Y 534 14.07 -5.76 82.73
N ILE Y 535 15.31 -5.81 83.22
CA ILE Y 535 15.94 -4.61 83.73
C ILE Y 535 16.22 -3.62 82.61
N LEU Y 536 16.66 -4.10 81.45
CA LEU Y 536 16.89 -3.20 80.33
C LEU Y 536 15.57 -2.58 79.85
N GLU Y 537 14.50 -3.36 79.84
CA GLU Y 537 13.20 -2.82 79.46
C GLU Y 537 12.74 -1.73 80.44
N LEU Y 538 12.90 -1.99 81.75
CA LEU Y 538 12.50 -0.98 82.73
C LEU Y 538 13.36 0.27 82.62
N LEU Y 539 14.67 0.09 82.39
CA LEU Y 539 15.56 1.22 82.17
C LEU Y 539 15.18 2.01 80.93
N GLY Y 540 14.64 1.33 79.92
CA GLY Y 540 14.20 2.02 78.71
C GLY Y 540 13.00 2.92 78.91
N LYS Y 541 12.34 2.84 80.06
CA LYS Y 541 11.20 3.68 80.34
C LYS Y 541 11.35 4.55 81.59
N THR Y 542 12.32 4.29 82.46
CA THR Y 542 12.52 5.16 83.60
C THR Y 542 13.35 6.38 83.18
N PRO Y 543 12.94 7.59 83.53
CA PRO Y 543 13.78 8.77 83.27
C PRO Y 543 14.96 8.80 84.23
N GLN Y 544 15.83 9.79 84.02
CA GLN Y 544 17.10 9.88 84.74
C GLN Y 544 16.88 10.47 86.14
N GLY Y 545 16.21 9.67 86.98
CA GLY Y 545 16.05 10.00 88.38
C GLY Y 545 16.97 9.17 89.25
N THR Y 546 16.55 8.88 90.48
CA THR Y 546 17.26 7.92 91.32
C THR Y 546 16.92 6.47 90.96
N PRO Y 547 15.69 6.14 90.55
CA PRO Y 547 15.44 4.78 90.05
C PRO Y 547 16.27 4.43 88.84
N GLU Y 548 16.66 5.40 88.01
CA GLU Y 548 17.56 5.08 86.91
C GLU Y 548 18.90 4.60 87.43
N TYR Y 549 19.44 5.27 88.45
CA TYR Y 549 20.66 4.79 89.08
C TYR Y 549 20.48 3.41 89.68
N GLN Y 550 19.33 3.18 90.32
CA GLN Y 550 19.08 1.88 90.94
C GLN Y 550 19.05 0.77 89.89
N LEU Y 551 18.34 1.00 88.80
CA LEU Y 551 18.25 -0.01 87.75
C LEU Y 551 19.59 -0.21 87.05
N LEU Y 552 20.39 0.85 86.89
CA LEU Y 552 21.72 0.69 86.30
C LEU Y 552 22.61 -0.17 87.20
N LEU Y 553 22.62 0.09 88.50
CA LEU Y 553 23.40 -0.74 89.41
C LEU Y 553 22.88 -2.17 89.40
N LEU Y 554 21.57 -2.35 89.27
CA LEU Y 554 21.00 -3.69 89.17
C LEU Y 554 21.47 -4.42 87.91
N GLN Y 555 21.53 -3.69 86.79
CA GLN Y 555 22.03 -4.29 85.55
C GLN Y 555 23.49 -4.71 85.71
N TYR Y 556 24.30 -3.89 86.37
CA TYR Y 556 25.67 -4.30 86.65
C TYR Y 556 25.71 -5.53 87.55
N PHE Y 557 24.79 -5.60 88.51
CA PHE Y 557 24.75 -6.75 89.42
C PHE Y 557 24.45 -8.03 88.66
N THR Y 558 23.55 -7.98 87.70
CA THR Y 558 23.14 -9.19 86.97
C THR Y 558 23.98 -9.45 85.73
N LEU Y 559 25.26 -9.08 85.75
CA LEU Y 559 26.14 -9.33 84.61
C LEU Y 559 26.90 -10.64 84.77
N LEU Y 560 27.51 -11.08 83.67
CA LEU Y 560 28.37 -12.26 83.68
C LEU Y 560 29.70 -11.91 84.35
N ASP Y 561 30.63 -12.86 84.35
CA ASP Y 561 31.91 -12.68 85.03
C ASP Y 561 33.08 -12.97 84.10
N GLY Y 562 33.92 -11.97 83.93
CA GLY Y 562 35.29 -12.13 83.48
C GLY Y 562 36.16 -11.57 84.57
N LYS Y 563 36.84 -10.45 84.29
CA LYS Y 563 37.52 -9.67 85.30
C LYS Y 563 36.98 -8.25 85.39
N GLY Y 564 36.83 -7.57 84.26
CA GLY Y 564 36.30 -6.22 84.30
C GLY Y 564 34.84 -6.17 84.72
N VAL Y 565 34.01 -7.04 84.16
CA VAL Y 565 32.62 -7.10 84.60
C VAL Y 565 32.54 -7.60 86.03
N GLU Y 566 33.51 -8.41 86.46
CA GLU Y 566 33.56 -8.81 87.86
C GLU Y 566 33.79 -7.60 88.77
N MET Y 567 34.73 -6.73 88.39
CA MET Y 567 34.97 -5.53 89.17
C MET Y 567 33.75 -4.63 89.20
N MET Y 568 33.10 -4.45 88.05
CA MET Y 568 31.92 -3.58 88.00
C MET Y 568 30.79 -4.16 88.84
N ARG Y 569 30.60 -5.48 88.80
CA ARG Y 569 29.51 -6.09 89.57
C ARG Y 569 29.80 -6.01 91.07
N ASP Y 570 31.06 -6.21 91.47
CA ASP Y 570 31.41 -6.05 92.88
C ASP Y 570 31.13 -4.65 93.34
N TYR Y 571 31.52 -3.65 92.54
CA TYR Y 571 31.25 -2.26 92.90
C TYR Y 571 29.76 -2.00 93.01
N ALA Y 572 28.98 -2.53 92.07
CA ALA Y 572 27.53 -2.30 92.07
C ALA Y 572 26.88 -2.91 93.30
N ASN Y 573 27.27 -4.14 93.65
CA ASN Y 573 26.71 -4.77 94.85
C ASN Y 573 27.09 -4.01 96.11
N LYS Y 574 28.34 -3.55 96.20
CA LYS Y 574 28.74 -2.76 97.35
C LYS Y 574 27.91 -1.49 97.44
N GLN Y 575 27.71 -0.80 96.31
CA GLN Y 575 26.95 0.44 96.33
C GLN Y 575 25.50 0.20 96.74
N LEU Y 576 24.92 -0.90 96.26
CA LEU Y 576 23.54 -1.20 96.61
C LEU Y 576 23.41 -1.49 98.10
N ILE Y 577 24.32 -2.31 98.64
CA ILE Y 577 24.28 -2.61 100.07
C ILE Y 577 24.47 -1.34 100.89
N GLN Y 578 25.41 -0.48 100.49
CA GLN Y 578 25.65 0.76 101.22
C GLN Y 578 24.42 1.66 101.19
N MET Y 579 23.84 1.86 100.01
CA MET Y 579 22.63 2.68 99.90
C MET Y 579 21.46 2.06 100.66
N GLY Y 580 21.50 0.76 100.93
CA GLY Y 580 20.45 0.15 101.72
C GLY Y 580 19.25 -0.31 100.94
N VAL Y 581 19.41 -0.55 99.64
CA VAL Y 581 18.32 -1.08 98.82
C VAL Y 581 18.33 -2.61 98.82
N LYS Y 582 19.51 -3.21 98.77
CA LYS Y 582 19.63 -4.65 98.91
C LYS Y 582 19.71 -5.03 100.38
N LYS Y 583 19.40 -6.29 100.67
CA LYS Y 583 19.40 -6.77 102.04
C LYS Y 583 20.69 -7.49 102.38
N MET Z 1 36.53 -39.91 -27.50
CA MET Z 1 35.42 -39.23 -28.16
C MET Z 1 35.46 -39.45 -29.67
N GLN Z 2 34.29 -39.67 -30.27
CA GLN Z 2 34.24 -39.87 -31.72
C GLN Z 2 34.43 -38.56 -32.47
N ILE Z 3 34.06 -37.44 -31.85
CA ILE Z 3 34.29 -36.12 -32.43
C ILE Z 3 35.66 -35.64 -31.94
N LYS Z 4 36.57 -35.39 -32.89
CA LYS Z 4 37.92 -35.02 -32.51
C LYS Z 4 38.53 -33.87 -33.30
N THR Z 5 37.91 -33.39 -34.37
CA THR Z 5 38.45 -32.24 -35.08
C THR Z 5 37.35 -31.23 -35.37
N LYS Z 6 37.78 -30.05 -35.81
CA LYS Z 6 36.84 -29.00 -36.17
C LYS Z 6 35.91 -29.46 -37.28
N GLY Z 7 36.41 -30.31 -38.18
CA GLY Z 7 35.53 -30.90 -39.18
C GLY Z 7 34.42 -31.73 -38.58
N ASP Z 8 34.75 -32.54 -37.56
CA ASP Z 8 33.71 -33.32 -36.91
C ASP Z 8 32.73 -32.43 -36.16
N LEU Z 9 33.21 -31.35 -35.54
CA LEU Z 9 32.28 -30.42 -34.89
C LEU Z 9 31.31 -29.84 -35.90
N VAL Z 10 31.81 -29.42 -37.06
CA VAL Z 10 30.96 -28.85 -38.09
C VAL Z 10 29.97 -29.89 -38.62
N ARG Z 11 30.45 -31.12 -38.82
CA ARG Z 11 29.57 -32.18 -39.30
C ARG Z 11 28.47 -32.50 -38.30
N ALA Z 12 28.79 -32.47 -37.01
CA ALA Z 12 27.77 -32.66 -36.00
C ALA Z 12 26.75 -31.53 -36.00
N ALA Z 13 27.22 -30.29 -36.17
CA ALA Z 13 26.28 -29.18 -36.25
C ALA Z 13 25.33 -29.33 -37.45
N LEU Z 14 25.88 -29.72 -38.61
CA LEU Z 14 25.05 -29.93 -39.78
C LEU Z 14 24.07 -31.08 -39.56
N ARG Z 15 24.52 -32.15 -38.90
CA ARG Z 15 23.63 -33.27 -38.60
C ARG Z 15 22.48 -32.85 -37.71
N LYS Z 16 22.77 -32.05 -36.67
CA LYS Z 16 21.70 -31.56 -35.81
C LYS Z 16 20.74 -30.67 -36.57
N LEU Z 17 21.28 -29.80 -37.44
CA LEU Z 17 20.39 -28.94 -38.21
C LEU Z 17 19.58 -29.71 -39.25
N GLY Z 18 20.01 -30.92 -39.60
CA GLY Z 18 19.33 -31.68 -40.63
C GLY Z 18 19.77 -31.39 -42.04
N VAL Z 19 20.78 -30.56 -42.22
CA VAL Z 19 21.23 -30.20 -43.56
C VAL Z 19 21.98 -31.35 -44.21
N ALA Z 20 22.92 -31.95 -43.48
CA ALA Z 20 23.73 -33.01 -44.03
C ALA Z 20 24.08 -33.98 -42.91
N SER Z 21 24.34 -35.23 -43.29
CA SER Z 21 24.72 -36.25 -42.32
C SER Z 21 25.30 -37.44 -43.09
N ASP Z 22 25.66 -38.49 -42.36
CA ASP Z 22 26.13 -39.70 -42.99
C ASP Z 22 25.01 -40.49 -43.65
N ALA Z 23 23.76 -40.13 -43.38
CA ALA Z 23 22.61 -40.82 -43.94
C ALA Z 23 22.04 -40.13 -45.16
N THR Z 24 22.14 -38.81 -45.24
CA THR Z 24 21.53 -38.05 -46.32
C THR Z 24 22.09 -38.46 -47.67
N LEU Z 25 21.25 -38.41 -48.70
CA LEU Z 25 21.71 -38.68 -50.05
C LEU Z 25 22.40 -37.48 -50.69
N THR Z 26 22.36 -36.32 -50.05
CA THR Z 26 23.06 -35.13 -50.51
C THR Z 26 23.90 -34.57 -49.38
N ASP Z 27 25.01 -33.94 -49.74
CA ASP Z 27 25.94 -33.39 -48.75
C ASP Z 27 26.34 -31.98 -49.18
N VAL Z 28 26.93 -31.26 -48.24
CA VAL Z 28 27.33 -29.88 -48.48
C VAL Z 28 28.71 -29.84 -49.12
N GLU Z 29 28.96 -28.78 -49.88
CA GLU Z 29 30.20 -28.65 -50.61
C GLU Z 29 31.37 -28.35 -49.66
N PRO Z 30 32.58 -28.74 -50.03
CA PRO Z 30 33.74 -28.43 -49.16
C PRO Z 30 33.92 -26.95 -48.90
N GLN Z 31 33.56 -26.08 -49.84
CA GLN Z 31 33.65 -24.66 -49.56
C GLN Z 31 32.70 -24.25 -48.45
N SER Z 32 31.49 -24.79 -48.46
CA SER Z 32 30.56 -24.53 -47.37
C SER Z 32 31.10 -25.06 -46.05
N MET Z 33 31.71 -26.24 -46.07
CA MET Z 33 32.25 -26.80 -44.84
C MET Z 33 33.40 -25.96 -44.31
N GLN Z 34 34.25 -25.47 -45.21
CA GLN Z 34 35.33 -24.57 -44.82
C GLN Z 34 34.79 -23.28 -44.22
N ASP Z 35 33.74 -22.73 -44.81
CA ASP Z 35 33.12 -21.54 -44.26
C ASP Z 35 32.58 -21.80 -42.87
N ALA Z 36 32.00 -22.98 -42.65
CA ALA Z 36 31.52 -23.34 -41.31
C ALA Z 36 32.68 -23.44 -40.33
N VAL Z 37 33.82 -23.96 -40.77
CA VAL Z 37 35.00 -24.01 -39.92
C VAL Z 37 35.45 -22.59 -39.56
N ASP Z 38 35.40 -21.67 -40.52
CA ASP Z 38 35.74 -20.29 -40.23
C ASP Z 38 34.76 -19.68 -39.23
N ASP Z 39 33.48 -20.00 -39.36
CA ASP Z 39 32.49 -19.54 -38.39
C ASP Z 39 32.80 -20.07 -37.00
N LEU Z 40 33.19 -21.33 -36.90
CA LEU Z 40 33.54 -21.90 -35.60
C LEU Z 40 34.77 -21.22 -35.02
N GLU Z 41 35.78 -20.95 -35.85
CA GLU Z 41 36.97 -20.28 -35.35
C GLU Z 41 36.64 -18.88 -34.85
N ALA Z 42 35.82 -18.14 -35.60
CA ALA Z 42 35.43 -16.82 -35.17
C ALA Z 42 34.62 -16.86 -33.88
N MET Z 43 33.71 -17.82 -33.76
CA MET Z 43 32.91 -17.94 -32.54
C MET Z 43 33.77 -18.25 -31.34
N MET Z 44 34.73 -19.16 -31.50
CA MET Z 44 35.59 -19.53 -30.38
C MET Z 44 36.52 -18.40 -30.00
N ALA Z 45 36.98 -17.62 -30.98
CA ALA Z 45 37.81 -16.46 -30.65
C ALA Z 45 37.00 -15.38 -29.95
N GLU Z 46 35.74 -15.20 -30.35
CA GLU Z 46 34.88 -14.24 -29.68
C GLU Z 46 34.55 -14.67 -28.25
N TRP Z 47 34.40 -15.97 -28.03
CA TRP Z 47 34.17 -16.47 -26.68
C TRP Z 47 35.42 -16.32 -25.82
N TYR Z 48 36.51 -16.96 -26.22
CA TYR Z 48 37.80 -16.87 -25.54
C TYR Z 48 38.39 -15.51 -25.86
N GLN Z 49 38.06 -14.51 -25.05
CA GLN Z 49 38.36 -13.12 -25.37
C GLN Z 49 39.81 -12.81 -25.01
N ASP Z 50 40.72 -13.44 -25.75
CA ASP Z 50 42.16 -13.29 -25.53
C ASP Z 50 42.56 -13.64 -24.10
N GLY Z 51 41.90 -14.66 -23.54
CA GLY Z 51 42.21 -15.15 -22.22
C GLY Z 51 41.27 -14.70 -21.12
N LYS Z 52 40.46 -13.68 -21.37
CA LYS Z 52 39.55 -13.15 -20.36
C LYS Z 52 38.11 -13.60 -20.57
N GLY Z 53 37.90 -14.62 -21.39
CA GLY Z 53 36.55 -15.11 -21.62
C GLY Z 53 36.36 -16.53 -21.15
N ILE Z 54 35.62 -17.32 -21.91
CA ILE Z 54 35.36 -18.71 -21.55
C ILE Z 54 36.58 -19.55 -21.90
N ILE Z 55 37.17 -20.18 -20.90
CA ILE Z 55 38.33 -21.04 -21.11
C ILE Z 55 37.81 -22.44 -21.44
N THR Z 56 38.22 -22.96 -22.60
CA THR Z 56 37.74 -24.24 -23.08
C THR Z 56 38.85 -25.20 -23.48
N GLY Z 57 40.08 -24.73 -23.67
CA GLY Z 57 41.13 -25.56 -24.21
C GLY Z 57 41.19 -25.60 -25.71
N TYR Z 58 40.34 -24.83 -26.39
CA TYR Z 58 40.34 -24.79 -27.84
C TYR Z 58 41.71 -24.42 -28.37
N VAL Z 59 42.14 -25.12 -29.42
CA VAL Z 59 43.44 -24.89 -30.03
C VAL Z 59 43.19 -24.22 -31.38
N PHE Z 60 43.69 -22.99 -31.52
CA PHE Z 60 43.45 -22.21 -32.72
C PHE Z 60 44.35 -22.67 -33.86
N SER Z 61 43.76 -22.88 -35.03
CA SER Z 61 44.54 -23.32 -36.18
C SER Z 61 45.43 -22.18 -36.69
N ASP Z 62 46.57 -22.56 -37.25
CA ASP Z 62 47.52 -21.61 -37.81
C ASP Z 62 47.46 -21.63 -39.33
N ASP Z 63 47.94 -20.55 -39.93
CA ASP Z 63 47.90 -20.43 -41.38
C ASP Z 63 48.93 -21.32 -42.07
N GLU Z 64 50.02 -21.65 -41.38
CA GLU Z 64 51.07 -22.46 -41.99
C GLU Z 64 50.61 -23.90 -42.20
N ASN Z 65 50.01 -24.50 -41.18
CA ASN Z 65 49.45 -25.84 -41.31
C ASN Z 65 48.11 -25.71 -42.05
N PRO Z 66 48.05 -26.11 -43.31
CA PRO Z 66 47.09 -25.50 -44.24
C PRO Z 66 45.64 -25.73 -43.87
N PRO Z 67 45.16 -26.99 -43.73
CA PRO Z 67 43.72 -27.19 -43.56
C PRO Z 67 43.31 -27.01 -42.11
N ALA Z 68 42.52 -25.98 -41.85
CA ALA Z 68 41.99 -25.79 -40.49
C ALA Z 68 41.12 -26.97 -40.09
N GLU Z 69 40.28 -27.44 -41.00
CA GLU Z 69 39.61 -28.71 -40.79
C GLU Z 69 40.63 -29.82 -40.64
N GLY Z 70 40.39 -30.73 -39.72
CA GLY Z 70 41.31 -31.79 -39.42
C GLY Z 70 42.21 -31.52 -38.24
N ASP Z 71 42.36 -30.26 -37.84
CA ASP Z 71 43.05 -29.94 -36.60
C ASP Z 71 42.18 -30.38 -35.43
N ASP Z 72 42.81 -30.99 -34.43
CA ASP Z 72 42.08 -31.37 -33.23
C ASP Z 72 41.59 -30.13 -32.51
N HIS Z 73 40.31 -30.11 -32.14
CA HIS Z 73 39.77 -28.93 -31.48
C HIS Z 73 40.37 -28.71 -30.11
N GLY Z 74 40.89 -29.74 -29.46
CA GLY Z 74 41.50 -29.61 -28.17
C GLY Z 74 40.54 -29.46 -27.01
N LEU Z 75 39.24 -29.43 -27.28
CA LEU Z 75 38.26 -29.28 -26.22
C LEU Z 75 38.26 -30.52 -25.33
N ARG Z 76 37.78 -30.34 -24.10
CA ARG Z 76 37.56 -31.47 -23.23
C ARG Z 76 36.34 -32.26 -23.70
N SER Z 77 36.12 -33.42 -23.08
CA SER Z 77 34.99 -34.25 -23.45
C SER Z 77 33.67 -33.54 -23.21
N SER Z 78 33.59 -32.77 -22.13
CA SER Z 78 32.34 -32.17 -21.70
C SER Z 78 31.96 -30.90 -22.47
N ALA Z 79 32.85 -30.38 -23.32
CA ALA Z 79 32.58 -29.16 -24.05
C ALA Z 79 32.06 -29.39 -25.46
N VAL Z 80 32.16 -30.62 -25.96
CA VAL Z 80 31.85 -30.90 -27.37
C VAL Z 80 30.40 -30.56 -27.67
N SER Z 81 29.49 -31.01 -26.81
CA SER Z 81 28.07 -30.82 -27.08
C SER Z 81 27.71 -29.34 -27.12
N ALA Z 82 28.18 -28.58 -26.13
CA ALA Z 82 27.90 -27.14 -26.11
C ALA Z 82 28.46 -26.46 -27.34
N VAL Z 83 29.70 -26.80 -27.70
CA VAL Z 83 30.36 -26.12 -28.81
C VAL Z 83 29.62 -26.39 -30.12
N PHE Z 84 29.26 -27.65 -30.39
CA PHE Z 84 28.65 -27.89 -31.69
C PHE Z 84 27.18 -27.48 -31.71
N HIS Z 85 26.49 -27.45 -30.56
CA HIS Z 85 25.14 -26.88 -30.55
C HIS Z 85 25.18 -25.38 -30.86
N ASN Z 86 26.12 -24.66 -30.24
CA ASN Z 86 26.24 -23.24 -30.53
C ASN Z 86 26.64 -22.99 -31.97
N LEU Z 87 27.50 -23.86 -32.51
CA LEU Z 87 27.88 -23.73 -33.92
C LEU Z 87 26.70 -23.95 -34.85
N ALA Z 88 25.86 -24.94 -34.55
CA ALA Z 88 24.65 -25.14 -35.35
C ALA Z 88 23.77 -23.90 -35.32
N CYS Z 89 23.59 -23.32 -34.13
CA CYS Z 89 22.81 -22.09 -34.02
C CYS Z 89 23.43 -20.97 -34.87
N ARG Z 90 24.74 -20.82 -34.82
CA ARG Z 90 25.39 -19.72 -35.53
C ARG Z 90 25.29 -19.89 -37.03
N ILE Z 91 25.44 -21.11 -37.55
CA ILE Z 91 25.50 -21.31 -39.00
C ILE Z 91 24.15 -21.60 -39.62
N ALA Z 92 23.10 -21.82 -38.83
CA ALA Z 92 21.78 -22.03 -39.40
C ALA Z 92 21.33 -20.90 -40.34
N PRO Z 93 21.55 -19.61 -40.05
CA PRO Z 93 21.08 -18.58 -40.98
C PRO Z 93 21.67 -18.68 -42.37
N ASP Z 94 22.80 -19.35 -42.54
CA ASP Z 94 23.38 -19.50 -43.88
C ASP Z 94 22.47 -20.29 -44.79
N TYR Z 95 21.73 -21.25 -44.24
CA TYR Z 95 20.89 -22.14 -45.02
C TYR Z 95 19.41 -21.76 -44.94
N ALA Z 96 19.13 -20.47 -44.80
CA ALA Z 96 17.77 -19.95 -44.71
C ALA Z 96 16.97 -20.71 -43.67
N LEU Z 97 17.62 -21.04 -42.56
CA LEU Z 97 17.07 -21.89 -41.52
C LEU Z 97 16.94 -21.11 -40.23
N GLU Z 98 16.45 -21.80 -39.20
CA GLU Z 98 16.32 -21.25 -37.87
C GLU Z 98 16.46 -22.40 -36.90
N ALA Z 99 17.51 -22.39 -36.08
CA ALA Z 99 17.76 -23.48 -35.15
C ALA Z 99 16.58 -23.64 -34.22
N THR Z 100 16.12 -24.88 -34.05
CA THR Z 100 14.86 -25.10 -33.35
C THR Z 100 15.02 -24.83 -31.86
N ALA Z 101 13.89 -24.89 -31.16
CA ALA Z 101 13.85 -24.48 -29.76
C ALA Z 101 14.74 -25.37 -28.90
N LYS Z 102 14.74 -26.68 -29.15
CA LYS Z 102 15.57 -27.58 -28.36
C LYS Z 102 17.05 -27.29 -28.57
N ILE Z 103 17.44 -26.99 -29.81
CA ILE Z 103 18.83 -26.65 -30.07
C ILE Z 103 19.22 -25.37 -29.34
N ILE Z 104 18.34 -24.37 -29.36
CA ILE Z 104 18.64 -23.12 -28.67
C ILE Z 104 18.79 -23.35 -27.16
N ALA Z 105 17.88 -24.13 -26.58
CA ALA Z 105 17.95 -24.41 -25.15
C ALA Z 105 19.21 -25.17 -24.79
N THR Z 106 19.59 -26.15 -25.60
CA THR Z 106 20.80 -26.91 -25.33
C THR Z 106 22.04 -26.04 -25.46
N ALA Z 107 22.06 -25.12 -26.43
CA ALA Z 107 23.19 -24.23 -26.56
C ALA Z 107 23.33 -23.32 -25.34
N LYS Z 108 22.21 -22.75 -24.87
CA LYS Z 108 22.27 -21.90 -23.68
C LYS Z 108 22.77 -22.67 -22.48
N TYR Z 109 22.18 -23.85 -22.22
CA TYR Z 109 22.58 -24.65 -21.08
C TYR Z 109 24.04 -25.06 -21.17
N GLY Z 110 24.50 -25.40 -22.38
CA GLY Z 110 25.89 -25.80 -22.54
C GLY Z 110 26.86 -24.66 -22.30
N LYS Z 111 26.53 -23.45 -22.76
CA LYS Z 111 27.41 -22.32 -22.51
C LYS Z 111 27.48 -22.00 -21.01
N GLU Z 112 26.34 -22.04 -20.33
CA GLU Z 112 26.34 -21.89 -18.87
C GLU Z 112 27.28 -22.92 -18.24
N LEU Z 113 27.14 -24.19 -18.61
CA LEU Z 113 27.95 -25.24 -18.01
C LEU Z 113 29.42 -25.08 -18.34
N LEU Z 114 29.74 -24.56 -19.53
CA LEU Z 114 31.12 -24.30 -19.88
C LEU Z 114 31.73 -23.26 -18.96
N TYR Z 115 31.01 -22.18 -18.70
CA TYR Z 115 31.57 -21.11 -17.89
C TYR Z 115 31.46 -21.35 -16.39
N LYS Z 116 30.74 -22.40 -15.96
CA LYS Z 116 30.49 -22.57 -14.52
C LYS Z 116 31.79 -22.66 -13.71
N GLN Z 117 32.68 -23.57 -14.10
CA GLN Z 117 33.90 -23.78 -13.30
C GLN Z 117 34.79 -22.55 -13.32
N THR Z 118 34.91 -21.90 -14.48
CA THR Z 118 35.72 -20.69 -14.56
C THR Z 118 35.15 -19.60 -13.69
N ALA Z 119 33.82 -19.47 -13.63
CA ALA Z 119 33.20 -18.47 -12.77
C ALA Z 119 33.45 -18.78 -11.30
N ILE Z 120 33.37 -20.06 -10.93
CA ILE Z 120 33.66 -20.45 -9.55
C ILE Z 120 35.09 -20.09 -9.19
N SER Z 121 36.03 -20.33 -10.10
CA SER Z 121 37.43 -20.01 -9.83
C SER Z 121 37.67 -18.51 -9.80
N ARG Z 122 36.93 -17.75 -10.62
CA ARG Z 122 37.12 -16.31 -10.69
C ARG Z 122 36.42 -15.56 -9.57
N ALA Z 123 35.49 -16.20 -8.87
CA ALA Z 123 34.86 -15.59 -7.70
C ALA Z 123 35.84 -15.67 -6.52
N LYS Z 124 36.69 -14.66 -6.44
CA LYS Z 124 37.72 -14.57 -5.41
C LYS Z 124 37.55 -13.25 -4.66
N ARG Z 125 38.04 -13.22 -3.42
CA ARG Z 125 37.97 -12.04 -2.58
C ARG Z 125 39.30 -11.30 -2.62
N ALA Z 126 39.24 -10.00 -2.84
CA ALA Z 126 40.43 -9.18 -2.83
C ALA Z 126 41.05 -9.20 -1.43
N PRO Z 127 42.36 -9.00 -1.33
CA PRO Z 127 43.00 -8.99 -0.01
C PRO Z 127 42.47 -7.87 0.87
N TYR Z 128 42.93 -7.81 2.10
CA TYR Z 128 42.45 -6.77 3.00
C TYR Z 128 42.90 -5.40 2.49
N PRO Z 129 42.18 -4.34 2.85
CA PRO Z 129 42.55 -3.00 2.39
C PRO Z 129 43.89 -2.53 2.95
N SER Z 130 44.27 -1.30 2.62
CA SER Z 130 45.57 -0.78 2.99
C SER Z 130 45.59 -0.09 4.34
N ARG Z 131 44.44 0.26 4.91
CA ARG Z 131 44.41 0.93 6.20
C ARG Z 131 43.81 0.07 7.29
N MET Z 132 43.73 -1.24 7.07
CA MET Z 132 43.17 -2.19 8.04
C MET Z 132 44.28 -2.77 8.89
N PRO Z 133 44.21 -2.65 10.22
CA PRO Z 133 45.16 -3.36 11.08
C PRO Z 133 44.83 -4.84 11.11
N THR Z 134 45.74 -5.62 11.70
CA THR Z 134 45.54 -7.05 11.82
C THR Z 134 45.15 -7.49 13.22
N GLY Z 135 44.97 -6.57 14.14
CA GLY Z 135 44.43 -6.88 15.44
C GLY Z 135 45.48 -7.34 16.43
N SER Z 136 45.13 -7.23 17.71
CA SER Z 136 46.05 -7.64 18.76
C SER Z 136 46.28 -9.14 18.77
N GLY Z 137 45.26 -9.92 18.41
CA GLY Z 137 45.39 -11.37 18.45
C GLY Z 137 46.48 -11.89 17.53
N ASN Z 138 46.70 -11.22 16.40
CA ASN Z 138 47.83 -11.53 15.53
C ASN Z 138 49.05 -10.71 15.88
N SER Z 139 48.87 -9.48 16.37
CA SER Z 139 49.98 -8.57 16.55
C SER Z 139 50.84 -8.94 17.74
N PHE Z 140 50.30 -9.66 18.71
CA PHE Z 140 51.18 -10.19 19.73
C PHE Z 140 52.06 -11.27 19.13
N ALA Z 141 53.09 -11.65 19.88
CA ALA Z 141 54.09 -12.65 19.46
C ALA Z 141 55.07 -12.07 18.44
N ASN Z 142 54.64 -11.88 17.19
CA ASN Z 142 55.57 -11.45 16.15
C ASN Z 142 55.45 -9.96 15.81
N LEU Z 143 54.67 -9.20 16.57
CA LEU Z 143 54.65 -7.74 16.50
C LEU Z 143 54.18 -7.24 15.14
N ASN Z 144 53.45 -8.08 14.40
CA ASN Z 144 52.96 -7.73 13.07
C ASN Z 144 51.63 -7.02 13.20
N GLU Z 145 51.58 -5.77 12.76
CA GLU Z 145 50.39 -4.96 12.95
C GLU Z 145 49.71 -4.51 11.66
N TRP Z 146 50.33 -4.67 10.49
CA TRP Z 146 49.70 -4.18 9.29
C TRP Z 146 49.91 -5.05 8.05
N HIS Z 147 50.36 -6.30 8.19
CA HIS Z 147 50.83 -7.01 7.00
C HIS Z 147 49.71 -7.79 6.29
N TYR Z 148 49.03 -8.69 7.00
CA TYR Z 148 48.03 -9.56 6.38
C TYR Z 148 48.66 -10.40 5.27
N PHE Z 149 49.50 -11.33 5.70
CA PHE Z 149 50.32 -12.10 4.79
C PHE Z 149 49.44 -12.79 3.75
N PRO Z 150 49.84 -12.78 2.48
CA PRO Z 150 49.00 -13.37 1.43
C PRO Z 150 49.23 -14.85 1.22
N GLY Z 151 49.87 -15.51 2.19
CA GLY Z 151 50.25 -16.90 2.01
C GLY Z 151 49.07 -17.79 1.71
N GLU Z 152 48.00 -17.66 2.50
CA GLU Z 152 46.78 -18.42 2.26
C GLU Z 152 45.60 -17.76 2.97
N GLU AA 5 26.26 -62.06 64.18
CA GLU AA 5 27.18 -62.32 65.29
C GLU AA 5 28.54 -61.73 65.01
N ASN AA 6 28.77 -61.36 63.75
CA ASN AA 6 30.07 -60.83 63.34
C ASN AA 6 30.08 -59.31 63.47
N ARG AA 7 31.17 -58.80 64.08
CA ARG AA 7 31.31 -57.36 64.23
C ARG AA 7 31.32 -56.67 62.88
N LEU AA 8 32.12 -57.18 61.94
CA LEU AA 8 32.17 -56.57 60.61
C LEU AA 8 30.82 -56.66 59.91
N GLU AA 9 30.13 -57.79 60.06
CA GLU AA 9 28.84 -57.93 59.40
C GLU AA 9 27.83 -56.93 59.93
N SER AA 10 27.79 -56.73 61.25
CA SER AA 10 26.85 -55.76 61.80
C SER AA 10 27.22 -54.32 61.40
N ILE AA 11 28.51 -53.99 61.45
CA ILE AA 11 28.94 -52.66 61.05
C ILE AA 11 28.56 -52.40 59.59
N LEU AA 12 28.84 -53.35 58.71
CA LEU AA 12 28.55 -53.17 57.30
C LEU AA 12 27.06 -53.16 57.04
N SER AA 13 26.27 -53.90 57.82
CA SER AA 13 24.82 -53.83 57.66
C SER AA 13 24.32 -52.43 57.97
N ARG AA 14 24.80 -51.84 59.07
CA ARG AA 14 24.41 -50.48 59.41
C ARG AA 14 24.84 -49.51 58.31
N PHE AA 15 26.08 -49.64 57.84
CA PHE AA 15 26.57 -48.71 56.82
C PHE AA 15 25.77 -48.84 55.53
N ASP AA 16 25.47 -50.08 55.12
CA ASP AA 16 24.72 -50.28 53.89
C ASP AA 16 23.33 -49.69 53.99
N ALA AA 17 22.66 -49.91 55.13
CA ALA AA 17 21.34 -49.33 55.32
C ALA AA 17 21.39 -47.81 55.22
N ASP AA 18 22.36 -47.18 55.90
CA ASP AA 18 22.44 -45.72 55.88
C ASP AA 18 22.77 -45.20 54.48
N TRP AA 19 23.70 -45.86 53.78
CA TRP AA 19 24.08 -45.42 52.45
C TRP AA 19 22.89 -45.50 51.49
N THR AA 20 22.18 -46.63 51.51
CA THR AA 20 21.03 -46.77 50.63
C THR AA 20 19.94 -45.76 50.98
N ALA AA 21 19.74 -45.50 52.27
CA ALA AA 21 18.72 -44.53 52.67
C ALA AA 21 19.07 -43.13 52.18
N SER AA 22 20.34 -42.73 52.28
CA SER AA 22 20.76 -41.38 51.95
C SER AA 22 21.16 -41.24 50.49
N ASP AA 23 21.02 -42.29 49.70
CA ASP AA 23 21.51 -42.30 48.32
C ASP AA 23 20.91 -41.22 47.43
N GLU AA 24 19.70 -40.74 47.71
CA GLU AA 24 19.07 -39.76 46.82
C GLU AA 24 19.55 -38.34 47.10
N ALA AA 25 19.41 -37.90 48.35
CA ALA AA 25 19.83 -36.56 48.71
C ALA AA 25 21.32 -36.38 48.49
N ARG AA 26 22.10 -37.44 48.72
CA ARG AA 26 23.53 -37.35 48.44
C ARG AA 26 23.79 -37.12 46.96
N ARG AA 27 23.10 -37.85 46.09
CA ARG AA 27 23.30 -37.66 44.66
C ARG AA 27 22.96 -36.24 44.25
N GLU AA 28 21.84 -35.71 44.73
CA GLU AA 28 21.48 -34.34 44.39
C GLU AA 28 22.51 -33.34 44.91
N ALA AA 29 23.04 -33.58 46.11
CA ALA AA 29 24.02 -32.67 46.68
C ALA AA 29 25.32 -32.67 45.89
N LYS AA 30 25.82 -33.85 45.51
CA LYS AA 30 27.05 -33.88 44.71
C LYS AA 30 26.82 -33.27 43.34
N ASN AA 31 25.64 -33.45 42.76
CA ASN AA 31 25.36 -32.77 41.50
C ASN AA 31 25.38 -31.26 41.66
N ASP AA 32 24.83 -30.75 42.76
CA ASP AA 32 24.90 -29.32 43.02
C ASP AA 32 26.34 -28.85 43.17
N LEU AA 33 27.16 -29.61 43.89
CA LEU AA 33 28.56 -29.24 44.06
C LEU AA 33 29.29 -29.19 42.72
N PHE AA 34 29.11 -30.21 41.89
CA PHE AA 34 29.78 -30.23 40.60
C PHE AA 34 29.29 -29.10 39.72
N PHE AA 35 27.97 -28.84 39.72
CA PHE AA 35 27.40 -27.79 38.90
C PHE AA 35 27.96 -26.42 39.29
N SER AA 36 28.07 -26.16 40.59
CA SER AA 36 28.53 -24.85 41.02
C SER AA 36 30.03 -24.75 41.18
N ARG AA 37 30.77 -25.83 40.98
CA ARG AA 37 32.20 -25.76 41.28
C ARG AA 37 33.09 -26.14 40.12
N VAL AA 38 32.67 -27.08 39.26
CA VAL AA 38 33.50 -27.56 38.17
C VAL AA 38 33.01 -27.05 36.82
N SER AA 39 31.79 -27.42 36.43
CA SER AA 39 31.26 -26.98 35.15
C SER AA 39 29.77 -27.28 35.09
N GLN AA 40 29.02 -26.32 34.56
CA GLN AA 40 27.57 -26.42 34.48
C GLN AA 40 27.09 -27.23 33.29
N TRP AA 41 28.01 -27.66 32.41
CA TRP AA 41 27.67 -28.53 31.30
C TRP AA 41 28.00 -29.96 31.73
N ASP AA 42 27.12 -30.50 32.57
CA ASP AA 42 27.30 -31.83 33.15
C ASP AA 42 26.52 -32.85 32.33
N ASP AA 43 27.07 -33.17 31.16
CA ASP AA 43 26.46 -34.05 30.18
C ASP AA 43 27.40 -35.19 29.83
N TRP AA 44 27.98 -35.82 30.84
CA TRP AA 44 28.95 -36.86 30.55
C TRP AA 44 28.32 -38.13 30.01
N LEU AA 45 26.99 -38.25 30.04
CA LEU AA 45 26.31 -39.45 29.57
C LEU AA 45 25.82 -39.33 28.14
N SER AA 46 25.85 -38.15 27.55
CA SER AA 46 25.33 -37.93 26.20
C SER AA 46 26.42 -38.18 25.18
N GLN AA 47 26.18 -39.12 24.26
CA GLN AA 47 27.18 -39.52 23.28
C GLN AA 47 27.04 -38.64 22.05
N TYR AA 48 27.91 -37.63 21.94
CA TYR AA 48 27.94 -36.77 20.78
C TYR AA 48 29.11 -37.17 19.89
N THR AA 49 28.89 -37.09 18.57
CA THR AA 49 29.90 -37.49 17.61
C THR AA 49 30.71 -36.33 17.07
N THR AA 50 30.17 -35.12 17.08
CA THR AA 50 30.84 -33.94 16.58
C THR AA 50 30.92 -32.88 17.67
N LEU AA 51 32.05 -32.21 17.76
CA LEU AA 51 32.23 -31.16 18.75
C LEU AA 51 31.48 -29.90 18.34
N GLN AA 52 30.65 -29.40 19.24
CA GLN AA 52 29.91 -28.17 19.02
C GLN AA 52 30.25 -27.16 20.10
N TYR AA 53 29.76 -25.95 19.93
CA TYR AA 53 29.99 -24.92 20.93
C TYR AA 53 29.25 -25.26 22.21
N ARG AA 54 29.91 -25.03 23.34
CA ARG AA 54 29.29 -25.20 24.66
C ARG AA 54 29.85 -24.10 25.56
N GLY AA 55 29.15 -22.98 25.60
CA GLY AA 55 29.57 -21.88 26.45
C GLY AA 55 29.11 -22.05 27.87
N GLN AA 56 29.58 -21.16 28.73
CA GLN AA 56 29.17 -21.10 30.14
C GLN AA 56 29.05 -19.63 30.52
N PHE AA 57 27.80 -19.17 30.66
CA PHE AA 57 27.50 -17.78 30.97
C PHE AA 57 26.87 -17.78 32.36
N ASP AA 58 27.72 -17.71 33.38
CA ASP AA 58 27.27 -17.95 34.75
C ASP AA 58 26.47 -16.77 35.27
N VAL AA 59 25.36 -17.08 35.96
CA VAL AA 59 24.54 -16.07 36.62
C VAL AA 59 24.17 -16.48 38.04
N VAL AA 60 24.68 -17.59 38.54
CA VAL AA 60 24.37 -18.07 39.88
C VAL AA 60 25.59 -17.92 40.77
N ARG AA 61 26.78 -17.97 40.16
CA ARG AA 61 28.01 -17.83 40.93
C ARG AA 61 28.16 -16.47 41.60
N PRO AA 62 27.83 -15.33 40.98
CA PRO AA 62 27.85 -14.09 41.74
C PRO AA 62 26.93 -14.09 42.95
N VAL AA 63 25.76 -14.73 42.84
CA VAL AA 63 24.85 -14.83 43.98
C VAL AA 63 25.48 -15.66 45.08
N VAL AA 64 26.10 -16.79 44.72
CA VAL AA 64 26.73 -17.63 45.73
C VAL AA 64 27.87 -16.89 46.41
N ARG AA 65 28.66 -16.15 45.62
CA ARG AA 65 29.76 -15.37 46.20
C ARG AA 65 29.23 -14.31 47.16
N LYS AA 66 28.13 -13.65 46.80
CA LYS AA 66 27.54 -12.65 47.68
C LYS AA 66 27.07 -13.27 48.98
N LEU AA 67 26.44 -14.44 48.90
CA LEU AA 67 25.99 -15.11 50.12
C LEU AA 67 27.17 -15.51 50.99
N VAL AA 68 28.24 -16.02 50.39
CA VAL AA 68 29.41 -16.43 51.16
C VAL AA 68 30.06 -15.23 51.84
N SER AA 69 30.19 -14.12 51.12
CA SER AA 69 30.73 -12.91 51.73
C SER AA 69 29.85 -12.42 52.87
N GLU AA 70 28.53 -12.44 52.66
CA GLU AA 70 27.61 -11.97 53.70
C GLU AA 70 27.69 -12.82 54.95
N MET AA 71 27.84 -14.12 54.80
CA MET AA 71 27.86 -15.00 55.96
C MET AA 71 29.26 -15.14 56.54
N ARG AA 72 30.28 -14.64 55.84
CA ARG AA 72 31.62 -14.53 56.39
C ARG AA 72 31.84 -13.22 57.14
N GLN AA 73 31.11 -12.17 56.78
CA GLN AA 73 31.22 -10.92 57.51
C GLN AA 73 30.65 -10.98 58.91
N ASN AA 74 29.93 -12.04 59.27
CA ASN AA 74 29.32 -12.19 60.59
C ASN AA 74 29.78 -13.51 61.20
N PRO AA 75 30.97 -13.53 61.80
CA PRO AA 75 31.45 -14.77 62.41
C PRO AA 75 30.64 -15.13 63.65
N ILE AA 76 30.60 -16.43 63.94
CA ILE AA 76 29.84 -16.96 65.07
C ILE AA 76 30.68 -18.01 65.76
N ASP AA 77 30.68 -17.98 67.10
CA ASP AA 77 31.42 -18.96 67.88
C ASP AA 77 30.59 -19.34 69.10
N VAL AA 78 31.12 -20.27 69.89
CA VAL AA 78 30.45 -20.73 71.09
C VAL AA 78 30.68 -19.75 72.24
N LEU AA 79 29.74 -19.70 73.17
CA LEU AA 79 29.84 -18.83 74.33
C LEU AA 79 29.26 -19.58 75.52
N TYR AA 80 30.11 -19.96 76.46
CA TYR AA 80 29.65 -20.70 77.63
C TYR AA 80 29.16 -19.72 78.69
N ARG AA 81 27.98 -19.98 79.22
CA ARG AA 81 27.40 -19.11 80.24
C ARG AA 81 27.05 -19.93 81.47
N PRO AA 82 27.26 -19.40 82.67
CA PRO AA 82 26.92 -20.15 83.88
C PRO AA 82 25.43 -20.45 83.94
N LYS AA 83 25.10 -21.59 84.55
CA LYS AA 83 23.71 -22.01 84.66
C LYS AA 83 22.99 -21.12 85.67
N ASP AA 84 21.74 -21.46 85.96
CA ASP AA 84 20.94 -20.69 86.90
C ASP AA 84 21.33 -21.06 88.32
N GLY AA 85 21.91 -20.11 89.05
CA GLY AA 85 22.33 -20.32 90.41
C GLY AA 85 23.77 -20.75 90.59
N ALA AA 86 24.50 -20.98 89.51
CA ALA AA 86 25.91 -21.31 89.62
C ALA AA 86 26.74 -20.05 89.86
N ARG AA 87 28.00 -20.24 90.24
CA ARG AA 87 28.88 -19.11 90.49
C ARG AA 87 29.04 -18.30 89.21
N PRO AA 88 28.99 -16.97 89.28
CA PRO AA 88 28.95 -16.17 88.05
C PRO AA 88 30.18 -16.32 87.17
N ASP AA 89 31.30 -16.79 87.71
CA ASP AA 89 32.51 -17.07 86.95
C ASP AA 89 32.71 -18.57 86.74
N ALA AA 90 31.62 -19.30 86.53
CA ALA AA 90 31.74 -20.74 86.33
C ALA AA 90 32.29 -21.06 84.94
N ALA AA 91 31.94 -20.26 83.94
CA ALA AA 91 32.26 -20.56 82.55
C ALA AA 91 33.58 -19.94 82.09
N ASP AA 92 34.30 -19.25 82.97
CA ASP AA 92 35.51 -18.55 82.54
C ASP AA 92 36.62 -19.53 82.16
N VAL AA 93 36.82 -20.58 82.95
CA VAL AA 93 37.91 -21.51 82.66
C VAL AA 93 37.64 -22.27 81.37
N LEU AA 94 36.41 -22.78 81.21
CA LEU AA 94 36.07 -23.48 79.98
C LEU AA 94 36.13 -22.56 78.78
N MET AA 95 35.67 -21.31 78.93
CA MET AA 95 35.74 -20.36 77.83
C MET AA 95 37.17 -20.06 77.44
N GLY AA 96 38.05 -19.90 78.43
CA GLY AA 96 39.46 -19.68 78.13
C GLY AA 96 40.07 -20.86 77.40
N MET AA 97 39.76 -22.08 77.84
CA MET AA 97 40.23 -23.27 77.16
C MET AA 97 39.78 -23.28 75.70
N TYR AA 98 38.48 -23.06 75.48
CA TYR AA 98 37.92 -23.12 74.13
C TYR AA 98 38.53 -22.06 73.24
N ARG AA 99 38.68 -20.84 73.75
CA ARG AA 99 39.33 -19.79 72.96
C ARG AA 99 40.74 -20.19 72.60
N THR AA 100 41.47 -20.77 73.55
CA THR AA 100 42.85 -21.15 73.29
C THR AA 100 42.95 -22.16 72.16
N ASP AA 101 42.10 -23.19 72.16
CA ASP AA 101 42.34 -24.19 71.12
C ASP AA 101 41.48 -23.96 69.89
N MET AA 102 40.67 -22.91 69.84
CA MET AA 102 39.97 -22.56 68.63
C MET AA 102 40.41 -21.25 68.01
N ARG AA 103 41.47 -20.63 68.54
CA ARG AA 103 42.03 -19.44 67.91
C ARG AA 103 42.95 -19.75 66.74
N HIS AA 104 43.19 -21.02 66.43
CA HIS AA 104 44.12 -21.38 65.36
C HIS AA 104 43.46 -21.24 64.00
N ASN AA 105 44.25 -21.47 62.95
CA ASN AA 105 43.77 -21.29 61.58
C ASN AA 105 42.88 -22.44 61.11
N THR AA 106 43.17 -23.67 61.56
CA THR AA 106 42.41 -24.81 61.09
C THR AA 106 40.95 -24.73 61.50
N ALA AA 107 40.68 -24.17 62.69
CA ALA AA 107 39.30 -24.06 63.15
C ALA AA 107 38.49 -23.16 62.21
N LYS AA 108 39.01 -21.97 61.94
CA LYS AA 108 38.30 -21.04 61.07
C LYS AA 108 38.18 -21.59 59.65
N ILE AA 109 39.23 -22.28 59.17
CA ILE AA 109 39.17 -22.85 57.82
C ILE AA 109 38.09 -23.91 57.74
N ALA AA 110 38.02 -24.79 58.75
CA ALA AA 110 36.99 -25.84 58.74
C ALA AA 110 35.60 -25.25 58.80
N VAL AA 111 35.41 -24.21 59.62
CA VAL AA 111 34.10 -23.58 59.71
C VAL AA 111 33.72 -22.95 58.37
N ASN AA 112 34.67 -22.28 57.72
CA ASN AA 112 34.36 -21.63 56.45
C ASN AA 112 34.06 -22.67 55.36
N ILE AA 113 34.80 -23.78 55.37
CA ILE AA 113 34.52 -24.85 54.40
C ILE AA 113 33.12 -25.39 54.59
N ALA AA 114 32.75 -25.66 55.84
CA ALA AA 114 31.41 -26.18 56.12
C ALA AA 114 30.34 -25.17 55.71
N VAL AA 115 30.58 -23.89 55.97
CA VAL AA 115 29.60 -22.86 55.63
C VAL AA 115 29.41 -22.79 54.11
N ARG AA 116 30.51 -22.81 53.36
CA ARG AA 116 30.40 -22.74 51.90
C ARG AA 116 29.69 -23.96 51.34
N GLU AA 117 29.98 -25.15 51.88
CA GLU AA 117 29.26 -26.34 51.43
C GLU AA 117 27.78 -26.24 51.77
N GLN AA 118 27.45 -25.70 52.94
CA GLN AA 118 26.05 -25.52 53.32
C GLN AA 118 25.33 -24.58 52.36
N ILE AA 119 26.00 -23.51 51.95
CA ILE AA 119 25.36 -22.56 51.05
C ILE AA 119 25.18 -23.16 49.67
N GLU AA 120 26.18 -23.89 49.16
CA GLU AA 120 26.11 -24.39 47.80
C GLU AA 120 25.27 -25.66 47.69
N ALA AA 121 25.70 -26.74 48.36
CA ALA AA 121 25.05 -28.03 48.22
C ALA AA 121 23.88 -28.21 49.17
N GLY AA 122 24.09 -27.95 50.45
CA GLY AA 122 23.02 -28.08 51.41
C GLY AA 122 23.44 -28.62 52.75
N VAL AA 123 24.60 -29.29 52.80
CA VAL AA 123 25.11 -29.86 54.03
C VAL AA 123 26.63 -29.72 54.06
N GLY AA 124 27.16 -29.38 55.23
CA GLY AA 124 28.59 -29.41 55.49
C GLY AA 124 28.83 -30.03 56.84
N ALA AA 125 30.11 -30.18 57.19
CA ALA AA 125 30.44 -30.79 58.48
C ALA AA 125 31.88 -30.48 58.84
N TRP AA 126 32.20 -30.71 60.10
CA TRP AA 126 33.59 -30.71 60.54
C TRP AA 126 33.75 -31.67 61.70
N ARG AA 127 34.99 -31.81 62.17
CA ARG AA 127 35.35 -32.84 63.13
C ARG AA 127 36.14 -32.24 64.28
N LEU AA 128 36.03 -32.86 65.45
CA LEU AA 128 36.80 -32.50 66.63
C LEU AA 128 37.69 -33.66 67.01
N VAL AA 129 38.97 -33.39 67.22
CA VAL AA 129 39.93 -34.43 67.57
C VAL AA 129 40.84 -33.93 68.68
N THR AA 130 41.49 -34.88 69.35
CA THR AA 130 42.43 -34.58 70.42
C THR AA 130 43.82 -35.09 70.01
N ASP AA 131 44.83 -34.29 70.27
CA ASP AA 131 46.21 -34.65 69.96
C ASP AA 131 47.09 -34.35 71.16
N TYR AA 132 48.26 -34.98 71.19
CA TYR AA 132 49.24 -34.77 72.24
C TYR AA 132 50.24 -33.70 71.79
N GLU AA 133 50.24 -32.56 72.48
CA GLU AA 133 51.16 -31.47 72.17
C GLU AA 133 51.93 -31.11 73.43
N ASP AA 134 53.25 -31.00 73.31
CA ASP AA 134 54.11 -30.71 74.45
C ASP AA 134 54.58 -29.27 74.53
N GLN AA 135 54.86 -28.63 73.39
CA GLN AA 135 55.41 -27.28 73.42
C GLN AA 135 54.41 -26.27 73.96
N SER AA 136 53.19 -26.27 73.43
CA SER AA 136 52.14 -25.35 73.86
C SER AA 136 50.85 -26.12 74.06
N PRO AA 137 50.74 -26.86 75.16
CA PRO AA 137 49.51 -27.61 75.42
C PRO AA 137 48.44 -26.71 76.01
N THR AA 138 47.18 -26.98 75.62
CA THR AA 138 46.07 -26.29 76.26
C THR AA 138 45.93 -26.73 77.70
N SER AA 139 45.98 -28.03 77.95
CA SER AA 139 45.97 -28.60 79.29
C SER AA 139 46.31 -30.08 79.20
N ASN AA 140 46.95 -30.59 80.25
CA ASN AA 140 47.23 -32.01 80.40
C ASN AA 140 48.03 -32.57 79.23
N ASN AA 141 48.97 -31.77 78.73
CA ASN AA 141 49.83 -32.18 77.63
C ASN AA 141 49.02 -32.63 76.42
N GLN AA 142 47.93 -31.92 76.15
CA GLN AA 142 47.03 -32.25 75.06
C GLN AA 142 46.45 -30.99 74.46
N VAL AA 143 45.95 -31.12 73.24
CA VAL AA 143 45.25 -30.03 72.55
C VAL AA 143 44.04 -30.61 71.84
N ILE AA 144 43.08 -29.75 71.55
CA ILE AA 144 41.83 -30.12 70.91
C ILE AA 144 41.71 -29.27 69.65
N ARG AA 145 41.58 -29.92 68.50
CA ARG AA 145 41.57 -29.17 67.25
C ARG AA 145 40.39 -29.59 66.39
N ARG AA 146 39.98 -28.66 65.53
CA ARG AA 146 38.82 -28.83 64.67
C ARG AA 146 39.30 -28.96 63.23
N GLU AA 147 38.97 -30.08 62.61
CA GLU AA 147 39.40 -30.39 61.25
C GLU AA 147 38.25 -30.29 60.27
N PRO AA 148 38.53 -30.05 58.99
CA PRO AA 148 37.47 -29.96 58.00
C PRO AA 148 37.16 -31.31 57.37
N ILE AA 149 35.93 -31.40 56.86
CA ILE AA 149 35.50 -32.52 56.05
C ILE AA 149 34.99 -31.94 54.74
N HIS AA 150 35.65 -32.26 53.65
CA HIS AA 150 35.21 -31.81 52.33
C HIS AA 150 34.18 -32.78 51.77
N SER AA 151 33.19 -32.24 51.06
CA SER AA 151 32.11 -33.03 50.50
C SER AA 151 31.44 -33.87 51.58
N ALA AA 152 30.87 -33.17 52.56
CA ALA AA 152 30.27 -33.85 53.71
C ALA AA 152 29.11 -34.72 53.29
N CYS AA 153 28.39 -34.33 52.23
CA CYS AA 153 27.22 -35.08 51.80
C CYS AA 153 27.58 -36.52 51.46
N SER AA 154 28.69 -36.73 50.77
CA SER AA 154 29.11 -38.07 50.41
C SER AA 154 30.08 -38.69 51.40
N HIS AA 155 30.80 -37.88 52.17
CA HIS AA 155 31.86 -38.40 53.02
C HIS AA 155 31.42 -38.63 54.46
N VAL AA 156 30.24 -38.18 54.85
CA VAL AA 156 29.72 -38.41 56.19
C VAL AA 156 28.36 -39.07 56.06
N ILE AA 157 28.26 -40.32 56.46
CA ILE AA 157 27.04 -41.10 56.32
C ILE AA 157 26.47 -41.31 57.72
N TRP AA 158 25.43 -40.57 58.05
CA TRP AA 158 24.87 -40.55 59.38
C TRP AA 158 23.98 -41.77 59.61
N ASP AA 159 23.54 -41.93 60.86
CA ASP AA 159 22.58 -42.96 61.18
C ASP AA 159 21.26 -42.60 60.51
N SER AA 160 20.58 -43.63 59.97
CA SER AA 160 19.36 -43.38 59.21
C SER AA 160 18.18 -43.04 60.11
N ASN AA 161 18.15 -43.56 61.33
CA ASN AA 161 17.04 -43.30 62.24
C ASN AA 161 17.29 -42.07 63.10
N SER AA 162 17.64 -40.95 62.48
CA SER AA 162 17.88 -39.71 63.21
C SER AA 162 17.01 -38.62 62.64
N LYS AA 163 16.27 -37.94 63.51
CA LYS AA 163 15.33 -36.91 63.10
C LYS AA 163 15.61 -35.57 63.76
N LEU AA 164 16.88 -35.29 64.05
CA LEU AA 164 17.29 -34.01 64.62
C LEU AA 164 18.34 -33.37 63.72
N MET AA 165 18.23 -32.05 63.53
CA MET AA 165 19.03 -31.38 62.52
C MET AA 165 20.52 -31.51 62.79
N ASP AA 166 20.93 -31.43 64.06
CA ASP AA 166 22.34 -31.61 64.40
C ASP AA 166 22.72 -33.07 64.60
N LYS AA 167 21.79 -33.99 64.41
CA LYS AA 167 22.05 -35.43 64.53
C LYS AA 167 22.54 -35.80 65.92
N SER AA 168 22.00 -35.13 66.94
CA SER AA 168 22.38 -35.45 68.31
C SER AA 168 21.85 -36.81 68.73
N ASP AA 169 20.75 -37.25 68.15
CA ASP AA 169 20.19 -38.56 68.49
C ASP AA 169 20.78 -39.69 67.66
N ALA AA 170 21.68 -39.38 66.72
CA ALA AA 170 22.36 -40.42 65.97
C ALA AA 170 23.24 -41.23 66.91
N ARG AA 171 23.23 -42.54 66.73
CA ARG AA 171 24.01 -43.46 67.55
C ARG AA 171 25.22 -44.03 66.84
N HIS AA 172 25.35 -43.81 65.53
CA HIS AA 172 26.53 -44.24 64.79
C HIS AA 172 26.67 -43.37 63.56
N CYS AA 173 27.91 -43.18 63.14
CA CYS AA 173 28.21 -42.38 61.96
C CYS AA 173 29.51 -42.89 61.36
N THR AA 174 29.52 -43.12 60.05
CA THR AA 174 30.70 -43.61 59.36
C THR AA 174 31.25 -42.52 58.44
N VAL AA 175 32.55 -42.27 58.55
CA VAL AA 175 33.25 -41.28 57.75
C VAL AA 175 34.12 -42.01 56.74
N ILE AA 176 34.21 -41.48 55.53
CA ILE AA 176 35.01 -42.09 54.47
C ILE AA 176 36.20 -41.20 54.20
N HIS AA 177 37.40 -41.78 54.25
CA HIS AA 177 38.64 -41.08 53.95
C HIS AA 177 39.19 -41.60 52.64
N SER AA 178 39.56 -40.69 51.75
CA SER AA 178 40.20 -41.02 50.48
C SER AA 178 41.61 -40.43 50.48
N MET AA 179 42.59 -41.26 50.12
CA MET AA 179 44.00 -40.90 50.17
C MET AA 179 44.73 -41.52 48.99
N SER AA 180 45.89 -40.94 48.71
CA SER AA 180 46.82 -41.49 47.73
C SER AA 180 47.76 -42.47 48.43
N GLN AA 181 48.82 -42.90 47.75
CA GLN AA 181 49.75 -43.84 48.36
C GLN AA 181 50.51 -43.20 49.51
N ASN AA 182 51.02 -41.99 49.31
CA ASN AA 182 51.76 -41.33 50.38
C ASN AA 182 50.85 -40.99 51.55
N GLY AA 183 49.64 -40.51 51.27
CA GLY AA 183 48.69 -40.27 52.33
C GLY AA 183 48.36 -41.53 53.10
N TRP AA 184 48.23 -42.65 52.39
CA TRP AA 184 47.96 -43.92 53.05
C TRP AA 184 49.12 -44.33 53.94
N GLU AA 185 50.35 -44.15 53.46
CA GLU AA 185 51.51 -44.50 54.27
C GLU AA 185 51.58 -43.65 55.54
N ASP AA 186 51.31 -42.36 55.42
CA ASP AA 186 51.30 -41.50 56.60
C ASP AA 186 50.18 -41.88 57.57
N PHE AA 187 49.00 -42.20 57.04
CA PHE AA 187 47.88 -42.62 57.89
C PHE AA 187 48.21 -43.91 58.62
N ALA AA 188 48.84 -44.86 57.93
CA ALA AA 188 49.22 -46.11 58.57
C ALA AA 188 50.28 -45.87 59.65
N GLU AA 189 51.23 -44.99 59.37
CA GLU AA 189 52.22 -44.62 60.39
C GLU AA 189 51.55 -44.04 61.62
N LYS AA 190 50.56 -43.16 61.42
CA LYS AA 190 49.91 -42.52 62.56
C LYS AA 190 49.08 -43.51 63.36
N TYR AA 191 48.36 -44.40 62.68
CA TYR AA 191 47.39 -45.27 63.34
C TYR AA 191 47.89 -46.68 63.58
N ASP AA 192 49.18 -46.93 63.40
CA ASP AA 192 49.81 -48.22 63.71
C ASP AA 192 49.32 -49.35 62.80
N LEU AA 193 48.63 -49.02 61.71
CA LEU AA 193 48.11 -50.04 60.81
C LEU AA 193 49.25 -50.65 60.01
N ASP AA 194 48.91 -51.65 59.19
CA ASP AA 194 49.86 -52.31 58.31
C ASP AA 194 49.81 -51.61 56.96
N ALA AA 195 50.87 -50.90 56.60
CA ALA AA 195 50.86 -50.10 55.40
C ALA AA 195 50.87 -50.94 54.12
N ASP AA 196 51.23 -52.22 54.21
CA ASP AA 196 51.35 -53.07 53.05
C ASP AA 196 50.02 -53.71 52.65
N ASP AA 197 48.96 -53.49 53.41
CA ASP AA 197 47.62 -54.00 53.08
C ASP AA 197 46.77 -52.81 52.64
N ILE AA 198 46.62 -52.67 51.31
CA ILE AA 198 45.89 -51.55 50.74
C ILE AA 198 44.41 -51.66 51.09
N PRO AA 199 43.81 -50.64 51.69
CA PRO AA 199 42.39 -50.72 52.05
C PRO AA 199 41.48 -50.36 50.88
N SER AA 200 40.27 -50.90 50.95
CA SER AA 200 39.24 -50.63 49.95
C SER AA 200 37.93 -50.37 50.65
N PHE AA 201 37.14 -49.47 50.10
CA PHE AA 201 35.85 -49.11 50.67
C PHE AA 201 35.00 -48.49 49.58
N GLN AA 202 33.79 -48.07 49.96
CA GLN AA 202 32.89 -47.44 49.02
C GLN AA 202 33.50 -46.16 48.50
N ASN AA 203 33.58 -46.03 47.18
CA ASN AA 203 34.13 -44.83 46.59
C ASN AA 203 33.07 -43.75 46.57
N PRO AA 204 33.20 -42.69 47.38
CA PRO AA 204 32.14 -41.67 47.43
C PRO AA 204 32.17 -40.70 46.27
N ASN AA 205 33.21 -40.72 45.44
CA ASN AA 205 33.35 -39.79 44.34
C ASN AA 205 32.93 -40.43 43.02
N ASP AA 206 32.96 -39.65 41.96
CA ASP AA 206 32.55 -40.10 40.64
C ASP AA 206 33.51 -39.52 39.61
N TRP AA 207 34.25 -40.39 38.92
CA TRP AA 207 35.24 -39.95 37.93
C TRP AA 207 34.48 -39.50 36.69
N VAL AA 208 34.04 -38.25 36.72
CA VAL AA 208 33.23 -37.67 35.66
C VAL AA 208 34.08 -36.71 34.84
N PHE AA 209 34.72 -35.80 35.49
CA PHE AA 209 35.56 -34.82 34.82
C PHE AA 209 36.83 -35.48 34.31
N PRO AA 210 37.42 -34.97 33.24
CA PRO AA 210 38.66 -35.56 32.73
C PRO AA 210 39.88 -35.29 33.59
N TRP AA 211 39.81 -35.66 34.87
CA TRP AA 211 40.97 -35.61 35.74
C TRP AA 211 41.85 -36.82 35.45
N LEU AA 212 43.16 -36.62 35.57
CA LEU AA 212 44.09 -37.73 35.59
C LEU AA 212 44.42 -38.06 37.04
N THR AA 213 44.46 -39.36 37.36
CA THR AA 213 44.93 -39.84 38.66
C THR AA 213 44.09 -39.27 39.81
N GLN AA 214 42.84 -39.71 39.85
CA GLN AA 214 42.01 -39.49 41.02
C GLN AA 214 42.43 -40.45 42.13
N ASP AA 215 41.91 -40.21 43.33
CA ASP AA 215 42.30 -40.95 44.52
C ASP AA 215 41.83 -42.40 44.45
N THR AA 216 42.58 -43.28 45.12
CA THR AA 216 42.34 -44.71 44.97
C THR AA 216 42.28 -45.46 46.31
N ILE AA 217 42.83 -44.90 47.38
CA ILE AA 217 42.84 -45.58 48.67
C ILE AA 217 41.71 -45.04 49.51
N GLN AA 218 40.93 -45.93 50.11
CA GLN AA 218 39.78 -45.52 50.90
C GLN AA 218 39.70 -46.32 52.18
N ILE AA 219 39.33 -45.66 53.26
CA ILE AA 219 39.16 -46.29 54.57
C ILE AA 219 37.96 -45.65 55.24
N ALA AA 220 37.45 -46.27 56.29
CA ALA AA 220 36.31 -45.69 57.00
C ALA AA 220 36.59 -45.61 58.49
N GLU AA 221 36.00 -44.61 59.11
CA GLU AA 221 36.05 -44.41 60.57
C GLU AA 221 34.62 -44.48 61.06
N PHE AA 222 34.28 -45.54 61.76
CA PHE AA 222 32.93 -45.78 62.24
C PHE AA 222 32.87 -45.41 63.70
N TYR AA 223 32.18 -44.31 64.01
CA TYR AA 223 31.93 -43.89 65.38
C TYR AA 223 30.60 -44.47 65.83
N GLU AA 224 30.56 -44.96 67.06
CA GLU AA 224 29.30 -45.40 67.64
C GLU AA 224 29.25 -44.95 69.09
N VAL AA 225 28.04 -44.82 69.61
CA VAL AA 225 27.82 -44.34 70.97
C VAL AA 225 27.01 -45.38 71.73
N VAL AA 226 27.37 -45.59 72.99
CA VAL AA 226 26.66 -46.51 73.86
C VAL AA 226 26.32 -45.77 75.15
N GLU AA 227 25.04 -45.81 75.53
CA GLU AA 227 24.56 -45.19 76.75
C GLU AA 227 24.23 -46.29 77.76
N LYS AA 228 24.96 -46.32 78.87
CA LYS AA 228 24.84 -47.40 79.83
C LYS AA 228 25.16 -46.87 81.22
N LYS AA 229 24.77 -47.63 82.24
CA LYS AA 229 25.08 -47.30 83.62
C LYS AA 229 26.42 -47.93 84.00
N GLU AA 230 27.32 -47.12 84.55
CA GLU AA 230 28.60 -47.63 85.01
C GLU AA 230 28.86 -47.19 86.44
N THR AA 231 29.77 -47.90 87.09
CA THR AA 231 30.08 -47.65 88.48
C THR AA 231 30.87 -46.36 88.64
N ALA AA 232 30.44 -45.55 89.60
CA ALA AA 232 31.17 -44.33 89.96
C ALA AA 232 31.46 -44.36 91.45
N PHE AA 233 32.69 -43.99 91.80
CA PHE AA 233 33.17 -44.08 93.17
C PHE AA 233 33.02 -42.74 93.88
N ILE AA 234 32.44 -42.77 95.06
CA ILE AA 234 32.25 -41.57 95.89
C ILE AA 234 33.41 -41.54 96.88
N TYR AA 235 34.17 -40.45 96.86
CA TYR AA 235 35.28 -40.27 97.77
C TYR AA 235 35.00 -39.10 98.69
N GLN AA 236 35.99 -38.77 99.52
CA GLN AA 236 35.93 -37.57 100.36
C GLN AA 236 37.24 -36.82 100.17
N ASP AA 237 37.17 -35.68 99.51
CA ASP AA 237 38.37 -34.90 99.20
C ASP AA 237 39.02 -34.46 100.50
N PRO AA 238 40.30 -34.75 100.72
CA PRO AA 238 40.94 -34.35 101.97
C PRO AA 238 40.89 -32.85 102.22
N VAL AA 239 40.75 -32.04 101.17
CA VAL AA 239 40.61 -30.60 101.35
C VAL AA 239 39.21 -30.27 101.86
N THR AA 240 38.19 -30.60 101.05
CA THR AA 240 36.81 -30.30 101.41
C THR AA 240 35.88 -31.03 100.47
N GLY AA 241 34.70 -31.39 100.98
CA GLY AA 241 33.66 -31.95 100.15
C GLY AA 241 33.84 -33.43 99.87
N GLU AA 242 33.06 -33.90 98.89
CA GLU AA 242 33.10 -35.29 98.45
C GLU AA 242 33.13 -35.33 96.92
N PRO AA 243 34.16 -35.87 96.31
CA PRO AA 243 34.20 -35.98 94.85
C PRO AA 243 33.64 -37.31 94.36
N VAL AA 244 33.17 -37.29 93.12
CA VAL AA 244 32.62 -38.46 92.45
C VAL AA 244 33.44 -38.70 91.19
N SER AA 245 33.97 -39.89 91.04
CA SER AA 245 34.76 -40.25 89.87
C SER AA 245 34.31 -41.59 89.35
N TYR AA 246 34.37 -41.76 88.03
CA TYR AA 246 33.96 -43.02 87.41
C TYR AA 246 34.97 -44.12 87.71
N PHE AA 247 34.46 -45.34 87.82
CA PHE AA 247 35.32 -46.48 88.10
C PHE AA 247 36.23 -46.80 86.93
N LYS AA 248 35.79 -46.52 85.71
CA LYS AA 248 36.58 -46.88 84.53
C LYS AA 248 37.78 -45.97 84.37
N ARG AA 249 37.64 -44.68 84.69
CA ARG AA 249 38.71 -43.74 84.44
C ARG AA 249 39.91 -43.98 85.33
N ASP AA 250 39.71 -44.61 86.48
CA ASP AA 250 40.82 -44.96 87.38
C ASP AA 250 40.63 -46.36 87.95
N ILE AA 251 40.23 -47.32 87.11
CA ILE AA 251 40.08 -48.69 87.58
C ILE AA 251 41.43 -49.30 87.94
N LYS AA 252 42.45 -49.09 87.10
CA LYS AA 252 43.77 -49.65 87.35
C LYS AA 252 44.87 -48.61 87.38
N ASP AA 253 44.56 -47.34 87.12
CA ASP AA 253 45.60 -46.33 87.07
C ASP AA 253 45.95 -45.81 88.47
N VAL AA 254 44.98 -45.18 89.13
CA VAL AA 254 45.26 -44.54 90.42
C VAL AA 254 44.28 -44.99 91.49
N ILE AA 255 43.63 -46.14 91.25
CA ILE AA 255 42.69 -46.66 92.24
C ILE AA 255 43.37 -46.91 93.57
N ASP AA 256 44.68 -47.14 93.56
CA ASP AA 256 45.47 -47.37 94.76
C ASP AA 256 46.27 -46.14 95.18
N ASP AA 257 46.43 -45.15 94.32
CA ASP AA 257 47.08 -43.91 94.71
C ASP AA 257 46.11 -42.90 95.31
N LEU AA 258 44.80 -43.04 95.04
CA LEU AA 258 43.82 -42.14 95.63
C LEU AA 258 43.85 -42.22 97.16
N ALA AA 259 43.84 -43.44 97.69
CA ALA AA 259 43.91 -43.60 99.15
C ALA AA 259 45.21 -43.07 99.70
N ASP AA 260 46.32 -43.33 99.01
CA ASP AA 260 47.62 -42.85 99.48
C ASP AA 260 47.64 -41.33 99.55
N SER AA 261 47.11 -40.66 98.53
CA SER AA 261 46.99 -39.20 98.57
C SER AA 261 45.97 -38.74 99.58
N GLY AA 262 45.08 -39.62 100.05
CA GLY AA 262 44.24 -39.28 101.17
C GLY AA 262 42.75 -39.30 100.87
N PHE AA 263 42.39 -39.91 99.74
CA PHE AA 263 40.99 -40.03 99.35
C PHE AA 263 40.43 -41.31 99.94
N ILE AA 264 39.42 -41.17 100.80
CA ILE AA 264 38.75 -42.32 101.40
C ILE AA 264 37.44 -42.55 100.67
N LYS AA 265 37.11 -43.81 100.40
CA LYS AA 265 35.89 -44.15 99.69
C LYS AA 265 34.71 -44.11 100.64
N ILE AA 266 33.68 -43.34 100.30
CA ILE AA 266 32.48 -43.19 101.11
C ILE AA 266 31.35 -44.08 100.60
N ALA AA 267 31.03 -43.97 99.32
CA ALA AA 267 29.90 -44.69 98.74
C ALA AA 267 30.32 -45.25 97.39
N GLU AA 268 29.34 -45.74 96.64
CA GLU AA 268 29.56 -46.24 95.29
C GLU AA 268 28.20 -46.35 94.62
N ARG AA 269 28.01 -45.66 93.51
CA ARG AA 269 26.74 -45.60 92.82
C ARG AA 269 26.90 -46.11 91.39
N GLN AA 270 25.79 -46.19 90.68
CA GLN AA 270 25.77 -46.48 89.26
C GLN AA 270 25.12 -45.30 88.56
N ILE AA 271 25.85 -44.68 87.64
CA ILE AA 271 25.37 -43.51 86.93
C ILE AA 271 25.38 -43.81 85.43
N LYS AA 272 24.31 -43.40 84.76
CA LYS AA 272 24.18 -43.60 83.32
C LYS AA 272 24.93 -42.52 82.58
N ARG AA 273 25.68 -42.92 81.55
CA ARG AA 273 26.42 -41.97 80.73
C ARG AA 273 26.69 -42.61 79.38
N ARG AA 274 27.21 -41.80 78.46
CA ARG AA 274 27.48 -42.20 77.10
C ARG AA 274 28.98 -42.32 76.87
N ARG AA 275 29.38 -43.31 76.08
CA ARG AA 275 30.76 -43.52 75.71
C ARG AA 275 30.85 -43.76 74.21
N VAL AA 276 31.96 -43.32 73.61
CA VAL AA 276 32.10 -43.27 72.15
C VAL AA 276 33.24 -44.18 71.73
N TYR AA 277 32.98 -45.02 70.75
CA TYR AA 277 33.96 -45.98 70.25
C TYR AA 277 34.17 -45.77 68.76
N LYS AA 278 35.42 -45.68 68.34
CA LYS AA 278 35.80 -45.50 66.95
C LYS AA 278 36.44 -46.77 66.43
N SER AA 279 36.15 -47.11 65.16
CA SER AA 279 36.67 -48.34 64.54
C SER AA 279 37.14 -48.07 63.12
N ILE AA 280 38.43 -48.22 62.83
CA ILE AA 280 38.93 -48.09 61.48
C ILE AA 280 38.54 -49.36 60.74
N ILE AA 281 37.86 -49.21 59.61
CA ILE AA 281 37.33 -50.36 58.89
C ILE AA 281 37.64 -50.26 57.40
N THR AA 282 37.60 -51.42 56.76
CA THR AA 282 37.77 -51.60 55.34
C THR AA 282 36.61 -52.47 54.87
N CYS AA 283 36.34 -52.47 53.57
CA CYS AA 283 35.19 -53.22 53.07
C CYS AA 283 35.26 -54.71 53.40
N THR AA 284 36.45 -55.23 53.69
CA THR AA 284 36.60 -56.66 53.95
C THR AA 284 37.15 -57.00 55.33
N ALA AA 285 37.59 -56.03 56.12
CA ALA AA 285 38.19 -56.35 57.41
C ALA AA 285 38.07 -55.16 58.35
N VAL AA 286 38.21 -55.45 59.64
CA VAL AA 286 38.23 -54.44 60.70
C VAL AA 286 39.64 -54.37 61.26
N LEU AA 287 40.30 -53.24 61.07
CA LEU AA 287 41.66 -53.08 61.56
C LEU AA 287 41.67 -52.75 63.05
N LYS AA 288 41.08 -51.61 63.43
CA LYS AA 288 40.86 -51.25 64.82
C LYS AA 288 39.40 -51.50 65.13
N ASP AA 289 39.12 -52.10 66.29
CA ASP AA 289 37.77 -52.61 66.55
C ASP AA 289 36.89 -51.63 67.30
N LYS AA 290 37.24 -51.28 68.53
CA LYS AA 290 36.37 -50.45 69.36
C LYS AA 290 37.17 -49.46 70.19
N GLN AA 291 38.13 -48.78 69.57
CA GLN AA 291 38.98 -47.87 70.33
C GLN AA 291 38.15 -46.79 70.99
N LEU AA 292 38.12 -46.76 72.31
CA LEU AA 292 37.33 -45.75 73.01
C LEU AA 292 37.98 -44.38 72.87
N ILE AA 293 37.18 -43.39 72.50
CA ILE AA 293 37.67 -42.03 72.36
C ILE AA 293 36.96 -41.13 73.36
N ALA AA 294 37.59 -40.00 73.65
CA ALA AA 294 37.08 -39.10 74.68
C ALA AA 294 35.78 -38.44 74.24
N GLY AA 295 34.93 -38.15 75.22
CA GLY AA 295 33.68 -37.47 75.00
C GLY AA 295 32.49 -38.40 75.17
N GLU AA 296 31.31 -37.78 75.10
CA GLU AA 296 30.06 -38.50 75.12
C GLU AA 296 29.26 -38.35 73.83
N HIS AA 297 29.78 -37.63 72.84
CA HIS AA 297 29.09 -37.40 71.60
C HIS AA 297 29.99 -37.80 70.45
N ILE AA 298 29.37 -38.07 69.30
CA ILE AA 298 30.15 -38.26 68.07
C ILE AA 298 30.87 -36.97 67.74
N PRO AA 299 32.16 -36.99 67.46
CA PRO AA 299 32.91 -35.74 67.33
C PRO AA 299 32.65 -34.98 66.06
N ILE AA 300 31.58 -35.31 65.34
CA ILE AA 300 31.27 -34.71 64.05
C ILE AA 300 30.14 -33.70 64.23
N VAL AA 301 30.32 -32.52 63.69
CA VAL AA 301 29.32 -31.45 63.76
C VAL AA 301 28.80 -31.20 62.36
N PRO AA 302 27.50 -31.41 62.10
CA PRO AA 302 26.93 -31.09 60.78
C PRO AA 302 26.27 -29.72 60.72
N VAL AA 303 26.29 -29.11 59.54
CA VAL AA 303 25.64 -27.83 59.26
C VAL AA 303 24.68 -28.05 58.10
N PHE AA 304 23.45 -27.58 58.23
CA PHE AA 304 22.44 -27.80 57.21
C PHE AA 304 21.92 -26.49 56.66
N GLY AA 305 21.36 -26.56 55.45
CA GLY AA 305 20.80 -25.38 54.81
C GLY AA 305 19.31 -25.31 55.02
N GLU AA 306 18.54 -25.69 54.00
CA GLU AA 306 17.11 -25.91 54.15
C GLU AA 306 16.89 -27.40 54.37
N TRP AA 307 16.47 -27.78 55.56
CA TRP AA 307 16.47 -29.17 55.96
C TRP AA 307 15.08 -29.60 56.38
N GLY AA 308 14.75 -30.86 56.09
CA GLY AA 308 13.47 -31.39 56.53
C GLY AA 308 13.37 -32.87 56.18
N PHE AA 309 12.22 -33.44 56.51
CA PHE AA 309 11.87 -34.80 56.15
C PHE AA 309 10.58 -34.76 55.35
N VAL AA 310 10.53 -35.46 54.22
CA VAL AA 310 9.31 -35.44 53.44
C VAL AA 310 8.42 -36.61 53.82
N GLU AA 311 8.85 -37.83 53.51
CA GLU AA 311 8.15 -39.04 53.95
C GLU AA 311 9.20 -39.98 54.50
N ASP AA 312 9.59 -39.77 55.75
CA ASP AA 312 10.70 -40.49 56.37
C ASP AA 312 11.93 -40.49 55.47
N LYS AA 313 12.03 -39.49 54.61
CA LYS AA 313 13.15 -39.31 53.70
C LYS AA 313 13.71 -37.92 53.94
N GLU AA 314 14.95 -37.86 54.43
CA GLU AA 314 15.57 -36.58 54.70
C GLU AA 314 15.89 -35.87 53.39
N VAL AA 315 15.58 -34.58 53.32
CA VAL AA 315 15.92 -33.75 52.18
C VAL AA 315 16.55 -32.47 52.70
N TYR AA 316 17.69 -32.10 52.12
CA TYR AA 316 18.34 -30.84 52.41
C TYR AA 316 18.68 -30.15 51.09
N GLU AA 317 18.65 -28.84 51.11
CA GLU AA 317 18.83 -28.04 49.91
C GLU AA 317 19.66 -26.81 50.25
N GLY AA 318 20.38 -26.31 49.25
CA GLY AA 318 21.16 -25.11 49.41
C GLY AA 318 20.52 -23.92 48.74
N VAL AA 319 21.19 -23.37 47.73
CA VAL AA 319 20.65 -22.23 46.99
C VAL AA 319 20.64 -22.59 45.52
N VAL AA 320 21.55 -23.47 45.11
CA VAL AA 320 21.77 -23.78 43.70
C VAL AA 320 20.75 -24.77 43.15
N ARG AA 321 20.16 -25.63 44.00
CA ARG AA 321 19.34 -26.72 43.48
C ARG AA 321 18.17 -26.23 42.64
N LEU AA 322 17.71 -25.01 42.86
CA LEU AA 322 16.58 -24.49 42.11
C LEU AA 322 16.97 -23.67 40.90
N THR AA 323 18.20 -23.17 40.84
CA THR AA 323 18.64 -22.36 39.72
C THR AA 323 19.19 -23.19 38.57
N LYS AA 324 19.26 -24.50 38.72
CA LYS AA 324 19.96 -25.33 37.74
C LYS AA 324 19.24 -25.33 36.40
N ASP AA 325 17.91 -25.34 36.42
CA ASP AA 325 17.11 -25.40 35.17
C ASP AA 325 17.22 -24.11 34.38
N GLY AA 326 17.18 -22.97 35.07
CA GLY AA 326 17.37 -21.69 34.41
C GLY AA 326 18.79 -21.50 33.90
N GLN AA 327 19.78 -21.92 34.69
CA GLN AA 327 21.15 -21.75 34.24
C GLN AA 327 21.45 -22.65 33.04
N ARG AA 328 20.97 -23.90 33.06
CA ARG AA 328 21.21 -24.77 31.93
C ARG AA 328 20.55 -24.25 30.67
N LEU AA 329 19.32 -23.75 30.80
CA LEU AA 329 18.63 -23.20 29.63
C LEU AA 329 19.34 -21.95 29.11
N ARG AA 330 19.84 -21.11 30.02
CA ARG AA 330 20.58 -19.93 29.58
C ARG AA 330 21.83 -20.32 28.81
N ASN AA 331 22.57 -21.30 29.33
CA ASN AA 331 23.76 -21.77 28.64
C ASN AA 331 23.42 -22.33 27.27
N MET AA 332 22.35 -23.12 27.18
CA MET AA 332 21.99 -23.73 25.90
C MET AA 332 21.57 -22.68 24.89
N ILE AA 333 20.77 -21.71 25.30
CA ILE AA 333 20.29 -20.71 24.36
C ILE AA 333 21.43 -19.82 23.89
N MET AA 334 22.34 -19.46 24.79
CA MET AA 334 23.48 -18.65 24.38
C MET AA 334 24.40 -19.43 23.45
N SER AA 335 24.54 -20.74 23.68
CA SER AA 335 25.34 -21.57 22.78
C SER AA 335 24.71 -21.66 21.40
N PHE AA 336 23.39 -21.82 21.34
CA PHE AA 336 22.70 -21.81 20.05
C PHE AA 336 22.90 -20.48 19.34
N ASN AA 337 22.83 -19.37 20.07
CA ASN AA 337 22.99 -18.07 19.45
C ASN AA 337 24.41 -17.85 18.95
N ALA AA 338 25.41 -18.35 19.68
CA ALA AA 338 26.78 -18.27 19.18
C ALA AA 338 26.95 -19.09 17.90
N ASP AA 339 26.33 -20.27 17.84
CA ASP AA 339 26.33 -21.03 16.59
C ASP AA 339 25.70 -20.23 15.47
N ILE AA 340 24.59 -19.56 15.74
CA ILE AA 340 23.92 -18.76 14.71
C ILE AA 340 24.85 -17.67 14.21
N VAL AA 341 25.52 -16.97 15.12
CA VAL AA 341 26.40 -15.88 14.71
C VAL AA 341 27.55 -16.39 13.86
N ALA AA 342 28.18 -17.49 14.28
CA ALA AA 342 29.36 -17.97 13.58
C ALA AA 342 29.02 -18.60 12.24
N ARG AA 343 28.23 -19.67 12.26
CA ARG AA 343 27.98 -20.46 11.05
C ARG AA 343 26.66 -20.02 10.44
N THR AA 344 26.73 -19.05 9.56
CA THR AA 344 25.56 -18.63 8.77
C THR AA 344 26.06 -17.79 7.62
N PRO AA 345 25.66 -18.09 6.38
CA PRO AA 345 26.11 -17.28 5.25
C PRO AA 345 25.70 -15.83 5.42
N LYS AA 346 26.61 -14.92 5.07
CA LYS AA 346 26.39 -13.51 5.29
C LYS AA 346 25.52 -12.93 4.18
N LYS AA 347 25.29 -11.62 4.23
CA LYS AA 347 24.49 -10.95 3.23
C LYS AA 347 25.39 -10.58 2.05
N LYS AA 348 25.18 -11.25 0.93
CA LYS AA 348 25.88 -11.01 -0.31
C LYS AA 348 24.89 -11.12 -1.45
N PRO AA 349 25.20 -10.57 -2.61
CA PRO AA 349 24.27 -10.64 -3.74
C PRO AA 349 24.24 -12.02 -4.38
N PHE AA 350 23.07 -12.36 -4.93
CA PHE AA 350 22.91 -13.52 -5.78
C PHE AA 350 23.12 -13.09 -7.22
N PHE AA 351 24.06 -13.72 -7.91
CA PHE AA 351 24.38 -13.35 -9.27
C PHE AA 351 24.28 -14.57 -10.17
N TRP AA 352 23.70 -14.40 -11.34
CA TRP AA 352 23.85 -15.41 -12.38
C TRP AA 352 25.28 -15.37 -12.89
N PRO AA 353 25.92 -16.53 -13.09
CA PRO AA 353 27.37 -16.53 -13.32
C PRO AA 353 27.81 -15.74 -14.53
N GLU AA 354 26.84 -15.24 -15.31
CA GLU AA 354 27.15 -14.48 -16.56
C GLU AA 354 26.72 -13.03 -16.43
N GLN AA 355 25.85 -12.70 -15.48
CA GLN AA 355 25.52 -11.29 -15.34
C GLN AA 355 26.77 -10.46 -15.10
N ILE AA 356 27.83 -11.09 -14.61
CA ILE AA 356 29.06 -10.42 -14.24
C ILE AA 356 30.27 -11.10 -14.87
N ALA AA 357 30.07 -11.79 -15.98
CA ALA AA 357 31.17 -12.52 -16.62
C ALA AA 357 32.14 -11.54 -17.26
N GLY AA 358 33.38 -11.56 -16.79
CA GLY AA 358 34.38 -10.62 -17.21
C GLY AA 358 34.49 -9.39 -16.34
N PHE AA 359 33.46 -9.12 -15.53
CA PHE AA 359 33.48 -8.03 -14.57
C PHE AA 359 33.69 -8.53 -13.15
N GLU AA 360 34.10 -9.78 -12.98
CA GLU AA 360 34.15 -10.40 -11.67
C GLU AA 360 35.22 -9.79 -10.77
N HIS AA 361 36.12 -8.99 -11.32
CA HIS AA 361 37.10 -8.29 -10.50
C HIS AA 361 36.51 -7.08 -9.81
N MET AA 362 35.42 -6.54 -10.34
CA MET AA 362 34.80 -5.36 -9.74
C MET AA 362 34.08 -5.68 -8.43
N TYR AA 363 33.74 -6.95 -8.20
CA TYR AA 363 32.89 -7.34 -7.09
C TYR AA 363 33.65 -8.04 -5.98
N ASP AA 364 34.97 -8.05 -6.02
CA ASP AA 364 35.74 -8.80 -5.04
C ASP AA 364 35.99 -8.03 -3.75
N GLY AA 365 35.55 -6.77 -3.67
CA GLY AA 365 35.69 -6.00 -2.45
C GLY AA 365 36.74 -4.93 -2.45
N ASN AA 366 37.14 -4.42 -3.61
CA ASN AA 366 38.10 -3.33 -3.67
C ASN AA 366 37.35 -2.00 -3.74
N ASP AA 367 38.06 -0.92 -4.02
CA ASP AA 367 37.46 0.40 -4.12
C ASP AA 367 38.06 1.17 -5.30
N ASP AA 368 38.36 0.47 -6.40
CA ASP AA 368 39.04 1.06 -7.53
C ASP AA 368 38.10 1.53 -8.63
N TYR AA 369 36.80 1.40 -8.47
CA TYR AA 369 35.89 1.69 -9.55
C TYR AA 369 34.78 2.61 -9.07
N PRO AA 370 34.23 3.43 -9.97
CA PRO AA 370 33.12 4.32 -9.57
C PRO AA 370 31.76 3.65 -9.60
N TYR AA 371 31.64 2.45 -10.19
CA TYR AA 371 30.35 1.79 -10.35
C TYR AA 371 30.63 0.33 -10.66
N TYR AA 372 29.57 -0.47 -10.67
CA TYR AA 372 29.67 -1.88 -11.03
C TYR AA 372 29.02 -2.09 -12.39
N LEU AA 373 29.76 -2.71 -13.31
CA LEU AA 373 29.25 -3.00 -14.63
C LEU AA 373 28.70 -4.43 -14.67
N LEU AA 374 27.67 -4.62 -15.48
CA LEU AA 374 27.04 -5.92 -15.64
C LEU AA 374 26.89 -6.24 -17.11
N ASN AA 375 26.93 -7.53 -17.43
CA ASN AA 375 26.66 -7.95 -18.79
C ASN AA 375 25.19 -7.78 -19.10
N ARG AA 376 24.89 -7.59 -20.37
CA ARG AA 376 23.54 -7.26 -20.80
C ARG AA 376 22.93 -8.26 -21.76
N THR AA 377 23.71 -8.73 -22.73
CA THR AA 377 23.19 -9.48 -23.86
C THR AA 377 23.56 -10.95 -23.77
N ASP AA 378 22.88 -11.74 -24.59
CA ASP AA 378 23.19 -13.13 -24.84
C ASP AA 378 22.88 -13.42 -26.31
N GLU AA 379 23.58 -14.40 -26.88
CA GLU AA 379 23.43 -14.67 -28.29
C GLU AA 379 22.37 -15.72 -28.60
N ASN AA 380 21.81 -16.40 -27.60
CA ASN AA 380 20.72 -17.34 -27.79
C ASN AA 380 19.45 -16.90 -27.07
N SER AA 381 19.43 -15.67 -26.56
CA SER AA 381 18.31 -15.20 -25.76
C SER AA 381 18.20 -13.69 -25.96
N GLY AA 382 17.49 -13.03 -25.05
CA GLY AA 382 17.32 -11.60 -25.12
C GLY AA 382 18.29 -10.85 -24.24
N ASP AA 383 17.84 -10.37 -23.08
CA ASP AA 383 18.63 -9.52 -22.23
C ASP AA 383 18.61 -10.06 -20.80
N LEU AA 384 19.71 -9.86 -20.10
CA LEU AA 384 19.82 -10.22 -18.70
C LEU AA 384 19.48 -9.03 -17.81
N PRO AA 385 19.03 -9.26 -16.58
CA PRO AA 385 18.72 -8.15 -15.69
C PRO AA 385 19.97 -7.37 -15.31
N THR AA 386 19.75 -6.26 -14.61
CA THR AA 386 20.84 -5.44 -14.09
C THR AA 386 21.02 -5.59 -12.59
N GLN AA 387 19.97 -5.36 -11.80
CA GLN AA 387 20.09 -5.52 -10.36
C GLN AA 387 20.35 -6.98 -10.00
N PRO AA 388 21.01 -7.24 -8.86
CA PRO AA 388 21.20 -8.62 -8.42
C PRO AA 388 19.85 -9.28 -8.17
N LEU AA 389 19.83 -10.60 -8.31
CA LEU AA 389 18.57 -11.34 -8.16
C LEU AA 389 18.00 -11.17 -6.76
N ALA AA 390 18.85 -11.25 -5.74
CA ALA AA 390 18.44 -11.05 -4.37
C ALA AA 390 19.69 -10.84 -3.52
N TYR AA 391 19.48 -10.61 -2.24
CA TYR AA 391 20.56 -10.52 -1.26
C TYR AA 391 20.31 -11.55 -0.18
N TYR AA 392 21.34 -12.28 0.22
CA TYR AA 392 21.17 -13.23 1.30
C TYR AA 392 20.74 -12.52 2.57
N GLU AA 393 19.76 -13.06 3.26
CA GLU AA 393 19.23 -12.40 4.45
C GLU AA 393 20.26 -12.45 5.58
N ASN AA 394 20.37 -11.33 6.29
CA ASN AA 394 21.29 -11.26 7.41
C ASN AA 394 20.85 -12.21 8.52
N PRO AA 395 21.79 -12.79 9.26
CA PRO AA 395 21.42 -13.63 10.39
C PRO AA 395 20.59 -12.86 11.41
N GLU AA 396 19.64 -13.56 12.01
CA GLU AA 396 18.79 -12.99 13.04
C GLU AA 396 18.67 -13.96 14.20
N VAL AA 397 18.62 -13.44 15.41
CA VAL AA 397 18.35 -14.26 16.59
C VAL AA 397 16.85 -14.43 16.70
N PRO AA 398 16.34 -15.65 16.75
CA PRO AA 398 14.89 -15.85 16.72
C PRO AA 398 14.20 -15.25 17.93
N GLN AA 399 12.94 -14.88 17.73
CA GLN AA 399 12.15 -14.35 18.84
C GLN AA 399 12.03 -15.36 19.97
N ALA AA 400 11.92 -16.65 19.62
CA ALA AA 400 11.87 -17.68 20.66
C ALA AA 400 13.15 -17.71 21.48
N ASN AA 401 14.30 -17.62 20.80
CA ASN AA 401 15.57 -17.63 21.52
C ASN AA 401 15.70 -16.42 22.42
N ALA AA 402 15.38 -15.23 21.90
CA ALA AA 402 15.50 -14.01 22.70
C ALA AA 402 14.56 -14.05 23.90
N TYR AA 403 13.30 -14.40 23.66
CA TYR AA 403 12.31 -14.44 24.72
C TYR AA 403 12.70 -15.44 25.80
N MET AA 404 13.15 -16.63 25.40
CA MET AA 404 13.43 -17.64 26.39
C MET AA 404 14.73 -17.39 27.13
N LEU AA 405 15.71 -16.76 26.48
CA LEU AA 405 16.90 -16.35 27.22
C LEU AA 405 16.55 -15.32 28.29
N GLU AA 406 15.75 -14.32 27.92
CA GLU AA 406 15.33 -13.33 28.90
C GLU AA 406 14.54 -13.97 30.03
N ALA AA 407 13.61 -14.86 29.70
CA ALA AA 407 12.76 -15.47 30.72
C ALA AA 407 13.56 -16.40 31.63
N ALA AA 408 14.49 -17.18 31.08
CA ALA AA 408 15.30 -18.06 31.91
C ALA AA 408 16.17 -17.26 32.87
N THR AA 409 16.81 -16.19 32.38
CA THR AA 409 17.60 -15.35 33.26
C THR AA 409 16.74 -14.74 34.34
N SER AA 410 15.55 -14.26 33.99
CA SER AA 410 14.65 -13.70 34.99
C SER AA 410 14.25 -14.73 36.04
N ALA AA 411 14.01 -15.97 35.61
CA ALA AA 411 13.64 -17.01 36.56
C ALA AA 411 14.78 -17.31 37.52
N VAL AA 412 16.02 -17.34 37.02
CA VAL AA 412 17.16 -17.56 37.91
C VAL AA 412 17.29 -16.40 38.90
N LYS AA 413 17.17 -15.17 38.42
CA LYS AA 413 17.27 -14.03 39.32
C LYS AA 413 16.17 -14.04 40.37
N GLU AA 414 14.98 -14.48 40.01
CA GLU AA 414 13.89 -14.56 40.97
C GLU AA 414 14.16 -15.63 42.02
N VAL AA 415 14.57 -16.82 41.59
CA VAL AA 415 14.65 -17.94 42.52
C VAL AA 415 15.96 -17.99 43.30
N ALA AA 416 16.98 -17.26 42.89
CA ALA AA 416 18.24 -17.27 43.63
C ALA AA 416 18.27 -16.18 44.70
N THR AA 417 17.22 -16.14 45.52
CA THR AA 417 17.11 -15.19 46.62
C THR AA 417 16.91 -16.00 47.90
N LEU AA 418 17.99 -16.20 48.65
CA LEU AA 418 17.91 -16.82 49.96
C LEU AA 418 17.20 -15.86 50.91
N GLY AA 419 15.97 -16.19 51.30
CA GLY AA 419 15.24 -15.33 52.19
C GLY AA 419 14.85 -14.01 51.52
N VAL AA 420 14.64 -12.99 52.33
CA VAL AA 420 14.26 -11.69 51.82
C VAL AA 420 15.49 -10.90 51.39
N GLU AA 445 19.34 -12.01 52.46
CA GLU AA 445 19.65 -12.15 53.88
C GLU AA 445 19.78 -13.61 54.25
N THR AA 446 20.76 -13.91 55.07
CA THR AA 446 21.10 -15.28 55.45
C THR AA 446 20.76 -15.56 56.91
N TYR AA 447 19.61 -15.05 57.38
CA TYR AA 447 19.28 -15.22 58.78
C TYR AA 447 19.05 -16.68 59.13
N VAL AA 448 18.33 -17.41 58.29
CA VAL AA 448 18.05 -18.81 58.60
C VAL AA 448 19.33 -19.64 58.51
N PHE AA 449 20.19 -19.33 57.55
CA PHE AA 449 21.46 -20.06 57.45
C PHE AA 449 22.36 -19.76 58.63
N GLN AA 450 22.37 -18.52 59.11
CA GLN AA 450 23.13 -18.21 60.31
C GLN AA 450 22.52 -18.87 61.55
N ASP AA 451 21.20 -19.03 61.60
CA ASP AA 451 20.60 -19.78 62.70
C ASP AA 451 21.01 -21.25 62.66
N ASN AA 452 21.05 -21.85 61.47
CA ASN AA 452 21.50 -23.23 61.35
C ASN AA 452 22.97 -23.35 61.73
N LEU AA 453 23.78 -22.38 61.36
CA LEU AA 453 25.17 -22.37 61.79
C LEU AA 453 25.27 -22.21 63.30
N ALA AA 454 24.36 -21.45 63.90
CA ALA AA 454 24.35 -21.32 65.35
C ALA AA 454 23.99 -22.65 66.01
N THR AA 455 23.05 -23.39 65.43
CA THR AA 455 22.73 -24.72 65.93
C THR AA 455 23.95 -25.64 65.86
N ALA AA 456 24.67 -25.59 64.75
CA ALA AA 456 25.88 -26.38 64.62
C ALA AA 456 26.93 -25.98 65.65
N MET AA 457 27.09 -24.67 65.89
CA MET AA 457 28.07 -24.23 66.87
C MET AA 457 27.67 -24.61 68.28
N ARG AA 458 26.38 -24.61 68.60
CA ARG AA 458 25.95 -25.06 69.91
C ARG AA 458 26.24 -26.54 70.10
N ARG AA 459 26.01 -27.35 69.07
CA ARG AA 459 26.40 -28.76 69.15
C ARG AA 459 27.90 -28.89 69.33
N ASP AA 460 28.67 -28.06 68.63
CA ASP AA 460 30.12 -28.05 68.79
C ASP AA 460 30.52 -27.76 70.23
N GLY AA 461 29.90 -26.76 70.84
CA GLY AA 461 30.20 -26.44 72.22
C GLY AA 461 29.86 -27.57 73.17
N GLU AA 462 28.74 -28.25 72.92
CA GLU AA 462 28.38 -29.42 73.73
C GLU AA 462 29.44 -30.50 73.64
N ILE AA 463 29.82 -30.88 72.43
CA ILE AA 463 30.82 -31.93 72.24
C ILE AA 463 32.14 -31.52 72.87
N TYR AA 464 32.52 -30.26 72.70
CA TYR AA 464 33.77 -29.77 73.25
C TYR AA 464 33.77 -29.84 74.77
N GLN AA 465 32.66 -29.47 75.41
CA GLN AA 465 32.61 -29.54 76.86
C GLN AA 465 32.73 -30.97 77.35
N SER AA 466 32.06 -31.90 76.67
CA SER AA 466 32.19 -33.31 77.08
C SER AA 466 33.63 -33.79 76.94
N ILE AA 467 34.28 -33.46 75.82
CA ILE AA 467 35.65 -33.90 75.61
C ILE AA 467 36.58 -33.28 76.64
N VAL AA 468 36.35 -32.01 76.97
CA VAL AA 468 37.17 -31.32 77.95
C VAL AA 468 37.05 -31.99 79.31
N ASN AA 469 35.83 -32.30 79.73
CA ASN AA 469 35.66 -33.02 80.99
C ASN AA 469 36.24 -34.41 80.92
N ASP AA 470 36.45 -34.94 79.72
CA ASP AA 470 37.07 -36.26 79.61
C ASP AA 470 38.59 -36.21 79.72
N ILE AA 471 39.24 -35.22 79.13
CA ILE AA 471 40.71 -35.29 79.01
C ILE AA 471 41.44 -34.14 79.70
N TYR AA 472 40.82 -32.97 79.81
CA TYR AA 472 41.56 -31.83 80.34
C TYR AA 472 41.57 -31.85 81.86
N ASP AA 473 42.15 -30.82 82.44
CA ASP AA 473 42.24 -30.67 83.89
C ASP AA 473 41.35 -29.48 84.23
N VAL AA 474 40.12 -29.75 84.62
CA VAL AA 474 39.14 -28.72 84.91
C VAL AA 474 39.17 -28.42 86.41
N PRO AA 475 39.54 -27.21 86.82
CA PRO AA 475 39.66 -26.93 88.25
C PRO AA 475 38.30 -26.80 88.92
N ARG AA 476 38.34 -26.83 90.25
CA ARG AA 476 37.21 -26.46 91.08
C ARG AA 476 37.58 -25.20 91.85
N ASN AA 477 36.70 -24.20 91.81
CA ASN AA 477 36.95 -22.91 92.44
C ASN AA 477 36.12 -22.81 93.72
N VAL AA 478 36.80 -22.54 94.83
CA VAL AA 478 36.16 -22.46 96.14
C VAL AA 478 36.09 -21.00 96.57
N THR AA 479 35.11 -20.70 97.44
CA THR AA 479 34.89 -19.34 97.92
C THR AA 479 35.58 -19.07 99.26
N ILE AA 480 36.37 -20.01 99.77
CA ILE AA 480 37.08 -19.83 101.02
C ILE AA 480 38.22 -18.83 100.84
N LEU AA 492 39.43 -19.47 94.92
CA LEU AA 492 40.72 -20.08 94.61
C LEU AA 492 40.52 -21.37 93.82
N MET AA 493 41.46 -21.65 92.91
CA MET AA 493 41.39 -22.82 92.05
C MET AA 493 42.16 -23.97 92.68
N ALA AA 494 41.54 -25.16 92.73
CA ALA AA 494 42.15 -26.34 93.33
C ALA AA 494 42.16 -27.46 92.29
N GLU AA 495 43.23 -27.52 91.50
CA GLU AA 495 43.40 -28.58 90.50
C GLU AA 495 43.94 -29.81 91.21
N VAL AA 496 43.03 -30.68 91.64
CA VAL AA 496 43.39 -31.88 92.39
C VAL AA 496 43.67 -33.00 91.39
N VAL AA 497 44.95 -33.36 91.25
CA VAL AA 497 45.38 -34.44 90.36
C VAL AA 497 46.45 -35.25 91.08
N ASP AA 498 46.71 -36.44 90.55
CA ASP AA 498 47.74 -37.31 91.10
C ASP AA 498 48.35 -38.13 89.97
N LEU AA 499 49.54 -38.66 90.22
CA LEU AA 499 50.29 -39.42 89.24
C LEU AA 499 50.42 -40.87 89.67
N ALA AA 500 50.34 -41.78 88.71
CA ALA AA 500 50.45 -43.20 88.97
C ALA AA 500 51.91 -43.61 89.08
N THR AA 501 52.13 -44.92 89.27
CA THR AA 501 53.50 -45.44 89.37
C THR AA 501 54.23 -45.41 88.04
N GLY AA 502 53.51 -45.26 86.93
CA GLY AA 502 54.14 -45.22 85.63
C GLY AA 502 54.45 -43.81 85.17
N GLU AA 503 54.50 -42.88 86.13
CA GLU AA 503 54.76 -41.45 85.92
C GLU AA 503 53.66 -40.75 85.16
N LYS AA 504 52.56 -41.43 84.83
CA LYS AA 504 51.45 -40.80 84.13
C LYS AA 504 50.49 -40.17 85.13
N GLN AA 505 50.04 -38.95 84.82
CA GLN AA 505 49.10 -38.23 85.66
C GLN AA 505 47.69 -38.51 85.18
N VAL AA 506 46.83 -38.94 86.10
CA VAL AA 506 45.44 -39.24 85.81
C VAL AA 506 44.59 -38.08 86.30
N LEU AA 507 43.85 -37.46 85.39
CA LEU AA 507 42.97 -36.35 85.74
C LEU AA 507 41.86 -36.80 86.66
N ASN AA 508 41.40 -35.88 87.51
CA ASN AA 508 40.32 -36.14 88.46
C ASN AA 508 39.29 -35.02 88.32
N ASP AA 509 38.15 -35.33 87.71
CA ASP AA 509 37.05 -34.37 87.60
C ASP AA 509 35.84 -34.89 88.37
N ILE AA 510 35.33 -34.06 89.27
CA ILE AA 510 34.15 -34.34 90.08
C ILE AA 510 32.93 -34.31 89.17
N ARG AA 511 31.79 -34.78 89.68
CA ARG AA 511 30.55 -34.78 88.91
C ARG AA 511 29.83 -33.43 88.94
N GLY AA 512 30.40 -32.41 89.56
CA GLY AA 512 29.90 -31.06 89.41
C GLY AA 512 30.56 -30.35 88.24
N ARG AA 513 30.56 -31.01 87.08
CA ARG AA 513 31.27 -30.52 85.91
C ARG AA 513 30.38 -29.72 84.97
N TYR AA 514 29.14 -30.13 84.79
CA TYR AA 514 28.19 -29.39 83.94
C TYR AA 514 27.63 -28.22 84.75
N GLU AA 515 28.36 -27.12 84.72
CA GLU AA 515 27.95 -25.90 85.42
C GLU AA 515 27.61 -24.76 84.47
N CYS AA 516 27.97 -24.87 83.20
CA CYS AA 516 27.68 -23.82 82.22
C CYS AA 516 27.00 -24.44 81.02
N TYR AA 517 26.02 -23.73 80.49
CA TYR AA 517 25.35 -24.12 79.26
C TYR AA 517 25.95 -23.36 78.09
N THR AA 518 25.53 -23.74 76.90
CA THR AA 518 26.14 -23.27 75.66
C THR AA 518 25.21 -22.30 74.96
N ASP AA 519 25.74 -21.14 74.60
CA ASP AA 519 25.05 -20.13 73.82
C ASP AA 519 25.95 -19.77 72.65
N VAL AA 520 25.57 -18.75 71.89
CA VAL AA 520 26.28 -18.33 70.70
C VAL AA 520 26.49 -16.83 70.77
N GLY AA 521 27.71 -16.39 70.48
CA GLY AA 521 28.05 -14.99 70.50
C GLY AA 521 29.05 -14.63 69.43
N PRO AA 522 29.60 -13.41 69.50
CA PRO AA 522 30.64 -13.03 68.54
C PRO AA 522 31.91 -13.84 68.75
N SER AA 523 32.68 -13.97 67.68
CA SER AA 523 33.90 -14.77 67.69
C SER AA 523 35.08 -13.88 68.06
N PHE AA 524 35.70 -14.17 69.20
CA PHE AA 524 36.87 -13.45 69.67
C PHE AA 524 38.05 -14.42 69.73
N GLN AA 525 39.25 -13.85 69.77
CA GLN AA 525 40.46 -14.66 69.79
C GLN AA 525 40.98 -14.94 71.19
N SER AA 526 40.53 -14.19 72.19
CA SER AA 526 41.00 -14.41 73.55
C SER AA 526 40.01 -13.77 74.54
N MET AA 527 40.12 -14.22 75.79
CA MET AA 527 39.27 -13.67 76.84
C MET AA 527 39.52 -12.19 77.06
N LYS AA 528 40.75 -11.73 76.80
CA LYS AA 528 41.00 -10.29 76.90
C LYS AA 528 40.22 -9.52 75.85
N GLN AA 529 40.16 -10.04 74.62
CA GLN AA 529 39.36 -9.40 73.58
C GLN AA 529 37.88 -9.43 73.93
N GLN AA 530 37.41 -10.55 74.50
CA GLN AA 530 36.02 -10.62 74.93
C GLN AA 530 35.72 -9.62 76.03
N ASN AA 531 36.65 -9.45 76.98
CA ASN AA 531 36.47 -8.49 78.05
C ASN AA 531 36.44 -7.06 77.51
N ARG AA 532 37.32 -6.75 76.56
CA ARG AA 532 37.31 -5.42 75.97
C ARG AA 532 36.01 -5.16 75.24
N ALA AA 533 35.50 -6.16 74.50
CA ALA AA 533 34.22 -5.98 73.82
C ALA AA 533 33.09 -5.77 74.81
N GLU AA 534 33.09 -6.52 75.92
CA GLU AA 534 32.05 -6.33 76.93
C GLU AA 534 32.13 -4.95 77.57
N ILE AA 535 33.34 -4.48 77.87
CA ILE AA 535 33.50 -3.15 78.44
C ILE AA 535 33.00 -2.09 77.47
N LEU AA 536 33.32 -2.23 76.19
CA LEU AA 536 32.86 -1.28 75.19
C LEU AA 536 31.35 -1.28 75.07
N GLU AA 537 30.74 -2.47 75.11
CA GLU AA 537 29.29 -2.58 75.06
C GLU AA 537 28.64 -1.89 76.24
N LEU AA 538 29.18 -2.08 77.45
CA LEU AA 538 28.63 -1.41 78.63
C LEU AA 538 28.80 0.10 78.54
N LEU AA 539 29.97 0.55 78.07
CA LEU AA 539 30.24 1.97 77.95
C LEU AA 539 29.27 2.63 76.98
N GLY AA 540 28.98 1.95 75.86
CA GLY AA 540 28.08 2.52 74.88
C GLY AA 540 26.68 2.78 75.38
N LYS AA 541 26.28 2.14 76.49
CA LYS AA 541 24.93 2.32 77.02
C LYS AA 541 24.89 3.07 78.34
N THR AA 542 25.97 3.10 79.11
CA THR AA 542 25.95 3.82 80.37
C THR AA 542 26.02 5.33 80.11
N PRO AA 543 25.10 6.12 80.67
CA PRO AA 543 25.19 7.58 80.52
C PRO AA 543 26.34 8.14 81.33
N GLN AA 544 26.75 9.36 80.96
CA GLN AA 544 27.97 9.95 81.50
C GLN AA 544 27.83 10.37 82.96
N GLY AA 545 27.77 9.40 83.86
CA GLY AA 545 27.85 9.61 85.28
C GLY AA 545 29.23 9.31 85.82
N THR AA 546 29.28 8.78 87.04
CA THR AA 546 30.52 8.23 87.58
C THR AA 546 30.83 6.83 87.05
N PRO AA 547 29.83 5.96 86.82
CA PRO AA 547 30.17 4.65 86.22
C PRO AA 547 30.82 4.76 84.86
N GLU AA 548 30.58 5.84 84.10
CA GLU AA 548 31.27 5.98 82.82
C GLU AA 548 32.76 6.18 83.04
N TYR AA 549 33.14 6.98 84.04
CA TYR AA 549 34.54 7.10 84.42
C TYR AA 549 35.10 5.76 84.86
N GLN AA 550 34.33 5.02 85.65
CA GLN AA 550 34.78 3.70 86.12
C GLN AA 550 35.06 2.77 84.96
N LEU AA 551 34.14 2.69 84.00
CA LEU AA 551 34.30 1.78 82.87
C LEU AA 551 35.39 2.25 81.93
N LEU AA 552 35.59 3.56 81.77
CA LEU AA 552 36.71 4.04 80.98
C LEU AA 552 38.05 3.62 81.60
N LEU AA 553 38.19 3.78 82.91
CA LEU AA 553 39.43 3.36 83.56
C LEU AA 553 39.61 1.85 83.45
N LEU AA 554 38.52 1.09 83.54
CA LEU AA 554 38.62 -0.35 83.35
C LEU AA 554 39.07 -0.70 81.94
N GLN AA 555 38.57 0.02 80.94
CA GLN AA 555 38.98 -0.22 79.56
C GLN AA 555 40.46 0.04 79.39
N TYR AA 556 40.96 1.12 79.99
CA TYR AA 556 42.40 1.38 79.95
C TYR AA 556 43.17 0.27 80.64
N PHE AA 557 42.63 -0.27 81.74
CA PHE AA 557 43.29 -1.36 82.44
C PHE AA 557 43.41 -2.60 81.56
N THR AA 558 42.37 -2.93 80.81
CA THR AA 558 42.36 -4.16 80.03
C THR AA 558 43.10 -4.05 78.70
N LEU AA 559 43.93 -3.03 78.48
CA LEU AA 559 44.50 -2.79 77.16
C LEU AA 559 45.83 -3.50 76.98
N LEU AA 560 46.30 -3.52 75.73
CA LEU AA 560 47.57 -4.16 75.38
C LEU AA 560 48.73 -3.32 75.89
N ASP AA 561 49.95 -3.71 75.53
CA ASP AA 561 51.15 -3.09 76.10
C ASP AA 561 52.15 -2.72 75.01
N GLY AA 562 52.43 -1.43 74.93
CA GLY AA 562 53.62 -0.90 74.27
C GLY AA 562 54.39 -0.09 75.29
N LYS AA 563 54.45 1.22 75.08
CA LYS AA 563 54.93 2.16 76.10
C LYS AA 563 53.87 3.17 76.50
N GLY AA 564 53.22 3.81 75.53
CA GLY AA 564 52.20 4.79 75.86
C GLY AA 564 50.96 4.15 76.47
N VAL AA 565 50.47 3.07 75.85
CA VAL AA 565 49.32 2.39 76.43
C VAL AA 565 49.70 1.76 77.76
N GLU AA 566 50.98 1.42 77.94
CA GLU AA 566 51.46 0.98 79.25
C GLU AA 566 51.33 2.09 80.29
N MET AA 567 51.72 3.31 79.92
CA MET AA 567 51.58 4.43 80.84
C MET AA 567 50.12 4.67 81.20
N MET AA 568 49.24 4.64 80.20
CA MET AA 568 47.82 4.86 80.46
C MET AA 568 47.22 3.75 81.31
N ARG AA 569 47.66 2.51 81.11
CA ARG AA 569 47.14 1.42 81.92
C ARG AA 569 47.66 1.48 83.36
N ASP AA 570 48.92 1.90 83.54
CA ASP AA 570 49.42 2.10 84.89
C ASP AA 570 48.64 3.19 85.62
N TYR AA 571 48.37 4.31 84.91
CA TYR AA 571 47.57 5.37 85.50
C TYR AA 571 46.17 4.88 85.85
N ALA AA 572 45.58 4.07 84.98
CA ALA AA 572 44.25 3.51 85.25
C ALA AA 572 44.25 2.59 86.46
N ASN AA 573 45.27 1.73 86.57
CA ASN AA 573 45.36 0.87 87.74
C ASN AA 573 45.49 1.69 89.01
N LYS AA 574 46.33 2.72 88.99
CA LYS AA 574 46.50 3.55 90.17
C LYS AA 574 45.20 4.22 90.57
N GLN AA 575 44.48 4.77 89.58
CA GLN AA 575 43.23 5.45 89.89
C GLN AA 575 42.18 4.48 90.42
N LEU AA 576 42.07 3.31 89.80
CA LEU AA 576 41.10 2.32 90.27
C LEU AA 576 41.42 1.86 91.68
N ILE AA 577 42.70 1.61 91.98
CA ILE AA 577 43.08 1.19 93.32
C ILE AA 577 42.75 2.27 94.33
N GLN AA 578 43.12 3.52 94.02
CA GLN AA 578 42.91 4.61 94.97
C GLN AA 578 41.42 4.86 95.21
N MET AA 579 40.60 4.74 94.17
CA MET AA 579 39.17 4.97 94.31
C MET AA 579 38.44 3.84 95.01
N GLY AA 580 39.17 2.88 95.57
CA GLY AA 580 38.55 1.80 96.31
C GLY AA 580 37.66 0.90 95.49
N VAL AA 581 38.08 0.55 94.28
CA VAL AA 581 37.31 -0.32 93.41
C VAL AA 581 38.02 -1.65 93.15
N LYS AA 582 39.35 -1.61 93.03
CA LYS AA 582 40.16 -2.81 92.91
C LYS AA 582 40.81 -3.14 94.24
N LYS AA 583 41.07 -4.43 94.45
CA LYS AA 583 41.68 -4.89 95.69
C LYS AA 583 43.18 -5.09 95.52
N MET BA 1 42.88 -16.89 -37.98
CA MET BA 1 41.61 -16.64 -38.66
C MET BA 1 41.80 -16.64 -40.16
N GLN BA 2 40.85 -17.22 -40.89
CA GLN BA 2 40.91 -17.14 -42.34
C GLN BA 2 40.26 -15.87 -42.88
N ILE BA 3 39.57 -15.13 -42.02
CA ILE BA 3 38.96 -13.85 -42.41
C ILE BA 3 39.98 -12.77 -42.11
N LYS BA 4 40.61 -12.22 -43.15
CA LYS BA 4 41.71 -11.30 -42.98
C LYS BA 4 41.61 -10.03 -43.80
N THR BA 5 40.55 -9.85 -44.59
CA THR BA 5 40.43 -8.68 -45.44
C THR BA 5 39.02 -8.13 -45.37
N LYS BA 6 38.87 -6.88 -45.82
CA LYS BA 6 37.55 -6.27 -45.89
C LYS BA 6 36.64 -7.07 -46.81
N GLY BA 7 37.17 -7.56 -47.93
CA GLY BA 7 36.38 -8.43 -48.78
C GLY BA 7 35.98 -9.71 -48.10
N ASP BA 8 36.86 -10.25 -47.24
CA ASP BA 8 36.50 -11.45 -46.48
C ASP BA 8 35.35 -11.17 -45.51
N LEU BA 9 35.39 -10.03 -44.83
CA LEU BA 9 34.28 -9.66 -43.96
C LEU BA 9 32.99 -9.52 -44.76
N VAL BA 10 33.07 -8.87 -45.93
CA VAL BA 10 31.89 -8.69 -46.76
C VAL BA 10 31.35 -10.03 -47.22
N ARG BA 11 32.23 -10.95 -47.60
CA ARG BA 11 31.78 -12.26 -48.04
C ARG BA 11 31.08 -13.00 -46.91
N ALA BA 12 31.62 -12.92 -45.70
CA ALA BA 12 30.97 -13.56 -44.56
C ALA BA 12 29.60 -12.93 -44.29
N ALA BA 13 29.50 -11.62 -44.40
CA ALA BA 13 28.21 -10.96 -44.19
C ALA BA 13 27.18 -11.39 -45.23
N LEU BA 14 27.58 -11.42 -46.50
CA LEU BA 14 26.66 -11.82 -47.56
C LEU BA 14 26.25 -13.27 -47.40
N ARG BA 15 27.19 -14.13 -47.01
CA ARG BA 15 26.86 -15.53 -46.76
C ARG BA 15 25.87 -15.67 -45.61
N LYS BA 16 26.06 -14.90 -44.53
CA LYS BA 16 25.10 -14.91 -43.44
C LYS BA 16 23.72 -14.50 -43.93
N LEU BA 17 23.65 -13.43 -44.72
CA LEU BA 17 22.37 -12.95 -45.20
C LEU BA 17 21.67 -13.98 -46.08
N GLY BA 18 22.41 -14.61 -46.98
CA GLY BA 18 21.80 -15.50 -47.95
C GLY BA 18 21.81 -14.87 -49.33
N VAL BA 19 22.90 -14.18 -49.63
CA VAL BA 19 23.05 -13.48 -50.91
C VAL BA 19 24.21 -14.04 -51.73
N ALA BA 20 25.12 -14.78 -51.12
CA ALA BA 20 26.33 -15.25 -51.77
C ALA BA 20 26.66 -16.63 -51.22
N SER BA 21 27.91 -17.05 -51.36
CA SER BA 21 28.44 -18.29 -50.81
C SER BA 21 28.00 -19.50 -51.61
N ASP BA 22 28.27 -20.69 -51.08
CA ASP BA 22 28.01 -21.93 -51.81
C ASP BA 22 26.86 -22.75 -51.22
N ALA BA 23 26.35 -22.37 -50.04
CA ALA BA 23 25.12 -23.00 -49.56
C ALA BA 23 23.98 -22.78 -50.54
N THR BA 24 23.99 -21.65 -51.22
CA THR BA 24 23.24 -21.42 -52.45
C THR BA 24 24.23 -21.25 -53.58
N LEU BA 25 23.79 -21.49 -54.81
CA LEU BA 25 24.71 -21.38 -55.92
C LEU BA 25 25.11 -19.94 -56.22
N THR BA 26 24.47 -18.96 -55.60
CA THR BA 26 24.70 -17.56 -55.93
C THR BA 26 26.15 -17.16 -55.64
N ASP BA 27 26.67 -16.25 -56.46
CA ASP BA 27 28.04 -15.77 -56.33
C ASP BA 27 28.05 -14.28 -56.03
N VAL BA 28 29.19 -13.80 -55.56
CA VAL BA 28 29.30 -12.41 -55.14
C VAL BA 28 29.42 -11.52 -56.37
N GLU BA 29 28.62 -10.46 -56.41
CA GLU BA 29 28.71 -9.52 -57.52
C GLU BA 29 29.56 -8.32 -57.13
N PRO BA 30 30.37 -7.81 -58.05
CA PRO BA 30 31.29 -6.72 -57.69
C PRO BA 30 30.57 -5.45 -57.26
N GLN BA 31 29.44 -5.16 -57.88
CA GLN BA 31 28.66 -3.98 -57.51
C GLN BA 31 27.99 -4.15 -56.17
N SER BA 32 27.70 -5.37 -55.76
CA SER BA 32 27.17 -5.64 -54.43
C SER BA 32 28.27 -5.78 -53.38
N MET BA 33 29.51 -5.95 -53.79
CA MET BA 33 30.64 -5.98 -52.88
C MET BA 33 31.18 -4.59 -52.57
N GLN BA 34 31.27 -3.73 -53.60
CA GLN BA 34 31.75 -2.38 -53.36
C GLN BA 34 30.83 -1.61 -52.41
N ASP BA 35 29.52 -1.77 -52.60
CA ASP BA 35 28.56 -1.10 -51.72
C ASP BA 35 28.71 -1.57 -50.29
N ALA BA 36 28.92 -2.88 -50.10
CA ALA BA 36 29.09 -3.41 -48.75
C ALA BA 36 30.39 -2.93 -48.12
N VAL BA 37 31.44 -2.78 -48.92
CA VAL BA 37 32.70 -2.24 -48.38
C VAL BA 37 32.50 -0.79 -47.95
N ASP BA 38 31.77 -0.01 -48.75
CA ASP BA 38 31.43 1.36 -48.35
C ASP BA 38 30.67 1.37 -47.03
N ASP BA 39 29.67 0.49 -46.90
CA ASP BA 39 28.87 0.45 -45.68
C ASP BA 39 29.71 0.02 -44.48
N LEU BA 40 30.62 -0.94 -44.67
CA LEU BA 40 31.48 -1.35 -43.57
C LEU BA 40 32.38 -0.21 -43.13
N GLU BA 41 32.96 0.53 -44.08
CA GLU BA 41 33.82 1.64 -43.70
C GLU BA 41 33.03 2.70 -42.94
N ALA BA 42 31.83 3.01 -43.41
CA ALA BA 42 31.02 4.00 -42.70
C ALA BA 42 30.66 3.51 -41.30
N MET BA 43 30.30 2.23 -41.16
CA MET BA 43 29.91 1.71 -39.86
C MET BA 43 31.06 1.74 -38.87
N MET BA 44 32.26 1.35 -39.30
CA MET BA 44 33.38 1.35 -38.36
C MET BA 44 33.87 2.76 -38.07
N ALA BA 45 33.79 3.68 -39.04
CA ALA BA 45 34.14 5.06 -38.76
C ALA BA 45 33.14 5.71 -37.81
N GLU BA 46 31.89 5.26 -37.83
CA GLU BA 46 30.91 5.76 -36.87
C GLU BA 46 31.13 5.15 -35.49
N TRP BA 47 31.44 3.86 -35.42
CA TRP BA 47 31.73 3.24 -34.13
C TRP BA 47 32.95 3.85 -33.47
N TYR BA 48 34.02 4.04 -34.23
CA TYR BA 48 35.25 4.67 -33.75
C TYR BA 48 35.08 6.17 -33.86
N GLN BA 49 34.42 6.75 -32.86
CA GLN BA 49 34.12 8.17 -32.90
C GLN BA 49 35.39 8.97 -32.66
N ASP BA 50 36.29 8.98 -33.64
CA ASP BA 50 37.57 9.70 -33.56
C ASP BA 50 38.39 9.24 -32.36
N GLY BA 51 38.23 8.00 -31.94
CA GLY BA 51 38.94 7.49 -30.81
C GLY BA 51 38.19 7.55 -29.50
N LYS BA 52 37.10 8.29 -29.43
CA LYS BA 52 36.29 8.38 -28.23
C LYS BA 52 35.17 7.34 -28.20
N GLY BA 53 35.13 6.44 -29.19
CA GLY BA 53 34.11 5.42 -29.23
C GLY BA 53 34.66 4.03 -29.02
N ILE BA 54 34.22 3.08 -29.83
CA ILE BA 54 34.63 1.69 -29.71
C ILE BA 54 35.98 1.51 -30.40
N ILE BA 55 36.94 0.95 -29.68
CA ILE BA 55 38.28 0.70 -30.20
C ILE BA 55 38.37 -0.76 -30.62
N THR BA 56 38.73 -1.00 -31.89
CA THR BA 56 38.80 -2.36 -32.41
C THR BA 56 40.04 -2.65 -33.23
N GLY BA 57 40.88 -1.68 -33.55
CA GLY BA 57 42.05 -1.93 -34.36
C GLY BA 57 41.80 -1.88 -35.85
N TYR BA 58 40.58 -1.54 -36.27
CA TYR BA 58 40.30 -1.42 -37.69
C TYR BA 58 41.20 -0.37 -38.33
N VAL BA 59 41.67 -0.65 -39.54
CA VAL BA 59 42.55 0.24 -40.29
C VAL BA 59 41.74 0.85 -41.41
N PHE BA 60 41.65 2.18 -41.42
CA PHE BA 60 40.79 2.88 -42.37
C PHE BA 60 41.50 3.04 -43.70
N SER BA 61 40.76 2.83 -44.78
CA SER BA 61 41.32 2.94 -46.12
C SER BA 61 41.70 4.38 -46.43
N ASP BA 62 42.75 4.52 -47.23
CA ASP BA 62 43.23 5.81 -47.70
C ASP BA 62 42.81 6.05 -49.14
N ASP BA 63 42.62 7.31 -49.50
CA ASP BA 63 42.19 7.65 -50.85
C ASP BA 63 43.19 7.23 -51.91
N GLU BA 64 44.46 7.04 -51.54
CA GLU BA 64 45.48 6.67 -52.51
C GLU BA 64 45.28 5.26 -53.01
N ASN BA 65 44.98 4.32 -52.12
CA ASN BA 65 44.85 2.92 -52.53
C ASN BA 65 43.60 2.73 -53.37
N PRO BA 66 43.70 2.18 -54.57
CA PRO BA 66 42.54 2.16 -55.48
C PRO BA 66 41.40 1.31 -54.95
N PRO BA 67 41.60 -0.03 -54.72
CA PRO BA 67 40.51 -0.80 -54.12
C PRO BA 67 40.58 -0.82 -52.59
N ALA BA 68 39.55 -0.28 -51.92
CA ALA BA 68 39.47 -0.48 -50.48
C ALA BA 68 39.36 -1.96 -50.16
N GLU BA 69 38.59 -2.70 -50.95
CA GLU BA 69 38.68 -4.15 -50.95
C GLU BA 69 40.10 -4.60 -51.24
N GLY BA 70 40.51 -5.65 -50.54
CA GLY BA 70 41.83 -6.22 -50.67
C GLY BA 70 42.77 -5.87 -49.54
N ASP BA 71 42.44 -4.86 -48.74
CA ASP BA 71 43.26 -4.47 -47.62
C ASP BA 71 42.93 -5.32 -46.41
N ASP BA 72 43.92 -5.50 -45.54
CA ASP BA 72 43.66 -6.12 -44.25
C ASP BA 72 42.80 -5.18 -43.42
N HIS BA 73 41.84 -5.76 -42.70
CA HIS BA 73 40.99 -4.92 -41.85
C HIS BA 73 41.73 -4.47 -40.60
N GLY BA 74 42.68 -5.26 -40.12
CA GLY BA 74 43.45 -4.90 -38.95
C GLY BA 74 42.82 -5.26 -37.62
N LEU BA 75 41.67 -5.93 -37.62
CA LEU BA 75 41.00 -6.29 -36.39
C LEU BA 75 41.77 -7.40 -35.67
N ARG BA 76 41.42 -7.60 -34.40
CA ARG BA 76 41.90 -8.78 -33.68
C ARG BA 76 41.04 -9.97 -34.03
N SER BA 77 41.39 -11.14 -33.48
CA SER BA 77 40.64 -12.34 -33.81
C SER BA 77 39.25 -12.32 -33.19
N SER BA 78 39.06 -11.60 -32.10
CA SER BA 78 37.82 -11.62 -31.35
C SER BA 78 36.85 -10.52 -31.77
N ALA BA 79 37.17 -9.76 -32.81
CA ALA BA 79 36.27 -8.72 -33.31
C ALA BA 79 35.58 -9.10 -34.60
N VAL BA 80 36.05 -10.15 -35.29
CA VAL BA 80 35.60 -10.43 -36.64
C VAL BA 80 34.11 -10.77 -36.65
N SER BA 81 33.67 -11.60 -35.70
CA SER BA 81 32.29 -12.06 -35.70
C SER BA 81 31.34 -10.91 -35.45
N ALA BA 82 31.64 -10.07 -34.45
CA ALA BA 82 30.81 -8.90 -34.19
C ALA BA 82 30.76 -7.99 -35.40
N VAL BA 83 31.92 -7.73 -36.01
CA VAL BA 83 31.98 -6.76 -37.10
C VAL BA 83 31.15 -7.25 -38.28
N PHE BA 84 31.32 -8.52 -38.67
CA PHE BA 84 30.60 -8.91 -39.89
C PHE BA 84 29.14 -9.26 -39.62
N HIS BA 85 28.77 -9.61 -38.38
CA HIS BA 85 27.34 -9.74 -38.09
C HIS BA 85 26.65 -8.39 -38.15
N ASN BA 86 27.27 -7.36 -37.56
CA ASN BA 86 26.69 -6.03 -37.66
C ASN BA 86 26.70 -5.53 -39.09
N LEU BA 87 27.70 -5.90 -39.88
CA LEU BA 87 27.70 -5.54 -41.28
C LEU BA 87 26.55 -6.20 -42.03
N ALA BA 88 26.28 -7.47 -41.77
CA ALA BA 88 25.15 -8.14 -42.38
C ALA BA 88 23.85 -7.43 -42.03
N CYS BA 89 23.68 -7.09 -40.76
CA CYS BA 89 22.49 -6.35 -40.36
C CYS BA 89 22.39 -5.02 -41.08
N ARG BA 90 23.50 -4.29 -41.18
CA ARG BA 90 23.48 -2.97 -41.79
C ARG BA 90 23.14 -3.04 -43.27
N ILE BA 91 23.69 -4.03 -43.99
CA ILE BA 91 23.53 -4.09 -45.44
C ILE BA 91 22.32 -4.90 -45.87
N ALA BA 92 21.61 -5.54 -44.94
CA ALA BA 92 20.39 -6.24 -45.32
C ALA BA 92 19.35 -5.38 -46.04
N PRO BA 93 19.06 -4.14 -45.64
CA PRO BA 93 17.99 -3.39 -46.31
C PRO BA 93 18.22 -3.13 -47.78
N ASP BA 94 19.46 -3.21 -48.27
CA ASP BA 94 19.72 -2.95 -49.69
C ASP BA 94 18.97 -3.94 -50.57
N TYR BA 95 18.97 -5.21 -50.19
CA TYR BA 95 18.28 -6.24 -50.94
C TYR BA 95 16.85 -6.45 -50.44
N ALA BA 96 16.27 -5.43 -49.80
CA ALA BA 96 14.93 -5.51 -49.23
C ALA BA 96 14.77 -6.72 -48.32
N LEU BA 97 15.88 -7.21 -47.80
CA LEU BA 97 15.89 -8.35 -46.92
C LEU BA 97 15.69 -7.89 -45.49
N GLU BA 98 15.91 -8.80 -44.54
CA GLU BA 98 15.80 -8.49 -43.13
C GLU BA 98 16.65 -9.52 -42.40
N ALA BA 99 17.64 -9.04 -41.65
CA ALA BA 99 18.50 -9.96 -40.91
C ALA BA 99 17.68 -10.77 -39.93
N THR BA 100 17.94 -12.07 -39.88
CA THR BA 100 17.18 -12.95 -39.01
C THR BA 100 17.46 -12.65 -37.54
N ALA BA 101 16.58 -13.16 -36.68
CA ALA BA 101 16.67 -12.87 -35.26
C ALA BA 101 17.99 -13.37 -34.68
N LYS BA 102 18.47 -14.51 -35.15
CA LYS BA 102 19.74 -15.03 -34.68
C LYS BA 102 20.88 -14.08 -35.02
N ILE BA 103 20.87 -13.53 -36.23
CA ILE BA 103 21.92 -12.60 -36.63
C ILE BA 103 21.84 -11.32 -35.80
N ILE BA 104 20.63 -10.82 -35.54
CA ILE BA 104 20.50 -9.62 -34.73
C ILE BA 104 21.03 -9.86 -33.31
N ALA BA 105 20.66 -11.00 -32.73
CA ALA BA 105 21.12 -11.31 -31.37
C ALA BA 105 22.63 -11.45 -31.32
N THR BA 106 23.23 -12.13 -32.29
CA THR BA 106 24.68 -12.28 -32.33
C THR BA 106 25.37 -10.94 -32.52
N ALA BA 107 24.76 -10.05 -33.32
CA ALA BA 107 25.34 -8.72 -33.51
C ALA BA 107 25.35 -7.93 -32.22
N LYS BA 108 24.24 -7.96 -31.48
CA LYS BA 108 24.19 -7.27 -30.19
C LYS BA 108 25.25 -7.83 -29.24
N TYR BA 109 25.30 -9.15 -29.11
CA TYR BA 109 26.28 -9.76 -28.22
C TYR BA 109 27.69 -9.38 -28.61
N GLY BA 110 27.99 -9.41 -29.91
CA GLY BA 110 29.33 -9.09 -30.35
C GLY BA 110 29.73 -7.65 -30.10
N LYS BA 111 28.80 -6.71 -30.34
CA LYS BA 111 29.12 -5.31 -30.07
C LYS BA 111 29.38 -5.07 -28.59
N GLU BA 112 28.55 -5.67 -27.72
CA GLU BA 112 28.78 -5.52 -26.29
C GLU BA 112 30.13 -6.09 -25.89
N LEU BA 113 30.46 -7.28 -26.39
CA LEU BA 113 31.76 -7.87 -26.09
C LEU BA 113 32.90 -7.02 -26.61
N LEU BA 114 32.70 -6.37 -27.76
CA LEU BA 114 33.72 -5.51 -28.32
C LEU BA 114 34.02 -4.34 -27.40
N TYR BA 115 32.98 -3.77 -26.80
CA TYR BA 115 33.21 -2.62 -25.93
C TYR BA 115 33.52 -3.00 -24.49
N LYS BA 116 33.43 -4.27 -24.10
CA LYS BA 116 33.57 -4.62 -22.69
C LYS BA 116 34.91 -4.18 -22.11
N GLN BA 117 36.02 -4.52 -22.76
CA GLN BA 117 37.32 -4.23 -22.18
C GLN BA 117 37.61 -2.73 -22.18
N THR BA 118 37.16 -2.03 -23.21
CA THR BA 118 37.28 -0.58 -23.23
C THR BA 118 36.50 0.06 -22.10
N ALA BA 119 35.31 -0.48 -21.80
CA ALA BA 119 34.52 0.04 -20.69
C ALA BA 119 35.21 -0.21 -19.37
N ILE BA 120 35.80 -1.39 -19.20
CA ILE BA 120 36.53 -1.67 -17.97
C ILE BA 120 37.70 -0.69 -17.82
N SER BA 121 38.41 -0.42 -18.92
CA SER BA 121 39.55 0.49 -18.85
C SER BA 121 39.12 1.92 -18.58
N ARG BA 122 37.98 2.34 -19.13
CA ARG BA 122 37.50 3.70 -18.94
C ARG BA 122 36.79 3.91 -17.61
N ALA BA 123 36.44 2.84 -16.91
CA ALA BA 123 35.89 2.98 -15.57
C ALA BA 123 36.99 3.34 -14.59
N LYS BA 124 37.26 4.62 -14.43
CA LYS BA 124 38.34 5.12 -13.59
C LYS BA 124 37.79 6.08 -12.54
N ARG BA 125 38.50 6.20 -11.44
CA ARG BA 125 38.08 7.03 -10.33
C ARG BA 125 38.86 8.34 -10.31
N ALA BA 126 38.17 9.43 -9.98
CA ALA BA 126 38.77 10.74 -9.98
C ALA BA 126 39.71 10.91 -8.77
N PRO BA 127 40.67 11.82 -8.86
CA PRO BA 127 41.53 12.09 -7.70
C PRO BA 127 40.78 12.77 -6.57
N TYR BA 128 41.44 12.93 -5.44
CA TYR BA 128 40.79 13.54 -4.26
C TYR BA 128 40.49 15.02 -4.56
N PRO BA 129 39.38 15.59 -4.07
CA PRO BA 129 39.06 16.99 -4.29
C PRO BA 129 40.17 17.89 -3.78
N SER BA 130 40.32 19.05 -4.42
CA SER BA 130 41.39 19.96 -4.04
C SER BA 130 41.21 20.48 -2.62
N ARG BA 131 39.98 20.51 -2.12
CA ARG BA 131 39.69 20.94 -0.75
C ARG BA 131 39.63 19.75 0.19
N MET BA 132 40.62 18.88 0.20
CA MET BA 132 40.59 17.69 1.04
C MET BA 132 41.90 17.54 1.77
N PRO BA 133 41.90 17.46 3.10
CA PRO BA 133 43.15 17.32 3.84
C PRO BA 133 43.80 15.97 3.60
N THR BA 134 45.12 15.94 3.71
CA THR BA 134 45.84 14.68 3.62
C THR BA 134 45.84 13.91 4.93
N GLY BA 135 45.44 14.53 6.03
CA GLY BA 135 45.42 13.86 7.30
C GLY BA 135 46.78 13.85 7.97
N SER BA 136 46.75 13.70 9.30
CA SER BA 136 47.98 13.66 10.07
C SER BA 136 48.58 12.27 10.15
N GLY BA 137 47.92 11.26 9.60
CA GLY BA 137 48.54 9.95 9.51
C GLY BA 137 49.55 9.86 8.39
N ASN BA 138 49.38 10.66 7.35
CA ASN BA 138 50.30 10.67 6.21
C ASN BA 138 51.55 11.45 6.62
N SER BA 139 52.55 10.71 7.09
CA SER BA 139 53.72 11.32 7.71
C SER BA 139 54.49 12.18 6.72
N PHE BA 140 54.67 11.70 5.49
CA PHE BA 140 55.40 12.49 4.49
C PHE BA 140 54.66 13.79 4.19
N ALA BA 141 53.33 13.74 4.10
CA ALA BA 141 52.57 14.95 3.85
C ALA BA 141 52.73 15.94 4.99
N ASN BA 142 52.66 15.46 6.23
CA ASN BA 142 52.92 16.34 7.37
C ASN BA 142 54.35 16.86 7.38
N LEU BA 143 55.29 16.15 6.76
CA LEU BA 143 56.67 16.60 6.73
C LEU BA 143 56.87 17.74 5.74
N ASN BA 144 56.58 17.51 4.47
CA ASN BA 144 56.72 18.58 3.48
C ASN BA 144 55.46 19.44 3.36
N GLU BA 145 54.65 19.52 4.42
CA GLU BA 145 53.56 20.48 4.52
C GLU BA 145 52.54 20.29 3.40
N TRP BA 146 52.37 19.05 2.98
CA TRP BA 146 51.35 18.69 1.99
C TRP BA 146 50.05 18.41 2.71
N HIS BA 147 49.50 19.48 3.30
CA HIS BA 147 48.29 19.34 4.11
C HIS BA 147 47.05 19.02 3.30
N TYR BA 148 46.99 19.44 2.03
CA TYR BA 148 45.81 19.24 1.22
C TYR BA 148 46.19 18.56 -0.10
N PHE BA 149 45.27 17.73 -0.58
CA PHE BA 149 45.49 17.04 -1.83
C PHE BA 149 45.40 18.01 -3.01
N PRO BA 150 46.12 17.75 -4.09
CA PRO BA 150 46.18 18.72 -5.20
C PRO BA 150 44.83 18.97 -5.87
N GLY BA 151 44.14 17.92 -6.26
CA GLY BA 151 42.86 18.03 -6.93
C GLY BA 151 42.93 17.65 -8.39
N GLU BA 152 41.85 17.94 -9.10
CA GLU BA 152 41.72 17.67 -10.54
C GLU BA 152 42.05 16.22 -10.88
N GLU CA 5 63.60 -47.22 48.04
CA GLU CA 5 64.57 -46.93 49.09
C GLU CA 5 65.44 -45.74 48.70
N ASN CA 6 65.62 -45.54 47.40
CA ASN CA 6 66.48 -44.48 46.92
C ASN CA 6 65.89 -43.12 47.28
N ARG CA 7 66.74 -42.22 47.75
CA ARG CA 7 66.30 -40.90 48.16
C ARG CA 7 65.68 -40.15 46.98
N LEU CA 8 66.39 -40.13 45.85
CA LEU CA 8 65.89 -39.44 44.67
C LEU CA 8 64.61 -40.10 44.15
N GLU CA 9 64.54 -41.42 44.20
CA GLU CA 9 63.34 -42.11 43.72
C GLU CA 9 62.14 -41.74 44.57
N SER CA 10 62.29 -41.71 45.90
CA SER CA 10 61.17 -41.32 46.74
C SER CA 10 60.77 -39.88 46.51
N ILE CA 11 61.76 -38.98 46.39
CA ILE CA 11 61.46 -37.57 46.15
C ILE CA 11 60.69 -37.40 44.85
N LEU CA 12 61.17 -38.04 43.78
CA LEU CA 12 60.52 -37.89 42.49
C LEU CA 12 59.15 -38.55 42.47
N SER CA 13 58.97 -39.64 43.21
CA SER CA 13 57.65 -40.27 43.28
C SER CA 13 56.64 -39.33 43.92
N ARG CA 14 57.01 -38.73 45.06
CA ARG CA 14 56.11 -37.79 45.70
C ARG CA 14 55.83 -36.59 44.81
N PHE CA 15 56.88 -36.06 44.16
CA PHE CA 15 56.69 -34.89 43.32
C PHE CA 15 55.79 -35.18 42.14
N ASP CA 16 55.96 -36.34 41.50
CA ASP CA 16 55.13 -36.68 40.37
C ASP CA 16 53.69 -36.91 40.79
N ALA CA 17 53.48 -37.55 41.93
CA ALA CA 17 52.12 -37.72 42.44
C ALA CA 17 51.45 -36.36 42.63
N ASP CA 18 52.15 -35.43 43.28
CA ASP CA 18 51.57 -34.10 43.50
C ASP CA 18 51.30 -33.39 42.18
N TRP CA 19 52.24 -33.47 41.24
CA TRP CA 19 52.10 -32.77 39.97
C TRP CA 19 50.87 -33.26 39.21
N THR CA 20 50.77 -34.57 39.00
CA THR CA 20 49.63 -35.09 38.25
C THR CA 20 48.33 -34.91 39.02
N ALA CA 21 48.36 -34.95 40.35
CA ALA CA 21 47.14 -34.71 41.10
C ALA CA 21 46.61 -33.30 40.91
N SER CA 22 47.52 -32.31 40.85
CA SER CA 22 47.11 -30.92 40.73
C SER CA 22 47.14 -30.42 39.30
N ASP CA 23 47.28 -31.32 38.32
CA ASP CA 23 47.45 -30.90 36.93
C ASP CA 23 46.34 -29.96 36.46
N GLU CA 24 45.08 -30.30 36.73
CA GLU CA 24 43.98 -29.56 36.11
C GLU CA 24 43.87 -28.13 36.63
N ALA CA 25 43.96 -27.96 37.95
CA ALA CA 25 43.85 -26.63 38.53
C ALA CA 25 44.98 -25.74 38.06
N ARG CA 26 46.20 -26.28 37.99
CA ARG CA 26 47.33 -25.49 37.48
C ARG CA 26 47.14 -25.15 36.02
N ARG CA 27 46.59 -26.06 35.23
CA ARG CA 27 46.34 -25.77 33.83
C ARG CA 27 45.39 -24.60 33.68
N GLU CA 28 44.26 -24.64 34.39
CA GLU CA 28 43.29 -23.55 34.30
C GLU CA 28 43.87 -22.24 34.82
N ALA CA 29 44.65 -22.29 35.90
CA ALA CA 29 45.24 -21.08 36.44
C ALA CA 29 46.25 -20.47 35.47
N LYS CA 30 47.07 -21.30 34.83
CA LYS CA 30 48.00 -20.79 33.84
C LYS CA 30 47.28 -20.17 32.66
N ASN CA 31 46.17 -20.79 32.23
CA ASN CA 31 45.38 -20.18 31.17
C ASN CA 31 44.79 -18.85 31.61
N ASP CA 32 44.40 -18.73 32.88
CA ASP CA 32 43.91 -17.45 33.39
C ASP CA 32 45.01 -16.40 33.35
N LEU CA 33 46.21 -16.75 33.79
CA LEU CA 33 47.32 -15.80 33.77
C LEU CA 33 47.67 -15.37 32.36
N PHE CA 34 47.70 -16.32 31.42
CA PHE CA 34 47.98 -15.97 30.04
C PHE CA 34 46.88 -15.10 29.45
N PHE CA 35 45.62 -15.43 29.75
CA PHE CA 35 44.50 -14.67 29.23
C PHE CA 35 44.51 -13.24 29.76
N SER CA 36 44.82 -13.07 31.03
CA SER CA 36 44.78 -11.77 31.67
C SER CA 36 46.10 -11.02 31.59
N ARG CA 37 47.14 -11.56 30.96
CA ARG CA 37 48.43 -10.84 31.00
C ARG CA 37 49.06 -10.75 29.60
N VAL CA 38 48.86 -11.75 28.74
CA VAL CA 38 49.51 -11.75 27.43
C VAL CA 38 48.52 -11.48 26.30
N SER CA 39 47.54 -12.36 26.13
CA SER CA 39 46.56 -12.14 25.06
C SER CA 39 45.31 -12.98 25.33
N GLN CA 40 44.17 -12.42 24.96
CA GLN CA 40 42.88 -13.08 25.06
C GLN CA 40 42.60 -14.00 23.88
N TRP CA 41 43.41 -13.94 22.82
CA TRP CA 41 43.29 -14.88 21.72
C TRP CA 41 44.28 -16.01 21.91
N ASP CA 42 44.01 -16.82 22.94
CA ASP CA 42 44.93 -17.86 23.37
C ASP CA 42 44.72 -19.12 22.54
N ASP CA 43 45.11 -19.04 21.28
CA ASP CA 43 45.16 -20.21 20.42
C ASP CA 43 46.50 -20.24 19.69
N TRP CA 44 46.95 -21.46 19.40
CA TRP CA 44 48.27 -21.66 18.81
C TRP CA 44 48.22 -22.10 17.36
N LEU CA 45 47.05 -22.49 16.85
CA LEU CA 45 46.91 -22.82 15.45
C LEU CA 45 46.78 -21.60 14.56
N SER CA 46 46.65 -20.41 15.14
CA SER CA 46 46.50 -19.21 14.34
C SER CA 46 47.68 -19.01 13.42
N GLN CA 47 48.89 -19.35 13.87
CA GLN CA 47 50.08 -19.15 13.06
C GLN CA 47 50.27 -20.26 12.06
N TYR CA 48 49.21 -20.64 11.35
CA TYR CA 48 49.31 -21.68 10.34
C TYR CA 48 48.48 -21.42 9.09
N THR CA 49 47.41 -20.63 9.15
CA THR CA 49 46.47 -20.52 8.05
C THR CA 49 45.91 -19.11 8.00
N THR CA 50 46.08 -18.45 6.85
CA THR CA 50 45.55 -17.10 6.61
C THR CA 50 46.04 -16.16 7.71
N LEU CA 51 45.47 -14.96 7.79
CA LEU CA 51 45.61 -14.19 9.02
C LEU CA 51 44.26 -13.83 9.63
N GLN CA 52 43.39 -13.13 8.91
CA GLN CA 52 42.09 -12.70 9.39
C GLN CA 52 42.21 -11.74 10.58
N TYR CA 53 41.20 -10.89 10.79
CA TYR CA 53 41.27 -9.89 11.84
C TYR CA 53 40.97 -10.53 13.18
N ARG CA 54 41.82 -10.27 14.17
CA ARG CA 54 41.66 -10.77 15.52
C ARG CA 54 41.87 -9.60 16.47
N GLY CA 55 40.82 -8.87 16.76
CA GLY CA 55 40.90 -7.73 17.64
C GLY CA 55 40.61 -8.13 19.08
N GLN CA 56 41.16 -7.36 20.01
CA GLN CA 56 40.97 -7.59 21.44
C GLN CA 56 40.41 -6.32 22.06
N PHE CA 57 39.15 -6.39 22.48
CA PHE CA 57 38.44 -5.25 23.07
C PHE CA 57 38.17 -5.62 24.52
N ASP CA 58 39.14 -5.35 25.39
CA ASP CA 58 39.12 -5.88 26.74
C ASP CA 58 38.00 -5.25 27.56
N VAL CA 59 37.34 -6.08 28.37
CA VAL CA 59 36.30 -5.63 29.28
C VAL CA 59 36.45 -6.22 30.67
N VAL CA 60 37.42 -7.10 30.88
CA VAL CA 60 37.69 -7.67 32.20
C VAL CA 60 38.89 -7.03 32.88
N ARG CA 61 39.81 -6.44 32.12
CA ARG CA 61 40.94 -5.75 32.75
C ARG CA 61 40.52 -4.59 33.63
N PRO CA 62 39.57 -3.73 33.27
CA PRO CA 62 39.12 -2.71 34.23
C PRO CA 62 38.62 -3.29 35.54
N VAL CA 63 37.92 -4.43 35.50
CA VAL CA 63 37.47 -5.07 36.73
C VAL CA 63 38.65 -5.57 37.53
N VAL CA 64 39.65 -6.16 36.87
CA VAL CA 64 40.81 -6.67 37.59
C VAL CA 64 41.58 -5.52 38.24
N ARG CA 65 41.72 -4.40 37.53
CA ARG CA 65 42.41 -3.25 38.11
C ARG CA 65 41.63 -2.70 39.29
N LYS CA 66 40.30 -2.64 39.19
CA LYS CA 66 39.50 -2.17 40.31
C LYS CA 66 39.70 -3.06 41.53
N LEU CA 67 39.69 -4.38 41.34
CA LEU CA 67 39.85 -5.28 42.48
C LEU CA 67 41.25 -5.19 43.07
N VAL CA 68 42.26 -5.07 42.22
CA VAL CA 68 43.63 -4.93 42.71
C VAL CA 68 43.79 -3.66 43.52
N SER CA 69 43.24 -2.54 43.04
CA SER CA 69 43.36 -1.29 43.77
C SER CA 69 42.57 -1.34 45.07
N GLU CA 70 41.40 -1.98 45.06
CA GLU CA 70 40.63 -2.14 46.28
C GLU CA 70 41.40 -2.92 47.32
N MET CA 71 42.06 -4.00 46.92
CA MET CA 71 42.84 -4.78 47.88
C MET CA 71 44.14 -4.12 48.25
N ARG CA 72 44.61 -3.15 47.45
CA ARG CA 72 45.83 -2.42 47.77
C ARG CA 72 45.57 -1.26 48.71
N GLN CA 73 44.35 -0.70 48.70
CA GLN CA 73 44.04 0.42 49.57
C GLN CA 73 43.95 0.01 51.04
N ASN CA 74 43.76 -1.28 51.34
CA ASN CA 74 43.67 -1.77 52.70
C ASN CA 74 44.78 -2.78 52.96
N PRO CA 75 45.96 -2.32 53.34
CA PRO CA 75 47.05 -3.25 53.67
C PRO CA 75 46.75 -4.04 54.93
N ILE CA 76 47.31 -5.23 54.99
CA ILE CA 76 47.13 -6.16 56.11
C ILE CA 76 48.48 -6.74 56.48
N ASP CA 77 48.74 -6.86 57.78
CA ASP CA 77 49.98 -7.46 58.26
C ASP CA 77 49.70 -8.25 59.53
N VAL CA 78 50.74 -8.91 60.04
CA VAL CA 78 50.63 -9.67 61.28
C VAL CA 78 50.51 -8.73 62.47
N LEU CA 79 49.92 -9.23 63.55
CA LEU CA 79 49.82 -8.48 64.80
C LEU CA 79 49.89 -9.48 65.95
N TYR CA 80 50.99 -9.48 66.68
CA TYR CA 80 51.19 -10.47 67.73
C TYR CA 80 50.58 -9.96 69.03
N ARG CA 81 49.74 -10.80 69.63
CA ARG CA 81 49.05 -10.42 70.86
C ARG CA 81 49.36 -11.42 71.97
N PRO CA 82 49.60 -10.96 73.19
CA PRO CA 82 49.98 -11.88 74.26
C PRO CA 82 48.88 -12.88 74.56
N LYS CA 83 49.28 -14.09 74.95
CA LYS CA 83 48.31 -15.10 75.31
C LYS CA 83 47.66 -14.76 76.64
N ASP CA 84 46.53 -15.39 76.91
CA ASP CA 84 45.80 -15.13 78.14
C ASP CA 84 46.53 -15.77 79.32
N GLY CA 85 46.72 -14.99 80.38
CA GLY CA 85 47.53 -15.42 81.51
C GLY CA 85 48.99 -15.08 81.39
N ALA CA 86 49.44 -14.56 80.26
CA ALA CA 86 50.83 -14.17 80.07
C ALA CA 86 51.02 -12.72 80.50
N ARG CA 87 52.25 -12.24 80.36
CA ARG CA 87 52.53 -10.84 80.67
C ARG CA 87 51.79 -9.94 79.69
N PRO CA 88 51.39 -8.74 80.11
CA PRO CA 88 50.72 -7.84 79.18
C PRO CA 88 51.62 -7.37 78.05
N ASP CA 89 52.94 -7.42 78.22
CA ASP CA 89 53.89 -6.96 77.22
C ASP CA 89 54.69 -8.10 76.58
N ALA CA 90 54.16 -9.32 76.59
CA ALA CA 90 54.91 -10.49 76.13
C ALA CA 90 55.13 -10.52 74.63
N ALA CA 91 54.51 -9.64 73.86
CA ALA CA 91 54.59 -9.68 72.40
C ALA CA 91 55.34 -8.51 71.80
N ASP CA 92 55.87 -7.59 72.61
CA ASP CA 92 56.47 -6.38 72.07
C ASP CA 92 57.78 -6.66 71.35
N VAL CA 93 58.62 -7.54 71.91
CA VAL CA 93 59.91 -7.84 71.28
C VAL CA 93 59.70 -8.51 69.93
N LEU CA 94 58.83 -9.53 69.90
CA LEU CA 94 58.54 -10.22 68.65
C LEU CA 94 57.91 -9.28 67.63
N MET CA 95 56.99 -8.43 68.06
CA MET CA 95 56.36 -7.50 67.14
C MET CA 95 57.38 -6.52 66.56
N GLY CA 96 58.28 -6.01 67.40
CA GLY CA 96 59.30 -5.10 66.92
C GLY CA 96 60.26 -5.75 65.95
N MET CA 97 60.66 -6.99 66.23
CA MET CA 97 61.51 -7.71 65.28
C MET CA 97 60.81 -7.94 63.96
N TYR CA 98 59.53 -8.35 64.01
CA TYR CA 98 58.78 -8.59 62.78
C TYR CA 98 58.67 -7.32 61.95
N ARG CA 99 58.35 -6.20 62.59
CA ARG CA 99 58.25 -4.96 61.84
C ARG CA 99 59.60 -4.55 61.27
N THR CA 100 60.67 -4.72 62.05
CA THR CA 100 61.99 -4.30 61.59
C THR CA 100 62.38 -5.05 60.33
N ASP CA 101 62.17 -6.37 60.29
CA ASP CA 101 62.62 -7.08 59.10
C ASP CA 101 61.52 -7.24 58.05
N MET CA 102 60.32 -6.74 58.29
CA MET CA 102 59.29 -6.72 57.25
C MET CA 102 59.01 -5.31 56.73
N ARG CA 103 59.74 -4.31 57.19
CA ARG CA 103 59.55 -2.95 56.70
C ARG CA 103 60.22 -2.67 55.36
N HIS CA 104 60.71 -3.70 54.67
CA HIS CA 104 61.47 -3.48 53.44
C HIS CA 104 60.59 -3.65 52.20
N ASN CA 105 61.15 -3.29 51.06
CA ASN CA 105 60.40 -3.32 49.81
C ASN CA 105 60.14 -4.75 49.35
N THR CA 106 61.04 -5.68 49.66
CA THR CA 106 60.86 -7.05 49.22
C THR CA 106 59.61 -7.67 49.81
N ALA CA 107 59.33 -7.39 51.09
CA ALA CA 107 58.14 -7.96 51.72
C ALA CA 107 56.87 -7.44 51.09
N LYS CA 108 56.78 -6.11 50.93
CA LYS CA 108 55.59 -5.53 50.32
C LYS CA 108 55.40 -6.01 48.91
N ILE CA 109 56.48 -6.11 48.14
CA ILE CA 109 56.36 -6.54 46.75
C ILE CA 109 55.94 -8.00 46.69
N ALA CA 110 56.47 -8.84 47.58
CA ALA CA 110 56.06 -10.24 47.59
C ALA CA 110 54.58 -10.38 47.86
N VAL CA 111 54.08 -9.66 48.86
CA VAL CA 111 52.66 -9.72 49.16
C VAL CA 111 51.83 -9.19 48.01
N ASN CA 112 52.28 -8.11 47.37
CA ASN CA 112 51.53 -7.52 46.26
C ASN CA 112 51.45 -8.48 45.08
N ILE CA 113 52.57 -9.12 44.75
CA ILE CA 113 52.57 -10.09 43.65
C ILE CA 113 51.63 -11.24 43.97
N ALA CA 114 51.69 -11.76 45.19
CA ALA CA 114 50.80 -12.85 45.58
C ALA CA 114 49.35 -12.43 45.45
N VAL CA 115 49.03 -11.20 45.87
CA VAL CA 115 47.65 -10.73 45.84
C VAL CA 115 47.16 -10.59 44.41
N ARG CA 116 47.99 -10.01 43.54
CA ARG CA 116 47.58 -9.84 42.15
C ARG CA 116 47.37 -11.18 41.48
N GLU CA 117 48.26 -12.15 41.73
CA GLU CA 117 48.04 -13.48 41.18
C GLU CA 117 46.82 -14.16 41.77
N GLN CA 118 46.51 -13.89 43.05
CA GLN CA 118 45.31 -14.44 43.64
C GLN CA 118 44.05 -13.93 42.95
N ILE CA 119 44.00 -12.63 42.65
CA ILE CA 119 42.84 -12.08 41.95
C ILE CA 119 42.76 -12.63 40.53
N GLU CA 120 43.86 -12.60 39.78
CA GLU CA 120 43.78 -12.99 38.35
C GLU CA 120 43.66 -14.51 38.19
N ALA CA 121 44.67 -15.27 38.65
CA ALA CA 121 44.65 -16.71 38.38
C ALA CA 121 43.83 -17.47 39.42
N GLY CA 122 44.10 -17.23 40.70
CA GLY CA 122 43.37 -17.92 41.75
C GLY CA 122 44.23 -18.31 42.92
N VAL CA 123 45.53 -18.43 42.70
CA VAL CA 123 46.48 -18.79 43.75
C VAL CA 123 47.75 -17.99 43.56
N GLY CA 124 48.30 -17.48 44.67
CA GLY CA 124 49.63 -16.94 44.72
C GLY CA 124 50.38 -17.52 45.91
N ALA CA 125 51.62 -17.08 46.06
CA ALA CA 125 52.42 -17.54 47.18
C ALA CA 125 53.58 -16.60 47.39
N TRP CA 126 54.20 -16.72 48.57
CA TRP CA 126 55.49 -16.09 48.81
C TRP CA 126 56.27 -16.98 49.77
N ARG CA 127 57.52 -16.59 50.03
CA ARG CA 127 58.45 -17.43 50.77
C ARG CA 127 59.11 -16.61 51.86
N LEU CA 128 59.48 -17.28 52.95
CA LEU CA 128 60.27 -16.66 54.00
C LEU CA 128 61.65 -17.32 54.02
N VAL CA 129 62.70 -16.50 54.04
CA VAL CA 129 64.06 -17.01 54.07
C VAL CA 129 64.84 -16.26 55.13
N THR CA 130 65.97 -16.84 55.52
CA THR CA 130 66.88 -16.23 56.49
C THR CA 130 68.25 -16.11 55.86
N ASP CA 131 68.95 -15.02 56.16
CA ASP CA 131 70.27 -14.76 55.61
C ASP CA 131 71.16 -14.15 56.69
N TYR CA 132 72.42 -13.97 56.35
CA TYR CA 132 73.42 -13.43 57.26
C TYR CA 132 73.68 -11.97 56.90
N GLU CA 133 73.63 -11.09 57.89
CA GLU CA 133 73.86 -9.67 57.69
C GLU CA 133 74.81 -9.17 58.77
N ASP CA 134 75.80 -8.38 58.34
CA ASP CA 134 76.78 -7.82 59.27
C ASP CA 134 76.59 -6.34 59.55
N GLN CA 135 75.97 -5.59 58.63
CA GLN CA 135 75.84 -4.16 58.80
C GLN CA 135 74.69 -3.82 59.74
N SER CA 136 73.47 -4.20 59.38
CA SER CA 136 72.27 -3.90 60.18
C SER CA 136 71.44 -5.17 60.35
N PRO CA 137 71.89 -6.09 61.20
CA PRO CA 137 71.11 -7.30 61.44
C PRO CA 137 69.94 -7.03 62.36
N THR CA 138 68.91 -7.86 62.23
CA THR CA 138 67.78 -7.76 63.14
C THR CA 138 68.15 -8.33 64.51
N SER CA 139 68.84 -9.47 64.52
CA SER CA 139 69.29 -10.10 65.75
C SER CA 139 70.22 -11.24 65.40
N ASN CA 140 71.26 -11.43 66.20
CA ASN CA 140 72.17 -12.56 66.08
C ASN CA 140 72.90 -12.55 64.74
N ASN CA 141 73.17 -11.37 64.19
CA ASN CA 141 73.87 -11.23 62.92
C ASN CA 141 73.14 -11.96 61.80
N GLN CA 142 71.81 -11.93 61.83
CA GLN CA 142 70.98 -12.58 60.82
C GLN CA 142 69.78 -11.71 60.53
N VAL CA 143 69.17 -11.94 59.37
CA VAL CA 143 67.93 -11.28 58.99
C VAL CA 143 66.96 -12.32 58.47
N ILE CA 144 65.68 -12.00 58.59
CA ILE CA 144 64.60 -12.81 58.04
C ILE CA 144 63.88 -11.93 57.04
N ARG CA 145 63.79 -12.38 55.79
CA ARG CA 145 63.17 -11.58 54.76
C ARG CA 145 62.14 -12.39 54.00
N ARG CA 146 61.30 -11.68 53.28
CA ARG CA 146 60.19 -12.26 52.52
C ARG CA 146 60.48 -12.07 51.04
N GLU CA 147 60.26 -13.13 50.26
CA GLU CA 147 60.61 -13.15 48.85
C GLU CA 147 59.40 -13.54 48.03
N PRO CA 148 59.31 -13.04 46.80
CA PRO CA 148 58.17 -13.37 45.94
C PRO CA 148 58.37 -14.69 45.21
N ILE CA 149 57.25 -15.26 44.78
CA ILE CA 149 57.23 -16.45 43.94
C ILE CA 149 56.24 -16.15 42.83
N HIS CA 150 56.76 -15.79 41.65
CA HIS CA 150 55.90 -15.57 40.51
C HIS CA 150 55.40 -16.90 39.97
N SER CA 151 54.18 -16.88 39.44
CA SER CA 151 53.53 -18.07 38.90
C SER CA 151 53.53 -19.21 39.92
N ALA CA 152 52.86 -18.96 41.04
CA ALA CA 152 52.80 -19.97 42.10
C ALA CA 152 52.06 -21.21 41.65
N CYS CA 153 51.03 -21.04 40.80
CA CYS CA 153 50.21 -22.17 40.38
C CYS CA 153 51.05 -23.28 39.78
N SER CA 154 52.10 -22.93 39.04
CA SER CA 154 52.94 -23.91 38.38
C SER CA 154 54.35 -24.01 38.97
N HIS CA 155 54.73 -23.10 39.87
CA HIS CA 155 56.05 -23.13 40.45
C HIS CA 155 56.09 -23.58 41.90
N VAL CA 156 54.95 -23.70 42.56
CA VAL CA 156 54.87 -24.23 43.92
C VAL CA 156 53.89 -25.38 43.91
N ILE CA 157 54.33 -26.55 44.36
CA ILE CA 157 53.55 -27.77 44.24
C ILE CA 157 53.48 -28.42 45.61
N TRP CA 158 52.28 -28.49 46.17
CA TRP CA 158 52.09 -28.89 47.56
C TRP CA 158 51.84 -30.39 47.67
N ASP CA 159 51.92 -30.89 48.90
CA ASP CA 159 51.56 -32.27 49.17
C ASP CA 159 50.08 -32.46 48.90
N SER CA 160 49.74 -33.52 48.16
CA SER CA 160 48.37 -33.70 47.71
C SER CA 160 47.43 -34.11 48.84
N ASN CA 161 47.95 -34.60 49.95
CA ASN CA 161 47.11 -35.01 51.08
C ASN CA 161 46.95 -33.85 52.07
N SER CA 162 46.44 -32.75 51.56
CA SER CA 162 46.23 -31.54 52.34
C SER CA 162 44.78 -31.08 52.17
N LYS CA 163 44.13 -30.74 53.28
CA LYS CA 163 42.75 -30.27 53.24
C LYS CA 163 42.59 -28.90 53.89
N LEU CA 164 43.65 -28.10 53.95
CA LEU CA 164 43.61 -26.79 54.56
C LEU CA 164 44.05 -25.73 53.56
N MET CA 165 43.35 -24.59 53.58
CA MET CA 165 43.64 -23.52 52.63
C MET CA 165 45.06 -23.01 52.78
N ASP CA 166 45.53 -22.89 54.01
CA ASP CA 166 46.87 -22.38 54.31
C ASP CA 166 47.96 -23.45 54.16
N LYS CA 167 47.58 -24.70 53.92
CA LYS CA 167 48.52 -25.79 53.72
C LYS CA 167 49.45 -25.98 54.92
N SER CA 168 48.86 -26.01 56.10
CA SER CA 168 49.59 -26.33 57.31
C SER CA 168 49.62 -27.82 57.59
N ASP CA 169 48.89 -28.63 56.84
CA ASP CA 169 48.90 -30.07 57.01
C ASP CA 169 49.66 -30.78 55.91
N ALA CA 170 50.22 -30.05 54.96
CA ALA CA 170 51.11 -30.65 53.97
C ALA CA 170 52.39 -31.12 54.65
N ARG CA 171 52.85 -32.30 54.26
CA ARG CA 171 54.08 -32.83 54.81
C ARG CA 171 55.31 -32.46 53.99
N HIS CA 172 55.12 -32.12 52.72
CA HIS CA 172 56.22 -31.73 51.85
C HIS CA 172 55.70 -30.80 50.77
N CYS CA 173 56.61 -30.03 50.19
CA CYS CA 173 56.28 -29.09 49.14
C CYS CA 173 57.52 -28.86 48.30
N THR CA 174 57.35 -28.83 46.98
CA THR CA 174 58.46 -28.63 46.07
C THR CA 174 58.28 -27.32 45.32
N VAL CA 175 59.35 -26.52 45.29
CA VAL CA 175 59.34 -25.20 44.67
C VAL CA 175 60.36 -25.19 43.54
N ILE CA 176 59.93 -24.74 42.36
CA ILE CA 176 60.75 -24.80 41.16
C ILE CA 176 61.35 -23.44 40.89
N HIS CA 177 62.66 -23.40 40.63
CA HIS CA 177 63.39 -22.17 40.37
C HIS CA 177 63.89 -22.18 38.94
N SER CA 178 63.69 -21.08 38.23
CA SER CA 178 64.24 -20.84 36.91
C SER CA 178 65.10 -19.58 36.97
N MET CA 179 66.36 -19.70 36.53
CA MET CA 179 67.31 -18.61 36.66
C MET CA 179 68.18 -18.54 35.42
N SER CA 180 68.78 -17.37 35.20
CA SER CA 180 69.68 -17.22 34.06
C SER CA 180 70.99 -17.94 34.34
N GLN CA 181 71.94 -17.81 33.41
CA GLN CA 181 73.21 -18.51 33.56
C GLN CA 181 74.06 -17.88 34.66
N ASN CA 182 74.14 -16.55 34.69
CA ASN CA 182 74.84 -15.88 35.78
C ASN CA 182 74.13 -16.09 37.10
N GLY CA 183 72.80 -16.09 37.08
CA GLY CA 183 72.06 -16.40 38.29
C GLY CA 183 72.33 -17.80 38.80
N TRP CA 184 72.49 -18.76 37.89
CA TRP CA 184 72.84 -20.11 38.30
C TRP CA 184 74.25 -20.17 38.85
N GLU CA 185 75.17 -19.42 38.25
CA GLU CA 185 76.52 -19.36 38.82
C GLU CA 185 76.48 -18.83 40.24
N ASP CA 186 75.68 -17.80 40.50
CA ASP CA 186 75.56 -17.26 41.84
C ASP CA 186 74.87 -18.23 42.79
N PHE CA 187 73.85 -18.93 42.31
CA PHE CA 187 73.16 -19.92 43.13
C PHE CA 187 74.11 -21.03 43.55
N ALA CA 188 74.91 -21.54 42.62
CA ALA CA 188 75.89 -22.56 42.94
C ALA CA 188 76.96 -22.02 43.88
N GLU CA 189 77.37 -20.76 43.69
CA GLU CA 189 78.33 -20.17 44.61
C GLU CA 189 77.77 -20.10 46.02
N LYS CA 190 76.49 -19.79 46.15
CA LYS CA 190 75.91 -19.67 47.49
C LYS CA 190 75.71 -21.04 48.14
N TYR CA 191 75.30 -22.05 47.36
CA TYR CA 191 75.02 -23.36 47.91
C TYR CA 191 76.16 -24.36 47.71
N ASP CA 192 77.37 -23.89 47.41
CA ASP CA 192 78.55 -24.75 47.30
C ASP CA 192 78.36 -25.86 46.27
N LEU CA 193 77.53 -25.61 45.27
CA LEU CA 193 77.26 -26.58 44.22
C LEU CA 193 78.30 -26.47 43.11
N ASP CA 194 78.23 -27.41 42.17
CA ASP CA 194 79.13 -27.41 41.01
C ASP CA 194 78.45 -26.66 39.88
N ALA CA 195 78.99 -25.48 39.55
CA ALA CA 195 78.37 -24.66 38.52
C ALA CA 195 78.47 -25.29 37.15
N ASP CA 196 79.54 -26.04 36.88
CA ASP CA 196 79.73 -26.65 35.56
C ASP CA 196 78.63 -27.66 35.26
N ASP CA 197 78.23 -28.44 36.26
CA ASP CA 197 77.17 -29.43 36.06
C ASP CA 197 75.82 -28.74 35.96
N ILE CA 198 75.37 -28.46 34.74
CA ILE CA 198 74.15 -27.67 34.58
C ILE CA 198 72.96 -28.50 35.04
N PRO CA 199 72.05 -27.92 35.82
CA PRO CA 199 70.89 -28.67 36.31
C PRO CA 199 69.68 -28.50 35.40
N SER CA 200 68.80 -29.50 35.46
CA SER CA 200 67.60 -29.52 34.64
C SER CA 200 66.43 -30.04 35.45
N PHE CA 201 65.28 -29.40 35.29
CA PHE CA 201 64.08 -29.85 35.98
C PHE CA 201 62.86 -29.48 35.14
N GLN CA 202 61.71 -29.96 35.58
CA GLN CA 202 60.45 -29.75 34.88
C GLN CA 202 60.11 -28.26 34.79
N ASN CA 203 59.69 -27.83 33.62
CA ASN CA 203 59.09 -26.52 33.44
C ASN CA 203 58.33 -26.50 32.12
N PRO CA 204 57.24 -27.25 32.01
CA PRO CA 204 56.55 -27.32 30.72
C PRO CA 204 55.93 -25.99 30.33
N ASN CA 205 55.95 -25.70 29.05
CA ASN CA 205 55.45 -24.44 28.50
C ASN CA 205 54.16 -24.69 27.74
N ASP CA 206 53.23 -23.74 27.82
CA ASP CA 206 51.99 -23.84 27.09
C ASP CA 206 52.25 -23.83 25.59
N TRP CA 207 51.38 -24.49 24.83
CA TRP CA 207 51.50 -24.44 23.37
C TRP CA 207 51.29 -23.03 22.87
N VAL CA 208 50.36 -22.29 23.48
CA VAL CA 208 50.00 -20.99 22.95
C VAL CA 208 51.07 -19.95 23.28
N PHE CA 209 51.82 -20.14 24.35
CA PHE CA 209 52.88 -19.19 24.68
C PHE CA 209 53.94 -19.24 23.59
N PRO CA 210 54.19 -18.14 22.89
CA PRO CA 210 54.96 -18.19 21.65
C PRO CA 210 56.45 -17.90 21.75
N TRP CA 211 57.00 -17.76 22.94
CA TRP CA 211 58.37 -17.27 23.09
C TRP CA 211 59.25 -18.33 23.73
N LEU CA 212 60.55 -18.06 23.68
CA LEU CA 212 61.58 -18.96 24.17
C LEU CA 212 62.34 -18.26 25.27
N THR CA 213 62.57 -18.96 26.39
CA THR CA 213 63.34 -18.37 27.48
C THR CA 213 64.82 -18.38 27.17
N GLN CA 214 65.36 -19.55 26.79
CA GLN CA 214 66.69 -19.70 26.23
C GLN CA 214 67.78 -19.48 27.28
N ASP CA 215 68.74 -20.40 27.34
CA ASP CA 215 69.88 -20.31 28.26
C ASP CA 215 69.42 -20.10 29.70
N THR CA 216 68.38 -20.83 30.09
CA THR CA 216 67.89 -20.78 31.46
C THR CA 216 68.20 -22.09 32.17
N ILE CA 217 68.00 -22.08 33.48
CA ILE CA 217 68.38 -23.16 34.36
C ILE CA 217 67.21 -23.41 35.29
N GLN CA 218 66.80 -24.67 35.40
CA GLN CA 218 65.72 -25.06 36.31
C GLN CA 218 66.26 -25.98 37.38
N ILE CA 219 65.77 -25.81 38.60
CA ILE CA 219 66.13 -26.66 39.73
C ILE CA 219 64.93 -26.72 40.66
N ALA CA 220 64.94 -27.66 41.61
CA ALA CA 220 63.83 -27.73 42.55
C ALA CA 220 64.34 -27.82 43.96
N GLU CA 221 63.55 -27.28 44.89
CA GLU CA 221 63.82 -27.41 46.33
C GLU CA 221 62.66 -28.14 46.95
N PHE CA 222 62.96 -29.24 47.61
CA PHE CA 222 61.97 -30.10 48.26
C PHE CA 222 62.05 -29.86 49.76
N TYR CA 223 61.02 -29.23 50.32
CA TYR CA 223 60.90 -29.02 51.75
C TYR CA 223 60.05 -30.12 52.34
N GLU CA 224 60.48 -30.67 53.47
CA GLU CA 224 59.74 -31.71 54.16
C GLU CA 224 59.75 -31.44 55.64
N VAL CA 225 58.60 -31.60 56.29
CA VAL CA 225 58.47 -31.41 57.73
C VAL CA 225 58.37 -32.77 58.39
N VAL CA 226 59.20 -33.00 59.40
CA VAL CA 226 59.22 -34.26 60.14
C VAL CA 226 58.94 -33.95 61.59
N GLU CA 227 57.92 -34.60 62.15
CA GLU CA 227 57.57 -34.44 63.55
C GLU CA 227 58.10 -35.65 64.31
N LYS CA 228 58.92 -35.40 65.32
CA LYS CA 228 59.53 -36.49 66.07
C LYS CA 228 59.81 -36.04 67.49
N LYS CA 229 59.97 -37.02 68.37
CA LYS CA 229 60.40 -36.76 69.74
C LYS CA 229 61.91 -36.66 69.77
N GLU CA 230 62.42 -35.49 70.12
CA GLU CA 230 63.85 -35.29 70.28
C GLU CA 230 64.16 -34.99 71.74
N THR CA 231 65.38 -35.35 72.13
CA THR CA 231 65.82 -35.14 73.51
C THR CA 231 65.93 -33.65 73.82
N ALA CA 232 65.48 -33.28 75.01
CA ALA CA 232 65.62 -31.93 75.51
C ALA CA 232 66.24 -31.98 76.89
N PHE CA 233 66.95 -30.90 77.25
CA PHE CA 233 67.68 -30.84 78.51
C PHE CA 233 67.05 -29.81 79.43
N ILE CA 234 67.09 -30.10 80.73
CA ILE CA 234 66.64 -29.18 81.76
C ILE CA 234 67.86 -28.70 82.52
N TYR CA 235 68.00 -27.38 82.65
CA TYR CA 235 69.08 -26.78 83.40
C TYR CA 235 68.51 -25.89 84.50
N GLN CA 236 69.39 -25.19 85.20
CA GLN CA 236 69.00 -24.14 86.12
C GLN CA 236 69.76 -22.88 85.75
N ASP CA 237 69.05 -21.79 85.61
CA ASP CA 237 69.66 -20.54 85.21
C ASP CA 237 70.51 -20.00 86.36
N PRO CA 238 71.79 -19.69 86.13
CA PRO CA 238 72.60 -19.08 87.20
C PRO CA 238 72.07 -17.75 87.70
N VAL CA 239 71.00 -17.23 87.09
CA VAL CA 239 70.30 -16.06 87.60
C VAL CA 239 69.10 -16.53 88.42
N THR CA 240 68.16 -17.22 87.76
CA THR CA 240 66.96 -17.72 88.41
C THR CA 240 66.19 -18.62 87.45
N GLY CA 241 65.62 -19.69 87.98
CA GLY CA 241 64.71 -20.53 87.23
C GLY CA 241 65.36 -21.72 86.56
N GLU CA 242 64.54 -22.47 85.84
CA GLU CA 242 64.98 -23.67 85.14
C GLU CA 242 64.59 -23.55 83.66
N PRO CA 243 65.56 -23.38 82.76
CA PRO CA 243 65.23 -23.33 81.33
C PRO CA 243 65.27 -24.72 80.70
N VAL CA 244 64.65 -24.81 79.53
CA VAL CA 244 64.61 -26.03 78.74
C VAL CA 244 65.22 -25.74 77.39
N SER CA 245 66.24 -26.51 77.01
CA SER CA 245 66.94 -26.31 75.75
C SER CA 245 67.00 -27.62 75.00
N TYR CA 246 66.91 -27.54 73.67
CA TYR CA 246 66.92 -28.74 72.84
C TYR CA 246 68.33 -29.29 72.71
N PHE CA 247 68.43 -30.62 72.68
CA PHE CA 247 69.73 -31.27 72.60
C PHE CA 247 70.39 -31.00 71.26
N LYS CA 248 69.61 -30.91 70.19
CA LYS CA 248 70.17 -30.68 68.87
C LYS CA 248 70.68 -29.26 68.69
N ARG CA 249 70.27 -28.33 69.54
CA ARG CA 249 70.70 -26.95 69.38
C ARG CA 249 71.98 -26.64 70.16
N ASP CA 250 72.35 -27.48 71.12
CA ASP CA 250 73.63 -27.35 71.81
C ASP CA 250 74.25 -28.72 72.01
N ILE CA 251 74.22 -29.57 70.98
CA ILE CA 251 74.67 -30.95 71.13
C ILE CA 251 76.13 -31.00 71.53
N LYS CA 252 76.98 -30.24 70.84
CA LYS CA 252 78.39 -30.16 71.16
C LYS CA 252 78.91 -28.74 71.19
N ASP CA 253 78.20 -27.78 70.59
CA ASP CA 253 78.70 -26.42 70.50
C ASP CA 253 78.87 -25.80 71.88
N VAL CA 254 77.85 -25.90 72.73
CA VAL CA 254 77.96 -25.36 74.07
C VAL CA 254 77.45 -26.35 75.11
N ILE CA 255 77.47 -27.64 74.79
CA ILE CA 255 77.01 -28.63 75.76
C ILE CA 255 77.88 -28.62 77.01
N ASP CA 256 79.15 -28.26 76.87
CA ASP CA 256 80.05 -28.14 78.00
C ASP CA 256 80.32 -26.71 78.41
N ASP CA 257 80.18 -25.75 77.49
CA ASP CA 257 80.28 -24.35 77.86
C ASP CA 257 79.10 -23.93 78.74
N LEU CA 258 77.95 -24.59 78.60
CA LEU CA 258 76.84 -24.36 79.53
C LEU CA 258 77.28 -24.68 80.96
N ALA CA 259 77.89 -25.84 81.16
CA ALA CA 259 78.38 -26.20 82.49
C ALA CA 259 79.49 -25.25 82.95
N ASP CA 260 80.42 -24.90 82.05
CA ASP CA 260 81.52 -24.01 82.42
C ASP CA 260 81.00 -22.65 82.87
N SER CA 261 79.99 -22.11 82.19
CA SER CA 261 79.36 -20.88 82.64
C SER CA 261 78.52 -21.11 83.89
N GLY CA 262 78.12 -22.34 84.17
CA GLY CA 262 77.53 -22.63 85.47
C GLY CA 262 76.09 -23.10 85.45
N PHE CA 263 75.69 -23.83 84.41
CA PHE CA 263 74.35 -24.37 84.30
C PHE CA 263 74.35 -25.78 84.86
N ILE CA 264 73.59 -26.01 85.92
CA ILE CA 264 73.48 -27.35 86.52
C ILE CA 264 72.31 -28.07 85.89
N LYS CA 265 72.56 -29.27 85.37
CA LYS CA 265 71.53 -30.04 84.69
C LYS CA 265 70.68 -30.80 85.69
N ILE CA 266 69.36 -30.68 85.56
CA ILE CA 266 68.43 -31.26 86.52
C ILE CA 266 67.82 -32.55 85.99
N ALA CA 267 67.40 -32.57 84.73
CA ALA CA 267 66.71 -33.72 84.17
C ALA CA 267 66.92 -33.73 82.66
N GLU CA 268 66.16 -34.56 81.96
CA GLU CA 268 66.30 -34.74 80.52
C GLU CA 268 64.99 -35.29 79.98
N ARG CA 269 64.32 -34.54 79.12
CA ARG CA 269 62.98 -34.90 78.67
C ARG CA 269 62.97 -35.11 77.17
N GLN CA 270 62.02 -35.91 76.71
CA GLN CA 270 61.77 -36.15 75.30
C GLN CA 270 60.55 -35.34 74.89
N ILE CA 271 60.73 -34.45 73.92
CA ILE CA 271 59.69 -33.52 73.51
C ILE CA 271 59.47 -33.69 72.02
N LYS CA 272 58.20 -33.81 71.61
CA LYS CA 272 57.86 -33.93 70.20
C LYS CA 272 57.81 -32.54 69.56
N ARG CA 273 58.48 -32.39 68.43
CA ARG CA 273 58.49 -31.12 67.72
C ARG CA 273 58.78 -31.38 66.25
N ARG CA 274 58.62 -30.32 65.46
CA ARG CA 274 58.72 -30.38 64.01
C ARG CA 274 60.03 -29.78 63.55
N ARG CA 275 60.67 -30.45 62.59
CA ARG CA 275 61.88 -29.94 61.96
C ARG CA 275 61.69 -29.92 60.45
N VAL CA 276 62.29 -28.93 59.81
CA VAL CA 276 62.13 -28.70 58.37
C VAL CA 276 63.45 -29.00 57.68
N TYR CA 277 63.39 -29.84 56.65
CA TYR CA 277 64.56 -30.19 55.86
C TYR CA 277 64.35 -29.75 54.41
N LYS CA 278 65.39 -29.21 53.80
CA LYS CA 278 65.36 -28.80 52.42
C LYS CA 278 66.36 -29.60 51.60
N SER CA 279 65.94 -30.00 50.41
CA SER CA 279 66.81 -30.67 49.46
C SER CA 279 66.79 -29.90 48.14
N ILE CA 280 67.88 -29.99 47.41
CA ILE CA 280 67.98 -29.40 46.07
C ILE CA 280 68.11 -30.54 45.08
N ILE CA 281 67.14 -30.65 44.18
CA ILE CA 281 67.04 -31.79 43.29
C ILE CA 281 66.95 -31.35 41.84
N THR CA 282 67.33 -32.27 40.97
CA THR CA 282 67.08 -32.22 39.54
C THR CA 282 66.46 -33.54 39.11
N CYS CA 283 66.08 -33.63 37.84
CA CYS CA 283 65.40 -34.83 37.37
C CYS CA 283 66.30 -36.05 37.33
N THR CA 284 67.61 -35.88 37.55
CA THR CA 284 68.56 -36.98 37.48
C THR CA 284 69.36 -37.20 38.75
N ALA CA 285 69.43 -36.23 39.65
CA ALA CA 285 70.36 -36.33 40.76
C ALA CA 285 69.82 -35.52 41.94
N VAL CA 286 70.47 -35.72 43.09
CA VAL CA 286 70.20 -34.94 44.30
C VAL CA 286 71.50 -34.22 44.67
N LEU CA 287 71.43 -32.90 44.80
CA LEU CA 287 72.62 -32.08 45.01
C LEU CA 287 72.90 -31.84 46.49
N LYS CA 288 71.93 -31.31 47.22
CA LYS CA 288 71.97 -31.23 48.67
C LYS CA 288 70.85 -32.11 49.21
N ASP CA 289 71.17 -32.96 50.18
CA ASP CA 289 70.25 -34.05 50.50
C ASP CA 289 69.19 -33.66 51.51
N LYS CA 290 69.57 -33.32 52.73
CA LYS CA 290 68.58 -33.06 53.77
C LYS CA 290 69.02 -31.89 54.67
N GLN CA 291 69.44 -30.79 54.06
CA GLN CA 291 69.93 -29.67 54.84
C GLN CA 291 68.82 -29.16 55.77
N LEU CA 292 69.06 -29.25 57.07
CA LEU CA 292 68.09 -28.77 58.05
C LEU CA 292 68.03 -27.25 58.01
N ILE CA 293 66.81 -26.70 57.99
CA ILE CA 293 66.64 -25.26 57.97
C ILE CA 293 65.84 -24.83 59.18
N ALA CA 294 65.86 -23.53 59.46
CA ALA CA 294 65.24 -23.00 60.67
C ALA CA 294 63.72 -23.04 60.57
N GLY CA 295 63.09 -23.13 61.73
CA GLY CA 295 61.64 -23.08 61.83
C GLY CA 295 61.01 -24.44 62.03
N GLU CA 296 59.71 -24.41 62.32
CA GLU CA 296 58.91 -25.61 62.47
C GLU CA 296 57.99 -25.86 61.29
N HIS CA 297 57.72 -24.86 60.46
CA HIS CA 297 56.78 -24.98 59.37
C HIS CA 297 57.49 -24.75 58.05
N ILE CA 298 56.88 -25.27 56.98
CA ILE CA 298 57.42 -25.04 55.63
C ILE CA 298 57.35 -23.54 55.33
N PRO CA 299 58.43 -22.94 54.84
CA PRO CA 299 58.48 -21.48 54.71
C PRO CA 299 57.70 -20.91 53.54
N ILE CA 300 56.82 -21.67 52.90
CA ILE CA 300 56.04 -21.19 51.77
C ILE CA 300 54.62 -20.88 52.25
N VAL CA 301 54.15 -19.67 51.98
CA VAL CA 301 52.83 -19.22 52.39
C VAL CA 301 51.97 -19.05 51.14
N PRO CA 302 50.89 -19.83 50.98
CA PRO CA 302 50.00 -19.67 49.82
C PRO CA 302 48.78 -18.80 50.10
N VAL CA 303 48.28 -18.13 49.07
CA VAL CA 303 47.09 -17.30 49.13
C VAL CA 303 46.13 -17.80 48.05
N PHE CA 304 44.87 -17.98 48.40
CA PHE CA 304 43.88 -18.52 47.49
C PHE CA 304 42.70 -17.58 47.35
N GLY CA 305 42.01 -17.68 46.21
CA GLY CA 305 40.83 -16.88 45.99
C GLY CA 305 39.58 -17.64 46.38
N GLU CA 306 38.81 -18.11 45.41
CA GLU CA 306 37.77 -19.08 45.68
C GLU CA 306 38.44 -20.45 45.76
N TRP CA 307 38.36 -21.09 46.92
CA TRP CA 307 39.07 -22.34 47.15
C TRP CA 307 38.11 -23.41 47.65
N GLY CA 308 38.35 -24.64 47.22
CA GLY CA 308 37.54 -25.74 47.72
C GLY CA 308 38.03 -27.05 47.16
N PHE CA 309 37.32 -28.12 47.55
CA PHE CA 309 37.53 -29.46 47.02
C PHE CA 309 36.23 -29.91 46.39
N VAL CA 310 36.31 -30.57 45.23
CA VAL CA 310 35.07 -31.05 44.62
C VAL CA 310 34.94 -32.54 44.85
N GLU CA 311 35.83 -33.33 44.27
CA GLU CA 311 35.87 -34.77 44.52
C GLU CA 311 37.30 -35.13 44.86
N ASP CA 312 37.67 -34.90 46.12
CA ASP CA 312 39.04 -35.04 46.59
C ASP CA 312 40.03 -34.33 45.67
N LYS CA 313 39.54 -33.35 44.92
CA LYS CA 313 40.35 -32.62 43.94
C LYS CA 313 40.21 -31.14 44.23
N GLU CA 314 41.33 -30.47 44.45
CA GLU CA 314 41.34 -29.08 44.84
C GLU CA 314 41.06 -28.20 43.63
N VAL CA 315 40.14 -27.25 43.79
CA VAL CA 315 39.81 -26.28 42.76
C VAL CA 315 39.92 -24.89 43.37
N TYR CA 316 40.64 -24.01 42.70
CA TYR CA 316 40.71 -22.61 43.07
C TYR CA 316 40.41 -21.77 41.83
N GLU CA 317 39.90 -20.57 42.07
CA GLU CA 317 39.44 -19.72 40.98
C GLU CA 317 39.58 -18.26 41.38
N GLY CA 318 39.88 -17.42 40.40
CA GLY CA 318 40.03 -16.00 40.65
C GLY CA 318 38.78 -15.22 40.29
N VAL CA 319 38.87 -14.38 39.27
CA VAL CA 319 37.72 -13.62 38.81
C VAL CA 319 37.62 -13.76 37.29
N VAL CA 320 38.69 -14.24 36.67
CA VAL CA 320 38.78 -14.29 35.22
C VAL CA 320 38.21 -15.58 34.62
N ARG CA 321 38.23 -16.68 35.36
CA ARG CA 321 37.89 -17.97 34.76
C ARG CA 321 36.46 -18.01 34.25
N LEU CA 322 35.56 -17.21 34.82
CA LEU CA 322 34.16 -17.25 34.41
C LEU CA 322 33.81 -16.21 33.36
N THR CA 323 34.65 -15.21 33.16
CA THR CA 323 34.39 -14.21 32.13
C THR CA 323 35.01 -14.57 30.79
N LYS CA 324 35.78 -15.65 30.74
CA LYS CA 324 36.56 -15.97 29.55
C LYS CA 324 35.68 -16.28 28.36
N ASP CA 325 34.60 -17.05 28.56
CA ASP CA 325 33.76 -17.44 27.45
C ASP CA 325 33.09 -16.23 26.80
N GLY CA 326 32.50 -15.37 27.62
CA GLY CA 326 31.86 -14.18 27.11
C GLY CA 326 32.85 -13.22 26.47
N GLN CA 327 34.03 -13.08 27.06
CA GLN CA 327 35.03 -12.19 26.50
C GLN CA 327 35.52 -12.69 25.15
N ARG CA 328 35.74 -14.00 25.01
CA ARG CA 328 36.12 -14.57 23.73
C ARG CA 328 35.03 -14.38 22.69
N LEU CA 329 33.78 -14.58 23.09
CA LEU CA 329 32.67 -14.39 22.15
C LEU CA 329 32.57 -12.93 21.71
N ARG CA 330 32.75 -12.00 22.63
CA ARG CA 330 32.74 -10.59 22.28
C ARG CA 330 33.86 -10.23 21.31
N ASN CA 331 35.06 -10.77 21.56
CA ASN CA 331 36.16 -10.54 20.63
C ASN CA 331 35.84 -11.09 19.25
N MET CA 332 35.30 -12.29 19.19
CA MET CA 332 34.98 -12.89 17.89
C MET CA 332 33.93 -12.07 17.15
N ILE CA 333 32.88 -11.64 17.85
CA ILE CA 333 31.82 -10.88 17.18
C ILE CA 333 32.35 -9.55 16.69
N MET CA 334 33.17 -8.87 17.50
CA MET CA 334 33.68 -7.57 17.06
C MET CA 334 34.67 -7.72 15.91
N SER CA 335 35.43 -8.82 15.88
CA SER CA 335 36.30 -9.09 14.75
C SER CA 335 35.50 -9.34 13.47
N PHE CA 336 34.40 -10.09 13.59
CA PHE CA 336 33.53 -10.29 12.43
C PHE CA 336 32.95 -8.99 11.93
N ASN CA 337 32.51 -8.12 12.85
CA ASN CA 337 31.96 -6.83 12.45
C ASN CA 337 33.02 -5.96 11.78
N ALA CA 338 34.26 -5.98 12.29
CA ALA CA 338 35.33 -5.23 11.65
C ALA CA 338 35.60 -5.76 10.24
N ASP CA 339 35.58 -7.08 10.06
CA ASP CA 339 35.74 -7.64 8.73
C ASP CA 339 34.63 -7.15 7.81
N ILE CA 340 33.39 -7.11 8.31
CA ILE CA 340 32.28 -6.65 7.50
C ILE CA 340 32.50 -5.20 7.08
N VAL CA 341 32.95 -4.35 8.01
CA VAL CA 341 33.23 -2.97 7.67
C VAL CA 341 34.32 -2.88 6.60
N ALA CA 342 35.37 -3.68 6.73
CA ALA CA 342 36.53 -3.52 5.87
C ALA CA 342 36.31 -4.11 4.48
N ARG CA 343 36.08 -5.42 4.40
CA ARG CA 343 36.04 -6.11 3.11
C ARG CA 343 34.60 -6.29 2.67
N THR CA 344 34.00 -5.22 2.17
CA THR CA 344 32.69 -5.35 1.56
C THR CA 344 32.54 -4.27 0.49
N PRO CA 345 32.07 -4.62 -0.69
CA PRO CA 345 31.86 -3.62 -1.73
C PRO CA 345 30.90 -2.53 -1.25
N LYS CA 346 31.20 -1.29 -1.62
CA LYS CA 346 30.45 -0.15 -1.16
C LYS CA 346 29.23 0.09 -2.04
N LYS CA 347 28.40 1.04 -1.65
CA LYS CA 347 27.18 1.35 -2.38
C LYS CA 347 27.54 2.18 -3.60
N LYS CA 348 27.42 1.58 -4.77
CA LYS CA 348 27.68 2.21 -6.06
C LYS CA 348 26.60 1.76 -7.02
N PRO CA 349 26.36 2.51 -8.09
CA PRO CA 349 25.30 2.13 -9.02
C PRO CA 349 25.69 0.95 -9.88
N PHE CA 350 24.67 0.30 -10.42
CA PHE CA 350 24.85 -0.79 -11.38
C PHE CA 350 24.55 -0.26 -12.78
N PHE CA 351 25.50 -0.41 -13.68
CA PHE CA 351 25.36 0.12 -15.03
C PHE CA 351 25.65 -0.98 -16.04
N TRP CA 352 24.99 -0.92 -17.17
CA TRP CA 352 25.50 -1.61 -18.34
C TRP CA 352 26.56 -0.74 -19.01
N PRO CA 353 27.57 -1.34 -19.63
CA PRO CA 353 28.57 -0.52 -20.31
C PRO CA 353 27.98 0.35 -21.40
N GLU CA 354 26.99 -0.15 -22.13
CA GLU CA 354 26.35 0.62 -23.19
C GLU CA 354 25.56 1.78 -22.64
N GLN CA 355 25.11 1.70 -21.38
CA GLN CA 355 24.31 2.78 -20.81
C GLN CA 355 25.10 4.06 -20.72
N ILE CA 356 26.37 3.96 -20.33
CA ILE CA 356 27.19 5.12 -20.04
C ILE CA 356 28.37 5.24 -21.00
N ALA CA 357 28.42 4.41 -22.04
CA ALA CA 357 29.50 4.48 -23.00
C ALA CA 357 29.59 5.88 -23.61
N GLY CA 358 30.70 6.55 -23.37
CA GLY CA 358 30.93 7.89 -23.84
C GLY CA 358 30.76 8.96 -22.81
N PHE CA 359 30.09 8.66 -21.69
CA PHE CA 359 29.91 9.58 -20.58
C PHE CA 359 30.57 9.05 -19.33
N GLU CA 360 31.62 8.24 -19.48
CA GLU CA 360 32.19 7.56 -18.32
C GLU CA 360 32.88 8.51 -17.37
N HIS CA 361 33.41 9.62 -17.88
CA HIS CA 361 34.08 10.58 -17.00
C HIS CA 361 33.10 11.41 -16.19
N MET CA 362 31.81 11.35 -16.50
CA MET CA 362 30.81 12.07 -15.73
C MET CA 362 30.52 11.41 -14.40
N TYR CA 363 30.84 10.12 -14.29
CA TYR CA 363 30.44 9.35 -13.09
C TYR CA 363 31.64 9.00 -12.21
N ASP CA 364 32.83 9.54 -12.50
CA ASP CA 364 33.99 9.17 -11.72
C ASP CA 364 34.00 9.82 -10.34
N GLY CA 365 33.37 10.99 -10.19
CA GLY CA 365 33.27 11.61 -8.89
C GLY CA 365 33.58 13.10 -8.89
N ASN CA 366 33.80 13.67 -10.06
CA ASN CA 366 34.11 15.08 -10.16
C ASN CA 366 32.85 15.92 -9.90
N ASP CA 367 32.99 17.24 -9.84
CA ASP CA 367 31.79 18.11 -9.68
C ASP CA 367 31.77 19.14 -10.80
N ASP CA 368 32.32 18.80 -11.97
CA ASP CA 368 32.41 19.72 -13.08
C ASP CA 368 31.15 19.77 -13.93
N TYR CA 369 30.12 19.02 -13.58
CA TYR CA 369 28.93 18.89 -14.41
C TYR CA 369 27.68 19.11 -13.58
N PRO CA 370 26.58 19.53 -14.22
CA PRO CA 370 25.33 19.74 -13.49
C PRO CA 370 24.41 18.53 -13.43
N TYR CA 371 24.67 17.50 -14.24
CA TYR CA 371 23.79 16.35 -14.34
C TYR CA 371 24.57 15.20 -14.94
N TYR CA 372 23.95 14.03 -14.94
CA TYR CA 372 24.53 12.83 -15.52
C TYR CA 372 23.76 12.44 -16.77
N LEU CA 373 24.48 11.99 -17.78
CA LEU CA 373 23.91 11.66 -19.08
C LEU CA 373 23.94 10.17 -19.30
N LEU CA 374 22.91 9.65 -19.95
CA LEU CA 374 22.82 8.23 -20.29
C LEU CA 374 22.61 8.09 -21.79
N ASN CA 375 23.19 7.03 -22.37
CA ASN CA 375 22.93 6.71 -23.76
C ASN CA 375 21.53 6.13 -23.89
N ARG CA 376 20.78 6.61 -24.87
CA ARG CA 376 19.36 6.32 -24.96
C ARG CA 376 19.01 5.26 -25.99
N THR CA 377 19.59 5.34 -27.17
CA THR CA 377 19.21 4.50 -28.30
C THR CA 377 20.27 3.46 -28.57
N ASP CA 378 19.87 2.44 -29.33
CA ASP CA 378 20.75 1.36 -29.76
C ASP CA 378 20.55 1.12 -31.24
N GLU CA 379 21.62 0.74 -31.93
CA GLU CA 379 21.53 0.59 -33.38
C GLU CA 379 20.91 -0.73 -33.81
N ASN CA 380 20.73 -1.67 -32.88
CA ASN CA 380 20.05 -2.92 -33.18
C ASN CA 380 18.65 -2.98 -32.59
N SER CA 381 18.52 -2.78 -31.28
CA SER CA 381 17.20 -2.82 -30.65
C SER CA 381 16.37 -1.59 -30.95
N GLY CA 382 16.98 -0.51 -31.37
CA GLY CA 382 16.27 0.75 -31.55
C GLY CA 382 16.27 1.63 -30.32
N ASP CA 383 16.01 1.04 -29.16
CA ASP CA 383 16.02 1.75 -27.89
C ASP CA 383 16.58 0.85 -26.80
N LEU CA 384 17.26 1.46 -25.84
CA LEU CA 384 17.81 0.70 -24.73
C LEU CA 384 16.69 0.34 -23.74
N PRO CA 385 16.68 -0.89 -23.23
CA PRO CA 385 15.64 -1.27 -22.26
C PRO CA 385 15.70 -0.40 -21.01
N THR CA 386 14.53 -0.11 -20.48
CA THR CA 386 14.38 0.74 -19.30
C THR CA 386 14.21 -0.14 -18.06
N GLN CA 387 15.10 0.04 -17.09
CA GLN CA 387 15.07 -0.69 -15.84
C GLN CA 387 15.52 0.28 -14.77
N PRO CA 388 14.84 0.33 -13.63
CA PRO CA 388 15.21 1.31 -12.60
C PRO CA 388 16.64 1.10 -12.12
N LEU CA 389 17.32 2.20 -11.80
CA LEU CA 389 18.70 2.12 -11.37
C LEU CA 389 18.80 1.47 -10.00
N ALA CA 390 19.71 0.52 -9.87
CA ALA CA 390 19.94 -0.20 -8.62
C ALA CA 390 21.31 0.13 -8.09
N TYR CA 391 21.44 0.12 -6.77
CA TYR CA 391 22.68 0.45 -6.09
C TYR CA 391 23.06 -0.71 -5.18
N TYR CA 392 24.35 -0.98 -5.10
CA TYR CA 392 24.83 -2.02 -4.19
C TYR CA 392 24.43 -1.67 -2.77
N GLU CA 393 23.91 -2.65 -2.04
CA GLU CA 393 23.37 -2.37 -0.72
C GLU CA 393 24.48 -1.99 0.25
N ASN CA 394 24.18 -1.03 1.11
CA ASN CA 394 25.15 -0.59 2.11
C ASN CA 394 25.47 -1.72 3.07
N PRO CA 395 26.71 -1.81 3.54
CA PRO CA 395 27.05 -2.81 4.55
C PRO CA 395 26.24 -2.62 5.81
N GLU CA 396 25.93 -3.73 6.48
CA GLU CA 396 25.12 -3.71 7.68
C GLU CA 396 25.71 -4.67 8.69
N VAL CA 397 25.37 -4.46 9.95
CA VAL CA 397 25.74 -5.38 11.03
C VAL CA 397 24.53 -6.27 11.29
N PRO CA 398 24.67 -7.59 11.18
CA PRO CA 398 23.51 -8.47 11.37
C PRO CA 398 22.91 -8.35 12.76
N GLN CA 399 21.61 -8.60 12.83
CA GLN CA 399 20.92 -8.56 14.11
C GLN CA 399 21.46 -9.60 15.07
N ALA CA 400 21.86 -10.76 14.54
CA ALA CA 400 22.46 -11.77 15.39
C ALA CA 400 23.77 -11.27 15.98
N ASN CA 401 24.59 -10.61 15.17
CA ASN CA 401 25.86 -10.08 15.66
C ASN CA 401 25.63 -9.04 16.73
N ALA CA 402 24.71 -8.09 16.49
CA ALA CA 402 24.45 -7.06 17.48
C ALA CA 402 23.90 -7.65 18.77
N TYR CA 403 22.92 -8.55 18.66
CA TYR CA 403 22.31 -9.13 19.84
C TYR CA 403 23.33 -9.90 20.66
N MET CA 404 24.17 -10.69 20.01
CA MET CA 404 25.10 -11.51 20.78
C MET CA 404 26.27 -10.70 21.30
N LEU CA 405 26.67 -9.62 20.63
CA LEU CA 405 27.67 -8.74 21.22
C LEU CA 405 27.15 -8.11 22.49
N GLU CA 406 25.91 -7.61 22.45
CA GLU CA 406 25.32 -7.03 23.65
C GLU CA 406 25.17 -8.08 24.74
N ALA CA 407 24.73 -9.27 24.37
CA ALA CA 407 24.52 -10.32 25.37
C ALA CA 407 25.82 -10.78 25.99
N ALA CA 408 26.88 -10.91 25.18
CA ALA CA 408 28.18 -11.29 25.73
C ALA CA 408 28.74 -10.22 26.65
N THR CA 409 28.63 -8.94 26.26
CA THR CA 409 29.08 -7.87 27.14
C THR CA 409 28.29 -7.88 28.45
N SER CA 410 26.97 -8.06 28.38
CA SER CA 410 26.16 -8.10 29.59
C SER CA 410 26.53 -9.30 30.46
N ALA CA 411 26.80 -10.45 29.83
CA ALA CA 411 27.16 -11.63 30.60
C ALA CA 411 28.48 -11.44 31.33
N VAL CA 412 29.46 -10.84 30.66
CA VAL CA 412 30.74 -10.59 31.33
C VAL CA 412 30.56 -9.60 32.47
N LYS CA 413 29.77 -8.55 32.25
CA LYS CA 413 29.53 -7.59 33.31
C LYS CA 413 28.84 -8.23 34.50
N GLU CA 414 27.88 -9.12 34.24
CA GLU CA 414 27.13 -9.75 35.31
C GLU CA 414 27.98 -10.74 36.10
N VAL CA 415 28.85 -11.48 35.41
CA VAL CA 415 29.64 -12.50 36.09
C VAL CA 415 30.92 -11.95 36.71
N ALA CA 416 31.38 -10.78 36.29
CA ALA CA 416 32.60 -10.21 36.86
C ALA CA 416 32.28 -9.27 38.02
N THR CA 417 31.55 -9.77 39.00
CA THR CA 417 31.28 -9.03 40.25
C THR CA 417 31.77 -9.89 41.40
N LEU CA 418 32.93 -9.53 41.96
CA LEU CA 418 33.41 -10.20 43.15
C LEU CA 418 32.56 -9.79 44.35
N GLY CA 419 31.95 -10.77 45.00
CA GLY CA 419 31.08 -10.46 46.12
C GLY CA 419 29.88 -9.65 45.66
N VAL CA 420 29.56 -8.60 46.41
CA VAL CA 420 28.45 -7.72 46.06
C VAL CA 420 28.88 -6.78 44.94
N GLU CA 445 32.49 -6.16 46.55
CA GLU CA 445 33.42 -6.01 47.65
C GLU CA 445 34.38 -7.21 47.70
N THR CA 446 35.60 -6.95 48.14
CA THR CA 446 36.67 -7.96 48.19
C THR CA 446 36.82 -8.54 49.59
N TYR CA 447 35.74 -8.69 50.33
CA TYR CA 447 35.87 -9.16 51.71
C TYR CA 447 36.41 -10.58 51.77
N VAL CA 448 35.93 -11.47 50.90
CA VAL CA 448 36.38 -12.86 50.98
C VAL CA 448 37.85 -12.98 50.61
N PHE CA 449 38.28 -12.25 49.59
CA PHE CA 449 39.68 -12.27 49.22
C PHE CA 449 40.54 -11.66 50.32
N GLN CA 450 40.03 -10.60 50.96
CA GLN CA 450 40.74 -10.00 52.09
C GLN CA 450 40.86 -10.97 53.24
N ASP CA 451 39.81 -11.77 53.50
CA ASP CA 451 39.87 -12.73 54.58
C ASP CA 451 40.83 -13.86 54.27
N ASN CA 452 40.89 -14.30 53.01
CA ASN CA 452 41.86 -15.32 52.63
C ASN CA 452 43.28 -14.78 52.74
N LEU CA 453 43.48 -13.51 52.41
CA LEU CA 453 44.79 -12.89 52.62
C LEU CA 453 45.10 -12.76 54.11
N ALA CA 454 44.09 -12.52 54.94
CA ALA CA 454 44.30 -12.49 56.38
C ALA CA 454 44.72 -13.87 56.90
N THR CA 455 44.10 -14.92 56.38
CA THR CA 455 44.51 -16.29 56.75
C THR CA 455 45.95 -16.55 56.34
N ALA CA 456 46.33 -16.12 55.13
CA ALA CA 456 47.71 -16.25 54.70
C ALA CA 456 48.65 -15.47 55.62
N MET CA 457 48.23 -14.29 56.06
CA MET CA 457 49.07 -13.49 56.95
C MET CA 457 49.20 -14.13 58.32
N ARG CA 458 48.16 -14.80 58.80
CA ARG CA 458 48.27 -15.53 60.06
C ARG CA 458 49.24 -16.70 59.94
N ARG CA 459 49.19 -17.42 58.82
CA ARG CA 459 50.16 -18.49 58.58
C ARG CA 459 51.58 -17.93 58.51
N ASP CA 460 51.74 -16.78 57.85
CA ASP CA 460 53.03 -16.11 57.82
C ASP CA 460 53.50 -15.76 59.22
N GLY CA 461 52.61 -15.29 60.07
CA GLY CA 461 52.98 -14.96 61.43
C GLY CA 461 53.44 -16.19 62.21
N GLU CA 462 52.73 -17.30 62.05
CA GLU CA 462 53.15 -18.56 62.68
C GLU CA 462 54.56 -18.96 62.23
N ILE CA 463 54.79 -18.96 60.91
CA ILE CA 463 56.09 -19.38 60.38
C ILE CA 463 57.19 -18.45 60.87
N TYR CA 464 56.93 -17.15 60.85
CA TYR CA 464 57.92 -16.19 61.30
C TYR CA 464 58.25 -16.38 62.77
N GLN CA 465 57.23 -16.64 63.59
CA GLN CA 465 57.47 -16.85 65.01
C GLN CA 465 58.35 -18.07 65.24
N SER CA 466 58.06 -19.17 64.55
CA SER CA 466 58.89 -20.37 64.70
C SER CA 466 60.33 -20.10 64.27
N ILE CA 467 60.50 -19.41 63.13
CA ILE CA 467 61.86 -19.15 62.65
C ILE CA 467 62.59 -18.24 63.63
N VAL CA 468 61.89 -17.29 64.23
CA VAL CA 468 62.52 -16.40 65.19
C VAL CA 468 62.99 -17.17 66.41
N ASN CA 469 62.13 -18.04 66.94
CA ASN CA 469 62.57 -18.84 68.09
C ASN CA 469 63.74 -19.73 67.72
N ASP CA 470 63.85 -20.11 66.44
CA ASP CA 470 64.95 -20.97 66.02
C ASP CA 470 66.28 -20.23 65.88
N ILE CA 471 66.27 -18.99 65.38
CA ILE CA 471 67.55 -18.36 65.05
C ILE CA 471 67.84 -17.05 65.79
N TYR CA 472 66.80 -16.32 66.19
CA TYR CA 472 67.01 -15.03 66.81
C TYR CA 472 67.24 -15.18 68.31
N ASP CA 473 67.72 -14.10 68.92
CA ASP CA 473 67.95 -14.07 70.36
C ASP CA 473 66.78 -13.35 71.03
N VAL CA 474 65.86 -14.13 71.56
CA VAL CA 474 64.64 -13.59 72.18
C VAL CA 474 64.94 -13.35 73.66
N PRO CA 475 64.92 -12.10 74.13
CA PRO CA 475 65.12 -11.84 75.56
C PRO CA 475 63.89 -12.20 76.37
N ARG CA 476 64.12 -12.70 77.58
CA ARG CA 476 63.06 -13.07 78.50
C ARG CA 476 62.92 -12.00 79.58
N ASN CA 477 61.68 -11.60 79.86
CA ASN CA 477 61.42 -10.50 80.77
C ASN CA 477 61.06 -11.02 82.15
N VAL CA 478 61.70 -10.47 83.18
CA VAL CA 478 61.45 -10.86 84.56
C VAL CA 478 60.86 -9.67 85.31
N THR CA 479 60.21 -9.96 86.44
CA THR CA 479 59.50 -8.97 87.23
C THR CA 479 60.34 -8.42 88.38
N ILE CA 480 61.62 -8.74 88.45
CA ILE CA 480 62.48 -8.23 89.51
C ILE CA 480 62.81 -6.77 89.26
N LEU CA 492 63.30 -6.85 84.31
CA LEU CA 492 64.27 -6.50 83.27
C LEU CA 492 64.36 -7.61 82.22
N MET CA 493 64.98 -7.29 81.09
CA MET CA 493 65.10 -8.22 79.98
C MET CA 493 66.45 -8.92 80.04
N ALA CA 494 66.44 -10.24 79.94
CA ALA CA 494 67.64 -11.06 80.05
C ALA CA 494 67.90 -11.72 78.71
N GLU CA 495 69.12 -11.54 78.19
CA GLU CA 495 69.60 -12.24 76.99
C GLU CA 495 70.70 -13.20 77.45
N VAL CA 496 70.29 -14.41 77.84
CA VAL CA 496 71.23 -15.40 78.35
C VAL CA 496 71.72 -16.20 77.15
N VAL CA 497 72.97 -15.92 76.75
CA VAL CA 497 73.65 -16.65 75.68
C VAL CA 497 75.11 -16.81 76.07
N ASP CA 498 75.87 -17.48 75.22
CA ASP CA 498 77.29 -17.72 75.48
C ASP CA 498 77.98 -18.02 74.15
N LEU CA 499 79.31 -18.07 74.21
CA LEU CA 499 80.13 -18.32 73.04
C LEU CA 499 80.87 -19.65 73.21
N ALA CA 500 81.13 -20.30 72.08
CA ALA CA 500 81.86 -21.56 72.06
C ALA CA 500 83.34 -21.31 71.78
N THR CA 501 84.10 -22.39 71.62
CA THR CA 501 85.52 -22.28 71.32
C THR CA 501 85.78 -21.84 69.89
N GLY CA 502 84.79 -21.90 69.01
CA GLY CA 502 84.98 -21.51 67.62
C GLY CA 502 84.47 -20.10 67.33
N GLU CA 503 84.30 -19.30 68.39
CA GLU CA 503 83.85 -17.91 68.30
C GLU CA 503 82.46 -17.79 67.68
N LYS CA 504 81.62 -18.82 67.83
CA LYS CA 504 80.25 -18.78 67.34
C LYS CA 504 79.29 -18.68 68.52
N GLN CA 505 78.45 -17.65 68.52
CA GLN CA 505 77.52 -17.42 69.61
C GLN CA 505 76.26 -18.24 69.36
N VAL CA 506 75.96 -19.16 70.27
CA VAL CA 506 74.81 -20.06 70.14
C VAL CA 506 73.66 -19.50 70.96
N LEU CA 507 72.52 -19.30 70.30
CA LEU CA 507 71.36 -18.76 70.99
C LEU CA 507 70.77 -19.79 71.96
N ASN CA 508 70.30 -19.29 73.09
CA ASN CA 508 69.65 -20.11 74.12
C ASN CA 508 68.22 -19.60 74.27
N ASP CA 509 67.25 -20.41 73.88
CA ASP CA 509 65.85 -20.06 73.96
C ASP CA 509 65.15 -21.02 74.90
N ILE CA 510 64.50 -20.48 75.94
CA ILE CA 510 63.74 -21.30 76.88
C ILE CA 510 62.49 -21.79 76.18
N ARG CA 511 61.77 -22.74 76.79
CA ARG CA 511 60.56 -23.28 76.19
C ARG CA 511 59.33 -22.41 76.44
N GLY CA 512 59.46 -21.32 77.19
CA GLY CA 512 58.39 -20.35 77.26
C GLY CA 512 58.45 -19.39 76.08
N ARG CA 513 58.44 -19.95 74.86
CA ARG CA 513 58.64 -19.17 73.64
C ARG CA 513 57.33 -18.68 73.04
N TYR CA 514 56.35 -19.59 72.89
CA TYR CA 514 55.04 -19.22 72.35
C TYR CA 514 54.21 -18.56 73.45
N GLU CA 515 54.58 -17.33 73.77
CA GLU CA 515 53.83 -16.53 74.73
C GLU CA 515 52.83 -15.58 74.06
N CYS CA 516 52.81 -15.53 72.74
CA CYS CA 516 51.89 -14.66 72.03
C CYS CA 516 51.33 -15.39 70.81
N TYR CA 517 50.08 -15.10 70.48
CA TYR CA 517 49.43 -15.64 69.32
C TYR CA 517 49.36 -14.59 68.22
N THR CA 518 48.77 -14.97 67.10
CA THR CA 518 48.76 -14.16 65.89
C THR CA 518 47.35 -13.65 65.60
N ASP CA 519 47.26 -12.37 65.23
CA ASP CA 519 46.04 -11.78 64.71
C ASP CA 519 46.42 -10.91 63.52
N VAL CA 520 45.44 -10.17 63.01
CA VAL CA 520 45.61 -9.37 61.81
C VAL CA 520 45.15 -7.95 62.09
N GLY CA 521 46.01 -6.98 61.79
CA GLY CA 521 45.69 -5.60 62.00
C GLY CA 521 46.29 -4.73 60.92
N PRO CA 522 46.15 -3.41 61.05
CA PRO CA 522 46.70 -2.51 60.03
C PRO CA 522 48.21 -2.59 59.98
N SER CA 523 48.75 -2.33 58.79
CA SER CA 523 50.20 -2.45 58.58
C SER CA 523 50.90 -1.17 59.00
N PHE CA 524 51.86 -1.29 59.91
CA PHE CA 524 52.65 -0.17 60.40
C PHE CA 524 54.12 -0.47 60.17
N GLN CA 525 54.90 0.58 59.92
CA GLN CA 525 56.31 0.39 59.61
C GLN CA 525 57.20 0.31 60.84
N SER CA 526 56.70 0.70 62.02
CA SER CA 526 57.52 0.66 63.22
C SER CA 526 56.63 0.72 64.45
N MET CA 527 57.22 0.34 65.58
CA MET CA 527 56.49 0.37 66.84
C MET CA 527 56.06 1.77 67.21
N LYS CA 528 56.87 2.78 66.89
CA LYS CA 528 56.46 4.15 67.17
C LYS CA 528 55.23 4.53 66.35
N GLN CA 529 55.18 4.11 65.08
CA GLN CA 529 54.00 4.36 64.26
C GLN CA 529 52.77 3.65 64.84
N GLN CA 530 52.94 2.40 65.27
CA GLN CA 530 51.79 1.68 65.84
C GLN CA 530 51.31 2.36 67.12
N ASN CA 531 52.24 2.80 67.97
CA ASN CA 531 51.85 3.47 69.21
C ASN CA 531 51.17 4.79 68.92
N ARG CA 532 51.64 5.53 67.92
CA ARG CA 532 50.95 6.76 67.55
C ARG CA 532 49.52 6.47 67.10
N ALA CA 533 49.34 5.43 66.29
CA ALA CA 533 48.00 5.10 65.82
C ALA CA 533 47.09 4.68 66.97
N GLU CA 534 47.62 3.90 67.91
CA GLU CA 534 46.81 3.47 69.05
C GLU CA 534 46.43 4.64 69.94
N ILE CA 535 47.37 5.57 70.17
CA ILE CA 535 47.07 6.74 70.99
C ILE CA 535 46.00 7.58 70.31
N LEU CA 536 46.11 7.78 69.00
CA LEU CA 536 45.08 8.55 68.29
C LEU CA 536 43.74 7.84 68.31
N GLU CA 537 43.75 6.51 68.23
CA GLU CA 537 42.50 5.76 68.30
C GLU CA 537 41.82 5.94 69.66
N LEU CA 538 42.60 5.86 70.74
CA LEU CA 538 42.02 6.10 72.06
C LEU CA 538 41.54 7.54 72.20
N LEU CA 539 42.29 8.48 71.63
CA LEU CA 539 41.90 9.88 71.66
C LEU CA 539 40.58 10.10 70.95
N GLY CA 540 40.34 9.36 69.87
CA GLY CA 540 39.11 9.52 69.12
C GLY CA 540 37.86 9.11 69.86
N LYS CA 541 37.99 8.38 70.97
CA LYS CA 541 36.85 7.93 71.73
C LYS CA 541 36.80 8.43 73.17
N THR CA 542 37.92 8.87 73.73
CA THR CA 542 37.89 9.36 75.11
C THR CA 542 37.26 10.76 75.15
N PRO CA 543 36.24 10.96 75.98
CA PRO CA 543 35.63 12.30 76.08
C PRO CA 543 36.57 13.30 76.72
N GLN CA 544 36.27 14.58 76.52
CA GLN CA 544 37.17 15.66 76.91
C GLN CA 544 37.22 15.87 78.42
N GLY CA 545 37.74 14.89 79.15
CA GLY CA 545 38.02 15.06 80.56
C GLY CA 545 39.51 15.15 80.80
N THR CA 546 40.00 14.59 81.90
CA THR CA 546 41.44 14.52 82.16
C THR CA 546 42.14 13.40 81.39
N PRO CA 547 41.51 12.24 81.15
CA PRO CA 547 42.17 11.26 80.28
C PRO CA 547 42.42 11.77 78.88
N GLU CA 548 41.60 12.71 78.38
CA GLU CA 548 41.90 13.31 77.08
C GLU CA 548 43.20 14.12 77.14
N TYR CA 549 43.41 14.84 78.24
CA TYR CA 549 44.68 15.54 78.42
C TYR CA 549 45.84 14.55 78.50
N GLN CA 550 45.63 13.43 79.20
CA GLN CA 550 46.67 12.42 79.30
C GLN CA 550 47.03 11.86 77.93
N LEU CA 551 46.03 11.56 77.12
CA LEU CA 551 46.28 10.99 75.80
C LEU CA 551 46.90 12.02 74.86
N LEU CA 552 46.49 13.28 74.96
CA LEU CA 552 47.10 14.32 74.13
C LEU CA 552 48.57 14.49 74.47
N LEU CA 553 48.90 14.49 75.77
CA LEU CA 553 50.30 14.60 76.16
C LEU CA 553 51.08 13.38 75.70
N LEU CA 554 50.45 12.20 75.70
CA LEU CA 554 51.10 11.01 75.18
C LEU CA 554 51.38 11.12 73.67
N GLN CA 555 50.42 11.65 72.92
CA GLN CA 555 50.63 11.80 71.48
C GLN CA 555 51.76 12.77 71.20
N TYR CA 556 51.88 13.86 71.96
CA TYR CA 556 53.04 14.74 71.73
C TYR CA 556 54.29 14.00 72.18
N PHE CA 557 54.19 13.18 73.22
CA PHE CA 557 55.34 12.38 73.62
C PHE CA 557 55.92 11.58 72.46
N THR CA 558 55.06 10.86 71.72
CA THR CA 558 55.53 9.91 70.72
C THR CA 558 55.62 10.50 69.33
N LEU CA 559 55.97 11.78 69.21
CA LEU CA 559 56.08 12.41 67.91
C LEU CA 559 57.51 12.28 67.37
N LEU CA 560 57.66 12.63 66.09
CA LEU CA 560 58.97 12.62 65.44
C LEU CA 560 59.76 13.84 65.93
N ASP CA 561 60.78 14.20 65.14
CA ASP CA 561 61.83 15.12 65.62
C ASP CA 561 62.46 16.20 64.75
N GLY CA 562 61.90 17.38 64.73
CA GLY CA 562 62.61 18.43 64.07
C GLY CA 562 63.14 19.33 65.16
N LYS CA 563 62.64 20.57 65.22
CA LYS CA 563 62.90 21.47 66.33
C LYS CA 563 61.63 21.95 67.00
N GLY CA 564 60.61 22.31 66.23
CA GLY CA 564 59.34 22.69 66.83
C GLY CA 564 58.67 21.54 67.55
N VAL CA 565 58.60 20.38 66.88
CA VAL CA 565 58.05 19.21 67.56
C VAL CA 565 58.98 18.75 68.66
N GLU CA 566 60.26 19.09 68.60
CA GLU CA 566 61.15 18.82 69.73
C GLU CA 566 60.74 19.64 70.95
N MET CA 567 60.45 20.91 70.76
CA MET CA 567 60.00 21.75 71.88
C MET CA 567 58.66 21.25 72.42
N MET CA 568 57.74 20.88 71.53
CA MET CA 568 56.45 20.36 71.98
C MET CA 568 56.62 19.06 72.76
N ARG CA 569 57.51 18.20 72.28
CA ARG CA 569 57.77 16.90 72.95
C ARG CA 569 58.34 17.15 74.33
N ASP CA 570 59.32 18.05 74.44
CA ASP CA 570 59.91 18.36 75.73
C ASP CA 570 58.87 18.92 76.68
N TYR CA 571 57.97 19.77 76.17
CA TYR CA 571 56.90 20.29 77.02
C TYR CA 571 56.01 19.16 77.53
N ALA CA 572 55.66 18.22 76.65
CA ALA CA 572 54.86 17.07 77.09
C ALA CA 572 55.61 16.24 78.12
N ASN CA 573 56.91 16.04 77.90
CA ASN CA 573 57.75 15.31 78.86
C ASN CA 573 57.65 15.93 80.23
N LYS CA 574 57.89 17.24 80.31
CA LYS CA 574 57.92 17.90 81.60
C LYS CA 574 56.55 17.90 82.24
N GLN CA 575 55.49 18.12 81.46
CA GLN CA 575 54.15 18.15 82.04
C GLN CA 575 53.77 16.79 82.62
N LEU CA 576 54.04 15.71 81.88
CA LEU CA 576 53.71 14.38 82.40
C LEU CA 576 54.53 14.05 83.63
N ILE CA 577 55.85 14.31 83.58
CA ILE CA 577 56.69 13.99 84.74
C ILE CA 577 56.23 14.75 85.97
N GLN CA 578 55.97 16.04 85.82
CA GLN CA 578 55.55 16.84 86.97
C GLN CA 578 54.16 16.45 87.45
N MET CA 579 53.30 15.97 86.56
CA MET CA 579 51.99 15.47 86.98
C MET CA 579 52.07 14.10 87.63
N GLY CA 580 53.20 13.41 87.50
CA GLY CA 580 53.40 12.17 88.23
C GLY CA 580 52.86 10.92 87.58
N VAL CA 581 52.62 10.96 86.27
CA VAL CA 581 52.20 9.77 85.55
C VAL CA 581 53.39 8.99 85.00
N LYS CA 582 54.42 9.69 84.56
CA LYS CA 582 55.64 9.06 84.09
C LYS CA 582 56.65 8.95 85.24
N LYS CA 583 57.43 7.88 85.22
CA LYS CA 583 58.43 7.66 86.27
C LYS CA 583 59.65 8.56 86.10
N MET DA 1 36.97 8.62 -46.87
CA MET DA 1 35.55 8.35 -47.05
C MET DA 1 35.15 8.48 -48.51
N GLN DA 2 34.48 7.44 -49.03
CA GLN DA 2 34.10 7.42 -50.43
C GLN DA 2 32.78 8.12 -50.69
N ILE DA 3 32.20 8.75 -49.67
CA ILE DA 3 31.02 9.58 -49.81
C ILE DA 3 31.45 11.00 -49.49
N LYS DA 4 31.67 11.82 -50.52
CA LYS DA 4 32.28 13.13 -50.35
C LYS DA 4 31.41 14.28 -50.82
N THR DA 5 30.20 14.03 -51.30
CA THR DA 5 29.36 15.09 -51.83
C THR DA 5 27.93 14.91 -51.33
N LYS DA 6 27.16 15.98 -51.43
CA LYS DA 6 25.75 15.91 -51.08
C LYS DA 6 25.02 14.92 -51.96
N GLY DA 7 25.33 14.91 -53.26
CA GLY DA 7 24.79 13.90 -54.13
C GLY DA 7 25.22 12.51 -53.75
N ASP DA 8 26.44 12.36 -53.24
CA ASP DA 8 26.88 11.05 -52.76
C ASP DA 8 26.06 10.58 -51.57
N LEU DA 9 25.75 11.49 -50.64
CA LEU DA 9 24.86 11.14 -49.54
C LEU DA 9 23.48 10.75 -50.05
N VAL DA 10 22.96 11.50 -51.03
CA VAL DA 10 21.64 11.18 -51.57
C VAL DA 10 21.65 9.81 -52.23
N ARG DA 11 22.70 9.50 -52.97
CA ARG DA 11 22.80 8.20 -53.62
C ARG DA 11 22.91 7.07 -52.60
N ALA DA 12 23.65 7.30 -51.51
CA ALA DA 12 23.74 6.30 -50.46
C ALA DA 12 22.37 6.06 -49.82
N ALA DA 13 21.63 7.13 -49.57
CA ALA DA 13 20.29 6.97 -49.01
C ALA DA 13 19.38 6.19 -49.95
N LEU DA 14 19.45 6.49 -51.25
CA LEU DA 14 18.62 5.77 -52.21
C LEU DA 14 19.01 4.30 -52.28
N ARG DA 15 20.31 4.00 -52.24
CA ARG DA 15 20.74 2.61 -52.23
C ARG DA 15 20.24 1.89 -50.99
N LYS DA 16 20.27 2.55 -49.83
CA LYS DA 16 19.72 1.95 -48.62
C LYS DA 16 18.24 1.67 -48.76
N LEU DA 17 17.51 2.60 -49.38
CA LEU DA 17 16.08 2.39 -49.61
C LEU DA 17 15.82 1.29 -50.63
N GLY DA 18 16.80 0.98 -51.48
CA GLY DA 18 16.60 0.02 -52.55
C GLY DA 18 16.01 0.60 -53.82
N VAL DA 19 15.80 1.92 -53.85
CA VAL DA 19 15.21 2.55 -55.03
C VAL DA 19 16.17 2.52 -56.20
N ALA DA 20 17.43 2.88 -55.97
CA ALA DA 20 18.39 3.00 -57.04
C ALA DA 20 19.80 2.93 -56.47
N SER DA 21 20.70 2.35 -57.25
CA SER DA 21 22.11 2.22 -56.86
C SER DA 21 22.92 2.01 -58.12
N ASP DA 22 24.21 1.67 -57.95
CA ASP DA 22 25.06 1.43 -59.09
C ASP DA 22 24.68 0.16 -59.85
N ALA DA 23 23.98 -0.77 -59.19
CA ALA DA 23 23.68 -2.06 -59.77
C ALA DA 23 22.30 -2.14 -60.40
N THR DA 24 21.38 -1.26 -60.03
CA THR DA 24 20.03 -1.33 -60.56
C THR DA 24 20.02 -1.04 -62.05
N LEU DA 25 19.09 -1.68 -62.75
CA LEU DA 25 18.94 -1.47 -64.18
C LEU DA 25 18.16 -0.21 -64.50
N THR DA 26 17.49 0.38 -63.52
CA THR DA 26 16.81 1.67 -63.70
C THR DA 26 17.29 2.64 -62.63
N ASP DA 27 17.44 3.90 -63.02
CA ASP DA 27 17.90 4.94 -62.11
C ASP DA 27 16.81 5.99 -61.95
N VAL DA 28 17.12 7.03 -61.18
CA VAL DA 28 16.16 8.08 -60.89
C VAL DA 28 16.57 9.35 -61.62
N GLU DA 29 15.57 10.18 -61.90
CA GLU DA 29 15.77 11.39 -62.68
C GLU DA 29 16.66 12.39 -61.94
N PRO DA 30 17.45 13.17 -62.68
CA PRO DA 30 18.21 14.24 -62.02
C PRO DA 30 17.35 15.23 -61.28
N GLN DA 31 16.11 15.44 -61.71
CA GLN DA 31 15.19 16.25 -60.93
C GLN DA 31 14.88 15.59 -59.59
N SER DA 32 14.71 14.27 -59.59
CA SER DA 32 14.51 13.57 -58.32
C SER DA 32 15.73 13.71 -57.42
N MET DA 33 16.92 13.61 -57.98
CA MET DA 33 18.13 13.78 -57.19
C MET DA 33 18.22 15.20 -56.62
N GLN DA 34 17.87 16.20 -57.43
CA GLN DA 34 17.89 17.58 -56.93
C GLN DA 34 16.88 17.78 -55.82
N ASP DA 35 15.69 17.18 -55.96
CA ASP DA 35 14.70 17.27 -54.90
C ASP DA 35 15.22 16.65 -53.60
N ALA DA 36 15.85 15.48 -53.71
CA ALA DA 36 16.41 14.86 -52.52
C ALA DA 36 17.52 15.70 -51.91
N VAL DA 37 18.32 16.36 -52.75
CA VAL DA 37 19.37 17.23 -52.22
C VAL DA 37 18.77 18.41 -51.48
N ASP DA 38 17.69 18.98 -52.01
CA ASP DA 38 17.01 20.06 -51.32
C ASP DA 38 16.44 19.59 -49.98
N ASP DA 39 15.88 18.38 -49.95
CA ASP DA 39 15.38 17.83 -48.69
C ASP DA 39 16.51 17.64 -47.69
N LEU DA 40 17.66 17.15 -48.15
CA LEU DA 40 18.82 17.03 -47.26
C LEU DA 40 19.26 18.38 -46.72
N GLU DA 41 19.27 19.40 -47.58
CA GLU DA 41 19.66 20.73 -47.13
C GLU DA 41 18.71 21.25 -46.07
N ALA DA 42 17.40 21.07 -46.29
CA ALA DA 42 16.42 21.51 -45.30
C ALA DA 42 16.56 20.75 -43.99
N MET DA 43 16.81 19.44 -44.06
CA MET DA 43 16.98 18.64 -42.85
C MET DA 43 18.23 19.05 -42.09
N MET DA 44 19.33 19.31 -42.79
CA MET DA 44 20.54 19.77 -42.12
C MET DA 44 20.36 21.14 -41.50
N ALA DA 45 19.66 22.04 -42.19
CA ALA DA 45 19.43 23.37 -41.62
C ALA DA 45 18.47 23.31 -40.44
N GLU DA 46 17.55 22.36 -40.43
CA GLU DA 46 16.67 22.19 -39.28
C GLU DA 46 17.41 21.61 -38.10
N TRP DA 47 18.31 20.65 -38.34
CA TRP DA 47 19.17 20.14 -37.28
C TRP DA 47 20.03 21.23 -36.68
N TYR DA 48 20.86 21.85 -37.52
CA TYR DA 48 21.74 22.95 -37.13
C TYR DA 48 20.85 24.18 -36.98
N GLN DA 49 20.25 24.34 -35.82
CA GLN DA 49 19.25 25.39 -35.61
C GLN DA 49 19.96 26.74 -35.49
N ASP DA 50 20.58 27.15 -36.60
CA ASP DA 50 21.32 28.41 -36.69
C ASP DA 50 22.39 28.50 -35.60
N GLY DA 51 23.07 27.39 -35.34
CA GLY DA 51 24.14 27.35 -34.38
C GLY DA 51 23.76 26.90 -32.99
N LYS DA 52 22.49 26.55 -32.76
CA LYS DA 52 22.02 26.16 -31.44
C LYS DA 52 21.41 24.77 -31.45
N GLY DA 53 21.83 23.94 -32.39
CA GLY DA 53 21.38 22.56 -32.47
C GLY DA 53 22.56 21.63 -32.66
N ILE DA 54 22.38 20.62 -33.50
CA ILE DA 54 23.42 19.65 -33.77
C ILE DA 54 24.49 20.30 -34.63
N ILE DA 55 25.74 20.20 -34.20
CA ILE DA 55 26.87 20.70 -34.96
C ILE DA 55 27.52 19.51 -35.66
N THR DA 56 27.65 19.60 -36.98
CA THR DA 56 28.18 18.48 -37.75
C THR DA 56 29.17 18.88 -38.83
N GLY DA 57 29.59 20.14 -38.89
CA GLY DA 57 30.52 20.56 -39.92
C GLY DA 57 29.92 20.67 -41.30
N TYR DA 58 28.61 20.61 -41.42
CA TYR DA 58 27.96 20.74 -42.72
C TYR DA 58 28.22 22.12 -43.30
N VAL DA 59 28.48 22.16 -44.60
CA VAL DA 59 28.74 23.40 -45.32
C VAL DA 59 27.56 23.64 -46.26
N PHE DA 60 26.88 24.77 -46.08
CA PHE DA 60 25.69 25.04 -46.87
C PHE DA 60 26.07 25.66 -48.21
N SER DA 61 25.41 25.19 -49.27
CA SER DA 61 25.76 25.56 -50.62
C SER DA 61 25.10 26.87 -51.01
N ASP DA 62 25.91 27.84 -51.44
CA ASP DA 62 25.40 29.12 -51.90
C ASP DA 62 24.79 28.97 -53.30
N ASP DA 63 23.89 29.89 -53.62
CA ASP DA 63 23.15 29.80 -54.88
C ASP DA 63 24.01 30.16 -56.07
N GLU DA 64 25.03 30.99 -55.88
CA GLU DA 64 25.87 31.41 -56.99
C GLU DA 64 26.60 30.23 -57.60
N ASN DA 65 27.07 29.30 -56.77
CA ASN DA 65 27.70 28.07 -57.24
C ASN DA 65 26.59 27.08 -57.56
N PRO DA 66 26.30 26.85 -58.84
CA PRO DA 66 24.97 26.37 -59.24
C PRO DA 66 24.63 24.98 -58.74
N PRO DA 67 25.47 23.95 -58.99
CA PRO DA 67 25.05 22.60 -58.58
C PRO DA 67 25.37 22.29 -57.14
N ALA DA 68 24.33 21.99 -56.34
CA ALA DA 68 24.55 21.58 -54.96
C ALA DA 68 25.22 20.22 -54.89
N GLU DA 69 24.70 19.25 -55.64
CA GLU DA 69 25.42 17.99 -55.84
C GLU DA 69 26.76 18.28 -56.46
N GLY DA 70 27.81 17.66 -55.92
CA GLY DA 70 29.17 17.94 -56.31
C GLY DA 70 29.94 18.74 -55.29
N ASP DA 71 29.25 19.39 -54.36
CA ASP DA 71 29.92 20.12 -53.30
C ASP DA 71 30.30 19.18 -52.16
N ASP DA 72 31.50 19.36 -51.64
CA ASP DA 72 31.90 18.64 -50.44
C ASP DA 72 30.99 19.06 -49.30
N HIS DA 73 30.27 18.10 -48.71
CA HIS DA 73 29.32 18.44 -47.65
C HIS DA 73 30.03 18.97 -46.42
N GLY DA 74 31.29 18.59 -46.21
CA GLY DA 74 32.02 19.02 -45.03
C GLY DA 74 31.79 18.19 -43.79
N LEU DA 75 31.01 17.12 -43.86
CA LEU DA 75 30.80 16.28 -42.70
C LEU DA 75 32.06 15.49 -42.37
N ARG DA 76 32.23 15.19 -41.09
CA ARG DA 76 33.34 14.36 -40.67
C ARG DA 76 33.10 12.91 -41.08
N SER DA 77 34.13 12.09 -40.95
CA SER DA 77 34.03 10.70 -41.38
C SER DA 77 32.99 9.93 -40.59
N SER DA 78 32.75 10.31 -39.34
CA SER DA 78 31.86 9.59 -38.45
C SER DA 78 30.41 10.08 -38.50
N ALA DA 79 30.13 11.15 -39.23
CA ALA DA 79 28.78 11.68 -39.35
C ALA DA 79 28.05 11.19 -40.59
N VAL DA 80 28.76 10.58 -41.53
CA VAL DA 80 28.19 10.25 -42.83
C VAL DA 80 27.08 9.22 -42.69
N SER DA 81 27.31 8.18 -41.88
CA SER DA 81 26.31 7.12 -41.76
C SER DA 81 25.02 7.67 -41.18
N ALA DA 82 25.12 8.45 -40.09
CA ALA DA 82 23.94 9.05 -39.49
C ALA DA 82 23.21 9.95 -40.46
N VAL DA 83 23.96 10.80 -41.17
CA VAL DA 83 23.33 11.76 -42.07
C VAL DA 83 22.59 11.04 -43.19
N PHE DA 84 23.23 10.06 -43.83
CA PHE DA 84 22.55 9.46 -44.97
C PHE DA 84 21.45 8.50 -44.53
N HIS DA 85 21.55 7.89 -43.34
CA HIS DA 85 20.43 7.11 -42.85
C HIS DA 85 19.21 7.98 -42.56
N ASN DA 86 19.43 9.13 -41.91
CA ASN DA 86 18.32 10.04 -41.68
C ASN DA 86 17.76 10.59 -42.98
N LEU DA 87 18.62 10.82 -43.98
CA LEU DA 87 18.12 11.28 -45.26
C LEU DA 87 17.25 10.24 -45.94
N ALA DA 88 17.66 8.97 -45.87
CA ALA DA 88 16.82 7.90 -46.43
C ALA DA 88 15.48 7.86 -45.73
N CYS DA 89 15.48 7.96 -44.40
CA CYS DA 89 14.22 7.99 -43.68
C CYS DA 89 13.36 9.17 -44.12
N ARG DA 90 13.98 10.34 -44.33
CA ARG DA 90 13.23 11.52 -44.72
C ARG DA 90 12.62 11.38 -46.11
N ILE DA 91 13.38 10.85 -47.07
CA ILE DA 91 12.90 10.84 -48.46
C ILE DA 91 12.18 9.56 -48.84
N ALA DA 92 12.06 8.59 -47.93
CA ALA DA 92 11.27 7.41 -48.23
C ALA DA 92 9.83 7.72 -48.66
N PRO DA 93 9.09 8.65 -48.04
CA PRO DA 93 7.71 8.88 -48.47
C PRO DA 93 7.55 9.37 -49.90
N ASP DA 94 8.61 9.92 -50.51
CA ASP DA 94 8.52 10.38 -51.89
C ASP DA 94 8.19 9.24 -52.84
N TYR DA 95 8.66 8.02 -52.54
CA TYR DA 95 8.51 6.87 -53.40
C TYR DA 95 7.46 5.90 -52.88
N ALA DA 96 6.45 6.40 -52.18
CA ALA DA 96 5.38 5.57 -51.63
C ALA DA 96 5.95 4.43 -50.80
N LEU DA 97 7.01 4.71 -50.05
CA LEU DA 97 7.78 3.70 -49.36
C LEU DA 97 7.74 3.95 -47.86
N GLU DA 98 8.52 3.17 -47.12
CA GLU DA 98 8.65 3.31 -45.67
C GLU DA 98 9.92 2.60 -45.27
N ALA DA 99 10.84 3.33 -44.63
CA ALA DA 99 12.13 2.76 -44.28
C ALA DA 99 11.97 1.61 -43.31
N THR DA 100 12.85 0.63 -43.42
CA THR DA 100 12.76 -0.55 -42.57
C THR DA 100 13.16 -0.22 -41.14
N ALA DA 101 12.84 -1.16 -40.25
CA ALA DA 101 13.13 -0.95 -38.83
C ALA DA 101 14.63 -0.79 -38.59
N LYS DA 102 15.45 -1.53 -39.33
CA LYS DA 102 16.88 -1.39 -39.18
C LYS DA 102 17.35 0.00 -39.58
N ILE DA 103 16.82 0.54 -40.67
CA ILE DA 103 17.22 1.87 -41.11
C ILE DA 103 16.80 2.90 -40.08
N ILE DA 104 15.58 2.78 -39.53
CA ILE DA 104 15.12 3.74 -38.54
C ILE DA 104 15.98 3.66 -37.28
N ALA DA 105 16.31 2.45 -36.82
CA ALA DA 105 17.11 2.31 -35.62
C ALA DA 105 18.51 2.86 -35.80
N THR DA 106 19.11 2.61 -36.96
CA THR DA 106 20.43 3.17 -37.22
C THR DA 106 20.36 4.69 -37.34
N ALA DA 107 19.25 5.22 -37.85
CA ALA DA 107 19.09 6.66 -37.90
C ALA DA 107 19.04 7.26 -36.50
N LYS DA 108 18.25 6.66 -35.61
CA LYS DA 108 18.17 7.14 -34.24
C LYS DA 108 19.53 7.08 -33.54
N TYR DA 109 20.19 5.93 -33.66
CA TYR DA 109 21.49 5.76 -33.03
C TYR DA 109 22.48 6.78 -33.57
N GLY DA 110 22.49 7.01 -34.88
CA GLY DA 110 23.42 7.93 -35.47
C GLY DA 110 23.17 9.37 -35.05
N LYS DA 111 21.91 9.78 -34.96
CA LYS DA 111 21.62 11.15 -34.53
C LYS DA 111 22.05 11.37 -33.08
N GLU DA 112 21.75 10.41 -32.19
CA GLU DA 112 22.19 10.56 -30.82
C GLU DA 112 23.71 10.61 -30.73
N LEU DA 113 24.39 9.74 -31.48
CA LEU DA 113 25.84 9.72 -31.45
C LEU DA 113 26.43 11.00 -32.04
N LEU DA 114 25.74 11.60 -33.01
CA LEU DA 114 26.15 12.90 -33.53
C LEU DA 114 26.10 13.96 -32.45
N TYR DA 115 25.08 13.98 -31.61
CA TYR DA 115 25.01 15.11 -30.64
C TYR DA 115 25.83 14.82 -29.39
N LYS DA 116 26.22 13.57 -29.17
CA LYS DA 116 26.85 13.23 -27.89
C LYS DA 116 27.94 14.23 -27.49
N GLN DA 117 28.88 14.51 -28.40
CA GLN DA 117 30.02 15.34 -28.02
C GLN DA 117 29.60 16.77 -27.74
N THR DA 118 28.65 17.29 -28.51
CA THR DA 118 28.09 18.61 -28.20
C THR DA 118 27.40 18.60 -26.86
N ALA DA 119 26.75 17.50 -26.50
CA ALA DA 119 26.09 17.41 -25.20
C ALA DA 119 27.11 17.49 -24.08
N ILE DA 120 28.19 16.75 -24.20
CA ILE DA 120 29.25 16.79 -23.19
C ILE DA 120 29.86 18.18 -23.12
N SER DA 121 30.02 18.84 -24.26
CA SER DA 121 30.60 20.18 -24.27
C SER DA 121 29.67 21.20 -23.64
N ARG DA 122 28.36 21.04 -23.83
CA ARG DA 122 27.39 22.01 -23.34
C ARG DA 122 26.92 21.71 -21.93
N ALA DA 123 27.31 20.59 -21.34
CA ALA DA 123 27.02 20.30 -19.93
C ALA DA 123 28.02 21.06 -19.08
N LYS DA 124 27.78 22.36 -18.91
CA LYS DA 124 28.62 23.26 -18.15
C LYS DA 124 27.92 23.68 -16.86
N ARG DA 125 28.70 24.21 -15.92
CA ARG DA 125 28.19 24.66 -14.63
C ARG DA 125 28.24 26.17 -14.53
N ALA DA 126 27.18 26.76 -13.97
CA ALA DA 126 27.12 28.21 -13.84
C ALA DA 126 28.11 28.70 -12.79
N PRO DA 127 28.52 29.96 -12.87
CA PRO DA 127 29.45 30.49 -11.87
C PRO DA 127 28.76 30.69 -10.53
N TYR DA 128 29.56 30.99 -9.53
CA TYR DA 128 29.03 31.24 -8.20
C TYR DA 128 28.14 32.48 -8.22
N PRO DA 129 27.02 32.47 -7.50
CA PRO DA 129 26.15 33.65 -7.47
C PRO DA 129 26.86 34.82 -6.81
N SER DA 130 26.48 36.02 -7.23
CA SER DA 130 27.08 37.24 -6.72
C SER DA 130 26.77 37.49 -5.24
N ARG DA 131 25.82 36.75 -4.67
CA ARG DA 131 25.47 36.88 -3.26
C ARG DA 131 26.21 35.87 -2.40
N MET DA 132 27.32 35.34 -2.88
CA MET DA 132 28.05 34.29 -2.19
C MET DA 132 29.42 34.75 -1.75
N PRO DA 133 29.76 34.61 -0.47
CA PRO DA 133 31.09 34.96 -0.02
C PRO DA 133 32.12 34.01 -0.60
N THR DA 134 33.35 34.51 -0.75
CA THR DA 134 34.43 33.63 -1.15
C THR DA 134 34.95 32.79 0.01
N GLY DA 135 34.56 33.10 1.23
CA GLY DA 135 35.13 32.47 2.39
C GLY DA 135 36.42 33.14 2.82
N SER DA 136 36.82 32.87 4.05
CA SER DA 136 38.08 33.36 4.56
C SER DA 136 39.25 32.45 4.20
N GLY DA 137 38.98 31.31 3.58
CA GLY DA 137 40.07 30.52 3.02
C GLY DA 137 40.73 31.18 1.85
N ASN DA 138 39.93 31.79 0.97
CA ASN DA 138 40.46 32.58 -0.15
C ASN DA 138 40.64 34.04 0.26
N SER DA 139 41.45 34.25 1.30
CA SER DA 139 41.84 35.61 1.66
C SER DA 139 43.07 36.05 0.89
N PHE DA 140 44.12 35.24 0.94
CA PHE DA 140 45.38 35.54 0.29
C PHE DA 140 45.34 35.27 -1.20
N ALA DA 141 44.26 34.65 -1.69
CA ALA DA 141 44.09 34.49 -3.12
C ALA DA 141 43.67 35.80 -3.79
N ASN DA 142 42.78 36.55 -3.15
CA ASN DA 142 42.35 37.85 -3.65
C ASN DA 142 43.00 39.00 -2.88
N LEU DA 143 44.00 38.71 -2.06
CA LEU DA 143 44.77 39.73 -1.33
C LEU DA 143 43.89 40.51 -0.36
N ASN DA 144 42.83 39.86 0.14
CA ASN DA 144 41.88 40.49 1.04
C ASN DA 144 41.29 41.76 0.44
N GLU DA 145 40.80 41.65 -0.79
CA GLU DA 145 40.24 42.78 -1.51
C GLU DA 145 38.72 42.69 -1.67
N TRP DA 146 38.23 41.58 -2.22
CA TRP DA 146 36.81 41.33 -2.35
C TRP DA 146 36.48 40.01 -1.67
N HIS DA 147 35.35 40.00 -0.96
CA HIS DA 147 34.95 38.84 -0.18
C HIS DA 147 33.78 38.08 -0.78
N TYR DA 148 33.20 38.57 -1.88
CA TYR DA 148 32.03 37.98 -2.48
C TYR DA 148 32.33 37.61 -3.92
N PHE DA 149 31.66 36.57 -4.40
CA PHE DA 149 31.90 36.09 -5.74
C PHE DA 149 31.33 37.06 -6.78
N PRO DA 150 31.95 37.15 -7.95
CA PRO DA 150 31.49 38.10 -8.96
C PRO DA 150 30.13 37.78 -9.54
N GLY DA 151 29.94 36.55 -9.99
CA GLY DA 151 28.67 36.14 -10.55
C GLY DA 151 28.61 36.28 -12.06
N GLU DA 152 27.38 36.40 -12.56
CA GLU DA 152 27.10 36.51 -13.98
C GLU DA 152 27.66 35.32 -14.77
N GLU EA 5 86.81 -15.74 29.23
CA GLU EA 5 87.87 -15.33 30.15
C GLU EA 5 88.10 -13.83 30.08
N ASN EA 6 87.89 -13.25 28.89
CA ASN EA 6 88.04 -11.83 28.73
C ASN EA 6 86.98 -11.08 29.51
N ARG EA 7 87.39 -9.98 30.15
CA ARG EA 7 86.45 -9.18 30.92
C ARG EA 7 85.35 -8.64 30.02
N LEU EA 8 85.72 -8.15 28.83
CA LEU EA 8 84.72 -7.69 27.89
C LEU EA 8 83.80 -8.83 27.47
N GLU EA 9 84.37 -10.03 27.31
CA GLU EA 9 83.54 -11.17 26.94
C GLU EA 9 82.48 -11.45 28.00
N SER EA 10 82.87 -11.44 29.27
CA SER EA 10 81.90 -11.69 30.33
C SER EA 10 80.85 -10.58 30.38
N ILE EA 11 81.28 -9.33 30.29
CA ILE EA 11 80.33 -8.21 30.33
C ILE EA 11 79.33 -8.32 29.20
N LEU EA 12 79.81 -8.55 27.99
CA LEU EA 12 78.93 -8.64 26.82
C LEU EA 12 78.07 -9.87 26.86
N SER EA 13 78.54 -10.96 27.48
CA SER EA 13 77.69 -12.14 27.62
C SER EA 13 76.51 -11.84 28.53
N ARG EA 14 76.76 -11.17 29.65
CA ARG EA 14 75.66 -10.78 30.52
C ARG EA 14 74.71 -9.82 29.83
N PHE EA 15 75.26 -8.83 29.12
CA PHE EA 15 74.42 -7.87 28.43
C PHE EA 15 73.58 -8.54 27.35
N ASP EA 16 74.16 -9.50 26.62
CA ASP EA 16 73.41 -10.20 25.59
C ASP EA 16 72.29 -11.03 26.20
N ALA EA 17 72.57 -11.68 27.34
CA ALA EA 17 71.52 -12.42 28.02
C ALA EA 17 70.35 -11.51 28.38
N ASP EA 18 70.64 -10.37 29.00
CA ASP EA 18 69.57 -9.47 29.40
C ASP EA 18 68.85 -8.86 28.20
N TRP EA 19 69.62 -8.48 27.17
CA TRP EA 19 69.02 -7.87 25.98
C TRP EA 19 68.09 -8.83 25.27
N THR EA 20 68.49 -10.09 25.12
CA THR EA 20 67.62 -11.05 24.48
C THR EA 20 66.50 -11.52 25.40
N ALA EA 21 66.66 -11.38 26.71
CA ALA EA 21 65.60 -11.78 27.62
C ALA EA 21 64.47 -10.76 27.63
N SER EA 22 64.80 -9.47 27.62
CA SER EA 22 63.80 -8.41 27.74
C SER EA 22 63.41 -7.83 26.40
N ASP EA 23 63.35 -8.67 25.36
CA ASP EA 23 63.23 -8.14 24.00
C ASP EA 23 61.80 -7.74 23.66
N GLU EA 24 60.86 -8.68 23.76
CA GLU EA 24 59.49 -8.41 23.33
C GLU EA 24 58.82 -7.37 24.20
N ALA EA 25 59.11 -7.35 25.50
CA ALA EA 25 58.58 -6.31 26.36
C ALA EA 25 59.10 -4.94 25.97
N ARG EA 26 60.39 -4.86 25.63
CA ARG EA 26 60.97 -3.59 25.20
C ARG EA 26 60.36 -3.11 23.90
N ARG EA 27 60.16 -4.01 22.95
CA ARG EA 27 59.60 -3.60 21.66
C ARG EA 27 58.13 -3.21 21.80
N GLU EA 28 57.37 -3.92 22.63
CA GLU EA 28 56.01 -3.48 22.89
C GLU EA 28 55.97 -2.11 23.56
N ALA EA 29 56.88 -1.87 24.50
CA ALA EA 29 56.90 -0.58 25.17
C ALA EA 29 57.29 0.55 24.21
N LYS EA 30 58.25 0.29 23.33
CA LYS EA 30 58.60 1.28 22.32
C LYS EA 30 57.44 1.55 21.39
N ASN EA 31 56.71 0.51 21.01
CA ASN EA 31 55.52 0.69 20.19
C ASN EA 31 54.49 1.54 20.90
N ASP EA 32 54.28 1.31 22.20
CA ASP EA 32 53.32 2.10 22.96
C ASP EA 32 53.74 3.56 23.06
N LEU EA 33 55.02 3.81 23.29
CA LEU EA 33 55.51 5.19 23.36
C LEU EA 33 55.32 5.90 22.03
N PHE EA 34 55.66 5.23 20.91
CA PHE EA 34 55.46 5.83 19.60
C PHE EA 34 53.99 6.08 19.34
N PHE EA 35 53.13 5.12 19.66
CA PHE EA 35 51.69 5.27 19.43
C PHE EA 35 51.13 6.43 20.23
N SER EA 36 51.62 6.63 21.45
CA SER EA 36 51.10 7.67 22.32
C SER EA 36 51.72 9.03 22.07
N ARG EA 37 52.88 9.11 21.41
CA ARG EA 37 53.59 10.38 21.33
C ARG EA 37 53.76 10.91 19.92
N VAL EA 38 54.07 10.07 18.94
CA VAL EA 38 54.35 10.53 17.58
C VAL EA 38 53.13 10.38 16.68
N SER EA 39 52.64 9.16 16.49
CA SER EA 39 51.57 8.95 15.55
C SER EA 39 50.87 7.62 15.82
N GLN EA 40 49.57 7.60 15.59
CA GLN EA 40 48.76 6.40 15.72
C GLN EA 40 48.71 5.59 14.43
N TRP EA 41 49.34 6.07 13.37
CA TRP EA 41 49.37 5.43 12.06
C TRP EA 41 50.81 5.03 11.76
N ASP EA 42 51.21 3.86 12.22
CA ASP EA 42 52.54 3.32 11.95
C ASP EA 42 52.57 2.48 10.69
N ASP EA 43 51.68 2.78 9.74
CA ASP EA 43 51.45 2.00 8.53
C ASP EA 43 52.48 2.42 7.49
N TRP EA 44 53.71 1.97 7.66
CA TRP EA 44 54.80 2.50 6.85
C TRP EA 44 55.10 1.71 5.59
N LEU EA 45 54.69 0.44 5.51
CA LEU EA 45 54.82 -0.26 4.23
C LEU EA 45 53.96 0.40 3.17
N SER EA 46 52.68 0.59 3.47
CA SER EA 46 51.85 1.53 2.71
C SER EA 46 52.15 2.92 3.24
N GLN EA 47 51.31 3.90 2.90
CA GLN EA 47 51.61 5.31 3.15
C GLN EA 47 52.68 5.77 2.18
N TYR EA 48 53.26 4.83 1.46
CA TYR EA 48 54.25 5.12 0.43
C TYR EA 48 53.94 4.40 -0.86
N THR EA 49 53.09 3.38 -0.85
CA THR EA 49 52.60 2.77 -2.07
C THR EA 49 51.31 3.42 -2.58
N THR EA 50 50.52 4.02 -1.68
CA THR EA 50 49.22 4.55 -2.02
C THR EA 50 49.06 5.96 -1.45
N LEU EA 51 48.07 6.66 -1.97
CA LEU EA 51 47.75 8.03 -1.56
C LEU EA 51 46.34 8.01 -0.99
N GLN EA 52 46.22 7.73 0.31
CA GLN EA 52 44.93 7.57 0.94
C GLN EA 52 44.87 8.34 2.25
N TYR EA 53 43.67 8.75 2.62
CA TYR EA 53 43.49 9.61 3.78
C TYR EA 53 43.74 8.83 5.07
N ARG EA 54 44.41 9.47 6.02
CA ARG EA 54 44.73 8.86 7.30
C ARG EA 54 44.62 9.94 8.37
N GLY EA 55 43.58 9.88 9.18
CA GLY EA 55 43.33 10.89 10.20
C GLY EA 55 43.40 10.30 11.60
N GLN EA 56 43.93 11.08 12.54
CA GLN EA 56 44.01 10.69 13.94
C GLN EA 56 42.93 11.43 14.71
N PHE EA 57 41.85 10.73 15.02
CA PHE EA 57 40.78 11.27 15.84
C PHE EA 57 40.98 10.72 17.25
N ASP EA 58 41.95 11.30 17.93
CA ASP EA 58 42.48 10.72 19.15
C ASP EA 58 41.45 10.71 20.27
N VAL EA 59 41.43 9.60 21.02
CA VAL EA 59 40.56 9.47 22.18
C VAL EA 59 41.28 8.89 23.39
N VAL EA 60 42.58 8.61 23.29
CA VAL EA 60 43.33 8.04 24.40
C VAL EA 60 44.22 9.11 25.02
N ARG EA 61 44.60 10.11 24.22
CA ARG EA 61 45.42 11.20 24.75
C ARG EA 61 44.72 11.99 25.83
N PRO EA 62 43.43 12.35 25.72
CA PRO EA 62 42.78 13.00 26.88
C PRO EA 62 42.83 12.18 28.15
N VAL EA 63 42.68 10.86 28.05
CA VAL EA 63 42.77 10.01 29.24
C VAL EA 63 44.19 10.05 29.81
N VAL EA 64 45.20 9.97 28.95
CA VAL EA 64 46.57 10.02 29.43
C VAL EA 64 46.86 11.36 30.09
N ARG EA 65 46.38 12.44 29.50
CA ARG EA 65 46.57 13.76 30.10
C ARG EA 65 45.91 13.85 31.47
N LYS EA 66 44.69 13.32 31.60
CA LYS EA 66 44.01 13.34 32.89
C LYS EA 66 44.78 12.54 33.93
N LEU EA 67 45.28 11.36 33.56
CA LEU EA 67 46.04 10.56 34.51
C LEU EA 67 47.32 11.26 34.93
N VAL EA 68 48.03 11.86 33.97
CA VAL EA 68 49.28 12.54 34.28
C VAL EA 68 49.02 13.73 35.21
N SER EA 69 47.98 14.50 34.93
CA SER EA 69 47.64 15.62 35.81
C SER EA 69 47.25 15.13 37.20
N GLU EA 70 46.48 14.05 37.27
CA GLU EA 70 46.05 13.53 38.56
C GLU EA 70 47.23 13.06 39.39
N MET EA 71 48.21 12.43 38.76
CA MET EA 71 49.34 11.93 39.54
C MET EA 71 50.38 13.00 39.79
N ARG EA 72 50.35 14.10 39.03
CA ARG EA 72 51.19 15.26 39.31
C ARG EA 72 50.64 16.09 40.45
N GLN EA 73 49.31 16.13 40.62
CA GLN EA 73 48.71 16.91 41.70
C GLN EA 73 49.04 16.38 43.09
N ASN EA 74 49.60 15.17 43.19
CA ASN EA 74 49.90 14.53 44.48
C ASN EA 74 51.37 14.18 44.52
N PRO EA 75 52.24 15.17 44.75
CA PRO EA 75 53.68 14.90 44.75
C PRO EA 75 54.09 14.02 45.92
N ILE EA 76 55.13 13.23 45.69
CA ILE EA 76 55.62 12.27 46.68
C ILE EA 76 57.13 12.37 46.74
N ASP EA 77 57.68 12.26 47.95
CA ASP EA 77 59.12 12.26 48.16
C ASP EA 77 59.44 11.32 49.31
N VAL EA 78 60.72 11.24 49.66
CA VAL EA 78 61.19 10.36 50.72
C VAL EA 78 61.01 11.02 52.06
N LEU EA 79 60.91 10.21 53.11
CA LEU EA 79 60.81 10.71 54.48
C LEU EA 79 61.58 9.76 55.38
N TYR EA 80 62.66 10.24 55.98
CA TYR EA 80 63.49 9.40 56.83
C TYR EA 80 62.99 9.46 58.27
N ARG EA 81 62.76 8.29 58.86
CA ARG EA 81 62.21 8.23 60.20
C ARG EA 81 63.13 7.44 61.11
N PRO EA 82 63.34 7.88 62.36
CA PRO EA 82 64.26 7.16 63.25
C PRO EA 82 63.79 5.74 63.51
N LYS EA 83 64.75 4.84 63.69
CA LYS EA 83 64.46 3.43 63.88
C LYS EA 83 63.92 3.18 65.29
N ASP EA 84 63.76 1.91 65.64
CA ASP EA 84 63.27 1.53 66.96
C ASP EA 84 64.43 1.55 67.95
N GLY EA 85 64.32 2.38 68.98
CA GLY EA 85 65.35 2.50 69.98
C GLY EA 85 66.42 3.53 69.69
N ALA EA 86 66.40 4.13 68.50
CA ALA EA 86 67.34 5.19 68.18
C ALA EA 86 66.85 6.52 68.75
N ARG EA 87 67.71 7.54 68.65
CA ARG EA 87 67.39 8.84 69.19
C ARG EA 87 66.22 9.46 68.42
N PRO EA 88 65.41 10.29 69.08
CA PRO EA 88 64.27 10.91 68.39
C PRO EA 88 64.67 11.76 67.18
N ASP EA 89 65.83 12.41 67.22
CA ASP EA 89 66.29 13.27 66.13
C ASP EA 89 67.37 12.59 65.29
N ALA EA 90 67.24 11.29 65.04
CA ALA EA 90 68.29 10.56 64.34
C ALA EA 90 68.33 10.89 62.85
N ALA EA 91 67.17 11.16 62.25
CA ALA EA 91 67.08 11.34 60.80
C ALA EA 91 67.03 12.81 60.40
N ASP EA 92 67.29 13.73 61.31
CA ASP EA 92 67.20 15.15 60.99
C ASP EA 92 68.27 15.55 59.97
N VAL EA 93 69.52 15.12 60.19
CA VAL EA 93 70.61 15.53 59.31
C VAL EA 93 70.41 14.92 57.93
N LEU EA 94 70.11 13.62 57.87
CA LEU EA 94 69.92 12.96 56.59
C LEU EA 94 68.74 13.54 55.84
N MET EA 95 67.64 13.80 56.53
CA MET EA 95 66.49 14.39 55.87
C MET EA 95 66.82 15.78 55.34
N GLY EA 96 67.53 16.58 56.13
CA GLY EA 96 67.88 17.92 55.67
C GLY EA 96 68.77 17.90 54.45
N MET EA 97 69.75 17.00 54.42
CA MET EA 97 70.60 16.89 53.25
C MET EA 97 69.84 16.39 52.03
N TYR EA 98 68.95 15.42 52.22
CA TYR EA 98 68.13 14.94 51.11
C TYR EA 98 67.31 16.07 50.52
N ARG EA 99 66.65 16.85 51.37
CA ARG EA 99 65.88 17.99 50.88
C ARG EA 99 66.76 18.99 50.18
N THR EA 100 67.93 19.29 50.75
CA THR EA 100 68.83 20.28 50.16
C THR EA 100 69.21 19.91 48.74
N ASP EA 101 69.70 18.69 48.53
CA ASP EA 101 70.19 18.35 47.20
C ASP EA 101 69.14 17.67 46.33
N MET EA 102 67.89 17.60 46.79
CA MET EA 102 66.79 17.14 45.95
C MET EA 102 65.75 18.22 45.69
N ARG EA 103 65.96 19.45 46.17
CA ARG EA 103 65.03 20.54 45.91
C ARG EA 103 65.18 21.13 44.51
N HIS EA 104 66.16 20.69 43.73
CA HIS EA 104 66.43 21.33 42.45
C HIS EA 104 65.44 20.90 41.39
N ASN EA 105 65.48 21.60 40.25
CA ASN EA 105 64.54 21.32 39.18
C ASN EA 105 64.84 20.00 38.50
N THR EA 106 66.10 19.57 38.47
CA THR EA 106 66.44 18.33 37.79
C THR EA 106 65.78 17.13 38.45
N ALA EA 107 65.71 17.11 39.78
CA ALA EA 107 65.09 15.99 40.47
C ALA EA 107 63.60 15.91 40.15
N LYS EA 108 62.91 17.04 40.24
CA LYS EA 108 61.48 17.06 39.94
C LYS EA 108 61.23 16.64 38.50
N ILE EA 109 62.03 17.15 37.56
CA ILE EA 109 61.81 16.83 36.16
C ILE EA 109 62.08 15.35 35.90
N ALA EA 110 63.11 14.79 36.54
CA ALA EA 110 63.39 13.37 36.35
C ALA EA 110 62.25 12.50 36.86
N VAL EA 111 61.71 12.85 38.03
CA VAL EA 111 60.58 12.07 38.55
C VAL EA 111 59.37 12.21 37.66
N ASN EA 112 59.10 13.42 37.16
CA ASN EA 112 57.97 13.63 36.27
C ASN EA 112 58.12 12.82 34.99
N ILE EA 113 59.33 12.78 34.44
CA ILE EA 113 59.57 12.02 33.21
C ILE EA 113 59.32 10.54 33.47
N ALA EA 114 59.84 10.03 34.59
CA ALA EA 114 59.60 8.63 34.93
C ALA EA 114 58.11 8.34 35.06
N VAL EA 115 57.37 9.25 35.68
CA VAL EA 115 55.94 9.04 35.89
C VAL EA 115 55.21 9.00 34.55
N ARG EA 116 55.52 9.94 33.66
CA ARG EA 116 54.85 9.97 32.37
C ARG EA 116 55.16 8.74 31.54
N GLU EA 117 56.42 8.30 31.52
CA GLU EA 117 56.74 7.08 30.80
C GLU EA 117 56.10 5.86 31.45
N GLN EA 118 55.93 5.88 32.78
CA GLN EA 118 55.24 4.78 33.45
C GLN EA 118 53.78 4.71 33.03
N ILE EA 119 53.12 5.86 32.94
CA ILE EA 119 51.73 5.88 32.51
C ILE EA 119 51.60 5.40 31.06
N GLU EA 120 52.51 5.87 30.19
CA GLU EA 120 52.35 5.59 28.77
C GLU EA 120 52.85 4.20 28.38
N ALA EA 121 54.15 3.94 28.58
CA ALA EA 121 54.76 2.70 28.10
C ALA EA 121 54.68 1.57 29.11
N GLY EA 122 54.80 1.89 30.39
CA GLY EA 122 54.74 0.86 31.41
C GLY EA 122 55.91 0.90 32.37
N VAL EA 123 57.04 1.44 31.94
CA VAL EA 123 58.23 1.53 32.78
C VAL EA 123 58.92 2.86 32.54
N GLY EA 124 59.34 3.50 33.63
CA GLY EA 124 60.25 4.63 33.58
C GLY EA 124 61.39 4.40 34.55
N ALA EA 125 62.30 5.37 34.59
CA ALA EA 125 63.44 5.25 35.50
C ALA EA 125 64.10 6.61 35.66
N TRP EA 126 64.98 6.69 36.66
CA TRP EA 126 65.87 7.83 36.80
C TRP EA 126 67.16 7.36 37.45
N ARG EA 127 68.11 8.27 37.58
CA ARG EA 127 69.46 7.94 38.02
C ARG EA 127 69.91 8.89 39.12
N LEU EA 128 70.74 8.38 40.02
CA LEU EA 128 71.35 9.18 41.07
C LEU EA 128 72.85 9.28 40.83
N VAL EA 129 73.38 10.50 40.75
CA VAL EA 129 74.79 10.72 40.45
C VAL EA 129 75.38 11.66 41.50
N THR EA 130 76.70 11.64 41.59
CA THR EA 130 77.43 12.49 42.52
C THR EA 130 78.40 13.38 41.75
N ASP EA 131 78.57 14.62 42.22
CA ASP EA 131 79.45 15.56 41.55
C ASP EA 131 80.20 16.39 42.60
N TYR EA 132 81.34 16.93 42.19
CA TYR EA 132 82.15 17.80 43.03
C TYR EA 132 81.71 19.24 42.78
N GLU EA 133 81.02 19.83 43.74
CA GLU EA 133 80.54 21.21 43.65
C GLU EA 133 81.31 22.06 44.64
N ASP EA 134 81.87 23.16 44.16
CA ASP EA 134 82.71 24.02 44.98
C ASP EA 134 82.01 25.29 45.46
N GLN EA 135 80.90 25.68 44.84
CA GLN EA 135 80.22 26.91 45.19
C GLN EA 135 79.18 26.69 46.29
N SER EA 136 78.24 25.78 46.07
CA SER EA 136 77.21 25.44 47.05
C SER EA 136 77.16 23.93 47.21
N PRO EA 137 78.11 23.36 47.93
CA PRO EA 137 78.11 21.92 48.16
C PRO EA 137 77.23 21.56 49.34
N THR EA 138 76.62 20.37 49.26
CA THR EA 138 75.83 19.90 50.38
C THR EA 138 76.72 19.44 51.54
N SER EA 139 77.78 18.72 51.24
CA SER EA 139 78.69 18.23 52.27
C SER EA 139 79.96 17.72 51.62
N ASN EA 140 81.09 17.97 52.27
CA ASN EA 140 82.39 17.45 51.85
C ASN EA 140 82.68 17.87 50.40
N ASN EA 141 82.28 19.09 50.06
CA ASN EA 141 82.47 19.63 48.71
C ASN EA 141 81.94 18.70 47.64
N GLN EA 142 80.74 18.17 47.85
CA GLN EA 142 80.09 17.30 46.89
C GLN EA 142 78.58 17.49 46.95
N VAL EA 143 77.92 17.12 45.87
CA VAL EA 143 76.47 17.10 45.79
C VAL EA 143 76.03 15.77 45.21
N ILE EA 144 74.83 15.34 45.59
CA ILE EA 144 74.19 14.18 45.02
C ILE EA 144 72.92 14.66 44.33
N ARG EA 145 72.85 14.48 43.01
CA ARG EA 145 71.73 14.96 42.25
C ARG EA 145 71.07 13.80 41.50
N ARG EA 146 69.94 14.11 40.88
CA ARG EA 146 69.12 13.13 40.20
C ARG EA 146 68.95 13.52 38.75
N GLU EA 147 69.04 12.55 37.86
CA GLU EA 147 69.01 12.80 36.43
C GLU EA 147 67.94 11.96 35.76
N PRO EA 148 67.33 12.47 34.70
CA PRO EA 148 66.30 11.71 33.99
C PRO EA 148 66.91 10.66 33.09
N ILE EA 149 66.07 9.67 32.77
CA ILE EA 149 66.38 8.69 31.75
C ILE EA 149 65.18 8.64 30.82
N HIS EA 150 65.39 9.00 29.56
CA HIS EA 150 64.32 8.99 28.57
C HIS EA 150 64.31 7.66 27.84
N SER EA 151 63.11 7.10 27.65
CA SER EA 151 62.93 5.79 27.04
C SER EA 151 63.71 4.72 27.80
N ALA EA 152 63.36 4.57 29.08
CA ALA EA 152 64.04 3.59 29.91
C ALA EA 152 63.80 2.17 29.45
N CYS EA 153 62.66 1.91 28.81
CA CYS EA 153 62.33 0.56 28.38
C CYS EA 153 63.37 0.00 27.41
N SER EA 154 64.06 0.88 26.68
CA SER EA 154 65.10 0.46 25.76
C SER EA 154 66.47 1.01 26.10
N HIS EA 155 66.58 1.89 27.09
CA HIS EA 155 67.85 2.48 27.45
C HIS EA 155 68.39 1.99 28.80
N VAL EA 156 67.60 1.26 29.58
CA VAL EA 156 68.05 0.71 30.84
C VAL EA 156 67.77 -0.78 30.82
N ILE EA 157 68.81 -1.60 30.63
CA ILE EA 157 68.65 -3.04 30.49
C ILE EA 157 69.10 -3.68 31.80
N TRP EA 158 68.17 -4.35 32.47
CA TRP EA 158 68.38 -4.85 33.82
C TRP EA 158 68.84 -6.30 33.80
N ASP EA 159 69.31 -6.76 34.96
CA ASP EA 159 69.65 -8.16 35.13
C ASP EA 159 68.43 -9.02 34.86
N SER EA 160 68.59 -10.04 34.01
CA SER EA 160 67.47 -10.90 33.68
C SER EA 160 67.00 -11.72 34.88
N ASN EA 161 67.93 -12.12 35.75
CA ASN EA 161 67.60 -12.91 36.93
C ASN EA 161 67.19 -11.99 38.08
N SER EA 162 66.18 -11.17 37.82
CA SER EA 162 65.65 -10.24 38.80
C SER EA 162 64.14 -10.46 38.89
N LYS EA 163 63.65 -10.77 40.09
CA LYS EA 163 62.24 -11.04 40.30
C LYS EA 163 61.61 -10.03 41.25
N LEU EA 164 62.10 -8.79 41.22
CA LEU EA 164 61.60 -7.75 42.10
C LEU EA 164 61.24 -6.52 41.28
N MET EA 165 60.22 -5.79 41.73
CA MET EA 165 59.73 -4.65 40.98
C MET EA 165 60.74 -3.51 40.97
N ASP EA 166 61.44 -3.31 42.08
CA ASP EA 166 62.44 -2.25 42.17
C ASP EA 166 63.82 -2.69 41.75
N LYS EA 167 64.00 -3.98 41.43
CA LYS EA 167 65.27 -4.51 40.95
C LYS EA 167 66.38 -4.34 41.99
N SER EA 168 66.08 -4.74 43.23
CA SER EA 168 67.11 -4.77 44.26
C SER EA 168 67.87 -6.09 44.29
N ASP EA 169 67.41 -7.10 43.56
CA ASP EA 169 68.14 -8.35 43.43
C ASP EA 169 68.87 -8.44 42.10
N ALA EA 170 68.97 -7.33 41.38
CA ALA EA 170 69.78 -7.27 40.18
C ALA EA 170 71.23 -7.00 40.56
N ARG EA 171 72.14 -7.82 40.04
CA ARG EA 171 73.56 -7.65 40.30
C ARG EA 171 74.27 -6.80 39.27
N HIS EA 172 73.60 -6.43 38.18
CA HIS EA 172 74.20 -5.53 37.21
C HIS EA 172 73.09 -4.88 36.40
N CYS EA 173 73.43 -3.77 35.76
CA CYS EA 173 72.51 -3.04 34.90
C CYS EA 173 73.32 -2.19 33.95
N THR EA 174 72.90 -2.15 32.68
CA THR EA 174 73.55 -1.33 31.68
C THR EA 174 72.61 -0.22 31.22
N VAL EA 175 73.15 0.99 31.13
CA VAL EA 175 72.44 2.15 30.63
C VAL EA 175 73.09 2.59 29.33
N ILE EA 176 72.30 2.69 28.28
CA ILE EA 176 72.80 2.95 26.93
C ILE EA 176 72.67 4.43 26.64
N HIS EA 177 73.79 5.14 26.60
CA HIS EA 177 73.81 6.57 26.34
C HIS EA 177 74.04 6.79 24.86
N SER EA 178 73.03 7.39 24.22
CA SER EA 178 73.11 7.68 22.78
C SER EA 178 73.07 9.19 22.58
N MET EA 179 73.91 9.71 21.68
CA MET EA 179 74.02 11.14 21.45
C MET EA 179 74.68 11.37 20.10
N SER EA 180 74.96 12.65 19.84
CA SER EA 180 75.50 13.15 18.59
C SER EA 180 76.99 13.46 18.75
N GLN EA 181 77.57 14.11 17.74
CA GLN EA 181 79.00 14.36 17.72
C GLN EA 181 79.44 15.25 18.88
N ASN EA 182 78.76 16.39 19.05
CA ASN EA 182 79.16 17.31 20.11
C ASN EA 182 78.95 16.70 21.48
N GLY EA 183 77.84 15.98 21.67
CA GLY EA 183 77.64 15.28 22.92
C GLY EA 183 78.72 14.26 23.19
N TRP EA 184 79.18 13.57 22.15
CA TRP EA 184 80.27 12.62 22.32
C TRP EA 184 81.55 13.34 22.74
N GLU EA 185 81.83 14.49 22.13
CA GLU EA 185 83.03 15.23 22.54
C GLU EA 185 82.94 15.63 24.00
N ASP EA 186 81.77 16.09 24.44
CA ASP EA 186 81.59 16.45 25.84
C ASP EA 186 81.76 15.25 26.75
N PHE EA 187 81.17 14.10 26.38
CA PHE EA 187 81.26 12.89 27.19
C PHE EA 187 82.71 12.42 27.30
N ALA EA 188 83.43 12.41 26.19
CA ALA EA 188 84.82 11.97 26.22
C ALA EA 188 85.67 12.91 27.06
N GLU EA 189 85.51 14.22 26.87
CA GLU EA 189 86.32 15.16 27.62
C GLU EA 189 85.94 15.18 29.09
N LYS EA 190 84.74 14.71 29.42
CA LYS EA 190 84.30 14.67 30.81
C LYS EA 190 84.75 13.42 31.54
N TYR EA 191 84.71 12.26 30.89
CA TYR EA 191 85.12 11.01 31.52
C TYR EA 191 86.54 10.59 31.13
N ASP EA 192 87.31 11.48 30.50
CA ASP EA 192 88.69 11.22 30.13
C ASP EA 192 88.80 10.01 29.20
N LEU EA 193 88.22 10.15 28.02
CA LEU EA 193 88.32 9.17 26.95
C LEU EA 193 88.98 9.81 25.73
N ASP EA 194 89.34 8.96 24.78
CA ASP EA 194 89.96 9.42 23.54
C ASP EA 194 88.85 9.73 22.54
N ALA EA 195 88.59 11.01 22.30
CA ALA EA 195 87.45 11.42 21.47
C ALA EA 195 87.61 11.03 20.02
N ASP EA 196 88.80 10.60 19.60
CA ASP EA 196 88.98 10.21 18.19
C ASP EA 196 88.24 8.91 17.89
N ASP EA 197 88.21 7.98 18.82
CA ASP EA 197 87.59 6.68 18.60
C ASP EA 197 86.12 6.76 18.95
N ILE EA 198 85.28 6.95 17.94
CA ILE EA 198 83.84 7.06 18.13
C ILE EA 198 83.29 5.72 18.60
N PRO EA 199 82.57 5.66 19.71
CA PRO EA 199 82.09 4.39 20.23
C PRO EA 199 80.82 3.93 19.54
N SER EA 200 80.56 2.63 19.64
CA SER EA 200 79.38 2.03 19.06
C SER EA 200 78.81 1.01 20.03
N PHE EA 201 77.49 0.86 19.98
CA PHE EA 201 76.81 -0.10 20.83
C PHE EA 201 75.48 -0.44 20.15
N GLN EA 202 74.78 -1.41 20.72
CA GLN EA 202 73.48 -1.80 20.19
C GLN EA 202 72.52 -0.61 20.21
N ASN EA 203 72.14 -0.14 19.04
CA ASN EA 203 71.35 1.07 18.94
C ASN EA 203 69.94 0.79 19.47
N PRO EA 204 69.52 1.45 20.55
CA PRO EA 204 68.20 1.12 21.13
C PRO EA 204 67.03 1.72 20.38
N ASN EA 205 67.26 2.59 19.41
CA ASN EA 205 66.19 3.21 18.65
C ASN EA 205 66.03 2.53 17.30
N ASP EA 206 64.92 2.84 16.65
CA ASP EA 206 64.58 2.27 15.36
C ASP EA 206 64.52 3.36 14.31
N TRP EA 207 64.76 2.96 13.06
CA TRP EA 207 64.76 3.90 11.94
C TRP EA 207 63.34 4.38 11.72
N VAL EA 208 63.05 5.59 12.20
CA VAL EA 208 61.75 6.22 11.95
C VAL EA 208 61.82 6.86 10.59
N PHE EA 209 61.05 6.34 9.63
CA PHE EA 209 61.17 6.81 8.26
C PHE EA 209 60.88 8.30 8.11
N PRO EA 210 59.82 8.86 8.71
CA PRO EA 210 59.54 10.28 8.48
C PRO EA 210 60.46 11.25 9.21
N TRP EA 211 61.60 10.84 9.72
CA TRP EA 211 62.49 11.74 10.45
C TRP EA 211 63.77 11.98 9.66
N LEU EA 212 64.14 13.24 9.49
CA LEU EA 212 65.29 13.61 8.68
C LEU EA 212 66.58 13.06 9.25
N THR EA 213 66.79 13.18 10.56
CA THR EA 213 68.08 12.95 11.17
C THR EA 213 67.90 12.13 12.43
N GLN EA 214 68.77 11.14 12.61
CA GLN EA 214 68.87 10.39 13.85
C GLN EA 214 70.33 10.32 14.26
N ASP EA 215 70.58 10.40 15.56
CA ASP EA 215 71.96 10.38 16.04
C ASP EA 215 72.58 8.98 15.88
N THR EA 216 73.90 8.95 15.86
CA THR EA 216 74.61 7.71 15.61
C THR EA 216 75.71 7.38 16.61
N ILE EA 217 75.87 8.13 17.69
CA ILE EA 217 76.91 7.84 18.67
C ILE EA 217 76.28 7.13 19.85
N GLN EA 218 76.85 5.97 20.21
CA GLN EA 218 76.32 5.17 21.32
C GLN EA 218 77.45 4.70 22.20
N ILE EA 219 77.15 4.52 23.49
CA ILE EA 219 78.11 4.01 24.45
C ILE EA 219 77.30 3.39 25.59
N ALA EA 220 77.96 2.55 26.41
CA ALA EA 220 77.23 1.90 27.48
C ALA EA 220 77.92 2.11 28.81
N GLU EA 221 77.12 2.23 29.87
CA GLU EA 221 77.59 2.27 31.24
C GLU EA 221 77.07 1.04 31.96
N PHE EA 222 77.98 0.19 32.41
CA PHE EA 222 77.65 -1.10 33.00
C PHE EA 222 77.98 -1.04 34.49
N TYR EA 223 76.95 -0.99 35.33
CA TYR EA 223 77.13 -1.06 36.77
C TYR EA 223 76.98 -2.49 37.21
N GLU EA 224 77.89 -2.93 38.09
CA GLU EA 224 77.77 -4.24 38.69
C GLU EA 224 78.09 -4.15 40.16
N VAL EA 225 77.43 -5.00 40.96
CA VAL EA 225 77.51 -4.95 42.41
C VAL EA 225 78.14 -6.25 42.91
N VAL EA 226 79.14 -6.13 43.77
CA VAL EA 226 79.84 -7.28 44.34
C VAL EA 226 79.71 -7.20 45.85
N GLU EA 227 79.20 -8.28 46.45
CA GLU EA 227 79.04 -8.36 47.90
C GLU EA 227 80.13 -9.28 48.45
N LYS EA 228 80.98 -8.73 49.33
CA LYS EA 228 82.12 -9.48 49.83
C LYS EA 228 82.40 -9.06 51.26
N LYS EA 229 83.14 -9.91 51.97
CA LYS EA 229 83.57 -9.63 53.34
C LYS EA 229 84.91 -8.92 53.29
N GLU EA 230 84.94 -7.65 53.68
CA GLU EA 230 86.17 -6.88 53.69
C GLU EA 230 86.53 -6.50 55.11
N THR EA 231 87.79 -6.10 55.29
CA THR EA 231 88.30 -5.84 56.63
C THR EA 231 87.77 -4.51 57.16
N ALA EA 232 87.36 -4.52 58.42
CA ALA EA 232 86.93 -3.32 59.11
C ALA EA 232 87.72 -3.18 60.39
N PHE EA 233 88.17 -1.97 60.69
CA PHE EA 233 89.02 -1.70 61.84
C PHE EA 233 88.19 -1.08 62.96
N ILE EA 234 88.35 -1.60 64.16
CA ILE EA 234 87.62 -1.12 65.33
C ILE EA 234 88.59 -0.22 66.09
N TYR EA 235 88.57 1.08 65.77
CA TYR EA 235 89.42 2.02 66.47
C TYR EA 235 88.81 2.36 67.82
N GLN EA 236 89.60 3.06 68.64
CA GLN EA 236 89.13 3.58 69.92
C GLN EA 236 89.12 5.09 69.83
N ASP EA 237 87.96 5.68 70.09
CA ASP EA 237 87.80 7.11 69.91
C ASP EA 237 88.60 7.86 70.99
N PRO EA 238 89.47 8.79 70.60
CA PRO EA 238 90.15 9.61 71.62
C PRO EA 238 89.20 10.45 72.45
N VAL EA 239 87.98 10.68 71.96
CA VAL EA 239 87.00 11.43 72.74
C VAL EA 239 86.21 10.50 73.66
N THR EA 240 85.46 9.56 73.08
CA THR EA 240 84.69 8.60 73.86
C THR EA 240 84.13 7.54 72.93
N GLY EA 241 83.99 6.32 73.46
CA GLY EA 241 83.46 5.22 72.69
C GLY EA 241 84.49 4.62 71.75
N GLU EA 242 84.02 3.75 70.86
CA GLU EA 242 84.87 3.13 69.86
C GLU EA 242 84.17 3.17 68.51
N PRO EA 243 84.80 3.74 67.47
CA PRO EA 243 84.18 3.74 66.14
C PRO EA 243 84.67 2.58 65.28
N VAL EA 244 83.96 2.33 64.18
CA VAL EA 244 84.31 1.31 63.21
C VAL EA 244 84.51 2.00 61.87
N SER EA 245 85.55 1.61 61.15
CA SER EA 245 85.81 2.18 59.83
C SER EA 245 86.31 1.08 58.91
N TYR EA 246 86.02 1.22 57.63
CA TYR EA 246 86.39 0.21 56.66
C TYR EA 246 87.84 0.37 56.22
N PHE EA 247 88.56 -0.75 56.15
CA PHE EA 247 89.97 -0.71 55.77
C PHE EA 247 90.15 -0.16 54.36
N LYS EA 248 89.18 -0.39 53.46
CA LYS EA 248 89.32 0.10 52.10
C LYS EA 248 89.21 1.61 52.02
N ARG EA 249 88.38 2.22 52.87
CA ARG EA 249 88.12 3.65 52.77
C ARG EA 249 89.29 4.49 53.26
N ASP EA 250 90.13 3.94 54.14
CA ASP EA 250 91.31 4.64 54.63
C ASP EA 250 92.52 3.72 54.58
N ILE EA 251 92.62 2.93 53.52
CA ILE EA 251 93.71 1.97 53.39
C ILE EA 251 95.05 2.67 53.27
N LYS EA 252 95.10 3.74 52.48
CA LYS EA 252 96.35 4.48 52.28
C LYS EA 252 96.22 5.98 52.43
N ASP EA 253 95.00 6.53 52.50
CA ASP EA 253 94.86 7.97 52.56
C ASP EA 253 95.23 8.50 53.95
N VAL EA 254 94.57 8.01 54.99
CA VAL EA 254 94.75 8.56 56.33
C VAL EA 254 95.06 7.44 57.30
N ILE EA 255 95.66 6.35 56.80
CA ILE EA 255 95.84 5.15 57.61
C ILE EA 255 96.74 5.42 58.80
N ASP EA 256 97.80 6.22 58.61
CA ASP EA 256 98.64 6.63 59.72
C ASP EA 256 98.33 8.04 60.20
N ASP EA 257 97.58 8.82 59.43
CA ASP EA 257 97.12 10.11 59.93
C ASP EA 257 96.16 9.95 61.10
N LEU EA 258 95.35 8.89 61.10
CA LEU EA 258 94.52 8.61 62.26
C LEU EA 258 95.38 8.35 63.49
N ALA EA 259 96.43 7.56 63.33
CA ALA EA 259 97.32 7.27 64.45
C ALA EA 259 98.03 8.53 64.94
N ASP EA 260 98.40 9.41 64.00
CA ASP EA 260 98.98 10.70 64.38
C ASP EA 260 97.97 11.52 65.18
N SER EA 261 96.72 11.55 64.74
CA SER EA 261 95.69 12.32 65.43
C SER EA 261 95.34 11.72 66.78
N GLY EA 262 95.64 10.45 67.01
CA GLY EA 262 95.52 9.88 68.35
C GLY EA 262 94.62 8.67 68.46
N PHE EA 263 93.97 8.23 67.38
CA PHE EA 263 93.16 7.02 67.44
C PHE EA 263 94.06 5.81 67.69
N ILE EA 264 93.59 4.88 68.51
CA ILE EA 264 94.32 3.66 68.81
C ILE EA 264 93.48 2.46 68.37
N LYS EA 265 94.07 1.59 67.56
CA LYS EA 265 93.37 0.41 67.09
C LYS EA 265 93.12 -0.56 68.23
N ILE EA 266 91.92 -1.14 68.26
CA ILE EA 266 91.53 -2.12 69.26
C ILE EA 266 91.37 -3.51 68.65
N ALA EA 267 90.54 -3.63 67.63
CA ALA EA 267 90.24 -4.92 67.02
C ALA EA 267 90.24 -4.77 65.51
N GLU EA 268 89.98 -5.89 64.83
CA GLU EA 268 90.02 -5.94 63.37
C GLU EA 268 89.02 -7.00 62.92
N ARG EA 269 87.83 -6.57 62.55
CA ARG EA 269 86.76 -7.47 62.13
C ARG EA 269 86.71 -7.55 60.61
N GLN EA 270 85.93 -8.52 60.13
CA GLN EA 270 85.68 -8.72 58.70
C GLN EA 270 84.19 -8.66 58.48
N ILE EA 271 83.72 -7.55 57.91
CA ILE EA 271 82.30 -7.27 57.75
C ILE EA 271 81.94 -7.37 56.28
N LYS EA 272 80.79 -7.95 55.99
CA LYS EA 272 80.32 -8.10 54.62
C LYS EA 272 79.61 -6.82 54.17
N ARG EA 273 79.95 -6.38 52.96
CA ARG EA 273 79.33 -5.20 52.40
C ARG EA 273 79.35 -5.29 50.87
N ARG EA 274 78.53 -4.45 50.25
CA ARG EA 274 78.38 -4.39 48.80
C ARG EA 274 79.11 -3.18 48.26
N ARG EA 275 79.78 -3.38 47.12
CA ARG EA 275 80.43 -2.29 46.42
C ARG EA 275 79.95 -2.28 44.96
N VAL EA 276 79.91 -1.10 44.37
CA VAL EA 276 79.37 -0.91 43.03
C VAL EA 276 80.47 -0.40 42.12
N TYR EA 277 80.58 -0.99 40.93
CA TYR EA 277 81.61 -0.67 39.97
C TYR EA 277 80.97 -0.29 38.65
N LYS EA 278 81.40 0.83 38.09
CA LYS EA 278 80.94 1.31 36.79
C LYS EA 278 82.00 1.08 35.73
N SER EA 279 81.58 0.57 34.58
CA SER EA 279 82.44 0.41 33.43
C SER EA 279 81.84 1.15 32.25
N ILE EA 280 82.68 1.88 31.51
CA ILE EA 280 82.27 2.44 30.23
C ILE EA 280 82.70 1.44 29.17
N ILE EA 281 81.75 1.01 28.34
CA ILE EA 281 82.05 -0.02 27.35
C ILE EA 281 81.51 0.40 25.99
N THR EA 282 82.15 -0.17 24.97
CA THR EA 282 81.80 -0.05 23.57
C THR EA 282 81.36 -1.42 23.10
N CYS EA 283 80.94 -1.52 21.84
CA CYS EA 283 80.59 -2.84 21.31
C CYS EA 283 81.80 -3.75 21.21
N THR EA 284 83.00 -3.18 21.10
CA THR EA 284 84.19 -3.98 20.82
C THR EA 284 85.32 -3.80 21.84
N ALA EA 285 85.22 -2.86 22.77
CA ALA EA 285 86.31 -2.62 23.71
C ALA EA 285 85.77 -1.93 24.95
N VAL EA 286 86.53 -2.04 26.04
CA VAL EA 286 86.19 -1.42 27.31
C VAL EA 286 87.05 -0.17 27.48
N LEU EA 287 86.41 0.96 27.72
CA LEU EA 287 87.13 2.23 27.84
C LEU EA 287 87.63 2.45 29.26
N LYS EA 288 86.72 2.49 30.24
CA LYS EA 288 87.06 2.45 31.66
C LYS EA 288 86.58 1.13 32.25
N ASP EA 289 87.38 0.55 33.14
CA ASP EA 289 87.20 -0.86 33.49
C ASP EA 289 86.29 -1.09 34.69
N LYS EA 290 86.69 -0.63 35.87
CA LYS EA 290 85.96 -0.97 37.09
C LYS EA 290 85.94 0.20 38.06
N GLN EA 291 85.64 1.39 37.58
CA GLN EA 291 85.68 2.55 38.46
C GLN EA 291 84.69 2.39 39.61
N LEU EA 292 85.22 2.30 40.82
CA LEU EA 292 84.37 2.15 42.00
C LEU EA 292 83.55 3.40 42.25
N ILE EA 293 82.23 3.26 42.29
CA ILE EA 293 81.34 4.38 42.57
C ILE EA 293 80.76 4.19 43.96
N ALA EA 294 80.14 5.26 44.45
CA ALA EA 294 79.67 5.30 45.83
C ALA EA 294 78.38 4.51 46.02
N GLY EA 295 78.20 3.97 47.21
CA GLY EA 295 76.99 3.29 47.59
C GLY EA 295 77.11 1.79 47.47
N GLU EA 296 76.06 1.10 47.90
CA GLU EA 296 76.02 -0.38 47.82
C GLU EA 296 74.95 -0.81 46.81
N HIS EA 297 74.18 0.13 46.28
CA HIS EA 297 73.10 -0.22 45.36
C HIS EA 297 73.35 0.44 44.01
N ILE EA 298 72.83 -0.18 42.96
CA ILE EA 298 72.92 0.43 41.63
C ILE EA 298 72.14 1.73 41.64
N PRO EA 299 72.70 2.85 41.17
CA PRO EA 299 72.04 4.14 41.29
C PRO EA 299 70.86 4.35 40.35
N ILE EA 300 70.37 3.31 39.68
CA ILE EA 300 69.21 3.43 38.80
C ILE EA 300 67.96 3.02 39.57
N VAL EA 301 66.93 3.85 39.50
CA VAL EA 301 65.66 3.58 40.18
C VAL EA 301 64.57 3.41 39.13
N PRO EA 302 63.94 2.23 39.04
CA PRO EA 302 62.85 2.05 38.09
C PRO EA 302 61.45 2.22 38.68
N VAL EA 303 60.52 2.69 37.85
CA VAL EA 303 59.11 2.81 38.20
C VAL EA 303 58.34 1.97 37.20
N PHE EA 304 57.38 1.19 37.69
CA PHE EA 304 56.61 0.29 36.83
C PHE EA 304 55.12 0.61 36.96
N GLY EA 305 54.36 0.14 35.98
CA GLY EA 305 52.92 0.30 36.00
C GLY EA 305 52.23 -0.98 36.41
N GLU EA 306 51.71 -1.72 35.43
CA GLU EA 306 51.18 -3.06 35.69
C GLU EA 306 52.31 -4.04 35.39
N TRP EA 307 52.98 -4.49 36.43
CA TRP EA 307 54.16 -5.34 36.32
C TRP EA 307 53.79 -6.78 36.63
N GLY EA 308 54.51 -7.71 36.00
CA GLY EA 308 54.26 -9.11 36.30
C GLY EA 308 55.23 -10.00 35.55
N PHE EA 309 55.06 -11.30 35.79
CA PHE EA 309 55.87 -12.34 35.16
C PHE EA 309 54.92 -13.37 34.56
N VAL EA 310 54.97 -13.53 33.24
CA VAL EA 310 54.16 -14.62 32.59
C VAL EA 310 55.09 -15.70 32.06
N GLU EA 311 55.22 -16.80 32.78
CA GLU EA 311 56.01 -17.95 32.37
C GLU EA 311 57.48 -17.58 32.23
N ASP EA 312 58.03 -17.08 33.34
CA ASP EA 312 59.43 -16.69 33.47
C ASP EA 312 59.82 -15.54 32.53
N LYS EA 313 58.85 -14.76 32.06
CA LYS EA 313 59.11 -13.65 31.15
C LYS EA 313 58.46 -12.40 31.73
N GLU EA 314 59.26 -11.35 31.95
CA GLU EA 314 58.75 -10.15 32.60
C GLU EA 314 57.94 -9.30 31.64
N VAL EA 315 56.75 -8.90 32.05
CA VAL EA 315 55.85 -8.10 31.23
C VAL EA 315 55.36 -6.92 32.04
N TYR EA 316 55.42 -5.73 31.46
CA TYR EA 316 54.91 -4.53 32.10
C TYR EA 316 54.03 -3.78 31.11
N GLU EA 317 52.92 -3.24 31.60
CA GLU EA 317 51.92 -2.61 30.76
C GLU EA 317 51.49 -1.29 31.38
N GLY EA 318 51.22 -0.31 30.52
CA GLY EA 318 50.83 1.00 30.99
C GLY EA 318 49.33 1.21 30.95
N VAL EA 319 48.87 2.14 30.12
CA VAL EA 319 47.46 2.42 29.99
C VAL EA 319 47.09 2.47 28.52
N VAL EA 320 48.09 2.48 27.65
CA VAL EA 320 47.87 2.65 26.22
C VAL EA 320 47.77 1.31 25.47
N ARG EA 321 48.31 0.24 26.03
CA ARG EA 321 48.43 -1.01 25.26
C ARG EA 321 47.07 -1.56 24.87
N LEU EA 322 46.11 -1.56 25.80
CA LEU EA 322 44.83 -2.18 25.52
C LEU EA 322 43.94 -1.34 24.61
N THR EA 323 44.10 -0.03 24.64
CA THR EA 323 43.25 0.85 23.83
C THR EA 323 43.68 0.92 22.37
N LYS EA 324 44.81 0.30 22.02
CA LYS EA 324 45.34 0.47 20.68
C LYS EA 324 44.43 -0.12 19.62
N ASP EA 325 43.82 -1.27 19.90
CA ASP EA 325 42.96 -1.92 18.91
C ASP EA 325 41.72 -1.08 18.62
N GLY EA 326 41.01 -0.66 19.66
CA GLY EA 326 39.84 0.17 19.46
C GLY EA 326 40.18 1.50 18.81
N GLN EA 327 41.30 2.10 19.21
CA GLN EA 327 41.68 3.38 18.64
C GLN EA 327 42.03 3.24 17.16
N ARG EA 328 42.73 2.17 16.79
CA ARG EA 328 43.05 1.96 15.39
C ARG EA 328 41.79 1.71 14.56
N LEU EA 329 40.84 0.95 15.10
CA LEU EA 329 39.58 0.77 14.38
C LEU EA 329 38.83 2.10 14.23
N ARG EA 330 38.85 2.93 15.26
CA ARG EA 330 38.16 4.21 15.18
C ARG EA 330 38.79 5.12 14.12
N ASN EA 331 40.13 5.17 14.10
CA ASN EA 331 40.83 5.93 13.07
C ASN EA 331 40.49 5.42 11.68
N MET EA 332 40.48 4.10 11.50
CA MET EA 332 40.20 3.52 10.20
C MET EA 332 38.79 3.84 9.73
N ILE EA 333 37.80 3.68 10.61
CA ILE EA 333 36.42 3.94 10.23
C ILE EA 333 36.22 5.40 9.88
N MET EA 334 36.81 6.30 10.68
CA MET EA 334 36.70 7.72 10.38
C MET EA 334 37.33 8.06 9.05
N SER EA 335 38.48 7.43 8.74
CA SER EA 335 39.12 7.67 7.45
C SER EA 335 38.26 7.19 6.29
N PHE EA 336 37.66 6.01 6.44
CA PHE EA 336 36.77 5.50 5.39
C PHE EA 336 35.59 6.45 5.17
N ASN EA 337 35.02 6.96 6.26
CA ASN EA 337 33.90 7.89 6.13
C ASN EA 337 34.33 9.19 5.46
N ALA EA 338 35.55 9.65 5.76
CA ALA EA 338 36.06 10.84 5.09
C ALA EA 338 36.19 10.62 3.60
N ASP EA 339 36.65 9.44 3.20
CA ASP EA 339 36.72 9.14 1.75
C ASP EA 339 35.30 9.14 1.17
N ILE EA 340 34.35 8.55 1.87
CA ILE EA 340 32.98 8.51 1.37
C ILE EA 340 32.45 9.92 1.15
N VAL EA 341 32.70 10.82 2.11
CA VAL EA 341 32.22 12.19 1.98
C VAL EA 341 32.91 12.88 0.82
N ALA EA 342 34.23 12.72 0.70
CA ALA EA 342 34.98 13.48 -0.30
C ALA EA 342 34.70 12.99 -1.72
N ARG EA 343 35.03 11.74 -2.00
CA ARG EA 343 35.01 11.23 -3.38
C ARG EA 343 33.76 10.40 -3.58
N THR EA 344 32.66 11.05 -3.90
CA THR EA 344 31.44 10.34 -4.27
C THR EA 344 30.54 11.29 -5.06
N PRO EA 345 30.01 10.85 -6.19
CA PRO EA 345 29.10 11.71 -6.95
C PRO EA 345 27.88 12.07 -6.12
N LYS EA 346 27.43 13.30 -6.35
CA LYS EA 346 26.31 13.83 -5.54
C LYS EA 346 24.99 13.64 -6.27
N LYS EA 347 23.92 14.16 -5.70
CA LYS EA 347 22.58 13.94 -6.23
C LYS EA 347 22.32 14.91 -7.38
N LYS EA 348 22.36 14.40 -8.60
CA LYS EA 348 22.04 15.15 -9.80
C LYS EA 348 21.11 14.30 -10.65
N PRO EA 349 20.33 14.93 -11.52
CA PRO EA 349 19.40 14.16 -12.36
C PRO EA 349 20.12 13.38 -13.44
N PHE EA 350 19.50 12.29 -13.86
CA PHE EA 350 19.93 11.54 -15.03
C PHE EA 350 19.13 11.99 -16.22
N PHE EA 351 19.80 12.35 -17.30
CA PHE EA 351 19.16 12.85 -18.51
C PHE EA 351 19.68 12.11 -19.71
N TRP EA 352 18.80 11.78 -20.64
CA TRP EA 352 19.26 11.52 -21.98
C TRP EA 352 19.62 12.86 -22.63
N PRO EA 353 20.65 12.91 -23.47
CA PRO EA 353 21.00 14.18 -24.10
C PRO EA 353 19.87 14.79 -24.90
N GLU EA 354 19.04 13.96 -25.54
CA GLU EA 354 17.95 14.48 -26.36
C GLU EA 354 16.83 15.09 -25.55
N GLN EA 355 16.76 14.79 -24.25
CA GLN EA 355 15.71 15.36 -23.42
C GLN EA 355 15.90 16.86 -23.23
N ILE EA 356 17.14 17.28 -23.00
CA ILE EA 356 17.46 18.66 -22.70
C ILE EA 356 18.27 19.31 -23.80
N ALA EA 357 18.43 18.63 -24.94
CA ALA EA 357 19.11 19.24 -26.08
C ALA EA 357 18.48 20.58 -26.45
N GLY EA 358 19.24 21.66 -26.31
CA GLY EA 358 18.80 22.99 -26.60
C GLY EA 358 18.38 23.79 -25.39
N PHE EA 359 18.13 23.14 -24.26
CA PHE EA 359 17.71 23.79 -23.04
C PHE EA 359 18.74 23.67 -21.93
N GLU EA 360 19.96 23.27 -22.28
CA GLU EA 360 20.98 22.97 -21.23
C GLU EA 360 21.22 24.17 -20.31
N HIS EA 361 21.27 25.39 -20.86
CA HIS EA 361 21.58 26.53 -20.01
C HIS EA 361 20.53 26.74 -18.92
N MET EA 362 19.36 26.13 -19.06
CA MET EA 362 18.35 26.22 -18.01
C MET EA 362 18.75 25.43 -16.77
N TYR EA 363 19.46 24.32 -16.96
CA TYR EA 363 19.88 23.46 -15.86
C TYR EA 363 21.27 23.83 -15.36
N ASP EA 364 21.74 25.02 -15.73
CA ASP EA 364 23.09 25.43 -15.37
C ASP EA 364 23.24 25.52 -13.86
N GLY EA 365 22.26 26.09 -13.18
CA GLY EA 365 22.32 26.32 -11.75
C GLY EA 365 21.82 27.70 -11.38
N ASN EA 366 21.57 28.51 -12.41
CA ASN EA 366 21.09 29.87 -12.22
C ASN EA 366 19.59 29.87 -11.87
N ASP EA 367 19.13 30.98 -11.35
CA ASP EA 367 17.72 31.17 -10.99
C ASP EA 367 17.08 32.27 -11.83
N ASP EA 368 17.39 32.28 -13.13
CA ASP EA 368 16.88 33.29 -14.04
C ASP EA 368 15.63 32.85 -14.78
N TYR EA 369 15.16 31.64 -14.56
CA TYR EA 369 14.04 31.09 -15.30
C TYR EA 369 12.93 30.69 -14.33
N PRO EA 370 11.67 30.72 -14.78
CA PRO EA 370 10.58 30.30 -13.89
C PRO EA 370 10.35 28.81 -13.83
N TYR EA 371 10.98 28.04 -14.70
CA TYR EA 371 10.78 26.59 -14.75
C TYR EA 371 11.90 25.99 -15.61
N TYR EA 372 11.81 24.69 -15.86
CA TYR EA 372 12.69 24.01 -16.79
C TYR EA 372 11.87 23.42 -17.91
N LEU EA 373 12.41 23.47 -19.13
CA LEU EA 373 11.74 22.90 -20.28
C LEU EA 373 12.43 21.62 -20.71
N LEU EA 374 11.69 20.77 -21.41
CA LEU EA 374 12.22 19.51 -21.91
C LEU EA 374 11.77 19.30 -23.34
N ASN EA 375 12.57 18.55 -24.10
CA ASN EA 375 12.15 18.15 -25.43
C ASN EA 375 11.07 17.07 -25.34
N ARG EA 376 10.16 17.10 -26.30
CA ARG EA 376 9.00 16.23 -26.27
C ARG EA 376 8.95 15.25 -27.43
N THR EA 377 9.26 15.70 -28.63
CA THR EA 377 9.09 14.89 -29.83
C THR EA 377 10.43 14.41 -30.35
N ASP EA 378 10.37 13.31 -31.09
CA ASP EA 378 11.49 12.80 -31.87
C ASP EA 378 11.01 12.58 -33.30
N GLU EA 379 11.89 12.86 -34.27
CA GLU EA 379 11.49 12.72 -35.66
C GLU EA 379 11.45 11.28 -36.11
N ASN EA 380 12.06 10.36 -35.35
CA ASN EA 380 12.04 8.94 -35.67
C ASN EA 380 11.19 8.11 -34.73
N SER EA 381 11.23 8.39 -33.44
CA SER EA 381 10.43 7.66 -32.47
C SER EA 381 9.10 8.34 -32.18
N GLY EA 382 8.78 9.42 -32.89
CA GLY EA 382 7.53 10.12 -32.68
C GLY EA 382 7.51 10.94 -31.40
N ASP EA 383 7.64 10.28 -30.26
CA ASP EA 383 7.57 10.93 -28.96
C ASP EA 383 8.61 10.31 -28.04
N LEU EA 384 9.05 11.09 -27.07
CA LEU EA 384 10.08 10.62 -26.16
C LEU EA 384 9.50 9.57 -25.21
N PRO EA 385 10.23 8.49 -24.93
CA PRO EA 385 9.71 7.49 -23.99
C PRO EA 385 9.48 8.08 -22.61
N THR EA 386 8.43 7.61 -21.95
CA THR EA 386 8.00 8.14 -20.67
C THR EA 386 8.53 7.27 -19.54
N GLN EA 387 9.24 7.90 -18.60
CA GLN EA 387 9.78 7.24 -17.43
C GLN EA 387 10.14 8.30 -16.40
N PRO EA 388 9.76 8.12 -15.13
CA PRO EA 388 10.06 9.14 -14.13
C PRO EA 388 11.55 9.37 -14.00
N LEU EA 389 11.93 10.63 -13.80
CA LEU EA 389 13.34 10.99 -13.73
C LEU EA 389 14.01 10.35 -12.51
N ALA EA 390 15.27 9.96 -12.69
CA ALA EA 390 16.07 9.38 -11.63
C ALA EA 390 17.13 10.38 -11.19
N TYR EA 391 17.48 10.32 -9.92
CA TYR EA 391 18.50 11.18 -9.34
C TYR EA 391 19.55 10.29 -8.69
N TYR EA 392 20.81 10.69 -8.81
CA TYR EA 392 21.87 9.96 -8.12
C TYR EA 392 21.61 9.99 -6.62
N GLU EA 393 21.78 8.85 -5.96
CA GLU EA 393 21.51 8.80 -4.53
C GLU EA 393 22.53 9.62 -3.76
N ASN EA 394 22.08 10.24 -2.67
CA ASN EA 394 22.96 10.97 -1.80
C ASN EA 394 23.95 10.00 -1.13
N PRO EA 395 25.16 10.45 -0.86
CA PRO EA 395 26.10 9.63 -0.09
C PRO EA 395 25.56 9.34 1.30
N GLU EA 396 25.83 8.13 1.77
CA GLU EA 396 25.38 7.70 3.09
C GLU EA 396 26.52 6.98 3.78
N VAL EA 397 26.60 7.13 5.09
CA VAL EA 397 27.56 6.37 5.89
C VAL EA 397 26.91 5.04 6.24
N PRO EA 398 27.51 3.91 5.90
CA PRO EA 398 26.85 2.62 6.12
C PRO EA 398 26.55 2.38 7.59
N GLN EA 399 25.48 1.63 7.82
CA GLN EA 399 25.13 1.24 9.18
C GLN EA 399 26.28 0.50 9.84
N ALA EA 400 27.02 -0.29 9.06
CA ALA EA 400 28.18 -1.00 9.60
C ALA EA 400 29.23 -0.01 10.10
N ASN EA 401 29.54 1.01 9.30
CA ASN EA 401 30.53 1.99 9.71
C ASN EA 401 30.09 2.74 10.96
N ALA EA 402 28.82 3.13 11.01
CA ALA EA 402 28.34 3.87 12.18
C ALA EA 402 28.35 3.02 13.42
N TYR EA 403 27.84 1.80 13.32
CA TYR EA 403 27.79 0.89 14.46
C TYR EA 403 29.19 0.58 14.97
N MET EA 404 30.14 0.37 14.07
CA MET EA 404 31.48 0.00 14.51
C MET EA 404 32.25 1.20 15.04
N LEU EA 405 32.00 2.40 14.52
CA LEU EA 405 32.60 3.58 15.12
C LEU EA 405 32.13 3.76 16.55
N GLU EA 406 30.82 3.62 16.78
CA GLU EA 406 30.30 3.73 18.14
C GLU EA 406 30.84 2.63 19.04
N ALA EA 407 30.89 1.39 18.54
CA ALA EA 407 31.37 0.28 19.34
C ALA EA 407 32.85 0.44 19.69
N ALA EA 408 33.68 0.86 18.74
CA ALA EA 408 35.09 1.03 19.01
C ALA EA 408 35.34 2.17 19.99
N THR EA 409 34.64 3.30 19.81
CA THR EA 409 34.81 4.40 20.75
C THR EA 409 34.39 4.00 22.15
N SER EA 410 33.27 3.28 22.27
CA SER EA 410 32.84 2.82 23.59
C SER EA 410 33.82 1.82 24.19
N ALA EA 411 34.38 0.94 23.35
CA ALA EA 411 35.34 -0.05 23.84
C ALA EA 411 36.59 0.63 24.40
N VAL EA 412 37.10 1.62 23.68
CA VAL EA 412 38.25 2.36 24.20
C VAL EA 412 37.90 3.09 25.48
N LYS EA 413 36.72 3.72 25.52
CA LYS EA 413 36.35 4.46 26.73
C LYS EA 413 36.22 3.54 27.93
N GLU EA 414 35.75 2.31 27.71
CA GLU EA 414 35.62 1.37 28.82
C GLU EA 414 36.98 0.82 29.25
N VAL EA 415 37.84 0.47 28.30
CA VAL EA 415 39.10 -0.16 28.67
C VAL EA 415 40.14 0.84 29.14
N ALA EA 416 39.98 2.12 28.83
CA ALA EA 416 40.91 3.15 29.29
C ALA EA 416 40.45 3.78 30.59
N THR EA 417 40.17 2.92 31.57
CA THR EA 417 39.84 3.35 32.93
C THR EA 417 40.91 2.75 33.84
N LEU EA 418 41.97 3.51 34.09
CA LEU EA 418 42.99 3.08 35.01
C LEU EA 418 42.41 2.93 36.42
N GLY EA 419 42.48 1.72 36.95
CA GLY EA 419 41.92 1.49 38.28
C GLY EA 419 40.43 1.77 38.29
N VAL EA 420 39.96 2.38 39.38
CA VAL EA 420 38.56 2.75 39.50
C VAL EA 420 38.40 4.24 39.71
N GLU EA 445 41.09 7.04 39.03
CA GLU EA 445 41.99 7.04 40.17
C GLU EA 445 43.27 6.29 39.84
N THR EA 446 44.38 6.75 40.40
CA THR EA 446 45.70 6.20 40.13
C THR EA 446 46.35 5.72 41.42
N TYR EA 447 45.60 4.99 42.24
CA TYR EA 447 46.17 4.55 43.51
C TYR EA 447 47.31 3.56 43.31
N VAL EA 448 47.16 2.63 42.37
CA VAL EA 448 48.18 1.60 42.18
C VAL EA 448 49.47 2.23 41.64
N PHE EA 449 49.35 3.14 40.67
CA PHE EA 449 50.55 3.81 40.16
C PHE EA 449 51.16 4.76 41.18
N GLN EA 450 50.36 5.41 42.01
CA GLN EA 450 50.95 6.20 43.09
C GLN EA 450 51.68 5.32 44.08
N ASP EA 451 51.13 4.15 44.38
CA ASP EA 451 51.80 3.21 45.27
C ASP EA 451 53.12 2.72 44.67
N ASN EA 452 53.14 2.43 43.38
CA ASN EA 452 54.38 2.01 42.74
C ASN EA 452 55.41 3.15 42.71
N LEU EA 453 54.95 4.37 42.49
CA LEU EA 453 55.86 5.51 42.59
C LEU EA 453 56.40 5.66 44.00
N ALA EA 454 55.58 5.37 45.01
CA ALA EA 454 56.08 5.39 46.38
C ALA EA 454 57.13 4.32 46.61
N THR EA 455 56.94 3.15 46.01
CA THR EA 455 57.95 2.10 46.11
C THR EA 455 59.26 2.55 45.48
N ALA EA 456 59.18 3.20 44.31
CA ALA EA 456 60.39 3.71 43.68
C ALA EA 456 61.04 4.80 44.51
N MET EA 457 60.25 5.63 45.16
CA MET EA 457 60.82 6.67 46.02
C MET EA 457 61.49 6.06 47.23
N ARG EA 458 60.94 4.97 47.76
CA ARG EA 458 61.58 4.30 48.89
C ARG EA 458 62.92 3.71 48.48
N ARG EA 459 62.98 3.09 47.30
CA ARG EA 459 64.26 2.60 46.80
C ARG EA 459 65.24 3.73 46.58
N ASP EA 460 64.75 4.87 46.08
CA ASP EA 460 65.57 6.05 45.92
C ASP EA 460 66.15 6.50 47.25
N GLY EA 461 65.33 6.49 48.30
CA GLY EA 461 65.83 6.87 49.61
C GLY EA 461 66.90 5.93 50.12
N GLU EA 462 66.73 4.63 49.88
CA GLU EA 462 67.74 3.65 50.28
C GLU EA 462 69.07 3.93 49.57
N ILE EA 463 69.00 4.13 48.25
CA ILE EA 463 70.21 4.39 47.47
C ILE EA 463 70.88 5.68 47.94
N TYR EA 464 70.10 6.73 48.16
CA TYR EA 464 70.66 8.00 48.59
C TYR EA 464 71.31 7.88 49.96
N GLN EA 465 70.68 7.15 50.88
CA GLN EA 465 71.26 6.98 52.20
C GLN EA 465 72.61 6.29 52.13
N SER EA 466 72.71 5.23 51.34
CA SER EA 466 74.00 4.55 51.20
C SER EA 466 75.04 5.45 50.56
N ILE EA 467 74.65 6.22 49.54
CA ILE EA 467 75.62 7.09 48.87
C ILE EA 467 76.11 8.17 49.82
N VAL EA 468 75.23 8.69 50.66
CA VAL EA 468 75.62 9.66 51.68
C VAL EA 468 76.59 9.03 52.66
N ASN EA 469 76.28 7.82 53.15
CA ASN EA 469 77.19 7.16 54.07
C ASN EA 469 78.54 6.92 53.43
N ASP EA 470 78.61 6.90 52.10
CA ASP EA 470 79.89 6.72 51.44
C ASP EA 470 80.66 8.03 51.29
N ILE EA 471 80.01 9.12 50.86
CA ILE EA 471 80.73 10.31 50.45
C ILE EA 471 80.50 11.54 51.33
N TYR EA 472 79.35 11.68 51.97
CA TYR EA 472 79.09 12.89 52.73
C TYR EA 472 79.78 12.82 54.09
N ASP EA 473 79.63 13.88 54.88
CA ASP EA 473 80.21 13.96 56.22
C ASP EA 473 79.06 14.00 57.23
N VAL EA 474 78.70 12.84 57.75
CA VAL EA 474 77.54 12.70 58.63
C VAL EA 474 78.01 12.90 60.07
N PRO EA 475 77.56 13.96 60.74
CA PRO EA 475 77.92 14.13 62.16
C PRO EA 475 77.18 13.14 63.04
N ARG EA 476 77.83 12.78 64.15
CA ARG EA 476 77.23 11.92 65.15
C ARG EA 476 76.70 12.77 66.30
N ASN EA 477 75.57 12.37 66.86
CA ASN EA 477 74.93 13.14 67.91
C ASN EA 477 75.42 12.64 69.27
N VAL EA 478 75.78 13.58 70.14
CA VAL EA 478 76.23 13.26 71.49
C VAL EA 478 75.29 13.91 72.49
N THR EA 479 75.00 13.19 73.58
CA THR EA 479 74.11 13.66 74.62
C THR EA 479 74.85 14.29 75.79
N ILE EA 480 76.17 14.44 75.69
CA ILE EA 480 76.95 15.03 76.77
C ILE EA 480 76.63 16.50 76.92
N LEU EA 492 75.06 17.60 70.91
CA LEU EA 492 75.99 18.29 70.02
C LEU EA 492 76.41 17.37 68.88
N MET EA 493 76.79 17.96 67.75
CA MET EA 493 77.23 17.19 66.59
C MET EA 493 78.75 17.10 66.59
N ALA EA 494 79.27 15.88 66.57
CA ALA EA 494 80.70 15.62 66.70
C ALA EA 494 81.24 15.16 65.34
N GLU EA 495 81.68 16.11 64.54
CA GLU EA 495 82.29 15.81 63.24
C GLU EA 495 83.76 15.48 63.45
N VAL EA 496 84.14 14.24 63.16
CA VAL EA 496 85.52 13.78 63.29
C VAL EA 496 86.01 13.40 61.90
N VAL EA 497 86.92 14.20 61.36
CA VAL EA 497 87.54 13.96 60.07
C VAL EA 497 89.00 14.41 60.14
N ASP EA 498 89.71 14.24 59.02
CA ASP EA 498 91.13 14.55 58.96
C ASP EA 498 91.57 14.60 57.52
N LEU EA 499 92.72 15.21 57.28
CA LEU EA 499 93.26 15.39 55.95
C LEU EA 499 94.56 14.60 55.77
N ALA EA 500 94.79 14.13 54.55
CA ALA EA 500 95.98 13.37 54.23
C ALA EA 500 97.13 14.29 53.87
N THR EA 501 98.28 13.71 53.53
CA THR EA 501 99.44 14.49 53.12
C THR EA 501 99.25 15.11 51.74
N GLY EA 502 98.29 14.63 50.96
CA GLY EA 502 98.03 15.19 49.64
C GLY EA 502 96.95 16.25 49.66
N GLU EA 503 96.68 16.81 50.84
CA GLU EA 503 95.67 17.83 51.07
C GLU EA 503 94.27 17.35 50.78
N LYS EA 504 94.05 16.04 50.73
CA LYS EA 504 92.72 15.49 50.52
C LYS EA 504 92.11 15.08 51.85
N GLN EA 505 90.83 15.40 52.02
CA GLN EA 505 90.11 15.12 53.26
C GLN EA 505 89.32 13.83 53.11
N VAL EA 506 89.45 12.94 54.10
CA VAL EA 506 88.75 11.66 54.10
C VAL EA 506 87.70 11.70 55.20
N LEU EA 507 86.48 11.35 54.85
CA LEU EA 507 85.41 11.27 55.83
C LEU EA 507 85.59 10.06 56.74
N ASN EA 508 85.01 10.14 57.92
CA ASN EA 508 85.04 9.05 58.91
C ASN EA 508 83.60 8.81 59.34
N ASP EA 509 83.02 7.70 58.90
CA ASP EA 509 81.65 7.33 59.24
C ASP EA 509 81.67 6.00 59.96
N ILE EA 510 81.19 6.00 61.21
CA ILE EA 510 81.13 4.81 62.05
C ILE EA 510 80.08 3.88 61.47
N ARG EA 511 80.09 2.62 61.91
CA ARG EA 511 79.12 1.65 61.42
C ARG EA 511 77.76 1.75 62.11
N GLY EA 512 77.56 2.74 62.99
CA GLY EA 512 76.23 3.03 63.48
C GLY EA 512 75.53 4.03 62.57
N ARG EA 513 75.38 3.68 61.30
CA ARG EA 513 74.98 4.61 60.27
C ARG EA 513 73.56 4.41 59.75
N TYR EA 514 73.04 3.20 59.87
CA TYR EA 514 71.66 2.94 59.42
C TYR EA 514 70.71 3.10 60.61
N GLU EA 515 70.51 4.33 61.08
CA GLU EA 515 69.67 4.62 62.24
C GLU EA 515 68.28 5.12 61.86
N CYS EA 516 67.99 5.28 60.57
CA CYS EA 516 66.67 5.71 60.13
C CYS EA 516 66.24 4.85 58.96
N TYR EA 517 64.94 4.62 58.87
CA TYR EA 517 64.36 3.89 57.75
C TYR EA 517 63.62 4.85 56.83
N THR EA 518 63.18 4.32 55.70
CA THR EA 518 62.63 5.10 54.61
C THR EA 518 61.11 4.91 54.55
N ASP EA 519 60.38 6.02 54.52
CA ASP EA 519 58.96 6.02 54.27
C ASP EA 519 58.68 7.07 53.20
N VAL EA 520 57.40 7.32 52.95
CA VAL EA 520 56.97 8.22 51.89
C VAL EA 520 56.05 9.27 52.48
N GLY EA 521 56.31 10.53 52.14
CA GLY EA 521 55.48 11.62 52.60
C GLY EA 521 55.32 12.67 51.52
N PRO EA 522 54.66 13.77 51.86
CA PRO EA 522 54.52 14.86 50.90
C PRO EA 522 55.88 15.47 50.57
N SER EA 523 55.95 16.09 49.40
CA SER EA 523 57.21 16.67 48.92
C SER EA 523 57.34 18.10 49.44
N PHE EA 524 58.39 18.34 50.24
CA PHE EA 524 58.68 19.65 50.76
C PHE EA 524 60.06 20.10 50.27
N GLN EA 525 60.22 21.40 50.07
CA GLN EA 525 61.46 21.94 49.54
C GLN EA 525 62.48 22.25 50.62
N SER EA 526 62.12 22.17 51.89
CA SER EA 526 63.08 22.44 52.96
C SER EA 526 62.55 21.91 54.28
N MET EA 527 63.49 21.75 55.22
CA MET EA 527 63.14 21.29 56.56
C MET EA 527 62.22 22.29 57.25
N LYS EA 528 62.39 23.57 56.98
CA LYS EA 528 61.51 24.57 57.60
C LYS EA 528 60.08 24.41 57.10
N GLN EA 529 59.90 24.15 55.81
CA GLN EA 529 58.56 23.90 55.29
C GLN EA 529 57.97 22.64 55.88
N GLN EA 530 58.78 21.59 56.04
CA GLN EA 530 58.27 20.39 56.67
C GLN EA 530 57.83 20.64 58.11
N ASN EA 531 58.62 21.41 58.87
CA ASN EA 531 58.25 21.74 60.24
C ASN EA 531 56.98 22.58 60.29
N ARG EA 532 56.84 23.54 59.36
CA ARG EA 532 55.62 24.34 59.30
C ARG EA 532 54.41 23.47 59.02
N ALA EA 533 54.54 22.52 58.09
CA ALA EA 533 53.44 21.63 57.76
C ALA EA 533 53.07 20.76 58.96
N GLU EA 534 54.07 20.24 59.68
CA GLU EA 534 53.78 19.41 60.84
C GLU EA 534 53.11 20.21 61.94
N ILE EA 535 53.54 21.45 62.15
CA ILE EA 535 52.94 22.28 63.18
C ILE EA 535 51.50 22.62 62.82
N LEU EA 536 51.24 22.91 61.55
CA LEU EA 536 49.86 23.16 61.12
C LEU EA 536 49.00 21.92 61.27
N GLU EA 537 49.55 20.75 60.97
CA GLU EA 537 48.81 19.50 61.13
C GLU EA 537 48.44 19.27 62.59
N LEU EA 538 49.39 19.49 63.51
CA LEU EA 538 49.07 19.37 64.93
C LEU EA 538 48.04 20.40 65.36
N LEU EA 539 48.19 21.64 64.89
CA LEU EA 539 47.26 22.70 65.24
C LEU EA 539 45.86 22.41 64.73
N GLY EA 540 45.75 21.59 63.68
CA GLY EA 540 44.45 21.19 63.18
C GLY EA 540 43.70 20.24 64.09
N LYS EA 541 44.40 19.51 64.96
CA LYS EA 541 43.76 18.53 65.83
C LYS EA 541 43.79 18.88 67.30
N THR EA 542 44.63 19.83 67.69
CA THR EA 542 44.65 20.22 69.12
C THR EA 542 43.52 21.21 69.38
N PRO EA 543 42.65 20.99 70.38
CA PRO EA 543 41.62 21.99 70.71
C PRO EA 543 42.22 23.17 71.44
N GLN EA 544 41.39 24.22 71.58
CA GLN EA 544 41.86 25.50 72.10
C GLN EA 544 42.14 25.47 73.60
N GLY EA 545 43.16 24.72 74.00
CA GLY EA 545 43.65 24.77 75.37
C GLY EA 545 44.94 25.55 75.47
N THR EA 546 45.87 25.12 76.31
CA THR EA 546 47.21 25.70 76.32
C THR EA 546 48.09 25.15 75.20
N PRO EA 547 48.04 23.86 74.76
CA PRO EA 547 48.86 23.43 73.64
C PRO EA 547 48.48 24.21 72.38
N GLU EA 548 47.20 24.53 72.19
CA GLU EA 548 46.87 25.33 71.01
C GLU EA 548 47.65 26.63 71.01
N TYR EA 549 47.74 27.29 72.17
CA TYR EA 549 48.53 28.50 72.28
C TYR EA 549 49.99 28.22 71.96
N GLN EA 550 50.52 27.11 72.47
CA GLN EA 550 51.92 26.76 72.24
C GLN EA 550 52.18 26.54 70.75
N LEU EA 551 51.32 25.77 70.09
CA LEU EA 551 51.51 25.50 68.68
C LEU EA 551 51.37 26.77 67.84
N LEU EA 552 50.43 27.65 68.18
CA LEU EA 552 50.29 28.89 67.43
C LEU EA 552 51.54 29.76 67.57
N LEU EA 553 52.07 29.87 68.79
CA LEU EA 553 53.28 30.67 68.98
C LEU EA 553 54.46 30.05 68.24
N LEU EA 554 54.57 28.73 68.24
CA LEU EA 554 55.63 28.07 67.49
C LEU EA 554 55.49 28.28 65.99
N GLN EA 555 54.26 28.27 65.48
CA GLN EA 555 54.03 28.53 64.06
C GLN EA 555 54.46 29.94 63.71
N TYR EA 556 54.13 30.91 64.55
CA TYR EA 556 54.62 32.27 64.32
C TYR EA 556 56.14 32.32 64.37
N PHE EA 557 56.73 31.50 65.24
CA PHE EA 557 58.19 31.47 65.37
C PHE EA 557 58.85 30.98 64.09
N THR EA 558 58.28 29.97 63.43
CA THR EA 558 58.92 29.34 62.28
C THR EA 558 58.64 30.06 60.96
N LEU EA 559 58.31 31.34 60.98
CA LEU EA 559 57.87 32.01 59.76
C LEU EA 559 59.05 32.69 59.06
N LEU EA 560 58.77 33.16 57.83
CA LEU EA 560 59.75 33.89 57.03
C LEU EA 560 59.96 35.28 57.59
N ASP EA 561 60.80 36.07 56.92
CA ASP EA 561 61.27 37.33 57.47
C ASP EA 561 61.03 38.49 56.52
N GLY EA 562 60.26 39.47 56.98
CA GLY EA 562 60.15 40.78 56.37
C GLY EA 562 60.40 41.82 57.42
N LYS EA 563 59.42 42.68 57.66
CA LYS EA 563 59.41 43.58 58.81
C LYS EA 563 58.28 43.28 59.77
N GLY EA 564 57.04 43.21 59.26
CA GLY EA 564 55.92 42.84 60.13
C GLY EA 564 56.00 41.42 60.64
N VAL EA 565 56.32 40.47 59.75
CA VAL EA 565 56.48 39.09 60.20
C VAL EA 565 57.69 38.96 61.11
N GLU EA 566 58.71 39.79 60.92
CA GLU EA 566 59.82 39.81 61.84
C GLU EA 566 59.36 40.26 63.23
N MET EA 567 58.51 41.27 63.29
CA MET EA 567 57.95 41.73 64.57
C MET EA 567 57.14 40.61 65.23
N MET EA 568 56.27 39.96 64.47
CA MET EA 568 55.44 38.89 65.02
C MET EA 568 56.29 37.73 65.50
N ARG EA 569 57.31 37.36 64.74
CA ARG EA 569 58.16 36.23 65.12
C ARG EA 569 58.97 36.56 66.37
N ASP EA 570 59.48 37.78 66.47
CA ASP EA 570 60.19 38.16 67.70
C ASP EA 570 59.25 38.14 68.89
N TYR EA 571 58.02 38.60 68.72
CA TYR EA 571 57.05 38.54 69.81
C TYR EA 571 56.81 37.10 70.24
N ALA EA 572 56.63 36.19 69.27
CA ALA EA 572 56.38 34.79 69.61
C ALA EA 572 57.59 34.17 70.30
N ASN EA 573 58.80 34.49 69.83
CA ASN EA 573 60.00 33.98 70.48
C ASN EA 573 60.07 34.45 71.93
N LYS EA 574 59.81 35.74 72.15
CA LYS EA 574 59.87 36.27 73.51
C LYS EA 574 58.84 35.61 74.40
N GLN EA 575 57.62 35.42 73.90
CA GLN EA 575 56.59 34.79 74.70
C GLN EA 575 56.96 33.35 75.04
N LEU EA 576 57.52 32.62 74.09
CA LEU EA 576 57.92 31.24 74.36
C LEU EA 576 59.03 31.19 75.40
N ILE EA 577 60.05 32.06 75.27
CA ILE EA 577 61.13 32.07 76.25
C ILE EA 577 60.59 32.42 77.64
N GLN EA 578 59.73 33.43 77.72
CA GLN EA 578 59.21 33.84 79.01
C GLN EA 578 58.33 32.77 79.65
N MET EA 579 57.50 32.10 78.85
CA MET EA 579 56.75 30.96 79.38
C MET EA 579 57.64 29.77 79.67
N GLY EA 580 58.89 29.79 79.23
CA GLY EA 580 59.85 28.79 79.65
C GLY EA 580 59.81 27.50 78.86
N VAL EA 581 59.27 27.53 77.65
CA VAL EA 581 59.23 26.32 76.84
C VAL EA 581 60.39 26.28 75.85
N LYS EA 582 61.03 27.41 75.58
CA LYS EA 582 62.19 27.48 74.70
C LYS EA 582 63.45 27.77 75.50
N LYS EA 583 64.52 27.05 75.19
CA LYS EA 583 65.79 27.25 75.88
C LYS EA 583 66.51 28.49 75.34
N MET FA 1 19.69 26.69 -50.14
CA MET FA 1 18.27 26.36 -50.13
C MET FA 1 17.57 26.85 -51.38
N GLN FA 2 17.14 25.90 -52.22
CA GLN FA 2 16.40 26.22 -53.42
C GLN FA 2 14.91 26.37 -53.17
N ILE FA 3 14.46 26.19 -51.94
CA ILE FA 3 13.06 26.40 -51.58
C ILE FA 3 12.94 27.83 -51.06
N LYS FA 4 12.40 28.72 -51.89
CA LYS FA 4 12.35 30.13 -51.57
C LYS FA 4 10.99 30.78 -51.76
N THR FA 5 10.03 30.11 -52.38
CA THR FA 5 8.74 30.71 -52.66
C THR FA 5 7.63 29.83 -52.11
N LYS FA 6 6.47 30.45 -51.91
CA LYS FA 6 5.29 29.70 -51.46
C LYS FA 6 4.99 28.56 -52.43
N GLY FA 7 5.22 28.79 -53.72
CA GLY FA 7 5.07 27.71 -54.68
C GLY FA 7 6.07 26.59 -54.44
N ASP FA 8 7.29 26.95 -54.03
CA ASP FA 8 8.29 25.93 -53.73
C ASP FA 8 7.87 25.10 -52.52
N LEU FA 9 7.34 25.75 -51.49
CA LEU FA 9 6.83 25.00 -50.34
C LEU FA 9 5.69 24.08 -50.74
N VAL FA 10 4.77 24.58 -51.57
CA VAL FA 10 3.63 23.76 -51.98
C VAL FA 10 4.09 22.57 -52.80
N ARG FA 11 5.04 22.79 -53.71
CA ARG FA 11 5.55 21.70 -54.52
C ARG FA 11 6.26 20.65 -53.67
N ALA FA 12 7.03 21.09 -52.69
CA ALA FA 12 7.68 20.13 -51.79
C ALA FA 12 6.65 19.33 -51.02
N ALA FA 13 5.60 19.98 -50.52
CA ALA FA 13 4.57 19.26 -49.78
C ALA FA 13 3.87 18.23 -50.66
N LEU FA 14 3.54 18.61 -51.89
CA LEU FA 14 2.87 17.69 -52.80
C LEU FA 14 3.78 16.51 -53.16
N ARG FA 15 5.07 16.77 -53.37
CA ARG FA 15 6.00 15.68 -53.65
C ARG FA 15 6.10 14.74 -52.46
N LYS FA 16 6.17 15.30 -51.25
CA LYS FA 16 6.23 14.46 -50.05
C LYS FA 16 4.99 13.59 -49.94
N LEU FA 17 3.84 14.14 -50.31
CA LEU FA 17 2.60 13.37 -50.32
C LEU FA 17 2.54 12.36 -51.45
N GLY FA 18 3.32 12.56 -52.51
CA GLY FA 18 3.27 11.70 -53.67
C GLY FA 18 2.21 12.08 -54.68
N VAL FA 19 1.43 13.13 -54.43
CA VAL FA 19 0.40 13.53 -55.36
C VAL FA 19 1.01 14.02 -56.66
N ALA FA 20 2.05 14.84 -56.58
CA ALA FA 20 2.60 15.49 -57.77
C ALA FA 20 4.11 15.64 -57.56
N SER FA 21 4.87 14.70 -58.11
CA SER FA 21 6.32 14.74 -58.02
C SER FA 21 6.91 14.25 -59.33
N ASP FA 22 8.22 14.44 -59.45
CA ASP FA 22 8.97 13.97 -60.61
C ASP FA 22 9.48 12.55 -60.43
N ALA FA 23 9.27 11.96 -59.26
CA ALA FA 23 9.55 10.55 -59.02
C ALA FA 23 8.32 9.67 -59.20
N THR FA 24 7.18 10.27 -59.53
CA THR FA 24 5.97 9.52 -59.86
C THR FA 24 5.44 9.89 -61.23
N LEU FA 25 6.16 10.71 -62.00
CA LEU FA 25 5.79 11.06 -63.36
C LEU FA 25 4.48 11.82 -63.42
N THR FA 26 4.16 12.57 -62.37
CA THR FA 26 2.94 13.37 -62.32
C THR FA 26 3.33 14.84 -62.21
N ASP FA 27 2.52 15.70 -62.80
CA ASP FA 27 2.77 17.12 -62.78
C ASP FA 27 1.72 17.83 -61.94
N VAL FA 28 2.13 18.92 -61.30
CA VAL FA 28 1.24 19.67 -60.43
C VAL FA 28 0.14 20.32 -61.26
N GLU FA 29 -1.09 20.22 -60.78
CA GLU FA 29 -2.22 20.88 -61.41
C GLU FA 29 -2.39 22.28 -60.81
N PRO FA 30 -2.56 23.31 -61.63
CA PRO FA 30 -2.67 24.67 -61.08
C PRO FA 30 -3.82 24.84 -60.11
N GLN FA 31 -4.93 24.12 -60.33
CA GLN FA 31 -6.05 24.22 -59.42
C GLN FA 31 -5.70 23.69 -58.04
N SER FA 32 -4.88 22.64 -57.97
CA SER FA 32 -4.38 22.15 -56.69
C SER FA 32 -3.29 23.06 -56.11
N MET FA 33 -2.50 23.72 -56.95
CA MET FA 33 -1.51 24.65 -56.45
C MET FA 33 -2.16 25.84 -55.75
N GLN FA 34 -3.23 26.40 -56.33
CA GLN FA 34 -3.91 27.50 -55.66
C GLN FA 34 -4.54 27.05 -54.35
N ASP FA 35 -5.14 25.86 -54.33
CA ASP FA 35 -5.75 25.35 -53.11
C ASP FA 35 -4.71 25.17 -52.02
N ALA FA 36 -3.55 24.60 -52.37
CA ALA FA 36 -2.51 24.39 -51.38
C ALA FA 36 -1.92 25.70 -50.90
N VAL FA 37 -1.82 26.71 -51.78
CA VAL FA 37 -1.33 28.01 -51.33
C VAL FA 37 -2.30 28.64 -50.36
N ASP FA 38 -3.61 28.53 -50.63
CA ASP FA 38 -4.60 29.02 -49.67
C ASP FA 38 -4.47 28.29 -48.34
N ASP FA 39 -4.29 26.97 -48.38
CA ASP FA 39 -4.15 26.20 -47.16
C ASP FA 39 -2.92 26.63 -46.37
N LEU FA 40 -1.81 26.86 -47.05
CA LEU FA 40 -0.59 27.31 -46.38
C LEU FA 40 -0.80 28.67 -45.72
N GLU FA 41 -1.46 29.59 -46.44
CA GLU FA 41 -1.70 30.90 -45.85
C GLU FA 41 -2.56 30.79 -44.60
N ALA FA 42 -3.63 30.00 -44.65
CA ALA FA 42 -4.48 29.83 -43.48
C ALA FA 42 -3.73 29.17 -42.33
N MET FA 43 -2.92 28.17 -42.63
CA MET FA 43 -2.18 27.46 -41.59
C MET FA 43 -1.20 28.39 -40.89
N MET FA 44 -0.45 29.17 -41.66
CA MET FA 44 0.52 30.06 -41.02
C MET FA 44 -0.16 31.21 -40.28
N ALA FA 45 -1.33 31.65 -40.77
CA ALA FA 45 -2.07 32.66 -40.02
C ALA FA 45 -2.58 32.10 -38.70
N GLU FA 46 -2.98 30.83 -38.69
CA GLU FA 46 -3.41 30.19 -37.45
C GLU FA 46 -2.25 30.00 -36.49
N TRP FA 47 -1.09 29.61 -37.00
CA TRP FA 47 0.09 29.49 -36.16
C TRP FA 47 0.47 30.82 -35.55
N TYR FA 48 0.82 31.79 -36.40
CA TYR FA 48 1.17 33.12 -35.94
C TYR FA 48 -0.09 33.85 -35.50
N GLN FA 49 -0.46 33.70 -34.23
CA GLN FA 49 -1.75 34.19 -33.73
C GLN FA 49 -1.71 35.71 -33.53
N ASP FA 50 -1.51 36.42 -34.63
CA ASP FA 50 -1.44 37.88 -34.62
C ASP FA 50 -0.38 38.38 -33.67
N GLY FA 51 0.80 37.78 -33.72
CA GLY FA 51 1.93 38.20 -32.92
C GLY FA 51 2.13 37.46 -31.62
N LYS FA 52 1.32 36.45 -31.34
CA LYS FA 52 1.37 35.74 -30.06
C LYS FA 52 1.50 34.24 -30.23
N GLY FA 53 1.87 33.78 -31.42
CA GLY FA 53 1.99 32.36 -31.65
C GLY FA 53 3.39 31.93 -32.01
N ILE FA 54 3.51 31.08 -33.03
CA ILE FA 54 4.81 30.65 -33.52
C ILE FA 54 5.35 31.73 -34.44
N ILE FA 55 6.51 32.28 -34.08
CA ILE FA 55 7.15 33.30 -34.90
C ILE FA 55 8.02 32.61 -35.93
N THR FA 56 7.77 32.88 -37.20
CA THR FA 56 8.50 32.25 -38.29
C THR FA 56 9.13 33.22 -39.27
N GLY FA 57 8.68 34.47 -39.33
CA GLY FA 57 9.10 35.37 -40.37
C GLY FA 57 8.32 35.24 -41.65
N TYR FA 58 7.36 34.33 -41.71
CA TYR FA 58 6.51 34.18 -42.88
C TYR FA 58 5.80 35.49 -43.18
N VAL FA 59 5.83 35.90 -44.45
CA VAL FA 59 5.21 37.14 -44.89
C VAL FA 59 3.85 36.81 -45.48
N PHE FA 60 2.82 37.49 -45.00
CA PHE FA 60 1.47 37.26 -45.45
C PHE FA 60 1.17 38.15 -46.64
N SER FA 61 0.69 37.56 -47.73
CA SER FA 61 0.45 38.31 -48.95
C SER FA 61 -0.67 39.30 -48.75
N ASP FA 62 -0.60 40.40 -49.48
CA ASP FA 62 -1.66 41.39 -49.54
C ASP FA 62 -2.53 41.16 -50.78
N ASP FA 63 -3.74 41.73 -50.74
CA ASP FA 63 -4.70 41.48 -51.79
C ASP FA 63 -4.33 42.19 -53.09
N GLU FA 64 -3.66 43.34 -53.00
CA GLU FA 64 -3.27 44.06 -54.19
C GLU FA 64 -2.25 43.30 -55.03
N ASN FA 65 -1.65 42.24 -54.48
CA ASN FA 65 -0.82 41.34 -55.25
C ASN FA 65 -1.70 40.18 -55.72
N PRO FA 66 -2.01 40.07 -57.00
CA PRO FA 66 -2.98 39.05 -57.46
C PRO FA 66 -2.46 37.63 -57.31
N PRO FA 67 -1.28 37.26 -57.88
CA PRO FA 67 -0.83 35.87 -57.75
C PRO FA 67 -0.03 35.62 -56.48
N ALA FA 68 -0.54 34.75 -55.60
CA ALA FA 68 0.17 34.47 -54.35
C ALA FA 68 1.42 33.64 -54.60
N GLU FA 69 1.32 32.62 -55.44
CA GLU FA 69 2.48 31.81 -55.76
C GLU FA 69 3.54 32.66 -56.46
N GLY FA 70 4.80 32.30 -56.24
CA GLY FA 70 5.90 33.08 -56.76
C GLY FA 70 6.42 34.14 -55.83
N ASP FA 71 5.82 34.29 -54.65
CA ASP FA 71 6.30 35.23 -53.64
C ASP FA 71 7.23 34.53 -52.66
N ASP FA 72 8.30 35.23 -52.27
CA ASP FA 72 9.17 34.70 -51.24
C ASP FA 72 8.41 34.56 -49.94
N HIS FA 73 8.54 33.40 -49.29
CA HIS FA 73 7.82 33.19 -48.04
C HIS FA 73 8.45 33.89 -46.86
N GLY FA 74 9.74 34.23 -46.94
CA GLY FA 74 10.38 34.96 -45.89
C GLY FA 74 10.82 34.14 -44.69
N LEU FA 75 10.58 32.83 -44.69
CA LEU FA 75 10.98 32.00 -43.57
C LEU FA 75 12.50 31.89 -43.50
N ARG FA 76 12.98 31.55 -42.30
CA ARG FA 76 14.40 31.28 -42.13
C ARG FA 76 14.76 29.93 -42.72
N SER FA 77 16.05 29.67 -42.83
CA SER FA 77 16.54 28.46 -43.48
C SER FA 77 16.07 27.19 -42.78
N SER FA 78 15.71 27.28 -41.50
CA SER FA 78 15.42 26.10 -40.70
C SER FA 78 13.93 25.81 -40.50
N ALA FA 79 13.06 26.77 -40.82
CA ALA FA 79 11.62 26.54 -40.69
C ALA FA 79 11.01 25.87 -41.92
N VAL FA 80 11.80 25.70 -42.98
CA VAL FA 80 11.27 25.22 -44.24
C VAL FA 80 10.71 23.80 -44.10
N SER FA 81 11.48 22.93 -43.45
CA SER FA 81 11.07 21.53 -43.34
C SER FA 81 9.80 21.39 -42.52
N ALA FA 82 9.73 22.09 -41.38
CA ALA FA 82 8.54 22.03 -40.56
C ALA FA 82 7.34 22.56 -41.31
N VAL FA 83 7.50 23.69 -42.00
CA VAL FA 83 6.39 24.32 -42.69
C VAL FA 83 5.84 23.40 -43.76
N PHE FA 84 6.71 22.86 -44.61
CA PHE FA 84 6.15 22.08 -45.72
C PHE FA 84 5.69 20.69 -45.27
N HIS FA 85 6.27 20.12 -44.21
CA HIS FA 85 5.75 18.85 -43.71
C HIS FA 85 4.36 19.03 -43.11
N ASN FA 86 4.18 20.07 -42.30
CA ASN FA 86 2.86 20.36 -41.76
C ASN FA 86 1.87 20.65 -42.87
N LEU FA 87 2.32 21.35 -43.92
CA LEU FA 87 1.44 21.64 -45.05
C LEU FA 87 1.02 20.36 -45.76
N ALA FA 88 1.94 19.42 -45.95
CA ALA FA 88 1.58 18.14 -46.56
C ALA FA 88 0.54 17.43 -45.72
N CYS FA 89 0.73 17.41 -44.40
CA CYS FA 89 -0.24 16.77 -43.52
C CYS FA 89 -1.61 17.44 -43.62
N ARG FA 90 -1.63 18.78 -43.70
CA ARG FA 90 -2.89 19.50 -43.76
C ARG FA 90 -3.62 19.27 -45.07
N ILE FA 91 -2.89 19.22 -46.19
CA ILE FA 91 -3.55 19.17 -47.50
C ILE FA 91 -3.75 17.75 -48.00
N ALA FA 92 -3.25 16.73 -47.29
CA ALA FA 92 -3.55 15.37 -47.69
C ALA FA 92 -5.05 15.06 -47.74
N PRO FA 93 -5.89 15.47 -46.78
CA PRO FA 93 -7.32 15.09 -46.84
C PRO FA 93 -8.05 15.59 -48.07
N ASP FA 94 -7.53 16.58 -48.79
CA ASP FA 94 -8.19 17.03 -50.01
C ASP FA 94 -8.24 15.92 -51.04
N TYR FA 95 -7.19 15.10 -51.11
CA TYR FA 95 -7.07 14.03 -52.08
C TYR FA 95 -7.46 12.68 -51.51
N ALA FA 96 -8.14 12.68 -50.36
CA ALA FA 96 -8.53 11.46 -49.67
C ALA FA 96 -7.34 10.54 -49.43
N LEU FA 97 -6.21 11.14 -49.04
CA LEU FA 97 -5.02 10.42 -48.65
C LEU FA 97 -4.75 10.68 -47.18
N GLU FA 98 -3.78 9.95 -46.64
CA GLU FA 98 -3.37 10.10 -45.26
C GLU FA 98 -1.85 10.19 -45.24
N ALA FA 99 -1.34 11.33 -44.80
CA ALA FA 99 0.11 11.51 -44.73
C ALA FA 99 0.72 10.43 -43.85
N THR FA 100 1.83 9.87 -44.30
CA THR FA 100 2.39 8.72 -43.63
C THR FA 100 2.93 9.11 -42.26
N ALA FA 101 3.09 8.09 -41.41
CA ALA FA 101 3.49 8.34 -40.03
C ALA FA 101 4.83 9.05 -39.95
N LYS FA 102 5.72 8.80 -40.92
CA LYS FA 102 6.97 9.55 -40.95
C LYS FA 102 6.73 11.02 -41.18
N ILE FA 103 5.81 11.37 -42.08
CA ILE FA 103 5.51 12.78 -42.33
C ILE FA 103 4.88 13.40 -41.09
N ILE FA 104 4.02 12.66 -40.40
CA ILE FA 104 3.40 13.20 -39.19
C ILE FA 104 4.44 13.43 -38.10
N ALA FA 105 5.35 12.48 -37.92
CA ALA FA 105 6.39 12.63 -36.91
C ALA FA 105 7.32 13.79 -37.24
N THR FA 106 7.67 13.94 -38.53
CA THR FA 106 8.52 15.05 -38.93
C THR FA 106 7.81 16.39 -38.74
N ALA FA 107 6.50 16.43 -38.99
CA ALA FA 107 5.74 17.65 -38.75
C ALA FA 107 5.73 18.01 -37.28
N LYS FA 108 5.49 17.03 -36.40
CA LYS FA 108 5.50 17.31 -34.96
C LYS FA 108 6.86 17.81 -34.50
N TYR FA 109 7.92 17.11 -34.91
CA TYR FA 109 9.27 17.51 -34.52
C TYR FA 109 9.57 18.91 -35.03
N GLY FA 110 9.17 19.21 -36.26
CA GLY FA 110 9.43 20.52 -36.81
C GLY FA 110 8.69 21.62 -36.08
N LYS FA 111 7.43 21.39 -35.73
CA LYS FA 111 6.69 22.41 -35.00
C LYS FA 111 7.30 22.66 -33.62
N GLU FA 112 7.71 21.59 -32.94
CA GLU FA 112 8.36 21.75 -31.65
C GLU FA 112 9.64 22.58 -31.78
N LEU FA 113 10.48 22.22 -32.75
CA LEU FA 113 11.72 22.98 -32.94
C LEU FA 113 11.44 24.41 -33.35
N LEU FA 114 10.34 24.64 -34.07
CA LEU FA 114 9.97 25.98 -34.45
C LEU FA 114 9.68 26.84 -33.24
N TYR FA 115 8.94 26.29 -32.28
CA TYR FA 115 8.59 27.08 -31.10
C TYR FA 115 9.65 27.05 -30.01
N LYS FA 116 10.71 26.26 -30.14
CA LYS FA 116 11.67 26.12 -29.05
C LYS FA 116 12.29 27.47 -28.63
N GLN FA 117 12.85 28.21 -29.58
CA GLN FA 117 13.57 29.43 -29.22
C GLN FA 117 12.62 30.50 -28.68
N THR FA 118 11.43 30.60 -29.27
CA THR FA 118 10.44 31.52 -28.73
C THR FA 118 10.04 31.13 -27.32
N ALA FA 119 9.95 29.83 -27.04
CA ALA FA 119 9.63 29.38 -25.69
C ALA FA 119 10.72 29.81 -24.71
N ILE FA 120 11.97 29.62 -25.08
CA ILE FA 120 13.07 30.03 -24.21
C ILE FA 120 13.00 31.53 -23.96
N SER FA 121 12.74 32.31 -25.01
CA SER FA 121 12.69 33.76 -24.88
C SER FA 121 11.51 34.22 -24.02
N ARG FA 122 10.36 33.55 -24.15
CA ARG FA 122 9.17 33.93 -23.40
C ARG FA 122 9.16 33.40 -21.98
N ALA FA 123 10.03 32.44 -21.65
CA ALA FA 123 10.12 31.92 -20.29
C ALA FA 123 10.94 32.89 -19.45
N LYS FA 124 10.30 34.02 -19.10
CA LYS FA 124 10.91 35.07 -18.31
C LYS FA 124 10.32 35.07 -16.91
N ARG FA 125 11.14 35.48 -15.95
CA ARG FA 125 10.69 35.53 -14.56
C ARG FA 125 10.03 36.88 -14.27
N ALA FA 126 9.07 36.86 -13.35
CA ALA FA 126 8.37 38.07 -12.98
C ALA FA 126 9.26 38.99 -12.14
N PRO FA 127 8.99 40.28 -12.13
CA PRO FA 127 9.71 41.19 -11.23
C PRO FA 127 9.30 40.96 -9.79
N TYR FA 128 10.10 41.51 -8.89
CA TYR FA 128 9.81 41.39 -7.46
C TYR FA 128 8.48 42.07 -7.15
N PRO FA 129 7.71 41.54 -6.20
CA PRO FA 129 6.46 42.20 -5.83
C PRO FA 129 6.75 43.54 -5.16
N SER FA 130 5.78 44.44 -5.26
CA SER FA 130 5.93 45.77 -4.68
C SER FA 130 5.82 45.76 -3.17
N ARG FA 131 5.47 44.64 -2.56
CA ARG FA 131 5.39 44.51 -1.11
C ARG FA 131 6.60 43.81 -0.51
N MET FA 132 7.66 43.62 -1.29
CA MET FA 132 8.82 42.88 -0.85
C MET FA 132 9.99 43.82 -0.64
N PRO FA 133 10.57 43.90 0.55
CA PRO FA 133 11.64 44.88 0.80
C PRO FA 133 12.87 44.60 -0.05
N THR FA 134 13.74 45.61 -0.14
CA THR FA 134 15.01 45.45 -0.82
C THR FA 134 16.14 45.07 0.13
N GLY FA 135 15.87 44.96 1.42
CA GLY FA 135 16.90 44.68 2.39
C GLY FA 135 17.77 45.89 2.66
N SER FA 136 18.62 45.76 3.67
CA SER FA 136 19.60 46.79 3.99
C SER FA 136 20.98 46.47 3.46
N GLY FA 137 21.22 45.25 3.00
CA GLY FA 137 22.47 44.94 2.35
C GLY FA 137 22.63 45.71 1.05
N ASN FA 138 21.53 45.97 0.35
CA ASN FA 138 21.55 46.83 -0.82
C ASN FA 138 21.69 48.27 -0.38
N SER FA 139 22.93 48.72 -0.19
CA SER FA 139 23.17 50.05 0.38
C SER FA 139 22.63 51.14 -0.53
N PHE FA 140 22.87 51.02 -1.83
CA PHE FA 140 22.44 52.06 -2.77
C PHE FA 140 20.93 52.13 -2.87
N ALA FA 141 20.25 50.99 -2.89
CA ALA FA 141 18.79 50.96 -2.95
C ALA FA 141 18.23 51.21 -1.57
N ASN FA 142 18.75 52.24 -0.93
CA ASN FA 142 18.49 52.74 0.40
C ASN FA 142 19.40 53.94 0.50
N LEU FA 143 19.10 54.85 1.42
CA LEU FA 143 19.73 56.17 1.44
C LEU FA 143 19.21 56.97 0.25
N ASN FA 144 18.51 56.28 -0.64
CA ASN FA 144 17.58 56.88 -1.60
C ASN FA 144 16.16 56.49 -1.26
N GLU FA 145 15.95 55.89 -0.10
CA GLU FA 145 14.65 55.50 0.43
C GLU FA 145 13.96 54.44 -0.40
N TRP FA 146 14.73 53.64 -1.13
CA TRP FA 146 14.16 52.54 -1.92
C TRP FA 146 14.02 51.30 -1.04
N HIS FA 147 13.18 51.41 -0.02
CA HIS FA 147 13.07 50.33 0.94
C HIS FA 147 12.29 49.14 0.40
N TYR FA 148 11.39 49.37 -0.55
CA TYR FA 148 10.56 48.32 -1.11
C TYR FA 148 10.73 48.26 -2.62
N PHE FA 149 10.63 47.06 -3.17
CA PHE FA 149 10.86 46.88 -4.59
C PHE FA 149 9.78 47.59 -5.41
N PRO FA 150 10.12 48.03 -6.62
CA PRO FA 150 9.14 48.82 -7.40
C PRO FA 150 7.89 48.06 -7.76
N GLY FA 151 8.01 46.84 -8.26
CA GLY FA 151 6.87 46.04 -8.63
C GLY FA 151 6.56 46.11 -10.11
N GLU FA 152 5.31 45.78 -10.43
CA GLU FA 152 4.76 45.78 -11.79
C GLU FA 152 5.75 45.31 -12.85
N GLU GA 5 88.64 23.83 12.62
CA GLU GA 5 89.46 24.53 13.59
C GLU GA 5 88.95 25.94 13.82
N ASN GA 6 88.41 26.54 12.76
CA ASN GA 6 87.94 27.92 12.84
C ASN GA 6 86.83 28.04 13.86
N ARG GA 7 86.80 29.18 14.57
CA ARG GA 7 85.75 29.41 15.55
C ARG GA 7 84.38 29.43 14.88
N LEU GA 8 84.28 30.13 13.74
CA LEU GA 8 83.02 30.12 13.00
C LEU GA 8 82.68 28.73 12.51
N GLU GA 9 83.70 27.97 12.08
CA GLU GA 9 83.45 26.60 11.63
C GLU GA 9 82.82 25.77 12.73
N SER GA 10 83.39 25.82 13.93
CA SER GA 10 82.85 25.05 15.05
C SER GA 10 81.45 25.51 15.42
N ILE GA 11 81.25 26.83 15.50
CA ILE GA 11 79.95 27.36 15.89
C ILE GA 11 78.89 26.95 14.89
N LEU GA 12 79.17 27.08 13.59
CA LEU GA 12 78.20 26.74 12.57
C LEU GA 12 77.93 25.25 12.54
N SER GA 13 78.96 24.42 12.80
CA SER GA 13 78.73 22.99 12.87
C SER GA 13 77.78 22.64 14.01
N ARG GA 14 77.99 23.24 15.19
CA ARG GA 14 77.10 23.00 16.31
C ARG GA 14 75.68 23.45 15.99
N PHE GA 15 75.55 24.65 15.41
CA PHE GA 15 74.22 25.16 15.09
C PHE GA 15 73.53 24.27 14.07
N ASP GA 16 74.25 23.81 13.06
CA ASP GA 16 73.62 22.96 12.04
C ASP GA 16 73.21 21.62 12.62
N ALA GA 17 74.02 21.05 13.51
CA ALA GA 17 73.62 19.82 14.19
C ALA GA 17 72.32 20.03 14.95
N ASP GA 18 72.22 21.12 15.72
CA ASP GA 18 71.01 21.38 16.49
C ASP GA 18 69.82 21.67 15.57
N TRP GA 19 70.06 22.42 14.49
CA TRP GA 19 69.00 22.80 13.57
C TRP GA 19 68.42 21.58 12.87
N THR GA 20 69.26 20.63 12.50
CA THR GA 20 68.76 19.41 11.89
C THR GA 20 68.12 18.49 12.92
N ALA GA 21 68.63 18.46 14.15
CA ALA GA 21 68.08 17.56 15.16
C ALA GA 21 66.75 18.05 15.69
N SER GA 22 66.46 19.35 15.59
CA SER GA 22 65.18 19.89 16.03
C SER GA 22 64.28 20.24 14.85
N ASP GA 23 64.31 19.44 13.79
CA ASP GA 23 63.68 19.84 12.53
C ASP GA 23 62.19 19.55 12.53
N GLU GA 24 61.80 18.35 12.95
CA GLU GA 24 60.40 17.95 12.83
C GLU GA 24 59.54 18.65 13.87
N ALA GA 25 60.03 18.76 15.11
CA ALA GA 25 59.27 19.42 16.15
C ALA GA 25 59.04 20.88 15.82
N ARG GA 26 60.05 21.55 15.28
CA ARG GA 26 59.90 22.96 14.95
C ARG GA 26 58.89 23.17 13.84
N ARG GA 27 58.92 22.30 12.83
CA ARG GA 27 57.96 22.43 11.74
C ARG GA 27 56.54 22.17 12.20
N GLU GA 28 56.35 21.17 13.07
CA GLU GA 28 55.02 20.92 13.60
C GLU GA 28 54.53 22.08 14.47
N ALA GA 29 55.42 22.66 15.28
CA ALA GA 29 55.03 23.80 16.10
C ALA GA 29 54.68 25.01 15.25
N LYS GA 30 55.43 25.25 14.17
CA LYS GA 30 55.09 26.33 13.26
C LYS GA 30 53.74 26.08 12.60
N ASN GA 31 53.46 24.83 12.23
CA ASN GA 31 52.15 24.49 11.69
C ASN GA 31 51.06 24.79 12.71
N ASP GA 32 51.29 24.47 13.98
CA ASP GA 32 50.30 24.74 15.01
C ASP GA 32 50.08 26.23 15.18
N LEU GA 33 51.15 27.02 15.18
CA LEU GA 33 51.01 28.46 15.32
C LEU GA 33 50.25 29.07 14.15
N PHE GA 34 50.57 28.66 12.93
CA PHE GA 34 49.86 29.18 11.77
C PHE GA 34 48.40 28.74 11.78
N PHE GA 35 48.13 27.49 12.15
CA PHE GA 35 46.76 26.99 12.20
C PHE GA 35 45.94 27.75 13.23
N SER GA 36 46.52 28.03 14.39
CA SER GA 36 45.78 28.65 15.47
C SER GA 36 45.87 30.17 15.49
N ARG GA 37 46.50 30.79 14.49
CA ARG GA 37 46.64 32.27 14.57
C ARG GA 37 46.33 32.89 13.20
N VAL GA 38 46.66 32.24 12.09
CA VAL GA 38 46.41 32.87 10.79
C VAL GA 38 45.19 32.28 10.11
N SER GA 39 45.25 30.99 9.78
CA SER GA 39 44.15 30.36 9.06
C SER GA 39 44.24 28.86 9.22
N GLN GA 40 43.09 28.21 9.11
CA GLN GA 40 43.01 26.76 9.15
C GLN GA 40 43.05 26.13 7.77
N TRP GA 41 43.03 26.95 6.71
CA TRP GA 41 43.29 26.47 5.36
C TRP GA 41 44.74 26.75 5.00
N ASP GA 42 45.62 25.96 5.61
CA ASP GA 42 47.05 26.20 5.55
C ASP GA 42 47.72 25.60 4.32
N ASP GA 43 46.95 25.19 3.31
CA ASP GA 43 47.55 24.81 2.04
C ASP GA 43 48.03 26.05 1.31
N TRP GA 44 49.16 25.92 0.62
CA TRP GA 44 49.74 27.05 -0.10
C TRP GA 44 49.66 26.91 -1.61
N LEU GA 45 49.66 25.69 -2.14
CA LEU GA 45 49.50 25.51 -3.58
C LEU GA 45 48.09 25.86 -4.03
N SER GA 46 47.11 25.73 -3.15
CA SER GA 46 45.73 26.05 -3.47
C SER GA 46 45.46 27.54 -3.46
N GLN GA 47 46.51 28.36 -3.49
CA GLN GA 47 46.34 29.80 -3.61
C GLN GA 47 46.09 30.24 -5.05
N TYR GA 48 46.33 29.36 -6.03
CA TYR GA 48 46.15 29.68 -7.44
C TYR GA 48 45.53 28.50 -8.18
N THR GA 49 44.50 27.87 -7.62
CA THR GA 49 43.89 26.71 -8.23
C THR GA 49 42.38 26.91 -8.40
N THR GA 50 41.98 28.08 -8.88
CA THR GA 50 40.59 28.44 -9.14
C THR GA 50 39.81 28.55 -7.83
N LEU GA 51 39.08 29.64 -7.66
CA LEU GA 51 38.44 29.91 -6.38
C LEU GA 51 37.27 28.97 -6.15
N GLN GA 52 37.24 28.37 -4.96
CA GLN GA 52 36.11 27.62 -4.46
C GLN GA 52 35.85 28.10 -3.04
N TYR GA 53 34.63 27.90 -2.56
CA TYR GA 53 34.30 28.35 -1.22
C TYR GA 53 35.16 27.62 -0.21
N ARG GA 54 35.80 28.38 0.69
CA ARG GA 54 36.62 27.83 1.75
C ARG GA 54 36.25 28.57 3.03
N GLY GA 55 35.30 28.02 3.76
CA GLY GA 55 34.87 28.65 4.99
C GLY GA 55 35.81 28.39 6.14
N GLN GA 56 35.59 29.12 7.21
CA GLN GA 56 36.37 28.99 8.44
C GLN GA 56 35.38 28.97 9.60
N PHE GA 57 34.93 27.77 9.96
CA PHE GA 57 33.97 27.56 11.04
C PHE GA 57 34.77 26.96 12.20
N ASP GA 58 35.28 27.83 13.06
CA ASP GA 58 36.30 27.45 14.02
C ASP GA 58 35.65 27.00 15.32
N VAL GA 59 36.19 25.94 15.91
CA VAL GA 59 35.72 25.40 17.17
C VAL GA 59 36.85 25.11 18.15
N VAL GA 60 38.09 25.37 17.77
CA VAL GA 60 39.24 25.11 18.63
C VAL GA 60 39.67 26.38 19.33
N ARG GA 61 39.50 27.52 18.66
CA ARG GA 61 39.92 28.78 19.26
C ARG GA 61 39.24 29.10 20.58
N PRO GA 62 37.94 28.85 20.76
CA PRO GA 62 37.37 29.06 22.11
C PRO GA 62 38.07 28.26 23.19
N VAL GA 63 38.52 27.04 22.89
CA VAL GA 63 39.24 26.26 23.91
C VAL GA 63 40.57 26.93 24.24
N VAL GA 64 41.28 27.42 23.23
CA VAL GA 64 42.54 28.11 23.47
C VAL GA 64 42.30 29.36 24.31
N ARG GA 65 41.26 30.11 23.99
CA ARG GA 65 40.94 31.30 24.77
C ARG GA 65 40.62 30.95 26.21
N LYS GA 66 39.87 29.88 26.43
CA LYS GA 66 39.52 29.46 27.79
C LYS GA 66 40.77 29.08 28.58
N LEU GA 67 41.67 28.30 27.97
CA LEU GA 67 42.88 27.89 28.67
C LEU GA 67 43.78 29.08 28.95
N VAL GA 68 43.88 30.02 28.01
CA VAL GA 68 44.73 31.19 28.22
C VAL GA 68 44.18 32.04 29.35
N SER GA 69 42.86 32.24 29.41
CA SER GA 69 42.27 33.00 30.50
C SER GA 69 42.47 32.30 31.84
N GLU GA 70 42.36 30.96 31.85
CA GLU GA 70 42.58 30.22 33.08
C GLU GA 70 44.03 30.38 33.55
N MET GA 71 44.98 30.38 32.63
CA MET GA 71 46.36 30.56 33.04
C MET GA 71 46.67 32.02 33.35
N ARG GA 72 45.83 32.95 32.92
CA ARG GA 72 46.03 34.36 33.23
C ARG GA 72 45.46 34.72 34.60
N GLN GA 73 44.41 34.03 35.03
CA GLN GA 73 43.80 34.36 36.32
C GLN GA 73 44.67 33.97 37.51
N ASN GA 74 45.66 33.10 37.34
CA ASN GA 74 46.55 32.68 38.43
C ASN GA 74 47.99 32.99 38.05
N PRO GA 75 48.46 34.19 38.34
CA PRO GA 75 49.88 34.51 38.08
C PRO GA 75 50.81 33.74 39.01
N ILE GA 76 52.01 33.47 38.52
CA ILE GA 76 53.03 32.75 39.26
C ILE GA 76 54.32 33.56 39.17
N ASP GA 77 55.02 33.71 40.30
CA ASP GA 77 56.23 34.49 40.35
C ASP GA 77 57.27 33.77 41.19
N VAL GA 78 58.53 34.15 41.00
CA VAL GA 78 59.62 33.61 41.81
C VAL GA 78 59.45 34.05 43.26
N LEU GA 79 59.88 33.19 44.18
CA LEU GA 79 59.80 33.49 45.61
C LEU GA 79 61.04 32.93 46.29
N TYR GA 80 61.92 33.80 46.76
CA TYR GA 80 63.18 33.36 47.35
C TYR GA 80 62.99 33.10 48.83
N ARG GA 81 63.46 31.95 49.30
CA ARG GA 81 63.32 31.60 50.70
C ARG GA 81 64.68 31.26 51.30
N PRO GA 82 64.89 31.55 52.57
CA PRO GA 82 66.20 31.25 53.18
C PRO GA 82 66.49 29.76 53.18
N LYS GA 83 67.76 29.42 53.04
CA LYS GA 83 68.16 28.03 53.07
C LYS GA 83 68.09 27.50 54.50
N ASP GA 84 68.21 26.18 54.64
CA ASP GA 84 68.13 25.56 55.95
C ASP GA 84 69.41 25.85 56.73
N GLY GA 85 69.25 26.49 57.88
CA GLY GA 85 70.38 26.95 58.67
C GLY GA 85 70.83 28.37 58.38
N ALA GA 86 70.26 29.02 57.37
CA ALA GA 86 70.62 30.38 57.04
C ALA GA 86 69.90 31.35 57.97
N ARG GA 87 70.36 32.60 57.94
CA ARG GA 87 69.71 33.62 58.74
C ARG GA 87 68.26 33.79 58.28
N PRO GA 88 67.32 34.07 59.18
CA PRO GA 88 65.91 34.04 58.80
C PRO GA 88 65.54 35.06 57.73
N ASP GA 89 66.30 36.13 57.58
CA ASP GA 89 66.05 37.16 56.57
C ASP GA 89 67.11 37.16 55.48
N ALA GA 90 67.54 35.97 55.05
CA ALA GA 90 68.57 35.86 54.04
C ALA GA 90 68.09 36.13 52.63
N ALA GA 91 66.79 36.33 52.42
CA ALA GA 91 66.24 36.49 51.08
C ALA GA 91 65.48 37.79 50.87
N ASP GA 92 65.36 38.64 51.89
CA ASP GA 92 64.52 39.83 51.76
C ASP GA 92 65.10 40.80 50.74
N VAL GA 93 66.42 41.01 50.74
CA VAL GA 93 67.02 41.99 49.85
C VAL GA 93 66.97 41.50 48.40
N LEU GA 94 67.28 40.22 48.17
CA LEU GA 94 67.19 39.67 46.83
C LEU GA 94 65.76 39.70 46.31
N MET GA 95 64.79 39.37 47.17
CA MET GA 95 63.40 39.47 46.78
C MET GA 95 63.02 40.89 46.44
N GLY GA 96 63.50 41.86 47.22
CA GLY GA 96 63.22 43.25 46.90
C GLY GA 96 63.77 43.65 45.55
N MET GA 97 65.00 43.24 45.25
CA MET GA 97 65.59 43.55 43.94
C MET GA 97 64.79 42.91 42.82
N TYR GA 98 64.43 41.64 42.98
CA TYR GA 98 63.68 40.93 41.94
C TYR GA 98 62.35 41.62 41.67
N ARG GA 99 61.63 41.97 42.73
CA ARG GA 99 60.36 42.67 42.54
C ARG GA 99 60.58 44.02 41.88
N THR GA 100 61.61 44.75 42.31
CA THR GA 100 61.84 46.08 41.79
C THR GA 100 62.09 46.07 40.30
N ASP GA 101 62.92 45.15 39.81
CA ASP GA 101 63.25 45.14 38.39
C ASP GA 101 62.42 44.14 37.59
N MET GA 102 61.43 43.50 38.20
CA MET GA 102 60.49 42.70 37.44
C MET GA 102 59.05 43.19 37.55
N ARG GA 103 58.81 44.33 38.19
CA ARG GA 103 57.47 44.88 38.27
C ARG GA 103 57.03 45.60 37.00
N HIS GA 104 57.92 45.76 36.03
CA HIS GA 104 57.61 46.52 34.83
C HIS GA 104 56.73 45.72 33.88
N ASN GA 105 56.31 46.38 32.79
CA ASN GA 105 55.38 45.76 31.87
C ASN GA 105 56.04 44.70 31.00
N THR GA 106 57.33 44.86 30.69
CA THR GA 106 58.01 43.94 29.79
C THR GA 106 58.06 42.53 30.38
N ALA GA 107 58.23 42.43 31.70
CA ALA GA 107 58.30 41.11 32.33
C ALA GA 107 56.99 40.36 32.17
N LYS GA 108 55.88 41.01 32.53
CA LYS GA 108 54.58 40.38 32.40
C LYS GA 108 54.25 40.08 30.94
N ILE GA 109 54.62 40.97 30.03
CA ILE GA 109 54.35 40.73 28.63
C ILE GA 109 55.10 39.51 28.12
N ALA GA 110 56.37 39.38 28.50
CA ALA GA 110 57.16 38.22 28.08
C ALA GA 110 56.57 36.94 28.63
N VAL GA 111 56.16 36.95 29.90
CA VAL GA 111 55.58 35.74 30.50
C VAL GA 111 54.28 35.38 29.79
N ASN GA 112 53.43 36.36 29.51
CA ASN GA 112 52.15 36.08 28.86
C ASN GA 112 52.34 35.56 27.44
N ILE GA 113 53.31 36.12 26.71
CA ILE GA 113 53.60 35.65 25.36
C ILE GA 113 54.06 34.20 25.41
N ALA GA 114 54.99 33.90 26.32
CA ALA GA 114 55.50 32.54 26.44
C ALA GA 114 54.38 31.57 26.80
N VAL GA 115 53.48 31.98 27.70
CA VAL GA 115 52.39 31.10 28.10
C VAL GA 115 51.43 30.84 26.95
N ARG GA 116 51.09 31.89 26.19
CA ARG GA 116 50.20 31.68 25.06
C ARG GA 116 50.82 30.76 24.02
N GLU GA 117 52.11 30.95 23.73
CA GLU GA 117 52.75 30.07 22.77
C GLU GA 117 52.92 28.66 23.30
N GLN GA 118 53.10 28.49 24.60
CA GLN GA 118 53.13 27.16 25.20
C GLN GA 118 51.79 26.47 25.04
N ILE GA 119 50.70 27.19 25.28
CA ILE GA 119 49.38 26.60 25.11
C ILE GA 119 49.13 26.21 23.67
N GLU GA 120 49.45 27.08 22.73
CA GLU GA 120 49.10 26.80 21.30
C GLU GA 120 50.10 25.86 20.64
N ALA GA 121 51.37 26.23 20.56
CA ALA GA 121 52.33 25.40 19.84
C ALA GA 121 52.92 24.30 20.73
N GLY GA 122 53.32 24.66 21.95
CA GLY GA 122 53.91 23.68 22.83
C GLY GA 122 55.18 24.17 23.49
N VAL GA 123 55.84 25.16 22.90
CA VAL GA 123 57.07 25.71 23.45
C VAL GA 123 57.07 27.22 23.30
N GLY GA 124 57.50 27.90 24.35
CA GLY GA 124 57.77 29.32 24.31
C GLY GA 124 59.04 29.60 25.11
N ALA GA 125 59.41 30.88 25.20
CA ALA GA 125 60.62 31.22 25.93
C ALA GA 125 60.63 32.70 26.24
N TRP GA 126 61.58 33.10 27.08
CA TRP GA 126 61.90 34.50 27.28
C TRP GA 126 63.36 34.62 27.66
N ARG GA 127 63.87 35.85 27.65
CA ARG GA 127 65.28 36.11 27.85
C ARG GA 127 65.47 37.09 28.99
N LEU GA 128 66.58 36.96 29.70
CA LEU GA 128 66.95 37.88 30.77
C LEU GA 128 68.18 38.65 30.33
N VAL GA 129 68.08 39.98 30.30
CA VAL GA 129 69.20 40.81 29.88
C VAL GA 129 69.46 41.85 30.95
N THR GA 130 70.65 42.45 30.89
CA THR GA 130 71.06 43.49 31.81
C THR GA 130 71.40 44.75 31.02
N ASP GA 131 71.04 45.89 31.58
CA ASP GA 131 71.27 47.16 30.91
C ASP GA 131 71.80 48.18 31.90
N TYR GA 132 72.49 49.18 31.38
CA TYR GA 132 72.96 50.30 32.18
C TYR GA 132 71.85 51.33 32.28
N GLU GA 133 71.32 51.52 33.48
CA GLU GA 133 70.28 52.50 33.74
C GLU GA 133 70.84 53.56 34.67
N ASP GA 134 70.53 54.82 34.40
CA ASP GA 134 71.03 55.94 35.18
C ASP GA 134 69.97 56.60 36.04
N GLN GA 135 68.78 56.85 35.51
CA GLN GA 135 67.78 57.62 36.24
C GLN GA 135 67.24 56.85 37.44
N SER GA 136 66.84 55.60 37.24
CA SER GA 136 66.24 54.78 38.29
C SER GA 136 66.88 53.38 38.28
N PRO GA 137 68.14 53.27 38.70
CA PRO GA 137 68.78 51.96 38.70
C PRO GA 137 68.24 51.10 39.83
N THR GA 138 68.46 49.79 39.70
CA THR GA 138 68.17 48.89 40.80
C THR GA 138 69.37 48.78 41.73
N SER GA 139 70.55 48.58 41.17
CA SER GA 139 71.77 48.52 41.97
C SER GA 139 72.96 48.68 41.05
N ASN GA 140 73.94 49.47 41.50
CA ASN GA 140 75.21 49.65 40.79
C ASN GA 140 74.94 50.17 39.37
N ASN GA 141 74.00 51.11 39.27
CA ASN GA 141 73.69 51.80 38.00
C ASN GA 141 73.32 50.82 36.89
N GLN GA 142 72.56 49.78 37.24
CA GLN GA 142 72.17 48.77 36.26
C GLN GA 142 70.80 48.23 36.60
N VAL GA 143 70.17 47.61 35.59
CA VAL GA 143 68.90 46.94 35.75
C VAL GA 143 68.98 45.57 35.10
N ILE GA 144 68.28 44.60 35.67
CA ILE GA 144 68.06 43.30 35.06
C ILE GA 144 66.61 43.24 34.64
N ARG GA 145 66.36 43.07 33.36
CA ARG GA 145 65.01 43.06 32.82
C ARG GA 145 64.80 41.82 31.98
N ARG GA 146 63.53 41.57 31.66
CA ARG GA 146 63.10 40.39 30.94
C ARG GA 146 62.50 40.82 29.61
N GLU GA 147 62.84 40.10 28.55
CA GLU GA 147 62.38 40.42 27.22
C GLU GA 147 61.73 39.21 26.56
N PRO GA 148 60.77 39.43 25.67
CA PRO GA 148 60.05 38.31 25.05
C PRO GA 148 60.78 37.75 23.84
N ILE GA 149 60.43 36.51 23.53
CA ILE GA 149 60.89 35.83 22.31
C ILE GA 149 59.66 35.30 21.60
N HIS GA 150 59.38 35.84 20.42
CA HIS GA 150 58.23 35.40 19.63
C HIS GA 150 58.64 34.25 18.73
N SER GA 151 57.76 33.27 18.59
CA SER GA 151 58.04 32.05 17.85
C SER GA 151 59.32 31.42 18.37
N ALA GA 152 59.31 31.07 19.65
CA ALA GA 152 60.48 30.49 20.27
C ALA GA 152 60.83 29.16 19.65
N CYS GA 153 59.83 28.43 19.15
CA CYS GA 153 60.07 27.12 18.56
C CYS GA 153 61.09 27.20 17.44
N SER GA 154 60.92 28.15 16.53
CA SER GA 154 61.82 28.31 15.41
C SER GA 154 62.91 29.34 15.64
N HIS GA 155 62.87 30.09 16.75
CA HIS GA 155 63.84 31.15 16.95
C HIS GA 155 64.90 30.84 18.01
N VAL GA 156 64.63 29.95 18.95
CA VAL GA 156 65.62 29.56 19.95
C VAL GA 156 66.00 28.13 19.69
N ILE GA 157 67.26 27.91 19.27
CA ILE GA 157 67.76 26.59 18.92
C ILE GA 157 68.68 26.14 20.04
N TRP GA 158 68.24 25.14 20.80
CA TRP GA 158 68.96 24.68 21.97
C TRP GA 158 70.00 23.63 21.58
N ASP GA 159 70.91 23.37 22.52
CA ASP GA 159 71.85 22.28 22.35
C ASP GA 159 71.08 20.97 22.20
N SER GA 160 71.44 20.20 21.18
CA SER GA 160 70.74 18.95 20.91
C SER GA 160 70.95 17.96 22.05
N ASN GA 161 72.15 17.89 22.61
CA ASN GA 161 72.45 16.98 23.71
C ASN GA 161 72.02 17.59 25.04
N SER GA 162 70.70 17.81 25.15
CA SER GA 162 70.11 18.37 26.36
C SER GA 162 68.83 17.59 26.66
N LYS GA 163 68.78 16.94 27.82
CA LYS GA 163 67.67 16.08 28.19
C LYS GA 163 66.97 16.56 29.45
N LEU GA 164 66.73 17.86 29.55
CA LEU GA 164 66.00 18.43 30.67
C LEU GA 164 64.94 19.37 30.15
N MET GA 165 63.82 19.45 30.88
CA MET GA 165 62.70 20.26 30.41
C MET GA 165 63.06 21.73 30.33
N ASP GA 166 63.94 22.20 31.20
CA ASP GA 166 64.35 23.59 31.24
C ASP GA 166 65.70 23.83 30.57
N LYS GA 167 66.27 22.81 29.93
CA LYS GA 167 67.56 22.93 29.25
C LYS GA 167 68.63 23.48 30.18
N SER GA 168 68.73 22.91 31.38
CA SER GA 168 69.78 23.32 32.30
C SER GA 168 71.15 22.81 31.87
N ASP GA 169 71.21 21.62 31.28
CA ASP GA 169 72.47 21.00 30.94
C ASP GA 169 72.91 21.29 29.50
N ALA GA 170 72.20 22.18 28.81
CA ALA GA 170 72.67 22.62 27.49
C ALA GA 170 73.96 23.42 27.66
N ARG GA 171 74.95 23.13 26.82
CA ARG GA 171 76.21 23.83 26.87
C ARG GA 171 76.23 25.07 26.01
N HIS GA 172 75.29 25.18 25.07
CA HIS GA 172 75.21 26.33 24.18
C HIS GA 172 73.78 26.47 23.69
N CYS GA 173 73.49 27.65 23.14
CA CYS GA 173 72.17 27.93 22.60
C CYS GA 173 72.27 29.13 21.69
N THR GA 174 71.70 29.03 20.49
CA THR GA 174 71.70 30.12 19.52
C THR GA 174 70.29 30.67 19.35
N VAL GA 175 70.16 31.99 19.46
CA VAL GA 175 68.91 32.70 19.30
C VAL GA 175 68.99 33.54 18.04
N ILE GA 176 67.99 33.43 17.18
CA ILE GA 176 67.98 34.11 15.89
C ILE GA 176 67.14 35.37 16.01
N HIS GA 177 67.72 36.51 15.65
CA HIS GA 177 67.09 37.80 15.75
C HIS GA 177 66.71 38.26 14.35
N SER GA 178 65.45 38.63 14.17
CA SER GA 178 64.96 39.21 12.94
C SER GA 178 64.46 40.62 13.22
N MET GA 179 64.87 41.56 12.38
CA MET GA 179 64.62 42.97 12.65
C MET GA 179 64.47 43.71 11.33
N SER GA 180 63.71 44.79 11.34
CA SER GA 180 63.57 45.60 10.15
C SER GA 180 64.89 46.33 9.86
N GLN GA 181 64.88 47.16 8.83
CA GLN GA 181 66.11 47.88 8.48
C GLN GA 181 66.49 48.88 9.57
N ASN GA 182 65.53 49.65 10.06
CA ASN GA 182 65.80 50.56 11.15
C ASN GA 182 66.21 49.81 12.41
N GLY GA 183 65.58 48.64 12.63
CA GLY GA 183 65.97 47.82 13.77
C GLY GA 183 67.40 47.34 13.69
N TRP GA 184 67.84 46.91 12.50
CA TRP GA 184 69.22 46.49 12.34
C TRP GA 184 70.17 47.67 12.52
N GLU GA 185 69.79 48.85 12.03
CA GLU GA 185 70.63 50.02 12.24
C GLU GA 185 70.80 50.32 13.72
N ASP GA 186 69.71 50.27 14.48
CA ASP GA 186 69.80 50.53 15.92
C ASP GA 186 70.57 49.42 16.64
N PHE GA 187 70.41 48.17 16.21
CA PHE GA 187 71.17 47.06 16.77
C PHE GA 187 72.66 47.25 16.57
N ALA GA 188 73.05 47.63 15.35
CA ALA GA 188 74.44 47.89 15.05
C ALA GA 188 74.98 49.05 15.88
N GLU GA 189 74.18 50.10 16.04
CA GLU GA 189 74.60 51.22 16.87
C GLU GA 189 74.81 50.77 18.32
N LYS GA 190 73.91 49.94 18.83
CA LYS GA 190 73.99 49.49 20.21
C LYS GA 190 75.20 48.61 20.46
N TYR GA 191 75.52 47.71 19.54
CA TYR GA 191 76.61 46.76 19.75
C TYR GA 191 77.89 47.17 19.03
N ASP GA 192 77.97 48.39 18.50
CA ASP GA 192 79.19 48.93 17.90
C ASP GA 192 79.63 48.13 16.68
N LEU GA 193 78.68 47.53 15.96
CA LEU GA 193 78.98 46.78 14.75
C LEU GA 193 79.01 47.73 13.56
N ASP GA 194 79.01 47.18 12.35
CA ASP GA 194 79.05 47.94 11.12
C ASP GA 194 77.67 47.90 10.46
N ALA GA 195 77.08 49.08 10.25
CA ALA GA 195 75.73 49.15 9.70
C ALA GA 195 75.70 48.89 8.20
N ASP GA 196 76.79 49.20 7.48
CA ASP GA 196 76.79 48.97 6.04
C ASP GA 196 76.70 47.50 5.71
N ASP GA 197 77.43 46.67 6.45
CA ASP GA 197 77.48 45.23 6.19
C ASP GA 197 76.19 44.61 6.70
N ILE GA 198 75.23 44.43 5.81
CA ILE GA 198 73.96 43.82 6.22
C ILE GA 198 74.20 42.36 6.61
N PRO GA 199 73.81 41.95 7.81
CA PRO GA 199 74.09 40.57 8.23
C PRO GA 199 73.10 39.59 7.60
N SER GA 200 73.39 38.31 7.78
CA SER GA 200 72.58 37.28 7.19
C SER GA 200 72.62 36.04 8.07
N PHE GA 201 71.53 35.29 8.10
CA PHE GA 201 71.49 34.05 8.86
C PHE GA 201 70.38 33.18 8.30
N GLN GA 202 70.37 31.93 8.74
CA GLN GA 202 69.33 30.99 8.34
C GLN GA 202 67.96 31.51 8.73
N ASN GA 203 67.02 31.46 7.81
CA ASN GA 203 65.70 32.02 8.04
C ASN GA 203 64.97 31.19 9.09
N PRO GA 204 64.50 31.80 10.18
CA PRO GA 204 63.84 31.00 11.22
C PRO GA 204 62.61 30.27 10.72
N ASN GA 205 61.84 30.89 9.84
CA ASN GA 205 60.65 30.28 9.27
C ASN GA 205 60.97 29.28 8.18
N ASP GA 206 62.25 28.94 8.01
CA ASP GA 206 62.72 28.10 6.92
C ASP GA 206 62.10 28.56 5.61
N TRP GA 207 61.36 27.68 4.94
CA TRP GA 207 60.62 28.07 3.75
C TRP GA 207 59.23 27.46 3.74
N VAL GA 208 58.78 26.86 4.83
CA VAL GA 208 57.38 26.54 4.97
C VAL GA 208 56.60 27.85 5.02
N PHE GA 209 55.42 27.85 4.43
CA PHE GA 209 54.60 29.05 4.29
C PHE GA 209 55.39 30.14 3.57
N PRO GA 210 55.63 30.00 2.26
CA PRO GA 210 56.42 31.01 1.55
C PRO GA 210 55.76 32.38 1.51
N TRP GA 211 54.45 32.48 1.74
CA TRP GA 211 53.82 33.77 1.97
C TRP GA 211 54.06 34.18 3.43
N LEU GA 212 53.39 35.22 3.91
CA LEU GA 212 53.59 35.73 5.26
C LEU GA 212 55.06 36.05 5.50
N THR GA 213 55.67 36.68 4.51
CA THR GA 213 57.09 36.97 4.51
C THR GA 213 57.32 38.46 4.43
N GLN GA 214 58.30 38.95 5.18
CA GLN GA 214 58.57 40.37 5.29
C GLN GA 214 60.04 40.61 4.97
N ASP GA 215 60.34 41.84 4.55
CA ASP GA 215 61.73 42.23 4.34
C ASP GA 215 62.39 42.41 5.70
N THR GA 216 63.02 41.35 6.20
CA THR GA 216 63.62 41.35 7.52
C THR GA 216 65.08 40.92 7.42
N ILE GA 217 65.86 41.34 8.39
CA ILE GA 217 67.29 41.09 8.46
C ILE GA 217 67.53 40.18 9.65
N GLN GA 218 68.28 39.11 9.44
CA GLN GA 218 68.54 38.11 10.47
C GLN GA 218 69.99 38.17 10.93
N ILE GA 219 70.19 38.00 12.22
CA ILE GA 219 71.50 37.85 12.83
C ILE GA 219 71.35 36.80 13.92
N ALA GA 220 72.47 36.34 14.49
CA ALA GA 220 72.35 35.32 15.51
C ALA GA 220 73.19 35.68 16.72
N GLU GA 221 72.73 35.23 17.89
CA GLU GA 221 73.49 35.33 19.12
C GLU GA 221 73.70 33.92 19.66
N PHE GA 222 74.96 33.56 19.89
CA PHE GA 222 75.36 32.23 20.31
C PHE GA 222 75.89 32.33 21.73
N TYR GA 223 75.15 31.80 22.70
CA TYR GA 223 75.61 31.74 24.08
C TYR GA 223 76.20 30.38 24.35
N GLU GA 224 77.26 30.35 25.14
CA GLU GA 224 77.86 29.10 25.58
C GLU GA 224 78.29 29.23 27.03
N VAL GA 225 78.24 28.12 27.75
CA VAL GA 225 78.60 28.05 29.16
C VAL GA 225 79.84 27.19 29.31
N VAL GA 226 80.86 27.73 29.96
CA VAL GA 226 82.12 27.04 30.17
C VAL GA 226 82.30 26.85 31.66
N GLU GA 227 82.44 25.61 32.10
CA GLU GA 227 82.65 25.28 33.50
C GLU GA 227 84.12 24.99 33.73
N LYS GA 228 84.77 25.80 34.57
CA LYS GA 228 86.19 25.64 34.78
C LYS GA 228 86.55 26.06 36.19
N LYS GA 229 87.73 25.65 36.63
CA LYS GA 229 88.27 26.04 37.92
C LYS GA 229 89.12 27.29 37.72
N GLU GA 230 88.78 28.36 38.42
CA GLU GA 230 89.52 29.61 38.36
C GLU GA 230 89.95 30.03 39.75
N THR GA 231 90.93 30.93 39.79
CA THR GA 231 91.54 31.34 41.06
C THR GA 231 90.65 32.29 41.83
N ALA GA 232 90.58 32.08 43.14
CA ALA GA 232 89.84 32.96 44.03
C ALA GA 232 90.76 33.39 45.15
N PHE GA 233 90.80 34.69 45.41
CA PHE GA 233 91.67 35.26 46.43
C PHE GA 233 90.90 35.40 47.74
N ILE GA 234 91.46 34.87 48.82
CA ILE GA 234 90.83 34.91 50.13
C ILE GA 234 91.50 36.02 50.91
N TYR GA 235 90.79 37.13 51.07
CA TYR GA 235 91.29 38.27 51.83
C TYR GA 235 90.81 38.18 53.27
N GLN GA 236 91.32 39.07 54.11
CA GLN GA 236 90.83 39.25 55.47
C GLN GA 236 90.10 40.58 55.53
N ASP GA 237 88.82 40.54 55.84
CA ASP GA 237 88.01 41.74 55.86
C ASP GA 237 88.51 42.67 56.97
N PRO GA 238 88.77 43.95 56.67
CA PRO GA 238 89.15 44.88 57.74
C PRO GA 238 88.08 45.04 58.81
N VAL GA 239 86.84 44.63 58.53
CA VAL GA 239 85.79 44.71 59.54
C VAL GA 239 85.76 43.44 60.38
N THR GA 240 85.48 42.30 59.75
CA THR GA 240 85.39 41.02 60.46
C THR GA 240 85.30 39.90 59.43
N GLY GA 241 85.91 38.76 59.77
CA GLY GA 241 85.86 37.59 58.92
C GLY GA 241 86.80 37.68 57.73
N GLU GA 242 86.61 36.74 56.80
CA GLU GA 242 87.43 36.65 55.60
C GLU GA 242 86.53 36.43 54.38
N PRO GA 243 86.50 37.36 53.43
CA PRO GA 243 85.75 37.15 52.20
C PRO GA 243 86.63 36.57 51.08
N VAL GA 244 85.96 35.90 50.15
CA VAL GA 244 86.61 35.28 49.01
C VAL GA 244 86.08 35.97 47.75
N SER GA 245 86.99 36.52 46.95
CA SER GA 245 86.61 37.22 45.73
C SER GA 245 87.39 36.65 44.56
N TYR GA 246 86.70 36.49 43.43
CA TYR GA 246 87.32 35.86 42.26
C TYR GA 246 88.38 36.76 41.66
N PHE GA 247 89.48 36.16 41.22
CA PHE GA 247 90.56 36.93 40.61
C PHE GA 247 90.14 37.54 39.29
N LYS GA 248 89.24 36.89 38.55
CA LYS GA 248 88.80 37.43 37.26
C LYS GA 248 87.96 38.67 37.43
N ARG GA 249 87.48 38.97 38.62
CA ARG GA 249 86.62 40.13 38.84
C ARG GA 249 87.37 41.34 39.35
N ASP GA 250 88.51 41.15 40.00
CA ASP GA 250 89.39 42.24 40.41
C ASP GA 250 90.80 42.00 39.92
N ILE GA 251 90.91 41.51 38.67
CA ILE GA 251 92.21 41.16 38.12
C ILE GA 251 93.14 42.38 38.04
N LYS GA 252 92.62 43.49 37.52
CA LYS GA 252 93.47 44.66 37.33
C LYS GA 252 92.82 45.90 37.92
N ASP GA 253 91.49 45.87 38.04
CA ASP GA 253 90.78 47.07 38.46
C ASP GA 253 91.15 47.49 39.88
N VAL GA 254 91.05 46.57 40.84
CA VAL GA 254 91.25 46.94 42.23
C VAL GA 254 92.19 45.98 42.93
N ILE GA 255 92.97 45.23 42.14
CA ILE GA 255 93.84 44.19 42.72
C ILE GA 255 94.81 44.78 43.74
N ASP GA 256 95.16 46.06 43.59
CA ASP GA 256 95.97 46.74 44.58
C ASP GA 256 95.16 47.72 45.42
N ASP GA 257 93.99 48.15 44.94
CA ASP GA 257 93.13 49.00 45.74
C ASP GA 257 92.62 48.28 46.99
N LEU GA 258 92.39 46.98 46.89
CA LEU GA 258 91.97 46.22 48.06
C LEU GA 258 93.01 46.33 49.18
N ALA GA 259 94.28 46.09 48.85
CA ALA GA 259 95.33 46.21 49.85
C ALA GA 259 95.49 47.64 50.32
N ASP GA 260 95.44 48.61 49.40
CA ASP GA 260 95.59 50.01 49.79
C ASP GA 260 94.52 50.42 50.80
N SER GA 261 93.28 49.95 50.60
CA SER GA 261 92.22 50.25 51.55
C SER GA 261 92.35 49.44 52.82
N GLY GA 262 93.00 48.28 52.76
CA GLY GA 262 93.24 47.53 53.98
C GLY GA 262 92.82 46.08 53.97
N PHE GA 263 92.65 45.50 52.78
CA PHE GA 263 92.39 44.08 52.64
C PHE GA 263 93.72 43.35 52.49
N ILE GA 264 93.98 42.39 53.38
CA ILE GA 264 95.23 41.64 53.37
C ILE GA 264 94.94 40.25 52.81
N LYS GA 265 95.76 39.79 51.88
CA LYS GA 265 95.58 38.48 51.28
C LYS GA 265 95.93 37.39 52.28
N ILE GA 266 95.05 36.40 52.41
CA ILE GA 266 95.23 35.30 53.34
C ILE GA 266 95.68 34.04 52.61
N ALA GA 267 95.01 33.68 51.53
CA ALA GA 267 95.29 32.44 50.83
C ALA GA 267 94.99 32.63 49.35
N GLU GA 268 94.89 31.51 48.63
CA GLU GA 268 94.61 31.52 47.20
C GLU GA 268 94.12 30.13 46.81
N ARG GA 269 92.87 30.04 46.35
CA ARG GA 269 92.22 28.77 46.07
C ARG GA 269 91.71 28.75 44.63
N GLN GA 270 91.52 27.54 44.12
CA GLN GA 270 90.96 27.31 42.80
C GLN GA 270 89.55 26.76 42.97
N ILE GA 271 88.55 27.52 42.53
CA ILE GA 271 87.16 27.19 42.76
C ILE GA 271 86.45 27.07 41.42
N LYS GA 272 85.74 25.96 41.23
CA LYS GA 272 85.05 25.69 39.98
C LYS GA 272 83.78 26.52 39.87
N ARG GA 273 83.57 27.11 38.70
CA ARG GA 273 82.38 27.92 38.44
C ARG GA 273 82.11 27.91 36.96
N ARG GA 274 80.92 28.37 36.58
CA ARG GA 274 80.50 28.47 35.20
C ARG GA 274 80.53 29.93 34.75
N ARG GA 275 81.02 30.17 33.55
CA ARG GA 275 81.03 31.50 32.96
C ARG GA 275 80.34 31.44 31.61
N VAL GA 276 79.54 32.46 31.31
CA VAL GA 276 78.71 32.49 30.11
C VAL GA 276 79.27 33.50 29.14
N TYR GA 277 79.43 33.10 27.89
CA TYR GA 277 79.93 33.96 26.84
C TYR GA 277 78.89 34.07 25.73
N LYS GA 278 78.73 35.28 25.20
CA LYS GA 278 77.81 35.56 24.10
C LYS GA 278 78.61 35.97 22.88
N SER GA 279 78.18 35.52 21.72
CA SER GA 279 78.81 35.86 20.45
C SER GA 279 77.75 36.36 19.49
N ILE GA 280 78.09 37.33 18.66
CA ILE GA 280 77.22 37.82 17.61
C ILE GA 280 77.75 37.31 16.30
N ILE GA 281 76.94 36.53 15.57
CA ILE GA 281 77.42 35.85 14.39
C ILE GA 281 76.44 36.02 13.24
N THR GA 282 76.98 35.84 12.03
CA THR GA 282 76.23 35.70 10.80
C THR GA 282 76.63 34.36 10.17
N CYS GA 283 76.15 34.11 8.96
CA CYS GA 283 76.50 32.88 8.28
C CYS GA 283 77.93 32.89 7.73
N THR GA 284 78.62 34.01 7.80
CA THR GA 284 79.94 34.13 7.17
C THR GA 284 81.06 34.57 8.10
N ALA GA 285 80.77 35.27 9.21
CA ALA GA 285 81.82 35.72 10.10
C ALA GA 285 81.24 36.05 11.46
N VAL GA 286 82.13 36.14 12.45
CA VAL GA 286 81.76 36.49 13.82
C VAL GA 286 82.02 37.97 14.03
N LEU GA 287 80.99 38.70 14.45
CA LEU GA 287 81.12 40.14 14.66
C LEU GA 287 81.64 40.45 16.06
N LYS GA 288 81.10 39.78 17.08
CA LYS GA 288 81.63 39.80 18.43
C LYS GA 288 81.97 38.37 18.82
N ASP GA 289 83.21 38.14 19.26
CA ASP GA 289 83.73 36.78 19.31
C ASP GA 289 83.26 36.03 20.54
N LYS GA 290 83.68 36.48 21.73
CA LYS GA 290 83.41 35.75 22.96
C LYS GA 290 83.08 36.69 24.10
N GLN GA 291 82.21 37.67 23.86
CA GLN GA 291 81.94 38.68 24.87
C GLN GA 291 81.36 38.06 26.14
N LEU GA 292 82.09 38.13 27.24
CA LEU GA 292 81.61 37.53 28.48
C LEU GA 292 80.43 38.31 29.02
N ILE GA 293 79.37 37.59 29.41
CA ILE GA 293 78.19 38.23 29.97
C ILE GA 293 78.01 37.76 31.41
N ALA GA 294 77.18 38.49 32.15
CA ALA GA 294 76.99 38.22 33.56
C ALA GA 294 76.17 36.97 33.78
N GLY GA 295 76.45 36.28 34.88
CA GLY GA 295 75.70 35.10 35.28
C GLY GA 295 76.53 33.84 35.15
N GLU GA 296 75.90 32.73 35.57
CA GLU GA 296 76.47 31.41 35.41
C GLU GA 296 75.61 30.51 34.53
N HIS GA 297 74.52 31.03 33.96
CA HIS GA 297 73.61 30.23 33.17
C HIS GA 297 73.29 30.97 31.88
N ILE GA 298 72.87 30.19 30.88
CA ILE GA 298 72.37 30.80 29.64
C ILE GA 298 71.10 31.57 29.96
N PRO GA 299 70.96 32.82 29.51
CA PRO GA 299 69.87 33.68 29.98
C PRO GA 299 68.51 33.39 29.38
N ILE GA 300 68.29 32.24 28.74
CA ILE GA 300 67.02 31.94 28.10
C ILE GA 300 66.28 30.93 28.96
N VAL GA 301 65.00 31.20 29.21
CA VAL GA 301 64.13 30.31 29.97
C VAL GA 301 63.07 29.77 29.03
N PRO GA 302 63.01 28.45 28.81
CA PRO GA 302 61.94 27.87 27.99
C PRO GA 302 60.76 27.36 28.79
N VAL GA 303 59.57 27.44 28.20
CA VAL GA 303 58.33 26.93 28.78
C VAL GA 303 57.79 25.87 27.83
N PHE GA 304 57.42 24.72 28.38
CA PHE GA 304 56.93 23.61 27.56
C PHE GA 304 55.54 23.19 28.00
N GLY GA 305 54.83 22.56 27.09
CA GLY GA 305 53.50 22.04 27.37
C GLY GA 305 53.56 20.58 27.70
N GLU GA 306 53.22 19.72 26.75
CA GLU GA 306 53.50 18.30 26.85
C GLU GA 306 54.88 18.05 26.25
N TRP GA 307 55.79 17.52 27.02
CA TRP GA 307 57.19 17.41 26.62
C TRP GA 307 57.66 15.97 26.79
N GLY GA 308 58.56 15.54 25.93
CA GLY GA 308 59.16 14.23 26.10
C GLY GA 308 60.20 13.96 25.04
N PHE GA 309 60.79 12.77 25.14
CA PHE GA 309 61.68 12.24 24.11
C PHE GA 309 61.07 10.94 23.60
N VAL GA 310 61.10 10.75 22.29
CA VAL GA 310 60.54 9.51 21.74
C VAL GA 310 61.67 8.53 21.46
N GLU GA 311 62.53 8.86 20.51
CA GLU GA 311 63.78 8.12 20.31
C GLU GA 311 64.88 9.15 20.13
N ASP GA 312 65.39 9.66 21.25
CA ASP GA 312 66.47 10.68 21.19
C ASP GA 312 65.97 11.94 20.47
N LYS GA 313 64.65 12.07 20.26
CA LYS GA 313 64.08 13.22 19.60
C LYS GA 313 63.08 13.87 20.54
N GLU GA 314 63.23 15.16 20.77
CA GLU GA 314 62.36 15.88 21.68
C GLU GA 314 61.07 16.26 20.97
N VAL GA 315 59.95 15.91 21.58
CA VAL GA 315 58.63 16.22 21.06
C VAL GA 315 57.89 17.04 22.11
N TYR GA 316 57.30 18.15 21.69
CA TYR GA 316 56.45 18.96 22.54
C TYR GA 316 55.14 19.25 21.83
N GLU GA 317 54.08 19.38 22.60
CA GLU GA 317 52.74 19.49 22.05
C GLU GA 317 51.88 20.36 22.97
N GLY GA 318 51.10 21.23 22.36
CA GLY GA 318 50.20 22.07 23.12
C GLY GA 318 48.82 21.48 23.22
N VAL GA 319 47.81 22.18 22.69
CA VAL GA 319 46.44 21.69 22.69
C VAL GA 319 45.85 21.68 21.29
N VAL GA 320 46.59 22.15 20.28
CA VAL GA 320 46.03 22.37 18.95
C VAL GA 320 46.40 21.24 18.01
N ARG GA 321 47.48 20.50 18.31
CA ARG GA 321 48.00 19.54 17.35
C ARG GA 321 47.01 18.43 17.06
N LEU GA 322 46.31 17.94 18.07
CA LEU GA 322 45.42 16.80 17.87
C LEU GA 322 44.09 17.19 17.25
N THR GA 323 43.56 18.36 17.58
CA THR GA 323 42.27 18.81 17.06
C THR GA 323 42.32 19.15 15.58
N LYS GA 324 43.51 19.21 14.98
CA LYS GA 324 43.65 19.78 13.65
C LYS GA 324 42.92 18.96 12.59
N ASP GA 325 42.98 17.63 12.70
CA ASP GA 325 42.33 16.79 11.70
C ASP GA 325 40.82 16.95 11.74
N GLY GA 326 40.22 16.88 12.93
CA GLY GA 326 38.79 17.04 13.04
C GLY GA 326 38.33 18.42 12.60
N GLN GA 327 39.10 19.44 12.95
CA GLN GA 327 38.72 20.80 12.55
C GLN GA 327 38.81 20.97 11.04
N ARG GA 328 39.86 20.42 10.41
CA ARG GA 328 39.98 20.50 8.96
C ARG GA 328 38.83 19.78 8.27
N LEU GA 329 38.46 18.61 8.77
CA LEU GA 329 37.31 17.91 8.21
C LEU GA 329 36.04 18.74 8.35
N ARG GA 330 35.86 19.38 9.51
CA ARG GA 330 34.65 20.17 9.71
C ARG GA 330 34.59 21.36 8.75
N ASN GA 331 35.72 22.04 8.56
CA ASN GA 331 35.77 23.15 7.60
C ASN GA 331 35.46 22.65 6.19
N MET GA 332 36.05 21.53 5.78
CA MET GA 332 35.82 21.00 4.44
C MET GA 332 34.35 20.65 4.22
N ILE GA 333 33.74 19.99 5.20
CA ILE GA 333 32.35 19.56 5.05
C ILE GA 333 31.42 20.76 5.02
N MET GA 334 31.70 21.77 5.84
CA MET GA 334 30.89 22.98 5.81
C MET GA 334 31.02 23.69 4.47
N SER GA 335 32.22 23.68 3.90
CA SER GA 335 32.40 24.27 2.58
C SER GA 335 31.62 23.52 1.51
N PHE GA 336 31.64 22.19 1.58
CA PHE GA 336 30.87 21.41 0.61
C PHE GA 336 29.37 21.68 0.74
N ASN GA 337 28.87 21.79 1.97
CA ASN GA 337 27.46 22.05 2.16
C ASN GA 337 27.09 23.47 1.71
N ALA GA 338 27.99 24.43 1.91
CA ALA GA 338 27.75 25.78 1.40
C ALA GA 338 27.68 25.77 -0.12
N ASP GA 339 28.54 24.99 -0.77
CA ASP GA 339 28.46 24.85 -2.22
C ASP GA 339 27.13 24.23 -2.63
N ILE GA 340 26.65 23.24 -1.86
CA ILE GA 340 25.37 22.62 -2.16
C ILE GA 340 24.25 23.64 -2.10
N VAL GA 341 24.25 24.49 -1.08
CA VAL GA 341 23.20 25.50 -0.96
C VAL GA 341 23.31 26.53 -2.08
N ALA GA 342 24.53 26.89 -2.48
CA ALA GA 342 24.73 27.99 -3.41
C ALA GA 342 24.49 27.58 -4.86
N ARG GA 343 25.26 26.62 -5.36
CA ARG GA 343 25.17 26.20 -6.76
C ARG GA 343 24.31 24.95 -6.84
N THR GA 344 23.01 25.14 -6.91
CA THR GA 344 22.10 24.03 -7.12
C THR GA 344 20.81 24.54 -7.71
N PRO GA 345 20.31 23.94 -8.78
CA PRO GA 345 19.01 24.36 -9.32
C PRO GA 345 17.92 24.17 -8.28
N LYS GA 346 16.98 25.11 -8.25
CA LYS GA 346 15.91 25.09 -7.27
C LYS GA 346 14.74 24.24 -7.77
N LYS GA 347 13.69 24.18 -6.97
CA LYS GA 347 12.51 23.39 -7.33
C LYS GA 347 11.62 24.22 -8.25
N LYS GA 348 11.51 23.79 -9.50
CA LYS GA 348 10.63 24.38 -10.49
C LYS GA 348 9.99 23.24 -11.27
N PRO GA 349 8.83 23.48 -11.87
CA PRO GA 349 8.19 22.42 -12.65
C PRO GA 349 8.93 22.14 -13.95
N PHE GA 350 8.80 20.91 -14.41
CA PHE GA 350 9.26 20.51 -15.73
C PHE GA 350 8.10 20.62 -16.70
N PHE GA 351 8.29 21.36 -17.80
CA PHE GA 351 7.24 21.61 -18.76
C PHE GA 351 7.73 21.27 -20.15
N TRP GA 352 6.82 20.84 -21.00
CA TRP GA 352 7.09 20.94 -22.42
C TRP GA 352 6.68 22.30 -22.92
N PRO GA 353 7.39 22.88 -23.89
CA PRO GA 353 7.02 24.21 -24.37
C PRO GA 353 5.60 24.28 -24.91
N GLU GA 354 5.12 23.22 -25.54
CA GLU GA 354 3.77 23.19 -26.08
C GLU GA 354 2.71 22.99 -25.00
N GLN GA 355 3.10 22.63 -23.78
CA GLN GA 355 2.12 22.49 -22.71
C GLN GA 355 1.65 23.83 -22.20
N ILE GA 356 2.46 24.87 -22.38
CA ILE GA 356 2.14 26.19 -21.87
C ILE GA 356 2.35 27.23 -22.95
N ALA GA 357 2.43 26.79 -24.20
CA ALA GA 357 2.55 27.73 -25.31
C ALA GA 357 1.38 28.71 -25.31
N GLY GA 358 1.66 29.98 -25.05
CA GLY GA 358 0.66 31.01 -24.98
C GLY GA 358 0.26 31.40 -23.57
N PHE GA 359 0.54 30.54 -22.59
CA PHE GA 359 0.20 30.79 -21.20
C PHE GA 359 1.43 31.03 -20.35
N GLU GA 360 2.55 31.39 -20.96
CA GLU GA 360 3.82 31.43 -20.23
C GLU GA 360 3.92 32.61 -19.27
N HIS GA 361 3.06 33.62 -19.41
CA HIS GA 361 3.04 34.71 -18.43
C HIS GA 361 2.31 34.32 -17.16
N MET GA 362 1.57 33.22 -17.16
CA MET GA 362 0.87 32.77 -15.97
C MET GA 362 1.81 32.15 -14.95
N TYR GA 363 3.00 31.73 -15.36
CA TYR GA 363 3.92 30.99 -14.49
C TYR GA 363 5.15 31.80 -14.12
N ASP GA 364 5.23 33.07 -14.52
CA ASP GA 364 6.43 33.83 -14.26
C ASP GA 364 6.62 34.16 -12.79
N GLY GA 365 5.56 34.08 -11.98
CA GLY GA 365 5.69 34.31 -10.56
C GLY GA 365 4.66 35.27 -10.00
N ASN GA 366 3.96 35.98 -10.86
CA ASN GA 366 2.97 36.95 -10.40
C ASN GA 366 1.76 36.23 -9.81
N ASP GA 367 0.92 37.02 -9.15
CA ASP GA 367 -0.30 36.53 -8.51
C ASP GA 367 -1.53 37.26 -9.03
N ASP GA 368 -1.61 37.43 -10.34
CA ASP GA 368 -2.70 38.18 -10.96
C ASP GA 368 -3.81 37.28 -11.49
N TYR GA 369 -3.70 35.96 -11.33
CA TYR GA 369 -4.63 35.03 -11.91
C TYR GA 369 -5.14 34.08 -10.84
N PRO GA 370 -6.34 33.51 -11.01
CA PRO GA 370 -6.87 32.59 -10.02
C PRO GA 370 -6.53 31.13 -10.25
N TYR GA 371 -5.85 30.79 -11.35
CA TYR GA 371 -5.51 29.40 -11.65
C TYR GA 371 -4.47 29.41 -12.77
N TYR GA 372 -4.00 28.21 -13.10
CA TYR GA 372 -3.04 28.01 -14.19
C TYR GA 372 -3.71 27.24 -15.31
N LEU GA 373 -3.46 27.66 -16.54
CA LEU GA 373 -4.04 27.03 -17.71
C LEU GA 373 -2.97 26.24 -18.45
N LEU GA 374 -3.40 25.17 -19.13
CA LEU GA 374 -2.51 24.32 -19.89
C LEU GA 374 -3.13 24.04 -21.25
N ASN GA 375 -2.29 23.94 -22.28
CA ASN GA 375 -2.76 23.55 -23.59
C ASN GA 375 -3.10 22.06 -23.61
N ARG GA 376 -4.18 21.71 -24.29
CA ARG GA 376 -4.70 20.36 -24.25
C ARG GA 376 -4.57 19.62 -25.57
N THR GA 377 -4.64 20.32 -26.69
CA THR GA 377 -4.71 19.68 -27.99
C THR GA 377 -3.45 19.95 -28.81
N ASP GA 378 -3.19 19.06 -29.76
CA ASP GA 378 -2.13 19.20 -30.75
C ASP GA 378 -2.72 18.94 -32.11
N GLU GA 379 -2.23 19.65 -33.12
CA GLU GA 379 -2.81 19.54 -34.45
C GLU GA 379 -2.41 18.26 -35.17
N ASN GA 380 -1.46 17.51 -34.64
CA ASN GA 380 -1.03 16.25 -35.22
C ASN GA 380 -1.50 15.04 -34.42
N SER GA 381 -1.20 14.99 -33.13
CA SER GA 381 -1.62 13.84 -32.33
C SER GA 381 -3.06 13.95 -31.85
N GLY GA 382 -3.70 15.10 -32.03
CA GLY GA 382 -5.06 15.30 -31.55
C GLY GA 382 -5.17 15.73 -30.11
N ASP GA 383 -4.45 15.05 -29.21
CA ASP GA 383 -4.45 15.37 -27.80
C ASP GA 383 -3.03 15.26 -27.27
N LEU GA 384 -2.64 16.20 -26.43
CA LEU GA 384 -1.32 16.17 -25.84
C LEU GA 384 -1.19 14.97 -24.92
N PRO GA 385 -0.03 14.31 -24.88
CA PRO GA 385 0.17 13.21 -23.93
C PRO GA 385 0.04 13.70 -22.50
N THR GA 386 -0.61 12.88 -21.68
CA THR GA 386 -0.85 13.21 -20.28
C THR GA 386 0.21 12.56 -19.40
N GLN GA 387 0.96 13.39 -18.67
CA GLN GA 387 2.00 12.90 -17.81
C GLN GA 387 1.91 13.73 -16.54
N PRO GA 388 1.99 13.11 -15.36
CA PRO GA 388 1.90 13.89 -14.12
C PRO GA 388 3.02 14.89 -14.01
N LEU GA 389 2.70 16.06 -13.45
CA LEU GA 389 3.69 17.12 -13.35
C LEU GA 389 4.80 16.76 -12.38
N ALA GA 390 6.02 17.05 -12.77
CA ALA GA 390 7.20 16.76 -11.98
C ALA GA 390 7.93 18.05 -11.64
N TYR GA 391 8.55 18.06 -10.47
CA TYR GA 391 9.27 19.23 -9.97
C TYR GA 391 10.71 18.84 -9.69
N TYR GA 392 11.63 19.76 -9.96
CA TYR GA 392 13.03 19.53 -9.60
C TYR GA 392 13.15 19.33 -8.10
N GLU GA 393 13.86 18.29 -7.69
CA GLU GA 393 13.93 17.95 -6.27
C GLU GA 393 14.63 19.03 -5.47
N ASN GA 394 14.18 19.20 -4.23
CA ASN GA 394 14.78 20.20 -3.35
C ASN GA 394 16.21 19.81 -3.00
N PRO GA 395 17.11 20.79 -2.90
CA PRO GA 395 18.48 20.47 -2.47
C PRO GA 395 18.48 19.89 -1.06
N GLU GA 396 19.39 18.93 -0.84
CA GLU GA 396 19.50 18.24 0.44
C GLU GA 396 20.95 18.10 0.82
N VAL GA 397 21.20 18.03 2.12
CA VAL GA 397 22.54 17.72 2.63
C VAL GA 397 22.67 16.21 2.77
N PRO GA 398 23.67 15.58 2.18
CA PRO GA 398 23.79 14.13 2.26
C PRO GA 398 23.92 13.66 3.70
N GLN GA 399 23.37 12.47 3.96
CA GLN GA 399 23.49 11.90 5.29
C GLN GA 399 24.95 11.71 5.67
N ALA GA 400 25.80 11.40 4.69
CA ALA GA 400 27.23 11.30 4.98
C ALA GA 400 27.79 12.64 5.43
N ASN GA 401 27.42 13.72 4.75
CA ASN GA 401 27.93 15.04 5.12
C ASN GA 401 27.47 15.43 6.52
N ALA GA 402 26.19 15.22 6.82
CA ALA GA 402 25.68 15.57 8.15
C ALA GA 402 26.33 14.70 9.23
N TYR GA 403 26.39 13.39 8.99
CA TYR GA 403 26.97 12.49 9.98
C TYR GA 403 28.42 12.83 10.25
N MET GA 404 29.20 13.08 9.21
CA MET GA 404 30.62 13.34 9.43
C MET GA 404 30.85 14.74 9.97
N LEU GA 405 29.96 15.69 9.72
CA LEU GA 405 30.07 16.98 10.40
C LEU GA 405 29.87 16.81 11.91
N GLU GA 406 28.83 16.07 12.29
CA GLU GA 406 28.65 15.80 13.71
C GLU GA 406 29.82 15.02 14.31
N ALA GA 407 30.33 14.05 13.56
CA ALA GA 407 31.43 13.23 14.08
C ALA GA 407 32.72 14.03 14.24
N ALA GA 408 33.04 14.89 13.27
CA ALA GA 408 34.22 15.73 13.38
C ALA GA 408 34.10 16.72 14.53
N THR GA 409 32.94 17.37 14.65
CA THR GA 409 32.76 18.29 15.77
C THR GA 409 32.89 17.57 17.11
N SER GA 410 32.30 16.39 17.22
CA SER GA 410 32.39 15.63 18.46
C SER GA 410 33.82 15.19 18.74
N ALA GA 411 34.57 14.81 17.70
CA ALA GA 411 35.96 14.39 17.91
C ALA GA 411 36.81 15.55 18.40
N VAL GA 412 36.64 16.74 17.82
CA VAL GA 412 37.37 17.90 18.31
C VAL GA 412 36.96 18.21 19.75
N LYS GA 413 35.67 18.08 20.06
CA LYS GA 413 35.22 18.32 21.43
C LYS GA 413 35.85 17.34 22.41
N GLU GA 414 35.96 16.07 22.00
CA GLU GA 414 36.55 15.07 22.87
C GLU GA 414 38.04 15.31 23.10
N VAL GA 415 38.75 15.73 22.05
CA VAL GA 415 40.21 15.79 22.16
C VAL GA 415 40.73 17.14 22.63
N ALA GA 416 39.95 18.21 22.51
CA ALA GA 416 40.44 19.52 22.93
C ALA GA 416 40.09 19.81 24.39
N THR GA 417 40.40 18.86 25.27
CA THR GA 417 40.20 19.01 26.71
C THR GA 417 41.54 18.81 27.38
N LEU GA 418 42.18 19.92 27.77
CA LEU GA 418 43.43 19.86 28.50
C LEU GA 418 43.15 19.40 29.92
N GLY GA 419 43.77 18.29 30.33
CA GLY GA 419 43.54 17.78 31.67
C GLY GA 419 42.12 17.32 31.85
N VAL GA 420 41.61 17.48 33.07
CA VAL GA 420 40.23 17.11 33.38
C VAL GA 420 39.26 18.07 32.71
N GLU GA 445 41.23 21.58 33.11
CA GLU GA 445 42.17 22.13 34.09
C GLU GA 445 43.57 22.19 33.51
N THR GA 446 44.35 23.17 33.96
CA THR GA 446 45.68 23.42 33.44
C THR GA 446 46.76 23.20 34.51
N TYR GA 447 46.60 22.17 35.33
CA TYR GA 447 47.58 21.95 36.39
C TYR GA 447 48.95 21.62 35.84
N VAL GA 448 49.03 20.77 34.81
CA VAL GA 448 50.32 20.39 34.27
C VAL GA 448 51.00 21.58 33.60
N PHE GA 449 50.24 22.38 32.86
CA PHE GA 449 50.80 23.56 32.22
C PHE GA 449 51.27 24.57 33.25
N GLN GA 450 50.50 24.76 34.32
CA GLN GA 450 50.93 25.67 35.37
C GLN GA 450 52.15 25.14 36.11
N ASP GA 451 52.26 23.83 36.29
CA ASP GA 451 53.46 23.27 36.92
C ASP GA 451 54.68 23.47 36.03
N ASN GA 452 54.52 23.31 34.72
CA ASN GA 452 55.64 23.58 33.82
C ASN GA 452 56.02 25.05 33.84
N LEU GA 453 55.03 25.93 33.93
CA LEU GA 453 55.34 27.36 34.06
C LEU GA 453 56.06 27.64 35.36
N ALA GA 454 55.68 26.94 36.44
CA ALA GA 454 56.38 27.11 37.72
C ALA GA 454 57.81 26.64 37.63
N THR GA 455 58.05 25.54 36.90
CA THR GA 455 59.41 25.09 36.65
C THR GA 455 60.21 26.14 35.88
N ALA GA 456 59.58 26.75 34.87
CA ALA GA 456 60.26 27.81 34.15
C ALA GA 456 60.56 29.00 35.05
N MET GA 457 59.66 29.33 35.97
CA MET GA 457 59.91 30.44 36.87
C MET GA 457 61.01 30.11 37.87
N ARG GA 458 61.13 28.85 38.28
CA ARG GA 458 62.24 28.46 39.14
C ARG GA 458 63.56 28.60 38.40
N ARG GA 459 63.61 28.20 37.13
CA ARG GA 459 64.83 28.42 36.35
C ARG GA 459 65.12 29.90 36.19
N ASP GA 460 64.08 30.72 35.98
CA ASP GA 460 64.25 32.16 35.90
C ASP GA 460 64.85 32.70 37.18
N GLY GA 461 64.35 32.25 38.32
CA GLY GA 461 64.90 32.72 39.59
C GLY GA 461 66.35 32.33 39.77
N GLU GA 462 66.71 31.11 39.34
CA GLU GA 462 68.10 30.67 39.39
C GLU GA 462 68.99 31.60 38.57
N ILE GA 463 68.59 31.86 37.32
CA ILE GA 463 69.39 32.70 36.45
C ILE GA 463 69.49 34.11 37.01
N TYR GA 464 68.39 34.64 37.52
CA TYR GA 464 68.40 35.99 38.08
C TYR GA 464 69.31 36.07 39.29
N GLN GA 465 69.28 35.06 40.14
CA GLN GA 465 70.16 35.04 41.30
C GLN GA 465 71.62 35.12 40.88
N SER GA 466 72.00 34.31 39.89
CA SER GA 466 73.39 34.34 39.44
C SER GA 466 73.77 35.69 38.87
N ILE GA 467 72.90 36.29 38.05
CA ILE GA 467 73.24 37.58 37.46
C ILE GA 467 73.35 38.65 38.55
N VAL GA 468 72.47 38.60 39.55
CA VAL GA 468 72.53 39.57 40.63
C VAL GA 468 73.85 39.44 41.37
N ASN GA 469 74.23 38.21 41.71
CA ASN GA 469 75.52 37.99 42.36
C ASN GA 469 76.66 38.48 41.48
N ASP GA 470 76.46 38.57 40.17
CA ASP GA 470 77.55 38.94 39.28
C ASP GA 470 77.65 40.45 39.10
N ILE GA 471 76.53 41.19 39.10
CA ILE GA 471 76.61 42.61 38.75
C ILE GA 471 76.05 43.55 39.80
N TYR GA 472 75.13 43.09 40.63
CA TYR GA 472 74.53 44.00 41.60
C TYR GA 472 75.40 44.10 42.85
N ASP GA 473 75.03 45.03 43.73
CA ASP GA 473 75.69 45.22 45.02
C ASP GA 473 74.83 44.55 46.09
N VAL GA 474 75.26 43.37 46.54
CA VAL GA 474 74.50 42.57 47.50
C VAL GA 474 75.13 42.78 48.87
N PRO GA 475 74.48 43.49 49.79
CA PRO GA 475 75.05 43.69 51.11
C PRO GA 475 75.06 42.42 51.94
N ARG GA 476 76.00 42.36 52.88
CA ARG GA 476 76.10 41.27 53.83
C ARG GA 476 75.56 41.72 55.18
N ASN GA 477 74.69 40.91 55.78
CA ASN GA 477 74.01 41.26 57.01
C ASN GA 477 74.79 40.68 58.19
N VAL GA 478 75.38 41.55 59.01
CA VAL GA 478 76.11 41.13 60.19
C VAL GA 478 75.19 41.18 61.39
N THR GA 479 75.43 40.28 62.35
CA THR GA 479 74.60 40.18 63.55
C THR GA 479 75.10 41.05 64.70
N ILE GA 480 76.19 41.79 64.50
CA ILE GA 480 76.72 42.65 65.54
C ILE GA 480 75.79 43.83 65.80
N LEU GA 492 73.35 44.68 60.89
CA LEU GA 492 73.38 45.78 59.92
C LEU GA 492 73.95 45.31 58.59
N MET GA 493 73.62 46.02 57.52
CA MET GA 493 74.15 45.71 56.19
C MET GA 493 75.51 46.39 56.02
N ALA GA 494 76.47 45.64 55.47
CA ALA GA 494 77.82 46.14 55.27
C ALA GA 494 78.16 46.01 53.78
N GLU GA 495 77.93 47.09 53.04
CA GLU GA 495 78.31 47.14 51.63
C GLU GA 495 79.78 47.55 51.54
N VAL GA 496 80.61 46.63 51.05
CA VAL GA 496 82.04 46.86 50.88
C VAL GA 496 82.31 46.97 49.39
N VAL GA 497 82.71 48.16 48.94
CA VAL GA 497 83.04 48.42 47.54
C VAL GA 497 84.17 49.44 47.48
N ASP GA 498 84.91 49.40 46.37
CA ASP GA 498 85.96 50.39 46.15
C ASP GA 498 86.13 50.60 44.65
N LEU GA 499 86.54 51.82 44.30
CA LEU GA 499 86.66 52.24 42.91
C LEU GA 499 88.09 52.10 42.43
N ALA GA 500 88.24 51.99 41.11
CA ALA GA 500 89.56 51.92 40.48
C ALA GA 500 90.03 53.32 40.09
N THR GA 501 91.21 53.39 39.47
CA THR GA 501 91.73 54.66 39.02
C THR GA 501 90.95 55.25 37.86
N GLY GA 502 90.13 54.44 37.19
CA GLY GA 502 89.32 54.91 36.08
C GLY GA 502 87.93 55.33 36.50
N GLU GA 503 87.74 55.57 37.80
CA GLU GA 503 86.49 56.00 38.42
C GLU GA 503 85.38 54.96 38.31
N LYS GA 504 85.71 53.72 37.96
CA LYS GA 504 84.72 52.66 37.86
C LYS GA 504 84.64 51.90 39.19
N GLN GA 505 83.41 51.62 39.62
CA GLN GA 505 83.16 50.94 40.89
C GLN GA 505 82.97 49.45 40.63
N VAL GA 506 83.74 48.63 41.35
CA VAL GA 506 83.68 47.18 41.20
C VAL GA 506 82.93 46.61 42.40
N LEU GA 507 81.89 45.83 42.12
CA LEU GA 507 81.16 45.16 43.17
C LEU GA 507 82.03 44.12 43.86
N ASN GA 508 81.82 43.96 45.16
CA ASN GA 508 82.57 42.99 45.96
C ASN GA 508 81.56 42.07 46.64
N ASP GA 509 81.29 40.92 46.03
CA ASP GA 509 80.40 39.93 46.58
C ASP GA 509 81.21 38.75 47.07
N ILE GA 510 80.97 38.34 48.32
CA ILE GA 510 81.67 37.22 48.95
C ILE GA 510 81.22 35.93 48.28
N ARG GA 511 81.96 34.85 48.53
CA ARG GA 511 81.56 33.54 48.04
C ARG GA 511 80.48 32.89 48.88
N GLY GA 512 80.09 33.49 50.00
CA GLY GA 512 78.92 33.04 50.73
C GLY GA 512 77.65 33.70 50.24
N ARG GA 513 77.27 33.42 48.99
CA ARG GA 513 76.21 34.13 48.29
C ARG GA 513 74.93 33.34 48.14
N TYR GA 514 75.01 32.05 47.84
CA TYR GA 514 73.81 31.22 47.68
C TYR GA 514 73.28 30.88 49.07
N GLU GA 515 72.54 31.82 49.65
CA GLU GA 515 71.92 31.64 50.95
C GLU GA 515 70.41 31.50 50.88
N CYS GA 516 69.82 31.70 49.71
CA CYS GA 516 68.39 31.56 49.52
C CYS GA 516 68.14 30.70 48.30
N TYR GA 517 67.13 29.85 48.39
CA TYR GA 517 66.74 28.99 47.28
C TYR GA 517 65.45 29.47 46.66
N THR GA 518 65.26 29.10 45.41
CA THR GA 518 64.14 29.55 44.59
C THR GA 518 62.87 28.80 44.96
N ASP GA 519 61.73 29.44 44.74
CA ASP GA 519 60.43 28.83 44.97
C ASP GA 519 59.43 29.52 44.06
N VAL GA 520 58.17 29.11 44.18
CA VAL GA 520 57.09 29.66 43.37
C VAL GA 520 56.02 30.19 44.31
N GLY GA 521 55.54 31.39 44.04
CA GLY GA 521 54.53 32.00 44.85
C GLY GA 521 53.71 33.03 44.10
N PRO GA 522 52.66 33.54 44.73
CA PRO GA 522 51.78 34.50 44.06
C PRO GA 522 52.54 35.75 43.64
N SER GA 523 52.13 36.31 42.51
CA SER GA 523 52.85 37.44 41.93
C SER GA 523 52.48 38.72 42.67
N PHE GA 524 53.48 39.42 43.18
CA PHE GA 524 53.30 40.66 43.92
C PHE GA 524 54.13 41.76 43.29
N GLN GA 525 53.58 42.98 43.27
CA GLN GA 525 54.26 44.11 42.67
C GLN GA 525 55.39 44.65 43.53
N SER GA 526 55.34 44.47 44.84
CA SER GA 526 56.36 45.03 45.71
C SER GA 526 56.40 44.29 47.04
N MET GA 527 57.49 44.54 47.77
CA MET GA 527 57.68 43.90 49.07
C MET GA 527 56.59 44.30 50.06
N LYS GA 528 56.11 45.55 49.97
CA LYS GA 528 55.02 45.97 50.82
C LYS GA 528 53.75 45.19 50.51
N GLN GA 529 53.48 44.94 49.23
CA GLN GA 529 52.34 44.12 48.85
C GLN GA 529 52.49 42.70 49.37
N GLN GA 530 53.69 42.13 49.26
CA GLN GA 530 53.89 40.78 49.78
C GLN GA 530 53.67 40.73 51.28
N ASN GA 531 54.18 41.72 52.01
CA ASN GA 531 53.99 41.74 53.46
C ASN GA 531 52.52 41.91 53.83
N ARG GA 532 51.81 42.77 53.10
CA ARG GA 532 50.38 42.92 53.36
C ARG GA 532 49.65 41.62 53.14
N ALA GA 533 49.99 40.90 52.06
CA ALA GA 533 49.34 39.62 51.78
C ALA GA 533 49.66 38.61 52.88
N GLU GA 534 50.90 38.59 53.36
CA GLU GA 534 51.26 37.65 54.43
C GLU GA 534 50.48 37.94 55.71
N ILE GA 535 50.38 39.23 56.08
CA ILE GA 535 49.66 39.58 57.29
C ILE GA 535 48.18 39.22 57.15
N LEU GA 536 47.60 39.46 55.98
CA LEU GA 536 46.21 39.08 55.76
C LEU GA 536 46.03 37.57 55.85
N GLU GA 537 46.96 36.81 55.30
CA GLU GA 537 46.87 35.35 55.36
C GLU GA 537 46.95 34.86 56.79
N LEU GA 538 47.84 35.43 57.60
CA LEU GA 538 47.91 35.05 59.01
C LEU GA 538 46.64 35.42 59.75
N LEU GA 539 46.10 36.60 59.46
CA LEU GA 539 44.86 37.04 60.08
C LEU GA 539 43.72 36.09 59.77
N GLY GA 540 43.69 35.57 58.55
CA GLY GA 540 42.62 34.68 58.13
C GLY GA 540 42.59 33.35 58.85
N LYS GA 541 43.67 33.00 59.57
CA LYS GA 541 43.70 31.75 60.30
C LYS GA 541 43.83 31.92 61.81
N THR GA 542 44.31 33.06 62.29
CA THR GA 542 44.37 33.26 63.74
C THR GA 542 42.99 33.63 64.28
N PRO GA 543 42.51 32.97 65.35
CA PRO GA 543 41.22 33.35 65.94
C PRO GA 543 41.29 34.72 66.62
N GLN GA 544 40.14 35.21 67.11
CA GLN GA 544 40.05 36.58 67.62
C GLN GA 544 40.62 36.68 69.03
N GLY GA 545 41.95 36.76 69.09
CA GLY GA 545 42.66 36.93 70.34
C GLY GA 545 43.72 37.99 70.31
N THR GA 546 44.68 37.91 71.23
CA THR GA 546 45.79 38.87 71.28
C THR GA 546 46.63 38.82 70.00
N PRO GA 547 46.94 37.66 69.42
CA PRO GA 547 47.61 37.68 68.11
C PRO GA 547 46.75 38.34 67.05
N GLU GA 548 45.43 38.19 67.12
CA GLU GA 548 44.56 38.84 66.13
C GLU GA 548 44.63 40.35 66.25
N TYR GA 549 44.65 40.87 67.48
CA TYR GA 549 44.82 42.30 67.67
C TYR GA 549 46.16 42.77 67.15
N GLN GA 550 47.22 42.01 67.43
CA GLN GA 550 48.54 42.40 66.96
C GLN GA 550 48.60 42.41 65.43
N LEU GA 551 48.01 41.40 64.79
CA LEU GA 551 48.04 41.35 63.34
C LEU GA 551 47.19 42.44 62.70
N LEU GA 552 46.06 42.79 63.32
CA LEU GA 552 45.26 43.89 62.79
C LEU GA 552 46.04 45.20 62.87
N LEU GA 553 46.71 45.45 64.00
CA LEU GA 553 47.51 46.67 64.11
C LEU GA 553 48.67 46.66 63.12
N LEU GA 554 49.27 45.49 62.90
CA LEU GA 554 50.36 45.39 61.93
C LEU GA 554 49.87 45.67 60.51
N GLN GA 555 48.69 45.15 60.15
CA GLN GA 555 48.13 45.39 58.83
C GLN GA 555 47.82 46.87 58.64
N TYR GA 556 47.32 47.52 59.68
CA TYR GA 556 47.13 48.97 59.60
C TYR GA 556 48.47 49.69 59.42
N PHE GA 557 49.51 49.22 60.10
CA PHE GA 557 50.83 49.83 60.00
C PHE GA 557 51.38 49.73 58.59
N THR GA 558 51.14 48.60 57.91
CA THR GA 558 51.71 48.38 56.58
C THR GA 558 50.83 48.92 55.46
N LEU GA 559 50.05 49.96 55.71
CA LEU GA 559 49.13 50.50 54.71
C LEU GA 559 49.75 51.67 53.98
N LEU GA 560 49.21 51.94 52.79
CA LEU GA 560 49.62 53.08 51.99
C LEU GA 560 49.15 54.37 52.65
N ASP GA 561 49.65 55.50 52.13
CA ASP GA 561 49.49 56.78 52.80
C ASP GA 561 48.58 57.71 52.01
N GLY GA 562 47.53 58.18 52.67
CA GLY GA 562 46.74 59.31 52.23
C GLY GA 562 46.70 60.31 53.36
N LYS GA 563 45.51 60.58 53.89
CA LYS GA 563 45.36 61.32 55.13
C LYS GA 563 44.73 60.48 56.23
N GLY GA 564 43.56 59.89 55.95
CA GLY GA 564 42.91 59.07 56.96
C GLY GA 564 43.68 57.80 57.27
N VAL GA 565 44.19 57.13 56.23
CA VAL GA 565 45.03 55.96 56.47
C VAL GA 565 46.30 56.37 57.19
N GLU GA 566 46.76 57.61 56.98
CA GLU GA 566 47.88 58.12 57.75
C GLU GA 566 47.54 58.17 59.23
N MET GA 567 46.35 58.68 59.56
CA MET GA 567 45.94 58.71 60.97
C MET GA 567 45.83 57.30 61.55
N MET GA 568 45.21 56.39 60.80
CA MET GA 568 45.07 55.03 61.30
C MET GA 568 46.41 54.36 61.49
N ARG GA 569 47.35 54.58 60.56
CA ARG GA 569 48.66 53.97 60.68
C ARG GA 569 49.46 54.56 61.83
N ASP GA 570 49.33 55.86 62.06
CA ASP GA 570 50.00 56.45 63.22
C ASP GA 570 49.44 55.89 64.52
N TYR GA 571 48.11 55.70 64.58
CA TYR GA 571 47.51 55.10 65.76
C TYR GA 571 48.04 53.69 65.99
N ALA GA 572 48.10 52.90 64.93
CA ALA GA 572 48.61 51.53 65.05
C ALA GA 572 50.08 51.51 65.46
N ASN GA 573 50.88 52.41 64.90
CA ASN GA 573 52.29 52.48 65.28
C ASN GA 573 52.44 52.81 66.75
N LYS GA 574 51.71 53.81 67.22
CA LYS GA 574 51.84 54.20 68.63
C LYS GA 574 51.37 53.09 69.54
N GLN GA 575 50.27 52.41 69.19
CA GLN GA 575 49.81 51.31 70.02
C GLN GA 575 50.84 50.18 70.07
N LEU GA 576 51.43 49.84 68.92
CA LEU GA 576 52.43 48.77 68.91
C LEU GA 576 53.67 49.15 69.70
N ILE GA 577 54.12 50.40 69.59
CA ILE GA 577 55.27 50.85 70.36
C ILE GA 577 54.98 50.79 71.85
N GLN GA 578 53.80 51.28 72.25
CA GLN GA 578 53.45 51.31 73.67
C GLN GA 578 53.31 49.90 74.23
N MET GA 579 52.73 48.98 73.47
CA MET GA 579 52.58 47.61 73.93
C MET GA 579 53.91 46.87 74.05
N GLY GA 580 55.03 47.54 73.79
CA GLY GA 580 56.33 46.92 73.93
C GLY GA 580 56.61 45.84 72.91
N VAL GA 581 56.15 46.03 71.67
CA VAL GA 581 56.33 45.05 70.61
C VAL GA 581 57.26 45.58 69.51
N LYS GA 582 56.96 46.77 68.99
CA LYS GA 582 57.83 47.38 67.99
C LYS GA 582 59.01 48.05 68.67
N LYS GA 583 60.18 47.91 68.06
CA LYS GA 583 61.41 48.49 68.62
C LYS GA 583 61.50 49.97 68.31
N MET HA 1 -6.51 37.44 -46.76
CA MET HA 1 -7.05 36.09 -46.90
C MET HA 1 -7.90 35.96 -48.15
N GLN HA 2 -7.73 34.84 -48.85
CA GLN HA 2 -8.57 34.56 -50.01
C GLN HA 2 -9.99 34.21 -49.60
N ILE HA 3 -10.19 33.71 -48.39
CA ILE HA 3 -11.50 33.33 -47.89
C ILE HA 3 -12.09 34.52 -47.15
N LYS HA 4 -13.03 35.22 -47.80
CA LYS HA 4 -13.59 36.45 -47.24
C LYS HA 4 -15.09 36.42 -47.05
N THR HA 5 -15.76 35.30 -47.33
CA THR HA 5 -17.20 35.23 -47.20
C THR HA 5 -17.61 33.88 -46.62
N LYS HA 6 -18.86 33.81 -46.19
CA LYS HA 6 -19.40 32.56 -45.66
C LYS HA 6 -19.43 31.48 -46.72
N GLY HA 7 -19.64 31.88 -47.97
CA GLY HA 7 -19.57 30.91 -49.05
C GLY HA 7 -18.16 30.39 -49.25
N ASP HA 8 -17.17 31.25 -49.09
CA ASP HA 8 -15.77 30.77 -49.18
C ASP HA 8 -15.55 29.76 -48.05
N LEU HA 9 -15.99 30.08 -46.84
CA LEU HA 9 -15.89 29.12 -45.73
C LEU HA 9 -16.48 27.76 -46.13
N VAL HA 10 -17.70 27.77 -46.66
CA VAL HA 10 -18.37 26.51 -47.00
C VAL HA 10 -17.64 25.80 -48.15
N ARG HA 11 -17.14 26.55 -49.12
CA ARG HA 11 -16.39 25.97 -50.21
C ARG HA 11 -15.09 25.32 -49.73
N ALA HA 12 -14.41 25.98 -48.79
CA ALA HA 12 -13.21 25.38 -48.22
C ALA HA 12 -13.55 24.10 -47.45
N ALA HA 13 -14.64 24.11 -46.69
CA ALA HA 13 -15.03 22.91 -45.97
C ALA HA 13 -15.34 21.77 -46.93
N LEU HA 14 -16.05 22.08 -48.02
CA LEU HA 14 -16.35 21.06 -49.03
C LEU HA 14 -15.07 20.54 -49.68
N ARG HA 15 -14.11 21.44 -49.96
CA ARG HA 15 -12.86 21.00 -50.55
C ARG HA 15 -12.09 20.07 -49.61
N LYS HA 16 -12.02 20.41 -48.33
CA LYS HA 16 -11.32 19.55 -47.38
C LYS HA 16 -12.02 18.21 -47.24
N LEU HA 17 -13.35 18.21 -47.22
CA LEU HA 17 -14.08 16.95 -47.21
C LEU HA 17 -13.88 16.16 -48.50
N GLY HA 18 -13.53 16.82 -49.60
CA GLY HA 18 -13.41 16.16 -50.89
C GLY HA 18 -14.70 16.07 -51.65
N VAL HA 19 -15.79 16.66 -51.16
CA VAL HA 19 -17.07 16.56 -51.84
C VAL HA 19 -17.06 17.39 -53.12
N ALA HA 20 -16.46 18.57 -53.08
CA ALA HA 20 -16.37 19.41 -54.27
C ALA HA 20 -15.25 20.40 -54.07
N SER HA 21 -14.76 20.93 -55.18
CA SER HA 21 -13.70 21.93 -55.16
C SER HA 21 -13.62 22.55 -56.55
N ASP HA 22 -12.67 23.46 -56.74
CA ASP HA 22 -12.54 24.16 -58.01
C ASP HA 22 -12.09 23.23 -59.13
N ALA HA 23 -11.58 22.05 -58.81
CA ALA HA 23 -11.08 21.13 -59.82
C ALA HA 23 -12.07 20.03 -60.17
N THR HA 24 -13.07 19.78 -59.33
CA THR HA 24 -13.96 18.65 -59.54
C THR HA 24 -14.79 18.82 -60.81
N LEU HA 25 -15.16 17.69 -61.40
CA LEU HA 25 -16.03 17.68 -62.56
C LEU HA 25 -17.50 17.65 -62.20
N THR HA 26 -17.84 17.49 -60.92
CA THR HA 26 -19.20 17.60 -60.43
C THR HA 26 -19.19 18.56 -59.24
N ASP HA 27 -20.26 19.33 -59.09
CA ASP HA 27 -20.35 20.31 -58.02
C ASP HA 27 -21.63 20.11 -57.23
N VAL HA 28 -21.75 20.83 -56.13
CA VAL HA 28 -22.92 20.73 -55.27
C VAL HA 28 -23.92 21.80 -55.67
N GLU HA 29 -25.20 21.49 -55.45
CA GLU HA 29 -26.26 22.39 -55.84
C GLU HA 29 -26.27 23.63 -54.93
N PRO HA 30 -26.76 24.75 -55.44
CA PRO HA 30 -26.87 25.94 -54.57
C PRO HA 30 -27.76 25.73 -53.38
N GLN HA 31 -28.72 24.80 -53.47
CA GLN HA 31 -29.50 24.47 -52.28
C GLN HA 31 -28.62 23.81 -51.22
N SER HA 32 -27.69 22.94 -51.65
CA SER HA 32 -26.74 22.38 -50.70
C SER HA 32 -25.85 23.46 -50.10
N MET HA 33 -25.43 24.43 -50.92
CA MET HA 33 -24.62 25.52 -50.40
C MET HA 33 -25.40 26.34 -49.36
N GLN HA 34 -26.68 26.61 -49.63
CA GLN HA 34 -27.49 27.34 -48.67
C GLN HA 34 -27.67 26.55 -47.38
N ASP HA 35 -27.88 25.24 -47.49
CA ASP HA 35 -28.01 24.42 -46.29
C ASP HA 35 -26.73 24.43 -45.47
N ALA HA 36 -25.57 24.34 -46.15
CA ALA HA 36 -24.30 24.37 -45.44
C ALA HA 36 -24.08 25.73 -44.77
N VAL HA 37 -24.46 26.82 -45.43
CA VAL HA 37 -24.31 28.14 -44.82
C VAL HA 37 -25.23 28.29 -43.61
N ASP HA 38 -26.44 27.73 -43.69
CA ASP HA 38 -27.33 27.74 -42.54
C ASP HA 38 -26.72 26.95 -41.38
N ASP HA 39 -26.10 25.81 -41.68
CA ASP HA 39 -25.42 25.04 -40.64
C ASP HA 39 -24.26 25.82 -40.03
N LEU HA 40 -23.49 26.52 -40.86
CA LEU HA 40 -22.41 27.34 -40.34
C LEU HA 40 -22.95 28.42 -39.41
N GLU HA 41 -24.04 29.06 -39.81
CA GLU HA 41 -24.63 30.11 -38.97
C GLU HA 41 -25.10 29.55 -37.64
N ALA HA 42 -25.75 28.39 -37.67
CA ALA HA 42 -26.20 27.76 -36.44
C ALA HA 42 -25.03 27.37 -35.54
N MET HA 43 -23.94 26.86 -36.12
CA MET HA 43 -22.79 26.46 -35.31
C MET HA 43 -22.07 27.66 -34.73
N MET HA 44 -21.95 28.74 -35.50
CA MET HA 44 -21.36 29.97 -34.98
C MET HA 44 -22.21 30.57 -33.87
N ALA HA 45 -23.53 30.52 -34.02
CA ALA HA 45 -24.41 31.03 -32.96
C ALA HA 45 -24.33 30.17 -31.72
N GLU HA 46 -24.16 28.86 -31.89
CA GLU HA 46 -23.97 27.98 -30.74
C GLU HA 46 -22.66 28.28 -30.03
N TRP HA 47 -21.58 28.49 -30.79
CA TRP HA 47 -20.30 28.83 -30.18
C TRP HA 47 -20.38 30.14 -29.42
N TYR HA 48 -21.00 31.15 -30.03
CA TYR HA 48 -21.12 32.47 -29.44
C TYR HA 48 -22.43 32.53 -28.68
N GLN HA 49 -22.39 32.15 -27.40
CA GLN HA 49 -23.61 32.07 -26.60
C GLN HA 49 -24.06 33.46 -26.17
N ASP HA 50 -24.41 34.27 -27.16
CA ASP HA 50 -24.88 35.65 -26.94
C ASP HA 50 -23.88 36.45 -26.13
N GLY HA 51 -22.59 36.25 -26.40
CA GLY HA 51 -21.54 37.00 -25.75
C GLY HA 51 -20.83 36.26 -24.63
N LYS HA 52 -21.36 35.12 -24.20
CA LYS HA 52 -20.78 34.36 -23.10
C LYS HA 52 -20.05 33.12 -23.58
N GLY HA 53 -19.71 33.06 -24.87
CA GLY HA 53 -18.99 31.93 -25.39
C GLY HA 53 -17.74 32.36 -26.14
N ILE HA 54 -17.48 31.74 -27.27
CA ILE HA 54 -16.30 32.04 -28.06
C ILE HA 54 -16.50 33.38 -28.75
N ILE HA 55 -15.52 34.26 -28.64
CA ILE HA 55 -15.51 35.54 -29.34
C ILE HA 55 -14.58 35.40 -30.52
N THR HA 56 -15.08 35.67 -31.71
CA THR HA 56 -14.30 35.53 -32.93
C THR HA 56 -14.43 36.69 -33.90
N GLY HA 57 -15.50 37.46 -33.84
CA GLY HA 57 -15.73 38.53 -34.78
C GLY HA 57 -16.72 38.20 -35.87
N TYR HA 58 -17.35 37.04 -35.82
CA TYR HA 58 -18.35 36.66 -36.81
C TYR HA 58 -19.47 37.68 -36.85
N VAL HA 59 -19.90 38.04 -38.05
CA VAL HA 59 -20.97 39.01 -38.27
C VAL HA 59 -22.20 38.23 -38.69
N PHE HA 60 -23.22 38.21 -37.84
CA PHE HA 60 -24.43 37.47 -38.13
C PHE HA 60 -25.27 38.23 -39.14
N SER HA 61 -25.58 37.57 -40.26
CA SER HA 61 -26.31 38.22 -41.32
C SER HA 61 -27.76 38.49 -40.89
N ASP HA 62 -28.36 39.49 -41.53
CA ASP HA 62 -29.74 39.85 -41.27
C ASP HA 62 -30.61 39.46 -42.46
N ASP HA 63 -31.87 39.17 -42.16
CA ASP HA 63 -32.79 38.68 -43.19
C ASP HA 63 -33.09 39.73 -44.25
N GLU HA 64 -32.88 41.02 -43.94
CA GLU HA 64 -33.28 42.07 -44.86
C GLU HA 64 -32.48 41.98 -46.16
N ASN HA 65 -31.19 41.76 -46.05
CA ASN HA 65 -30.37 41.49 -47.24
C ASN HA 65 -30.64 40.07 -47.70
N PRO HA 66 -31.04 39.85 -48.95
CA PRO HA 66 -31.65 38.57 -49.34
C PRO HA 66 -30.68 37.40 -49.22
N PRO HA 67 -29.48 37.43 -49.83
CA PRO HA 67 -28.57 36.29 -49.67
C PRO HA 67 -27.73 36.39 -48.41
N ALA HA 68 -27.97 35.53 -47.42
CA ALA HA 68 -27.02 35.43 -46.32
C ALA HA 68 -25.69 34.89 -46.82
N GLU HA 69 -25.74 34.01 -47.81
CA GLU HA 69 -24.58 33.69 -48.60
C GLU HA 69 -24.03 34.95 -49.25
N GLY HA 70 -22.70 35.05 -49.32
CA GLY HA 70 -22.06 36.18 -49.96
C GLY HA 70 -21.73 37.33 -49.04
N ASP HA 71 -22.14 37.28 -47.78
CA ASP HA 71 -21.77 38.30 -46.81
C ASP HA 71 -20.38 38.02 -46.26
N ASP HA 72 -19.63 39.09 -46.00
CA ASP HA 72 -18.36 38.94 -45.33
C ASP HA 72 -18.58 38.34 -43.94
N HIS HA 73 -17.69 37.42 -43.54
CA HIS HA 73 -17.87 36.82 -42.23
C HIS HA 73 -17.36 37.70 -41.11
N GLY HA 74 -16.30 38.46 -41.34
CA GLY HA 74 -15.74 39.30 -40.31
C GLY HA 74 -14.75 38.63 -39.37
N LEU HA 75 -14.48 37.34 -39.56
CA LEU HA 75 -13.49 36.66 -38.74
C LEU HA 75 -12.10 37.22 -38.99
N ARG HA 76 -11.24 37.10 -37.99
CA ARG HA 76 -9.85 37.50 -38.16
C ARG HA 76 -9.14 36.48 -39.05
N SER HA 77 -7.93 36.84 -39.48
CA SER HA 77 -7.19 35.97 -40.38
C SER HA 77 -6.84 34.63 -39.75
N SER HA 78 -6.82 34.55 -38.42
CA SER HA 78 -6.39 33.36 -37.72
C SER HA 78 -7.53 32.46 -37.25
N ALA HA 79 -8.78 32.87 -37.48
CA ALA HA 79 -9.92 32.06 -37.08
C ALA HA 79 -10.51 31.26 -38.23
N VAL HA 80 -10.14 31.60 -39.47
CA VAL HA 80 -10.77 30.98 -40.63
C VAL HA 80 -10.52 29.49 -40.67
N SER HA 81 -9.27 29.07 -40.41
CA SER HA 81 -8.93 27.67 -40.49
C SER HA 81 -9.73 26.86 -39.49
N ALA HA 82 -9.80 27.33 -38.25
CA ALA HA 82 -10.57 26.64 -37.22
C ALA HA 82 -12.03 26.56 -37.60
N VAL HA 83 -12.59 27.67 -38.08
CA VAL HA 83 -14.01 27.73 -38.36
C VAL HA 83 -14.37 26.75 -39.46
N PHE HA 84 -13.62 26.75 -40.56
CA PHE HA 84 -14.03 25.87 -41.64
C PHE HA 84 -13.62 24.43 -41.42
N HIS HA 85 -12.63 24.14 -40.59
CA HIS HA 85 -12.38 22.75 -40.22
C HIS HA 85 -13.52 22.18 -39.39
N ASN HA 86 -13.98 22.95 -38.39
CA ASN HA 86 -15.14 22.52 -37.62
C ASN HA 86 -16.38 22.42 -38.49
N LEU HA 87 -16.52 23.31 -39.48
CA LEU HA 87 -17.65 23.24 -40.39
C LEU HA 87 -17.61 21.97 -41.24
N ALA HA 88 -16.43 21.61 -41.74
CA ALA HA 88 -16.31 20.36 -42.49
C ALA HA 88 -16.72 19.19 -41.63
N CYS HA 89 -16.23 19.14 -40.39
CA CYS HA 89 -16.62 18.06 -39.49
C CYS HA 89 -18.13 18.03 -39.28
N ARG HA 90 -18.75 19.19 -39.10
CA ARG HA 90 -20.18 19.23 -38.78
C ARG HA 90 -21.04 18.83 -39.96
N ILE HA 91 -20.70 19.28 -41.18
CA ILE HA 91 -21.55 19.00 -42.32
C ILE HA 91 -21.16 17.73 -43.07
N ALA HA 92 -20.12 17.03 -42.65
CA ALA HA 92 -19.82 15.74 -43.25
C ALA HA 92 -21.00 14.76 -43.23
N PRO HA 93 -21.78 14.61 -42.15
CA PRO HA 93 -22.86 13.62 -42.17
C PRO HA 93 -23.91 13.84 -43.25
N ASP HA 94 -24.02 15.05 -43.80
CA ASP HA 94 -24.98 15.28 -44.88
C ASP HA 94 -24.71 14.34 -46.05
N TYR HA 95 -23.44 14.18 -46.41
CA TYR HA 95 -23.05 13.44 -47.60
C TYR HA 95 -22.63 12.01 -47.29
N ALA HA 96 -23.22 11.39 -46.27
CA ALA HA 96 -22.90 10.02 -45.87
C ALA HA 96 -21.40 9.87 -45.64
N LEU HA 97 -20.80 10.88 -45.02
CA LEU HA 97 -19.37 10.98 -44.89
C LEU HA 97 -18.98 11.06 -43.42
N GLU HA 98 -17.69 10.83 -43.16
CA GLU HA 98 -17.12 10.94 -41.82
C GLU HA 98 -15.76 11.60 -41.97
N ALA HA 99 -15.60 12.77 -41.36
CA ALA HA 99 -14.35 13.51 -41.49
C ALA HA 99 -13.18 12.68 -40.96
N THR HA 100 -12.03 12.83 -41.60
CA THR HA 100 -10.88 12.01 -41.26
C THR HA 100 -10.20 12.52 -40.00
N ALA HA 101 -9.26 11.71 -39.52
CA ALA HA 101 -8.62 11.98 -38.23
C ALA HA 101 -7.85 13.29 -38.26
N LYS HA 102 -7.17 13.58 -39.37
CA LYS HA 102 -6.43 14.83 -39.46
C LYS HA 102 -7.36 16.03 -39.37
N ILE HA 103 -8.51 15.96 -40.05
CA ILE HA 103 -9.46 17.05 -40.00
C ILE HA 103 -10.00 17.22 -38.58
N ILE HA 104 -10.32 16.12 -37.91
CA ILE HA 104 -10.84 16.23 -36.54
C ILE HA 104 -9.79 16.82 -35.61
N ALA HA 105 -8.54 16.39 -35.73
CA ALA HA 105 -7.48 16.93 -34.88
C ALA HA 105 -7.28 18.42 -35.11
N THR HA 106 -7.26 18.84 -36.38
CA THR HA 106 -7.08 20.25 -36.67
C THR HA 106 -8.27 21.07 -36.19
N ALA HA 107 -9.47 20.49 -36.24
CA ALA HA 107 -10.64 21.18 -35.71
C ALA HA 107 -10.54 21.40 -34.21
N LYS HA 108 -10.13 20.37 -33.47
CA LYS HA 108 -9.97 20.51 -32.02
C LYS HA 108 -8.92 21.55 -31.68
N TYR HA 109 -7.77 21.47 -32.37
CA TYR HA 109 -6.70 22.44 -32.14
C TYR HA 109 -7.16 23.85 -32.46
N GLY HA 110 -7.91 24.01 -33.55
CA GLY HA 110 -8.37 25.33 -33.93
C GLY HA 110 -9.37 25.91 -32.93
N LYS HA 111 -10.29 25.09 -32.44
CA LYS HA 111 -11.23 25.59 -31.44
C LYS HA 111 -10.52 26.01 -30.17
N GLU HA 112 -9.56 25.20 -29.72
CA GLU HA 112 -8.81 25.58 -28.52
C GLU HA 112 -8.07 26.89 -28.74
N LEU HA 113 -7.41 27.04 -29.89
CA LEU HA 113 -6.70 28.27 -30.19
C LEU HA 113 -7.66 29.45 -30.27
N LEU HA 114 -8.87 29.22 -30.75
CA LEU HA 114 -9.87 30.28 -30.82
C LEU HA 114 -10.22 30.78 -29.43
N TYR HA 115 -10.36 29.87 -28.47
CA TYR HA 115 -10.75 30.31 -27.14
C TYR HA 115 -9.58 30.72 -26.24
N LYS HA 116 -8.34 30.51 -26.66
CA LYS HA 116 -7.22 30.75 -25.74
C LYS HA 116 -7.18 32.19 -25.23
N GLN HA 117 -7.32 33.18 -26.12
CA GLN HA 117 -7.14 34.56 -25.70
C GLN HA 117 -8.32 35.06 -24.89
N THR HA 118 -9.53 34.64 -25.23
CA THR HA 118 -10.68 34.97 -24.39
C THR HA 118 -10.54 34.33 -23.02
N ALA HA 119 -9.99 33.12 -22.95
CA ALA HA 119 -9.79 32.47 -21.66
C ALA HA 119 -8.78 33.24 -20.81
N ILE HA 120 -7.67 33.66 -21.42
CA ILE HA 120 -6.71 34.46 -20.68
C ILE HA 120 -7.35 35.75 -20.20
N SER HA 121 -8.18 36.38 -21.04
CA SER HA 121 -8.86 37.60 -20.64
C SER HA 121 -9.83 37.37 -19.50
N ARG HA 122 -10.49 36.22 -19.48
CA ARG HA 122 -11.48 35.91 -18.46
C ARG HA 122 -10.89 35.30 -17.21
N ALA HA 123 -9.59 35.00 -17.19
CA ALA HA 123 -8.94 34.57 -15.98
C ALA HA 123 -8.66 35.78 -15.09
N LYS HA 124 -9.70 36.38 -14.55
CA LYS HA 124 -9.58 37.58 -13.74
C LYS HA 124 -9.89 37.26 -12.28
N ARG HA 125 -9.03 37.72 -11.38
CA ARG HA 125 -9.23 37.48 -9.96
C ARG HA 125 -10.36 38.35 -9.43
N ALA HA 126 -10.98 37.90 -8.36
CA ALA HA 126 -12.06 38.63 -7.75
C ALA HA 126 -11.54 39.70 -6.80
N PRO HA 127 -12.33 40.73 -6.52
CA PRO HA 127 -11.89 41.76 -5.56
C PRO HA 127 -11.90 41.21 -4.14
N TYR HA 128 -11.25 41.97 -3.25
CA TYR HA 128 -11.20 41.58 -1.86
C TYR HA 128 -12.61 41.57 -1.26
N PRO HA 129 -12.89 40.67 -0.32
CA PRO HA 129 -14.23 40.62 0.27
C PRO HA 129 -14.55 41.89 1.04
N SER HA 130 -15.83 42.07 1.32
CA SER HA 130 -16.28 43.26 2.03
C SER HA 130 -15.88 43.27 3.49
N ARG HA 131 -15.34 42.16 4.01
CA ARG HA 131 -14.95 42.07 5.40
C ARG HA 131 -13.46 42.06 5.63
N MET HA 132 -12.67 41.97 4.57
CA MET HA 132 -11.22 41.96 4.71
C MET HA 132 -10.71 43.37 4.95
N PRO HA 133 -9.97 43.62 6.03
CA PRO HA 133 -9.48 44.98 6.29
C PRO HA 133 -8.42 45.38 5.28
N THR HA 134 -8.14 46.68 5.24
CA THR HA 134 -7.09 47.19 4.37
C THR HA 134 -5.73 47.23 5.02
N GLY HA 135 -5.65 46.98 6.33
CA GLY HA 135 -4.40 47.10 7.03
C GLY HA 135 -4.08 48.53 7.40
N SER HA 136 -3.00 48.70 8.16
CA SER HA 136 -2.55 50.02 8.54
C SER HA 136 -1.46 50.56 7.64
N GLY HA 137 -0.74 49.69 6.93
CA GLY HA 137 0.26 50.15 5.98
C GLY HA 137 -0.30 50.62 4.67
N ASN HA 138 -1.60 50.50 4.47
CA ASN HA 138 -2.26 50.97 3.26
C ASN HA 138 -2.47 52.47 3.36
N SER HA 139 -1.57 53.25 2.78
CA SER HA 139 -1.64 54.69 2.94
C SER HA 139 -2.82 55.28 2.20
N PHE HA 140 -3.11 54.79 0.99
CA PHE HA 140 -4.24 55.31 0.24
C PHE HA 140 -5.55 55.03 0.97
N ALA HA 141 -5.69 53.83 1.52
CA ALA HA 141 -6.86 53.52 2.33
C ALA HA 141 -6.91 54.40 3.57
N ASN HA 142 -5.76 54.67 4.19
CA ASN HA 142 -5.74 55.52 5.37
C ASN HA 142 -6.20 56.93 5.06
N LEU HA 143 -5.89 57.43 3.85
CA LEU HA 143 -6.44 58.73 3.44
C LEU HA 143 -7.95 58.74 3.49
N ASN HA 144 -8.57 57.78 2.84
CA ASN HA 144 -9.99 57.84 2.56
C ASN HA 144 -10.83 57.22 3.66
N GLU HA 145 -10.21 56.88 4.79
CA GLU HA 145 -10.89 56.27 5.92
C GLU HA 145 -11.56 54.97 5.53
N TRP HA 146 -10.87 54.16 4.73
CA TRP HA 146 -11.34 52.84 4.35
C TRP HA 146 -10.58 51.82 5.20
N HIS HA 147 -11.17 51.42 6.32
CA HIS HA 147 -10.57 50.38 7.13
C HIS HA 147 -10.83 49.01 6.56
N TYR HA 148 -11.97 48.82 5.90
CA TYR HA 148 -12.34 47.55 5.30
C TYR HA 148 -12.53 47.73 3.80
N PHE HA 149 -12.26 46.67 3.07
CA PHE HA 149 -12.25 46.76 1.62
C PHE HA 149 -13.66 46.96 1.09
N PRO HA 150 -13.84 47.73 -0.02
CA PRO HA 150 -15.13 47.86 -0.66
C PRO HA 150 -15.64 46.49 -1.13
N GLY HA 151 -16.91 46.23 -0.88
CA GLY HA 151 -17.50 44.99 -1.33
C GLY HA 151 -18.18 45.12 -2.66
N GLU HA 152 -17.59 44.51 -3.69
CA GLU HA 152 -18.14 44.60 -5.03
C GLU HA 152 -18.50 43.22 -5.55
N GLU IA 5 -50.29 -30.95 71.98
CA GLU IA 5 -50.14 -30.96 73.44
C GLU IA 5 -48.81 -31.57 73.85
N ASN IA 6 -48.27 -32.43 73.00
CA ASN IA 6 -47.03 -33.11 73.31
C ASN IA 6 -45.89 -32.10 73.39
N ARG IA 7 -45.03 -32.26 74.40
CA ARG IA 7 -43.85 -31.41 74.51
C ARG IA 7 -42.95 -31.60 73.30
N LEU IA 8 -42.78 -32.84 72.86
CA LEU IA 8 -42.03 -33.11 71.64
C LEU IA 8 -42.67 -32.38 70.46
N GLU IA 9 -44.00 -32.42 70.37
CA GLU IA 9 -44.67 -31.79 69.25
C GLU IA 9 -44.43 -30.28 69.25
N SER IA 10 -44.51 -29.65 70.41
CA SER IA 10 -44.29 -28.21 70.49
C SER IA 10 -42.85 -27.85 70.14
N ILE IA 11 -41.89 -28.61 70.66
CA ILE IA 11 -40.48 -28.36 70.36
C ILE IA 11 -40.24 -28.48 68.86
N LEU IA 12 -40.77 -29.55 68.26
CA LEU IA 12 -40.56 -29.74 66.83
C LEU IA 12 -41.27 -28.69 66.00
N SER IA 13 -42.44 -28.22 66.43
CA SER IA 13 -43.13 -27.17 65.70
C SER IA 13 -42.31 -25.89 65.68
N ARG IA 14 -41.78 -25.50 66.85
CA ARG IA 14 -40.94 -24.31 66.89
C ARG IA 14 -39.68 -24.49 66.05
N PHE IA 15 -39.03 -25.65 66.16
CA PHE IA 15 -37.81 -25.88 65.40
C PHE IA 15 -38.08 -25.86 63.90
N ASP IA 16 -39.16 -26.49 63.46
CA ASP IA 16 -39.45 -26.52 62.03
C ASP IA 16 -39.79 -25.14 61.51
N ALA IA 17 -40.53 -24.34 62.29
CA ALA IA 17 -40.81 -22.98 61.87
C ALA IA 17 -39.53 -22.19 61.68
N ASP IA 18 -38.62 -22.27 62.65
CA ASP IA 18 -37.35 -21.54 62.53
C ASP IA 18 -36.52 -22.07 61.37
N TRP IA 19 -36.48 -23.38 61.19
CA TRP IA 19 -35.68 -23.99 60.14
C TRP IA 19 -36.16 -23.55 58.76
N THR IA 20 -37.48 -23.48 58.56
CA THR IA 20 -37.99 -23.01 57.29
C THR IA 20 -37.85 -21.50 57.14
N ALA IA 21 -37.86 -20.76 58.26
CA ALA IA 21 -37.70 -19.32 58.17
C ALA IA 21 -36.29 -18.93 57.78
N SER IA 22 -35.29 -19.70 58.21
CA SER IA 22 -33.89 -19.35 58.00
C SER IA 22 -33.25 -20.15 56.88
N ASP IA 23 -33.96 -20.37 55.78
CA ASP IA 23 -33.49 -21.32 54.78
C ASP IA 23 -32.55 -20.70 53.75
N GLU IA 24 -32.94 -19.56 53.16
CA GLU IA 24 -32.11 -18.93 52.14
C GLU IA 24 -30.78 -18.47 52.71
N ALA IA 25 -30.81 -17.84 53.89
CA ALA IA 25 -29.60 -17.32 54.50
C ALA IA 25 -28.63 -18.43 54.86
N ARG IA 26 -29.13 -19.54 55.39
CA ARG IA 26 -28.25 -20.65 55.74
C ARG IA 26 -27.61 -21.25 54.49
N ARG IA 27 -28.39 -21.41 53.41
CA ARG IA 27 -27.81 -21.92 52.17
C ARG IA 27 -26.73 -21.00 51.64
N GLU IA 28 -26.99 -19.69 51.64
CA GLU IA 28 -25.99 -18.75 51.14
C GLU IA 28 -24.74 -18.75 52.01
N ALA IA 29 -24.90 -18.85 53.33
CA ALA IA 29 -23.75 -18.85 54.22
C ALA IA 29 -22.94 -20.13 54.08
N LYS IA 30 -23.61 -21.27 53.95
CA LYS IA 30 -22.88 -22.52 53.69
C LYS IA 30 -22.16 -22.45 52.36
N ASN IA 31 -22.77 -21.80 51.38
CA ASN IA 31 -22.10 -21.57 50.10
C ASN IA 31 -20.84 -20.74 50.29
N ASP IA 32 -20.91 -19.68 51.09
CA ASP IA 32 -19.74 -18.84 51.32
C ASP IA 32 -18.63 -19.62 52.01
N LEU IA 33 -18.98 -20.42 53.01
CA LEU IA 33 -17.97 -21.22 53.69
C LEU IA 33 -17.31 -22.20 52.73
N PHE IA 34 -18.11 -22.88 51.90
CA PHE IA 34 -17.54 -23.87 50.99
C PHE IA 34 -16.72 -23.21 49.91
N PHE IA 35 -17.17 -22.05 49.42
CA PHE IA 35 -16.44 -21.30 48.41
C PHE IA 35 -15.10 -20.80 48.94
N SER IA 36 -15.07 -20.31 50.16
CA SER IA 36 -13.86 -19.71 50.70
C SER IA 36 -12.96 -20.69 51.42
N ARG IA 37 -13.40 -21.93 51.64
CA ARG IA 37 -12.57 -22.88 52.38
C ARG IA 37 -12.13 -24.08 51.58
N VAL IA 38 -13.03 -24.70 50.80
CA VAL IA 38 -12.67 -25.90 50.06
C VAL IA 38 -12.30 -25.58 48.63
N SER IA 39 -13.25 -25.07 47.86
CA SER IA 39 -13.00 -24.82 46.45
C SER IA 39 -14.01 -23.83 45.90
N GLN IA 40 -13.65 -23.19 44.80
CA GLN IA 40 -14.56 -22.21 44.14
C GLN IA 40 -15.25 -22.84 42.93
N TRP IA 41 -14.99 -24.12 42.65
CA TRP IA 41 -15.70 -24.80 41.58
C TRP IA 41 -16.82 -25.62 42.21
N ASP IA 42 -17.91 -24.93 42.54
CA ASP IA 42 -19.07 -25.52 43.22
C ASP IA 42 -19.85 -26.36 42.22
N ASP IA 43 -19.26 -27.50 41.85
CA ASP IA 43 -19.88 -28.32 40.83
C ASP IA 43 -19.54 -29.78 41.05
N TRP IA 44 -20.36 -30.63 40.48
CA TRP IA 44 -20.26 -32.08 40.55
C TRP IA 44 -20.36 -32.81 39.22
N LEU IA 45 -21.21 -32.36 38.29
CA LEU IA 45 -21.39 -33.12 37.05
C LEU IA 45 -20.22 -32.92 36.09
N SER IA 46 -19.75 -31.68 35.96
CA SER IA 46 -18.72 -31.39 34.97
C SER IA 46 -17.35 -31.90 35.39
N GLN IA 47 -17.04 -31.82 36.69
CA GLN IA 47 -15.74 -32.28 37.19
C GLN IA 47 -15.76 -33.75 37.58
N TYR IA 48 -16.87 -34.45 37.32
CA TYR IA 48 -16.91 -35.90 37.45
C TYR IA 48 -17.18 -36.61 36.13
N THR IA 49 -17.61 -35.88 35.09
CA THR IA 49 -17.84 -36.45 33.77
C THR IA 49 -17.26 -35.52 32.71
N THR IA 50 -16.53 -36.10 31.76
CA THR IA 50 -15.83 -35.37 30.70
C THR IA 50 -14.85 -34.35 31.31
N LEU IA 51 -13.81 -34.90 31.93
CA LEU IA 51 -12.86 -34.11 32.69
C LEU IA 51 -12.14 -33.10 31.80
N GLN IA 52 -12.21 -31.83 32.19
CA GLN IA 52 -11.53 -30.72 31.52
C GLN IA 52 -10.62 -30.02 32.53
N TYR IA 53 -10.02 -28.91 32.11
CA TYR IA 53 -9.14 -28.16 32.98
C TYR IA 53 -9.94 -27.17 33.80
N ARG IA 54 -9.73 -27.19 35.12
CA ARG IA 54 -10.42 -26.30 36.06
C ARG IA 54 -9.38 -25.73 37.01
N GLY IA 55 -8.87 -24.56 36.70
CA GLY IA 55 -7.90 -23.92 37.56
C GLY IA 55 -8.55 -23.26 38.75
N GLN IA 56 -7.72 -22.63 39.57
CA GLN IA 56 -8.20 -21.91 40.74
C GLN IA 56 -7.19 -20.80 41.04
N PHE IA 57 -7.52 -19.58 40.63
CA PHE IA 57 -6.62 -18.44 40.71
C PHE IA 57 -7.27 -17.41 41.62
N ASP IA 58 -6.94 -17.52 42.91
CA ASP IA 58 -7.66 -16.72 43.91
C ASP IA 58 -7.25 -15.26 43.97
N VAL IA 59 -8.22 -14.40 44.22
CA VAL IA 59 -7.99 -12.97 44.41
C VAL IA 59 -8.76 -12.52 45.65
N VAL IA 60 -9.62 -13.39 46.17
CA VAL IA 60 -10.51 -13.04 47.28
C VAL IA 60 -9.88 -13.43 48.61
N ARG IA 61 -9.12 -14.54 48.57
CA ARG IA 61 -8.48 -15.08 49.80
C ARG IA 61 -7.51 -14.05 50.39
N PRO IA 62 -6.54 -13.47 49.66
CA PRO IA 62 -5.70 -12.44 50.29
C PRO IA 62 -6.51 -11.37 51.00
N VAL IA 63 -7.68 -11.01 50.47
CA VAL IA 63 -8.55 -10.05 51.14
C VAL IA 63 -9.06 -10.61 52.45
N VAL IA 64 -9.52 -11.87 52.42
CA VAL IA 64 -10.03 -12.49 53.64
C VAL IA 64 -8.93 -12.60 54.68
N ARG IA 65 -7.71 -12.97 54.25
CA ARG IA 65 -6.59 -13.10 55.18
C ARG IA 65 -6.24 -11.76 55.80
N LYS IA 66 -6.24 -10.70 55.00
CA LYS IA 66 -5.94 -9.38 55.53
C LYS IA 66 -6.98 -8.95 56.55
N LEU IA 67 -8.26 -9.21 56.28
CA LEU IA 67 -9.30 -8.84 57.24
C LEU IA 67 -9.16 -9.64 58.54
N VAL IA 68 -8.86 -10.94 58.42
CA VAL IA 68 -8.71 -11.78 59.60
C VAL IA 68 -7.52 -11.30 60.43
N SER IA 69 -6.41 -10.97 59.79
CA SER IA 69 -5.25 -10.46 60.52
C SER IA 69 -5.55 -9.13 61.18
N GLU IA 70 -6.26 -8.24 60.48
CA GLU IA 70 -6.60 -6.96 61.07
C GLU IA 70 -7.47 -7.12 62.30
N MET IA 71 -8.43 -8.05 62.25
CA MET IA 71 -9.27 -8.28 63.41
C MET IA 71 -8.56 -9.07 64.50
N ARG IA 72 -7.48 -9.76 64.16
CA ARG IA 72 -6.69 -10.47 65.16
C ARG IA 72 -5.74 -9.55 65.91
N GLN IA 73 -5.25 -8.49 65.26
CA GLN IA 73 -4.34 -7.57 65.95
C GLN IA 73 -5.05 -6.67 66.94
N ASN IA 74 -6.38 -6.62 66.94
CA ASN IA 74 -7.14 -5.73 67.83
C ASN IA 74 -8.11 -6.56 68.63
N PRO IA 75 -7.65 -7.26 69.66
CA PRO IA 75 -8.55 -8.06 70.48
C PRO IA 75 -9.50 -7.19 71.30
N ILE IA 76 -10.65 -7.75 71.61
CA ILE IA 76 -11.70 -7.08 72.37
C ILE IA 76 -12.22 -8.05 73.40
N ASP IA 77 -12.52 -7.55 74.60
CA ASP IA 77 -13.06 -8.41 75.64
C ASP IA 77 -13.94 -7.60 76.56
N VAL IA 78 -14.73 -8.31 77.37
CA VAL IA 78 -15.62 -7.65 78.31
C VAL IA 78 -14.82 -6.84 79.32
N LEU IA 79 -15.38 -5.72 79.74
CA LEU IA 79 -14.81 -4.90 80.80
C LEU IA 79 -15.94 -4.38 81.67
N TYR IA 80 -15.96 -4.77 82.94
CA TYR IA 80 -17.07 -4.43 83.83
C TYR IA 80 -16.78 -3.11 84.55
N ARG IA 81 -17.74 -2.19 84.51
CA ARG IA 81 -17.58 -0.91 85.16
C ARG IA 81 -18.70 -0.68 86.17
N PRO IA 82 -18.41 -0.08 87.32
CA PRO IA 82 -19.45 0.09 88.34
C PRO IA 82 -20.55 1.01 87.84
N LYS IA 83 -21.76 0.80 88.36
CA LYS IA 83 -22.91 1.59 87.94
C LYS IA 83 -22.82 2.99 88.53
N ASP IA 84 -23.88 3.78 88.34
CA ASP IA 84 -23.93 5.13 88.86
C ASP IA 84 -24.45 5.11 90.30
N GLY IA 85 -23.68 5.71 91.21
CA GLY IA 85 -24.03 5.72 92.60
C GLY IA 85 -23.55 4.52 93.40
N ALA IA 86 -22.99 3.51 92.74
CA ALA IA 86 -22.45 2.35 93.44
C ALA IA 86 -21.02 2.60 93.86
N ARG IA 87 -20.51 1.70 94.70
CA ARG IA 87 -19.16 1.85 95.23
C ARG IA 87 -18.15 1.78 94.08
N PRO IA 88 -17.06 2.54 94.17
CA PRO IA 88 -16.13 2.61 93.03
C PRO IA 88 -15.51 1.28 92.65
N ASP IA 89 -15.52 0.30 93.55
CA ASP IA 89 -14.96 -1.03 93.28
C ASP IA 89 -16.02 -2.11 93.29
N ALA IA 90 -17.16 -1.86 92.64
CA ALA IA 90 -18.24 -2.83 92.60
C ALA IA 90 -18.03 -3.90 91.54
N ALA IA 91 -17.15 -3.69 90.57
CA ALA IA 91 -16.91 -4.63 89.48
C ALA IA 91 -15.59 -5.37 89.60
N ASP IA 92 -14.88 -5.20 90.72
CA ASP IA 92 -13.55 -5.79 90.84
C ASP IA 92 -13.62 -7.30 90.97
N VAL IA 93 -14.50 -7.82 91.82
CA VAL IA 93 -14.59 -9.27 92.02
C VAL IA 93 -15.10 -9.95 90.75
N LEU IA 94 -16.12 -9.37 90.13
CA LEU IA 94 -16.66 -9.93 88.90
C LEU IA 94 -15.61 -9.91 87.79
N MET IA 95 -14.87 -8.81 87.66
CA MET IA 95 -13.83 -8.73 86.66
C MET IA 95 -12.74 -9.76 86.92
N GLY IA 96 -12.37 -9.95 88.18
CA GLY IA 96 -11.36 -10.95 88.50
C GLY IA 96 -11.82 -12.35 88.15
N MET IA 97 -13.07 -12.68 88.45
CA MET IA 97 -13.60 -13.99 88.08
C MET IA 97 -13.61 -14.17 86.57
N TYR IA 98 -14.04 -13.14 85.83
CA TYR IA 98 -14.10 -13.23 84.37
C TYR IA 98 -12.72 -13.43 83.78
N ARG IA 99 -11.73 -12.66 84.25
CA ARG IA 99 -10.38 -12.80 83.74
C ARG IA 99 -9.76 -14.11 84.16
N THR IA 100 -10.20 -14.68 85.28
CA THR IA 100 -9.68 -15.98 85.68
C THR IA 100 -10.18 -17.08 84.76
N ASP IA 101 -11.48 -17.12 84.49
CA ASP IA 101 -12.02 -18.25 83.75
C ASP IA 101 -12.16 -17.99 82.26
N MET IA 102 -11.75 -16.83 81.76
CA MET IA 102 -11.74 -16.59 80.32
C MET IA 102 -10.33 -16.40 79.76
N ARG IA 103 -9.31 -16.72 80.53
CA ARG IA 103 -7.94 -16.62 80.04
C ARG IA 103 -7.46 -17.87 79.33
N HIS IA 104 -8.25 -18.94 79.36
CA HIS IA 104 -7.80 -20.21 78.82
C HIS IA 104 -7.81 -20.18 77.30
N ASN IA 105 -7.14 -21.18 76.72
CA ASN IA 105 -6.99 -21.25 75.28
C ASN IA 105 -8.33 -21.39 74.57
N THR IA 106 -9.29 -22.08 75.20
CA THR IA 106 -10.56 -22.35 74.53
C THR IA 106 -11.34 -21.07 74.30
N ALA IA 107 -11.25 -20.10 75.21
CA ALA IA 107 -11.97 -18.85 75.02
C ALA IA 107 -11.43 -18.09 73.81
N LYS IA 108 -10.11 -17.94 73.73
CA LYS IA 108 -9.52 -17.25 72.60
C LYS IA 108 -9.81 -17.98 71.29
N ILE IA 109 -9.74 -19.31 71.30
CA ILE IA 109 -10.00 -20.07 70.09
C ILE IA 109 -11.44 -19.90 69.65
N ALA IA 110 -12.39 -19.92 70.59
CA ALA IA 110 -13.78 -19.74 70.24
C ALA IA 110 -14.03 -18.38 69.63
N VAL IA 111 -13.44 -17.33 70.22
CA VAL IA 111 -13.62 -15.99 69.66
C VAL IA 111 -13.01 -15.91 68.26
N ASN IA 112 -11.84 -16.51 68.06
CA ASN IA 112 -11.21 -16.46 66.75
C ASN IA 112 -12.03 -17.20 65.70
N ILE IA 113 -12.57 -18.35 66.07
CA ILE IA 113 -13.41 -19.11 65.14
C ILE IA 113 -14.63 -18.30 64.75
N ALA IA 114 -15.30 -17.71 65.74
CA ALA IA 114 -16.48 -16.89 65.46
C ALA IA 114 -16.13 -15.71 64.57
N VAL IA 115 -14.99 -15.06 64.82
CA VAL IA 115 -14.60 -13.90 64.03
C VAL IA 115 -14.32 -14.30 62.58
N ARG IA 116 -13.61 -15.41 62.38
CA ARG IA 116 -13.34 -15.84 61.01
C ARG IA 116 -14.61 -16.19 60.27
N GLU IA 117 -15.54 -16.88 60.94
CA GLU IA 117 -16.80 -17.22 60.29
C GLU IA 117 -17.61 -15.96 60.01
N GLN IA 118 -17.53 -14.97 60.89
CA GLN IA 118 -18.21 -13.70 60.64
C GLN IA 118 -17.65 -13.02 59.41
N ILE IA 119 -16.33 -13.06 59.23
CA ILE IA 119 -15.71 -12.44 58.07
C ILE IA 119 -16.11 -13.17 56.79
N GLU IA 120 -16.04 -14.50 56.82
CA GLU IA 120 -16.24 -15.26 55.59
C GLU IA 120 -17.72 -15.46 55.26
N ALA IA 121 -18.45 -16.16 56.13
CA ALA IA 121 -19.84 -16.49 55.83
C ALA IA 121 -20.76 -15.32 56.15
N GLY IA 122 -20.70 -14.79 57.36
CA GLY IA 122 -21.53 -13.68 57.74
C GLY IA 122 -22.02 -13.78 59.17
N VAL IA 123 -21.95 -14.99 59.74
CA VAL IA 123 -22.41 -15.22 61.10
C VAL IA 123 -21.54 -16.28 61.74
N GLY IA 124 -21.19 -16.07 63.01
CA GLY IA 124 -20.57 -17.09 63.84
C GLY IA 124 -21.23 -17.07 65.21
N ALA IA 125 -20.74 -17.95 66.08
CA ALA IA 125 -21.29 -18.01 67.42
C ALA IA 125 -20.36 -18.78 68.34
N TRP IA 126 -20.60 -18.65 69.64
CA TRP IA 126 -19.94 -19.50 70.63
C TRP IA 126 -20.90 -19.71 71.80
N ARG IA 127 -20.47 -20.51 72.76
CA ARG IA 127 -21.32 -20.93 73.86
C ARG IA 127 -20.60 -20.75 75.18
N LEU IA 128 -21.38 -20.53 76.24
CA LEU IA 128 -20.82 -20.38 77.59
C LEU IA 128 -21.39 -21.47 78.47
N VAL IA 129 -20.57 -22.47 78.78
CA VAL IA 129 -21.03 -23.63 79.54
C VAL IA 129 -20.38 -23.59 80.92
N THR IA 130 -20.97 -24.35 81.84
CA THR IA 130 -20.47 -24.45 83.21
C THR IA 130 -20.13 -25.89 83.52
N ASP IA 131 -19.03 -26.11 84.22
CA ASP IA 131 -18.56 -27.44 84.59
C ASP IA 131 -18.13 -27.45 86.05
N TYR IA 132 -17.90 -28.65 86.56
CA TYR IA 132 -17.42 -28.85 87.92
C TYR IA 132 -15.93 -29.17 87.86
N GLU IA 133 -15.12 -28.37 88.56
CA GLU IA 133 -13.69 -28.58 88.61
C GLU IA 133 -13.26 -28.62 90.07
N ASP IA 134 -12.49 -29.65 90.43
CA ASP IA 134 -12.00 -29.79 91.78
C ASP IA 134 -10.61 -29.23 91.97
N GLN IA 135 -9.74 -29.36 90.97
CA GLN IA 135 -8.33 -29.00 91.15
C GLN IA 135 -8.15 -27.48 91.22
N SER IA 136 -8.61 -26.78 90.19
CA SER IA 136 -8.49 -25.32 90.12
C SER IA 136 -9.84 -24.72 89.76
N PRO IA 137 -10.74 -24.58 90.72
CA PRO IA 137 -12.04 -24.00 90.42
C PRO IA 137 -12.00 -22.48 90.50
N THR IA 138 -12.80 -21.84 89.64
CA THR IA 138 -12.97 -20.40 89.73
C THR IA 138 -13.67 -20.01 91.02
N SER IA 139 -14.70 -20.78 91.39
CA SER IA 139 -15.45 -20.57 92.61
C SER IA 139 -16.43 -21.72 92.78
N ASN IA 140 -16.72 -22.07 94.03
CA ASN IA 140 -17.77 -23.04 94.36
C ASN IA 140 -17.59 -24.35 93.59
N ASN IA 141 -16.35 -24.81 93.49
CA ASN IA 141 -16.03 -26.06 92.79
C ASN IA 141 -16.53 -26.05 91.35
N GLN IA 142 -16.70 -24.87 90.77
CA GLN IA 142 -17.26 -24.75 89.43
C GLN IA 142 -16.41 -23.81 88.59
N VAL IA 143 -16.44 -24.03 87.29
CA VAL IA 143 -15.77 -23.18 86.32
C VAL IA 143 -16.76 -22.86 85.21
N ILE IA 144 -16.55 -21.72 84.57
CA ILE IA 144 -17.34 -21.30 83.42
C ILE IA 144 -16.38 -21.21 82.24
N ARG IA 145 -16.66 -21.94 81.18
CA ARG IA 145 -15.79 -21.94 80.01
C ARG IA 145 -16.58 -21.56 78.77
N ARG IA 146 -15.84 -21.17 77.75
CA ARG IA 146 -16.39 -20.73 76.48
C ARG IA 146 -15.99 -21.75 75.41
N GLU IA 147 -16.97 -22.26 74.70
CA GLU IA 147 -16.75 -23.30 73.71
C GLU IA 147 -17.11 -22.80 72.31
N PRO IA 148 -16.41 -23.31 71.29
CA PRO IA 148 -16.68 -22.86 69.93
C PRO IA 148 -17.89 -23.56 69.33
N ILE IA 149 -18.42 -22.93 68.28
CA ILE IA 149 -19.44 -23.51 67.42
C ILE IA 149 -18.95 -23.37 66.00
N HIS IA 150 -18.75 -24.49 65.32
CA HIS IA 150 -18.32 -24.47 63.93
C HIS IA 150 -19.54 -24.47 63.02
N SER IA 151 -19.50 -23.65 61.98
CA SER IA 151 -20.62 -23.47 61.07
C SER IA 151 -21.89 -23.15 61.85
N ALA IA 152 -21.86 -21.99 62.51
CA ALA IA 152 -23.02 -21.55 63.28
C ALA IA 152 -24.20 -21.26 62.37
N CYS IA 153 -23.95 -20.85 61.13
CA CYS IA 153 -25.00 -20.54 60.19
C CYS IA 153 -25.95 -21.70 59.98
N SER IA 154 -25.45 -22.93 60.10
CA SER IA 154 -26.27 -24.12 59.92
C SER IA 154 -26.48 -24.93 61.18
N HIS IA 155 -25.62 -24.74 62.19
CA HIS IA 155 -25.72 -25.52 63.41
C HIS IA 155 -26.49 -24.82 64.52
N VAL IA 156 -26.62 -23.51 64.47
CA VAL IA 156 -27.36 -22.76 65.47
C VAL IA 156 -28.59 -22.18 64.79
N ILE IA 157 -29.77 -22.67 65.16
CA ILE IA 157 -31.03 -22.17 64.63
C ILE IA 157 -31.70 -21.36 65.73
N TRP IA 158 -32.00 -20.11 65.45
CA TRP IA 158 -32.52 -19.19 66.44
C TRP IA 158 -34.04 -19.08 66.33
N ASP IA 159 -34.64 -18.50 67.37
CA ASP IA 159 -36.05 -18.21 67.33
C ASP IA 159 -36.35 -17.26 66.19
N SER IA 160 -37.39 -17.57 65.40
CA SER IA 160 -37.66 -16.78 64.21
C SER IA 160 -38.10 -15.36 64.54
N ASN IA 161 -38.82 -15.18 65.65
CA ASN IA 161 -39.36 -13.87 66.00
C ASN IA 161 -38.38 -13.06 66.84
N SER IA 162 -37.16 -12.92 66.31
CA SER IA 162 -36.13 -12.11 66.95
C SER IA 162 -35.64 -11.07 65.95
N LYS IA 163 -35.68 -9.80 66.35
CA LYS IA 163 -35.25 -8.70 65.50
C LYS IA 163 -34.08 -7.94 66.11
N LEU IA 164 -33.23 -8.64 66.86
CA LEU IA 164 -32.06 -8.05 67.47
C LEU IA 164 -30.81 -8.80 67.02
N MET IA 165 -29.77 -8.03 66.71
CA MET IA 165 -28.55 -8.62 66.16
C MET IA 165 -27.91 -9.59 67.14
N ASP IA 166 -27.99 -9.29 68.43
CA ASP IA 166 -27.43 -10.15 69.45
C ASP IA 166 -28.42 -11.17 70.01
N LYS IA 167 -29.63 -11.22 69.46
CA LYS IA 167 -30.63 -12.23 69.78
C LYS IA 167 -30.95 -12.28 71.27
N SER IA 168 -31.09 -11.11 71.88
CA SER IA 168 -31.50 -11.06 73.29
C SER IA 168 -32.99 -11.35 73.45
N ASP IA 169 -33.78 -11.22 72.40
CA ASP IA 169 -35.21 -11.44 72.46
C ASP IA 169 -35.62 -12.82 71.96
N ALA IA 170 -34.66 -13.71 71.74
CA ALA IA 170 -34.98 -15.07 71.34
C ALA IA 170 -35.55 -15.82 72.52
N ARG IA 171 -36.77 -16.32 72.37
CA ARG IA 171 -37.38 -17.12 73.42
C ARG IA 171 -36.84 -18.54 73.46
N HIS IA 172 -36.20 -18.99 72.39
CA HIS IA 172 -35.63 -20.34 72.36
C HIS IA 172 -34.59 -20.40 71.25
N CYS IA 173 -33.82 -21.48 71.27
CA CYS IA 173 -32.78 -21.70 70.28
C CYS IA 173 -32.38 -23.17 70.31
N THR IA 174 -32.13 -23.75 69.14
CA THR IA 174 -31.73 -25.15 69.06
C THR IA 174 -30.34 -25.25 68.43
N VAL IA 175 -29.46 -26.02 69.06
CA VAL IA 175 -28.10 -26.22 68.61
C VAL IA 175 -27.93 -27.68 68.25
N ILE IA 176 -27.48 -27.95 67.03
CA ILE IA 176 -27.38 -29.31 66.50
C ILE IA 176 -25.95 -29.78 66.64
N HIS IA 177 -25.77 -30.93 67.29
CA HIS IA 177 -24.48 -31.52 67.56
C HIS IA 177 -24.30 -32.71 66.63
N SER IA 178 -23.24 -32.69 65.84
CA SER IA 178 -22.85 -33.82 65.02
C SER IA 178 -21.51 -34.34 65.52
N MET IA 179 -21.46 -35.62 65.87
CA MET IA 179 -20.29 -36.18 66.52
C MET IA 179 -20.02 -37.58 65.98
N SER IA 180 -18.76 -38.00 66.11
CA SER IA 180 -18.38 -39.34 65.70
C SER IA 180 -19.08 -40.36 66.59
N GLN IA 181 -18.87 -41.65 66.29
CA GLN IA 181 -19.47 -42.69 67.12
C GLN IA 181 -18.92 -42.65 68.53
N ASN IA 182 -17.60 -42.50 68.67
CA ASN IA 182 -17.01 -42.36 69.99
C ASN IA 182 -17.47 -41.08 70.67
N GLY IA 183 -17.63 -40.02 69.89
CA GLY IA 183 -18.18 -38.79 70.45
C GLY IA 183 -19.56 -38.99 71.01
N TRP IA 184 -20.41 -39.74 70.30
CA TRP IA 184 -21.73 -40.03 70.81
C TRP IA 184 -21.67 -40.88 72.07
N GLU IA 185 -20.77 -41.87 72.10
CA GLU IA 185 -20.67 -42.69 73.29
C GLU IA 185 -20.29 -41.84 74.50
N ASP IA 186 -19.32 -40.95 74.33
CA ASP IA 186 -18.93 -40.09 75.45
C ASP IA 186 -20.01 -39.08 75.80
N PHE IA 187 -20.74 -38.57 74.80
CA PHE IA 187 -21.85 -37.67 75.09
C PHE IA 187 -22.93 -38.36 75.92
N ALA IA 188 -23.27 -39.59 75.55
CA ALA IA 188 -24.28 -40.33 76.30
C ALA IA 188 -23.79 -40.64 77.71
N GLU IA 189 -22.52 -41.02 77.84
CA GLU IA 189 -21.97 -41.27 79.17
C GLU IA 189 -22.04 -40.03 80.04
N LYS IA 190 -21.72 -38.86 79.48
CA LYS IA 190 -21.71 -37.64 80.27
C LYS IA 190 -23.12 -37.17 80.60
N TYR IA 191 -24.07 -37.36 79.69
CA TYR IA 191 -25.42 -36.85 79.86
C TYR IA 191 -26.40 -37.90 80.36
N ASP IA 192 -25.92 -39.07 80.78
CA ASP IA 192 -26.79 -40.13 81.30
C ASP IA 192 -27.86 -40.53 80.29
N LEU IA 193 -27.47 -40.65 79.03
CA LEU IA 193 -28.36 -41.12 77.98
C LEU IA 193 -28.13 -42.62 77.76
N ASP IA 194 -28.84 -43.16 76.77
CA ASP IA 194 -28.67 -44.56 76.37
C ASP IA 194 -27.72 -44.61 75.18
N ALA IA 195 -26.51 -45.10 75.41
CA ALA IA 195 -25.53 -45.16 74.33
C ALA IA 195 -25.96 -46.14 73.25
N ASP IA 196 -26.75 -47.14 73.60
CA ASP IA 196 -27.16 -48.14 72.62
C ASP IA 196 -28.22 -47.60 71.66
N ASP IA 197 -29.00 -46.61 72.09
CA ASP IA 197 -30.06 -46.02 71.26
C ASP IA 197 -29.45 -44.89 70.45
N ILE IA 198 -28.95 -45.21 69.27
CA ILE IA 198 -28.31 -44.23 68.40
C ILE IA 198 -29.33 -43.14 68.05
N PRO IA 199 -29.02 -41.86 68.25
CA PRO IA 199 -29.99 -40.82 67.97
C PRO IA 199 -29.91 -40.30 66.53
N SER IA 200 -30.95 -39.58 66.14
CA SER IA 200 -31.02 -38.99 64.82
C SER IA 200 -31.67 -37.62 64.92
N PHE IA 201 -31.29 -36.75 64.00
CA PHE IA 201 -31.86 -35.41 63.92
C PHE IA 201 -31.62 -34.88 62.52
N GLN IA 202 -32.30 -33.77 62.21
CA GLN IA 202 -32.15 -33.13 60.92
C GLN IA 202 -30.68 -32.80 60.69
N ASN IA 203 -30.07 -33.44 59.70
CA ASN IA 203 -28.65 -33.28 59.44
C ASN IA 203 -28.35 -31.85 59.03
N PRO IA 204 -27.53 -31.12 59.77
CA PRO IA 204 -27.30 -29.71 59.43
C PRO IA 204 -26.47 -29.53 58.17
N ASN IA 205 -25.39 -30.32 58.07
CA ASN IA 205 -24.45 -30.22 56.92
C ASN IA 205 -25.10 -30.77 55.66
N ASP IA 206 -24.39 -30.72 54.54
CA ASP IA 206 -24.97 -31.14 53.27
C ASP IA 206 -24.05 -32.10 52.53
N TRP IA 207 -22.74 -31.98 52.76
CA TRP IA 207 -21.70 -32.85 52.20
C TRP IA 207 -21.92 -33.13 50.70
N VAL IA 208 -22.51 -32.17 50.00
CA VAL IA 208 -22.60 -32.23 48.55
C VAL IA 208 -21.21 -32.04 47.98
N PHE IA 209 -21.06 -32.24 46.66
CA PHE IA 209 -19.74 -32.28 46.03
C PHE IA 209 -18.99 -33.43 46.68
N PRO IA 210 -19.33 -34.68 46.30
CA PRO IA 210 -19.47 -35.77 47.28
C PRO IA 210 -18.54 -35.71 48.47
N TRP IA 211 -17.23 -35.56 48.26
CA TRP IA 211 -16.27 -35.52 49.37
C TRP IA 211 -16.39 -36.77 50.24
N LEU IA 212 -16.71 -37.90 49.61
CA LEU IA 212 -17.07 -39.16 50.29
C LEU IA 212 -18.38 -38.92 51.02
N THR IA 213 -18.48 -39.23 52.32
CA THR IA 213 -19.72 -39.02 53.07
C THR IA 213 -19.36 -38.40 54.41
N GLN IA 214 -20.33 -38.38 55.32
CA GLN IA 214 -20.16 -37.79 56.65
C GLN IA 214 -20.68 -38.79 57.69
N ASP IA 215 -19.77 -39.61 58.22
CA ASP IA 215 -20.10 -40.60 59.24
C ASP IA 215 -20.21 -39.88 60.58
N THR IA 216 -21.42 -39.42 60.90
CA THR IA 216 -21.65 -38.65 62.11
C THR IA 216 -22.95 -39.10 62.76
N ILE IA 217 -23.26 -38.48 63.89
CA ILE IA 217 -24.46 -38.71 64.68
C ILE IA 217 -24.98 -37.36 65.13
N GLN IA 218 -26.27 -37.12 64.94
CA GLN IA 218 -26.87 -35.80 65.17
C GLN IA 218 -27.83 -35.85 66.34
N ILE IA 219 -27.66 -34.94 67.28
CA ILE IA 219 -28.60 -34.72 68.37
C ILE IA 219 -28.82 -33.22 68.46
N ALA IA 220 -29.82 -32.79 69.23
CA ALA IA 220 -30.04 -31.36 69.37
C ALA IA 220 -30.23 -30.99 70.83
N GLU IA 221 -29.85 -29.76 71.17
CA GLU IA 221 -30.13 -29.18 72.48
C GLU IA 221 -31.00 -27.96 72.26
N PHE IA 222 -32.14 -27.92 72.94
CA PHE IA 222 -33.15 -26.89 72.77
C PHE IA 222 -33.22 -26.08 74.05
N TYR IA 223 -32.72 -24.84 73.99
CA TYR IA 223 -32.78 -23.92 75.11
C TYR IA 223 -34.04 -23.08 74.98
N GLU IA 224 -34.77 -22.94 76.08
CA GLU IA 224 -35.93 -22.08 76.11
C GLU IA 224 -35.88 -21.20 77.36
N VAL IA 225 -36.47 -20.01 77.24
CA VAL IA 225 -36.45 -19.02 78.30
C VAL IA 225 -37.87 -18.79 78.78
N VAL IA 226 -38.06 -18.79 80.10
CA VAL IA 226 -39.36 -18.59 80.72
C VAL IA 226 -39.23 -17.45 81.71
N GLU IA 227 -39.95 -16.36 81.47
CA GLU IA 227 -39.94 -15.20 82.36
C GLU IA 227 -41.23 -15.21 83.18
N LYS IA 228 -41.10 -15.33 84.50
CA LYS IA 228 -42.27 -15.45 85.35
C LYS IA 228 -41.97 -14.83 86.71
N LYS IA 229 -43.04 -14.60 87.47
CA LYS IA 229 -42.92 -14.11 88.83
C LYS IA 229 -42.82 -15.30 89.78
N GLU IA 230 -41.76 -15.33 90.56
CA GLU IA 230 -41.53 -16.41 91.51
C GLU IA 230 -41.20 -15.82 92.88
N THR IA 231 -41.31 -16.67 93.89
CA THR IA 231 -41.26 -16.24 95.27
C THR IA 231 -39.83 -15.92 95.70
N ALA IA 232 -39.69 -14.83 96.45
CA ALA IA 232 -38.43 -14.47 97.08
C ALA IA 232 -38.67 -14.24 98.56
N PHE IA 233 -37.65 -14.55 99.36
CA PHE IA 233 -37.74 -14.44 100.81
C PHE IA 233 -36.87 -13.28 101.28
N ILE IA 234 -37.43 -12.45 102.16
CA ILE IA 234 -36.70 -11.32 102.74
C ILE IA 234 -36.30 -11.74 104.14
N TYR IA 235 -35.00 -11.85 104.39
CA TYR IA 235 -34.49 -12.28 105.68
C TYR IA 235 -33.88 -11.09 106.40
N GLN IA 236 -33.32 -11.37 107.57
CA GLN IA 236 -32.61 -10.37 108.36
C GLN IA 236 -31.22 -10.92 108.65
N ASP IA 237 -30.22 -10.41 107.93
CA ASP IA 237 -28.86 -10.92 108.04
C ASP IA 237 -28.36 -10.75 109.47
N PRO IA 238 -27.87 -11.81 110.11
CA PRO IA 238 -27.38 -11.67 111.49
C PRO IA 238 -26.21 -10.70 111.61
N VAL IA 239 -25.48 -10.43 110.53
CA VAL IA 239 -24.41 -9.44 110.60
C VAL IA 239 -24.98 -8.03 110.46
N THR IA 240 -25.58 -7.74 109.31
CA THR IA 240 -26.17 -6.43 109.05
C THR IA 240 -26.98 -6.48 107.76
N GLY IA 241 -28.02 -5.66 107.69
CA GLY IA 241 -28.80 -5.52 106.49
C GLY IA 241 -29.83 -6.63 106.31
N GLU IA 242 -30.72 -6.42 105.36
CA GLU IA 242 -31.77 -7.39 105.05
C GLU IA 242 -31.51 -8.00 103.68
N PRO IA 243 -31.17 -9.29 103.59
CA PRO IA 243 -30.90 -9.90 102.30
C PRO IA 243 -32.15 -10.52 101.68
N VAL IA 244 -32.16 -10.53 100.36
CA VAL IA 244 -33.24 -11.10 99.57
C VAL IA 244 -32.69 -12.30 98.82
N SER IA 245 -33.34 -13.45 98.98
CA SER IA 245 -32.95 -14.67 98.30
C SER IA 245 -34.16 -15.32 97.69
N TYR IA 246 -33.94 -16.13 96.66
CA TYR IA 246 -35.04 -16.72 95.92
C TYR IA 246 -35.54 -18.00 96.58
N PHE IA 247 -36.84 -18.22 96.54
CA PHE IA 247 -37.43 -19.39 97.17
C PHE IA 247 -36.96 -20.66 96.48
N LYS IA 248 -36.89 -20.66 95.15
CA LYS IA 248 -36.52 -21.87 94.44
C LYS IA 248 -35.06 -22.25 94.67
N ARG IA 249 -34.20 -21.26 94.92
CA ARG IA 249 -32.78 -21.54 95.09
C ARG IA 249 -32.49 -22.22 96.41
N ASP IA 250 -33.28 -21.92 97.44
CA ASP IA 250 -33.14 -22.50 98.76
C ASP IA 250 -34.41 -23.23 99.20
N ILE IA 251 -35.12 -23.82 98.22
CA ILE IA 251 -36.46 -24.36 98.45
C ILE IA 251 -36.42 -25.47 99.50
N LYS IA 252 -35.47 -26.38 99.39
CA LYS IA 252 -35.50 -27.55 100.26
C LYS IA 252 -34.21 -27.72 101.03
N ASP IA 253 -33.09 -27.31 100.43
CA ASP IA 253 -31.79 -27.61 101.02
C ASP IA 253 -31.59 -26.88 102.34
N VAL IA 254 -31.81 -25.58 102.36
CA VAL IA 254 -31.43 -24.77 103.53
C VAL IA 254 -32.58 -23.89 103.99
N ILE IA 255 -33.81 -24.26 103.62
CA ILE IA 255 -34.97 -23.45 103.99
C ILE IA 255 -35.10 -23.36 105.50
N ASP IA 256 -34.60 -24.36 106.23
CA ASP IA 256 -34.53 -24.31 107.68
C ASP IA 256 -33.12 -24.04 108.19
N ASP IA 257 -32.10 -24.32 107.39
CA ASP IA 257 -30.74 -24.04 107.81
C ASP IA 257 -30.47 -22.54 107.92
N LEU IA 258 -31.17 -21.72 107.13
CA LEU IA 258 -31.05 -20.28 107.32
C LEU IA 258 -31.52 -19.87 108.72
N ALA IA 259 -32.68 -20.39 109.14
CA ALA IA 259 -33.18 -20.09 110.47
C ALA IA 259 -32.25 -20.64 111.55
N ASP IA 260 -31.69 -21.83 111.32
CA ASP IA 260 -30.73 -22.39 112.27
C ASP IA 260 -29.51 -21.49 112.40
N SER IA 261 -28.99 -20.99 111.27
CA SER IA 261 -27.84 -20.10 111.32
C SER IA 261 -28.17 -18.79 112.01
N GLY IA 262 -29.41 -18.32 111.90
CA GLY IA 262 -29.83 -17.16 112.65
C GLY IA 262 -30.65 -16.16 111.87
N PHE IA 263 -30.94 -16.46 110.62
CA PHE IA 263 -31.75 -15.60 109.78
C PHE IA 263 -33.21 -15.71 110.21
N ILE IA 264 -33.88 -14.57 110.33
CA ILE IA 264 -35.29 -14.52 110.68
C ILE IA 264 -36.05 -13.91 109.51
N LYS IA 265 -37.02 -14.66 108.98
CA LYS IA 265 -37.77 -14.19 107.82
C LYS IA 265 -38.61 -12.98 108.19
N ILE IA 266 -38.52 -11.93 107.38
CA ILE IA 266 -39.19 -10.67 107.66
C ILE IA 266 -40.42 -10.47 106.79
N ALA IA 267 -40.30 -10.78 105.49
CA ALA IA 267 -41.40 -10.63 104.55
C ALA IA 267 -41.20 -11.63 103.42
N GLU IA 268 -42.16 -11.65 102.50
CA GLU IA 268 -42.10 -12.53 101.34
C GLU IA 268 -42.64 -11.79 100.14
N ARG IA 269 -41.77 -11.55 99.15
CA ARG IA 269 -42.11 -10.80 97.97
C ARG IA 269 -42.06 -11.69 96.73
N GLN IA 270 -42.79 -11.30 95.70
CA GLN IA 270 -42.84 -12.01 94.43
C GLN IA 270 -42.14 -11.17 93.37
N ILE IA 271 -41.10 -11.73 92.75
CA ILE IA 271 -40.23 -11.00 91.85
C ILE IA 271 -40.19 -11.72 90.51
N LYS IA 272 -40.26 -10.95 89.43
CA LYS IA 272 -40.25 -11.50 88.08
C LYS IA 272 -38.82 -11.67 87.61
N ARG IA 273 -38.47 -12.88 87.19
CA ARG IA 273 -37.14 -13.16 86.67
C ARG IA 273 -37.27 -14.18 85.55
N ARG IA 274 -36.16 -14.35 84.84
CA ARG IA 274 -36.06 -15.29 83.73
C ARG IA 274 -35.36 -16.57 84.20
N ARG IA 275 -35.73 -17.68 83.58
CA ARG IA 275 -35.06 -18.96 83.81
C ARG IA 275 -34.85 -19.64 82.47
N VAL IA 276 -33.80 -20.44 82.37
CA VAL IA 276 -33.41 -21.09 81.12
C VAL IA 276 -33.41 -22.59 81.32
N TYR IA 277 -34.09 -23.31 80.42
CA TYR IA 277 -34.17 -24.76 80.47
C TYR IA 277 -33.64 -25.35 79.18
N LYS IA 278 -32.78 -26.35 79.29
CA LYS IA 278 -32.22 -27.05 78.15
C LYS IA 278 -32.85 -28.43 78.03
N SER IA 279 -33.12 -28.85 76.79
CA SER IA 279 -33.70 -30.17 76.52
C SER IA 279 -32.89 -30.87 75.45
N ILE IA 280 -32.52 -32.11 75.69
CA ILE IA 280 -31.85 -32.91 74.68
C ILE IA 280 -32.91 -33.63 73.86
N ILE IA 281 -32.92 -33.38 72.54
CA ILE IA 281 -33.99 -33.88 71.70
C ILE IA 281 -33.42 -34.57 70.46
N THR IA 282 -34.22 -35.49 69.94
CA THR IA 282 -34.00 -36.17 68.67
C THR IA 282 -35.24 -36.01 67.82
N CYS IA 283 -35.17 -36.48 66.58
CA CYS IA 283 -36.27 -36.26 65.65
C CYS IA 283 -37.53 -37.02 66.05
N THR IA 284 -37.41 -38.03 66.91
CA THR IA 284 -38.54 -38.88 67.27
C THR IA 284 -38.82 -38.97 68.75
N ALA IA 285 -37.96 -38.45 69.61
CA ALA IA 285 -38.16 -38.59 71.05
C ALA IA 285 -37.44 -37.45 71.77
N VAL IA 286 -37.81 -37.28 73.03
CA VAL IA 286 -37.13 -36.35 73.94
C VAL IA 286 -36.36 -37.18 74.95
N LEU IA 287 -35.16 -36.72 75.31
CA LEU IA 287 -34.30 -37.49 76.21
C LEU IA 287 -34.22 -36.84 77.59
N LYS IA 288 -33.83 -35.57 77.64
CA LYS IA 288 -33.90 -34.78 78.86
C LYS IA 288 -34.91 -33.67 78.65
N ASP IA 289 -35.82 -33.49 79.60
CA ASP IA 289 -37.03 -32.74 79.30
C ASP IA 289 -36.84 -31.22 79.44
N LYS IA 290 -36.56 -30.75 80.65
CA LYS IA 290 -36.46 -29.31 80.89
C LYS IA 290 -35.34 -29.01 81.88
N GLN IA 291 -34.18 -29.63 81.69
CA GLN IA 291 -33.12 -29.48 82.68
C GLN IA 291 -32.76 -28.02 82.86
N LEU IA 292 -33.04 -27.48 84.04
CA LEU IA 292 -32.78 -26.06 84.31
C LEU IA 292 -31.29 -25.81 84.35
N ILE IA 293 -30.83 -24.79 83.62
CA ILE IA 293 -29.42 -24.45 83.58
C ILE IA 293 -29.26 -23.04 84.15
N ALA IA 294 -28.06 -22.78 84.66
CA ALA IA 294 -27.78 -21.52 85.35
C ALA IA 294 -27.83 -20.34 84.39
N GLY IA 295 -28.35 -19.22 84.89
CA GLY IA 295 -28.39 -17.99 84.13
C GLY IA 295 -29.82 -17.58 83.80
N GLU IA 296 -29.94 -16.34 83.33
CA GLU IA 296 -31.21 -15.80 82.87
C GLU IA 296 -31.29 -15.71 81.35
N HIS IA 297 -30.19 -15.95 80.65
CA HIS IA 297 -30.13 -15.78 79.21
C HIS IA 297 -29.64 -17.06 78.56
N ILE IA 298 -29.97 -17.21 77.27
CA ILE IA 298 -29.49 -18.36 76.50
C ILE IA 298 -27.98 -18.23 76.33
N PRO IA 299 -27.19 -19.25 76.66
CA PRO IA 299 -25.74 -19.11 76.73
C PRO IA 299 -25.05 -19.06 75.38
N ILE IA 300 -25.75 -18.87 74.28
CA ILE IA 300 -25.16 -18.82 72.96
C ILE IA 300 -25.04 -17.37 72.54
N VAL IA 301 -23.85 -16.96 72.11
CA VAL IA 301 -23.57 -15.60 71.67
C VAL IA 301 -23.32 -15.63 70.16
N PRO IA 302 -24.13 -14.97 69.36
CA PRO IA 302 -23.86 -14.83 67.92
C PRO IA 302 -23.14 -13.55 67.56
N VAL IA 303 -22.32 -13.65 66.52
CA VAL IA 303 -21.55 -12.54 65.96
C VAL IA 303 -21.94 -12.40 64.50
N PHE IA 304 -22.17 -11.17 64.05
CA PHE IA 304 -22.69 -10.94 62.71
C PHE IA 304 -21.78 -10.01 61.92
N GLY IA 305 -21.94 -10.04 60.60
CA GLY IA 305 -21.21 -9.15 59.73
C GLY IA 305 -22.08 -8.00 59.27
N GLU IA 306 -22.60 -8.09 58.06
CA GLU IA 306 -23.63 -7.16 57.59
C GLU IA 306 -24.98 -7.83 57.79
N TRP IA 307 -25.75 -7.35 58.75
CA TRP IA 307 -26.97 -8.01 59.19
C TRP IA 307 -28.16 -7.08 59.00
N GLY IA 308 -29.29 -7.66 58.62
CA GLY IA 308 -30.50 -6.87 58.50
C GLY IA 308 -31.70 -7.76 58.23
N PHE IA 309 -32.85 -7.12 58.07
CA PHE IA 309 -34.09 -7.77 57.69
C PHE IA 309 -34.61 -7.08 56.44
N VAL IA 310 -34.96 -7.86 55.42
CA VAL IA 310 -35.42 -7.24 54.19
C VAL IA 310 -36.94 -7.14 54.20
N GLU IA 311 -37.62 -8.27 54.15
CA GLU IA 311 -39.08 -8.30 54.34
C GLU IA 311 -39.37 -9.42 55.33
N ASP IA 312 -39.25 -9.10 56.61
CA ASP IA 312 -39.36 -10.10 57.68
C ASP IA 312 -38.50 -11.33 57.41
N LYS IA 313 -37.44 -11.15 56.62
CA LYS IA 313 -36.51 -12.20 56.29
C LYS IA 313 -35.11 -11.72 56.64
N GLU IA 314 -34.45 -12.44 57.54
CA GLU IA 314 -33.09 -12.08 57.94
C GLU IA 314 -32.12 -12.31 56.81
N VAL IA 315 -31.18 -11.39 56.64
CA VAL IA 315 -30.09 -11.53 55.69
C VAL IA 315 -28.81 -11.07 56.34
N TYR IA 316 -27.79 -11.92 56.31
CA TYR IA 316 -26.47 -11.57 56.80
C TYR IA 316 -25.43 -11.90 55.74
N GLU IA 317 -24.33 -11.15 55.75
CA GLU IA 317 -23.34 -11.25 54.71
C GLU IA 317 -21.97 -10.98 55.27
N GLY IA 318 -20.96 -11.59 54.64
CA GLY IA 318 -19.58 -11.35 55.01
C GLY IA 318 -18.86 -10.47 54.01
N VAL IA 319 -17.87 -11.02 53.32
CA VAL IA 319 -17.13 -10.27 52.31
C VAL IA 319 -17.05 -11.10 51.05
N VAL IA 320 -17.46 -12.37 51.16
CA VAL IA 320 -17.28 -13.34 50.08
C VAL IA 320 -18.50 -13.44 49.17
N ARG IA 321 -19.68 -13.03 49.65
CA ARG IA 321 -20.92 -13.24 48.85
C ARG IA 321 -20.92 -12.43 47.55
N LEU IA 322 -20.40 -11.22 47.55
CA LEU IA 322 -20.46 -10.37 46.37
C LEU IA 322 -19.27 -10.52 45.44
N THR IA 323 -18.23 -11.23 45.86
CA THR IA 323 -17.09 -11.50 44.99
C THR IA 323 -17.23 -12.79 44.20
N LYS IA 324 -18.22 -13.60 44.55
CA LYS IA 324 -18.32 -14.96 43.94
C LYS IA 324 -18.50 -14.88 42.43
N ASP IA 325 -19.36 -14.02 41.92
CA ASP IA 325 -19.62 -13.99 40.49
C ASP IA 325 -18.37 -13.64 39.70
N GLY IA 326 -17.68 -12.58 40.12
CA GLY IA 326 -16.46 -12.19 39.44
C GLY IA 326 -15.34 -13.20 39.59
N GLN IA 327 -15.21 -13.80 40.77
CA GLN IA 327 -14.16 -14.79 40.96
C GLN IA 327 -14.41 -16.02 40.09
N ARG IA 328 -15.66 -16.47 40.02
CA ARG IA 328 -15.99 -17.60 39.16
C ARG IA 328 -15.72 -17.27 37.71
N LEU IA 329 -16.06 -16.05 37.28
CA LEU IA 329 -15.79 -15.66 35.90
C LEU IA 329 -14.30 -15.67 35.60
N ARG IA 330 -13.49 -15.14 36.51
CA ARG IA 330 -12.05 -15.13 36.31
C ARG IA 330 -11.48 -16.54 36.22
N ASN IA 331 -11.94 -17.43 37.10
CA ASN IA 331 -11.49 -18.81 37.03
C ASN IA 331 -11.85 -19.45 35.71
N MET IA 332 -13.08 -19.25 35.24
CA MET IA 332 -13.48 -19.84 33.97
C MET IA 332 -12.65 -19.31 32.82
N ILE IA 333 -12.42 -18.00 32.77
CA ILE IA 333 -11.67 -17.43 31.66
C ILE IA 333 -10.24 -17.97 31.66
N MET IA 334 -9.62 -18.08 32.83
CA MET IA 334 -8.26 -18.57 32.89
C MET IA 334 -8.19 -20.04 32.50
N SER IA 335 -9.21 -20.82 32.85
CA SER IA 335 -9.25 -22.22 32.40
C SER IA 335 -9.39 -22.31 30.89
N PHE IA 336 -10.24 -21.46 30.30
CA PHE IA 336 -10.39 -21.45 28.83
C PHE IA 336 -9.07 -21.11 28.17
N ASN IA 337 -8.36 -20.12 28.69
CA ASN IA 337 -7.09 -19.73 28.09
C ASN IA 337 -6.04 -20.83 28.23
N ALA IA 338 -6.03 -21.54 29.36
CA ALA IA 338 -5.12 -22.67 29.50
C ALA IA 338 -5.44 -23.76 28.49
N ASP IA 339 -6.73 -24.01 28.26
CA ASP IA 339 -7.11 -24.95 27.21
C ASP IA 339 -6.58 -24.49 25.85
N ILE IA 340 -6.67 -23.19 25.58
CA ILE IA 340 -6.18 -22.66 24.31
C ILE IA 340 -4.69 -22.91 24.17
N VAL IA 341 -3.94 -22.74 25.25
CA VAL IA 341 -2.49 -22.95 25.20
C VAL IA 341 -2.18 -24.42 24.95
N ALA IA 342 -2.92 -25.33 25.58
CA ALA IA 342 -2.59 -26.74 25.39
C ALA IA 342 -3.05 -27.27 24.04
N ARG IA 343 -4.37 -27.34 23.82
CA ARG IA 343 -4.89 -28.13 22.71
C ARG IA 343 -5.06 -27.22 21.50
N THR IA 344 -3.93 -26.91 20.88
CA THR IA 344 -3.91 -26.08 19.70
C THR IA 344 -2.72 -26.46 18.83
N PRO IA 345 -2.93 -26.76 17.56
CA PRO IA 345 -1.80 -26.98 16.67
C PRO IA 345 -0.93 -25.74 16.61
N LYS IA 346 0.39 -25.93 16.61
CA LYS IA 346 1.32 -24.82 16.64
C LYS IA 346 1.79 -24.49 15.23
N LYS IA 347 2.62 -23.46 15.13
CA LYS IA 347 3.00 -22.92 13.82
C LYS IA 347 3.99 -23.87 13.15
N LYS IA 348 3.55 -24.50 12.08
CA LYS IA 348 4.37 -25.35 11.24
C LYS IA 348 3.99 -25.09 9.80
N PRO IA 349 4.85 -25.44 8.84
CA PRO IA 349 4.52 -25.23 7.43
C PRO IA 349 3.46 -26.20 6.92
N PHE IA 350 2.79 -25.78 5.85
CA PHE IA 350 1.89 -26.64 5.09
C PHE IA 350 2.60 -27.04 3.81
N PHE IA 351 2.69 -28.35 3.56
CA PHE IA 351 3.37 -28.87 2.40
C PHE IA 351 2.43 -29.77 1.62
N TRP IA 352 2.65 -29.84 0.33
CA TRP IA 352 2.17 -31.02 -0.35
C TRP IA 352 3.21 -32.13 -0.20
N PRO IA 353 2.79 -33.39 -0.11
CA PRO IA 353 3.80 -34.46 0.04
C PRO IA 353 4.80 -34.49 -1.10
N GLU IA 354 4.36 -34.21 -2.32
CA GLU IA 354 5.26 -34.23 -3.47
C GLU IA 354 6.29 -33.11 -3.42
N GLN IA 355 6.05 -32.08 -2.62
CA GLN IA 355 7.00 -30.98 -2.51
C GLN IA 355 8.27 -31.40 -1.78
N ILE IA 356 8.15 -32.32 -0.83
CA ILE IA 356 9.27 -32.72 0.00
C ILE IA 356 9.55 -34.21 -0.10
N ALA IA 357 8.91 -34.91 -1.03
CA ALA IA 357 9.19 -36.33 -1.22
C ALA IA 357 10.67 -36.54 -1.46
N GLY IA 358 11.31 -37.34 -0.62
CA GLY IA 358 12.72 -37.60 -0.71
C GLY IA 358 13.59 -36.63 0.06
N PHE IA 359 13.01 -35.58 0.62
CA PHE IA 359 13.74 -34.58 1.40
C PHE IA 359 13.16 -34.46 2.80
N GLU IA 360 12.54 -35.53 3.30
CA GLU IA 360 11.78 -35.41 4.54
C GLU IA 360 12.68 -35.27 5.76
N HIS IA 361 13.91 -35.76 5.68
CA HIS IA 361 14.79 -35.70 6.83
C HIS IA 361 15.39 -34.33 7.07
N MET IA 362 15.23 -33.41 6.13
CA MET IA 362 15.73 -32.05 6.31
C MET IA 362 14.83 -31.23 7.23
N TYR IA 363 13.53 -31.50 7.21
CA TYR IA 363 12.55 -30.70 7.94
C TYR IA 363 12.21 -31.26 9.31
N ASP IA 364 12.84 -32.35 9.73
CA ASP IA 364 12.45 -32.95 11.00
C ASP IA 364 12.86 -32.11 12.19
N GLY IA 365 13.92 -31.34 12.08
CA GLY IA 365 14.32 -30.46 13.16
C GLY IA 365 15.82 -30.39 13.37
N ASN IA 366 16.56 -31.25 12.69
CA ASN IA 366 18.01 -31.25 12.82
C ASN IA 366 18.61 -30.01 12.17
N ASP IA 367 19.87 -29.75 12.50
CA ASP IA 367 20.59 -28.61 11.95
C ASP IA 367 21.85 -29.06 11.20
N ASP IA 368 21.75 -30.17 10.48
CA ASP IA 368 22.91 -30.74 9.80
C ASP IA 368 23.03 -30.30 8.35
N TYR IA 369 22.10 -29.49 7.86
CA TYR IA 369 22.11 -29.06 6.47
C TYR IA 369 22.10 -27.55 6.40
N PRO IA 370 22.66 -26.95 5.35
CA PRO IA 370 22.70 -25.50 5.26
C PRO IA 370 21.46 -24.86 4.67
N TYR IA 371 20.58 -25.64 4.04
CA TYR IA 371 19.41 -25.09 3.39
C TYR IA 371 18.37 -26.20 3.28
N TYR IA 372 17.18 -25.83 2.80
CA TYR IA 372 16.11 -26.78 2.58
C TYR IA 372 15.90 -26.95 1.08
N LEU IA 373 15.78 -28.19 0.63
CA LEU IA 373 15.57 -28.50 -0.76
C LEU IA 373 14.11 -28.86 -1.00
N LEU IA 374 13.60 -28.46 -2.17
CA LEU IA 374 12.23 -28.72 -2.57
C LEU IA 374 12.23 -29.35 -3.95
N ASN IA 375 11.22 -30.15 -4.23
CA ASN IA 375 11.03 -30.70 -5.56
C ASN IA 375 10.53 -29.61 -6.49
N ARG IA 376 10.85 -29.75 -7.78
CA ARG IA 376 10.44 -28.77 -8.77
C ARG IA 376 9.47 -29.31 -9.80
N THR IA 377 9.49 -30.61 -10.10
CA THR IA 377 8.81 -31.15 -11.25
C THR IA 377 7.85 -32.27 -10.87
N ASP IA 378 6.86 -32.47 -11.73
CA ASP IA 378 6.00 -33.64 -11.74
C ASP IA 378 6.01 -34.20 -13.17
N GLU IA 379 5.95 -35.52 -13.29
CA GLU IA 379 6.03 -36.11 -14.62
C GLU IA 379 4.79 -35.82 -15.46
N ASN IA 380 3.64 -35.60 -14.83
CA ASN IA 380 2.40 -35.37 -15.56
C ASN IA 380 2.01 -33.90 -15.62
N SER IA 381 2.23 -33.16 -14.54
CA SER IA 381 1.86 -31.74 -14.50
C SER IA 381 3.00 -30.82 -14.90
N GLY IA 382 4.16 -31.36 -15.25
CA GLY IA 382 5.25 -30.55 -15.75
C GLY IA 382 6.04 -29.85 -14.67
N ASP IA 383 5.39 -28.96 -13.92
CA ASP IA 383 6.07 -28.18 -12.89
C ASP IA 383 5.17 -28.06 -11.67
N LEU IA 384 5.79 -27.83 -10.52
CA LEU IA 384 5.03 -27.67 -9.30
C LEU IA 384 4.39 -26.29 -9.29
N PRO IA 385 3.07 -26.19 -9.09
CA PRO IA 385 2.42 -24.88 -9.13
C PRO IA 385 2.96 -23.95 -8.06
N THR IA 386 3.02 -22.66 -8.41
CA THR IA 386 3.64 -21.65 -7.55
C THR IA 386 2.60 -21.10 -6.57
N GLN IA 387 2.94 -21.13 -5.29
CA GLN IA 387 2.12 -20.58 -4.22
C GLN IA 387 2.98 -20.38 -2.98
N PRO IA 388 2.97 -19.20 -2.37
CA PRO IA 388 3.82 -18.96 -1.19
C PRO IA 388 3.46 -19.91 -0.07
N LEU IA 389 4.48 -20.39 0.64
CA LEU IA 389 4.27 -21.36 1.70
C LEU IA 389 3.40 -20.77 2.80
N ALA IA 390 2.48 -21.56 3.31
CA ALA IA 390 1.61 -21.17 4.41
C ALA IA 390 2.09 -21.80 5.70
N TYR IA 391 1.86 -21.11 6.81
CA TYR IA 391 2.20 -21.60 8.13
C TYR IA 391 0.97 -21.55 9.01
N TYR IA 392 0.79 -22.57 9.84
CA TYR IA 392 -0.33 -22.58 10.76
C TYR IA 392 -0.23 -21.39 11.70
N GLU IA 393 -1.36 -20.73 11.93
CA GLU IA 393 -1.34 -19.51 12.73
C GLU IA 393 -1.02 -19.81 14.18
N ASN IA 394 -0.31 -18.89 14.81
CA ASN IA 394 0.08 -19.06 16.20
C ASN IA 394 -1.15 -19.03 17.10
N PRO IA 395 -1.12 -19.75 18.21
CA PRO IA 395 -2.20 -19.63 19.20
C PRO IA 395 -2.28 -18.21 19.74
N GLU IA 396 -3.51 -17.75 19.97
CA GLU IA 396 -3.74 -16.40 20.45
C GLU IA 396 -4.83 -16.40 21.51
N VAL IA 397 -4.64 -15.61 22.55
CA VAL IA 397 -5.69 -15.38 23.53
C VAL IA 397 -6.63 -14.33 22.96
N PRO IA 398 -7.91 -14.62 22.81
CA PRO IA 398 -8.82 -13.65 22.19
C PRO IA 398 -8.92 -12.37 22.99
N GLN IA 399 -9.20 -11.28 22.27
CA GLN IA 399 -9.41 -10.01 22.95
C GLN IA 399 -10.56 -10.11 23.93
N ALA IA 400 -11.57 -10.93 23.61
CA ALA IA 400 -12.67 -11.12 24.54
C ALA IA 400 -12.18 -11.72 25.85
N ASN IA 401 -11.37 -12.78 25.77
CA ASN IA 401 -10.85 -13.41 26.98
C ASN IA 401 -9.98 -12.45 27.77
N ALA IA 402 -9.09 -11.72 27.10
CA ALA IA 402 -8.21 -10.80 27.81
C ALA IA 402 -9.00 -9.69 28.49
N TYR IA 403 -9.89 -9.04 27.74
CA TYR IA 403 -10.68 -7.95 28.27
C TYR IA 403 -11.53 -8.41 29.44
N MET IA 404 -12.17 -9.58 29.32
CA MET IA 404 -13.07 -10.02 30.37
C MET IA 404 -12.31 -10.52 31.59
N LEU IA 405 -11.12 -11.08 31.42
CA LEU IA 405 -10.33 -11.45 32.58
C LEU IA 405 -9.93 -10.21 33.36
N GLU IA 406 -9.47 -9.17 32.64
CA GLU IA 406 -9.12 -7.93 33.32
C GLU IA 406 -10.33 -7.31 34.01
N ALA IA 407 -11.48 -7.31 33.34
CA ALA IA 407 -12.67 -6.69 33.91
C ALA IA 407 -13.19 -7.46 35.11
N ALA IA 408 -13.16 -8.80 35.05
CA ALA IA 408 -13.59 -9.61 36.18
C ALA IA 408 -12.69 -9.41 37.39
N THR IA 409 -11.36 -9.42 37.17
CA THR IA 409 -10.46 -9.18 38.28
C THR IA 409 -10.65 -7.79 38.87
N SER IA 410 -10.84 -6.79 38.02
CA SER IA 410 -11.06 -5.44 38.52
C SER IA 410 -12.36 -5.33 39.31
N ALA IA 411 -13.41 -6.00 38.86
CA ALA IA 411 -14.66 -5.98 39.60
C ALA IA 411 -14.52 -6.64 40.96
N VAL IA 412 -13.81 -7.77 41.01
CA VAL IA 412 -13.59 -8.45 42.28
C VAL IA 412 -12.80 -7.56 43.23
N LYS IA 413 -11.74 -6.91 42.73
CA LYS IA 413 -10.97 -6.01 43.57
C LYS IA 413 -11.80 -4.86 44.06
N GLU IA 414 -12.65 -4.29 43.20
CA GLU IA 414 -13.51 -3.19 43.62
C GLU IA 414 -14.48 -3.61 44.71
N VAL IA 415 -15.10 -4.78 44.56
CA VAL IA 415 -16.13 -5.18 45.50
C VAL IA 415 -15.59 -5.82 46.78
N ALA IA 416 -14.35 -6.27 46.77
CA ALA IA 416 -13.78 -6.89 47.98
C ALA IA 416 -13.09 -5.85 48.87
N THR IA 417 -13.79 -4.77 49.17
CA THR IA 417 -13.32 -3.75 50.10
C THR IA 417 -14.34 -3.64 51.22
N LEU IA 418 -14.05 -4.29 52.34
CA LEU IA 418 -14.88 -4.17 53.53
C LEU IA 418 -14.69 -2.79 54.14
N GLY IA 419 -15.60 -1.87 53.84
CA GLY IA 419 -15.45 -0.52 54.35
C GLY IA 419 -14.49 0.29 53.51
N VAL IA 420 -13.63 1.06 54.19
CA VAL IA 420 -12.66 1.90 53.51
C VAL IA 420 -11.24 1.39 53.76
N GLU IA 445 -11.05 -1.05 56.10
CA GLU IA 445 -11.12 -0.95 57.55
C GLU IA 445 -12.28 -1.76 58.09
N THR IA 446 -12.05 -2.43 59.22
CA THR IA 446 -12.99 -3.38 59.80
C THR IA 446 -13.70 -2.79 61.02
N TYR IA 447 -14.00 -1.49 60.98
CA TYR IA 447 -14.63 -0.87 62.14
C TYR IA 447 -16.00 -1.45 62.42
N VAL IA 448 -16.82 -1.63 61.38
CA VAL IA 448 -18.18 -2.09 61.60
C VAL IA 448 -18.18 -3.53 62.09
N PHE IA 449 -17.28 -4.35 61.57
CA PHE IA 449 -17.19 -5.73 62.03
C PHE IA 449 -16.69 -5.81 63.46
N GLN IA 450 -15.74 -4.94 63.84
CA GLN IA 450 -15.31 -4.90 65.23
C GLN IA 450 -16.37 -4.35 66.15
N ASP IA 451 -17.23 -3.45 65.67
CA ASP IA 451 -18.34 -2.97 66.48
C ASP IA 451 -19.39 -4.07 66.68
N ASN IA 452 -19.65 -4.87 65.65
CA ASN IA 452 -20.54 -6.00 65.83
C ASN IA 452 -19.94 -7.01 66.81
N LEU IA 453 -18.64 -7.22 66.74
CA LEU IA 453 -17.98 -8.09 67.72
C LEU IA 453 -18.04 -7.49 69.13
N ALA IA 454 -17.99 -6.16 69.24
CA ALA IA 454 -18.17 -5.53 70.54
C ALA IA 454 -19.58 -5.73 71.07
N THR IA 455 -20.58 -5.68 70.19
CA THR IA 455 -21.95 -5.99 70.61
C THR IA 455 -22.04 -7.43 71.12
N ALA IA 456 -21.42 -8.35 70.40
CA ALA IA 456 -21.40 -9.74 70.84
C ALA IA 456 -20.71 -9.87 72.19
N MET IA 457 -19.63 -9.13 72.41
CA MET IA 457 -18.93 -9.21 73.68
C MET IA 457 -19.72 -8.59 74.82
N ARG IA 458 -20.51 -7.55 74.54
CA ARG IA 458 -21.39 -7.01 75.57
C ARG IA 458 -22.46 -8.01 75.96
N ARG IA 459 -23.03 -8.72 74.97
CA ARG IA 459 -23.96 -9.80 75.30
C ARG IA 459 -23.27 -10.91 76.10
N ASP IA 460 -22.04 -11.23 75.73
CA ASP IA 460 -21.27 -12.22 76.46
C ASP IA 460 -21.10 -11.81 77.92
N GLY IA 461 -20.79 -10.53 78.15
CA GLY IA 461 -20.65 -10.04 79.50
C GLY IA 461 -21.94 -10.14 80.29
N GLU IA 462 -23.07 -9.82 79.65
CA GLU IA 462 -24.36 -9.95 80.35
C GLU IA 462 -24.64 -11.39 80.73
N ILE IA 463 -24.45 -12.32 79.80
CA ILE IA 463 -24.69 -13.74 80.08
C ILE IA 463 -23.77 -14.21 81.20
N TYR IA 464 -22.50 -13.81 81.15
CA TYR IA 464 -21.55 -14.26 82.16
C TYR IA 464 -21.91 -13.71 83.53
N GLN IA 465 -22.36 -12.46 83.59
CA GLN IA 465 -22.78 -11.89 84.86
C GLN IA 465 -23.95 -12.69 85.45
N SER IA 466 -24.92 -13.04 84.60
CA SER IA 466 -26.06 -13.80 85.10
C SER IA 466 -25.63 -15.16 85.64
N ILE IA 467 -24.80 -15.88 84.87
CA ILE IA 467 -24.39 -17.21 85.33
C ILE IA 467 -23.53 -17.11 86.58
N VAL IA 468 -22.71 -16.07 86.70
CA VAL IA 468 -21.92 -15.88 87.89
C VAL IA 468 -22.82 -15.67 89.10
N ASN IA 469 -23.81 -14.79 88.97
CA ASN IA 469 -24.75 -14.58 90.07
C ASN IA 469 -25.51 -15.85 90.39
N ASP IA 470 -25.60 -16.79 89.46
CA ASP IA 470 -26.34 -18.01 89.73
C ASP IA 470 -25.49 -19.08 90.43
N ILE IA 471 -24.28 -19.34 89.96
CA ILE IA 471 -23.51 -20.48 90.46
C ILE IA 471 -22.30 -20.08 91.31
N TYR IA 472 -21.76 -18.89 91.14
CA TYR IA 472 -20.53 -18.55 91.84
C TYR IA 472 -20.82 -17.91 93.19
N ASP IA 473 -19.88 -18.06 94.11
CA ASP IA 473 -19.95 -17.46 95.43
C ASP IA 473 -19.46 -16.02 95.33
N VAL IA 474 -20.39 -15.07 95.34
CA VAL IA 474 -20.08 -13.66 95.16
C VAL IA 474 -20.07 -12.99 96.53
N PRO IA 475 -18.91 -12.60 97.05
CA PRO IA 475 -18.89 -11.88 98.33
C PRO IA 475 -19.38 -10.46 98.18
N ARG IA 476 -19.84 -9.90 99.29
CA ARG IA 476 -20.30 -8.52 99.34
C ARG IA 476 -19.26 -7.65 100.02
N ASN IA 477 -19.10 -6.42 99.53
CA ASN IA 477 -18.15 -5.47 100.07
C ASN IA 477 -18.86 -4.54 101.05
N VAL IA 478 -18.35 -4.46 102.28
CA VAL IA 478 -18.94 -3.61 103.30
C VAL IA 478 -17.90 -2.59 103.77
N THR IA 479 -18.36 -1.39 104.07
CA THR IA 479 -17.49 -0.28 104.45
C THR IA 479 -17.25 -0.21 105.95
N ILE IA 480 -17.77 -1.15 106.74
CA ILE IA 480 -17.58 -1.15 108.18
C ILE IA 480 -16.13 -1.49 108.51
N LEU IA 492 -14.40 -4.64 104.00
CA LEU IA 492 -14.16 -6.09 104.03
C LEU IA 492 -15.10 -6.82 103.09
N MET IA 493 -14.71 -8.03 102.68
CA MET IA 493 -15.52 -8.88 101.81
C MET IA 493 -16.10 -10.01 102.63
N ALA IA 494 -17.42 -10.17 102.59
CA ALA IA 494 -18.13 -11.16 103.37
C ALA IA 494 -18.80 -12.17 102.45
N GLU IA 495 -18.61 -13.46 102.74
CA GLU IA 495 -19.31 -14.54 102.05
C GLU IA 495 -20.34 -15.13 103.01
N VAL IA 496 -21.61 -15.04 102.62
CA VAL IA 496 -22.71 -15.56 103.42
C VAL IA 496 -23.17 -16.85 102.76
N VAL IA 497 -22.77 -17.99 103.32
CA VAL IA 497 -23.07 -19.30 102.77
C VAL IA 497 -23.35 -20.27 103.91
N ASP IA 498 -23.92 -21.42 103.55
CA ASP IA 498 -24.22 -22.47 104.51
C ASP IA 498 -24.29 -23.80 103.78
N LEU IA 499 -24.17 -24.89 104.54
CA LEU IA 499 -24.19 -26.24 104.00
C LEU IA 499 -25.40 -26.99 104.54
N ALA IA 500 -26.04 -27.77 103.66
CA ALA IA 500 -27.21 -28.53 104.04
C ALA IA 500 -26.80 -29.84 104.73
N THR IA 501 -27.81 -30.66 105.06
CA THR IA 501 -27.54 -31.94 105.71
C THR IA 501 -26.89 -32.94 104.76
N GLY IA 502 -26.95 -32.70 103.45
CA GLY IA 502 -26.34 -33.58 102.48
C GLY IA 502 -24.93 -33.17 102.12
N GLU IA 503 -24.32 -32.35 102.95
CA GLU IA 503 -22.97 -31.81 102.82
C GLU IA 503 -22.82 -30.86 101.63
N LYS IA 504 -23.90 -30.54 100.92
CA LYS IA 504 -23.82 -29.61 99.80
C LYS IA 504 -23.94 -28.18 100.29
N GLN IA 505 -23.07 -27.31 99.78
CA GLN IA 505 -23.08 -25.90 100.14
C GLN IA 505 -24.02 -25.15 99.23
N VAL IA 506 -24.95 -24.40 99.82
CA VAL IA 506 -25.93 -23.61 99.07
C VAL IA 506 -25.49 -22.15 99.10
N LEU IA 507 -25.12 -21.63 97.94
CA LEU IA 507 -24.71 -20.24 97.83
C LEU IA 507 -25.90 -19.32 98.04
N ASN IA 508 -25.63 -18.17 98.66
CA ASN IA 508 -26.66 -17.18 98.98
C ASN IA 508 -26.24 -15.85 98.38
N ASP IA 509 -26.87 -15.46 97.28
CA ASP IA 509 -26.59 -14.19 96.62
C ASP IA 509 -27.76 -13.25 96.88
N ILE IA 510 -27.48 -12.11 97.50
CA ILE IA 510 -28.48 -11.09 97.75
C ILE IA 510 -28.86 -10.46 96.41
N ARG IA 511 -29.93 -9.67 96.40
CA ARG IA 511 -30.43 -9.06 95.18
C ARG IA 511 -29.64 -7.83 94.74
N GLY IA 512 -28.70 -7.35 95.55
CA GLY IA 512 -27.83 -6.28 95.10
C GLY IA 512 -26.72 -6.81 94.22
N ARG IA 513 -27.08 -7.42 93.10
CA ARG IA 513 -26.12 -8.15 92.27
C ARG IA 513 -25.67 -7.35 91.05
N TYR IA 514 -26.60 -6.78 90.29
CA TYR IA 514 -26.26 -6.01 89.09
C TYR IA 514 -25.78 -4.62 89.51
N GLU IA 515 -24.60 -4.59 90.12
CA GLU IA 515 -23.97 -3.34 90.55
C GLU IA 515 -23.01 -2.79 89.51
N CYS IA 516 -22.77 -3.50 88.42
CA CYS IA 516 -21.86 -3.06 87.38
C CYS IA 516 -22.47 -3.35 86.03
N TYR IA 517 -22.13 -2.52 85.05
CA TYR IA 517 -22.54 -2.72 83.68
C TYR IA 517 -21.33 -3.14 82.84
N THR IA 518 -21.57 -3.31 81.55
CA THR IA 518 -20.59 -3.87 80.64
C THR IA 518 -20.15 -2.82 79.62
N ASP IA 519 -18.84 -2.69 79.44
CA ASP IA 519 -18.22 -1.95 78.36
C ASP IA 519 -17.25 -2.87 77.65
N VAL IA 520 -16.61 -2.35 76.61
CA VAL IA 520 -15.65 -3.09 75.81
C VAL IA 520 -14.27 -2.52 76.07
N GLY IA 521 -13.31 -3.40 76.31
CA GLY IA 521 -11.96 -2.97 76.58
C GLY IA 521 -10.92 -3.93 76.04
N PRO IA 522 -9.65 -3.59 76.21
CA PRO IA 522 -8.59 -4.49 75.74
C PRO IA 522 -8.61 -5.80 76.50
N SER IA 523 -8.11 -6.84 75.84
CA SER IA 523 -8.12 -8.19 76.40
C SER IA 523 -6.85 -8.40 77.21
N PHE IA 524 -7.00 -8.54 78.53
CA PHE IA 524 -5.89 -8.76 79.43
C PHE IA 524 -6.04 -10.14 80.07
N GLN IA 525 -4.90 -10.78 80.35
CA GLN IA 525 -4.93 -12.12 80.90
C GLN IA 525 -5.18 -12.13 82.41
N SER IA 526 -5.07 -10.98 83.07
CA SER IA 526 -5.26 -10.95 84.52
C SER IA 526 -5.48 -9.52 84.97
N MET IA 527 -6.02 -9.40 86.19
CA MET IA 527 -6.26 -8.09 86.78
C MET IA 527 -4.96 -7.35 87.04
N LYS IA 528 -3.87 -8.08 87.32
CA LYS IA 528 -2.58 -7.43 87.46
C LYS IA 528 -2.14 -6.77 86.16
N GLN IA 529 -2.32 -7.46 85.05
CA GLN IA 529 -2.01 -6.87 83.75
C GLN IA 529 -2.90 -5.67 83.47
N GLN IA 530 -4.18 -5.77 83.82
CA GLN IA 530 -5.07 -4.64 83.62
C GLN IA 530 -4.64 -3.43 84.44
N ASN IA 531 -4.25 -3.64 85.69
CA ASN IA 531 -3.78 -2.54 86.53
C ASN IA 531 -2.50 -1.95 85.98
N ARG IA 532 -1.59 -2.79 85.48
CA ARG IA 532 -0.37 -2.29 84.87
C ARG IA 532 -0.69 -1.41 83.66
N ALA IA 533 -1.63 -1.85 82.83
CA ALA IA 533 -2.04 -1.04 81.68
C ALA IA 533 -2.64 0.28 82.11
N GLU IA 534 -3.47 0.27 83.16
CA GLU IA 534 -4.05 1.51 83.65
C GLU IA 534 -2.98 2.46 84.16
N ILE IA 535 -2.01 1.94 84.91
CA ILE IA 535 -0.95 2.78 85.44
C ILE IA 535 -0.12 3.38 84.31
N LEU IA 536 0.22 2.58 83.31
CA LEU IA 536 0.98 3.09 82.18
C LEU IA 536 0.19 4.17 81.42
N GLU IA 537 -1.11 3.95 81.22
CA GLU IA 537 -1.92 4.94 80.53
C GLU IA 537 -1.97 6.25 81.30
N LEU IA 538 -2.15 6.19 82.62
CA LEU IA 538 -2.16 7.41 83.42
C LEU IA 538 -0.81 8.10 83.36
N LEU IA 539 0.28 7.33 83.43
CA LEU IA 539 1.61 7.89 83.37
C LEU IA 539 1.88 8.55 82.02
N GLY IA 540 1.22 8.08 80.97
CA GLY IA 540 1.40 8.69 79.67
C GLY IA 540 0.94 10.14 79.62
N LYS IA 541 -0.14 10.47 80.33
CA LYS IA 541 -0.66 11.83 80.32
C LYS IA 541 -0.24 12.64 81.55
N THR IA 542 0.28 12.02 82.59
CA THR IA 542 0.73 12.80 83.73
C THR IA 542 2.06 13.48 83.40
N PRO IA 543 2.18 14.80 83.61
CA PRO IA 543 3.46 15.46 83.41
C PRO IA 543 4.43 15.15 84.53
N GLN IA 544 5.69 15.55 84.33
CA GLN IA 544 6.77 15.21 85.27
C GLN IA 544 6.70 16.11 86.51
N GLY IA 545 5.69 15.84 87.32
CA GLY IA 545 5.57 16.47 88.63
C GLY IA 545 5.78 15.45 89.73
N THR IA 546 5.04 15.57 90.82
CA THR IA 546 5.08 14.56 91.88
C THR IA 546 4.21 13.34 91.58
N PRO IA 547 3.03 13.48 90.94
CA PRO IA 547 2.28 12.26 90.60
C PRO IA 547 3.00 11.38 89.60
N GLU IA 548 3.94 11.91 88.83
CA GLU IA 548 4.76 11.05 87.98
C GLU IA 548 5.60 10.11 88.82
N TYR IA 549 6.23 10.62 89.88
CA TYR IA 549 6.97 9.77 90.80
C TYR IA 549 6.04 8.77 91.48
N GLN IA 550 4.85 9.24 91.89
CA GLN IA 550 3.87 8.37 92.51
C GLN IA 550 3.51 7.20 91.60
N LEU IA 551 3.19 7.50 90.35
CA LEU IA 551 2.78 6.45 89.42
C LEU IA 551 3.93 5.54 89.05
N LEU IA 552 5.16 6.05 88.94
CA LEU IA 552 6.31 5.19 88.68
C LEU IA 552 6.52 4.21 89.82
N LEU IA 553 6.41 4.70 91.07
CA LEU IA 553 6.54 3.80 92.21
C LEU IA 553 5.40 2.78 92.24
N LEU IA 554 4.20 3.19 91.83
CA LEU IA 554 3.09 2.24 91.73
C LEU IA 554 3.38 1.16 90.70
N GLN IA 555 3.93 1.56 89.55
CA GLN IA 555 4.27 0.59 88.51
C GLN IA 555 5.29 -0.41 89.02
N TYR IA 556 6.29 0.07 89.77
CA TYR IA 556 7.25 -0.87 90.34
C TYR IA 556 6.61 -1.77 91.39
N PHE IA 557 5.65 -1.24 92.16
CA PHE IA 557 4.94 -2.07 93.13
C PHE IA 557 4.19 -3.21 92.45
N THR IA 558 3.54 -2.93 91.32
CA THR IA 558 2.69 -3.92 90.67
C THR IA 558 3.40 -4.72 89.58
N LEU IA 559 4.68 -5.03 89.76
CA LEU IA 559 5.45 -5.76 88.76
C LEU IA 559 5.66 -7.22 89.17
N LEU IA 560 6.13 -8.01 88.21
CA LEU IA 560 6.44 -9.41 88.47
C LEU IA 560 7.68 -9.53 89.34
N ASP IA 561 7.99 -10.76 89.75
CA ASP IA 561 9.03 -11.02 90.74
C ASP IA 561 10.17 -11.82 90.17
N GLY IA 562 11.40 -11.40 90.50
CA GLY IA 562 12.60 -12.14 90.25
C GLY IA 562 13.53 -11.98 91.44
N LYS IA 563 14.75 -11.54 91.19
CA LYS IA 563 15.64 -11.07 92.24
C LYS IA 563 15.92 -9.58 92.14
N GLY IA 564 16.38 -9.11 90.97
CA GLY IA 564 16.55 -7.68 90.79
C GLY IA 564 15.24 -6.92 90.82
N VAL IA 565 14.24 -7.40 90.09
CA VAL IA 565 12.93 -6.77 90.13
C VAL IA 565 12.32 -6.93 91.51
N GLU IA 566 12.68 -8.00 92.22
CA GLU IA 566 12.26 -8.12 93.61
C GLU IA 566 12.79 -6.96 94.44
N MET IA 567 14.08 -6.64 94.29
CA MET IA 567 14.64 -5.58 95.12
C MET IA 567 14.05 -4.24 94.72
N MET IA 568 13.82 -4.04 93.42
CA MET IA 568 13.22 -2.78 92.97
C MET IA 568 11.81 -2.61 93.51
N ARG IA 569 11.02 -3.67 93.50
CA ARG IA 569 9.65 -3.57 94.02
C ARG IA 569 9.64 -3.36 95.52
N ASP IA 570 10.57 -4.00 96.25
CA ASP IA 570 10.66 -3.76 97.68
C ASP IA 570 11.03 -2.31 97.98
N TYR IA 571 11.96 -1.75 97.21
CA TYR IA 571 12.30 -0.34 97.38
C TYR IA 571 11.10 0.56 97.11
N ALA IA 572 10.34 0.25 96.06
CA ALA IA 572 9.15 1.05 95.76
C ALA IA 572 8.12 0.95 96.87
N ASN IA 573 7.95 -0.24 97.45
CA ASN IA 573 7.05 -0.40 98.58
C ASN IA 573 7.50 0.44 99.76
N LYS IA 574 8.80 0.42 100.06
CA LYS IA 574 9.31 1.20 101.17
C LYS IA 574 9.05 2.68 100.95
N GLN IA 575 9.31 3.18 99.74
CA GLN IA 575 9.06 4.59 99.46
C GLN IA 575 7.58 4.94 99.60
N LEU IA 576 6.70 4.11 99.03
CA LEU IA 576 5.28 4.42 99.07
C LEU IA 576 4.75 4.40 100.50
N ILE IA 577 5.26 3.49 101.33
CA ILE IA 577 4.83 3.45 102.72
C ILE IA 577 5.36 4.65 103.48
N GLN IA 578 6.61 5.05 103.21
CA GLN IA 578 7.22 6.12 103.99
C GLN IA 578 6.68 7.50 103.63
N MET IA 579 6.19 7.68 102.40
CA MET IA 579 5.55 8.96 102.08
C MET IA 579 4.07 9.00 102.44
N GLY IA 580 3.55 7.99 103.11
CA GLY IA 580 2.21 8.10 103.67
C GLY IA 580 1.08 7.92 102.68
N VAL IA 581 1.36 7.45 101.48
CA VAL IA 581 0.31 7.22 100.48
C VAL IA 581 -0.30 5.84 100.65
N LYS IA 582 0.51 4.84 100.95
CA LYS IA 582 0.01 3.49 101.23
C LYS IA 582 -0.12 3.29 102.72
N LYS IA 583 -0.93 2.30 103.10
CA LYS IA 583 -1.18 2.02 104.51
C LYS IA 583 -0.31 0.87 105.01
N MET JA 1 17.24 -55.64 -15.70
CA MET JA 1 16.62 -54.79 -16.71
C MET JA 1 16.91 -55.30 -18.11
N GLN JA 2 15.93 -55.14 -19.00
CA GLN JA 2 16.11 -55.53 -20.39
C GLN JA 2 16.83 -54.46 -21.21
N ILE JA 3 17.05 -53.29 -20.64
CA ILE JA 3 17.83 -52.23 -21.27
C ILE JA 3 19.22 -52.27 -20.63
N LYS JA 4 20.13 -53.03 -21.24
CA LYS JA 4 21.45 -53.22 -20.69
C LYS JA 4 22.56 -52.52 -21.46
N THR JA 5 22.29 -52.04 -22.67
CA THR JA 5 23.34 -51.51 -23.52
C THR JA 5 22.97 -50.14 -24.06
N LYS JA 6 24.01 -49.43 -24.52
CA LYS JA 6 23.80 -48.12 -25.14
C LYS JA 6 22.86 -48.23 -26.33
N GLY JA 7 22.95 -49.32 -27.08
CA GLY JA 7 22.00 -49.53 -28.17
C GLY JA 7 20.60 -49.75 -27.70
N ASP JA 8 20.42 -50.41 -26.56
CA ASP JA 8 19.09 -50.52 -25.99
C ASP JA 8 18.54 -49.15 -25.63
N LEU JA 9 19.37 -48.28 -25.05
CA LEU JA 9 18.95 -46.92 -24.76
C LEU JA 9 18.55 -46.19 -26.03
N VAL JA 10 19.36 -46.33 -27.08
CA VAL JA 10 19.11 -45.62 -28.32
C VAL JA 10 17.83 -46.12 -28.98
N ARG JA 11 17.61 -47.44 -28.98
CA ARG JA 11 16.39 -47.98 -29.56
C ARG JA 11 15.16 -47.52 -28.77
N ALA JA 12 15.27 -47.47 -27.44
CA ALA JA 12 14.18 -46.94 -26.65
C ALA JA 12 13.89 -45.49 -27.00
N ALA JA 13 14.94 -44.69 -27.19
CA ALA JA 13 14.73 -43.29 -27.55
C ALA JA 13 14.05 -43.15 -28.90
N LEU JA 14 14.49 -43.93 -29.88
CA LEU JA 14 13.86 -43.88 -31.19
C LEU JA 14 12.42 -44.35 -31.15
N ARG JA 15 12.12 -45.35 -30.31
CA ARG JA 15 10.74 -45.79 -30.15
C ARG JA 15 9.88 -44.71 -29.48
N LYS JA 16 10.40 -44.06 -28.43
CA LYS JA 16 9.69 -42.95 -27.82
C LYS JA 16 9.36 -41.89 -28.86
N LEU JA 17 10.34 -41.57 -29.71
CA LEU JA 17 10.12 -40.59 -30.76
C LEU JA 17 9.21 -41.09 -31.86
N GLY JA 18 9.01 -42.40 -31.95
CA GLY JA 18 8.21 -42.94 -33.03
C GLY JA 18 8.90 -42.93 -34.37
N VAL JA 19 10.21 -43.15 -34.39
CA VAL JA 19 10.98 -43.17 -35.62
C VAL JA 19 11.25 -44.59 -36.08
N ALA JA 20 11.62 -45.48 -35.16
CA ALA JA 20 11.98 -46.85 -35.51
C ALA JA 20 11.54 -47.76 -34.38
N SER JA 21 10.35 -48.35 -34.53
CA SER JA 21 9.77 -49.18 -33.48
C SER JA 21 9.10 -50.37 -34.14
N ASP JA 22 8.23 -51.04 -33.38
CA ASP JA 22 7.37 -52.08 -33.92
C ASP JA 22 5.91 -51.66 -33.98
N ALA JA 23 5.50 -50.71 -33.14
CA ALA JA 23 4.19 -50.10 -33.29
C ALA JA 23 4.06 -49.43 -34.65
N THR JA 24 5.16 -48.92 -35.17
CA THR JA 24 5.28 -48.49 -36.55
C THR JA 24 6.33 -49.35 -37.21
N LEU JA 25 6.02 -49.91 -38.37
CA LEU JA 25 6.90 -50.91 -38.95
C LEU JA 25 8.17 -50.30 -39.51
N THR JA 26 9.07 -49.86 -38.65
CA THR JA 26 10.32 -49.25 -39.07
C THR JA 26 11.48 -49.92 -38.36
N ASP JA 27 12.54 -50.19 -39.11
CA ASP JA 27 13.76 -50.73 -38.54
C ASP JA 27 14.74 -49.60 -38.25
N VAL JA 28 15.53 -49.77 -37.19
CA VAL JA 28 16.53 -48.77 -36.84
C VAL JA 28 17.56 -48.69 -37.95
N GLU JA 29 17.72 -47.51 -38.52
CA GLU JA 29 18.70 -47.34 -39.58
C GLU JA 29 20.10 -47.36 -39.00
N PRO JA 30 21.02 -48.13 -39.60
CA PRO JA 30 22.38 -48.18 -39.07
C PRO JA 30 23.09 -46.84 -39.11
N GLN JA 31 22.68 -45.94 -40.00
CA GLN JA 31 23.22 -44.58 -39.95
C GLN JA 31 22.63 -43.79 -38.79
N SER JA 32 21.40 -44.09 -38.40
CA SER JA 32 20.80 -43.39 -37.27
C SER JA 32 21.38 -43.86 -35.95
N MET JA 33 21.73 -45.15 -35.86
CA MET JA 33 22.21 -45.69 -34.59
C MET JA 33 23.53 -45.07 -34.17
N GLN JA 34 24.47 -44.91 -35.11
CA GLN JA 34 25.75 -44.33 -34.76
C GLN JA 34 25.61 -42.85 -34.38
N ASP JA 35 24.79 -42.11 -35.11
CA ASP JA 35 24.57 -40.71 -34.76
C ASP JA 35 23.94 -40.59 -33.38
N ALA JA 36 22.97 -41.44 -33.07
CA ALA JA 36 22.33 -41.38 -31.76
C ALA JA 36 23.29 -41.78 -30.66
N VAL JA 37 24.17 -42.75 -30.90
CA VAL JA 37 25.15 -43.14 -29.89
C VAL JA 37 26.14 -42.01 -29.66
N ASP JA 38 26.57 -41.35 -30.72
CA ASP JA 38 27.47 -40.20 -30.56
C ASP JA 38 26.80 -39.08 -29.77
N ASP JA 39 25.52 -38.84 -30.04
CA ASP JA 39 24.79 -37.83 -29.28
C ASP JA 39 24.67 -38.23 -27.82
N LEU JA 40 24.43 -39.52 -27.55
CA LEU JA 40 24.36 -40.00 -26.17
C LEU JA 40 25.68 -39.80 -25.44
N GLU JA 41 26.79 -40.13 -26.10
CA GLU JA 41 28.09 -39.97 -25.46
C GLU JA 41 28.40 -38.49 -25.21
N ALA JA 42 28.06 -37.62 -26.16
CA ALA JA 42 28.27 -36.20 -25.95
C ALA JA 42 27.43 -35.68 -24.78
N MET JA 43 26.16 -36.08 -24.73
CA MET JA 43 25.28 -35.60 -23.66
C MET JA 43 25.70 -36.13 -22.29
N MET JA 44 26.14 -37.39 -22.25
CA MET JA 44 26.61 -37.95 -20.98
C MET JA 44 27.89 -37.28 -20.50
N ALA JA 45 28.83 -37.04 -21.41
CA ALA JA 45 30.04 -36.32 -21.01
C ALA JA 45 29.71 -34.90 -20.56
N GLU JA 46 28.72 -34.27 -21.20
CA GLU JA 46 28.29 -32.95 -20.78
C GLU JA 46 27.71 -32.96 -19.37
N TRP JA 47 26.85 -33.95 -19.08
CA TRP JA 47 26.26 -34.05 -17.75
C TRP JA 47 27.34 -34.30 -16.71
N TYR JA 48 28.17 -35.30 -16.93
CA TYR JA 48 29.25 -35.67 -16.01
C TYR JA 48 30.43 -34.75 -16.28
N GLN JA 49 30.42 -33.58 -15.66
CA GLN JA 49 31.43 -32.56 -15.94
C GLN JA 49 32.73 -32.91 -15.24
N ASP JA 50 33.34 -34.00 -15.72
CA ASP JA 50 34.59 -34.52 -15.16
C ASP JA 50 34.46 -34.80 -13.67
N GLY JA 51 33.30 -35.30 -13.26
CA GLY JA 51 33.05 -35.69 -11.90
C GLY JA 51 32.27 -34.69 -11.07
N LYS JA 52 32.17 -33.45 -11.53
CA LYS JA 52 31.48 -32.40 -10.79
C LYS JA 52 30.07 -32.17 -11.29
N GLY JA 53 29.54 -33.06 -12.11
CA GLY JA 53 28.18 -32.94 -12.60
C GLY JA 53 27.28 -34.01 -12.02
N ILE JA 54 26.38 -34.55 -12.85
CA ILE JA 54 25.45 -35.58 -12.42
C ILE JA 54 26.17 -36.92 -12.46
N ILE JA 55 26.20 -37.62 -11.33
CA ILE JA 55 26.82 -38.94 -11.24
C ILE JA 55 25.75 -39.98 -11.51
N THR JA 56 25.97 -40.81 -12.53
CA THR JA 56 24.98 -41.80 -12.93
C THR JA 56 25.50 -43.22 -13.05
N GLY JA 57 26.82 -43.43 -13.02
CA GLY JA 57 27.37 -44.74 -13.24
C GLY JA 57 27.56 -45.11 -14.69
N TYR JA 58 27.29 -44.19 -15.61
CA TYR JA 58 27.49 -44.44 -17.03
C TYR JA 58 28.97 -44.64 -17.33
N VAL JA 59 29.26 -45.51 -18.29
CA VAL JA 59 30.64 -45.87 -18.64
C VAL JA 59 30.93 -45.33 -20.03
N PHE JA 60 31.94 -44.47 -20.13
CA PHE JA 60 32.31 -43.85 -21.39
C PHE JA 60 33.21 -44.79 -22.18
N SER JA 61 32.85 -45.02 -23.43
CA SER JA 61 33.61 -45.94 -24.27
C SER JA 61 34.91 -45.30 -24.72
N ASP JA 62 36.01 -46.01 -24.54
CA ASP JA 62 37.31 -45.53 -24.99
C ASP JA 62 37.44 -45.74 -26.50
N ASP JA 63 38.53 -45.21 -27.06
CA ASP JA 63 38.81 -45.37 -28.47
C ASP JA 63 39.30 -46.77 -28.81
N GLU JA 64 39.72 -47.54 -27.82
CA GLU JA 64 40.29 -48.85 -28.09
C GLU JA 64 39.23 -49.83 -28.61
N ASN JA 65 38.07 -49.86 -27.97
CA ASN JA 65 37.07 -50.87 -28.29
C ASN JA 65 36.44 -50.58 -29.64
N PRO JA 66 36.29 -51.58 -30.51
CA PRO JA 66 35.74 -51.34 -31.85
C PRO JA 66 34.30 -50.85 -31.80
N PRO JA 67 33.35 -51.61 -31.19
CA PRO JA 67 31.96 -51.13 -31.21
C PRO JA 67 31.63 -50.23 -30.02
N ALA JA 68 31.34 -48.96 -30.26
CA ALA JA 68 30.77 -48.13 -29.21
C ALA JA 68 29.37 -48.61 -28.87
N GLU JA 69 28.78 -49.40 -29.74
CA GLU JA 69 27.48 -50.00 -29.48
C GLU JA 69 27.64 -51.49 -29.18
N GLY JA 70 26.93 -51.95 -28.16
CA GLY JA 70 27.03 -53.30 -27.65
C GLY JA 70 27.55 -53.35 -26.25
N ASP JA 71 28.13 -52.25 -25.77
CA ASP JA 71 28.69 -52.20 -24.43
C ASP JA 71 27.65 -51.77 -23.44
N ASP JA 72 27.68 -52.38 -22.26
CA ASP JA 72 26.77 -52.01 -21.20
C ASP JA 72 27.00 -50.55 -20.81
N HIS JA 73 25.91 -49.82 -20.63
CA HIS JA 73 26.04 -48.42 -20.22
C HIS JA 73 26.41 -48.29 -18.75
N GLY JA 74 26.15 -49.31 -17.95
CA GLY JA 74 26.54 -49.27 -16.56
C GLY JA 74 25.65 -48.42 -15.67
N LEU JA 75 24.54 -47.90 -16.18
CA LEU JA 75 23.65 -47.09 -15.37
C LEU JA 75 23.05 -47.92 -14.25
N ARG JA 76 22.45 -47.24 -13.28
CA ARG JA 76 21.62 -47.93 -12.32
C ARG JA 76 20.26 -48.22 -12.93
N SER JA 77 19.48 -49.06 -12.25
CA SER JA 77 18.17 -49.43 -12.77
C SER JA 77 17.21 -48.25 -12.78
N SER JA 78 17.47 -47.21 -11.99
CA SER JA 78 16.58 -46.06 -11.89
C SER JA 78 17.02 -44.88 -12.74
N ALA JA 79 18.07 -45.04 -13.54
CA ALA JA 79 18.52 -43.98 -14.42
C ALA JA 79 18.15 -44.20 -15.88
N VAL JA 80 17.72 -45.41 -16.24
CA VAL JA 80 17.50 -45.75 -17.64
C VAL JA 80 16.44 -44.84 -18.25
N SER JA 81 15.30 -44.68 -17.57
CA SER JA 81 14.20 -43.91 -18.14
C SER JA 81 14.61 -42.46 -18.35
N ALA JA 82 15.27 -41.87 -17.35
CA ALA JA 82 15.72 -40.49 -17.47
C ALA JA 82 16.67 -40.33 -18.64
N VAL JA 83 17.64 -41.24 -18.75
CA VAL JA 83 18.65 -41.12 -19.79
C VAL JA 83 18.01 -41.22 -21.16
N PHE JA 84 17.15 -42.22 -21.38
CA PHE JA 84 16.67 -42.38 -22.74
C PHE JA 84 15.57 -41.38 -23.10
N HIS JA 85 14.83 -40.87 -22.13
CA HIS JA 85 13.91 -39.77 -22.43
C HIS JA 85 14.69 -38.51 -22.82
N ASN JA 86 15.75 -38.19 -22.08
CA ASN JA 86 16.56 -37.03 -22.44
C ASN JA 86 17.21 -37.24 -23.80
N LEU JA 87 17.62 -38.48 -24.10
CA LEU JA 87 18.25 -38.76 -25.38
C LEU JA 87 17.26 -38.59 -26.53
N ALA JA 88 16.02 -39.04 -26.35
CA ALA JA 88 15.00 -38.82 -27.37
C ALA JA 88 14.78 -37.33 -27.59
N CYS JA 89 14.71 -36.56 -26.50
CA CYS JA 89 14.58 -35.12 -26.63
C CYS JA 89 15.74 -34.53 -27.42
N ARG JA 90 16.96 -34.95 -27.11
CA ARG JA 90 18.13 -34.37 -27.75
C ARG JA 90 18.19 -34.71 -29.24
N ILE JA 91 17.86 -35.95 -29.61
CA ILE JA 91 18.04 -36.37 -31.00
C ILE JA 91 16.80 -36.19 -31.86
N ALA JA 92 15.69 -35.72 -31.28
CA ALA JA 92 14.53 -35.40 -32.12
C ALA JA 92 14.83 -34.39 -33.22
N PRO JA 93 15.57 -33.30 -33.00
CA PRO JA 93 15.81 -32.36 -34.12
C PRO JA 93 16.65 -32.94 -35.25
N ASP JA 94 17.35 -34.06 -35.05
CA ASP JA 94 18.05 -34.70 -36.16
C ASP JA 94 17.12 -34.95 -37.33
N TYR JA 95 15.88 -35.35 -37.05
CA TYR JA 95 14.90 -35.70 -38.06
C TYR JA 95 13.84 -34.62 -38.25
N ALA JA 96 14.15 -33.38 -37.86
CA ALA JA 96 13.21 -32.28 -37.95
C ALA JA 96 11.91 -32.60 -37.23
N LEU JA 97 12.03 -33.25 -36.08
CA LEU JA 97 10.90 -33.60 -35.22
C LEU JA 97 10.93 -32.75 -33.96
N GLU JA 98 9.99 -33.03 -33.08
CA GLU JA 98 9.90 -32.33 -31.80
C GLU JA 98 9.27 -33.29 -30.79
N ALA JA 99 10.01 -33.63 -29.75
CA ALA JA 99 9.48 -34.52 -28.73
C ALA JA 99 8.25 -33.91 -28.08
N THR JA 100 7.24 -34.73 -27.83
CA THR JA 100 5.97 -34.22 -27.35
C THR JA 100 6.07 -33.82 -25.87
N ALA JA 101 5.01 -33.18 -25.40
CA ALA JA 101 5.02 -32.57 -24.08
C ALA JA 101 5.25 -33.61 -22.99
N LYS JA 102 4.68 -34.80 -23.15
CA LYS JA 102 4.90 -35.85 -22.16
C LYS JA 102 6.37 -36.25 -22.11
N ILE JA 103 7.02 -36.36 -23.26
CA ILE JA 103 8.43 -36.74 -23.29
C ILE JA 103 9.28 -35.66 -22.63
N ILE JA 104 8.99 -34.39 -22.90
CA ILE JA 104 9.76 -33.32 -22.29
C ILE JA 104 9.57 -33.29 -20.78
N ALA JA 105 8.32 -33.46 -20.33
CA ALA JA 105 8.06 -33.49 -18.90
C ALA JA 105 8.77 -34.65 -18.22
N THR JA 106 8.76 -35.82 -18.85
CA THR JA 106 9.45 -36.97 -18.27
C THR JA 106 10.96 -36.78 -18.27
N ALA JA 107 11.49 -36.08 -19.27
CA ALA JA 107 12.93 -35.79 -19.26
C ALA JA 107 13.29 -34.89 -18.10
N LYS JA 108 12.51 -33.83 -17.87
CA LYS JA 108 12.76 -32.95 -16.73
C LYS JA 108 12.69 -33.72 -15.42
N TYR JA 109 11.62 -34.49 -15.23
CA TYR JA 109 11.45 -35.24 -14.00
C TYR JA 109 12.59 -36.23 -13.79
N GLY JA 110 12.99 -36.92 -14.85
CA GLY JA 110 14.05 -37.90 -14.72
C GLY JA 110 15.38 -37.28 -14.37
N LYS JA 111 15.72 -36.15 -15.00
CA LYS JA 111 16.98 -35.49 -14.67
C LYS JA 111 16.99 -35.01 -13.23
N GLU JA 112 15.86 -34.47 -12.76
CA GLU JA 112 15.80 -34.03 -11.38
C GLU JA 112 15.98 -35.21 -10.42
N LEU JA 113 15.33 -36.34 -10.72
CA LEU JA 113 15.52 -37.51 -9.88
C LEU JA 113 16.96 -38.02 -9.94
N LEU JA 114 17.62 -37.86 -11.09
CA LEU JA 114 19.02 -38.25 -11.20
C LEU JA 114 19.88 -37.43 -10.25
N TYR JA 115 19.63 -36.14 -10.16
CA TYR JA 115 20.46 -35.30 -9.33
C TYR JA 115 20.02 -35.21 -7.87
N LYS JA 116 18.85 -35.76 -7.50
CA LYS JA 116 18.34 -35.55 -6.15
C LYS JA 116 19.28 -36.11 -5.08
N GLN JA 117 19.67 -37.38 -5.20
CA GLN JA 117 20.49 -37.98 -4.15
C GLN JA 117 21.85 -37.32 -4.05
N THR JA 118 22.42 -36.96 -5.20
CA THR JA 118 23.69 -36.24 -5.19
C THR JA 118 23.55 -34.87 -4.54
N ALA JA 119 22.43 -34.19 -4.75
CA ALA JA 119 22.20 -32.91 -4.10
C ALA JA 119 22.13 -33.07 -2.59
N ILE JA 120 21.44 -34.12 -2.14
CA ILE JA 120 21.38 -34.40 -0.70
C ILE JA 120 22.78 -34.66 -0.16
N SER JA 121 23.57 -35.45 -0.89
CA SER JA 121 24.91 -35.79 -0.44
C SER JA 121 25.82 -34.56 -0.37
N ARG JA 122 25.70 -33.67 -1.35
CA ARG JA 122 26.53 -32.48 -1.40
C ARG JA 122 26.04 -31.37 -0.49
N ALA JA 123 24.82 -31.49 0.07
CA ALA JA 123 24.33 -30.52 1.04
C ALA JA 123 25.07 -30.73 2.35
N LYS JA 124 26.32 -30.26 2.39
CA LYS JA 124 27.19 -30.39 3.54
C LYS JA 124 27.41 -29.03 4.18
N ARG JA 125 27.50 -29.02 5.51
CA ARG JA 125 27.69 -27.79 6.26
C ARG JA 125 29.18 -27.58 6.54
N ALA JA 126 29.67 -26.38 6.29
CA ALA JA 126 31.07 -26.07 6.51
C ALA JA 126 31.39 -26.09 8.00
N PRO JA 127 32.62 -26.44 8.37
CA PRO JA 127 32.97 -26.50 9.80
C PRO JA 127 32.93 -25.13 10.47
N TYR JA 128 33.19 -25.09 11.77
CA TYR JA 128 33.23 -23.82 12.47
C TYR JA 128 34.43 -23.00 11.98
N PRO JA 129 34.32 -21.68 11.99
CA PRO JA 129 35.45 -20.85 11.56
C PRO JA 129 36.61 -20.97 12.52
N SER JA 130 37.79 -20.59 12.03
CA SER JA 130 38.98 -20.69 12.85
C SER JA 130 38.96 -19.74 14.04
N ARG JA 131 38.12 -18.72 14.02
CA ARG JA 131 38.03 -17.76 15.10
C ARG JA 131 36.94 -18.07 16.10
N MET JA 132 36.24 -19.19 15.96
CA MET JA 132 35.19 -19.56 16.90
C MET JA 132 35.77 -20.36 18.05
N PRO JA 133 35.54 -19.97 19.30
CA PRO JA 133 36.00 -20.78 20.42
C PRO JA 133 35.19 -22.05 20.56
N THR JA 134 35.72 -22.98 21.34
CA THR JA 134 35.01 -24.21 21.66
C THR JA 134 34.03 -24.05 22.81
N GLY JA 135 34.16 -23.01 23.61
CA GLY JA 135 33.37 -22.86 24.81
C GLY JA 135 33.96 -23.64 25.96
N SER JA 136 33.73 -23.19 27.20
CA SER JA 136 34.30 -23.89 28.34
C SER JA 136 33.54 -25.17 28.67
N GLY JA 137 32.39 -25.40 28.05
CA GLY JA 137 31.66 -26.64 28.30
C GLY JA 137 32.32 -27.85 27.68
N ASN JA 138 33.17 -27.65 26.68
CA ASN JA 138 33.98 -28.71 26.09
C ASN JA 138 35.24 -28.86 26.95
N SER JA 139 35.09 -29.61 28.03
CA SER JA 139 36.07 -29.59 29.10
C SER JA 139 37.39 -30.20 28.67
N PHE JA 140 37.36 -31.31 27.93
CA PHE JA 140 38.59 -31.96 27.53
C PHE JA 140 39.41 -31.07 26.61
N ALA JA 141 38.75 -30.45 25.63
CA ALA JA 141 39.45 -29.57 24.72
C ALA JA 141 40.01 -28.35 25.45
N ASN JA 142 39.18 -27.70 26.27
CA ASN JA 142 39.68 -26.50 26.93
C ASN JA 142 40.66 -26.81 28.05
N LEU JA 143 40.80 -28.07 28.44
CA LEU JA 143 41.89 -28.45 29.33
C LEU JA 143 43.17 -28.69 28.54
N ASN JA 144 43.07 -29.40 27.43
CA ASN JA 144 44.22 -29.67 26.59
C ASN JA 144 44.53 -28.55 25.62
N GLU JA 145 44.00 -27.35 25.87
CA GLU JA 145 44.36 -26.14 25.11
C GLU JA 145 43.92 -26.24 23.67
N TRP JA 146 42.63 -26.44 23.45
CA TRP JA 146 42.02 -26.39 22.13
C TRP JA 146 40.87 -25.39 22.15
N HIS JA 147 41.19 -24.19 22.62
CA HIS JA 147 40.18 -23.17 22.87
C HIS JA 147 39.44 -22.74 21.61
N TYR JA 148 40.01 -22.94 20.43
CA TYR JA 148 39.40 -22.49 19.19
C TYR JA 148 39.30 -23.62 18.19
N PHE JA 149 38.29 -23.52 17.32
CA PHE JA 149 38.13 -24.50 16.26
C PHE JA 149 39.19 -24.28 15.17
N PRO JA 150 39.59 -25.34 14.48
CA PRO JA 150 40.63 -25.17 13.44
C PRO JA 150 40.11 -24.52 12.18
N GLY JA 151 38.93 -24.90 11.71
CA GLY JA 151 38.37 -24.35 10.49
C GLY JA 151 38.71 -25.14 9.25
N GLU JA 152 38.79 -24.46 8.10
CA GLU JA 152 39.13 -25.09 6.83
C GLU JA 152 38.17 -26.22 6.48
N GLU KA 5 69.78 60.64 3.05
CA GLU KA 5 70.31 61.66 3.95
C GLU KA 5 69.24 62.66 4.35
N ASN KA 6 68.34 62.95 3.41
CA ASN KA 6 67.28 63.91 3.67
C ASN KA 6 66.42 63.45 4.83
N ARG KA 7 66.06 64.38 5.70
CA ARG KA 7 65.18 64.04 6.81
C ARG KA 7 63.88 63.45 6.29
N LEU KA 8 63.32 64.06 5.26
CA LEU KA 8 62.08 63.55 4.67
C LEU KA 8 62.28 62.15 4.12
N GLU KA 9 63.42 61.90 3.49
CA GLU KA 9 63.66 60.58 2.91
C GLU KA 9 63.78 59.52 3.99
N SER KA 10 64.47 59.83 5.09
CA SER KA 10 64.57 58.88 6.19
C SER KA 10 63.22 58.62 6.82
N ILE KA 11 62.45 59.68 7.07
CA ILE KA 11 61.12 59.55 7.67
C ILE KA 11 60.23 58.70 6.77
N LEU KA 12 60.24 58.98 5.47
CA LEU KA 12 59.38 58.25 4.55
C LEU KA 12 59.85 56.81 4.37
N SER KA 13 61.16 56.55 4.44
CA SER KA 13 61.61 55.17 4.39
C SER KA 13 61.09 54.39 5.58
N ARG KA 14 61.18 54.98 6.77
CA ARG KA 14 60.64 54.31 7.95
C ARG KA 14 59.14 54.09 7.84
N PHE KA 15 58.41 55.11 7.39
CA PHE KA 15 56.97 54.99 7.30
C PHE KA 15 56.56 53.95 6.27
N ASP KA 16 57.25 53.93 5.13
CA ASP KA 16 56.93 52.94 4.11
C ASP KA 16 57.19 51.54 4.61
N ALA KA 17 58.30 51.35 5.34
CA ALA KA 17 58.58 50.03 5.90
C ALA KA 17 57.49 49.59 6.86
N ASP KA 18 57.08 50.47 7.77
CA ASP KA 18 56.06 50.10 8.74
C ASP KA 18 54.71 49.89 8.08
N TRP KA 19 54.35 50.73 7.11
CA TRP KA 19 53.08 50.62 6.41
C TRP KA 19 53.01 49.31 5.63
N THR KA 20 54.11 48.92 4.98
CA THR KA 20 54.12 47.65 4.27
C THR KA 20 54.09 46.47 5.23
N ALA KA 21 54.75 46.58 6.37
CA ALA KA 21 54.79 45.47 7.31
C ALA KA 21 53.43 45.22 7.93
N SER KA 22 52.69 46.27 8.25
CA SER KA 22 51.43 46.13 8.98
C SER KA 22 50.22 46.08 8.05
N ASP KA 23 50.36 45.49 6.87
CA ASP KA 23 49.32 45.62 5.84
C ASP KA 23 48.17 44.64 6.07
N GLU KA 24 48.47 43.38 6.31
CA GLU KA 24 47.41 42.38 6.42
C GLU KA 24 46.55 42.62 7.66
N ALA KA 25 47.19 42.86 8.80
CA ALA KA 25 46.45 43.05 10.04
C ALA KA 25 45.56 44.28 9.96
N ARG KA 26 46.06 45.36 9.36
CA ARG KA 26 45.26 46.56 9.21
C ARG KA 26 44.05 46.31 8.33
N ARG KA 27 44.23 45.57 7.23
CA ARG KA 27 43.11 45.31 6.33
C ARG KA 27 42.04 44.49 7.04
N GLU KA 28 42.45 43.44 7.77
CA GLU KA 28 41.47 42.64 8.49
C GLU KA 28 40.78 43.45 9.57
N ALA KA 29 41.50 44.33 10.27
CA ALA KA 29 40.88 45.13 11.31
C ALA KA 29 39.89 46.12 10.74
N LYS KA 30 40.23 46.74 9.60
CA LYS KA 30 39.27 47.64 8.95
C LYS KA 30 38.04 46.89 8.51
N ASN KA 31 38.22 45.68 7.99
CA ASN KA 31 37.06 44.88 7.60
C ASN KA 31 36.20 44.53 8.80
N ASP KA 32 36.82 44.21 9.94
CA ASP KA 32 36.05 43.88 11.14
C ASP KA 32 35.29 45.10 11.66
N LEU KA 33 35.91 46.28 11.63
CA LEU KA 33 35.20 47.49 12.04
C LEU KA 33 34.01 47.76 11.14
N PHE KA 34 34.21 47.65 9.82
CA PHE KA 34 33.11 47.87 8.89
C PHE KA 34 32.01 46.83 9.09
N PHE KA 35 32.40 45.57 9.31
CA PHE KA 35 31.44 44.49 9.49
C PHE KA 35 30.60 44.70 10.74
N SER KA 36 31.22 45.16 11.83
CA SER KA 36 30.51 45.31 13.08
C SER KA 36 29.97 46.71 13.32
N ARG KA 37 30.05 47.63 12.33
CA ARG KA 37 29.59 49.02 12.64
C ARG KA 37 28.73 49.58 11.50
N VAL KA 38 28.93 49.13 10.27
CA VAL KA 38 28.19 49.69 9.13
C VAL KA 38 27.24 48.66 8.54
N SER KA 39 27.77 47.57 8.01
CA SER KA 39 26.96 46.64 7.24
C SER KA 39 27.74 45.35 7.04
N GLN KA 40 27.04 44.22 7.22
CA GLN KA 40 27.66 42.92 7.02
C GLN KA 40 27.65 42.48 5.57
N TRP KA 41 27.03 43.25 4.68
CA TRP KA 41 27.07 42.99 3.24
C TRP KA 41 28.13 43.90 2.66
N ASP KA 42 29.34 43.35 2.49
CA ASP KA 42 30.48 44.10 2.01
C ASP KA 42 30.44 44.27 0.50
N ASP KA 43 31.59 44.60 -0.09
CA ASP KA 43 31.78 44.73 -1.53
C ASP KA 43 30.81 45.75 -2.14
N TRP KA 44 30.97 46.99 -1.74
CA TRP KA 44 30.29 48.06 -2.46
C TRP KA 44 31.06 48.36 -3.75
N LEU KA 45 30.29 48.76 -4.77
CA LEU KA 45 30.80 48.84 -6.13
C LEU KA 45 31.47 47.54 -6.52
N SER KA 46 30.67 46.48 -6.57
CA SER KA 46 31.00 45.32 -7.37
C SER KA 46 30.31 45.50 -8.71
N GLN KA 47 31.08 45.50 -9.80
CA GLN KA 47 30.50 45.84 -11.10
C GLN KA 47 29.33 44.91 -11.44
N TYR KA 48 29.53 43.61 -11.27
CA TYR KA 48 28.46 42.63 -11.51
C TYR KA 48 27.58 42.58 -10.27
N THR KA 49 26.60 43.48 -10.24
CA THR KA 49 25.64 43.52 -9.15
C THR KA 49 24.30 43.99 -9.70
N THR KA 50 23.28 43.13 -9.58
CA THR KA 50 21.91 43.50 -9.89
C THR KA 50 21.17 43.76 -8.57
N LEU KA 51 19.85 43.97 -8.66
CA LEU KA 51 19.04 44.22 -7.49
C LEU KA 51 18.45 42.90 -7.00
N GLN KA 52 18.86 42.49 -5.81
CA GLN KA 52 18.36 41.28 -5.18
C GLN KA 52 18.24 41.54 -3.69
N TYR KA 53 17.42 40.74 -3.02
CA TYR KA 53 17.26 40.90 -1.59
C TYR KA 53 18.55 40.56 -0.86
N ARG KA 54 18.98 41.48 0.00
CA ARG KA 54 20.17 41.35 0.82
C ARG KA 54 19.77 41.85 2.21
N GLY KA 55 19.29 40.93 3.04
CA GLY KA 55 18.85 41.26 4.38
C GLY KA 55 19.96 41.03 5.38
N GLN KA 56 19.93 41.80 6.46
CA GLN KA 56 20.94 41.75 7.50
C GLN KA 56 20.30 41.20 8.77
N PHE KA 57 20.51 39.92 9.02
CA PHE KA 57 19.98 39.24 10.19
C PHE KA 57 21.16 38.99 11.12
N ASP KA 58 21.20 39.69 12.24
CA ASP KA 58 22.42 39.81 13.02
C ASP KA 58 22.40 38.92 14.25
N VAL KA 59 23.55 38.31 14.53
CA VAL KA 59 23.76 37.57 15.76
C VAL KA 59 25.04 37.97 16.48
N VAL KA 60 26.00 38.60 15.80
CA VAL KA 60 27.24 39.03 16.43
C VAL KA 60 27.07 40.30 17.24
N ARG KA 61 26.20 41.21 16.80
CA ARG KA 61 26.04 42.49 17.50
C ARG KA 61 25.54 42.34 18.93
N PRO KA 62 24.56 41.50 19.25
CA PRO KA 62 24.20 41.33 20.67
C PRO KA 62 25.37 40.85 21.51
N VAL KA 63 26.23 39.99 20.97
CA VAL KA 63 27.42 39.53 21.70
C VAL KA 63 28.38 40.69 21.92
N VAL KA 64 28.60 41.51 20.89
CA VAL KA 64 29.51 42.64 21.03
C VAL KA 64 28.97 43.62 22.07
N ARG KA 65 27.66 43.87 22.05
CA ARG KA 65 27.06 44.76 23.04
C ARG KA 65 27.22 44.20 24.45
N LYS KA 66 27.00 42.89 24.61
CA LYS KA 66 27.15 42.27 25.92
C LYS KA 66 28.57 42.43 26.43
N LEU KA 67 29.56 42.16 25.57
CA LEU KA 67 30.96 42.27 25.99
C LEU KA 67 31.33 43.71 26.32
N VAL KA 68 30.85 44.67 25.52
CA VAL KA 68 31.18 46.07 25.78
C VAL KA 68 30.57 46.54 27.09
N SER KA 69 29.33 46.12 27.37
CA SER KA 69 28.71 46.46 28.65
C SER KA 69 29.46 45.84 29.80
N GLU KA 70 29.88 44.58 29.66
CA GLU KA 70 30.66 43.95 30.73
C GLU KA 70 31.95 44.68 30.99
N MET KA 71 32.66 45.09 29.94
CA MET KA 71 33.89 45.84 30.13
C MET KA 71 33.62 47.22 30.72
N ARG KA 72 32.48 47.82 30.41
CA ARG KA 72 32.17 49.14 30.95
C ARG KA 72 31.80 49.07 32.41
N GLN KA 73 31.24 47.96 32.87
CA GLN KA 73 30.84 47.87 34.26
C GLN KA 73 32.02 47.75 35.23
N ASN KA 74 33.22 47.49 34.73
CA ASN KA 74 34.39 47.26 35.57
C ASN KA 74 35.52 48.18 35.14
N PRO KA 75 35.44 49.46 35.47
CA PRO KA 75 36.47 50.40 35.03
C PRO KA 75 37.81 50.12 35.69
N ILE KA 76 38.86 50.57 35.02
CA ILE KA 76 40.24 50.39 35.48
C ILE KA 76 40.97 51.72 35.30
N ASP KA 77 41.72 52.13 36.32
CA ASP KA 77 42.47 53.37 36.27
C ASP KA 77 43.86 53.14 36.84
N VAL KA 78 44.69 54.18 36.75
CA VAL KA 78 46.05 54.11 37.26
C VAL KA 78 46.05 54.35 38.77
N LEU KA 79 47.00 53.73 39.46
CA LEU KA 79 47.12 53.89 40.90
C LEU KA 79 48.61 53.93 41.24
N TYR KA 80 49.13 55.11 41.54
CA TYR KA 80 50.53 55.23 41.88
C TYR KA 80 50.75 54.81 43.32
N ARG KA 81 51.76 53.98 43.55
CA ARG KA 81 52.07 53.50 44.89
C ARG KA 81 53.54 53.76 45.22
N PRO KA 82 53.87 54.03 46.47
CA PRO KA 82 55.27 54.32 46.82
C PRO KA 82 56.17 53.12 46.57
N LYS KA 83 57.41 53.40 46.16
CA LYS KA 83 58.35 52.33 45.88
C LYS KA 83 58.83 51.71 47.19
N ASP KA 84 59.79 50.80 47.06
CA ASP KA 84 60.35 50.11 48.22
C ASP KA 84 61.44 50.97 48.85
N GLY KA 85 61.27 51.30 50.13
CA GLY KA 85 62.19 52.18 50.81
C GLY KA 85 61.91 53.66 50.62
N ALA KA 86 60.91 54.01 49.82
CA ALA KA 86 60.54 55.41 49.63
C ALA KA 86 59.67 55.89 50.79
N ARG KA 87 59.45 57.19 50.83
CA ARG KA 87 58.61 57.76 51.87
C ARG KA 87 57.19 57.20 51.74
N PRO KA 88 56.50 56.94 52.85
CA PRO KA 88 55.22 56.23 52.77
C PRO KA 88 54.15 56.94 51.97
N ASP KA 89 54.26 58.26 51.79
CA ASP KA 89 53.33 59.04 50.99
C ASP KA 89 54.02 59.61 49.75
N ALA KA 90 54.85 58.80 49.11
CA ALA KA 90 55.61 59.28 47.95
C ALA KA 90 54.75 59.46 46.71
N ALA KA 91 53.50 59.00 46.72
CA ALA KA 91 52.66 59.02 45.53
C ALA KA 91 51.44 59.91 45.65
N ASP KA 92 51.27 60.61 46.77
CA ASP KA 92 50.03 61.37 46.98
C ASP KA 92 49.91 62.53 46.01
N VAL KA 93 51.00 63.27 45.80
CA VAL KA 93 50.93 64.44 44.91
C VAL KA 93 50.68 63.99 43.46
N LEU KA 94 51.40 62.97 43.00
CA LEU KA 94 51.22 62.49 41.64
C LEU KA 94 49.82 61.91 41.44
N MET KA 95 49.33 61.15 42.41
CA MET KA 95 47.98 60.62 42.30
C MET KA 95 46.95 61.74 42.27
N GLY KA 96 47.15 62.78 43.09
CA GLY KA 96 46.23 63.90 43.06
C GLY KA 96 46.23 64.62 41.73
N MET KA 97 47.41 64.81 41.14
CA MET KA 97 47.48 65.47 39.84
C MET KA 97 46.82 64.61 38.76
N TYR KA 98 47.05 63.30 38.79
CA TYR KA 98 46.44 62.42 37.81
C TYR KA 98 44.92 62.43 37.92
N ARG KA 99 44.40 62.33 39.15
CA ARG KA 99 42.95 62.38 39.32
C ARG KA 99 42.40 63.74 38.93
N THR KA 100 43.16 64.81 39.15
CA THR KA 100 42.69 66.14 38.79
C THR KA 100 42.52 66.28 37.30
N ASP KA 101 43.56 65.94 36.52
CA ASP KA 101 43.49 66.20 35.09
C ASP KA 101 43.08 64.99 34.28
N MET KA 102 42.59 63.93 34.92
CA MET KA 102 42.02 62.81 34.19
C MET KA 102 40.58 62.54 34.58
N ARG KA 103 39.91 63.51 35.19
CA ARG KA 103 38.54 63.36 35.63
C ARG KA 103 37.54 63.86 34.60
N HIS KA 104 38.00 64.45 33.51
CA HIS KA 104 37.11 65.07 32.55
C HIS KA 104 36.44 64.00 31.68
N ASN KA 105 35.43 64.43 30.93
CA ASN KA 105 34.73 63.52 30.04
C ASN KA 105 35.63 63.01 28.93
N THR KA 106 36.64 63.79 28.55
CA THR KA 106 37.46 63.43 27.40
C THR KA 106 38.29 62.19 27.67
N ALA KA 107 38.88 62.08 28.85
CA ALA KA 107 39.67 60.90 29.20
C ALA KA 107 38.81 59.64 29.21
N LYS KA 108 37.64 59.72 29.86
CA LYS KA 108 36.74 58.58 29.90
C LYS KA 108 36.30 58.18 28.50
N ILE KA 109 35.97 59.15 27.66
CA ILE KA 109 35.51 58.84 26.31
C ILE KA 109 36.63 58.21 25.50
N ALA KA 110 37.87 58.69 25.67
CA ALA KA 110 38.98 58.10 24.93
C ALA KA 110 39.19 56.64 25.32
N VAL KA 111 39.15 56.35 26.63
CA VAL KA 111 39.31 54.97 27.07
C VAL KA 111 38.17 54.10 26.55
N ASN KA 112 36.94 54.63 26.58
CA ASN KA 112 35.80 53.84 26.09
C ASN KA 112 35.92 53.55 24.59
N ILE KA 113 36.33 54.54 23.81
CA ILE KA 113 36.50 54.33 22.37
C ILE KA 113 37.56 53.27 22.12
N ALA KA 114 38.69 53.37 22.80
CA ALA KA 114 39.74 52.38 22.63
C ALA KA 114 39.26 50.99 23.01
N VAL KA 115 38.49 50.88 24.09
CA VAL KA 115 38.02 49.57 24.54
C VAL KA 115 37.06 48.98 23.53
N ARG KA 116 36.14 49.79 23.01
CA ARG KA 116 35.18 49.27 22.03
C ARG KA 116 35.88 48.81 20.76
N GLU KA 117 36.87 49.58 20.29
CA GLU KA 117 37.62 49.13 19.13
C GLU KA 117 38.43 47.89 19.43
N GLN KA 118 38.92 47.74 20.67
CA GLN KA 118 39.63 46.53 21.04
C GLN KA 118 38.71 45.31 20.99
N ILE KA 119 37.48 45.48 21.45
CA ILE KA 119 36.51 44.38 21.41
C ILE KA 119 36.18 44.01 19.97
N GLU KA 120 35.89 44.98 19.12
CA GLU KA 120 35.44 44.65 17.73
C GLU KA 120 36.62 44.36 16.80
N ALA KA 121 37.51 45.32 16.58
CA ALA KA 121 38.56 45.13 15.59
C ALA KA 121 39.71 44.29 16.14
N GLY KA 122 40.27 44.73 17.26
CA GLY KA 122 41.38 44.01 17.86
C GLY KA 122 42.43 44.94 18.43
N VAL KA 123 42.45 46.19 17.98
CA VAL KA 123 43.37 47.20 18.48
C VAL KA 123 42.66 48.53 18.57
N GLY KA 124 42.83 49.21 19.71
CA GLY KA 124 42.49 50.60 19.85
C GLY KA 124 43.69 51.36 20.38
N ALA KA 125 43.49 52.67 20.56
CA ALA KA 125 44.58 53.48 21.11
C ALA KA 125 44.02 54.81 21.57
N TRP KA 126 44.83 55.52 22.36
CA TRP KA 126 44.53 56.89 22.72
C TRP KA 126 45.83 57.66 22.87
N ARG KA 127 45.72 58.96 23.10
CA ARG KA 127 46.88 59.84 23.12
C ARG KA 127 46.87 60.68 24.38
N LEU KA 128 48.05 61.16 24.77
CA LEU KA 128 48.19 62.12 25.85
C LEU KA 128 48.85 63.38 25.31
N VAL KA 129 48.25 64.53 25.58
CA VAL KA 129 48.75 65.81 25.07
C VAL KA 129 48.79 66.82 26.20
N THR KA 130 49.62 67.84 26.02
CA THR KA 130 49.81 68.88 27.02
C THR KA 130 49.37 70.22 26.45
N ASP KA 131 48.52 70.92 27.19
CA ASP KA 131 47.96 72.19 26.73
C ASP KA 131 48.19 73.25 27.79
N TYR KA 132 48.00 74.51 27.39
CA TYR KA 132 48.20 75.66 28.26
C TYR KA 132 46.84 76.16 28.73
N GLU KA 133 46.68 76.25 30.05
CA GLU KA 133 45.43 76.74 30.63
C GLU KA 133 45.75 77.83 31.64
N ASP KA 134 44.93 78.88 31.64
CA ASP KA 134 45.07 79.98 32.58
C ASP KA 134 43.97 80.03 33.63
N GLN KA 135 42.84 79.38 33.39
CA GLN KA 135 41.72 79.43 34.30
C GLN KA 135 41.81 78.35 35.39
N SER KA 136 41.89 77.09 34.97
CA SER KA 136 41.98 75.96 35.90
C SER KA 136 43.11 75.05 35.48
N PRO KA 137 44.35 75.45 35.74
CA PRO KA 137 45.48 74.59 35.39
C PRO KA 137 45.75 73.57 36.47
N THR KA 138 46.27 72.42 36.05
CA THR KA 138 46.67 71.41 37.02
C THR KA 138 47.87 71.87 37.82
N SER KA 139 48.87 72.43 37.13
CA SER KA 139 50.06 72.96 37.75
C SER KA 139 50.87 73.69 36.69
N ASN KA 140 51.58 74.73 37.12
CA ASN KA 140 52.49 75.47 36.23
C ASN KA 140 51.77 76.06 35.03
N ASN KA 141 50.49 76.40 35.19
CA ASN KA 141 49.68 76.97 34.11
C ASN KA 141 49.64 76.05 32.89
N GLN KA 142 49.54 74.75 33.14
CA GLN KA 142 49.46 73.76 32.08
C GLN KA 142 48.54 72.63 32.53
N VAL KA 143 48.01 71.89 31.56
CA VAL KA 143 47.22 70.70 31.83
C VAL KA 143 47.69 69.57 30.92
N ILE KA 144 47.46 68.34 31.38
CA ILE KA 144 47.71 67.13 30.59
C ILE KA 144 46.36 66.46 30.38
N ARG KA 145 45.97 66.27 29.14
CA ARG KA 145 44.69 65.67 28.83
C ARG KA 145 44.87 64.47 27.93
N ARG KA 146 43.87 63.60 27.95
CA ARG KA 146 43.86 62.38 27.15
C ARG KA 146 42.88 62.58 26.00
N GLU KA 147 43.27 62.15 24.81
CA GLU KA 147 42.47 62.38 23.61
C GLU KA 147 42.22 61.07 22.87
N PRO KA 148 41.09 60.96 22.18
CA PRO KA 148 40.76 59.71 21.50
C PRO KA 148 41.49 59.57 20.18
N ILE KA 149 41.63 58.32 19.76
CA ILE KA 149 42.10 57.99 18.42
C ILE KA 149 41.09 57.04 17.81
N HIS KA 150 40.42 57.49 16.76
CA HIS KA 150 39.45 56.66 16.06
C HIS KA 150 40.15 55.88 14.96
N SER KA 151 39.76 54.62 14.82
CA SER KA 151 40.39 53.71 13.87
C SER KA 151 41.91 53.77 14.00
N ALA KA 152 42.37 53.36 15.19
CA ALA KA 152 43.80 53.33 15.43
C ALA KA 152 44.51 52.35 14.51
N CYS KA 153 43.81 51.30 14.08
CA CYS KA 153 44.45 50.28 13.25
C CYS KA 153 45.00 50.87 11.96
N SER KA 154 44.31 51.85 11.39
CA SER KA 154 44.79 52.50 10.18
C SER KA 154 45.36 53.89 10.41
N HIS KA 155 45.09 54.51 11.55
CA HIS KA 155 45.51 55.88 11.81
C HIS KA 155 46.74 55.99 12.68
N VAL KA 156 47.21 54.91 13.28
CA VAL KA 156 48.44 54.91 14.06
C VAL KA 156 49.31 53.79 13.51
N ILE KA 157 50.45 54.15 12.93
CA ILE KA 157 51.38 53.18 12.36
C ILE KA 157 52.60 53.14 13.27
N TRP KA 158 52.83 51.99 13.89
CA TRP KA 158 53.89 51.83 14.87
C TRP KA 158 55.17 51.38 14.19
N ASP KA 159 56.29 51.61 14.88
CA ASP KA 159 57.57 51.13 14.41
C ASP KA 159 57.55 49.61 14.31
N SER KA 160 58.00 49.09 13.17
CA SER KA 160 57.84 47.66 12.91
C SER KA 160 58.64 46.82 13.89
N ASN KA 161 59.85 47.25 14.23
CA ASN KA 161 60.73 46.46 15.09
C ASN KA 161 60.40 46.71 16.57
N SER KA 162 59.17 46.38 16.93
CA SER KA 162 58.70 46.47 18.31
C SER KA 162 58.01 45.17 18.67
N LYS KA 163 58.60 44.43 19.63
CA LYS KA 163 58.14 43.10 19.98
C LYS KA 163 57.34 43.09 21.28
N LEU KA 164 56.87 44.25 21.73
CA LEU KA 164 56.14 44.37 22.99
C LEU KA 164 54.71 44.78 22.71
N MET KA 165 53.81 44.34 23.59
CA MET KA 165 52.38 44.59 23.38
C MET KA 165 52.03 46.06 23.57
N ASP KA 166 52.63 46.71 24.57
CA ASP KA 166 52.34 48.12 24.80
C ASP KA 166 53.18 49.05 23.93
N LYS KA 167 54.10 48.49 23.13
CA LYS KA 167 54.92 49.27 22.21
C LYS KA 167 55.82 50.24 22.96
N SER KA 168 56.41 49.78 24.06
CA SER KA 168 57.35 50.60 24.80
C SER KA 168 58.77 50.52 24.25
N ASP KA 169 59.05 49.59 23.35
CA ASP KA 169 60.35 49.51 22.69
C ASP KA 169 60.32 50.07 21.28
N ALA KA 170 59.24 50.75 20.91
CA ALA KA 170 59.14 51.35 19.57
C ALA KA 170 59.88 52.67 19.56
N ARG KA 171 60.80 52.82 18.60
CA ARG KA 171 61.62 54.02 18.51
C ARG KA 171 60.92 55.18 17.83
N HIS KA 172 59.83 54.92 17.10
CA HIS KA 172 59.09 55.97 16.43
C HIS KA 172 57.67 55.49 16.18
N CYS KA 173 56.82 56.43 15.80
CA CYS KA 173 55.41 56.14 15.54
C CYS KA 173 54.80 57.32 14.80
N THR KA 174 53.98 57.02 13.79
CA THR KA 174 53.36 58.06 12.98
C THR KA 174 51.84 57.96 13.09
N VAL KA 175 51.20 59.11 13.30
CA VAL KA 175 49.76 59.21 13.45
C VAL KA 175 49.22 60.05 12.31
N ILE KA 176 48.26 59.52 11.58
CA ILE KA 176 47.72 60.14 10.37
C ILE KA 176 46.47 60.90 10.72
N HIS KA 177 46.40 62.16 10.29
CA HIS KA 177 45.24 63.02 10.51
C HIS KA 177 44.56 63.30 9.19
N SER KA 178 43.26 63.03 9.12
CA SER KA 178 42.45 63.33 7.95
C SER KA 178 41.44 64.40 8.32
N MET KA 179 41.38 65.46 7.51
CA MET KA 179 40.59 66.63 7.83
C MET KA 179 39.87 67.12 6.57
N SER KA 180 38.74 67.80 6.78
CA SER KA 180 38.07 68.51 5.70
C SER KA 180 38.74 69.86 5.51
N GLN KA 181 38.10 70.75 4.75
CA GLN KA 181 38.70 72.06 4.51
C GLN KA 181 38.74 72.89 5.79
N ASN KA 182 37.65 72.94 6.53
CA ASN KA 182 37.65 73.69 7.78
C ASN KA 182 38.52 73.02 8.84
N GLY KA 183 38.54 71.69 8.86
CA GLY KA 183 39.44 71.00 9.76
C GLY KA 183 40.89 71.33 9.47
N TRP KA 184 41.25 71.37 8.19
CA TRP KA 184 42.61 71.74 7.82
C TRP KA 184 42.91 73.18 8.18
N GLU KA 185 41.94 74.08 8.01
CA GLU KA 185 42.15 75.47 8.39
C GLU KA 185 42.44 75.58 9.88
N ASP KA 186 41.66 74.87 10.71
CA ASP KA 186 41.89 74.91 12.15
C ASP KA 186 43.22 74.26 12.53
N PHE KA 187 43.58 73.15 11.86
CA PHE KA 187 44.86 72.50 12.12
C PHE KA 187 46.02 73.41 11.82
N ALA KA 188 46.00 74.06 10.65
CA ALA KA 188 47.07 74.97 10.28
C ALA KA 188 47.11 76.18 11.20
N GLU KA 189 45.95 76.67 11.61
CA GLU KA 189 45.92 77.76 12.58
C GLU KA 189 46.59 77.35 13.88
N LYS KA 190 46.28 76.15 14.38
CA LYS KA 190 46.77 75.77 15.69
C LYS KA 190 48.25 75.43 15.68
N TYR KA 191 48.76 74.89 14.57
CA TYR KA 191 50.18 74.59 14.46
C TYR KA 191 50.97 75.65 13.68
N ASP KA 192 50.38 76.80 13.40
CA ASP KA 192 51.08 77.88 12.69
C ASP KA 192 51.65 77.40 11.37
N LEU KA 193 50.82 76.71 10.59
CA LEU KA 193 51.21 76.23 9.28
C LEU KA 193 50.57 77.08 8.19
N ASP KA 194 51.00 76.84 6.95
CA ASP KA 194 50.47 77.56 5.80
C ASP KA 194 49.18 76.90 5.36
N ALA KA 195 48.05 77.58 5.59
CA ALA KA 195 46.76 77.02 5.20
C ALA KA 195 46.56 77.05 3.69
N ASP KA 196 47.33 77.86 2.97
CA ASP KA 196 47.15 77.94 1.52
C ASP KA 196 47.72 76.73 0.81
N ASP KA 197 48.77 76.12 1.36
CA ASP KA 197 49.41 74.96 0.74
C ASP KA 197 48.71 73.73 1.30
N ILE KA 198 47.78 73.17 0.53
CA ILE KA 198 47.04 71.99 0.98
C ILE KA 198 48.02 70.83 1.14
N PRO KA 199 47.94 70.05 2.22
CA PRO KA 199 48.88 68.95 2.41
C PRO KA 199 48.33 67.63 1.86
N SER KA 200 49.21 66.63 1.85
CA SER KA 200 48.86 65.32 1.32
C SER KA 200 49.71 64.27 2.01
N PHE KA 201 49.14 63.08 2.15
CA PHE KA 201 49.83 61.94 2.74
C PHE KA 201 49.10 60.69 2.31
N GLN KA 202 49.53 59.55 2.82
CA GLN KA 202 48.84 58.31 2.52
C GLN KA 202 47.41 58.37 3.05
N ASN KA 203 46.46 58.00 2.20
CA ASN KA 203 45.07 57.92 2.64
C ASN KA 203 44.86 56.63 3.41
N PRO KA 204 44.47 56.69 4.68
CA PRO KA 204 44.26 55.46 5.46
C PRO KA 204 42.84 54.91 5.42
N ASN KA 205 41.97 55.45 4.57
CA ASN KA 205 40.58 55.05 4.49
C ASN KA 205 40.34 54.32 3.17
N ASP KA 206 39.08 54.01 2.90
CA ASP KA 206 38.70 53.27 1.70
C ASP KA 206 37.26 53.57 1.34
N TRP KA 207 37.03 53.92 0.07
CA TRP KA 207 35.68 54.23 -0.40
C TRP KA 207 34.88 52.92 -0.47
N VAL KA 208 34.52 52.42 0.71
CA VAL KA 208 33.86 51.13 0.84
C VAL KA 208 32.36 51.27 1.03
N PHE KA 209 31.86 52.46 1.31
CA PHE KA 209 30.45 52.73 1.49
C PHE KA 209 30.03 53.87 0.58
N PRO KA 210 28.74 53.96 0.25
CA PRO KA 210 28.31 55.03 -0.66
C PRO KA 210 28.31 56.43 -0.05
N TRP KA 211 29.01 56.64 1.05
CA TRP KA 211 29.16 57.97 1.63
C TRP KA 211 29.44 59.00 0.55
N LEU KA 212 28.55 59.99 0.45
CA LEU KA 212 28.54 60.84 -0.74
C LEU KA 212 29.70 61.83 -0.75
N THR KA 213 30.28 62.15 0.41
CA THR KA 213 31.49 62.96 0.46
C THR KA 213 32.50 62.30 1.37
N GLN KA 214 33.72 62.13 0.88
CA GLN KA 214 34.81 61.56 1.64
C GLN KA 214 35.86 62.63 1.91
N ASP KA 215 36.76 62.35 2.85
CA ASP KA 215 37.80 63.29 3.21
C ASP KA 215 38.91 63.32 2.17
N THR KA 216 39.68 64.41 2.19
CA THR KA 216 40.66 64.64 1.12
C THR KA 216 42.00 65.16 1.61
N ILE KA 217 42.09 65.72 2.81
CA ILE KA 217 43.30 66.39 3.29
C ILE KA 217 43.92 65.55 4.38
N GLN KA 218 45.20 65.22 4.22
CA GLN KA 218 45.90 64.33 5.14
C GLN KA 218 47.21 64.94 5.57
N ILE KA 219 47.53 64.80 6.86
CA ILE KA 219 48.81 65.16 7.44
C ILE KA 219 49.29 63.99 8.27
N ALA KA 220 50.56 64.02 8.66
CA ALA KA 220 51.06 63.01 9.58
C ALA KA 220 51.89 63.66 10.66
N GLU KA 221 51.87 63.08 11.84
CA GLU KA 221 52.72 63.48 12.95
C GLU KA 221 53.64 62.33 13.26
N PHE KA 222 54.95 62.57 13.16
CA PHE KA 222 55.97 61.55 13.32
C PHE KA 222 56.70 61.79 14.63
N TYR KA 223 56.56 60.84 15.57
CA TYR KA 223 57.19 60.90 16.86
C TYR KA 223 58.40 59.98 16.86
N GLU KA 224 59.51 60.46 17.42
CA GLU KA 224 60.70 59.63 17.53
C GLU KA 224 61.34 59.83 18.90
N VAL KA 225 61.90 58.75 19.43
CA VAL KA 225 62.51 58.74 20.76
C VAL KA 225 64.01 58.60 20.60
N VAL KA 226 64.75 59.54 21.19
CA VAL KA 226 66.21 59.56 21.11
C VAL KA 226 66.73 59.40 22.53
N GLU KA 227 67.45 58.29 22.76
CA GLU KA 227 68.05 58.01 24.06
C GLU KA 227 69.53 58.30 23.99
N LYS KA 228 69.99 59.24 24.81
CA LYS KA 228 71.38 59.68 24.77
C LYS KA 228 71.78 60.16 26.15
N LYS KA 229 73.08 60.27 26.36
CA LYS KA 229 73.63 60.85 27.59
C LYS KA 229 73.70 62.36 27.41
N GLU KA 230 73.11 63.10 28.34
CA GLU KA 230 73.21 64.54 28.32
C GLU KA 230 73.75 65.06 29.65
N THR KA 231 74.27 66.27 29.60
CA THR KA 231 74.91 66.87 30.77
C THR KA 231 73.88 67.25 31.81
N ALA KA 232 74.20 66.93 33.06
CA ALA KA 232 73.41 67.36 34.21
C ALA KA 232 74.28 68.23 35.10
N PHE KA 233 73.64 69.13 35.83
CA PHE KA 233 74.33 70.05 36.72
C PHE KA 233 73.97 69.74 38.16
N ILE KA 234 74.97 69.37 38.95
CA ILE KA 234 74.76 69.10 40.38
C ILE KA 234 74.93 70.43 41.12
N TYR KA 235 73.92 70.80 41.88
CA TYR KA 235 73.94 72.02 42.69
C TYR KA 235 73.89 71.64 44.16
N GLN KA 236 73.85 72.66 45.01
CA GLN KA 236 73.62 72.49 46.44
C GLN KA 236 72.41 73.34 46.81
N ASP KA 237 71.37 72.70 47.31
CA ASP KA 237 70.15 73.42 47.64
C ASP KA 237 70.43 74.40 48.77
N PRO KA 238 70.01 75.66 48.64
CA PRO KA 238 70.24 76.62 49.74
C PRO KA 238 69.61 76.19 51.05
N VAL KA 239 68.56 75.38 51.00
CA VAL KA 239 67.95 74.88 52.23
C VAL KA 239 68.76 73.74 52.82
N THR KA 240 68.92 72.65 52.07
CA THR KA 240 69.71 71.50 52.49
C THR KA 240 69.86 70.54 51.33
N GLY KA 241 70.96 69.79 51.34
CA GLY KA 241 71.17 68.74 50.36
C GLY KA 241 71.66 69.25 49.03
N GLU KA 242 71.76 68.33 48.07
CA GLU KA 242 72.26 68.64 46.72
C GLU KA 242 71.27 68.11 45.71
N PRO KA 243 70.70 68.96 44.84
CA PRO KA 243 69.81 68.48 43.79
C PRO KA 243 70.56 68.27 42.48
N VAL KA 244 69.90 67.58 41.56
CA VAL KA 244 70.40 67.34 40.21
C VAL KA 244 69.36 67.90 39.24
N SER KA 245 69.79 68.80 38.37
CA SER KA 245 68.91 69.42 37.38
C SER KA 245 69.55 69.30 36.01
N TYR KA 246 68.73 69.00 35.01
CA TYR KA 246 69.25 68.80 33.66
C TYR KA 246 69.73 70.12 33.07
N PHE KA 247 70.87 70.06 32.36
CA PHE KA 247 71.40 71.26 31.75
C PHE KA 247 70.49 71.76 30.64
N LYS KA 248 69.88 70.85 29.88
CA LYS KA 248 69.06 71.26 28.75
C LYS KA 248 67.77 71.94 29.20
N ARG KA 249 67.31 71.64 30.41
CA ARG KA 249 66.06 72.22 30.89
C ARG KA 249 66.21 73.62 31.45
N ASP KA 250 67.44 74.07 31.67
CA ASP KA 250 67.76 75.40 32.12
C ASP KA 250 68.99 75.92 31.38
N ILE KA 251 69.09 75.55 30.11
CA ILE KA 251 70.31 75.77 29.34
C ILE KA 251 70.61 77.26 29.19
N LYS KA 252 69.58 78.07 29.03
CA LYS KA 252 69.81 79.49 28.84
C LYS KA 252 68.90 80.32 29.75
N ASP KA 253 67.78 79.73 30.14
CA ASP KA 253 66.76 80.50 30.85
C ASP KA 253 67.25 80.97 32.21
N VAL KA 254 67.75 80.06 33.04
CA VAL KA 254 68.03 80.40 34.42
C VAL KA 254 69.41 79.94 34.86
N ILE KA 255 70.32 79.79 33.90
CA ILE KA 255 71.66 79.30 34.23
C ILE KA 255 72.37 80.25 35.18
N ASP KA 256 72.11 81.56 35.06
CA ASP KA 256 72.65 82.53 36.01
C ASP KA 256 71.65 82.97 37.06
N ASP KA 257 70.34 82.79 36.79
CA ASP KA 257 69.35 83.05 37.82
C ASP KA 257 69.49 82.09 38.99
N LEU KA 258 69.95 80.86 38.73
CA LEU KA 258 70.26 79.94 39.81
C LEU KA 258 71.36 80.51 40.70
N ALA KA 259 72.42 81.05 40.07
CA ALA KA 259 73.52 81.63 40.83
C ALA KA 259 73.05 82.84 41.63
N ASP KA 260 72.24 83.70 41.02
CA ASP KA 260 71.70 84.84 41.74
C ASP KA 260 70.84 84.41 42.92
N SER KA 261 69.99 83.39 42.72
CA SER KA 261 69.15 82.89 43.80
C SER KA 261 69.97 82.23 44.90
N GLY KA 262 71.17 81.75 44.60
CA GLY KA 262 72.00 81.21 45.65
C GLY KA 262 72.29 79.73 45.51
N PHE KA 263 72.35 79.26 44.27
CA PHE KA 263 72.71 77.88 43.98
C PHE KA 263 74.15 77.82 43.52
N ILE KA 264 74.96 76.98 44.19
CA ILE KA 264 76.37 76.82 43.87
C ILE KA 264 76.56 75.45 43.23
N LYS KA 265 77.12 75.43 42.03
CA LYS KA 265 77.34 74.18 41.33
C LYS KA 265 78.44 73.36 42.02
N ILE KA 266 78.14 72.10 42.29
CA ILE KA 266 79.08 71.21 42.96
C ILE KA 266 79.89 70.39 41.95
N ALA KA 267 79.23 69.84 40.94
CA ALA KA 267 79.87 68.99 39.96
C ALA KA 267 78.99 68.97 38.71
N GLU KA 268 79.26 68.03 37.81
CA GLU KA 268 78.53 67.94 36.56
C GLU KA 268 78.70 66.53 36.01
N ARG KA 269 77.60 65.78 35.93
CA ARG KA 269 77.61 64.41 35.46
C ARG KA 269 76.82 64.29 34.17
N GLN KA 270 77.07 63.22 33.44
CA GLN KA 270 76.36 62.90 32.21
C GLN KA 270 75.38 61.76 32.49
N ILE KA 271 74.09 62.04 32.35
CA ILE KA 271 73.03 61.10 32.68
C ILE KA 271 72.25 60.80 31.42
N LYS KA 272 71.93 59.53 31.22
CA LYS KA 272 71.32 59.06 29.98
C LYS KA 272 69.80 59.07 30.11
N ARG KA 273 69.14 59.72 29.18
CA ARG KA 273 67.68 59.82 29.20
C ARG KA 273 67.18 59.85 27.77
N ARG KA 274 65.86 59.82 27.63
CA ARG KA 274 65.20 59.83 26.34
C ARG KA 274 64.44 61.13 26.14
N ARG KA 275 64.45 61.61 24.90
CA ARG KA 275 63.67 62.77 24.50
C ARG KA 275 62.76 62.38 23.34
N VAL KA 276 61.59 63.01 23.27
CA VAL KA 276 60.60 62.73 22.25
C VAL KA 276 60.48 63.94 21.34
N TYR KA 277 60.60 63.70 20.04
CA TYR KA 277 60.55 64.74 19.03
C TYR KA 277 59.39 64.49 18.08
N LYS KA 278 58.66 65.54 17.72
CA LYS KA 278 57.53 65.46 16.83
C LYS KA 278 57.83 66.24 15.56
N SER KA 279 57.37 65.72 14.42
CA SER KA 279 57.50 66.38 13.13
C SER KA 279 56.17 66.33 12.41
N ILE KA 280 55.77 67.42 11.79
CA ILE KA 280 54.57 67.45 10.96
C ILE KA 280 55.00 67.23 9.52
N ILE KA 281 54.53 66.15 8.91
CA ILE KA 281 55.02 65.76 7.60
C ILE KA 281 53.84 65.56 6.65
N THR KA 282 54.03 66.01 5.42
CA THR KA 282 53.22 65.61 4.29
C THR KA 282 54.05 64.68 3.43
N CYS KA 283 53.45 64.20 2.34
CA CYS KA 283 54.15 63.26 1.49
C CYS KA 283 55.24 63.92 0.66
N THR KA 284 55.32 65.25 0.66
CA THR KA 284 56.26 65.98 -0.17
C THR KA 284 57.31 66.76 0.61
N ALA KA 285 57.03 67.18 1.84
CA ALA KA 285 57.97 67.99 2.60
C ALA KA 285 57.68 67.83 4.08
N VAL KA 286 58.64 68.26 4.89
CA VAL KA 286 58.52 68.26 6.35
C VAL KA 286 58.17 69.67 6.79
N LEU KA 287 57.05 69.81 7.51
CA LEU KA 287 56.56 71.13 7.87
C LEU KA 287 57.14 71.63 9.19
N LYS KA 288 57.18 70.77 10.20
CA LYS KA 288 57.87 71.03 11.45
C LYS KA 288 58.92 69.95 11.65
N ASP KA 289 60.10 70.32 12.12
CA ASP KA 289 61.24 69.43 11.98
C ASP KA 289 61.42 68.48 13.17
N LYS KA 290 61.73 69.01 14.34
CA LYS KA 290 62.01 68.18 15.51
C LYS KA 290 61.47 68.83 16.78
N GLN KA 291 60.23 69.31 16.74
CA GLN KA 291 59.67 69.98 17.90
C GLN KA 291 59.74 69.05 19.12
N LEU KA 292 60.51 69.45 20.13
CA LEU KA 292 60.68 68.62 21.30
C LEU KA 292 59.45 68.71 22.19
N ILE KA 293 58.93 67.56 22.62
CA ILE KA 293 57.75 67.52 23.46
C ILE KA 293 58.11 66.91 24.80
N ALA KA 294 57.24 67.13 25.78
CA ALA KA 294 57.50 66.68 27.14
C ALA KA 294 57.36 65.17 27.27
N GLY KA 295 58.21 64.59 28.09
CA GLY KA 295 58.15 63.17 28.41
C GLY KA 295 59.32 62.40 27.82
N GLU KA 296 59.38 61.13 28.22
CA GLU KA 296 60.37 60.19 27.71
C GLU KA 296 59.77 59.15 26.79
N HIS KA 297 58.45 59.08 26.71
CA HIS KA 297 57.77 58.03 25.96
C HIS KA 297 56.91 58.64 24.88
N ILE KA 298 56.65 57.84 23.85
CA ILE KA 298 55.73 58.27 22.79
C ILE KA 298 54.33 58.39 23.39
N PRO KA 299 53.63 59.49 23.16
CA PRO KA 299 52.41 59.76 23.93
C PRO KA 299 51.20 58.94 23.52
N ILE KA 300 51.38 57.87 22.76
CA ILE KA 300 50.27 57.06 22.27
C ILE KA 300 50.25 55.75 23.04
N VAL KA 301 49.10 55.41 23.61
CA VAL KA 301 48.91 54.20 24.39
C VAL KA 301 48.04 53.25 23.57
N PRO KA 302 48.55 52.09 23.16
CA PRO KA 302 47.74 51.13 22.42
C PRO KA 302 47.12 50.05 23.30
N VAL KA 303 45.92 49.61 22.93
CA VAL KA 303 45.19 48.57 23.64
C VAL KA 303 44.93 47.45 22.65
N PHE KA 304 45.20 46.21 23.06
CA PHE KA 304 45.09 45.08 22.16
C PHE KA 304 44.13 44.03 22.71
N GLY KA 305 43.63 43.20 21.81
CA GLY KA 305 42.74 42.11 22.18
C GLY KA 305 43.51 40.80 22.24
N GLU KA 306 43.42 40.00 21.19
CA GLU KA 306 44.31 38.86 21.03
C GLU KA 306 45.49 39.30 20.20
N TRP KA 307 46.69 39.21 20.76
CA TRP KA 307 47.87 39.77 20.14
C TRP KA 307 48.98 38.74 20.09
N GLY KA 308 49.79 38.78 19.03
CA GLY KA 308 50.92 37.89 18.96
C GLY KA 308 51.72 38.12 17.70
N PHE KA 309 52.72 37.26 17.50
CA PHE KA 309 53.50 37.24 16.28
C PHE KA 309 53.39 35.84 15.68
N VAL KA 310 53.27 35.77 14.35
CA VAL KA 310 53.16 34.46 13.72
C VAL KA 310 54.49 34.06 13.12
N GLU KA 311 54.96 34.82 12.13
CA GLU KA 311 56.32 34.67 11.61
C GLU KA 311 56.81 36.07 11.31
N ASP KA 312 57.43 36.69 12.32
CA ASP KA 312 57.95 38.06 12.22
C ASP KA 312 56.87 39.02 11.72
N LYS KA 313 55.61 38.64 11.94
CA LYS KA 313 54.45 39.43 11.52
C LYS KA 313 53.48 39.49 12.68
N GLU KA 314 53.13 40.69 13.10
CA GLU KA 314 52.23 40.88 14.23
C GLU KA 314 50.79 40.68 13.79
N VAL KA 315 50.04 39.91 14.56
CA VAL KA 315 48.64 39.66 14.29
C VAL KA 315 47.83 39.92 15.54
N TYR KA 316 46.68 40.59 15.38
CA TYR KA 316 45.76 40.80 16.47
C TYR KA 316 44.34 40.54 15.98
N GLU KA 317 43.47 40.20 16.92
CA GLU KA 317 42.11 39.80 16.62
C GLU KA 317 41.19 40.21 17.76
N GLY KA 318 39.93 40.44 17.44
CA GLY KA 318 38.97 40.86 18.44
C GLY KA 318 38.00 39.76 18.82
N VAL KA 319 36.73 39.97 18.53
CA VAL KA 319 35.70 38.96 18.79
C VAL KA 319 34.88 38.75 17.52
N VAL KA 320 35.12 39.59 16.51
CA VAL KA 320 34.29 39.58 15.32
C VAL KA 320 34.93 38.81 14.15
N ARG KA 321 36.25 38.69 14.12
CA ARG KA 321 36.90 38.17 12.93
C ARG KA 321 36.50 36.73 12.63
N LEU KA 322 36.38 35.90 13.67
CA LEU KA 322 36.08 34.49 13.44
C LEU KA 322 34.63 34.25 13.07
N THR KA 323 33.72 35.11 13.50
CA THR KA 323 32.30 34.92 13.27
C THR KA 323 31.83 35.38 11.90
N LYS KA 324 32.71 36.01 11.13
CA LYS KA 324 32.28 36.65 9.89
C LYS KA 324 31.80 35.63 8.86
N ASP KA 325 32.48 34.49 8.75
CA ASP KA 325 32.08 33.49 7.76
C ASP KA 325 30.69 32.96 8.06
N GLY KA 326 30.43 32.61 9.32
CA GLY KA 326 29.12 32.12 9.68
C GLY KA 326 28.03 33.16 9.53
N GLN KA 327 28.33 34.41 9.90
CA GLN KA 327 27.32 35.45 9.76
C GLN KA 327 27.00 35.71 8.30
N ARG KA 328 28.01 35.76 7.44
CA ARG KA 328 27.78 35.98 6.02
C ARG KA 328 26.99 34.83 5.41
N LEU KA 329 27.31 33.59 5.80
CA LEU KA 329 26.54 32.46 5.31
C LEU KA 329 25.09 32.54 5.76
N ARG KA 330 24.85 32.94 7.00
CA ARG KA 330 23.48 33.03 7.49
C ARG KA 330 22.71 34.14 6.78
N ASN KA 331 23.34 35.29 6.55
CA ASN KA 331 22.68 36.36 5.80
C ASN KA 331 22.35 35.90 4.39
N MET KA 332 23.27 35.22 3.73
CA MET KA 332 23.01 34.75 2.37
C MET KA 332 21.87 33.74 2.34
N ILE KA 333 21.85 32.80 3.29
CA ILE KA 333 20.80 31.79 3.28
C ILE KA 333 19.44 32.42 3.57
N MET KA 334 19.39 33.36 4.51
CA MET KA 334 18.11 34.01 4.79
C MET KA 334 17.64 34.83 3.61
N SER KA 335 18.57 35.45 2.88
CA SER KA 335 18.19 36.17 1.68
C SER KA 335 17.64 35.23 0.62
N PHE KA 336 18.26 34.06 0.45
CA PHE KA 336 17.74 33.07 -0.49
C PHE KA 336 16.33 32.64 -0.12
N ASN KA 337 16.10 32.39 1.17
CA ASN KA 337 14.78 31.97 1.62
C ASN KA 337 13.74 33.07 1.44
N ALA KA 338 14.12 34.32 1.67
CA ALA KA 338 13.21 35.42 1.43
C ALA KA 338 12.83 35.51 -0.05
N ASP KA 339 13.81 35.29 -0.93
CA ASP KA 339 13.51 35.24 -2.36
C ASP KA 339 12.57 34.09 -2.68
N ILE KA 340 12.75 32.95 -2.02
CA ILE KA 340 11.85 31.81 -2.21
C ILE KA 340 10.42 32.20 -1.85
N VAL KA 341 10.26 32.89 -0.73
CA VAL KA 341 8.92 33.28 -0.30
C VAL KA 341 8.32 34.30 -1.27
N ALA KA 342 9.13 35.23 -1.77
CA ALA KA 342 8.61 36.30 -2.60
C ALA KA 342 8.27 35.81 -4.01
N ARG KA 343 9.27 35.35 -4.76
CA ARG KA 343 9.08 35.03 -6.17
C ARG KA 343 8.89 33.53 -6.35
N THR KA 344 7.71 33.04 -6.02
CA THR KA 344 7.41 31.65 -6.28
C THR KA 344 5.91 31.54 -6.49
N PRO KA 345 5.47 30.89 -7.56
CA PRO KA 345 4.03 30.76 -7.81
C PRO KA 345 3.33 30.03 -6.67
N LYS KA 346 2.11 30.48 -6.39
CA LYS KA 346 1.31 29.92 -5.30
C LYS KA 346 0.60 28.65 -5.74
N LYS KA 347 -0.13 28.04 -4.82
CA LYS KA 347 -0.80 26.76 -5.07
C LYS KA 347 -2.17 27.04 -5.64
N LYS KA 348 -2.35 26.73 -6.92
CA LYS KA 348 -3.56 26.99 -7.67
C LYS KA 348 -3.81 25.79 -8.57
N PRO KA 349 -5.05 25.55 -8.97
CA PRO KA 349 -5.34 24.41 -9.85
C PRO KA 349 -4.84 24.63 -11.26
N PHE KA 350 -4.61 23.51 -11.94
CA PHE KA 350 -4.28 23.50 -13.36
C PHE KA 350 -5.54 23.13 -14.12
N PHE KA 351 -5.95 23.98 -15.05
CA PHE KA 351 -7.17 23.78 -15.81
C PHE KA 351 -6.87 23.79 -17.29
N TRP KA 352 -7.59 23.00 -18.04
CA TRP KA 352 -7.68 23.32 -19.45
C TRP KA 352 -8.70 24.43 -19.64
N PRO KA 353 -8.49 25.34 -20.60
CA PRO KA 353 -9.47 26.41 -20.80
C PRO KA 353 -10.86 25.90 -21.10
N GLU KA 354 -10.98 24.77 -21.79
CA GLU KA 354 -12.28 24.18 -22.10
C GLU KA 354 -12.93 23.55 -20.88
N GLN KA 355 -12.16 23.22 -19.85
CA GLN KA 355 -12.74 22.59 -18.67
C GLN KA 355 -13.62 23.57 -17.91
N ILE KA 356 -13.30 24.86 -17.97
CA ILE KA 356 -14.01 25.87 -17.22
C ILE KA 356 -14.58 26.96 -18.11
N ALA KA 357 -14.49 26.80 -19.42
CA ALA KA 357 -15.02 27.79 -20.35
C ALA KA 357 -16.50 27.98 -20.12
N GLY KA 358 -16.88 29.20 -19.76
CA GLY KA 358 -18.25 29.54 -19.44
C GLY KA 358 -18.51 29.66 -17.95
N PHE KA 359 -17.74 28.97 -17.12
CA PHE KA 359 -17.82 29.07 -15.67
C PHE KA 359 -16.60 29.78 -15.09
N GLU KA 360 -16.06 30.73 -15.83
CA GLU KA 360 -14.81 31.37 -15.44
C GLU KA 360 -14.96 32.22 -14.19
N HIS KA 361 -16.18 32.54 -13.79
CA HIS KA 361 -16.47 33.41 -12.66
C HIS KA 361 -16.75 32.65 -11.37
N MET KA 362 -16.57 31.33 -11.36
CA MET KA 362 -16.75 30.55 -10.15
C MET KA 362 -15.46 30.35 -9.38
N TYR KA 363 -14.32 30.48 -10.04
CA TYR KA 363 -13.03 30.27 -9.41
C TYR KA 363 -12.25 31.55 -9.20
N ASP KA 364 -12.82 32.71 -9.52
CA ASP KA 364 -12.10 33.95 -9.32
C ASP KA 364 -11.86 34.24 -7.85
N GLY KA 365 -12.73 33.78 -6.97
CA GLY KA 365 -12.48 33.91 -5.54
C GLY KA 365 -13.71 34.26 -4.74
N ASN KA 366 -14.82 34.55 -5.42
CA ASN KA 366 -16.03 34.91 -4.70
C ASN KA 366 -16.64 33.68 -4.03
N ASP KA 367 -17.54 33.92 -3.09
CA ASP KA 367 -18.22 32.87 -2.36
C ASP KA 367 -19.72 32.94 -2.58
N ASP KA 368 -20.14 33.11 -3.83
CA ASP KA 368 -21.55 33.24 -4.15
C ASP KA 368 -22.18 31.91 -4.56
N TYR KA 369 -21.40 30.84 -4.62
CA TYR KA 369 -21.87 29.60 -5.20
C TYR KA 369 -21.66 28.45 -4.22
N PRO KA 370 -22.51 27.42 -4.29
CA PRO KA 370 -22.38 26.29 -3.38
C PRO KA 370 -21.49 25.16 -3.88
N TYR KA 371 -20.97 25.26 -5.09
CA TYR KA 371 -20.11 24.24 -5.69
C TYR KA 371 -19.43 24.88 -6.89
N TYR KA 372 -18.68 24.06 -7.63
CA TYR KA 372 -18.05 24.50 -8.87
C TYR KA 372 -18.53 23.60 -9.99
N LEU KA 373 -18.81 24.20 -11.14
CA LEU KA 373 -19.26 23.46 -12.32
C LEU KA 373 -18.15 23.42 -13.34
N LEU KA 374 -18.02 22.27 -14.00
CA LEU KA 374 -17.04 22.07 -15.06
C LEU KA 374 -17.74 21.60 -16.32
N ASN KA 375 -17.20 21.96 -17.47
CA ASN KA 375 -17.73 21.44 -18.72
C ASN KA 375 -17.44 19.95 -18.84
N ARG KA 376 -18.35 19.22 -19.46
CA ARG KA 376 -18.27 17.77 -19.54
C ARG KA 376 -18.01 17.27 -20.95
N THR KA 377 -18.51 17.96 -21.96
CA THR KA 377 -18.50 17.47 -23.33
C THR KA 377 -17.67 18.35 -24.23
N ASP KA 378 -17.15 17.74 -25.30
CA ASP KA 378 -16.57 18.44 -26.43
C ASP KA 378 -17.17 17.86 -27.70
N GLU KA 379 -17.35 18.70 -28.71
CA GLU KA 379 -18.07 18.22 -29.90
C GLU KA 379 -17.21 17.31 -30.75
N ASN KA 380 -15.90 17.55 -30.81
CA ASN KA 380 -15.04 16.79 -31.71
C ASN KA 380 -14.39 15.59 -31.06
N SER KA 381 -14.42 15.50 -29.72
CA SER KA 381 -13.83 14.38 -29.01
C SER KA 381 -14.84 13.63 -28.16
N GLY KA 382 -16.13 13.84 -28.38
CA GLY KA 382 -17.15 13.11 -27.65
C GLY KA 382 -17.28 13.57 -26.22
N ASP KA 383 -16.25 13.31 -25.42
CA ASP KA 383 -16.26 13.65 -24.00
C ASP KA 383 -14.87 14.10 -23.58
N LEU KA 384 -14.83 14.94 -22.55
CA LEU KA 384 -13.56 15.48 -22.10
C LEU KA 384 -12.73 14.39 -21.42
N PRO KA 385 -11.43 14.32 -21.70
CA PRO KA 385 -10.59 13.29 -21.07
C PRO KA 385 -10.58 13.43 -19.55
N THR KA 386 -10.56 12.28 -18.88
CA THR KA 386 -10.61 12.23 -17.42
C THR KA 386 -9.20 12.09 -16.87
N GLN KA 387 -8.83 13.01 -15.97
CA GLN KA 387 -7.52 12.98 -15.33
C GLN KA 387 -7.65 13.71 -14.00
N PRO KA 388 -7.06 13.20 -12.92
CA PRO KA 388 -7.15 13.89 -11.64
C PRO KA 388 -6.57 15.29 -11.72
N LEU KA 389 -7.19 16.22 -11.02
CA LEU KA 389 -6.77 17.61 -11.06
C LEU KA 389 -5.41 17.77 -10.39
N ALA KA 390 -4.60 18.68 -10.91
CA ALA KA 390 -3.29 18.98 -10.37
C ALA KA 390 -3.28 20.37 -9.77
N TYR KA 391 -2.52 20.54 -8.69
CA TYR KA 391 -2.34 21.83 -8.05
C TYR KA 391 -0.86 22.16 -8.01
N TYR KA 392 -0.51 23.41 -8.24
CA TYR KA 392 0.87 23.84 -8.12
C TYR KA 392 1.37 23.58 -6.70
N GLU KA 393 2.56 23.01 -6.58
CA GLU KA 393 3.07 22.66 -5.26
C GLU KA 393 3.40 23.92 -4.46
N ASN KA 394 3.17 23.83 -3.15
CA ASN KA 394 3.41 24.95 -2.26
C ASN KA 394 4.91 25.27 -2.20
N PRO KA 395 5.26 26.54 -2.03
CA PRO KA 395 6.67 26.88 -1.83
C PRO KA 395 7.22 26.19 -0.59
N GLU KA 396 8.47 25.76 -0.68
CA GLU KA 396 9.12 25.04 0.41
C GLU KA 396 10.57 25.49 0.51
N VAL KA 397 11.04 25.66 1.73
CA VAL KA 397 12.46 25.94 1.96
C VAL KA 397 13.21 24.61 1.94
N PRO KA 398 14.25 24.48 1.12
CA PRO KA 398 14.95 23.20 1.01
C PRO KA 398 15.57 22.76 2.32
N GLN KA 399 15.67 21.45 2.47
CA GLN KA 399 16.35 20.91 3.65
C GLN KA 399 17.79 21.39 3.71
N ALA KA 400 18.44 21.60 2.57
CA ALA KA 400 19.80 22.11 2.57
C ALA KA 400 19.85 23.51 3.16
N ASN KA 401 18.92 24.38 2.76
CA ASN KA 401 18.88 25.73 3.30
C ASN KA 401 18.60 25.73 4.79
N ALA KA 402 17.67 24.87 5.24
CA ALA KA 402 17.35 24.82 6.67
C ALA KA 402 18.53 24.31 7.49
N TYR KA 403 19.15 23.22 7.04
CA TYR KA 403 20.29 22.66 7.72
C TYR KA 403 21.43 23.68 7.78
N MET KA 404 21.70 24.36 6.66
CA MET KA 404 22.79 25.31 6.62
C MET KA 404 22.52 26.52 7.50
N LEU KA 405 21.29 27.00 7.54
CA LEU KA 405 20.97 28.13 8.41
C LEU KA 405 21.19 27.75 9.87
N GLU KA 406 20.67 26.60 10.28
CA GLU KA 406 20.86 26.17 11.66
C GLU KA 406 22.34 25.98 11.98
N ALA KA 407 23.10 25.36 11.07
CA ALA KA 407 24.49 25.07 11.35
C ALA KA 407 25.35 26.32 11.35
N ALA KA 408 25.08 27.27 10.47
CA ALA KA 408 25.83 28.53 10.47
C ALA KA 408 25.54 29.33 11.73
N THR KA 409 24.28 29.41 12.15
CA THR KA 409 23.99 30.11 13.39
C THR KA 409 24.65 29.42 14.58
N SER KA 410 24.63 28.09 14.60
CA SER KA 410 25.28 27.36 15.69
C SER KA 410 26.78 27.62 15.69
N ALA KA 411 27.40 27.67 14.52
CA ALA KA 411 28.83 27.95 14.44
C ALA KA 411 29.15 29.33 14.97
N VAL KA 412 28.33 30.32 14.61
CA VAL KA 412 28.56 31.68 15.11
C VAL KA 412 28.42 31.72 16.62
N LYS KA 413 27.40 31.06 17.17
CA LYS KA 413 27.23 31.06 18.61
C LYS KA 413 28.37 30.34 19.32
N GLU KA 414 28.92 29.30 18.69
CA GLU KA 414 30.01 28.56 19.31
C GLU KA 414 31.32 29.32 19.25
N VAL KA 415 31.54 30.11 18.20
CA VAL KA 415 32.82 30.80 18.06
C VAL KA 415 32.82 32.22 18.60
N ALA KA 416 31.65 32.82 18.82
CA ALA KA 416 31.59 34.18 19.36
C ALA KA 416 31.49 34.16 20.88
N THR KA 417 32.41 33.44 21.52
CA THR KA 417 32.50 33.40 22.98
C THR KA 417 33.90 33.86 23.36
N LEU KA 418 34.04 35.15 23.63
CA LEU KA 418 35.31 35.70 24.10
C LEU KA 418 35.60 35.14 25.50
N GLY KA 419 36.71 34.43 25.63
CA GLY KA 419 36.99 33.81 26.91
C GLY KA 419 36.10 32.60 27.16
N VAL KA 420 35.82 32.35 28.43
CA VAL KA 420 34.98 31.23 28.82
C VAL KA 420 33.55 31.44 28.34
N GLU KA 445 33.51 35.71 29.54
CA GLU KA 445 34.22 36.60 30.46
C GLU KA 445 35.30 37.35 29.71
N THR KA 446 35.59 38.56 30.16
CA THR KA 446 36.55 39.45 29.53
C THR KA 446 37.81 39.62 30.39
N TYR KA 447 38.28 38.56 31.02
CA TYR KA 447 39.43 38.70 31.90
C TYR KA 447 40.68 39.10 31.12
N VAL KA 448 40.92 38.45 29.99
CA VAL KA 448 42.13 38.74 29.22
C VAL KA 448 42.06 40.14 28.62
N PHE KA 449 40.87 40.55 28.17
CA PHE KA 449 40.74 41.88 27.61
C PHE KA 449 40.89 42.96 28.68
N GLN KA 450 40.36 42.71 29.88
CA GLN KA 450 40.57 43.65 30.97
C GLN KA 450 42.04 43.68 31.40
N ASP KA 451 42.74 42.54 31.31
CA ASP KA 451 44.16 42.53 31.62
C ASP KA 451 44.96 43.32 30.59
N ASN KA 452 44.58 43.24 29.31
CA ASN KA 452 45.27 44.04 28.30
C ASN KA 452 44.97 45.52 28.49
N LEU KA 453 43.75 45.85 28.90
CA LEU KA 453 43.43 47.24 29.23
C LEU KA 453 44.24 47.71 30.43
N ALA KA 454 44.44 46.84 31.42
CA ALA KA 454 45.26 47.20 32.57
C ALA KA 454 46.71 47.42 32.18
N THR KA 455 47.23 46.58 31.27
CA THR KA 455 48.57 46.81 30.76
C THR KA 455 48.67 48.17 30.09
N ALA KA 456 47.67 48.51 29.28
CA ALA KA 456 47.67 49.82 28.62
C ALA KA 456 47.62 50.95 29.64
N MET KA 457 46.81 50.79 30.69
CA MET KA 457 46.74 51.84 31.69
C MET KA 457 48.04 51.98 32.47
N ARG KA 458 48.75 50.87 32.68
CA ARG KA 458 50.07 50.97 33.33
C ARG KA 458 51.05 51.72 32.46
N ARG KA 459 51.05 51.46 31.16
CA ARG KA 459 51.89 52.24 30.25
C ARG KA 459 51.47 53.71 30.26
N ASP KA 460 50.17 53.96 30.32
CA ASP KA 460 49.66 55.32 30.40
C ASP KA 460 50.16 56.03 31.65
N GLY KA 461 50.18 55.30 32.77
CA GLY KA 461 50.71 55.88 33.99
C GLY KA 461 52.19 56.19 33.90
N GLU KA 462 52.96 55.32 33.24
CA GLU KA 462 54.37 55.61 33.03
C GLU KA 462 54.57 56.89 32.22
N ILE KA 463 53.84 57.01 31.10
CA ILE KA 463 53.96 58.18 30.25
C ILE KA 463 53.55 59.44 31.02
N TYR KA 464 52.45 59.35 31.77
CA TYR KA 464 51.97 60.50 32.53
C TYR KA 464 52.98 60.92 33.57
N GLN KA 465 53.61 59.96 34.25
CA GLN KA 465 54.63 60.30 35.23
C GLN KA 465 55.79 61.02 34.59
N SER KA 466 56.24 60.56 33.42
CA SER KA 466 57.34 61.23 32.74
C SER KA 466 56.97 62.65 32.35
N ILE KA 467 55.78 62.83 31.78
CA ILE KA 467 55.36 64.17 31.36
C ILE KA 467 55.22 65.09 32.57
N VAL KA 468 54.69 64.56 33.68
CA VAL KA 468 54.56 65.36 34.90
C VAL KA 468 55.92 65.83 35.37
N ASN KA 469 56.90 64.92 35.40
CA ASN KA 469 58.24 65.32 35.79
C ASN KA 469 58.80 66.36 34.85
N ASP KA 470 58.41 66.32 33.58
CA ASP KA 470 58.94 67.29 32.63
C ASP KA 470 58.34 68.68 32.79
N ILE KA 471 57.02 68.79 33.01
CA ILE KA 471 56.41 70.12 32.90
C ILE KA 471 55.75 70.60 34.18
N TYR KA 472 55.25 69.69 35.01
CA TYR KA 472 54.52 70.13 36.20
C TYR KA 472 55.48 70.49 37.33
N ASP KA 473 54.96 71.23 38.29
CA ASP KA 473 55.73 71.63 39.47
C ASP KA 473 55.53 70.57 40.55
N VAL KA 474 56.50 69.68 40.69
CA VAL KA 474 56.39 68.55 41.62
C VAL KA 474 57.02 68.98 42.94
N PRO KA 475 56.25 69.11 44.02
CA PRO KA 475 56.84 69.44 45.32
C PRO KA 475 57.63 68.28 45.89
N ARG KA 476 58.66 68.61 46.65
CA ARG KA 476 59.44 67.63 47.39
C ARG KA 476 59.07 67.74 48.87
N ASN KA 477 58.78 66.60 49.49
CA ASN KA 477 58.34 66.56 50.88
C ASN KA 477 59.56 66.46 51.79
N VAL KA 478 59.62 67.31 52.81
CA VAL KA 478 60.70 67.30 53.79
C VAL KA 478 60.13 66.85 55.13
N THR KA 479 60.93 66.12 55.90
CA THR KA 479 60.53 65.60 57.19
C THR KA 479 61.00 66.46 58.36
N ILE KA 480 61.62 67.61 58.10
CA ILE KA 480 62.10 68.48 59.15
C ILE KA 480 60.94 69.20 59.81
N LEU KA 492 56.72 69.00 55.31
CA LEU KA 492 56.22 70.12 54.52
C LEU KA 492 56.71 70.02 53.08
N MET KA 493 55.87 70.43 52.13
CA MET KA 493 56.23 70.40 50.72
C MET KA 493 56.97 71.69 50.37
N ALA KA 494 58.13 71.55 49.74
CA ALA KA 494 59.00 72.69 49.41
C ALA KA 494 59.14 72.78 47.89
N GLU KA 495 58.41 73.72 47.28
CA GLU KA 495 58.48 73.91 45.83
C GLU KA 495 59.56 74.93 45.53
N VAL KA 496 60.71 74.46 45.04
CA VAL KA 496 61.85 75.31 44.73
C VAL KA 496 61.81 75.62 43.24
N VAL KA 497 61.46 76.86 42.89
CA VAL KA 497 61.39 77.31 41.51
C VAL KA 497 61.90 78.74 41.43
N ASP KA 498 62.05 79.22 40.20
CA ASP KA 498 62.54 80.57 39.97
C ASP KA 498 62.05 81.06 38.61
N LEU KA 499 62.12 82.37 38.42
CA LEU KA 499 61.65 83.02 37.20
C LEU KA 499 62.83 83.60 36.43
N ALA KA 500 62.73 83.55 35.10
CA ALA KA 500 63.76 84.07 34.23
C ALA KA 500 63.56 85.57 33.99
N THR KA 501 64.47 86.17 33.23
CA THR KA 501 64.38 87.59 32.94
C THR KA 501 63.22 87.93 32.01
N GLY KA 502 62.68 86.94 31.30
CA GLY KA 502 61.55 87.15 30.43
C GLY KA 502 60.24 86.86 31.11
N GLU KA 503 60.25 86.84 32.44
CA GLU KA 503 59.13 86.56 33.33
C GLU KA 503 58.65 85.12 33.24
N LYS KA 504 59.27 84.29 32.41
CA LYS KA 504 58.89 82.88 32.32
C LYS KA 504 59.48 82.10 33.48
N GLN KA 505 58.69 81.18 34.02
CA GLN KA 505 59.09 80.36 35.15
C GLN KA 505 59.55 79.00 34.65
N VAL KA 506 60.74 78.58 35.06
CA VAL KA 506 61.30 77.28 34.70
C VAL KA 506 61.25 76.39 35.92
N LEU KA 507 60.51 75.29 35.82
CA LEU KA 507 60.40 74.35 36.91
C LEU KA 507 61.75 73.71 37.21
N ASN KA 508 61.94 73.36 38.48
CA ASN KA 508 63.19 72.75 38.95
C ASN KA 508 62.83 71.43 39.64
N ASP KA 509 62.90 70.34 38.90
CA ASP KA 509 62.59 69.01 39.43
C ASP KA 509 63.88 68.23 39.64
N ILE KA 510 64.08 67.73 40.85
CA ILE KA 510 65.27 66.96 41.15
C ILE KA 510 65.20 65.62 40.43
N ARG KA 511 66.33 64.92 40.38
CA ARG KA 511 66.39 63.60 39.77
C ARG KA 511 65.86 62.49 40.67
N GLY KA 512 65.64 62.76 41.95
CA GLY KA 512 64.96 61.80 42.80
C GLY KA 512 63.46 61.88 42.61
N ARG KA 513 63.01 61.60 41.39
CA ARG KA 513 61.62 61.81 40.98
C ARG KA 513 60.82 60.53 40.92
N TYR KA 514 61.43 59.40 40.52
CA TYR KA 514 60.72 58.14 40.41
C TYR KA 514 60.64 57.47 41.78
N GLU KA 515 59.84 58.08 42.65
CA GLU KA 515 59.61 57.56 43.99
C GLU KA 515 58.41 56.64 44.07
N CYS KA 516 57.63 56.51 43.01
CA CYS KA 516 56.44 55.67 43.00
C CYS KA 516 56.42 54.83 41.74
N TYR KA 517 55.82 53.66 41.85
CA TYR KA 517 55.57 52.78 40.72
C TYR KA 517 54.08 52.77 40.42
N THR KA 518 53.72 52.05 39.37
CA THR KA 518 52.37 52.07 38.82
C THR KA 518 51.67 50.75 39.11
N ASP KA 519 50.45 50.82 39.62
CA ASP KA 519 49.56 49.68 39.74
C ASP KA 519 48.24 50.06 39.11
N VAL KA 520 47.27 49.15 39.17
CA VAL KA 520 45.94 49.36 38.61
C VAL KA 520 44.94 49.20 39.74
N GLY KA 521 44.02 50.16 39.84
CA GLY KA 521 43.01 50.12 40.86
C GLY KA 521 41.69 50.64 40.34
N PRO KA 522 40.68 50.67 41.21
CA PRO KA 522 39.37 51.17 40.78
C PRO KA 522 39.46 52.62 40.33
N SER KA 523 38.58 52.98 39.40
CA SER KA 523 38.57 54.33 38.86
C SER KA 523 37.90 55.29 39.86
N PHE KA 524 38.57 56.40 40.12
CA PHE KA 524 38.07 57.41 41.05
C PHE KA 524 38.21 58.79 40.42
N GLN KA 525 37.45 59.73 40.96
CA GLN KA 525 37.46 61.10 40.45
C GLN KA 525 38.27 62.06 41.32
N SER KA 526 38.51 61.72 42.59
CA SER KA 526 39.22 62.62 43.47
C SER KA 526 39.84 61.82 44.62
N MET KA 527 40.87 62.42 45.23
CA MET KA 527 41.55 61.76 46.33
C MET KA 527 40.63 61.57 47.52
N LYS KA 528 39.66 62.47 47.70
CA LYS KA 528 38.69 62.29 48.77
C LYS KA 528 37.84 61.04 48.53
N GLN KA 529 37.41 60.83 47.29
CA GLN KA 529 36.66 59.62 46.95
C GLN KA 529 37.50 58.38 47.16
N GLN KA 530 38.78 58.43 46.76
CA GLN KA 530 39.65 57.28 46.96
C GLN KA 530 39.84 56.98 48.44
N ASN KA 531 40.00 58.01 49.26
CA ASN KA 531 40.15 57.81 50.70
C ASN KA 531 38.87 57.24 51.30
N ARG KA 532 37.72 57.71 50.85
CA ARG KA 532 36.46 57.15 51.32
C ARG KA 532 36.36 55.67 50.98
N ALA KA 533 36.75 55.30 49.77
CA ALA KA 533 36.73 53.89 49.39
C ALA KA 533 37.66 53.06 50.27
N GLU KA 534 38.86 53.58 50.54
CA GLU KA 534 39.80 52.83 51.37
C GLU KA 534 39.27 52.66 52.79
N ILE KA 535 38.70 53.71 53.37
CA ILE KA 535 38.16 53.62 54.72
C ILE KA 535 37.01 52.63 54.76
N LEU KA 536 36.16 52.64 53.74
CA LEU KA 536 35.04 51.70 53.72
C LEU KA 536 35.53 50.27 53.58
N GLU KA 537 36.57 50.05 52.77
CA GLU KA 537 37.12 48.71 52.62
C GLU KA 537 37.69 48.21 53.95
N LEU KA 538 38.43 49.07 54.66
CA LEU KA 538 38.94 48.67 55.98
C LEU KA 538 37.80 48.42 56.95
N LEU KA 539 36.76 49.25 56.91
CA LEU KA 539 35.63 49.10 57.82
C LEU KA 539 34.92 47.77 57.62
N GLY KA 540 34.72 47.37 56.35
CA GLY KA 540 34.01 46.14 56.07
C GLY KA 540 34.71 44.89 56.58
N LYS KA 541 36.01 44.98 56.86
CA LYS KA 541 36.77 43.84 57.35
C LYS KA 541 37.16 43.93 58.82
N THR KA 542 37.16 45.12 59.41
CA THR KA 542 37.51 45.24 60.83
C THR KA 542 36.33 44.80 61.69
N PRO KA 543 36.53 43.91 62.67
CA PRO KA 543 35.44 43.55 63.58
C PRO KA 543 35.13 44.69 64.53
N GLN KA 544 33.97 44.58 65.18
CA GLN KA 544 33.45 45.66 66.01
C GLN KA 544 34.27 45.82 67.29
N GLY KA 545 35.25 46.71 67.28
CA GLY KA 545 36.08 47.03 68.43
C GLY KA 545 36.34 48.51 68.52
N THR KA 546 37.56 48.86 68.91
CA THR KA 546 37.99 50.25 68.96
C THR KA 546 38.41 50.77 67.59
N PRO KA 547 39.15 50.01 66.76
CA PRO KA 547 39.40 50.49 65.40
C PRO KA 547 38.14 50.68 64.59
N GLU KA 548 37.07 49.93 64.90
CA GLU KA 548 35.81 50.17 64.21
C GLU KA 548 35.29 51.57 64.49
N TYR KA 549 35.33 51.99 65.75
CA TYR KA 549 34.95 53.36 66.10
C TYR KA 549 35.86 54.36 65.40
N GLN KA 550 37.17 54.08 65.40
CA GLN KA 550 38.12 54.98 64.75
C GLN KA 550 37.79 55.16 63.28
N LEU KA 551 37.57 54.05 62.57
CA LEU KA 551 37.32 54.11 61.14
C LEU KA 551 35.99 54.78 60.84
N LEU KA 552 34.97 54.54 61.66
CA LEU KA 552 33.68 55.18 61.42
C LEU KA 552 33.78 56.69 61.60
N LEU KA 553 34.47 57.14 62.64
CA LEU KA 553 34.67 58.57 62.83
C LEU KA 553 35.50 59.16 61.70
N LEU KA 554 36.47 58.40 61.19
CA LEU KA 554 37.27 58.86 60.06
C LEU KA 554 36.41 59.02 58.81
N GLN KA 555 35.48 58.08 58.59
CA GLN KA 555 34.59 58.18 57.44
C GLN KA 555 33.71 59.42 57.55
N TYR KA 556 33.14 59.66 58.73
CA TYR KA 556 32.36 60.88 58.92
C TYR KA 556 33.22 62.12 58.73
N PHE KA 557 34.51 62.03 59.09
CA PHE KA 557 35.43 63.14 58.86
C PHE KA 557 35.61 63.42 57.37
N THR KA 558 35.84 62.37 56.58
CA THR KA 558 36.12 62.51 55.16
C THR KA 558 34.88 62.75 54.32
N LEU KA 559 33.69 62.63 54.90
CA LEU KA 559 32.46 62.79 54.14
C LEU KA 559 32.31 64.20 53.57
N LEU KA 560 31.52 64.30 52.51
CA LEU KA 560 31.25 65.57 51.85
C LEU KA 560 30.37 66.45 52.75
N ASP KA 561 29.99 67.61 52.23
CA ASP KA 561 29.41 68.67 53.06
C ASP KA 561 28.02 69.06 52.61
N GLY KA 562 27.14 69.19 53.59
CA GLY KA 562 25.81 69.76 53.46
C GLY KA 562 25.54 70.56 54.71
N LYS KA 563 24.44 70.22 55.40
CA LYS KA 563 24.17 70.72 56.74
C LYS KA 563 24.16 69.60 57.77
N GLY KA 564 23.39 68.54 57.55
CA GLY KA 564 23.41 67.42 58.47
C GLY KA 564 24.74 66.69 58.48
N VAL KA 565 25.29 66.41 57.30
CA VAL KA 565 26.61 65.80 57.26
C VAL KA 565 27.64 66.77 57.82
N GLU KA 566 27.40 68.07 57.71
CA GLU KA 566 28.31 69.03 58.34
C GLU KA 566 28.30 68.88 59.85
N MET KA 567 27.11 68.73 60.44
CA MET KA 567 27.02 68.50 61.87
C MET KA 567 27.74 67.23 62.28
N MET KA 568 27.51 66.15 61.53
CA MET KA 568 28.16 64.88 61.87
C MET KA 568 29.67 64.96 61.71
N ARG KA 569 30.15 65.69 60.70
CA ARG KA 569 31.59 65.79 60.50
C ARG KA 569 32.24 66.64 61.57
N ASP KA 570 31.58 67.73 61.99
CA ASP KA 570 32.11 68.50 63.11
C ASP KA 570 32.18 67.64 64.36
N TYR KA 571 31.13 66.87 64.64
CA TYR KA 571 31.15 65.99 65.81
C TYR KA 571 32.27 64.96 65.72
N ALA KA 572 32.46 64.38 64.53
CA ALA KA 572 33.49 63.35 64.38
C ALA KA 572 34.88 63.91 64.56
N ASN KA 573 35.13 65.11 64.01
CA ASN KA 573 36.42 65.76 64.24
C ASN KA 573 36.65 66.01 65.72
N LYS KA 574 35.62 66.52 66.41
CA LYS KA 574 35.77 66.79 67.83
C LYS KA 574 36.07 65.51 68.59
N GLN KA 575 35.40 64.41 68.25
CA GLN KA 575 35.62 63.15 68.95
C GLN KA 575 37.02 62.61 68.70
N LEU KA 576 37.50 62.65 67.45
CA LEU KA 576 38.85 62.16 67.19
C LEU KA 576 39.89 63.01 67.92
N ILE KA 577 39.73 64.33 67.90
CA ILE KA 577 40.68 65.20 68.58
C ILE KA 577 40.67 64.93 70.08
N GLN KA 578 39.48 64.83 70.67
CA GLN KA 578 39.39 64.62 72.11
C GLN KA 578 39.78 63.21 72.53
N MET KA 579 39.82 62.27 71.60
CA MET KA 579 40.39 60.95 71.88
C MET KA 579 41.87 60.88 71.54
N GLY KA 580 42.43 61.93 70.94
CA GLY KA 580 43.87 61.99 70.75
C GLY KA 580 44.38 61.17 69.59
N VAL KA 581 43.59 61.01 68.54
CA VAL KA 581 44.01 60.30 67.34
C VAL KA 581 44.38 61.27 66.22
N LYS KA 582 43.73 62.42 66.16
CA LYS KA 582 44.00 63.43 65.14
C LYS KA 582 44.76 64.60 65.76
N LYS KA 583 45.83 65.01 65.11
CA LYS KA 583 46.65 66.10 65.62
C LYS KA 583 45.99 67.44 65.37
N MET LA 1 -31.50 34.15 -38.46
CA MET LA 1 -31.38 32.71 -38.68
C MET LA 1 -32.32 32.25 -39.78
N GLN LA 2 -31.83 31.37 -40.65
CA GLN LA 2 -32.64 30.87 -41.75
C GLN LA 2 -33.54 29.71 -41.35
N ILE LA 3 -33.50 29.29 -40.08
CA ILE LA 3 -34.32 28.21 -39.56
C ILE LA 3 -35.24 28.83 -38.52
N LYS LA 4 -36.48 29.13 -38.91
CA LYS LA 4 -37.41 29.81 -38.03
C LYS LA 4 -38.74 29.10 -37.88
N THR LA 5 -38.80 27.80 -38.18
CA THR LA 5 -40.05 27.05 -38.06
C THR LA 5 -39.74 25.62 -37.65
N LYS LA 6 -40.77 24.96 -37.10
CA LYS LA 6 -40.63 23.56 -36.74
C LYS LA 6 -40.36 22.70 -37.96
N GLY LA 7 -40.94 23.07 -39.09
CA GLY LA 7 -40.63 22.36 -40.33
C GLY LA 7 -39.19 22.53 -40.74
N ASP LA 8 -38.64 23.73 -40.55
CA ASP LA 8 -37.23 23.95 -40.85
C ASP LA 8 -36.33 23.11 -39.95
N LEU LA 9 -36.68 23.03 -38.67
CA LEU LA 9 -35.93 22.15 -37.77
C LEU LA 9 -35.99 20.71 -38.22
N VAL LA 10 -37.17 20.23 -38.57
CA VAL LA 10 -37.32 18.84 -39.00
C VAL LA 10 -36.53 18.59 -40.28
N ARG LA 11 -36.57 19.54 -41.21
CA ARG LA 11 -35.84 19.39 -42.47
C ARG LA 11 -34.34 19.34 -42.23
N ALA LA 12 -33.84 20.17 -41.32
CA ALA LA 12 -32.42 20.11 -40.97
C ALA LA 12 -32.07 18.77 -40.36
N ALA LA 13 -32.94 18.23 -39.50
CA ALA LA 13 -32.69 16.92 -38.90
C ALA LA 13 -32.60 15.84 -39.97
N LEU LA 14 -33.54 15.83 -40.90
CA LEU LA 14 -33.54 14.81 -41.95
C LEU LA 14 -32.32 14.95 -42.85
N ARG LA 15 -31.96 16.19 -43.19
CA ARG LA 15 -30.77 16.41 -44.01
C ARG LA 15 -29.52 15.91 -43.32
N LYS LA 16 -29.39 16.14 -42.01
CA LYS LA 16 -28.27 15.57 -41.27
C LYS LA 16 -28.29 14.06 -41.31
N LEU LA 17 -29.48 13.46 -41.16
CA LEU LA 17 -29.59 12.01 -41.16
C LEU LA 17 -29.34 11.40 -42.53
N GLY LA 18 -29.37 12.21 -43.59
CA GLY LA 18 -29.23 11.66 -44.92
C GLY LA 18 -30.49 11.02 -45.44
N VAL LA 19 -31.64 11.32 -44.83
CA VAL LA 19 -32.90 10.73 -45.26
C VAL LA 19 -33.51 11.54 -46.40
N ALA LA 20 -33.59 12.85 -46.22
CA ALA LA 20 -34.30 13.71 -47.19
C ALA LA 20 -33.51 15.00 -47.33
N SER LA 21 -32.64 15.05 -48.33
CA SER LA 21 -31.82 16.23 -48.58
C SER LA 21 -31.56 16.35 -50.07
N ASP LA 22 -31.15 17.55 -50.48
CA ASP LA 22 -30.69 17.77 -51.85
C ASP LA 22 -29.24 17.38 -52.05
N ALA LA 23 -28.50 17.11 -50.98
CA ALA LA 23 -27.19 16.48 -51.13
C ALA LA 23 -27.34 15.09 -51.73
N THR LA 24 -28.31 14.33 -51.25
CA THR LA 24 -28.83 13.18 -51.97
C THR LA 24 -29.91 13.70 -52.91
N LEU LA 25 -30.71 12.84 -53.50
CA LEU LA 25 -31.76 13.31 -54.39
C LEU LA 25 -33.16 13.08 -53.82
N THR LA 26 -33.27 12.84 -52.52
CA THR LA 26 -34.55 12.52 -51.92
C THR LA 26 -35.30 13.79 -51.56
N ASP LA 27 -36.62 13.70 -51.57
CA ASP LA 27 -37.50 14.77 -51.14
C ASP LA 27 -38.18 14.40 -49.84
N VAL LA 28 -38.64 15.41 -49.12
CA VAL LA 28 -39.28 15.19 -47.82
C VAL LA 28 -40.68 14.63 -48.03
N GLU LA 29 -40.98 13.51 -47.39
CA GLU LA 29 -42.35 13.05 -47.48
C GLU LA 29 -43.19 13.66 -46.37
N PRO LA 30 -44.44 14.03 -46.67
CA PRO LA 30 -45.27 14.66 -45.63
C PRO LA 30 -45.50 13.76 -44.42
N GLN LA 31 -45.52 12.44 -44.61
CA GLN LA 31 -45.65 11.55 -43.47
C GLN LA 31 -44.42 11.67 -42.57
N SER LA 32 -43.23 11.73 -43.17
CA SER LA 32 -42.02 11.93 -42.37
C SER LA 32 -42.07 13.27 -41.65
N MET LA 33 -42.53 14.32 -42.33
CA MET LA 33 -42.60 15.63 -41.70
C MET LA 33 -43.54 15.61 -40.50
N GLN LA 34 -44.71 14.99 -40.65
CA GLN LA 34 -45.67 14.96 -39.55
C GLN LA 34 -45.13 14.15 -38.37
N ASP LA 35 -44.58 12.96 -38.65
CA ASP LA 35 -44.06 12.14 -37.56
C ASP LA 35 -42.91 12.84 -36.84
N ALA LA 36 -42.02 13.49 -37.60
CA ALA LA 36 -40.90 14.18 -36.98
C ALA LA 36 -41.35 15.41 -36.19
N VAL LA 37 -42.41 16.09 -36.64
CA VAL LA 37 -42.93 17.20 -35.85
C VAL LA 37 -43.51 16.71 -34.54
N ASP LA 38 -44.24 15.59 -34.57
CA ASP LA 38 -44.74 15.02 -33.32
C ASP LA 38 -43.60 14.63 -32.40
N ASP LA 39 -42.54 14.04 -32.97
CA ASP LA 39 -41.37 13.68 -32.16
C ASP LA 39 -40.71 14.90 -31.56
N LEU LA 40 -40.61 15.98 -32.32
CA LEU LA 40 -40.00 17.21 -31.80
C LEU LA 40 -40.83 17.77 -30.64
N GLU LA 41 -42.16 17.77 -30.79
CA GLU LA 41 -43.00 18.26 -29.70
C GLU LA 41 -42.83 17.42 -28.46
N ALA LA 42 -42.81 16.09 -28.62
CA ALA LA 42 -42.64 15.21 -27.46
C ALA LA 42 -41.28 15.42 -26.80
N MET LA 43 -40.23 15.52 -27.60
CA MET LA 43 -38.89 15.71 -27.05
C MET LA 43 -38.76 17.04 -26.32
N MET LA 44 -39.33 18.11 -26.88
CA MET LA 44 -39.28 19.40 -26.23
C MET LA 44 -40.07 19.41 -24.93
N ALA LA 45 -41.22 18.74 -24.91
CA ALA LA 45 -41.98 18.66 -23.67
C ALA LA 45 -41.25 17.83 -22.63
N GLU LA 46 -40.53 16.79 -23.06
CA GLU LA 46 -39.71 16.01 -22.14
C GLU LA 46 -38.58 16.84 -21.55
N TRP LA 47 -37.89 17.60 -22.40
CA TRP LA 47 -36.83 18.48 -21.92
C TRP LA 47 -37.37 19.49 -20.93
N TYR LA 48 -38.27 20.35 -21.37
CA TYR LA 48 -38.87 21.40 -20.56
C TYR LA 48 -39.89 20.75 -19.65
N GLN LA 49 -39.43 20.31 -18.47
CA GLN LA 49 -40.27 19.56 -17.55
C GLN LA 49 -41.24 20.50 -16.82
N ASP LA 50 -42.09 21.16 -17.60
CA ASP LA 50 -43.06 22.12 -17.09
C ASP LA 50 -42.38 23.22 -16.28
N GLY LA 51 -41.23 23.69 -16.76
CA GLY LA 51 -40.51 24.76 -16.14
C GLY LA 51 -39.34 24.34 -15.30
N LYS LA 52 -39.26 23.08 -14.91
CA LYS LA 52 -38.19 22.57 -14.07
C LYS LA 52 -37.16 21.78 -14.88
N GLY LA 53 -37.03 22.07 -16.17
CA GLY LA 53 -36.10 21.36 -17.01
C GLY LA 53 -35.18 22.28 -17.78
N ILE LA 54 -35.05 22.05 -19.08
CA ILE LA 54 -34.21 22.88 -19.93
C ILE LA 54 -35.05 24.01 -20.49
N ILE LA 55 -34.63 25.25 -20.24
CA ILE LA 55 -35.34 26.43 -20.71
C ILE LA 55 -34.73 26.85 -22.04
N THR LA 56 -35.55 26.88 -23.09
CA THR LA 56 -35.08 27.19 -24.43
C THR LA 56 -35.87 28.28 -25.13
N GLY LA 57 -37.12 28.53 -24.74
CA GLY LA 57 -37.97 29.43 -25.47
C GLY LA 57 -38.88 28.76 -26.46
N TYR LA 58 -38.79 27.44 -26.59
CA TYR LA 58 -39.66 26.71 -27.51
C TYR LA 58 -41.12 26.97 -27.18
N VAL LA 59 -41.92 27.23 -28.20
CA VAL LA 59 -43.33 27.58 -28.04
C VAL LA 59 -44.16 26.37 -28.39
N PHE LA 60 -44.91 25.86 -27.42
CA PHE LA 60 -45.71 24.66 -27.61
C PHE LA 60 -47.03 25.02 -28.29
N SER LA 61 -47.40 24.22 -29.28
CA SER LA 61 -48.59 24.49 -30.07
C SER LA 61 -49.85 24.21 -29.27
N ASP LA 62 -51.00 24.35 -29.94
CA ASP LA 62 -52.29 24.08 -29.35
C ASP LA 62 -53.17 23.35 -30.36
N ASP LA 63 -54.18 22.64 -29.85
CA ASP LA 63 -55.07 21.88 -30.71
C ASP LA 63 -55.82 22.77 -31.70
N GLU LA 64 -55.96 24.06 -31.40
CA GLU LA 64 -56.70 24.95 -32.27
C GLU LA 64 -56.02 25.11 -33.63
N ASN LA 65 -54.70 25.18 -33.64
CA ASN LA 65 -53.96 25.31 -34.89
C ASN LA 65 -53.89 23.95 -35.60
N PRO LA 66 -54.45 23.82 -36.80
CA PRO LA 66 -54.50 22.50 -37.46
C PRO LA 66 -53.12 22.02 -37.88
N PRO LA 67 -52.32 22.80 -38.66
CA PRO LA 67 -50.97 22.31 -39.01
C PRO LA 67 -49.92 22.73 -37.98
N ALA LA 68 -49.30 21.76 -37.31
CA ALA LA 68 -48.26 22.10 -36.33
C ALA LA 68 -47.04 22.68 -37.02
N GLU LA 69 -46.56 22.02 -38.07
CA GLU LA 69 -45.56 22.61 -38.94
C GLU LA 69 -46.08 23.91 -39.54
N GLY LA 70 -45.19 24.89 -39.65
CA GLY LA 70 -45.53 26.21 -40.15
C GLY LA 70 -45.49 27.29 -39.09
N ASP LA 71 -45.36 26.91 -37.83
CA ASP LA 71 -45.26 27.86 -36.73
C ASP LA 71 -43.80 28.09 -36.38
N ASP LA 72 -43.51 29.27 -35.88
CA ASP LA 72 -42.18 29.54 -35.37
C ASP LA 72 -41.93 28.73 -34.10
N HIS LA 73 -40.72 28.21 -33.96
CA HIS LA 73 -40.39 27.45 -32.76
C HIS LA 73 -40.14 28.35 -31.57
N GLY LA 74 -39.70 29.58 -31.80
CA GLY LA 74 -39.44 30.51 -30.73
C GLY LA 74 -38.09 30.37 -30.07
N LEU LA 75 -37.29 29.39 -30.46
CA LEU LA 75 -35.99 29.18 -29.85
C LEU LA 75 -35.06 30.34 -30.15
N ARG LA 76 -34.14 30.60 -29.24
CA ARG LA 76 -33.10 31.57 -29.50
C ARG LA 76 -32.16 31.05 -30.58
N SER LA 77 -31.26 31.92 -31.06
CA SER LA 77 -30.39 31.54 -32.16
C SER LA 77 -29.46 30.39 -31.76
N SER LA 78 -29.08 30.31 -30.50
CA SER LA 78 -28.06 29.39 -30.04
C SER LA 78 -28.61 28.04 -29.63
N ALA LA 79 -29.93 27.83 -29.73
CA ALA LA 79 -30.54 26.56 -29.37
C ALA LA 79 -30.91 25.72 -30.56
N VAL LA 80 -30.91 26.29 -31.77
CA VAL LA 80 -31.42 25.60 -32.94
C VAL LA 80 -30.57 24.38 -33.27
N SER LA 81 -29.24 24.52 -33.22
CA SER LA 81 -28.37 23.42 -33.58
C SER LA 81 -28.58 22.23 -32.64
N ALA LA 82 -28.61 22.49 -31.33
CA ALA LA 82 -28.85 21.42 -30.37
C ALA LA 82 -30.20 20.79 -30.58
N VAL LA 83 -31.22 21.61 -30.81
CA VAL LA 83 -32.58 21.10 -30.98
C VAL LA 83 -32.65 20.16 -32.17
N PHE LA 84 -32.15 20.59 -33.33
CA PHE LA 84 -32.33 19.75 -34.50
C PHE LA 84 -31.37 18.57 -34.51
N HIS LA 85 -30.21 18.68 -33.86
CA HIS LA 85 -29.33 17.51 -33.75
C HIS LA 85 -29.96 16.44 -32.87
N ASN LA 86 -30.52 16.84 -31.74
CA ASN LA 86 -31.19 15.85 -30.90
C ASN LA 86 -32.44 15.31 -31.56
N LEU LA 87 -33.14 16.13 -32.34
CA LEU LA 87 -34.30 15.64 -33.09
C LEU LA 87 -33.88 14.58 -34.10
N ALA LA 88 -32.77 14.81 -34.81
CA ALA LA 88 -32.28 13.81 -35.74
C ALA LA 88 -31.92 12.53 -35.02
N CYS LA 89 -31.25 12.64 -33.88
CA CYS LA 89 -30.91 11.44 -33.12
C CYS LA 89 -32.16 10.68 -32.69
N ARG LA 90 -33.18 11.39 -32.23
CA ARG LA 90 -34.40 10.74 -31.77
C ARG LA 90 -35.15 10.06 -32.91
N ILE LA 91 -35.24 10.71 -34.08
CA ILE LA 91 -36.05 10.18 -35.16
C ILE LA 91 -35.29 9.28 -36.11
N ALA LA 92 -33.99 9.07 -35.89
CA ALA LA 92 -33.26 8.11 -36.70
C ALA LA 92 -33.84 6.71 -36.66
N PRO LA 93 -34.16 6.11 -35.50
CA PRO LA 93 -34.59 4.69 -35.51
C PRO LA 93 -35.87 4.42 -36.27
N ASP LA 94 -36.65 5.44 -36.62
CA ASP LA 94 -37.88 5.19 -37.38
C ASP LA 94 -37.58 4.61 -38.75
N TYR LA 95 -36.40 4.92 -39.30
CA TYR LA 95 -35.95 4.42 -40.58
C TYR LA 95 -34.90 3.33 -40.43
N ALA LA 96 -34.84 2.70 -39.27
CA ALA LA 96 -33.85 1.66 -38.99
C ALA LA 96 -32.44 2.16 -39.23
N LEU LA 97 -32.20 3.42 -38.91
CA LEU LA 97 -30.88 4.02 -38.97
C LEU LA 97 -30.35 4.22 -37.56
N GLU LA 98 -29.10 4.64 -37.47
CA GLU LA 98 -28.47 5.03 -36.22
C GLU LA 98 -27.62 6.25 -36.50
N ALA LA 99 -27.95 7.37 -35.87
CA ALA LA 99 -27.25 8.61 -36.15
C ALA LA 99 -25.76 8.42 -35.90
N THR LA 100 -24.95 8.98 -36.81
CA THR LA 100 -23.53 8.73 -36.78
C THR LA 100 -22.88 9.38 -35.56
N ALA LA 101 -21.60 9.05 -35.37
CA ALA LA 101 -20.89 9.49 -34.17
C ALA LA 101 -20.80 11.01 -34.10
N LYS LA 102 -20.63 11.67 -35.24
CA LYS LA 102 -20.58 13.13 -35.23
C LYS LA 102 -21.90 13.72 -34.76
N ILE LA 103 -23.01 13.17 -35.22
CA ILE LA 103 -24.32 13.68 -34.78
C ILE LA 103 -24.52 13.43 -33.30
N ILE LA 104 -24.13 12.26 -32.81
CA ILE LA 104 -24.30 11.97 -31.39
C ILE LA 104 -23.47 12.93 -30.54
N ALA LA 105 -22.20 13.13 -30.93
CA ALA LA 105 -21.35 14.04 -30.17
C ALA LA 105 -21.87 15.47 -30.20
N THR LA 106 -22.34 15.93 -31.36
CA THR LA 106 -22.83 17.28 -31.45
C THR LA 106 -24.13 17.45 -30.66
N ALA LA 107 -24.96 16.42 -30.60
CA ALA LA 107 -26.15 16.49 -29.78
C ALA LA 107 -25.81 16.59 -28.30
N LYS LA 108 -24.83 15.80 -27.83
CA LYS LA 108 -24.41 15.89 -26.44
C LYS LA 108 -23.89 17.29 -26.12
N TYR LA 109 -22.99 17.80 -26.96
CA TYR LA 109 -22.42 19.12 -26.72
C TYR LA 109 -23.49 20.20 -26.74
N GLY LA 110 -24.44 20.10 -27.68
CA GLY LA 110 -25.48 21.10 -27.76
C GLY LA 110 -26.40 21.10 -26.56
N LYS LA 111 -26.77 19.91 -26.07
CA LYS LA 111 -27.61 19.87 -24.87
C LYS LA 111 -26.88 20.43 -23.66
N GLU LA 112 -25.59 20.11 -23.53
CA GLU LA 112 -24.82 20.67 -22.43
C GLU LA 112 -24.80 22.20 -22.49
N LEU LA 113 -24.48 22.75 -23.66
CA LEU LA 113 -24.47 24.21 -23.80
C LEU LA 113 -25.85 24.80 -23.61
N LEU LA 114 -26.90 24.04 -23.93
CA LEU LA 114 -28.26 24.52 -23.71
C LEU LA 114 -28.51 24.74 -22.23
N TYR LA 115 -28.08 23.80 -21.39
CA TYR LA 115 -28.34 23.90 -19.96
C TYR LA 115 -27.27 24.68 -19.19
N LYS LA 116 -26.19 25.12 -19.83
CA LYS LA 116 -25.11 25.78 -19.08
C LYS LA 116 -25.60 27.03 -18.34
N GLN LA 117 -26.32 27.91 -19.03
CA GLN LA 117 -26.73 29.17 -18.40
C GLN LA 117 -27.78 28.93 -17.33
N THR LA 118 -28.67 27.98 -17.54
CA THR LA 118 -29.63 27.61 -16.51
C THR LA 118 -28.92 27.06 -15.28
N ALA LA 119 -27.87 26.28 -15.47
CA ALA LA 119 -27.11 25.76 -14.33
C ALA LA 119 -26.45 26.88 -13.56
N ILE LA 120 -25.87 27.85 -14.27
CA ILE LA 120 -25.24 28.99 -13.59
C ILE LA 120 -26.28 29.76 -12.81
N SER LA 121 -27.47 29.93 -13.38
CA SER LA 121 -28.54 30.64 -12.68
C SER LA 121 -28.99 29.90 -11.44
N ARG LA 122 -29.18 28.59 -11.54
CA ARG LA 122 -29.75 27.81 -10.45
C ARG LA 122 -28.74 27.52 -9.35
N ALA LA 123 -27.44 27.67 -9.60
CA ALA LA 123 -26.43 27.45 -8.57
C ALA LA 123 -26.48 28.60 -7.58
N LYS LA 124 -27.48 28.57 -6.71
CA LYS LA 124 -27.73 29.62 -5.74
C LYS LA 124 -27.45 29.11 -4.34
N ARG LA 125 -26.99 29.99 -3.47
CA ARG LA 125 -26.65 29.64 -2.10
C ARG LA 125 -27.83 30.00 -1.18
N ALA LA 126 -28.25 29.03 -0.37
CA ALA LA 126 -29.39 29.24 0.50
C ALA LA 126 -29.04 30.20 1.63
N PRO LA 127 -30.04 30.92 2.17
CA PRO LA 127 -29.75 31.91 3.20
C PRO LA 127 -29.25 31.29 4.51
N TYR LA 128 -28.90 32.14 5.47
CA TYR LA 128 -28.39 31.65 6.73
C TYR LA 128 -29.45 30.87 7.48
N PRO LA 129 -29.06 29.94 8.34
CA PRO LA 129 -30.05 29.16 9.08
C PRO LA 129 -30.83 30.01 10.05
N SER LA 130 -31.90 29.41 10.59
CA SER LA 130 -32.79 30.14 11.47
C SER LA 130 -32.18 30.37 12.85
N ARG LA 131 -31.17 29.60 13.24
CA ARG LA 131 -30.58 29.67 14.56
C ARG LA 131 -29.18 30.27 14.53
N MET LA 132 -28.96 31.28 13.69
CA MET LA 132 -27.64 31.85 13.49
C MET LA 132 -27.60 33.31 13.90
N PRO LA 133 -26.71 33.70 14.80
CA PRO LA 133 -26.58 35.11 15.14
C PRO LA 133 -26.05 35.91 13.96
N THR LA 134 -26.37 37.19 13.95
CA THR LA 134 -25.88 38.09 12.92
C THR LA 134 -24.60 38.82 13.33
N GLY LA 135 -24.15 38.64 14.55
CA GLY LA 135 -22.90 39.23 14.99
C GLY LA 135 -23.11 40.55 15.72
N SER LA 136 -22.16 40.85 16.60
CA SER LA 136 -22.17 42.13 17.30
C SER LA 136 -21.61 43.25 16.46
N GLY LA 137 -20.92 42.94 15.38
CA GLY LA 137 -20.40 43.93 14.49
C GLY LA 137 -21.39 44.47 13.48
N ASN LA 138 -22.66 44.14 13.63
CA ASN LA 138 -23.72 44.57 12.73
C ASN LA 138 -24.70 45.54 13.37
N SER LA 139 -25.04 45.32 14.64
CA SER LA 139 -26.07 46.11 15.31
C SER LA 139 -25.68 47.58 15.39
N PHE LA 140 -24.42 47.86 15.73
CA PHE LA 140 -24.00 49.24 15.84
C PHE LA 140 -24.17 49.97 14.52
N ALA LA 141 -23.99 49.27 13.40
CA ALA LA 141 -24.30 49.85 12.10
C ALA LA 141 -25.80 50.05 11.95
N ASN LA 142 -26.60 49.02 12.23
CA ASN LA 142 -28.05 49.13 12.13
C ASN LA 142 -28.64 49.02 13.54
N LEU LA 143 -28.72 50.18 14.22
CA LEU LA 143 -29.26 50.32 15.56
C LEU LA 143 -30.50 49.49 15.86
N ASN LA 144 -31.36 49.30 14.85
CA ASN LA 144 -32.50 48.41 15.03
C ASN LA 144 -32.05 46.95 15.12
N GLU LA 145 -31.19 46.52 14.19
CA GLU LA 145 -30.74 45.16 13.93
C GLU LA 145 -31.79 44.07 14.15
N TRP LA 146 -31.40 42.84 13.88
CA TRP LA 146 -31.91 41.72 14.63
C TRP LA 146 -30.73 40.87 15.05
N HIS LA 147 -30.88 40.20 16.18
CA HIS LA 147 -29.79 39.38 16.70
C HIS LA 147 -29.61 38.09 15.92
N TYR LA 148 -30.67 37.56 15.29
CA TYR LA 148 -30.59 36.27 14.62
C TYR LA 148 -31.18 36.36 13.22
N PHE LA 149 -30.60 35.59 12.31
CA PHE LA 149 -31.08 35.53 10.94
C PHE LA 149 -32.44 34.86 10.90
N PRO LA 150 -33.31 35.27 9.96
CA PRO LA 150 -34.65 34.67 9.90
C PRO LA 150 -34.66 33.25 9.36
N GLY LA 151 -33.89 32.98 8.32
CA GLY LA 151 -33.85 31.65 7.76
C GLY LA 151 -34.65 31.49 6.50
N GLU LA 152 -35.14 30.28 6.24
CA GLU LA 152 -35.97 30.00 5.06
C GLU LA 152 -35.26 30.38 3.76
N GLU MA 5 -68.63 7.51 63.16
CA GLU MA 5 -69.09 7.06 64.47
C GLU MA 5 -68.41 5.75 64.86
N ASN MA 6 -68.37 4.81 63.93
CA ASN MA 6 -67.73 3.53 64.19
C ASN MA 6 -66.23 3.72 64.38
N ARG MA 7 -65.71 3.23 65.50
CA ARG MA 7 -64.29 3.38 65.77
C ARG MA 7 -63.44 2.67 64.73
N LEU MA 8 -63.86 1.45 64.36
CA LEU MA 8 -63.14 0.71 63.34
C LEU MA 8 -63.15 1.46 62.01
N GLU MA 9 -64.31 1.99 61.64
CA GLU MA 9 -64.41 2.72 60.37
C GLU MA 9 -63.52 3.95 60.38
N SER MA 10 -63.50 4.69 61.48
CA SER MA 10 -62.69 5.91 61.54
C SER MA 10 -61.20 5.59 61.48
N ILE MA 11 -60.76 4.62 62.27
CA ILE MA 11 -59.35 4.25 62.27
C ILE MA 11 -58.93 3.75 60.90
N LEU MA 12 -59.76 2.91 60.28
CA LEU MA 12 -59.42 2.36 58.98
C LEU MA 12 -59.44 3.43 57.90
N SER MA 13 -60.34 4.42 58.00
CA SER MA 13 -60.34 5.50 57.02
C SER MA 13 -59.05 6.29 57.10
N ARG MA 14 -58.60 6.59 58.33
CA ARG MA 14 -57.33 7.28 58.48
C ARG MA 14 -56.18 6.46 57.92
N PHE MA 15 -56.14 5.17 58.23
CA PHE MA 15 -55.05 4.33 57.74
C PHE MA 15 -55.09 4.20 56.23
N ASP MA 16 -56.28 4.08 55.65
CA ASP MA 16 -56.41 3.98 54.20
C ASP MA 16 -55.89 5.23 53.52
N ALA MA 17 -56.27 6.40 54.03
CA ALA MA 17 -55.78 7.65 53.47
C ALA MA 17 -54.26 7.73 53.56
N ASP MA 18 -53.69 7.31 54.70
CA ASP MA 18 -52.25 7.39 54.88
C ASP MA 18 -51.52 6.43 53.95
N TRP MA 19 -52.03 5.20 53.85
CA TRP MA 19 -51.41 4.18 53.01
C TRP MA 19 -51.44 4.60 51.55
N THR MA 20 -52.57 5.15 51.09
CA THR MA 20 -52.64 5.61 49.71
C THR MA 20 -51.76 6.83 49.48
N ALA MA 21 -51.65 7.72 50.47
CA ALA MA 21 -50.83 8.90 50.32
C ALA MA 21 -49.36 8.53 50.17
N SER MA 22 -48.88 7.58 50.96
CA SER MA 22 -47.45 7.25 50.99
C SER MA 22 -47.11 6.07 50.09
N ASP MA 23 -47.76 5.94 48.94
CA ASP MA 23 -47.64 4.73 48.14
C ASP MA 23 -46.34 4.68 47.34
N GLU MA 24 -46.02 5.76 46.65
CA GLU MA 24 -44.88 5.73 45.73
C GLU MA 24 -43.55 5.80 46.47
N ALA MA 25 -43.45 6.63 47.50
CA ALA MA 25 -42.23 6.71 48.27
C ALA MA 25 -41.90 5.39 48.94
N ARG MA 26 -42.92 4.72 49.48
CA ARG MA 26 -42.70 3.41 50.10
C ARG MA 26 -42.25 2.38 49.08
N ARG MA 27 -42.85 2.39 47.89
CA ARG MA 27 -42.44 1.44 46.86
C ARG MA 27 -40.99 1.65 46.45
N GLU MA 28 -40.59 2.90 46.25
CA GLU MA 28 -39.21 3.16 45.88
C GLU MA 28 -38.25 2.80 47.00
N ALA MA 29 -38.62 3.07 48.25
CA ALA MA 29 -37.74 2.70 49.36
C ALA MA 29 -37.57 1.19 49.46
N LYS MA 30 -38.68 0.45 49.33
CA LYS MA 30 -38.59 -1.01 49.36
C LYS MA 30 -37.75 -1.54 48.22
N ASN MA 31 -37.90 -0.95 47.04
CA ASN MA 31 -37.08 -1.38 45.90
C ASN MA 31 -35.61 -1.10 46.15
N ASP MA 32 -35.29 0.05 46.77
CA ASP MA 32 -33.90 0.35 47.09
C ASP MA 32 -33.33 -0.61 48.11
N LEU MA 33 -34.13 -0.97 49.13
CA LEU MA 33 -33.68 -1.94 50.12
C LEU MA 33 -33.41 -3.30 49.49
N PHE MA 34 -34.33 -3.76 48.64
CA PHE MA 34 -34.15 -5.03 47.95
C PHE MA 34 -32.94 -4.99 47.04
N PHE MA 35 -32.77 -3.88 46.32
CA PHE MA 35 -31.63 -3.73 45.42
C PHE MA 35 -30.32 -3.80 46.19
N SER MA 36 -30.25 -3.13 47.34
CA SER MA 36 -29.01 -3.02 48.07
C SER MA 36 -28.70 -4.23 48.94
N ARG MA 37 -29.71 -5.03 49.27
CA ARG MA 37 -29.52 -6.12 50.22
C ARG MA 37 -29.70 -7.51 49.63
N VAL MA 38 -30.56 -7.68 48.61
CA VAL MA 38 -30.84 -9.02 48.10
C VAL MA 38 -30.24 -9.22 46.71
N SER MA 39 -30.73 -8.48 45.73
CA SER MA 39 -30.34 -8.77 44.35
C SER MA 39 -30.58 -7.54 43.48
N GLN MA 40 -29.83 -7.46 42.39
CA GLN MA 40 -29.90 -6.35 41.45
C GLN MA 40 -30.46 -6.79 40.11
N TRP MA 41 -31.14 -7.93 40.06
CA TRP MA 41 -31.72 -8.46 38.84
C TRP MA 41 -33.17 -8.84 39.11
N ASP MA 42 -33.96 -8.89 38.04
CA ASP MA 42 -35.37 -9.26 38.12
C ASP MA 42 -35.69 -10.26 37.02
N ASP MA 43 -35.99 -11.50 37.40
CA ASP MA 43 -36.35 -12.55 36.47
C ASP MA 43 -37.86 -12.65 36.28
N TRP MA 44 -38.63 -11.75 36.89
CA TRP MA 44 -40.07 -11.93 37.00
C TRP MA 44 -40.73 -11.93 35.63
N LEU MA 45 -40.43 -10.93 34.80
CA LEU MA 45 -41.15 -10.72 33.55
C LEU MA 45 -40.44 -11.33 32.35
N SER MA 46 -39.39 -12.12 32.56
CA SER MA 46 -38.66 -12.71 31.46
C SER MA 46 -39.51 -13.79 30.80
N GLN MA 47 -40.01 -13.51 29.60
CA GLN MA 47 -40.75 -14.50 28.82
C GLN MA 47 -39.84 -15.49 28.11
N TYR MA 48 -38.52 -15.30 28.18
CA TYR MA 48 -37.60 -16.17 27.45
C TYR MA 48 -37.71 -17.60 27.94
N THR MA 49 -37.53 -18.54 27.01
CA THR MA 49 -37.68 -19.94 27.33
C THR MA 49 -36.48 -20.51 28.08
N THR MA 50 -35.28 -20.02 27.80
CA THR MA 50 -34.06 -20.54 28.41
C THR MA 50 -33.58 -19.62 29.52
N LEU MA 51 -32.55 -20.08 30.23
CA LEU MA 51 -31.99 -19.35 31.35
C LEU MA 51 -30.63 -18.81 30.95
N GLN MA 52 -30.47 -17.50 31.00
CA GLN MA 52 -29.30 -16.80 30.51
C GLN MA 52 -28.43 -16.35 31.68
N TYR MA 53 -27.16 -16.08 31.38
CA TYR MA 53 -26.25 -15.61 32.42
C TYR MA 53 -26.70 -14.27 32.97
N ARG MA 54 -26.59 -14.13 34.28
CA ARG MA 54 -26.97 -12.90 34.97
C ARG MA 54 -25.99 -12.71 36.11
N GLY MA 55 -25.00 -11.85 35.90
CA GLY MA 55 -24.02 -11.59 36.93
C GLY MA 55 -24.42 -10.43 37.81
N GLN MA 56 -23.67 -10.27 38.90
CA GLN MA 56 -23.89 -9.17 39.84
C GLN MA 56 -22.53 -8.59 40.21
N PHE MA 57 -22.11 -7.58 39.47
CA PHE MA 57 -20.79 -6.98 39.63
C PHE MA 57 -20.99 -5.66 40.37
N ASP MA 58 -20.98 -5.75 41.70
CA ASP MA 58 -21.40 -4.63 42.54
C ASP MA 58 -20.35 -3.54 42.58
N VAL MA 59 -20.84 -2.29 42.57
CA VAL MA 59 -20.00 -1.11 42.77
C VAL MA 59 -20.62 -0.13 43.76
N VAL MA 60 -21.82 -0.39 44.25
CA VAL MA 60 -22.49 0.49 45.20
C VAL MA 60 -22.43 -0.04 46.63
N ARG MA 61 -22.28 -1.35 46.82
CA ARG MA 61 -22.14 -1.88 48.17
C ARG MA 61 -20.89 -1.37 48.87
N PRO MA 62 -19.71 -1.27 48.24
CA PRO MA 62 -18.59 -0.63 48.95
C PRO MA 62 -18.89 0.80 49.38
N VAL MA 63 -19.63 1.57 48.58
CA VAL MA 63 -19.98 2.92 48.98
C VAL MA 63 -20.92 2.91 50.18
N VAL MA 64 -21.92 2.04 50.17
CA VAL MA 64 -22.84 1.95 51.29
C VAL MA 64 -22.08 1.53 52.55
N ARG MA 65 -21.18 0.57 52.42
CA ARG MA 65 -20.37 0.14 53.57
C ARG MA 65 -19.53 1.28 54.11
N LYS MA 66 -18.91 2.05 53.20
CA LYS MA 66 -18.08 3.17 53.64
C LYS MA 66 -18.90 4.19 54.40
N LEU MA 67 -20.08 4.53 53.89
CA LEU MA 67 -20.91 5.53 54.56
C LEU MA 67 -21.43 5.02 55.90
N VAL MA 68 -21.79 3.74 55.99
CA VAL MA 68 -22.28 3.19 57.25
C VAL MA 68 -21.16 3.16 58.28
N SER MA 69 -19.94 2.80 57.87
CA SER MA 69 -18.81 2.86 58.79
C SER MA 69 -18.51 4.28 59.23
N GLU MA 70 -18.62 5.24 58.30
CA GLU MA 70 -18.38 6.64 58.65
C GLU MA 70 -19.39 7.13 59.67
N MET MA 71 -20.65 6.70 59.54
CA MET MA 71 -21.66 7.10 60.51
C MET MA 71 -21.50 6.36 61.82
N ARG MA 72 -20.98 5.13 61.78
CA ARG MA 72 -20.76 4.37 63.01
C ARG MA 72 -19.59 4.90 63.81
N GLN MA 73 -18.61 5.49 63.14
CA GLN MA 73 -17.44 6.02 63.85
C GLN MA 73 -17.75 7.27 64.67
N ASN MA 74 -18.91 7.88 64.49
CA ASN MA 74 -19.28 9.12 65.18
C ASN MA 74 -20.62 8.93 65.86
N PRO MA 75 -20.64 8.27 67.02
CA PRO MA 75 -21.89 8.08 67.73
C PRO MA 75 -22.47 9.40 68.22
N ILE MA 76 -23.79 9.43 68.34
CA ILE MA 76 -24.53 10.59 68.81
C ILE MA 76 -25.57 10.11 69.82
N ASP MA 77 -25.76 10.87 70.88
CA ASP MA 77 -26.77 10.56 71.89
C ASP MA 77 -27.49 11.83 72.28
N VAL MA 78 -28.49 11.68 73.16
CA VAL MA 78 -29.16 12.84 73.73
C VAL MA 78 -28.25 13.49 74.77
N LEU MA 79 -28.50 14.78 75.03
CA LEU MA 79 -27.77 15.50 76.06
C LEU MA 79 -28.70 16.56 76.64
N TYR MA 80 -29.08 16.40 77.90
CA TYR MA 80 -30.00 17.34 78.53
C TYR MA 80 -29.20 18.46 79.18
N ARG MA 81 -29.49 19.70 78.78
CA ARG MA 81 -28.84 20.84 79.37
C ARG MA 81 -29.85 21.69 80.12
N PRO MA 82 -29.51 22.17 81.33
CA PRO MA 82 -30.47 22.97 82.09
C PRO MA 82 -30.83 24.26 81.37
N LYS MA 83 -32.07 24.71 81.59
CA LYS MA 83 -32.58 25.88 80.88
C LYS MA 83 -31.96 27.15 81.45
N ASP MA 84 -32.44 28.29 80.95
CA ASP MA 84 -31.98 29.59 81.42
C ASP MA 84 -32.67 29.93 82.73
N GLY MA 85 -31.88 30.15 83.77
CA GLY MA 85 -32.41 30.47 85.08
C GLY MA 85 -32.74 29.28 85.95
N ALA MA 86 -32.66 28.07 85.40
CA ALA MA 86 -32.86 26.87 86.20
C ALA MA 86 -31.62 26.59 87.05
N ARG MA 87 -31.79 25.73 88.05
CA ARG MA 87 -30.66 25.35 88.87
C ARG MA 87 -29.60 24.70 87.98
N PRO MA 88 -28.32 24.99 88.20
CA PRO MA 88 -27.30 24.53 87.24
C PRO MA 88 -27.22 23.03 87.10
N ASP MA 89 -27.70 22.25 88.07
CA ASP MA 89 -27.74 20.80 87.98
C ASP MA 89 -29.17 20.28 87.84
N ALA MA 90 -29.99 20.99 87.07
CA ALA MA 90 -31.38 20.58 86.87
C ALA MA 90 -31.51 19.38 85.94
N ALA MA 91 -30.43 18.97 85.28
CA ALA MA 91 -30.50 17.93 84.26
C ALA MA 91 -29.68 16.69 84.59
N ASP MA 92 -28.97 16.66 85.72
CA ASP MA 92 -28.11 15.52 86.00
C ASP MA 92 -28.93 14.28 86.36
N VAL MA 93 -30.06 14.46 87.05
CA VAL MA 93 -30.93 13.32 87.36
C VAL MA 93 -31.47 12.69 86.08
N LEU MA 94 -32.03 13.52 85.20
CA LEU MA 94 -32.60 13.02 83.96
C LEU MA 94 -31.53 12.42 83.07
N MET MA 95 -30.37 13.07 82.98
CA MET MA 95 -29.28 12.53 82.19
C MET MA 95 -28.81 11.17 82.71
N GLY MA 96 -28.68 11.05 84.03
CA GLY MA 96 -28.26 9.78 84.59
C GLY MA 96 -29.27 8.67 84.34
N MET MA 97 -30.56 8.96 84.52
CA MET MA 97 -31.57 7.95 84.26
C MET MA 97 -31.60 7.55 82.79
N TYR MA 98 -31.48 8.53 81.89
CA TYR MA 98 -31.46 8.23 80.47
C TYR MA 98 -30.29 7.33 80.11
N ARG MA 99 -29.10 7.66 80.63
CA ARG MA 99 -27.94 6.82 80.35
C ARG MA 99 -28.12 5.42 80.94
N THR MA 100 -28.68 5.34 82.15
CA THR MA 100 -28.87 4.05 82.81
C THR MA 100 -29.74 3.13 81.96
N ASP MA 101 -30.87 3.64 81.48
CA ASP MA 101 -31.78 2.76 80.74
C ASP MA 101 -31.58 2.82 79.23
N MET MA 102 -30.57 3.55 78.74
CA MET MA 102 -30.24 3.53 77.33
C MET MA 102 -28.84 2.99 77.05
N ARG MA 103 -28.12 2.51 78.06
CA ARG MA 103 -26.80 1.95 77.87
C ARG MA 103 -26.81 0.52 77.35
N HIS MA 104 -27.97 -0.11 77.20
CA HIS MA 104 -28.03 -1.53 76.89
C HIS MA 104 -27.76 -1.77 75.41
N ASN MA 105 -27.79 -3.05 75.02
CA ASN MA 105 -27.50 -3.41 73.63
C ASN MA 105 -28.62 -2.98 72.71
N THR MA 106 -29.87 -3.00 73.19
CA THR MA 106 -30.99 -2.78 72.30
C THR MA 106 -31.03 -1.36 71.78
N ALA MA 107 -30.65 -0.38 72.60
CA ALA MA 107 -30.67 1.01 72.14
C ALA MA 107 -29.68 1.22 71.01
N LYS MA 108 -28.45 0.75 71.21
CA LYS MA 108 -27.44 0.86 70.16
C LYS MA 108 -27.87 0.13 68.90
N ILE MA 109 -28.43 -1.07 69.04
CA ILE MA 109 -28.79 -1.84 67.86
C ILE MA 109 -29.94 -1.18 67.11
N ALA MA 110 -30.91 -0.63 67.83
CA ALA MA 110 -32.01 0.08 67.18
C ALA MA 110 -31.49 1.29 66.40
N VAL MA 111 -30.59 2.06 67.01
CA VAL MA 111 -30.07 3.22 66.29
C VAL MA 111 -29.27 2.79 65.06
N ASN MA 112 -28.49 1.72 65.18
CA ASN MA 112 -27.70 1.25 64.05
C ASN MA 112 -28.59 0.77 62.90
N ILE MA 113 -29.66 0.04 63.24
CA ILE MA 113 -30.59 -0.42 62.22
C ILE MA 113 -31.23 0.76 61.52
N ALA MA 114 -31.69 1.74 62.29
CA ALA MA 114 -32.32 2.92 61.69
C ALA MA 114 -31.33 3.68 60.81
N VAL MA 115 -30.08 3.80 61.24
CA VAL MA 115 -29.10 4.55 60.46
C VAL MA 115 -28.79 3.85 59.15
N ARG MA 116 -28.63 2.52 59.20
CA ARG MA 116 -28.35 1.80 57.96
C ARG MA 116 -29.54 1.89 57.00
N GLU MA 117 -30.77 1.78 57.53
CA GLU MA 117 -31.92 1.91 56.65
C GLU MA 117 -32.04 3.32 56.10
N GLN MA 118 -31.67 4.32 56.90
CA GLN MA 118 -31.66 5.69 56.41
C GLN MA 118 -30.67 5.88 55.29
N ILE MA 119 -29.48 5.28 55.42
CA ILE MA 119 -28.47 5.39 54.38
C ILE MA 119 -28.95 4.72 53.10
N GLU MA 120 -29.53 3.53 53.22
CA GLU MA 120 -29.87 2.77 52.02
C GLU MA 120 -31.17 3.24 51.38
N ALA MA 121 -32.29 3.13 52.10
CA ALA MA 121 -33.59 3.42 51.51
C ALA MA 121 -33.97 4.88 51.63
N GLY MA 122 -33.46 5.56 52.64
CA GLY MA 122 -33.83 6.95 52.89
C GLY MA 122 -34.65 7.17 54.14
N VAL MA 123 -35.19 6.12 54.76
CA VAL MA 123 -35.97 6.27 55.98
C VAL MA 123 -35.72 5.07 56.88
N GLY MA 124 -35.53 5.35 58.18
CA GLY MA 124 -35.53 4.33 59.20
C GLY MA 124 -36.32 4.84 60.39
N ALA MA 125 -36.48 3.98 61.40
CA ALA MA 125 -37.19 4.41 62.59
C ALA MA 125 -36.85 3.49 63.75
N TRP MA 126 -37.16 3.97 64.96
CA TRP MA 126 -37.10 3.13 66.14
C TRP MA 126 -38.23 3.53 67.09
N ARG MA 127 -38.36 2.79 68.18
CA ARG MA 127 -39.50 2.90 69.08
C ARG MA 127 -39.01 3.01 70.51
N LEU MA 128 -39.79 3.69 71.36
CA LEU MA 128 -39.53 3.71 72.79
C LEU MA 128 -40.72 3.12 73.52
N VAL MA 129 -40.46 2.14 74.38
CA VAL MA 129 -41.51 1.47 75.13
C VAL MA 129 -41.10 1.39 76.60
N THR MA 130 -42.06 1.03 77.44
CA THR MA 130 -41.83 0.88 78.87
C THR MA 130 -42.21 -0.53 79.30
N ASP MA 131 -41.53 -1.03 80.34
CA ASP MA 131 -41.81 -2.36 80.85
C ASP MA 131 -41.58 -2.39 82.34
N TYR MA 132 -42.21 -3.35 83.00
CA TYR MA 132 -42.12 -3.50 84.45
C TYR MA 132 -40.95 -4.42 84.77
N GLU MA 133 -39.93 -3.88 85.41
CA GLU MA 133 -38.72 -4.63 85.76
C GLU MA 133 -38.58 -4.68 87.26
N ASP MA 134 -38.41 -5.88 87.80
CA ASP MA 134 -38.33 -6.08 89.24
C ASP MA 134 -36.92 -6.30 89.76
N GLN MA 135 -35.95 -6.56 88.88
CA GLN MA 135 -34.60 -6.91 89.34
C GLN MA 135 -33.68 -5.71 89.39
N SER MA 136 -33.59 -4.94 88.30
CA SER MA 136 -32.80 -3.70 88.26
C SER MA 136 -33.64 -2.60 87.64
N PRO MA 137 -34.65 -2.11 88.34
CA PRO MA 137 -35.47 -1.03 87.79
C PRO MA 137 -34.69 0.25 87.68
N THR MA 138 -35.00 1.03 86.64
CA THR MA 138 -34.40 2.36 86.55
C THR MA 138 -35.05 3.31 87.54
N SER MA 139 -36.37 3.23 87.69
CA SER MA 139 -37.09 4.03 88.66
C SER MA 139 -38.51 3.50 88.75
N ASN MA 140 -39.06 3.48 89.96
CA ASN MA 140 -40.46 3.13 90.19
C ASN MA 140 -40.80 1.75 89.62
N ASN MA 141 -39.88 0.79 89.79
CA ASN MA 141 -40.09 -0.59 89.35
C ASN MA 141 -40.38 -0.68 87.86
N GLN MA 142 -39.76 0.19 87.06
CA GLN MA 142 -40.02 0.25 85.63
C GLN MA 142 -38.73 0.57 84.89
N VAL MA 143 -38.75 0.29 83.59
CA VAL MA 143 -37.67 0.68 82.67
C VAL MA 143 -38.28 1.21 81.38
N ILE MA 144 -37.50 2.04 80.70
CA ILE MA 144 -37.80 2.53 79.36
C ILE MA 144 -36.70 2.04 78.43
N ARG MA 145 -37.08 1.43 77.32
CA ARG MA 145 -36.12 0.87 76.39
C ARG MA 145 -36.47 1.27 74.97
N ARG MA 146 -35.46 1.17 74.10
CA ARG MA 146 -35.59 1.51 72.70
C ARG MA 146 -35.53 0.23 71.87
N GLU MA 147 -36.52 0.05 71.01
CA GLU MA 147 -36.69 -1.16 70.22
C GLU MA 147 -36.58 -0.85 68.72
N PRO MA 148 -36.05 -1.80 67.95
CA PRO MA 148 -35.86 -1.56 66.51
C PRO MA 148 -37.09 -1.86 65.69
N ILE MA 149 -37.23 -1.11 64.60
CA ILE MA 149 -38.25 -1.34 63.59
C ILE MA 149 -37.52 -1.59 62.28
N HIS MA 150 -37.62 -2.82 61.77
CA HIS MA 150 -37.02 -3.18 60.50
C HIS MA 150 -37.98 -2.84 59.37
N SER MA 151 -37.45 -2.26 58.31
CA SER MA 151 -38.24 -1.80 57.17
C SER MA 151 -39.31 -0.82 57.63
N ALA MA 152 -38.85 0.30 58.18
CA ALA MA 152 -39.76 1.32 58.64
C ALA MA 152 -40.54 1.95 57.50
N CYS MA 153 -39.95 1.96 56.30
CA CYS MA 153 -40.62 2.56 55.14
C CYS MA 153 -42.00 1.95 54.93
N SER MA 154 -42.11 0.63 55.06
CA SER MA 154 -43.38 -0.03 54.83
C SER MA 154 -44.07 -0.48 56.11
N HIS MA 155 -43.39 -0.40 57.26
CA HIS MA 155 -44.02 -0.87 58.49
C HIS MA 155 -44.47 0.24 59.42
N VAL MA 156 -44.03 1.48 59.21
CA VAL MA 156 -44.49 2.63 60.00
C VAL MA 156 -45.14 3.60 59.05
N ILE MA 157 -46.47 3.72 59.14
CA ILE MA 157 -47.25 4.59 58.26
C ILE MA 157 -47.70 5.79 59.08
N TRP MA 158 -47.22 6.97 58.69
CA TRP MA 158 -47.44 8.17 59.47
C TRP MA 158 -48.71 8.88 59.04
N ASP MA 159 -49.07 9.91 59.79
CA ASP MA 159 -50.18 10.77 59.42
C ASP MA 159 -49.85 11.53 58.15
N SER MA 160 -50.81 11.54 57.21
CA SER MA 160 -50.56 12.17 55.92
C SER MA 160 -50.37 13.66 56.04
N ASN MA 161 -51.03 14.30 57.00
CA ASN MA 161 -50.92 15.74 57.19
C ASN MA 161 -49.78 15.96 58.19
N SER MA 162 -48.57 15.72 57.70
CA SER MA 162 -47.37 15.91 58.51
C SER MA 162 -46.30 16.53 57.64
N LYS MA 163 -45.84 17.73 58.01
CA LYS MA 163 -44.90 18.48 57.20
C LYS MA 163 -43.59 18.76 57.94
N LEU MA 164 -43.25 17.94 58.93
CA LEU MA 164 -42.02 18.12 59.70
C LEU MA 164 -41.17 16.86 59.58
N MET MA 165 -39.85 17.08 59.55
CA MET MA 165 -38.91 15.97 59.33
C MET MA 165 -39.03 14.91 60.42
N ASP MA 166 -39.23 15.32 61.66
CA ASP MA 166 -39.31 14.41 62.79
C ASP MA 166 -40.74 13.96 63.07
N LYS MA 167 -41.71 14.51 62.36
CA LYS MA 167 -43.11 14.13 62.50
C LYS MA 167 -43.60 14.36 63.92
N SER MA 168 -43.45 15.59 64.39
CA SER MA 168 -44.03 15.99 65.67
C SER MA 168 -45.44 16.53 65.53
N ASP MA 169 -45.87 16.85 64.32
CA ASP MA 169 -47.22 17.35 64.09
C ASP MA 169 -48.18 16.24 63.69
N ALA MA 170 -47.71 15.01 63.59
CA ALA MA 170 -48.60 13.89 63.31
C ALA MA 170 -49.53 13.67 64.49
N ARG MA 171 -50.82 13.52 64.21
CA ARG MA 171 -51.79 13.22 65.26
C ARG MA 171 -52.03 11.73 65.43
N HIS MA 172 -51.49 10.90 64.55
CA HIS MA 172 -51.64 9.46 64.69
C HIS MA 172 -50.58 8.76 63.83
N CYS MA 173 -50.41 7.47 64.10
CA CYS MA 173 -49.43 6.66 63.39
C CYS MA 173 -49.75 5.20 63.64
N THR MA 174 -49.67 4.39 62.60
CA THR MA 174 -49.95 2.96 62.69
C THR MA 174 -48.70 2.16 62.38
N VAL MA 175 -48.40 1.18 63.23
CA VAL MA 175 -47.25 0.29 63.05
C VAL MA 175 -47.77 -1.10 62.76
N ILE MA 176 -47.24 -1.71 61.71
CA ILE MA 176 -47.68 -3.01 61.22
C ILE MA 176 -46.66 -4.04 61.65
N HIS MA 177 -47.10 -5.08 62.37
CA HIS MA 177 -46.24 -6.18 62.75
C HIS MA 177 -46.66 -7.47 62.06
N SER MA 178 -45.69 -8.07 61.37
CA SER MA 178 -45.77 -9.41 60.82
C SER MA 178 -44.97 -10.33 61.73
N MET MA 179 -45.56 -11.45 62.12
CA MET MA 179 -44.92 -12.31 63.10
C MET MA 179 -45.22 -13.77 62.80
N SER MA 180 -44.34 -14.64 63.28
CA SER MA 180 -44.52 -16.07 63.10
C SER MA 180 -45.72 -16.55 63.91
N GLN MA 181 -46.00 -17.85 63.83
CA GLN MA 181 -47.10 -18.41 64.62
C GLN MA 181 -46.78 -18.35 66.11
N ASN MA 182 -45.57 -18.75 66.49
CA ASN MA 182 -45.19 -18.64 67.89
C ASN MA 182 -45.09 -17.18 68.31
N GLY MA 183 -44.67 -16.31 67.41
CA GLY MA 183 -44.69 -14.89 67.70
C GLY MA 183 -46.08 -14.39 67.98
N TRP MA 184 -47.06 -14.86 67.20
CA TRP MA 184 -48.44 -14.45 67.43
C TRP MA 184 -48.95 -14.99 68.76
N GLU MA 185 -48.61 -16.23 69.10
CA GLU MA 185 -49.02 -16.76 70.40
C GLU MA 185 -48.43 -15.93 71.54
N ASP MA 186 -47.16 -15.56 71.43
CA ASP MA 186 -46.53 -14.71 72.44
C ASP MA 186 -47.21 -13.35 72.50
N PHE MA 187 -47.51 -12.76 71.34
CA PHE MA 187 -48.17 -11.47 71.28
C PHE MA 187 -49.52 -11.50 71.98
N ALA MA 188 -50.33 -12.51 71.68
CA ALA MA 188 -51.65 -12.62 72.29
C ALA MA 188 -51.53 -12.85 73.79
N GLU MA 189 -50.59 -13.69 74.22
CA GLU MA 189 -50.40 -13.91 75.65
C GLU MA 189 -50.00 -12.61 76.35
N LYS MA 190 -49.15 -11.83 75.71
CA LYS MA 190 -48.68 -10.58 76.31
C LYS MA 190 -49.82 -9.57 76.44
N TYR MA 191 -50.64 -9.43 75.41
CA TYR MA 191 -51.65 -8.37 75.38
C TYR MA 191 -53.03 -8.86 75.75
N ASP MA 192 -53.16 -10.07 76.28
CA ASP MA 192 -54.45 -10.61 76.71
C ASP MA 192 -55.43 -10.77 75.55
N LEU MA 193 -54.91 -10.87 74.33
CA LEU MA 193 -55.75 -11.11 73.18
C LEU MA 193 -56.10 -12.59 73.09
N ASP MA 194 -56.99 -12.93 72.16
CA ASP MA 194 -57.39 -14.31 71.92
C ASP MA 194 -56.45 -14.87 70.86
N ALA MA 195 -55.65 -15.86 71.23
CA ALA MA 195 -54.65 -16.39 70.32
C ALA MA 195 -55.24 -17.27 69.24
N ASP MA 196 -56.44 -17.80 69.44
CA ASP MA 196 -57.04 -18.67 68.44
C ASP MA 196 -57.48 -17.88 67.21
N ASP MA 197 -58.11 -16.73 67.41
CA ASP MA 197 -58.58 -15.90 66.31
C ASP MA 197 -57.38 -15.19 65.69
N ILE MA 198 -56.86 -15.75 64.61
CA ILE MA 198 -55.67 -15.19 63.98
C ILE MA 198 -56.02 -13.84 63.35
N PRO MA 199 -55.23 -12.80 63.57
CA PRO MA 199 -55.53 -11.48 63.01
C PRO MA 199 -55.09 -11.38 61.56
N SER MA 200 -55.49 -10.27 60.94
CA SER MA 200 -55.16 -10.00 59.54
C SER MA 200 -55.11 -8.50 59.33
N PHE MA 201 -54.18 -8.05 58.51
CA PHE MA 201 -54.03 -6.64 58.24
C PHE MA 201 -53.32 -6.48 56.90
N GLN MA 202 -53.30 -5.26 56.40
CA GLN MA 202 -52.56 -4.93 55.19
C GLN MA 202 -51.10 -5.33 55.35
N ASN MA 203 -50.66 -6.34 54.62
CA ASN MA 203 -49.28 -6.74 54.85
C ASN MA 203 -48.34 -5.99 53.91
N PRO MA 204 -47.24 -5.45 54.42
CA PRO MA 204 -46.36 -4.59 53.63
C PRO MA 204 -45.20 -5.29 52.93
N ASN MA 205 -45.11 -6.61 53.01
CA ASN MA 205 -44.00 -7.33 52.42
C ASN MA 205 -44.51 -8.23 51.30
N ASP MA 206 -45.36 -7.68 50.45
CA ASP MA 206 -46.05 -8.46 49.42
C ASP MA 206 -45.08 -9.21 48.54
N TRP MA 207 -45.38 -10.49 48.29
CA TRP MA 207 -44.66 -11.31 47.31
C TRP MA 207 -43.16 -11.35 47.62
N VAL MA 208 -42.85 -12.00 48.74
CA VAL MA 208 -41.46 -12.17 49.15
C VAL MA 208 -40.64 -12.92 48.12
N PHE MA 209 -41.29 -13.51 47.12
CA PHE MA 209 -40.68 -14.25 46.02
C PHE MA 209 -40.07 -15.55 46.56
N PRO MA 210 -38.87 -15.99 46.13
CA PRO MA 210 -38.69 -17.42 45.83
C PRO MA 210 -39.26 -18.38 46.87
N TRP MA 211 -40.30 -19.14 46.48
CA TRP MA 211 -40.97 -20.13 47.34
C TRP MA 211 -41.36 -19.54 48.70
N LEU MA 212 -41.13 -20.26 49.80
CA LEU MA 212 -42.01 -20.20 50.96
C LEU MA 212 -42.21 -18.78 51.45
N THR MA 213 -43.48 -18.38 51.55
CA THR MA 213 -43.80 -17.04 52.02
C THR MA 213 -43.58 -16.92 53.52
N GLN MA 214 -43.64 -18.03 54.25
CA GLN MA 214 -43.30 -18.09 55.67
C GLN MA 214 -44.18 -17.19 56.51
N ASP MA 215 -43.72 -15.97 56.78
CA ASP MA 215 -44.38 -15.10 57.73
C ASP MA 215 -45.77 -14.72 57.26
N THR MA 216 -46.69 -14.65 58.22
CA THR MA 216 -48.06 -14.22 58.00
C THR MA 216 -48.50 -13.55 59.30
N ILE MA 217 -49.80 -13.42 59.52
CA ILE MA 217 -50.34 -12.91 60.77
C ILE MA 217 -49.88 -11.48 60.99
N GLN MA 218 -50.55 -10.55 60.32
CA GLN MA 218 -50.25 -9.13 60.47
C GLN MA 218 -51.25 -8.50 61.41
N ILE MA 219 -50.75 -7.69 62.34
CA ILE MA 219 -51.61 -6.92 63.24
C ILE MA 219 -51.09 -5.49 63.24
N ALA MA 220 -51.96 -4.56 63.63
CA ALA MA 220 -51.56 -3.17 63.65
C ALA MA 220 -51.76 -2.58 65.02
N GLU MA 221 -50.87 -1.67 65.40
CA GLU MA 221 -51.09 -0.83 66.57
C GLU MA 221 -51.13 0.63 66.16
N PHE MA 222 -52.19 1.29 66.57
CA PHE MA 222 -52.56 2.63 66.14
C PHE MA 222 -52.41 3.57 67.34
N TYR MA 223 -51.40 4.42 67.29
CA TYR MA 223 -51.18 5.45 68.29
C TYR MA 223 -51.85 6.74 67.84
N GLU MA 224 -52.66 7.32 68.70
CA GLU MA 224 -53.29 8.59 68.42
C GLU MA 224 -53.03 9.55 69.57
N VAL MA 225 -52.91 10.83 69.23
CA VAL MA 225 -52.58 11.88 70.18
C VAL MA 225 -53.76 12.81 70.31
N VAL MA 226 -54.21 13.03 71.54
CA VAL MA 226 -55.32 13.92 71.84
C VAL MA 226 -54.80 15.03 72.75
N GLU MA 227 -54.90 16.26 72.28
CA GLU MA 227 -54.50 17.43 73.06
C GLU MA 227 -55.76 18.07 73.62
N LYS MA 228 -55.81 18.25 74.94
CA LYS MA 228 -57.00 18.78 75.55
C LYS MA 228 -56.64 19.40 76.90
N LYS MA 229 -57.57 20.19 77.45
CA LYS MA 229 -57.41 20.77 78.77
C LYS MA 229 -58.06 19.83 79.79
N GLU MA 230 -57.24 19.28 80.68
CA GLU MA 230 -57.77 18.49 81.78
C GLU MA 230 -57.45 19.18 83.11
N THR MA 231 -58.25 18.85 84.11
CA THR MA 231 -58.16 19.51 85.41
C THR MA 231 -56.88 19.13 86.13
N ALA MA 232 -56.28 20.11 86.79
CA ALA MA 232 -55.14 19.89 87.66
C ALA MA 232 -55.47 20.48 89.02
N PHE MA 233 -54.91 19.88 90.07
CA PHE MA 233 -55.15 20.31 91.44
C PHE MA 233 -53.90 20.99 91.97
N ILE MA 234 -54.09 22.12 92.65
CA ILE MA 234 -53.01 22.85 93.29
C ILE MA 234 -53.03 22.46 94.76
N TYR MA 235 -52.12 21.58 95.15
CA TYR MA 235 -52.00 21.16 96.54
C TYR MA 235 -50.92 21.98 97.25
N GLN MA 236 -50.83 21.78 98.56
CA GLN MA 236 -49.83 22.44 99.39
C GLN MA 236 -48.89 21.38 99.95
N ASP MA 237 -47.65 21.42 99.51
CA ASP MA 237 -46.66 20.46 99.95
C ASP MA 237 -46.39 20.65 101.44
N PRO MA 238 -46.58 19.63 102.27
CA PRO MA 238 -46.36 19.82 103.72
C PRO MA 238 -44.94 20.23 104.06
N VAL MA 239 -43.96 19.94 103.20
CA VAL MA 239 -42.58 20.34 103.50
C VAL MA 239 -42.36 21.79 103.11
N THR MA 240 -42.52 22.13 101.84
CA THR MA 240 -42.30 23.49 101.38
C THR MA 240 -42.90 23.67 99.99
N GLY MA 241 -43.59 24.80 99.79
CA GLY MA 241 -44.09 25.18 98.49
C GLY MA 241 -45.40 24.49 98.13
N GLU MA 242 -45.87 24.80 96.92
CA GLU MA 242 -47.12 24.25 96.41
C GLU MA 242 -46.86 23.54 95.08
N PRO MA 243 -47.13 22.23 94.99
CA PRO MA 243 -47.05 21.55 93.70
C PRO MA 243 -48.42 21.48 93.02
N VAL MA 244 -48.37 21.20 91.73
CA VAL MA 244 -49.56 21.01 90.90
C VAL MA 244 -49.57 19.56 90.45
N SER MA 245 -50.69 18.87 90.64
CA SER MA 245 -50.82 17.49 90.24
C SER MA 245 -52.08 17.32 89.41
N TYR MA 246 -52.03 16.43 88.42
CA TYR MA 246 -53.16 16.23 87.53
C TYR MA 246 -54.26 15.41 88.19
N PHE MA 247 -55.50 15.79 87.92
CA PHE MA 247 -56.64 15.09 88.50
C PHE MA 247 -56.75 13.67 87.93
N LYS MA 248 -56.36 13.49 86.67
CA LYS MA 248 -56.43 12.16 86.08
C LYS MA 248 -55.39 11.22 86.67
N ARG MA 249 -54.22 11.73 87.06
CA ARG MA 249 -53.15 10.88 87.52
C ARG MA 249 -53.37 10.36 88.93
N ASP MA 250 -54.27 10.96 89.69
CA ASP MA 250 -54.64 10.47 91.01
C ASP MA 250 -56.14 10.55 91.21
N ILE MA 251 -56.91 10.27 90.16
CA ILE MA 251 -58.36 10.36 90.23
C ILE MA 251 -58.91 9.40 91.28
N LYS MA 252 -58.43 8.16 91.28
CA LYS MA 252 -58.94 7.15 92.21
C LYS MA 252 -57.86 6.40 92.95
N ASP MA 253 -56.58 6.73 92.77
CA ASP MA 253 -55.54 6.07 93.55
C ASP MA 253 -55.39 6.73 94.92
N VAL MA 254 -55.01 8.01 94.94
CA VAL MA 254 -54.61 8.66 96.19
C VAL MA 254 -55.32 10.00 96.35
N ILE MA 255 -56.50 10.15 95.75
CA ILE MA 255 -57.20 11.43 95.83
C ILE MA 255 -57.52 11.80 97.28
N ASP MA 256 -57.78 10.82 98.13
CA ASP MA 256 -57.96 11.07 99.54
C ASP MA 256 -56.73 10.73 100.38
N ASP MA 257 -55.82 9.92 99.85
CA ASP MA 257 -54.58 9.67 100.56
C ASP MA 257 -53.69 10.90 100.59
N LEU MA 258 -53.83 11.80 99.62
CA LEU MA 258 -53.14 13.09 99.69
C LEU MA 258 -53.56 13.84 100.95
N ALA MA 259 -54.86 13.92 101.21
CA ALA MA 259 -55.35 14.59 102.41
C ALA MA 259 -55.00 13.81 103.67
N ASP MA 260 -55.01 12.46 103.58
CA ASP MA 260 -54.62 11.65 104.73
C ASP MA 260 -53.17 11.94 105.12
N SER MA 261 -52.28 12.05 104.14
CA SER MA 261 -50.89 12.37 104.40
C SER MA 261 -50.67 13.82 104.80
N GLY MA 262 -51.57 14.73 104.41
CA GLY MA 262 -51.51 16.09 104.87
C GLY MA 262 -51.59 17.15 103.79
N PHE MA 263 -51.64 16.78 102.52
CA PHE MA 263 -51.78 17.78 101.46
C PHE MA 263 -53.13 18.47 101.55
N ILE MA 264 -53.13 19.80 101.50
CA ILE MA 264 -54.35 20.59 101.54
C ILE MA 264 -54.50 21.31 100.22
N LYS MA 265 -55.65 21.12 99.57
CA LYS MA 265 -55.89 21.66 98.24
C LYS MA 265 -56.10 23.18 98.32
N ILE MA 266 -55.39 23.92 97.48
CA ILE MA 266 -55.49 25.37 97.42
C ILE MA 266 -56.49 25.81 96.37
N ALA MA 267 -56.35 25.31 95.15
CA ALA MA 267 -57.17 25.75 94.03
C ALA MA 267 -57.33 24.58 93.06
N GLU MA 268 -57.74 24.89 91.83
CA GLU MA 268 -57.98 23.88 90.82
C GLU MA 268 -57.98 24.57 89.46
N ARG MA 269 -57.14 24.08 88.55
CA ARG MA 269 -56.95 24.72 87.25
C ARG MA 269 -57.13 23.70 86.13
N GLN MA 270 -57.47 24.22 84.95
CA GLN MA 270 -57.58 23.42 83.74
C GLN MA 270 -56.32 23.68 82.92
N ILE MA 271 -55.51 22.65 82.73
CA ILE MA 271 -54.23 22.77 82.05
C ILE MA 271 -54.25 21.89 80.81
N LYS MA 272 -53.75 22.44 79.70
CA LYS MA 272 -53.75 21.75 78.42
C LYS MA 272 -52.52 20.85 78.31
N ARG MA 273 -52.75 19.59 77.97
CA ARG MA 273 -51.68 18.64 77.77
C ARG MA 273 -52.13 17.61 76.75
N ARG MA 274 -51.17 16.82 76.29
CA ARG MA 274 -51.40 15.79 75.28
C ARG MA 274 -51.39 14.41 75.93
N ARG MA 275 -52.23 13.52 75.42
CA ARG MA 275 -52.27 12.14 75.88
C ARG MA 275 -52.23 11.21 74.68
N VAL MA 276 -51.58 10.07 74.84
CA VAL MA 276 -51.37 9.12 73.75
C VAL MA 276 -52.15 7.85 74.05
N TYR MA 277 -52.95 7.41 73.09
CA TYR MA 277 -53.75 6.21 73.25
C TYR MA 277 -53.38 5.22 72.15
N LYS MA 278 -53.17 3.97 72.54
CA LYS MA 278 -52.82 2.91 71.60
C LYS MA 278 -53.98 1.94 71.45
N SER MA 279 -54.25 1.55 70.21
CA SER MA 279 -55.25 0.54 69.89
C SER MA 279 -54.58 -0.58 69.13
N ILE MA 280 -55.09 -1.80 69.27
CA ILE MA 280 -54.61 -2.94 68.51
C ILE MA 280 -55.74 -3.37 67.60
N ILE MA 281 -55.47 -3.41 66.30
CA ILE MA 281 -56.51 -3.59 65.30
C ILE MA 281 -56.08 -4.65 64.29
N THR MA 282 -57.09 -5.25 63.67
CA THR MA 282 -56.97 -6.08 62.49
C THR MA 282 -57.73 -5.39 61.37
N CYS MA 283 -57.88 -6.06 60.24
CA CYS MA 283 -58.66 -5.49 59.16
C CYS MA 283 -60.15 -5.55 59.41
N THR MA 284 -60.60 -6.28 60.44
CA THR MA 284 -62.02 -6.49 60.66
C THR MA 284 -62.47 -6.29 62.11
N ALA MA 285 -61.57 -5.94 63.02
CA ALA MA 285 -61.95 -5.76 64.41
C ALA MA 285 -60.94 -4.85 65.10
N VAL MA 286 -61.34 -4.33 66.26
CA VAL MA 286 -60.48 -3.54 67.12
C VAL MA 286 -60.35 -4.31 68.42
N LEU MA 287 -59.18 -4.92 68.64
CA LEU MA 287 -59.00 -5.78 69.80
C LEU MA 287 -58.88 -4.95 71.07
N LYS MA 288 -57.85 -4.12 71.17
CA LYS MA 288 -57.70 -3.18 72.27
C LYS MA 288 -58.10 -1.81 71.77
N ASP MA 289 -58.87 -1.07 72.57
CA ASP MA 289 -59.56 0.09 72.04
C ASP MA 289 -58.77 1.39 72.22
N LYS MA 290 -58.53 1.81 73.45
CA LYS MA 290 -57.86 3.08 73.70
C LYS MA 290 -56.92 2.99 74.89
N GLN MA 291 -56.10 1.94 74.93
CA GLN MA 291 -55.21 1.76 76.06
C GLN MA 291 -54.26 2.94 76.18
N LEU MA 292 -54.39 3.74 77.24
CA LEU MA 292 -53.58 4.93 77.38
C LEU MA 292 -52.14 4.57 77.70
N ILE MA 293 -51.19 5.16 76.99
CA ILE MA 293 -49.78 4.87 77.18
C ILE MA 293 -49.08 6.11 77.72
N ALA MA 294 -47.86 5.91 78.19
CA ALA MA 294 -47.12 6.97 78.87
C ALA MA 294 -46.63 8.03 77.90
N GLY MA 295 -46.45 9.23 78.42
CA GLY MA 295 -45.86 10.32 77.65
C GLY MA 295 -46.88 11.16 76.92
N GLU MA 296 -46.37 12.19 76.26
CA GLU MA 296 -47.19 13.10 75.48
C GLU MA 296 -47.06 12.88 73.98
N HIS MA 297 -45.98 12.28 73.52
CA HIS MA 297 -45.69 12.14 72.11
C HIS MA 297 -45.82 10.69 71.68
N ILE MA 298 -46.01 10.51 70.38
CA ILE MA 298 -46.02 9.15 69.81
C ILE MA 298 -44.64 8.55 69.92
N PRO MA 299 -44.50 7.32 70.40
CA PRO MA 299 -43.18 6.80 70.77
C PRO MA 299 -42.30 6.37 69.62
N ILE MA 300 -42.60 6.77 68.39
CA ILE MA 300 -41.81 6.39 67.23
C ILE MA 300 -40.94 7.55 66.81
N VAL MA 301 -39.66 7.28 66.56
CA VAL MA 301 -38.70 8.28 66.11
C VAL MA 301 -38.29 7.91 64.68
N PRO MA 302 -38.62 8.72 63.69
CA PRO MA 302 -38.16 8.47 62.32
C PRO MA 302 -36.90 9.26 61.98
N VAL MA 303 -36.03 8.59 61.21
CA VAL MA 303 -34.81 9.18 60.68
C VAL MA 303 -34.93 9.19 59.17
N PHE MA 304 -34.56 10.31 58.56
CA PHE MA 304 -34.66 10.46 57.11
C PHE MA 304 -33.31 10.85 56.53
N GLY MA 305 -33.15 10.60 55.24
CA GLY MA 305 -31.94 10.95 54.53
C GLY MA 305 -32.14 12.28 53.85
N GLU MA 306 -32.34 12.25 52.54
CA GLU MA 306 -32.79 13.44 51.80
C GLU MA 306 -34.31 13.45 51.85
N TRP MA 307 -34.88 14.44 52.53
CA TRP MA 307 -36.31 14.48 52.78
C TRP MA 307 -36.89 15.76 52.20
N GLY MA 308 -38.10 15.68 51.67
CA GLY MA 308 -38.78 16.88 51.24
C GLY MA 308 -40.17 16.57 50.75
N PHE MA 309 -40.82 17.61 50.23
CA PHE MA 309 -42.09 17.50 49.55
C PHE MA 309 -41.91 17.98 48.12
N VAL MA 310 -42.83 17.61 47.24
CA VAL MA 310 -42.86 18.12 45.88
C VAL MA 310 -44.13 18.93 45.62
N GLU MA 311 -45.28 18.29 45.67
CA GLU MA 311 -46.58 18.97 45.59
C GLU MA 311 -47.50 18.20 46.51
N ASP MA 312 -47.54 18.59 47.79
CA ASP MA 312 -48.33 17.89 48.79
C ASP MA 312 -48.02 16.39 48.79
N LYS MA 313 -46.79 16.04 48.39
CA LYS MA 313 -46.37 14.65 48.25
C LYS MA 313 -44.96 14.53 48.80
N GLU MA 314 -44.80 13.69 49.81
CA GLU MA 314 -43.51 13.52 50.49
C GLU MA 314 -42.60 12.60 49.69
N VAL MA 315 -41.34 12.99 49.53
CA VAL MA 315 -40.34 12.17 48.87
C VAL MA 315 -39.08 12.14 49.73
N TYR MA 316 -38.60 10.95 50.01
CA TYR MA 316 -37.33 10.76 50.71
C TYR MA 316 -36.45 9.82 49.89
N GLU MA 317 -35.15 10.01 50.03
CA GLU MA 317 -34.19 9.31 49.19
C GLU MA 317 -32.90 9.08 49.98
N GLY MA 318 -32.29 7.93 49.74
CA GLY MA 318 -31.04 7.60 50.38
C GLY MA 318 -29.86 7.88 49.48
N VAL MA 319 -29.08 6.84 49.17
CA VAL MA 319 -27.99 6.97 48.21
C VAL MA 319 -28.10 5.99 47.06
N VAL MA 320 -28.80 4.86 47.22
CA VAL MA 320 -28.84 3.84 46.19
C VAL MA 320 -29.86 4.16 45.09
N ARG MA 321 -30.75 5.11 45.29
CA ARG MA 321 -31.81 5.33 44.31
C ARG MA 321 -31.25 5.78 42.98
N LEU MA 322 -30.27 6.68 42.98
CA LEU MA 322 -29.76 7.23 41.73
C LEU MA 322 -28.84 6.27 41.01
N THR MA 323 -28.09 5.46 41.74
CA THR MA 323 -27.10 4.57 41.15
C THR MA 323 -27.72 3.38 40.42
N LYS MA 324 -29.03 3.18 40.53
CA LYS MA 324 -29.65 1.95 40.06
C LYS MA 324 -29.54 1.81 38.55
N ASP MA 325 -29.72 2.91 37.81
CA ASP MA 325 -29.67 2.84 36.36
C ASP MA 325 -28.30 2.42 35.87
N GLY MA 326 -27.26 3.09 36.36
CA GLY MA 326 -25.91 2.74 35.94
C GLY MA 326 -25.50 1.36 36.39
N GLN MA 327 -25.90 0.97 37.60
CA GLN MA 327 -25.54 -0.36 38.09
C GLN MA 327 -26.21 -1.45 37.26
N ARG MA 328 -27.49 -1.26 36.91
CA ARG MA 328 -28.16 -2.25 36.10
C ARG MA 328 -27.58 -2.33 34.69
N LEU MA 329 -27.21 -1.18 34.12
CA LEU MA 329 -26.54 -1.19 32.83
C LEU MA 329 -25.21 -1.93 32.90
N ARG MA 330 -24.44 -1.70 33.97
CA ARG MA 330 -23.16 -2.36 34.11
C ARG MA 330 -23.32 -3.87 34.27
N ASN MA 331 -24.30 -4.30 35.07
CA ASN MA 331 -24.57 -5.72 35.20
C ASN MA 331 -24.95 -6.33 33.86
N MET MA 332 -25.82 -5.66 33.11
CA MET MA 332 -26.27 -6.19 31.82
C MET MA 332 -25.11 -6.29 30.84
N ILE MA 333 -24.25 -5.29 30.81
CA ILE MA 333 -23.15 -5.28 29.85
C ILE MA 333 -22.12 -6.35 30.20
N MET MA 334 -21.80 -6.51 31.48
CA MET MA 334 -20.86 -7.55 31.86
C MET MA 334 -21.43 -8.94 31.59
N SER MA 335 -22.75 -9.12 31.77
CA SER MA 335 -23.36 -10.40 31.43
C SER MA 335 -23.31 -10.66 29.92
N PHE MA 336 -23.53 -9.62 29.11
CA PHE MA 336 -23.39 -9.77 27.67
C PHE MA 336 -21.97 -10.17 27.29
N ASN MA 337 -20.99 -9.55 27.92
CA ASN MA 337 -19.60 -9.89 27.62
C ASN MA 337 -19.27 -11.32 28.04
N ALA MA 338 -19.79 -11.76 29.19
CA ALA MA 338 -19.58 -13.13 29.60
C ALA MA 338 -20.20 -14.11 28.62
N ASP MA 339 -21.38 -13.77 28.08
CA ASP MA 339 -21.98 -14.56 27.01
C ASP MA 339 -21.06 -14.62 25.80
N ILE MA 340 -20.47 -13.48 25.43
CA ILE MA 340 -19.56 -13.45 24.29
C ILE MA 340 -18.39 -14.41 24.52
N VAL MA 341 -17.81 -14.36 25.71
CA VAL MA 341 -16.62 -15.17 25.99
C VAL MA 341 -16.97 -16.64 26.02
N ALA MA 342 -18.11 -17.00 26.61
CA ALA MA 342 -18.46 -18.41 26.74
C ALA MA 342 -18.93 -18.99 25.41
N ARG MA 343 -20.00 -18.43 24.84
CA ARG MA 343 -20.59 -18.97 23.62
C ARG MA 343 -20.05 -18.20 22.42
N THR MA 344 -18.99 -18.70 21.81
CA THR MA 344 -18.50 -18.17 20.55
C THR MA 344 -17.52 -19.17 19.95
N PRO MA 345 -17.67 -19.53 18.68
CA PRO MA 345 -16.70 -20.45 18.07
C PRO MA 345 -15.30 -19.88 18.12
N LYS MA 346 -14.33 -20.76 18.37
CA LYS MA 346 -12.95 -20.34 18.57
C LYS MA 346 -12.30 -20.10 17.21
N LYS MA 347 -10.99 -19.88 17.22
CA LYS MA 347 -10.24 -19.61 15.99
C LYS MA 347 -9.60 -20.91 15.53
N LYS MA 348 -10.12 -21.46 14.44
CA LYS MA 348 -9.64 -22.69 13.84
C LYS MA 348 -9.70 -22.51 12.33
N PRO MA 349 -8.95 -23.31 11.57
CA PRO MA 349 -8.96 -23.14 10.12
C PRO MA 349 -10.26 -23.61 9.50
N PHE MA 350 -10.55 -23.08 8.32
CA PHE MA 350 -11.62 -23.56 7.47
C PHE MA 350 -11.01 -24.47 6.42
N PHE MA 351 -11.51 -25.70 6.33
CA PHE MA 351 -10.96 -26.71 5.45
C PHE MA 351 -12.05 -27.29 4.57
N TRP MA 352 -11.72 -27.55 3.33
CA TRP MA 352 -12.53 -28.52 2.60
C TRP MA 352 -12.13 -29.92 3.06
N PRO MA 353 -13.07 -30.86 3.10
CA PRO MA 353 -12.69 -32.23 3.49
C PRO MA 353 -11.62 -32.84 2.60
N GLU MA 354 -11.69 -32.56 1.30
CA GLU MA 354 -10.72 -33.12 0.36
C GLU MA 354 -9.32 -32.55 0.57
N GLN MA 355 -9.21 -31.37 1.16
CA GLN MA 355 -7.90 -30.76 1.36
C GLN MA 355 -7.07 -31.54 2.34
N ILE MA 356 -7.70 -32.18 3.32
CA ILE MA 356 -7.00 -32.90 4.38
C ILE MA 356 -7.48 -34.34 4.50
N ALA MA 357 -8.13 -34.87 3.47
CA ALA MA 357 -8.52 -36.27 3.49
C ALA MA 357 -7.29 -37.16 3.58
N GLY MA 358 -7.25 -37.99 4.61
CA GLY MA 358 -6.15 -38.89 4.86
C GLY MA 358 -5.11 -38.35 5.82
N PHE MA 359 -5.10 -37.04 6.05
CA PHE MA 359 -4.17 -36.40 6.97
C PHE MA 359 -4.87 -35.84 8.19
N GLU MA 360 -6.07 -36.34 8.51
CA GLU MA 360 -6.87 -35.69 9.54
C GLU MA 360 -6.22 -35.78 10.91
N HIS MA 361 -5.55 -36.91 11.21
CA HIS MA 361 -4.93 -37.05 12.53
C HIS MA 361 -3.76 -36.12 12.72
N MET MA 362 -3.29 -35.45 11.67
CA MET MA 362 -2.22 -34.47 11.82
C MET MA 362 -2.70 -33.19 12.47
N TYR MA 363 -3.99 -32.87 12.31
CA TYR MA 363 -4.52 -31.58 12.74
C TYR MA 363 -5.29 -31.65 14.04
N ASP MA 364 -5.32 -32.80 14.71
CA ASP MA 364 -6.08 -32.91 15.94
C ASP MA 364 -5.47 -32.08 17.06
N GLY MA 365 -4.15 -31.94 17.11
CA GLY MA 365 -3.54 -31.07 18.10
C GLY MA 365 -2.29 -31.61 18.75
N ASN MA 366 -1.82 -32.77 18.32
CA ASN MA 366 -0.62 -33.36 18.90
C ASN MA 366 0.61 -32.64 18.37
N ASP MA 367 1.79 -33.15 18.68
CA ASP MA 367 3.04 -32.59 18.20
C ASP MA 367 4.00 -33.70 17.79
N ASP MA 368 3.48 -34.72 17.11
CA ASP MA 368 4.32 -35.81 16.64
C ASP MA 368 4.89 -35.56 15.25
N TYR MA 369 4.48 -34.50 14.58
CA TYR MA 369 4.86 -34.28 13.20
C TYR MA 369 5.56 -32.93 13.05
N PRO MA 370 6.46 -32.81 12.08
CA PRO MA 370 7.18 -31.55 11.89
C PRO MA 370 6.48 -30.55 11.00
N TYR MA 371 5.40 -30.93 10.36
CA TYR MA 371 4.67 -30.04 9.46
C TYR MA 371 3.29 -30.63 9.23
N TYR MA 372 2.49 -29.96 8.42
CA TYR MA 372 1.19 -30.45 7.99
C TYR MA 372 1.21 -30.72 6.51
N LEU MA 373 0.57 -31.80 6.10
CA LEU MA 373 0.46 -32.15 4.69
C LEU MA 373 -0.96 -31.90 4.21
N LEU MA 374 -1.09 -31.60 2.93
CA LEU MA 374 -2.38 -31.35 2.31
C LEU MA 374 -2.51 -32.20 1.05
N ASN MA 375 -3.74 -32.45 0.64
CA ASN MA 375 -3.97 -33.01 -0.69
C ASN MA 375 -3.79 -31.93 -1.74
N ARG MA 376 -3.35 -32.36 -2.92
CA ARG MA 376 -3.04 -31.39 -3.98
C ARG MA 376 -3.78 -31.71 -5.26
N THR MA 377 -3.93 -33.00 -5.56
CA THR MA 377 -4.48 -33.45 -6.82
C THR MA 377 -5.92 -33.90 -6.66
N ASP MA 378 -6.68 -33.80 -7.75
CA ASP MA 378 -8.04 -34.28 -7.81
C ASP MA 378 -8.19 -35.17 -9.02
N GLU MA 379 -9.11 -36.14 -8.91
CA GLU MA 379 -9.34 -37.08 -9.99
C GLU MA 379 -10.16 -36.49 -11.13
N ASN MA 380 -11.06 -35.55 -10.83
CA ASN MA 380 -11.94 -34.95 -11.82
C ASN MA 380 -11.51 -33.56 -12.27
N SER MA 381 -11.08 -32.71 -11.36
CA SER MA 381 -10.66 -31.36 -11.74
C SER MA 381 -9.20 -31.28 -12.13
N GLY MA 382 -8.43 -32.35 -11.96
CA GLY MA 382 -7.01 -32.32 -12.23
C GLY MA 382 -6.21 -31.80 -11.05
N ASP MA 383 -6.52 -30.61 -10.58
CA ASP MA 383 -5.83 -30.01 -9.45
C ASP MA 383 -6.85 -29.34 -8.54
N LEU MA 384 -6.56 -29.36 -7.24
CA LEU MA 384 -7.43 -28.67 -6.29
C LEU MA 384 -7.27 -27.16 -6.44
N PRO MA 385 -8.35 -26.40 -6.30
CA PRO MA 385 -8.24 -24.94 -6.38
C PRO MA 385 -7.41 -24.38 -5.24
N THR MA 386 -6.80 -23.23 -5.49
CA THR MA 386 -5.94 -22.56 -4.53
C THR MA 386 -6.62 -21.31 -3.99
N GLN MA 387 -6.62 -21.17 -2.67
CA GLN MA 387 -7.22 -20.04 -1.96
C GLN MA 387 -6.57 -19.96 -0.58
N PRO MA 388 -6.20 -18.76 -0.13
CA PRO MA 388 -5.48 -18.65 1.14
C PRO MA 388 -6.31 -19.20 2.31
N LEU MA 389 -5.63 -19.81 3.26
CA LEU MA 389 -6.31 -20.42 4.39
C LEU MA 389 -6.94 -19.33 5.27
N ALA MA 390 -8.19 -19.55 5.65
CA ALA MA 390 -8.94 -18.64 6.51
C ALA MA 390 -9.14 -19.28 7.86
N TYR MA 391 -9.14 -18.46 8.90
CA TYR MA 391 -9.34 -18.90 10.27
C TYR MA 391 -10.54 -18.17 10.84
N TYR MA 392 -11.35 -18.88 11.62
CA TYR MA 392 -12.49 -18.26 12.27
C TYR MA 392 -12.02 -17.11 13.16
N GLU MA 393 -12.66 -15.95 13.01
CA GLU MA 393 -12.18 -14.76 13.70
C GLU MA 393 -12.28 -14.91 15.21
N ASN MA 394 -11.30 -14.36 15.92
CA ASN MA 394 -11.29 -14.42 17.36
C ASN MA 394 -12.48 -13.66 17.93
N PRO MA 395 -13.02 -14.09 19.07
CA PRO MA 395 -14.05 -13.30 19.74
C PRO MA 395 -13.51 -11.94 20.14
N GLU MA 396 -14.37 -10.93 20.05
CA GLU MA 396 -14.00 -9.56 20.39
C GLU MA 396 -15.15 -8.89 21.12
N VAL MA 397 -14.83 -8.14 22.16
CA VAL MA 397 -15.83 -7.36 22.87
C VAL MA 397 -16.02 -6.05 22.11
N PRO MA 398 -17.24 -5.72 21.68
CA PRO MA 398 -17.45 -4.55 20.84
C PRO MA 398 -17.05 -3.25 21.54
N GLN MA 399 -16.64 -2.28 20.73
CA GLN MA 399 -16.36 -0.96 21.25
C GLN MA 399 -17.57 -0.38 21.95
N ALA MA 400 -18.78 -0.71 21.50
CA ALA MA 400 -19.98 -0.22 22.16
C ALA MA 400 -20.06 -0.75 23.59
N ASN MA 401 -19.84 -2.05 23.76
CA ASN MA 401 -19.91 -2.64 25.09
C ASN MA 401 -18.83 -2.10 26.00
N ALA MA 402 -17.60 -1.99 25.49
CA ALA MA 402 -16.51 -1.46 26.32
C ALA MA 402 -16.80 -0.02 26.72
N TYR MA 403 -17.22 0.81 25.76
CA TYR MA 403 -17.47 2.22 26.03
C TYR MA 403 -18.58 2.38 27.06
N MET MA 404 -19.66 1.60 26.95
CA MET MA 404 -20.74 1.78 27.89
C MET MA 404 -20.48 1.12 29.24
N LEU MA 405 -19.64 0.10 29.31
CA LEU MA 405 -19.22 -0.39 30.61
C LEU MA 405 -18.44 0.70 31.35
N GLU MA 406 -17.51 1.35 30.64
CA GLU MA 406 -16.78 2.46 31.24
C GLU MA 406 -17.71 3.61 31.62
N ALA MA 407 -18.66 3.95 30.74
CA ALA MA 407 -19.54 5.09 30.99
C ALA MA 407 -20.49 4.83 32.15
N ALA MA 408 -21.05 3.61 32.22
CA ALA MA 408 -21.93 3.27 33.34
C ALA MA 408 -21.17 3.26 34.66
N THR MA 409 -19.97 2.66 34.68
CA THR MA 409 -19.19 2.66 35.91
C THR MA 409 -18.85 4.08 36.34
N SER MA 410 -18.48 4.93 35.39
CA SER MA 410 -18.15 6.31 35.73
C SER MA 410 -19.38 7.06 36.23
N ALA MA 411 -20.55 6.80 35.64
CA ALA MA 411 -21.77 7.46 36.09
C ALA MA 411 -22.12 7.06 37.52
N VAL MA 412 -21.99 5.77 37.84
CA VAL MA 412 -22.25 5.34 39.22
C VAL MA 412 -21.23 5.93 40.16
N LYS MA 413 -19.95 5.96 39.76
CA LYS MA 413 -18.93 6.56 40.60
C LYS MA 413 -19.22 8.02 40.87
N GLU MA 414 -19.67 8.75 39.86
CA GLU MA 414 -19.95 10.16 40.05
C GLU MA 414 -21.16 10.37 40.93
N VAL MA 415 -22.24 9.61 40.71
CA VAL MA 415 -23.48 9.87 41.43
C VAL MA 415 -23.51 9.27 42.83
N ALA MA 416 -22.66 8.28 43.13
CA ALA MA 416 -22.66 7.68 44.46
C ALA MA 416 -21.68 8.37 45.39
N THR MA 417 -21.78 9.69 45.49
CA THR MA 417 -20.98 10.49 46.41
C THR MA 417 -21.93 11.25 47.30
N LEU MA 418 -22.15 10.73 48.50
CA LEU MA 418 -23.03 11.39 49.47
C LEU MA 418 -22.39 12.70 49.91
N GLY MA 419 -23.05 13.81 49.61
CA GLY MA 419 -22.50 15.11 49.98
C GLY MA 419 -21.18 15.35 49.26
N VAL MA 420 -20.18 15.77 50.02
CA VAL MA 420 -18.86 16.03 49.46
C VAL MA 420 -17.87 14.97 49.94
N GLU MA 445 -18.38 12.39 52.74
CA GLU MA 445 -18.76 13.01 54.01
C GLU MA 445 -20.25 12.92 54.21
N THR MA 446 -20.66 12.68 55.45
CA THR MA 446 -22.04 12.39 55.81
C THR MA 446 -22.59 13.41 56.79
N TYR MA 447 -22.28 14.70 56.58
CA TYR MA 447 -22.71 15.69 57.56
C TYR MA 447 -24.23 15.87 57.56
N VAL MA 448 -24.85 15.89 56.39
CA VAL MA 448 -26.31 16.07 56.35
C VAL MA 448 -27.00 14.89 57.03
N PHE MA 449 -26.50 13.68 56.79
CA PHE MA 449 -27.11 12.51 57.41
C PHE MA 449 -26.87 12.50 58.92
N GLN MA 450 -25.71 12.95 59.36
CA GLN MA 450 -25.46 13.02 60.80
C GLN MA 450 -26.31 14.10 61.44
N ASP MA 451 -26.59 15.19 60.73
CA ASP MA 451 -27.50 16.20 61.25
C ASP MA 451 -28.93 15.68 61.33
N ASN MA 452 -29.33 14.87 60.35
CA ASN MA 452 -30.65 14.24 60.42
C ASN MA 452 -30.74 13.29 61.61
N LEU MA 453 -29.69 12.52 61.84
CA LEU MA 453 -29.67 11.64 63.01
C LEU MA 453 -29.68 12.44 64.30
N ALA MA 454 -29.03 13.60 64.31
CA ALA MA 454 -29.08 14.47 65.48
C ALA MA 454 -30.49 14.97 65.73
N THR MA 455 -31.21 15.33 64.66
CA THR MA 455 -32.61 15.73 64.81
C THR MA 455 -33.43 14.60 65.39
N ALA MA 456 -33.21 13.37 64.90
CA ALA MA 456 -33.93 12.23 65.43
C ALA MA 456 -33.61 11.99 66.90
N MET MA 457 -32.34 12.17 67.28
CA MET MA 457 -31.99 11.98 68.69
C MET MA 457 -32.58 13.07 69.57
N ARG MA 458 -32.70 14.29 69.05
CA ARG MA 458 -33.36 15.33 69.83
C ARG MA 458 -34.84 15.01 70.05
N ARG MA 459 -35.52 14.53 69.01
CA ARG MA 459 -36.91 14.11 69.19
C ARG MA 459 -37.01 12.94 70.16
N ASP MA 460 -36.04 12.02 70.09
CA ASP MA 460 -35.99 10.90 71.03
C ASP MA 460 -35.86 11.40 72.46
N GLY MA 461 -34.99 12.39 72.68
CA GLY MA 461 -34.84 12.94 74.01
C GLY MA 461 -36.11 13.60 74.51
N GLU MA 462 -36.80 14.31 73.62
CA GLU MA 462 -38.08 14.90 74.00
C GLU MA 462 -39.08 13.84 74.44
N ILE MA 463 -39.24 12.79 73.62
CA ILE MA 463 -40.19 11.74 73.94
C ILE MA 463 -39.82 11.06 75.25
N TYR MA 464 -38.52 10.81 75.44
CA TYR MA 464 -38.08 10.16 76.67
C TYR MA 464 -38.35 11.03 77.88
N GLN MA 465 -38.14 12.34 77.76
CA GLN MA 465 -38.41 13.23 78.89
C GLN MA 465 -39.88 13.19 79.27
N SER MA 466 -40.78 13.21 78.29
CA SER MA 466 -42.20 13.11 78.61
C SER MA 466 -42.54 11.78 79.27
N ILE MA 467 -41.98 10.68 78.76
CA ILE MA 467 -42.28 9.37 79.33
C ILE MA 467 -41.81 9.30 80.78
N VAL MA 468 -40.62 9.84 81.04
CA VAL MA 468 -40.09 9.87 82.41
C VAL MA 468 -41.02 10.64 83.32
N ASN MA 469 -41.42 11.85 82.91
CA ASN MA 469 -42.31 12.62 83.75
C ASN MA 469 -43.66 11.93 83.94
N ASP MA 470 -44.02 11.01 83.05
CA ASP MA 470 -45.27 10.27 83.25
C ASP MA 470 -45.11 9.13 84.25
N ILE MA 471 -44.12 8.27 84.08
CA ILE MA 471 -44.04 7.01 84.81
C ILE MA 471 -43.00 7.03 85.93
N TYR MA 472 -41.84 7.63 85.70
CA TYR MA 472 -40.75 7.52 86.66
C TYR MA 472 -41.02 8.38 87.89
N ASP MA 473 -40.03 8.43 88.77
CA ASP MA 473 -40.08 9.22 90.00
C ASP MA 473 -39.00 10.29 89.89
N VAL MA 474 -39.41 11.54 89.77
CA VAL MA 474 -38.49 12.66 89.54
C VAL MA 474 -38.31 13.39 90.87
N PRO MA 475 -37.14 13.29 91.51
CA PRO MA 475 -36.89 14.10 92.71
C PRO MA 475 -36.80 15.57 92.38
N ARG MA 476 -37.20 16.41 93.33
CA ARG MA 476 -37.04 17.85 93.21
C ARG MA 476 -35.89 18.29 94.10
N ASN MA 477 -34.99 19.10 93.56
CA ASN MA 477 -33.81 19.52 94.28
C ASN MA 477 -34.07 20.86 94.95
N VAL MA 478 -33.87 20.92 96.26
CA VAL MA 478 -34.09 22.13 97.04
C VAL MA 478 -32.74 22.67 97.49
N THR MA 479 -32.69 23.98 97.74
CA THR MA 479 -31.48 24.66 98.15
C THR MA 479 -31.41 24.91 99.65
N ILE MA 480 -32.34 24.34 100.42
CA ILE MA 480 -32.34 24.50 101.87
C ILE MA 480 -31.16 23.75 102.48
N LEU MA 492 -30.75 19.38 98.51
CA LEU MA 492 -31.08 17.96 98.69
C LEU MA 492 -32.21 17.54 97.76
N MET MA 493 -32.25 16.25 97.44
CA MET MA 493 -33.29 15.70 96.58
C MET MA 493 -34.45 15.22 97.47
N ALA MA 494 -35.59 15.89 97.37
CA ALA MA 494 -36.77 15.58 98.18
C ALA MA 494 -37.77 14.84 97.29
N GLU MA 495 -38.00 13.57 97.59
CA GLU MA 495 -38.99 12.77 96.88
C GLU MA 495 -40.28 12.72 97.68
N VAL MA 496 -41.38 13.12 97.05
CA VAL MA 496 -42.70 13.09 97.67
C VAL MA 496 -43.51 12.03 96.93
N VAL MA 497 -43.76 10.90 97.61
CA VAL MA 497 -44.55 9.81 97.04
C VAL MA 497 -45.48 9.28 98.13
N ASP MA 498 -46.54 8.63 97.69
CA ASP MA 498 -47.52 8.03 98.59
C ASP MA 498 -48.15 6.82 97.92
N LEU MA 499 -48.68 5.92 98.75
CA LEU MA 499 -49.26 4.67 98.28
C LEU MA 499 -50.75 4.64 98.60
N ALA MA 500 -51.50 3.88 97.79
CA ALA MA 500 -52.93 3.73 97.98
C ALA MA 500 -53.22 2.50 98.83
N THR MA 501 -54.51 2.21 99.00
CA THR MA 501 -54.92 1.05 99.78
C THR MA 501 -54.61 -0.26 99.07
N GLY MA 502 -54.35 -0.23 97.77
CA GLY MA 502 -54.05 -1.45 97.03
C GLY MA 502 -52.56 -1.71 96.94
N GLU MA 503 -51.78 -1.09 97.82
CA GLU MA 503 -50.33 -1.22 97.94
C GLU MA 503 -49.58 -0.67 96.74
N LYS MA 504 -50.27 -0.08 95.76
CA LYS MA 504 -49.59 0.51 94.61
C LYS MA 504 -49.09 1.90 94.95
N GLN MA 505 -47.89 2.22 94.48
CA GLN MA 505 -47.29 3.54 94.70
C GLN MA 505 -47.54 4.41 93.48
N VAL MA 506 -48.04 5.61 93.72
CA VAL MA 506 -48.36 6.56 92.66
C VAL MA 506 -47.37 7.72 92.76
N LEU MA 507 -46.70 8.01 91.66
CA LEU MA 507 -45.73 9.11 91.64
C LEU MA 507 -46.44 10.44 91.80
N ASN MA 508 -45.74 11.40 92.38
CA ASN MA 508 -46.22 12.76 92.54
C ASN MA 508 -45.19 13.69 91.92
N ASP MA 509 -45.49 14.17 90.71
CA ASP MA 509 -44.59 15.06 89.97
C ASP MA 509 -45.24 16.42 89.82
N ILE MA 510 -44.48 17.48 90.09
CA ILE MA 510 -45.00 18.83 89.93
C ILE MA 510 -45.06 19.18 88.43
N ARG MA 511 -45.76 20.28 88.13
CA ARG MA 511 -45.83 20.80 86.78
C ARG MA 511 -44.60 21.59 86.37
N GLY MA 512 -43.70 21.91 87.31
CA GLY MA 512 -42.42 22.50 86.96
C GLY MA 512 -41.40 21.44 86.60
N ARG MA 513 -41.60 20.78 85.46
CA ARG MA 513 -40.82 19.62 85.06
C ARG MA 513 -39.87 19.89 83.91
N TYR MA 514 -40.26 20.70 82.94
CA TYR MA 514 -39.40 20.99 81.79
C TYR MA 514 -38.34 22.01 82.19
N GLU MA 515 -37.40 21.56 83.01
CA GLU MA 515 -36.29 22.39 83.46
C GLU MA 515 -35.05 22.24 82.61
N CYS MA 516 -35.01 21.28 81.69
CA CYS MA 516 -33.85 21.09 80.84
C CYS MA 516 -34.30 20.86 79.41
N TYR MA 517 -33.52 21.40 78.46
CA TYR MA 517 -33.79 21.22 77.05
C TYR MA 517 -32.83 20.20 76.45
N THR MA 518 -33.18 19.75 75.24
CA THR MA 518 -32.50 18.63 74.61
C THR MA 518 -31.49 19.11 73.57
N ASP MA 519 -30.30 18.52 73.60
CA ASP MA 519 -29.24 18.82 72.65
C ASP MA 519 -28.59 17.50 72.26
N VAL MA 520 -27.53 17.58 71.49
CA VAL MA 520 -26.84 16.43 70.94
C VAL MA 520 -25.38 16.48 71.37
N GLY MA 521 -24.88 15.38 71.90
CA GLY MA 521 -23.51 15.29 72.32
C GLY MA 521 -22.96 13.91 72.06
N PRO MA 522 -21.73 13.65 72.50
CA PRO MA 522 -21.14 12.32 72.30
C PRO MA 522 -21.86 11.28 73.12
N SER MA 523 -21.69 10.02 72.72
CA SER MA 523 -22.36 8.93 73.40
C SER MA 523 -21.49 8.43 74.55
N PHE MA 524 -22.02 8.49 75.77
CA PHE MA 524 -21.33 8.04 76.96
C PHE MA 524 -22.19 7.01 77.67
N GLN MA 525 -21.56 5.96 78.18
CA GLN MA 525 -22.30 4.89 78.83
C GLN MA 525 -22.72 5.22 80.26
N SER MA 526 -22.16 6.26 80.86
CA SER MA 526 -22.48 6.55 82.25
C SER MA 526 -22.12 7.98 82.60
N MET MA 527 -22.68 8.44 83.72
CA MET MA 527 -22.36 9.76 84.23
C MET MA 527 -20.90 9.87 84.64
N LYS MA 528 -20.32 8.77 85.14
CA LYS MA 528 -18.89 8.80 85.46
C LYS MA 528 -18.06 8.97 84.20
N GLN MA 529 -18.43 8.29 83.12
CA GLN MA 529 -17.73 8.45 81.85
C GLN MA 529 -17.86 9.88 81.33
N GLN MA 530 -19.06 10.46 81.43
CA GLN MA 530 -19.24 11.83 80.98
C GLN MA 530 -18.41 12.80 81.82
N ASN MA 531 -18.35 12.59 83.13
CA ASN MA 531 -17.52 13.43 83.99
C ASN MA 531 -16.05 13.31 83.63
N ARG MA 532 -15.57 12.09 83.41
CA ARG MA 532 -14.19 11.90 83.01
C ARG MA 532 -13.89 12.60 81.70
N ALA MA 533 -14.81 12.50 80.73
CA ALA MA 533 -14.62 13.16 79.46
C ALA MA 533 -14.56 14.68 79.64
N GLU MA 534 -15.44 15.23 80.47
CA GLU MA 534 -15.45 16.68 80.67
C GLU MA 534 -14.17 17.16 81.33
N ILE MA 535 -13.70 16.43 82.35
CA ILE MA 535 -12.47 16.83 83.04
C ILE MA 535 -11.29 16.76 82.08
N LEU MA 536 -11.21 15.70 81.26
CA LEU MA 536 -10.12 15.61 80.31
C LEU MA 536 -10.20 16.72 79.25
N GLU MA 537 -11.40 17.04 78.79
CA GLU MA 537 -11.56 18.10 77.81
C GLU MA 537 -11.11 19.44 78.37
N LEU MA 538 -11.46 19.73 79.62
CA LEU MA 538 -11.00 20.98 80.25
C LEU MA 538 -9.50 20.96 80.47
N LEU MA 539 -8.95 19.80 80.86
CA LEU MA 539 -7.52 19.69 81.11
C LEU MA 539 -6.71 19.90 79.84
N GLY MA 540 -7.26 19.50 78.69
CA GLY MA 540 -6.56 19.69 77.44
C GLY MA 540 -6.43 21.13 77.00
N LYS MA 541 -7.34 22.00 77.44
CA LYS MA 541 -7.29 23.41 77.07
C LYS MA 541 -6.72 24.31 78.17
N THR MA 542 -6.81 23.91 79.43
CA THR MA 542 -6.30 24.74 80.50
C THR MA 542 -4.76 24.73 80.47
N PRO MA 543 -4.12 25.88 80.44
CA PRO MA 543 -2.64 25.91 80.44
C PRO MA 543 -2.07 25.42 81.76
N GLN MA 544 -0.75 25.37 81.81
CA GLN MA 544 -0.04 24.87 82.98
C GLN MA 544 -0.11 25.91 84.11
N GLY MA 545 -1.19 25.83 84.88
CA GLY MA 545 -1.37 26.69 86.04
C GLY MA 545 -1.76 25.91 87.28
N THR MA 546 -2.49 26.55 88.21
CA THR MA 546 -3.03 25.86 89.38
C THR MA 546 -4.34 25.14 89.08
N PRO MA 547 -5.24 25.68 88.26
CA PRO MA 547 -6.42 24.88 87.87
C PRO MA 547 -6.05 23.62 87.13
N GLU MA 548 -4.89 23.58 86.48
CA GLU MA 548 -4.47 22.32 85.88
C GLU MA 548 -4.24 21.26 86.95
N TYR MA 549 -3.60 21.65 88.05
CA TYR MA 549 -3.43 20.73 89.17
C TYR MA 549 -4.76 20.32 89.76
N GLN MA 550 -5.69 21.27 89.86
CA GLN MA 550 -7.03 20.97 90.37
C GLN MA 550 -7.72 19.93 89.49
N LEU MA 551 -7.70 20.14 88.18
CA LEU MA 551 -8.35 19.21 87.26
C LEU MA 551 -7.64 17.87 87.21
N LEU MA 552 -6.32 17.84 87.33
CA LEU MA 552 -5.61 16.57 87.35
C LEU MA 552 -5.97 15.76 88.59
N LEU MA 553 -6.03 16.42 89.75
CA LEU MA 553 -6.46 15.72 90.95
C LEU MA 553 -7.90 15.25 90.82
N LEU MA 554 -8.76 16.04 90.18
CA LEU MA 554 -10.13 15.64 89.95
C LEU MA 554 -10.21 14.41 89.07
N GLN MA 555 -9.40 14.36 88.01
CA GLN MA 555 -9.39 13.20 87.13
C GLN MA 555 -8.93 11.96 87.87
N TYR MA 556 -7.90 12.09 88.71
CA TYR MA 556 -7.50 10.95 89.53
C TYR MA 556 -8.60 10.54 90.50
N PHE MA 557 -9.38 11.52 90.98
CA PHE MA 557 -10.50 11.23 91.87
C PHE MA 557 -11.58 10.42 91.15
N THR MA 558 -11.85 10.73 89.89
CA THR MA 558 -12.97 10.14 89.17
C THR MA 558 -12.58 8.88 88.40
N LEU MA 559 -11.66 8.09 88.95
CA LEU MA 559 -11.15 6.90 88.29
C LEU MA 559 -11.87 5.64 88.76
N LEU MA 560 -11.77 4.59 87.94
CA LEU MA 560 -12.26 3.27 88.30
C LEU MA 560 -11.33 2.65 89.34
N ASP MA 561 -11.63 1.43 89.78
CA ASP MA 561 -11.00 0.86 90.97
C ASP MA 561 -10.24 -0.42 90.64
N GLY MA 562 -9.02 -0.48 91.12
CA GLY MA 562 -8.23 -1.69 91.25
C GLY MA 562 -7.61 -1.65 92.64
N LYS MA 563 -6.29 -1.74 92.71
CA LYS MA 563 -5.57 -1.47 93.95
C LYS MA 563 -4.63 -0.28 93.82
N GLY MA 564 -3.81 -0.24 92.77
CA GLY MA 564 -2.97 0.93 92.56
C GLY MA 564 -3.79 2.17 92.24
N VAL MA 565 -4.77 2.04 91.36
CA VAL MA 565 -5.62 3.18 91.04
C VAL MA 565 -6.45 3.57 92.25
N GLU MA 566 -6.80 2.61 93.12
CA GLU MA 566 -7.45 2.96 94.37
C GLU MA 566 -6.54 3.79 95.26
N MET MA 567 -5.26 3.42 95.33
CA MET MA 567 -4.30 4.20 96.10
C MET MA 567 -4.18 5.62 95.55
N MET MA 568 -4.10 5.75 94.22
CA MET MA 568 -4.00 7.08 93.61
C MET MA 568 -5.25 7.90 93.87
N ARG MA 569 -6.43 7.28 93.79
CA ARG MA 569 -7.67 8.01 94.03
C ARG MA 569 -7.76 8.46 95.49
N ASP MA 570 -7.34 7.61 96.42
CA ASP MA 570 -7.30 8.02 97.82
C ASP MA 570 -6.37 9.20 98.04
N TYR MA 571 -5.19 9.17 97.39
CA TYR MA 571 -4.27 10.29 97.51
C TYR MA 571 -4.89 11.57 96.95
N ALA MA 572 -5.56 11.47 95.81
CA ALA MA 572 -6.19 12.65 95.20
C ALA MA 572 -7.28 13.21 96.10
N ASN MA 573 -8.11 12.34 96.68
CA ASN MA 573 -9.17 12.81 97.58
C ASN MA 573 -8.57 13.49 98.80
N LYS MA 574 -7.54 12.89 99.40
CA LYS MA 574 -6.92 13.48 100.57
C LYS MA 574 -6.32 14.84 100.24
N GLN MA 575 -5.65 14.96 99.10
CA GLN MA 575 -5.05 16.22 98.72
C GLN MA 575 -6.10 17.29 98.49
N LEU MA 576 -7.21 16.95 97.81
CA LEU MA 576 -8.25 17.93 97.59
C LEU MA 576 -8.87 18.39 98.90
N ILE MA 577 -9.16 17.45 99.80
CA ILE MA 577 -9.74 17.81 101.10
C ILE MA 577 -8.80 18.73 101.86
N GLN MA 578 -7.51 18.39 101.90
CA GLN MA 578 -6.54 19.22 102.61
C GLN MA 578 -6.43 20.60 101.98
N MET MA 579 -6.49 20.69 100.65
CA MET MA 579 -6.48 21.98 99.97
C MET MA 579 -7.80 22.74 100.14
N GLY MA 580 -8.83 22.08 100.67
CA GLY MA 580 -10.07 22.79 100.95
C GLY MA 580 -10.98 22.99 99.78
N VAL MA 581 -10.75 22.26 98.68
CA VAL MA 581 -11.59 22.39 97.50
C VAL MA 581 -12.76 21.40 97.52
N LYS MA 582 -12.56 20.21 98.09
CA LYS MA 582 -13.63 19.25 98.28
C LYS MA 582 -14.14 19.36 99.71
N LYS MA 583 -15.46 19.47 99.85
CA LYS MA 583 -16.07 19.64 101.17
C LYS MA 583 -15.91 18.39 102.02
N MET NA 1 -8.86 -58.61 -7.99
CA MET NA 1 -8.46 -57.81 -9.13
C MET NA 1 -8.09 -58.70 -10.31
N GLN NA 2 -8.58 -58.32 -11.49
CA GLN NA 2 -8.34 -59.09 -12.70
C GLN NA 2 -7.04 -58.73 -13.39
N ILE NA 3 -6.26 -57.80 -12.83
CA ILE NA 3 -4.99 -57.37 -13.39
C ILE NA 3 -3.90 -57.90 -12.47
N LYS NA 4 -3.26 -59.00 -12.85
CA LYS NA 4 -2.38 -59.73 -11.95
C LYS NA 4 -0.98 -59.98 -12.51
N THR NA 5 -0.64 -59.46 -13.68
CA THR NA 5 0.71 -59.58 -14.21
C THR NA 5 1.11 -58.27 -14.85
N LYS NA 6 2.42 -58.17 -15.16
CA LYS NA 6 2.93 -56.98 -15.82
C LYS NA 6 2.30 -56.79 -17.19
N GLY NA 7 2.12 -57.88 -17.93
CA GLY NA 7 1.38 -57.79 -19.18
C GLY NA 7 -0.07 -57.42 -18.98
N ASP NA 8 -0.65 -57.79 -17.84
CA ASP NA 8 -2.01 -57.36 -17.55
C ASP NA 8 -2.05 -55.85 -17.35
N LEU NA 9 -1.07 -55.29 -16.65
CA LEU NA 9 -0.97 -53.84 -16.52
C LEU NA 9 -0.83 -53.19 -17.89
N VAL NA 10 0.01 -53.77 -18.75
CA VAL NA 10 0.25 -53.20 -20.07
C VAL NA 10 -1.02 -53.26 -20.93
N ARG NA 11 -1.76 -54.36 -20.83
CA ARG NA 11 -3.01 -54.49 -21.57
C ARG NA 11 -4.04 -53.49 -21.08
N ALA NA 12 -4.10 -53.27 -19.76
CA ALA NA 12 -4.99 -52.25 -19.23
C ALA NA 12 -4.61 -50.88 -19.75
N ALA NA 13 -3.31 -50.59 -19.81
CA ALA NA 13 -2.85 -49.30 -20.32
C ALA NA 13 -3.24 -49.11 -21.79
N LEU NA 14 -3.04 -50.14 -22.61
CA LEU NA 14 -3.39 -50.05 -24.01
C LEU NA 14 -4.90 -49.88 -24.21
N ARG NA 15 -5.70 -50.61 -23.42
CA ARG NA 15 -7.14 -50.43 -23.50
C ARG NA 15 -7.54 -49.03 -23.08
N LYS NA 16 -6.92 -48.50 -22.02
CA LYS NA 16 -7.21 -47.15 -21.57
C LYS NA 16 -6.90 -46.15 -22.66
N LEU NA 17 -5.79 -46.36 -23.38
CA LEU NA 17 -5.46 -45.52 -24.52
C LEU NA 17 -6.39 -45.75 -25.71
N GLY NA 18 -7.09 -46.88 -25.75
CA GLY NA 18 -7.92 -47.19 -26.89
C GLY NA 18 -7.21 -47.79 -28.06
N VAL NA 19 -5.96 -48.23 -27.89
CA VAL NA 19 -5.20 -48.81 -28.98
C VAL NA 19 -5.61 -50.26 -29.22
N ALA NA 20 -5.54 -51.08 -28.18
CA ALA NA 20 -5.81 -52.50 -28.29
C ALA NA 20 -6.57 -52.97 -27.07
N SER NA 21 -7.59 -53.77 -27.29
CA SER NA 21 -8.40 -54.33 -26.22
C SER NA 21 -8.85 -55.72 -26.63
N ASP NA 22 -9.69 -56.33 -25.82
CA ASP NA 22 -10.22 -57.65 -26.14
C ASP NA 22 -11.27 -57.60 -27.23
N ALA NA 23 -11.86 -56.42 -27.48
CA ALA NA 23 -12.91 -56.28 -28.46
C ALA NA 23 -12.41 -55.80 -29.82
N THR NA 24 -11.21 -55.25 -29.89
CA THR NA 24 -10.70 -54.72 -31.14
C THR NA 24 -10.44 -55.84 -32.14
N LEU NA 25 -10.56 -55.51 -33.42
CA LEU NA 25 -10.24 -56.46 -34.48
C LEU NA 25 -8.76 -56.50 -34.81
N THR NA 26 -7.98 -55.52 -34.37
CA THR NA 26 -6.54 -55.50 -34.59
C THR NA 26 -5.83 -55.38 -33.25
N ASP NA 27 -4.67 -56.04 -33.13
CA ASP NA 27 -3.95 -56.09 -31.88
C ASP NA 27 -2.49 -55.68 -32.10
N VAL NA 28 -1.80 -55.43 -30.98
CA VAL NA 28 -0.41 -55.02 -31.02
C VAL NA 28 0.50 -56.24 -31.00
N GLU NA 29 1.70 -56.07 -31.49
CA GLU NA 29 2.62 -57.17 -31.62
C GLU NA 29 3.21 -57.55 -30.26
N PRO NA 30 3.59 -58.81 -30.09
CA PRO NA 30 4.26 -59.21 -28.84
C PRO NA 30 5.55 -58.46 -28.58
N GLN NA 31 6.27 -58.06 -29.62
CA GLN NA 31 7.48 -57.27 -29.41
C GLN NA 31 7.13 -55.91 -28.82
N SER NA 32 6.08 -55.27 -29.31
CA SER NA 32 5.63 -54.03 -28.72
C SER NA 32 5.18 -54.24 -27.28
N MET NA 33 4.54 -55.37 -27.01
CA MET NA 33 4.15 -55.67 -25.64
C MET NA 33 5.36 -55.78 -24.72
N GLN NA 34 6.41 -56.47 -25.18
CA GLN NA 34 7.63 -56.57 -24.38
C GLN NA 34 8.29 -55.22 -24.20
N ASP NA 35 8.25 -54.37 -25.23
CA ASP NA 35 8.77 -53.01 -25.09
C ASP NA 35 7.99 -52.23 -24.03
N ALA NA 36 6.67 -52.38 -24.03
CA ALA NA 36 5.87 -51.70 -23.02
C ALA NA 36 6.16 -52.22 -21.63
N VAL NA 37 6.46 -53.51 -21.51
CA VAL NA 37 6.83 -54.06 -20.21
C VAL NA 37 8.18 -53.50 -19.76
N ASP NA 38 9.10 -53.30 -20.71
CA ASP NA 38 10.36 -52.66 -20.37
C ASP NA 38 10.14 -51.23 -19.89
N ASP NA 39 9.21 -50.52 -20.54
CA ASP NA 39 8.85 -49.18 -20.09
C ASP NA 39 8.27 -49.21 -18.68
N LEU NA 40 7.41 -50.17 -18.40
CA LEU NA 40 6.82 -50.29 -17.07
C LEU NA 40 7.89 -50.55 -16.02
N GLU NA 41 8.82 -51.45 -16.32
CA GLU NA 41 9.91 -51.73 -15.40
C GLU NA 41 10.73 -50.48 -15.15
N ALA NA 42 11.06 -49.74 -16.21
CA ALA NA 42 11.87 -48.54 -16.05
C ALA NA 42 11.15 -47.50 -15.21
N MET NA 43 9.85 -47.31 -15.45
CA MET NA 43 9.09 -46.31 -14.70
C MET NA 43 9.00 -46.70 -13.22
N MET NA 44 8.70 -47.95 -12.93
CA MET NA 44 8.63 -48.36 -11.52
C MET NA 44 9.99 -48.31 -10.84
N ALA NA 45 11.07 -48.61 -11.57
CA ALA NA 45 12.40 -48.52 -10.99
C ALA NA 45 12.79 -47.08 -10.71
N GLU NA 46 12.37 -46.16 -11.58
CA GLU NA 46 12.66 -44.74 -11.35
C GLU NA 46 11.82 -44.19 -10.21
N TRP NA 47 10.60 -44.71 -10.03
CA TRP NA 47 9.81 -44.35 -8.85
C TRP NA 47 10.47 -44.85 -7.57
N TYR NA 48 10.68 -46.16 -7.48
CA TYR NA 48 11.34 -46.79 -6.34
C TYR NA 48 12.84 -46.58 -6.49
N GLN NA 49 13.32 -45.45 -5.98
CA GLN NA 49 14.71 -45.05 -6.17
C GLN NA 49 15.62 -45.82 -5.22
N ASP NA 50 15.67 -47.13 -5.44
CA ASP NA 50 16.45 -48.04 -4.60
C ASP NA 50 15.99 -47.99 -3.14
N GLY NA 51 14.70 -47.75 -2.92
CA GLY NA 51 14.14 -47.75 -1.59
C GLY NA 51 13.87 -46.38 -1.01
N LYS NA 52 14.33 -45.32 -1.67
CA LYS NA 52 14.17 -43.95 -1.18
C LYS NA 52 13.11 -43.18 -1.96
N GLY NA 53 12.24 -43.89 -2.66
CA GLY NA 53 11.21 -43.24 -3.44
C GLY NA 53 9.82 -43.74 -3.10
N ILE NA 54 9.01 -44.01 -4.12
CA ILE NA 54 7.66 -44.51 -3.93
C ILE NA 54 7.73 -46.00 -3.66
N ILE NA 55 7.27 -46.42 -2.49
CA ILE NA 55 7.27 -47.83 -2.13
C ILE NA 55 5.89 -48.39 -2.47
N THR NA 56 5.86 -49.43 -3.29
CA THR NA 56 4.61 -49.96 -3.82
C THR NA 56 4.44 -51.46 -3.64
N GLY NA 57 5.51 -52.21 -3.41
CA GLY NA 57 5.42 -53.66 -3.42
C GLY NA 57 5.69 -54.30 -4.76
N TYR NA 58 6.00 -53.50 -5.78
CA TYR NA 58 6.34 -54.04 -7.09
C TYR NA 58 7.53 -54.97 -7.00
N VAL NA 59 7.53 -56.02 -7.81
CA VAL NA 59 8.59 -57.02 -7.83
C VAL NA 59 9.27 -56.95 -9.19
N PHE NA 60 10.57 -56.69 -9.19
CA PHE NA 60 11.32 -56.52 -10.42
C PHE NA 60 11.76 -57.87 -10.96
N SER NA 61 11.50 -58.11 -12.23
CA SER NA 61 11.77 -59.41 -12.83
C SER NA 61 13.27 -59.66 -12.95
N ASP NA 62 13.63 -60.94 -13.04
CA ASP NA 62 15.00 -61.37 -13.18
C ASP NA 62 15.20 -62.07 -14.51
N ASP NA 63 16.45 -62.09 -14.97
CA ASP NA 63 16.75 -62.69 -16.26
C ASP NA 63 16.66 -64.21 -16.24
N GLU NA 64 16.83 -64.81 -15.06
CA GLU NA 64 16.79 -66.27 -14.96
C GLU NA 64 15.44 -66.82 -15.37
N ASN NA 65 14.36 -66.21 -14.90
CA ASN NA 65 13.02 -66.59 -15.30
C ASN NA 65 12.66 -65.73 -16.51
N PRO NA 66 12.60 -66.29 -17.72
CA PRO NA 66 12.81 -65.50 -18.93
C PRO NA 66 11.80 -64.38 -19.13
N PRO NA 67 10.50 -64.66 -19.19
CA PRO NA 67 9.59 -63.58 -19.60
C PRO NA 67 9.20 -62.70 -18.42
N ALA NA 68 9.55 -61.42 -18.48
CA ALA NA 68 9.10 -60.47 -17.47
C ALA NA 68 7.59 -60.37 -17.46
N GLU NA 69 6.98 -60.29 -18.64
CA GLU NA 69 5.57 -60.58 -18.75
C GLU NA 69 5.26 -62.00 -18.26
N GLY NA 70 4.16 -62.14 -17.56
CA GLY NA 70 3.81 -63.37 -16.90
C GLY NA 70 4.15 -63.40 -15.43
N ASP NA 71 4.99 -62.48 -14.97
CA ASP NA 71 5.33 -62.38 -13.57
C ASP NA 71 4.31 -61.51 -12.85
N ASP NA 72 3.88 -61.96 -11.68
CA ASP NA 72 2.98 -61.16 -10.87
C ASP NA 72 3.67 -59.88 -10.43
N HIS NA 73 2.97 -58.75 -10.57
CA HIS NA 73 3.60 -57.48 -10.24
C HIS NA 73 3.71 -57.28 -8.75
N GLY NA 74 2.84 -57.91 -7.96
CA GLY NA 74 2.95 -57.85 -6.52
C GLY NA 74 2.41 -56.59 -5.89
N LEU NA 75 1.84 -55.68 -6.65
CA LEU NA 75 1.28 -54.47 -6.06
C LEU NA 75 0.05 -54.81 -5.23
N ARG NA 76 -0.23 -53.98 -4.23
CA ARG NA 76 -1.48 -54.13 -3.53
C ARG NA 76 -2.63 -53.75 -4.44
N SER NA 77 -3.85 -54.06 -4.00
CA SER NA 77 -5.00 -53.86 -4.87
C SER NA 77 -5.24 -52.40 -5.20
N SER NA 78 -4.72 -51.47 -4.41
CA SER NA 78 -5.00 -50.06 -4.57
C SER NA 78 -3.94 -49.30 -5.36
N ALA NA 79 -2.92 -49.99 -5.86
CA ALA NA 79 -1.89 -49.34 -6.66
C ALA NA 79 -2.02 -49.63 -8.15
N VAL NA 80 -2.93 -50.53 -8.52
CA VAL NA 80 -3.01 -50.98 -9.91
C VAL NA 80 -3.47 -49.85 -10.81
N SER NA 81 -4.50 -49.12 -10.41
CA SER NA 81 -5.03 -48.04 -11.25
C SER NA 81 -3.99 -46.94 -11.46
N ALA NA 82 -3.33 -46.53 -10.38
CA ALA NA 82 -2.27 -45.53 -10.49
C ALA NA 82 -1.17 -46.02 -11.43
N VAL NA 83 -0.73 -47.26 -11.23
CA VAL NA 83 0.38 -47.79 -12.00
C VAL NA 83 0.03 -47.83 -13.48
N PHE NA 84 -1.14 -48.37 -13.83
CA PHE NA 84 -1.43 -48.53 -15.25
C PHE NA 84 -1.91 -47.24 -15.89
N HIS NA 85 -2.41 -46.27 -15.13
CA HIS NA 85 -2.69 -44.96 -15.72
C HIS NA 85 -1.40 -44.20 -16.01
N ASN NA 86 -0.44 -44.27 -15.10
CA ASN NA 86 0.87 -43.69 -15.39
C ASN NA 86 1.53 -44.40 -16.55
N LEU NA 87 1.35 -45.72 -16.65
CA LEU NA 87 1.92 -46.47 -17.77
C LEU NA 87 1.29 -46.05 -19.09
N ALA NA 88 -0.03 -45.85 -19.11
CA ALA NA 88 -0.67 -45.36 -20.32
C ALA NA 88 -0.12 -44.00 -20.72
N CYS NA 89 0.02 -43.10 -19.74
CA CYS NA 89 0.59 -41.79 -20.04
C CYS NA 89 2.00 -41.91 -20.60
N ARG NA 90 2.81 -42.82 -20.04
CA ARG NA 90 4.19 -42.95 -20.47
C ARG NA 90 4.30 -43.53 -21.88
N ILE NA 91 3.52 -44.57 -22.19
CA ILE NA 91 3.67 -45.25 -23.46
C ILE NA 91 2.79 -44.68 -24.56
N ALA NA 92 1.97 -43.68 -24.28
CA ALA NA 92 1.22 -43.03 -25.34
C ALA NA 92 2.07 -42.52 -26.51
N PRO NA 93 3.21 -41.85 -26.30
CA PRO NA 93 3.93 -41.28 -27.44
C PRO NA 93 4.43 -42.29 -28.47
N ASP NA 94 4.60 -43.56 -28.11
CA ASP NA 94 5.06 -44.53 -29.09
C ASP NA 94 4.10 -44.65 -30.26
N TYR NA 95 2.80 -44.60 -29.98
CA TYR NA 95 1.78 -44.79 -31.00
C TYR NA 95 1.30 -43.47 -31.59
N ALA NA 96 2.13 -42.44 -31.52
CA ALA NA 96 1.80 -41.11 -32.03
C ALA NA 96 0.51 -40.59 -31.39
N LEU NA 97 0.35 -40.84 -30.09
CA LEU NA 97 -0.82 -40.43 -29.33
C LEU NA 97 -0.46 -39.33 -28.35
N GLU NA 98 -1.46 -38.97 -27.55
CA GLU NA 98 -1.32 -38.03 -26.45
C GLU NA 98 -2.43 -38.36 -25.47
N ALA NA 99 -2.06 -38.73 -24.24
CA ALA NA 99 -3.05 -39.21 -23.28
C ALA NA 99 -4.11 -38.14 -23.01
N THR NA 100 -5.35 -38.60 -22.89
CA THR NA 100 -6.45 -37.67 -22.69
C THR NA 100 -6.36 -37.04 -21.29
N ALA NA 101 -7.09 -35.93 -21.13
CA ALA NA 101 -7.01 -35.16 -19.90
C ALA NA 101 -7.44 -36.00 -18.70
N LYS NA 102 -8.45 -36.85 -18.88
CA LYS NA 102 -8.88 -37.71 -17.80
C LYS NA 102 -7.78 -38.68 -17.39
N ILE NA 103 -7.09 -39.26 -18.37
CA ILE NA 103 -6.01 -40.19 -18.05
C ILE NA 103 -4.90 -39.46 -17.29
N ILE NA 104 -4.56 -38.25 -17.71
CA ILE NA 104 -3.51 -37.51 -17.02
C ILE NA 104 -3.92 -37.18 -15.59
N ALA NA 105 -5.16 -36.74 -15.40
CA ALA NA 105 -5.63 -36.42 -14.06
C ALA NA 105 -5.64 -37.65 -13.17
N THR NA 106 -6.10 -38.79 -13.69
CA THR NA 106 -6.12 -40.00 -12.89
C THR NA 106 -4.71 -40.47 -12.58
N ALA NA 107 -3.75 -40.22 -13.48
CA ALA NA 107 -2.37 -40.55 -13.20
C ALA NA 107 -1.84 -39.72 -12.04
N LYS NA 108 -2.08 -38.40 -12.07
CA LYS NA 108 -1.63 -37.54 -10.98
C LYS NA 108 -2.25 -37.97 -9.65
N TYR NA 109 -3.57 -38.17 -9.64
CA TYR NA 109 -4.26 -38.56 -8.42
C TYR NA 109 -3.74 -39.90 -7.91
N GLY NA 110 -3.53 -40.86 -8.80
CA GLY NA 110 -3.05 -42.16 -8.37
C GLY NA 110 -1.66 -42.12 -7.79
N LYS NA 111 -0.76 -41.36 -8.41
CA LYS NA 111 0.60 -41.27 -7.87
C LYS NA 111 0.60 -40.61 -6.50
N GLU NA 112 -0.17 -39.53 -6.33
CA GLU NA 112 -0.23 -38.90 -5.02
C GLU NA 112 -0.81 -39.83 -3.97
N LEU NA 113 -1.88 -40.56 -4.32
CA LEU NA 113 -2.45 -41.51 -3.38
C LEU NA 113 -1.49 -42.65 -3.07
N LEU NA 114 -0.66 -43.02 -4.03
CA LEU NA 114 0.36 -44.04 -3.78
C LEU NA 114 1.34 -43.58 -2.73
N TYR NA 115 1.80 -42.34 -2.84
CA TYR NA 115 2.81 -41.85 -1.91
C TYR NA 115 2.25 -41.32 -0.59
N LYS NA 116 0.92 -41.22 -0.45
CA LYS NA 116 0.37 -40.60 0.75
C LYS NA 116 0.82 -41.30 2.03
N GLN NA 117 0.68 -42.62 2.09
CA GLN NA 117 0.98 -43.34 3.33
C GLN NA 117 2.47 -43.33 3.63
N THR NA 118 3.31 -43.43 2.61
CA THR NA 118 4.75 -43.34 2.84
C THR NA 118 5.14 -41.96 3.32
N ALA NA 119 4.49 -40.91 2.81
CA ALA NA 119 4.75 -39.57 3.32
C ALA NA 119 4.36 -39.44 4.78
N ILE NA 120 3.21 -40.02 5.15
CA ILE NA 120 2.78 -39.97 6.54
C ILE NA 120 3.76 -40.73 7.42
N SER NA 121 4.28 -41.84 6.93
CA SER NA 121 5.26 -42.62 7.68
C SER NA 121 6.57 -41.85 7.87
N ARG NA 122 7.03 -41.17 6.82
CA ARG NA 122 8.31 -40.47 6.89
C ARG NA 122 8.22 -39.11 7.56
N ALA NA 123 7.02 -38.60 7.81
CA ALA NA 123 6.89 -37.35 8.56
C ALA NA 123 7.20 -37.65 10.03
N LYS NA 124 8.49 -37.72 10.33
CA LYS NA 124 8.99 -38.07 11.65
C LYS NA 124 9.79 -36.92 12.22
N ARG NA 125 9.61 -36.67 13.52
CA ARG NA 125 10.30 -35.58 14.20
C ARG NA 125 11.63 -36.07 14.75
N ALA NA 126 12.64 -35.21 14.66
CA ALA NA 126 13.96 -35.58 15.14
C ALA NA 126 14.01 -35.61 16.66
N PRO NA 127 14.93 -36.37 17.24
CA PRO NA 127 15.09 -36.36 18.70
C PRO NA 127 15.72 -35.06 19.17
N TYR NA 128 15.63 -34.83 20.48
CA TYR NA 128 16.13 -33.61 21.05
C TYR NA 128 17.64 -33.48 20.81
N PRO NA 129 18.15 -32.26 20.75
CA PRO NA 129 19.60 -32.09 20.56
C PRO NA 129 20.38 -32.62 21.74
N SER NA 130 21.69 -32.79 21.52
CA SER NA 130 22.55 -33.26 22.59
C SER NA 130 22.80 -32.19 23.65
N ARG NA 131 22.49 -30.93 23.34
CA ARG NA 131 22.74 -29.82 24.25
C ARG NA 131 21.48 -29.36 24.97
N MET NA 132 20.41 -30.14 24.90
CA MET NA 132 19.16 -29.76 25.55
C MET NA 132 19.03 -30.52 26.87
N PRO NA 133 18.88 -29.83 28.00
CA PRO NA 133 18.69 -30.54 29.25
C PRO NA 133 17.34 -31.25 29.28
N THR NA 134 17.27 -32.31 30.07
CA THR NA 134 16.01 -33.02 30.27
C THR NA 134 15.17 -32.41 31.37
N GLY NA 135 15.56 -31.25 31.90
CA GLY NA 135 14.85 -30.65 33.00
C GLY NA 135 15.11 -31.39 34.29
N SER NA 136 14.47 -30.90 35.35
CA SER NA 136 14.62 -31.55 36.67
C SER NA 136 13.30 -32.23 37.02
N GLY NA 137 12.23 -31.91 36.30
CA GLY NA 137 10.98 -32.63 36.54
C GLY NA 137 11.06 -34.08 36.15
N ASN NA 138 12.08 -34.46 35.39
CA ASN NA 138 12.37 -35.86 35.08
C ASN NA 138 13.25 -36.39 36.20
N SER NA 139 12.61 -36.75 37.30
CA SER NA 139 13.33 -37.13 38.50
C SER NA 139 14.15 -38.39 38.29
N PHE NA 140 13.60 -39.37 37.58
CA PHE NA 140 14.33 -40.61 37.34
C PHE NA 140 15.59 -40.36 36.53
N ALA NA 141 15.47 -39.62 35.44
CA ALA NA 141 16.62 -39.33 34.60
C ALA NA 141 17.67 -38.53 35.35
N ASN NA 142 17.23 -37.55 36.13
CA ASN NA 142 18.21 -36.71 36.83
C ASN NA 142 18.80 -37.41 38.04
N LEU NA 143 18.15 -38.44 38.57
CA LEU NA 143 18.80 -39.26 39.59
C LEU NA 143 19.80 -40.22 38.95
N ASN NA 144 19.49 -40.71 37.75
CA ASN NA 144 20.40 -41.57 37.02
C ASN NA 144 21.44 -40.78 36.23
N GLU NA 145 21.49 -39.46 36.42
CA GLU NA 145 22.49 -38.57 35.85
C GLU NA 145 22.28 -38.33 34.36
N TRP NA 146 21.04 -38.38 33.91
CA TRP NA 146 20.70 -38.04 32.54
C TRP NA 146 20.26 -36.58 32.48
N HIS NA 147 21.20 -35.68 32.77
CA HIS NA 147 20.87 -34.27 32.83
C HIS NA 147 20.63 -33.69 31.44
N TYR NA 148 21.24 -34.28 30.41
CA TYR NA 148 21.09 -33.80 29.04
C TYR NA 148 20.57 -34.93 28.17
N PHE NA 149 19.81 -34.56 27.14
CA PHE NA 149 19.18 -35.53 26.27
C PHE NA 149 20.24 -36.33 25.50
N PRO NA 150 19.98 -37.62 25.25
CA PRO NA 150 20.95 -38.43 24.49
C PRO NA 150 21.22 -37.89 23.09
N GLY NA 151 20.16 -37.67 22.33
CA GLY NA 151 20.29 -37.10 21.00
C GLY NA 151 20.42 -38.15 19.91
N GLU NA 152 21.27 -37.87 18.92
CA GLU NA 152 21.52 -38.77 17.80
C GLU NA 152 20.23 -39.10 17.04
N GLU OA 5 -43.62 78.07 26.87
CA GLU OA 5 -44.08 78.70 28.11
C GLU OA 5 -44.69 77.66 29.05
N ASN OA 6 -45.35 76.65 28.48
CA ASN OA 6 -46.03 75.66 29.28
C ASN OA 6 -45.02 74.85 30.09
N ARG OA 7 -45.30 74.73 31.39
CA ARG OA 7 -44.41 73.97 32.26
C ARG OA 7 -44.33 72.51 31.83
N LEU OA 8 -45.47 71.91 31.51
CA LEU OA 8 -45.48 70.53 31.04
C LEU OA 8 -44.69 70.39 29.75
N GLU OA 9 -44.83 71.36 28.85
CA GLU OA 9 -44.11 71.27 27.59
C GLU OA 9 -42.61 71.39 27.79
N SER OA 10 -42.17 72.27 28.68
CA SER OA 10 -40.73 72.37 28.97
C SER OA 10 -40.19 71.10 29.60
N ILE OA 11 -40.91 70.55 30.58
CA ILE OA 11 -40.50 69.30 31.19
C ILE OA 11 -40.42 68.19 30.14
N LEU OA 12 -41.43 68.11 29.28
CA LEU OA 12 -41.45 67.07 28.27
C LEU OA 12 -40.35 67.25 27.24
N SER OA 13 -40.02 68.50 26.90
CA SER OA 13 -38.90 68.72 25.99
C SER OA 13 -37.61 68.19 26.59
N ARG OA 14 -37.37 68.48 27.87
CA ARG OA 14 -36.20 67.92 28.53
C ARG OA 14 -36.22 66.40 28.50
N PHE OA 15 -37.39 65.81 28.79
CA PHE OA 15 -37.48 64.35 28.87
C PHE OA 15 -37.22 63.71 27.51
N ASP OA 16 -37.80 64.26 26.44
CA ASP OA 16 -37.55 63.69 25.11
C ASP OA 16 -36.10 63.82 24.70
N ALA OA 17 -35.48 64.98 24.98
CA ALA OA 17 -34.08 65.13 24.64
C ALA OA 17 -33.23 64.07 25.34
N ASP OA 18 -33.44 63.88 26.64
CA ASP OA 18 -32.65 62.90 27.38
C ASP OA 18 -32.93 61.47 26.93
N TRP OA 19 -34.21 61.16 26.68
CA TRP OA 19 -34.60 59.85 26.17
C TRP OA 19 -33.88 59.52 24.88
N THR OA 20 -33.94 60.44 23.91
CA THR OA 20 -33.28 60.21 22.63
C THR OA 20 -31.78 60.07 22.81
N ALA OA 21 -31.18 60.90 23.67
CA ALA OA 21 -29.74 60.83 23.86
C ALA OA 21 -29.32 59.48 24.41
N SER OA 22 -30.07 58.94 25.36
CA SER OA 22 -29.71 57.68 26.00
C SER OA 22 -30.27 56.46 25.28
N ASP OA 23 -30.92 56.65 24.13
CA ASP OA 23 -31.60 55.53 23.45
C ASP OA 23 -30.69 54.33 23.24
N GLU OA 24 -29.48 54.53 22.70
CA GLU OA 24 -28.64 53.40 22.35
C GLU OA 24 -28.19 52.62 23.59
N ALA OA 25 -27.62 53.32 24.58
CA ALA OA 25 -27.09 52.64 25.74
C ALA OA 25 -28.18 51.97 26.55
N ARG OA 26 -29.36 52.59 26.63
CA ARG OA 26 -30.46 51.99 27.37
C ARG OA 26 -30.89 50.67 26.74
N ARG OA 27 -31.02 50.65 25.41
CA ARG OA 27 -31.41 49.42 24.73
C ARG OA 27 -30.33 48.35 24.87
N GLU OA 28 -29.06 48.73 24.77
CA GLU OA 28 -27.99 47.75 24.95
C GLU OA 28 -28.00 47.17 26.36
N ALA OA 29 -28.23 48.01 27.37
CA ALA OA 29 -28.25 47.53 28.74
C ALA OA 29 -29.45 46.64 29.00
N LYS OA 30 -30.60 46.96 28.41
CA LYS OA 30 -31.76 46.08 28.53
C LYS OA 30 -31.47 44.73 27.88
N ASN OA 31 -30.81 44.73 26.72
CA ASN OA 31 -30.44 43.47 26.09
C ASN OA 31 -29.48 42.67 26.96
N ASP OA 32 -28.53 43.34 27.60
CA ASP OA 32 -27.60 42.64 28.48
C ASP OA 32 -28.32 42.01 29.66
N LEU OA 33 -29.25 42.75 30.27
CA LEU OA 33 -30.02 42.20 31.38
C LEU OA 33 -30.84 41.00 30.94
N PHE OA 34 -31.48 41.10 29.78
CA PHE OA 34 -32.24 39.97 29.27
C PHE OA 34 -31.34 38.76 29.02
N PHE OA 35 -30.17 38.99 28.43
CA PHE OA 35 -29.25 37.91 28.13
C PHE OA 35 -28.80 37.21 29.40
N SER OA 36 -28.48 37.96 30.44
CA SER OA 36 -27.94 37.36 31.65
C SER OA 36 -29.00 37.05 32.69
N ARG OA 37 -30.26 37.27 32.41
CA ARG OA 37 -31.27 37.05 33.45
C ARG OA 37 -32.42 36.16 33.02
N VAL OA 38 -32.87 36.24 31.77
CA VAL OA 38 -34.02 35.48 31.29
C VAL OA 38 -33.59 34.35 30.37
N SER OA 39 -32.97 34.68 29.24
CA SER OA 39 -32.63 33.67 28.26
C SER OA 39 -31.58 34.24 27.31
N GLN OA 40 -30.65 33.41 26.88
CA GLN OA 40 -29.63 33.84 25.94
C GLN OA 40 -30.10 33.79 24.50
N TRP OA 41 -31.26 33.18 24.25
CA TRP OA 41 -31.81 33.11 22.91
C TRP OA 41 -32.76 34.28 22.70
N ASP OA 42 -32.18 35.47 22.64
CA ASP OA 42 -32.95 36.66 22.33
C ASP OA 42 -33.33 36.66 20.86
N ASP OA 43 -34.26 35.76 20.52
CA ASP OA 43 -34.75 35.54 19.17
C ASP OA 43 -36.24 35.83 19.12
N TRP OA 44 -36.64 36.99 19.66
CA TRP OA 44 -38.06 37.25 19.89
C TRP OA 44 -38.85 37.38 18.59
N LEU OA 45 -38.17 37.43 17.45
CA LEU OA 45 -38.84 37.36 16.16
C LEU OA 45 -38.86 35.90 15.72
N SER OA 46 -39.97 35.23 16.00
CA SER OA 46 -40.05 33.78 15.78
C SER OA 46 -40.63 33.47 14.40
N GLN OA 47 -40.76 32.18 14.11
CA GLN OA 47 -41.33 31.70 12.87
C GLN OA 47 -42.19 30.47 13.17
N TYR OA 48 -43.14 30.20 12.28
CA TYR OA 48 -44.06 29.08 12.44
C TYR OA 48 -43.55 27.79 11.84
N THR OA 49 -42.31 27.78 11.33
CA THR OA 49 -41.68 26.56 10.85
C THR OA 49 -41.64 25.53 11.97
N THR OA 50 -41.35 24.28 11.62
CA THR OA 50 -41.22 23.23 12.63
C THR OA 50 -40.21 23.65 13.68
N LEU OA 51 -40.54 23.37 14.94
CA LEU OA 51 -39.68 23.75 16.05
C LEU OA 51 -38.31 23.09 15.92
N GLN OA 52 -37.27 23.86 16.24
CA GLN OA 52 -35.90 23.39 16.23
C GLN OA 52 -35.33 23.44 17.63
N TYR OA 53 -34.45 22.49 17.93
CA TYR OA 53 -33.85 22.40 19.25
C TYR OA 53 -33.00 23.64 19.52
N ARG OA 54 -33.22 24.25 20.68
CA ARG OA 54 -32.49 25.45 21.08
C ARG OA 54 -32.09 25.29 22.54
N GLY OA 55 -30.89 24.77 22.76
CA GLY OA 55 -30.39 24.59 24.11
C GLY OA 55 -29.62 25.80 24.61
N GLN OA 56 -29.38 25.81 25.93
CA GLN OA 56 -28.63 26.87 26.58
C GLN OA 56 -27.47 26.26 27.33
N PHE OA 57 -26.25 26.65 26.98
CA PHE OA 57 -25.04 26.10 27.57
C PHE OA 57 -24.20 27.28 28.05
N ASP OA 58 -24.47 27.71 29.29
CA ASP OA 58 -23.90 28.96 29.80
C ASP OA 58 -22.43 28.78 30.19
N VAL OA 59 -21.63 29.79 29.89
CA VAL OA 59 -20.26 29.82 30.38
C VAL OA 59 -19.97 31.23 30.89
N VAL OA 60 -21.01 32.07 30.97
CA VAL OA 60 -20.87 33.41 31.50
C VAL OA 60 -21.56 33.58 32.84
N ARG OA 61 -22.59 32.79 33.13
CA ARG OA 61 -23.22 32.88 34.45
C ARG OA 61 -22.30 32.51 35.60
N PRO OA 62 -21.46 31.46 35.51
CA PRO OA 62 -20.49 31.25 36.60
C PRO OA 62 -19.58 32.44 36.84
N VAL OA 63 -19.17 33.14 35.78
CA VAL OA 63 -18.31 34.30 35.95
C VAL OA 63 -19.07 35.45 36.61
N VAL OA 64 -20.32 35.66 36.21
CA VAL OA 64 -21.12 36.71 36.83
C VAL OA 64 -21.33 36.39 38.31
N ARG OA 65 -21.63 35.13 38.62
CA ARG OA 65 -21.83 34.72 40.00
C ARG OA 65 -20.57 34.92 40.83
N LYS OA 66 -19.41 34.58 40.27
CA LYS OA 66 -18.15 34.80 40.95
C LYS OA 66 -17.92 36.28 41.24
N LEU OA 67 -18.20 37.14 40.26
CA LEU OA 67 -17.98 38.57 40.45
C LEU OA 67 -18.91 39.16 41.50
N VAL OA 68 -20.18 38.75 41.48
CA VAL OA 68 -21.12 39.25 42.48
C VAL OA 68 -20.76 38.75 43.87
N SER OA 69 -20.29 37.50 43.98
CA SER OA 69 -19.82 37.01 45.26
C SER OA 69 -18.61 37.80 45.74
N GLU OA 70 -17.67 38.08 44.84
CA GLU OA 70 -16.48 38.83 45.22
C GLU OA 70 -16.83 40.22 45.72
N MET OA 71 -17.76 40.89 45.06
CA MET OA 71 -18.17 42.22 45.53
C MET OA 71 -18.98 42.12 46.82
N ARG OA 72 -19.71 41.03 47.02
CA ARG OA 72 -20.49 40.88 48.24
C ARG OA 72 -19.61 40.65 49.46
N GLN OA 73 -18.47 39.96 49.30
CA GLN OA 73 -17.60 39.74 50.45
C GLN OA 73 -16.90 41.01 50.92
N ASN OA 74 -16.97 42.11 50.17
CA ASN OA 74 -16.25 43.34 50.50
C ASN OA 74 -17.26 44.48 50.62
N PRO OA 75 -18.03 44.52 51.71
CA PRO OA 75 -18.99 45.61 51.87
C PRO OA 75 -18.31 46.95 52.07
N ILE OA 76 -18.97 48.00 51.60
CA ILE OA 76 -18.45 49.36 51.64
C ILE OA 76 -19.57 50.28 52.08
N ASP OA 77 -19.25 51.24 52.94
CA ASP OA 77 -20.25 52.18 53.44
C ASP OA 77 -19.64 53.55 53.53
N VAL OA 78 -20.47 54.52 53.90
CA VAL OA 78 -20.03 55.91 54.06
C VAL OA 78 -19.39 56.08 55.43
N LEU OA 79 -18.33 56.88 55.48
CA LEU OA 79 -17.64 57.18 56.73
C LEU OA 79 -17.40 58.67 56.80
N TYR OA 80 -18.04 59.35 57.74
CA TYR OA 80 -17.89 60.78 57.89
C TYR OA 80 -16.69 61.10 58.76
N ARG OA 81 -15.84 62.01 58.28
CA ARG OA 81 -14.65 62.38 59.02
C ARG OA 81 -14.60 63.89 59.20
N PRO OA 82 -14.08 64.37 60.33
CA PRO OA 82 -14.03 65.81 60.55
C PRO OA 82 -13.11 66.51 59.55
N LYS OA 83 -13.43 67.77 59.25
CA LYS OA 83 -12.66 68.54 58.31
C LYS OA 83 -11.33 68.96 58.92
N ASP OA 84 -10.56 69.75 58.17
CA ASP OA 84 -9.27 70.22 58.64
C ASP OA 84 -9.49 71.40 59.58
N GLY OA 85 -8.98 71.28 60.81
CA GLY OA 85 -9.15 72.32 61.80
C GLY OA 85 -10.46 72.30 62.55
N ALA OA 86 -11.36 71.38 62.24
CA ALA OA 86 -12.64 71.29 62.91
C ALA OA 86 -12.47 70.57 64.25
N ARG OA 87 -13.56 70.48 65.00
CA ARG OA 87 -13.51 69.78 66.27
C ARG OA 87 -13.21 68.31 66.01
N PRO OA 88 -12.46 67.65 66.90
CA PRO OA 88 -12.05 66.27 66.64
C PRO OA 88 -13.21 65.30 66.50
N ASP OA 89 -14.38 65.61 67.05
CA ASP OA 89 -15.54 64.74 66.97
C ASP OA 89 -16.67 65.41 66.19
N ALA OA 90 -16.33 66.03 65.06
CA ALA OA 90 -17.33 66.77 64.30
C ALA OA 90 -18.34 65.85 63.62
N ALA OA 91 -17.99 64.59 63.39
CA ALA OA 91 -18.83 63.68 62.62
C ALA OA 91 -19.55 62.65 63.49
N ASP OA 92 -19.54 62.83 64.82
CA ASP OA 92 -20.12 61.82 65.70
C ASP OA 92 -21.62 61.68 65.49
N VAL OA 93 -22.35 62.80 65.56
CA VAL OA 93 -23.80 62.75 65.47
C VAL OA 93 -24.25 62.33 64.08
N LEU OA 94 -23.62 62.89 63.04
CA LEU OA 94 -23.99 62.55 61.68
C LEU OA 94 -23.71 61.08 61.38
N MET OA 95 -22.56 60.57 61.82
CA MET OA 95 -22.25 59.16 61.59
C MET OA 95 -23.21 58.26 62.36
N GLY OA 96 -23.56 58.64 63.58
CA GLY OA 96 -24.51 57.85 64.34
C GLY OA 96 -25.87 57.80 63.67
N MET OA 97 -26.34 58.93 63.16
CA MET OA 97 -27.63 58.94 62.48
C MET OA 97 -27.59 58.15 61.19
N TYR OA 98 -26.48 58.23 60.45
CA TYR OA 98 -26.33 57.45 59.23
C TYR OA 98 -26.39 55.95 59.53
N ARG OA 99 -25.65 55.51 60.55
CA ARG OA 99 -25.67 54.10 60.91
C ARG OA 99 -27.02 53.71 61.50
N THR OA 100 -27.76 54.65 62.07
CA THR OA 100 -29.08 54.33 62.60
C THR OA 100 -30.08 54.07 61.48
N ASP OA 101 -30.15 54.94 60.49
CA ASP OA 101 -31.18 54.77 59.47
C ASP OA 101 -30.68 54.14 58.18
N MET OA 102 -29.46 53.58 58.16
CA MET OA 102 -29.04 52.78 57.03
C MET OA 102 -28.70 51.35 57.41
N ARG OA 103 -29.07 50.91 58.60
CA ARG OA 103 -28.79 49.57 59.06
C ARG OA 103 -29.89 48.57 58.75
N HIS OA 104 -30.98 49.02 58.13
CA HIS OA 104 -32.12 48.15 57.87
C HIS OA 104 -31.88 47.30 56.62
N ASN OA 105 -32.85 46.43 56.32
CA ASN OA 105 -32.69 45.54 55.18
C ASN OA 105 -32.82 46.29 53.86
N THR OA 106 -33.61 47.36 53.83
CA THR OA 106 -33.86 48.06 52.58
C THR OA 106 -32.59 48.66 52.00
N ALA OA 107 -31.74 49.25 52.85
CA ALA OA 107 -30.51 49.86 52.36
C ALA OA 107 -29.57 48.84 51.76
N LYS OA 108 -29.33 47.75 52.50
CA LYS OA 108 -28.45 46.70 52.00
C LYS OA 108 -28.98 46.09 50.73
N ILE OA 109 -30.28 45.82 50.67
CA ILE OA 109 -30.85 45.21 49.47
C ILE OA 109 -30.73 46.16 48.28
N ALA OA 110 -30.96 47.46 48.50
CA ALA OA 110 -30.85 48.41 47.40
C ALA OA 110 -29.44 48.45 46.86
N VAL OA 111 -28.44 48.48 47.74
CA VAL OA 111 -27.06 48.53 47.29
C VAL OA 111 -26.69 47.24 46.56
N ASN OA 112 -27.16 46.10 47.06
CA ASN OA 112 -26.86 44.83 46.41
C ASN OA 112 -27.46 44.77 45.01
N ILE OA 113 -28.70 45.24 44.86
CA ILE OA 113 -29.35 45.25 43.56
C ILE OA 113 -28.58 46.13 42.60
N ALA OA 114 -28.21 47.33 43.06
CA ALA OA 114 -27.46 48.24 42.20
C ALA OA 114 -26.14 47.63 41.77
N VAL OA 115 -25.44 46.96 42.69
CA VAL OA 115 -24.15 46.36 42.36
C VAL OA 115 -24.32 45.24 41.34
N ARG OA 116 -25.33 44.38 41.53
CA ARG OA 116 -25.54 43.28 40.59
C ARG OA 116 -25.87 43.80 39.20
N GLU OA 117 -26.71 44.83 39.10
CA GLU OA 117 -26.97 45.41 37.79
C GLU OA 117 -25.75 46.11 37.21
N GLN OA 118 -24.91 46.69 38.07
CA GLN OA 118 -23.68 47.30 37.59
C GLN OA 118 -22.78 46.26 36.94
N ILE OA 119 -22.69 45.08 37.56
CA ILE OA 119 -21.89 44.01 36.97
C ILE OA 119 -22.50 43.52 35.67
N GLU OA 120 -23.81 43.26 35.68
CA GLU OA 120 -24.43 42.60 34.52
C GLU OA 120 -24.66 43.56 33.35
N ALA OA 121 -25.47 44.59 33.55
CA ALA OA 121 -25.83 45.50 32.47
C ALA OA 121 -24.82 46.63 32.32
N GLY OA 122 -24.50 47.32 33.40
CA GLY OA 122 -23.52 48.39 33.34
C GLY OA 122 -23.86 49.56 34.23
N VAL OA 123 -25.13 49.68 34.61
CA VAL OA 123 -25.58 50.79 35.44
C VAL OA 123 -26.67 50.29 36.38
N GLY OA 124 -26.60 50.73 37.64
CA GLY OA 124 -27.68 50.58 38.59
C GLY OA 124 -27.87 51.88 39.33
N ALA OA 125 -28.89 51.93 40.18
CA ALA OA 125 -29.12 53.14 40.96
C ALA OA 125 -29.96 52.81 42.18
N TRP OA 126 -29.91 53.71 43.16
CA TRP OA 126 -30.81 53.64 44.31
C TRP OA 126 -31.27 55.04 44.65
N ARG OA 127 -32.21 55.14 45.59
CA ARG OA 127 -32.86 56.41 45.90
C ARG OA 127 -32.88 56.61 47.41
N LEU OA 128 -32.85 57.88 47.82
CA LEU OA 128 -33.00 58.25 49.22
C LEU OA 128 -34.32 59.00 49.38
N VAL OA 129 -35.12 58.58 50.36
CA VAL OA 129 -36.39 59.22 50.64
C VAL OA 129 -36.52 59.48 52.12
N THR OA 130 -37.36 60.45 52.47
CA THR OA 130 -37.64 60.79 53.85
C THR OA 130 -39.07 60.42 54.19
N ASP OA 131 -39.29 59.94 55.41
CA ASP OA 131 -40.61 59.52 55.83
C ASP OA 131 -40.82 59.94 57.28
N TYR OA 132 -42.08 59.99 57.68
CA TYR OA 132 -42.45 60.31 59.05
C TYR OA 132 -42.66 59.01 59.81
N GLU OA 133 -41.72 58.67 60.68
CA GLU OA 133 -41.83 57.52 61.55
C GLU OA 133 -42.15 58.02 62.95
N ASP OA 134 -43.31 57.64 63.47
CA ASP OA 134 -43.75 58.10 64.78
C ASP OA 134 -43.42 57.11 65.89
N GLN OA 135 -42.85 55.96 65.58
CA GLN OA 135 -42.51 54.95 66.58
C GLN OA 135 -41.03 54.98 66.92
N SER OA 136 -40.17 54.81 65.93
CA SER OA 136 -38.72 54.78 66.14
C SER OA 136 -38.07 55.78 65.20
N PRO OA 137 -38.21 57.07 65.49
CA PRO OA 137 -37.65 58.10 64.61
C PRO OA 137 -36.17 58.30 64.86
N THR OA 138 -35.45 58.64 63.80
CA THR OA 138 -34.05 58.99 63.96
C THR OA 138 -33.90 60.36 64.59
N SER OA 139 -34.68 61.33 64.13
CA SER OA 139 -34.66 62.68 64.68
C SER OA 139 -35.81 63.47 64.09
N ASN OA 140 -36.44 64.30 64.91
CA ASN OA 140 -37.55 65.16 64.48
C ASN OA 140 -38.69 64.34 63.89
N ASN OA 141 -38.97 63.19 64.50
CA ASN OA 141 -40.09 62.34 64.10
C ASN OA 141 -40.01 61.96 62.63
N GLN OA 142 -38.80 61.73 62.13
CA GLN OA 142 -38.58 61.41 60.74
C GLN OA 142 -37.45 60.39 60.61
N VAL OA 143 -37.46 59.68 59.49
CA VAL OA 143 -36.41 58.76 59.11
C VAL OA 143 -36.02 59.02 57.66
N ILE OA 144 -34.79 58.63 57.33
CA ILE OA 144 -34.29 58.64 55.96
C ILE OA 144 -34.01 57.20 55.59
N ARG OA 145 -34.59 56.74 54.49
CA ARG OA 145 -34.38 55.36 54.08
C ARG OA 145 -33.92 55.31 52.63
N ARG OA 146 -33.29 54.21 52.29
CA ARG OA 146 -32.75 53.97 50.96
C ARG OA 146 -33.59 52.91 50.26
N GLU OA 147 -34.10 53.24 49.09
CA GLU OA 147 -34.99 52.40 48.32
C GLU OA 147 -34.30 51.93 47.04
N PRO OA 148 -34.65 50.75 46.55
CA PRO OA 148 -34.01 50.24 45.34
C PRO OA 148 -34.64 50.81 44.09
N ILE OA 149 -33.91 50.66 42.99
CA ILE OA 149 -34.42 50.97 41.66
C ILE OA 149 -34.04 49.83 40.75
N HIS OA 150 -35.03 49.19 40.14
CA HIS OA 150 -34.79 48.07 39.26
C HIS OA 150 -34.77 48.56 37.81
N SER OA 151 -33.85 47.99 37.03
CA SER OA 151 -33.65 48.41 35.64
C SER OA 151 -33.39 49.92 35.57
N ALA OA 152 -32.29 50.33 36.20
CA ALA OA 152 -31.96 51.74 36.24
C ALA OA 152 -31.70 52.29 34.85
N CYS OA 153 -31.17 51.45 33.95
CA CYS OA 153 -30.84 51.91 32.60
C CYS OA 153 -32.07 52.44 31.89
N SER OA 154 -33.21 51.76 32.03
CA SER OA 154 -34.42 52.15 31.34
C SER OA 154 -35.39 52.95 32.19
N HIS OA 155 -35.22 52.95 33.52
CA HIS OA 155 -36.18 53.60 34.39
C HIS OA 155 -35.68 54.89 35.03
N VAL OA 156 -34.37 55.11 35.07
CA VAL OA 156 -33.81 56.36 35.56
C VAL OA 156 -33.15 57.06 34.40
N ILE OA 157 -33.63 58.26 34.09
CA ILE OA 157 -33.16 59.03 32.95
C ILE OA 157 -32.57 60.32 33.47
N TRP OA 158 -31.32 60.56 33.13
CA TRP OA 158 -30.56 61.67 33.67
C TRP OA 158 -30.56 62.85 32.69
N ASP OA 159 -30.13 63.99 33.19
CA ASP OA 159 -29.85 65.13 32.33
C ASP OA 159 -28.84 64.73 31.28
N SER OA 160 -29.15 65.02 30.01
CA SER OA 160 -28.27 64.58 28.93
C SER OA 160 -26.94 65.32 28.97
N ASN OA 161 -26.91 66.53 29.51
CA ASN OA 161 -25.68 67.32 29.58
C ASN OA 161 -25.01 67.14 30.95
N SER OA 162 -24.68 65.90 31.28
CA SER OA 162 -23.96 65.58 32.50
C SER OA 162 -22.74 64.75 32.14
N LYS OA 163 -21.56 65.27 32.45
CA LYS OA 163 -20.31 64.60 32.13
C LYS OA 163 -19.58 64.13 33.38
N LEU OA 164 -20.34 63.75 34.40
CA LEU OA 164 -19.76 63.25 35.65
C LEU OA 164 -20.34 61.88 35.95
N MET OA 165 -19.50 60.98 36.43
CA MET OA 165 -19.92 59.60 36.65
C MET OA 165 -21.02 59.52 37.69
N ASP OA 166 -20.92 60.32 38.74
CA ASP OA 166 -21.91 60.30 39.81
C ASP OA 166 -23.08 61.23 39.54
N LYS OA 167 -23.04 61.98 38.44
CA LYS OA 167 -24.13 62.87 38.03
C LYS OA 167 -24.44 63.93 39.08
N SER OA 168 -23.39 64.46 39.72
CA SER OA 168 -23.60 65.61 40.61
C SER OA 168 -23.97 66.85 39.82
N ASP OA 169 -23.41 67.01 38.62
CA ASP OA 169 -23.73 68.16 37.78
C ASP OA 169 -24.97 67.94 36.92
N ALA OA 170 -25.61 66.79 37.01
CA ALA OA 170 -26.93 66.63 36.42
C ALA OA 170 -27.91 67.51 37.19
N ARG OA 171 -28.72 68.28 36.45
CA ARG OA 171 -29.60 69.24 37.08
C ARG OA 171 -31.06 68.87 37.00
N HIS OA 172 -31.42 67.77 36.35
CA HIS OA 172 -32.76 67.24 36.43
C HIS OA 172 -32.74 65.76 36.06
N CYS OA 173 -33.50 64.97 36.81
CA CYS OA 173 -33.61 63.54 36.55
C CYS OA 173 -35.07 63.12 36.58
N THR OA 174 -35.44 62.21 35.70
CA THR OA 174 -36.81 61.70 35.63
C THR OA 174 -36.82 60.20 35.86
N VAL OA 175 -37.60 59.75 36.83
CA VAL OA 175 -37.72 58.34 37.20
C VAL OA 175 -39.10 57.86 36.79
N ILE OA 176 -39.16 56.71 36.12
CA ILE OA 176 -40.41 56.17 35.59
C ILE OA 176 -40.89 55.06 36.52
N HIS OA 177 -42.13 55.17 36.97
CA HIS OA 177 -42.77 54.19 37.83
C HIS OA 177 -43.83 53.46 37.02
N SER OA 178 -43.73 52.13 37.01
CA SER OA 178 -44.71 51.28 36.29
C SER OA 178 -45.39 50.36 37.29
N MET OA 179 -46.70 50.23 37.25
CA MET OA 179 -47.47 49.48 38.23
C MET OA 179 -48.68 48.85 37.54
N SER OA 180 -49.31 47.93 38.27
CA SER OA 180 -50.59 47.37 37.90
C SER OA 180 -51.71 48.21 38.50
N GLN OA 181 -52.95 47.72 38.46
CA GLN OA 181 -54.07 48.51 38.95
C GLN OA 181 -53.99 48.71 40.46
N ASN OA 182 -53.70 47.65 41.20
CA ASN OA 182 -53.60 47.79 42.65
C ASN OA 182 -52.44 48.70 43.04
N GLY OA 183 -51.30 48.54 42.38
CA GLY OA 183 -50.17 49.41 42.66
C GLY OA 183 -50.49 50.85 42.37
N TRP OA 184 -51.25 51.11 41.30
CA TRP OA 184 -51.65 52.49 41.00
C TRP OA 184 -52.58 53.03 42.06
N GLU OA 185 -53.51 52.20 42.54
CA GLU OA 185 -54.39 52.65 43.61
C GLU OA 185 -53.58 53.05 44.83
N ASP OA 186 -52.58 52.25 45.18
CA ASP OA 186 -51.75 52.57 46.34
C ASP OA 186 -50.91 53.82 46.12
N PHE OA 187 -50.38 53.99 44.90
CA PHE OA 187 -49.60 55.18 44.59
C PHE OA 187 -50.46 56.43 44.72
N ALA OA 188 -51.69 56.38 44.21
CA ALA OA 188 -52.59 57.51 44.33
C ALA OA 188 -52.94 57.78 45.78
N GLU OA 189 -53.18 56.72 46.55
CA GLU OA 189 -53.47 56.91 47.98
C GLU OA 189 -52.29 57.55 48.69
N LYS OA 190 -51.07 57.13 48.34
CA LYS OA 190 -49.88 57.60 49.03
C LYS OA 190 -49.50 59.03 48.65
N TYR OA 191 -49.71 59.43 47.40
CA TYR OA 191 -49.38 60.78 46.98
C TYR OA 191 -50.60 61.69 46.87
N ASP OA 192 -51.75 61.27 47.41
CA ASP OA 192 -52.96 62.07 47.41
C ASP OA 192 -53.36 62.50 45.99
N LEU OA 193 -53.22 61.57 45.05
CA LEU OA 193 -53.67 61.78 43.69
C LEU OA 193 -55.06 61.21 43.50
N ASP OA 194 -55.62 61.40 42.31
CA ASP OA 194 -56.91 60.82 41.96
C ASP OA 194 -56.69 59.41 41.42
N ALA OA 195 -57.35 58.43 42.03
CA ALA OA 195 -57.23 57.05 41.58
C ALA OA 195 -58.13 56.74 40.40
N ASP OA 196 -59.06 57.63 40.05
CA ASP OA 196 -59.92 57.38 38.89
C ASP OA 196 -59.19 57.63 37.57
N ASP OA 197 -58.35 58.65 37.52
CA ASP OA 197 -57.66 59.04 36.29
C ASP OA 197 -56.37 58.24 36.19
N ILE OA 198 -56.42 57.12 35.47
CA ILE OA 198 -55.24 56.25 35.33
C ILE OA 198 -54.18 56.99 34.53
N PRO OA 199 -52.95 57.09 35.03
CA PRO OA 199 -51.91 57.85 34.32
C PRO OA 199 -51.36 57.06 33.15
N SER OA 200 -50.46 57.71 32.41
CA SER OA 200 -49.79 57.09 31.28
C SER OA 200 -48.49 57.83 31.04
N PHE OA 201 -47.52 57.12 30.48
CA PHE OA 201 -46.21 57.68 30.21
C PHE OA 201 -45.53 56.82 29.16
N GLN OA 202 -44.26 57.10 28.91
CA GLN OA 202 -43.48 56.32 27.95
C GLN OA 202 -43.09 54.99 28.59
N ASN OA 203 -43.62 53.91 28.04
CA ASN OA 203 -43.37 52.59 28.62
C ASN OA 203 -41.92 52.21 28.45
N PRO OA 204 -41.20 51.88 29.53
CA PRO OA 204 -39.79 51.51 29.42
C PRO OA 204 -39.53 50.02 29.25
N ASN OA 205 -40.55 49.19 29.04
CA ASN OA 205 -40.39 47.76 28.93
C ASN OA 205 -40.92 47.26 27.60
N ASP OA 206 -40.38 46.11 27.17
CA ASP OA 206 -40.77 45.46 25.93
C ASP OA 206 -41.29 44.07 26.24
N TRP OA 207 -42.34 43.66 25.52
CA TRP OA 207 -42.95 42.35 25.71
C TRP OA 207 -42.24 41.34 24.82
N VAL OA 208 -41.01 41.00 25.23
CA VAL OA 208 -40.15 40.14 24.42
C VAL OA 208 -40.26 38.68 24.85
N PHE OA 209 -40.61 38.43 26.10
CA PHE OA 209 -40.80 37.10 26.67
C PHE OA 209 -42.29 36.84 26.91
N PRO OA 210 -42.79 35.62 26.72
CA PRO OA 210 -44.23 35.38 26.93
C PRO OA 210 -44.61 35.48 28.39
N TRP OA 211 -45.31 36.55 28.77
CA TRP OA 211 -45.50 36.88 30.18
C TRP OA 211 -46.97 36.95 30.58
N LEU OA 212 -47.90 36.56 29.71
CA LEU OA 212 -49.32 36.59 30.03
C LEU OA 212 -49.78 38.00 30.32
N THR OA 213 -49.32 38.59 31.42
CA THR OA 213 -49.69 39.95 31.78
C THR OA 213 -48.44 40.75 32.12
N GLN OA 214 -48.53 42.05 31.88
CA GLN OA 214 -47.43 42.96 32.17
C GLN OA 214 -48.04 44.28 32.63
N ASP OA 215 -47.42 44.90 33.63
CA ASP OA 215 -47.96 46.13 34.19
C ASP OA 215 -47.93 47.25 33.16
N THR OA 216 -49.01 48.04 33.13
CA THR OA 216 -49.22 49.02 32.09
C THR OA 216 -49.64 50.39 32.60
N ILE OA 217 -49.47 50.69 33.89
CA ILE OA 217 -49.81 51.99 34.42
C ILE OA 217 -48.52 52.72 34.75
N GLN OA 218 -48.24 53.82 34.07
CA GLN OA 218 -46.95 54.47 34.21
C GLN OA 218 -47.12 55.92 34.63
N ILE OA 219 -46.11 56.41 35.35
CA ILE OA 219 -46.06 57.78 35.84
C ILE OA 219 -44.58 58.16 35.95
N ALA OA 220 -44.30 59.44 36.13
CA ALA OA 220 -42.92 59.88 36.21
C ALA OA 220 -42.74 60.86 37.36
N GLU OA 221 -41.56 60.81 37.98
CA GLU OA 221 -41.15 61.76 39.00
C GLU OA 221 -39.98 62.56 38.43
N PHE OA 222 -40.19 63.85 38.25
CA PHE OA 222 -39.21 64.74 37.65
C PHE OA 222 -38.62 65.61 38.75
N TYR OA 223 -37.37 65.34 39.12
CA TYR OA 223 -36.62 66.13 40.06
C TYR OA 223 -35.79 67.16 39.31
N GLU OA 224 -35.77 68.39 39.81
CA GLU OA 224 -34.92 69.42 39.24
C GLU OA 224 -34.22 70.17 40.36
N VAL OA 225 -33.03 70.68 40.06
CA VAL OA 225 -32.20 71.40 41.03
C VAL OA 225 -32.03 72.84 40.54
N VAL OA 226 -32.32 73.79 41.42
CA VAL OA 226 -32.20 75.21 41.10
C VAL OA 226 -31.31 75.86 42.15
N GLU OA 227 -30.25 76.55 41.70
CA GLU OA 227 -29.28 77.18 42.57
C GLU OA 227 -29.44 78.69 42.50
N LYS OA 228 -29.75 79.32 43.63
CA LYS OA 228 -30.02 80.75 43.68
C LYS OA 228 -29.55 81.33 45.00
N LYS OA 229 -29.42 82.65 45.03
CA LYS OA 229 -29.09 83.37 46.26
C LYS OA 229 -30.39 83.74 46.95
N GLU OA 230 -30.63 83.15 48.11
CA GLU OA 230 -31.83 83.44 48.87
C GLU OA 230 -31.44 84.05 50.21
N THR OA 231 -32.44 84.55 50.92
CA THR OA 231 -32.19 85.34 52.13
C THR OA 231 -31.88 84.45 53.32
N ALA OA 232 -30.85 84.83 54.07
CA ALA OA 232 -30.53 84.20 55.34
C ALA OA 232 -30.53 85.25 56.43
N PHE OA 233 -31.12 84.93 57.57
CA PHE OA 233 -31.27 85.87 58.67
C PHE OA 233 -30.17 85.63 59.70
N ILE OA 234 -29.39 86.65 59.98
CA ILE OA 234 -28.35 86.59 60.99
C ILE OA 234 -28.99 86.92 62.33
N TYR OA 235 -28.90 86.00 63.28
CA TYR OA 235 -29.46 86.18 64.61
C TYR OA 235 -28.33 86.24 65.63
N GLN OA 236 -28.71 86.27 66.90
CA GLN OA 236 -27.76 86.26 68.01
C GLN OA 236 -28.23 85.22 69.01
N ASP OA 237 -27.41 84.20 69.22
CA ASP OA 237 -27.82 83.06 70.03
C ASP OA 237 -27.96 83.48 71.49
N PRO OA 238 -29.10 83.21 72.13
CA PRO OA 238 -29.24 83.57 73.54
C PRO OA 238 -28.26 82.88 74.47
N VAL OA 239 -27.61 81.80 74.02
CA VAL OA 239 -26.57 81.17 74.82
C VAL OA 239 -25.21 81.81 74.54
N THR OA 240 -24.75 81.74 73.30
CA THR OA 240 -23.46 82.31 72.92
C THR OA 240 -23.33 82.28 71.40
N GLY OA 241 -22.71 83.33 70.85
CA GLY OA 241 -22.45 83.39 69.43
C GLY OA 241 -23.57 84.03 68.63
N GLU OA 242 -23.53 83.77 67.33
CA GLU OA 242 -24.56 84.24 66.41
C GLU OA 242 -24.88 83.14 65.40
N PRO OA 243 -26.14 82.73 65.27
CA PRO OA 243 -26.51 81.74 64.26
C PRO OA 243 -26.97 82.40 62.97
N VAL OA 244 -27.05 81.57 61.94
CA VAL OA 244 -27.60 81.95 60.64
C VAL OA 244 -28.67 80.94 60.28
N SER OA 245 -29.84 81.43 59.89
CA SER OA 245 -30.95 80.55 59.52
C SER OA 245 -31.58 81.07 58.24
N TYR OA 246 -32.00 80.16 57.37
CA TYR OA 246 -32.56 80.54 56.08
C TYR OA 246 -33.97 81.08 56.24
N PHE OA 247 -34.28 82.12 55.47
CA PHE OA 247 -35.57 82.78 55.60
C PHE OA 247 -36.72 81.87 55.18
N LYS OA 248 -36.50 81.06 54.15
CA LYS OA 248 -37.56 80.18 53.67
C LYS OA 248 -37.92 79.13 54.72
N ARG OA 249 -36.94 78.63 55.47
CA ARG OA 249 -37.19 77.57 56.42
C ARG OA 249 -37.88 78.05 57.69
N ASP OA 250 -37.97 79.36 57.92
CA ASP OA 250 -38.71 79.92 59.05
C ASP OA 250 -39.52 81.12 58.60
N ILE OA 251 -40.07 81.04 57.39
CA ILE OA 251 -40.74 82.20 56.78
C ILE OA 251 -41.92 82.65 57.62
N LYS OA 252 -42.77 81.72 58.04
CA LYS OA 252 -43.98 82.10 58.75
C LYS OA 252 -44.17 81.31 60.03
N ASP OA 253 -43.57 80.12 60.09
CA ASP OA 253 -43.83 79.24 61.22
C ASP OA 253 -43.27 79.81 62.52
N VAL OA 254 -42.00 80.22 62.53
CA VAL OA 254 -41.39 80.68 63.77
C VAL OA 254 -40.69 82.02 63.55
N ILE OA 255 -41.08 82.75 62.51
CA ILE OA 255 -40.41 84.00 62.19
C ILE OA 255 -40.54 85.00 63.33
N ASP OA 256 -41.61 84.91 64.13
CA ASP OA 256 -41.76 85.71 65.33
C ASP OA 256 -41.47 84.92 66.59
N ASP OA 257 -41.63 83.59 66.55
CA ASP OA 257 -41.32 82.78 67.73
C ASP OA 257 -39.85 82.83 68.08
N LEU OA 258 -38.97 83.03 67.09
CA LEU OA 258 -37.56 83.22 67.41
C LEU OA 258 -37.36 84.43 68.30
N ALA OA 259 -37.92 85.57 67.90
CA ALA OA 259 -37.81 86.78 68.70
C ALA OA 259 -38.48 86.61 70.06
N ASP OA 260 -39.66 86.01 70.08
CA ASP OA 260 -40.38 85.82 71.33
C ASP OA 260 -39.60 84.93 72.29
N SER OA 261 -38.90 83.93 71.77
CA SER OA 261 -38.04 83.10 72.60
C SER OA 261 -36.83 83.90 73.08
N GLY OA 262 -36.36 84.86 72.29
CA GLY OA 262 -35.30 85.72 72.77
C GLY OA 262 -34.17 85.94 71.80
N PHE OA 263 -34.36 85.51 70.56
CA PHE OA 263 -33.41 85.78 69.50
C PHE OA 263 -33.61 87.20 68.99
N ILE OA 264 -32.51 87.93 68.83
CA ILE OA 264 -32.55 89.29 68.31
C ILE OA 264 -31.87 89.30 66.95
N LYS OA 265 -32.58 89.80 65.94
CA LYS OA 265 -32.01 89.88 64.60
C LYS OA 265 -30.86 90.89 64.58
N ILE OA 266 -29.81 90.54 63.85
CA ILE OA 266 -28.62 91.37 63.75
C ILE OA 266 -28.39 91.82 62.32
N ALA OA 267 -28.50 90.92 61.36
CA ALA OA 267 -28.21 91.24 59.97
C ALA OA 267 -29.05 90.34 59.07
N GLU OA 268 -29.11 90.70 57.79
CA GLU OA 268 -29.79 89.92 56.78
C GLU OA 268 -28.87 89.81 55.57
N ARG OA 269 -28.48 88.59 55.22
CA ARG OA 269 -27.56 88.35 54.13
C ARG OA 269 -28.26 87.57 53.02
N GLN OA 270 -27.53 87.37 51.93
CA GLN OA 270 -28.00 86.61 50.78
C GLN OA 270 -27.00 85.51 50.50
N ILE OA 271 -27.39 84.27 50.74
CA ILE OA 271 -26.51 83.11 50.61
C ILE OA 271 -27.02 82.22 49.49
N LYS OA 272 -26.10 81.71 48.69
CA LYS OA 272 -26.42 80.91 47.52
C LYS OA 272 -26.52 79.45 47.90
N ARG OA 273 -27.59 78.81 47.45
CA ARG OA 273 -27.86 77.42 47.80
C ARG OA 273 -28.72 76.80 46.72
N ARG OA 274 -28.76 75.47 46.73
CA ARG OA 274 -29.51 74.68 45.77
C ARG OA 274 -30.74 74.10 46.44
N ARG OA 275 -31.88 74.20 45.76
CA ARG OA 275 -33.13 73.61 46.19
C ARG OA 275 -33.59 72.60 45.16
N VAL OA 276 -34.18 71.50 45.64
CA VAL OA 276 -34.62 70.41 44.79
C VAL OA 276 -36.13 70.34 44.82
N TYR OA 277 -36.74 70.34 43.64
CA TYR OA 277 -38.19 70.28 43.50
C TYR OA 277 -38.56 69.02 42.73
N LYS OA 278 -39.59 68.33 43.20
CA LYS OA 278 -40.12 67.15 42.56
C LYS OA 278 -41.50 67.41 41.99
N SER OA 279 -41.74 66.91 40.79
CA SER OA 279 -43.04 67.01 40.14
C SER OA 279 -43.47 65.61 39.75
N ILE OA 280 -44.76 65.32 39.87
CA ILE OA 280 -45.31 64.05 39.41
C ILE OA 280 -46.04 64.32 38.11
N ILE OA 281 -45.61 63.67 37.03
CA ILE OA 281 -46.13 63.96 35.70
C ILE OA 281 -46.57 62.68 35.02
N THR OA 282 -47.47 62.84 34.07
CA THR OA 282 -47.84 61.82 33.10
C THR OA 282 -47.55 62.38 31.71
N CYS OA 283 -47.98 61.65 30.68
CA CYS OA 283 -47.68 62.09 29.33
C CYS OA 283 -48.56 63.24 28.87
N THR OA 284 -49.61 63.58 29.62
CA THR OA 284 -50.54 64.62 29.21
C THR OA 284 -50.77 65.71 30.24
N ALA OA 285 -50.47 65.49 31.51
CA ALA OA 285 -50.76 66.48 32.54
C ALA OA 285 -49.70 66.42 33.62
N VAL OA 286 -49.62 67.49 34.40
CA VAL OA 286 -48.75 67.59 35.56
C VAL OA 286 -49.62 67.45 36.79
N LEU OA 287 -49.36 66.43 37.60
CA LEU OA 287 -50.20 66.15 38.76
C LEU OA 287 -49.79 67.00 39.97
N LYS OA 288 -48.53 66.88 40.38
CA LYS OA 288 -47.95 67.73 41.41
C LYS OA 288 -46.94 68.65 40.75
N ASP OA 289 -47.00 69.93 41.08
CA ASP OA 289 -46.30 70.92 40.25
C ASP OA 289 -44.81 71.03 40.59
N LYS OA 290 -44.50 71.52 41.78
CA LYS OA 290 -43.10 71.77 42.14
C LYS OA 290 -42.86 71.48 43.61
N GLN OA 291 -43.37 70.36 44.11
CA GLN OA 291 -43.27 70.11 45.54
C GLN OA 291 -41.82 70.07 45.98
N LEU OA 292 -41.45 70.97 46.90
CA LEU OA 292 -40.07 71.08 47.33
C LEU OA 292 -39.70 69.94 48.26
N ILE OA 293 -38.61 69.25 47.96
CA ILE OA 293 -38.20 68.10 48.77
C ILE OA 293 -36.94 68.47 49.56
N ALA OA 294 -36.55 67.56 50.45
CA ALA OA 294 -35.37 67.77 51.26
C ALA OA 294 -34.10 67.57 50.44
N GLY OA 295 -33.02 68.14 50.93
CA GLY OA 295 -31.72 67.96 50.31
C GLY OA 295 -31.36 69.10 49.38
N GLU OA 296 -30.07 69.19 49.08
CA GLU OA 296 -29.56 70.09 48.05
C GLU OA 296 -29.21 69.36 46.77
N HIS OA 297 -29.43 68.05 46.72
CA HIS OA 297 -29.03 67.23 45.59
C HIS OA 297 -30.19 66.33 45.18
N ILE OA 298 -30.12 65.85 43.95
CA ILE OA 298 -31.12 64.88 43.47
C ILE OA 298 -30.92 63.56 44.21
N PRO OA 299 -31.98 62.97 44.77
CA PRO OA 299 -31.82 61.85 45.70
C PRO OA 299 -31.51 60.51 45.05
N ILE OA 300 -31.12 60.47 43.79
CA ILE OA 300 -30.79 59.23 43.10
C ILE OA 300 -29.28 59.10 43.00
N VAL OA 301 -28.76 57.95 43.40
CA VAL OA 301 -27.33 57.67 43.35
C VAL OA 301 -27.10 56.59 42.29
N PRO OA 302 -26.35 56.87 41.22
CA PRO OA 302 -26.05 55.84 40.23
C PRO OA 302 -24.71 55.16 40.44
N VAL OA 303 -24.64 53.88 40.05
CA VAL OA 303 -23.42 53.09 40.08
C VAL OA 303 -23.15 52.61 38.66
N PHE OA 304 -21.93 52.83 38.18
CA PHE OA 304 -21.58 52.47 36.82
C PHE OA 304 -20.49 51.41 36.83
N GLY OA 305 -20.33 50.75 35.68
CA GLY OA 305 -19.28 49.78 35.51
C GLY OA 305 -18.10 50.36 34.76
N GLU OA 306 -18.02 50.08 33.46
CA GLU OA 306 -17.08 50.77 32.58
C GLU OA 306 -17.84 51.92 31.94
N TRP OA 307 -17.54 53.14 32.37
CA TRP OA 307 -18.31 54.31 31.98
C TRP OA 307 -17.42 55.29 31.24
N GLY OA 308 -17.96 55.88 30.17
CA GLY OA 308 -17.18 56.87 29.44
C GLY OA 308 -18.06 57.59 28.45
N PHE OA 309 -17.44 58.50 27.72
CA PHE OA 309 -18.08 59.23 26.63
C PHE OA 309 -17.28 58.98 25.36
N VAL OA 310 -17.93 58.50 24.32
CA VAL OA 310 -17.20 58.19 23.11
C VAL OA 310 -17.04 59.47 22.30
N GLU OA 311 -18.15 60.01 21.82
CA GLU OA 311 -18.15 61.29 21.12
C GLU OA 311 -19.47 61.97 21.52
N ASP OA 312 -19.42 62.72 22.60
CA ASP OA 312 -20.59 63.44 23.11
C ASP OA 312 -21.76 62.49 23.40
N LYS OA 313 -21.49 61.20 23.59
CA LYS OA 313 -22.54 60.32 24.09
C LYS OA 313 -21.94 59.27 25.00
N GLU OA 314 -22.70 58.96 26.04
CA GLU OA 314 -22.25 58.07 27.11
C GLU OA 314 -22.33 56.61 26.69
N VAL OA 315 -21.35 55.84 27.12
CA VAL OA 315 -21.36 54.39 26.97
C VAL OA 315 -21.00 53.78 28.32
N TYR OA 316 -21.84 52.88 28.81
CA TYR OA 316 -21.55 52.12 30.01
C TYR OA 316 -21.69 50.64 29.70
N GLU OA 317 -20.74 49.86 30.19
CA GLU OA 317 -20.61 48.45 29.85
C GLU OA 317 -20.30 47.65 31.11
N GLY OA 318 -20.72 46.40 31.12
CA GLY OA 318 -20.48 45.55 32.27
C GLY OA 318 -19.45 44.49 32.02
N VAL OA 319 -19.85 43.23 32.05
CA VAL OA 319 -18.95 42.12 31.80
C VAL OA 319 -19.58 41.22 30.74
N VAL OA 320 -20.86 41.46 30.44
CA VAL OA 320 -21.62 40.59 29.56
C VAL OA 320 -21.67 41.10 28.12
N ARG OA 321 -21.54 42.41 27.90
CA ARG OA 321 -21.74 42.94 26.56
C ARG OA 321 -20.76 42.38 25.54
N LEU OA 322 -19.57 41.97 25.99
CA LEU OA 322 -18.55 41.52 25.06
C LEU OA 322 -18.44 40.00 24.96
N THR OA 323 -19.30 39.26 25.65
CA THR OA 323 -19.31 37.81 25.55
C THR OA 323 -20.52 37.27 24.81
N LYS OA 324 -21.44 38.15 24.41
CA LYS OA 324 -22.68 37.71 23.78
C LYS OA 324 -22.41 37.00 22.46
N ASP OA 325 -21.47 37.51 21.67
CA ASP OA 325 -21.16 36.92 20.39
C ASP OA 325 -20.68 35.47 20.54
N GLY OA 326 -19.66 35.27 21.38
CA GLY OA 326 -19.13 33.94 21.56
C GLY OA 326 -20.10 33.00 22.22
N GLN OA 327 -20.88 33.49 23.19
CA GLN OA 327 -21.84 32.62 23.85
C GLN OA 327 -22.96 32.19 22.90
N ARG OA 328 -23.43 33.11 22.06
CA ARG OA 328 -24.42 32.75 21.05
C ARG OA 328 -23.85 31.75 20.06
N LEU OA 329 -22.59 31.93 19.65
CA LEU OA 329 -21.98 30.96 18.76
C LEU OA 329 -21.87 29.58 19.40
N ARG OA 330 -21.49 29.53 20.68
CA ARG OA 330 -21.37 28.25 21.36
C ARG OA 330 -22.72 27.57 21.49
N ASN OA 331 -23.76 28.32 21.84
CA ASN OA 331 -25.11 27.75 21.90
C ASN OA 331 -25.54 27.21 20.54
N MET OA 332 -25.29 27.97 19.47
CA MET OA 332 -25.69 27.54 18.14
C MET OA 332 -24.96 26.26 17.73
N ILE OA 333 -23.66 26.21 17.97
CA ILE OA 333 -22.88 25.03 17.57
C ILE OA 333 -23.32 23.81 18.36
N MET OA 334 -23.57 23.97 19.66
CA MET OA 334 -24.01 22.82 20.45
C MET OA 334 -25.40 22.37 20.05
N SER OA 335 -26.27 23.31 19.66
CA SER OA 335 -27.58 22.92 19.15
C SER OA 335 -27.45 22.14 17.85
N PHE OA 336 -26.59 22.60 16.95
CA PHE OA 336 -26.39 21.89 15.69
C PHE OA 336 -25.89 20.47 15.93
N ASN OA 337 -24.94 20.31 16.87
CA ASN OA 337 -24.41 18.98 17.13
C ASN OA 337 -25.43 18.09 17.82
N ALA OA 338 -26.27 18.65 18.68
CA ALA OA 338 -27.36 17.87 19.24
C ALA OA 338 -28.30 17.39 18.14
N ASP OA 339 -28.58 18.25 17.17
CA ASP OA 339 -29.38 17.87 16.01
C ASP OA 339 -28.72 16.72 15.26
N ILE OA 340 -27.40 16.81 15.08
CA ILE OA 340 -26.65 15.73 14.41
C ILE OA 340 -26.87 14.42 15.15
N VAL OA 341 -26.74 14.44 16.47
CA VAL OA 341 -26.86 13.21 17.25
C VAL OA 341 -28.27 12.65 17.14
N ALA OA 342 -29.28 13.51 17.19
CA ALA OA 342 -30.65 13.03 17.22
C ALA OA 342 -31.13 12.56 15.85
N ARG OA 343 -31.22 13.48 14.88
CA ARG OA 343 -31.88 13.16 13.61
C ARG OA 343 -30.86 12.76 12.56
N THR OA 344 -30.26 11.60 12.77
CA THR OA 344 -29.35 11.09 11.76
C THR OA 344 -29.46 9.57 11.73
N PRO OA 345 -29.45 8.97 10.55
CA PRO OA 345 -29.57 7.52 10.47
C PRO OA 345 -28.39 6.83 11.11
N LYS OA 346 -28.65 5.68 11.71
CA LYS OA 346 -27.62 4.94 12.42
C LYS OA 346 -26.82 4.08 11.45
N LYS OA 347 -25.92 3.28 11.99
CA LYS OA 347 -25.02 2.46 11.18
C LYS OA 347 -25.60 1.06 11.05
N LYS OA 348 -26.19 0.77 9.89
CA LYS OA 348 -26.81 -0.49 9.60
C LYS OA 348 -26.37 -0.92 8.21
N PRO OA 349 -26.49 -2.22 7.88
CA PRO OA 349 -26.04 -2.69 6.58
C PRO OA 349 -26.96 -2.26 5.45
N PHE OA 350 -26.43 -2.35 4.24
CA PHE OA 350 -27.19 -2.14 3.01
C PHE OA 350 -27.41 -3.49 2.35
N PHE OA 351 -28.67 -3.84 2.13
CA PHE OA 351 -29.03 -5.15 1.60
C PHE OA 351 -29.90 -5.01 0.37
N TRP OA 352 -29.70 -5.87 -0.59
CA TRP OA 352 -30.77 -6.05 -1.54
C TRP OA 352 -31.83 -6.96 -0.92
N PRO OA 353 -33.10 -6.77 -1.25
CA PRO OA 353 -34.13 -7.65 -0.68
C PRO OA 353 -33.92 -9.11 -1.02
N GLU OA 354 -33.41 -9.42 -2.21
CA GLU OA 354 -33.21 -10.80 -2.61
C GLU OA 354 -32.07 -11.48 -1.86
N GLN OA 355 -31.10 -10.71 -1.36
CA GLN OA 355 -29.99 -11.32 -0.62
C GLN OA 355 -30.47 -11.97 0.66
N ILE OA 356 -31.42 -11.34 1.35
CA ILE OA 356 -31.89 -11.81 2.64
C ILE OA 356 -33.35 -12.25 2.58
N ALA OA 357 -33.90 -12.43 1.39
CA ALA OA 357 -35.27 -12.90 1.28
C ALA OA 357 -35.40 -14.28 1.92
N GLY OA 358 -36.30 -14.38 2.89
CA GLY OA 358 -36.50 -15.60 3.64
C GLY OA 358 -35.70 -15.71 4.91
N PHE OA 359 -34.74 -14.80 5.13
CA PHE OA 359 -33.91 -14.81 6.32
C PHE OA 359 -34.02 -13.52 7.11
N GLU OA 360 -35.06 -12.72 6.88
CA GLU OA 360 -35.09 -11.40 7.51
C GLU OA 360 -35.38 -11.45 8.99
N HIS OA 361 -35.69 -12.62 9.55
CA HIS OA 361 -35.75 -12.73 11.00
C HIS OA 361 -34.39 -13.02 11.62
N MET OA 362 -33.37 -13.28 10.79
CA MET OA 362 -32.02 -13.49 11.27
C MET OA 362 -31.27 -12.20 11.52
N TYR OA 363 -31.81 -11.08 11.05
CA TYR OA 363 -31.11 -9.79 11.10
C TYR OA 363 -31.83 -8.77 11.96
N ASP OA 364 -32.85 -9.17 12.71
CA ASP OA 364 -33.62 -8.20 13.48
C ASP OA 364 -33.00 -7.89 14.84
N GLY OA 365 -31.88 -8.53 15.18
CA GLY OA 365 -31.16 -8.20 16.39
C GLY OA 365 -31.22 -9.23 17.49
N ASN OA 366 -31.84 -10.38 17.25
CA ASN OA 366 -31.86 -11.44 18.24
C ASN OA 366 -30.55 -12.21 18.22
N ASP OA 367 -30.38 -13.12 19.17
CA ASP OA 367 -29.18 -13.93 19.26
C ASP OA 367 -29.53 -15.40 19.38
N ASP OA 368 -30.49 -15.86 18.59
CA ASP OA 368 -30.86 -17.27 18.58
C ASP OA 368 -30.09 -18.07 17.53
N TYR OA 369 -29.26 -17.41 16.73
CA TYR OA 369 -28.61 -18.05 15.61
C TYR OA 369 -27.11 -17.90 15.73
N PRO OA 370 -26.34 -18.88 15.24
CA PRO OA 370 -24.88 -18.81 15.34
C PRO OA 370 -24.21 -18.08 14.19
N TYR OA 371 -24.94 -17.75 13.13
CA TYR OA 371 -24.37 -17.08 11.97
C TYR OA 371 -25.50 -16.46 11.18
N TYR OA 372 -25.14 -15.78 10.09
CA TYR OA 372 -26.11 -15.12 9.22
C TYR OA 372 -26.11 -15.80 7.87
N LEU OA 373 -27.28 -16.11 7.35
CA LEU OA 373 -27.43 -16.80 6.08
C LEU OA 373 -27.85 -15.81 5.01
N LEU OA 374 -27.39 -16.05 3.78
CA LEU OA 374 -27.67 -15.21 2.63
C LEU OA 374 -28.14 -16.06 1.47
N ASN OA 375 -28.50 -15.39 0.38
CA ASN OA 375 -28.83 -16.04 -0.88
C ASN OA 375 -27.75 -15.78 -1.90
N ARG OA 376 -27.47 -16.81 -2.69
CA ARG OA 376 -26.53 -16.81 -3.78
C ARG OA 376 -27.16 -16.86 -5.16
N THR OA 377 -28.23 -17.63 -5.33
CA THR OA 377 -28.78 -17.91 -6.65
C THR OA 377 -30.03 -17.11 -6.93
N ASP OA 378 -30.20 -16.84 -8.21
CA ASP OA 378 -31.41 -16.28 -8.80
C ASP OA 378 -31.76 -17.10 -10.02
N GLU OA 379 -33.05 -17.15 -10.37
CA GLU OA 379 -33.46 -18.03 -11.44
C GLU OA 379 -33.36 -17.41 -12.82
N ASN OA 380 -33.00 -16.13 -12.92
CA ASN OA 380 -32.79 -15.49 -14.21
C ASN OA 380 -31.33 -15.19 -14.50
N SER OA 381 -30.59 -14.69 -13.51
CA SER OA 381 -29.18 -14.40 -13.68
C SER OA 381 -28.30 -15.56 -13.26
N GLY OA 382 -28.87 -16.65 -12.76
CA GLY OA 382 -28.10 -17.77 -12.29
C GLY OA 382 -27.57 -17.56 -10.88
N ASP OA 383 -26.69 -16.57 -10.71
CA ASP OA 383 -26.03 -16.31 -9.45
C ASP OA 383 -26.14 -14.83 -9.13
N LEU OA 384 -26.38 -14.52 -7.86
CA LEU OA 384 -26.48 -13.13 -7.45
C LEU OA 384 -25.12 -12.45 -7.59
N PRO OA 385 -25.10 -11.18 -7.99
CA PRO OA 385 -23.83 -10.44 -7.98
C PRO OA 385 -23.27 -10.35 -6.57
N THR OA 386 -21.96 -10.48 -6.46
CA THR OA 386 -21.29 -10.52 -5.16
C THR OA 386 -20.52 -9.22 -4.96
N GLN OA 387 -21.04 -8.35 -4.11
CA GLN OA 387 -20.44 -7.06 -3.80
C GLN OA 387 -20.05 -7.02 -2.34
N PRO OA 388 -18.97 -6.32 -2.00
CA PRO OA 388 -18.59 -6.19 -0.60
C PRO OA 388 -19.68 -5.49 0.19
N LEU OA 389 -19.91 -5.95 1.42
CA LEU OA 389 -20.99 -5.41 2.23
C LEU OA 389 -20.68 -3.97 2.63
N ALA OA 390 -21.72 -3.14 2.62
CA ALA OA 390 -21.60 -1.73 2.93
C ALA OA 390 -22.50 -1.40 4.11
N TYR OA 391 -22.04 -0.46 4.93
CA TYR OA 391 -22.77 -0.01 6.10
C TYR OA 391 -22.94 1.49 6.04
N TYR OA 392 -24.02 1.99 6.63
CA TYR OA 392 -24.17 3.43 6.75
C TYR OA 392 -23.06 3.97 7.65
N GLU OA 393 -22.43 5.06 7.22
CA GLU OA 393 -21.30 5.56 7.97
C GLU OA 393 -21.76 6.19 9.27
N ASN OA 394 -20.94 6.03 10.30
CA ASN OA 394 -21.29 6.48 11.64
C ASN OA 394 -21.46 8.00 11.67
N PRO OA 395 -22.36 8.51 12.49
CA PRO OA 395 -22.46 9.96 12.67
C PRO OA 395 -21.19 10.54 13.27
N GLU OA 396 -20.86 11.75 12.85
CA GLU OA 396 -19.64 12.40 13.27
C GLU OA 396 -19.88 13.91 13.41
N VAL OA 397 -19.25 14.50 14.41
CA VAL OA 397 -19.27 15.96 14.56
C VAL OA 397 -18.16 16.52 13.66
N PRO OA 398 -18.48 17.43 12.74
CA PRO OA 398 -17.46 17.95 11.84
C PRO OA 398 -16.34 18.66 12.58
N GLN OA 399 -15.16 18.61 11.99
CA GLN OA 399 -14.02 19.31 12.57
C GLN OA 399 -14.31 20.80 12.68
N ALA OA 400 -15.09 21.36 11.76
CA ALA OA 400 -15.45 22.77 11.87
C ALA OA 400 -16.28 23.03 13.12
N ASN OA 401 -17.27 22.18 13.39
CA ASN OA 401 -18.08 22.35 14.60
C ASN OA 401 -17.23 22.22 15.85
N ALA OA 402 -16.36 21.22 15.90
CA ALA OA 402 -15.52 21.04 17.08
C ALA OA 402 -14.58 22.22 17.27
N TYR OA 403 -13.91 22.63 16.19
CA TYR OA 403 -12.96 23.72 16.25
C TYR OA 403 -13.64 25.00 16.72
N MET OA 404 -14.82 25.31 16.18
CA MET OA 404 -15.47 26.55 16.55
C MET OA 404 -16.12 26.49 17.92
N LEU OA 405 -16.59 25.34 18.38
CA LEU OA 405 -17.06 25.26 19.75
C LEU OA 405 -15.91 25.55 20.72
N GLU OA 406 -14.76 24.93 20.46
CA GLU OA 406 -13.58 25.20 21.27
C GLU OA 406 -13.17 26.67 21.20
N ALA OA 407 -13.19 27.24 20.00
CA ALA OA 407 -12.72 28.61 19.82
C ALA OA 407 -13.65 29.61 20.48
N ALA OA 408 -14.96 29.42 20.33
CA ALA OA 408 -15.92 30.33 20.95
C ALA OA 408 -15.88 30.23 22.47
N THR OA 409 -15.77 29.01 23.02
CA THR OA 409 -15.63 28.88 24.46
C THR OA 409 -14.35 29.54 24.95
N SER OA 410 -13.23 29.34 24.24
CA SER OA 410 -11.98 29.98 24.63
C SER OA 410 -12.10 31.49 24.58
N ALA OA 411 -12.74 32.02 23.54
CA ALA OA 411 -12.88 33.46 23.41
C ALA OA 411 -13.73 34.03 24.54
N VAL OA 412 -14.83 33.35 24.89
CA VAL OA 412 -15.67 33.87 25.96
C VAL OA 412 -14.91 33.82 27.28
N LYS OA 413 -14.17 32.73 27.53
CA LYS OA 413 -13.34 32.66 28.72
C LYS OA 413 -12.35 33.82 28.78
N GLU OA 414 -11.73 34.15 27.65
CA GLU OA 414 -10.73 35.21 27.65
C GLU OA 414 -11.36 36.58 27.89
N VAL OA 415 -12.49 36.86 27.24
CA VAL OA 415 -13.09 38.18 27.39
C VAL OA 415 -13.69 38.36 28.78
N ALA OA 416 -14.31 37.31 29.33
CA ALA OA 416 -15.08 37.47 30.55
C ALA OA 416 -14.20 37.48 31.78
N THR OA 417 -13.17 38.34 31.79
CA THR OA 417 -12.31 38.54 32.96
C THR OA 417 -12.26 40.03 33.21
N LEU OA 418 -13.02 40.48 34.20
CA LEU OA 418 -12.98 41.88 34.61
C LEU OA 418 -11.63 42.19 35.23
N GLY OA 419 -10.89 43.12 34.63
CA GLY OA 419 -9.57 43.42 35.15
C GLY OA 419 -8.64 42.24 35.06
N VAL OA 420 -7.70 42.17 36.02
CA VAL OA 420 -6.77 41.06 36.06
C VAL OA 420 -7.43 39.84 36.69
N GLU OA 445 -10.50 40.27 39.16
CA GLU OA 445 -10.49 41.23 40.26
C GLU OA 445 -11.42 42.39 39.94
N THR OA 446 -12.06 42.92 40.98
CA THR OA 446 -13.08 43.95 40.84
C THR OA 446 -12.67 45.24 41.55
N TYR OA 447 -11.39 45.62 41.46
CA TYR OA 447 -10.95 46.85 42.10
C TYR OA 447 -11.62 48.07 41.49
N VAL OA 448 -11.69 48.14 40.16
CA VAL OA 448 -12.29 49.31 39.52
C VAL OA 448 -13.78 49.39 39.83
N PHE OA 449 -14.46 48.24 39.81
CA PHE OA 449 -15.89 48.25 40.11
C PHE OA 449 -16.15 48.63 41.57
N GLN OA 450 -15.32 48.14 42.49
CA GLN OA 450 -15.48 48.55 43.88
C GLN OA 450 -15.12 50.01 44.08
N ASP OA 451 -14.20 50.55 43.29
CA ASP OA 451 -13.91 51.97 43.38
C ASP OA 451 -15.07 52.81 42.85
N ASN OA 452 -15.73 52.34 41.79
CA ASN OA 452 -16.91 53.04 41.30
C ASN OA 452 -18.05 52.96 42.32
N LEU OA 453 -18.16 51.83 43.01
CA LEU OA 453 -19.14 51.75 44.10
C LEU OA 453 -18.76 52.68 45.24
N ALA OA 454 -17.47 52.85 45.50
CA ALA OA 454 -17.04 53.81 46.52
C ALA OA 454 -17.36 55.24 46.11
N THR OA 455 -17.24 55.54 44.81
CA THR OA 455 -17.67 56.84 44.32
C THR OA 455 -19.16 57.04 44.54
N ALA OA 456 -19.96 56.01 44.27
CA ALA OA 456 -21.38 56.10 44.53
C ALA OA 456 -21.66 56.31 46.00
N MET OA 457 -20.91 55.63 46.87
CA MET OA 457 -21.12 55.78 48.30
C MET OA 457 -20.74 57.17 48.79
N ARG OA 458 -19.68 57.75 48.25
CA ARG OA 458 -19.33 59.12 48.61
C ARG OA 458 -20.43 60.09 48.20
N ARG OA 459 -20.98 59.90 46.98
CA ARG OA 459 -22.07 60.76 46.54
C ARG OA 459 -23.30 60.58 47.44
N ASP OA 460 -23.60 59.34 47.81
CA ASP OA 460 -24.72 59.08 48.72
C ASP OA 460 -24.50 59.74 50.06
N GLY OA 461 -23.27 59.73 50.55
CA GLY OA 461 -22.97 60.41 51.80
C GLY OA 461 -23.20 61.90 51.70
N GLU OA 462 -22.80 62.50 50.58
CA GLU OA 462 -23.08 63.92 50.36
C GLU OA 462 -24.58 64.20 50.41
N ILE OA 463 -25.36 63.43 49.66
CA ILE OA 463 -26.80 63.65 49.60
C ILE OA 463 -27.41 63.47 50.98
N TYR OA 464 -27.02 62.42 51.68
CA TYR OA 464 -27.60 62.13 53.00
C TYR OA 464 -27.25 63.22 54.00
N GLN OA 465 -26.03 63.72 53.97
CA GLN OA 465 -25.66 64.81 54.86
C GLN OA 465 -26.51 66.04 54.59
N SER OA 466 -26.72 66.38 53.32
CA SER OA 466 -27.56 67.54 53.02
C SER OA 466 -29.00 67.33 53.50
N ILE OA 467 -29.54 66.12 53.30
CA ILE OA 467 -30.90 65.84 53.75
C ILE OA 467 -31.01 65.93 55.26
N VAL OA 468 -29.97 65.45 55.96
CA VAL OA 468 -29.92 65.56 57.41
C VAL OA 468 -29.98 67.01 57.85
N ASN OA 469 -29.16 67.86 57.21
CA ASN OA 469 -29.20 69.27 57.55
C ASN OA 469 -30.58 69.87 57.28
N ASP OA 470 -31.29 69.34 56.28
CA ASP OA 470 -32.59 69.91 55.95
C ASP OA 470 -33.67 69.52 56.95
N ILE OA 471 -33.75 68.26 57.34
CA ILE OA 471 -34.91 67.78 58.08
C ILE OA 471 -34.62 67.29 59.49
N TYR OA 472 -33.37 67.01 59.85
CA TYR OA 472 -33.09 66.49 61.17
C TYR OA 472 -32.83 67.62 62.15
N ASP OA 473 -32.75 67.26 63.42
CA ASP OA 473 -32.40 68.19 64.50
C ASP OA 473 -30.92 67.98 64.82
N VAL OA 474 -30.07 68.85 64.29
CA VAL OA 474 -28.62 68.69 64.38
C VAL OA 474 -28.11 69.54 65.54
N PRO OA 475 -27.71 68.95 66.65
CA PRO OA 475 -27.20 69.75 67.77
C PRO OA 475 -25.80 70.26 67.49
N ARG OA 476 -25.40 71.25 68.28
CA ARG OA 476 -24.07 71.84 68.19
C ARG OA 476 -23.26 71.49 69.44
N ASN OA 477 -21.99 71.18 69.23
CA ASN OA 477 -21.09 70.77 70.31
C ASN OA 477 -20.38 72.01 70.86
N VAL OA 478 -20.68 72.36 72.10
CA VAL OA 478 -20.09 73.53 72.74
C VAL OA 478 -18.98 73.08 73.68
N THR OA 479 -17.93 73.89 73.76
CA THR OA 479 -16.76 73.57 74.56
C THR OA 479 -16.86 74.10 75.99
N ILE OA 480 -17.99 74.68 76.36
CA ILE OA 480 -18.18 75.17 77.72
C ILE OA 480 -18.20 74.01 78.71
N LEU OA 492 -20.33 70.01 75.96
CA LEU OA 492 -21.76 69.73 76.00
C LEU OA 492 -22.36 69.71 74.60
N MET OA 493 -23.60 69.23 74.49
CA MET OA 493 -24.25 68.99 73.21
C MET OA 493 -25.62 69.68 73.24
N ALA OA 494 -25.72 70.86 72.66
CA ALA OA 494 -26.86 71.75 72.84
C ALA OA 494 -27.74 71.76 71.60
N GLU OA 495 -29.05 71.68 71.81
CA GLU OA 495 -30.05 71.81 70.75
C GLU OA 495 -30.78 73.14 70.92
N VAL OA 496 -30.92 73.87 69.82
CA VAL OA 496 -31.66 75.12 69.79
C VAL OA 496 -32.84 74.92 68.84
N VAL OA 497 -34.04 74.79 69.40
CA VAL OA 497 -35.26 74.58 68.64
C VAL OA 497 -36.41 75.29 69.35
N ASP OA 498 -37.53 75.39 68.65
CA ASP OA 498 -38.72 76.03 69.19
C ASP OA 498 -39.94 75.52 68.44
N LEU OA 499 -41.09 75.65 69.08
CA LEU OA 499 -42.36 75.23 68.51
C LEU OA 499 -43.11 76.43 67.96
N ALA OA 500 -44.02 76.14 67.03
CA ALA OA 500 -44.89 77.16 66.46
C ALA OA 500 -46.24 77.13 67.15
N THR OA 501 -47.12 78.06 66.77
CA THR OA 501 -48.45 78.14 67.37
C THR OA 501 -49.31 76.95 67.03
N GLY OA 502 -48.99 76.21 65.96
CA GLY OA 502 -49.75 75.05 65.57
C GLY OA 502 -49.18 73.77 66.15
N GLU OA 503 -48.39 73.90 67.21
CA GLU OA 503 -47.70 72.83 67.93
C GLU OA 503 -46.59 72.18 67.11
N LYS OA 504 -46.38 72.58 65.86
CA LYS OA 504 -45.34 71.99 65.04
C LYS OA 504 -43.97 72.53 65.45
N GLN OA 505 -42.96 71.67 65.33
CA GLN OA 505 -41.58 72.04 65.65
C GLN OA 505 -40.80 72.24 64.36
N VAL OA 506 -40.16 73.40 64.24
CA VAL OA 506 -39.33 73.71 63.08
C VAL OA 506 -37.89 73.71 63.53
N LEU OA 507 -37.07 72.91 62.86
CA LEU OA 507 -35.65 72.81 63.22
C LEU OA 507 -34.95 74.13 62.96
N ASN OA 508 -34.00 74.47 63.84
CA ASN OA 508 -33.17 75.66 63.71
C ASN OA 508 -31.73 75.17 63.60
N ASP OA 509 -31.14 75.31 62.41
CA ASP OA 509 -29.78 74.85 62.17
C ASP OA 509 -28.90 76.03 61.76
N ILE OA 510 -27.74 76.14 62.40
CA ILE OA 510 -26.75 77.16 62.08
C ILE OA 510 -26.09 76.81 60.75
N ARG OA 511 -25.32 77.73 60.20
CA ARG OA 511 -24.61 77.52 58.95
C ARG OA 511 -23.21 76.91 59.15
N GLY OA 512 -22.84 76.57 60.37
CA GLY OA 512 -21.66 75.77 60.60
C GLY OA 512 -22.01 74.29 60.54
N ARG OA 513 -22.37 73.80 59.35
CA ARG OA 513 -22.91 72.46 59.19
C ARG OA 513 -21.98 71.52 58.44
N TYR OA 514 -21.35 71.98 57.37
CA TYR OA 514 -20.44 71.12 56.59
C TYR OA 514 -19.07 71.05 57.26
N GLU OA 515 -19.10 70.56 58.50
CA GLU OA 515 -17.89 70.39 59.29
C GLU OA 515 -17.24 69.03 59.11
N CYS OA 516 -17.89 68.11 58.40
CA CYS OA 516 -17.34 66.79 58.15
C CYS OA 516 -17.49 66.45 56.67
N TYR OA 517 -16.51 65.73 56.15
CA TYR OA 517 -16.49 65.28 54.77
C TYR OA 517 -16.71 63.77 54.71
N THR OA 518 -16.74 63.25 53.50
CA THR OA 518 -17.13 61.88 53.22
C THR OA 518 -15.94 61.07 52.74
N ASP OA 519 -15.66 59.97 53.43
CA ASP OA 519 -14.69 58.97 53.03
C ASP OA 519 -15.40 57.63 52.96
N VAL OA 520 -14.66 56.59 52.60
CA VAL OA 520 -15.23 55.27 52.42
C VAL OA 520 -14.53 54.29 53.35
N GLY OA 521 -15.31 53.52 54.10
CA GLY OA 521 -14.79 52.55 55.02
C GLY OA 521 -15.70 51.35 55.13
N PRO OA 522 -15.33 50.39 55.98
CA PRO OA 522 -16.13 49.17 56.11
C PRO OA 522 -17.52 49.46 56.66
N SER OA 523 -18.43 48.51 56.44
CA SER OA 523 -19.83 48.69 56.75
C SER OA 523 -20.11 48.08 58.12
N PHE OA 524 -20.44 48.93 59.10
CA PHE OA 524 -20.79 48.51 60.44
C PHE OA 524 -22.25 48.78 60.71
N GLN OA 525 -22.80 48.09 61.70
CA GLN OA 525 -24.21 48.23 62.03
C GLN OA 525 -24.47 49.26 63.12
N SER OA 526 -23.43 49.73 63.81
CA SER OA 526 -23.62 50.73 64.86
C SER OA 526 -22.28 51.34 65.21
N MET OA 527 -22.36 52.50 65.86
CA MET OA 527 -21.14 53.19 66.28
C MET OA 527 -20.36 52.38 67.31
N LYS OA 528 -21.05 51.58 68.12
CA LYS OA 528 -20.34 50.70 69.05
C LYS OA 528 -19.53 49.67 68.29
N GLN OA 529 -20.09 49.11 67.21
CA GLN OA 529 -19.34 48.19 66.37
C GLN OA 529 -18.14 48.88 65.74
N GLN OA 530 -18.34 50.09 65.24
CA GLN OA 530 -17.22 50.81 64.63
C GLN OA 530 -16.12 51.11 65.64
N ASN OA 531 -16.49 51.50 66.85
CA ASN OA 531 -15.50 51.76 67.89
C ASN OA 531 -14.77 50.49 68.29
N ARG OA 532 -15.50 49.36 68.36
CA ARG OA 532 -14.83 48.09 68.65
C ARG OA 532 -13.82 47.75 67.56
N ALA OA 533 -14.19 47.96 66.30
CA ALA OA 533 -13.25 47.69 65.21
C ALA OA 533 -12.03 48.59 65.28
N GLU OA 534 -12.24 49.87 65.62
CA GLU OA 534 -11.11 50.78 65.76
C GLU OA 534 -10.19 50.35 66.90
N ILE OA 535 -10.77 49.94 68.03
CA ILE OA 535 -9.96 49.50 69.16
C ILE OA 535 -9.13 48.28 68.79
N LEU OA 536 -9.75 47.30 68.13
CA LEU OA 536 -9.01 46.11 67.72
C LEU OA 536 -7.93 46.45 66.70
N GLU OA 537 -8.22 47.39 65.79
CA GLU OA 537 -7.22 47.79 64.80
C GLU OA 537 -6.02 48.42 65.48
N LEU OA 538 -6.24 49.29 66.47
CA LEU OA 538 -5.13 49.85 67.21
C LEU OA 538 -4.38 48.78 68.00
N LEU OA 539 -5.13 47.84 68.58
CA LEU OA 539 -4.50 46.77 69.36
C LEU OA 539 -3.60 45.91 68.50
N GLY OA 540 -3.99 45.70 67.24
CA GLY OA 540 -3.18 44.87 66.37
C GLY OA 540 -1.80 45.45 66.10
N LYS OA 541 -1.69 46.76 66.01
CA LYS OA 541 -0.41 47.40 65.76
C LYS OA 541 0.31 47.86 67.02
N THR OA 542 -0.36 47.87 68.17
CA THR OA 542 0.30 48.30 69.39
C THR OA 542 1.08 47.15 70.02
N PRO OA 543 2.36 47.33 70.31
CA PRO OA 543 3.12 46.29 71.01
C PRO OA 543 2.67 46.18 72.47
N GLN OA 544 3.20 45.15 73.14
CA GLN OA 544 2.72 44.77 74.48
C GLN OA 544 3.31 45.66 75.58
N GLY OA 545 3.11 46.97 75.42
CA GLY OA 545 3.51 47.93 76.42
C GLY OA 545 2.36 48.33 77.31
N THR OA 546 2.32 49.60 77.74
CA THR OA 546 1.21 50.12 78.52
C THR OA 546 -0.01 50.49 77.67
N PRO OA 547 0.15 51.06 76.47
CA PRO OA 547 -1.05 51.26 75.63
C PRO OA 547 -1.75 49.98 75.27
N GLU OA 548 -1.04 48.85 75.22
CA GLU OA 548 -1.71 47.59 74.92
C GLU OA 548 -2.67 47.21 76.04
N TYR OA 549 -2.24 47.40 77.29
CA TYR OA 549 -3.15 47.21 78.42
C TYR OA 549 -4.30 48.20 78.36
N GLN OA 550 -4.01 49.46 78.02
CA GLN OA 550 -5.06 50.46 77.90
C GLN OA 550 -6.13 50.03 76.91
N LEU OA 551 -5.70 49.59 75.73
CA LEU OA 551 -6.66 49.22 74.69
C LEU OA 551 -7.38 47.92 75.02
N LEU OA 552 -6.73 46.99 75.73
CA LEU OA 552 -7.44 45.79 76.16
C LEU OA 552 -8.55 46.13 77.15
N LEU OA 553 -8.26 47.00 78.11
CA LEU OA 553 -9.30 47.43 79.05
C LEU OA 553 -10.41 48.18 78.33
N LEU OA 554 -10.05 48.98 77.33
CA LEU OA 554 -11.05 49.70 76.54
C LEU OA 554 -11.94 48.73 75.77
N GLN OA 555 -11.35 47.69 75.19
CA GLN OA 555 -12.13 46.70 74.46
C GLN OA 555 -13.10 45.98 75.38
N TYR OA 556 -12.63 45.61 76.58
CA TYR OA 556 -13.56 45.02 77.54
C TYR OA 556 -14.65 46.01 77.94
N PHE OA 557 -14.31 47.31 77.99
CA PHE OA 557 -15.29 48.33 78.34
C PHE OA 557 -16.39 48.43 77.28
N THR OA 558 -16.04 48.29 76.00
CA THR OA 558 -17.02 48.44 74.93
C THR OA 558 -17.63 47.12 74.49
N LEU OA 559 -17.81 46.17 75.40
CA LEU OA 559 -18.36 44.87 75.04
C LEU OA 559 -19.84 44.76 75.38
N LEU OA 560 -20.54 43.91 74.62
CA LEU OA 560 -21.96 43.68 74.79
C LEU OA 560 -22.22 42.90 76.09
N ASP OA 561 -23.50 42.84 76.48
CA ASP OA 561 -23.88 42.51 77.85
C ASP OA 561 -24.52 41.13 77.96
N GLY OA 562 -23.94 40.31 78.82
CA GLY OA 562 -24.55 39.11 79.34
C GLY OA 562 -24.48 39.16 80.86
N LYS OA 563 -23.82 38.16 81.47
CA LYS OA 563 -23.48 38.22 82.88
C LYS OA 563 -21.98 38.11 83.11
N GLY OA 564 -21.32 37.13 82.49
CA GLY OA 564 -19.87 37.07 82.58
C GLY OA 564 -19.19 38.25 81.92
N VAL OA 565 -19.65 38.61 80.72
CA VAL OA 565 -19.10 39.80 80.07
C VAL OA 565 -19.47 41.05 80.84
N GLU OA 566 -20.59 41.04 81.56
CA GLU OA 566 -20.91 42.17 82.43
C GLU OA 566 -19.89 42.28 83.56
N MET OA 567 -19.51 41.15 84.16
CA MET OA 567 -18.49 41.18 85.20
C MET OA 567 -17.16 41.67 84.65
N MET OA 568 -16.78 41.19 83.47
CA MET OA 568 -15.51 41.62 82.87
C MET OA 568 -15.52 43.11 82.57
N ARG OA 569 -16.64 43.63 82.05
CA ARG OA 569 -16.74 45.05 81.74
C ARG OA 569 -16.73 45.90 83.00
N ASP OA 570 -17.37 45.42 84.07
CA ASP OA 570 -17.29 46.14 85.34
C ASP OA 570 -15.86 46.20 85.84
N TYR OA 571 -15.14 45.08 85.78
CA TYR OA 571 -13.75 45.08 86.23
C TYR OA 571 -12.91 46.04 85.40
N ALA OA 572 -13.09 46.03 84.08
CA ALA OA 572 -12.31 46.90 83.21
C ALA OA 572 -12.63 48.37 83.46
N ASN OA 573 -13.91 48.70 83.66
CA ASN OA 573 -14.28 50.07 83.98
C ASN OA 573 -13.64 50.52 85.29
N LYS OA 574 -13.69 49.67 86.32
CA LYS OA 574 -13.09 50.03 87.59
C LYS OA 574 -11.59 50.26 87.44
N GLN OA 575 -10.92 49.39 86.68
CA GLN OA 575 -9.48 49.55 86.50
C GLN OA 575 -9.16 50.85 85.77
N LEU OA 576 -9.93 51.17 84.73
CA LEU OA 576 -9.69 52.42 84.01
C LEU OA 576 -9.92 53.63 84.91
N ILE OA 577 -10.99 53.60 85.71
CA ILE OA 577 -11.25 54.73 86.60
C ILE OA 577 -10.14 54.88 87.62
N GLN OA 578 -9.71 53.78 88.22
CA GLN OA 578 -8.70 53.84 89.26
C GLN OA 578 -7.32 54.20 88.72
N MET OA 579 -7.07 53.95 87.43
CA MET OA 579 -5.78 54.32 86.85
C MET OA 579 -5.73 55.76 86.39
N GLY OA 580 -6.80 56.53 86.56
CA GLY OA 580 -6.80 57.93 86.18
C GLY OA 580 -6.94 58.19 84.70
N VAL OA 581 -7.27 57.18 83.91
CA VAL OA 581 -7.41 57.35 82.47
C VAL OA 581 -8.81 57.78 82.09
N LYS OA 582 -9.82 57.28 82.79
CA LYS OA 582 -11.22 57.64 82.55
C LYS OA 582 -11.71 58.53 83.68
N LYS OA 583 -12.50 59.54 83.31
CA LYS OA 583 -13.01 60.50 84.30
C LYS OA 583 -14.04 59.86 85.21
N MET PA 1 -51.63 -30.21 -7.85
CA MET PA 1 -50.58 -30.28 -8.85
C MET PA 1 -50.89 -31.36 -9.87
N GLN PA 2 -50.67 -31.07 -11.15
CA GLN PA 2 -50.88 -32.07 -12.19
C GLN PA 2 -49.82 -33.15 -12.13
N ILE PA 3 -48.65 -32.84 -11.58
CA ILE PA 3 -47.56 -33.79 -11.43
C ILE PA 3 -47.72 -34.48 -10.09
N LYS PA 4 -48.11 -35.75 -10.11
CA LYS PA 4 -48.39 -36.48 -8.88
C LYS PA 4 -47.68 -37.83 -8.78
N THR PA 5 -46.86 -38.19 -9.77
CA THR PA 5 -46.14 -39.46 -9.71
C THR PA 5 -44.72 -39.27 -10.21
N LYS PA 6 -43.87 -40.25 -9.93
CA LYS PA 6 -42.51 -40.22 -10.43
C LYS PA 6 -42.49 -40.20 -11.95
N GLY PA 7 -43.42 -40.92 -12.58
CA GLY PA 7 -43.52 -40.85 -14.02
C GLY PA 7 -43.87 -39.47 -14.51
N ASP PA 8 -44.74 -38.76 -13.78
CA ASP PA 8 -45.06 -37.40 -14.15
C ASP PA 8 -43.85 -36.49 -14.02
N LEU PA 9 -43.05 -36.69 -12.98
CA LEU PA 9 -41.82 -35.92 -12.85
C LEU PA 9 -40.89 -36.16 -14.03
N VAL PA 10 -40.75 -37.42 -14.43
CA VAL PA 10 -39.87 -37.75 -15.56
C VAL PA 10 -40.42 -37.17 -16.85
N ARG PA 11 -41.74 -37.22 -17.03
CA ARG PA 11 -42.35 -36.66 -18.23
C ARG PA 11 -42.13 -35.16 -18.31
N ALA PA 12 -42.26 -34.46 -17.17
CA ALA PA 12 -42.01 -33.02 -17.16
C ALA PA 12 -40.55 -32.72 -17.46
N ALA PA 13 -39.63 -33.53 -16.93
CA ALA PA 13 -38.22 -33.33 -17.23
C ALA PA 13 -37.95 -33.48 -18.73
N LEU PA 14 -38.52 -34.52 -19.34
CA LEU PA 14 -38.31 -34.74 -20.76
C LEU PA 14 -38.95 -33.63 -21.59
N ARG PA 15 -40.12 -33.13 -21.15
CA ARG PA 15 -40.73 -32.01 -21.85
C ARG PA 15 -39.86 -30.76 -21.76
N LYS PA 16 -39.29 -30.49 -20.59
CA LYS PA 16 -38.39 -29.34 -20.44
C LYS PA 16 -37.19 -29.49 -21.37
N LEU PA 17 -36.63 -30.69 -21.44
CA LEU PA 17 -35.52 -30.94 -22.35
C LEU PA 17 -35.94 -30.85 -23.81
N GLY PA 18 -37.23 -30.99 -24.10
CA GLY PA 18 -37.67 -30.95 -25.49
C GLY PA 18 -37.58 -32.27 -26.18
N VAL PA 19 -37.49 -33.37 -25.43
CA VAL PA 19 -37.37 -34.69 -26.00
C VAL PA 19 -38.74 -35.30 -26.29
N ALA PA 20 -39.68 -35.19 -25.36
CA ALA PA 20 -41.00 -35.78 -25.54
C ALA PA 20 -42.02 -35.01 -24.73
N SER PA 21 -43.23 -34.91 -25.25
CA SER PA 21 -44.32 -34.25 -24.57
C SER PA 21 -45.64 -34.84 -25.09
N ASP PA 22 -46.74 -34.17 -24.75
CA ASP PA 22 -48.04 -34.62 -25.26
C ASP PA 22 -48.28 -34.18 -26.69
N ALA PA 23 -47.67 -33.07 -27.12
CA ALA PA 23 -47.79 -32.58 -28.48
C ALA PA 23 -46.81 -33.23 -29.44
N THR PA 24 -45.93 -34.08 -28.94
CA THR PA 24 -44.85 -34.62 -29.74
C THR PA 24 -45.38 -35.64 -30.73
N LEU PA 25 -44.53 -36.02 -31.69
CA LEU PA 25 -44.85 -37.06 -32.65
C LEU PA 25 -44.08 -38.35 -32.41
N THR PA 26 -42.96 -38.31 -31.71
CA THR PA 26 -42.19 -39.48 -31.32
C THR PA 26 -42.06 -39.51 -29.80
N ASP PA 27 -42.09 -40.70 -29.23
CA ASP PA 27 -42.04 -40.85 -27.79
C ASP PA 27 -40.93 -41.82 -27.40
N VAL PA 28 -40.46 -41.70 -26.16
CA VAL PA 28 -39.39 -42.55 -25.66
C VAL PA 28 -39.96 -43.87 -25.16
N GLU PA 29 -39.15 -44.92 -25.26
CA GLU PA 29 -39.59 -46.23 -24.84
C GLU PA 29 -39.73 -46.30 -23.33
N PRO PA 30 -40.65 -47.11 -22.81
CA PRO PA 30 -40.76 -47.27 -21.35
C PRO PA 30 -39.51 -47.83 -20.71
N GLN PA 31 -38.60 -48.45 -21.46
CA GLN PA 31 -37.31 -48.78 -20.89
C GLN PA 31 -36.54 -47.53 -20.53
N SER PA 32 -36.55 -46.53 -21.41
CA SER PA 32 -35.94 -45.25 -21.09
C SER PA 32 -36.69 -44.56 -19.95
N MET PA 33 -38.01 -44.72 -19.91
CA MET PA 33 -38.77 -44.20 -18.78
C MET PA 33 -38.28 -44.82 -17.47
N GLN PA 34 -38.08 -46.13 -17.47
CA GLN PA 34 -37.61 -46.83 -16.27
C GLN PA 34 -36.21 -46.40 -15.89
N ASP PA 35 -35.33 -46.21 -16.88
CA ASP PA 35 -33.98 -45.73 -16.61
C ASP PA 35 -34.03 -44.35 -15.98
N ALA PA 36 -34.89 -43.46 -16.49
CA ALA PA 36 -34.99 -42.12 -15.93
C ALA PA 36 -35.56 -42.16 -14.52
N VAL PA 37 -36.47 -43.09 -14.24
CA VAL PA 37 -36.98 -43.21 -12.89
C VAL PA 37 -35.90 -43.71 -11.95
N ASP PA 38 -35.06 -44.63 -12.42
CA ASP PA 38 -33.92 -45.06 -11.61
C ASP PA 38 -32.97 -43.91 -11.34
N ASP PA 39 -32.73 -43.06 -12.34
CA ASP PA 39 -31.90 -41.87 -12.15
C ASP PA 39 -32.51 -40.93 -11.12
N LEU PA 40 -33.83 -40.73 -11.19
CA LEU PA 40 -34.51 -39.86 -10.22
C LEU PA 40 -34.38 -40.42 -8.81
N GLU PA 41 -34.55 -41.73 -8.65
CA GLU PA 41 -34.39 -42.34 -7.34
C GLU PA 41 -32.98 -42.18 -6.82
N ALA PA 42 -31.99 -42.35 -7.70
CA ALA PA 42 -30.60 -42.16 -7.28
C ALA PA 42 -30.33 -40.73 -6.86
N MET PA 43 -30.82 -39.75 -7.63
CA MET PA 43 -30.62 -38.35 -7.28
C MET PA 43 -31.27 -38.02 -5.95
N MET PA 44 -32.51 -38.50 -5.75
CA MET PA 44 -33.21 -38.22 -4.50
C MET PA 44 -32.50 -38.86 -3.31
N ALA PA 45 -31.99 -40.07 -3.48
CA ALA PA 45 -31.33 -40.75 -2.36
C ALA PA 45 -29.95 -40.15 -2.09
N GLU PA 46 -29.31 -39.57 -3.11
CA GLU PA 46 -28.06 -38.86 -2.89
C GLU PA 46 -28.29 -37.54 -2.20
N TRP PA 47 -29.37 -36.84 -2.55
CA TRP PA 47 -29.75 -35.64 -1.82
C TRP PA 47 -30.03 -35.97 -0.36
N TYR PA 48 -31.04 -36.82 -0.12
CA TYR PA 48 -31.41 -37.25 1.21
C TYR PA 48 -30.39 -38.25 1.73
N GLN PA 49 -29.35 -37.77 2.40
CA GLN PA 49 -28.25 -38.62 2.83
C GLN PA 49 -28.65 -39.38 4.10
N ASP PA 50 -29.62 -40.27 3.93
CA ASP PA 50 -30.14 -41.09 5.02
C ASP PA 50 -30.66 -40.22 6.17
N GLY PA 51 -31.27 -39.10 5.83
CA GLY PA 51 -31.91 -38.25 6.82
C GLY PA 51 -31.15 -36.99 7.19
N LYS PA 52 -29.93 -36.81 6.70
CA LYS PA 52 -29.14 -35.65 7.08
C LYS PA 52 -28.64 -34.88 5.86
N GLY PA 53 -29.40 -34.92 4.77
CA GLY PA 53 -29.13 -34.10 3.60
C GLY PA 53 -30.28 -33.13 3.37
N ILE PA 54 -30.88 -33.19 2.19
CA ILE PA 54 -32.04 -32.36 1.86
C ILE PA 54 -33.30 -33.14 2.19
N ILE PA 55 -34.15 -32.56 3.04
CA ILE PA 55 -35.40 -33.20 3.42
C ILE PA 55 -36.50 -32.70 2.49
N THR PA 56 -37.23 -33.64 1.89
CA THR PA 56 -38.23 -33.32 0.87
C THR PA 56 -39.57 -33.99 1.09
N GLY PA 57 -39.64 -35.06 1.87
CA GLY PA 57 -40.83 -35.87 1.92
C GLY PA 57 -40.90 -36.94 0.85
N TYR PA 58 -39.91 -37.03 -0.01
CA TYR PA 58 -39.92 -38.00 -1.11
C TYR PA 58 -40.05 -39.42 -0.56
N VAL PA 59 -40.93 -40.19 -1.18
CA VAL PA 59 -41.23 -41.55 -0.75
C VAL PA 59 -40.61 -42.50 -1.75
N PHE PA 60 -39.75 -43.41 -1.25
CA PHE PA 60 -39.02 -44.33 -2.12
C PHE PA 60 -39.86 -45.55 -2.44
N SER PA 61 -39.68 -46.08 -3.64
CA SER PA 61 -40.46 -47.21 -4.10
C SER PA 61 -39.81 -48.52 -3.65
N ASP PA 62 -40.61 -49.40 -3.04
CA ASP PA 62 -40.13 -50.69 -2.60
C ASP PA 62 -40.17 -51.70 -3.74
N ASP PA 63 -39.27 -52.68 -3.66
CA ASP PA 63 -39.20 -53.68 -4.71
C ASP PA 63 -40.43 -54.60 -4.70
N GLU PA 64 -41.07 -54.75 -3.55
CA GLU PA 64 -42.23 -55.63 -3.46
C GLU PA 64 -43.35 -55.16 -4.38
N ASN PA 65 -43.61 -53.86 -4.40
CA ASN PA 65 -44.57 -53.30 -5.34
C ASN PA 65 -43.86 -53.06 -6.68
N PRO PA 66 -44.30 -53.69 -7.77
CA PRO PA 66 -43.48 -53.75 -8.97
C PRO PA 66 -43.21 -52.39 -9.60
N PRO PA 67 -44.24 -51.61 -9.97
CA PRO PA 67 -43.95 -50.46 -10.84
C PRO PA 67 -43.44 -49.27 -10.05
N ALA PA 68 -42.19 -48.86 -10.35
CA ALA PA 68 -41.63 -47.69 -9.68
C ALA PA 68 -42.39 -46.43 -10.08
N GLU PA 69 -42.58 -46.21 -11.37
CA GLU PA 69 -43.55 -45.23 -11.82
C GLU PA 69 -44.94 -45.65 -11.37
N GLY PA 70 -45.73 -44.69 -10.95
CA GLY PA 70 -47.04 -44.94 -10.40
C GLY PA 70 -47.12 -44.75 -8.91
N ASP PA 71 -45.97 -44.72 -8.23
CA ASP PA 71 -45.93 -44.29 -6.85
C ASP PA 71 -45.93 -42.77 -6.80
N ASP PA 72 -46.77 -42.20 -5.95
CA ASP PA 72 -46.75 -40.76 -5.75
C ASP PA 72 -45.43 -40.35 -5.14
N HIS PA 73 -44.86 -39.26 -5.65
CA HIS PA 73 -43.53 -38.87 -5.20
C HIS PA 73 -43.54 -38.36 -3.77
N GLY PA 74 -44.69 -38.03 -3.21
CA GLY PA 74 -44.75 -37.56 -1.85
C GLY PA 74 -44.22 -36.17 -1.63
N LEU PA 75 -43.76 -35.49 -2.68
CA LEU PA 75 -43.24 -34.15 -2.54
C LEU PA 75 -44.37 -33.17 -2.27
N ARG PA 76 -44.00 -32.01 -1.75
CA ARG PA 76 -44.96 -30.92 -1.57
C ARG PA 76 -45.18 -30.23 -2.91
N SER PA 77 -46.07 -29.22 -2.91
CA SER PA 77 -46.37 -28.53 -4.15
C SER PA 77 -45.22 -27.64 -4.59
N SER PA 78 -44.38 -27.22 -3.66
CA SER PA 78 -43.34 -26.24 -3.94
C SER PA 78 -42.00 -26.87 -4.31
N ALA PA 79 -41.88 -28.19 -4.27
CA ALA PA 79 -40.62 -28.85 -4.58
C ALA PA 79 -40.62 -29.49 -5.96
N VAL PA 80 -41.78 -29.62 -6.60
CA VAL PA 80 -41.88 -30.34 -7.86
C VAL PA 80 -41.01 -29.69 -8.93
N SER PA 81 -41.05 -28.36 -9.01
CA SER PA 81 -40.31 -27.66 -10.06
C SER PA 81 -38.81 -27.90 -9.91
N ALA PA 82 -38.29 -27.76 -8.70
CA ALA PA 82 -36.89 -27.99 -8.45
C ALA PA 82 -36.50 -29.42 -8.79
N VAL PA 83 -37.31 -30.38 -8.36
CA VAL PA 83 -36.96 -31.79 -8.56
C VAL PA 83 -36.91 -32.12 -10.03
N PHE PA 84 -37.92 -31.69 -10.80
CA PHE PA 84 -37.90 -32.11 -12.19
C PHE PA 84 -36.95 -31.27 -13.04
N HIS PA 85 -36.59 -30.06 -12.61
CA HIS PA 85 -35.54 -29.34 -13.33
C HIS PA 85 -34.18 -29.98 -13.11
N ASN PA 86 -33.88 -30.36 -11.87
CA ASN PA 86 -32.63 -31.09 -11.63
C ASN PA 86 -32.62 -32.43 -12.34
N LEU PA 87 -33.76 -33.11 -12.38
CA LEU PA 87 -33.85 -34.37 -13.10
C LEU PA 87 -33.60 -34.20 -14.59
N ALA PA 88 -34.16 -33.15 -15.18
CA ALA PA 88 -33.89 -32.88 -16.59
C ALA PA 88 -32.41 -32.65 -16.81
N CYS PA 89 -31.78 -31.87 -15.93
CA CYS PA 89 -30.34 -31.64 -16.05
C CYS PA 89 -29.56 -32.94 -15.97
N ARG PA 90 -29.93 -33.82 -15.04
CA ARG PA 90 -29.16 -35.06 -14.86
C ARG PA 90 -29.35 -36.03 -16.01
N ILE PA 91 -30.56 -36.12 -16.57
CA ILE PA 91 -30.83 -37.09 -17.61
C ILE PA 91 -30.58 -36.55 -19.01
N ALA PA 92 -30.22 -35.27 -19.14
CA ALA PA 92 -29.82 -34.76 -20.46
C ALA PA 92 -28.68 -35.54 -21.10
N PRO PA 93 -27.61 -35.94 -20.39
CA PRO PA 93 -26.51 -36.62 -21.09
C PRO PA 93 -26.88 -37.93 -21.76
N ASP PA 94 -27.98 -38.58 -21.35
CA ASP PA 94 -28.41 -39.79 -22.02
C ASP PA 94 -28.54 -39.56 -23.52
N TYR PA 95 -29.21 -38.47 -23.90
CA TYR PA 95 -29.57 -38.21 -25.29
C TYR PA 95 -28.54 -37.38 -26.01
N ALA PA 96 -27.28 -37.44 -25.60
CA ALA PA 96 -26.21 -36.62 -26.15
C ALA PA 96 -26.59 -35.15 -26.13
N LEU PA 97 -27.19 -34.73 -25.04
CA LEU PA 97 -27.74 -33.39 -24.90
C LEU PA 97 -26.95 -32.61 -23.85
N GLU PA 98 -27.41 -31.39 -23.60
CA GLU PA 98 -26.88 -30.55 -22.54
C GLU PA 98 -27.95 -29.54 -22.18
N ALA PA 99 -28.38 -29.54 -20.92
CA ALA PA 99 -29.46 -28.67 -20.50
C ALA PA 99 -29.07 -27.22 -20.71
N THR PA 100 -30.04 -26.40 -21.09
CA THR PA 100 -29.76 -25.02 -21.41
C THR PA 100 -29.63 -24.18 -20.15
N ALA PA 101 -29.14 -22.96 -20.32
CA ALA PA 101 -28.78 -22.12 -19.18
C ALA PA 101 -29.97 -21.85 -18.29
N LYS PA 102 -31.16 -21.68 -18.88
CA LYS PA 102 -32.34 -21.41 -18.07
C LYS PA 102 -32.69 -22.58 -17.18
N ILE PA 103 -32.60 -23.80 -17.72
CA ILE PA 103 -32.89 -24.97 -16.91
C ILE PA 103 -31.85 -25.14 -15.82
N ILE PA 104 -30.58 -24.85 -16.12
CA ILE PA 104 -29.53 -24.96 -15.10
C ILE PA 104 -29.76 -23.97 -13.98
N ALA PA 105 -30.04 -22.70 -14.33
CA ALA PA 105 -30.28 -21.68 -13.30
C ALA PA 105 -31.50 -22.01 -12.47
N THR PA 106 -32.57 -22.49 -13.11
CA THR PA 106 -33.76 -22.87 -12.37
C THR PA 106 -33.50 -24.06 -11.46
N ALA PA 107 -32.69 -25.01 -11.90
CA ALA PA 107 -32.33 -26.12 -11.04
C ALA PA 107 -31.59 -25.65 -9.80
N LYS PA 108 -30.62 -24.75 -9.99
CA LYS PA 108 -29.87 -24.22 -8.85
C LYS PA 108 -30.81 -23.52 -7.87
N TYR PA 109 -31.64 -22.61 -8.39
CA TYR PA 109 -32.54 -21.86 -7.52
C TYR PA 109 -33.51 -22.78 -6.80
N GLY PA 110 -34.02 -23.78 -7.51
CA GLY PA 110 -34.99 -24.68 -6.91
C GLY PA 110 -34.40 -25.55 -5.82
N LYS PA 111 -33.23 -26.13 -6.06
CA LYS PA 111 -32.54 -26.86 -4.99
C LYS PA 111 -32.31 -25.98 -3.78
N GLU PA 112 -31.97 -24.71 -4.02
CA GLU PA 112 -31.67 -23.81 -2.92
C GLU PA 112 -32.92 -23.50 -2.11
N LEU PA 113 -34.02 -23.22 -2.79
CA LEU PA 113 -35.30 -23.07 -2.11
C LEU PA 113 -35.69 -24.35 -1.37
N LEU PA 114 -35.27 -25.50 -1.89
CA LEU PA 114 -35.57 -26.75 -1.21
C LEU PA 114 -34.87 -26.83 0.14
N TYR PA 115 -33.60 -26.45 0.17
CA TYR PA 115 -32.83 -26.58 1.41
C TYR PA 115 -32.97 -25.39 2.36
N LYS PA 116 -33.61 -24.30 1.95
CA LYS PA 116 -33.63 -23.10 2.80
C LYS PA 116 -34.24 -23.38 4.17
N GLN PA 117 -35.41 -24.02 4.21
CA GLN PA 117 -36.09 -24.20 5.49
C GLN PA 117 -35.30 -25.15 6.39
N THR PA 118 -34.72 -26.19 5.81
CA THR PA 118 -33.89 -27.10 6.59
C THR PA 118 -32.68 -26.37 7.15
N ALA PA 119 -32.06 -25.49 6.37
CA ALA PA 119 -30.94 -24.71 6.87
C ALA PA 119 -31.34 -23.83 8.03
N ILE PA 120 -32.51 -23.19 7.91
CA ILE PA 120 -32.98 -22.35 9.01
C ILE PA 120 -33.19 -23.18 10.27
N SER PA 121 -33.80 -24.36 10.11
CA SER PA 121 -34.06 -25.21 11.28
C SER PA 121 -32.78 -25.70 11.91
N ARG PA 122 -31.77 -26.01 11.09
CA ARG PA 122 -30.52 -26.56 11.61
C ARG PA 122 -29.59 -25.48 12.15
N ALA PA 123 -29.83 -24.21 11.83
CA ALA PA 123 -29.04 -23.13 12.41
C ALA PA 123 -29.45 -22.92 13.85
N LYS PA 124 -28.84 -23.68 14.75
CA LYS PA 124 -29.17 -23.68 16.17
C LYS PA 124 -27.93 -23.39 16.99
N ARG PA 125 -28.09 -22.65 18.08
CA ARG PA 125 -26.99 -22.32 18.97
C ARG PA 125 -26.76 -23.45 19.97
N ALA PA 126 -25.49 -23.75 20.24
CA ALA PA 126 -25.15 -24.76 21.22
C ALA PA 126 -25.46 -24.25 22.63
N PRO PA 127 -25.67 -25.17 23.58
CA PRO PA 127 -25.91 -24.73 24.97
C PRO PA 127 -24.65 -24.17 25.60
N TYR PA 128 -24.77 -23.63 26.81
CA TYR PA 128 -23.61 -23.08 27.48
C TYR PA 128 -22.63 -24.18 27.85
N PRO PA 129 -21.34 -23.86 27.93
CA PRO PA 129 -20.36 -24.86 28.35
C PRO PA 129 -20.54 -25.27 29.80
N SER PA 130 -20.00 -26.45 30.11
CA SER PA 130 -20.16 -27.06 31.43
C SER PA 130 -19.35 -26.37 32.51
N ARG PA 131 -18.47 -25.44 32.15
CA ARG PA 131 -17.68 -24.69 33.13
C ARG PA 131 -18.16 -23.27 33.31
N MET PA 132 -19.23 -22.87 32.64
CA MET PA 132 -19.72 -21.50 32.71
C MET PA 132 -20.68 -21.35 33.89
N PRO PA 133 -20.48 -20.38 34.77
CA PRO PA 133 -21.41 -20.18 35.87
C PRO PA 133 -22.76 -19.67 35.37
N THR PA 134 -23.80 -19.99 36.13
CA THR PA 134 -25.13 -19.47 35.79
C THR PA 134 -25.30 -18.01 36.20
N GLY PA 135 -24.61 -17.58 37.24
CA GLY PA 135 -24.75 -16.21 37.69
C GLY PA 135 -25.65 -16.09 38.90
N SER PA 136 -25.46 -15.00 39.64
CA SER PA 136 -26.23 -14.77 40.85
C SER PA 136 -27.58 -14.12 40.59
N GLY PA 137 -27.83 -13.63 39.37
CA GLY PA 137 -29.09 -12.98 39.10
C GLY PA 137 -30.23 -13.92 38.83
N ASN PA 138 -29.94 -15.18 38.51
CA ASN PA 138 -30.98 -16.14 38.20
C ASN PA 138 -31.62 -16.64 39.49
N SER PA 139 -32.91 -16.34 39.68
CA SER PA 139 -33.57 -16.63 40.94
C SER PA 139 -33.75 -18.12 41.14
N PHE PA 140 -34.26 -18.83 40.13
CA PHE PA 140 -34.47 -20.26 40.27
C PHE PA 140 -33.15 -21.00 40.42
N ALA PA 141 -32.12 -20.58 39.69
CA ALA PA 141 -30.81 -21.19 39.85
C ALA PA 141 -30.28 -20.98 41.26
N ASN PA 142 -30.43 -19.77 41.80
CA ASN PA 142 -29.97 -19.51 43.16
C ASN PA 142 -30.72 -20.39 44.15
N LEU PA 143 -32.03 -20.53 43.98
CA LEU PA 143 -32.82 -21.31 44.91
C LEU PA 143 -32.50 -22.79 44.81
N ASN PA 144 -32.19 -23.29 43.62
CA ASN PA 144 -31.88 -24.69 43.41
C ASN PA 144 -30.41 -25.03 43.63
N GLU PA 145 -29.56 -24.04 43.87
CA GLU PA 145 -28.12 -24.25 44.00
C GLU PA 145 -27.53 -24.87 42.74
N TRP PA 146 -27.98 -24.39 41.58
CA TRP PA 146 -27.39 -24.78 40.30
C TRP PA 146 -26.41 -23.68 39.91
N HIS PA 147 -25.15 -23.89 40.25
CA HIS PA 147 -24.16 -22.82 40.15
C HIS PA 147 -23.47 -22.79 38.79
N TYR PA 148 -23.55 -23.86 38.02
CA TYR PA 148 -22.93 -23.94 36.70
C TYR PA 148 -23.92 -24.54 35.73
N PHE PA 149 -23.77 -24.19 34.46
CA PHE PA 149 -24.66 -24.72 33.45
C PHE PA 149 -24.39 -26.20 33.23
N PRO PA 150 -25.43 -26.98 32.89
CA PRO PA 150 -25.21 -28.42 32.69
C PRO PA 150 -24.22 -28.72 31.58
N GLY PA 151 -24.44 -28.17 30.39
CA GLY PA 151 -23.56 -28.44 29.27
C GLY PA 151 -24.11 -29.50 28.34
N GLU PA 152 -23.21 -30.21 27.66
CA GLU PA 152 -23.57 -31.23 26.68
C GLU PA 152 -24.51 -30.68 25.61
N GLU QA 5 -65.96 46.41 46.02
CA GLU QA 5 -66.68 46.63 47.27
C GLU QA 5 -66.77 45.35 48.08
N ASN QA 6 -67.21 44.28 47.43
CA ASN QA 6 -67.36 42.99 48.10
C ASN QA 6 -66.00 42.49 48.57
N ARG QA 7 -65.95 42.01 49.81
CA ARG QA 7 -64.67 41.60 50.38
C ARG QA 7 -64.10 40.40 49.65
N LEU QA 8 -64.93 39.41 49.36
CA LEU QA 8 -64.45 38.22 48.66
C LEU QA 8 -63.89 38.60 47.28
N GLU QA 9 -64.58 39.49 46.57
CA GLU QA 9 -64.15 39.81 45.22
C GLU QA 9 -62.91 40.70 45.23
N SER QA 10 -62.78 41.58 46.22
CA SER QA 10 -61.55 42.37 46.32
C SER QA 10 -60.36 41.47 46.62
N ILE QA 11 -60.51 40.57 47.59
CA ILE QA 11 -59.44 39.64 47.93
C ILE QA 11 -59.10 38.77 46.72
N LEU QA 12 -60.11 38.27 46.03
CA LEU QA 12 -59.87 37.41 44.88
C LEU QA 12 -59.19 38.16 43.75
N SER QA 13 -59.58 39.41 43.52
CA SER QA 13 -58.94 40.17 42.44
C SER QA 13 -57.47 40.39 42.74
N ARG QA 14 -57.15 40.73 43.98
CA ARG QA 14 -55.74 40.86 44.34
C ARG QA 14 -55.01 39.54 44.15
N PHE QA 15 -55.64 38.44 44.57
CA PHE QA 15 -54.99 37.13 44.47
C PHE QA 15 -54.73 36.74 43.03
N ASP QA 16 -55.74 36.90 42.14
CA ASP QA 16 -55.50 36.53 40.75
C ASP QA 16 -54.50 37.46 40.09
N ALA QA 17 -54.49 38.75 40.44
CA ALA QA 17 -53.48 39.64 39.89
C ALA QA 17 -52.08 39.13 40.23
N ASP QA 18 -51.84 38.81 41.50
CA ASP QA 18 -50.53 38.31 41.89
C ASP QA 18 -50.23 36.94 41.27
N TRP QA 19 -51.23 36.07 41.22
CA TRP QA 19 -51.06 34.72 40.69
C TRP QA 19 -50.71 34.76 39.21
N THR QA 20 -51.32 35.68 38.45
CA THR QA 20 -50.99 35.83 37.05
C THR QA 20 -49.66 36.53 36.86
N ALA QA 21 -49.33 37.50 37.71
CA ALA QA 21 -48.06 38.21 37.57
C ALA QA 21 -46.88 37.29 37.78
N SER QA 22 -46.98 36.37 38.75
CA SER QA 22 -45.88 35.46 39.05
C SER QA 22 -45.99 34.13 38.31
N ASP QA 23 -46.66 34.12 37.17
CA ASP QA 23 -46.94 32.85 36.50
C ASP QA 23 -45.68 32.19 35.95
N GLU QA 24 -44.77 32.97 35.37
CA GLU QA 24 -43.60 32.38 34.73
C GLU QA 24 -42.59 31.89 35.75
N ALA QA 25 -42.30 32.71 36.77
CA ALA QA 25 -41.32 32.32 37.77
C ALA QA 25 -41.79 31.10 38.54
N ARG QA 26 -43.08 31.03 38.87
CA ARG QA 26 -43.59 29.88 39.62
C ARG QA 26 -43.44 28.60 38.82
N ARG QA 27 -43.77 28.63 37.53
CA ARG QA 27 -43.69 27.41 36.73
C ARG QA 27 -42.24 26.99 36.51
N GLU QA 28 -41.34 27.94 36.25
CA GLU QA 28 -39.94 27.57 36.13
C GLU QA 28 -39.40 26.98 37.44
N ALA QA 29 -39.79 27.56 38.58
CA ALA QA 29 -39.32 27.03 39.87
C ALA QA 29 -39.89 25.65 40.15
N LYS QA 30 -41.16 25.43 39.82
CA LYS QA 30 -41.75 24.10 40.01
C LYS QA 30 -41.09 23.08 39.11
N ASN QA 31 -40.71 23.48 37.90
CA ASN QA 31 -39.95 22.60 37.03
C ASN QA 31 -38.60 22.27 37.65
N ASP QA 32 -37.95 23.26 38.25
CA ASP QA 32 -36.68 23.00 38.93
C ASP QA 32 -36.85 21.98 40.04
N LEU QA 33 -37.88 22.16 40.87
CA LEU QA 33 -38.13 21.24 41.98
C LEU QA 33 -38.38 19.84 41.48
N PHE QA 34 -39.24 19.70 40.48
CA PHE QA 34 -39.55 18.37 39.94
C PHE QA 34 -38.31 17.72 39.35
N PHE QA 35 -37.51 18.51 38.62
CA PHE QA 35 -36.31 17.99 38.00
C PHE QA 35 -35.32 17.48 39.03
N SER QA 36 -35.13 18.24 40.11
CA SER QA 36 -34.12 17.89 41.09
C SER QA 36 -34.64 16.98 42.20
N ARG QA 37 -35.92 16.66 42.22
CA ARG QA 37 -36.46 15.83 43.29
C ARG QA 37 -37.10 14.54 42.81
N VAL QA 38 -37.92 14.57 41.77
CA VAL QA 38 -38.67 13.38 41.40
C VAL QA 38 -38.02 12.65 40.24
N SER QA 39 -37.94 13.29 39.09
CA SER QA 39 -37.44 12.60 37.91
C SER QA 39 -36.86 13.60 36.94
N GLN QA 40 -35.88 13.15 36.17
CA GLN QA 40 -35.16 13.97 35.23
C GLN QA 40 -35.72 13.87 33.82
N TRP QA 41 -36.80 13.12 33.63
CA TRP QA 41 -37.48 12.99 32.35
C TRP QA 41 -38.85 13.63 32.49
N ASP QA 42 -38.92 14.92 32.20
CA ASP QA 42 -40.12 15.72 32.42
C ASP QA 42 -41.14 15.52 31.32
N ASP QA 43 -41.47 14.29 30.98
CA ASP QA 43 -42.38 14.00 29.89
C ASP QA 43 -43.71 13.50 30.43
N TRP QA 44 -44.81 14.02 29.89
CA TRP QA 44 -46.12 13.56 30.30
C TRP QA 44 -46.78 12.61 29.32
N LEU QA 45 -46.46 12.71 28.03
CA LEU QA 45 -47.04 11.78 27.06
C LEU QA 45 -46.16 10.57 26.81
N SER QA 46 -44.97 10.51 27.39
CA SER QA 46 -44.13 9.33 27.24
C SER QA 46 -44.60 8.15 28.07
N GLN QA 47 -45.56 8.36 28.96
CA GLN QA 47 -46.13 7.26 29.72
C GLN QA 47 -47.14 6.46 28.92
N TYR QA 48 -47.64 7.02 27.82
CA TYR QA 48 -48.64 6.35 27.01
C TYR QA 48 -48.07 5.71 25.74
N THR QA 49 -46.79 5.95 25.44
CA THR QA 49 -46.16 5.39 24.25
C THR QA 49 -45.82 3.93 24.47
N THR QA 50 -45.28 3.31 23.41
CA THR QA 50 -44.50 2.10 23.59
C THR QA 50 -43.17 2.46 24.24
N LEU QA 51 -42.57 1.49 24.92
CA LEU QA 51 -41.45 1.79 25.79
C LEU QA 51 -40.13 1.77 25.03
N GLN QA 52 -39.34 2.82 25.22
CA GLN QA 52 -37.94 2.86 24.88
C GLN QA 52 -37.13 3.02 26.14
N TYR QA 53 -35.85 2.71 26.08
CA TYR QA 53 -35.01 2.84 27.26
C TYR QA 53 -34.82 4.30 27.61
N ARG QA 54 -35.02 4.63 28.88
CA ARG QA 54 -34.84 5.98 29.39
C ARG QA 54 -34.02 5.91 30.66
N GLY QA 55 -32.73 6.17 30.57
CA GLY QA 55 -31.84 6.12 31.70
C GLY QA 55 -31.79 7.45 32.43
N GLN QA 56 -31.33 7.41 33.68
CA GLN QA 56 -31.13 8.59 34.50
C GLN QA 56 -29.70 8.57 35.05
N PHE QA 57 -28.83 9.37 34.45
CA PHE QA 57 -27.41 9.39 34.80
C PHE QA 57 -27.13 10.77 35.36
N ASP QA 58 -27.32 10.90 36.67
CA ASP QA 58 -27.37 12.20 37.31
C ASP QA 58 -25.96 12.76 37.53
N VAL QA 59 -25.81 14.04 37.23
CA VAL QA 59 -24.56 14.76 37.48
C VAL QA 59 -24.79 16.10 38.17
N VAL QA 60 -26.04 16.43 38.51
CA VAL QA 60 -26.34 17.66 39.22
C VAL QA 60 -26.74 17.42 40.67
N ARG QA 61 -27.29 16.25 40.98
CA ARG QA 61 -27.63 15.95 42.37
C ARG QA 61 -26.42 15.93 43.30
N PRO QA 62 -25.26 15.39 42.92
CA PRO QA 62 -24.08 15.57 43.79
C PRO QA 62 -23.75 17.01 44.09
N VAL QA 63 -23.87 17.90 43.10
CA VAL QA 63 -23.59 19.32 43.34
C VAL QA 63 -24.62 19.91 44.29
N VAL QA 64 -25.89 19.56 44.12
CA VAL QA 64 -26.93 20.04 45.02
C VAL QA 64 -26.67 19.56 46.44
N ARG QA 65 -26.30 18.30 46.59
CA ARG QA 65 -26.00 17.76 47.91
C ARG QA 65 -24.81 18.47 48.55
N LYS QA 66 -23.77 18.74 47.75
CA LYS QA 66 -22.61 19.44 48.29
C LYS QA 66 -22.98 20.84 48.75
N LEU QA 67 -23.76 21.57 47.96
CA LEU QA 67 -24.18 22.91 48.37
C LEU QA 67 -25.01 22.86 49.64
N VAL QA 68 -25.93 21.90 49.73
CA VAL QA 68 -26.78 21.79 50.91
C VAL QA 68 -25.95 21.49 52.15
N SER QA 69 -24.99 20.57 52.03
CA SER QA 69 -24.13 20.26 53.16
C SER QA 69 -23.28 21.48 53.56
N GLU QA 70 -22.76 22.19 52.57
CA GLU QA 70 -21.94 23.37 52.85
C GLU QA 70 -22.74 24.42 53.61
N MET QA 71 -23.99 24.63 53.21
CA MET QA 71 -24.77 25.67 53.84
C MET QA 71 -25.45 25.20 55.12
N ARG QA 72 -25.47 23.89 55.36
CA ARG QA 72 -25.94 23.36 56.64
C ARG QA 72 -24.84 23.33 57.68
N GLN QA 73 -23.57 23.21 57.25
CA GLN QA 73 -22.46 23.23 58.20
C GLN QA 73 -22.24 24.61 58.82
N ASN QA 74 -22.90 25.65 58.32
CA ASN QA 74 -22.72 27.02 58.77
C ASN QA 74 -24.06 27.59 59.20
N PRO QA 75 -24.54 27.24 60.40
CA PRO QA 75 -25.83 27.77 60.85
C PRO QA 75 -25.77 29.27 61.07
N ILE QA 76 -26.93 29.91 60.93
CA ILE QA 76 -27.08 31.34 61.08
C ILE QA 76 -28.38 31.60 61.83
N ASP QA 77 -28.36 32.57 62.74
CA ASP QA 77 -29.56 32.89 63.48
C ASP QA 77 -29.55 34.37 63.83
N VAL QA 78 -30.68 34.84 64.36
CA VAL QA 78 -30.80 36.23 64.77
C VAL QA 78 -29.91 36.51 65.97
N LEU QA 79 -29.50 37.78 66.11
CA LEU QA 79 -28.70 38.23 67.24
C LEU QA 79 -29.09 39.67 67.53
N TYR QA 80 -29.70 39.89 68.69
CA TYR QA 80 -30.19 41.21 69.03
C TYR QA 80 -29.10 42.00 69.75
N ARG QA 81 -28.90 43.24 69.32
CA ARG QA 81 -27.86 44.09 69.90
C ARG QA 81 -28.45 45.40 70.39
N PRO QA 82 -27.96 45.94 71.49
CA PRO QA 82 -28.50 47.23 71.98
C PRO QA 82 -28.20 48.36 71.00
N LYS QA 83 -29.09 49.34 70.98
CA LYS QA 83 -28.96 50.46 70.06
C LYS QA 83 -27.90 51.44 70.57
N ASP QA 84 -27.83 52.60 69.93
CA ASP QA 84 -26.85 53.62 70.29
C ASP QA 84 -27.44 54.53 71.34
N GLY QA 85 -26.81 54.57 72.51
CA GLY QA 85 -27.31 55.33 73.63
C GLY QA 85 -28.26 54.56 74.53
N ALA QA 86 -28.67 53.36 74.13
CA ALA QA 86 -29.53 52.53 74.97
C ALA QA 86 -28.68 51.81 76.01
N ARG QA 87 -29.37 51.20 76.99
CA ARG QA 87 -28.69 50.52 78.06
C ARG QA 87 -27.90 49.33 77.51
N PRO QA 88 -26.75 49.02 78.12
CA PRO QA 88 -25.87 48.01 77.52
C PRO QA 88 -26.46 46.61 77.45
N ASP QA 89 -27.48 46.31 78.25
CA ASP QA 89 -28.12 45.00 78.28
C ASP QA 89 -29.58 45.08 77.89
N ALA QA 90 -29.88 45.86 76.84
CA ALA QA 90 -31.26 46.01 76.39
C ALA QA 90 -31.73 44.83 75.56
N ALA QA 91 -30.81 43.97 75.11
CA ALA QA 91 -31.14 42.82 74.28
C ALA QA 91 -31.14 41.51 75.07
N ASP QA 92 -30.91 41.56 76.38
CA ASP QA 92 -30.80 40.33 77.16
C ASP QA 92 -32.11 39.55 77.16
N VAL QA 93 -33.22 40.22 77.49
CA VAL QA 93 -34.49 39.51 77.63
C VAL QA 93 -35.01 39.06 76.29
N LEU QA 94 -34.92 39.92 75.28
CA LEU QA 94 -35.39 39.56 73.94
C LEU QA 94 -34.59 38.40 73.38
N MET QA 95 -33.27 38.44 73.54
CA MET QA 95 -32.44 37.32 73.09
C MET QA 95 -32.78 36.06 73.86
N GLY QA 96 -33.03 36.17 75.16
CA GLY QA 96 -33.40 34.99 75.92
C GLY QA 96 -34.68 34.35 75.41
N MET QA 97 -35.70 35.17 75.15
CA MET QA 97 -36.95 34.64 74.61
C MET QA 97 -36.75 34.02 73.24
N TYR QA 98 -35.98 34.68 72.37
CA TYR QA 98 -35.77 34.13 71.03
C TYR QA 98 -35.08 32.77 71.12
N ARG QA 99 -34.02 32.67 71.91
CA ARG QA 99 -33.32 31.40 72.01
C ARG QA 99 -34.19 30.35 72.70
N THR QA 100 -35.09 30.77 73.59
CA THR QA 100 -35.97 29.81 74.25
C THR QA 100 -36.93 29.19 73.26
N ASP QA 101 -37.61 30.01 72.46
CA ASP QA 101 -38.68 29.46 71.62
C ASP QA 101 -38.27 29.27 70.17
N MET QA 102 -36.97 29.38 69.85
CA MET QA 102 -36.50 29.00 68.53
C MET QA 102 -35.50 27.84 68.58
N ARG QA 103 -35.37 27.18 69.73
CA ARG QA 103 -34.47 26.04 69.85
C ARG QA 103 -35.12 24.74 69.43
N HIS QA 104 -36.42 24.72 69.22
CA HIS QA 104 -37.13 23.49 68.97
C HIS QA 104 -36.84 22.96 67.57
N ASN QA 105 -37.26 21.73 67.33
CA ASN QA 105 -37.00 21.07 66.06
C ASN QA 105 -37.74 21.74 64.91
N THR QA 106 -38.93 22.29 65.17
CA THR QA 106 -39.72 22.87 64.10
C THR QA 106 -39.03 24.07 63.46
N ALA QA 107 -38.36 24.89 64.27
CA ALA QA 107 -37.69 26.07 63.74
C ALA QA 107 -36.52 25.69 62.83
N LYS QA 108 -35.65 24.81 63.33
CA LYS QA 108 -34.51 24.38 62.54
C LYS QA 108 -34.96 23.66 61.28
N ILE QA 109 -36.02 22.84 61.38
CA ILE QA 109 -36.53 22.15 60.21
C ILE QA 109 -37.06 23.13 59.19
N ALA QA 110 -37.81 24.15 59.64
CA ALA QA 110 -38.34 25.13 58.71
C ALA QA 110 -37.23 25.85 57.97
N VAL QA 111 -36.18 26.24 58.69
CA VAL QA 111 -35.07 26.93 58.04
C VAL QA 111 -34.38 26.01 57.06
N ASN QA 112 -34.17 24.74 57.43
CA ASN QA 112 -33.51 23.79 56.54
C ASN QA 112 -34.31 23.56 55.26
N ILE QA 113 -35.62 23.42 55.39
CA ILE QA 113 -36.46 23.24 54.20
C ILE QA 113 -36.40 24.47 53.31
N ALA QA 114 -36.48 25.66 53.92
CA ALA QA 114 -36.40 26.89 53.12
C ALA QA 114 -35.06 26.95 52.40
N VAL QA 115 -33.99 26.50 53.05
CA VAL QA 115 -32.66 26.56 52.45
C VAL QA 115 -32.56 25.57 51.29
N ARG QA 116 -33.05 24.35 51.47
CA ARG QA 116 -33.01 23.37 50.40
C ARG QA 116 -33.82 23.84 49.19
N GLU QA 117 -34.99 24.44 49.45
CA GLU QA 117 -35.79 24.94 48.34
C GLU QA 117 -35.16 26.16 47.70
N GLN QA 118 -34.45 26.99 48.48
CA GLN QA 118 -33.71 28.10 47.91
C GLN QA 118 -32.61 27.61 46.98
N ILE QA 119 -31.92 26.53 47.37
CA ILE QA 119 -30.85 26.02 46.54
C ILE QA 119 -31.39 25.37 45.28
N GLU QA 120 -32.48 24.60 45.39
CA GLU QA 120 -32.98 23.87 44.24
C GLU QA 120 -33.82 24.77 43.32
N ALA QA 121 -34.94 25.31 43.83
CA ALA QA 121 -35.86 26.05 42.99
C ALA QA 121 -35.55 27.54 42.96
N GLY QA 122 -34.92 28.07 44.00
CA GLY QA 122 -34.57 29.47 44.07
C GLY QA 122 -35.38 30.27 45.05
N VAL QA 123 -36.44 29.73 45.63
CA VAL QA 123 -37.27 30.43 46.60
C VAL QA 123 -37.72 29.47 47.68
N GLY QA 124 -37.76 29.96 48.92
CA GLY QA 124 -38.31 29.21 50.03
C GLY QA 124 -39.01 30.15 50.99
N ALA QA 125 -39.71 29.59 51.96
CA ALA QA 125 -40.42 30.45 52.89
C ALA QA 125 -40.77 29.71 54.17
N TRP QA 126 -40.73 30.44 55.27
CA TRP QA 126 -41.24 29.91 56.52
C TRP QA 126 -42.14 30.94 57.19
N ARG QA 127 -42.78 30.52 58.27
CA ARG QA 127 -43.85 31.28 58.88
C ARG QA 127 -43.63 31.33 60.39
N LEU QA 128 -44.09 32.42 61.00
CA LEU QA 128 -44.07 32.56 62.45
C LEU QA 128 -45.50 32.62 62.95
N VAL QA 129 -45.81 31.86 63.99
CA VAL QA 129 -47.15 31.82 64.56
C VAL QA 129 -47.08 31.87 66.07
N THR QA 130 -48.20 32.20 66.69
CA THR QA 130 -48.33 32.26 68.14
C THR QA 130 -49.40 31.27 68.59
N ASP QA 131 -49.15 30.62 69.72
CA ASP QA 131 -50.07 29.63 70.26
C ASP QA 131 -50.11 29.77 71.77
N TYR QA 132 -51.11 29.16 72.39
CA TYR QA 132 -51.29 29.19 73.83
C TYR QA 132 -50.76 27.89 74.43
N GLU QA 133 -49.72 28.01 75.24
CA GLU QA 133 -49.11 26.86 75.89
C GLU QA 133 -49.28 27.02 77.40
N ASP QA 134 -49.84 26.00 78.04
CA ASP QA 134 -50.08 26.04 79.48
C ASP QA 134 -48.96 25.44 80.31
N GLN QA 135 -48.17 24.53 79.75
CA GLN QA 135 -47.17 23.80 80.50
C GLN QA 135 -45.83 24.54 80.57
N SER QA 136 -45.29 24.93 79.41
CA SER QA 136 -44.00 25.61 79.35
C SER QA 136 -44.12 26.85 78.47
N PRO QA 137 -44.77 27.89 78.97
CA PRO QA 137 -44.93 29.12 78.18
C PRO QA 137 -43.70 30.00 78.29
N THR QA 138 -43.32 30.60 77.17
CA THR QA 138 -42.23 31.56 77.21
C THR QA 138 -42.63 32.81 77.99
N SER QA 139 -43.84 33.30 77.75
CA SER QA 139 -44.30 34.51 78.42
C SER QA 139 -45.80 34.65 78.19
N ASN QA 140 -46.52 35.04 79.25
CA ASN QA 140 -47.94 35.39 79.16
C ASN QA 140 -48.76 34.22 78.65
N ASN QA 141 -48.41 33.00 79.08
CA ASN QA 141 -49.14 31.79 78.72
C ASN QA 141 -49.16 31.56 77.21
N GLN QA 142 -48.12 31.99 76.51
CA GLN QA 142 -48.09 31.92 75.06
C GLN QA 142 -46.69 31.54 74.60
N VAL QA 143 -46.62 31.01 73.38
CA VAL QA 143 -45.37 30.71 72.73
C VAL QA 143 -45.41 31.24 71.30
N ILE QA 144 -44.24 31.55 70.78
CA ILE QA 144 -44.06 31.93 69.38
C ILE QA 144 -43.21 30.84 68.75
N ARG QA 145 -43.69 30.23 67.68
CA ARG QA 145 -42.97 29.14 67.05
C ARG QA 145 -42.92 29.38 65.55
N ARG QA 146 -42.10 28.57 64.88
CA ARG QA 146 -41.81 28.72 63.46
C ARG QA 146 -42.18 27.45 62.72
N GLU QA 147 -42.77 27.61 61.55
CA GLU QA 147 -43.26 26.50 60.73
C GLU QA 147 -42.73 26.62 59.31
N PRO QA 148 -42.61 25.50 58.61
CA PRO QA 148 -42.12 25.55 57.23
C PRO QA 148 -43.23 25.94 56.25
N ILE QA 149 -42.83 26.22 55.03
CA ILE QA 149 -43.76 26.23 53.91
C ILE QA 149 -43.13 25.39 52.81
N HIS QA 150 -43.80 24.30 52.46
CA HIS QA 150 -43.31 23.41 51.40
C HIS QA 150 -43.79 23.92 50.05
N SER QA 151 -42.87 23.98 49.10
CA SER QA 151 -43.14 24.52 47.78
C SER QA 151 -43.62 25.97 47.88
N ALA QA 152 -42.72 26.82 48.36
CA ALA QA 152 -43.05 28.23 48.55
C ALA QA 152 -43.41 28.91 47.24
N CYS QA 153 -42.79 28.49 46.13
CA CYS QA 153 -43.04 29.12 44.85
C CYS QA 153 -44.51 29.07 44.47
N SER QA 154 -45.19 27.99 44.83
CA SER QA 154 -46.60 27.84 44.51
C SER QA 154 -47.52 28.04 45.70
N HIS QA 155 -46.99 28.07 46.92
CA HIS QA 155 -47.82 28.17 48.10
C HIS QA 155 -47.80 29.55 48.75
N VAL QA 156 -46.88 30.42 48.38
CA VAL QA 156 -46.84 31.79 48.89
C VAL QA 156 -46.93 32.71 47.69
N ILE QA 157 -48.03 33.44 47.57
CA ILE QA 157 -48.22 34.34 46.45
C ILE QA 157 -48.12 35.77 46.97
N TRP QA 158 -46.92 36.32 46.93
CA TRP QA 158 -46.67 37.63 47.50
C TRP QA 158 -47.36 38.71 46.67
N ASP QA 159 -47.51 39.87 47.30
CA ASP QA 159 -48.01 41.04 46.59
C ASP QA 159 -47.12 41.34 45.39
N SER QA 160 -47.74 41.56 44.23
CA SER QA 160 -46.96 41.70 43.01
C SER QA 160 -46.18 43.00 42.96
N ASN QA 161 -46.61 44.02 43.69
CA ASN QA 161 -45.94 45.32 43.65
C ASN QA 161 -44.95 45.46 44.81
N SER QA 162 -43.97 44.53 44.83
CA SER QA 162 -42.92 44.53 45.82
C SER QA 162 -41.57 44.53 45.11
N LYS QA 163 -40.73 45.50 45.45
CA LYS QA 163 -39.40 45.64 44.86
C LYS QA 163 -38.30 45.33 45.86
N LEU QA 164 -38.63 44.58 46.91
CA LEU QA 164 -37.68 44.25 47.96
C LEU QA 164 -37.53 42.74 48.06
N MET QA 165 -36.29 42.30 48.34
CA MET QA 165 -36.01 40.88 48.40
C MET QA 165 -36.78 40.20 49.52
N ASP QA 166 -36.89 40.85 50.67
CA ASP QA 166 -37.53 40.28 51.83
C ASP QA 166 -39.03 40.55 51.90
N LYS QA 167 -39.57 41.27 50.92
CA LYS QA 167 -41.01 41.54 50.83
C LYS QA 167 -41.53 42.26 52.07
N SER QA 168 -40.76 43.23 52.57
CA SER QA 168 -41.26 44.07 53.66
C SER QA 168 -42.20 45.17 53.18
N ASP QA 169 -42.12 45.54 51.91
CA ASP QA 169 -43.03 46.54 51.36
C ASP QA 169 -44.28 45.92 50.76
N ALA QA 170 -44.41 44.60 50.80
CA ALA QA 170 -45.65 43.95 50.41
C ALA QA 170 -46.76 44.31 51.38
N ARG QA 171 -47.94 44.62 50.85
CA ARG QA 171 -49.07 44.97 51.69
C ARG QA 171 -50.01 43.80 51.94
N HIS QA 172 -49.89 42.72 51.18
CA HIS QA 172 -50.69 41.54 51.42
C HIS QA 172 -49.96 40.32 50.89
N CYS QA 173 -50.40 39.15 51.35
CA CYS QA 173 -49.82 37.88 50.94
C CYS QA 173 -50.85 36.79 51.21
N THR QA 174 -50.99 35.88 50.26
CA THR QA 174 -51.91 34.76 50.41
C THR QA 174 -51.12 33.47 50.50
N VAL QA 175 -51.35 32.71 51.57
CA VAL QA 175 -50.66 31.45 51.83
C VAL QA 175 -51.67 30.32 51.68
N ILE QA 176 -51.32 29.33 50.86
CA ILE QA 176 -52.23 28.23 50.55
C ILE QA 176 -51.89 27.05 51.46
N HIS QA 177 -52.86 26.67 52.29
CA HIS QA 177 -52.72 25.53 53.18
C HIS QA 177 -53.30 24.30 52.52
N SER QA 178 -52.49 23.24 52.43
CA SER QA 178 -52.90 21.96 51.87
C SER QA 178 -52.85 20.93 52.98
N MET QA 179 -53.91 20.14 53.11
CA MET QA 179 -54.03 19.21 54.23
C MET QA 179 -55.00 18.10 53.85
N SER QA 180 -54.80 16.93 54.46
CA SER QA 180 -55.66 15.79 54.17
C SER QA 180 -57.06 16.06 54.72
N GLN QA 181 -57.96 15.09 54.54
CA GLN QA 181 -59.31 15.23 55.06
C GLN QA 181 -59.32 15.33 56.57
N ASN QA 182 -58.57 14.45 57.25
CA ASN QA 182 -58.53 14.48 58.70
C ASN QA 182 -57.90 15.77 59.20
N GLY QA 183 -56.86 16.23 58.52
CA GLY QA 183 -56.32 17.54 58.83
C GLY QA 183 -57.32 18.63 58.62
N TRP QA 184 -58.22 18.48 57.64
CA TRP QA 184 -59.25 19.49 57.45
C TRP QA 184 -60.22 19.50 58.61
N GLU QA 185 -60.63 18.34 59.11
CA GLU QA 185 -61.51 18.36 60.28
C GLU QA 185 -60.83 19.00 61.47
N ASP QA 186 -59.55 18.70 61.69
CA ASP QA 186 -58.85 19.34 62.82
C ASP QA 186 -58.74 20.85 62.62
N PHE QA 187 -58.46 21.29 61.40
CA PHE QA 187 -58.38 22.72 61.12
C PHE QA 187 -59.72 23.41 61.35
N ALA QA 188 -60.81 22.79 60.91
CA ALA QA 188 -62.13 23.36 61.11
C ALA QA 188 -62.48 23.39 62.60
N GLU QA 189 -62.15 22.34 63.34
CA GLU QA 189 -62.38 22.34 64.78
C GLU QA 189 -61.60 23.46 65.46
N LYS QA 190 -60.36 23.68 65.03
CA LYS QA 190 -59.51 24.66 65.69
C LYS QA 190 -59.94 26.08 65.35
N TYR QA 191 -60.36 26.34 64.12
CA TYR QA 191 -60.71 27.68 63.68
C TYR QA 191 -62.21 27.94 63.67
N ASP QA 192 -63.01 27.03 64.25
CA ASP QA 192 -64.46 27.20 64.37
C ASP QA 192 -65.11 27.33 62.98
N LEU QA 193 -64.97 26.27 62.19
CA LEU QA 193 -65.50 26.22 60.83
C LEU QA 193 -66.50 25.08 60.70
N ASP QA 194 -67.10 24.98 59.51
CA ASP QA 194 -68.14 24.00 59.23
C ASP QA 194 -67.50 22.83 58.50
N ALA QA 195 -67.25 21.74 59.24
CA ALA QA 195 -66.48 20.64 58.69
C ALA QA 195 -67.20 19.96 57.53
N ASP QA 196 -68.53 20.12 57.43
CA ASP QA 196 -69.25 19.53 56.31
C ASP QA 196 -69.06 20.34 55.03
N ASP QA 197 -68.92 21.66 55.15
CA ASP QA 197 -68.69 22.51 53.98
C ASP QA 197 -67.23 22.35 53.57
N ILE QA 198 -67.00 21.54 52.55
CA ILE QA 198 -65.63 21.20 52.15
C ILE QA 198 -65.06 22.35 51.34
N PRO QA 199 -63.90 22.90 51.71
CA PRO QA 199 -63.38 24.09 51.05
C PRO QA 199 -62.55 23.76 49.81
N SER QA 200 -62.25 24.81 49.05
CA SER QA 200 -61.45 24.67 47.85
C SER QA 200 -60.68 25.96 47.59
N PHE QA 201 -59.58 25.83 46.87
CA PHE QA 201 -58.81 27.00 46.46
C PHE QA 201 -57.91 26.61 45.30
N GLN QA 202 -57.43 27.62 44.58
CA GLN QA 202 -56.65 27.37 43.38
C GLN QA 202 -55.27 26.83 43.72
N ASN QA 203 -54.87 25.79 43.00
CA ASN QA 203 -53.54 25.22 43.05
C ASN QA 203 -53.02 25.11 41.63
N PRO QA 204 -51.70 25.08 41.44
CA PRO QA 204 -51.14 25.15 40.08
C PRO QA 204 -51.65 24.06 39.17
N ASN QA 205 -51.85 24.41 37.91
CA ASN QA 205 -52.33 23.47 36.90
C ASN QA 205 -51.16 23.01 36.05
N ASP QA 206 -50.98 21.70 35.97
CA ASP QA 206 -49.79 21.12 35.35
C ASP QA 206 -50.21 19.99 34.42
N TRP QA 207 -49.20 19.28 33.93
CA TRP QA 207 -49.37 18.10 33.10
C TRP QA 207 -48.55 16.91 33.55
N VAL QA 208 -47.49 17.12 34.32
CA VAL QA 208 -46.45 16.12 34.49
C VAL QA 208 -46.81 15.20 35.65
N PHE QA 209 -46.66 13.90 35.40
CA PHE QA 209 -46.74 12.84 36.39
C PHE QA 209 -48.03 12.94 37.21
N PRO QA 210 -49.15 12.53 36.63
CA PRO QA 210 -50.42 12.61 37.33
C PRO QA 210 -50.48 11.85 38.65
N TRP QA 211 -49.48 11.01 38.93
CA TRP QA 211 -49.48 10.24 40.16
C TRP QA 211 -49.07 11.06 41.37
N LEU QA 212 -48.67 12.31 41.17
CA LEU QA 212 -48.35 13.21 42.27
C LEU QA 212 -49.59 13.83 42.90
N THR QA 213 -50.78 13.62 42.32
CA THR QA 213 -51.98 14.25 42.83
C THR QA 213 -52.54 13.48 44.01
N GLN QA 214 -52.62 14.14 45.15
CA GLN QA 214 -53.23 13.58 46.35
C GLN QA 214 -54.61 14.20 46.54
N ASP QA 215 -55.57 13.36 46.93
CA ASP QA 215 -56.91 13.84 47.25
C ASP QA 215 -56.81 14.61 48.58
N THR QA 216 -56.75 15.93 48.49
CA THR QA 216 -56.44 16.77 49.64
C THR QA 216 -57.41 17.93 49.70
N ILE QA 217 -57.10 18.90 50.55
CA ILE QA 217 -57.95 20.05 50.84
C ILE QA 217 -57.08 21.29 50.84
N GLN QA 218 -57.48 22.31 50.10
CA GLN QA 218 -56.75 23.56 50.03
C GLN QA 218 -57.62 24.69 50.59
N ILE QA 219 -56.99 25.60 51.30
CA ILE QA 219 -57.62 26.81 51.81
C ILE QA 219 -56.57 27.91 51.73
N ALA QA 220 -56.98 29.16 51.94
CA ALA QA 220 -56.01 30.24 51.85
C ALA QA 220 -56.12 31.14 53.07
N GLU QA 221 -54.99 31.74 53.42
CA GLU QA 221 -54.92 32.77 54.45
C GLU QA 221 -54.40 34.04 53.80
N PHE QA 222 -55.23 35.07 53.78
CA PHE QA 222 -54.92 36.36 53.22
C PHE QA 222 -54.47 37.27 54.37
N TYR QA 223 -53.17 37.58 54.41
CA TYR QA 223 -52.61 38.54 55.34
C TYR QA 223 -52.59 39.89 54.66
N GLU QA 224 -53.09 40.91 55.35
CA GLU QA 224 -53.08 42.27 54.84
C GLU QA 224 -52.63 43.21 55.95
N VAL QA 225 -51.73 44.13 55.61
CA VAL QA 225 -51.15 45.06 56.57
C VAL QA 225 -51.69 46.46 56.29
N VAL QA 226 -52.04 47.16 57.37
CA VAL QA 226 -52.64 48.49 57.28
C VAL QA 226 -51.88 49.40 58.23
N GLU QA 227 -51.33 50.49 57.69
CA GLU QA 227 -50.60 51.46 58.49
C GLU QA 227 -51.50 52.65 58.75
N LYS QA 228 -51.83 52.90 60.01
CA LYS QA 228 -52.75 53.96 60.36
C LYS QA 228 -52.30 54.60 61.67
N LYS QA 229 -52.83 55.79 61.93
CA LYS QA 229 -52.56 56.49 63.18
C LYS QA 229 -53.66 56.16 64.18
N GLU QA 230 -53.27 55.52 65.28
CA GLU QA 230 -54.21 55.18 66.33
C GLU QA 230 -53.81 55.85 67.63
N THR QA 231 -54.77 55.96 68.54
CA THR QA 231 -54.59 56.71 69.76
C THR QA 231 -53.75 55.95 70.77
N ALA QA 232 -52.84 56.67 71.43
CA ALA QA 232 -52.06 56.15 72.53
C ALA QA 232 -52.33 57.00 73.77
N PHE QA 233 -52.27 56.37 74.93
CA PHE QA 233 -52.59 57.03 76.20
C PHE QA 233 -51.31 57.26 76.97
N ILE QA 234 -51.08 58.50 77.39
CA ILE QA 234 -49.87 58.88 78.12
C ILE QA 234 -50.24 58.80 79.60
N TYR QA 235 -49.75 57.79 80.29
CA TYR QA 235 -50.04 57.61 81.70
C TYR QA 235 -48.83 58.02 82.54
N GLN QA 236 -49.04 58.09 83.84
CA GLN QA 236 -47.99 58.36 84.81
C GLN QA 236 -47.81 57.10 85.65
N ASP QA 237 -46.69 56.43 85.49
CA ASP QA 237 -46.46 55.18 86.20
C ASP QA 237 -46.42 55.42 87.70
N PRO QA 238 -47.23 54.71 88.48
CA PRO QA 238 -47.18 54.91 89.94
C PRO QA 238 -45.83 54.61 90.55
N VAL QA 239 -45.04 53.72 89.94
CA VAL QA 239 -43.68 53.49 90.43
C VAL QA 239 -42.76 54.65 90.05
N THR QA 240 -42.58 54.87 88.74
CA THR QA 240 -41.80 55.99 88.23
C THR QA 240 -41.94 56.05 86.72
N GLY QA 241 -41.84 57.25 86.17
CA GLY QA 241 -41.84 57.46 84.75
C GLY QA 241 -43.23 57.68 84.17
N GLU QA 242 -43.26 58.00 82.88
CA GLU QA 242 -44.51 58.22 82.15
C GLU QA 242 -44.58 57.27 80.97
N PRO QA 243 -45.16 56.08 81.13
CA PRO QA 243 -45.24 55.12 80.04
C PRO QA 243 -46.38 55.44 79.08
N VAL QA 244 -46.34 54.78 77.93
CA VAL QA 244 -47.30 55.01 76.86
C VAL QA 244 -47.93 53.67 76.50
N SER QA 245 -49.25 53.63 76.38
CA SER QA 245 -49.95 52.42 75.99
C SER QA 245 -50.96 52.75 74.89
N TYR QA 246 -51.16 51.82 73.98
CA TYR QA 246 -52.09 52.03 72.88
C TYR QA 246 -53.53 51.91 73.36
N PHE QA 247 -54.43 52.62 72.68
CA PHE QA 247 -55.85 52.54 73.02
C PHE QA 247 -56.39 51.16 72.72
N LYS QA 248 -56.15 50.66 71.50
CA LYS QA 248 -56.82 49.44 71.04
C LYS QA 248 -56.49 48.24 71.90
N ARG QA 249 -55.29 48.20 72.50
CA ARG QA 249 -54.91 47.03 73.27
C ARG QA 249 -55.59 46.96 74.62
N ASP QA 250 -56.01 48.10 75.16
CA ASP QA 250 -56.73 48.14 76.43
C ASP QA 250 -57.99 48.97 76.32
N ILE QA 251 -58.70 48.81 75.20
CA ILE QA 251 -59.90 49.61 74.95
C ILE QA 251 -60.95 49.37 76.04
N LYS QA 252 -61.19 48.10 76.36
CA LYS QA 252 -62.28 47.76 77.28
C LYS QA 252 -61.81 46.87 78.41
N ASP QA 253 -60.75 46.09 78.17
CA ASP QA 253 -60.35 45.09 79.15
C ASP QA 253 -59.87 45.72 80.45
N VAL QA 254 -58.91 46.65 80.37
CA VAL QA 254 -58.33 47.21 81.59
C VAL QA 254 -58.29 48.73 81.52
N ILE QA 255 -59.18 49.33 80.72
CA ILE QA 255 -59.13 50.76 80.49
C ILE QA 255 -59.28 51.53 81.80
N ASP QA 256 -60.20 51.11 82.66
CA ASP QA 256 -60.38 51.74 83.96
C ASP QA 256 -59.74 50.94 85.10
N ASP QA 257 -59.37 49.68 84.86
CA ASP QA 257 -58.52 48.98 85.80
C ASP QA 257 -57.18 49.69 85.95
N LEU QA 258 -56.69 50.30 84.88
CA LEU QA 258 -55.50 51.14 84.98
C LEU QA 258 -55.70 52.23 86.04
N ALA QA 259 -56.81 52.95 85.95
CA ALA QA 259 -57.07 54.03 86.90
C ALA QA 259 -57.24 53.49 88.31
N ASP QA 260 -57.93 52.36 88.46
CA ASP QA 260 -58.13 51.78 89.78
C ASP QA 260 -56.80 51.38 90.41
N SER QA 261 -55.88 50.85 89.60
CA SER QA 261 -54.57 50.47 90.12
C SER QA 261 -53.67 51.68 90.36
N GLY QA 262 -53.96 52.82 89.73
CA GLY QA 262 -53.23 54.02 90.07
C GLY QA 262 -52.54 54.73 88.91
N PHE QA 263 -53.01 54.47 87.70
CA PHE QA 263 -52.49 55.16 86.52
C PHE QA 263 -53.39 56.35 86.21
N ILE QA 264 -52.86 57.55 86.38
CA ILE QA 264 -53.59 58.79 86.12
C ILE QA 264 -53.22 59.26 84.73
N LYS QA 265 -54.21 59.34 83.84
CA LYS QA 265 -53.94 59.71 82.45
C LYS QA 265 -53.40 61.13 82.37
N ILE QA 266 -52.39 61.33 81.53
CA ILE QA 266 -51.74 62.62 81.36
C ILE QA 266 -52.17 63.28 80.05
N ALA QA 267 -51.90 62.63 78.93
CA ALA QA 267 -52.15 63.21 77.62
C ALA QA 267 -52.54 62.11 76.65
N GLU QA 268 -53.14 62.51 75.53
CA GLU QA 268 -53.58 61.58 74.51
C GLU QA 268 -52.96 62.00 73.18
N ARG QA 269 -52.30 61.05 72.52
CA ARG QA 269 -51.59 61.30 71.27
C ARG QA 269 -52.08 60.33 70.20
N GLN QA 270 -51.78 60.66 68.94
CA GLN QA 270 -52.04 59.79 67.80
C GLN QA 270 -50.71 59.37 67.23
N ILE QA 271 -50.45 58.06 67.22
CA ILE QA 271 -49.17 57.50 66.79
C ILE QA 271 -49.42 56.56 65.62
N LYS QA 272 -48.57 56.65 64.61
CA LYS QA 272 -48.70 55.83 63.42
C LYS QA 272 -48.09 54.45 63.66
N ARG QA 273 -48.85 53.40 63.36
CA ARG QA 273 -48.37 52.04 63.52
C ARG QA 273 -49.10 51.14 62.53
N ARG QA 274 -48.55 49.96 62.33
CA ARG QA 274 -49.09 48.97 61.41
C ARG QA 274 -49.85 47.90 62.17
N ARG QA 275 -50.89 47.37 61.52
CA ARG QA 275 -51.64 46.25 62.05
C ARG QA 275 -51.83 45.21 60.95
N VAL QA 276 -51.91 43.95 61.33
CA VAL QA 276 -51.98 42.84 60.39
C VAL QA 276 -53.27 42.08 60.62
N TYR QA 277 -54.00 41.82 59.53
CA TYR QA 277 -55.26 41.10 59.58
C TYR QA 277 -55.16 39.85 58.73
N LYS QA 278 -55.61 38.73 59.29
CA LYS QA 278 -55.62 37.45 58.61
C LYS QA 278 -57.06 37.05 58.29
N SER QA 279 -57.27 36.57 57.07
CA SER QA 279 -58.59 36.09 56.65
C SER QA 279 -58.45 34.70 56.08
N ILE QA 280 -59.30 33.77 56.51
CA ILE QA 280 -59.36 32.44 55.92
C ILE QA 280 -60.37 32.47 54.80
N ILE QA 281 -59.93 32.10 53.59
CA ILE QA 281 -60.77 32.21 52.42
C ILE QA 281 -60.76 30.92 51.63
N THR QA 282 -61.87 30.69 50.94
CA THR QA 282 -62.07 29.66 49.95
C THR QA 282 -62.33 30.35 48.61
N CYS QA 283 -62.69 29.57 47.61
CA CYS QA 283 -62.96 30.15 46.31
C CYS QA 283 -64.27 30.91 46.28
N THR QA 284 -65.28 30.44 47.03
CA THR QA 284 -66.63 30.95 46.90
C THR QA 284 -67.11 31.79 48.08
N ALA QA 285 -66.43 31.74 49.23
CA ALA QA 285 -66.87 32.53 50.37
C ALA QA 285 -65.69 32.74 51.31
N VAL QA 286 -65.88 33.68 52.23
CA VAL QA 286 -64.89 34.03 53.25
C VAL QA 286 -65.32 33.40 54.56
N LEU QA 287 -64.43 32.61 55.17
CA LEU QA 287 -64.78 31.89 56.39
C LEU QA 287 -64.49 32.71 57.65
N LYS QA 288 -63.32 33.34 57.70
CA LYS QA 288 -62.96 34.28 58.77
C LYS QA 288 -62.58 35.60 58.13
N ASP QA 289 -63.11 36.70 58.65
CA ASP QA 289 -63.08 37.94 57.88
C ASP QA 289 -61.80 38.74 58.05
N LYS QA 290 -61.54 39.26 59.25
CA LYS QA 290 -60.43 40.19 59.44
C LYS QA 290 -59.74 39.97 60.78
N GLN QA 291 -59.44 38.72 61.13
CA GLN QA 291 -58.90 38.46 62.46
C GLN QA 291 -57.57 39.18 62.66
N LEU QA 292 -57.53 40.17 63.54
CA LEU QA 292 -56.28 40.84 63.85
C LEU QA 292 -55.29 39.88 64.47
N ILE QA 293 -54.05 39.91 63.98
CA ILE QA 293 -53.00 39.06 64.53
C ILE QA 293 -51.91 39.94 65.11
N ALA QA 294 -51.03 39.31 65.88
CA ALA QA 294 -49.97 40.03 66.59
C ALA QA 294 -48.88 40.49 65.63
N GLY QA 295 -48.27 41.62 65.95
CA GLY QA 295 -47.14 42.12 65.21
C GLY QA 295 -47.52 43.23 64.25
N GLU QA 296 -46.49 43.87 63.71
CA GLU QA 296 -46.63 44.91 62.70
C GLU QA 296 -46.25 44.43 61.31
N HIS QA 297 -45.75 43.21 61.18
CA HIS QA 297 -45.27 42.68 59.92
C HIS QA 297 -45.97 41.38 59.57
N ILE QA 298 -45.99 41.06 58.30
CA ILE QA 298 -46.58 39.81 57.81
C ILE QA 298 -45.71 38.64 58.28
N PRO QA 299 -46.29 37.60 58.88
CA PRO QA 299 -45.49 36.56 59.54
C PRO QA 299 -44.78 35.60 58.58
N ILE QA 300 -44.72 35.87 57.28
CA ILE QA 300 -44.08 34.98 56.33
C ILE QA 300 -42.75 35.59 55.91
N VAL QA 301 -41.68 34.79 55.99
CA VAL QA 301 -40.33 35.21 55.66
C VAL QA 301 -39.89 34.43 54.42
N PRO QA 302 -39.60 35.10 53.30
CA PRO QA 302 -39.06 34.40 52.13
C PRO QA 302 -37.55 34.43 52.03
N VAL QA 303 -36.97 33.38 51.45
CA VAL QA 303 -35.54 33.27 51.18
C VAL QA 303 -35.39 33.12 49.68
N PHE QA 304 -34.51 33.93 49.09
CA PHE QA 304 -34.34 33.96 47.64
C PHE QA 304 -32.91 33.57 47.27
N GLY QA 305 -32.76 33.05 46.06
CA GLY QA 305 -31.44 32.69 45.56
C GLY QA 305 -30.86 33.81 44.71
N GLU QA 306 -30.82 33.61 43.40
CA GLU QA 306 -30.46 34.67 42.46
C GLU QA 306 -31.75 35.41 42.11
N TRP QA 307 -31.93 36.60 42.67
CA TRP QA 307 -33.20 37.31 42.61
C TRP QA 307 -33.03 38.64 41.89
N GLY QA 308 -34.05 39.04 41.15
CA GLY QA 308 -34.01 40.32 40.48
C GLY QA 308 -35.31 40.57 39.72
N PHE QA 309 -35.33 41.71 39.04
CA PHE QA 309 -36.43 42.09 38.15
C PHE QA 309 -35.84 42.33 36.77
N VAL QA 310 -36.43 41.71 35.75
CA VAL QA 310 -35.88 41.88 34.42
C VAL QA 310 -36.54 43.07 33.73
N GLU QA 311 -37.84 42.97 33.46
CA GLU QA 311 -38.60 44.11 32.96
C GLU QA 311 -39.89 44.14 33.77
N ASP QA 312 -39.81 44.77 34.94
CA ASP QA 312 -40.99 44.88 35.84
C ASP QA 312 -41.56 43.49 36.12
N LYS QA 313 -40.74 42.46 35.98
CA LYS QA 313 -41.15 41.08 36.20
C LYS QA 313 -40.09 40.39 37.03
N GLU QA 314 -40.53 39.70 38.08
CA GLU QA 314 -39.61 39.02 38.99
C GLU QA 314 -39.00 37.79 38.35
N VAL QA 315 -37.72 37.57 38.63
CA VAL QA 315 -37.02 36.36 38.26
C VAL QA 315 -36.19 35.91 39.46
N TYR QA 316 -36.28 34.63 39.79
CA TYR QA 316 -35.43 34.05 40.81
C TYR QA 316 -35.00 32.67 40.37
N GLU QA 317 -33.73 32.37 40.61
CA GLU QA 317 -33.10 31.17 40.08
C GLU QA 317 -32.21 30.54 41.13
N GLY QA 318 -32.14 29.22 41.12
CA GLY QA 318 -31.30 28.51 42.05
C GLY QA 318 -29.96 28.12 41.44
N VAL QA 319 -29.69 26.82 41.38
CA VAL QA 319 -28.45 26.33 40.79
C VAL QA 319 -28.80 25.25 39.77
N VAL QA 320 -30.04 24.77 39.82
CA VAL QA 320 -30.47 23.68 38.98
C VAL QA 320 -31.05 24.14 37.65
N ARG QA 321 -31.66 25.32 37.60
CA ARG QA 321 -32.37 25.74 36.40
C ARG QA 321 -31.46 25.77 35.19
N LEU QA 322 -30.16 25.95 35.40
CA LEU QA 322 -29.26 26.26 34.31
C LEU QA 322 -28.52 25.05 33.77
N THR QA 323 -28.65 23.89 34.41
CA THR QA 323 -28.02 22.67 33.96
C THR QA 323 -29.00 21.67 33.35
N LYS QA 324 -30.27 22.04 33.26
CA LYS QA 324 -31.28 21.09 32.80
C LYS QA 324 -31.05 20.70 31.35
N ASP QA 325 -30.62 21.64 30.53
CA ASP QA 325 -30.37 21.36 29.12
C ASP QA 325 -29.25 20.34 28.95
N GLY QA 326 -28.11 20.59 29.58
CA GLY QA 326 -27.00 19.67 29.49
C GLY QA 326 -27.32 18.31 30.08
N GLN QA 327 -28.03 18.28 31.20
CA GLN QA 327 -28.32 16.99 31.81
C GLN QA 327 -29.34 16.20 31.00
N ARG QA 328 -30.34 16.87 30.43
CA ARG QA 328 -31.29 16.17 29.57
C ARG QA 328 -30.61 15.62 28.33
N LEU QA 329 -29.70 16.40 27.75
CA LEU QA 329 -28.93 15.91 26.60
C LEU QA 329 -28.10 14.70 26.98
N ARG QA 330 -27.45 14.73 28.14
CA ARG QA 330 -26.64 13.60 28.56
C ARG QA 330 -27.48 12.36 28.79
N ASN QA 331 -28.65 12.53 29.43
CA ASN QA 331 -29.56 11.40 29.59
C ASN QA 331 -29.94 10.81 28.24
N MET QA 332 -30.30 11.67 27.28
CA MET QA 332 -30.71 11.18 25.97
C MET QA 332 -29.60 10.43 25.27
N ILE QA 333 -28.38 10.96 25.30
CA ILE QA 333 -27.28 10.33 24.58
C ILE QA 333 -26.91 9.00 25.24
N MET QA 334 -26.93 8.95 26.57
CA MET QA 334 -26.66 7.70 27.26
C MET QA 334 -27.71 6.65 26.93
N SER QA 335 -28.98 7.06 26.83
CA SER QA 335 -30.03 6.13 26.46
C SER QA 335 -29.88 5.62 25.03
N PHE QA 336 -29.53 6.52 24.11
CA PHE QA 336 -29.27 6.10 22.73
C PHE QA 336 -28.16 5.07 22.68
N ASN QA 337 -27.08 5.31 23.41
CA ASN QA 337 -25.95 4.38 23.40
C ASN QA 337 -26.33 3.04 24.02
N ALA QA 338 -27.13 3.05 25.08
CA ALA QA 338 -27.59 1.79 25.66
C ALA QA 338 -28.45 1.01 24.68
N ASP QA 339 -29.30 1.71 23.93
CA ASP QA 339 -30.06 1.05 22.87
C ASP QA 339 -29.12 0.44 21.84
N ILE QA 340 -28.04 1.15 21.50
CA ILE QA 340 -27.06 0.62 20.56
C ILE QA 340 -26.47 -0.68 21.08
N VAL QA 341 -26.13 -0.71 22.36
CA VAL QA 341 -25.53 -1.91 22.94
C VAL QA 341 -26.52 -3.06 22.92
N ALA QA 342 -27.77 -2.80 23.27
CA ALA QA 342 -28.73 -3.91 23.40
C ALA QA 342 -29.21 -4.40 22.04
N ARG QA 343 -29.88 -3.54 21.28
CA ARG QA 343 -30.58 -3.96 20.08
C ARG QA 343 -29.68 -3.78 18.87
N THR QA 344 -28.80 -4.75 18.64
CA THR QA 344 -28.00 -4.72 17.42
C THR QA 344 -27.45 -6.10 17.17
N PRO QA 345 -27.47 -6.60 15.94
CA PRO QA 345 -26.88 -7.90 15.66
C PRO QA 345 -25.38 -7.88 15.92
N LYS QA 346 -24.85 -9.01 16.40
CA LYS QA 346 -23.47 -9.12 16.82
C LYS QA 346 -22.61 -9.69 15.68
N LYS QA 347 -21.31 -9.78 15.93
CA LYS QA 347 -20.36 -10.19 14.91
C LYS QA 347 -20.40 -11.70 14.75
N LYS QA 348 -20.96 -12.15 13.64
CA LYS QA 348 -21.03 -13.56 13.27
C LYS QA 348 -20.74 -13.68 11.79
N PRO QA 349 -20.39 -14.87 11.32
CA PRO QA 349 -20.07 -15.04 9.90
C PRO QA 349 -21.31 -14.96 9.03
N PHE QA 350 -21.07 -14.63 7.76
CA PHE QA 350 -22.09 -14.66 6.72
C PHE QA 350 -21.86 -15.90 5.88
N PHE QA 351 -22.90 -16.70 5.72
CA PHE QA 351 -22.79 -17.99 5.05
C PHE QA 351 -23.89 -18.14 4.01
N TRP QA 352 -23.55 -18.68 2.87
CA TRP QA 352 -24.61 -19.31 2.10
C TRP QA 352 -24.98 -20.62 2.76
N PRO QA 353 -26.25 -21.04 2.71
CA PRO QA 353 -26.61 -22.33 3.32
C PRO QA 353 -25.87 -23.51 2.73
N GLU QA 354 -25.56 -23.46 1.44
CA GLU QA 354 -24.88 -24.55 0.76
C GLU QA 354 -23.41 -24.66 1.12
N GLN QA 355 -22.82 -23.62 1.70
CA GLN QA 355 -21.43 -23.71 2.14
C GLN QA 355 -21.29 -24.69 3.28
N ILE QA 356 -22.23 -24.67 4.23
CA ILE QA 356 -22.14 -25.45 5.44
C ILE QA 356 -23.26 -26.47 5.56
N ALA QA 357 -23.98 -26.72 4.47
CA ALA QA 357 -24.97 -27.79 4.46
C ALA QA 357 -24.35 -29.10 4.90
N GLY QA 358 -24.85 -29.66 5.99
CA GLY QA 358 -24.36 -30.91 6.51
C GLY QA 358 -23.27 -30.78 7.55
N PHE QA 359 -22.75 -29.58 7.78
CA PHE QA 359 -21.72 -29.33 8.77
C PHE QA 359 -22.19 -28.37 9.85
N GLU QA 360 -23.49 -28.19 10.03
CA GLU QA 360 -23.97 -27.11 10.88
C GLU QA 360 -23.70 -27.33 12.36
N HIS QA 361 -23.33 -28.52 12.79
CA HIS QA 361 -23.01 -28.71 14.20
C HIS QA 361 -21.60 -28.27 14.55
N MET QA 362 -20.76 -28.02 13.55
CA MET QA 362 -19.43 -27.47 13.80
C MET QA 362 -19.47 -25.98 14.11
N TYR QA 363 -20.51 -25.28 13.67
CA TYR QA 363 -20.56 -23.83 13.76
C TYR QA 363 -21.51 -23.34 14.83
N ASP QA 364 -22.04 -24.22 15.67
CA ASP QA 364 -23.00 -23.78 16.67
C ASP QA 364 -22.34 -23.29 17.95
N GLY QA 365 -21.02 -23.43 18.08
CA GLY QA 365 -20.31 -22.91 19.24
C GLY QA 365 -19.71 -23.94 20.15
N ASN QA 366 -19.83 -25.22 19.82
CA ASN QA 366 -19.22 -26.26 20.65
C ASN QA 366 -17.75 -26.41 20.30
N ASP QA 367 -16.95 -26.95 21.24
CA ASP QA 367 -15.48 -27.04 21.00
C ASP QA 367 -15.05 -28.51 20.92
N ASP QA 368 -15.84 -29.35 20.27
CA ASP QA 368 -15.52 -30.77 20.11
C ASP QA 368 -14.76 -31.06 18.84
N TYR QA 369 -14.51 -30.06 18.01
CA TYR QA 369 -13.90 -30.30 16.71
C TYR QA 369 -12.59 -29.52 16.59
N PRO QA 370 -11.64 -30.01 15.78
CA PRO QA 370 -10.37 -29.29 15.64
C PRO QA 370 -10.39 -28.20 14.60
N TYR QA 371 -11.34 -28.22 13.66
CA TYR QA 371 -11.38 -27.24 12.59
C TYR QA 371 -12.83 -27.12 12.14
N TYR QA 372 -13.05 -26.36 11.08
CA TYR QA 372 -14.37 -26.22 10.48
C TYR QA 372 -14.28 -26.72 9.05
N LEU QA 373 -15.26 -27.51 8.64
CA LEU QA 373 -15.31 -28.04 7.29
C LEU QA 373 -16.35 -27.28 6.47
N LEU QA 374 -15.98 -26.88 5.27
CA LEU QA 374 -16.88 -26.21 4.35
C LEU QA 374 -17.09 -27.09 3.12
N ASN QA 375 -18.28 -26.98 2.53
CA ASN QA 375 -18.55 -27.69 1.30
C ASN QA 375 -17.78 -27.05 0.15
N ARG QA 376 -17.41 -27.87 -0.81
CA ARG QA 376 -16.53 -27.43 -1.88
C ARG QA 376 -17.19 -27.41 -3.25
N THR QA 377 -18.03 -28.39 -3.55
CA THR QA 377 -18.52 -28.61 -4.89
C THR QA 377 -20.01 -28.32 -4.98
N ASP QA 378 -20.43 -27.89 -6.17
CA ASP QA 378 -21.82 -27.63 -6.50
C ASP QA 378 -22.19 -28.55 -7.65
N GLU QA 379 -23.35 -29.18 -7.58
CA GLU QA 379 -23.72 -30.15 -8.60
C GLU QA 379 -23.94 -29.50 -9.96
N ASN QA 380 -24.46 -28.28 -9.99
CA ASN QA 380 -24.77 -27.60 -11.23
C ASN QA 380 -23.67 -26.64 -11.67
N SER QA 381 -23.23 -25.76 -10.76
CA SER QA 381 -22.21 -24.78 -11.09
C SER QA 381 -20.80 -25.33 -10.99
N GLY QA 382 -20.65 -26.63 -10.78
CA GLY QA 382 -19.33 -27.24 -10.77
C GLY QA 382 -18.58 -27.03 -9.47
N ASP QA 383 -18.26 -25.77 -9.17
CA ASP QA 383 -17.52 -25.41 -7.97
C ASP QA 383 -18.14 -24.20 -7.32
N LEU QA 384 -17.92 -24.07 -6.01
CA LEU QA 384 -18.47 -22.95 -5.27
C LEU QA 384 -17.61 -21.72 -5.54
N PRO QA 385 -18.22 -20.60 -5.96
CA PRO QA 385 -17.44 -19.39 -6.25
C PRO QA 385 -16.68 -18.92 -5.02
N THR QA 386 -15.46 -18.44 -5.25
CA THR QA 386 -14.56 -18.06 -4.16
C THR QA 386 -14.76 -16.60 -3.80
N GLN QA 387 -15.03 -16.35 -2.53
CA GLN QA 387 -15.14 -15.00 -1.98
C GLN QA 387 -14.88 -15.09 -0.48
N PRO QA 388 -14.07 -14.19 0.07
CA PRO QA 388 -13.76 -14.27 1.51
C PRO QA 388 -15.01 -14.14 2.36
N LEU QA 389 -15.02 -14.83 3.49
CA LEU QA 389 -16.14 -14.74 4.41
C LEU QA 389 -16.29 -13.30 4.91
N ALA QA 390 -17.52 -12.81 4.93
CA ALA QA 390 -17.83 -11.55 5.58
C ALA QA 390 -18.32 -11.81 6.99
N TYR QA 391 -18.09 -10.84 7.87
CA TYR QA 391 -18.56 -10.91 9.25
C TYR QA 391 -19.42 -9.69 9.52
N TYR QA 392 -20.49 -9.86 10.30
CA TYR QA 392 -21.28 -8.70 10.67
C TYR QA 392 -20.44 -7.78 11.52
N GLU QA 393 -20.32 -6.53 11.10
CA GLU QA 393 -19.35 -5.64 11.73
C GLU QA 393 -19.79 -5.31 13.15
N ASN QA 394 -18.79 -5.21 14.05
CA ASN QA 394 -19.07 -5.07 15.46
C ASN QA 394 -19.78 -3.76 15.76
N PRO QA 395 -20.68 -3.74 16.74
CA PRO QA 395 -21.35 -2.49 17.12
C PRO QA 395 -20.35 -1.47 17.63
N GLU QA 396 -20.66 -0.20 17.36
CA GLU QA 396 -19.76 0.89 17.73
C GLU QA 396 -20.60 2.07 18.20
N VAL QA 397 -20.03 2.87 19.09
CA VAL QA 397 -20.67 4.08 19.59
C VAL QA 397 -20.23 5.24 18.70
N PRO QA 398 -21.15 5.93 18.03
CA PRO QA 398 -20.75 6.94 17.06
C PRO QA 398 -19.92 8.05 17.69
N GLN QA 399 -19.02 8.61 16.88
CA GLN QA 399 -18.20 9.70 17.37
C GLN QA 399 -19.05 10.88 17.79
N ALA QA 400 -20.18 11.10 17.12
CA ALA QA 400 -21.06 12.19 17.51
C ALA QA 400 -21.61 11.94 18.92
N ASN QA 401 -22.07 10.72 19.19
CA ASN QA 401 -22.61 10.42 20.50
C ASN QA 401 -21.56 10.55 21.58
N ALA QA 402 -20.35 10.05 21.31
CA ALA QA 402 -19.28 10.15 22.31
C ALA QA 402 -18.89 11.60 22.55
N TYR QA 403 -18.70 12.36 21.48
CA TYR QA 403 -18.30 13.75 21.60
C TYR QA 403 -19.33 14.57 22.35
N MET QA 404 -20.61 14.35 22.05
CA MET QA 404 -21.64 15.13 22.73
C MET QA 404 -21.90 14.67 24.14
N LEU QA 405 -21.71 13.39 24.46
CA LEU QA 405 -21.79 13.00 25.86
C LEU QA 405 -20.71 13.70 26.67
N GLU QA 406 -19.47 13.70 26.16
CA GLU QA 406 -18.39 14.38 26.85
C GLU QA 406 -18.65 15.88 26.94
N ALA QA 407 -19.13 16.49 25.85
CA ALA QA 407 -19.36 17.93 25.84
C ALA QA 407 -20.48 18.33 26.78
N ALA QA 408 -21.58 17.58 26.80
CA ALA QA 408 -22.68 17.90 27.68
C ALA QA 408 -22.30 17.71 29.14
N THR QA 409 -21.56 16.65 29.46
CA THR QA 409 -21.10 16.48 30.83
C THR QA 409 -20.18 17.62 31.25
N SER QA 410 -19.28 18.04 30.36
CA SER QA 410 -18.43 19.18 30.67
C SER QA 410 -19.25 20.45 30.86
N ALA QA 411 -20.27 20.66 30.02
CA ALA QA 411 -21.08 21.86 30.14
C ALA QA 411 -21.79 21.91 31.48
N VAL QA 412 -22.38 20.79 31.91
CA VAL QA 412 -23.01 20.77 33.22
C VAL QA 412 -21.97 21.00 34.30
N LYS QA 413 -20.76 20.46 34.12
CA LYS QA 413 -19.71 20.66 35.10
C LYS QA 413 -19.37 22.14 35.27
N GLU QA 414 -19.27 22.87 34.16
CA GLU QA 414 -18.98 24.30 34.28
C GLU QA 414 -20.15 25.06 34.89
N VAL QA 415 -21.38 24.75 34.45
CA VAL QA 415 -22.50 25.57 34.87
C VAL QA 415 -22.81 25.35 36.35
N ALA QA 416 -22.77 24.11 36.82
CA ALA QA 416 -23.15 23.79 38.19
C ALA QA 416 -22.05 24.13 39.18
N THR QA 417 -21.58 25.37 39.18
CA THR QA 417 -20.60 25.87 40.14
C THR QA 417 -21.18 27.16 40.72
N LEU QA 418 -21.92 27.02 41.82
CA LEU QA 418 -22.46 28.18 42.51
C LEU QA 418 -21.32 29.05 43.02
N GLY QA 419 -21.24 30.28 42.54
CA GLY QA 419 -20.16 31.15 42.96
C GLY QA 419 -18.81 30.60 42.56
N VAL QA 420 -17.82 30.82 43.42
CA VAL QA 420 -16.48 30.31 43.17
C VAL QA 420 -16.18 29.11 44.08
N GLU QA 445 -18.46 27.97 46.42
CA GLU QA 445 -18.77 28.69 47.64
C GLU QA 445 -20.22 29.15 47.61
N THR QA 446 -20.81 29.34 48.78
CA THR QA 446 -22.21 29.68 48.95
C THR QA 446 -22.37 31.00 49.68
N TYR QA 447 -21.49 31.96 49.42
CA TYR QA 447 -21.53 33.19 50.18
C TYR QA 447 -22.78 34.00 49.87
N VAL QA 448 -23.15 34.13 48.60
CA VAL QA 448 -24.32 34.93 48.26
C VAL QA 448 -25.58 34.29 48.80
N PHE QA 449 -25.66 32.96 48.74
CA PHE QA 449 -26.83 32.26 49.27
C PHE QA 449 -26.90 32.39 50.79
N GLN QA 450 -25.75 32.32 51.47
CA GLN QA 450 -25.75 32.54 52.91
C GLN QA 450 -26.12 33.97 53.26
N ASP QA 451 -25.73 34.92 52.41
CA ASP QA 451 -26.09 36.32 52.66
C ASP QA 451 -27.58 36.54 52.48
N ASN QA 452 -28.19 35.87 51.50
CA ASN QA 452 -29.64 35.95 51.34
C ASN QA 452 -30.35 35.29 52.52
N LEU QA 453 -29.81 34.18 53.01
CA LEU QA 453 -30.36 33.57 54.22
C LEU QA 453 -30.24 34.51 55.41
N ALA QA 454 -29.15 35.27 55.49
CA ALA QA 454 -29.00 36.23 56.57
C ALA QA 454 -29.97 37.39 56.42
N THR QA 455 -30.24 37.84 55.20
CA THR QA 455 -31.27 38.84 54.98
C THR QA 455 -32.62 38.36 55.50
N ALA QA 456 -32.97 37.12 55.14
CA ALA QA 456 -34.22 36.56 55.64
C ALA QA 456 -34.20 36.41 57.16
N MET QA 457 -33.04 36.13 57.74
CA MET QA 457 -32.98 35.96 59.19
C MET QA 457 -33.13 37.29 59.92
N ARG QA 458 -32.61 38.39 59.37
CA ARG QA 458 -32.87 39.69 59.96
C ARG QA 458 -34.35 40.06 59.84
N ARG QA 459 -34.97 39.74 58.71
CA ARG QA 459 -36.42 39.95 58.62
C ARG QA 459 -37.16 39.13 59.66
N ASP QA 460 -36.72 37.88 59.88
CA ASP QA 460 -37.33 37.03 60.89
C ASP QA 460 -37.19 37.64 62.27
N GLY QA 461 -36.01 38.15 62.58
CA GLY QA 461 -35.81 38.79 63.87
C GLY QA 461 -36.71 40.00 64.07
N GLU QA 462 -36.87 40.81 63.03
CA GLU QA 462 -37.76 41.97 63.11
C GLU QA 462 -39.20 41.55 63.37
N ILE QA 463 -39.67 40.54 62.63
CA ILE QA 463 -41.04 40.06 62.80
C ILE QA 463 -41.24 39.50 64.20
N TYR QA 464 -40.27 38.72 64.69
CA TYR QA 464 -40.37 38.14 66.02
C TYR QA 464 -40.40 39.23 67.08
N GLN QA 465 -39.59 40.27 66.92
CA GLN QA 465 -39.58 41.36 67.89
C GLN QA 465 -40.92 42.06 67.92
N SER QA 466 -41.53 42.30 66.76
CA SER QA 466 -42.85 42.91 66.72
C SER QA 466 -43.89 42.06 67.44
N ILE QA 467 -43.91 40.76 67.14
CA ILE QA 467 -44.91 39.90 67.79
C ILE QA 467 -44.67 39.85 69.29
N VAL QA 468 -43.40 39.85 69.71
CA VAL QA 468 -43.08 39.81 71.13
C VAL QA 468 -43.61 41.03 71.83
N ASN QA 469 -43.36 42.21 71.26
CA ASN QA 469 -43.90 43.42 71.86
C ASN QA 469 -45.42 43.40 71.89
N ASP QA 470 -46.05 42.71 70.93
CA ASP QA 470 -47.51 42.71 70.91
C ASP QA 470 -48.12 41.76 71.93
N ILE QA 471 -47.51 40.60 72.19
CA ILE QA 471 -48.20 39.61 73.03
C ILE QA 471 -47.47 39.24 74.31
N TYR QA 472 -46.15 39.31 74.33
CA TYR QA 472 -45.41 38.82 75.48
C TYR QA 472 -45.44 39.84 76.61
N ASP QA 473 -44.64 39.58 77.63
CA ASP QA 473 -44.48 40.48 78.77
C ASP QA 473 -43.02 40.93 78.81
N VAL QA 474 -42.79 42.20 78.49
CA VAL QA 474 -41.44 42.76 78.41
C VAL QA 474 -41.16 43.48 79.72
N PRO QA 475 -40.28 42.98 80.58
CA PRO QA 475 -39.93 43.69 81.81
C PRO QA 475 -38.91 44.78 81.54
N ARG QA 476 -39.28 46.02 81.89
CA ARG QA 476 -38.37 47.14 81.70
C ARG QA 476 -37.26 47.09 82.74
N ASN QA 477 -36.07 47.53 82.35
CA ASN QA 477 -34.88 47.45 83.19
C ASN QA 477 -34.56 48.84 83.71
N VAL QA 478 -34.54 48.99 85.04
CA VAL QA 478 -34.30 50.28 85.68
C VAL QA 478 -33.01 50.22 86.48
N THR QA 479 -32.39 51.38 86.67
CA THR QA 479 -31.09 51.49 87.32
C THR QA 479 -31.20 51.87 88.79
N ILE QA 480 -32.40 51.96 89.34
CA ILE QA 480 -32.58 52.30 90.75
C ILE QA 480 -32.20 51.12 91.62
N LEU QA 492 -32.93 46.50 88.05
CA LEU QA 492 -34.01 45.55 88.32
C LEU QA 492 -35.01 45.54 87.17
N MET QA 493 -35.85 44.50 87.13
CA MET QA 493 -36.88 44.35 86.12
C MET QA 493 -38.23 44.69 86.73
N ALA QA 494 -38.91 45.68 86.17
CA ALA QA 494 -40.21 46.14 86.68
C ALA QA 494 -41.30 45.62 85.76
N GLU QA 495 -41.87 44.47 86.12
CA GLU QA 495 -42.94 43.86 85.35
C GLU QA 495 -44.26 44.54 85.71
N VAL QA 496 -44.75 45.39 84.83
CA VAL QA 496 -45.94 46.20 85.09
C VAL QA 496 -47.08 45.68 84.23
N VAL QA 497 -48.01 44.97 84.85
CA VAL QA 497 -49.22 44.46 84.21
C VAL QA 497 -50.37 44.52 85.19
N ASP QA 498 -51.58 44.36 84.67
CA ASP QA 498 -52.77 44.35 85.49
C ASP QA 498 -53.83 43.47 84.85
N LEU QA 499 -54.70 42.92 85.68
CA LEU QA 499 -55.74 41.99 85.25
C LEU QA 499 -57.04 42.71 84.97
N ALA QA 500 -57.98 41.98 84.40
CA ALA QA 500 -59.32 42.48 84.11
C ALA QA 500 -60.35 41.77 84.99
N THR QA 501 -61.62 42.16 84.82
CA THR QA 501 -62.70 41.55 85.59
C THR QA 501 -62.98 40.11 85.15
N GLY QA 502 -62.52 39.72 83.96
CA GLY QA 502 -62.74 38.37 83.48
C GLY QA 502 -61.58 37.44 83.80
N GLU QA 503 -60.77 37.82 84.78
CA GLU QA 503 -59.59 37.10 85.25
C GLU QA 503 -58.45 37.08 84.23
N LYS QA 504 -58.64 37.68 83.07
CA LYS QA 504 -57.59 37.72 82.06
C LYS QA 504 -56.61 38.85 82.35
N GLN QA 505 -55.33 38.58 82.15
CA GLN QA 505 -54.29 39.59 82.33
C GLN QA 505 -53.97 40.21 80.97
N VAL QA 506 -53.96 41.53 80.91
CA VAL QA 506 -53.65 42.27 79.70
C VAL QA 506 -52.24 42.83 79.83
N LEU QA 507 -51.39 42.51 78.86
CA LEU QA 507 -50.02 42.99 78.87
C LEU QA 507 -49.98 44.51 78.67
N ASN QA 508 -48.99 45.14 79.28
CA ASN QA 508 -48.76 46.57 79.16
C ASN QA 508 -47.29 46.78 78.82
N ASP QA 509 -47.02 47.33 77.63
CA ASP QA 509 -45.66 47.65 77.22
C ASP QA 509 -45.59 49.10 76.78
N ILE QA 510 -44.62 49.83 77.33
CA ILE QA 510 -44.37 51.21 76.91
C ILE QA 510 -43.96 51.23 75.44
N ARG QA 511 -44.08 52.41 74.84
CA ARG QA 511 -43.61 52.62 73.48
C ARG QA 511 -42.10 52.59 73.35
N GLY QA 512 -41.37 52.73 74.44
CA GLY QA 512 -39.93 52.59 74.38
C GLY QA 512 -39.50 51.14 74.28
N ARG QA 513 -39.77 50.52 73.13
CA ARG QA 513 -39.58 49.09 72.96
C ARG QA 513 -38.47 48.71 71.98
N TYR QA 514 -38.22 49.52 70.95
CA TYR QA 514 -37.21 49.20 69.96
C TYR QA 514 -35.84 49.74 70.37
N GLU QA 515 -35.35 49.22 71.49
CA GLU QA 515 -34.04 49.56 72.02
C GLU QA 515 -32.95 48.61 71.54
N CYS QA 516 -33.30 47.60 70.75
CA CYS QA 516 -32.33 46.65 70.21
C CYS QA 516 -32.59 46.43 68.74
N TYR QA 517 -31.52 46.37 67.95
CA TYR QA 517 -31.59 46.13 66.52
C TYR QA 517 -31.14 44.71 66.23
N THR QA 518 -31.29 44.33 64.96
CA THR QA 518 -31.13 42.96 64.51
C THR QA 518 -29.80 42.76 63.82
N ASP QA 519 -29.16 41.62 64.08
CA ASP QA 519 -27.92 41.26 63.41
C ASP QA 519 -27.93 39.75 63.22
N VAL QA 520 -26.84 39.22 62.67
CA VAL QA 520 -26.73 37.81 62.35
C VAL QA 520 -25.47 37.27 63.00
N GLY QA 521 -25.60 36.15 63.68
CA GLY QA 521 -24.49 35.52 64.34
C GLY QA 521 -24.66 34.02 64.36
N PRO QA 522 -23.78 33.31 65.06
CA PRO QA 522 -23.91 31.86 65.15
C PRO QA 522 -25.19 31.46 65.86
N SER QA 523 -25.62 30.24 65.60
CA SER QA 523 -26.84 29.69 66.16
C SER QA 523 -26.54 29.00 67.48
N PHE QA 524 -27.10 29.53 68.57
CA PHE QA 524 -26.89 29.01 69.90
C PHE QA 524 -28.21 28.51 70.47
N GLN QA 525 -28.13 27.48 71.31
CA GLN QA 525 -29.33 26.87 71.86
C GLN QA 525 -29.82 27.57 73.12
N SER QA 526 -28.95 28.31 73.81
CA SER QA 526 -29.37 29.04 75.00
C SER QA 526 -28.37 30.13 75.32
N MET QA 527 -28.80 31.04 76.19
CA MET QA 527 -27.96 32.17 76.56
C MET QA 527 -26.71 31.74 77.30
N LYS QA 528 -26.77 30.62 78.03
CA LYS QA 528 -25.56 30.10 78.67
C LYS QA 528 -24.53 29.67 77.63
N GLN QA 529 -24.98 28.98 76.57
CA GLN QA 529 -24.07 28.62 75.50
C GLN QA 529 -23.51 29.87 74.83
N GLN QA 530 -24.35 30.89 74.64
CA GLN QA 530 -23.87 32.12 74.03
C GLN QA 530 -22.79 32.78 74.89
N ASN QA 531 -23.00 32.82 76.21
CA ASN QA 531 -22.01 33.39 77.12
C ASN QA 531 -20.72 32.60 77.07
N ARG QA 532 -20.81 31.27 77.03
CA ARG QA 532 -19.61 30.44 76.94
C ARG QA 532 -18.85 30.74 75.66
N ALA QA 533 -19.56 30.88 74.54
CA ALA QA 533 -18.90 31.20 73.27
C ALA QA 533 -18.20 32.55 73.33
N GLU QA 534 -18.86 33.56 73.90
CA GLU QA 534 -18.24 34.88 74.01
C GLU QA 534 -16.99 34.83 74.88
N ILE QA 535 -17.05 34.11 76.00
CA ILE QA 535 -15.90 34.01 76.88
C ILE QA 535 -14.75 33.32 76.18
N LEU QA 536 -15.03 32.25 75.45
CA LEU QA 536 -13.94 31.56 74.75
C LEU QA 536 -13.36 32.42 73.64
N GLU QA 537 -14.21 33.19 72.95
CA GLU QA 537 -13.69 34.07 71.91
C GLU QA 537 -12.76 35.13 72.49
N LEU QA 538 -13.12 35.70 73.65
CA LEU QA 538 -12.22 36.64 74.32
C LEU QA 538 -10.94 35.96 74.77
N LEU QA 539 -11.06 34.76 75.33
CA LEU QA 539 -9.91 34.05 75.87
C LEU QA 539 -8.91 33.70 74.78
N GLY QA 540 -9.39 33.37 73.58
CA GLY QA 540 -8.48 33.06 72.49
C GLY QA 540 -7.58 34.20 72.09
N LYS QA 541 -7.96 35.44 72.42
CA LYS QA 541 -7.17 36.61 72.05
C LYS QA 541 -6.48 37.28 73.21
N THR QA 542 -6.95 37.08 74.44
CA THR QA 542 -6.27 37.71 75.57
C THR QA 542 -4.98 36.95 75.90
N PRO QA 543 -3.83 37.65 76.01
CA PRO QA 543 -2.59 36.95 76.37
C PRO QA 543 -2.57 36.48 77.82
N GLN QA 544 -1.51 35.79 78.22
CA GLN QA 544 -1.46 35.12 79.53
C GLN QA 544 -1.12 36.10 80.65
N GLY QA 545 -1.92 37.14 80.77
CA GLY QA 545 -1.78 38.09 81.86
C GLY QA 545 -2.75 37.79 82.98
N THR QA 546 -3.27 38.83 83.64
CA THR QA 546 -4.32 38.68 84.64
C THR QA 546 -5.71 38.48 84.04
N PRO QA 547 -6.07 39.15 82.93
CA PRO QA 547 -7.36 38.85 82.31
C PRO QA 547 -7.50 37.42 81.84
N GLU QA 548 -6.40 36.73 81.52
CA GLU QA 548 -6.51 35.32 81.16
C GLU QA 548 -7.00 34.49 82.33
N TYR QA 549 -6.43 34.72 83.52
CA TYR QA 549 -6.90 34.04 84.72
C TYR QA 549 -8.36 34.41 85.00
N GLN QA 550 -8.70 35.68 84.83
CA GLN QA 550 -10.07 36.12 85.07
C GLN QA 550 -11.06 35.40 84.16
N LEU QA 551 -10.77 35.37 82.86
CA LEU QA 551 -11.66 34.74 81.91
C LEU QA 551 -11.72 33.24 82.10
N LEU QA 552 -10.60 32.61 82.52
CA LEU QA 552 -10.63 31.19 82.81
C LEU QA 552 -11.55 30.89 83.99
N LEU QA 553 -11.47 31.70 85.04
CA LEU QA 553 -12.36 31.51 86.18
C LEU QA 553 -13.81 31.72 85.79
N LEU QA 554 -14.06 32.70 84.92
CA LEU QA 554 -15.42 32.93 84.43
C LEU QA 554 -15.93 31.74 83.63
N GLN QA 555 -15.07 31.16 82.80
CA GLN QA 555 -15.45 29.99 82.01
C GLN QA 555 -15.78 28.82 82.92
N TYR QA 556 -15.01 28.66 84.00
CA TYR QA 556 -15.37 27.64 84.99
C TYR QA 556 -16.71 27.94 85.63
N PHE QA 557 -16.98 29.21 85.94
CA PHE QA 557 -18.22 29.57 86.60
C PHE QA 557 -19.42 29.24 85.72
N THR QA 558 -19.34 29.52 84.42
CA THR QA 558 -20.48 29.33 83.53
C THR QA 558 -20.56 27.92 82.95
N LEU QA 559 -20.03 26.92 83.62
CA LEU QA 559 -20.04 25.56 83.09
C LEU QA 559 -21.26 24.79 83.61
N LEU QA 560 -21.56 23.69 82.93
CA LEU QA 560 -22.67 22.84 83.31
C LEU QA 560 -22.35 22.12 84.62
N ASP QA 561 -23.26 21.25 85.06
CA ASP QA 561 -23.17 20.67 86.40
C ASP QA 561 -23.16 19.16 86.35
N GLY QA 562 -22.13 18.58 86.95
CA GLY QA 562 -22.06 17.19 87.32
C GLY QA 562 -21.58 17.15 88.75
N LYS QA 563 -20.43 16.48 88.96
CA LYS QA 563 -19.73 16.53 90.24
C LYS QA 563 -18.39 17.23 90.12
N GLY QA 564 -17.55 16.82 89.17
CA GLY QA 564 -16.27 17.47 88.99
C GLY QA 564 -16.40 18.92 88.54
N VAL QA 565 -17.28 19.17 87.57
CA VAL QA 565 -17.49 20.54 87.13
C VAL QA 565 -18.18 21.34 88.23
N GLU QA 566 -18.97 20.70 89.08
CA GLU QA 566 -19.53 21.41 90.24
C GLU QA 566 -18.42 21.85 91.19
N MET QA 567 -17.48 20.96 91.47
CA MET QA 567 -16.36 21.33 92.34
C MET QA 567 -15.56 22.48 91.74
N MET QA 568 -15.26 22.40 90.45
CA MET QA 568 -14.49 23.46 89.80
C MET QA 568 -15.27 24.77 89.77
N ARG QA 569 -16.58 24.70 89.56
CA ARG QA 569 -17.38 25.93 89.54
C ARG QA 569 -17.44 26.57 90.91
N ASP QA 570 -17.54 25.75 91.97
CA ASP QA 570 -17.54 26.32 93.32
C ASP QA 570 -16.19 26.93 93.65
N TYR QA 571 -15.10 26.29 93.24
CA TYR QA 571 -13.77 26.86 93.46
C TYR QA 571 -13.62 28.20 92.73
N ALA QA 572 -14.07 28.25 91.48
CA ALA QA 572 -13.96 29.51 90.73
C ALA QA 572 -14.85 30.59 91.32
N ASN QA 573 -16.03 30.21 91.82
CA ASN QA 573 -16.88 31.17 92.52
C ASN QA 573 -16.16 31.74 93.73
N LYS QA 574 -15.54 30.88 94.53
CA LYS QA 574 -14.82 31.36 95.71
C LYS QA 574 -13.68 32.27 95.31
N GLN QA 575 -12.94 31.91 94.27
CA GLN QA 575 -11.83 32.75 93.83
C GLN QA 575 -12.30 34.13 93.40
N LEU QA 576 -13.36 34.18 92.59
CA LEU QA 576 -13.85 35.47 92.11
C LEU QA 576 -14.39 36.31 93.26
N ILE QA 577 -15.16 35.70 94.16
CA ILE QA 577 -15.72 36.45 95.28
C ILE QA 577 -14.61 36.99 96.17
N GLN QA 578 -13.59 36.17 96.45
CA GLN QA 578 -12.50 36.62 97.30
C GLN QA 578 -11.60 37.64 96.60
N MET QA 579 -11.57 37.64 95.26
CA MET QA 579 -10.84 38.67 94.54
C MET QA 579 -11.68 39.92 94.32
N GLY QA 580 -12.97 39.89 94.62
CA GLY QA 580 -13.79 41.07 94.56
C GLY QA 580 -14.24 41.48 93.17
N VAL QA 581 -14.01 40.63 92.16
CA VAL QA 581 -14.43 40.98 90.80
C VAL QA 581 -15.90 40.70 90.60
N LYS QA 582 -16.42 39.64 91.22
CA LYS QA 582 -17.84 39.31 91.13
C LYS QA 582 -18.54 39.77 92.40
N LYS QA 583 -19.67 40.45 92.23
CA LYS QA 583 -20.45 40.92 93.36
C LYS QA 583 -20.95 39.75 94.22
N MET RA 1 -33.41 -49.83 -3.72
CA MET RA 1 -32.97 -49.31 -5.00
C MET RA 1 -33.05 -50.39 -6.07
N GLN RA 2 -33.09 -49.96 -7.33
CA GLN RA 2 -33.10 -50.92 -8.44
C GLN RA 2 -31.71 -51.26 -8.93
N ILE RA 3 -30.76 -50.34 -8.83
CA ILE RA 3 -29.39 -50.60 -9.22
C ILE RA 3 -28.72 -51.36 -8.08
N LYS RA 4 -28.79 -52.70 -8.15
CA LYS RA 4 -28.32 -53.55 -7.07
C LYS RA 4 -27.17 -54.45 -7.47
N THR RA 5 -26.54 -54.21 -8.62
CA THR RA 5 -25.46 -55.07 -9.08
C THR RA 5 -24.37 -54.25 -9.75
N LYS RA 6 -23.16 -54.83 -9.78
CA LYS RA 6 -22.06 -54.21 -10.50
C LYS RA 6 -22.39 -54.07 -11.97
N GLY RA 7 -23.07 -55.06 -12.54
CA GLY RA 7 -23.53 -54.92 -13.91
C GLY RA 7 -24.50 -53.77 -14.09
N ASP RA 8 -25.39 -53.58 -13.12
CA ASP RA 8 -26.31 -52.46 -13.20
C ASP RA 8 -25.57 -51.14 -13.16
N LEU RA 9 -24.53 -51.04 -12.32
CA LEU RA 9 -23.71 -49.85 -12.32
C LEU RA 9 -23.05 -49.62 -13.67
N VAL RA 10 -22.56 -50.70 -14.29
CA VAL RA 10 -21.88 -50.58 -15.58
C VAL RA 10 -22.86 -50.10 -16.65
N ARG RA 11 -24.06 -50.68 -16.68
CA ARG RA 11 -25.05 -50.26 -17.67
C ARG RA 11 -25.49 -48.82 -17.44
N ALA RA 12 -25.61 -48.40 -16.19
CA ALA RA 12 -25.95 -47.01 -15.92
C ALA RA 12 -24.86 -46.07 -16.39
N ALA RA 13 -23.60 -46.43 -16.16
CA ALA RA 13 -22.50 -45.59 -16.64
C ALA RA 13 -22.50 -45.48 -18.16
N LEU RA 14 -22.70 -46.61 -18.85
CA LEU RA 14 -22.74 -46.58 -20.31
C LEU RA 14 -23.94 -45.80 -20.83
N ARG RA 15 -25.06 -45.88 -20.13
CA ARG RA 15 -26.22 -45.08 -20.49
C ARG RA 15 -25.94 -43.59 -20.33
N LYS RA 16 -25.28 -43.21 -19.24
CA LYS RA 16 -24.88 -41.81 -19.08
C LYS RA 16 -23.98 -41.36 -20.22
N LEU RA 17 -23.00 -42.20 -20.59
CA LEU RA 17 -22.07 -41.82 -21.65
C LEU RA 17 -22.77 -41.71 -22.99
N GLY RA 18 -23.69 -42.62 -23.28
CA GLY RA 18 -24.30 -42.71 -24.59
C GLY RA 18 -23.72 -43.80 -25.47
N VAL RA 19 -23.26 -44.91 -24.88
CA VAL RA 19 -22.59 -45.97 -25.62
C VAL RA 19 -23.52 -47.16 -25.76
N ALA RA 20 -24.38 -47.37 -24.76
CA ALA RA 20 -25.28 -48.53 -24.77
C ALA RA 20 -26.49 -48.18 -23.92
N SER RA 21 -27.59 -47.83 -24.58
CA SER RA 21 -28.79 -47.41 -23.87
C SER RA 21 -29.99 -47.80 -24.71
N ASP RA 22 -31.14 -47.19 -24.42
CA ASP RA 22 -32.32 -47.29 -25.28
C ASP RA 22 -32.62 -46.00 -26.01
N ALA RA 23 -32.27 -44.85 -25.43
CA ALA RA 23 -32.33 -43.60 -26.17
C ALA RA 23 -31.49 -43.68 -27.43
N THR RA 24 -30.35 -44.35 -27.34
CA THR RA 24 -29.58 -44.78 -28.50
C THR RA 24 -29.85 -46.26 -28.68
N LEU RA 25 -30.25 -46.66 -29.89
CA LEU RA 25 -30.69 -48.03 -30.10
C LEU RA 25 -29.63 -49.06 -29.81
N THR RA 26 -28.38 -48.65 -29.58
CA THR RA 26 -27.30 -49.61 -29.41
C THR RA 26 -27.48 -50.42 -28.12
N ASP RA 27 -26.88 -51.60 -28.12
CA ASP RA 27 -26.91 -52.53 -26.99
C ASP RA 27 -25.51 -52.70 -26.42
N VAL RA 28 -25.45 -53.24 -25.21
CA VAL RA 28 -24.18 -53.43 -24.53
C VAL RA 28 -23.44 -54.62 -25.14
N GLU RA 29 -22.11 -54.52 -25.15
CA GLU RA 29 -21.26 -55.58 -25.61
C GLU RA 29 -20.60 -56.27 -24.42
N PRO RA 30 -20.54 -57.60 -24.41
CA PRO RA 30 -20.00 -58.29 -23.23
C PRO RA 30 -18.56 -57.93 -22.92
N GLN RA 31 -17.75 -57.69 -23.95
CA GLN RA 31 -16.38 -57.25 -23.70
C GLN RA 31 -16.37 -55.88 -23.02
N SER RA 32 -17.22 -54.97 -23.48
CA SER RA 32 -17.30 -53.67 -22.84
C SER RA 32 -17.77 -53.80 -21.40
N MET RA 33 -18.72 -54.69 -21.14
CA MET RA 33 -19.19 -54.87 -19.78
C MET RA 33 -18.08 -55.39 -18.87
N GLN RA 34 -17.31 -56.36 -19.35
CA GLN RA 34 -16.24 -56.90 -18.51
C GLN RA 34 -15.15 -55.86 -18.27
N ASP RA 35 -14.79 -55.09 -19.31
CA ASP RA 35 -13.79 -54.06 -19.13
C ASP RA 35 -14.26 -52.99 -18.15
N ALA RA 36 -15.54 -52.62 -18.22
CA ALA RA 36 -16.07 -51.64 -17.29
C ALA RA 36 -16.12 -52.19 -15.87
N VAL RA 37 -16.40 -53.48 -15.70
CA VAL RA 37 -16.37 -54.07 -14.37
C VAL RA 37 -14.94 -54.06 -13.83
N ASP RA 38 -13.96 -54.35 -14.69
CA ASP RA 38 -12.57 -54.27 -14.26
C ASP RA 38 -12.20 -52.86 -13.83
N ASP RA 39 -12.61 -51.86 -14.60
CA ASP RA 39 -12.34 -50.47 -14.24
C ASP RA 39 -13.01 -50.13 -12.92
N LEU RA 40 -14.24 -50.61 -12.70
CA LEU RA 40 -14.94 -50.32 -11.46
C LEU RA 40 -14.23 -50.95 -10.27
N GLU RA 41 -13.79 -52.19 -10.40
CA GLU RA 41 -13.07 -52.84 -9.31
C GLU RA 41 -11.79 -52.09 -8.98
N ALA RA 42 -11.02 -51.72 -10.01
CA ALA RA 42 -9.79 -50.98 -9.77
C ALA RA 42 -10.05 -49.64 -9.13
N MET RA 43 -11.07 -48.92 -9.62
CA MET RA 43 -11.36 -47.59 -9.11
C MET RA 43 -11.81 -47.63 -7.66
N MET RA 44 -12.66 -48.60 -7.31
CA MET RA 44 -13.09 -48.73 -5.93
C MET RA 44 -11.95 -49.18 -5.02
N ALA RA 45 -11.06 -50.04 -5.52
CA ALA RA 45 -9.90 -50.40 -4.73
C ALA RA 45 -9.01 -49.19 -4.46
N GLU RA 46 -8.86 -48.32 -5.46
CA GLU RA 46 -8.06 -47.10 -5.27
C GLU RA 46 -8.73 -46.14 -4.29
N TRP RA 47 -10.05 -46.02 -4.35
CA TRP RA 47 -10.76 -45.17 -3.40
C TRP RA 47 -10.63 -45.69 -1.98
N TYR RA 48 -11.09 -46.92 -1.75
CA TYR RA 48 -11.00 -47.54 -0.44
C TYR RA 48 -9.57 -47.92 -0.15
N GLN RA 49 -8.79 -47.02 0.44
CA GLN RA 49 -7.36 -47.24 0.62
C GLN RA 49 -7.15 -48.18 1.81
N ASP RA 50 -7.56 -49.43 1.62
CA ASP RA 50 -7.40 -50.47 2.63
C ASP RA 50 -8.06 -50.09 3.95
N GLY RA 51 -9.16 -49.34 3.88
CA GLY RA 51 -9.88 -48.89 5.05
C GLY RA 51 -9.63 -47.46 5.44
N LYS RA 52 -8.68 -46.79 4.80
CA LYS RA 52 -8.26 -45.45 5.20
C LYS RA 52 -8.60 -44.39 4.14
N GLY RA 53 -9.59 -44.67 3.30
CA GLY RA 53 -10.02 -43.72 2.29
C GLY RA 53 -11.52 -43.48 2.34
N ILE RA 54 -12.19 -43.64 1.22
CA ILE RA 54 -13.64 -43.44 1.14
C ILE RA 54 -14.31 -44.77 1.48
N ILE RA 55 -15.02 -44.81 2.58
CA ILE RA 55 -15.78 -45.99 2.99
C ILE RA 55 -17.14 -45.94 2.30
N THR RA 56 -17.47 -46.98 1.55
CA THR RA 56 -18.72 -47.04 0.82
C THR RA 56 -19.52 -48.30 1.05
N GLY RA 57 -18.91 -49.36 1.58
CA GLY RA 57 -19.59 -50.63 1.68
C GLY RA 57 -19.48 -51.50 0.46
N TYR RA 58 -18.66 -51.11 -0.52
CA TYR RA 58 -18.45 -51.94 -1.69
C TYR RA 58 -17.87 -53.29 -1.29
N VAL RA 59 -18.32 -54.34 -1.97
CA VAL RA 59 -17.91 -55.70 -1.68
C VAL RA 59 -16.98 -56.15 -2.79
N PHE RA 60 -15.68 -56.22 -2.50
CA PHE RA 60 -14.68 -56.53 -3.51
C PHE RA 60 -14.74 -58.00 -3.85
N SER RA 61 -15.17 -58.32 -5.06
CA SER RA 61 -15.32 -59.70 -5.47
C SER RA 61 -13.98 -60.42 -5.42
N ASP RA 62 -14.01 -61.64 -4.90
CA ASP RA 62 -12.82 -62.48 -4.90
C ASP RA 62 -12.78 -63.32 -6.17
N ASP RA 63 -11.68 -64.05 -6.33
CA ASP RA 63 -11.47 -64.85 -7.53
C ASP RA 63 -12.43 -66.03 -7.62
N GLU RA 64 -13.13 -66.37 -6.53
CA GLU RA 64 -13.89 -67.61 -6.52
C GLU RA 64 -15.00 -67.59 -7.56
N ASN RA 65 -15.75 -66.49 -7.65
CA ASN RA 65 -16.88 -66.44 -8.56
C ASN RA 65 -16.41 -66.10 -9.97
N PRO RA 66 -16.74 -66.91 -10.97
CA PRO RA 66 -16.29 -66.62 -12.34
C PRO RA 66 -16.89 -65.33 -12.87
N PRO RA 67 -18.25 -65.15 -12.88
CA PRO RA 67 -18.77 -63.88 -13.41
C PRO RA 67 -18.83 -62.78 -12.36
N ALA RA 68 -18.00 -61.75 -12.53
CA ALA RA 68 -18.03 -60.63 -11.59
C ALA RA 68 -19.35 -59.88 -11.69
N GLU RA 69 -19.86 -59.70 -12.91
CA GLU RA 69 -21.21 -59.18 -13.10
C GLU RA 69 -22.23 -60.13 -12.51
N GLY RA 70 -23.27 -59.56 -11.91
CA GLY RA 70 -24.32 -60.32 -11.26
C GLY RA 70 -24.23 -60.28 -9.76
N ASP RA 71 -23.12 -59.82 -9.20
CA ASP RA 71 -22.95 -59.72 -7.77
C ASP RA 71 -23.54 -58.41 -7.27
N ASP RA 72 -24.07 -58.43 -6.05
CA ASP RA 72 -24.48 -57.20 -5.39
C ASP RA 72 -23.25 -56.39 -5.03
N HIS RA 73 -23.33 -55.07 -5.22
CA HIS RA 73 -22.19 -54.22 -4.94
C HIS RA 73 -22.07 -53.84 -3.48
N GLY RA 74 -23.16 -53.88 -2.71
CA GLY RA 74 -23.11 -53.56 -1.31
C GLY RA 74 -23.12 -52.10 -0.97
N LEU RA 75 -23.22 -51.21 -1.95
CA LEU RA 75 -23.23 -49.78 -1.68
C LEU RA 75 -24.52 -49.39 -0.97
N ARG RA 76 -24.48 -48.25 -0.29
CA ARG RA 76 -25.71 -47.68 0.23
C ARG RA 76 -26.52 -47.06 -0.91
N SER RA 77 -27.78 -46.76 -0.62
CA SER RA 77 -28.64 -46.17 -1.63
C SER RA 77 -28.13 -44.80 -2.08
N SER RA 78 -27.43 -44.09 -1.20
CA SER RA 78 -26.96 -42.75 -1.48
C SER RA 78 -25.61 -42.70 -2.20
N ALA RA 79 -25.00 -43.85 -2.47
CA ALA RA 79 -23.70 -43.90 -3.12
C ALA RA 79 -23.80 -44.28 -4.60
N VAL RA 80 -24.95 -44.74 -5.06
CA VAL RA 80 -25.08 -45.28 -6.40
C VAL RA 80 -24.74 -44.22 -7.44
N SER RA 81 -25.30 -43.02 -7.28
CA SER RA 81 -25.10 -41.97 -8.28
C SER RA 81 -23.64 -41.57 -8.37
N ALA RA 82 -23.00 -41.36 -7.22
CA ALA RA 82 -21.58 -41.02 -7.21
C ALA RA 82 -20.76 -42.10 -7.88
N VAL RA 83 -21.04 -43.35 -7.54
CA VAL RA 83 -20.23 -44.46 -8.05
C VAL RA 83 -20.35 -44.54 -9.57
N PHE RA 84 -21.57 -44.51 -10.09
CA PHE RA 84 -21.65 -44.74 -11.54
C PHE RA 84 -21.31 -43.48 -12.33
N HIS RA 85 -21.44 -42.28 -11.76
CA HIS RA 85 -20.94 -41.11 -12.46
C HIS RA 85 -19.42 -41.13 -12.55
N ASN RA 86 -18.75 -41.49 -11.46
CA ASN RA 86 -17.30 -41.59 -11.52
C ASN RA 86 -16.87 -42.72 -12.44
N LEU RA 87 -17.63 -43.82 -12.47
CA LEU RA 87 -17.29 -44.91 -13.38
C LEU RA 87 -17.42 -44.48 -14.83
N ALA RA 88 -18.49 -43.75 -15.18
CA ALA RA 88 -18.63 -43.27 -16.54
C ALA RA 88 -17.48 -42.36 -16.91
N CYS RA 89 -17.10 -41.44 -16.00
CA CYS RA 89 -15.96 -40.57 -16.28
C CYS RA 89 -14.68 -41.38 -16.47
N ARG RA 90 -14.50 -42.44 -15.68
CA ARG RA 90 -13.27 -43.23 -15.76
C ARG RA 90 -13.20 -44.04 -17.05
N ILE RA 91 -14.33 -44.61 -17.49
CA ILE RA 91 -14.30 -45.50 -18.65
C ILE RA 91 -14.60 -44.78 -19.95
N ALA RA 92 -14.83 -43.47 -19.92
CA ALA RA 92 -14.95 -42.70 -21.16
C ALA RA 92 -13.80 -42.87 -22.13
N PRO RA 93 -12.51 -42.84 -21.74
CA PRO RA 93 -11.43 -42.84 -22.72
C PRO RA 93 -11.24 -44.15 -23.47
N ASP RA 94 -11.85 -45.25 -23.03
CA ASP RA 94 -11.76 -46.50 -23.77
C ASP RA 94 -12.33 -46.33 -25.17
N TYR RA 95 -13.46 -45.66 -25.29
CA TYR RA 95 -14.11 -45.40 -26.58
C TYR RA 95 -13.68 -44.08 -27.19
N ALA RA 96 -12.57 -43.51 -26.72
CA ALA RA 96 -12.07 -42.23 -27.22
C ALA RA 96 -13.14 -41.14 -27.13
N LEU RA 97 -13.89 -41.17 -26.04
CA LEU RA 97 -14.92 -40.19 -25.75
C LEU RA 97 -14.41 -39.21 -24.71
N GLU RA 98 -15.30 -38.32 -24.29
CA GLU RA 98 -15.01 -37.38 -23.22
C GLU RA 98 -16.32 -37.11 -22.49
N ALA RA 99 -16.33 -37.37 -21.19
CA ALA RA 99 -17.56 -37.19 -20.41
C ALA RA 99 -17.97 -35.73 -20.42
N THR RA 100 -19.28 -35.49 -20.49
CA THR RA 100 -19.77 -34.14 -20.57
C THR RA 100 -19.63 -33.43 -19.22
N ALA RA 101 -19.74 -32.10 -19.26
CA ALA RA 101 -19.51 -31.30 -18.08
C ALA RA 101 -20.48 -31.68 -16.96
N LYS RA 102 -21.70 -32.05 -17.30
CA LYS RA 102 -22.65 -32.46 -16.27
C LYS RA 102 -22.19 -33.71 -15.57
N ILE RA 103 -21.68 -34.69 -16.32
CA ILE RA 103 -21.20 -35.91 -15.69
C ILE RA 103 -19.99 -35.61 -14.81
N ILE RA 104 -19.09 -34.74 -15.28
CA ILE RA 104 -17.92 -34.42 -14.48
C ILE RA 104 -18.30 -33.71 -13.18
N ALA RA 105 -19.23 -32.74 -13.28
CA ALA RA 105 -19.65 -32.02 -12.08
C ALA RA 105 -20.38 -32.93 -11.11
N THR RA 106 -21.24 -33.80 -11.62
CA THR RA 106 -21.96 -34.72 -10.74
C THR RA 106 -21.00 -35.72 -10.10
N ALA RA 107 -19.94 -36.12 -10.82
CA ALA RA 107 -18.94 -36.99 -10.23
C ALA RA 107 -18.22 -36.31 -9.07
N LYS RA 108 -17.78 -35.06 -9.29
CA LYS RA 108 -17.13 -34.31 -8.21
C LYS RA 108 -18.04 -34.20 -7.00
N TYR RA 109 -19.29 -33.78 -7.22
CA TYR RA 109 -20.23 -33.60 -6.12
C TYR RA 109 -20.50 -34.91 -5.41
N GLY RA 110 -20.65 -36.00 -6.17
CA GLY RA 110 -20.94 -37.28 -5.56
C GLY RA 110 -19.80 -37.81 -4.71
N LYS RA 111 -18.57 -37.67 -5.19
CA LYS RA 111 -17.43 -38.10 -4.39
C LYS RA 111 -17.33 -37.28 -3.11
N GLU RA 112 -17.51 -35.97 -3.22
CA GLU RA 112 -17.45 -35.11 -2.03
C GLU RA 112 -18.52 -35.50 -1.02
N LEU RA 113 -19.74 -35.76 -1.50
CA LEU RA 113 -20.81 -36.18 -0.60
C LEU RA 113 -20.53 -37.56 -0.01
N LEU RA 114 -19.88 -38.44 -0.75
CA LEU RA 114 -19.51 -39.74 -0.20
C LEU RA 114 -18.58 -39.57 0.99
N TYR RA 115 -17.60 -38.68 0.87
CA TYR RA 115 -16.64 -38.53 1.95
C TYR RA 115 -17.10 -37.59 3.06
N LYS RA 116 -18.21 -36.88 2.89
CA LYS RA 116 -18.63 -35.89 3.88
C LYS RA 116 -18.76 -36.48 5.29
N GLN RA 117 -19.53 -37.56 5.42
CA GLN RA 117 -19.78 -38.12 6.75
C GLN RA 117 -18.56 -38.76 7.36
N THR RA 118 -17.71 -39.39 6.53
CA THR RA 118 -16.47 -39.94 7.05
C THR RA 118 -15.53 -38.82 7.51
N ALA RA 119 -15.54 -37.69 6.82
CA ALA RA 119 -14.73 -36.55 7.27
C ALA RA 119 -15.23 -36.03 8.60
N ILE RA 120 -16.55 -35.92 8.75
CA ILE RA 120 -17.11 -35.50 10.04
C ILE RA 120 -16.70 -36.47 11.13
N SER RA 121 -16.74 -37.77 10.85
CA SER RA 121 -16.34 -38.77 11.84
C SER RA 121 -14.87 -38.65 12.19
N ARG RA 122 -14.01 -38.43 11.19
CA ARG RA 122 -12.57 -38.42 11.42
C ARG RA 122 -12.06 -37.09 11.98
N ALA RA 123 -12.87 -36.05 11.98
CA ALA RA 123 -12.48 -34.78 12.59
C ALA RA 123 -12.54 -34.94 14.11
N LYS RA 124 -11.54 -35.63 14.65
CA LYS RA 124 -11.43 -35.88 16.08
C LYS RA 124 -10.35 -35.01 16.68
N ARG RA 125 -10.52 -34.70 17.97
CA ARG RA 125 -9.55 -33.80 18.67
C ARG RA 125 -8.67 -34.65 19.58
N ALA RA 126 -7.37 -34.37 19.62
CA ALA RA 126 -6.44 -35.12 20.43
C ALA RA 126 -6.67 -34.85 21.91
N PRO RA 127 -6.37 -35.82 22.78
CA PRO RA 127 -6.56 -35.61 24.21
C PRO RA 127 -5.59 -34.59 24.78
N TYR RA 128 -5.73 -34.26 26.05
CA TYR RA 128 -4.83 -33.30 26.66
C TYR RA 128 -3.42 -33.88 26.71
N PRO RA 129 -2.40 -33.03 26.59
CA PRO RA 129 -1.03 -33.53 26.67
C PRO RA 129 -0.72 -34.10 28.04
N SER RA 130 0.24 -35.01 28.07
CA SER RA 130 0.64 -35.64 29.32
C SER RA 130 1.30 -34.66 30.28
N ARG RA 131 1.59 -33.44 29.84
CA ARG RA 131 2.21 -32.41 30.67
C ARG RA 131 1.24 -31.32 31.16
N MET RA 132 -0.09 -31.47 30.94
CA MET RA 132 -0.94 -30.54 31.70
C MET RA 132 -1.43 -31.13 33.01
N PRO RA 133 -1.53 -30.29 34.04
CA PRO RA 133 -2.31 -30.66 35.22
C PRO RA 133 -3.79 -30.68 34.93
N THR RA 134 -4.53 -31.36 35.80
CA THR RA 134 -5.98 -31.38 35.70
C THR RA 134 -6.65 -30.18 36.35
N GLY RA 135 -5.87 -29.24 36.88
CA GLY RA 135 -6.42 -28.20 37.71
C GLY RA 135 -6.68 -28.72 39.11
N SER RA 136 -7.07 -27.81 39.99
CA SER RA 136 -7.43 -28.18 41.35
C SER RA 136 -8.93 -28.15 41.58
N GLY RA 137 -9.70 -27.60 40.65
CA GLY RA 137 -11.12 -27.59 40.76
C GLY RA 137 -11.80 -28.86 40.30
N ASN RA 138 -11.01 -29.89 39.97
CA ASN RA 138 -11.56 -31.12 39.42
C ASN RA 138 -11.96 -32.12 40.49
N SER RA 139 -11.78 -31.81 41.77
CA SER RA 139 -12.31 -32.62 42.86
C SER RA 139 -11.75 -34.03 42.84
N PHE RA 140 -12.49 -34.96 42.22
CA PHE RA 140 -12.11 -36.36 42.20
C PHE RA 140 -10.66 -36.53 41.75
N ALA RA 141 -10.38 -36.13 40.50
CA ALA RA 141 -9.05 -36.30 39.91
C ALA RA 141 -7.93 -36.01 40.90
N ASN RA 142 -8.00 -34.87 41.57
CA ASN RA 142 -6.94 -34.52 42.50
C ASN RA 142 -7.04 -35.28 43.82
N LEU RA 143 -8.24 -35.70 44.23
CA LEU RA 143 -8.36 -36.47 45.46
C LEU RA 143 -7.81 -37.88 45.30
N ASN RA 144 -8.01 -38.48 44.13
CA ASN RA 144 -7.41 -39.76 43.78
C ASN RA 144 -6.11 -39.58 42.99
N GLU RA 145 -5.53 -38.38 43.04
CA GLU RA 145 -4.13 -38.14 42.66
C GLU RA 145 -3.92 -38.21 41.15
N TRP RA 146 -4.88 -37.71 40.39
CA TRP RA 146 -4.68 -37.46 38.96
C TRP RA 146 -4.27 -36.00 38.78
N HIS RA 147 -3.07 -35.69 39.26
CA HIS RA 147 -2.61 -34.31 39.19
C HIS RA 147 -2.36 -33.87 37.77
N TYR RA 148 -2.04 -34.79 36.87
CA TYR RA 148 -1.75 -34.48 35.48
C TYR RA 148 -2.58 -35.36 34.56
N PHE RA 149 -2.75 -34.91 33.33
CA PHE RA 149 -3.53 -35.65 32.36
C PHE RA 149 -2.75 -36.87 31.87
N PRO RA 150 -3.44 -37.96 31.56
CA PRO RA 150 -2.71 -39.16 31.08
C PRO RA 150 -2.16 -38.99 29.67
N GLY RA 151 -2.89 -38.30 28.80
CA GLY RA 151 -2.40 -38.06 27.46
C GLY RA 151 -2.52 -39.28 26.56
N GLU RA 152 -1.78 -39.23 25.45
CA GLU RA 152 -1.78 -40.29 24.44
C GLU RA 152 -3.19 -40.56 23.91
N GLU SA 5 -5.67 93.18 12.84
CA GLU SA 5 -6.59 94.24 13.23
C GLU SA 5 -7.89 93.64 13.74
N ASN SA 6 -8.44 92.68 12.98
CA ASN SA 6 -9.65 91.99 13.38
C ASN SA 6 -9.33 90.98 14.48
N ARG SA 7 -9.90 91.18 15.66
CA ARG SA 7 -9.70 90.24 16.75
C ARG SA 7 -10.26 88.87 16.40
N LEU SA 8 -11.45 88.84 15.79
CA LEU SA 8 -12.04 87.57 15.39
C LEU SA 8 -11.15 86.86 14.38
N GLU SA 9 -10.60 87.60 13.43
CA GLU SA 9 -9.74 86.97 12.43
C GLU SA 9 -8.46 86.45 13.05
N SER SA 10 -7.88 87.18 14.00
CA SER SA 10 -6.68 86.67 14.65
C SER SA 10 -6.97 85.37 15.41
N ILE SA 11 -8.04 85.36 16.20
CA ILE SA 11 -8.38 84.18 16.96
C ILE SA 11 -8.68 83.00 16.04
N LEU SA 12 -9.45 83.24 14.98
CA LEU SA 12 -9.82 82.17 14.08
C LEU SA 12 -8.62 81.66 13.30
N SER SA 13 -7.71 82.54 12.91
CA SER SA 13 -6.51 82.11 12.20
C SER SA 13 -5.65 81.23 13.10
N ARG SA 14 -5.48 81.62 14.36
CA ARG SA 14 -4.74 80.79 15.30
C ARG SA 14 -5.39 79.44 15.48
N PHE SA 15 -6.71 79.43 15.68
CA PHE SA 15 -7.42 78.18 15.88
C PHE SA 15 -7.30 77.27 14.67
N ASP SA 16 -7.44 77.83 13.47
CA ASP SA 16 -7.36 77.01 12.27
C ASP SA 16 -5.96 76.46 12.07
N ALA SA 17 -4.93 77.26 12.35
CA ALA SA 17 -3.57 76.76 12.24
C ALA SA 17 -3.35 75.58 13.15
N ASP SA 18 -3.77 75.70 14.42
CA ASP SA 18 -3.62 74.56 15.34
C ASP SA 18 -4.46 73.37 14.92
N TRP SA 19 -5.67 73.63 14.43
CA TRP SA 19 -6.56 72.55 14.04
C TRP SA 19 -5.99 71.73 12.91
N THR SA 20 -5.40 72.38 11.90
CA THR SA 20 -4.79 71.61 10.82
C THR SA 20 -3.47 70.99 11.24
N ALA SA 21 -2.75 71.64 12.16
CA ALA SA 21 -1.47 71.07 12.59
C ALA SA 21 -1.69 69.78 13.36
N SER SA 22 -2.78 69.67 14.10
CA SER SA 22 -3.03 68.49 14.94
C SER SA 22 -4.07 67.56 14.33
N ASP SA 23 -4.07 67.38 13.01
CA ASP SA 23 -5.15 66.61 12.40
C ASP SA 23 -4.92 65.12 12.50
N GLU SA 24 -3.76 64.65 12.05
CA GLU SA 24 -3.55 63.21 11.93
C GLU SA 24 -3.62 62.52 13.29
N ALA SA 25 -3.01 63.12 14.30
CA ALA SA 25 -3.07 62.53 15.63
C ALA SA 25 -4.50 62.51 16.14
N ARG SA 26 -5.26 63.57 15.90
CA ARG SA 26 -6.64 63.61 16.37
C ARG SA 26 -7.49 62.53 15.72
N ARG SA 27 -7.33 62.33 14.41
CA ARG SA 27 -8.10 61.30 13.73
C ARG SA 27 -7.71 59.91 14.19
N GLU SA 28 -6.41 59.66 14.38
CA GLU SA 28 -5.99 58.36 14.88
C GLU SA 28 -6.52 58.13 16.30
N ALA SA 29 -6.51 59.15 17.15
CA ALA SA 29 -6.99 58.98 18.51
C ALA SA 29 -8.49 58.72 18.54
N LYS SA 30 -9.25 59.42 17.70
CA LYS SA 30 -10.67 59.14 17.61
C LYS SA 30 -10.93 57.72 17.12
N ASN SA 31 -10.13 57.27 16.14
CA ASN SA 31 -10.27 55.90 15.67
C ASN SA 31 -9.98 54.90 16.80
N ASP SA 32 -8.95 55.17 17.60
CA ASP SA 32 -8.64 54.28 18.72
C ASP SA 32 -9.77 54.24 19.73
N LEU SA 33 -10.34 55.41 20.06
CA LEU SA 33 -11.43 55.45 21.02
C LEU SA 33 -12.66 54.73 20.51
N PHE SA 34 -13.00 54.91 19.23
CA PHE SA 34 -14.13 54.19 18.65
C PHE SA 34 -13.86 52.69 18.67
N PHE SA 35 -12.65 52.28 18.29
CA PHE SA 35 -12.32 50.86 18.22
C PHE SA 35 -12.42 50.21 19.60
N SER SA 36 -11.89 50.86 20.63
CA SER SA 36 -11.86 50.27 21.95
C SER SA 36 -13.09 50.61 22.79
N ARG SA 37 -14.04 51.34 22.25
CA ARG SA 37 -15.19 51.73 23.06
C ARG SA 37 -16.53 51.38 22.43
N VAL SA 38 -16.64 51.42 21.10
CA VAL SA 38 -17.92 51.16 20.44
C VAL SA 38 -17.90 49.83 19.72
N SER SA 39 -17.07 49.71 18.70
CA SER SA 39 -17.08 48.51 17.88
C SER SA 39 -15.77 48.40 17.12
N GLN SA 40 -15.34 47.17 16.89
CA GLN SA 40 -14.12 46.91 16.16
C GLN SA 40 -14.34 46.67 14.69
N TRP SA 41 -15.58 46.64 14.23
CA TRP SA 41 -15.87 46.62 12.80
C TRP SA 41 -16.18 48.04 12.32
N ASP SA 42 -15.21 48.92 12.50
CA ASP SA 42 -15.43 50.33 12.20
C ASP SA 42 -15.47 50.56 10.70
N ASP SA 43 -16.57 50.20 10.06
CA ASP SA 43 -16.73 50.34 8.61
C ASP SA 43 -17.77 51.42 8.33
N TRP SA 44 -17.32 52.54 7.77
CA TRP SA 44 -18.23 53.58 7.31
C TRP SA 44 -18.81 53.29 5.94
N LEU SA 45 -18.28 52.28 5.25
CA LEU SA 45 -18.82 51.90 3.97
C LEU SA 45 -20.17 51.22 4.16
N SER SA 46 -20.89 51.04 3.05
CA SER SA 46 -22.16 50.34 3.13
C SER SA 46 -21.95 48.87 3.44
N GLN SA 47 -22.60 48.39 4.49
CA GLN SA 47 -22.69 46.95 4.70
C GLN SA 47 -23.62 46.30 3.70
N TYR SA 48 -24.35 47.10 2.91
CA TYR SA 48 -25.18 46.65 1.80
C TYR SA 48 -26.43 45.93 2.26
N THR SA 49 -27.29 45.60 1.31
CA THR SA 49 -28.49 44.83 1.63
C THR SA 49 -28.13 43.44 2.11
N THR SA 50 -27.12 42.82 1.51
CA THR SA 50 -26.68 41.52 1.98
C THR SA 50 -26.04 41.65 3.36
N LEU SA 51 -26.31 40.66 4.21
CA LEU SA 51 -25.84 40.65 5.58
C LEU SA 51 -24.93 39.45 5.77
N GLN SA 52 -23.77 39.67 6.39
CA GLN SA 52 -22.81 38.61 6.65
C GLN SA 52 -22.45 38.64 8.13
N TYR SA 53 -22.05 37.49 8.65
CA TYR SA 53 -21.72 37.39 10.06
C TYR SA 53 -20.50 38.24 10.37
N ARG SA 54 -20.68 39.24 11.22
CA ARG SA 54 -19.59 40.11 11.67
C ARG SA 54 -19.46 39.91 13.17
N GLY SA 55 -18.69 38.91 13.56
CA GLY SA 55 -18.50 38.65 14.96
C GLY SA 55 -17.54 39.63 15.60
N GLN SA 56 -17.48 39.58 16.92
CA GLN SA 56 -16.63 40.49 17.70
C GLN SA 56 -16.07 39.70 18.89
N PHE SA 57 -14.81 39.29 18.78
CA PHE SA 57 -14.17 38.42 19.76
C PHE SA 57 -12.99 39.18 20.36
N ASP SA 58 -13.26 39.88 21.47
CA ASP SA 58 -12.30 40.80 22.04
C ASP SA 58 -11.11 40.07 22.64
N VAL SA 59 -9.93 40.62 22.40
CA VAL SA 59 -8.70 40.09 22.98
C VAL SA 59 -7.83 41.26 23.48
N VAL SA 60 -8.33 42.48 23.30
CA VAL SA 60 -7.62 43.67 23.76
C VAL SA 60 -8.32 44.35 24.93
N ARG SA 61 -9.64 44.19 25.07
CA ARG SA 61 -10.33 44.74 26.22
C ARG SA 61 -9.82 44.19 27.55
N PRO SA 62 -9.51 42.90 27.70
CA PRO SA 62 -8.88 42.47 28.94
C PRO SA 62 -7.58 43.20 29.26
N VAL SA 63 -6.74 43.46 28.25
CA VAL SA 63 -5.51 44.19 28.50
C VAL SA 63 -5.79 45.62 28.92
N VAL SA 64 -6.74 46.27 28.25
CA VAL SA 64 -7.09 47.65 28.61
C VAL SA 64 -7.62 47.71 30.03
N ARG SA 65 -8.50 46.77 30.39
CA ARG SA 65 -9.02 46.72 31.75
C ARG SA 65 -7.91 46.50 32.76
N LYS SA 66 -6.97 45.60 32.45
CA LYS SA 66 -5.88 45.34 33.37
C LYS SA 66 -5.04 46.59 33.60
N LEU SA 67 -4.70 47.31 32.53
CA LEU SA 67 -3.90 48.52 32.68
C LEU SA 67 -4.65 49.58 33.47
N VAL SA 68 -5.93 49.78 33.17
CA VAL SA 68 -6.70 50.79 33.87
C VAL SA 68 -6.79 50.48 35.35
N SER SA 69 -7.04 49.21 35.69
CA SER SA 69 -7.10 48.83 37.09
C SER SA 69 -5.76 48.99 37.79
N GLU SA 70 -4.67 48.63 37.10
CA GLU SA 70 -3.34 48.76 37.68
C GLU SA 70 -3.01 50.22 37.97
N MET SA 71 -3.46 51.13 37.10
CA MET SA 71 -3.22 52.54 37.38
C MET SA 71 -4.17 53.09 38.43
N ARG SA 72 -5.37 52.52 38.54
CA ARG SA 72 -6.32 52.98 39.55
C ARG SA 72 -5.88 52.59 40.95
N GLN SA 73 -5.20 51.45 41.09
CA GLN SA 73 -4.76 51.01 42.41
C GLN SA 73 -3.68 51.90 42.99
N ASN SA 74 -3.08 52.81 42.21
CA ASN SA 74 -1.97 53.64 42.64
C ASN SA 74 -2.31 55.11 42.41
N PRO SA 75 -3.10 55.71 43.29
CA PRO SA 75 -3.44 57.12 43.14
C PRO SA 75 -2.22 58.01 43.29
N ILE SA 76 -2.28 59.16 42.63
CA ILE SA 76 -1.20 60.15 42.64
C ILE SA 76 -1.82 61.53 42.84
N ASP SA 77 -1.22 62.34 43.69
CA ASP SA 77 -1.74 63.67 43.97
C ASP SA 77 -0.59 64.63 44.14
N VAL SA 78 -0.91 65.93 44.03
CA VAL SA 78 0.08 66.98 44.23
C VAL SA 78 0.55 66.96 45.69
N LEU SA 79 1.81 67.34 45.90
CA LEU SA 79 2.38 67.46 47.24
C LEU SA 79 3.33 68.63 47.26
N TYR SA 80 2.98 69.68 48.00
CA TYR SA 80 3.79 70.89 48.04
C TYR SA 80 4.86 70.78 49.12
N ARG SA 81 6.09 71.10 48.76
CA ARG SA 81 7.20 71.04 49.70
C ARG SA 81 7.94 72.36 49.73
N PRO SA 82 8.35 72.82 50.91
CA PRO SA 82 9.01 74.13 51.00
C PRO SA 82 10.32 74.16 50.24
N LYS SA 83 10.69 75.35 49.77
CA LYS SA 83 11.87 75.51 48.93
C LYS SA 83 13.13 75.43 49.78
N ASP SA 84 14.27 75.75 49.19
CA ASP SA 84 15.53 75.81 49.91
C ASP SA 84 15.67 77.18 50.58
N GLY SA 85 15.88 77.17 51.89
CA GLY SA 85 16.01 78.39 52.66
C GLY SA 85 14.70 79.02 53.09
N ALA SA 86 13.57 78.47 52.67
CA ALA SA 86 12.27 78.97 53.10
C ALA SA 86 11.93 78.44 54.49
N ARG SA 87 10.83 78.96 55.03
CA ARG SA 87 10.40 78.50 56.35
C ARG SA 87 10.06 77.01 56.28
N PRO SA 88 10.32 76.26 57.35
CA PRO SA 88 10.14 74.80 57.26
C PRO SA 88 8.71 74.36 57.00
N ASP SA 89 7.71 75.19 57.32
CA ASP SA 89 6.31 74.90 57.06
C ASP SA 89 5.70 75.87 56.07
N ALA SA 90 6.43 76.19 55.00
CA ALA SA 90 5.95 77.16 54.02
C ALA SA 90 4.84 76.60 53.14
N ALA SA 91 4.57 75.30 53.19
CA ALA SA 91 3.56 74.68 52.35
C ALA SA 91 2.33 74.24 53.12
N ASP SA 92 2.23 74.59 54.40
CA ASP SA 92 1.14 74.06 55.22
C ASP SA 92 -0.21 74.59 54.75
N VAL SA 93 -0.33 75.91 54.56
CA VAL SA 93 -1.61 76.49 54.21
C VAL SA 93 -2.01 76.09 52.79
N LEU SA 94 -1.07 76.15 51.86
CA LEU SA 94 -1.37 75.76 50.48
C LEU SA 94 -1.79 74.29 50.41
N MET SA 95 -1.09 73.42 51.13
CA MET SA 95 -1.46 72.01 51.12
C MET SA 95 -2.82 71.78 51.75
N GLY SA 96 -3.13 72.49 52.84
CA GLY SA 96 -4.43 72.34 53.45
C GLY SA 96 -5.56 72.74 52.54
N MET SA 97 -5.41 73.89 51.87
CA MET SA 97 -6.42 74.35 50.92
C MET SA 97 -6.53 73.43 49.72
N TYR SA 98 -5.41 72.92 49.20
CA TYR SA 98 -5.46 71.98 48.10
C TYR SA 98 -6.21 70.72 48.48
N ARG SA 99 -5.87 70.13 49.63
CA ARG SA 99 -6.56 68.92 50.06
C ARG SA 99 -8.03 69.20 50.36
N THR SA 100 -8.34 70.43 50.79
CA THR SA 100 -9.73 70.79 51.03
C THR SA 100 -10.54 70.77 49.74
N ASP SA 101 -10.05 71.44 48.71
CA ASP SA 101 -10.87 71.63 47.53
C ASP SA 101 -10.64 70.60 46.43
N MET SA 102 -9.71 69.67 46.60
CA MET SA 102 -9.53 68.58 45.64
C MET SA 102 -10.01 67.24 46.17
N ARG SA 103 -10.71 67.22 47.30
CA ARG SA 103 -11.20 65.98 47.88
C ARG SA 103 -12.57 65.57 47.35
N HIS SA 104 -13.20 66.40 46.53
CA HIS SA 104 -14.53 66.11 46.04
C HIS SA 104 -14.50 65.03 44.97
N ASN SA 105 -15.69 64.50 44.66
CA ASN SA 105 -15.78 63.44 43.67
C ASN SA 105 -15.34 63.92 42.28
N THR SA 106 -15.54 65.20 41.99
CA THR SA 106 -15.22 65.71 40.66
C THR SA 106 -13.73 65.59 40.36
N ALA SA 107 -12.88 65.80 41.36
CA ALA SA 107 -11.44 65.71 41.13
C ALA SA 107 -11.03 64.29 40.75
N LYS SA 108 -11.46 63.32 41.55
CA LYS SA 108 -11.14 61.93 41.27
C LYS SA 108 -11.69 61.51 39.91
N ILE SA 109 -12.90 61.93 39.59
CA ILE SA 109 -13.52 61.49 38.35
C ILE SA 109 -12.83 62.12 37.14
N ALA SA 110 -12.44 63.39 37.24
CA ALA SA 110 -11.73 64.02 36.14
C ALA SA 110 -10.40 63.32 35.89
N VAL SA 111 -9.67 63.01 36.96
CA VAL SA 111 -8.39 62.33 36.78
C VAL SA 111 -8.60 60.94 36.18
N ASN SA 112 -9.63 60.22 36.64
CA ASN SA 112 -9.87 58.88 36.13
C ASN SA 112 -10.25 58.88 34.66
N ILE SA 113 -11.08 59.84 34.25
CA ILE SA 113 -11.42 59.98 32.84
C ILE SA 113 -10.17 60.22 32.02
N ALA SA 114 -9.33 61.16 32.48
CA ALA SA 114 -8.11 61.47 31.75
C ALA SA 114 -7.21 60.25 31.64
N VAL SA 115 -7.13 59.45 32.71
CA VAL SA 115 -6.23 58.30 32.71
C VAL SA 115 -6.73 57.20 31.78
N ARG SA 116 -8.04 56.92 31.80
CA ARG SA 116 -8.57 55.93 30.87
C ARG SA 116 -8.35 56.37 29.43
N GLU SA 117 -8.57 57.65 29.13
CA GLU SA 117 -8.34 58.11 27.76
C GLU SA 117 -6.86 58.11 27.40
N GLN SA 118 -5.98 58.36 28.36
CA GLN SA 118 -4.54 58.25 28.09
C GLN SA 118 -4.17 56.82 27.72
N ILE SA 119 -4.71 55.85 28.45
CA ILE SA 119 -4.37 54.45 28.17
C ILE SA 119 -4.94 54.02 26.83
N GLU SA 120 -6.17 54.41 26.52
CA GLU SA 120 -6.78 53.94 25.27
C GLU SA 120 -6.27 54.72 24.06
N ALA SA 121 -6.53 56.02 24.01
CA ALA SA 121 -6.29 56.80 22.80
C ALA SA 121 -4.93 57.49 22.77
N GLY SA 122 -4.34 57.75 23.91
CA GLY SA 122 -3.05 58.41 23.99
C GLY SA 122 -3.06 59.75 24.69
N VAL SA 123 -4.19 60.45 24.73
CA VAL SA 123 -4.28 61.74 25.39
C VAL SA 123 -5.60 61.86 26.14
N GLY SA 124 -5.51 62.37 27.37
CA GLY SA 124 -6.66 62.88 28.08
C GLY SA 124 -6.35 64.26 28.61
N ALA SA 125 -7.32 64.84 29.31
CA ALA SA 125 -7.11 66.17 29.88
C ALA SA 125 -8.15 66.45 30.94
N TRP SA 126 -7.87 67.49 31.74
CA TRP SA 126 -8.86 68.03 32.66
C TRP SA 126 -8.64 69.53 32.76
N ARG SA 127 -9.52 70.21 33.52
CA ARG SA 127 -9.52 71.65 33.59
C ARG SA 127 -9.68 72.09 35.04
N LEU SA 128 -9.19 73.28 35.34
CA LEU SA 128 -9.37 73.90 36.65
C LEU SA 128 -10.22 75.16 36.51
N VAL SA 129 -11.25 75.28 37.35
CA VAL SA 129 -12.14 76.43 37.30
C VAL SA 129 -12.34 76.96 38.70
N THR SA 130 -12.79 78.21 38.78
CA THR SA 130 -13.07 78.88 40.04
C THR SA 130 -14.52 79.34 40.06
N ASP SA 131 -15.22 79.06 41.16
CA ASP SA 131 -16.60 79.52 41.32
C ASP SA 131 -16.74 80.12 42.71
N TYR SA 132 -17.89 80.73 42.94
CA TYR SA 132 -18.20 81.37 44.22
C TYR SA 132 -19.06 80.43 45.05
N GLU SA 133 -18.63 80.17 46.28
CA GLU SA 133 -19.37 79.34 47.21
C GLU SA 133 -19.64 80.15 48.47
N ASP SA 134 -20.83 80.00 49.02
CA ASP SA 134 -21.22 80.76 50.20
C ASP SA 134 -21.45 79.90 51.44
N GLN SA 135 -21.61 78.59 51.27
CA GLN SA 135 -21.86 77.71 52.41
C GLN SA 135 -20.56 77.18 53.00
N SER SA 136 -19.72 76.56 52.18
CA SER SA 136 -18.45 76.00 52.62
C SER SA 136 -17.34 76.40 51.64
N PRO SA 137 -16.93 77.66 51.66
CA PRO SA 137 -15.86 78.09 50.76
C PRO SA 137 -14.50 77.69 51.27
N THR SA 138 -13.55 77.54 50.35
CA THR SA 138 -12.17 77.30 50.76
C THR SA 138 -11.55 78.57 51.32
N SER SA 139 -11.75 79.69 50.65
CA SER SA 139 -11.16 80.96 51.05
C SER SA 139 -11.77 82.06 50.21
N ASN SA 140 -12.03 83.20 50.84
CA ASN SA 140 -12.52 84.40 50.13
C ASN SA 140 -13.84 84.12 49.42
N ASN SA 141 -14.67 83.27 50.00
CA ASN SA 141 -15.97 82.92 49.45
C ASN SA 141 -15.87 82.26 48.08
N GLN SA 142 -14.73 81.67 47.76
CA GLN SA 142 -14.49 81.08 46.45
C GLN SA 142 -13.93 79.68 46.59
N VAL SA 143 -14.23 78.84 45.59
CA VAL SA 143 -13.74 77.47 45.53
C VAL SA 143 -13.06 77.26 44.18
N ILE SA 144 -11.98 76.49 44.19
CA ILE SA 144 -11.32 76.04 42.98
C ILE SA 144 -11.60 74.56 42.84
N ARG SA 145 -12.19 74.17 41.71
CA ARG SA 145 -12.52 72.78 41.47
C ARG SA 145 -11.98 72.35 40.11
N ARG SA 146 -12.03 71.04 39.87
CA ARG SA 146 -11.47 70.45 38.67
C ARG SA 146 -12.58 69.77 37.90
N GLU SA 147 -12.66 70.06 36.60
CA GLU SA 147 -13.70 69.55 35.72
C GLU SA 147 -13.11 68.60 34.69
N PRO SA 148 -13.86 67.59 34.28
CA PRO SA 148 -13.36 66.66 33.28
C PRO SA 148 -13.50 67.22 31.87
N ILE SA 149 -12.69 66.67 30.97
CA ILE SA 149 -12.81 66.94 29.54
C ILE SA 149 -12.89 65.60 28.84
N HIS SA 150 -14.03 65.33 28.20
CA HIS SA 150 -14.22 64.08 27.50
C HIS SA 150 -13.79 64.23 26.05
N SER SA 151 -13.09 63.22 25.55
CA SER SA 151 -12.52 63.25 24.22
C SER SA 151 -11.63 64.47 24.03
N ALA SA 152 -10.56 64.50 24.83
CA ALA SA 152 -9.64 65.63 24.79
C ALA SA 152 -8.95 65.75 23.45
N CYS SA 153 -8.69 64.61 22.79
CA CYS SA 153 -7.97 64.62 21.51
C CYS SA 153 -8.64 65.53 20.50
N SER SA 154 -9.97 65.59 20.52
CA SER SA 154 -10.71 66.42 19.58
C SER SA 154 -11.32 67.66 20.21
N HIS SA 155 -11.44 67.71 21.53
CA HIS SA 155 -12.07 68.86 22.18
C HIS SA 155 -11.09 69.88 22.72
N VAL SA 156 -9.80 69.58 22.77
CA VAL SA 156 -8.78 70.54 23.20
C VAL SA 156 -7.76 70.65 22.10
N ILE SA 157 -7.59 71.85 21.57
CA ILE SA 157 -6.69 72.10 20.44
C ILE SA 157 -5.63 73.07 20.92
N TRP SA 158 -4.48 72.52 21.30
CA TRP SA 158 -3.40 73.31 21.86
C TRP SA 158 -2.71 74.12 20.77
N ASP SA 159 -1.95 75.12 21.21
CA ASP SA 159 -1.12 75.89 20.29
C ASP SA 159 -0.17 74.95 19.58
N SER SA 160 -0.07 75.09 18.26
CA SER SA 160 0.77 74.18 17.49
C SER SA 160 2.25 74.40 17.73
N ASN SA 161 2.63 75.57 18.23
CA ASN SA 161 4.03 75.84 18.55
C ASN SA 161 4.33 75.50 20.01
N SER SA 162 4.00 74.28 20.40
CA SER SA 162 4.25 73.78 21.74
C SER SA 162 5.05 72.49 21.62
N LYS SA 163 6.20 72.42 22.28
CA LYS SA 163 7.07 71.27 22.23
C LYS SA 163 7.28 70.66 23.61
N LEU SA 164 6.32 70.82 24.50
CA LEU SA 164 6.42 70.31 25.86
C LEU SA 164 5.24 69.38 26.14
N MET SA 165 5.53 68.31 26.88
CA MET SA 165 4.53 67.27 27.12
C MET SA 165 3.32 67.83 27.86
N ASP SA 166 3.54 68.68 28.85
CA ASP SA 166 2.45 69.30 29.59
C ASP SA 166 1.98 70.60 28.98
N LYS SA 167 2.55 71.01 27.85
CA LYS SA 167 2.13 72.21 27.13
C LYS SA 167 2.26 73.45 28.00
N SER SA 168 3.39 73.59 28.66
CA SER SA 168 3.65 74.80 29.45
C SER SA 168 4.25 75.93 28.62
N ASP SA 169 4.63 75.67 27.37
CA ASP SA 169 5.10 76.71 26.47
C ASP SA 169 4.01 77.17 25.51
N ALA SA 170 2.81 76.59 25.61
CA ALA SA 170 1.70 77.05 24.79
C ALA SA 170 1.25 78.43 25.22
N ARG SA 171 0.99 79.30 24.26
CA ARG SA 171 0.54 80.65 24.54
C ARG SA 171 -0.97 80.80 24.40
N HIS SA 172 -1.65 79.81 23.84
CA HIS SA 172 -3.10 79.84 23.72
C HIS SA 172 -3.62 78.42 23.63
N CYS SA 173 -4.92 78.28 23.87
CA CYS SA 173 -5.56 76.97 23.83
C CYS SA 173 -7.05 77.18 23.68
N THR SA 174 -7.68 76.44 22.77
CA THR SA 174 -9.12 76.51 22.60
C THR SA 174 -9.76 75.21 23.05
N VAL SA 175 -10.85 75.32 23.79
CA VAL SA 175 -11.62 74.19 24.27
C VAL SA 175 -13.01 74.27 23.65
N ILE SA 176 -13.46 73.19 23.03
CA ILE SA 176 -14.70 73.17 22.27
C ILE SA 176 -15.78 72.52 23.12
N HIS SA 177 -16.83 73.27 23.40
CA HIS SA 177 -17.94 72.80 24.22
C HIS SA 177 -19.08 72.37 23.31
N SER SA 178 -19.47 71.11 23.46
CA SER SA 178 -20.63 70.55 22.78
C SER SA 178 -21.68 70.24 23.83
N MET SA 179 -22.89 70.76 23.66
CA MET SA 179 -23.90 70.69 24.69
C MET SA 179 -25.26 70.39 24.08
N SER SA 180 -26.23 70.11 24.94
CA SER SA 180 -27.61 69.96 24.52
C SER SA 180 -28.27 71.32 24.42
N GLN SA 181 -29.54 71.34 24.01
CA GLN SA 181 -30.24 72.62 23.96
C GLN SA 181 -30.42 73.21 25.34
N ASN SA 182 -30.80 72.39 26.32
CA ASN SA 182 -30.90 72.87 27.69
C ASN SA 182 -29.54 73.26 28.24
N GLY SA 183 -28.50 72.50 27.90
CA GLY SA 183 -27.17 72.86 28.33
C GLY SA 183 -26.75 74.22 27.80
N TRP SA 184 -27.09 74.50 26.53
CA TRP SA 184 -26.81 75.81 25.97
C TRP SA 184 -27.61 76.90 26.67
N GLU SA 185 -28.88 76.62 26.99
CA GLU SA 185 -29.68 77.62 27.68
C GLU SA 185 -29.07 77.98 29.03
N ASP SA 186 -28.64 76.97 29.78
CA ASP SA 186 -28.05 77.25 31.09
C ASP SA 186 -26.65 77.84 30.98
N PHE SA 187 -25.91 77.50 29.93
CA PHE SA 187 -24.64 78.15 29.67
C PHE SA 187 -24.83 79.64 29.39
N ALA SA 188 -25.81 79.97 28.57
CA ALA SA 188 -26.13 81.37 28.29
C ALA SA 188 -26.57 82.08 29.56
N GLU SA 189 -27.38 81.41 30.38
CA GLU SA 189 -27.79 82.00 31.65
C GLU SA 189 -26.58 82.31 32.51
N LYS SA 190 -25.65 81.35 32.64
CA LYS SA 190 -24.55 81.53 33.58
C LYS SA 190 -23.57 82.59 33.08
N TYR SA 191 -23.28 82.61 31.77
CA TYR SA 191 -22.31 83.54 31.21
C TYR SA 191 -22.94 84.83 30.69
N ASP SA 192 -24.24 85.04 30.92
CA ASP SA 192 -24.92 86.25 30.47
C ASP SA 192 -24.80 86.46 28.97
N LEU SA 193 -24.89 85.36 28.22
CA LEU SA 193 -24.94 85.44 26.76
C LEU SA 193 -26.38 85.62 26.32
N ASP SA 194 -26.63 85.46 25.02
CA ASP SA 194 -27.97 85.58 24.46
C ASP SA 194 -28.44 84.17 24.12
N ALA SA 195 -29.51 83.71 24.78
CA ALA SA 195 -29.99 82.36 24.57
C ALA SA 195 -30.62 82.19 23.20
N ASP SA 196 -31.22 83.25 22.65
CA ASP SA 196 -31.85 83.14 21.34
C ASP SA 196 -30.83 82.99 20.23
N ASP SA 197 -29.77 83.79 20.26
CA ASP SA 197 -28.76 83.75 19.22
C ASP SA 197 -27.98 82.45 19.34
N ILE SA 198 -28.31 81.49 18.49
CA ILE SA 198 -27.80 80.13 18.64
C ILE SA 198 -26.35 80.09 18.14
N PRO SA 199 -25.41 79.61 18.93
CA PRO SA 199 -24.00 79.64 18.54
C PRO SA 199 -23.62 78.43 17.67
N SER SA 200 -22.47 78.54 17.03
CA SER SA 200 -21.97 77.50 16.16
C SER SA 200 -20.46 77.59 16.10
N PHE SA 201 -19.83 76.43 15.98
CA PHE SA 201 -18.37 76.36 15.93
C PHE SA 201 -17.99 75.06 15.23
N GLN SA 202 -16.69 74.87 15.03
CA GLN SA 202 -16.18 73.70 14.34
C GLN SA 202 -16.62 72.44 15.07
N ASN SA 203 -17.44 71.64 14.41
CA ASN SA 203 -17.82 70.36 14.97
C ASN SA 203 -16.57 69.49 15.12
N PRO SA 204 -16.33 68.90 16.29
CA PRO SA 204 -15.09 68.15 16.49
C PRO SA 204 -15.14 66.71 16.02
N ASN SA 205 -16.31 66.18 15.65
CA ASN SA 205 -16.40 64.77 15.34
C ASN SA 205 -15.88 64.47 13.93
N ASP SA 206 -16.52 65.03 12.92
CA ASP SA 206 -16.20 64.71 11.51
C ASP SA 206 -16.35 63.21 11.26
N TRP SA 207 -17.59 62.74 11.37
CA TRP SA 207 -17.89 61.31 11.28
C TRP SA 207 -18.89 61.03 10.17
N VAL SA 208 -19.18 59.75 9.98
CA VAL SA 208 -19.87 59.26 8.80
C VAL SA 208 -20.66 58.01 9.18
N PHE SA 209 -21.69 57.69 8.39
CA PHE SA 209 -22.42 56.43 8.27
C PHE SA 209 -22.81 55.82 9.61
N PRO SA 210 -22.17 54.76 10.14
CA PRO SA 210 -22.87 53.98 11.17
C PRO SA 210 -22.96 54.69 12.50
N TRP SA 211 -22.05 55.62 12.77
CA TRP SA 211 -22.15 56.44 13.96
C TRP SA 211 -23.38 57.32 13.86
N LEU SA 212 -24.07 57.50 14.98
CA LEU SA 212 -25.18 58.43 15.07
C LEU SA 212 -24.85 59.46 16.13
N THR SA 213 -24.92 60.73 15.73
CA THR SA 213 -24.58 61.85 16.60
C THR SA 213 -25.85 62.30 17.33
N GLN SA 214 -25.81 63.44 17.99
CA GLN SA 214 -26.94 63.94 18.73
C GLN SA 214 -27.14 65.43 18.47
N ASP SA 215 -28.35 65.90 18.76
CA ASP SA 215 -28.66 67.32 18.68
C ASP SA 215 -27.75 68.09 19.62
N THR SA 216 -26.82 68.85 19.07
CA THR SA 216 -25.70 69.37 19.84
C THR SA 216 -25.39 70.80 19.40
N ILE SA 217 -24.87 71.58 20.32
CA ILE SA 217 -24.55 72.99 20.11
C ILE SA 217 -23.09 73.19 20.45
N GLN SA 218 -22.35 73.85 19.56
CA GLN SA 218 -20.92 74.01 19.70
C GLN SA 218 -20.58 75.47 19.97
N ILE SA 219 -19.72 75.69 20.96
CA ILE SA 219 -19.13 77.00 21.23
C ILE SA 219 -17.68 76.74 21.62
N ALA SA 220 -16.88 77.80 21.72
CA ALA SA 220 -15.50 77.57 22.12
C ALA SA 220 -15.06 78.61 23.13
N GLU SA 221 -14.14 78.21 24.00
CA GLU SA 221 -13.41 79.15 24.84
C GLU SA 221 -11.96 79.18 24.40
N PHE SA 222 -11.46 80.39 24.17
CA PHE SA 222 -10.09 80.63 23.74
C PHE SA 222 -9.34 81.27 24.89
N TYR SA 223 -8.46 80.51 25.53
CA TYR SA 223 -7.58 81.02 26.56
C TYR SA 223 -6.28 81.48 25.93
N GLU SA 224 -5.82 82.66 26.32
CA GLU SA 224 -4.53 83.14 25.87
C GLU SA 224 -3.75 83.71 27.05
N VAL SA 225 -2.44 83.49 27.04
CA VAL SA 225 -1.56 83.97 28.10
C VAL SA 225 -0.68 85.07 27.53
N VAL SA 226 -0.49 86.14 28.31
CA VAL SA 226 0.30 87.29 27.89
C VAL SA 226 1.28 87.62 29.00
N GLU SA 227 2.57 87.58 28.68
CA GLU SA 227 3.64 87.85 29.63
C GLU SA 227 4.13 89.27 29.40
N LYS SA 228 3.93 90.15 30.38
CA LYS SA 228 4.27 91.56 30.22
C LYS SA 228 4.70 92.12 31.55
N LYS SA 229 5.40 93.25 31.50
CA LYS SA 229 5.80 93.98 32.70
C LYS SA 229 4.70 94.94 33.10
N GLU SA 230 4.21 94.82 34.33
CA GLU SA 230 3.19 95.72 34.84
C GLU SA 230 3.63 96.32 36.16
N THR SA 231 3.04 97.46 36.49
CA THR SA 231 3.49 98.24 37.64
C THR SA 231 3.10 97.56 38.95
N ALA SA 232 4.07 97.46 39.86
CA ALA SA 232 3.84 96.98 41.22
C ALA SA 232 4.15 98.10 42.20
N PHE SA 233 3.46 98.09 43.33
CA PHE SA 233 3.60 99.11 44.35
C PHE SA 233 4.30 98.53 45.57
N ILE SA 234 5.35 99.21 46.02
CA ILE SA 234 6.03 98.85 47.26
C ILE SA 234 5.37 99.64 48.38
N TYR SA 235 4.84 98.95 49.36
CA TYR SA 235 4.22 99.58 50.52
C TYR SA 235 5.03 99.26 51.77
N GLN SA 236 4.59 99.82 52.89
CA GLN SA 236 5.17 99.55 54.20
C GLN SA 236 4.09 98.93 55.08
N ASP SA 237 4.29 97.67 55.45
CA ASP SA 237 3.31 96.97 56.28
C ASP SA 237 3.19 97.68 57.62
N PRO SA 238 1.99 98.07 58.05
CA PRO SA 238 1.86 98.75 59.34
C PRO SA 238 2.27 97.90 60.52
N VAL SA 239 2.30 96.58 60.37
CA VAL SA 239 2.78 95.71 61.45
C VAL SA 239 4.29 95.58 61.41
N THR SA 240 4.82 95.05 60.31
CA THR SA 240 6.26 94.84 60.18
C THR SA 240 6.60 94.52 58.72
N GLY SA 241 7.72 95.08 58.26
CA GLY SA 241 8.24 94.76 56.95
C GLY SA 241 7.59 95.57 55.83
N GLU SA 242 7.96 95.21 54.60
CA GLU SA 242 7.44 95.88 53.40
C GLU SA 242 6.97 94.84 52.40
N PRO SA 243 5.68 94.77 52.10
CA PRO SA 243 5.20 93.91 51.02
C PRO SA 243 5.08 94.66 49.71
N VAL SA 244 4.89 93.90 48.65
CA VAL SA 244 4.70 94.43 47.30
C VAL SA 244 3.35 93.95 46.79
N SER SA 245 2.53 94.88 46.30
CA SER SA 245 1.22 94.56 45.77
C SER SA 245 1.11 95.05 44.34
N TYR SA 246 0.46 94.24 43.50
CA TYR SA 246 0.32 94.56 42.06
C TYR SA 246 -0.70 95.68 41.86
N PHE SA 247 -0.34 96.65 41.05
CA PHE SA 247 -1.22 97.80 40.86
C PHE SA 247 -2.58 97.39 40.30
N LYS SA 248 -2.59 96.42 39.38
CA LYS SA 248 -3.83 96.07 38.70
C LYS SA 248 -4.81 95.36 39.64
N ARG SA 249 -4.32 94.75 40.69
CA ARG SA 249 -5.21 94.06 41.63
C ARG SA 249 -5.87 95.00 42.62
N ASP SA 250 -5.38 96.23 42.74
CA ASP SA 250 -6.06 97.29 43.46
C ASP SA 250 -6.02 98.58 42.65
N ILE SA 251 -6.36 98.47 41.36
CA ILE SA 251 -6.31 99.64 40.47
C ILE SA 251 -7.27 100.71 40.95
N LYS SA 252 -8.52 100.33 41.20
CA LYS SA 252 -9.53 101.26 41.66
C LYS SA 252 -10.28 100.80 42.89
N ASP SA 253 -10.14 99.53 43.30
CA ASP SA 253 -10.88 99.04 44.44
C ASP SA 253 -10.40 99.68 45.74
N VAL SA 254 -9.13 99.47 46.09
CA VAL SA 254 -8.64 99.89 47.39
C VAL SA 254 -7.35 100.68 47.26
N ILE SA 255 -7.15 101.29 46.09
CA ILE SA 255 -5.94 102.06 45.84
C ILE SA 255 -5.81 103.22 46.83
N ASP SA 256 -6.93 103.85 47.18
CA ASP SA 256 -6.93 104.89 48.19
C ASP SA 256 -7.26 104.38 49.58
N ASP SA 257 -7.82 103.17 49.69
CA ASP SA 257 -8.10 102.60 50.99
C ASP SA 257 -6.84 102.09 51.68
N LEU SA 258 -5.80 101.72 50.90
CA LEU SA 258 -4.58 101.21 51.52
C LEU SA 258 -3.95 102.25 52.45
N ALA SA 259 -3.82 103.49 51.97
CA ALA SA 259 -3.18 104.52 52.78
C ALA SA 259 -3.96 104.80 54.05
N ASP SA 260 -5.29 104.86 53.95
CA ASP SA 260 -6.11 105.04 55.14
C ASP SA 260 -5.94 103.85 56.09
N SER SA 261 -5.82 102.65 55.55
CA SER SA 261 -5.63 101.47 56.39
C SER SA 261 -4.31 101.54 57.14
N GLY SA 262 -3.28 102.14 56.55
CA GLY SA 262 -2.07 102.37 57.31
C GLY SA 262 -0.76 102.12 56.58
N PHE SA 263 -0.84 101.77 55.30
CA PHE SA 263 0.36 101.62 54.49
C PHE SA 263 0.81 102.98 53.98
N ILE SA 264 2.10 103.09 53.69
CA ILE SA 264 2.66 104.26 53.03
C ILE SA 264 3.43 103.80 51.81
N LYS SA 265 3.21 104.46 50.68
CA LYS SA 265 3.84 104.06 49.42
C LYS SA 265 5.34 104.32 49.48
N ILE SA 266 6.12 103.32 49.12
CA ILE SA 266 7.58 103.43 49.16
C ILE SA 266 8.11 103.71 47.75
N ALA SA 267 7.84 102.79 46.82
CA ALA SA 267 8.36 102.90 45.47
C ALA SA 267 7.33 102.36 44.49
N GLU SA 268 7.76 102.21 43.25
CA GLU SA 268 6.91 101.69 42.18
C GLU SA 268 7.82 100.97 41.19
N ARG SA 269 7.65 99.66 41.08
CA ARG SA 269 8.52 98.83 40.26
C ARG SA 269 7.72 98.08 39.22
N GLN SA 270 8.30 97.92 38.04
CA GLN SA 270 7.68 97.19 36.94
C GLN SA 270 8.10 95.72 37.05
N ILE SA 271 7.17 94.87 37.44
CA ILE SA 271 7.41 93.44 37.62
C ILE SA 271 6.78 92.70 36.46
N LYS SA 272 7.53 91.76 35.89
CA LYS SA 272 7.03 90.97 34.76
C LYS SA 272 6.19 89.81 35.27
N ARG SA 273 5.00 89.64 34.69
CA ARG SA 273 4.11 88.57 35.10
C ARG SA 273 3.24 88.18 33.92
N ARG SA 274 2.62 87.01 34.05
CA ARG SA 274 1.74 86.45 33.03
C ARG SA 274 0.29 86.64 33.45
N ARG SA 275 -0.55 86.99 32.49
CA ARG SA 275 -1.97 87.15 32.72
C ARG SA 275 -2.73 86.31 31.71
N VAL SA 276 -3.80 85.65 32.18
CA VAL SA 276 -4.57 84.72 31.37
C VAL SA 276 -5.94 85.33 31.09
N TYR SA 277 -6.31 85.37 29.82
CA TYR SA 277 -7.60 85.88 29.40
C TYR SA 277 -8.38 84.78 28.70
N LYS SA 278 -9.70 84.84 28.81
CA LYS SA 278 -10.59 83.90 28.15
C LYS SA 278 -11.58 84.65 27.27
N SER SA 279 -11.82 84.12 26.07
CA SER SA 279 -12.83 84.62 25.17
C SER SA 279 -13.81 83.50 24.86
N ILE SA 280 -15.07 83.86 24.62
CA ILE SA 280 -16.09 82.90 24.22
C ILE SA 280 -16.46 83.20 22.78
N ILE SA 281 -16.15 82.27 21.90
CA ILE SA 281 -16.17 82.53 20.46
C ILE SA 281 -17.07 81.52 19.76
N THR SA 282 -17.76 82.00 18.74
CA THR SA 282 -18.42 81.19 17.73
C THR SA 282 -17.72 81.47 16.40
N CYS SA 283 -18.15 80.75 15.36
CA CYS SA 283 -17.45 80.81 14.09
C CYS SA 283 -17.57 82.17 13.42
N THR SA 284 -18.54 82.99 13.83
CA THR SA 284 -18.82 84.25 13.14
C THR SA 284 -18.71 85.48 14.03
N ALA SA 285 -18.70 85.35 15.35
CA ALA SA 285 -18.63 86.51 16.22
C ALA SA 285 -18.03 86.12 17.56
N VAL SA 286 -17.53 87.12 18.28
CA VAL SA 286 -16.92 86.94 19.58
C VAL SA 286 -17.89 87.48 20.62
N LEU SA 287 -18.43 86.59 21.45
CA LEU SA 287 -19.45 86.98 22.41
C LEU SA 287 -18.83 87.72 23.59
N LYS SA 288 -17.92 87.07 24.32
CA LYS SA 288 -17.15 87.70 25.38
C LYS SA 288 -15.71 87.81 24.93
N ASP SA 289 -15.10 88.97 25.15
CA ASP SA 289 -13.90 89.34 24.39
C ASP SA 289 -12.60 88.90 25.07
N LYS SA 290 -12.31 89.46 26.25
CA LYS SA 290 -11.02 89.20 26.89
C LYS SA 290 -11.16 89.11 28.40
N GLN SA 291 -12.14 88.35 28.88
CA GLN SA 291 -12.37 88.28 30.31
C GLN SA 291 -11.16 87.71 31.03
N LEU SA 292 -10.48 88.54 31.83
CA LEU SA 292 -9.30 88.09 32.54
C LEU SA 292 -9.67 87.15 33.67
N ILE SA 293 -9.00 86.00 33.74
CA ILE SA 293 -9.28 85.00 34.74
C ILE SA 293 -8.09 84.86 35.68
N ALA SA 294 -8.25 84.03 36.70
CA ALA SA 294 -7.26 83.89 37.76
C ALA SA 294 -6.12 82.98 37.34
N GLY SA 295 -4.90 83.35 37.71
CA GLY SA 295 -3.73 82.54 37.48
C GLY SA 295 -2.82 83.10 36.42
N GLU SA 296 -1.69 82.41 36.24
CA GLU SA 296 -0.71 82.84 35.21
C GLU SA 296 -0.53 81.73 34.17
N HIS SA 297 -1.34 80.66 34.26
CA HIS SA 297 -1.23 79.56 33.32
C HIS SA 297 -2.60 79.25 32.75
N ILE SA 298 -2.60 78.66 31.56
CA ILE SA 298 -3.85 78.14 30.98
C ILE SA 298 -4.36 76.99 31.83
N PRO SA 299 -5.61 77.01 32.27
CA PRO SA 299 -6.07 76.07 33.30
C PRO SA 299 -6.35 74.66 32.81
N ILE SA 300 -5.87 74.26 31.63
CA ILE SA 300 -6.09 72.92 31.10
C ILE SA 300 -4.82 72.11 31.31
N VAL SA 301 -4.98 70.90 31.83
CA VAL SA 301 -3.87 69.99 32.08
C VAL SA 301 -4.00 68.79 31.16
N PRO SA 302 -3.04 68.53 30.28
CA PRO SA 302 -3.06 67.35 29.44
C PRO SA 302 -2.27 66.18 30.03
N VAL SA 303 -2.68 64.98 29.64
CA VAL SA 303 -2.11 63.73 30.15
C VAL SA 303 -1.83 62.84 28.96
N PHE SA 304 -0.55 62.57 28.70
CA PHE SA 304 -0.14 61.89 27.48
C PHE SA 304 0.42 60.51 27.77
N GLY SA 305 0.34 59.64 26.76
CA GLY SA 305 0.88 58.30 26.85
C GLY SA 305 2.26 58.22 26.24
N GLU SA 306 2.36 57.63 25.05
CA GLU SA 306 3.62 57.66 24.30
C GLU SA 306 3.61 58.91 23.44
N TRP SA 307 4.37 59.92 23.83
CA TRP SA 307 4.31 61.23 23.19
C TRP SA 307 5.64 61.54 22.52
N GLY SA 308 5.58 62.20 21.36
CA GLY SA 308 6.80 62.62 20.70
C GLY SA 308 6.50 63.45 19.49
N PHE SA 309 7.56 63.86 18.80
CA PHE SA 309 7.50 64.57 17.54
C PHE SA 309 8.23 63.76 16.49
N VAL SA 310 7.69 63.72 15.27
CA VAL SA 310 8.35 62.94 14.22
C VAL SA 310 9.04 63.87 13.23
N GLU SA 311 8.26 64.65 12.50
CA GLU SA 311 8.82 65.67 11.61
C GLU SA 311 7.98 66.93 11.81
N ASP SA 312 8.32 67.70 12.83
CA ASP SA 312 7.54 68.88 13.24
C ASP SA 312 6.06 68.53 13.44
N LYS SA 313 5.77 67.26 13.72
CA LYS SA 313 4.40 66.79 13.87
C LYS SA 313 4.30 65.95 15.13
N GLU SA 314 3.34 66.31 15.98
CA GLU SA 314 3.14 65.63 17.25
C GLU SA 314 2.41 64.31 17.07
N VAL SA 315 2.93 63.26 17.70
CA VAL SA 315 2.31 61.94 17.68
C VAL SA 315 2.19 61.44 19.12
N TYR SA 316 0.98 61.08 19.52
CA TYR SA 316 0.74 60.47 20.82
C TYR SA 316 -0.03 59.18 20.62
N GLU SA 317 0.40 58.14 21.32
CA GLU SA 317 -0.08 56.78 21.12
C GLU SA 317 -0.43 56.13 22.44
N GLY SA 318 -1.44 55.28 22.42
CA GLY SA 318 -1.86 54.58 23.61
C GLY SA 318 -1.40 53.13 23.60
N VAL SA 319 -2.33 52.20 23.78
CA VAL SA 319 -1.98 50.80 23.84
C VAL SA 319 -2.75 50.04 22.77
N VAL SA 320 -3.79 50.67 22.23
CA VAL SA 320 -4.68 50.00 21.30
C VAL SA 320 -4.26 50.16 19.84
N ARG SA 321 -3.47 51.17 19.51
CA ARG SA 321 -3.20 51.49 18.12
C ARG SA 321 -2.52 50.35 17.39
N LEU SA 322 -1.63 49.63 18.07
CA LEU SA 322 -0.83 48.62 17.38
C LEU SA 322 -1.54 47.27 17.32
N THR SA 323 -2.44 47.00 18.25
CA THR SA 323 -3.16 45.73 18.27
C THR SA 323 -4.30 45.68 17.28
N LYS SA 324 -4.62 46.80 16.64
CA LYS SA 324 -5.82 46.87 15.81
C LYS SA 324 -5.74 45.94 14.61
N ASP SA 325 -4.58 45.86 13.95
CA ASP SA 325 -4.47 45.05 12.75
C ASP SA 325 -4.66 43.57 13.06
N GLY SA 326 -3.95 43.08 14.08
CA GLY SA 326 -4.10 41.68 14.45
C GLY SA 326 -5.51 41.37 14.95
N GLN SA 327 -6.10 42.29 15.71
CA GLN SA 327 -7.45 42.06 16.21
C GLN SA 327 -8.46 42.02 15.07
N ARG SA 328 -8.33 42.91 14.10
CA ARG SA 328 -9.25 42.91 12.97
C ARG SA 328 -9.11 41.65 12.15
N LEU SA 329 -7.87 41.19 11.93
CA LEU SA 329 -7.67 39.94 11.21
C LEU SA 329 -8.30 38.78 11.97
N ARG SA 330 -8.15 38.78 13.30
CA ARG SA 330 -8.71 37.70 14.10
C ARG SA 330 -10.24 37.68 14.04
N ASN SA 331 -10.86 38.86 14.13
CA ASN SA 331 -12.31 38.93 14.00
C ASN SA 331 -12.76 38.44 12.63
N MET SA 332 -12.06 38.84 11.57
CA MET SA 332 -12.45 38.41 10.23
C MET SA 332 -12.32 36.90 10.08
N ILE SA 333 -11.25 36.31 10.60
CA ILE SA 333 -11.07 34.86 10.46
C ILE SA 333 -12.14 34.12 11.26
N MET SA 334 -12.47 34.61 12.45
CA MET SA 334 -13.53 33.97 13.22
C MET SA 334 -14.88 34.06 12.50
N SER SA 335 -15.15 35.21 11.88
CA SER SA 335 -16.39 35.37 11.13
C SER SA 335 -16.45 34.41 9.94
N PHE SA 336 -15.34 34.28 9.22
CA PHE SA 336 -15.29 33.34 8.09
C PHE SA 336 -15.51 31.91 8.56
N ASN SA 337 -14.92 31.55 9.69
CA ASN SA 337 -15.10 30.21 10.22
C ASN SA 337 -16.54 29.97 10.66
N ALA SA 338 -17.18 30.97 11.27
CA ALA SA 338 -18.58 30.83 11.64
C ALA SA 338 -19.46 30.65 10.41
N ASP SA 339 -19.15 31.37 9.34
CA ASP SA 339 -19.86 31.16 8.08
C ASP SA 339 -19.65 29.73 7.59
N ILE SA 340 -18.42 29.22 7.69
CA ILE SA 340 -18.14 27.85 7.26
C ILE SA 340 -19.01 26.86 8.03
N VAL SA 341 -19.09 27.03 9.35
CA VAL SA 341 -19.88 26.12 10.17
C VAL SA 341 -21.36 26.21 9.82
N ALA SA 342 -21.88 27.43 9.66
CA ALA SA 342 -23.32 27.61 9.51
C ALA SA 342 -23.81 27.21 8.12
N ARG SA 343 -23.20 27.77 7.07
CA ARG SA 343 -23.62 27.51 5.70
C ARG SA 343 -22.64 26.56 5.06
N THR SA 344 -22.87 25.28 5.25
CA THR SA 344 -22.11 24.25 4.53
C THR SA 344 -22.88 22.95 4.58
N PRO SA 345 -23.15 22.33 3.44
CA PRO SA 345 -23.94 21.10 3.44
C PRO SA 345 -23.26 20.02 4.27
N LYS SA 346 -24.07 19.31 5.04
CA LYS SA 346 -23.55 18.33 5.98
C LYS SA 346 -23.20 17.03 5.26
N LYS SA 347 -22.73 16.05 6.01
CA LYS SA 347 -22.33 14.77 5.46
C LYS SA 347 -23.54 13.85 5.36
N LYS SA 348 -23.97 13.57 4.15
CA LYS SA 348 -25.07 12.67 3.86
C LYS SA 348 -24.69 11.84 2.64
N PRO SA 349 -25.33 10.69 2.46
CA PRO SA 349 -24.98 9.84 1.31
C PRO SA 349 -25.45 10.43 0.00
N PHE SA 350 -24.76 10.04 -1.08
CA PHE SA 350 -25.18 10.34 -2.44
C PHE SA 350 -25.92 9.13 -2.98
N PHE SA 351 -27.09 9.36 -3.56
CA PHE SA 351 -27.93 8.30 -4.06
C PHE SA 351 -28.39 8.63 -5.47
N TRP SA 352 -28.53 7.62 -6.29
CA TRP SA 352 -29.41 7.83 -7.42
C TRP SA 352 -30.85 7.60 -6.98
N PRO SA 353 -31.82 8.32 -7.54
CA PRO SA 353 -33.21 8.12 -7.12
C PRO SA 353 -33.67 6.68 -7.30
N GLU SA 354 -33.23 6.00 -8.36
CA GLU SA 354 -33.66 4.64 -8.58
C GLU SA 354 -33.04 3.65 -7.60
N GLN SA 355 -31.93 4.02 -6.96
CA GLN SA 355 -31.29 3.15 -5.99
C GLN SA 355 -32.20 2.92 -4.78
N ILE SA 356 -32.89 3.97 -4.34
CA ILE SA 356 -33.70 3.92 -3.15
C ILE SA 356 -35.17 4.15 -3.47
N ALA SA 357 -35.55 4.06 -4.74
CA ALA SA 357 -36.95 4.21 -5.13
C ALA SA 357 -37.83 3.19 -4.44
N GLY SA 358 -38.74 3.66 -3.58
CA GLY SA 358 -39.61 2.80 -2.84
C GLY SA 358 -39.20 2.56 -1.40
N PHE SA 359 -37.98 2.93 -1.04
CA PHE SA 359 -37.46 2.75 0.31
C PHE SA 359 -37.16 4.09 0.99
N GLU SA 360 -37.72 5.18 0.48
CA GLU SA 360 -37.34 6.50 0.97
C GLU SA 360 -37.77 6.75 2.40
N HIS SA 361 -38.65 5.93 2.97
CA HIS SA 361 -39.02 6.08 4.36
C HIS SA 361 -38.07 5.35 5.29
N MET SA 362 -37.04 4.68 4.77
CA MET SA 362 -36.03 4.06 5.59
C MET SA 362 -34.88 5.01 5.87
N TYR SA 363 -34.64 5.98 4.99
CA TYR SA 363 -33.48 6.86 5.07
C TYR SA 363 -33.83 8.22 5.67
N ASP SA 364 -35.03 8.39 6.21
CA ASP SA 364 -35.43 9.68 6.74
C ASP SA 364 -34.86 9.98 8.11
N GLY SA 365 -34.29 9.00 8.79
CA GLY SA 365 -33.66 9.24 10.09
C GLY SA 365 -34.29 8.51 11.25
N ASN SA 366 -35.35 7.72 11.04
CA ASN SA 366 -35.95 6.98 12.13
C ASN SA 366 -35.02 5.82 12.56
N ASP SA 367 -35.49 5.03 13.51
CA ASP SA 367 -34.76 3.87 14.00
C ASP SA 367 -35.67 2.67 14.12
N ASP SA 368 -36.49 2.43 13.10
CA ASP SA 368 -37.46 1.34 13.15
C ASP SA 368 -37.00 0.09 12.42
N TYR SA 369 -36.17 0.21 11.41
CA TYR SA 369 -35.81 -0.92 10.59
C TYR SA 369 -34.41 -1.42 10.95
N PRO SA 370 -34.15 -2.72 10.77
CA PRO SA 370 -32.84 -3.26 11.15
C PRO SA 370 -31.76 -3.08 10.10
N TYR SA 371 -32.10 -2.65 8.88
CA TYR SA 371 -31.11 -2.45 7.83
C TYR SA 371 -31.71 -1.52 6.79
N TYR SA 372 -30.89 -1.16 5.82
CA TYR SA 372 -31.31 -0.34 4.70
C TYR SA 372 -31.37 -1.19 3.44
N LEU SA 373 -32.46 -1.10 2.70
CA LEU SA 373 -32.63 -1.84 1.47
C LEU SA 373 -32.41 -0.92 0.28
N LEU SA 374 -31.83 -1.48 -0.79
CA LEU SA 374 -31.60 -0.77 -2.03
C LEU SA 374 -32.19 -1.56 -3.18
N ASN SA 375 -32.67 -0.87 -4.20
CA ASN SA 375 -33.08 -1.54 -5.42
C ASN SA 375 -31.85 -2.09 -6.13
N ARG SA 376 -32.05 -3.11 -6.96
CA ARG SA 376 -30.94 -3.75 -7.63
C ARG SA 376 -31.14 -3.95 -9.12
N THR SA 377 -32.34 -3.75 -9.65
CA THR SA 377 -32.64 -4.08 -11.03
C THR SA 377 -33.22 -2.88 -11.76
N ASP SA 378 -32.85 -2.75 -13.02
CA ASP SA 378 -33.45 -1.83 -13.96
C ASP SA 378 -34.03 -2.65 -15.10
N GLU SA 379 -35.19 -2.25 -15.60
CA GLU SA 379 -35.80 -3.05 -16.65
C GLU SA 379 -35.12 -2.88 -18.00
N ASN SA 380 -34.23 -1.91 -18.14
CA ASN SA 380 -33.51 -1.66 -19.38
C ASN SA 380 -32.01 -1.82 -19.26
N SER SA 381 -31.42 -1.41 -18.15
CA SER SA 381 -29.99 -1.55 -17.97
C SER SA 381 -29.59 -2.93 -17.48
N GLY SA 382 -30.54 -3.84 -17.32
CA GLY SA 382 -30.25 -5.15 -16.80
C GLY SA 382 -30.00 -5.11 -15.31
N ASP SA 383 -28.97 -4.39 -14.90
CA ASP SA 383 -28.60 -4.28 -13.50
C ASP SA 383 -28.12 -2.86 -13.22
N LEU SA 384 -28.29 -2.44 -11.97
CA LEU SA 384 -27.83 -1.12 -11.57
C LEU SA 384 -26.32 -1.13 -11.42
N PRO SA 385 -25.60 -0.26 -12.12
CA PRO SA 385 -24.13 -0.29 -12.05
C PRO SA 385 -23.64 -0.08 -10.64
N THR SA 386 -22.59 -0.81 -10.27
CA THR SA 386 -22.08 -0.82 -8.90
C THR SA 386 -20.92 0.16 -8.79
N GLN SA 387 -20.98 1.02 -7.77
CA GLN SA 387 -19.94 1.98 -7.45
C GLN SA 387 -20.08 2.24 -5.97
N PRO SA 388 -18.97 2.28 -5.22
CA PRO SA 388 -19.07 2.49 -3.78
C PRO SA 388 -19.76 3.81 -3.45
N LEU SA 389 -20.58 3.78 -2.40
CA LEU SA 389 -21.32 4.98 -2.01
C LEU SA 389 -20.37 6.11 -1.68
N ALA SA 390 -20.76 7.31 -2.07
CA ALA SA 390 -20.07 8.53 -1.69
C ALA SA 390 -20.86 9.23 -0.59
N TYR SA 391 -20.14 9.92 0.28
CA TYR SA 391 -20.74 10.75 1.31
C TYR SA 391 -20.20 12.16 1.17
N TYR SA 392 -21.08 13.14 1.30
CA TYR SA 392 -20.63 14.53 1.23
C TYR SA 392 -19.61 14.80 2.32
N GLU SA 393 -18.50 15.43 1.96
CA GLU SA 393 -17.40 15.57 2.91
C GLU SA 393 -17.78 16.50 4.06
N ASN SA 394 -17.33 16.15 5.25
CA ASN SA 394 -17.60 16.95 6.44
C ASN SA 394 -16.91 18.30 6.33
N PRO SA 395 -17.50 19.34 6.92
CA PRO SA 395 -16.86 20.66 6.91
C PRO SA 395 -15.55 20.64 7.67
N GLU SA 396 -14.66 21.55 7.30
CA GLU SA 396 -13.34 21.65 7.90
C GLU SA 396 -12.89 23.10 7.90
N VAL SA 397 -12.21 23.52 8.96
CA VAL SA 397 -11.57 24.82 9.00
C VAL SA 397 -10.23 24.70 8.29
N PRO SA 398 -9.94 25.51 7.29
CA PRO SA 398 -8.70 25.36 6.54
C PRO SA 398 -7.47 25.57 7.42
N GLN SA 399 -6.37 24.95 6.99
CA GLN SA 399 -5.11 25.11 7.71
C GLN SA 399 -4.67 26.56 7.70
N ALA SA 400 -4.91 27.27 6.60
CA ALA SA 400 -4.59 28.70 6.58
C ALA SA 400 -5.38 29.46 7.62
N ASN SA 401 -6.68 29.17 7.74
CA ASN SA 401 -7.50 29.86 8.72
C ASN SA 401 -7.04 29.58 10.14
N ALA SA 402 -6.74 28.31 10.44
CA ALA SA 402 -6.28 27.98 11.79
C ALA SA 402 -4.94 28.63 12.09
N TYR SA 403 -4.00 28.53 11.15
CA TYR SA 403 -2.67 29.10 11.34
C TYR SA 403 -2.74 30.61 11.53
N MET SA 404 -3.60 31.29 10.77
CA MET SA 404 -3.64 32.74 10.87
C MET SA 404 -4.46 33.22 12.05
N LEU SA 405 -5.42 32.44 12.53
CA LEU SA 405 -6.04 32.79 13.80
C LEU SA 405 -5.02 32.72 14.93
N GLU SA 406 -4.23 31.64 14.95
CA GLU SA 406 -3.16 31.54 15.95
C GLU SA 406 -2.16 32.67 15.79
N ALA SA 407 -1.75 32.99 14.56
CA ALA SA 407 -0.75 34.02 14.34
C ALA SA 407 -1.26 35.40 14.73
N ALA SA 408 -2.51 35.71 14.40
CA ALA SA 408 -3.07 37.00 14.78
C ALA SA 408 -3.19 37.14 16.29
N THR SA 409 -3.68 36.10 16.97
CA THR SA 409 -3.79 36.16 18.41
C THR SA 409 -2.42 36.31 19.06
N SER SA 410 -1.41 35.59 18.54
CA SER SA 410 -0.06 35.71 19.08
C SER SA 410 0.51 37.11 18.83
N ALA SA 411 0.26 37.68 17.66
CA ALA SA 411 0.76 39.02 17.38
C ALA SA 411 0.14 40.04 18.33
N VAL SA 412 -1.16 39.93 18.58
CA VAL SA 412 -1.80 40.91 19.45
C VAL SA 412 -1.35 40.71 20.89
N LYS SA 413 -1.19 39.46 21.34
CA LYS SA 413 -0.63 39.21 22.66
C LYS SA 413 0.77 39.78 22.80
N GLU SA 414 1.60 39.64 21.78
CA GLU SA 414 2.95 40.15 21.87
C GLU SA 414 2.97 41.67 21.90
N VAL SA 415 2.11 42.32 21.11
CA VAL SA 415 2.18 43.77 21.00
C VAL SA 415 1.38 44.50 22.06
N ALA SA 416 0.44 43.84 22.73
CA ALA SA 416 -0.33 44.50 23.78
C ALA SA 416 0.32 44.34 25.14
N THR SA 417 1.61 44.66 25.20
CA THR SA 417 2.38 44.62 26.44
C THR SA 417 2.90 46.03 26.69
N LEU SA 418 2.11 46.83 27.39
CA LEU SA 418 2.55 48.14 27.82
C LEU SA 418 3.71 48.00 28.79
N GLY SA 419 4.87 48.51 28.40
CA GLY SA 419 6.04 48.40 29.27
C GLY SA 419 6.45 46.96 29.46
N VAL SA 420 6.98 46.66 30.64
CA VAL SA 420 7.41 45.31 30.97
C VAL SA 420 6.67 44.80 32.21
N GLU SA 445 3.13 46.44 33.33
CA GLU SA 445 3.63 47.56 34.13
C GLU SA 445 3.38 48.86 33.41
N THR SA 446 2.95 49.87 34.17
CA THR SA 446 2.58 51.17 33.64
C THR SA 446 3.45 52.27 34.23
N TYR SA 447 4.76 52.04 34.33
CA TYR SA 447 5.61 53.04 34.94
C TYR SA 447 5.69 54.30 34.09
N VAL SA 448 5.83 54.16 32.77
CA VAL SA 448 5.93 55.34 31.92
C VAL SA 448 4.64 56.13 31.95
N PHE SA 449 3.50 55.44 31.93
CA PHE SA 449 2.22 56.13 31.99
C PHE SA 449 2.03 56.82 33.33
N GLN SA 450 2.41 56.16 34.42
CA GLN SA 450 2.29 56.79 35.73
C GLN SA 450 3.23 57.97 35.88
N ASP SA 451 4.41 57.91 35.26
CA ASP SA 451 5.32 59.05 35.31
C ASP SA 451 4.77 60.22 34.49
N ASN SA 452 4.15 59.93 33.35
CA ASN SA 452 3.54 61.02 32.59
C ASN SA 452 2.36 61.61 33.34
N LEU SA 453 1.61 60.77 34.05
CA LEU SA 453 0.56 61.28 34.92
C LEU SA 453 1.12 62.14 36.04
N ALA SA 454 2.28 61.76 36.57
CA ALA SA 454 2.92 62.56 37.60
C ALA SA 454 3.35 63.91 37.06
N THR SA 455 3.86 63.93 35.82
CA THR SA 455 4.16 65.20 35.16
C THR SA 455 2.91 66.06 35.05
N ALA SA 456 1.80 65.45 34.66
CA ALA SA 456 0.54 66.18 34.58
C ALA SA 456 0.11 66.72 35.93
N MET SA 457 0.29 65.94 36.99
CA MET SA 457 -0.11 66.41 38.31
C MET SA 457 0.79 67.53 38.80
N ARG SA 458 2.07 67.50 38.45
CA ARG SA 458 2.95 68.62 38.80
C ARG SA 458 2.53 69.90 38.08
N ARG SA 459 2.17 69.78 36.81
CA ARG SA 459 1.64 70.94 36.09
C ARG SA 459 0.35 71.44 36.72
N ASP SA 460 -0.52 70.50 37.12
CA ASP SA 460 -1.76 70.86 37.82
C ASP SA 460 -1.46 71.63 39.08
N GLY SA 461 -0.48 71.18 39.86
CA GLY SA 461 -0.14 71.87 41.09
C GLY SA 461 0.41 73.26 40.83
N GLU SA 462 1.18 73.43 39.76
CA GLU SA 462 1.67 74.75 39.38
C GLU SA 462 0.52 75.70 39.08
N ILE SA 463 -0.42 75.26 38.25
CA ILE SA 463 -1.57 76.09 37.93
C ILE SA 463 -2.38 76.41 39.18
N TYR SA 464 -2.55 75.41 40.04
CA TYR SA 464 -3.33 75.61 41.26
C TYR SA 464 -2.67 76.64 42.17
N GLN SA 465 -1.35 76.57 42.32
CA GLN SA 465 -0.67 77.55 43.16
C GLN SA 465 -0.85 78.96 42.60
N SER SA 466 -0.75 79.11 41.28
CA SER SA 466 -0.96 80.43 40.71
C SER SA 466 -2.36 80.95 40.98
N ILE SA 467 -3.38 80.11 40.77
CA ILE SA 467 -4.76 80.53 40.98
C ILE SA 467 -4.98 80.90 42.43
N VAL SA 468 -4.42 80.10 43.36
CA VAL SA 468 -4.59 80.36 44.78
C VAL SA 468 -3.99 81.70 45.15
N ASN SA 469 -2.78 81.98 44.65
CA ASN SA 469 -2.21 83.30 44.89
C ASN SA 469 -3.07 84.41 44.31
N ASP SA 470 -3.76 84.13 43.21
CA ASP SA 470 -4.54 85.19 42.57
C ASP SA 470 -5.81 85.51 43.35
N ILE SA 471 -6.52 84.49 43.83
CA ILE SA 471 -7.87 84.75 44.37
C ILE SA 471 -8.01 84.46 45.86
N TYR SA 472 -7.25 83.50 46.38
CA TYR SA 472 -7.47 83.07 47.75
C TYR SA 472 -6.71 83.95 48.74
N ASP SA 473 -7.01 83.77 50.02
CA ASP SA 473 -6.37 84.50 51.11
C ASP SA 473 -5.33 83.58 51.74
N VAL SA 474 -4.06 83.82 51.42
CA VAL SA 474 -2.96 83.02 51.94
C VAL SA 474 -2.26 83.84 53.02
N PRO SA 475 -2.38 83.48 54.30
CA PRO SA 475 -1.78 84.29 55.36
C PRO SA 475 -0.27 84.12 55.42
N ARG SA 476 0.41 85.22 55.73
CA ARG SA 476 1.86 85.20 55.92
C ARG SA 476 2.19 84.78 57.34
N ASN SA 477 3.30 84.07 57.49
CA ASN SA 477 3.73 83.56 58.79
C ASN SA 477 4.85 84.44 59.31
N VAL SA 478 4.65 85.01 60.50
CA VAL SA 478 5.66 85.84 61.14
C VAL SA 478 6.28 85.06 62.30
N THR SA 479 7.57 85.27 62.51
CA THR SA 479 8.30 84.58 63.56
C THR SA 479 8.26 85.30 64.90
N ILE SA 480 7.55 86.41 64.99
CA ILE SA 480 7.44 87.16 66.23
C ILE SA 480 6.56 86.41 67.22
N LEU SA 492 2.97 83.53 63.94
CA LEU SA 492 1.53 83.72 63.80
C LEU SA 492 1.15 84.04 62.36
N MET SA 493 -0.10 83.79 62.02
CA MET SA 493 -0.61 84.03 60.67
C MET SA 493 -1.27 85.39 60.62
N ALA SA 494 -0.78 86.26 59.74
CA ALA SA 494 -1.27 87.63 59.62
C ALA SA 494 -1.94 87.80 58.26
N GLU SA 495 -3.26 87.99 58.26
CA GLU SA 495 -4.02 88.24 57.04
C GLU SA 495 -4.26 89.74 56.92
N VAL SA 496 -3.77 90.33 55.83
CA VAL SA 496 -3.92 91.76 55.58
C VAL SA 496 -4.85 91.92 54.39
N VAL SA 497 -6.01 92.54 54.62
CA VAL SA 497 -6.99 92.83 53.59
C VAL SA 497 -7.70 94.14 53.95
N ASP SA 498 -8.56 94.61 53.05
CA ASP SA 498 -9.39 95.77 53.31
C ASP SA 498 -10.57 95.74 52.36
N LEU SA 499 -11.63 96.46 52.75
CA LEU SA 499 -12.88 96.49 52.00
C LEU SA 499 -13.07 97.86 51.35
N ALA SA 500 -13.51 97.85 50.10
CA ALA SA 500 -13.77 99.08 49.38
C ALA SA 500 -15.16 99.62 49.73
N THR SA 501 -15.56 100.69 49.04
CA THR SA 501 -16.86 101.30 49.29
C THR SA 501 -18.02 100.45 48.79
N GLY SA 502 -17.76 99.42 47.98
CA GLY SA 502 -18.81 98.56 47.49
C GLY SA 502 -19.00 97.31 48.31
N GLU SA 503 -18.46 97.31 49.53
CA GLU SA 503 -18.53 96.23 50.52
C GLU SA 503 -17.78 94.99 50.09
N LYS SA 504 -17.15 94.98 48.93
CA LYS SA 504 -16.36 93.84 48.49
C LYS SA 504 -15.02 93.81 49.21
N GLN SA 505 -14.48 92.62 49.40
CA GLN SA 505 -13.18 92.42 50.03
C GLN SA 505 -12.15 92.08 48.95
N VAL SA 506 -11.06 92.83 48.92
CA VAL SA 506 -9.99 92.65 47.95
C VAL SA 506 -8.80 92.05 48.69
N LEU SA 507 -8.36 90.88 48.21
CA LEU SA 507 -7.22 90.22 48.83
C LEU SA 507 -5.95 91.02 48.59
N ASN SA 508 -5.01 90.89 49.53
CA ASN SA 508 -3.70 91.54 49.44
C ASN SA 508 -2.67 90.45 49.70
N ASP SA 509 -1.96 90.02 48.66
CA ASP SA 509 -0.96 88.98 48.77
C ASP SA 509 0.42 89.55 48.45
N ILE SA 510 1.38 89.30 49.35
CA ILE SA 510 2.74 89.74 49.13
C ILE SA 510 3.35 88.97 47.95
N ARG SA 511 4.44 89.50 47.43
CA ARG SA 511 5.15 88.85 46.33
C ARG SA 511 6.02 87.68 46.78
N GLY SA 512 6.23 87.50 48.08
CA GLY SA 512 6.92 86.31 48.56
C GLY SA 512 5.97 85.12 48.64
N ARG SA 513 5.45 84.69 47.50
CA ARG SA 513 4.38 83.70 47.44
C ARG SA 513 4.85 82.31 47.01
N TYR SA 514 5.82 82.23 46.11
CA TYR SA 514 6.28 80.92 45.60
C TYR SA 514 7.35 80.34 46.54
N GLU SA 515 7.00 80.11 47.80
CA GLU SA 515 7.90 79.56 48.80
C GLU SA 515 7.89 78.04 48.83
N CYS SA 516 7.03 77.40 48.05
CA CYS SA 516 6.98 75.95 48.00
C CYS SA 516 6.90 75.49 46.56
N TYR SA 517 7.56 74.39 46.26
CA TYR SA 517 7.54 73.78 44.95
C TYR SA 517 6.66 72.53 44.97
N THR SA 518 6.43 71.98 43.79
CA THR SA 518 5.47 70.91 43.58
C THR SA 518 6.17 69.57 43.42
N ASP SA 519 5.62 68.54 44.07
CA ASP SA 519 6.10 67.18 43.98
C ASP SA 519 4.89 66.27 43.86
N VAL SA 520 5.13 64.97 43.84
CA VAL SA 520 4.08 63.99 43.69
C VAL SA 520 4.20 62.97 44.81
N GLY SA 521 3.09 62.69 45.47
CA GLY SA 521 3.04 61.71 46.53
C GLY SA 521 1.70 61.00 46.56
N PRO SA 522 1.44 60.26 47.63
CA PRO SA 522 0.16 59.54 47.72
C PRO SA 522 -1.01 60.51 47.84
N SER SA 523 -2.20 60.01 47.54
CA SER SA 523 -3.41 60.82 47.59
C SER SA 523 -4.05 60.70 48.96
N PHE SA 524 -4.16 61.82 49.66
CA PHE SA 524 -4.78 61.88 50.98
C PHE SA 524 -5.96 62.85 50.93
N GLN SA 525 -7.00 62.53 51.69
CA GLN SA 525 -8.20 63.36 51.70
C GLN SA 525 -8.11 64.54 52.64
N SER SA 526 -7.12 64.58 53.54
CA SER SA 526 -7.02 65.67 54.48
C SER SA 526 -5.62 65.72 55.06
N MET SA 527 -5.28 66.88 55.63
CA MET SA 527 -3.98 67.05 56.26
C MET SA 527 -3.82 66.13 57.45
N LYS SA 528 -4.92 65.83 58.15
CA LYS SA 528 -4.84 64.86 59.25
C LYS SA 528 -4.46 63.48 58.75
N GLN SA 529 -5.07 63.04 57.64
CA GLN SA 529 -4.72 61.76 57.06
C GLN SA 529 -3.27 61.74 56.60
N GLN SA 530 -2.81 62.84 56.00
CA GLN SA 530 -1.41 62.90 55.58
C GLN SA 530 -0.47 62.82 56.78
N ASN SA 531 -0.80 63.51 57.87
CA ASN SA 531 0.01 63.44 59.08
C ASN SA 531 0.03 62.03 59.65
N ARG SA 532 -1.11 61.37 59.67
CA ARG SA 532 -1.17 60.00 60.18
C ARG SA 532 -0.29 59.08 59.36
N ALA SA 533 -0.36 59.19 58.04
CA ALA SA 533 0.47 58.35 57.18
C ALA SA 533 1.95 58.64 57.40
N GLU SA 534 2.32 59.91 57.55
CA GLU SA 534 3.72 60.25 57.81
C GLU SA 534 4.19 59.68 59.14
N ILE SA 535 3.36 59.76 60.17
CA ILE SA 535 3.74 59.24 61.48
C ILE SA 535 3.90 57.73 61.41
N LEU SA 536 3.01 57.04 60.70
CA LEU SA 536 3.14 55.61 60.54
C LEU SA 536 4.43 55.25 59.81
N GLU SA 537 4.76 56.01 58.76
CA GLU SA 537 6.00 55.74 58.03
C GLU SA 537 7.22 55.94 58.92
N LEU SA 538 7.21 56.98 59.74
CA LEU SA 538 8.32 57.22 60.66
C LEU SA 538 8.43 56.11 61.70
N LEU SA 539 7.30 55.68 62.25
CA LEU SA 539 7.30 54.66 63.28
C LEU SA 539 7.76 53.31 62.73
N GLY SA 540 7.44 53.03 61.46
CA GLY SA 540 7.86 51.76 60.88
C GLY SA 540 9.36 51.61 60.83
N LYS SA 541 10.09 52.70 60.59
CA LYS SA 541 11.54 52.67 60.52
C LYS SA 541 12.23 53.00 61.84
N THR SA 542 11.52 53.60 62.79
CA THR SA 542 12.12 53.92 64.08
C THR SA 542 12.30 52.64 64.91
N PRO SA 543 13.46 52.41 65.50
CA PRO SA 543 13.62 51.27 66.41
C PRO SA 543 13.01 51.56 67.77
N GLN SA 544 12.75 50.49 68.52
CA GLN SA 544 12.01 50.61 69.78
C GLN SA 544 12.83 51.26 70.89
N GLY SA 545 13.17 52.53 70.72
CA GLY SA 545 13.78 53.30 71.79
C GLY SA 545 12.78 54.26 72.41
N THR SA 546 13.23 55.45 72.79
CA THR SA 546 12.33 56.48 73.28
C THR SA 546 11.59 57.21 72.16
N PRO SA 547 12.21 57.48 71.00
CA PRO SA 547 11.42 58.02 69.89
C PRO SA 547 10.30 57.12 69.44
N GLU SA 548 10.43 55.80 69.62
CA GLU SA 548 9.31 54.91 69.28
C GLU SA 548 8.10 55.21 70.14
N TYR SA 549 8.30 55.34 71.45
CA TYR SA 549 7.20 55.70 72.35
C TYR SA 549 6.65 57.08 72.01
N GLN SA 550 7.55 58.01 71.68
CA GLN SA 550 7.14 59.34 71.27
C GLN SA 550 6.20 59.30 70.08
N LEU SA 551 6.60 58.56 69.03
CA LEU SA 551 5.81 58.50 67.82
C LEU SA 551 4.53 57.72 68.01
N LEU SA 552 4.54 56.70 68.85
CA LEU SA 552 3.29 55.99 69.13
C LEU SA 552 2.29 56.90 69.83
N LEU SA 553 2.74 57.65 70.83
CA LEU SA 553 1.83 58.59 71.49
C LEU SA 553 1.34 59.65 70.52
N LEU SA 554 2.21 60.09 69.61
CA LEU SA 554 1.79 61.06 68.60
C LEU SA 554 0.73 60.49 67.67
N GLN SA 555 0.93 59.24 67.24
CA GLN SA 555 -0.06 58.59 66.38
C GLN SA 555 -1.40 58.48 67.10
N TYR SA 556 -1.38 58.13 68.39
CA TYR SA 556 -2.62 58.11 69.15
C TYR SA 556 -3.24 59.50 69.22
N PHE SA 557 -2.41 60.53 69.37
CA PHE SA 557 -2.90 61.90 69.47
C PHE SA 557 -3.63 62.31 68.20
N THR SA 558 -3.11 61.92 67.03
CA THR SA 558 -3.70 62.37 65.76
C THR SA 558 -4.88 61.51 65.31
N LEU SA 559 -5.54 60.80 66.24
CA LEU SA 559 -6.58 59.86 65.87
C LEU SA 559 -7.96 60.53 65.83
N LEU SA 560 -8.91 59.81 65.23
CA LEU SA 560 -10.28 60.28 65.13
C LEU SA 560 -10.94 60.23 66.52
N ASP SA 561 -12.22 60.59 66.57
CA ASP SA 561 -12.93 60.70 67.84
C ASP SA 561 -14.19 59.84 67.83
N GLY SA 562 -14.25 58.91 68.77
CA GLY SA 562 -15.48 58.27 69.18
C GLY SA 562 -15.61 58.50 70.67
N LYS SA 563 -15.59 57.41 71.44
CA LYS SA 563 -15.44 57.49 72.89
C LYS SA 563 -14.17 56.81 73.37
N GLY SA 564 -13.94 55.55 72.96
CA GLY SA 564 -12.72 54.87 73.35
C GLY SA 564 -11.48 55.52 72.77
N VAL SA 565 -11.50 55.82 71.48
CA VAL SA 565 -10.34 56.47 70.89
C VAL SA 565 -10.19 57.88 71.43
N GLU SA 566 -11.28 58.49 71.88
CA GLU SA 566 -11.18 59.80 72.54
C GLU SA 566 -10.43 59.67 73.85
N MET SA 567 -10.75 58.65 74.64
CA MET SA 567 -10.03 58.45 75.90
C MET SA 567 -8.56 58.16 75.64
N MET SA 568 -8.26 57.34 74.63
CA MET SA 568 -6.87 57.05 74.31
C MET SA 568 -6.12 58.29 73.86
N ARG SA 569 -6.76 59.14 73.05
CA ARG SA 569 -6.12 60.36 72.59
C ARG SA 569 -5.89 61.32 73.74
N ASP SA 570 -6.85 61.41 74.67
CA ASP SA 570 -6.66 62.27 75.83
C ASP SA 570 -5.52 61.78 76.70
N TYR SA 571 -5.41 60.46 76.87
CA TYR SA 571 -4.28 59.90 77.61
C TYR SA 571 -2.96 60.24 76.94
N ALA SA 572 -2.91 60.11 75.62
CA ALA SA 572 -1.69 60.44 74.88
C ALA SA 572 -1.35 61.92 75.00
N ASN SA 573 -2.37 62.78 74.94
CA ASN SA 573 -2.13 64.22 75.10
C ASN SA 573 -1.56 64.52 76.48
N LYS SA 574 -2.14 63.92 77.52
CA LYS SA 574 -1.63 64.14 78.87
C LYS SA 574 -0.19 63.66 79.00
N GLN SA 575 0.11 62.49 78.43
CA GLN SA 575 1.48 62.00 78.49
C GLN SA 575 2.45 62.92 77.76
N LEU SA 576 2.06 63.41 76.58
CA LEU SA 576 2.94 64.29 75.82
C LEU SA 576 3.16 65.61 76.54
N ILE SA 577 2.13 66.16 77.18
CA ILE SA 577 2.29 67.37 77.97
C ILE SA 577 3.22 67.11 79.16
N GLN SA 578 3.03 65.99 79.85
CA GLN SA 578 3.77 65.74 81.08
C GLN SA 578 5.23 65.38 80.82
N MET SA 579 5.54 64.82 79.65
CA MET SA 579 6.94 64.57 79.33
C MET SA 579 7.65 65.80 78.77
N GLY SA 580 6.96 66.91 78.59
CA GLY SA 580 7.60 68.13 78.15
C GLY SA 580 7.91 68.23 76.68
N VAL SA 581 7.12 67.57 75.83
CA VAL SA 581 7.34 67.58 74.39
C VAL SA 581 6.33 68.47 73.68
N LYS SA 582 5.05 68.39 74.06
CA LYS SA 582 4.02 69.25 73.51
C LYS SA 582 3.92 70.52 74.34
N LYS SA 583 3.93 71.66 73.68
CA LYS SA 583 3.81 72.93 74.38
C LYS SA 583 2.39 73.13 74.91
N MET TA 1 -58.38 -5.11 -15.76
CA MET TA 1 -57.31 -5.58 -16.64
C MET TA 1 -57.85 -6.52 -17.69
N GLN TA 2 -57.11 -6.68 -18.78
CA GLN TA 2 -57.47 -7.64 -19.82
C GLN TA 2 -56.78 -8.97 -19.67
N ILE TA 3 -55.95 -9.13 -18.65
CA ILE TA 3 -55.31 -10.41 -18.34
C ILE TA 3 -55.89 -10.86 -17.01
N LYS TA 4 -56.96 -11.64 -17.07
CA LYS TA 4 -57.70 -12.04 -15.89
C LYS TA 4 -57.77 -13.54 -15.66
N THR TA 5 -57.14 -14.35 -16.49
CA THR TA 5 -57.19 -15.79 -16.31
C THR TA 5 -55.82 -16.41 -16.59
N LYS TA 6 -55.67 -17.65 -16.15
CA LYS TA 6 -54.44 -18.38 -16.43
C LYS TA 6 -54.21 -18.52 -17.93
N GLY TA 7 -55.29 -18.65 -18.70
CA GLY TA 7 -55.15 -18.66 -20.14
C GLY TA 7 -54.66 -17.34 -20.69
N ASP TA 8 -55.12 -16.23 -20.11
CA ASP TA 8 -54.61 -14.93 -20.53
C ASP TA 8 -53.13 -14.81 -20.25
N LEU TA 9 -52.69 -15.26 -19.07
CA LEU TA 9 -51.26 -15.24 -18.75
C LEU TA 9 -50.47 -16.10 -19.72
N VAL TA 10 -50.96 -17.29 -20.05
CA VAL TA 10 -50.23 -18.18 -20.94
C VAL TA 10 -50.17 -17.62 -22.35
N ARG TA 11 -51.28 -17.07 -22.85
CA ARG TA 11 -51.27 -16.47 -24.16
C ARG TA 11 -50.32 -15.29 -24.22
N ALA TA 12 -50.30 -14.48 -23.17
CA ALA TA 12 -49.35 -13.36 -23.13
C ALA TA 12 -47.90 -13.85 -23.15
N ALA TA 13 -47.60 -14.91 -22.38
CA ALA TA 13 -46.25 -15.44 -22.37
C ALA TA 13 -45.84 -15.99 -23.73
N LEU TA 14 -46.73 -16.74 -24.38
CA LEU TA 14 -46.40 -17.31 -25.68
C LEU TA 14 -46.27 -16.23 -26.75
N ARG TA 15 -47.09 -15.18 -26.67
CA ARG TA 15 -46.93 -14.05 -27.57
C ARG TA 15 -45.59 -13.36 -27.35
N LYS TA 16 -45.18 -13.20 -26.08
CA LYS TA 16 -43.87 -12.61 -25.80
C LYS TA 16 -42.76 -13.46 -26.40
N LEU TA 17 -42.87 -14.78 -26.27
CA LEU TA 17 -41.87 -15.66 -26.85
C LEU TA 17 -41.93 -15.69 -28.38
N GLY TA 18 -43.03 -15.24 -28.97
CA GLY TA 18 -43.16 -15.32 -30.41
C GLY TA 18 -43.58 -16.68 -30.90
N VAL TA 19 -44.19 -17.49 -30.05
CA VAL TA 19 -44.65 -18.82 -30.43
C VAL TA 19 -46.06 -18.78 -31.00
N ALA TA 20 -46.98 -18.10 -30.31
CA ALA TA 20 -48.39 -18.08 -30.71
C ALA TA 20 -48.93 -16.67 -30.54
N SER TA 21 -48.84 -15.88 -31.61
CA SER TA 21 -49.39 -14.53 -31.59
C SER TA 21 -49.88 -14.17 -32.98
N ASP TA 22 -50.89 -13.30 -33.04
CA ASP TA 22 -51.41 -12.88 -34.34
C ASP TA 22 -50.35 -12.13 -35.14
N ALA TA 23 -49.40 -11.48 -34.47
CA ALA TA 23 -48.30 -10.85 -35.17
C ALA TA 23 -47.40 -11.87 -35.83
N THR TA 24 -47.53 -13.14 -35.44
CA THR TA 24 -46.80 -14.24 -36.05
C THR TA 24 -47.71 -15.09 -36.93
N LEU TA 25 -49.02 -14.82 -36.92
CA LEU TA 25 -50.00 -15.60 -37.67
C LEU TA 25 -49.98 -17.07 -37.25
N THR TA 26 -49.77 -17.31 -35.97
CA THR TA 26 -49.94 -18.63 -35.39
C THR TA 26 -50.96 -18.54 -34.26
N ASP TA 27 -51.31 -19.69 -33.72
CA ASP TA 27 -52.26 -19.76 -32.62
C ASP TA 27 -51.85 -20.88 -31.68
N VAL TA 28 -52.45 -20.87 -30.48
CA VAL TA 28 -51.98 -21.72 -29.40
C VAL TA 28 -52.44 -23.15 -29.63
N GLU TA 29 -51.50 -24.08 -29.64
CA GLU TA 29 -51.89 -25.49 -29.59
C GLU TA 29 -52.39 -25.82 -28.18
N PRO TA 30 -53.48 -26.57 -28.07
CA PRO TA 30 -54.01 -26.88 -26.74
C PRO TA 30 -53.02 -27.63 -25.87
N GLN TA 31 -52.17 -28.48 -26.45
CA GLN TA 31 -51.14 -29.15 -25.67
C GLN TA 31 -50.18 -28.14 -25.08
N SER TA 32 -49.78 -27.13 -25.87
CA SER TA 32 -48.91 -26.09 -25.34
C SER TA 32 -49.61 -25.31 -24.24
N MET TA 33 -50.91 -25.08 -24.38
CA MET TA 33 -51.65 -24.40 -23.32
C MET TA 33 -51.59 -25.20 -22.01
N GLN TA 34 -51.83 -26.51 -22.11
CA GLN TA 34 -51.77 -27.35 -20.91
C GLN TA 34 -50.39 -27.34 -20.28
N ASP TA 35 -49.35 -27.48 -21.12
CA ASP TA 35 -47.99 -27.51 -20.60
C ASP TA 35 -47.62 -26.19 -19.93
N ALA TA 36 -47.99 -25.08 -20.54
CA ALA TA 36 -47.69 -23.77 -19.96
C ALA TA 36 -48.44 -23.58 -18.66
N VAL TA 37 -49.69 -24.04 -18.58
CA VAL TA 37 -50.43 -23.91 -17.33
C VAL TA 37 -49.78 -24.73 -16.23
N ASP TA 38 -49.33 -25.94 -16.56
CA ASP TA 38 -48.63 -26.75 -15.57
C ASP TA 38 -47.34 -26.07 -15.10
N ASP TA 39 -46.59 -25.49 -16.04
CA ASP TA 39 -45.37 -24.78 -15.67
C ASP TA 39 -45.68 -23.59 -14.77
N LEU TA 40 -46.76 -22.86 -15.07
CA LEU TA 40 -47.15 -21.73 -14.24
C LEU TA 40 -47.51 -22.18 -12.84
N GLU TA 41 -48.22 -23.29 -12.72
CA GLU TA 41 -48.59 -23.79 -11.40
C GLU TA 41 -47.36 -24.18 -10.60
N ALA TA 42 -46.43 -24.93 -11.21
CA ALA TA 42 -45.24 -25.34 -10.49
C ALA TA 42 -44.39 -24.13 -10.08
N MET TA 43 -44.22 -23.18 -10.99
CA MET TA 43 -43.46 -21.97 -10.70
C MET TA 43 -44.11 -21.16 -9.59
N MET TA 44 -45.43 -21.07 -9.59
CA MET TA 44 -46.11 -20.26 -8.58
C MET TA 44 -46.05 -20.91 -7.22
N ALA TA 45 -46.19 -22.24 -7.17
CA ALA TA 45 -46.03 -22.93 -5.91
C ALA TA 45 -44.60 -22.82 -5.40
N GLU TA 46 -43.62 -22.74 -6.30
CA GLU TA 46 -42.23 -22.59 -5.90
C GLU TA 46 -41.96 -21.19 -5.39
N TRP TA 47 -42.55 -20.17 -6.01
CA TRP TA 47 -42.38 -18.79 -5.53
C TRP TA 47 -43.04 -18.62 -4.17
N TYR TA 48 -44.31 -19.02 -4.04
CA TYR TA 48 -45.05 -18.95 -2.79
C TYR TA 48 -44.73 -20.20 -1.98
N GLN TA 49 -43.67 -20.12 -1.18
CA GLN TA 49 -43.19 -21.29 -0.44
C GLN TA 49 -44.06 -21.56 0.78
N ASP TA 50 -45.33 -21.82 0.51
CA ASP TA 50 -46.32 -22.07 1.56
C ASP TA 50 -46.38 -20.92 2.56
N GLY TA 51 -46.31 -19.70 2.06
CA GLY TA 51 -46.45 -18.52 2.88
C GLY TA 51 -45.16 -17.83 3.26
N LYS TA 52 -44.03 -18.50 3.10
CA LYS TA 52 -42.74 -17.93 3.47
C LYS TA 52 -41.97 -17.41 2.26
N GLY TA 53 -42.61 -17.31 1.11
CA GLY TA 53 -41.94 -16.83 -0.08
C GLY TA 53 -42.51 -15.51 -0.57
N ILE TA 54 -42.88 -15.45 -1.84
CA ILE TA 54 -43.44 -14.26 -2.45
C ILE TA 54 -44.95 -14.37 -2.42
N ILE TA 55 -45.62 -13.35 -1.88
CA ILE TA 55 -47.08 -13.33 -1.78
C ILE TA 55 -47.62 -12.49 -2.93
N THR TA 56 -48.53 -13.07 -3.71
CA THR TA 56 -49.10 -12.40 -4.87
C THR TA 56 -50.61 -12.51 -4.96
N GLY TA 57 -51.26 -13.36 -4.16
CA GLY TA 57 -52.68 -13.57 -4.29
C GLY TA 57 -53.05 -14.60 -5.33
N TYR TA 58 -52.09 -15.31 -5.89
CA TYR TA 58 -52.37 -16.35 -6.88
C TYR TA 58 -53.21 -17.45 -6.25
N VAL TA 59 -54.25 -17.86 -6.96
CA VAL TA 59 -55.19 -18.87 -6.49
C VAL TA 59 -54.84 -20.19 -7.16
N PHE TA 60 -54.26 -21.12 -6.41
CA PHE TA 60 -53.89 -22.40 -6.98
C PHE TA 60 -55.13 -23.21 -7.32
N SER TA 61 -55.15 -23.80 -8.52
CA SER TA 61 -56.28 -24.60 -8.93
C SER TA 61 -56.31 -25.91 -8.17
N ASP TA 62 -57.38 -26.14 -7.43
CA ASP TA 62 -57.55 -27.40 -6.74
C ASP TA 62 -57.77 -28.53 -7.77
N ASP TA 63 -57.59 -29.76 -7.31
CA ASP TA 63 -57.65 -30.90 -8.22
C ASP TA 63 -59.05 -31.06 -8.81
N GLU TA 64 -60.09 -30.88 -7.99
CA GLU TA 64 -61.44 -31.27 -8.40
C GLU TA 64 -61.92 -30.47 -9.61
N ASN TA 65 -61.72 -29.16 -9.60
CA ASN TA 65 -62.21 -28.31 -10.70
C ASN TA 65 -61.49 -28.69 -11.99
N PRO TA 66 -62.15 -29.32 -12.94
CA PRO TA 66 -61.43 -30.09 -13.98
C PRO TA 66 -60.52 -29.22 -14.83
N PRO TA 67 -61.03 -28.17 -15.54
CA PRO TA 67 -60.10 -27.38 -16.36
C PRO TA 67 -59.43 -26.26 -15.55
N ALA TA 68 -58.13 -26.39 -15.30
CA ALA TA 68 -57.42 -25.34 -14.58
C ALA TA 68 -57.37 -24.06 -15.38
N GLU TA 69 -57.15 -24.18 -16.68
CA GLU TA 69 -57.32 -23.05 -17.58
C GLU TA 69 -58.74 -22.50 -17.50
N GLY TA 70 -58.85 -21.18 -17.56
CA GLY TA 70 -60.11 -20.50 -17.53
C GLY TA 70 -60.44 -19.86 -16.20
N ASP TA 71 -59.74 -20.26 -15.14
CA ASP TA 71 -59.98 -19.69 -13.83
C ASP TA 71 -59.19 -18.40 -13.65
N ASP TA 72 -59.73 -17.51 -12.83
CA ASP TA 72 -59.01 -16.30 -12.50
C ASP TA 72 -57.76 -16.63 -11.72
N HIS TA 73 -56.66 -15.94 -12.04
CA HIS TA 73 -55.42 -16.14 -11.31
C HIS TA 73 -55.49 -15.50 -9.92
N GLY TA 74 -56.29 -14.46 -9.77
CA GLY TA 74 -56.40 -13.78 -8.50
C GLY TA 74 -55.31 -12.78 -8.22
N LEU TA 75 -54.36 -12.59 -9.13
CA LEU TA 75 -53.29 -11.65 -8.91
C LEU TA 75 -53.81 -10.22 -8.91
N ARG TA 76 -53.05 -9.34 -8.27
CA ARG TA 76 -53.34 -7.92 -8.37
C ARG TA 76 -52.84 -7.40 -9.72
N SER TA 77 -53.23 -6.17 -10.04
CA SER TA 77 -52.87 -5.61 -11.34
C SER TA 77 -51.38 -5.37 -11.49
N SER TA 78 -50.63 -5.37 -10.39
CA SER TA 78 -49.22 -5.03 -10.41
C SER TA 78 -48.31 -6.23 -10.50
N ALA TA 79 -48.86 -7.46 -10.54
CA ALA TA 79 -48.06 -8.67 -10.62
C ALA TA 79 -48.12 -9.34 -11.98
N VAL TA 80 -49.08 -8.96 -12.82
CA VAL TA 80 -49.34 -9.70 -14.05
C VAL TA 80 -48.13 -9.69 -14.98
N SER TA 81 -47.51 -8.53 -15.15
CA SER TA 81 -46.40 -8.42 -16.07
C SER TA 81 -45.23 -9.29 -15.63
N ALA TA 82 -44.88 -9.23 -14.35
CA ALA TA 82 -43.81 -10.08 -13.83
C ALA TA 82 -44.14 -11.54 -14.01
N VAL TA 83 -45.38 -11.93 -13.72
CA VAL TA 83 -45.75 -13.33 -13.77
C VAL TA 83 -45.61 -13.86 -15.18
N PHE TA 84 -46.15 -13.14 -16.17
CA PHE TA 84 -46.09 -13.72 -17.51
C PHE TA 84 -44.71 -13.56 -18.15
N HIS TA 85 -43.92 -12.57 -17.76
CA HIS TA 85 -42.55 -12.52 -18.27
C HIS TA 85 -41.72 -13.69 -17.74
N ASN TA 86 -41.84 -13.97 -16.44
CA ASN TA 86 -41.11 -15.10 -15.89
C ASN TA 86 -41.64 -16.42 -16.43
N LEU TA 87 -42.94 -16.51 -16.69
CA LEU TA 87 -43.48 -17.72 -17.31
C LEU TA 87 -42.93 -17.91 -18.73
N ALA TA 88 -42.80 -16.83 -19.49
CA ALA TA 88 -42.21 -16.94 -20.82
C ALA TA 88 -40.78 -17.45 -20.72
N CYS TA 89 -40.01 -16.93 -19.76
CA CYS TA 89 -38.65 -17.42 -19.56
C CYS TA 89 -38.65 -18.90 -19.18
N ARG TA 90 -39.58 -19.31 -18.33
CA ARG TA 90 -39.63 -20.71 -17.88
C ARG TA 90 -39.98 -21.66 -19.01
N ILE TA 91 -40.92 -21.29 -19.88
CA ILE TA 91 -41.40 -22.20 -20.91
C ILE TA 91 -40.72 -22.02 -22.25
N ALA TA 92 -39.78 -21.10 -22.36
CA ALA TA 92 -38.95 -21.04 -23.56
C ALA TA 92 -38.20 -22.33 -23.87
N PRO TA 93 -37.59 -23.03 -22.90
CA PRO TA 93 -36.82 -24.24 -23.25
C PRO TA 93 -37.62 -25.37 -23.89
N ASP TA 94 -38.95 -25.40 -23.75
CA ASP TA 94 -39.71 -26.50 -24.35
C ASP TA 94 -39.54 -26.50 -25.87
N TYR TA 95 -39.35 -25.33 -26.46
CA TYR TA 95 -39.27 -25.16 -27.90
C TYR TA 95 -37.84 -25.02 -28.39
N ALA TA 96 -36.86 -25.35 -27.54
CA ALA TA 96 -35.45 -25.14 -27.84
C ALA TA 96 -35.19 -23.67 -28.18
N LEU TA 97 -35.89 -22.78 -27.49
CA LEU TA 97 -35.75 -21.35 -27.63
C LEU TA 97 -35.02 -20.80 -26.43
N GLU TA 98 -34.92 -19.47 -26.39
CA GLU TA 98 -34.25 -18.77 -25.30
C GLU TA 98 -34.84 -17.38 -25.21
N ALA TA 99 -35.45 -17.05 -24.07
CA ALA TA 99 -36.03 -15.73 -23.90
C ALA TA 99 -34.98 -14.66 -24.11
N THR TA 100 -35.35 -13.61 -24.83
CA THR TA 100 -34.39 -12.61 -25.22
C THR TA 100 -34.01 -11.72 -24.02
N ALA TA 101 -33.05 -10.83 -24.26
CA ALA TA 101 -32.49 -10.04 -23.17
C ALA TA 101 -33.54 -9.17 -22.52
N LYS TA 102 -34.41 -8.55 -23.32
CA LYS TA 102 -35.44 -7.68 -22.74
C LYS TA 102 -36.40 -8.46 -21.88
N ILE TA 103 -36.78 -9.66 -22.31
CA ILE TA 103 -37.68 -10.50 -21.53
C ILE TA 103 -37.02 -10.89 -20.22
N ILE TA 104 -35.74 -11.26 -20.26
CA ILE TA 104 -35.05 -11.65 -19.02
C ILE TA 104 -34.93 -10.47 -18.07
N ALA TA 105 -34.61 -9.30 -18.59
CA ALA TA 105 -34.49 -8.11 -17.74
C ALA TA 105 -35.83 -7.76 -17.10
N THR TA 106 -36.91 -7.83 -17.88
CA THR TA 106 -38.22 -7.53 -17.32
C THR TA 106 -38.65 -8.58 -16.31
N ALA TA 107 -38.24 -9.83 -16.51
CA ALA TA 107 -38.53 -10.86 -15.52
C ALA TA 107 -37.84 -10.56 -14.20
N LYS TA 108 -36.55 -10.22 -14.24
CA LYS TA 108 -35.83 -9.88 -13.02
C LYS TA 108 -36.46 -8.68 -12.33
N TYR TA 109 -36.69 -7.61 -13.09
CA TYR TA 109 -37.27 -6.40 -12.52
C TYR TA 109 -38.62 -6.67 -11.90
N GLY TA 110 -39.44 -7.46 -12.57
CA GLY TA 110 -40.76 -7.76 -12.04
C GLY TA 110 -40.71 -8.59 -10.77
N LYS TA 111 -39.83 -9.59 -10.72
CA LYS TA 111 -39.74 -10.39 -9.49
C LYS TA 111 -39.29 -9.53 -8.31
N GLU TA 112 -38.29 -8.67 -8.54
CA GLU TA 112 -37.82 -7.79 -7.47
C GLU TA 112 -38.95 -6.86 -7.00
N LEU TA 113 -39.67 -6.26 -7.95
CA LEU TA 113 -40.76 -5.37 -7.58
C LEU TA 113 -41.88 -6.11 -6.87
N LEU TA 114 -42.10 -7.38 -7.22
CA LEU TA 114 -43.10 -8.18 -6.53
C LEU TA 114 -42.73 -8.36 -5.07
N TYR TA 115 -41.46 -8.64 -4.80
CA TYR TA 115 -41.07 -8.88 -3.41
C TYR TA 115 -40.80 -7.60 -2.63
N LYS TA 116 -40.79 -6.44 -3.27
CA LYS TA 116 -40.42 -5.20 -2.57
C LYS TA 116 -41.29 -4.96 -1.33
N GLN TA 117 -42.60 -5.00 -1.49
CA GLN TA 117 -43.46 -4.59 -0.38
C GLN TA 117 -43.44 -5.63 0.73
N THR TA 118 -43.30 -6.91 0.39
CA THR TA 118 -43.16 -7.94 1.41
C THR TA 118 -41.85 -7.79 2.17
N ALA TA 119 -40.78 -7.41 1.47
CA ALA TA 119 -39.52 -7.17 2.16
C ALA TA 119 -39.63 -5.99 3.12
N ILE TA 120 -40.29 -4.92 2.68
CA ILE TA 120 -40.50 -3.77 3.55
C ILE TA 120 -41.30 -4.18 4.78
N SER TA 121 -42.33 -5.01 4.59
CA SER TA 121 -43.15 -5.44 5.71
C SER TA 121 -42.36 -6.35 6.66
N ARG TA 122 -41.54 -7.24 6.12
CA ARG TA 122 -40.81 -8.20 6.94
C ARG TA 122 -39.56 -7.62 7.59
N ALA TA 123 -39.14 -6.42 7.18
CA ALA TA 123 -38.04 -5.77 7.89
C ALA TA 123 -38.50 -5.24 9.23
N LYS TA 124 -38.77 -6.14 10.17
CA LYS TA 124 -39.20 -5.80 11.51
C LYS TA 124 -38.02 -5.91 12.46
N ARG TA 125 -38.07 -5.16 13.55
CA ARG TA 125 -36.99 -5.16 14.54
C ARG TA 125 -37.39 -5.97 15.75
N ALA TA 126 -36.46 -6.78 16.24
CA ALA TA 126 -36.74 -7.64 17.38
C ALA TA 126 -36.96 -6.80 18.63
N PRO TA 127 -37.75 -7.28 19.57
CA PRO TA 127 -37.96 -6.55 20.82
C PRO TA 127 -36.69 -6.55 21.67
N TYR TA 128 -36.71 -5.72 22.71
CA TYR TA 128 -35.58 -5.63 23.62
C TYR TA 128 -35.32 -6.98 24.27
N PRO TA 129 -34.07 -7.29 24.59
CA PRO TA 129 -33.78 -8.56 25.24
C PRO TA 129 -34.37 -8.61 26.64
N SER TA 130 -34.43 -9.82 27.19
CA SER TA 130 -35.04 -9.99 28.50
C SER TA 130 -34.18 -9.43 29.63
N ARG TA 131 -32.95 -9.02 29.34
CA ARG TA 131 -32.04 -8.51 30.36
C ARG TA 131 -31.83 -7.01 30.27
N MET TA 132 -32.63 -6.31 29.48
CA MET TA 132 -32.51 -4.86 29.35
C MET TA 132 -33.43 -4.17 30.35
N PRO TA 133 -32.93 -3.31 31.21
CA PRO TA 133 -33.82 -2.55 32.09
C PRO TA 133 -34.68 -1.58 31.30
N THR TA 134 -35.81 -1.18 31.87
CA THR TA 134 -36.60 -0.14 31.26
C THR TA 134 -36.15 1.25 31.64
N GLY TA 135 -35.21 1.37 32.57
CA GLY TA 135 -34.74 2.67 33.00
C GLY TA 135 -35.70 3.32 33.98
N SER TA 136 -35.18 4.31 34.71
CA SER TA 136 -36.02 5.07 35.62
C SER TA 136 -36.73 6.23 34.94
N GLY TA 137 -36.36 6.54 33.70
CA GLY TA 137 -37.11 7.54 32.96
C GLY TA 137 -38.52 7.08 32.67
N ASN TA 138 -38.70 5.78 32.46
CA ASN TA 138 -40.03 5.19 32.32
C ASN TA 138 -40.64 5.11 33.71
N SER TA 139 -41.16 6.27 34.17
CA SER TA 139 -41.65 6.37 35.53
C SER TA 139 -42.89 5.53 35.75
N PHE TA 140 -43.78 5.47 34.75
CA PHE TA 140 -44.96 4.64 34.88
C PHE TA 140 -44.58 3.18 35.09
N ALA TA 141 -43.64 2.67 34.29
CA ALA TA 141 -43.24 1.29 34.43
C ALA TA 141 -42.54 1.05 35.76
N ASN TA 142 -41.62 1.94 36.14
CA ASN TA 142 -40.92 1.73 37.40
C ASN TA 142 -41.81 1.96 38.61
N LEU TA 143 -42.99 2.54 38.43
CA LEU TA 143 -43.96 2.66 39.50
C LEU TA 143 -44.91 1.49 39.54
N ASN TA 144 -45.23 0.90 38.39
CA ASN TA 144 -45.99 -0.33 38.32
C ASN TA 144 -45.10 -1.56 38.46
N GLU TA 145 -43.83 -1.37 38.80
CA GLU TA 145 -42.89 -2.46 39.02
C GLU TA 145 -42.64 -3.24 37.74
N TRP TA 146 -42.22 -2.53 36.72
CA TRP TA 146 -41.79 -3.11 35.45
C TRP TA 146 -40.37 -2.62 35.23
N HIS TA 147 -39.40 -3.34 35.80
CA HIS TA 147 -38.02 -2.86 35.80
C HIS TA 147 -37.21 -3.39 34.63
N TYR TA 148 -37.62 -4.48 34.01
CA TYR TA 148 -36.89 -5.07 32.89
C TYR TA 148 -37.84 -5.36 31.75
N PHE TA 149 -37.31 -5.30 30.54
CA PHE TA 149 -38.11 -5.63 29.39
C PHE TA 149 -38.39 -7.12 29.33
N PRO TA 150 -39.58 -7.54 28.89
CA PRO TA 150 -39.89 -8.97 28.88
C PRO TA 150 -39.05 -9.77 27.90
N GLY TA 151 -38.98 -9.34 26.65
CA GLY TA 151 -38.23 -10.06 25.65
C GLY TA 151 -39.12 -10.86 24.72
N GLU TA 152 -38.52 -11.86 24.10
CA GLU TA 152 -39.19 -12.73 23.14
C GLU TA 152 -39.92 -11.94 22.06
N GLU UA 5 35.37 86.46 2.36
CA GLU UA 5 35.28 87.45 3.43
C GLU UA 5 33.85 87.56 3.94
N ASN UA 6 32.89 87.19 3.11
CA ASN UA 6 31.49 87.36 3.44
C ASN UA 6 31.11 86.48 4.62
N ARG UA 7 30.48 87.08 5.63
CA ARG UA 7 30.10 86.32 6.82
C ARG UA 7 29.10 85.22 6.48
N LEU UA 8 28.09 85.56 5.69
CA LEU UA 8 27.11 84.54 5.31
C LEU UA 8 27.77 83.43 4.52
N GLU UA 9 28.70 83.78 3.63
CA GLU UA 9 29.39 82.76 2.85
C GLU UA 9 30.19 81.82 3.75
N SER UA 10 30.89 82.37 4.75
CA SER UA 10 31.65 81.51 5.64
C SER UA 10 30.74 80.61 6.46
N ILE UA 11 29.68 81.17 7.03
CA ILE UA 11 28.75 80.39 7.83
C ILE UA 11 28.14 79.28 7.01
N LEU UA 12 27.68 79.60 5.80
CA LEU UA 12 27.07 78.60 4.94
C LEU UA 12 28.08 77.58 4.46
N SER UA 13 29.35 77.95 4.32
CA SER UA 13 30.35 76.97 3.94
C SER UA 13 30.56 75.94 5.04
N ARG UA 14 30.68 76.42 6.28
CA ARG UA 14 30.79 75.49 7.41
C ARG UA 14 29.55 74.61 7.51
N PHE UA 15 28.37 75.22 7.40
CA PHE UA 15 27.13 74.46 7.51
C PHE UA 15 27.01 73.44 6.40
N ASP UA 16 27.37 73.81 5.17
CA ASP UA 16 27.28 72.88 4.06
C ASP UA 16 28.24 71.72 4.22
N ALA UA 17 29.46 72.00 4.69
CA ALA UA 17 30.41 70.92 4.95
C ALA UA 17 29.84 69.94 5.96
N ASP UA 18 29.32 70.45 7.08
CA ASP UA 18 28.76 69.55 8.09
C ASP UA 18 27.56 68.79 7.57
N TRP UA 19 26.65 69.49 6.87
CA TRP UA 19 25.41 68.87 6.42
C TRP UA 19 25.67 67.78 5.41
N THR UA 20 26.59 68.00 4.48
CA THR UA 20 26.89 66.97 3.51
C THR UA 20 27.80 65.88 4.07
N ALA UA 21 28.55 66.15 5.13
CA ALA UA 21 29.37 65.10 5.73
C ALA UA 21 28.56 64.19 6.65
N SER UA 22 27.49 64.69 7.26
CA SER UA 22 26.69 63.90 8.18
C SER UA 22 25.44 63.31 7.55
N ASP UA 23 25.47 63.06 6.24
CA ASP UA 23 24.23 62.78 5.52
C ASP UA 23 23.67 61.40 5.84
N GLU UA 24 24.52 60.38 5.86
CA GLU UA 24 24.03 59.01 5.90
C GLU UA 24 23.50 58.66 7.29
N ALA UA 25 24.23 59.06 8.34
CA ALA UA 25 23.76 58.79 9.69
C ALA UA 25 22.45 59.51 9.95
N ARG UA 26 22.32 60.75 9.48
CA ARG UA 26 21.07 61.48 9.64
C ARG UA 26 19.92 60.79 8.91
N ARG UA 27 20.17 60.32 7.69
CA ARG UA 27 19.12 59.62 6.95
C ARG UA 27 18.68 58.36 7.67
N GLU UA 28 19.63 57.56 8.15
CA GLU UA 28 19.28 56.33 8.83
C GLU UA 28 18.56 56.61 10.15
N ALA UA 29 18.96 57.66 10.86
CA ALA UA 29 18.27 58.00 12.11
C ALA UA 29 16.85 58.48 11.84
N LYS UA 30 16.66 59.26 10.78
CA LYS UA 30 15.32 59.68 10.40
C LYS UA 30 14.44 58.48 10.05
N ASN UA 31 15.01 57.52 9.30
CA ASN UA 31 14.24 56.34 8.97
C ASN UA 31 13.92 55.53 10.22
N ASP UA 32 14.84 55.46 11.18
CA ASP UA 32 14.56 54.75 12.43
C ASP UA 32 13.43 55.42 13.20
N LEU UA 33 13.44 56.75 13.28
CA LEU UA 33 12.37 57.46 13.98
C LEU UA 33 11.02 57.23 13.30
N PHE UA 34 10.98 57.35 11.97
CA PHE UA 34 9.74 57.10 11.25
C PHE UA 34 9.28 55.66 11.43
N PHE UA 35 10.22 54.72 11.37
CA PHE UA 35 9.90 53.31 11.52
C PHE UA 35 9.28 53.03 12.88
N SER UA 36 9.83 53.61 13.93
CA SER UA 36 9.38 53.31 15.28
C SER UA 36 8.33 54.28 15.80
N ARG UA 37 7.91 55.24 15.02
CA ARG UA 37 6.93 56.20 15.53
C ARG UA 37 5.70 56.32 14.67
N VAL UA 38 5.82 56.24 13.35
CA VAL UA 38 4.72 56.47 12.42
C VAL UA 38 4.19 55.17 11.84
N SER UA 39 5.03 54.47 11.06
CA SER UA 39 4.56 53.29 10.34
C SER UA 39 5.76 52.54 9.80
N GLN UA 40 5.71 51.21 9.88
CA GLN UA 40 6.78 50.37 9.39
C GLN UA 40 6.68 50.07 7.91
N TRP UA 41 5.59 50.46 7.26
CA TRP UA 41 5.47 50.32 5.82
C TRP UA 41 5.89 51.63 5.16
N ASP UA 42 7.20 51.86 5.22
CA ASP UA 42 7.79 53.09 4.69
C ASP UA 42 8.06 52.92 3.20
N ASP UA 43 6.97 52.89 2.44
CA ASP UA 43 7.06 52.62 1.01
C ASP UA 43 6.55 53.81 0.21
N TRP UA 44 7.00 55.01 0.56
CA TRP UA 44 6.45 56.19 -0.08
C TRP UA 44 6.74 56.22 -1.58
N LEU UA 45 7.76 55.51 -2.05
CA LEU UA 45 8.08 55.51 -3.47
C LEU UA 45 7.40 54.39 -4.25
N SER UA 46 6.63 53.54 -3.60
CA SER UA 46 5.80 52.59 -4.34
C SER UA 46 4.57 53.31 -4.88
N GLN UA 47 3.77 52.61 -5.68
CA GLN UA 47 2.55 53.21 -6.18
C GLN UA 47 1.65 53.60 -5.01
N TYR UA 48 1.10 54.80 -5.06
CA TYR UA 48 0.25 55.28 -3.98
C TYR UA 48 -1.12 54.63 -3.97
N THR UA 49 -1.76 54.48 -5.11
CA THR UA 49 -3.15 54.03 -5.18
C THR UA 49 -3.28 52.53 -5.37
N THR UA 50 -2.30 51.76 -4.88
CA THR UA 50 -2.26 50.34 -5.23
C THR UA 50 -3.30 49.54 -4.47
N LEU UA 51 -3.53 49.86 -3.19
CA LEU UA 51 -4.62 49.29 -2.40
C LEU UA 51 -4.53 47.77 -2.32
N GLN UA 52 -3.43 47.29 -1.75
CA GLN UA 52 -3.24 45.90 -1.39
C GLN UA 52 -3.09 45.81 0.12
N TYR UA 53 -3.48 44.66 0.69
CA TYR UA 53 -3.46 44.56 2.14
C TYR UA 53 -2.04 44.68 2.66
N ARG UA 54 -1.85 45.57 3.63
CA ARG UA 54 -0.54 45.84 4.20
C ARG UA 54 -0.74 46.03 5.70
N GLY UA 55 -0.45 44.99 6.48
CA GLY UA 55 -0.64 45.04 7.91
C GLY UA 55 0.65 45.25 8.67
N GLN UA 56 0.51 45.77 9.88
CA GLN UA 56 1.64 46.05 10.77
C GLN UA 56 1.51 45.16 12.00
N PHE UA 57 2.46 44.26 12.18
CA PHE UA 57 2.47 43.32 13.30
C PHE UA 57 3.77 43.56 14.07
N ASP UA 58 3.69 44.42 15.07
CA ASP UA 58 4.88 44.93 15.76
C ASP UA 58 5.45 43.92 16.73
N VAL UA 59 6.78 43.83 16.73
CA VAL UA 59 7.52 43.01 17.69
C VAL UA 59 8.68 43.83 18.22
N VAL UA 60 8.81 45.07 17.72
CA VAL UA 60 9.88 45.95 18.15
C VAL UA 60 9.40 47.01 19.14
N ARG UA 61 8.16 47.46 19.01
CA ARG UA 61 7.64 48.46 19.93
C ARG UA 61 7.61 47.99 21.37
N PRO UA 62 7.23 46.74 21.70
CA PRO UA 62 7.34 46.32 23.10
C PRO UA 62 8.74 46.41 23.66
N VAL UA 63 9.75 46.09 22.84
CA VAL UA 63 11.13 46.18 23.33
C VAL UA 63 11.53 47.63 23.54
N VAL UA 64 11.14 48.52 22.62
CA VAL UA 64 11.45 49.93 22.81
C VAL UA 64 10.79 50.45 24.08
N ARG UA 65 9.53 50.07 24.31
CA ARG UA 65 8.83 50.50 25.51
C ARG UA 65 9.50 49.97 26.78
N LYS UA 66 9.94 48.71 26.75
CA LYS UA 66 10.61 48.14 27.90
C LYS UA 66 11.91 48.86 28.20
N LEU UA 67 12.70 49.17 27.17
CA LEU UA 67 13.94 49.89 27.39
C LEU UA 67 13.68 51.30 27.93
N VAL UA 68 12.68 51.98 27.39
CA VAL UA 68 12.37 53.32 27.84
C VAL UA 68 11.93 53.31 29.31
N SER UA 69 11.10 52.33 29.69
CA SER UA 69 10.69 52.23 31.08
C SER UA 69 11.86 51.89 31.99
N GLU UA 70 12.74 51.00 31.55
CA GLU UA 70 13.91 50.65 32.35
C GLU UA 70 14.79 51.86 32.59
N MET UA 71 14.95 52.72 31.59
CA MET UA 71 15.79 53.88 31.75
C MET UA 71 15.07 55.03 32.44
N ARG UA 72 13.74 54.99 32.48
CA ARG UA 72 12.97 55.97 33.23
C ARG UA 72 12.97 55.66 34.72
N GLN UA 73 13.00 54.38 35.09
CA GLN UA 73 13.03 53.99 36.49
C GLN UA 73 14.31 54.37 37.20
N ASN UA 74 15.35 54.80 36.46
CA ASN UA 74 16.66 55.10 37.05
C ASN UA 74 17.05 56.52 36.68
N PRO UA 75 16.45 57.52 37.35
CA PRO UA 75 16.80 58.91 37.05
C PRO UA 75 18.23 59.23 37.46
N ILE UA 76 18.84 60.14 36.71
CA ILE UA 76 20.23 60.55 36.91
C ILE UA 76 20.31 62.05 36.72
N ASP UA 77 21.13 62.70 37.54
CA ASP UA 77 21.31 64.15 37.45
C ASP UA 77 22.75 64.49 37.78
N VAL UA 78 23.07 65.79 37.68
CA VAL UA 78 24.40 66.27 38.01
C VAL UA 78 24.59 66.29 39.53
N LEU UA 79 25.84 66.11 39.96
CA LEU UA 79 26.21 66.24 41.37
C LEU UA 79 27.53 66.98 41.43
N TYR UA 80 27.54 68.15 42.04
CA TYR UA 80 28.75 68.95 42.11
C TYR UA 80 29.52 68.62 43.38
N ARG UA 81 30.81 68.33 43.23
CA ARG UA 81 31.62 67.92 44.36
C ARG UA 81 32.85 68.83 44.49
N PRO UA 82 33.27 69.13 45.71
CA PRO UA 82 34.41 70.05 45.87
C PRO UA 82 35.70 69.46 45.33
N LYS UA 83 36.56 70.32 44.81
CA LYS UA 83 37.85 69.89 44.30
C LYS UA 83 38.79 69.57 45.46
N ASP UA 84 39.89 68.91 45.13
CA ASP UA 84 40.86 68.53 46.15
C ASP UA 84 41.55 69.77 46.70
N GLY UA 85 41.49 69.95 48.01
CA GLY UA 85 42.10 71.09 48.66
C GLY UA 85 41.20 72.30 48.84
N ALA UA 86 39.99 72.27 48.28
CA ALA UA 86 39.05 73.37 48.46
C ALA UA 86 38.16 73.11 49.66
N ARG UA 87 37.46 74.16 50.09
CA ARG UA 87 36.65 74.09 51.29
C ARG UA 87 35.60 72.98 51.14
N PRO UA 88 35.36 72.18 52.17
CA PRO UA 88 34.53 70.98 51.99
C PRO UA 88 33.10 71.27 51.55
N ASP UA 89 32.56 72.46 51.81
CA ASP UA 89 31.22 72.85 51.38
C ASP UA 89 31.27 73.91 50.27
N ALA UA 90 32.20 73.77 49.34
CA ALA UA 90 32.37 74.77 48.29
C ALA UA 90 31.42 74.60 47.13
N ALA UA 91 30.59 73.56 47.13
CA ALA UA 91 29.72 73.27 46.00
C ALA UA 91 28.24 73.28 46.34
N ASP UA 92 27.86 73.54 47.59
CA ASP UA 92 26.45 73.44 47.93
C ASP UA 92 25.66 74.64 47.42
N VAL UA 93 26.32 75.79 47.26
CA VAL UA 93 25.63 76.94 46.66
C VAL UA 93 25.29 76.66 45.20
N LEU UA 94 26.27 76.17 44.45
CA LEU UA 94 26.04 75.81 43.05
C LEU UA 94 25.02 74.69 42.94
N MET UA 95 25.09 73.70 43.84
CA MET UA 95 24.12 72.61 43.82
C MET UA 95 22.72 73.12 44.11
N GLY UA 96 22.58 74.04 45.05
CA GLY UA 96 21.27 74.63 45.30
C GLY UA 96 20.74 75.39 44.11
N MET UA 97 21.60 76.16 43.45
CA MET UA 97 21.18 76.86 42.24
C MET UA 97 20.72 75.88 41.17
N TYR UA 98 21.51 74.83 40.96
CA TYR UA 98 21.19 73.84 39.94
C TYR UA 98 19.86 73.16 40.22
N ARG UA 99 19.68 72.67 41.44
CA ARG UA 99 18.42 72.04 41.81
C ARG UA 99 17.27 73.03 41.81
N THR UA 100 17.55 74.32 41.95
CA THR UA 100 16.48 75.31 41.89
C THR UA 100 15.96 75.44 40.47
N ASP UA 101 16.85 75.59 39.49
CA ASP UA 101 16.33 75.86 38.16
C ASP UA 101 16.15 74.60 37.31
N MET UA 102 16.55 73.43 37.80
CA MET UA 102 16.33 72.20 37.06
C MET UA 102 15.26 71.31 37.67
N ARG UA 103 14.50 71.83 38.63
CA ARG UA 103 13.42 71.07 39.24
C ARG UA 103 12.12 71.16 38.46
N HIS UA 104 12.06 72.01 37.45
CA HIS UA 104 10.82 72.23 36.73
C HIS UA 104 10.57 71.11 35.73
N ASN UA 105 9.33 71.03 35.26
CA ASN UA 105 8.94 69.96 34.37
C ASN UA 105 9.67 70.04 33.03
N THR UA 106 10.12 71.23 32.64
CA THR UA 106 10.77 71.38 31.34
C THR UA 106 12.07 70.59 31.26
N ALA UA 107 12.88 70.64 32.33
CA ALA UA 107 14.16 69.93 32.31
C ALA UA 107 13.95 68.43 32.24
N LYS UA 108 13.05 67.91 33.06
CA LYS UA 108 12.76 66.48 33.04
C LYS UA 108 12.21 66.04 31.70
N ILE UA 109 11.31 66.83 31.12
CA ILE UA 109 10.73 66.46 29.83
C ILE UA 109 11.79 66.50 28.73
N ALA UA 110 12.69 67.48 28.79
CA ALA UA 110 13.75 67.54 27.79
C ALA UA 110 14.64 66.31 27.86
N VAL UA 111 15.02 65.91 29.08
CA VAL UA 111 15.87 64.73 29.21
C VAL UA 111 15.11 63.48 28.77
N ASN UA 112 13.81 63.41 29.05
CA ASN UA 112 13.02 62.26 28.62
C ASN UA 112 12.94 62.15 27.11
N ILE UA 113 12.74 63.28 26.43
CA ILE UA 113 12.71 63.28 24.98
C ILE UA 113 14.05 62.84 24.42
N ALA UA 114 15.14 63.38 24.97
CA ALA UA 114 16.45 62.98 24.52
C ALA UA 114 16.69 61.49 24.71
N VAL UA 115 16.24 60.95 25.85
CA VAL UA 115 16.45 59.54 26.14
C VAL UA 115 15.64 58.66 25.19
N ARG UA 116 14.38 59.02 24.94
CA ARG UA 116 13.57 58.23 24.02
C ARG UA 116 14.17 58.22 22.63
N GLU UA 117 14.63 59.37 22.15
CA GLU UA 117 15.25 59.38 20.82
C GLU UA 117 16.59 58.67 20.83
N GLN UA 118 17.33 58.72 21.94
CA GLN UA 118 18.57 57.95 22.04
C GLN UA 118 18.31 56.47 21.94
N ILE UA 119 17.21 56.00 22.54
CA ILE UA 119 16.87 54.60 22.46
C ILE UA 119 16.41 54.22 21.05
N GLU UA 120 15.57 55.06 20.43
CA GLU UA 120 14.96 54.69 19.16
C GLU UA 120 15.91 54.90 17.98
N ALA UA 121 16.34 56.15 17.75
CA ALA UA 121 17.16 56.47 16.59
C ALA UA 121 18.65 56.30 16.86
N GLY UA 122 19.12 56.73 18.03
CA GLY UA 122 20.52 56.61 18.34
C GLY UA 122 21.13 57.89 18.85
N VAL UA 123 20.48 59.02 18.59
CA VAL UA 123 20.96 60.33 19.01
C VAL UA 123 19.80 61.15 19.53
N GLY UA 124 20.04 61.88 20.62
CA GLY UA 124 19.12 62.89 21.11
C GLY UA 124 19.91 64.09 21.57
N ALA UA 125 19.19 65.13 21.98
CA ALA UA 125 19.87 66.34 22.44
C ALA UA 125 18.91 67.20 23.25
N TRP UA 126 19.48 68.15 23.97
CA TRP UA 126 18.69 69.20 24.58
C TRP UA 126 19.53 70.47 24.65
N ARG UA 127 18.92 71.55 25.10
CA ARG UA 127 19.54 72.86 25.06
C ARG UA 127 19.42 73.54 26.41
N LEU UA 128 20.32 74.47 26.69
CA LEU UA 128 20.26 75.26 27.91
C LEU UA 128 20.20 76.73 27.54
N VAL UA 129 19.17 77.43 28.03
CA VAL UA 129 19.01 78.84 27.73
C VAL UA 129 18.82 79.59 29.04
N THR UA 130 18.97 80.91 28.98
CA THR UA 130 18.79 81.76 30.13
C THR UA 130 17.71 82.79 29.84
N ASP UA 131 16.93 83.13 30.86
CA ASP UA 131 15.80 84.02 30.72
C ASP UA 131 15.76 84.97 31.90
N TYR UA 132 15.06 86.08 31.73
CA TYR UA 132 14.88 87.04 32.80
C TYR UA 132 13.58 86.73 33.53
N GLU UA 133 13.69 86.40 34.81
CA GLU UA 133 12.52 86.07 35.63
C GLU UA 133 12.46 87.04 36.79
N ASP UA 134 11.41 87.87 36.81
CA ASP UA 134 11.26 88.89 37.83
C ASP UA 134 10.43 88.42 39.03
N GLN UA 135 9.52 87.47 38.83
CA GLN UA 135 8.65 87.08 39.97
C GLN UA 135 9.42 86.17 40.93
N SER UA 136 9.98 85.07 40.43
CA SER UA 136 10.71 84.12 41.27
C SER UA 136 12.05 83.82 40.63
N PRO UA 137 13.03 84.72 40.78
CA PRO UA 137 14.33 84.51 40.16
C PRO UA 137 15.16 83.49 40.92
N THR UA 138 15.98 82.75 40.18
CA THR UA 138 16.97 81.90 40.80
C THR UA 138 18.11 82.74 41.37
N SER UA 139 18.59 83.71 40.60
CA SER UA 139 19.68 84.58 41.04
C SER UA 139 19.82 85.72 40.04
N ASN UA 140 20.12 86.91 40.54
CA ASN UA 140 20.41 88.07 39.70
C ASN UA 140 19.27 88.35 38.71
N ASN UA 141 18.03 88.15 39.17
CA ASN UA 141 16.84 88.39 38.36
C ASN UA 141 16.85 87.57 37.08
N GLN UA 142 17.42 86.37 37.12
CA GLN UA 142 17.55 85.52 35.94
C GLN UA 142 17.36 84.07 36.34
N VAL UA 143 17.02 83.24 35.35
CA VAL UA 143 16.90 81.80 35.51
C VAL UA 143 17.58 81.11 34.33
N ILE UA 144 17.98 79.87 34.54
CA ILE UA 144 18.49 79.02 33.48
C ILE UA 144 17.55 77.85 33.33
N ARG UA 145 17.05 77.62 32.13
CA ARG UA 145 16.12 76.54 31.89
C ARG UA 145 16.60 75.65 30.75
N ARG UA 146 16.33 74.36 30.89
CA ARG UA 146 16.70 73.35 29.92
C ARG UA 146 15.51 73.07 29.02
N GLU UA 147 15.74 73.09 27.71
CA GLU UA 147 14.68 73.02 26.72
C GLU UA 147 14.87 71.82 25.80
N PRO UA 148 13.79 71.27 25.28
CA PRO UA 148 13.89 70.09 24.43
C PRO UA 148 14.21 70.44 22.99
N ILE UA 149 14.89 69.51 22.33
CA ILE UA 149 15.14 69.57 20.91
C ILE UA 149 14.61 68.28 20.31
N HIS UA 150 13.58 68.39 19.47
CA HIS UA 150 12.98 67.23 18.85
C HIS UA 150 13.69 66.92 17.54
N SER UA 151 13.85 65.63 17.25
CA SER UA 151 14.56 65.17 16.06
C SER UA 151 15.97 65.76 16.01
N ALA UA 152 16.76 65.40 17.02
CA ALA UA 152 18.11 65.94 17.13
C ALA UA 152 18.96 65.57 15.93
N CYS UA 153 18.72 64.41 15.33
CA CYS UA 153 19.50 63.98 14.18
C CYS UA 153 19.42 64.99 13.05
N SER UA 154 18.21 65.45 12.73
CA SER UA 154 18.00 66.35 11.61
C SER UA 154 17.94 67.81 12.01
N HIS UA 155 17.95 68.12 13.30
CA HIS UA 155 17.85 69.51 13.75
C HIS UA 155 19.09 70.04 14.42
N VAL UA 156 20.02 69.19 14.83
CA VAL UA 156 21.29 69.61 15.41
C VAL UA 156 22.39 69.09 14.52
N ILE UA 157 23.13 69.98 13.89
CA ILE UA 157 24.22 69.63 12.99
C ILE UA 157 25.51 70.14 13.60
N TRP UA 158 26.26 69.24 14.23
CA TRP UA 158 27.46 69.58 14.95
C TRP UA 158 28.61 69.83 13.98
N ASP UA 159 29.75 70.26 14.51
CA ASP UA 159 30.94 70.43 13.70
C ASP UA 159 31.43 69.07 13.23
N SER UA 160 31.72 68.97 11.93
CA SER UA 160 32.12 67.68 11.36
C SER UA 160 33.46 67.21 11.91
N ASN UA 161 34.39 68.14 12.12
CA ASN UA 161 35.74 67.80 12.58
C ASN UA 161 35.79 67.66 14.09
N SER UA 162 34.89 66.85 14.65
CA SER UA 162 34.78 66.67 16.09
C SER UA 162 34.82 65.20 16.41
N LYS UA 163 35.70 64.82 17.35
CA LYS UA 163 35.94 63.41 17.65
C LYS UA 163 35.61 63.06 19.09
N LEU UA 164 34.74 63.82 19.73
CA LEU UA 164 34.33 63.57 21.10
C LEU UA 164 32.83 63.35 21.16
N MET UA 165 32.42 62.32 21.92
CA MET UA 165 31.01 61.95 21.98
C MET UA 165 30.16 63.08 22.52
N ASP UA 166 30.65 63.79 23.54
CA ASP UA 166 29.93 64.95 24.06
C ASP UA 166 30.15 66.19 23.21
N LYS UA 167 31.11 66.17 22.29
CA LYS UA 167 31.37 67.26 21.36
C LYS UA 167 31.83 68.52 22.07
N SER UA 168 32.76 68.37 23.02
CA SER UA 168 33.35 69.54 23.63
C SER UA 168 34.46 70.14 22.79
N ASP UA 169 34.95 69.43 21.78
CA ASP UA 169 35.95 69.98 20.88
C ASP UA 169 35.35 70.58 19.62
N ALA UA 170 34.02 70.59 19.51
CA ALA UA 170 33.37 71.21 18.38
C ALA UA 170 33.55 72.72 18.44
N ARG UA 171 33.77 73.33 17.27
CA ARG UA 171 33.94 74.77 17.19
C ARG UA 171 32.66 75.51 16.87
N HIS UA 172 31.66 74.83 16.31
CA HIS UA 172 30.39 75.46 16.00
C HIS UA 172 29.32 74.38 15.93
N CYS UA 173 28.07 74.84 16.01
CA CYS UA 173 26.92 73.94 15.94
C CYS UA 173 25.71 74.76 15.51
N THR UA 174 24.95 74.24 14.55
CA THR UA 174 23.75 74.91 14.08
C THR UA 174 22.53 74.11 14.51
N VAL UA 175 21.54 74.82 15.03
CA VAL UA 175 20.29 74.24 15.49
C VAL UA 175 19.15 74.83 14.67
N ILE UA 176 18.34 73.98 14.06
CA ILE UA 176 17.25 74.41 13.19
C ILE UA 176 15.98 74.49 14.01
N HIS UA 177 15.40 75.68 14.08
CA HIS UA 177 14.13 75.91 14.75
C HIS UA 177 13.03 76.00 13.70
N SER UA 178 12.02 75.15 13.85
CA SER UA 178 10.85 75.15 12.98
C SER UA 178 9.64 75.50 13.83
N MET UA 179 8.97 76.59 13.47
CA MET UA 179 7.87 77.13 14.26
C MET UA 179 6.63 77.25 13.39
N SER UA 180 5.53 77.68 13.99
CA SER UA 180 4.34 77.97 13.23
C SER UA 180 4.39 79.41 12.73
N GLN UA 181 3.32 79.87 12.08
CA GLN UA 181 3.28 81.27 11.68
C GLN UA 181 3.23 82.18 12.89
N ASN UA 182 2.37 81.85 13.86
CA ASN UA 182 2.31 82.62 15.10
C ASN UA 182 3.61 82.49 15.88
N GLY UA 183 4.24 81.31 15.85
CA GLY UA 183 5.52 81.16 16.49
C GLY UA 183 6.59 82.02 15.86
N TRP UA 184 6.58 82.13 14.53
CA TRP UA 184 7.54 82.99 13.85
C TRP UA 184 7.30 84.45 14.19
N GLU UA 185 6.04 84.88 14.24
CA GLU UA 185 5.77 86.26 14.63
C GLU UA 185 6.19 86.53 16.06
N ASP UA 186 5.97 85.58 16.97
CA ASP UA 186 6.44 85.75 18.34
C ASP UA 186 7.97 85.82 18.39
N PHE UA 187 8.64 84.99 17.59
CA PHE UA 187 10.09 84.99 17.53
C PHE UA 187 10.63 86.32 17.01
N ALA UA 188 10.01 86.86 15.96
CA ALA UA 188 10.43 88.15 15.43
C ALA UA 188 10.15 89.26 16.43
N GLU UA 189 9.04 89.17 17.16
CA GLU UA 189 8.77 90.16 18.21
C GLU UA 189 9.83 90.11 19.30
N LYS UA 190 10.24 88.89 19.68
CA LYS UA 190 11.26 88.77 20.72
C LYS UA 190 12.61 89.29 20.24
N TYR UA 191 12.98 89.01 18.99
CA TYR UA 191 14.31 89.33 18.49
C TYR UA 191 14.36 90.63 17.70
N ASP UA 192 13.26 91.40 17.69
CA ASP UA 192 13.19 92.67 16.97
C ASP UA 192 13.56 92.49 15.49
N LEU UA 193 13.03 91.43 14.89
CA LEU UA 193 13.23 91.16 13.48
C LEU UA 193 12.11 91.81 12.68
N ASP UA 194 12.02 91.48 11.39
CA ASP UA 194 10.96 91.98 10.52
C ASP UA 194 10.14 90.75 10.17
N ALA UA 195 8.99 90.59 10.82
CA ALA UA 195 8.22 89.36 10.73
C ALA UA 195 7.67 89.10 9.33
N ASP UA 196 7.68 90.10 8.45
CA ASP UA 196 7.02 89.95 7.15
C ASP UA 196 7.85 89.18 6.14
N ASP UA 197 9.14 88.96 6.40
CA ASP UA 197 9.98 88.12 5.56
C ASP UA 197 10.10 86.76 6.21
N ILE UA 198 9.69 85.72 5.50
CA ILE UA 198 9.58 84.37 6.06
C ILE UA 198 10.87 83.62 5.77
N PRO UA 199 11.63 83.24 6.78
CA PRO UA 199 12.83 82.43 6.55
C PRO UA 199 12.48 81.06 5.99
N SER UA 200 13.43 80.50 5.24
CA SER UA 200 13.22 79.22 4.58
C SER UA 200 14.13 78.14 5.10
N PHE UA 201 15.44 78.37 5.10
CA PHE UA 201 16.48 77.41 5.49
C PHE UA 201 16.20 76.07 4.81
N GLN UA 202 16.13 74.97 5.56
CA GLN UA 202 16.16 73.64 4.96
C GLN UA 202 14.81 73.30 4.33
N ASN UA 203 14.67 72.05 3.90
CA ASN UA 203 13.51 71.60 3.16
C ASN UA 203 12.76 70.54 3.96
N PRO UA 204 11.49 70.75 4.29
CA PRO UA 204 10.72 69.71 4.97
C PRO UA 204 10.55 68.48 4.08
N ASN UA 205 10.43 67.32 4.72
CA ASN UA 205 10.46 66.06 4.00
C ASN UA 205 9.16 65.84 3.21
N ASP UA 206 9.32 65.30 2.01
CA ASP UA 206 8.18 64.90 1.18
C ASP UA 206 8.02 63.39 1.30
N TRP UA 207 7.38 62.96 2.39
CA TRP UA 207 7.20 61.53 2.65
C TRP UA 207 5.74 61.13 2.70
N VAL UA 208 4.94 61.74 3.55
CA VAL UA 208 3.52 61.42 3.69
C VAL UA 208 2.72 62.50 2.99
N PHE UA 209 1.67 62.09 2.26
CA PHE UA 209 1.01 63.03 1.35
C PHE UA 209 0.26 64.13 2.09
N PRO UA 210 -0.81 63.85 2.84
CA PRO UA 210 -1.60 64.93 3.44
C PRO UA 210 -1.05 65.40 4.78
N TRP UA 211 0.27 65.60 4.84
CA TRP UA 211 0.88 66.23 6.00
C TRP UA 211 0.89 67.74 5.92
N LEU UA 212 0.64 68.29 4.74
CA LEU UA 212 0.46 69.73 4.57
C LEU UA 212 1.72 70.48 4.94
N THR UA 213 2.04 70.55 6.22
CA THR UA 213 3.10 71.39 6.73
C THR UA 213 2.97 72.77 6.13
N GLN UA 214 3.98 73.19 5.35
CA GLN UA 214 3.90 74.31 4.41
C GLN UA 214 3.52 75.61 5.10
N ASP UA 215 3.31 75.53 6.42
CA ASP UA 215 3.07 76.69 7.27
C ASP UA 215 4.17 76.90 8.29
N THR UA 216 4.94 75.85 8.60
CA THR UA 216 6.06 75.98 9.50
C THR UA 216 7.15 76.85 8.87
N ILE UA 217 7.83 77.62 9.71
CA ILE UA 217 8.91 78.48 9.31
C ILE UA 217 10.20 77.92 9.90
N GLN UA 218 11.19 77.67 9.05
CA GLN UA 218 12.48 77.17 9.48
C GLN UA 218 13.47 78.31 9.56
N ILE UA 219 14.39 78.21 10.53
CA ILE UA 219 15.40 79.22 10.75
C ILE UA 219 16.54 78.53 11.49
N ALA UA 220 17.73 79.11 11.45
CA ALA UA 220 18.87 78.46 12.10
C ALA UA 220 19.51 79.39 13.11
N GLU UA 221 19.94 78.83 14.23
CA GLU UA 221 20.85 79.52 15.12
C GLU UA 221 22.21 78.83 15.06
N PHE UA 222 23.23 79.59 14.74
CA PHE UA 222 24.59 79.11 14.57
C PHE UA 222 25.38 79.57 15.79
N TYR UA 223 25.69 78.63 16.69
CA TYR UA 223 26.55 78.90 17.83
C TYR UA 223 27.99 78.62 17.42
N GLU UA 224 28.89 79.49 17.82
CA GLU UA 224 30.31 79.26 17.57
C GLU UA 224 31.10 79.64 18.81
N VAL UA 225 32.17 78.89 19.06
CA VAL UA 225 33.06 79.12 20.20
C VAL UA 225 34.35 79.71 19.68
N VAL UA 226 34.76 80.83 20.26
CA VAL UA 226 36.02 81.48 19.93
C VAL UA 226 36.85 81.55 21.18
N GLU UA 227 38.01 80.91 21.17
CA GLU UA 227 38.92 80.90 22.31
C GLU UA 227 40.04 81.90 22.06
N LYS UA 228 40.20 82.85 22.97
CA LYS UA 228 41.18 83.91 22.79
C LYS UA 228 41.67 84.40 24.14
N LYS UA 229 42.82 85.06 24.12
CA LYS UA 229 43.32 85.74 25.30
C LYS UA 229 42.63 87.10 25.42
N GLU UA 230 42.28 87.48 26.64
CA GLU UA 230 41.70 88.80 26.88
C GLU UA 230 42.23 89.36 28.19
N THR UA 231 42.18 90.67 28.30
CA THR UA 231 42.74 91.35 29.45
C THR UA 231 41.83 91.19 30.66
N ALA UA 232 42.41 90.81 31.79
CA ALA UA 232 41.70 90.75 33.05
C ALA UA 232 42.36 91.70 34.04
N PHE UA 233 41.55 92.52 34.71
CA PHE UA 233 42.05 93.49 35.66
C PHE UA 233 42.17 92.83 37.03
N ILE UA 234 43.23 93.16 37.75
CA ILE UA 234 43.44 92.68 39.11
C ILE UA 234 43.16 93.83 40.06
N TYR UA 235 42.27 93.60 41.03
CA TYR UA 235 41.89 94.61 41.98
C TYR UA 235 42.33 94.21 43.38
N GLN UA 236 42.18 95.15 44.31
CA GLN UA 236 42.40 94.90 45.72
C GLN UA 236 41.03 94.90 46.39
N ASP UA 237 40.65 93.77 46.95
CA ASP UA 237 39.33 93.65 47.56
C ASP UA 237 39.28 94.49 48.82
N PRO UA 238 38.36 95.45 48.93
CA PRO UA 238 38.29 96.25 50.15
C PRO UA 238 38.01 95.43 51.40
N VAL UA 239 37.34 94.28 51.26
CA VAL UA 239 37.10 93.42 52.41
C VAL UA 239 38.36 92.63 52.76
N THR UA 240 38.81 91.77 51.86
CA THR UA 240 39.98 90.93 52.11
C THR UA 240 40.39 90.25 50.81
N GLY UA 241 41.69 90.11 50.59
CA GLY UA 241 42.21 89.41 49.42
C GLY UA 241 42.27 90.28 48.18
N GLU UA 242 42.58 89.62 47.06
CA GLU UA 242 42.67 90.28 45.76
C GLU UA 242 41.84 89.51 44.75
N PRO UA 243 40.83 90.13 44.13
CA PRO UA 243 40.03 89.44 43.14
C PRO UA 243 40.53 89.68 41.71
N VAL UA 244 39.88 88.99 40.77
CA VAL UA 244 40.14 89.14 39.35
C VAL UA 244 38.80 89.32 38.64
N SER UA 245 38.75 90.25 37.70
CA SER UA 245 37.55 90.47 36.90
C SER UA 245 37.97 90.73 35.46
N TYR UA 246 37.13 90.32 34.52
CA TYR UA 246 37.45 90.51 33.12
C TYR UA 246 37.15 91.93 32.67
N PHE UA 247 37.93 92.41 31.71
CA PHE UA 247 37.69 93.73 31.14
C PHE UA 247 36.34 93.79 30.44
N LYS UA 248 35.98 92.75 29.70
CA LYS UA 248 34.74 92.78 28.94
C LYS UA 248 33.53 92.74 29.84
N ARG UA 249 33.63 92.15 31.02
CA ARG UA 249 32.47 91.99 31.89
C ARG UA 249 32.19 93.21 32.75
N ASP UA 250 33.11 94.16 32.82
CA ASP UA 250 32.87 95.45 33.47
C ASP UA 250 33.50 96.57 32.66
N ILE UA 251 33.41 96.47 31.33
CA ILE UA 251 34.19 97.33 30.45
C ILE UA 251 33.85 98.79 30.68
N LYS UA 252 32.56 99.13 30.69
CA LYS UA 252 32.14 100.50 30.87
C LYS UA 252 31.08 100.68 31.94
N ASP UA 253 30.47 99.61 32.42
CA ASP UA 253 29.43 99.77 33.44
C ASP UA 253 30.02 100.22 34.76
N VAL UA 254 31.00 99.49 35.28
CA VAL UA 254 31.52 99.78 36.62
C VAL UA 254 33.03 99.86 36.63
N ILE UA 255 33.63 100.17 35.47
CA ILE UA 255 35.08 100.25 35.39
C ILE UA 255 35.62 101.34 36.31
N ASP UA 256 34.85 102.41 36.50
CA ASP UA 256 35.20 103.46 37.45
C ASP UA 256 34.41 103.37 38.75
N ASP UA 257 33.25 102.72 38.72
CA ASP UA 257 32.48 102.55 39.95
C ASP UA 257 33.18 101.59 40.91
N LEU UA 258 33.99 100.66 40.40
CA LEU UA 258 34.80 99.83 41.29
C LEU UA 258 35.75 100.69 42.10
N ALA UA 259 36.45 101.62 41.44
CA ALA UA 259 37.34 102.52 42.16
C ALA UA 259 36.56 103.45 43.08
N ASP UA 260 35.39 103.91 42.65
CA ASP UA 260 34.56 104.76 43.49
C ASP UA 260 34.13 104.05 44.76
N SER UA 261 33.84 102.75 44.67
CA SER UA 261 33.48 101.98 45.85
C SER UA 261 34.69 101.61 46.69
N GLY UA 262 35.86 101.50 46.08
CA GLY UA 262 37.07 101.20 46.83
C GLY UA 262 37.91 100.08 46.26
N PHE UA 263 37.63 99.67 45.03
CA PHE UA 263 38.44 98.67 44.34
C PHE UA 263 39.55 99.38 43.59
N ILE UA 264 40.78 99.31 44.11
CA ILE UA 264 41.93 99.96 43.51
C ILE UA 264 42.66 98.95 42.64
N LYS UA 265 42.82 99.26 41.36
CA LYS UA 265 43.46 98.35 40.43
C LYS UA 265 44.91 98.11 40.83
N ILE UA 266 45.33 96.85 40.80
CA ILE UA 266 46.68 96.48 41.21
C ILE UA 266 47.51 96.15 39.98
N ALA UA 267 47.12 95.12 39.24
CA ALA UA 267 47.91 94.61 38.13
C ALA UA 267 47.01 94.37 36.93
N GLU UA 268 47.64 94.16 35.78
CA GLU UA 268 46.95 93.91 34.52
C GLU UA 268 47.51 92.65 33.90
N ARG UA 269 46.68 91.62 33.79
CA ARG UA 269 47.10 90.32 33.25
C ARG UA 269 46.28 89.99 32.02
N GLN UA 270 46.73 88.98 31.28
CA GLN UA 270 46.01 88.47 30.12
C GLN UA 270 45.70 87.01 30.36
N ILE UA 271 44.44 86.63 30.22
CA ILE UA 271 43.96 85.30 30.53
C ILE UA 271 43.20 84.77 29.33
N LYS UA 272 43.46 83.51 28.97
CA LYS UA 272 42.78 82.88 27.84
C LYS UA 272 41.44 82.32 28.28
N ARG UA 273 40.41 82.56 27.48
CA ARG UA 273 39.08 82.06 27.78
C ARG UA 273 38.30 81.96 26.48
N ARG UA 274 37.17 81.27 26.55
CA ARG UA 274 36.31 81.04 25.40
C ARG UA 274 35.06 81.90 25.49
N ARG UA 275 34.52 82.27 24.33
CA ARG UA 275 33.28 83.03 24.25
C ARG UA 275 32.37 82.41 23.18
N VAL UA 276 31.07 82.43 23.44
CA VAL UA 276 30.08 81.77 22.59
C VAL UA 276 29.22 82.83 21.94
N TYR UA 277 29.08 82.75 20.62
CA TYR UA 277 28.28 83.70 19.85
C TYR UA 277 27.16 82.97 19.12
N LYS UA 278 25.97 83.55 19.14
CA LYS UA 278 24.82 83.06 18.41
C LYS UA 278 24.54 83.97 17.23
N SER UA 279 24.36 83.37 16.05
CA SER UA 279 24.04 84.10 14.84
C SER UA 279 22.77 83.51 14.25
N ILE UA 280 21.74 84.31 14.11
CA ILE UA 280 20.47 83.85 13.57
C ILE UA 280 20.51 84.02 12.05
N ILE UA 281 20.27 82.94 11.32
CA ILE UA 281 20.54 82.92 9.89
C ILE UA 281 19.46 82.13 9.15
N THR UA 282 19.30 82.48 7.87
CA THR UA 282 18.52 81.74 6.90
C THR UA 282 19.45 81.29 5.78
N CYS UA 283 18.88 80.70 4.73
CA CYS UA 283 19.70 80.28 3.60
C CYS UA 283 20.11 81.43 2.70
N THR UA 284 19.60 82.64 2.95
CA THR UA 284 19.88 83.77 2.08
C THR UA 284 20.32 85.05 2.80
N ALA UA 285 20.18 85.13 4.12
CA ALA UA 285 20.52 86.36 4.83
C ALA UA 285 20.86 86.02 6.27
N VAL UA 286 21.50 86.97 6.95
CA VAL UA 286 21.83 86.87 8.37
C VAL UA 286 21.00 87.90 9.12
N LEU UA 287 20.29 87.45 10.16
CA LEU UA 287 19.39 88.34 10.89
C LEU UA 287 20.06 88.95 12.12
N LYS UA 288 20.53 88.12 13.05
CA LYS UA 288 21.34 88.57 14.17
C LYS UA 288 22.77 88.12 13.94
N ASP UA 289 23.72 89.06 14.06
CA ASP UA 289 25.05 88.81 13.52
C ASP UA 289 25.91 87.98 14.47
N LYS UA 290 26.24 88.54 15.64
CA LYS UA 290 27.18 87.86 16.53
C LYS UA 290 26.76 88.02 17.99
N GLN UA 291 25.48 87.81 18.29
CA GLN UA 291 25.00 88.08 19.63
C GLN UA 291 25.73 87.22 20.65
N LEU UA 292 26.55 87.85 21.49
CA LEU UA 292 27.30 87.09 22.49
C LEU UA 292 26.37 86.55 23.56
N ILE UA 293 26.54 85.27 23.90
CA ILE UA 293 25.71 84.62 24.89
C ILE UA 293 26.57 84.24 26.09
N ALA UA 294 25.91 83.69 27.10
CA ALA UA 294 26.57 83.37 28.35
C ALA UA 294 27.30 82.04 28.29
N GLY UA 295 28.36 81.94 29.08
CA GLY UA 295 29.11 80.70 29.22
C GLY UA 295 30.27 80.61 28.26
N GLU UA 296 30.91 79.42 28.26
CA GLU UA 296 32.08 79.18 27.39
C GLU UA 296 31.81 78.00 26.46
N HIS UA 297 30.77 77.22 26.71
CA HIS UA 297 30.49 76.05 25.90
C HIS UA 297 29.18 76.23 25.16
N ILE UA 298 29.10 75.62 23.98
CA ILE UA 298 27.85 75.66 23.21
C ILE UA 298 26.73 75.04 24.03
N PRO UA 299 25.60 75.70 24.19
CA PRO UA 299 24.60 75.26 25.17
C PRO UA 299 23.82 74.02 24.78
N ILE UA 300 24.24 73.30 23.74
CA ILE UA 300 23.54 72.10 23.29
C ILE UA 300 24.28 70.88 23.81
N VAL UA 301 23.54 69.97 24.44
CA VAL UA 301 24.08 68.76 25.04
C VAL UA 301 23.55 67.56 24.26
N PRO UA 302 24.42 66.78 23.60
CA PRO UA 302 23.95 65.58 22.90
C PRO UA 302 24.05 64.30 23.70
N VAL UA 303 23.16 63.35 23.41
CA VAL UA 303 23.15 62.01 24.01
C VAL UA 303 23.21 61.00 22.89
N PHE UA 304 24.06 59.98 23.06
CA PHE UA 304 24.26 58.99 22.01
C PHE UA 304 24.02 57.59 22.55
N GLY UA 305 23.68 56.69 21.63
CA GLY UA 305 23.52 55.29 21.97
C GLY UA 305 24.78 54.53 21.67
N GLU UA 306 24.79 53.75 20.60
CA GLU UA 306 26.00 53.12 20.10
C GLU UA 306 26.68 54.11 19.17
N TRP UA 307 27.88 54.53 19.52
CA TRP UA 307 28.56 55.62 18.84
C TRP UA 307 29.94 55.16 18.38
N GLY UA 308 30.39 55.70 17.25
CA GLY UA 308 31.74 55.42 16.81
C GLY UA 308 32.07 56.20 15.56
N PHE UA 309 33.29 55.99 15.09
CA PHE UA 309 33.76 56.50 13.81
C PHE UA 309 34.23 55.33 12.98
N VAL UA 310 33.77 55.24 11.74
CA VAL UA 310 34.13 54.09 10.91
C VAL UA 310 35.34 54.42 10.08
N GLU UA 311 35.21 55.39 9.17
CA GLU UA 311 36.34 55.90 8.42
C GLU UA 311 36.17 57.42 8.35
N ASP UA 312 36.64 58.10 9.39
CA ASP UA 312 36.40 59.52 9.55
C ASP UA 312 34.93 59.87 9.33
N LYS UA 313 34.03 58.95 9.68
CA LYS UA 313 32.60 59.12 9.48
C LYS UA 313 31.89 58.67 10.75
N GLU UA 314 31.17 59.60 11.37
CA GLU UA 314 30.44 59.29 12.59
C GLU UA 314 29.28 58.35 12.30
N VAL UA 315 29.09 57.38 13.17
CA VAL UA 315 27.97 56.46 13.09
C VAL UA 315 27.36 56.33 14.48
N TYR UA 316 26.03 56.44 14.55
CA TYR UA 316 25.31 56.19 15.78
C TYR UA 316 24.14 55.26 15.49
N GLU UA 317 23.75 54.50 16.51
CA GLU UA 317 22.70 53.52 16.35
C GLU UA 317 21.96 53.34 17.67
N GLY UA 318 20.66 53.10 17.56
CA GLY UA 318 19.83 52.89 18.74
C GLY UA 318 19.57 51.42 18.97
N VAL UA 319 18.33 50.99 18.90
CA VAL UA 319 17.98 49.59 19.07
C VAL UA 319 17.07 49.15 17.94
N VAL UA 320 16.66 50.09 17.09
CA VAL UA 320 15.73 49.81 16.02
C VAL UA 320 16.42 49.50 14.69
N ARG UA 321 17.64 49.97 14.49
CA ARG UA 321 18.24 49.90 13.15
C ARG UA 321 18.41 48.47 12.68
N LEU UA 322 18.82 47.57 13.56
CA LEU UA 322 19.09 46.20 13.16
C LEU UA 322 17.86 45.32 13.14
N THR UA 323 16.73 45.79 13.64
CA THR UA 323 15.50 45.00 13.63
C THR UA 323 14.67 45.24 12.40
N LYS UA 324 15.03 46.22 11.57
CA LYS UA 324 14.13 46.69 10.52
C LYS UA 324 13.96 45.64 9.42
N ASP UA 325 15.04 44.94 9.06
CA ASP UA 325 14.95 43.94 8.00
C ASP UA 325 14.03 42.80 8.41
N GLY UA 326 14.25 42.23 9.60
CA GLY UA 326 13.40 41.14 10.06
C GLY UA 326 11.97 41.58 10.28
N GLN UA 327 11.77 42.80 10.78
CA GLN UA 327 10.42 43.27 11.02
C GLN UA 327 9.66 43.48 9.72
N ARG UA 328 10.31 44.07 8.71
CA ARG UA 328 9.67 44.24 7.41
C ARG UA 328 9.35 42.89 6.79
N LEU UA 329 10.25 41.91 6.93
CA LEU UA 329 9.99 40.58 6.40
C LEU UA 329 8.78 39.94 7.08
N ARG UA 330 8.69 40.06 8.41
CA ARG UA 330 7.56 39.50 9.13
C ARG UA 330 6.25 40.15 8.68
N ASN UA 331 6.26 41.48 8.52
CA ASN UA 331 5.09 42.18 8.01
C ASN UA 331 4.68 41.66 6.64
N MET UA 332 5.64 41.51 5.73
CA MET UA 332 5.31 41.08 4.39
C MET UA 332 4.76 39.66 4.38
N ILE UA 333 5.34 38.76 5.16
CA ILE UA 333 4.86 37.39 5.17
C ILE UA 333 3.45 37.31 5.77
N MET UA 334 3.20 38.06 6.84
CA MET UA 334 1.85 38.06 7.41
C MET UA 334 0.84 38.62 6.43
N SER UA 335 1.22 39.65 5.67
CA SER UA 335 0.28 40.21 4.68
C SER UA 335 0.00 39.23 3.55
N PHE UA 336 1.03 38.51 3.10
CA PHE UA 336 0.81 37.46 2.10
C PHE UA 336 -0.16 36.41 2.64
N ASN UA 337 0.03 35.99 3.88
CA ASN UA 337 -0.85 34.98 4.47
C ASN UA 337 -2.28 35.48 4.61
N ALA UA 338 -2.44 36.76 4.97
CA ALA UA 338 -3.80 37.31 5.07
C ALA UA 338 -4.47 37.36 3.70
N ASP UA 339 -3.72 37.69 2.66
CA ASP UA 339 -4.26 37.60 1.31
C ASP UA 339 -4.64 36.18 0.97
N ILE UA 340 -3.83 35.20 1.38
CA ILE UA 340 -4.15 33.80 1.16
C ILE UA 340 -5.48 33.44 1.82
N VAL UA 341 -5.67 33.88 3.06
CA VAL UA 341 -6.90 33.55 3.79
C VAL UA 341 -8.11 34.20 3.11
N ALA UA 342 -7.99 35.46 2.70
CA ALA UA 342 -9.14 36.16 2.14
C ALA UA 342 -9.46 35.67 0.73
N ARG UA 343 -8.54 35.86 -0.21
CA ARG UA 343 -8.83 35.62 -1.62
C ARG UA 343 -8.36 34.23 -2.04
N THR UA 344 -9.05 33.20 -1.53
CA THR UA 344 -8.76 31.86 -2.00
C THR UA 344 -10.09 31.12 -2.03
N PRO UA 345 -10.44 30.51 -3.16
CA PRO UA 345 -11.68 29.75 -3.23
C PRO UA 345 -11.69 28.62 -2.20
N LYS UA 346 -12.87 28.36 -1.64
CA LYS UA 346 -12.97 27.45 -0.52
C LYS UA 346 -13.39 26.06 -0.98
N LYS UA 347 -13.29 25.10 -0.06
CA LYS UA 347 -13.51 23.69 -0.37
C LYS UA 347 -14.97 23.46 -0.67
N LYS UA 348 -15.26 23.18 -1.94
CA LYS UA 348 -16.60 22.91 -2.43
C LYS UA 348 -16.48 21.81 -3.48
N PRO UA 349 -17.57 21.09 -3.77
CA PRO UA 349 -17.49 20.01 -4.76
C PRO UA 349 -17.38 20.53 -6.18
N PHE UA 350 -16.87 19.67 -7.04
CA PHE UA 350 -16.84 19.89 -8.48
C PHE UA 350 -17.93 19.04 -9.11
N PHE UA 351 -18.80 19.67 -9.88
CA PHE UA 351 -19.93 18.98 -10.48
C PHE UA 351 -19.96 19.23 -11.98
N TRP UA 352 -20.50 18.28 -12.71
CA TRP UA 352 -20.99 18.61 -14.03
C TRP UA 352 -22.42 19.14 -13.90
N PRO UA 353 -22.82 20.10 -14.72
CA PRO UA 353 -24.19 20.61 -14.60
C PRO UA 353 -25.26 19.53 -14.75
N GLU UA 354 -25.02 18.56 -15.64
CA GLU UA 354 -25.99 17.49 -15.84
C GLU UA 354 -26.00 16.50 -14.69
N GLN UA 355 -24.98 16.50 -13.84
CA GLN UA 355 -24.96 15.59 -12.70
C GLN UA 355 -26.03 15.94 -11.68
N ILE UA 356 -26.24 17.24 -11.45
CA ILE UA 356 -27.20 17.70 -10.46
C ILE UA 356 -28.28 18.56 -11.09
N ALA UA 357 -28.47 18.46 -12.40
CA ALA UA 357 -29.60 19.12 -13.02
C ALA UA 357 -30.90 18.63 -12.40
N GLY UA 358 -31.74 19.58 -11.98
CA GLY UA 358 -32.99 19.27 -11.33
C GLY UA 358 -32.89 19.24 -9.83
N PHE UA 359 -31.80 18.70 -9.29
CA PHE UA 359 -31.55 18.63 -7.87
C PHE UA 359 -30.67 19.78 -7.38
N GLU UA 360 -30.63 20.89 -8.11
CA GLU UA 360 -29.72 21.98 -7.75
C GLU UA 360 -30.08 22.60 -6.41
N HIS UA 361 -31.35 22.50 -6.01
CA HIS UA 361 -31.79 23.07 -4.75
C HIS UA 361 -31.27 22.29 -3.55
N MET UA 362 -30.79 21.06 -3.78
CA MET UA 362 -30.44 20.15 -2.71
C MET UA 362 -29.02 20.36 -2.21
N TYR UA 363 -28.22 21.17 -2.90
CA TYR UA 363 -26.81 21.37 -2.54
C TYR UA 363 -26.52 22.78 -2.09
N ASP UA 364 -27.52 23.64 -1.97
CA ASP UA 364 -27.28 25.03 -1.61
C ASP UA 364 -26.77 25.20 -0.19
N GLY UA 365 -27.20 24.34 0.74
CA GLY UA 365 -26.73 24.46 2.11
C GLY UA 365 -27.81 24.26 3.14
N ASN UA 366 -29.01 23.91 2.68
CA ASN UA 366 -30.11 23.65 3.60
C ASN UA 366 -30.07 22.21 4.11
N ASP UA 367 -30.72 21.99 5.24
CA ASP UA 367 -30.75 20.69 5.89
C ASP UA 367 -32.15 20.06 5.85
N ASP UA 368 -32.89 20.29 4.77
CA ASP UA 368 -34.25 19.81 4.66
C ASP UA 368 -34.33 18.38 4.14
N TYR UA 369 -33.24 17.81 3.67
CA TYR UA 369 -33.29 16.53 2.98
C TYR UA 369 -32.39 15.54 3.69
N PRO UA 370 -32.68 14.25 3.57
CA PRO UA 370 -31.91 13.25 4.32
C PRO UA 370 -30.71 12.72 3.57
N TYR UA 371 -30.64 12.97 2.26
CA TYR UA 371 -29.53 12.48 1.46
C TYR UA 371 -29.33 13.43 0.29
N TYR UA 372 -28.46 13.04 -0.64
CA TYR UA 372 -28.18 13.81 -1.84
C TYR UA 372 -28.51 12.97 -3.06
N LEU UA 373 -29.26 13.55 -4.00
CA LEU UA 373 -29.65 12.86 -5.22
C LEU UA 373 -28.79 13.33 -6.38
N LEU UA 374 -28.52 12.41 -7.31
CA LEU UA 374 -27.74 12.69 -8.49
C LEU UA 374 -28.44 12.15 -9.72
N ASN UA 375 -28.21 12.79 -10.86
CA ASN UA 375 -28.68 12.25 -12.13
C ASN UA 375 -27.80 11.09 -12.55
N ARG UA 376 -28.41 10.08 -13.14
CA ARG UA 376 -27.70 8.85 -13.48
C ARG UA 376 -27.60 8.60 -14.97
N THR UA 377 -28.63 8.96 -15.72
CA THR UA 377 -28.75 8.57 -17.12
C THR UA 377 -28.56 9.78 -18.03
N ASP UA 378 -28.05 9.49 -19.22
CA ASP UA 378 -28.00 10.43 -20.33
C ASP UA 378 -28.68 9.79 -21.52
N GLU UA 379 -29.43 10.58 -22.29
CA GLU UA 379 -30.17 10.01 -23.40
C GLU UA 379 -29.28 9.67 -24.58
N ASN UA 380 -28.08 10.24 -24.66
CA ASN UA 380 -27.16 9.94 -25.74
C ASN UA 380 -26.09 8.94 -25.34
N SER UA 381 -25.33 9.23 -24.28
CA SER UA 381 -24.29 8.33 -23.83
C SER UA 381 -24.85 7.07 -23.19
N GLY UA 382 -26.15 7.03 -22.93
CA GLY UA 382 -26.75 5.87 -22.27
C GLY UA 382 -26.70 5.94 -20.77
N ASP UA 383 -25.57 6.35 -20.20
CA ASP UA 383 -25.41 6.45 -18.77
C ASP UA 383 -24.25 7.39 -18.46
N LEU UA 384 -24.40 8.15 -17.38
CA LEU UA 384 -23.41 9.16 -17.05
C LEU UA 384 -22.11 8.52 -16.59
N PRO UA 385 -20.96 9.04 -17.00
CA PRO UA 385 -19.69 8.53 -16.47
C PRO UA 385 -19.59 8.75 -14.98
N THR UA 386 -18.95 7.81 -14.29
CA THR UA 386 -18.79 7.86 -12.84
C THR UA 386 -17.32 8.10 -12.51
N GLN UA 387 -17.05 9.20 -11.81
CA GLN UA 387 -15.71 9.56 -11.39
C GLN UA 387 -15.80 9.96 -9.93
N PRO UA 388 -14.79 9.65 -9.12
CA PRO UA 388 -14.86 10.02 -7.70
C PRO UA 388 -15.03 11.51 -7.53
N LEU UA 389 -15.85 11.90 -6.55
CA LEU UA 389 -16.16 13.30 -6.36
C LEU UA 389 -14.92 14.07 -5.94
N ALA UA 390 -14.68 15.19 -6.62
CA ALA UA 390 -13.53 16.04 -6.33
C ALA UA 390 -13.98 17.27 -5.58
N TYR UA 391 -13.10 17.76 -4.71
CA TYR UA 391 -13.36 18.96 -3.92
C TYR UA 391 -12.20 19.92 -4.11
N TYR UA 392 -12.50 21.21 -4.11
CA TYR UA 392 -11.45 22.20 -4.17
C TYR UA 392 -10.59 22.09 -2.92
N GLU UA 393 -9.28 22.13 -3.11
CA GLU UA 393 -8.37 21.91 -2.00
C GLU UA 393 -8.43 23.06 -1.01
N ASN UA 394 -8.30 22.72 0.27
CA ASN UA 394 -8.38 23.72 1.32
C ASN UA 394 -7.19 24.68 1.25
N PRO UA 395 -7.40 25.96 1.54
CA PRO UA 395 -6.28 26.90 1.58
C PRO UA 395 -5.27 26.50 2.64
N GLU UA 396 -3.99 26.68 2.32
CA GLU UA 396 -2.91 26.28 3.20
C GLU UA 396 -1.83 27.34 3.19
N VAL UA 397 -1.28 27.62 4.36
CA VAL UA 397 -0.09 28.48 4.44
C VAL UA 397 1.13 27.66 4.05
N PRO UA 398 1.92 28.09 3.08
CA PRO UA 398 3.05 27.28 2.63
C PRO UA 398 4.08 27.07 3.73
N GLN UA 399 4.80 25.97 3.62
CA GLN UA 399 5.89 25.71 4.55
C GLN UA 399 6.96 26.79 4.46
N ALA UA 400 7.16 27.36 3.27
CA ALA UA 400 8.11 28.47 3.15
C ALA UA 400 7.66 29.67 3.97
N ASN UA 401 6.37 30.01 3.89
CA ASN UA 401 5.85 31.13 4.65
C ASN UA 401 5.96 30.88 6.15
N ALA UA 402 5.58 29.68 6.60
CA ALA UA 402 5.68 29.38 8.02
C ALA UA 402 7.11 29.44 8.51
N TYR UA 403 8.01 28.75 7.82
CA TYR UA 403 9.42 28.73 8.21
C TYR UA 403 10.00 30.13 8.25
N MET UA 404 9.71 30.95 7.24
CA MET UA 404 10.35 32.25 7.17
C MET UA 404 9.74 33.24 8.16
N LEU UA 405 8.44 33.13 8.46
CA LEU UA 405 7.86 33.97 9.49
C LEU UA 405 8.46 33.65 10.85
N GLU UA 406 8.60 32.36 11.17
CA GLU UA 406 9.25 31.99 12.42
C GLU UA 406 10.69 32.47 12.45
N ALA UA 407 11.42 32.29 11.35
CA ALA UA 407 12.83 32.69 11.32
C ALA UA 407 13.00 34.19 11.48
N ALA UA 408 12.18 34.98 10.79
CA ALA UA 408 12.30 36.43 10.89
C ALA UA 408 11.92 36.92 12.28
N THR UA 409 10.85 36.39 12.87
CA THR UA 409 10.49 36.80 14.23
C THR UA 409 11.59 36.43 15.21
N SER UA 410 12.18 35.24 15.06
CA SER UA 410 13.26 34.84 15.96
C SER UA 410 14.50 35.69 15.75
N ALA UA 411 14.78 36.09 14.51
CA ALA UA 411 15.92 36.97 14.25
C ALA UA 411 15.73 38.32 14.93
N VAL UA 412 14.52 38.88 14.84
CA VAL UA 412 14.26 40.14 15.51
C VAL UA 412 14.34 39.97 17.02
N LYS UA 413 13.83 38.86 17.55
CA LYS UA 413 13.94 38.60 18.97
C LYS UA 413 15.40 38.55 19.41
N GLU UA 414 16.26 37.91 18.61
CA GLU UA 414 17.68 37.82 18.97
C GLU UA 414 18.35 39.18 18.91
N VAL UA 415 18.08 39.96 17.87
CA VAL UA 415 18.83 41.19 17.67
C VAL UA 415 18.27 42.38 18.45
N ALA UA 416 17.04 42.32 18.93
CA ALA UA 416 16.47 43.41 19.72
C ALA UA 416 16.69 43.19 21.22
N THR UA 417 17.94 42.94 21.60
CA THR UA 417 18.32 42.78 23.00
C THR UA 417 19.46 43.77 23.27
N LEU UA 418 19.11 44.95 23.77
CA LEU UA 418 20.11 45.92 24.16
C LEU UA 418 20.91 45.40 25.35
N GLY UA 419 22.23 45.41 25.24
CA GLY UA 419 23.05 44.91 26.33
C GLY UA 419 22.80 43.44 26.57
N VAL UA 420 22.89 43.05 27.83
CA VAL UA 420 22.62 41.67 28.22
C VAL UA 420 21.26 41.59 28.93
N GLU UA 445 19.20 44.85 30.03
CA GLU UA 445 19.92 45.86 30.79
C GLU UA 445 20.38 46.98 29.87
N THR UA 446 20.37 48.20 30.38
CA THR UA 446 20.70 49.40 29.63
C THR UA 446 21.88 50.13 30.24
N TYR UA 447 22.91 49.39 30.64
CA TYR UA 447 24.01 50.03 31.37
C TYR UA 447 24.79 50.99 30.48
N VAL UA 448 25.06 50.60 29.23
CA VAL UA 448 25.85 51.47 28.35
C VAL UA 448 25.05 52.73 28.02
N PHE UA 449 23.75 52.60 27.80
CA PHE UA 449 22.92 53.76 27.54
C PHE UA 449 22.85 54.68 28.76
N GLN UA 450 22.78 54.10 29.95
CA GLN UA 450 22.76 54.93 31.16
C GLN UA 450 24.11 55.62 31.37
N ASP UA 451 25.21 54.95 31.02
CA ASP UA 451 26.52 55.59 31.12
C ASP UA 451 26.66 56.72 30.11
N ASN UA 452 26.11 56.55 28.90
CA ASN UA 452 26.15 57.63 27.93
C ASN UA 452 25.27 58.81 28.37
N LEU UA 453 24.14 58.52 29.01
CA LEU UA 453 23.35 59.59 29.60
C LEU UA 453 24.10 60.29 30.71
N ALA UA 454 24.87 59.53 31.50
CA ALA UA 454 25.71 60.15 32.52
C ALA UA 454 26.76 61.07 31.90
N THR UA 455 27.34 60.65 30.78
CA THR UA 455 28.29 61.52 30.08
C THR UA 455 27.62 62.81 29.62
N ALA UA 456 26.42 62.70 29.05
CA ALA UA 456 25.69 63.89 28.64
C ALA UA 456 25.36 64.78 29.83
N MET UA 457 25.00 64.18 30.95
CA MET UA 457 24.70 64.96 32.15
C MET UA 457 25.94 65.65 32.70
N ARG UA 458 27.11 65.02 32.57
CA ARG UA 458 28.34 65.69 32.98
C ARG UA 458 28.62 66.90 32.10
N ARG UA 459 28.39 66.76 30.79
CA ARG UA 459 28.55 67.92 29.91
C ARG UA 459 27.55 69.01 30.27
N ASP UA 460 26.32 68.62 30.61
CA ASP UA 460 25.31 69.57 31.05
C ASP UA 460 25.76 70.30 32.31
N GLY UA 461 26.37 69.58 33.25
CA GLY UA 461 26.86 70.22 34.45
C GLY UA 461 27.97 71.20 34.18
N GLU UA 462 28.90 70.84 33.29
CA GLU UA 462 29.95 71.77 32.88
C GLU UA 462 29.37 73.04 32.30
N ILE UA 463 28.45 72.90 31.34
CA ILE UA 463 27.87 74.05 30.67
C ILE UA 463 27.11 74.92 31.67
N TYR UA 464 26.33 74.29 32.55
CA TYR UA 464 25.58 75.04 33.54
C TYR UA 464 26.49 75.80 34.48
N GLN UA 465 27.60 75.17 34.88
CA GLN UA 465 28.56 75.86 35.73
C GLN UA 465 29.12 77.09 35.05
N SER UA 466 29.45 76.98 33.76
CA SER UA 466 29.95 78.13 33.02
C SER UA 466 28.92 79.25 32.96
N ILE UA 467 27.68 78.91 32.66
CA ILE UA 467 26.64 79.94 32.56
C ILE UA 467 26.40 80.59 33.92
N VAL UA 468 26.45 79.80 34.98
CA VAL UA 468 26.26 80.34 36.33
C VAL UA 468 27.36 81.32 36.67
N ASN UA 469 28.60 80.94 36.43
CA ASN UA 469 29.71 81.85 36.71
C ASN UA 469 29.67 83.06 35.80
N ASP UA 470 28.95 82.99 34.69
CA ASP UA 470 28.85 84.15 33.80
C ASP UA 470 27.76 85.12 34.22
N ILE UA 471 26.60 84.62 34.66
CA ILE UA 471 25.45 85.52 34.83
C ILE UA 471 24.93 85.60 36.26
N TYR UA 472 25.18 84.58 37.08
CA TYR UA 472 24.60 84.59 38.41
C TYR UA 472 25.51 85.32 39.39
N ASP UA 473 25.02 85.45 40.62
CA ASP UA 473 25.75 86.12 41.69
C ASP UA 473 26.30 85.04 42.62
N VAL UA 474 27.54 84.63 42.37
CA VAL UA 474 28.20 83.60 43.18
C VAL UA 474 28.84 84.29 44.38
N PRO UA 475 28.39 84.02 45.59
CA PRO UA 475 29.00 84.65 46.78
C PRO UA 475 30.21 83.88 47.25
N ARG UA 476 31.31 84.59 47.55
CA ARG UA 476 32.53 83.92 47.98
C ARG UA 476 32.44 83.59 49.46
N ASN UA 477 32.99 82.44 49.83
CA ASN UA 477 32.93 81.96 51.20
C ASN UA 477 34.25 82.23 51.90
N VAL UA 478 34.17 82.71 53.14
CA VAL UA 478 35.35 83.00 53.95
C VAL UA 478 35.25 82.22 55.27
N THR UA 479 36.40 81.97 55.88
CA THR UA 479 36.49 81.22 57.12
C THR UA 479 36.61 82.13 58.34
N ILE UA 480 36.50 83.44 58.17
CA ILE UA 480 36.58 84.36 59.29
C ILE UA 480 35.29 84.31 60.11
N LEU UA 492 31.68 83.20 56.42
CA LEU UA 492 30.47 83.83 55.93
C LEU UA 492 30.51 83.98 54.41
N MET UA 493 29.35 84.23 53.82
CA MET UA 493 29.22 84.40 52.38
C MET UA 493 29.14 85.88 52.05
N ALA UA 494 30.03 86.34 51.19
CA ALA UA 494 30.12 87.74 50.80
C ALA UA 494 29.73 87.88 49.34
N GLU UA 495 28.76 88.74 49.07
CA GLU UA 495 28.33 89.06 47.71
C GLU UA 495 28.99 90.38 47.30
N VAL UA 496 29.90 90.31 46.34
CA VAL UA 496 30.59 91.50 45.84
C VAL UA 496 29.86 91.93 44.58
N VAL UA 497 29.02 92.96 44.71
CA VAL UA 497 28.25 93.50 43.59
C VAL UA 497 28.20 95.01 43.70
N ASP UA 498 27.94 95.65 42.56
CA ASP UA 498 27.80 97.10 42.50
C ASP UA 498 26.89 97.45 41.34
N LEU UA 499 26.30 98.64 41.40
CA LEU UA 499 25.36 99.12 40.41
C LEU UA 499 25.93 100.31 39.67
N ALA UA 500 25.69 100.35 38.35
CA ALA UA 500 26.17 101.44 37.52
C ALA UA 500 25.22 102.64 37.60
N THR UA 501 25.54 103.68 36.83
CA THR UA 501 24.70 104.87 36.81
C THR UA 501 23.35 104.64 36.15
N GLY UA 502 23.21 103.55 35.38
CA GLY UA 502 21.96 103.25 34.72
C GLY UA 502 21.08 102.32 35.53
N GLU UA 503 21.35 102.23 36.83
CA GLU UA 503 20.63 101.41 37.81
C GLU UA 503 20.80 99.92 37.57
N LYS UA 504 21.66 99.51 36.63
CA LYS UA 504 21.88 98.09 36.38
C LYS UA 504 22.99 97.58 37.29
N GLN UA 505 22.74 96.43 37.93
CA GLN UA 505 23.70 95.82 38.82
C GLN UA 505 24.63 94.91 38.02
N VAL UA 506 25.93 95.09 38.18
CA VAL UA 506 26.94 94.32 37.46
C VAL UA 506 27.54 93.31 38.42
N LEU UA 507 27.39 92.03 38.09
CA LEU UA 507 27.95 90.98 38.91
C LEU UA 507 29.48 90.99 38.85
N ASN UA 508 30.10 90.60 39.96
CA ASN UA 508 31.55 90.52 40.07
C ASN UA 508 31.90 89.11 40.52
N ASP UA 509 32.51 88.33 39.64
CA ASP UA 509 32.93 86.98 39.96
C ASP UA 509 34.44 86.89 39.89
N ILE UA 510 35.06 86.53 41.02
CA ILE UA 510 36.51 86.33 41.05
C ILE UA 510 36.88 85.07 40.29
N ARG UA 511 38.12 85.04 39.80
CA ARG UA 511 38.63 83.91 39.04
C ARG UA 511 38.89 82.67 39.87
N GLY UA 512 38.51 82.67 41.15
CA GLY UA 512 38.50 81.43 41.91
C GLY UA 512 37.17 80.73 41.79
N ARG UA 513 36.72 80.52 40.55
CA ARG UA 513 35.37 80.09 40.28
C ARG UA 513 35.23 78.59 40.02
N TYR UA 514 36.32 77.93 39.66
CA TYR UA 514 36.29 76.46 39.42
C TYR UA 514 36.73 75.72 40.70
N GLU UA 515 35.94 75.82 41.76
CA GLU UA 515 36.22 75.15 43.02
C GLU UA 515 35.57 73.78 43.13
N CYS UA 516 34.73 73.40 42.17
CA CYS UA 516 34.04 72.12 42.22
C CYS UA 516 34.06 71.47 40.84
N TYR UA 517 33.99 70.16 40.84
CA TYR UA 517 33.92 69.37 39.61
C TYR UA 517 32.59 68.66 39.53
N THR UA 518 32.34 68.05 38.38
CA THR UA 518 31.07 67.45 38.05
C THR UA 518 31.12 65.95 38.28
N ASP UA 519 30.01 65.39 38.74
CA ASP UA 519 29.84 63.95 38.90
C ASP UA 519 28.38 63.64 38.64
N VAL UA 520 28.00 62.39 38.86
CA VAL UA 520 26.65 61.91 38.58
C VAL UA 520 26.08 61.28 39.84
N GLY UA 521 24.84 61.61 40.16
CA GLY UA 521 24.17 61.05 41.30
C GLY UA 521 22.68 60.96 41.07
N PRO UA 522 21.93 60.60 42.12
CA PRO UA 522 20.47 60.53 41.98
C PRO UA 522 19.86 61.90 41.77
N SER UA 523 18.67 61.91 41.19
CA SER UA 523 17.97 63.16 40.87
C SER UA 523 17.12 63.56 42.07
N PHE UA 524 17.59 64.55 42.81
CA PHE UA 524 16.89 65.05 43.99
C PHE UA 524 16.26 66.40 43.67
N GLN UA 525 15.05 66.61 44.18
CA GLN UA 525 14.32 67.84 43.90
C GLN UA 525 14.84 69.04 44.69
N SER UA 526 15.57 68.81 45.78
CA SER UA 526 16.04 69.91 46.60
C SER UA 526 17.21 69.45 47.46
N MET UA 527 17.97 70.43 47.95
CA MET UA 527 19.07 70.14 48.85
C MET UA 527 18.59 69.47 50.12
N LYS UA 528 17.40 69.81 50.60
CA LYS UA 528 16.87 69.16 51.80
C LYS UA 528 16.60 67.68 51.53
N GLN UA 529 16.04 67.35 50.37
CA GLN UA 529 15.83 65.95 50.00
C GLN UA 529 17.15 65.21 49.87
N GLN UA 530 18.15 65.86 49.27
CA GLN UA 530 19.48 65.23 49.16
C GLN UA 530 20.08 64.98 50.53
N ASN UA 531 19.94 65.93 51.45
CA ASN UA 531 20.42 65.74 52.82
C ASN UA 531 19.71 64.60 53.51
N ARG UA 532 18.39 64.49 53.33
CA ARG UA 532 17.65 63.39 53.92
C ARG UA 532 18.13 62.05 53.37
N ALA UA 533 18.34 61.97 52.06
CA ALA UA 533 18.82 60.74 51.46
C ALA UA 533 20.20 60.37 51.99
N GLU UA 534 21.09 61.35 52.15
CA GLU UA 534 22.42 61.06 52.67
C GLU UA 534 22.37 60.59 54.12
N ILE UA 535 21.50 61.21 54.92
CA ILE UA 535 21.37 60.79 56.32
C ILE UA 535 20.85 59.35 56.38
N LEU UA 536 19.86 59.02 55.56
CA LEU UA 536 19.35 57.66 55.55
C LEU UA 536 20.40 56.67 55.06
N GLU UA 537 21.20 57.08 54.08
CA GLU UA 537 22.27 56.21 53.58
C GLU UA 537 23.29 55.93 54.67
N LEU UA 538 23.69 56.95 55.43
CA LEU UA 538 24.64 56.73 56.51
C LEU UA 538 24.03 55.89 57.62
N LEU UA 539 22.74 56.09 57.90
CA LEU UA 539 22.05 55.27 58.88
C LEU UA 539 22.02 53.82 58.46
N GLY UA 540 21.92 53.57 57.15
CA GLY UA 540 21.88 52.21 56.64
C GLY UA 540 23.16 51.43 56.89
N LYS UA 541 24.24 52.11 57.27
CA LYS UA 541 25.50 51.43 57.55
C LYS UA 541 26.03 51.66 58.96
N THR UA 542 25.47 52.60 59.71
CA THR UA 542 25.91 52.77 61.09
C THR UA 542 25.24 51.75 61.99
N PRO UA 543 25.98 51.04 62.85
CA PRO UA 543 25.35 50.11 63.79
C PRO UA 543 24.66 50.85 64.92
N GLN UA 544 23.97 50.08 65.77
CA GLN UA 544 23.11 50.67 66.81
C GLN UA 544 23.93 51.17 68.01
N GLY UA 545 24.89 52.03 67.72
CA GLY UA 545 25.69 52.72 68.72
C GLY UA 545 25.19 54.12 68.97
N THR UA 546 26.10 54.99 69.37
CA THR UA 546 25.78 56.40 69.59
C THR UA 546 25.67 57.20 68.28
N PRO UA 547 26.48 56.92 67.24
CA PRO UA 547 26.23 57.60 65.96
C PRO UA 547 24.86 57.31 65.38
N GLU UA 548 24.28 56.13 65.66
CA GLU UA 548 22.94 55.85 65.16
C GLU UA 548 21.92 56.76 65.82
N TYR UA 549 22.06 56.99 67.13
CA TYR UA 549 21.18 57.96 67.79
C TYR UA 549 21.38 59.35 67.21
N GLN UA 550 22.63 59.72 66.96
CA GLN UA 550 22.91 61.02 66.36
C GLN UA 550 22.20 61.17 65.02
N LEU UA 551 22.35 60.18 64.15
CA LEU UA 551 21.77 60.28 62.81
C LEU UA 551 20.26 60.16 62.83
N LEU UA 552 19.69 59.41 63.77
CA LEU UA 552 18.24 59.35 63.89
C LEU UA 552 17.67 60.71 64.28
N LEU UA 553 18.30 61.35 65.27
CA LEU UA 553 17.86 62.69 65.64
C LEU UA 553 18.04 63.68 64.50
N LEU UA 554 19.12 63.52 63.71
CA LEU UA 554 19.31 64.39 62.55
C LEU UA 554 18.24 64.17 61.50
N GLN UA 555 17.83 62.92 61.29
CA GLN UA 555 16.76 62.66 60.33
C GLN UA 555 15.47 63.33 60.79
N TYR UA 556 15.17 63.24 62.08
CA TYR UA 556 13.99 63.97 62.60
C TYR UA 556 14.16 65.47 62.43
N PHE UA 557 15.38 65.97 62.61
CA PHE UA 557 15.71 67.37 62.33
C PHE UA 557 15.29 67.80 60.93
N THR UA 558 15.73 67.06 59.92
CA THR UA 558 15.59 67.50 58.53
C THR UA 558 14.22 67.16 57.93
N LEU UA 559 13.22 66.92 58.75
CA LEU UA 559 11.93 66.48 58.24
C LEU UA 559 11.09 67.65 57.75
N LEU UA 560 10.00 67.31 57.05
CA LEU UA 560 9.01 68.29 56.64
C LEU UA 560 8.25 68.78 57.86
N ASP UA 561 7.24 69.63 57.62
CA ASP UA 561 6.55 70.32 58.70
C ASP UA 561 5.05 70.12 58.60
N GLY UA 562 4.47 69.59 59.67
CA GLY UA 562 3.05 69.57 59.89
C GLY UA 562 2.77 70.05 61.29
N LYS UA 563 2.13 69.21 62.10
CA LYS UA 563 2.03 69.44 63.53
C LYS UA 563 2.75 68.36 64.34
N GLY UA 564 2.43 67.08 64.09
CA GLY UA 564 3.12 66.01 64.80
C GLY UA 564 4.58 65.90 64.42
N VAL UA 565 4.88 65.96 63.12
CA VAL UA 565 6.28 65.95 62.70
C VAL UA 565 6.98 67.19 63.19
N GLU UA 566 6.26 68.30 63.32
CA GLU UA 566 6.85 69.48 63.95
C GLU UA 566 7.23 69.18 65.39
N MET UA 567 6.36 68.51 66.13
CA MET UA 567 6.67 68.18 67.52
C MET UA 567 7.90 67.28 67.60
N MET UA 568 7.98 66.28 66.73
CA MET UA 568 9.15 65.40 66.73
C MET UA 568 10.41 66.15 66.35
N ARG UA 569 10.30 67.10 65.42
CA ARG UA 569 11.48 67.87 65.02
C ARG UA 569 11.94 68.79 66.14
N ASP UA 570 11.03 69.38 66.90
CA ASP UA 570 11.43 70.14 68.08
C ASP UA 570 12.08 69.25 69.13
N TYR UA 571 11.56 68.04 69.33
CA TYR UA 571 12.19 67.12 70.27
C TYR UA 571 13.61 66.79 69.84
N ALA UA 572 13.83 66.54 68.54
CA ALA UA 572 15.17 66.28 68.05
C ALA UA 572 16.06 67.51 68.15
N ASN UA 573 15.51 68.68 67.86
CA ASN UA 573 16.24 69.94 68.06
C ASN UA 573 16.76 70.05 69.48
N LYS UA 574 15.87 69.87 70.46
CA LYS UA 574 16.26 70.04 71.85
C LYS UA 574 17.27 68.98 72.25
N GLN UA 575 17.07 67.73 71.82
CA GLN UA 575 18.02 66.68 72.17
C GLN UA 575 19.40 67.00 71.64
N LEU UA 576 19.49 67.44 70.38
CA LEU UA 576 20.79 67.74 69.78
C LEU UA 576 21.45 68.93 70.45
N ILE UA 577 20.69 70.00 70.67
CA ILE UA 577 21.27 71.20 71.29
C ILE UA 577 21.75 70.88 72.70
N GLN UA 578 20.95 70.15 73.47
CA GLN UA 578 21.34 69.81 74.84
C GLN UA 578 22.54 68.87 74.85
N MET UA 579 22.65 67.97 73.88
CA MET UA 579 23.83 67.11 73.78
C MET UA 579 25.04 67.84 73.23
N GLY UA 580 24.86 69.06 72.72
CA GLY UA 580 25.98 69.88 72.30
C GLY UA 580 26.47 69.62 70.90
N VAL UA 581 25.83 68.73 70.15
CA VAL UA 581 26.24 68.46 68.78
C VAL UA 581 25.92 69.64 67.87
N LYS UA 582 24.85 70.36 68.16
CA LYS UA 582 24.46 71.54 67.39
C LYS UA 582 24.75 72.80 68.21
N LYS UA 583 25.46 73.74 67.63
CA LYS UA 583 25.90 74.93 68.34
C LYS UA 583 24.74 75.83 68.73
N MET VA 1 -50.76 17.99 -27.03
CA MET VA 1 -50.08 16.83 -27.63
C MET VA 1 -50.99 16.13 -28.63
N GLN VA 2 -50.41 15.70 -29.74
CA GLN VA 2 -51.15 14.90 -30.71
C GLN VA 2 -51.39 13.48 -30.21
N ILE VA 3 -50.56 13.00 -29.29
CA ILE VA 3 -50.69 11.66 -28.73
C ILE VA 3 -51.58 11.77 -27.49
N LYS VA 4 -52.85 11.41 -27.64
CA LYS VA 4 -53.83 11.64 -26.59
C LYS VA 4 -54.54 10.39 -26.09
N THR VA 5 -54.33 9.24 -26.71
CA THR VA 5 -55.01 8.01 -26.32
C THR VA 5 -54.00 6.89 -26.14
N LYS VA 6 -54.45 5.82 -25.49
CA LYS VA 6 -53.59 4.64 -25.33
C LYS VA 6 -53.19 4.07 -26.68
N GLY VA 7 -54.12 4.07 -27.63
CA GLY VA 7 -53.77 3.64 -28.98
C GLY VA 7 -52.81 4.58 -29.67
N ASP VA 8 -52.91 5.88 -29.40
CA ASP VA 8 -51.92 6.81 -29.94
C ASP VA 8 -50.55 6.50 -29.38
N LEU VA 9 -50.48 6.19 -28.09
CA LEU VA 9 -49.21 5.77 -27.49
C LEU VA 9 -48.66 4.52 -28.17
N VAL VA 10 -49.52 3.54 -28.42
CA VAL VA 10 -49.10 2.30 -29.05
C VAL VA 10 -48.65 2.55 -30.49
N ARG VA 11 -49.36 3.41 -31.21
CA ARG VA 11 -48.97 3.73 -32.57
C ARG VA 11 -47.62 4.41 -32.61
N ALA VA 12 -47.37 5.32 -31.68
CA ALA VA 12 -46.06 5.96 -31.61
C ALA VA 12 -44.97 4.94 -31.29
N ALA VA 13 -45.24 4.01 -30.39
CA ALA VA 13 -44.27 2.98 -30.08
C ALA VA 13 -43.95 2.12 -31.29
N LEU VA 14 -44.98 1.71 -32.03
CA LEU VA 14 -44.75 0.89 -33.22
C LEU VA 14 -44.01 1.67 -34.29
N ARG VA 15 -44.31 2.96 -34.46
CA ARG VA 15 -43.58 3.76 -35.42
C ARG VA 15 -42.11 3.88 -35.04
N LYS VA 16 -41.82 4.06 -33.76
CA LYS VA 16 -40.44 4.10 -33.30
C LYS VA 16 -39.74 2.78 -33.58
N LEU VA 17 -40.44 1.66 -33.39
CA LEU VA 17 -39.87 0.37 -33.75
C LEU VA 17 -39.60 0.26 -35.24
N GLY VA 18 -40.43 0.89 -36.06
CA GLY VA 18 -40.39 0.68 -37.49
C GLY VA 18 -41.30 -0.40 -37.99
N VAL VA 19 -42.12 -1.00 -37.11
CA VAL VA 19 -43.01 -2.06 -37.52
C VAL VA 19 -44.15 -1.50 -38.36
N ALA VA 20 -44.74 -0.39 -37.94
CA ALA VA 20 -45.89 0.15 -38.64
C ALA VA 20 -46.05 1.62 -38.31
N SER VA 21 -46.45 2.40 -39.30
CA SER VA 21 -46.71 3.81 -39.14
C SER VA 21 -47.78 4.22 -40.15
N ASP VA 22 -48.00 5.53 -40.28
CA ASP VA 22 -48.96 6.02 -41.26
C ASP VA 22 -48.42 5.94 -42.68
N ALA VA 23 -47.11 5.85 -42.84
CA ALA VA 23 -46.50 5.82 -44.17
C ALA VA 23 -46.32 4.41 -44.71
N THR VA 24 -46.38 3.40 -43.86
CA THR VA 24 -46.10 2.04 -44.30
C THR VA 24 -47.24 1.50 -45.15
N LEU VA 25 -46.89 0.53 -45.99
CA LEU VA 25 -47.87 -0.12 -46.86
C LEU VA 25 -48.53 -1.33 -46.21
N THR VA 26 -47.97 -1.82 -45.11
CA THR VA 26 -48.56 -2.92 -44.35
C THR VA 26 -48.77 -2.46 -42.91
N ASP VA 27 -49.88 -2.86 -42.33
CA ASP VA 27 -50.25 -2.43 -40.98
C ASP VA 27 -50.57 -3.63 -40.11
N VAL VA 28 -50.49 -3.41 -38.79
CA VAL VA 28 -50.75 -4.47 -37.81
C VAL VA 28 -52.25 -4.66 -37.67
N GLU VA 29 -52.68 -5.91 -37.65
CA GLU VA 29 -54.09 -6.22 -37.51
C GLU VA 29 -54.53 -5.88 -36.09
N PRO VA 30 -55.77 -5.40 -35.89
CA PRO VA 30 -56.12 -4.81 -34.58
C PRO VA 30 -55.98 -5.72 -33.38
N GLN VA 31 -55.90 -7.04 -33.54
CA GLN VA 31 -55.59 -7.88 -32.38
C GLN VA 31 -54.19 -7.56 -31.85
N SER VA 32 -53.25 -7.26 -32.76
CA SER VA 32 -51.92 -6.85 -32.32
C SER VA 32 -51.98 -5.55 -31.53
N MET VA 33 -52.78 -4.58 -31.98
CA MET VA 33 -52.91 -3.33 -31.24
C MET VA 33 -53.56 -3.56 -29.88
N GLN VA 34 -54.55 -4.45 -29.80
CA GLN VA 34 -55.16 -4.76 -28.52
C GLN VA 34 -54.15 -5.42 -27.57
N ASP VA 35 -53.32 -6.32 -28.10
CA ASP VA 35 -52.27 -6.93 -27.28
C ASP VA 35 -51.29 -5.89 -26.78
N ALA VA 36 -50.92 -4.94 -27.64
CA ALA VA 36 -50.01 -3.88 -27.22
C ALA VA 36 -50.64 -3.01 -26.14
N VAL VA 37 -51.95 -2.73 -26.25
CA VAL VA 37 -52.60 -1.93 -25.22
C VAL VA 37 -52.63 -2.69 -23.89
N ASP VA 38 -52.84 -4.01 -23.96
CA ASP VA 38 -52.78 -4.80 -22.73
C ASP VA 38 -51.39 -4.78 -22.12
N ASP VA 39 -50.36 -4.85 -22.97
CA ASP VA 39 -48.98 -4.73 -22.47
C ASP VA 39 -48.75 -3.38 -21.81
N LEU VA 40 -49.26 -2.31 -22.42
CA LEU VA 40 -49.11 -0.98 -21.84
C LEU VA 40 -49.80 -0.88 -20.48
N GLU VA 41 -51.01 -1.42 -20.39
CA GLU VA 41 -51.72 -1.39 -19.12
C GLU VA 41 -50.98 -2.17 -18.04
N ALA VA 42 -50.45 -3.34 -18.39
CA ALA VA 42 -49.69 -4.12 -17.43
C ALA VA 42 -48.43 -3.40 -16.99
N MET VA 43 -47.71 -2.78 -17.93
CA MET VA 43 -46.50 -2.05 -17.58
C MET VA 43 -46.80 -0.88 -16.67
N MET VA 44 -47.84 -0.11 -16.99
CA MET VA 44 -48.17 1.05 -16.17
C MET VA 44 -48.65 0.62 -14.79
N ALA VA 45 -49.39 -0.47 -14.71
CA ALA VA 45 -49.82 -0.96 -13.40
C ALA VA 45 -48.65 -1.45 -12.57
N GLU VA 46 -47.66 -2.06 -13.23
CA GLU VA 46 -46.47 -2.52 -12.51
C GLU VA 46 -45.63 -1.34 -12.04
N TRP VA 47 -45.53 -0.30 -12.86
CA TRP VA 47 -44.85 0.91 -12.43
C TRP VA 47 -45.52 1.52 -11.22
N TYR VA 48 -46.83 1.75 -11.30
CA TYR VA 48 -47.59 2.42 -10.26
C TYR VA 48 -48.03 1.38 -9.24
N GLN VA 49 -47.16 1.08 -8.29
CA GLN VA 49 -47.40 -0.03 -7.39
C GLN VA 49 -48.51 0.29 -6.40
N ASP VA 50 -49.73 0.42 -6.89
CA ASP VA 50 -50.90 0.72 -6.07
C ASP VA 50 -50.71 2.01 -5.29
N GLY VA 51 -50.10 3.00 -5.94
CA GLY VA 51 -49.89 4.30 -5.34
C GLY VA 51 -48.51 4.54 -4.77
N LYS VA 52 -47.65 3.53 -4.77
CA LYS VA 52 -46.33 3.62 -4.16
C LYS VA 52 -45.20 3.55 -5.17
N GLY VA 53 -45.51 3.71 -6.45
CA GLY VA 53 -44.50 3.60 -7.48
C GLY VA 53 -44.21 4.90 -8.17
N ILE VA 54 -44.36 4.94 -9.49
CA ILE VA 54 -44.15 6.16 -10.26
C ILE VA 54 -45.50 6.81 -10.50
N ILE VA 55 -45.62 8.07 -10.12
CA ILE VA 55 -46.87 8.81 -10.27
C ILE VA 55 -46.85 9.55 -11.60
N THR VA 56 -47.86 9.31 -12.42
CA THR VA 56 -47.90 9.87 -13.77
C THR VA 56 -49.22 10.53 -14.12
N GLY VA 57 -50.28 10.28 -13.38
CA GLY VA 57 -51.60 10.71 -13.81
C GLY VA 57 -52.27 9.76 -14.77
N TYR VA 58 -51.66 8.62 -15.05
CA TYR VA 58 -52.24 7.63 -15.93
C TYR VA 58 -53.58 7.14 -15.38
N VAL VA 59 -54.57 7.07 -16.24
CA VAL VA 59 -55.92 6.63 -15.87
C VAL VA 59 -56.09 5.22 -16.40
N PHE VA 60 -56.27 4.27 -15.51
CA PHE VA 60 -56.45 2.87 -15.90
C PHE VA 60 -57.85 2.69 -16.46
N SER VA 61 -57.95 2.03 -17.60
CA SER VA 61 -59.24 1.81 -18.23
C SER VA 61 -60.10 0.89 -17.38
N ASP VA 62 -61.42 1.07 -17.50
CA ASP VA 62 -62.40 0.25 -16.80
C ASP VA 62 -63.01 -0.75 -17.75
N ASP VA 63 -63.24 -1.96 -17.25
CA ASP VA 63 -63.70 -3.05 -18.10
C ASP VA 63 -65.10 -2.80 -18.65
N GLU VA 64 -65.93 -2.06 -17.90
CA GLU VA 64 -67.29 -1.79 -18.37
C GLU VA 64 -67.27 -1.07 -19.71
N ASN VA 65 -66.56 0.08 -19.78
CA ASN VA 65 -66.36 0.79 -21.08
C ASN VA 65 -65.48 -0.18 -21.87
N PRO VA 66 -65.89 -0.64 -23.05
CA PRO VA 66 -65.22 -1.81 -23.64
C PRO VA 66 -63.83 -1.49 -24.16
N PRO VA 67 -63.65 -0.53 -25.08
CA PRO VA 67 -62.34 -0.43 -25.74
C PRO VA 67 -61.37 0.41 -24.91
N ALA VA 68 -60.24 -0.21 -24.54
CA ALA VA 68 -59.19 0.55 -23.87
C ALA VA 68 -58.58 1.57 -24.83
N GLU VA 69 -58.21 1.12 -26.03
CA GLU VA 69 -57.87 2.05 -27.09
C GLU VA 69 -59.03 2.99 -27.36
N GLY VA 70 -58.73 4.28 -27.40
CA GLY VA 70 -59.73 5.32 -27.43
C GLY VA 70 -59.91 6.03 -26.12
N ASP VA 71 -59.44 5.44 -25.02
CA ASP VA 71 -59.43 6.12 -23.74
C ASP VA 71 -58.20 7.01 -23.65
N ASP VA 72 -58.40 8.25 -23.22
CA ASP VA 72 -57.28 9.13 -22.98
C ASP VA 72 -56.44 8.64 -21.81
N HIS VA 73 -55.12 8.69 -21.96
CA HIS VA 73 -54.24 8.16 -20.94
C HIS VA 73 -54.07 9.08 -19.75
N GLY VA 74 -54.37 10.37 -19.88
CA GLY VA 74 -54.28 11.28 -18.77
C GLY VA 74 -52.88 11.71 -18.40
N LEU VA 75 -51.86 11.28 -19.12
CA LEU VA 75 -50.50 11.67 -18.82
C LEU VA 75 -50.28 13.14 -19.12
N ARG VA 76 -49.30 13.73 -18.44
CA ARG VA 76 -48.90 15.09 -18.74
C ARG VA 76 -48.15 15.12 -20.08
N SER VA 77 -47.83 16.33 -20.52
CA SER VA 77 -47.12 16.48 -21.78
C SER VA 77 -45.73 15.88 -21.73
N SER VA 78 -45.14 15.78 -20.55
CA SER VA 78 -43.75 15.40 -20.39
C SER VA 78 -43.51 13.93 -20.15
N ALA VA 79 -44.57 13.13 -19.95
CA ALA VA 79 -44.42 11.71 -19.69
C ALA VA 79 -44.69 10.86 -20.92
N VAL VA 80 -45.25 11.43 -21.98
CA VAL VA 80 -45.65 10.65 -23.14
C VAL VA 80 -44.44 10.00 -23.79
N SER VA 81 -43.36 10.77 -23.95
CA SER VA 81 -42.17 10.24 -24.63
C SER VA 81 -41.60 9.07 -23.86
N ALA VA 82 -41.47 9.21 -22.54
CA ALA VA 82 -40.95 8.12 -21.72
C ALA VA 82 -41.83 6.89 -21.81
N VAL VA 83 -43.14 7.08 -21.71
CA VAL VA 83 -44.05 5.94 -21.66
C VAL VA 83 -44.02 5.19 -22.98
N PHE VA 84 -44.06 5.90 -24.11
CA PHE VA 84 -44.11 5.17 -25.37
C PHE VA 84 -42.74 4.62 -25.77
N HIS VA 85 -41.64 5.24 -25.34
CA HIS VA 85 -40.33 4.61 -25.57
C HIS VA 85 -40.22 3.30 -24.79
N ASN VA 86 -40.65 3.32 -23.52
CA ASN VA 86 -40.64 2.09 -22.75
C ASN VA 86 -41.58 1.06 -23.35
N LEU VA 87 -42.70 1.49 -23.91
CA LEU VA 87 -43.63 0.56 -24.56
C LEU VA 87 -43.00 -0.06 -25.80
N ALA VA 88 -42.29 0.72 -26.59
CA ALA VA 88 -41.58 0.14 -27.73
C ALA VA 88 -40.58 -0.91 -27.27
N CYS VA 89 -39.81 -0.59 -26.23
CA CYS VA 89 -38.87 -1.56 -25.69
C CYS VA 89 -39.57 -2.83 -25.21
N ARG VA 90 -40.74 -2.67 -24.58
CA ARG VA 90 -41.44 -3.80 -23.99
C ARG VA 90 -42.12 -4.69 -25.02
N ILE VA 91 -42.65 -4.11 -26.10
CA ILE VA 91 -43.35 -4.91 -27.09
C ILE VA 91 -42.51 -5.23 -28.31
N ALA VA 92 -41.23 -4.85 -28.31
CA ALA VA 92 -40.33 -5.37 -29.33
C ALA VA 92 -40.24 -6.89 -29.37
N PRO VA 93 -40.20 -7.63 -28.25
CA PRO VA 93 -40.06 -9.09 -28.36
C PRO VA 93 -41.21 -9.80 -29.05
N ASP VA 94 -42.38 -9.17 -29.17
CA ASP VA 94 -43.49 -9.81 -29.88
C ASP VA 94 -43.13 -10.05 -31.34
N TYR VA 95 -42.46 -9.09 -31.96
CA TYR VA 95 -42.19 -9.10 -33.39
C TYR VA 95 -40.79 -9.59 -33.70
N ALA VA 96 -40.22 -10.43 -32.85
CA ALA VA 96 -38.86 -10.93 -33.01
C ALA VA 96 -37.88 -9.78 -33.20
N LEU VA 97 -38.03 -8.74 -32.39
CA LEU VA 97 -37.24 -7.53 -32.51
C LEU VA 97 -36.48 -7.24 -31.23
N GLU VA 98 -35.50 -6.36 -31.35
CA GLU VA 98 -34.76 -5.83 -30.21
C GLU VA 98 -34.67 -4.33 -30.40
N ALA VA 99 -35.20 -3.58 -29.44
CA ALA VA 99 -35.19 -2.13 -29.54
C ALA VA 99 -33.76 -1.63 -29.66
N THR VA 100 -33.56 -0.65 -30.53
CA THR VA 100 -32.21 -0.19 -30.82
C THR VA 100 -31.64 0.57 -29.62
N ALA VA 101 -30.34 0.83 -29.68
CA ALA VA 101 -29.64 1.40 -28.55
C ALA VA 101 -30.15 2.79 -28.19
N LYS VA 102 -30.48 3.59 -29.20
CA LYS VA 102 -31.03 4.92 -28.93
C LYS VA 102 -32.38 4.83 -28.23
N ILE VA 103 -33.21 3.88 -28.65
CA ILE VA 103 -34.52 3.72 -28.01
C ILE VA 103 -34.33 3.27 -26.56
N ILE VA 104 -33.39 2.37 -26.29
CA ILE VA 104 -33.16 1.93 -24.92
C ILE VA 104 -32.64 3.07 -24.06
N ALA VA 105 -31.69 3.84 -24.59
CA ALA VA 105 -31.16 4.97 -23.82
C ALA VA 105 -32.25 5.99 -23.52
N THR VA 106 -33.09 6.30 -24.51
CA THR VA 106 -34.18 7.25 -24.29
C THR VA 106 -35.19 6.70 -23.29
N ALA VA 107 -35.43 5.39 -23.30
CA ALA VA 107 -36.34 4.80 -22.33
C ALA VA 107 -35.81 4.95 -20.92
N LYS VA 108 -34.51 4.68 -20.71
CA LYS VA 108 -33.92 4.87 -19.40
C LYS VA 108 -34.00 6.32 -18.95
N TYR VA 109 -33.63 7.24 -19.84
CA TYR VA 109 -33.66 8.65 -19.50
C TYR VA 109 -35.07 9.09 -19.14
N GLY VA 110 -36.06 8.64 -19.91
CA GLY VA 110 -37.43 9.04 -19.65
C GLY VA 110 -37.97 8.50 -18.34
N LYS VA 111 -37.68 7.24 -18.02
CA LYS VA 111 -38.15 6.69 -16.75
C LYS VA 111 -37.52 7.42 -15.56
N GLU VA 112 -36.21 7.69 -15.64
CA GLU VA 112 -35.57 8.41 -14.55
C GLU VA 112 -36.14 9.82 -14.40
N LEU VA 113 -36.31 10.52 -15.52
CA LEU VA 113 -36.90 11.85 -15.48
C LEU VA 113 -38.33 11.82 -14.96
N LEU VA 114 -39.05 10.73 -15.22
CA LEU VA 114 -40.39 10.59 -14.68
C LEU VA 114 -40.37 10.49 -13.16
N TYR VA 115 -39.44 9.71 -12.62
CA TYR VA 115 -39.41 9.57 -11.16
C TYR VA 115 -38.73 10.73 -10.45
N LYS VA 116 -38.07 11.64 -11.17
CA LYS VA 116 -37.27 12.68 -10.51
C LYS VA 116 -38.09 13.52 -9.53
N GLN VA 117 -39.22 14.07 -9.99
CA GLN VA 117 -39.96 15.00 -9.14
C GLN VA 117 -40.60 14.28 -7.95
N THR VA 118 -41.11 13.08 -8.18
CA THR VA 118 -41.69 12.31 -7.08
C THR VA 118 -40.63 11.91 -6.08
N ALA VA 119 -39.40 11.64 -6.54
CA ALA VA 119 -38.31 11.37 -5.61
C ALA VA 119 -37.99 12.60 -4.79
N ILE VA 120 -37.98 13.77 -5.41
CA ILE VA 120 -37.72 15.00 -4.66
C ILE VA 120 -38.80 15.22 -3.60
N SER VA 121 -40.05 14.90 -3.94
CA SER VA 121 -41.13 15.03 -2.97
C SER VA 121 -41.00 14.00 -1.84
N ARG VA 122 -40.64 12.76 -2.17
CA ARG VA 122 -40.57 11.70 -1.18
C ARG VA 122 -39.34 11.79 -0.30
N ALA VA 123 -38.32 12.55 -0.71
CA ALA VA 123 -37.16 12.75 0.14
C ALA VA 123 -37.51 13.69 1.29
N LYS VA 124 -38.03 13.14 2.38
CA LYS VA 124 -38.46 13.91 3.53
C LYS VA 124 -37.71 13.44 4.77
N ARG VA 125 -37.59 14.33 5.75
CA ARG VA 125 -36.89 14.05 6.99
C ARG VA 125 -37.88 13.72 8.10
N ALA VA 126 -37.58 12.66 8.85
CA ALA VA 126 -38.46 12.23 9.92
C ALA VA 126 -38.39 13.21 11.09
N PRO VA 127 -39.43 13.29 11.91
CA PRO VA 127 -39.43 14.22 13.04
C PRO VA 127 -38.42 13.80 14.09
N TYR VA 128 -38.23 14.68 15.07
CA TYR VA 128 -37.31 14.42 16.16
C TYR VA 128 -37.77 13.19 16.94
N PRO VA 129 -36.84 12.41 17.48
CA PRO VA 129 -37.22 11.23 18.26
C PRO VA 129 -37.96 11.63 19.53
N SER VA 130 -38.71 10.67 20.07
CA SER VA 130 -39.50 10.93 21.27
C SER VA 130 -38.64 11.23 22.48
N ARG VA 131 -37.36 10.87 22.44
CA ARG VA 131 -36.46 11.09 23.57
C ARG VA 131 -35.56 12.31 23.36
N MET VA 132 -35.93 13.20 22.45
CA MET VA 132 -35.13 14.38 22.16
C MET VA 132 -35.66 15.57 22.93
N PRO VA 133 -34.87 16.21 23.79
CA PRO VA 133 -35.37 17.36 24.52
C PRO VA 133 -35.68 18.52 23.59
N THR VA 134 -36.65 19.34 23.99
CA THR VA 134 -37.02 20.49 23.17
C THR VA 134 -36.01 21.62 23.30
N GLY VA 135 -35.45 21.81 24.47
CA GLY VA 135 -34.50 22.87 24.68
C GLY VA 135 -35.06 23.95 25.57
N SER VA 136 -34.21 24.50 26.42
CA SER VA 136 -34.61 25.57 27.32
C SER VA 136 -34.61 26.93 26.65
N GLY VA 137 -34.07 27.03 25.44
CA GLY VA 137 -34.07 28.27 24.72
C GLY VA 137 -35.31 28.51 23.89
N ASN VA 138 -36.29 27.63 23.98
CA ASN VA 138 -37.52 27.78 23.23
C ASN VA 138 -38.60 28.52 23.99
N SER VA 139 -38.43 28.73 25.29
CA SER VA 139 -39.31 29.60 26.08
C SER VA 139 -40.75 29.09 26.10
N PHE VA 140 -41.41 29.10 24.94
CA PHE VA 140 -42.80 28.70 24.90
C PHE VA 140 -42.97 27.25 25.35
N ALA VA 141 -42.14 26.35 24.84
CA ALA VA 141 -42.26 24.95 25.20
C ALA VA 141 -41.91 24.73 26.67
N ASN VA 142 -40.87 25.40 27.16
CA ASN VA 142 -40.53 25.28 28.57
C ASN VA 142 -41.67 25.74 29.46
N LEU VA 143 -42.35 26.81 29.07
CA LEU VA 143 -43.45 27.31 29.89
C LEU VA 143 -44.70 26.44 29.76
N ASN VA 144 -44.89 25.80 28.62
CA ASN VA 144 -46.00 24.88 28.43
C ASN VA 144 -45.70 23.48 28.93
N GLU VA 145 -44.51 23.25 29.49
CA GLU VA 145 -44.10 21.94 30.00
C GLU VA 145 -43.92 20.93 28.89
N TRP VA 146 -43.64 21.39 27.68
CA TRP VA 146 -43.38 20.50 26.54
C TRP VA 146 -41.88 20.41 26.31
N HIS VA 147 -41.23 19.66 27.19
CA HIS VA 147 -39.78 19.57 27.19
C HIS VA 147 -39.23 18.54 26.22
N TYR VA 148 -40.06 17.64 25.70
CA TYR VA 148 -39.60 16.60 24.81
C TYR VA 148 -40.43 16.60 23.53
N PHE VA 149 -39.79 16.27 22.43
CA PHE VA 149 -40.49 16.15 21.17
C PHE VA 149 -41.41 14.93 21.20
N PRO VA 150 -42.58 15.02 20.57
CA PRO VA 150 -43.49 13.86 20.56
C PRO VA 150 -42.91 12.66 19.83
N GLY VA 151 -42.52 12.83 18.58
CA GLY VA 151 -41.85 11.76 17.87
C GLY VA 151 -42.68 11.14 16.76
N GLU VA 152 -42.44 9.86 16.50
CA GLU VA 152 -43.14 9.10 15.46
C GLU VA 152 -43.06 9.78 14.10
N ALA WA 2 99.50 75.56 -12.52
CA ALA WA 2 98.92 74.63 -11.57
C ALA WA 2 98.80 73.23 -12.15
N LEU WA 3 97.78 73.04 -13.00
CA LEU WA 3 97.48 71.75 -13.61
C LEU WA 3 97.29 70.67 -12.54
N ASN WA 4 96.24 70.82 -11.76
CA ASN WA 4 95.82 69.75 -10.87
C ASN WA 4 94.91 68.84 -11.68
N GLU WA 5 95.49 67.76 -12.21
CA GLU WA 5 94.77 66.83 -13.06
C GLU WA 5 94.22 65.69 -12.21
N GLY WA 6 93.20 66.02 -11.42
CA GLY WA 6 92.58 65.09 -10.52
C GLY WA 6 91.37 64.42 -11.11
N GLN WA 7 90.51 63.90 -10.24
CA GLN WA 7 89.29 63.21 -10.65
C GLN WA 7 88.19 64.23 -10.86
N ILE WA 8 87.30 63.96 -11.81
CA ILE WA 8 86.19 64.85 -12.15
C ILE WA 8 84.88 64.15 -11.85
N VAL WA 9 84.00 64.84 -11.12
CA VAL WA 9 82.69 64.32 -10.76
C VAL WA 9 81.63 65.26 -11.32
N THR WA 10 80.41 64.73 -11.43
CA THR WA 10 79.25 65.48 -11.87
C THR WA 10 78.21 65.47 -10.76
N LEU WA 11 77.76 66.65 -10.36
CA LEU WA 11 76.90 66.79 -9.19
C LEU WA 11 75.48 67.09 -9.61
N ALA WA 12 74.53 66.30 -9.10
CA ALA WA 12 73.11 66.57 -9.26
C ALA WA 12 72.52 66.78 -7.88
N VAL WA 13 71.82 67.89 -7.69
CA VAL WA 13 71.21 68.23 -6.42
C VAL WA 13 69.74 67.87 -6.47
N ASP WA 14 69.13 67.73 -5.30
CA ASP WA 14 67.72 67.39 -5.21
C ASP WA 14 66.89 68.53 -4.61
N GLU WA 15 67.23 69.76 -4.97
CA GLU WA 15 66.38 70.93 -4.74
C GLU WA 15 65.70 71.26 -6.06
N ILE WA 16 64.44 70.84 -6.19
CA ILE WA 16 63.79 70.88 -7.49
C ILE WA 16 63.44 72.32 -7.86
N ILE WA 17 63.17 72.52 -9.14
CA ILE WA 17 62.78 73.80 -9.69
C ILE WA 17 61.30 73.70 -10.02
N GLU WA 18 60.47 74.47 -9.31
CA GLU WA 18 59.05 74.48 -9.58
C GLU WA 18 58.75 75.31 -10.82
N THR WA 19 57.89 74.78 -11.69
CA THR WA 19 57.65 75.46 -12.96
C THR WA 19 56.17 75.67 -13.25
N ILE WA 20 55.29 74.86 -12.65
CA ILE WA 20 53.87 74.88 -12.99
C ILE WA 20 53.07 75.11 -11.71
N SER WA 21 52.03 75.94 -11.82
CA SER WA 21 51.13 76.20 -10.69
C SER WA 21 49.80 76.64 -11.27
N ALA WA 22 48.81 75.75 -11.26
CA ALA WA 22 47.51 76.03 -11.84
C ALA WA 22 46.44 76.10 -10.76
N ILE WA 23 45.35 76.81 -11.08
CA ILE WA 23 44.23 76.97 -10.17
C ILE WA 23 42.98 76.40 -10.83
N THR WA 24 42.04 75.96 -9.99
CA THR WA 24 40.82 75.30 -10.45
C THR WA 24 39.62 75.89 -9.73
N PRO WA 25 39.12 77.04 -10.17
CA PRO WA 25 37.95 77.62 -9.49
C PRO WA 25 36.64 76.98 -9.91
N MET WA 26 36.52 76.58 -11.17
CA MET WA 26 35.25 76.07 -11.68
C MET WA 26 34.89 74.75 -11.03
N ALA WA 27 35.86 73.84 -10.89
CA ALA WA 27 35.61 72.55 -10.30
C ALA WA 27 35.35 72.64 -8.80
N GLN WA 28 35.73 73.74 -8.17
CA GLN WA 28 35.36 73.96 -6.78
C GLN WA 28 33.96 74.58 -6.69
N LYS WA 29 33.61 75.45 -7.62
CA LYS WA 29 32.27 76.01 -7.63
C LYS WA 29 31.21 74.99 -7.99
N ALA WA 30 31.58 73.91 -8.69
CA ALA WA 30 30.62 72.89 -9.07
C ALA WA 30 30.43 71.85 -7.98
N LYS WA 31 30.63 72.27 -6.72
CA LYS WA 31 30.77 71.34 -5.60
C LYS WA 31 29.59 70.39 -5.43
N LYS WA 32 28.46 70.64 -6.08
CA LYS WA 32 27.34 69.71 -5.98
C LYS WA 32 27.76 68.35 -6.52
N TYR WA 33 27.46 67.29 -5.76
CA TYR WA 33 28.14 66.02 -5.96
C TYR WA 33 27.23 64.80 -5.93
N THR WA 34 27.89 63.63 -5.96
CA THR WA 34 27.20 62.36 -6.24
C THR WA 34 26.29 61.75 -5.19
N PRO WA 35 24.99 61.57 -5.49
CA PRO WA 35 24.13 60.76 -4.63
C PRO WA 35 24.37 59.29 -4.89
N PRO WA 36 24.10 58.43 -3.91
CA PRO WA 36 24.47 57.01 -4.03
C PRO WA 36 23.72 56.31 -5.16
N ALA WA 37 24.39 55.31 -5.75
CA ALA WA 37 23.81 54.45 -6.77
C ALA WA 37 24.77 53.28 -6.97
N ALA WA 38 24.41 52.40 -7.91
CA ALA WA 38 25.17 51.17 -8.16
C ALA WA 38 26.32 51.47 -9.13
N SER WA 39 26.94 50.40 -9.63
CA SER WA 39 28.07 50.56 -10.55
C SER WA 39 27.60 51.18 -11.86
N MET WA 40 28.48 52.05 -12.41
CA MET WA 40 28.14 52.79 -13.66
C MET WA 40 29.17 52.52 -14.75
N GLN WA 41 29.80 51.34 -14.78
CA GLN WA 41 30.65 50.99 -15.92
C GLN WA 41 29.79 50.67 -17.13
N ARG WA 42 28.65 50.00 -16.92
CA ARG WA 42 27.77 49.61 -18.00
C ARG WA 42 27.06 50.84 -18.57
N SER WA 43 26.31 50.61 -19.66
CA SER WA 43 25.59 51.69 -20.33
C SER WA 43 24.45 52.25 -19.48
N SER WA 44 24.23 51.71 -18.27
CA SER WA 44 23.21 52.19 -17.36
C SER WA 44 23.78 53.16 -16.32
N ASN WA 45 24.68 54.03 -16.78
CA ASN WA 45 25.33 54.99 -15.85
C ASN WA 45 24.37 56.11 -15.49
N THR WA 46 23.14 56.06 -16.01
CA THR WA 46 22.22 57.15 -15.78
C THR WA 46 21.49 57.01 -14.46
N ILE WA 47 21.68 58.04 -13.63
CA ILE WA 47 20.89 58.19 -12.39
C ILE WA 47 19.82 59.20 -12.79
N TRP WA 48 18.55 58.90 -12.58
CA TRP WA 48 17.44 59.75 -12.95
C TRP WA 48 17.02 60.55 -11.74
N MET WA 49 17.03 61.87 -11.87
CA MET WA 49 16.66 62.73 -10.78
C MET WA 49 15.43 63.55 -11.17
N PRO WA 50 14.46 63.67 -10.27
CA PRO WA 50 13.25 64.43 -10.59
C PRO WA 50 13.54 65.91 -10.75
N VAL WA 51 12.62 66.58 -11.41
CA VAL WA 51 12.68 68.03 -11.56
C VAL WA 51 11.52 68.62 -10.77
N GLU WA 52 11.72 69.83 -10.26
CA GLU WA 52 10.70 70.49 -9.46
C GLU WA 52 9.40 70.61 -10.25
N GLN WA 53 8.29 70.22 -9.63
CA GLN WA 53 7.03 70.18 -10.32
C GLN WA 53 6.51 71.58 -10.62
N GLU WA 54 5.65 71.66 -11.62
CA GLU WA 54 4.87 72.86 -11.91
C GLU WA 54 3.42 72.47 -12.06
N SER WA 55 2.52 73.35 -11.65
CA SER WA 55 1.12 72.97 -11.55
C SER WA 55 0.25 73.93 -12.34
N PRO WA 56 -0.86 73.46 -12.87
CA PRO WA 56 -1.89 74.36 -13.41
C PRO WA 56 -2.83 74.81 -12.29
N THR WA 57 -3.72 75.74 -12.65
CA THR WA 57 -4.64 76.31 -11.68
C THR WA 57 -5.84 76.87 -12.43
N GLN WA 58 -7.04 76.60 -11.91
CA GLN WA 58 -8.28 76.95 -12.60
C GLN WA 58 -9.22 77.68 -11.67
N GLU WA 59 -10.11 78.46 -12.27
CA GLU WA 59 -11.00 79.39 -11.61
C GLU WA 59 -12.35 78.75 -11.35
N GLY WA 60 -13.14 79.37 -10.50
CA GLY WA 60 -14.57 79.09 -10.44
C GLY WA 60 -14.93 78.18 -9.27
N TRP WA 61 -16.24 77.97 -9.15
CA TRP WA 61 -16.84 77.18 -8.09
C TRP WA 61 -17.12 75.73 -8.50
N ASP WA 62 -17.83 75.54 -9.61
CA ASP WA 62 -18.16 74.22 -10.12
C ASP WA 62 -17.04 73.71 -11.00
N LEU WA 63 -16.32 72.70 -10.53
CA LEU WA 63 -15.21 72.11 -11.26
C LEU WA 63 -15.47 70.65 -11.54
N THR WA 64 -16.70 70.30 -11.89
CA THR WA 64 -17.04 68.92 -12.15
C THR WA 64 -16.39 68.46 -13.44
N ASP WA 65 -15.62 67.38 -13.36
CA ASP WA 65 -14.89 66.77 -14.48
C ASP WA 65 -13.74 67.64 -14.97
N LYS WA 66 -13.24 68.55 -14.15
CA LYS WA 66 -12.13 69.41 -14.52
C LYS WA 66 -10.85 69.11 -13.75
N ALA WA 67 -10.83 68.01 -12.99
CA ALA WA 67 -9.65 67.65 -12.24
C ALA WA 67 -8.50 67.27 -13.18
N THR WA 68 -7.30 67.67 -12.78
CA THR WA 68 -6.11 67.52 -13.61
C THR WA 68 -5.29 66.33 -13.10
N GLY WA 69 -4.47 65.78 -13.97
CA GLY WA 69 -3.52 64.77 -13.58
C GLY WA 69 -2.22 65.40 -13.09
N LEU WA 70 -1.19 64.56 -13.04
CA LEU WA 70 0.13 64.99 -12.59
C LEU WA 70 1.17 64.67 -13.65
N LEU WA 71 2.26 65.43 -13.65
CA LEU WA 71 3.34 65.22 -14.61
C LEU WA 71 4.64 65.68 -13.96
N GLU WA 72 5.56 64.74 -13.74
CA GLU WA 72 6.86 65.03 -13.14
C GLU WA 72 7.95 64.56 -14.09
N LEU WA 73 8.86 65.46 -14.44
CA LEU WA 73 9.90 65.19 -15.41
C LEU WA 73 11.18 64.81 -14.69
N ASN WA 74 12.16 64.30 -15.44
CA ASN WA 74 13.40 63.86 -14.82
C ASN WA 74 14.56 64.10 -15.77
N VAL WA 75 15.74 64.28 -15.19
CA VAL WA 75 16.97 64.45 -15.96
C VAL WA 75 17.92 63.32 -15.60
N ALA WA 76 18.79 62.99 -16.55
CA ALA WA 76 19.70 61.87 -16.43
C ALA WA 76 21.12 62.37 -16.26
N VAL WA 77 21.82 61.83 -15.27
CA VAL WA 77 23.23 62.14 -15.03
C VAL WA 77 24.04 60.85 -15.17
N ASN WA 78 25.09 60.91 -15.97
CA ASN WA 78 25.91 59.74 -16.28
C ASN WA 78 27.39 60.10 -16.14
N MET WA 79 28.24 59.08 -16.24
CA MET WA 79 29.68 59.22 -16.05
C MET WA 79 30.42 58.90 -17.33
N GLY WA 80 31.71 59.22 -17.33
CA GLY WA 80 32.61 58.93 -18.42
C GLY WA 80 33.62 57.86 -18.07
N GLU WA 81 34.53 57.64 -19.01
CA GLU WA 81 35.60 56.67 -18.81
C GLU WA 81 36.59 57.20 -17.76
N PRO WA 82 37.32 56.30 -17.10
CA PRO WA 82 38.30 56.76 -16.12
C PRO WA 82 39.42 57.56 -16.77
N ASP WA 83 39.98 58.49 -16.01
CA ASP WA 83 41.14 59.26 -16.42
C ASP WA 83 42.33 58.69 -15.66
N ASN WA 84 43.31 58.18 -16.39
CA ASN WA 84 44.36 57.39 -15.80
C ASN WA 84 45.73 58.02 -16.01
N ASP WA 85 46.62 57.71 -15.08
CA ASP WA 85 48.06 57.86 -15.26
C ASP WA 85 48.67 56.48 -15.07
N PHE WA 86 49.23 55.93 -16.15
CA PHE WA 86 49.74 54.58 -16.19
C PHE WA 86 51.26 54.64 -16.33
N PHE WA 87 51.97 53.84 -15.56
CA PHE WA 87 53.40 54.05 -15.40
C PHE WA 87 54.04 52.71 -15.07
N GLN WA 88 55.28 52.51 -15.51
CA GLN WA 88 55.94 51.22 -15.34
C GLN WA 88 57.41 51.42 -15.01
N LEU WA 89 57.90 50.67 -14.02
CA LEU WA 89 59.28 50.81 -13.59
C LEU WA 89 59.85 49.45 -13.22
N ARG WA 90 61.09 49.21 -13.64
CA ARG WA 90 61.83 48.03 -13.23
C ARG WA 90 62.38 48.22 -11.82
N ALA WA 91 62.66 47.10 -11.15
CA ALA WA 91 63.21 47.14 -9.81
C ALA WA 91 64.60 47.75 -9.78
N ASP WA 92 65.23 47.90 -10.94
CA ASP WA 92 66.51 48.59 -11.03
C ASP WA 92 66.39 50.06 -10.65
N ASP WA 93 65.27 50.69 -10.96
CA ASP WA 93 65.13 52.14 -10.89
C ASP WA 93 64.44 52.61 -9.61
N LEU WA 94 64.28 51.74 -8.63
CA LEU WA 94 63.56 52.09 -7.42
C LEU WA 94 64.48 52.09 -6.21
N ARG WA 95 65.75 52.41 -6.42
CA ARG WA 95 66.72 52.55 -5.35
C ARG WA 95 66.85 53.99 -4.86
N ASP WA 96 66.10 54.92 -5.46
CA ASP WA 96 66.14 56.32 -5.06
C ASP WA 96 64.77 56.87 -4.68
N GLU WA 97 63.72 56.46 -5.40
CA GLU WA 97 62.32 56.75 -5.06
C GLU WA 97 61.94 58.20 -5.28
N THR WA 98 62.92 59.06 -5.57
CA THR WA 98 62.63 60.48 -5.73
C THR WA 98 61.82 60.72 -7.00
N ALA WA 99 62.28 60.16 -8.12
CA ALA WA 99 61.55 60.31 -9.37
C ALA WA 99 60.16 59.71 -9.28
N TYR WA 100 60.05 58.56 -8.62
CA TYR WA 100 58.76 57.89 -8.47
C TYR WA 100 57.78 58.77 -7.70
N ARG WA 101 58.20 59.30 -6.55
CA ARG WA 101 57.30 60.12 -5.75
C ARG WA 101 56.96 61.43 -6.46
N ARG WA 102 57.95 62.05 -7.10
CA ARG WA 102 57.68 63.28 -7.84
C ARG WA 102 56.68 63.03 -8.97
N ARG WA 103 56.79 61.89 -9.64
CA ARG WA 103 55.85 61.54 -10.70
C ARG WA 103 54.45 61.32 -10.15
N ILE WA 104 54.32 60.68 -9.00
CA ILE WA 104 53.00 60.49 -8.41
C ILE WA 104 52.35 61.83 -8.08
N GLN WA 105 53.12 62.74 -7.49
CA GLN WA 105 52.55 64.06 -7.19
C GLN WA 105 52.13 64.80 -8.44
N SER WA 106 52.97 64.74 -9.49
CA SER WA 106 52.62 65.37 -10.75
C SER WA 106 51.35 64.78 -11.34
N ALA WA 107 51.17 63.46 -11.21
CA ALA WA 107 49.96 62.83 -11.71
C ALA WA 107 48.73 63.35 -11.00
N ALA WA 108 48.80 63.48 -9.68
CA ALA WA 108 47.65 64.01 -8.95
C ALA WA 108 47.28 65.41 -9.41
N ARG WA 109 48.28 66.29 -9.54
CA ARG WA 109 47.99 67.65 -9.98
C ARG WA 109 47.39 67.67 -11.38
N LYS WA 110 47.94 66.88 -12.29
CA LYS WA 110 47.42 66.83 -13.65
C LYS WA 110 45.99 66.32 -13.70
N LEU WA 111 45.66 65.34 -12.86
CA LEU WA 111 44.29 64.82 -12.85
C LEU WA 111 43.31 65.89 -12.38
N ALA WA 112 43.68 66.66 -11.36
CA ALA WA 112 42.80 67.76 -10.94
C ALA WA 112 42.59 68.76 -12.07
N ASN WA 113 43.68 69.10 -12.79
CA ASN WA 113 43.54 70.04 -13.90
C ASN WA 113 42.64 69.47 -15.00
N ASN WA 114 42.75 68.18 -15.28
CA ASN WA 114 41.90 67.57 -16.29
C ASN WA 114 40.44 67.67 -15.91
N VAL WA 115 40.12 67.43 -14.63
CA VAL WA 115 38.74 67.56 -14.17
C VAL WA 115 38.22 68.96 -14.44
N GLU WA 116 39.02 69.97 -14.08
CA GLU WA 116 38.52 71.34 -14.22
C GLU WA 116 38.36 71.71 -15.69
N LEU WA 117 39.25 71.22 -16.54
CA LEU WA 117 39.12 71.45 -17.98
C LEU WA 117 37.83 70.84 -18.52
N LYS WA 118 37.51 69.61 -18.09
CA LYS WA 118 36.25 69.01 -18.50
C LYS WA 118 35.07 69.87 -18.08
N VAL WA 119 35.07 70.35 -16.85
CA VAL WA 119 33.97 71.17 -16.35
C VAL WA 119 33.80 72.42 -17.21
N ALA WA 120 34.92 73.09 -17.51
CA ALA WA 120 34.85 74.33 -18.28
C ALA WA 120 34.31 74.09 -19.68
N ASN WA 121 34.80 73.05 -20.33
CA ASN WA 121 34.31 72.73 -21.67
C ASN WA 121 32.82 72.42 -21.66
N MET WA 122 32.38 71.61 -20.70
CA MET WA 122 30.98 71.21 -20.64
C MET WA 122 30.08 72.41 -20.40
N ALA WA 123 30.50 73.31 -19.49
CA ALA WA 123 29.69 74.49 -19.21
C ALA WA 123 29.60 75.40 -20.42
N ALA WA 124 30.72 75.60 -21.13
CA ALA WA 124 30.65 76.47 -22.31
C ALA WA 124 29.92 75.82 -23.47
N GLU WA 125 29.81 74.49 -23.47
CA GLU WA 125 29.12 73.82 -24.58
C GLU WA 125 27.61 73.79 -24.36
N MET WA 126 27.15 73.29 -23.22
CA MET WA 126 25.71 73.26 -22.95
C MET WA 126 25.28 74.46 -22.11
N GLY WA 127 25.46 75.64 -22.68
CA GLY WA 127 25.02 76.85 -22.04
C GLY WA 127 23.96 77.54 -22.86
N SER WA 128 22.72 77.56 -22.37
CA SER WA 128 21.62 78.06 -23.17
C SER WA 128 21.61 79.58 -23.23
N LEU WA 129 21.43 80.24 -22.08
CA LEU WA 129 21.36 81.69 -22.06
C LEU WA 129 22.67 82.29 -22.57
N VAL WA 130 22.61 82.95 -23.72
CA VAL WA 130 23.80 83.54 -24.32
C VAL WA 130 23.62 85.05 -24.35
N ILE WA 131 24.56 85.76 -23.73
CA ILE WA 131 24.57 87.21 -23.67
C ILE WA 131 25.67 87.70 -24.59
N THR WA 132 25.30 88.33 -25.69
CA THR WA 132 26.25 88.74 -26.70
C THR WA 132 26.36 90.26 -26.77
N SER WA 133 27.56 90.74 -27.08
CA SER WA 133 27.80 92.15 -27.28
C SER WA 133 28.41 92.37 -28.65
N PRO WA 134 28.11 93.49 -29.29
CA PRO WA 134 28.64 93.76 -30.63
C PRO WA 134 30.06 94.33 -30.64
N ASP WA 135 30.69 94.50 -29.49
CA ASP WA 135 32.03 95.06 -29.42
C ASP WA 135 32.77 94.42 -28.26
N ALA WA 136 34.05 94.76 -28.13
CA ALA WA 136 34.87 94.19 -27.08
C ALA WA 136 34.44 94.73 -25.73
N ILE WA 137 35.04 94.16 -24.68
CA ILE WA 137 34.66 94.47 -23.31
C ILE WA 137 35.56 95.59 -22.74
N GLY WA 138 36.23 96.34 -23.60
CA GLY WA 138 37.04 97.45 -23.15
C GLY WA 138 36.52 98.79 -23.62
N THR WA 139 35.87 98.81 -24.78
CA THR WA 139 35.30 100.04 -25.31
C THR WA 139 34.06 100.42 -24.53
N ASN WA 140 33.79 101.74 -24.49
CA ASN WA 140 32.71 102.32 -23.70
C ASN WA 140 32.88 102.07 -22.20
N THR WA 141 32.20 102.88 -21.39
CA THR WA 141 32.33 102.81 -19.94
C THR WA 141 31.38 101.77 -19.37
N ALA WA 142 31.81 101.13 -18.28
CA ALA WA 142 30.98 100.16 -17.55
C ALA WA 142 30.46 99.05 -18.46
N ASP WA 143 31.22 98.73 -19.50
CA ASP WA 143 30.84 97.64 -20.40
C ASP WA 143 30.81 96.30 -19.66
N ALA WA 144 31.81 96.05 -18.81
CA ALA WA 144 31.85 94.79 -18.09
C ALA WA 144 30.71 94.68 -17.09
N TRP WA 145 30.39 95.79 -16.41
CA TRP WA 145 29.22 95.78 -15.55
C TRP WA 145 27.96 95.53 -16.34
N ASN WA 146 27.86 96.12 -17.54
CA ASN WA 146 26.73 95.83 -18.40
C ASN WA 146 26.63 94.35 -18.72
N PHE WA 147 27.78 93.72 -18.95
CA PHE WA 147 27.80 92.30 -19.31
C PHE WA 147 27.28 91.44 -18.16
N VAL WA 148 27.84 91.66 -16.96
CA VAL WA 148 27.44 90.87 -15.80
C VAL WA 148 26.00 91.17 -15.41
N ALA WA 149 25.56 92.42 -15.53
CA ALA WA 149 24.19 92.76 -15.19
C ALA WA 149 23.21 92.25 -16.23
N ASP WA 150 23.64 92.11 -17.49
CA ASP WA 150 22.82 91.43 -18.47
C ASP WA 150 22.58 89.99 -18.07
N ALA WA 151 23.63 89.31 -17.63
CA ALA WA 151 23.46 87.94 -17.15
C ALA WA 151 22.51 87.88 -15.96
N GLU WA 152 22.73 88.75 -14.97
CA GLU WA 152 21.88 88.75 -13.79
C GLU WA 152 20.43 89.05 -14.14
N GLU WA 153 20.20 90.00 -15.06
CA GLU WA 153 18.85 90.37 -15.41
C GLU WA 153 18.13 89.26 -16.15
N ILE WA 154 18.82 88.55 -17.06
CA ILE WA 154 18.13 87.46 -17.74
C ILE WA 154 17.77 86.37 -16.74
N MET WA 155 18.67 86.07 -15.79
CA MET WA 155 18.30 85.10 -14.76
C MET WA 155 17.09 85.56 -13.96
N PHE WA 156 17.08 86.82 -13.54
CA PHE WA 156 15.99 87.31 -12.70
C PHE WA 156 14.66 87.33 -13.45
N SER WA 157 14.69 87.75 -14.72
CA SER WA 157 13.46 87.76 -15.52
C SER WA 157 12.94 86.36 -15.75
N ARG WA 158 13.84 85.41 -16.03
CA ARG WA 158 13.41 84.03 -16.23
C ARG WA 158 12.98 83.35 -14.94
N GLU WA 159 13.31 83.93 -13.78
CA GLU WA 159 12.90 83.39 -12.49
C GLU WA 159 13.56 82.03 -12.23
N LEU WA 160 14.75 81.84 -12.75
CA LEU WA 160 15.51 80.63 -12.46
C LEU WA 160 15.92 80.62 -11.00
N ASN WA 161 15.94 79.42 -10.41
CA ASN WA 161 16.29 79.29 -9.00
C ASN WA 161 17.75 79.67 -8.79
N ARG WA 162 18.00 80.53 -7.79
CA ARG WA 162 19.37 80.93 -7.45
C ARG WA 162 19.60 80.85 -5.95
N ASP WA 163 18.92 79.94 -5.27
CA ASP WA 163 19.03 79.85 -3.83
C ASP WA 163 20.40 79.31 -3.40
N MET WA 164 21.02 78.46 -4.20
CA MET WA 164 22.30 77.89 -3.87
C MET WA 164 23.47 78.77 -4.31
N GLY WA 165 23.19 79.91 -4.91
CA GLY WA 165 24.21 80.86 -5.32
C GLY WA 165 24.40 80.89 -6.82
N THR WA 166 25.04 81.95 -7.29
CA THR WA 166 25.36 82.15 -8.68
C THR WA 166 26.87 82.34 -8.83
N SER WA 167 27.35 82.29 -10.06
CA SER WA 167 28.81 82.42 -10.29
C SER WA 167 29.09 82.93 -11.71
N TYR WA 168 29.98 83.90 -11.86
CA TYR WA 168 30.41 84.41 -13.16
C TYR WA 168 31.92 84.21 -13.30
N PHE WA 169 32.34 83.71 -14.45
CA PHE WA 169 33.74 83.41 -14.73
C PHE WA 169 34.15 84.20 -15.96
N PHE WA 170 35.15 85.06 -15.81
CA PHE WA 170 35.78 85.75 -16.92
C PHE WA 170 36.97 84.94 -17.41
N ASN WA 171 37.20 84.96 -18.71
CA ASN WA 171 38.49 84.52 -19.18
C ASN WA 171 39.50 85.63 -18.89
N PRO WA 172 40.80 85.29 -18.81
CA PRO WA 172 41.77 86.30 -18.35
C PRO WA 172 41.77 87.58 -19.15
N GLN WA 173 41.57 87.52 -20.46
CA GLN WA 173 41.63 88.74 -21.26
C GLN WA 173 40.48 89.68 -20.93
N ASP WA 174 39.26 89.14 -20.85
CA ASP WA 174 38.12 89.99 -20.50
C ASP WA 174 38.19 90.46 -19.06
N TYR WA 175 38.72 89.63 -18.16
CA TYR WA 175 38.93 90.06 -16.79
C TYR WA 175 39.89 91.24 -16.72
N LYS WA 176 40.97 91.18 -17.49
CA LYS WA 176 41.91 92.30 -17.52
C LYS WA 176 41.27 93.54 -18.13
N LYS WA 177 40.47 93.37 -19.18
CA LYS WA 177 39.81 94.53 -19.79
C LYS WA 177 38.83 95.18 -18.83
N ALA WA 178 38.14 94.38 -18.03
CA ALA WA 178 37.25 94.93 -17.01
C ALA WA 178 38.02 95.65 -15.92
N GLY WA 179 39.12 95.07 -15.44
CA GLY WA 179 39.96 95.76 -14.48
C GLY WA 179 40.49 97.07 -15.02
N TYR WA 180 40.82 97.09 -16.32
CA TYR WA 180 41.27 98.32 -16.95
C TYR WA 180 40.15 99.35 -16.99
N ASP WA 181 38.93 98.89 -17.30
CA ASP WA 181 37.77 99.76 -17.26
C ASP WA 181 37.61 100.39 -15.87
N LEU WA 182 37.93 99.63 -14.83
CA LEU WA 182 37.85 100.19 -13.47
C LEU WA 182 38.96 101.20 -13.21
N THR WA 183 40.19 100.87 -13.60
CA THR WA 183 41.32 101.72 -13.22
C THR WA 183 41.35 103.02 -14.01
N LYS WA 184 40.96 102.98 -15.29
CA LYS WA 184 40.96 104.18 -16.12
C LYS WA 184 39.95 105.22 -15.66
N ARG WA 185 39.03 104.84 -14.76
CA ARG WA 185 37.84 105.62 -14.44
C ARG WA 185 38.11 107.03 -13.93
N ASP WA 186 39.38 107.43 -13.84
CA ASP WA 186 39.72 108.84 -13.49
C ASP WA 186 39.29 109.18 -12.06
N ILE WA 187 39.32 108.17 -11.20
CA ILE WA 187 38.97 108.36 -9.79
C ILE WA 187 39.44 107.13 -9.05
N PHE WA 188 39.95 107.29 -7.83
CA PHE WA 188 40.46 106.19 -7.02
C PHE WA 188 39.75 106.23 -5.66
N GLY WA 189 38.54 105.69 -5.59
CA GLY WA 189 37.91 105.63 -4.28
C GLY WA 189 38.28 104.43 -3.43
N ARG WA 190 37.70 103.28 -3.74
CA ARG WA 190 38.16 102.03 -3.13
C ARG WA 190 38.26 100.93 -4.18
N ILE WA 191 37.28 100.91 -5.08
CA ILE WA 191 37.20 99.86 -6.10
C ILE WA 191 38.29 100.09 -7.13
N PRO WA 192 38.45 101.29 -7.69
CA PRO WA 192 39.61 101.51 -8.57
C PRO WA 192 40.93 101.36 -7.85
N GLU WA 193 41.01 101.74 -6.57
CA GLU WA 193 42.26 101.58 -5.83
C GLU WA 193 42.65 100.11 -5.73
N GLU WA 194 41.68 99.26 -5.42
CA GLU WA 194 41.94 97.83 -5.35
C GLU WA 194 42.28 97.27 -6.73
N ALA WA 195 41.55 97.68 -7.76
CA ALA WA 195 41.84 97.21 -9.11
C ALA WA 195 43.17 97.73 -9.64
N TYR WA 196 43.72 98.78 -9.04
CA TYR WA 196 45.03 99.27 -9.41
C TYR WA 196 46.12 98.53 -8.65
N ARG WA 197 46.08 98.56 -7.31
CA ARG WA 197 47.09 97.87 -6.52
C ARG WA 197 47.09 96.37 -6.83
N ASP WA 198 45.98 95.70 -6.55
CA ASP WA 198 45.81 94.33 -6.99
C ASP WA 198 45.11 94.32 -8.34
N GLY WA 199 45.08 93.16 -8.98
CA GLY WA 199 44.37 93.11 -10.25
C GLY WA 199 42.90 92.88 -10.16
N THR WA 200 42.39 92.60 -8.96
CA THR WA 200 41.03 92.12 -8.80
C THR WA 200 40.01 93.22 -9.05
N ILE WA 201 38.90 92.84 -9.66
CA ILE WA 201 37.78 93.75 -9.89
C ILE WA 201 37.07 93.95 -8.56
N GLN WA 202 36.44 92.88 -8.09
CA GLN WA 202 35.72 92.73 -6.84
C GLN WA 202 35.35 91.26 -6.78
N ARG WA 203 34.92 90.82 -5.61
CA ARG WA 203 34.45 89.44 -5.51
C ARG WA 203 32.97 89.33 -5.81
N GLN WA 204 32.28 90.45 -5.94
CA GLN WA 204 30.86 90.51 -6.26
C GLN WA 204 30.65 91.66 -7.22
N VAL WA 205 30.04 91.40 -8.36
CA VAL WA 205 29.78 92.42 -9.36
C VAL WA 205 28.37 92.24 -9.90
N ALA WA 206 27.60 93.32 -9.94
CA ALA WA 206 26.27 93.34 -10.55
C ALA WA 206 25.33 92.33 -9.94
N GLY WA 207 25.48 92.05 -8.65
CA GLY WA 207 24.59 91.16 -7.95
C GLY WA 207 24.97 89.70 -7.98
N PHE WA 208 26.01 89.33 -8.72
CA PHE WA 208 26.45 87.94 -8.72
C PHE WA 208 27.16 87.62 -7.42
N ASP WA 209 26.86 86.45 -6.88
CA ASP WA 209 27.44 86.08 -5.58
C ASP WA 209 28.94 85.92 -5.66
N ASP WA 210 29.48 85.57 -6.82
CA ASP WA 210 30.91 85.34 -6.95
C ASP WA 210 31.32 85.61 -8.38
N VAL WA 211 32.40 86.38 -8.56
CA VAL WA 211 32.95 86.68 -9.88
C VAL WA 211 34.44 86.37 -9.85
N LEU WA 212 34.87 85.43 -10.70
CA LEU WA 212 36.24 84.95 -10.71
C LEU WA 212 36.79 85.03 -12.13
N ARG WA 213 38.07 84.72 -12.27
CA ARG WA 213 38.75 84.64 -13.56
C ARG WA 213 39.20 83.20 -13.77
N SER WA 214 38.70 82.56 -14.84
CA SER WA 214 38.96 81.15 -15.06
C SER WA 214 40.01 80.98 -16.15
N PRO WA 215 41.15 80.37 -15.86
CA PRO WA 215 42.25 80.34 -16.84
C PRO WA 215 41.92 79.55 -18.09
N LYS WA 216 41.10 78.51 -18.00
CA LYS WA 216 40.95 77.60 -19.13
C LYS WA 216 39.52 77.54 -19.65
N LEU WA 217 38.92 78.69 -19.84
CA LEU WA 217 37.66 78.77 -20.57
C LEU WA 217 37.92 78.69 -22.07
N PRO WA 218 37.17 77.89 -22.80
CA PRO WA 218 37.50 77.59 -24.19
C PRO WA 218 37.14 78.76 -25.10
N VAL WA 219 37.29 78.53 -26.40
CA VAL WA 219 36.96 79.51 -27.42
C VAL WA 219 35.86 78.92 -28.30
N LEU WA 220 34.81 79.70 -28.53
CA LEU WA 220 33.68 79.26 -29.34
C LEU WA 220 33.92 79.67 -30.77
N THR WA 221 34.30 78.71 -31.62
CA THR WA 221 34.56 79.01 -33.01
C THR WA 221 33.29 79.44 -33.72
N LYS WA 222 33.41 80.44 -34.57
CA LYS WA 222 32.25 80.96 -35.29
C LYS WA 222 31.65 79.87 -36.16
N SER WA 223 30.32 79.83 -36.20
CA SER WA 223 29.63 78.85 -37.01
C SER WA 223 29.42 79.39 -38.41
N THR WA 224 29.75 78.57 -39.40
CA THR WA 224 29.67 78.98 -40.80
C THR WA 224 28.28 78.79 -41.39
N ALA WA 225 27.32 78.31 -40.61
CA ALA WA 225 25.98 78.08 -41.13
C ALA WA 225 25.31 79.41 -41.51
N THR WA 226 24.50 79.37 -42.56
CA THR WA 226 23.81 80.55 -43.04
C THR WA 226 22.54 80.13 -43.76
N GLY WA 227 21.55 81.02 -43.76
CA GLY WA 227 20.31 80.80 -44.47
C GLY WA 227 19.59 79.53 -44.04
N ILE WA 228 19.49 79.33 -42.73
CA ILE WA 228 18.96 78.10 -42.17
C ILE WA 228 17.57 78.38 -41.63
N THR WA 229 16.61 77.52 -41.97
CA THR WA 229 15.22 77.69 -41.58
C THR WA 229 14.68 76.37 -41.06
N VAL WA 230 13.70 76.47 -40.15
CA VAL WA 230 13.02 75.28 -39.65
C VAL WA 230 12.14 74.70 -40.74
N SER WA 231 12.16 73.39 -40.90
CA SER WA 231 11.40 72.71 -41.94
C SER WA 231 10.32 71.86 -41.28
N GLY WA 232 9.12 72.41 -41.17
CA GLY WA 232 7.99 71.66 -40.65
C GLY WA 232 7.54 72.22 -39.31
N ALA WA 233 6.24 72.41 -39.16
CA ALA WA 233 5.67 72.94 -37.93
C ALA WA 233 5.92 71.93 -36.82
N GLN WA 234 6.76 72.29 -35.87
CA GLN WA 234 7.17 71.39 -34.79
C GLN WA 234 6.73 71.94 -33.44
N SER WA 235 6.19 71.03 -32.62
CA SER WA 235 5.79 71.33 -31.26
C SER WA 235 6.26 70.20 -30.37
N PHE WA 236 6.85 70.55 -29.23
CA PHE WA 236 7.47 69.59 -28.33
C PHE WA 236 6.68 69.50 -27.05
N LYS WA 237 6.36 68.28 -26.63
CA LYS WA 237 5.56 68.02 -25.45
C LYS WA 237 6.46 67.66 -24.27
N PRO WA 238 6.19 68.19 -23.10
CA PRO WA 238 6.89 67.74 -21.89
C PRO WA 238 6.32 66.42 -21.42
N VAL WA 239 7.10 65.35 -21.61
CA VAL WA 239 6.66 64.01 -21.28
C VAL WA 239 7.64 63.42 -20.28
N ALA WA 240 7.17 62.44 -19.51
CA ALA WA 240 7.97 61.83 -18.45
C ALA WA 240 8.57 60.49 -18.87
N TRP WA 241 7.82 59.66 -19.59
CA TRP WA 241 8.31 58.37 -20.02
C TRP WA 241 7.73 58.03 -21.39
N GLN WA 242 8.45 57.17 -22.10
CA GLN WA 242 8.11 56.79 -23.46
C GLN WA 242 7.98 55.28 -23.56
N LEU WA 243 7.16 54.86 -24.52
CA LEU WA 243 7.05 53.45 -24.89
C LEU WA 243 8.07 53.17 -25.97
N ASP WA 244 9.07 52.35 -25.63
CA ASP WA 244 10.18 52.10 -26.54
C ASP WA 244 9.72 51.25 -27.72
N ASN WA 245 10.67 50.93 -28.60
CA ASN WA 245 10.33 50.17 -29.80
C ASN WA 245 9.74 48.81 -29.46
N ASP WA 246 10.30 48.13 -28.46
CA ASP WA 246 9.76 46.85 -28.01
C ASP WA 246 8.51 47.00 -27.15
N GLY WA 247 8.23 48.20 -26.64
CA GLY WA 247 7.06 48.42 -25.82
C GLY WA 247 7.34 48.40 -24.34
N ASN WA 248 8.50 48.92 -23.94
CA ASN WA 248 8.89 49.01 -22.54
C ASN WA 248 8.85 50.46 -22.08
N LYS WA 249 8.78 50.64 -20.77
CA LYS WA 249 8.78 51.97 -20.17
C LYS WA 249 10.23 52.46 -20.09
N VAL WA 250 10.57 53.45 -20.89
CA VAL WA 250 11.88 54.09 -20.77
C VAL WA 250 11.67 55.51 -20.29
N ASN WA 251 12.64 56.03 -19.57
CA ASN WA 251 12.58 57.40 -19.09
C ASN WA 251 13.10 58.34 -20.17
N VAL WA 252 12.57 59.56 -20.18
CA VAL WA 252 12.86 60.53 -21.22
C VAL WA 252 13.57 61.72 -20.59
N ASP WA 253 14.74 62.06 -21.11
CA ASP WA 253 15.48 63.21 -20.62
C ASP WA 253 14.73 64.49 -20.96
N ASN WA 254 14.66 65.40 -20.00
CA ASN WA 254 13.93 66.65 -20.15
C ASN WA 254 14.75 67.73 -20.81
N ARG WA 255 16.04 67.52 -21.03
CA ARG WA 255 16.96 68.59 -21.40
C ARG WA 255 17.31 68.58 -22.88
N PHE WA 256 16.55 67.88 -23.71
CA PHE WA 256 16.95 67.69 -25.10
C PHE WA 256 15.72 67.71 -26.00
N ALA WA 257 15.82 68.43 -27.10
CA ALA WA 257 14.76 68.43 -28.10
C ALA WA 257 15.36 68.31 -29.48
N THR WA 258 14.85 67.39 -30.29
CA THR WA 258 15.35 67.13 -31.63
C THR WA 258 14.55 67.94 -32.64
N VAL WA 259 15.26 68.71 -33.47
CA VAL WA 259 14.65 69.66 -34.38
C VAL WA 259 15.05 69.31 -35.80
N THR WA 260 14.09 69.38 -36.71
CA THR WA 260 14.33 69.18 -38.13
C THR WA 260 14.51 70.54 -38.79
N LEU WA 261 15.65 70.74 -39.44
CA LEU WA 261 16.00 72.01 -40.05
C LEU WA 261 16.05 71.88 -41.57
N SER WA 262 16.25 73.02 -42.22
CA SER WA 262 16.44 73.02 -43.67
C SER WA 262 17.68 72.23 -44.05
N ALA WA 263 18.81 72.54 -43.44
CA ALA WA 263 20.03 71.78 -43.62
C ALA WA 263 20.99 72.17 -42.50
N THR WA 264 21.49 71.18 -41.76
CA THR WA 264 22.39 71.44 -40.64
C THR WA 264 23.84 71.30 -41.07
N THR WA 265 24.25 72.18 -41.99
CA THR WA 265 25.63 72.26 -42.40
C THR WA 265 26.29 73.47 -41.74
N GLY WA 266 27.49 73.25 -41.21
CA GLY WA 266 28.17 74.29 -40.47
C GLY WA 266 27.82 74.37 -38.99
N MET WA 267 26.91 73.53 -38.50
CA MET WA 267 26.59 73.46 -37.09
C MET WA 267 27.43 72.41 -36.40
N LYS WA 268 27.92 72.77 -35.21
CA LYS WA 268 28.71 71.88 -34.39
C LYS WA 268 28.25 72.03 -32.94
N ARG WA 269 28.58 71.04 -32.11
CA ARG WA 269 28.19 71.10 -30.71
C ARG WA 269 28.72 72.36 -30.06
N GLY WA 270 27.85 73.07 -29.35
CA GLY WA 270 28.21 74.31 -28.71
C GLY WA 270 27.78 75.55 -29.46
N ASP WA 271 27.07 75.41 -30.56
CA ASP WA 271 26.63 76.57 -31.33
C ASP WA 271 25.34 77.12 -30.75
N LYS WA 272 25.29 78.42 -30.61
CA LYS WA 272 24.13 79.11 -30.04
C LYS WA 272 23.21 79.58 -31.16
N ILE WA 273 21.93 79.26 -31.04
CA ILE WA 273 20.94 79.59 -32.06
C ILE WA 273 19.72 80.20 -31.39
N SER WA 274 18.89 80.82 -32.20
CA SER WA 274 17.60 81.33 -31.74
C SER WA 274 16.65 81.40 -32.92
N PHE WA 275 15.43 80.89 -32.75
CA PHE WA 275 14.45 80.88 -33.81
C PHE WA 275 13.68 82.20 -33.81
N ALA WA 276 13.66 82.88 -34.94
CA ALA WA 276 13.05 84.20 -35.01
C ALA WA 276 11.55 84.09 -34.74
N GLY WA 277 11.04 85.02 -33.94
CA GLY WA 277 9.65 85.03 -33.58
C GLY WA 277 9.30 84.26 -32.33
N VAL WA 278 10.28 83.67 -31.66
CA VAL WA 278 10.06 82.93 -30.42
C VAL WA 278 10.81 83.66 -29.31
N LYS WA 279 10.11 83.97 -28.23
CA LYS WA 279 10.67 84.69 -27.10
C LYS WA 279 10.51 83.85 -25.84
N PHE WA 280 11.09 84.34 -24.76
CA PHE WA 280 11.13 83.61 -23.51
C PHE WA 280 9.84 83.81 -22.72
N LEU WA 281 9.68 83.00 -21.67
CA LEU WA 281 8.59 83.14 -20.72
C LEU WA 281 9.15 83.30 -19.32
N GLY WA 282 8.29 83.72 -18.40
CA GLY WA 282 8.71 83.92 -17.03
C GLY WA 282 8.98 82.65 -16.27
N GLN WA 283 8.47 81.52 -16.76
CA GLN WA 283 8.74 80.18 -16.22
C GLN WA 283 8.07 79.97 -14.88
N MET WA 284 7.53 81.03 -14.28
CA MET WA 284 6.62 80.91 -13.16
C MET WA 284 5.30 81.60 -13.42
N ALA WA 285 5.34 82.83 -13.91
CA ALA WA 285 4.14 83.59 -14.24
C ALA WA 285 3.70 83.40 -15.67
N LYS WA 286 4.52 82.76 -16.50
CA LYS WA 286 4.21 82.53 -17.92
C LYS WA 286 3.92 83.86 -18.63
N ASN WA 287 4.64 84.90 -18.26
CA ASN WA 287 4.55 86.18 -18.94
C ASN WA 287 5.68 86.27 -19.96
N VAL WA 288 5.38 86.85 -21.12
CA VAL WA 288 6.31 86.81 -22.23
C VAL WA 288 7.43 87.82 -22.00
N LEU WA 289 8.67 87.34 -22.05
CA LEU WA 289 9.83 88.18 -21.90
C LEU WA 289 10.07 88.97 -23.18
N ALA WA 290 10.99 89.93 -23.10
CA ALA WA 290 11.33 90.77 -24.24
C ALA WA 290 12.55 90.28 -25.00
N GLN WA 291 13.14 89.16 -24.59
CA GLN WA 291 14.40 88.69 -25.16
C GLN WA 291 14.18 87.34 -25.83
N ASP WA 292 14.70 87.21 -27.05
CA ASP WA 292 14.48 86.01 -27.84
C ASP WA 292 15.04 84.79 -27.13
N ALA WA 293 14.28 83.71 -27.15
CA ALA WA 293 14.72 82.47 -26.52
C ALA WA 293 15.93 81.93 -27.25
N THR WA 294 16.98 81.63 -26.50
CA THR WA 294 18.25 81.19 -27.05
C THR WA 294 18.49 79.75 -26.64
N PHE WA 295 18.85 78.91 -27.61
CA PHE WA 295 19.15 77.52 -27.36
C PHE WA 295 20.59 77.25 -27.79
N SER WA 296 21.12 76.13 -27.33
CA SER WA 296 22.47 75.71 -27.66
C SER WA 296 22.40 74.30 -28.19
N VAL WA 297 22.99 74.07 -29.38
CA VAL WA 297 22.95 72.73 -29.95
C VAL WA 297 23.92 71.83 -29.20
N VAL WA 298 23.48 70.63 -28.88
CA VAL WA 298 24.33 69.68 -28.17
C VAL WA 298 24.77 68.52 -29.05
N ARG WA 299 24.12 68.29 -30.18
CA ARG WA 299 24.46 67.17 -31.04
C ARG WA 299 23.80 67.37 -32.39
N VAL WA 300 24.59 67.31 -33.45
CA VAL WA 300 24.08 67.31 -34.81
C VAL WA 300 24.00 65.86 -35.24
N VAL WA 301 22.78 65.32 -35.31
CA VAL WA 301 22.61 63.87 -35.43
C VAL WA 301 22.65 63.41 -36.88
N ASP WA 302 22.16 64.24 -37.81
CA ASP WA 302 22.07 63.90 -39.22
C ASP WA 302 22.48 65.08 -40.06
N GLY WA 303 22.16 65.06 -41.34
CA GLY WA 303 22.33 66.25 -42.15
C GLY WA 303 21.25 67.29 -42.00
N THR WA 304 20.11 66.91 -41.41
CA THR WA 304 19.00 67.85 -41.26
C THR WA 304 18.33 67.81 -39.89
N HIS WA 305 18.94 67.18 -38.89
CA HIS WA 305 18.38 67.16 -37.55
C HIS WA 305 19.44 67.57 -36.54
N VAL WA 306 19.05 68.40 -35.58
CA VAL WA 306 19.92 68.84 -34.50
C VAL WA 306 19.24 68.52 -33.17
N GLU WA 307 20.00 68.61 -32.09
CA GLU WA 307 19.48 68.50 -30.74
C GLU WA 307 19.83 69.76 -29.96
N ILE WA 308 18.83 70.38 -29.35
CA ILE WA 308 19.02 71.63 -28.63
C ILE WA 308 18.66 71.41 -27.16
N THR WA 309 19.46 72.02 -26.27
CA THR WA 309 19.42 71.70 -24.85
C THR WA 309 18.25 72.29 -24.04
N PRO WA 310 17.69 73.45 -24.38
CA PRO WA 310 16.41 73.79 -23.74
C PRO WA 310 15.25 73.30 -24.59
N LYS WA 311 14.33 72.55 -24.02
CA LYS WA 311 13.19 72.06 -24.78
C LYS WA 311 12.20 73.20 -25.00
N PRO WA 312 11.86 73.54 -26.23
CA PRO WA 312 10.90 74.61 -26.50
C PRO WA 312 9.44 74.19 -26.36
N VAL WA 313 8.94 74.19 -25.14
CA VAL WA 313 7.53 73.92 -24.87
C VAL WA 313 6.78 75.23 -24.99
N ALA WA 314 5.85 75.30 -25.95
CA ALA WA 314 5.18 76.54 -26.27
C ALA WA 314 3.98 76.79 -25.37
N LEU WA 315 3.72 78.06 -25.09
CA LEU WA 315 2.57 78.42 -24.27
C LEU WA 315 1.27 78.29 -25.06
N ASP WA 316 1.27 78.70 -26.32
CA ASP WA 316 0.05 78.68 -27.12
C ASP WA 316 -0.15 77.37 -27.86
N ASP WA 317 0.69 76.38 -27.60
CA ASP WA 317 0.46 75.04 -28.14
C ASP WA 317 -0.88 74.52 -27.64
N VAL WA 318 -1.79 74.25 -28.57
CA VAL WA 318 -3.16 73.92 -28.19
C VAL WA 318 -3.36 72.45 -27.91
N SER WA 319 -2.41 71.59 -28.30
CA SER WA 319 -2.52 70.18 -27.99
C SER WA 319 -2.03 69.83 -26.60
N LEU WA 320 -1.36 70.75 -25.92
CA LEU WA 320 -0.88 70.51 -24.57
C LEU WA 320 -2.05 70.40 -23.60
N SER WA 321 -1.96 69.45 -22.68
CA SER WA 321 -2.92 69.37 -21.59
C SER WA 321 -2.62 70.46 -20.57
N PRO WA 322 -3.53 70.69 -19.60
CA PRO WA 322 -3.23 71.69 -18.57
C PRO WA 322 -1.96 71.42 -17.78
N GLU WA 323 -1.66 70.15 -17.49
CA GLU WA 323 -0.46 69.83 -16.72
C GLU WA 323 0.79 69.83 -17.59
N GLN WA 324 0.64 69.76 -18.91
CA GLN WA 324 1.79 69.89 -19.80
C GLN WA 324 2.09 71.34 -20.14
N ARG WA 325 1.06 72.19 -20.20
CA ARG WA 325 1.28 73.60 -20.47
C ARG WA 325 1.92 74.31 -19.29
N ALA WA 326 1.89 73.72 -18.11
CA ALA WA 326 2.51 74.35 -16.95
C ALA WA 326 4.01 74.51 -17.09
N TYR WA 327 4.63 73.76 -17.99
CA TYR WA 327 6.08 73.75 -18.14
C TYR WA 327 6.57 74.63 -19.28
N ALA WA 328 5.70 75.46 -19.86
CA ALA WA 328 6.06 76.22 -21.04
C ALA WA 328 7.20 77.18 -20.76
N ASN WA 329 8.08 77.37 -21.75
CA ASN WA 329 9.19 78.30 -21.60
C ASN WA 329 9.41 79.20 -22.81
N VAL WA 330 8.56 79.11 -23.84
CA VAL WA 330 8.56 80.06 -24.95
C VAL WA 330 7.12 80.42 -25.23
N ASN WA 331 6.92 81.43 -26.08
CA ASN WA 331 5.55 81.84 -26.38
C ASN WA 331 4.92 80.98 -27.46
N THR WA 332 5.60 80.81 -28.60
CA THR WA 332 5.08 80.05 -29.72
C THR WA 332 5.99 78.87 -30.05
N SER WA 333 5.40 77.84 -30.66
CA SER WA 333 6.14 76.67 -31.11
C SER WA 333 6.77 76.94 -32.46
N LEU WA 334 7.62 76.02 -32.92
CA LEU WA 334 8.34 76.24 -34.16
C LEU WA 334 7.36 76.14 -35.32
N ALA WA 335 7.30 77.18 -36.15
CA ALA WA 335 6.26 77.30 -37.16
C ALA WA 335 6.89 77.32 -38.55
N ASP WA 336 7.07 76.14 -39.13
CA ASP WA 336 7.60 75.97 -40.48
C ASP WA 336 8.81 76.85 -40.73
N ALA WA 337 8.83 77.57 -41.85
CA ALA WA 337 10.04 78.27 -42.27
C ALA WA 337 10.32 79.47 -41.38
N MET WA 338 10.68 79.24 -40.13
CA MET WA 338 11.18 80.27 -39.24
C MET WA 338 12.69 80.31 -39.36
N ALA WA 339 13.25 81.52 -39.45
CA ALA WA 339 14.68 81.67 -39.63
C ALA WA 339 15.44 81.39 -38.35
N VAL WA 340 16.50 80.60 -38.44
CA VAL WA 340 17.37 80.33 -37.31
C VAL WA 340 18.51 81.34 -37.34
N ASN WA 341 18.59 82.19 -36.32
CA ASN WA 341 19.67 83.15 -36.17
C ASN WA 341 20.79 82.48 -35.42
N ILE WA 342 21.98 82.46 -36.02
CA ILE WA 342 23.17 82.02 -35.32
C ILE WA 342 23.70 83.16 -34.46
N LEU WA 343 24.13 82.85 -33.24
CA LEU WA 343 24.46 83.89 -32.28
C LEU WA 343 25.95 84.01 -32.03
N ASN WA 344 26.75 83.06 -32.49
CA ASN WA 344 28.20 83.20 -32.49
C ASN WA 344 28.66 83.42 -33.92
N VAL WA 345 29.09 84.63 -34.23
CA VAL WA 345 29.47 85.00 -35.58
C VAL WA 345 30.96 85.26 -35.72
N LYS WA 346 31.70 85.39 -34.62
CA LYS WA 346 33.15 85.48 -34.68
C LYS WA 346 33.75 84.62 -33.58
N ASP WA 347 35.03 84.28 -33.76
CA ASP WA 347 35.79 83.64 -32.70
C ASP WA 347 35.79 84.51 -31.47
N ALA WA 348 35.53 83.91 -30.31
CA ALA WA 348 35.52 84.66 -29.07
C ALA WA 348 35.64 83.70 -27.90
N ARG WA 349 36.53 83.99 -26.97
CA ARG WA 349 36.62 83.21 -25.74
C ARG WA 349 35.39 83.47 -24.89
N THR WA 350 34.87 82.41 -24.28
CA THR WA 350 33.58 82.46 -23.61
C THR WA 350 33.74 82.75 -22.12
N ASN WA 351 33.05 83.77 -21.65
CA ASN WA 351 32.81 83.94 -20.23
C ASN WA 351 31.59 83.11 -19.87
N VAL WA 352 31.62 82.46 -18.71
CA VAL WA 352 30.59 81.50 -18.35
C VAL WA 352 29.99 81.87 -17.01
N PHE WA 353 28.69 82.09 -16.96
CA PHE WA 353 27.98 82.28 -15.72
C PHE WA 353 26.97 81.15 -15.53
N TRP WA 354 26.59 80.92 -14.28
CA TRP WA 354 25.60 79.89 -14.00
C TRP WA 354 25.04 80.10 -12.61
N ALA WA 355 24.06 79.27 -12.27
CA ALA WA 355 23.66 79.06 -10.88
C ALA WA 355 24.42 77.87 -10.34
N ASP WA 356 24.85 77.96 -9.08
CA ASP WA 356 25.89 77.07 -8.57
C ASP WA 356 25.49 75.60 -8.60
N ASP WA 357 24.21 75.28 -8.66
CA ASP WA 357 23.76 73.89 -8.69
C ASP WA 357 23.52 73.37 -10.10
N ALA WA 358 23.83 74.16 -11.13
CA ALA WA 358 23.53 73.76 -12.50
C ALA WA 358 24.50 72.71 -13.03
N ILE WA 359 25.68 72.58 -12.43
CA ILE WA 359 26.70 71.64 -12.88
C ILE WA 359 27.00 70.68 -11.75
N ARG WA 360 27.07 69.39 -12.06
CA ARG WA 360 27.32 68.34 -11.08
C ARG WA 360 28.52 67.51 -11.52
N ILE WA 361 29.29 67.03 -10.56
CA ILE WA 361 30.45 66.18 -10.84
C ILE WA 361 30.23 64.86 -10.11
N VAL WA 362 29.67 63.89 -10.80
CA VAL WA 362 29.34 62.60 -10.22
C VAL WA 362 30.60 61.74 -10.22
N SER WA 363 31.04 61.30 -9.05
CA SER WA 363 32.27 60.54 -8.92
C SER WA 363 32.02 59.20 -8.24
N GLN WA 364 32.79 58.20 -8.61
CA GLN WA 364 32.75 56.89 -7.96
C GLN WA 364 34.14 56.27 -7.99
N PRO WA 365 34.42 55.34 -7.11
CA PRO WA 365 35.67 54.58 -7.21
C PRO WA 365 35.57 53.52 -8.29
N ILE WA 366 36.73 53.04 -8.71
CA ILE WA 366 36.75 51.87 -9.60
C ILE WA 366 36.27 50.66 -8.83
N PRO WA 367 35.34 49.86 -9.36
CA PRO WA 367 34.82 48.72 -8.61
C PRO WA 367 35.92 47.76 -8.21
N ALA WA 368 35.82 47.22 -7.00
CA ALA WA 368 36.93 46.49 -6.40
C ALA WA 368 37.30 45.26 -7.21
N ASN WA 369 36.30 44.52 -7.69
CA ASN WA 369 36.53 43.26 -8.40
C ASN WA 369 36.32 43.42 -9.89
N HIS WA 370 36.73 44.55 -10.47
CA HIS WA 370 36.59 44.75 -11.90
C HIS WA 370 37.40 43.71 -12.67
N GLU WA 371 37.00 43.48 -13.92
CA GLU WA 371 37.78 42.60 -14.79
C GLU WA 371 39.21 43.10 -14.94
N LEU WA 372 39.36 44.37 -15.29
CA LEU WA 372 40.65 45.03 -15.15
C LEU WA 372 40.91 45.28 -13.67
N PHE WA 373 42.14 45.67 -13.34
CA PHE WA 373 42.57 45.72 -11.94
C PHE WA 373 42.39 44.36 -11.28
N ALA WA 374 42.83 43.31 -11.98
CA ALA WA 374 42.58 41.95 -11.53
C ALA WA 374 43.50 41.56 -10.38
N GLY WA 375 44.80 41.53 -10.65
CA GLY WA 375 45.75 41.18 -9.61
C GLY WA 375 46.46 42.39 -9.04
N MET WA 376 45.91 43.57 -9.29
CA MET WA 376 46.52 44.82 -8.89
C MET WA 376 46.01 45.18 -7.51
N LYS WA 377 46.94 45.42 -6.58
CA LYS WA 377 46.55 45.87 -5.25
C LYS WA 377 46.10 47.33 -5.33
N THR WA 378 44.85 47.59 -4.97
CA THR WA 378 44.25 48.91 -5.09
C THR WA 378 44.09 49.53 -3.71
N THR WA 379 44.40 50.81 -3.61
CA THR WA 379 44.18 51.58 -2.39
C THR WA 379 43.58 52.92 -2.78
N SER WA 380 43.08 53.64 -1.79
CA SER WA 380 42.52 54.95 -2.05
C SER WA 380 43.64 55.95 -2.34
N PHE WA 381 43.30 56.97 -3.13
CA PHE WA 381 44.27 57.99 -3.51
C PHE WA 381 43.52 59.30 -3.64
N SER WA 382 43.78 60.24 -2.74
CA SER WA 382 42.97 61.44 -2.65
C SER WA 382 43.52 62.53 -3.55
N ILE WA 383 42.72 62.95 -4.54
CA ILE WA 383 43.12 64.06 -5.39
C ILE WA 383 42.79 65.34 -4.62
N PRO WA 384 43.76 66.13 -4.21
CA PRO WA 384 43.45 67.38 -3.52
C PRO WA 384 42.95 68.43 -4.49
N ASP WA 385 42.83 69.68 -4.05
CA ASP WA 385 42.39 70.77 -4.90
C ASP WA 385 40.92 70.59 -5.29
N VAL WA 386 40.63 69.64 -6.16
CA VAL WA 386 39.25 69.23 -6.37
C VAL WA 386 38.90 68.17 -5.34
N GLY WA 387 37.72 68.26 -4.75
CA GLY WA 387 37.37 67.32 -3.70
C GLY WA 387 37.01 65.95 -4.24
N LEU WA 388 37.99 65.22 -4.78
CA LEU WA 388 37.73 63.93 -5.39
C LEU WA 388 38.72 62.89 -4.87
N ASN WA 389 38.30 61.63 -4.98
CA ASN WA 389 39.14 60.48 -4.66
C ASN WA 389 39.19 59.56 -5.86
N GLY WA 390 40.31 58.86 -6.00
CA GLY WA 390 40.48 57.88 -7.04
C GLY WA 390 41.20 56.66 -6.51
N ILE WA 391 41.63 55.78 -7.42
CA ILE WA 391 42.23 54.50 -7.07
C ILE WA 391 43.70 54.54 -7.45
N PHE WA 392 44.56 54.16 -6.52
CA PHE WA 392 45.98 53.97 -6.78
C PHE WA 392 46.26 52.48 -6.71
N ALA WA 393 46.52 51.86 -7.86
CA ALA WA 393 46.65 50.41 -7.95
C ALA WA 393 48.00 50.03 -8.52
N THR WA 394 48.66 49.10 -7.86
CA THR WA 394 50.00 48.68 -8.25
C THR WA 394 50.05 47.18 -8.46
N GLN WA 395 50.84 46.76 -9.44
CA GLN WA 395 51.01 45.35 -9.78
C GLN WA 395 52.48 45.06 -10.03
N GLY WA 396 52.87 43.80 -9.84
CA GLY WA 396 54.25 43.39 -10.00
C GLY WA 396 54.37 42.18 -10.91
N ASP WA 397 55.46 42.14 -11.66
CA ASP WA 397 55.77 41.02 -12.54
C ASP WA 397 57.12 40.44 -12.15
N ILE WA 398 57.11 39.15 -11.82
CA ILE WA 398 58.32 38.47 -11.36
C ILE WA 398 59.18 37.96 -12.52
N SER WA 399 58.59 37.71 -13.68
CA SER WA 399 59.35 37.26 -14.83
C SER WA 399 60.23 38.36 -15.40
N THR WA 400 60.04 39.60 -14.99
CA THR WA 400 60.87 40.71 -15.42
C THR WA 400 61.38 41.51 -14.23
N LEU WA 401 60.86 41.26 -13.04
CA LEU WA 401 61.14 42.06 -11.85
C LEU WA 401 60.77 43.52 -12.11
N SER WA 402 59.56 43.70 -12.62
CA SER WA 402 59.05 45.01 -12.97
C SER WA 402 57.76 45.30 -12.23
N GLY WA 403 57.26 46.50 -12.37
CA GLY WA 403 56.05 46.90 -11.69
C GLY WA 403 55.30 47.96 -12.46
N LEU WA 404 53.98 48.00 -12.26
CA LEU WA 404 53.08 48.96 -12.88
C LEU WA 404 52.34 49.72 -11.79
N CYS WA 405 52.15 51.02 -11.99
CA CYS WA 405 51.27 51.81 -11.14
C CYS WA 405 50.24 52.52 -12.01
N ARG WA 406 49.01 52.60 -11.50
CA ARG WA 406 47.91 53.20 -12.23
C ARG WA 406 47.12 54.06 -11.25
N ILE WA 407 46.98 55.33 -11.58
CA ILE WA 407 46.19 56.28 -10.80
C ILE WA 407 44.98 56.62 -11.63
N ALA WA 408 43.80 56.24 -11.16
CA ALA WA 408 42.58 56.34 -11.95
C ALA WA 408 41.55 57.19 -11.21
N LEU WA 409 41.00 58.17 -11.91
CA LEU WA 409 39.91 59.01 -11.40
C LEU WA 409 38.67 58.74 -12.22
N TRP WA 410 37.58 58.34 -11.57
CA TRP WA 410 36.34 58.02 -12.25
C TRP WA 410 35.28 59.03 -11.86
N TYR WA 411 34.96 59.92 -12.80
CA TYR WA 411 34.05 61.03 -12.59
C TYR WA 411 33.26 61.27 -13.87
N GLY WA 412 32.32 62.19 -13.78
CA GLY WA 412 31.53 62.60 -14.93
C GLY WA 412 30.85 63.92 -14.69
N VAL WA 413 30.96 64.84 -15.64
CA VAL WA 413 30.41 66.18 -15.50
C VAL WA 413 29.06 66.23 -16.19
N ASN WA 414 28.02 66.61 -15.45
CA ASN WA 414 26.68 66.71 -15.98
C ASN WA 414 26.18 68.14 -15.83
N ALA WA 415 25.51 68.65 -16.85
CA ALA WA 415 24.87 69.96 -16.79
C ALA WA 415 23.37 69.71 -16.60
N THR WA 416 22.93 69.75 -15.34
CA THR WA 416 21.55 69.38 -15.05
C THR WA 416 20.56 70.48 -15.41
N ARG WA 417 20.98 71.74 -15.37
CA ARG WA 417 20.12 72.88 -15.66
C ARG WA 417 20.78 73.77 -16.70
N PRO WA 418 20.84 73.32 -17.96
CA PRO WA 418 21.44 74.16 -19.00
C PRO WA 418 20.66 75.42 -19.27
N GLU WA 419 19.37 75.46 -18.91
CA GLU WA 419 18.64 76.71 -18.98
C GLU WA 419 19.11 77.70 -17.92
N ALA WA 420 19.86 77.23 -16.93
CA ALA WA 420 20.48 78.11 -15.96
C ALA WA 420 21.93 78.42 -16.32
N ILE WA 421 22.64 77.47 -16.93
CA ILE WA 421 23.98 77.76 -17.42
C ILE WA 421 23.90 78.84 -18.50
N GLY WA 422 24.94 79.67 -18.57
CA GLY WA 422 24.98 80.75 -19.53
C GLY WA 422 26.35 80.92 -20.13
N VAL WA 423 26.44 81.81 -21.11
CA VAL WA 423 27.68 82.06 -21.85
C VAL WA 423 27.66 83.50 -22.34
N GLY WA 424 28.75 84.22 -22.10
CA GLY WA 424 28.85 85.60 -22.54
C GLY WA 424 29.89 85.81 -23.60
N LEU WA 425 29.50 86.39 -24.72
CA LEU WA 425 30.37 86.53 -25.89
C LEU WA 425 30.50 87.98 -26.31
N PRO WA 426 31.66 88.61 -26.17
CA PRO WA 426 31.83 89.99 -26.61
C PRO WA 426 32.36 90.06 -28.03
N GLY WA 427 32.21 91.24 -28.62
CA GLY WA 427 32.66 91.46 -29.98
C GLY WA 427 31.98 90.56 -30.99
N GLN WA 428 30.69 90.32 -30.81
CA GLN WA 428 29.94 89.43 -31.69
C GLN WA 428 29.31 90.20 -32.85
N THR WA 429 30.12 91.00 -33.53
CA THR WA 429 29.63 91.74 -34.68
C THR WA 429 29.75 90.88 -35.94
N ALA WA 430 28.94 91.22 -36.94
CA ALA WA 430 28.88 90.45 -38.17
C ALA WA 430 30.24 90.43 -38.88
N ALA XA 2 107.00 -54.65 37.92
CA ALA XA 2 105.73 -54.03 38.25
C ALA XA 2 104.57 -54.84 37.67
N LEU XA 3 104.24 -54.55 36.41
CA LEU XA 3 103.11 -55.16 35.72
C LEU XA 3 101.82 -54.95 36.51
N ASN XA 4 101.43 -53.68 36.65
CA ASN XA 4 100.17 -53.33 37.29
C ASN XA 4 99.10 -53.34 36.20
N GLU XA 5 98.69 -54.56 35.83
CA GLU XA 5 97.76 -54.75 34.71
C GLU XA 5 96.36 -54.44 35.21
N GLY XA 6 96.14 -53.16 35.51
CA GLY XA 6 94.88 -52.71 36.06
C GLY XA 6 93.87 -52.32 35.00
N GLN XA 7 93.13 -51.25 35.26
CA GLN XA 7 91.99 -50.87 34.43
C GLN XA 7 92.30 -49.54 33.74
N ILE XA 8 92.12 -49.49 32.43
CA ILE XA 8 92.57 -48.37 31.61
C ILE XA 8 91.35 -47.56 31.16
N VAL XA 9 91.45 -46.24 31.33
CA VAL XA 9 90.41 -45.31 30.93
C VAL XA 9 91.00 -44.33 29.94
N THR XA 10 90.14 -43.50 29.34
CA THR XA 10 90.56 -42.42 28.46
C THR XA 10 89.93 -41.12 28.96
N LEU XA 11 90.73 -40.07 29.00
CA LEU XA 11 90.32 -38.79 29.57
C LEU XA 11 89.99 -37.80 28.47
N ALA XA 12 89.00 -36.96 28.71
CA ALA XA 12 88.68 -35.83 27.86
C ALA XA 12 88.55 -34.60 28.73
N VAL XA 13 89.41 -33.62 28.52
CA VAL XA 13 89.41 -32.39 29.30
C VAL XA 13 88.66 -31.33 28.51
N ASP XA 14 87.95 -30.44 29.22
CA ASP XA 14 87.13 -29.42 28.59
C ASP XA 14 87.78 -28.04 28.70
N GLU XA 15 89.10 -28.00 28.52
CA GLU XA 15 89.83 -26.75 28.31
C GLU XA 15 90.08 -26.61 26.81
N ILE XA 16 89.14 -25.94 26.14
CA ILE XA 16 89.18 -25.84 24.69
C ILE XA 16 90.45 -25.10 24.25
N ILE XA 17 90.84 -25.30 23.00
CA ILE XA 17 92.00 -24.65 22.42
C ILE XA 17 91.51 -23.69 21.34
N GLU XA 18 91.47 -22.40 21.67
CA GLU XA 18 91.03 -21.40 20.71
C GLU XA 18 91.97 -21.36 19.51
N THR XA 19 91.39 -21.28 18.32
CA THR XA 19 92.19 -21.35 17.11
C THR XA 19 91.84 -20.25 16.11
N ILE XA 20 90.67 -19.65 16.24
CA ILE XA 20 90.19 -18.65 15.28
C ILE XA 20 89.95 -17.34 16.00
N SER XA 21 90.36 -16.24 15.36
CA SER XA 21 90.22 -14.91 15.94
C SER XA 21 90.13 -13.91 14.79
N ALA XA 22 88.93 -13.44 14.49
CA ALA XA 22 88.67 -12.58 13.35
C ALA XA 22 88.20 -11.21 13.78
N ILE XA 23 88.32 -10.25 12.87
CA ILE XA 23 87.93 -8.86 13.10
C ILE XA 23 87.08 -8.39 11.92
N THR XA 24 86.20 -7.43 12.19
CA THR XA 24 85.28 -6.90 11.18
C THR XA 24 85.31 -5.36 11.18
N PRO XA 25 86.44 -4.76 10.81
CA PRO XA 25 86.47 -3.29 10.77
C PRO XA 25 85.49 -2.70 9.78
N MET XA 26 85.28 -3.35 8.64
CA MET XA 26 84.41 -2.80 7.61
C MET XA 26 82.97 -2.75 8.09
N ALA XA 27 82.48 -3.84 8.68
CA ALA XA 27 81.12 -3.87 9.19
C ALA XA 27 80.95 -3.04 10.44
N GLN XA 28 82.01 -2.83 11.22
CA GLN XA 28 81.91 -1.90 12.33
C GLN XA 28 81.82 -0.47 11.85
N LYS XA 29 82.52 -0.14 10.77
CA LYS XA 29 82.49 1.22 10.22
C LYS XA 29 81.22 1.51 9.44
N ALA XA 30 80.60 0.51 8.84
CA ALA XA 30 79.34 0.74 8.13
C ALA XA 30 78.22 1.02 9.12
N LYS XA 31 77.36 1.98 8.78
CA LYS XA 31 76.33 2.43 9.69
C LYS XA 31 75.13 1.49 9.63
N LYS XA 32 74.68 1.04 10.80
CA LYS XA 32 73.61 0.05 10.90
C LYS XA 32 72.28 0.76 11.12
N TYR XA 33 71.32 0.51 10.25
CA TYR XA 33 69.98 1.08 10.35
C TYR XA 33 68.99 -0.05 10.59
N THR XA 34 67.99 0.18 11.43
CA THR XA 34 67.07 -0.86 11.85
C THR XA 34 65.64 -0.36 11.71
N PRO XA 35 64.86 -0.86 10.75
CA PRO XA 35 63.45 -0.51 10.72
C PRO XA 35 62.73 -1.09 11.91
N PRO XA 36 61.63 -0.47 12.32
CA PRO XA 36 60.93 -0.94 13.53
C PRO XA 36 60.30 -2.31 13.32
N ALA XA 37 60.28 -3.08 14.40
CA ALA XA 37 59.59 -4.37 14.51
C ALA XA 37 59.33 -5.08 13.19
N ALA XA 38 58.06 -5.24 12.84
CA ALA XA 38 57.69 -5.89 11.58
C ALA XA 38 57.38 -4.84 10.51
N SER XA 39 58.37 -3.98 10.24
CA SER XA 39 58.16 -2.89 9.29
C SER XA 39 58.00 -3.41 7.88
N MET XA 40 58.85 -4.36 7.46
CA MET XA 40 58.81 -4.86 6.10
C MET XA 40 58.93 -6.38 6.07
N GLN XA 41 58.23 -6.99 5.14
CA GLN XA 41 58.11 -8.44 5.05
C GLN XA 41 58.99 -8.97 3.94
N ARG XA 42 58.90 -10.29 3.71
CA ARG XA 42 59.70 -10.93 2.67
C ARG XA 42 59.32 -10.45 1.29
N SER XA 43 58.05 -10.05 1.10
CA SER XA 43 57.57 -9.65 -0.20
C SER XA 43 58.08 -8.27 -0.58
N SER XA 44 57.74 -7.27 0.22
CA SER XA 44 58.10 -5.88 -0.03
C SER XA 44 59.03 -5.41 1.07
N ASN XA 45 60.32 -5.25 0.74
CA ASN XA 45 61.29 -4.72 1.68
C ASN XA 45 62.10 -3.58 1.10
N THR XA 46 61.73 -3.06 -0.07
CA THR XA 46 62.47 -1.99 -0.70
C THR XA 46 62.06 -0.63 -0.15
N ILE XA 47 62.95 0.34 -0.28
CA ILE XA 47 62.76 1.67 0.26
C ILE XA 47 63.40 2.67 -0.68
N TRP XA 48 62.72 3.77 -0.97
CA TRP XA 48 63.25 4.79 -1.86
C TRP XA 48 63.58 6.04 -1.08
N MET XA 49 64.83 6.49 -1.18
CA MET XA 49 65.27 7.66 -0.46
C MET XA 49 65.67 8.75 -1.43
N PRO XA 50 65.36 10.01 -1.12
CA PRO XA 50 65.64 11.09 -2.06
C PRO XA 50 67.12 11.37 -2.18
N VAL XA 51 67.48 12.03 -3.27
CA VAL XA 51 68.84 12.44 -3.55
C VAL XA 51 68.90 13.96 -3.49
N GLU XA 52 69.94 14.49 -2.86
CA GLU XA 52 70.08 15.93 -2.67
C GLU XA 52 70.01 16.66 -4.01
N GLN XA 53 69.18 17.69 -4.08
CA GLN XA 53 68.86 18.33 -5.33
C GLN XA 53 70.03 19.17 -5.84
N GLU XA 54 70.24 19.12 -7.15
CA GLU XA 54 71.16 20.02 -7.83
C GLU XA 54 70.34 20.97 -8.68
N SER XA 55 70.61 22.26 -8.55
CA SER XA 55 69.76 23.25 -9.16
C SER XA 55 70.48 23.96 -10.28
N PRO XA 56 69.75 24.40 -11.31
CA PRO XA 56 70.38 25.19 -12.37
C PRO XA 56 70.36 26.68 -12.06
N THR XA 57 70.82 27.51 -12.99
CA THR XA 57 70.83 28.95 -12.78
C THR XA 57 70.79 29.64 -14.14
N GLN XA 58 70.42 30.92 -14.12
CA GLN XA 58 70.37 31.72 -15.33
C GLN XA 58 70.57 33.18 -14.97
N GLU XA 59 71.02 33.96 -15.94
CA GLU XA 59 71.39 35.35 -15.70
C GLU XA 59 70.50 36.28 -16.50
N GLY XA 60 70.32 37.49 -15.97
CA GLY XA 60 69.57 38.53 -16.63
C GLY XA 60 68.43 39.04 -15.78
N TRP XA 61 67.80 40.09 -16.28
CA TRP XA 61 66.60 40.64 -15.66
C TRP XA 61 65.35 39.98 -16.23
N ASP XA 62 65.15 40.09 -17.54
CA ASP XA 62 63.98 39.54 -18.20
C ASP XA 62 64.13 38.03 -18.35
N LEU XA 63 63.26 37.28 -17.69
CA LEU XA 63 63.30 35.82 -17.71
C LEU XA 63 61.93 35.24 -18.01
N THR XA 64 61.19 35.88 -18.92
CA THR XA 64 59.86 35.39 -19.26
C THR XA 64 59.96 34.09 -20.05
N ASP XA 65 59.11 33.12 -19.69
CA ASP XA 65 59.08 31.80 -20.32
C ASP XA 65 60.41 31.08 -20.21
N LYS XA 66 61.21 31.40 -19.20
CA LYS XA 66 62.49 30.74 -18.97
C LYS XA 66 62.54 30.02 -17.62
N ALA XA 67 61.39 29.81 -16.99
CA ALA XA 67 61.36 29.06 -15.75
C ALA XA 67 61.65 27.59 -15.99
N THR XA 68 62.03 26.89 -14.94
CA THR XA 68 62.30 25.46 -14.99
C THR XA 68 61.46 24.75 -13.94
N GLY XA 69 61.21 23.47 -14.19
CA GLY XA 69 60.51 22.63 -13.24
C GLY XA 69 61.42 22.15 -12.13
N LEU XA 70 60.96 21.15 -11.40
CA LEU XA 70 61.72 20.54 -10.32
C LEU XA 70 61.93 19.07 -10.61
N LEU XA 71 63.11 18.57 -10.29
CA LEU XA 71 63.46 17.17 -10.50
C LEU XA 71 64.15 16.64 -9.25
N GLU XA 72 63.49 15.72 -8.55
CA GLU XA 72 64.07 15.04 -7.40
C GLU XA 72 64.22 13.55 -7.73
N LEU XA 73 65.39 13.00 -7.48
CA LEU XA 73 65.71 11.62 -7.83
C LEU XA 73 65.71 10.75 -6.58
N ASN XA 74 65.75 9.44 -6.81
CA ASN XA 74 65.62 8.47 -5.73
C ASN XA 74 66.68 7.38 -5.88
N VAL XA 75 66.99 6.73 -4.77
CA VAL XA 75 67.76 5.49 -4.77
C VAL XA 75 67.01 4.47 -3.93
N ALA XA 76 67.23 3.20 -4.20
CA ALA XA 76 66.50 2.12 -3.54
C ALA XA 76 67.42 1.30 -2.67
N VAL XA 77 66.98 1.03 -1.44
CA VAL XA 77 67.71 0.20 -0.50
C VAL XA 77 66.79 -0.93 -0.06
N ASN XA 78 67.32 -2.15 -0.09
CA ASN XA 78 66.53 -3.34 0.22
C ASN XA 78 67.34 -4.34 1.02
N MET XA 79 66.72 -5.45 1.39
CA MET XA 79 67.40 -6.54 2.07
C MET XA 79 67.45 -7.74 1.14
N GLY XA 80 68.16 -8.78 1.58
CA GLY XA 80 68.31 -9.95 0.75
C GLY XA 80 68.07 -11.26 1.46
N GLU XA 81 68.77 -12.30 1.03
CA GLU XA 81 68.59 -13.63 1.61
C GLU XA 81 68.97 -13.62 3.09
N PRO XA 82 68.13 -14.19 3.95
CA PRO XA 82 68.55 -14.39 5.34
C PRO XA 82 69.73 -15.34 5.42
N ASP XA 83 70.58 -15.13 6.43
CA ASP XA 83 71.71 -16.00 6.70
C ASP XA 83 71.35 -16.91 7.86
N ASN XA 84 71.39 -18.22 7.64
CA ASN XA 84 70.86 -19.17 8.59
C ASN XA 84 71.95 -20.07 9.15
N ASP XA 85 71.60 -20.78 10.22
CA ASP XA 85 72.34 -21.93 10.71
C ASP XA 85 71.35 -22.94 11.27
N PHE XA 86 71.26 -24.10 10.63
CA PHE XA 86 70.47 -25.24 11.07
C PHE XA 86 71.33 -26.25 11.78
N PHE XA 87 70.70 -27.04 12.65
CA PHE XA 87 71.27 -28.29 13.14
C PHE XA 87 70.20 -29.06 13.87
N GLN XA 88 70.27 -30.38 13.78
CA GLN XA 88 69.29 -31.28 14.38
C GLN XA 88 69.98 -32.19 15.37
N LEU XA 89 69.39 -32.36 16.55
CA LEU XA 89 69.94 -33.20 17.59
C LEU XA 89 68.86 -34.08 18.18
N ARG XA 90 69.24 -35.30 18.54
CA ARG XA 90 68.33 -36.20 19.23
C ARG XA 90 68.38 -35.95 20.74
N ALA XA 91 67.36 -36.45 21.43
CA ALA XA 91 67.23 -36.15 22.86
C ALA XA 91 68.39 -36.71 23.66
N ASP XA 92 68.90 -37.88 23.27
CA ASP XA 92 70.02 -38.48 23.98
C ASP XA 92 71.31 -37.68 23.82
N ASP XA 93 71.40 -36.83 22.80
CA ASP XA 93 72.60 -36.06 22.52
C ASP XA 93 72.63 -34.74 23.28
N LEU XA 94 71.66 -34.48 24.14
CA LEU XA 94 71.63 -33.26 24.93
C LEU XA 94 71.77 -33.54 26.42
N ARG XA 95 72.39 -34.66 26.78
CA ARG XA 95 72.72 -34.92 28.17
C ARG XA 95 73.99 -34.23 28.61
N ASP XA 96 74.78 -33.71 27.67
CA ASP XA 96 75.99 -32.96 27.95
C ASP XA 96 75.85 -31.47 27.67
N GLU XA 97 75.35 -31.12 26.47
CA GLU XA 97 74.95 -29.76 26.10
C GLU XA 97 76.13 -28.84 25.83
N THR XA 98 77.35 -29.30 26.11
CA THR XA 98 78.51 -28.44 25.85
C THR XA 98 78.67 -28.17 24.37
N ALA XA 99 78.53 -29.21 23.55
CA ALA XA 99 78.66 -29.03 22.11
C ALA XA 99 77.54 -28.18 21.56
N TYR XA 100 76.34 -28.30 22.14
CA TYR XA 100 75.21 -27.47 21.72
C TYR XA 100 75.49 -25.99 21.99
N ARG XA 101 75.93 -25.67 23.20
CA ARG XA 101 76.24 -24.27 23.52
C ARG XA 101 77.36 -23.73 22.64
N ARG XA 102 78.41 -24.53 22.44
CA ARG XA 102 79.51 -24.06 21.62
C ARG XA 102 79.10 -23.88 20.16
N ARG XA 103 78.21 -24.73 19.66
CA ARG XA 103 77.70 -24.54 18.31
C ARG XA 103 76.92 -23.24 18.20
N ILE XA 104 76.14 -22.89 19.23
CA ILE XA 104 75.43 -21.62 19.19
C ILE XA 104 76.42 -20.45 19.12
N GLN XA 105 77.45 -20.50 19.97
CA GLN XA 105 78.45 -19.42 19.96
C GLN XA 105 79.14 -19.30 18.62
N SER XA 106 79.58 -20.43 18.05
CA SER XA 106 80.28 -20.38 16.78
C SER XA 106 79.37 -19.93 15.66
N ALA XA 107 78.08 -20.26 15.75
CA ALA XA 107 77.12 -19.76 14.77
C ALA XA 107 77.05 -18.24 14.81
N ALA XA 108 77.02 -17.67 16.02
CA ALA XA 108 77.00 -16.22 16.12
C ALA XA 108 78.24 -15.60 15.49
N ARG XA 109 79.42 -16.15 15.81
CA ARG XA 109 80.66 -15.61 15.27
C ARG XA 109 80.71 -15.70 13.75
N LYS XA 110 80.28 -16.84 13.20
CA LYS XA 110 80.31 -17.02 11.76
C LYS XA 110 79.32 -16.10 11.06
N LEU XA 111 78.16 -15.87 11.65
CA LEU XA 111 77.23 -14.92 11.06
C LEU XA 111 77.83 -13.53 10.98
N ALA XA 112 78.52 -13.11 12.05
CA ALA XA 112 79.19 -11.81 12.01
C ALA XA 112 80.24 -11.76 10.91
N ASN XA 113 81.04 -12.83 10.78
CA ASN XA 113 82.05 -12.84 9.73
C ASN XA 113 81.43 -12.78 8.35
N ASN XA 114 80.29 -13.46 8.16
CA ASN XA 114 79.60 -13.39 6.87
C ASN XA 114 79.14 -11.98 6.56
N VAL XA 115 78.64 -11.26 7.58
CA VAL XA 115 78.25 -9.87 7.36
C VAL XA 115 79.45 -9.04 6.89
N GLU XA 116 80.60 -9.23 7.53
CA GLU XA 116 81.77 -8.45 7.11
C GLU XA 116 82.21 -8.81 5.70
N LEU XA 117 82.16 -10.09 5.35
CA LEU XA 117 82.51 -10.51 3.98
C LEU XA 117 81.59 -9.85 2.96
N LYS XA 118 80.29 -9.83 3.24
CA LYS XA 118 79.36 -9.21 2.30
C LYS XA 118 79.65 -7.72 2.16
N VAL XA 119 79.95 -7.04 3.27
CA VAL XA 119 80.22 -5.61 3.20
C VAL XA 119 81.44 -5.34 2.33
N ALA XA 120 82.52 -6.09 2.55
CA ALA XA 120 83.73 -5.89 1.76
C ALA XA 120 83.46 -6.15 0.28
N ASN XA 121 82.75 -7.23 -0.02
CA ASN XA 121 82.49 -7.58 -1.42
C ASN XA 121 81.63 -6.53 -2.11
N MET XA 122 80.59 -6.03 -1.44
CA MET XA 122 79.75 -5.03 -2.07
C MET XA 122 80.51 -3.73 -2.30
N ALA XA 123 81.30 -3.30 -1.30
CA ALA XA 123 82.08 -2.09 -1.48
C ALA XA 123 83.09 -2.23 -2.61
N ALA XA 124 83.72 -3.39 -2.72
CA ALA XA 124 84.71 -3.59 -3.77
C ALA XA 124 84.08 -3.83 -5.14
N GLU XA 125 82.82 -4.23 -5.19
CA GLU XA 125 82.20 -4.55 -6.47
C GLU XA 125 81.47 -3.37 -7.08
N MET XA 126 80.87 -2.50 -6.27
CA MET XA 126 80.26 -1.29 -6.82
C MET XA 126 80.99 -0.08 -6.21
N GLY XA 127 82.09 0.28 -6.84
CA GLY XA 127 82.85 1.45 -6.48
C GLY XA 127 83.29 2.16 -7.75
N SER XA 128 82.82 3.39 -7.94
CA SER XA 128 83.07 4.07 -9.21
C SER XA 128 84.51 4.56 -9.31
N LEU XA 129 85.05 5.13 -8.24
CA LEU XA 129 86.39 5.69 -8.30
C LEU XA 129 87.42 4.56 -8.32
N VAL XA 130 88.33 4.61 -9.28
CA VAL XA 130 89.38 3.61 -9.43
C VAL XA 130 90.71 4.35 -9.51
N ILE XA 131 91.64 4.03 -8.61
CA ILE XA 131 92.99 4.58 -8.69
C ILE XA 131 93.94 3.41 -8.91
N THR XA 132 94.60 3.39 -10.05
CA THR XA 132 95.47 2.29 -10.42
C THR XA 132 96.92 2.77 -10.51
N SER XA 133 97.82 1.94 -10.03
CA SER XA 133 99.22 2.25 -10.23
C SER XA 133 99.89 1.19 -11.11
N PRO XA 134 100.81 1.59 -11.97
CA PRO XA 134 101.51 0.63 -12.81
C PRO XA 134 102.63 -0.13 -12.11
N ASP XA 135 102.69 -0.11 -10.78
CA ASP XA 135 103.73 -0.84 -10.07
C ASP XA 135 103.23 -1.20 -8.68
N ALA XA 136 104.00 -2.04 -7.99
CA ALA XA 136 103.66 -2.45 -6.65
C ALA XA 136 103.70 -1.24 -5.70
N ILE XA 137 103.11 -1.44 -4.53
CA ILE XA 137 102.92 -0.36 -3.57
C ILE XA 137 104.10 -0.39 -2.61
N GLY XA 138 105.15 -1.12 -3.00
CA GLY XA 138 106.37 -1.14 -2.21
C GLY XA 138 107.53 -0.41 -2.86
N THR XA 139 107.56 -0.37 -4.19
CA THR XA 139 108.67 0.23 -4.91
C THR XA 139 108.58 1.74 -4.91
N ASN XA 140 109.75 2.38 -4.77
CA ASN XA 140 109.94 3.83 -4.72
C ASN XA 140 109.24 4.44 -3.50
N THR XA 141 109.71 5.59 -3.05
CA THR XA 141 109.32 6.11 -1.74
C THR XA 141 107.94 6.75 -1.79
N ALA XA 142 107.24 6.66 -0.66
CA ALA XA 142 105.96 7.32 -0.46
C ALA XA 142 104.91 6.89 -1.49
N ASP XA 143 105.00 5.64 -1.96
CA ASP XA 143 104.00 5.16 -2.89
C ASP XA 143 102.67 4.90 -2.19
N ALA XA 144 102.72 4.41 -0.95
CA ALA XA 144 101.49 4.23 -0.20
C ALA XA 144 100.81 5.56 0.10
N TRP XA 145 101.61 6.56 0.49
CA TRP XA 145 101.04 7.89 0.69
C TRP XA 145 100.47 8.44 -0.59
N ASN XA 146 101.18 8.25 -1.72
CA ASN XA 146 100.68 8.75 -2.98
C ASN XA 146 99.37 8.07 -3.36
N PHE XA 147 99.25 6.78 -3.08
CA PHE XA 147 98.01 6.05 -3.34
C PHE XA 147 96.85 6.64 -2.55
N VAL XA 148 97.04 6.77 -1.24
CA VAL XA 148 95.98 7.29 -0.38
C VAL XA 148 95.64 8.72 -0.75
N ALA XA 149 96.65 9.53 -1.05
CA ALA XA 149 96.42 10.93 -1.39
C ALA XA 149 95.77 11.08 -2.75
N ASP XA 150 96.04 10.16 -3.68
CA ASP XA 150 95.33 10.18 -4.95
C ASP XA 150 93.85 9.93 -4.72
N ALA XA 151 93.52 8.98 -3.84
CA ALA XA 151 92.12 8.76 -3.47
C ALA XA 151 91.50 10.03 -2.89
N GLU XA 152 92.20 10.67 -1.96
CA GLU XA 152 91.68 11.89 -1.37
C GLU XA 152 91.50 12.98 -2.42
N GLU XA 153 92.45 13.11 -3.33
CA GLU XA 153 92.39 14.15 -4.34
C GLU XA 153 91.21 13.96 -5.28
N ILE XA 154 90.97 12.73 -5.75
CA ILE XA 154 89.83 12.55 -6.63
C ILE XA 154 88.54 12.83 -5.88
N MET XA 155 88.43 12.37 -4.63
CA MET XA 155 87.20 12.64 -3.88
C MET XA 155 87.02 14.13 -3.62
N PHE XA 156 88.10 14.88 -3.44
CA PHE XA 156 87.98 16.31 -3.19
C PHE XA 156 87.62 17.07 -4.46
N SER XA 157 88.31 16.77 -5.57
CA SER XA 157 88.05 17.48 -6.81
C SER XA 157 86.68 17.16 -7.37
N ARG XA 158 86.16 15.96 -7.10
CA ARG XA 158 84.79 15.65 -7.48
C ARG XA 158 83.77 16.43 -6.66
N GLU XA 159 84.21 17.12 -5.61
CA GLU XA 159 83.34 17.91 -4.75
C GLU XA 159 82.23 17.05 -4.14
N LEU XA 160 82.60 15.85 -3.72
CA LEU XA 160 81.67 14.95 -3.07
C LEU XA 160 81.55 15.28 -1.59
N ASN XA 161 80.52 14.72 -0.95
CA ASN XA 161 80.15 15.06 0.41
C ASN XA 161 80.87 14.12 1.37
N ARG XA 162 81.75 14.68 2.20
CA ARG XA 162 82.51 13.91 3.18
C ARG XA 162 82.41 14.52 4.55
N ASP XA 163 81.20 14.90 4.97
CA ASP XA 163 81.02 15.43 6.32
C ASP XA 163 81.03 14.34 7.38
N MET XA 164 80.66 13.11 7.01
CA MET XA 164 80.54 12.02 7.97
C MET XA 164 81.85 11.29 8.20
N GLY XA 165 82.91 11.65 7.50
CA GLY XA 165 84.19 10.99 7.63
C GLY XA 165 84.55 10.19 6.38
N THR XA 166 85.81 9.76 6.35
CA THR XA 166 86.30 8.97 5.23
C THR XA 166 87.17 7.83 5.76
N SER XA 167 87.13 6.71 5.04
CA SER XA 167 87.81 5.50 5.47
C SER XA 167 88.59 4.89 4.33
N TYR XA 168 89.76 4.37 4.65
CA TYR XA 168 90.59 3.62 3.73
C TYR XA 168 90.91 2.27 4.34
N PHE XA 169 90.85 1.22 3.54
CA PHE XA 169 91.05 -0.14 4.00
C PHE XA 169 92.09 -0.81 3.12
N PHE XA 170 93.19 -1.23 3.74
CA PHE XA 170 94.26 -1.95 3.08
C PHE XA 170 94.09 -3.44 3.29
N ASN XA 171 94.44 -4.23 2.29
CA ASN XA 171 94.63 -5.64 2.56
C ASN XA 171 95.99 -5.83 3.24
N PRO XA 172 96.16 -6.91 4.01
CA PRO XA 172 97.36 -7.04 4.84
C PRO XA 172 98.66 -6.94 4.08
N GLN XA 173 98.72 -7.42 2.83
CA GLN XA 173 99.96 -7.31 2.06
C GLN XA 173 100.32 -5.86 1.80
N ASP XA 174 99.34 -5.06 1.39
CA ASP XA 174 99.61 -3.64 1.14
C ASP XA 174 99.88 -2.89 2.42
N TYR XA 175 99.24 -3.29 3.53
CA TYR XA 175 99.56 -2.68 4.81
C TYR XA 175 101.00 -2.95 5.20
N LYS XA 176 101.48 -4.18 4.99
CA LYS XA 176 102.87 -4.49 5.27
C LYS XA 176 103.80 -3.70 4.37
N LYS XA 177 103.42 -3.55 3.10
CA LYS XA 177 104.28 -2.77 2.19
C LYS XA 177 104.36 -1.32 2.62
N ALA XA 178 103.24 -0.74 3.08
CA ALA XA 178 103.28 0.64 3.56
C ALA XA 178 104.10 0.77 4.83
N GLY XA 179 104.00 -0.20 5.73
CA GLY XA 179 104.86 -0.20 6.90
C GLY XA 179 106.33 -0.27 6.54
N TYR XA 180 106.65 -1.08 5.52
CA TYR XA 180 108.02 -1.13 5.01
C TYR XA 180 108.44 0.21 4.46
N ASP XA 181 107.55 0.88 3.74
CA ASP XA 181 107.83 2.20 3.20
C ASP XA 181 108.17 3.18 4.31
N LEU XA 182 107.51 3.05 5.46
CA LEU XA 182 107.82 3.92 6.58
C LEU XA 182 109.13 3.52 7.27
N THR XA 183 109.40 2.22 7.40
CA THR XA 183 110.56 1.79 8.17
C THR XA 183 111.87 1.97 7.42
N LYS XA 184 111.87 1.84 6.09
CA LYS XA 184 113.11 1.97 5.33
C LYS XA 184 113.51 3.42 5.13
N ARG XA 185 112.95 4.34 5.92
CA ARG XA 185 113.11 5.76 5.69
C ARG XA 185 114.43 6.32 6.18
N ASP XA 186 115.25 5.52 6.86
CA ASP XA 186 116.57 5.95 7.33
C ASP XA 186 116.47 7.10 8.33
N ILE XA 187 115.37 7.14 9.08
CA ILE XA 187 115.20 8.06 10.18
C ILE XA 187 114.06 7.56 11.04
N PHE XA 188 114.17 7.75 12.35
CA PHE XA 188 113.18 7.25 13.29
C PHE XA 188 112.71 8.42 14.15
N GLY XA 189 111.76 9.21 13.63
CA GLY XA 189 111.24 10.26 14.45
C GLY XA 189 110.14 9.84 15.40
N ARG XA 190 108.92 9.66 14.90
CA ARG XA 190 107.86 9.07 15.71
C ARG XA 190 107.02 8.09 14.91
N ILE XA 191 106.69 8.47 13.68
CA ILE XA 191 105.91 7.63 12.78
C ILE XA 191 106.74 6.41 12.39
N PRO XA 192 108.00 6.57 11.98
CA PRO XA 192 108.82 5.37 11.73
C PRO XA 192 109.00 4.50 12.96
N GLU XA 193 109.11 5.10 14.14
CA GLU XA 193 109.28 4.31 15.35
C GLU XA 193 108.03 3.48 15.63
N GLU XA 194 106.85 4.08 15.48
CA GLU XA 194 105.62 3.32 15.67
C GLU XA 194 105.45 2.24 14.61
N ALA XA 195 105.82 2.54 13.36
CA ALA XA 195 105.71 1.54 12.31
C ALA XA 195 106.78 0.45 12.42
N TYR XA 196 107.84 0.70 13.17
CA TYR XA 196 108.85 -0.31 13.44
C TYR XA 196 108.41 -1.22 14.59
N ARG XA 197 107.99 -0.62 15.70
CA ARG XA 197 107.54 -1.41 16.84
C ARG XA 197 106.28 -2.20 16.49
N ASP XA 198 105.22 -1.50 16.10
CA ASP XA 198 104.02 -2.15 15.63
C ASP XA 198 103.89 -1.91 14.13
N GLY XA 199 103.05 -2.70 13.48
CA GLY XA 199 102.97 -2.52 12.05
C GLY XA 199 102.15 -1.35 11.59
N THR XA 200 101.58 -0.57 12.52
CA THR XA 200 100.59 0.43 12.17
C THR XA 200 101.19 1.55 11.34
N ILE XA 201 100.59 1.80 10.17
CA ILE XA 201 100.95 2.97 9.38
C ILE XA 201 100.67 4.22 10.19
N GLN XA 202 99.40 4.47 10.46
CA GLN XA 202 98.89 5.48 11.37
C GLN XA 202 97.38 5.36 11.32
N ARG XA 203 96.69 6.13 12.15
CA ARG XA 203 95.24 6.13 12.13
C ARG XA 203 94.67 7.15 11.16
N GLN XA 204 95.51 7.89 10.46
CA GLN XA 204 95.03 8.89 9.51
C GLN XA 204 96.18 9.21 8.56
N VAL XA 205 95.95 9.09 7.26
CA VAL XA 205 96.97 9.33 6.25
C VAL XA 205 96.36 10.16 5.13
N ALA XA 206 97.03 11.24 4.77
CA ALA XA 206 96.69 12.07 3.61
C ALA XA 206 95.25 12.55 3.65
N GLY XA 207 94.73 12.86 4.84
CA GLY XA 207 93.41 13.44 4.98
C GLY XA 207 92.30 12.44 5.19
N PHE XA 208 92.60 11.15 5.26
CA PHE XA 208 91.56 10.16 5.53
C PHE XA 208 91.34 10.02 7.02
N ASP XA 209 90.08 10.05 7.42
CA ASP XA 209 89.75 10.02 8.85
C ASP XA 209 90.18 8.71 9.49
N ASP XA 210 89.98 7.59 8.82
CA ASP XA 210 90.30 6.29 9.42
C ASP XA 210 90.94 5.39 8.38
N VAL XA 211 92.16 4.94 8.65
CA VAL XA 211 92.89 4.01 7.79
C VAL XA 211 93.09 2.71 8.55
N LEU XA 212 92.67 1.60 7.97
CA LEU XA 212 92.65 0.32 8.65
C LEU XA 212 93.19 -0.77 7.73
N ARG XA 213 93.41 -1.95 8.29
CA ARG XA 213 93.72 -3.14 7.51
C ARG XA 213 92.55 -4.12 7.63
N SER XA 214 92.18 -4.72 6.50
CA SER XA 214 91.03 -5.60 6.45
C SER XA 214 91.45 -6.98 5.96
N PRO XA 215 91.15 -8.04 6.70
CA PRO XA 215 91.60 -9.37 6.28
C PRO XA 215 90.85 -9.94 5.11
N LYS XA 216 89.63 -9.47 4.83
CA LYS XA 216 88.77 -10.10 3.83
C LYS XA 216 88.40 -9.12 2.73
N LEU XA 217 89.37 -8.36 2.24
CA LEU XA 217 89.16 -7.61 1.01
C LEU XA 217 89.32 -8.56 -0.18
N PRO XA 218 88.43 -8.48 -1.16
CA PRO XA 218 88.41 -9.50 -2.21
C PRO XA 218 89.54 -9.35 -3.21
N VAL XA 219 89.54 -10.19 -4.24
CA VAL XA 219 90.49 -10.11 -5.34
C VAL XA 219 89.73 -9.72 -6.60
N LEU XA 220 90.22 -8.72 -7.31
CA LEU XA 220 89.56 -8.22 -8.51
C LEU XA 220 90.20 -8.89 -9.72
N THR XA 221 89.52 -9.90 -10.25
CA THR XA 221 90.06 -10.68 -11.35
C THR XA 221 90.19 -9.83 -12.61
N LYS XA 222 91.30 -10.01 -13.33
CA LYS XA 222 91.55 -9.25 -14.54
C LYS XA 222 90.48 -9.51 -15.58
N SER XA 223 90.15 -8.49 -16.36
CA SER XA 223 89.15 -8.61 -17.42
C SER XA 223 89.82 -9.06 -18.70
N THR XA 224 89.29 -10.12 -19.29
CA THR XA 224 89.82 -10.68 -20.53
C THR XA 224 89.26 -10.01 -21.77
N ALA XA 225 88.35 -9.06 -21.62
CA ALA XA 225 87.78 -8.37 -22.77
C ALA XA 225 88.84 -7.50 -23.45
N THR XA 226 88.68 -7.33 -24.76
CA THR XA 226 89.57 -6.45 -25.51
C THR XA 226 88.88 -6.07 -26.81
N GLY XA 227 89.29 -4.93 -27.36
CA GLY XA 227 88.68 -4.45 -28.58
C GLY XA 227 87.19 -4.24 -28.46
N ILE XA 228 86.75 -3.62 -27.37
CA ILE XA 228 85.33 -3.43 -27.08
C ILE XA 228 85.02 -1.95 -27.15
N THR XA 229 83.96 -1.61 -27.88
CA THR XA 229 83.59 -0.22 -28.14
C THR XA 229 82.09 -0.06 -27.99
N VAL XA 230 81.68 1.15 -27.62
CA VAL XA 230 80.27 1.50 -27.57
C VAL XA 230 79.66 1.39 -28.96
N SER XA 231 78.41 0.94 -29.02
CA SER XA 231 77.69 0.79 -30.28
C SER XA 231 76.56 1.80 -30.32
N GLY XA 232 76.64 2.74 -31.25
CA GLY XA 232 75.60 3.75 -31.39
C GLY XA 232 75.71 4.83 -30.33
N ALA XA 233 75.48 6.07 -30.72
CA ALA XA 233 75.50 7.18 -29.77
C ALA XA 233 74.43 6.96 -28.71
N GLN XA 234 74.82 7.11 -27.45
CA GLN XA 234 73.93 6.85 -26.33
C GLN XA 234 73.94 8.06 -25.40
N SER XA 235 72.76 8.52 -25.03
CA SER XA 235 72.61 9.66 -24.14
C SER XA 235 71.72 9.26 -22.99
N PHE XA 236 72.16 9.52 -21.77
CA PHE XA 236 71.47 9.12 -20.56
C PHE XA 236 70.84 10.34 -19.91
N LYS XA 237 69.59 10.18 -19.47
CA LYS XA 237 68.84 11.25 -18.86
C LYS XA 237 68.58 10.92 -17.40
N PRO XA 238 68.72 11.88 -16.50
CA PRO XA 238 68.30 11.66 -15.11
C PRO XA 238 66.80 11.88 -14.97
N VAL XA 239 66.10 10.82 -14.57
CA VAL XA 239 64.66 10.86 -14.37
C VAL XA 239 64.33 10.19 -13.04
N ALA XA 240 63.12 10.46 -12.56
CA ALA XA 240 62.64 9.86 -11.31
C ALA XA 240 61.73 8.67 -11.55
N TRP XA 241 60.85 8.74 -12.55
CA TRP XA 241 59.91 7.68 -12.83
C TRP XA 241 59.88 7.38 -14.31
N GLN XA 242 59.46 6.17 -14.64
CA GLN XA 242 59.41 5.66 -16.00
C GLN XA 242 58.06 5.01 -16.24
N LEU XA 243 57.72 4.83 -17.51
CA LEU XA 243 56.57 4.05 -17.92
C LEU XA 243 57.06 2.67 -18.33
N ASP XA 244 56.57 1.64 -17.66
CA ASP XA 244 57.00 0.28 -17.94
C ASP XA 244 56.32 -0.23 -19.21
N ASN XA 245 56.47 -1.53 -19.48
CA ASN XA 245 55.87 -2.11 -20.69
C ASN XA 245 54.34 -2.07 -20.63
N ASP XA 246 53.77 -2.03 -19.42
CA ASP XA 246 52.33 -1.99 -19.25
C ASP XA 246 51.78 -0.59 -19.13
N GLY XA 247 52.60 0.44 -19.31
CA GLY XA 247 52.12 1.80 -19.19
C GLY XA 247 51.89 2.26 -17.77
N ASN XA 248 52.51 1.61 -16.80
CA ASN XA 248 52.43 1.99 -15.40
C ASN XA 248 53.72 2.68 -14.98
N LYS XA 249 53.59 3.63 -14.04
CA LYS XA 249 54.71 4.42 -13.58
C LYS XA 249 55.47 3.65 -12.52
N VAL XA 250 56.75 3.38 -12.78
CA VAL XA 250 57.64 2.77 -11.81
C VAL XA 250 58.73 3.78 -11.48
N ASN XA 251 59.43 3.53 -10.38
CA ASN XA 251 60.53 4.38 -9.98
C ASN XA 251 61.81 3.94 -10.66
N VAL XA 252 62.71 4.90 -10.88
CA VAL XA 252 64.00 4.63 -11.51
C VAL XA 252 65.09 4.86 -10.49
N ASP XA 253 65.98 3.89 -10.35
CA ASP XA 253 67.12 4.04 -9.46
C ASP XA 253 68.18 4.89 -10.15
N ASN XA 254 68.75 5.82 -9.41
CA ASN XA 254 69.61 6.84 -9.98
C ASN XA 254 71.05 6.37 -10.17
N ARG XA 255 71.39 5.17 -9.76
CA ARG XA 255 72.77 4.73 -9.72
C ARG XA 255 73.06 3.62 -10.73
N PHE XA 256 72.38 3.62 -11.87
CA PHE XA 256 72.55 2.54 -12.83
C PHE XA 256 72.29 3.04 -14.24
N ALA XA 257 73.10 2.58 -15.18
CA ALA XA 257 72.89 2.90 -16.58
C ALA XA 257 73.16 1.66 -17.41
N THR XA 258 72.26 1.36 -18.34
CA THR XA 258 72.41 0.22 -19.23
C THR XA 258 73.01 0.70 -20.55
N VAL XA 259 74.13 0.10 -20.93
CA VAL XA 259 74.92 0.55 -22.08
C VAL XA 259 75.03 -0.59 -23.09
N THR XA 260 74.91 -0.23 -24.36
CA THR XA 260 74.94 -1.19 -25.47
C THR XA 260 76.34 -1.19 -26.08
N LEU XA 261 77.20 -2.05 -25.55
CA LEU XA 261 78.56 -2.15 -26.07
C LEU XA 261 78.55 -3.04 -27.33
N SER XA 262 79.71 -3.15 -27.97
CA SER XA 262 79.81 -4.03 -29.12
C SER XA 262 79.61 -5.49 -28.71
N ALA XA 263 80.31 -5.93 -27.68
CA ALA XA 263 80.19 -7.30 -27.21
C ALA XA 263 80.76 -7.39 -25.80
N THR XA 264 79.98 -7.94 -24.89
CA THR XA 264 80.39 -8.08 -23.49
C THR XA 264 80.99 -9.45 -23.19
N THR XA 265 81.99 -9.85 -23.97
CA THR XA 265 82.67 -11.11 -23.73
C THR XA 265 83.77 -10.91 -22.71
N GLY XA 266 83.85 -11.78 -21.72
CA GLY XA 266 84.88 -11.67 -20.71
C GLY XA 266 84.78 -10.45 -19.84
N MET XA 267 83.56 -10.07 -19.43
CA MET XA 267 83.33 -8.97 -18.51
C MET XA 267 82.36 -9.44 -17.45
N LYS XA 268 82.68 -9.17 -16.19
CA LYS XA 268 81.89 -9.67 -15.07
C LYS XA 268 81.57 -8.52 -14.13
N ARG XA 269 80.71 -8.80 -13.16
CA ARG XA 269 80.35 -7.80 -12.16
C ARG XA 269 81.57 -7.42 -11.34
N GLY XA 270 81.70 -6.13 -11.07
CA GLY XA 270 82.85 -5.62 -10.35
C GLY XA 270 84.00 -5.18 -11.22
N ASP XA 271 83.93 -5.42 -12.53
CA ASP XA 271 84.98 -4.97 -13.42
C ASP XA 271 84.91 -3.45 -13.56
N LYS XA 272 86.06 -2.84 -13.80
CA LYS XA 272 86.18 -1.39 -13.85
C LYS XA 272 86.50 -0.96 -15.27
N ILE XA 273 85.71 -0.05 -15.82
CA ILE XA 273 85.86 0.40 -17.20
C ILE XA 273 85.91 1.92 -17.24
N SER XA 274 86.23 2.43 -18.42
CA SER XA 274 86.32 3.87 -18.64
C SER XA 274 86.22 4.14 -20.13
N PHE XA 275 85.30 5.01 -20.53
CA PHE XA 275 85.13 5.31 -21.94
C PHE XA 275 86.15 6.35 -22.39
N ALA XA 276 86.80 6.09 -23.52
CA ALA XA 276 87.87 6.96 -23.98
C ALA XA 276 87.31 8.32 -24.38
N GLY XA 277 87.79 9.37 -23.73
CA GLY XA 277 87.40 10.72 -24.04
C GLY XA 277 86.39 11.34 -23.09
N VAL XA 278 85.82 10.56 -22.18
CA VAL XA 278 84.86 11.05 -21.21
C VAL XA 278 85.59 11.32 -19.91
N LYS XA 279 85.52 12.56 -19.43
CA LYS XA 279 86.21 12.97 -18.21
C LYS XA 279 85.20 13.34 -17.14
N PHE XA 280 85.64 13.27 -15.89
CA PHE XA 280 84.81 13.63 -14.76
C PHE XA 280 84.45 15.11 -14.82
N LEU XA 281 83.58 15.52 -13.91
CA LEU XA 281 83.17 16.91 -13.80
C LEU XA 281 83.26 17.35 -12.35
N GLY XA 282 83.10 18.64 -12.11
CA GLY XA 282 83.20 19.16 -10.75
C GLY XA 282 82.02 18.80 -9.89
N GLN XA 283 80.88 18.50 -10.49
CA GLN XA 283 79.69 17.99 -9.80
C GLN XA 283 79.01 19.09 -8.98
N MET XA 284 79.67 20.22 -8.81
CA MET XA 284 79.00 21.46 -8.39
C MET XA 284 79.27 22.59 -9.37
N ALA XA 285 80.53 22.81 -9.73
CA ALA XA 285 80.90 23.87 -10.65
C ALA XA 285 80.89 23.43 -12.10
N LYS XA 286 80.73 22.14 -12.36
CA LYS XA 286 80.69 21.60 -13.72
C LYS XA 286 81.95 21.97 -14.49
N ASN XA 287 83.10 21.92 -13.82
CA ASN XA 287 84.38 22.17 -14.47
C ASN XA 287 85.05 20.84 -14.77
N VAL XA 288 85.64 20.73 -15.95
CA VAL XA 288 86.16 19.45 -16.41
C VAL XA 288 87.37 19.06 -15.59
N LEU XA 289 87.33 17.86 -15.01
CA LEU XA 289 88.47 17.33 -14.31
C LEU XA 289 89.48 16.79 -15.30
N ALA XA 290 90.71 16.62 -14.83
CA ALA XA 290 91.80 16.15 -15.68
C ALA XA 290 91.82 14.64 -15.82
N GLN XA 291 90.95 13.94 -15.12
CA GLN XA 291 91.01 12.49 -15.00
C GLN XA 291 89.80 11.84 -15.63
N ASP XA 292 90.03 10.71 -16.29
CA ASP XA 292 88.97 10.04 -17.02
C ASP XA 292 87.92 9.49 -16.06
N ALA XA 293 86.66 9.61 -16.46
CA ALA XA 293 85.57 9.06 -15.69
C ALA XA 293 85.68 7.55 -15.67
N THR XA 294 85.63 6.97 -14.47
CA THR XA 294 85.73 5.53 -14.29
C THR XA 294 84.41 5.01 -13.75
N PHE XA 295 83.95 3.90 -14.32
CA PHE XA 295 82.69 3.27 -13.98
C PHE XA 295 82.95 1.84 -13.55
N SER XA 296 82.02 1.27 -12.81
CA SER XA 296 82.12 -0.10 -12.34
C SER XA 296 80.88 -0.86 -12.79
N VAL XA 297 81.08 -1.92 -13.56
CA VAL XA 297 79.95 -2.68 -14.10
C VAL XA 297 79.37 -3.56 -13.02
N VAL XA 298 78.04 -3.52 -12.87
CA VAL XA 298 77.35 -4.30 -11.86
C VAL XA 298 76.55 -5.45 -12.43
N ARG XA 299 76.27 -5.46 -13.73
CA ARG XA 299 75.48 -6.52 -14.33
C ARG XA 299 75.79 -6.61 -15.81
N VAL XA 300 76.01 -7.82 -16.28
CA VAL XA 300 76.09 -8.11 -17.70
C VAL XA 300 74.79 -8.81 -18.08
N VAL XA 301 73.88 -8.09 -18.72
CA VAL XA 301 72.53 -8.60 -18.89
C VAL XA 301 72.39 -9.34 -20.22
N ASP XA 302 73.18 -8.95 -21.20
CA ASP XA 302 73.14 -9.55 -22.53
C ASP XA 302 74.54 -10.01 -22.92
N GLY XA 303 74.67 -10.39 -24.19
CA GLY XA 303 75.97 -10.43 -24.81
C GLY XA 303 76.42 -9.11 -25.40
N THR XA 304 75.55 -8.10 -25.38
CA THR XA 304 75.88 -6.78 -25.88
C THR XA 304 75.49 -5.66 -24.94
N HIS XA 305 74.86 -5.95 -23.80
CA HIS XA 305 74.39 -4.93 -22.87
C HIS XA 305 75.04 -5.14 -21.51
N VAL XA 306 75.44 -4.04 -20.87
CA VAL XA 306 75.97 -4.07 -19.52
C VAL XA 306 75.27 -3.01 -18.69
N GLU XA 307 75.60 -2.98 -17.40
CA GLU XA 307 75.04 -2.02 -16.45
C GLU XA 307 76.17 -1.45 -15.60
N ILE XA 308 76.35 -0.14 -15.65
CA ILE XA 308 77.43 0.55 -14.95
C ILE XA 308 76.83 1.43 -13.87
N THR XA 309 77.52 1.52 -12.73
CA THR XA 309 76.95 2.10 -11.51
C THR XA 309 76.89 3.63 -11.47
N PRO XA 310 77.81 4.38 -12.08
CA PRO XA 310 77.54 5.82 -12.19
C PRO XA 310 76.84 6.16 -13.51
N LYS XA 311 75.74 6.89 -13.47
CA LYS XA 311 75.12 7.29 -14.72
C LYS XA 311 75.98 8.35 -15.42
N PRO XA 312 76.30 8.15 -16.68
CA PRO XA 312 77.02 9.17 -17.45
C PRO XA 312 76.10 10.24 -18.02
N VAL XA 313 75.78 11.25 -17.20
CA VAL XA 313 74.96 12.37 -17.64
C VAL XA 313 75.88 13.42 -18.25
N ALA XA 314 75.79 13.60 -19.55
CA ALA XA 314 76.71 14.50 -20.27
C ALA XA 314 76.37 15.96 -19.99
N LEU XA 315 77.41 16.78 -19.95
CA LEU XA 315 77.23 18.22 -19.76
C LEU XA 315 76.83 18.93 -21.05
N ASP XA 316 77.38 18.51 -22.18
CA ASP XA 316 77.12 19.18 -23.45
C ASP XA 316 75.94 18.59 -24.21
N ASP XA 317 75.23 17.64 -23.62
CA ASP XA 317 74.06 17.07 -24.27
C ASP XA 317 73.03 18.16 -24.54
N VAL XA 318 72.44 18.13 -25.73
CA VAL XA 318 71.48 19.16 -26.14
C VAL XA 318 70.04 18.74 -25.95
N SER XA 319 69.78 17.50 -25.60
CA SER XA 319 68.43 17.02 -25.34
C SER XA 319 68.06 17.10 -23.87
N LEU XA 320 68.90 17.70 -23.05
CA LEU XA 320 68.71 17.74 -21.61
C LEU XA 320 68.06 19.05 -21.21
N SER XA 321 67.01 18.96 -20.40
CA SER XA 321 66.36 20.15 -19.89
C SER XA 321 67.30 20.88 -18.92
N PRO XA 322 67.07 22.16 -18.67
CA PRO XA 322 67.94 22.87 -17.72
C PRO XA 322 67.97 22.24 -16.34
N GLU XA 323 66.85 21.69 -15.88
CA GLU XA 323 66.82 21.08 -14.56
C GLU XA 323 67.48 19.71 -14.54
N GLN XA 324 67.62 19.06 -15.69
CA GLN XA 324 68.30 17.78 -15.75
C GLN XA 324 69.79 17.94 -15.98
N ARG XA 325 70.21 19.00 -16.65
CA ARG XA 325 71.66 19.17 -16.95
C ARG XA 325 72.39 19.46 -15.64
N ALA XA 326 71.69 19.97 -14.63
CA ALA XA 326 72.32 20.23 -13.36
C ALA XA 326 72.88 18.97 -12.71
N TYR XA 327 72.45 17.80 -13.17
CA TYR XA 327 72.92 16.53 -12.64
C TYR XA 327 74.07 15.95 -13.44
N ALA XA 328 74.64 16.70 -14.38
CA ALA XA 328 75.73 16.20 -15.20
C ALA XA 328 76.93 15.86 -14.35
N ASN XA 329 77.53 14.70 -14.60
CA ASN XA 329 78.73 14.29 -13.91
C ASN XA 329 79.89 13.97 -14.83
N VAL XA 330 79.69 13.98 -16.14
CA VAL XA 330 80.76 13.82 -17.11
C VAL XA 330 80.63 14.93 -18.14
N ASN XA 331 81.63 15.05 -19.00
CA ASN XA 331 81.65 16.18 -19.92
C ASN XA 331 80.98 15.88 -21.25
N THR XA 332 81.30 14.75 -21.87
CA THR XA 332 80.73 14.35 -23.14
C THR XA 332 79.78 13.18 -22.93
N SER XA 333 79.27 12.65 -24.04
CA SER XA 333 78.39 11.50 -24.04
C SER XA 333 78.99 10.40 -24.91
N LEU XA 334 78.48 9.19 -24.75
CA LEU XA 334 79.00 8.04 -25.48
C LEU XA 334 78.64 8.17 -26.95
N ALA XA 335 79.65 8.23 -27.81
CA ALA XA 335 79.46 8.54 -29.22
C ALA XA 335 80.05 7.43 -30.08
N ASP XA 336 79.16 6.64 -30.69
CA ASP XA 336 79.47 5.62 -31.70
C ASP XA 336 80.65 4.78 -31.22
N ALA XA 337 81.67 4.54 -32.05
CA ALA XA 337 82.76 3.67 -31.66
C ALA XA 337 83.68 4.35 -30.67
N MET XA 338 83.24 4.41 -29.42
CA MET XA 338 84.07 4.93 -28.32
C MET XA 338 84.67 3.74 -27.59
N ALA XA 339 86.00 3.71 -27.52
CA ALA XA 339 86.67 2.57 -26.93
C ALA XA 339 86.37 2.49 -25.44
N VAL XA 340 86.25 1.27 -24.92
CA VAL XA 340 85.99 1.04 -23.50
C VAL XA 340 87.25 0.43 -22.91
N ASN XA 341 88.06 1.24 -22.23
CA ASN XA 341 89.28 0.78 -21.61
C ASN XA 341 88.96 0.08 -20.30
N ILE XA 342 89.58 -1.08 -20.08
CA ILE XA 342 89.41 -1.82 -18.83
C ILE XA 342 90.56 -1.45 -17.90
N LEU XA 343 90.24 -1.12 -16.66
CA LEU XA 343 91.23 -0.60 -15.74
C LEU XA 343 91.86 -1.67 -14.86
N ASN XA 344 91.29 -2.86 -14.79
CA ASN XA 344 91.90 -3.97 -14.05
C ASN XA 344 92.53 -4.93 -15.04
N VAL XA 345 93.77 -4.63 -15.44
CA VAL XA 345 94.44 -5.41 -16.46
C VAL XA 345 95.17 -6.62 -15.90
N LYS XA 346 95.30 -6.75 -14.57
CA LYS XA 346 95.87 -7.95 -13.98
C LYS XA 346 95.31 -8.13 -12.58
N ASP XA 347 95.39 -9.38 -12.09
CA ASP XA 347 94.80 -9.73 -10.81
C ASP XA 347 95.48 -8.96 -9.69
N ALA XA 348 94.68 -8.48 -8.73
CA ALA XA 348 95.20 -7.69 -7.63
C ALA XA 348 94.16 -7.62 -6.53
N ARG XA 349 94.58 -7.95 -5.30
CA ARG XA 349 93.72 -7.73 -4.15
C ARG XA 349 93.47 -6.24 -3.99
N THR XA 350 92.25 -5.88 -3.64
CA THR XA 350 91.80 -4.50 -3.74
C THR XA 350 91.74 -3.83 -2.38
N ASN XA 351 92.34 -2.63 -2.29
CA ASN XA 351 92.13 -1.73 -1.19
C ASN XA 351 90.90 -0.89 -1.49
N VAL XA 352 90.15 -0.55 -0.46
CA VAL XA 352 88.83 0.07 -0.64
C VAL XA 352 88.74 1.32 0.21
N PHE XA 353 88.39 2.44 -0.40
CA PHE XA 353 88.15 3.66 0.35
C PHE XA 353 86.75 4.16 0.07
N TRP XA 354 86.22 4.96 1.00
CA TRP XA 354 84.89 5.52 0.80
C TRP XA 354 84.70 6.72 1.72
N ALA XA 355 83.61 7.44 1.46
CA ALA XA 355 83.03 8.31 2.45
C ALA XA 355 82.12 7.48 3.35
N ASP XA 356 82.11 7.81 4.64
CA ASP XA 356 81.46 6.94 5.61
C ASP XA 356 79.95 6.85 5.40
N ASP XA 357 79.34 7.83 4.72
CA ASP XA 357 77.91 7.84 4.49
C ASP XA 357 77.55 7.25 3.14
N ALA XA 358 78.33 6.30 2.63
CA ALA XA 358 78.06 5.65 1.35
C ALA XA 358 77.53 4.24 1.51
N ILE XA 359 78.19 3.42 2.33
CA ILE XA 359 77.75 2.05 2.57
C ILE XA 359 76.85 2.04 3.80
N ARG XA 360 75.70 1.38 3.70
CA ARG XA 360 74.77 1.29 4.80
C ARG XA 360 74.29 -0.15 4.94
N ILE XA 361 74.03 -0.56 6.18
CA ILE XA 361 73.52 -1.89 6.48
C ILE XA 361 72.14 -1.74 7.08
N VAL XA 362 71.13 -2.28 6.40
CA VAL XA 362 69.74 -2.18 6.82
C VAL XA 362 69.33 -3.55 7.32
N SER XA 363 69.02 -3.66 8.61
CA SER XA 363 68.82 -4.95 9.24
C SER XA 363 67.49 -4.99 9.98
N GLN XA 364 66.89 -6.18 10.06
CA GLN XA 364 65.62 -6.30 10.76
C GLN XA 364 65.40 -7.75 11.16
N PRO XA 365 64.79 -8.01 12.32
CA PRO XA 365 64.47 -9.40 12.67
C PRO XA 365 63.32 -9.92 11.83
N ILE XA 366 63.44 -11.17 11.40
CA ILE XA 366 62.42 -11.74 10.50
C ILE XA 366 61.11 -11.88 11.25
N PRO XA 367 59.99 -11.43 10.69
CA PRO XA 367 58.68 -11.58 11.37
C PRO XA 367 58.26 -13.04 11.40
N ALA XA 368 58.29 -13.63 12.59
CA ALA XA 368 58.02 -15.05 12.75
C ALA XA 368 56.51 -15.29 12.76
N ASN XA 369 56.11 -16.51 13.13
CA ASN XA 369 54.71 -16.93 13.18
C ASN XA 369 54.02 -16.71 11.84
N HIS XA 370 54.69 -17.11 10.77
CA HIS XA 370 54.17 -16.96 9.42
C HIS XA 370 54.50 -18.25 8.68
N GLU XA 371 54.46 -18.20 7.34
CA GLU XA 371 54.69 -19.41 6.55
C GLU XA 371 55.93 -20.16 7.03
N LEU XA 372 57.07 -19.47 7.03
CA LEU XA 372 58.23 -20.01 7.71
C LEU XA 372 58.14 -19.69 9.21
N PHE XA 373 58.96 -20.38 10.00
CA PHE XA 373 58.88 -20.28 11.46
C PHE XA 373 57.47 -20.57 11.94
N ALA XA 374 56.84 -21.60 11.38
CA ALA XA 374 55.53 -22.05 11.80
C ALA XA 374 55.71 -23.19 12.80
N GLY XA 375 55.27 -22.98 14.03
CA GLY XA 375 55.46 -23.91 15.11
C GLY XA 375 56.75 -23.69 15.87
N MET XA 376 57.73 -23.03 15.25
CA MET XA 376 58.97 -22.70 15.94
C MET XA 376 58.68 -21.70 17.05
N LYS XA 377 59.32 -21.90 18.19
CA LYS XA 377 59.18 -21.01 19.33
C LYS XA 377 60.38 -20.06 19.32
N THR XA 378 60.14 -18.81 18.98
CA THR XA 378 61.20 -17.89 18.61
C THR XA 378 61.64 -17.01 19.77
N THR XA 379 62.86 -16.49 19.65
CA THR XA 379 63.41 -15.50 20.57
C THR XA 379 64.50 -14.75 19.83
N SER XA 380 64.89 -13.61 20.39
CA SER XA 380 65.90 -12.78 19.75
C SER XA 380 67.29 -13.38 19.92
N PHE XA 381 68.18 -13.05 19.00
CA PHE XA 381 69.54 -13.58 18.99
C PHE XA 381 70.49 -12.47 18.59
N SER XA 382 71.41 -12.12 19.47
CA SER XA 382 72.34 -11.04 19.23
C SER XA 382 73.65 -11.56 18.62
N ILE XA 383 74.24 -10.74 17.77
CA ILE XA 383 75.44 -11.11 17.02
C ILE XA 383 76.63 -10.30 17.53
N PRO XA 384 77.80 -10.91 17.67
CA PRO XA 384 78.96 -10.17 18.20
C PRO XA 384 79.48 -9.15 17.21
N ASP XA 385 80.33 -8.26 17.72
CA ASP XA 385 81.10 -7.32 16.91
C ASP XA 385 80.18 -6.34 16.19
N VAL XA 386 79.48 -6.82 15.16
CA VAL XA 386 78.52 -5.98 14.46
C VAL XA 386 77.25 -5.87 15.29
N GLY XA 387 76.57 -4.74 15.18
CA GLY XA 387 75.42 -4.49 16.03
C GLY XA 387 74.11 -4.95 15.43
N LEU XA 388 74.02 -6.21 15.05
CA LEU XA 388 72.82 -6.76 14.42
C LEU XA 388 72.12 -7.73 15.36
N ASN XA 389 70.82 -7.86 15.15
CA ASN XA 389 69.97 -8.78 15.89
C ASN XA 389 69.34 -9.77 14.93
N GLY XA 390 69.33 -11.03 15.33
CA GLY XA 390 68.72 -12.06 14.52
C GLY XA 390 67.52 -12.68 15.20
N ILE XA 391 67.18 -13.89 14.80
CA ILE XA 391 66.09 -14.65 15.42
C ILE XA 391 66.60 -16.05 15.70
N PHE XA 392 66.22 -16.57 16.86
CA PHE XA 392 66.63 -17.90 17.31
C PHE XA 392 65.36 -18.69 17.59
N ALA XA 393 65.10 -19.70 16.78
CA ALA XA 393 63.88 -20.48 16.87
C ALA XA 393 64.23 -21.94 17.06
N THR XA 394 63.42 -22.66 17.83
CA THR XA 394 63.59 -24.09 18.03
C THR XA 394 62.25 -24.79 17.91
N GLN XA 395 62.29 -26.04 17.49
CA GLN XA 395 61.09 -26.85 17.35
C GLN XA 395 61.39 -28.26 17.82
N GLY XA 396 60.39 -28.91 18.40
CA GLY XA 396 60.55 -30.26 18.86
C GLY XA 396 59.65 -31.24 18.15
N ASP XA 397 60.18 -32.40 17.75
CA ASP XA 397 59.40 -33.45 17.11
C ASP XA 397 59.27 -34.61 18.09
N ILE XA 398 58.03 -34.98 18.40
CA ILE XA 398 57.76 -36.01 19.39
C ILE XA 398 57.90 -37.40 18.77
N SER XA 399 57.63 -37.54 17.48
CA SER XA 399 57.70 -38.85 16.85
C SER XA 399 59.11 -39.40 16.91
N THR XA 400 60.09 -38.61 16.47
CA THR XA 400 61.48 -39.03 16.46
C THR XA 400 62.24 -38.57 17.70
N LEU XA 401 61.59 -37.86 18.61
CA LEU XA 401 62.22 -37.34 19.82
C LEU XA 401 63.45 -36.51 19.47
N SER XA 402 63.26 -35.55 18.58
CA SER XA 402 64.37 -34.74 18.09
C SER XA 402 64.03 -33.26 18.19
N GLY XA 403 65.01 -32.42 17.86
CA GLY XA 403 64.82 -30.99 17.89
C GLY XA 403 65.55 -30.27 16.78
N LEU XA 404 64.88 -29.32 16.15
CA LEU XA 404 65.47 -28.46 15.14
C LEU XA 404 65.77 -27.11 15.76
N CYS XA 405 66.93 -26.55 15.42
CA CYS XA 405 67.30 -25.22 15.87
C CYS XA 405 67.71 -24.39 14.65
N ARG XA 406 67.20 -23.17 14.57
CA ARG XA 406 67.45 -22.30 13.42
C ARG XA 406 67.79 -20.90 13.91
N ILE XA 407 68.92 -20.38 13.45
CA ILE XA 407 69.34 -19.01 13.70
C ILE XA 407 69.30 -18.28 12.37
N ALA XA 408 68.48 -17.24 12.27
CA ALA XA 408 68.30 -16.50 11.02
C ALA XA 408 68.67 -15.05 11.22
N LEU XA 409 69.35 -14.46 10.24
CA LEU XA 409 69.78 -13.07 10.32
C LEU XA 409 69.44 -12.38 9.01
N TRP XA 410 68.63 -11.33 9.08
CA TRP XA 410 68.10 -10.66 7.90
C TRP XA 410 68.64 -9.24 7.83
N TYR XA 411 69.39 -8.95 6.78
CA TYR XA 411 70.03 -7.66 6.61
C TYR XA 411 70.35 -7.47 5.13
N GLY XA 412 70.69 -6.23 4.78
CA GLY XA 412 71.06 -5.88 3.43
C GLY XA 412 72.14 -4.83 3.40
N VAL XA 413 73.22 -5.10 2.69
CA VAL XA 413 74.33 -4.16 2.57
C VAL XA 413 74.17 -3.40 1.27
N ASN XA 414 73.75 -2.14 1.36
CA ASN XA 414 73.46 -1.38 0.16
C ASN XA 414 74.34 -0.14 0.11
N ALA XA 415 74.89 0.11 -1.07
CA ALA XA 415 75.84 1.19 -1.32
C ALA XA 415 75.07 2.32 -2.02
N THR XA 416 74.71 3.33 -1.25
CA THR XA 416 73.85 4.38 -1.79
C THR XA 416 74.61 5.42 -2.60
N ARG XA 417 75.95 5.47 -2.50
CA ARG XA 417 76.77 6.42 -3.24
C ARG XA 417 77.96 5.71 -3.86
N PRO XA 418 77.73 4.98 -4.95
CA PRO XA 418 78.85 4.34 -5.65
C PRO XA 418 79.87 5.33 -6.16
N GLU XA 419 79.46 6.56 -6.49
CA GLU XA 419 80.43 7.57 -6.85
C GLU XA 419 81.33 7.95 -5.69
N ALA XA 420 80.89 7.69 -4.46
CA ALA XA 420 81.71 7.97 -3.28
C ALA XA 420 82.54 6.78 -2.84
N ILE XA 421 82.12 5.57 -3.19
CA ILE XA 421 82.95 4.40 -2.91
C ILE XA 421 84.02 4.27 -3.99
N GLY XA 422 85.24 3.92 -3.59
CA GLY XA 422 86.35 3.81 -4.51
C GLY XA 422 87.10 2.50 -4.33
N VAL XA 423 88.09 2.29 -5.19
CA VAL XA 423 88.90 1.08 -5.21
C VAL XA 423 90.31 1.42 -5.65
N GLY XA 424 91.31 0.90 -4.94
CA GLY XA 424 92.68 1.10 -5.31
C GLY XA 424 93.34 -0.18 -5.79
N LEU XA 425 93.88 -0.14 -7.01
CA LEU XA 425 94.50 -1.31 -7.63
C LEU XA 425 95.97 -1.04 -7.91
N PRO XA 426 96.88 -1.61 -7.13
CA PRO XA 426 98.30 -1.42 -7.39
C PRO XA 426 98.81 -2.44 -8.40
N GLY XA 427 99.91 -2.07 -9.05
CA GLY XA 427 100.60 -2.97 -9.94
C GLY XA 427 99.78 -3.43 -11.14
N GLN XA 428 99.19 -2.48 -11.87
CA GLN XA 428 98.40 -2.82 -13.06
C GLN XA 428 99.26 -2.59 -14.30
N THR XA 429 100.18 -3.53 -14.53
CA THR XA 429 101.03 -3.50 -15.70
C THR XA 429 100.38 -4.25 -16.84
N ALA XA 430 100.55 -3.72 -18.06
CA ALA XA 430 99.96 -4.30 -19.25
C ALA XA 430 100.35 -5.76 -19.44
N ALA YA 2 -18.43 -89.56 85.71
CA ALA YA 2 -18.47 -88.14 85.45
C ALA YA 2 -19.64 -87.78 84.54
N LEU YA 3 -19.49 -88.13 83.26
CA LEU YA 3 -20.51 -87.87 82.24
C LEU YA 3 -20.90 -86.40 82.23
N ASN YA 4 -19.91 -85.52 82.37
CA ASN YA 4 -20.14 -84.09 82.20
C ASN YA 4 -20.26 -83.84 80.71
N GLU YA 5 -21.49 -83.92 80.21
CA GLU YA 5 -21.75 -83.72 78.79
C GLU YA 5 -22.03 -82.23 78.57
N GLY YA 6 -20.96 -81.46 78.58
CA GLY YA 6 -21.03 -80.04 78.35
C GLY YA 6 -21.01 -79.72 76.87
N GLN YA 7 -20.34 -78.62 76.52
CA GLN YA 7 -20.32 -78.10 75.16
C GLN YA 7 -18.88 -77.94 74.70
N ILE YA 8 -18.56 -78.57 73.59
CA ILE YA 8 -17.17 -78.72 73.16
C ILE YA 8 -16.77 -77.54 72.28
N VAL YA 9 -15.51 -77.13 72.40
CA VAL YA 9 -14.93 -76.05 71.61
C VAL YA 9 -13.70 -76.57 70.89
N THR YA 10 -13.17 -75.75 69.99
CA THR YA 10 -11.91 -76.01 69.32
C THR YA 10 -11.03 -74.77 69.49
N LEU YA 11 -9.75 -74.99 69.78
CA LEU YA 11 -8.83 -73.90 70.11
C LEU YA 11 -7.62 -73.98 69.19
N ALA YA 12 -7.43 -72.95 68.36
CA ALA YA 12 -6.24 -72.83 67.54
C ALA YA 12 -5.41 -71.67 68.07
N VAL YA 13 -4.28 -71.98 68.69
CA VAL YA 13 -3.44 -70.97 69.29
C VAL YA 13 -2.63 -70.31 68.17
N ASP YA 14 -2.25 -69.06 68.38
CA ASP YA 14 -1.61 -68.25 67.35
C ASP YA 14 -0.12 -68.04 67.63
N GLU YA 15 0.55 -69.07 68.11
CA GLU YA 15 2.01 -69.16 68.06
C GLU YA 15 2.37 -70.07 66.89
N ILE YA 16 3.35 -69.66 66.10
CA ILE YA 16 3.67 -70.40 64.89
C ILE YA 16 4.74 -71.44 65.19
N ILE YA 17 4.79 -72.46 64.36
CA ILE YA 17 5.82 -73.49 64.41
C ILE YA 17 6.76 -73.23 63.25
N GLU YA 18 7.84 -72.49 63.50
CA GLU YA 18 8.78 -72.18 62.43
C GLU YA 18 9.38 -73.46 61.87
N THR YA 19 9.40 -73.57 60.55
CA THR YA 19 9.91 -74.75 59.87
C THR YA 19 11.02 -74.47 58.88
N ILE YA 20 11.00 -73.31 58.21
CA ILE YA 20 11.97 -73.00 57.17
C ILE YA 20 12.96 -71.97 57.71
N SER YA 21 14.25 -72.24 57.51
CA SER YA 21 15.31 -71.32 57.89
C SER YA 21 16.46 -71.53 56.92
N ALA YA 22 16.48 -70.72 55.86
CA ALA YA 22 17.45 -70.86 54.79
C ALA YA 22 18.41 -69.67 54.77
N ILE YA 23 19.60 -69.90 54.21
CA ILE YA 23 20.61 -68.88 54.11
C ILE YA 23 20.89 -68.62 52.63
N THR YA 24 21.32 -67.40 52.33
CA THR YA 24 21.63 -66.96 50.98
C THR YA 24 23.02 -66.34 50.99
N PRO YA 25 24.06 -67.16 50.93
CA PRO YA 25 25.43 -66.61 50.99
C PRO YA 25 25.89 -65.97 49.70
N MET YA 26 25.52 -66.52 48.54
CA MET YA 26 26.07 -66.04 47.28
C MET YA 26 25.50 -64.68 46.89
N ALA YA 27 24.23 -64.44 47.18
CA ALA YA 27 23.61 -63.17 46.84
C ALA YA 27 24.07 -62.04 47.75
N GLN YA 28 24.54 -62.36 48.94
CA GLN YA 28 25.10 -61.36 49.84
C GLN YA 28 26.54 -61.01 49.48
N LYS YA 29 27.18 -61.79 48.62
CA LYS YA 29 28.51 -61.47 48.11
C LYS YA 29 28.48 -60.91 46.70
N ALA YA 30 27.47 -61.27 45.92
CA ALA YA 30 27.31 -60.68 44.59
C ALA YA 30 26.88 -59.24 44.73
N LYS YA 31 27.68 -58.33 44.20
CA LYS YA 31 27.48 -56.91 44.44
C LYS YA 31 26.35 -56.38 43.58
N LYS YA 32 25.67 -55.37 44.10
CA LYS YA 32 24.45 -54.87 43.47
C LYS YA 32 24.78 -53.66 42.62
N TYR YA 33 24.02 -53.50 41.54
CA TYR YA 33 24.19 -52.40 40.61
C TYR YA 33 22.84 -51.77 40.33
N THR YA 34 22.85 -50.47 40.03
CA THR YA 34 21.67 -49.74 39.61
C THR YA 34 21.94 -49.12 38.24
N PRO YA 35 21.19 -49.47 37.21
CA PRO YA 35 21.55 -49.03 35.86
C PRO YA 35 21.13 -47.60 35.60
N PRO YA 36 22.05 -46.76 35.14
CA PRO YA 36 21.71 -45.37 34.77
C PRO YA 36 20.95 -45.28 33.44
N ALA YA 37 19.66 -45.56 33.50
CA ALA YA 37 18.78 -45.50 32.33
C ALA YA 37 17.87 -44.29 32.44
N ALA YA 38 17.68 -43.60 31.31
CA ALA YA 38 16.91 -42.36 31.32
C ALA YA 38 15.42 -42.64 31.52
N SER YA 39 14.82 -43.35 30.58
CA SER YA 39 13.40 -43.66 30.64
C SER YA 39 13.18 -45.05 31.22
N MET YA 40 12.05 -45.22 31.90
CA MET YA 40 11.68 -46.50 32.50
C MET YA 40 10.90 -47.32 31.47
N GLN YA 41 11.59 -48.18 30.75
CA GLN YA 41 10.98 -49.01 29.72
C GLN YA 41 11.35 -50.46 29.94
N ARG YA 42 10.37 -51.35 29.76
CA ARG YA 42 10.66 -52.78 29.80
C ARG YA 42 11.40 -53.25 28.57
N SER YA 43 11.61 -52.37 27.59
CA SER YA 43 12.38 -52.68 26.41
C SER YA 43 13.80 -53.09 26.80
N SER YA 44 14.56 -53.57 25.82
CA SER YA 44 15.90 -54.09 26.07
C SER YA 44 16.70 -53.13 26.94
N ASN YA 45 17.00 -53.55 28.17
CA ASN YA 45 17.64 -52.70 29.17
C ASN YA 45 19.16 -52.77 29.10
N THR YA 46 19.71 -53.09 27.93
CA THR YA 46 21.16 -53.21 27.78
C THR YA 46 21.85 -51.90 28.16
N ILE YA 47 22.60 -51.96 29.25
CA ILE YA 47 23.49 -50.88 29.68
C ILE YA 47 24.90 -51.34 29.37
N TRP YA 48 25.66 -50.51 28.69
CA TRP YA 48 27.02 -50.85 28.30
C TRP YA 48 28.01 -50.19 29.24
N MET YA 49 28.95 -50.95 29.75
CA MET YA 49 29.99 -50.39 30.60
C MET YA 49 31.37 -50.74 30.08
N PRO YA 50 32.35 -49.86 30.29
CA PRO YA 50 33.67 -50.08 29.72
C PRO YA 50 34.42 -51.17 30.45
N VAL YA 51 35.48 -51.66 29.80
CA VAL YA 51 36.37 -52.63 30.39
C VAL YA 51 37.73 -51.98 30.58
N GLU YA 52 38.45 -52.43 31.61
CA GLU YA 52 39.76 -51.87 31.90
C GLU YA 52 40.66 -51.97 30.69
N GLN YA 53 41.38 -50.89 30.39
CA GLN YA 53 42.16 -50.80 29.17
C GLN YA 53 43.45 -51.61 29.29
N GLU YA 54 43.93 -52.05 28.14
CA GLU YA 54 45.25 -52.65 28.02
C GLU YA 54 46.01 -51.91 26.93
N SER YA 55 47.29 -51.68 27.16
CA SER YA 55 48.08 -50.86 26.26
C SER YA 55 49.19 -51.67 25.63
N PRO YA 56 49.51 -51.44 24.36
CA PRO YA 56 50.67 -52.05 23.73
C PRO YA 56 51.94 -51.28 24.05
N THR YA 57 53.04 -51.68 23.43
CA THR YA 57 54.32 -51.03 23.66
C THR YA 57 55.22 -51.22 22.45
N GLN YA 58 56.16 -50.30 22.29
CA GLN YA 58 57.11 -50.36 21.19
C GLN YA 58 58.43 -49.74 21.62
N GLU YA 59 59.53 -50.34 21.19
CA GLU YA 59 60.85 -49.88 21.55
C GLU YA 59 61.48 -49.09 20.43
N GLY YA 60 62.43 -48.24 20.79
CA GLY YA 60 63.15 -47.47 19.80
C GLY YA 60 63.01 -45.98 19.99
N TRP YA 61 63.87 -45.22 19.31
CA TRP YA 61 63.85 -43.77 19.35
C TRP YA 61 62.90 -43.20 18.30
N ASP YA 62 62.99 -43.69 17.07
CA ASP YA 62 62.20 -43.17 15.96
C ASP YA 62 60.92 -43.98 15.84
N LEU YA 63 59.79 -43.30 15.97
CA LEU YA 63 58.47 -43.90 15.87
C LEU YA 63 57.59 -43.10 14.94
N THR YA 64 58.11 -42.75 13.77
CA THR YA 64 57.32 -41.99 12.81
C THR YA 64 56.27 -42.90 12.18
N ASP YA 65 55.02 -42.42 12.15
CA ASP YA 65 53.88 -43.15 11.63
C ASP YA 65 53.58 -44.43 12.41
N LYS YA 66 54.15 -44.58 13.61
CA LYS YA 66 53.94 -45.76 14.43
C LYS YA 66 53.13 -45.44 15.68
N ALA YA 67 52.41 -44.32 15.69
CA ALA YA 67 51.46 -44.08 16.76
C ALA YA 67 50.28 -45.03 16.63
N THR YA 68 49.55 -45.18 17.73
CA THR YA 68 48.44 -46.10 17.78
C THR YA 68 47.23 -45.43 18.44
N GLY YA 69 46.05 -45.91 18.07
CA GLY YA 69 44.82 -45.35 18.58
C GLY YA 69 44.43 -45.94 19.92
N LEU YA 70 43.29 -45.51 20.41
CA LEU YA 70 42.77 -45.94 21.71
C LEU YA 70 41.59 -46.87 21.50
N LEU YA 71 41.62 -48.04 22.14
CA LEU YA 71 40.58 -49.04 22.02
C LEU YA 71 40.07 -49.40 23.40
N GLU YA 72 38.79 -49.15 23.65
CA GLU YA 72 38.16 -49.47 24.92
C GLU YA 72 36.92 -50.30 24.66
N LEU YA 73 36.96 -51.58 25.04
CA LEU YA 73 35.86 -52.49 24.82
C LEU YA 73 34.82 -52.32 25.92
N ASN YA 74 33.68 -52.95 25.76
CA ASN YA 74 32.58 -52.77 26.70
C ASN YA 74 31.74 -54.04 26.76
N VAL YA 75 30.97 -54.16 27.85
CA VAL YA 75 30.10 -55.31 28.07
C VAL YA 75 28.71 -54.80 28.41
N ALA YA 76 27.71 -55.63 28.15
CA ALA YA 76 26.31 -55.23 28.28
C ALA YA 76 25.62 -55.99 29.39
N VAL YA 77 24.80 -55.28 30.16
CA VAL YA 77 24.05 -55.87 31.24
C VAL YA 77 22.57 -55.61 31.01
N ASN YA 78 21.74 -56.57 31.40
CA ASN YA 78 20.31 -56.48 31.18
C ASN YA 78 19.57 -57.28 32.24
N MET YA 79 18.26 -57.06 32.32
CA MET YA 79 17.43 -57.61 33.38
C MET YA 79 16.47 -58.66 32.83
N GLY YA 80 16.01 -59.53 33.73
CA GLY YA 80 15.09 -60.58 33.37
C GLY YA 80 13.66 -60.23 33.73
N GLU YA 81 12.79 -61.21 33.53
CA GLU YA 81 11.38 -61.02 33.86
C GLU YA 81 11.20 -60.94 35.37
N PRO YA 82 10.27 -60.13 35.86
CA PRO YA 82 10.11 -59.99 37.30
C PRO YA 82 9.72 -61.29 37.97
N ASP YA 83 10.11 -61.43 39.23
CA ASP YA 83 9.70 -62.54 40.07
C ASP YA 83 8.59 -62.03 40.99
N ASN YA 84 7.47 -62.74 41.03
CA ASN YA 84 6.24 -62.20 41.58
C ASN YA 84 5.68 -63.08 42.69
N ASP YA 85 4.92 -62.44 43.57
CA ASP YA 85 3.89 -63.07 44.36
C ASP YA 85 2.59 -62.32 44.12
N PHE YA 86 1.48 -63.04 44.12
CA PHE YA 86 0.21 -62.48 43.65
C PHE YA 86 -0.91 -63.25 44.32
N PHE YA 87 -1.81 -62.56 45.01
CA PHE YA 87 -2.94 -63.25 45.60
C PHE YA 87 -4.14 -62.33 45.73
N GLN YA 88 -5.30 -62.95 45.97
CA GLN YA 88 -6.58 -62.26 45.99
C GLN YA 88 -7.35 -62.66 47.24
N LEU YA 89 -8.01 -61.69 47.87
CA LEU YA 89 -8.78 -61.94 49.08
C LEU YA 89 -10.06 -61.13 49.05
N ARG YA 90 -11.09 -61.63 49.74
CA ARG YA 90 -12.35 -60.91 49.89
C ARG YA 90 -12.36 -60.12 51.18
N ALA YA 91 -13.36 -59.25 51.33
CA ALA YA 91 -13.38 -58.34 52.47
C ALA YA 91 -13.77 -59.03 53.77
N ASP YA 92 -14.34 -60.23 53.71
CA ASP YA 92 -14.66 -60.95 54.93
C ASP YA 92 -13.50 -61.79 55.44
N ASP YA 93 -12.42 -61.92 54.65
CA ASP YA 93 -11.25 -62.69 55.03
C ASP YA 93 -10.16 -61.84 55.66
N LEU YA 94 -10.40 -60.54 55.81
CA LEU YA 94 -9.40 -59.61 56.32
C LEU YA 94 -9.74 -59.12 57.72
N ARG YA 95 -10.64 -59.80 58.41
CA ARG YA 95 -10.95 -59.49 59.80
C ARG YA 95 -9.91 -60.02 60.76
N ASP YA 96 -8.98 -60.87 60.30
CA ASP YA 96 -7.91 -61.42 61.12
C ASP YA 96 -6.55 -60.83 60.78
N GLU YA 97 -6.17 -60.82 59.50
CA GLU YA 97 -4.98 -60.17 58.98
C GLU YA 97 -3.69 -60.90 59.31
N THR YA 98 -3.74 -61.90 60.19
CA THR YA 98 -2.54 -62.64 60.54
C THR YA 98 -2.03 -63.44 59.36
N ALA YA 99 -2.94 -64.13 58.67
CA ALA YA 99 -2.54 -64.87 57.47
C ALA YA 99 -2.03 -63.92 56.40
N TYR YA 100 -2.63 -62.75 56.28
CA TYR YA 100 -2.18 -61.76 55.30
C TYR YA 100 -0.74 -61.33 55.56
N ARG YA 101 -0.45 -60.93 56.80
CA ARG YA 101 0.90 -60.50 57.14
C ARG YA 101 1.90 -61.63 56.99
N ARG YA 102 1.53 -62.84 57.42
CA ARG YA 102 2.43 -63.97 57.29
C ARG YA 102 2.72 -64.27 55.83
N ARG YA 103 1.71 -64.16 54.97
CA ARG YA 103 1.93 -64.35 53.54
C ARG YA 103 2.88 -63.30 52.98
N ILE YA 104 2.77 -62.05 53.43
CA ILE YA 104 3.67 -61.01 52.94
C ILE YA 104 5.11 -61.33 53.34
N GLN YA 105 5.33 -61.71 54.59
CA GLN YA 105 6.69 -62.00 55.05
C GLN YA 105 7.26 -63.22 54.32
N SER YA 106 6.43 -64.26 54.14
CA SER YA 106 6.88 -65.43 53.41
C SER YA 106 7.23 -65.08 51.97
N ALA YA 107 6.47 -64.16 51.37
CA ALA YA 107 6.78 -63.71 50.02
C ALA YA 107 8.16 -63.07 49.97
N ALA YA 108 8.46 -62.21 50.94
CA ALA YA 108 9.78 -61.58 50.96
C ALA YA 108 10.89 -62.63 51.04
N ARG YA 109 10.74 -63.59 51.96
CA ARG YA 109 11.76 -64.61 52.13
C ARG YA 109 11.93 -65.44 50.85
N LYS YA 110 10.82 -65.83 50.23
CA LYS YA 110 10.90 -66.66 49.04
C LYS YA 110 11.56 -65.92 47.89
N LEU YA 111 11.26 -64.63 47.73
CA LEU YA 111 11.89 -63.87 46.67
C LEU YA 111 13.40 -63.77 46.89
N ALA YA 112 13.84 -63.56 48.12
CA ALA YA 112 15.28 -63.54 48.38
C ALA YA 112 15.93 -64.87 48.03
N ASN YA 113 15.30 -65.98 48.43
CA ASN YA 113 15.87 -67.29 48.12
C ASN YA 113 15.96 -67.52 46.63
N ASN YA 114 14.94 -67.08 45.88
CA ASN YA 114 14.98 -67.22 44.43
C ASN YA 114 16.11 -66.41 43.83
N VAL YA 115 16.35 -65.20 44.34
CA VAL YA 115 17.48 -64.42 43.87
C VAL YA 115 18.77 -65.21 44.03
N GLU YA 116 18.98 -65.79 45.20
CA GLU YA 116 20.24 -66.50 45.43
C GLU YA 116 20.35 -67.74 44.57
N LEU YA 117 19.23 -68.42 44.32
CA LEU YA 117 19.25 -69.57 43.42
C LEU YA 117 19.64 -69.16 42.01
N LYS YA 118 19.10 -68.04 41.52
CA LYS YA 118 19.48 -67.54 40.21
C LYS YA 118 20.97 -67.21 40.16
N VAL YA 119 21.49 -66.62 41.23
CA VAL YA 119 22.91 -66.28 41.28
C VAL YA 119 23.75 -67.54 41.15
N ALA YA 120 23.40 -68.58 41.90
CA ALA YA 120 24.17 -69.82 41.87
C ALA YA 120 24.14 -70.44 40.47
N ASN YA 121 22.95 -70.47 39.86
CA ASN YA 121 22.83 -71.07 38.53
C ASN YA 121 23.66 -70.31 37.50
N MET YA 122 23.56 -68.97 37.51
CA MET YA 122 24.30 -68.19 36.53
C MET YA 122 25.81 -68.30 36.74
N ALA YA 123 26.26 -68.27 37.99
CA ALA YA 123 27.69 -68.40 38.23
C ALA YA 123 28.21 -69.76 37.79
N ALA YA 124 27.45 -70.81 38.05
CA ALA YA 124 27.91 -72.14 37.66
C ALA YA 124 27.77 -72.38 36.16
N GLU YA 125 26.95 -71.60 35.47
CA GLU YA 125 26.78 -71.82 34.04
C GLU YA 125 27.72 -70.97 33.20
N MET YA 126 27.80 -69.68 33.48
CA MET YA 126 28.72 -68.77 32.77
C MET YA 126 30.04 -68.64 33.51
N GLY YA 127 30.68 -69.77 33.83
CA GLY YA 127 31.94 -69.75 34.53
C GLY YA 127 33.07 -70.31 33.69
N SER YA 128 34.04 -69.48 33.33
CA SER YA 128 35.03 -69.89 32.33
C SER YA 128 36.04 -70.87 32.92
N LEU YA 129 36.81 -70.44 33.92
CA LEU YA 129 37.83 -71.30 34.50
C LEU YA 129 37.18 -72.52 35.13
N VAL YA 130 37.69 -73.70 34.80
CA VAL YA 130 37.16 -74.94 35.34
C VAL YA 130 38.32 -75.79 35.83
N ILE YA 131 38.26 -76.22 37.08
CA ILE YA 131 39.28 -77.07 37.67
C ILE YA 131 38.62 -78.41 37.98
N THR YA 132 39.05 -79.46 37.29
CA THR YA 132 38.46 -80.78 37.44
C THR YA 132 39.44 -81.71 38.15
N SER YA 133 38.89 -82.76 38.73
CA SER YA 133 39.70 -83.78 39.37
C SER YA 133 39.25 -85.16 38.92
N PRO YA 134 40.16 -86.14 38.88
CA PRO YA 134 39.76 -87.50 38.51
C PRO YA 134 39.08 -88.26 39.64
N ASP YA 135 39.26 -87.86 40.90
CA ASP YA 135 38.72 -88.57 42.03
C ASP YA 135 37.94 -87.61 42.91
N ALA YA 136 37.17 -88.17 43.84
CA ALA YA 136 36.31 -87.37 44.69
C ALA YA 136 37.15 -86.53 45.65
N ILE YA 137 36.47 -85.75 46.49
CA ILE YA 137 37.19 -84.83 47.37
C ILE YA 137 37.71 -85.54 48.61
N GLY YA 138 37.01 -86.56 49.12
CA GLY YA 138 37.43 -87.21 50.34
C GLY YA 138 38.73 -87.98 50.23
N THR YA 139 38.95 -88.67 49.12
CA THR YA 139 40.11 -89.53 48.97
C THR YA 139 41.39 -88.70 48.90
N ASN YA 140 42.51 -89.34 49.26
CA ASN YA 140 43.81 -88.68 49.40
C ASN YA 140 43.76 -87.57 50.45
N THR YA 141 44.93 -87.05 50.80
CA THR YA 141 45.04 -86.10 51.91
C THR YA 141 45.17 -84.68 51.37
N ALA YA 142 44.39 -83.76 51.94
CA ALA YA 142 44.48 -82.34 51.64
C ALA YA 142 44.16 -82.02 50.19
N ASP YA 143 43.34 -82.85 49.53
CA ASP YA 143 42.99 -82.50 48.17
C ASP YA 143 41.82 -81.51 48.10
N ALA YA 144 41.08 -81.31 49.18
CA ALA YA 144 40.19 -80.14 49.23
C ALA YA 144 41.01 -78.86 49.23
N TRP YA 145 42.07 -78.83 50.03
CA TRP YA 145 43.04 -77.75 49.94
C TRP YA 145 43.61 -77.67 48.55
N ASN YA 146 43.82 -78.81 47.89
CA ASN YA 146 44.35 -78.78 46.53
C ASN YA 146 43.37 -78.14 45.55
N PHE YA 147 42.07 -78.42 45.70
CA PHE YA 147 41.08 -77.73 44.89
C PHE YA 147 41.13 -76.22 45.08
N VAL YA 148 41.08 -75.77 46.34
CA VAL YA 148 41.09 -74.34 46.59
C VAL YA 148 42.39 -73.71 46.09
N ALA YA 149 43.50 -74.42 46.25
CA ALA YA 149 44.80 -73.90 45.82
C ALA YA 149 44.89 -73.86 44.30
N ASP YA 150 44.32 -74.84 43.61
CA ASP YA 150 44.29 -74.81 42.15
C ASP YA 150 43.52 -73.62 41.65
N ALA YA 151 42.37 -73.33 42.26
CA ALA YA 151 41.63 -72.14 41.89
C ALA YA 151 42.46 -70.88 42.11
N GLU YA 152 43.07 -70.78 43.29
CA GLU YA 152 43.86 -69.59 43.62
C GLU YA 152 45.03 -69.44 42.65
N GLU YA 153 45.64 -70.56 42.27
CA GLU YA 153 46.82 -70.51 41.41
C GLU YA 153 46.46 -70.17 39.97
N ILE YA 154 45.36 -70.70 39.45
CA ILE YA 154 45.01 -70.35 38.08
C ILE YA 154 44.61 -68.88 38.00
N MET YA 155 43.92 -68.37 39.03
CA MET YA 155 43.63 -66.94 39.07
C MET YA 155 44.91 -66.12 39.10
N PHE YA 156 45.87 -66.52 39.93
CA PHE YA 156 47.11 -65.77 40.04
C PHE YA 156 47.88 -65.77 38.73
N SER YA 157 47.98 -66.94 38.08
CA SER YA 157 48.72 -67.02 36.82
C SER YA 157 48.05 -66.20 35.72
N ARG YA 158 46.72 -66.26 35.64
CA ARG YA 158 46.02 -65.43 34.68
C ARG YA 158 46.07 -63.95 35.01
N GLU YA 159 46.46 -63.60 36.23
CA GLU YA 159 46.65 -62.20 36.62
C GLU YA 159 45.33 -61.44 36.58
N LEU YA 160 44.26 -62.11 36.97
CA LEU YA 160 42.95 -61.47 37.02
C LEU YA 160 42.89 -60.53 38.22
N ASN YA 161 42.11 -59.47 38.06
CA ASN YA 161 41.96 -58.47 39.11
C ASN YA 161 41.27 -59.09 40.31
N ARG YA 162 41.90 -58.99 41.48
CA ARG YA 162 41.33 -59.54 42.70
C ARG YA 162 41.48 -58.57 43.86
N ASP YA 163 41.50 -57.27 43.56
CA ASP YA 163 41.62 -56.27 44.62
C ASP YA 163 40.38 -56.25 45.51
N MET YA 164 39.25 -56.69 44.98
CA MET YA 164 37.94 -56.41 45.55
C MET YA 164 37.38 -57.61 46.29
N GLY YA 165 38.10 -58.74 46.30
CA GLY YA 165 37.69 -59.91 47.06
C GLY YA 165 37.62 -61.16 46.20
N THR YA 166 37.92 -62.30 46.83
CA THR YA 166 37.82 -63.61 46.20
C THR YA 166 37.04 -64.54 47.11
N SER YA 167 36.18 -65.36 46.50
CA SER YA 167 35.29 -66.24 47.25
C SER YA 167 35.28 -67.62 46.63
N TYR YA 168 35.17 -68.64 47.47
CA TYR YA 168 34.97 -70.01 47.08
C TYR YA 168 33.71 -70.54 47.76
N PHE YA 169 32.90 -71.30 47.03
CA PHE YA 169 31.63 -71.82 47.53
C PHE YA 169 31.64 -73.32 47.31
N PHE YA 170 31.60 -74.08 48.41
CA PHE YA 170 31.44 -75.52 48.39
C PHE YA 170 29.97 -75.88 48.45
N ASN YA 171 29.61 -76.97 47.80
CA ASN YA 171 28.33 -77.57 48.10
C ASN YA 171 28.42 -78.25 49.46
N PRO YA 172 27.28 -78.45 50.14
CA PRO YA 172 27.34 -78.99 51.50
C PRO YA 172 28.05 -80.33 51.60
N GLN YA 173 27.92 -81.17 50.58
CA GLN YA 173 28.58 -82.47 50.63
C GLN YA 173 30.09 -82.33 50.55
N ASP YA 174 30.59 -81.49 49.66
CA ASP YA 174 32.04 -81.29 49.58
C ASP YA 174 32.57 -80.55 50.78
N TYR YA 175 31.77 -79.65 51.36
CA TYR YA 175 32.18 -79.01 52.61
C TYR YA 175 32.33 -80.05 53.72
N LYS YA 176 31.39 -80.99 53.81
CA LYS YA 176 31.52 -82.06 54.80
C LYS YA 176 32.74 -82.91 54.53
N LYS YA 177 33.01 -83.21 53.27
CA LYS YA 177 34.17 -84.04 52.94
C LYS YA 177 35.48 -83.33 53.29
N ALA YA 178 35.54 -82.01 53.07
CA ALA YA 178 36.70 -81.24 53.51
C ALA YA 178 36.85 -81.27 55.03
N GLY YA 179 35.73 -81.17 55.75
CA GLY YA 179 35.80 -81.28 57.20
C GLY YA 179 36.33 -82.62 57.65
N TYR YA 180 35.88 -83.69 57.00
CA TYR YA 180 36.37 -85.03 57.32
C TYR YA 180 37.85 -85.13 57.02
N ASP YA 181 38.28 -84.53 55.91
CA ASP YA 181 39.71 -84.49 55.60
C ASP YA 181 40.50 -83.83 56.72
N LEU YA 182 39.96 -82.76 57.28
CA LEU YA 182 40.66 -82.10 58.39
C LEU YA 182 40.65 -82.95 59.65
N THR YA 183 39.53 -83.60 59.95
CA THR YA 183 39.37 -84.26 61.25
C THR YA 183 39.89 -85.68 61.29
N LYS YA 184 40.24 -86.27 60.15
CA LYS YA 184 40.89 -87.58 60.14
C LYS YA 184 42.40 -87.47 60.28
N ARG YA 185 42.91 -86.31 60.69
CA ARG YA 185 44.30 -85.95 60.52
C ARG YA 185 45.21 -86.38 61.67
N ASP YA 186 44.70 -87.17 62.61
CA ASP YA 186 45.52 -87.76 63.68
C ASP YA 186 46.17 -86.70 64.56
N ILE YA 187 45.66 -85.47 64.54
CA ILE YA 187 46.21 -84.40 65.36
C ILE YA 187 45.11 -83.38 65.57
N PHE YA 188 45.24 -82.59 66.63
CA PHE YA 188 44.27 -81.55 66.95
C PHE YA 188 45.03 -80.34 67.49
N GLY YA 189 45.45 -79.44 66.60
CA GLY YA 189 46.06 -78.22 67.10
C GLY YA 189 45.11 -77.07 67.30
N ARG YA 190 44.59 -76.49 66.21
CA ARG YA 190 43.48 -75.55 66.30
C ARG YA 190 42.48 -75.80 65.18
N ILE YA 191 43.01 -76.10 64.00
CA ILE YA 191 42.20 -76.22 62.79
C ILE YA 191 41.43 -77.54 62.81
N PRO YA 192 42.06 -78.68 63.04
CA PRO YA 192 41.26 -79.90 63.25
C PRO YA 192 40.36 -79.80 64.44
N GLU YA 193 40.75 -79.07 65.49
CA GLU YA 193 39.89 -78.90 66.65
C GLU YA 193 38.60 -78.19 66.27
N GLU YA 194 38.71 -77.10 65.50
CA GLU YA 194 37.51 -76.39 65.06
C GLU YA 194 36.71 -77.20 64.07
N ALA YA 195 37.37 -77.89 63.14
CA ALA YA 195 36.65 -78.72 62.19
C ALA YA 195 36.00 -79.92 62.85
N TYR YA 196 36.41 -80.27 64.07
CA TYR YA 196 35.75 -81.32 64.84
C TYR YA 196 34.59 -80.76 65.65
N ARG YA 197 34.88 -79.82 66.55
CA ARG YA 197 33.84 -79.25 67.40
C ARG YA 197 32.77 -78.59 66.56
N ASP YA 198 33.14 -77.55 65.82
CA ASP YA 198 32.27 -77.02 64.78
C ASP YA 198 32.48 -77.84 63.51
N GLY YA 199 31.69 -77.57 62.48
CA GLY YA 199 31.90 -78.22 61.22
C GLY YA 199 32.73 -77.44 60.25
N THR YA 200 33.15 -76.22 60.62
CA THR YA 200 33.74 -75.30 59.67
C THR YA 200 35.15 -75.73 59.28
N ILE YA 201 35.51 -75.45 58.02
CA ILE YA 201 36.87 -75.66 57.55
C ILE YA 201 37.71 -74.51 58.06
N GLN YA 202 37.42 -73.32 57.54
CA GLN YA 202 37.97 -72.04 57.96
C GLN YA 202 37.36 -71.01 57.01
N ARG YA 203 37.48 -69.74 57.37
CA ARG YA 203 37.03 -68.68 56.49
C ARG YA 203 38.13 -68.23 55.55
N GLN YA 204 39.29 -68.86 55.58
CA GLN YA 204 40.39 -68.54 54.68
C GLN YA 204 41.13 -69.84 54.41
N VAL YA 205 41.13 -70.29 53.16
CA VAL YA 205 41.77 -71.54 52.78
C VAL YA 205 42.53 -71.32 51.49
N ALA YA 206 43.79 -71.76 51.46
CA ALA YA 206 44.62 -71.75 50.26
C ALA YA 206 44.76 -70.37 49.64
N GLY YA 207 44.47 -69.32 50.40
CA GLY YA 207 44.66 -67.96 49.93
C GLY YA 207 43.40 -67.24 49.55
N PHE YA 208 42.28 -67.94 49.40
CA PHE YA 208 41.01 -67.28 49.11
C PHE YA 208 40.57 -66.42 50.28
N ASP YA 209 40.03 -65.25 49.97
CA ASP YA 209 39.64 -64.33 51.03
C ASP YA 209 38.42 -64.84 51.79
N ASP YA 210 37.51 -65.57 51.13
CA ASP YA 210 36.39 -66.12 51.86
C ASP YA 210 36.07 -67.49 51.29
N VAL YA 211 35.72 -68.43 52.17
CA VAL YA 211 35.32 -69.78 51.80
C VAL YA 211 34.02 -70.10 52.52
N LEU YA 212 33.00 -70.48 51.76
CA LEU YA 212 31.65 -70.67 52.28
C LEU YA 212 31.06 -71.97 51.81
N ARG YA 213 29.91 -72.30 52.38
CA ARG YA 213 29.12 -73.46 52.01
C ARG YA 213 27.79 -72.98 51.45
N SER YA 214 27.47 -73.39 50.23
CA SER YA 214 26.29 -72.88 49.54
C SER YA 214 25.24 -73.97 49.44
N PRO YA 215 24.06 -73.79 50.05
CA PRO YA 215 23.04 -74.84 50.01
C PRO YA 215 22.54 -75.21 48.64
N LYS YA 216 22.51 -74.27 47.70
CA LYS YA 216 21.81 -74.47 46.43
C LYS YA 216 22.74 -74.27 45.25
N LEU YA 217 23.90 -74.90 45.30
CA LEU YA 217 24.73 -74.99 44.11
C LEU YA 217 24.14 -76.04 43.16
N PRO YA 218 24.24 -75.82 41.85
CA PRO YA 218 23.54 -76.70 40.91
C PRO YA 218 24.38 -77.91 40.53
N VAL YA 219 23.73 -78.83 39.82
CA VAL YA 219 24.34 -80.04 39.32
C VAL YA 219 24.65 -79.83 37.84
N LEU YA 220 25.93 -79.89 37.49
CA LEU YA 220 26.34 -79.75 36.09
C LEU YA 220 26.29 -81.14 35.47
N THR YA 221 25.22 -81.39 34.72
CA THR YA 221 25.02 -82.70 34.13
C THR YA 221 26.07 -82.99 33.07
N LYS YA 222 26.39 -84.28 32.93
CA LYS YA 222 27.40 -84.70 31.97
C LYS YA 222 26.94 -84.41 30.55
N SER YA 223 27.91 -84.23 29.67
CA SER YA 223 27.65 -83.92 28.26
C SER YA 223 27.75 -85.20 27.45
N THR YA 224 26.75 -85.42 26.59
CA THR YA 224 26.77 -86.56 25.68
C THR YA 224 27.63 -86.30 24.45
N ALA YA 225 28.08 -85.07 24.23
CA ALA YA 225 28.86 -84.75 23.05
C ALA YA 225 30.19 -85.49 23.07
N THR YA 226 30.67 -85.84 21.88
CA THR YA 226 31.92 -86.55 21.72
C THR YA 226 32.36 -86.47 20.27
N GLY YA 227 33.67 -86.52 20.06
CA GLY YA 227 34.22 -86.58 18.72
C GLY YA 227 33.87 -85.39 17.85
N ILE YA 228 33.98 -84.18 18.39
CA ILE YA 228 33.58 -82.97 17.69
C ILE YA 228 34.80 -82.05 17.55
N THR YA 229 34.96 -81.50 16.36
CA THR YA 229 36.10 -80.68 16.00
C THR YA 229 35.60 -79.38 15.41
N VAL YA 230 36.41 -78.33 15.56
CA VAL YA 230 36.08 -77.04 14.97
C VAL YA 230 36.34 -77.09 13.47
N SER YA 231 35.41 -76.57 12.68
CA SER YA 231 35.52 -76.54 11.23
C SER YA 231 35.71 -75.11 10.77
N GLY YA 232 36.84 -74.85 10.13
CA GLY YA 232 37.16 -73.50 9.68
C GLY YA 232 38.30 -72.89 10.47
N ALA YA 233 38.92 -71.88 9.88
CA ALA YA 233 39.97 -71.13 10.54
C ALA YA 233 39.34 -69.84 11.04
N GLN YA 234 38.96 -69.81 12.31
CA GLN YA 234 38.32 -68.66 12.89
C GLN YA 234 39.33 -67.84 13.67
N SER YA 235 39.35 -66.54 13.42
CA SER YA 235 40.16 -65.59 14.16
C SER YA 235 39.26 -64.47 14.61
N PHE YA 236 39.21 -64.22 15.92
CA PHE YA 236 38.30 -63.24 16.49
C PHE YA 236 39.04 -61.96 16.82
N LYS YA 237 38.32 -60.86 16.83
CA LYS YA 237 38.90 -59.56 17.04
C LYS YA 237 38.24 -58.86 18.23
N PRO YA 238 39.01 -58.18 19.06
CA PRO YA 238 38.42 -57.32 20.10
C PRO YA 238 38.06 -55.97 19.53
N VAL YA 239 36.75 -55.71 19.39
CA VAL YA 239 36.27 -54.43 18.88
C VAL YA 239 35.22 -53.89 19.84
N ALA YA 240 35.07 -52.56 19.80
CA ALA YA 240 34.09 -51.88 20.64
C ALA YA 240 32.75 -51.71 19.98
N TRP YA 241 32.69 -51.78 18.66
CA TRP YA 241 31.43 -51.62 17.93
C TRP YA 241 31.55 -52.29 16.58
N GLN YA 242 30.50 -52.14 15.79
CA GLN YA 242 30.35 -52.82 14.52
C GLN YA 242 29.37 -52.01 13.68
N LEU YA 243 29.20 -52.43 12.44
CA LEU YA 243 28.18 -51.89 11.56
C LEU YA 243 27.13 -52.96 11.34
N ASP YA 244 25.87 -52.64 11.62
CA ASP YA 244 24.80 -53.61 11.44
C ASP YA 244 24.39 -53.63 9.97
N ASN YA 245 23.37 -54.41 9.64
CA ASN YA 245 22.92 -54.50 8.25
C ASN YA 245 22.41 -53.15 7.75
N ASP YA 246 21.72 -52.39 8.60
CA ASP YA 246 21.20 -51.09 8.22
C ASP YA 246 22.28 -50.05 8.01
N GLY YA 247 23.52 -50.34 8.40
CA GLY YA 247 24.60 -49.37 8.28
C GLY YA 247 24.77 -48.46 9.47
N ASN YA 248 24.29 -48.87 10.65
CA ASN YA 248 24.42 -48.10 11.87
C ASN YA 248 25.43 -48.74 12.80
N LYS YA 249 26.08 -47.89 13.61
CA LYS YA 249 27.07 -48.33 14.58
C LYS YA 249 26.36 -48.98 15.75
N VAL YA 250 26.67 -50.25 16.01
CA VAL YA 250 26.09 -50.97 17.14
C VAL YA 250 27.22 -51.47 18.03
N ASN YA 251 26.99 -51.42 19.34
CA ASN YA 251 27.99 -51.85 20.30
C ASN YA 251 28.08 -53.37 20.30
N VAL YA 252 29.25 -53.87 20.70
CA VAL YA 252 29.55 -55.30 20.65
C VAL YA 252 29.92 -55.77 22.05
N ASP YA 253 29.29 -56.86 22.49
CA ASP YA 253 29.61 -57.46 23.78
C ASP YA 253 30.93 -58.19 23.70
N ASN YA 254 31.82 -57.89 24.65
CA ASN YA 254 33.18 -58.42 24.59
C ASN YA 254 33.32 -59.83 25.16
N ARG YA 255 32.29 -60.34 25.82
CA ARG YA 255 32.38 -61.60 26.55
C ARG YA 255 31.74 -62.76 25.80
N PHE YA 256 31.68 -62.70 24.47
CA PHE YA 256 31.05 -63.76 23.71
C PHE YA 256 31.76 -63.92 22.38
N ALA YA 257 31.89 -65.17 21.94
CA ALA YA 257 32.39 -65.45 20.61
C ALA YA 257 31.57 -66.57 20.00
N THR YA 258 31.20 -66.42 18.73
CA THR YA 258 30.50 -67.47 18.01
C THR YA 258 31.52 -68.32 17.26
N VAL YA 259 31.49 -69.64 17.50
CA VAL YA 259 32.41 -70.58 16.90
C VAL YA 259 31.61 -71.63 16.15
N THR YA 260 32.03 -71.92 14.93
CA THR YA 260 31.40 -72.95 14.10
C THR YA 260 32.20 -74.23 14.26
N LEU YA 261 31.53 -75.29 14.69
CA LEU YA 261 32.15 -76.59 14.88
C LEU YA 261 31.65 -77.56 13.80
N SER YA 262 32.08 -78.82 13.91
CA SER YA 262 31.59 -79.84 13.00
C SER YA 262 30.09 -80.00 13.13
N ALA YA 263 29.63 -80.41 14.29
CA ALA YA 263 28.19 -80.55 14.53
C ALA YA 263 27.97 -80.49 16.04
N THR YA 264 27.36 -79.42 16.52
CA THR YA 264 27.13 -79.28 17.95
C THR YA 264 26.00 -80.20 18.41
N THR YA 265 26.26 -81.51 18.43
CA THR YA 265 25.30 -82.48 18.92
C THR YA 265 25.76 -82.95 20.29
N GLY YA 266 24.93 -82.73 21.30
CA GLY YA 266 25.28 -83.05 22.66
C GLY YA 266 25.74 -81.88 23.50
N MET YA 267 25.86 -80.70 22.91
CA MET YA 267 26.27 -79.50 23.63
C MET YA 267 25.03 -78.74 24.10
N LYS YA 268 25.05 -78.32 25.37
CA LYS YA 268 24.00 -77.50 25.93
C LYS YA 268 24.65 -76.31 26.64
N ARG YA 269 23.82 -75.32 26.98
CA ARG YA 269 24.32 -74.16 27.69
C ARG YA 269 24.90 -74.57 29.03
N GLY YA 270 26.10 -74.08 29.31
CA GLY YA 270 26.80 -74.43 30.54
C GLY YA 270 27.85 -75.50 30.39
N ASP YA 271 27.99 -76.07 29.20
CA ASP YA 271 29.02 -77.09 28.97
C ASP YA 271 30.40 -76.46 28.95
N LYS YA 272 31.35 -77.13 29.57
CA LYS YA 272 32.73 -76.66 29.65
C LYS YA 272 33.55 -77.38 28.61
N ILE YA 273 34.24 -76.61 27.75
CA ILE YA 273 34.97 -77.15 26.61
C ILE YA 273 36.39 -76.61 26.62
N SER YA 274 37.25 -77.26 25.84
CA SER YA 274 38.65 -76.88 25.75
C SER YA 274 39.18 -77.31 24.39
N PHE YA 275 39.53 -76.35 23.55
CA PHE YA 275 40.13 -76.67 22.26
C PHE YA 275 41.54 -77.23 22.46
N ALA YA 276 41.88 -78.26 21.70
CA ALA YA 276 43.18 -78.89 21.85
C ALA YA 276 44.25 -78.05 21.16
N GLY YA 277 45.28 -77.68 21.90
CA GLY YA 277 46.38 -76.90 21.37
C GLY YA 277 46.35 -75.43 21.73
N VAL YA 278 45.22 -74.94 22.25
CA VAL YA 278 45.08 -73.55 22.65
C VAL YA 278 45.34 -73.47 24.15
N LYS YA 279 46.31 -72.67 24.54
CA LYS YA 279 46.67 -72.48 25.94
C LYS YA 279 46.42 -71.04 26.36
N PHE YA 280 46.31 -70.83 27.66
CA PHE YA 280 46.04 -69.51 28.22
C PHE YA 280 47.24 -68.59 27.97
N LEU YA 281 47.10 -67.35 28.41
CA LEU YA 281 48.18 -66.37 28.38
C LEU YA 281 48.27 -65.70 29.74
N GLY YA 282 49.31 -64.88 29.90
CA GLY YA 282 49.52 -64.18 31.15
C GLY YA 282 48.57 -63.02 31.38
N GLN YA 283 47.96 -62.49 30.31
CA GLN YA 283 46.95 -61.45 30.35
C GLN YA 283 47.52 -60.09 30.71
N MET YA 284 48.77 -60.04 31.14
CA MET YA 284 49.53 -58.80 31.21
C MET YA 284 50.83 -58.89 30.44
N ALA YA 285 51.61 -59.94 30.67
CA ALA YA 285 52.89 -60.13 29.98
C ALA YA 285 52.78 -61.04 28.78
N LYS YA 286 51.62 -61.66 28.56
CA LYS YA 286 51.35 -62.50 27.39
C LYS YA 286 52.29 -63.70 27.32
N ASN YA 287 52.71 -64.20 28.48
CA ASN YA 287 53.49 -65.43 28.52
C ASN YA 287 52.55 -66.62 28.63
N VAL YA 288 52.86 -67.68 27.90
CA VAL YA 288 51.96 -68.83 27.82
C VAL YA 288 51.95 -69.56 29.15
N LEU YA 289 50.80 -70.13 29.48
CA LEU YA 289 50.63 -70.91 30.70
C LEU YA 289 50.77 -72.40 30.39
N ALA YA 290 50.86 -73.20 31.44
CA ALA YA 290 50.83 -74.64 31.30
C ALA YA 290 49.40 -75.19 31.23
N GLN YA 291 48.41 -74.30 31.28
CA GLN YA 291 47.01 -74.68 31.35
C GLN YA 291 46.35 -74.42 30.01
N ASP YA 292 45.53 -75.37 29.56
CA ASP YA 292 44.75 -75.15 28.35
C ASP YA 292 43.61 -74.21 28.64
N ALA YA 293 43.33 -73.33 27.69
CA ALA YA 293 42.22 -72.39 27.86
C ALA YA 293 40.92 -73.16 27.92
N THR YA 294 40.14 -72.90 28.95
CA THR YA 294 38.86 -73.55 29.15
C THR YA 294 37.75 -72.53 28.98
N PHE YA 295 36.78 -72.84 28.14
CA PHE YA 295 35.66 -71.97 27.84
C PHE YA 295 34.37 -72.63 28.30
N SER YA 296 33.32 -71.84 28.38
CA SER YA 296 32.02 -72.33 28.81
C SER YA 296 30.98 -71.84 27.82
N VAL YA 297 30.33 -72.78 27.12
CA VAL YA 297 29.33 -72.39 26.13
C VAL YA 297 28.10 -71.85 26.83
N VAL YA 298 27.65 -70.68 26.40
CA VAL YA 298 26.49 -70.03 27.02
C VAL YA 298 25.23 -70.20 26.20
N ARG YA 299 25.32 -70.67 24.95
CA ARG YA 299 24.14 -70.76 24.10
C ARG YA 299 24.48 -71.59 22.87
N VAL YA 300 23.67 -72.60 22.58
CA VAL YA 300 23.82 -73.40 21.38
C VAL YA 300 22.92 -72.76 20.34
N VAL YA 301 23.52 -71.95 19.47
CA VAL YA 301 22.73 -71.12 18.57
C VAL YA 301 22.24 -71.87 17.33
N ASP YA 302 23.09 -72.66 16.68
CA ASP YA 302 22.71 -73.37 15.47
C ASP YA 302 23.05 -74.84 15.64
N GLY YA 303 22.76 -75.63 14.61
CA GLY YA 303 23.17 -77.01 14.62
C GLY YA 303 24.65 -77.21 14.36
N THR YA 304 25.36 -76.15 13.99
CA THR YA 304 26.80 -76.20 13.78
C THR YA 304 27.54 -75.04 14.44
N HIS YA 305 26.86 -74.23 15.25
CA HIS YA 305 27.45 -73.07 15.89
C HIS YA 305 27.23 -73.16 17.39
N VAL YA 306 28.15 -72.57 18.15
CA VAL YA 306 28.00 -72.38 19.59
C VAL YA 306 28.52 -70.99 19.93
N GLU YA 307 28.19 -70.52 21.12
CA GLU YA 307 28.64 -69.22 21.60
C GLU YA 307 29.29 -69.40 22.95
N ILE YA 308 30.58 -69.05 23.04
CA ILE YA 308 31.40 -69.34 24.21
C ILE YA 308 31.78 -68.05 24.90
N THR YA 309 31.82 -68.07 26.23
CA THR YA 309 31.87 -66.86 27.03
C THR YA 309 33.25 -66.17 27.12
N PRO YA 310 34.39 -66.87 27.11
CA PRO YA 310 35.64 -66.12 26.94
C PRO YA 310 35.96 -66.00 25.47
N LYS YA 311 36.17 -64.80 24.97
CA LYS YA 311 36.46 -64.63 23.56
C LYS YA 311 37.90 -65.04 23.28
N PRO YA 312 38.14 -66.02 22.44
CA PRO YA 312 39.53 -66.45 22.17
C PRO YA 312 40.26 -65.52 21.22
N VAL YA 313 40.85 -64.46 21.77
CA VAL YA 313 41.68 -63.55 21.00
C VAL YA 313 43.11 -64.05 21.05
N ALA YA 314 43.67 -64.35 19.89
CA ALA YA 314 44.96 -65.03 19.82
C ALA YA 314 46.11 -64.05 19.75
N LEU YA 315 47.22 -64.44 20.36
CA LEU YA 315 48.41 -63.58 20.38
C LEU YA 315 49.10 -63.54 19.02
N ASP YA 316 49.14 -64.67 18.32
CA ASP YA 316 49.87 -64.77 17.07
C ASP YA 316 49.06 -64.28 15.88
N ASP YA 317 47.81 -63.87 16.08
CA ASP YA 317 46.96 -63.40 14.99
C ASP YA 317 47.61 -62.21 14.30
N VAL YA 318 48.03 -62.39 13.05
CA VAL YA 318 48.72 -61.31 12.35
C VAL YA 318 47.76 -60.22 11.87
N SER YA 319 46.46 -60.52 11.77
CA SER YA 319 45.48 -59.53 11.34
C SER YA 319 45.04 -58.63 12.46
N LEU YA 320 45.81 -58.56 13.55
CA LEU YA 320 45.46 -57.77 14.73
C LEU YA 320 46.32 -56.53 14.76
N SER YA 321 45.69 -55.37 14.88
CA SER YA 321 46.43 -54.14 15.06
C SER YA 321 47.17 -54.18 16.38
N PRO YA 322 48.22 -53.36 16.53
CA PRO YA 322 48.99 -53.42 17.79
C PRO YA 322 48.16 -53.11 19.02
N GLU YA 323 47.14 -52.25 18.90
CA GLU YA 323 46.27 -51.98 20.04
C GLU YA 323 45.27 -53.09 20.30
N GLN YA 324 44.91 -53.85 19.26
CA GLN YA 324 44.01 -54.99 19.46
C GLN YA 324 44.74 -56.17 20.07
N ARG YA 325 46.01 -56.36 19.73
CA ARG YA 325 46.72 -57.57 20.23
C ARG YA 325 46.98 -57.42 21.73
N ALA YA 326 46.88 -56.21 22.26
CA ALA YA 326 47.05 -56.03 23.70
C ALA YA 326 46.03 -56.82 24.51
N TYR YA 327 44.90 -57.17 23.92
CA TYR YA 327 43.84 -57.88 24.62
C TYR YA 327 43.91 -59.38 24.46
N ALA YA 328 44.99 -59.89 23.87
CA ALA YA 328 45.11 -61.31 23.59
C ALA YA 328 45.10 -62.12 24.88
N ASN YA 329 44.43 -63.28 24.84
CA ASN YA 329 44.37 -64.14 26.01
C ASN YA 329 44.62 -65.62 25.73
N VAL YA 330 44.88 -65.99 24.48
CA VAL YA 330 45.26 -67.36 24.16
C VAL YA 330 46.48 -67.31 23.25
N ASN YA 331 47.27 -68.39 23.26
CA ASN YA 331 48.52 -68.37 22.51
C ASN YA 331 48.29 -68.49 21.01
N THR YA 332 47.36 -69.34 20.59
CA THR YA 332 47.01 -69.47 19.19
C THR YA 332 45.51 -69.28 19.01
N SER YA 333 45.04 -69.50 17.79
CA SER YA 333 43.65 -69.31 17.42
C SER YA 333 43.03 -70.65 17.02
N LEU YA 334 41.74 -70.61 16.71
CA LEU YA 334 41.03 -71.79 16.25
C LEU YA 334 41.33 -72.02 14.78
N ALA YA 335 41.99 -73.12 14.47
CA ALA YA 335 42.49 -73.39 13.12
C ALA YA 335 42.04 -74.77 12.67
N ASP YA 336 41.12 -74.81 11.70
CA ASP YA 336 40.62 -76.02 11.07
C ASP YA 336 40.31 -77.12 12.07
N ALA YA 337 40.49 -78.37 11.67
CA ALA YA 337 39.98 -79.49 12.45
C ALA YA 337 40.80 -79.68 13.71
N MET YA 338 40.49 -78.87 14.72
CA MET YA 338 41.02 -79.08 16.07
C MET YA 338 39.95 -79.71 16.93
N ALA YA 339 40.32 -80.77 17.64
CA ALA YA 339 39.37 -81.45 18.50
C ALA YA 339 39.04 -80.62 19.72
N VAL YA 340 37.76 -80.56 20.07
CA VAL YA 340 37.37 -79.96 21.33
C VAL YA 340 37.29 -81.09 22.34
N ASN YA 341 37.62 -80.79 23.58
CA ASN YA 341 37.47 -81.74 24.67
C ASN YA 341 36.44 -81.21 25.64
N ILE YA 342 35.43 -82.02 25.92
CA ILE YA 342 34.45 -81.69 26.95
C ILE YA 342 35.08 -81.99 28.29
N LEU YA 343 34.99 -81.05 29.22
CA LEU YA 343 35.65 -81.19 30.51
C LEU YA 343 34.73 -81.70 31.59
N ASN YA 344 33.42 -81.60 31.41
CA ASN YA 344 32.45 -82.17 32.34
C ASN YA 344 31.96 -83.48 31.72
N VAL YA 345 32.55 -84.59 32.18
CA VAL YA 345 32.24 -85.89 31.61
C VAL YA 345 31.33 -86.73 32.51
N LYS YA 346 31.18 -86.37 33.78
CA LYS YA 346 30.18 -86.96 34.66
C LYS YA 346 29.35 -85.87 35.31
N ASP YA 347 28.15 -86.24 35.73
CA ASP YA 347 27.35 -85.33 36.55
C ASP YA 347 28.03 -85.14 37.90
N ALA YA 348 28.01 -83.91 38.39
CA ALA YA 348 28.63 -83.61 39.67
C ALA YA 348 28.17 -82.25 40.15
N ARG YA 349 27.75 -82.16 41.41
CA ARG YA 349 27.43 -80.86 41.98
C ARG YA 349 28.67 -79.98 41.95
N THR YA 350 28.47 -78.71 41.60
CA THR YA 350 29.58 -77.82 41.32
C THR YA 350 30.00 -77.07 42.57
N ASN YA 351 31.30 -76.89 42.73
CA ASN YA 351 31.87 -75.87 43.59
C ASN YA 351 32.21 -74.67 42.72
N VAL YA 352 31.94 -73.46 43.21
CA VAL YA 352 32.04 -72.26 42.39
C VAL YA 352 32.91 -71.24 43.09
N PHE YA 353 33.94 -70.76 42.41
CA PHE YA 353 34.76 -69.67 42.93
C PHE YA 353 34.69 -68.47 42.00
N TRP YA 354 34.97 -67.29 42.54
CA TRP YA 354 35.00 -66.10 41.70
C TRP YA 354 35.78 -64.99 42.39
N ALA YA 355 36.10 -63.97 41.60
CA ALA YA 355 36.53 -62.69 42.13
C ALA YA 355 35.30 -61.80 42.31
N ASP YA 356 35.23 -61.11 43.45
CA ASP YA 356 33.96 -60.62 43.95
C ASP YA 356 33.24 -59.69 42.98
N ASP YA 357 33.95 -59.03 42.09
CA ASP YA 357 33.33 -58.10 41.16
C ASP YA 357 32.89 -58.76 39.85
N ALA YA 358 32.92 -60.09 39.77
CA ALA YA 358 32.59 -60.77 38.54
C ALA YA 358 31.08 -60.95 38.36
N ILE YA 359 30.34 -61.12 39.44
CA ILE YA 359 28.88 -61.27 39.39
C ILE YA 359 28.25 -60.01 39.93
N ARG YA 360 27.34 -59.42 39.16
CA ARG YA 360 26.60 -58.25 39.59
C ARG YA 360 25.12 -58.54 39.48
N ILE YA 361 24.32 -57.82 40.25
CA ILE YA 361 22.87 -57.96 40.22
C ILE YA 361 22.28 -56.59 39.88
N VAL YA 362 21.86 -56.42 38.64
CA VAL YA 362 21.29 -55.16 38.18
C VAL YA 362 19.81 -55.18 38.53
N SER YA 363 19.39 -54.33 39.45
CA SER YA 363 18.01 -54.34 39.94
C SER YA 363 17.39 -52.96 39.85
N GLN YA 364 16.07 -52.92 39.65
CA GLN YA 364 15.32 -51.67 39.61
C GLN YA 364 13.92 -51.85 40.18
N PRO YA 365 13.47 -50.95 41.04
CA PRO YA 365 12.04 -50.90 41.35
C PRO YA 365 11.23 -50.63 40.08
N ILE YA 366 10.11 -51.33 39.95
CA ILE YA 366 9.21 -51.15 38.82
C ILE YA 366 8.54 -49.80 38.97
N PRO YA 367 8.61 -48.93 37.96
CA PRO YA 367 7.99 -47.60 38.09
C PRO YA 367 6.48 -47.71 38.28
N ALA YA 368 5.94 -46.79 39.08
CA ALA YA 368 4.51 -46.79 39.35
C ALA YA 368 3.69 -46.31 38.16
N ASN YA 369 4.33 -45.79 37.13
CA ASN YA 369 3.65 -45.37 35.91
C ASN YA 369 3.56 -46.48 34.88
N HIS YA 370 3.92 -47.70 35.25
CA HIS YA 370 3.94 -48.81 34.31
C HIS YA 370 2.53 -49.09 33.79
N GLU YA 371 2.47 -49.77 32.63
CA GLU YA 371 1.17 -50.15 32.08
C GLU YA 371 0.44 -51.10 33.01
N LEU YA 372 1.12 -52.16 33.45
CA LEU YA 372 0.66 -52.88 34.62
C LEU YA 372 0.90 -52.03 35.85
N PHE YA 373 0.33 -52.45 36.98
CA PHE YA 373 0.29 -51.60 38.16
C PHE YA 373 -0.36 -50.26 37.81
N ALA YA 374 -1.45 -50.33 37.06
CA ALA YA 374 -2.10 -49.13 36.57
C ALA YA 374 -3.02 -48.51 37.62
N GLY YA 375 -4.05 -49.25 38.03
CA GLY YA 375 -4.96 -48.78 39.06
C GLY YA 375 -4.53 -49.26 40.43
N MET YA 376 -3.27 -49.67 40.55
CA MET YA 376 -2.72 -50.20 41.78
C MET YA 376 -2.00 -49.11 42.55
N LYS YA 377 -2.18 -49.09 43.86
CA LYS YA 377 -1.36 -48.25 44.73
C LYS YA 377 -0.09 -49.02 45.07
N THR YA 378 1.06 -48.47 44.70
CA THR YA 378 2.34 -49.16 44.83
C THR YA 378 3.21 -48.46 45.87
N THR YA 379 3.85 -49.25 46.71
CA THR YA 379 4.88 -48.78 47.64
C THR YA 379 6.11 -49.64 47.47
N SER YA 380 7.18 -49.28 48.16
CA SER YA 380 8.40 -50.06 48.10
C SER YA 380 8.30 -51.26 49.02
N PHE YA 381 9.22 -52.21 48.83
CA PHE YA 381 9.19 -53.46 49.59
C PHE YA 381 10.62 -54.00 49.66
N SER YA 382 11.23 -53.92 50.84
CA SER YA 382 12.63 -54.28 51.00
C SER YA 382 12.76 -55.79 51.17
N ILE YA 383 13.34 -56.45 50.18
CA ILE YA 383 13.60 -57.89 50.31
C ILE YA 383 14.76 -58.08 51.29
N PRO YA 384 14.61 -58.91 52.32
CA PRO YA 384 15.61 -58.97 53.38
C PRO YA 384 16.91 -59.58 52.88
N ASP YA 385 17.92 -59.54 53.76
CA ASP YA 385 19.20 -60.18 53.51
C ASP YA 385 19.91 -59.58 52.31
N VAL YA 386 19.39 -59.86 51.12
CA VAL YA 386 19.97 -59.29 49.90
C VAL YA 386 19.56 -57.82 49.78
N GLY YA 387 20.42 -57.04 49.13
CA GLY YA 387 20.15 -55.63 48.98
C GLY YA 387 19.27 -55.31 47.79
N LEU YA 388 18.04 -55.82 47.80
CA LEU YA 388 17.10 -55.59 46.71
C LEU YA 388 15.80 -55.01 47.25
N ASN YA 389 15.17 -54.18 46.41
CA ASN YA 389 13.91 -53.55 46.73
C ASN YA 389 12.93 -53.78 45.58
N GLY YA 390 11.84 -54.47 45.87
CA GLY YA 390 10.76 -54.65 44.94
C GLY YA 390 9.59 -53.74 45.23
N ILE YA 391 8.45 -54.04 44.62
CA ILE YA 391 7.27 -53.19 44.66
C ILE YA 391 6.11 -53.99 45.24
N PHE YA 392 5.45 -53.41 46.23
CA PHE YA 392 4.24 -53.97 46.83
C PHE YA 392 3.07 -53.15 46.31
N ALA YA 393 2.27 -53.73 45.42
CA ALA YA 393 1.17 -53.03 44.79
C ALA YA 393 -0.13 -53.67 45.21
N THR YA 394 -1.16 -52.84 45.40
CA THR YA 394 -2.41 -53.33 45.94
C THR YA 394 -3.58 -52.65 45.24
N GLN YA 395 -4.64 -53.41 44.98
CA GLN YA 395 -5.80 -52.87 44.30
C GLN YA 395 -7.07 -53.46 44.91
N GLY YA 396 -8.16 -52.70 44.87
CA GLY YA 396 -9.43 -53.15 45.42
C GLY YA 396 -10.52 -53.18 44.37
N ASP YA 397 -11.52 -54.03 44.60
CA ASP YA 397 -12.66 -54.22 43.71
C ASP YA 397 -13.95 -54.12 44.50
N ILE YA 398 -14.91 -53.37 43.96
CA ILE YA 398 -16.13 -53.00 44.69
C ILE YA 398 -17.30 -53.88 44.27
N SER YA 399 -17.32 -54.33 43.01
CA SER YA 399 -18.37 -55.23 42.58
C SER YA 399 -18.35 -56.50 43.42
N THR YA 400 -17.25 -57.24 43.37
CA THR YA 400 -16.93 -58.26 44.36
C THR YA 400 -15.98 -57.63 45.36
N LEU YA 401 -16.38 -57.59 46.63
CA LEU YA 401 -15.65 -56.77 47.60
C LEU YA 401 -14.30 -57.44 47.87
N SER YA 402 -13.40 -57.31 46.91
CA SER YA 402 -12.17 -58.10 46.90
C SER YA 402 -10.96 -57.18 46.76
N GLY YA 403 -9.79 -57.80 46.74
CA GLY YA 403 -8.54 -57.06 46.61
C GLY YA 403 -7.43 -57.97 46.17
N LEU YA 404 -6.48 -57.41 45.44
CA LEU YA 404 -5.32 -58.12 44.96
C LEU YA 404 -4.05 -57.49 45.51
N CYS YA 405 -3.15 -58.33 46.03
CA CYS YA 405 -1.79 -57.95 46.36
C CYS YA 405 -0.83 -58.55 45.36
N ARG YA 406 0.17 -57.75 44.97
CA ARG YA 406 1.19 -58.18 44.02
C ARG YA 406 2.54 -57.64 44.48
N ILE YA 407 3.45 -58.53 44.85
CA ILE YA 407 4.81 -58.17 45.20
C ILE YA 407 5.69 -58.56 44.03
N ALA YA 408 6.27 -57.56 43.37
CA ALA YA 408 7.12 -57.81 42.21
C ALA YA 408 8.57 -57.48 42.54
N LEU YA 409 9.49 -58.16 41.89
CA LEU YA 409 10.92 -57.89 42.05
C LEU YA 409 11.58 -57.96 40.69
N TRP YA 410 12.26 -56.88 40.30
CA TRP YA 410 12.87 -56.78 38.98
C TRP YA 410 14.37 -56.66 39.10
N TYR YA 411 15.07 -57.69 38.64
CA TYR YA 411 16.52 -57.77 38.75
C TYR YA 411 17.04 -58.69 37.64
N GLY YA 412 18.36 -58.67 37.47
CA GLY YA 412 19.02 -59.57 36.54
C GLY YA 412 20.44 -59.84 36.97
N VAL YA 413 20.84 -61.10 37.02
CA VAL YA 413 22.18 -61.47 37.44
C VAL YA 413 23.07 -61.50 36.20
N ASN YA 414 24.14 -60.71 36.22
CA ASN YA 414 25.03 -60.56 35.08
C ASN YA 414 26.45 -60.91 35.46
N ALA YA 415 27.08 -61.75 34.64
CA ALA YA 415 28.47 -62.15 34.81
C ALA YA 415 29.31 -61.24 33.94
N THR YA 416 29.88 -60.19 34.54
CA THR YA 416 30.65 -59.23 33.77
C THR YA 416 32.10 -59.66 33.56
N ARG YA 417 32.60 -60.60 34.36
CA ARG YA 417 33.94 -61.16 34.20
C ARG YA 417 33.85 -62.67 34.24
N PRO YA 418 33.36 -63.29 33.17
CA PRO YA 418 33.30 -64.74 33.13
C PRO YA 418 34.66 -65.38 33.23
N GLU YA 419 35.70 -64.71 32.74
CA GLU YA 419 37.05 -65.20 32.91
C GLU YA 419 37.47 -65.23 34.37
N ALA YA 420 36.79 -64.47 35.22
CA ALA YA 420 37.06 -64.47 36.65
C ALA YA 420 36.20 -65.48 37.39
N ILE YA 421 34.97 -65.68 36.95
CA ILE YA 421 34.16 -66.75 37.54
C ILE YA 421 34.80 -68.11 37.21
N GLY YA 422 34.57 -69.08 38.09
CA GLY YA 422 35.13 -70.40 37.89
C GLY YA 422 34.24 -71.48 38.46
N VAL YA 423 34.61 -72.73 38.19
CA VAL YA 423 33.87 -73.88 38.66
C VAL YA 423 34.83 -75.00 39.01
N GLY YA 424 34.43 -75.84 39.96
CA GLY YA 424 35.25 -76.96 40.40
C GLY YA 424 34.50 -78.27 40.31
N LEU YA 425 35.02 -79.21 39.53
CA LEU YA 425 34.34 -80.45 39.23
C LEU YA 425 35.13 -81.64 39.75
N PRO YA 426 34.85 -82.13 40.95
CA PRO YA 426 35.58 -83.27 41.48
C PRO YA 426 35.06 -84.58 40.90
N GLY YA 427 35.95 -85.57 40.85
CA GLY YA 427 35.57 -86.89 40.39
C GLY YA 427 35.12 -86.95 38.95
N GLN YA 428 35.83 -86.26 38.06
CA GLN YA 428 35.51 -86.28 36.64
C GLN YA 428 36.26 -87.40 35.93
N THR YA 429 36.06 -88.61 36.44
CA THR YA 429 36.65 -89.79 35.85
C THR YA 429 35.87 -90.16 34.58
N ALA YA 430 36.58 -90.22 33.46
CA ALA YA 430 35.95 -90.42 32.16
C ALA YA 430 35.05 -91.65 32.11
N ALA ZA 2 -32.51 120.90 4.66
CA ALA ZA 2 -31.35 120.19 5.18
C ALA ZA 2 -30.45 119.71 4.04
N LEU ZA 3 -30.91 118.66 3.36
CA LEU ZA 3 -30.18 118.03 2.26
C LEU ZA 3 -28.81 117.52 2.74
N ASN ZA 4 -28.85 116.56 3.63
CA ASN ZA 4 -27.66 115.78 3.99
C ASN ZA 4 -27.65 114.56 3.08
N GLU ZA 5 -26.79 114.60 2.06
CA GLU ZA 5 -26.75 113.55 1.06
C GLU ZA 5 -25.61 112.60 1.43
N GLY ZA 6 -25.80 111.88 2.53
CA GLY ZA 6 -24.81 110.94 3.00
C GLY ZA 6 -24.90 109.65 2.22
N GLN ZA 7 -24.79 108.51 2.87
CA GLN ZA 7 -24.88 107.24 2.16
C GLN ZA 7 -25.83 106.31 2.88
N ILE ZA 8 -26.29 105.29 2.17
CA ILE ZA 8 -27.51 104.56 2.51
C ILE ZA 8 -27.16 103.10 2.77
N VAL ZA 9 -27.76 102.53 3.81
CA VAL ZA 9 -27.61 101.12 4.15
C VAL ZA 9 -28.99 100.47 4.15
N THR ZA 10 -29.00 99.14 4.28
CA THR ZA 10 -30.20 98.35 4.46
C THR ZA 10 -30.04 97.46 5.68
N LEU ZA 11 -31.09 97.36 6.48
CA LEU ZA 11 -31.02 96.71 7.79
C LEU ZA 11 -31.95 95.51 7.79
N ALA ZA 12 -31.39 94.32 8.04
CA ALA ZA 12 -32.18 93.10 8.19
C ALA ZA 12 -32.06 92.64 9.63
N VAL ZA 13 -33.15 92.77 10.38
CA VAL ZA 13 -33.19 92.40 11.79
C VAL ZA 13 -33.48 90.92 11.88
N ASP ZA 14 -32.65 90.19 12.63
CA ASP ZA 14 -32.77 88.74 12.73
C ASP ZA 14 -33.57 88.31 13.95
N GLU ZA 15 -34.57 89.10 14.34
CA GLU ZA 15 -35.62 88.66 15.25
C GLU ZA 15 -36.79 88.25 14.35
N ILE ZA 16 -37.00 86.93 14.23
CA ILE ZA 16 -37.96 86.43 13.27
C ILE ZA 16 -39.38 86.74 13.73
N ILE ZA 17 -40.31 86.65 12.78
CA ILE ZA 17 -41.73 86.83 13.05
C ILE ZA 17 -42.37 85.46 12.93
N GLU ZA 18 -42.62 84.84 14.08
CA GLU ZA 18 -43.25 83.53 14.09
C GLU ZA 18 -44.70 83.63 13.65
N THR ZA 19 -45.11 82.73 12.75
CA THR ZA 19 -46.42 82.81 12.14
C THR ZA 19 -47.23 81.52 12.17
N ILE ZA 20 -46.64 80.38 12.49
CA ILE ZA 20 -47.35 79.10 12.47
C ILE ZA 20 -47.20 78.44 13.83
N SER ZA 21 -48.29 77.87 14.34
CA SER ZA 21 -48.25 77.13 15.61
C SER ZA 21 -49.37 76.09 15.54
N ALA ZA 22 -49.00 74.86 15.22
CA ALA ZA 22 -49.96 73.77 15.06
C ALA ZA 22 -49.92 72.84 16.26
N ILE ZA 23 -50.95 71.98 16.34
CA ILE ZA 23 -51.06 71.00 17.41
C ILE ZA 23 -51.34 69.63 16.80
N THR ZA 24 -50.86 68.59 17.45
CA THR ZA 24 -51.02 67.21 16.99
C THR ZA 24 -51.55 66.34 18.11
N PRO ZA 25 -52.84 66.48 18.47
CA PRO ZA 25 -53.39 65.63 19.53
C PRO ZA 25 -53.56 64.18 19.11
N MET ZA 26 -53.91 63.93 17.85
CA MET ZA 26 -54.19 62.57 17.42
C MET ZA 26 -52.95 61.70 17.52
N ALA ZA 27 -51.80 62.23 17.10
CA ALA ZA 27 -50.56 61.47 17.19
C ALA ZA 27 -50.15 61.25 18.64
N GLN ZA 28 -50.25 62.28 19.48
CA GLN ZA 28 -49.93 62.10 20.89
C GLN ZA 28 -50.81 61.07 21.57
N LYS ZA 29 -52.05 60.89 21.10
CA LYS ZA 29 -52.93 59.90 21.68
C LYS ZA 29 -52.75 58.51 21.10
N ALA ZA 30 -52.36 58.40 19.83
CA ALA ZA 30 -52.13 57.08 19.24
C ALA ZA 30 -50.92 56.42 19.89
N LYS ZA 31 -50.99 55.09 20.01
CA LYS ZA 31 -49.91 54.35 20.64
C LYS ZA 31 -48.75 54.16 19.68
N LYS ZA 32 -47.53 54.21 20.22
CA LYS ZA 32 -46.33 53.96 19.45
C LYS ZA 32 -45.88 52.53 19.69
N TYR ZA 33 -45.80 51.75 18.62
CA TYR ZA 33 -45.18 50.43 18.68
C TYR ZA 33 -43.70 50.58 18.32
N THR ZA 34 -42.97 51.22 19.22
CA THR ZA 34 -41.57 51.55 19.05
C THR ZA 34 -40.64 50.33 19.03
N PRO ZA 35 -40.86 49.28 19.83
CA PRO ZA 35 -39.87 48.20 19.87
C PRO ZA 35 -40.18 47.02 18.96
N PRO ZA 36 -40.18 47.20 17.64
CA PRO ZA 36 -39.77 46.10 16.77
C PRO ZA 36 -38.28 46.19 16.42
N ALA ZA 37 -37.75 45.07 15.95
CA ALA ZA 37 -36.36 44.98 15.54
C ALA ZA 37 -36.26 45.33 14.05
N ALA ZA 38 -35.16 44.99 13.40
CA ALA ZA 38 -34.96 45.29 11.97
C ALA ZA 38 -35.79 44.47 11.11
N SER ZA 39 -36.82 43.84 11.67
CA SER ZA 39 -37.80 43.06 10.94
C SER ZA 39 -38.07 43.67 9.57
N MET ZA 40 -38.33 44.98 9.55
CA MET ZA 40 -38.58 45.70 8.31
C MET ZA 40 -37.35 46.55 7.98
N GLN ZA 41 -36.33 45.91 7.41
CA GLN ZA 41 -35.13 46.67 7.05
C GLN ZA 41 -35.48 47.66 5.96
N ARG ZA 42 -35.79 47.15 4.79
CA ARG ZA 42 -36.39 47.85 3.66
C ARG ZA 42 -37.53 47.09 3.02
N SER ZA 43 -37.43 45.76 2.95
CA SER ZA 43 -38.31 44.95 2.13
C SER ZA 43 -39.22 44.04 2.95
N SER ZA 44 -38.66 43.27 3.90
CA SER ZA 44 -39.49 42.38 4.71
C SER ZA 44 -40.30 43.24 5.67
N ASN ZA 45 -41.23 44.01 5.10
CA ASN ZA 45 -41.88 45.11 5.78
C ASN ZA 45 -43.24 44.69 6.33
N THR ZA 46 -43.22 43.75 7.27
CA THR ZA 46 -44.46 43.22 7.82
C THR ZA 46 -44.20 42.38 9.08
N ILE ZA 47 -44.91 42.67 10.16
CA ILE ZA 47 -44.89 41.86 11.38
C ILE ZA 47 -46.30 41.40 11.66
N TRP ZA 48 -46.44 40.13 12.04
CA TRP ZA 48 -47.72 39.55 12.40
C TRP ZA 48 -47.81 39.48 13.92
N MET ZA 49 -48.81 40.15 14.49
CA MET ZA 49 -49.01 40.12 15.92
C MET ZA 49 -50.30 39.38 16.26
N PRO ZA 50 -50.30 38.58 17.32
CA PRO ZA 50 -51.47 37.76 17.63
C PRO ZA 50 -52.64 38.58 18.13
N VAL ZA 51 -53.81 37.96 18.11
CA VAL ZA 51 -55.05 38.58 18.57
C VAL ZA 51 -55.58 37.76 19.73
N GLU ZA 52 -56.12 38.45 20.74
CA GLU ZA 52 -56.65 37.79 21.93
C GLU ZA 52 -57.61 36.67 21.55
N GLN ZA 53 -57.54 35.57 22.30
CA GLN ZA 53 -58.32 34.39 21.98
C GLN ZA 53 -59.75 34.51 22.50
N GLU ZA 54 -60.62 33.68 21.94
CA GLU ZA 54 -61.98 33.47 22.43
C GLU ZA 54 -62.23 31.97 22.47
N SER ZA 55 -62.80 31.51 23.58
CA SER ZA 55 -62.89 30.09 23.85
C SER ZA 55 -64.33 29.61 23.69
N PRO ZA 56 -64.56 28.51 22.98
CA PRO ZA 56 -65.88 27.89 22.96
C PRO ZA 56 -66.16 27.18 24.28
N THR ZA 57 -67.37 26.62 24.38
CA THR ZA 57 -67.79 25.97 25.61
C THR ZA 57 -68.95 25.04 25.32
N GLN ZA 58 -68.88 23.83 25.87
CA GLN ZA 58 -69.94 22.84 25.76
C GLN ZA 58 -70.32 22.37 27.16
N GLU ZA 59 -71.59 22.04 27.34
CA GLU ZA 59 -72.14 21.73 28.65
C GLU ZA 59 -72.58 20.27 28.71
N GLY ZA 60 -72.20 19.60 29.79
CA GLY ZA 60 -72.56 18.20 29.95
C GLY ZA 60 -71.46 17.40 30.60
N TRP ZA 61 -71.71 16.11 30.84
CA TRP ZA 61 -70.75 15.23 31.48
C TRP ZA 61 -69.93 14.43 30.47
N ASP ZA 62 -70.61 13.70 29.61
CA ASP ZA 62 -69.98 12.83 28.63
C ASP ZA 62 -69.70 13.63 27.36
N LEU ZA 63 -68.42 13.79 27.02
CA LEU ZA 63 -67.99 14.59 25.87
C LEU ZA 63 -67.03 13.80 25.01
N THR ZA 64 -67.36 12.54 24.72
CA THR ZA 64 -66.45 11.70 23.96
C THR ZA 64 -66.36 12.19 22.51
N ASP ZA 65 -65.14 12.40 22.04
CA ASP ZA 65 -64.80 12.91 20.72
C ASP ZA 65 -65.20 14.36 20.49
N LYS ZA 66 -65.72 15.05 21.50
CA LYS ZA 66 -66.20 16.41 21.34
C LYS ZA 66 -65.14 17.45 21.67
N ALA ZA 67 -63.87 17.06 21.76
CA ALA ZA 67 -62.81 18.00 22.08
C ALA ZA 67 -62.63 19.00 20.95
N THR ZA 68 -62.32 20.24 21.33
CA THR ZA 68 -62.18 21.35 20.40
C THR ZA 68 -60.70 21.59 20.11
N GLY ZA 69 -60.41 22.26 19.01
CA GLY ZA 69 -59.06 22.63 18.67
C GLY ZA 69 -58.65 23.96 19.26
N LEU ZA 70 -57.48 24.42 18.84
CA LEU ZA 70 -56.95 25.73 19.23
C LEU ZA 70 -56.81 26.58 17.99
N LEU ZA 71 -57.41 27.77 18.01
CA LEU ZA 71 -57.32 28.71 16.90
C LEU ZA 71 -56.93 30.08 17.44
N GLU ZA 72 -55.88 30.66 16.89
CA GLU ZA 72 -55.46 32.01 17.23
C GLU ZA 72 -55.15 32.78 15.97
N LEU ZA 73 -55.83 33.91 15.79
CA LEU ZA 73 -55.67 34.74 14.62
C LEU ZA 73 -54.61 35.80 14.86
N ASN ZA 74 -54.22 36.49 13.80
CA ASN ZA 74 -53.21 37.53 13.91
C ASN ZA 74 -53.48 38.61 12.87
N VAL ZA 75 -52.86 39.77 13.08
CA VAL ZA 75 -52.97 40.89 12.16
C VAL ZA 75 -51.57 41.33 11.75
N ALA ZA 76 -51.49 41.98 10.60
CA ALA ZA 76 -50.22 42.40 10.04
C ALA ZA 76 -50.06 43.91 10.16
N VAL ZA 77 -48.86 44.34 10.56
CA VAL ZA 77 -48.51 45.75 10.65
C VAL ZA 77 -47.27 45.98 9.82
N ASN ZA 78 -47.12 47.19 9.31
CA ASN ZA 78 -46.03 47.51 8.41
C ASN ZA 78 -45.71 48.99 8.49
N MET ZA 79 -44.62 49.38 7.86
CA MET ZA 79 -44.22 50.77 7.74
C MET ZA 79 -44.27 51.20 6.29
N GLY ZA 80 -44.62 52.45 6.07
CA GLY ZA 80 -44.74 53.00 4.73
C GLY ZA 80 -43.43 53.55 4.21
N GLU ZA 81 -43.54 54.55 3.35
CA GLU ZA 81 -42.37 55.23 2.83
C GLU ZA 81 -41.86 56.27 3.82
N PRO ZA 82 -40.58 56.58 3.77
CA PRO ZA 82 -40.08 57.70 4.56
C PRO ZA 82 -40.61 59.03 4.06
N ASP ZA 83 -40.75 59.98 4.97
CA ASP ZA 83 -41.19 61.34 4.63
C ASP ZA 83 -39.96 62.24 4.72
N ASN ZA 84 -39.38 62.54 3.56
CA ASN ZA 84 -38.06 63.16 3.50
C ASN ZA 84 -38.16 64.68 3.50
N ASP ZA 85 -37.00 65.33 3.46
CA ASP ZA 85 -36.90 66.74 3.12
C ASP ZA 85 -35.47 66.97 2.62
N PHE ZA 86 -35.31 67.04 1.30
CA PHE ZA 86 -34.00 67.30 0.72
C PHE ZA 86 -33.69 68.79 0.72
N PHE ZA 87 -32.41 69.09 0.61
CA PHE ZA 87 -31.93 70.45 0.81
C PHE ZA 87 -30.49 70.54 0.33
N GLN ZA 88 -30.15 71.53 -0.48
CA GLN ZA 88 -28.82 71.65 -1.04
C GLN ZA 88 -28.32 73.08 -0.94
N LEU ZA 89 -27.06 73.25 -0.55
CA LEU ZA 89 -26.43 74.56 -0.49
C LEU ZA 89 -24.99 74.46 -0.94
N ARG ZA 90 -24.48 75.57 -1.47
CA ARG ZA 90 -23.07 75.72 -1.80
C ARG ZA 90 -22.33 76.20 -0.56
N ALA ZA 91 -21.00 76.30 -0.68
CA ALA ZA 91 -20.19 76.73 0.46
C ALA ZA 91 -20.39 78.20 0.80
N ASP ZA 92 -21.02 78.99 -0.09
CA ASP ZA 92 -21.31 80.38 0.26
C ASP ZA 92 -22.36 80.47 1.34
N ASP ZA 93 -23.41 79.67 1.25
CA ASP ZA 93 -24.58 79.84 2.09
C ASP ZA 93 -24.40 79.32 3.50
N LEU ZA 94 -23.18 78.94 3.88
CA LEU ZA 94 -22.88 78.51 5.24
C LEU ZA 94 -21.87 79.43 5.91
N ARG ZA 95 -21.86 80.69 5.53
CA ARG ZA 95 -21.17 81.72 6.28
C ARG ZA 95 -22.07 82.39 7.30
N ASP ZA 96 -23.37 82.10 7.28
CA ASP ZA 96 -24.35 82.69 8.19
C ASP ZA 96 -25.10 81.66 9.01
N GLU ZA 97 -25.51 80.55 8.38
CA GLU ZA 97 -26.03 79.36 9.05
C GLU ZA 97 -27.43 79.51 9.63
N THR ZA 98 -27.96 80.74 9.66
CA THR ZA 98 -29.27 80.93 10.29
C THR ZA 98 -30.38 80.33 9.44
N ALA ZA 99 -30.30 80.51 8.12
CA ALA ZA 99 -31.28 79.88 7.25
C ALA ZA 99 -31.22 78.37 7.35
N TYR ZA 100 -30.01 77.82 7.45
CA TYR ZA 100 -29.83 76.38 7.58
C TYR ZA 100 -30.49 75.86 8.86
N ARG ZA 101 -30.23 76.52 9.99
CA ARG ZA 101 -30.84 76.07 11.24
C ARG ZA 101 -32.37 76.19 11.18
N ARG ZA 102 -32.87 77.30 10.64
CA ARG ZA 102 -34.31 77.50 10.61
C ARG ZA 102 -34.98 76.48 9.71
N ARG ZA 103 -34.33 76.12 8.60
CA ARG ZA 103 -34.87 75.07 7.76
C ARG ZA 103 -34.92 73.75 8.51
N ILE ZA 104 -33.90 73.45 9.30
CA ILE ZA 104 -33.92 72.21 10.08
C ILE ZA 104 -35.12 72.17 11.02
N GLN ZA 105 -35.31 73.25 11.79
CA GLN ZA 105 -36.42 73.27 12.75
C GLN ZA 105 -37.77 73.19 12.06
N SER ZA 106 -37.95 73.97 11.00
CA SER ZA 106 -39.23 73.96 10.29
C SER ZA 106 -39.50 72.59 9.68
N ALA ZA 107 -38.45 71.91 9.20
CA ALA ZA 107 -38.62 70.57 8.67
C ALA ZA 107 -39.10 69.62 9.74
N ALA ZA 108 -38.52 69.70 10.94
CA ALA ZA 108 -38.98 68.81 12.02
C ALA ZA 108 -40.45 69.05 12.34
N ARG ZA 109 -40.85 70.31 12.41
CA ARG ZA 109 -42.25 70.60 12.73
C ARG ZA 109 -43.19 70.10 11.64
N LYS ZA 110 -42.80 70.30 10.37
CA LYS ZA 110 -43.63 69.83 9.27
C LYS ZA 110 -43.74 68.32 9.27
N LEU ZA 111 -42.66 67.62 9.61
CA LEU ZA 111 -42.72 66.16 9.68
C LEU ZA 111 -43.69 65.70 10.77
N ALA ZA 112 -43.66 66.35 11.92
CA ALA ZA 112 -44.63 65.99 12.96
C ALA ZA 112 -46.06 66.19 12.47
N ASN ZA 113 -46.32 67.31 11.81
CA ASN ZA 113 -47.68 67.56 11.33
C ASN ZA 113 -48.09 66.56 10.26
N ASN ZA 114 -47.15 66.11 9.43
CA ASN ZA 114 -47.48 65.08 8.44
C ASN ZA 114 -47.86 63.77 9.11
N VAL ZA 115 -47.14 63.41 10.19
CA VAL ZA 115 -47.52 62.22 10.95
C VAL ZA 115 -48.96 62.35 11.44
N GLU ZA 116 -49.30 63.54 11.94
CA GLU ZA 116 -50.65 63.78 12.45
C GLU ZA 116 -51.69 63.63 11.33
N LEU ZA 117 -51.40 64.16 10.15
CA LEU ZA 117 -52.33 64.07 9.03
C LEU ZA 117 -52.56 62.63 8.61
N LYS ZA 118 -51.49 61.84 8.54
CA LYS ZA 118 -51.63 60.43 8.20
C LYS ZA 118 -52.49 59.71 9.23
N VAL ZA 119 -52.27 59.99 10.51
CA VAL ZA 119 -53.06 59.33 11.56
C VAL ZA 119 -54.54 59.67 11.41
N ALA ZA 120 -54.84 60.96 11.18
CA ALA ZA 120 -56.23 61.36 11.04
C ALA ZA 120 -56.89 60.68 9.85
N ASN ZA 121 -56.22 60.66 8.70
CA ASN ZA 121 -56.80 60.04 7.52
C ASN ZA 121 -57.03 58.55 7.73
N MET ZA 122 -56.05 57.85 8.31
CA MET ZA 122 -56.20 56.42 8.51
C MET ZA 122 -57.34 56.13 9.49
N ALA ZA 123 -57.42 56.89 10.57
CA ALA ZA 123 -58.49 56.67 11.55
C ALA ZA 123 -59.85 56.89 10.94
N ALA ZA 124 -60.00 57.94 10.14
CA ALA ZA 124 -61.32 58.23 9.56
C ALA ZA 124 -61.65 57.36 8.37
N GLU ZA 125 -60.66 56.67 7.79
CA GLU ZA 125 -60.93 55.77 6.68
C GLU ZA 125 -61.22 54.35 7.16
N MET ZA 126 -60.34 53.78 7.96
CA MET ZA 126 -60.50 52.40 8.44
C MET ZA 126 -61.20 52.37 9.80
N GLY ZA 127 -62.37 53.00 9.85
CA GLY ZA 127 -63.16 53.02 11.06
C GLY ZA 127 -64.51 52.39 10.89
N SER ZA 128 -64.76 51.28 11.60
CA SER ZA 128 -65.97 50.52 11.38
C SER ZA 128 -67.18 51.21 12.00
N LEU ZA 129 -67.14 51.43 13.32
CA LEU ZA 129 -68.28 52.00 14.01
C LEU ZA 129 -68.62 53.37 13.44
N VAL ZA 130 -69.89 53.59 13.14
CA VAL ZA 130 -70.34 54.88 12.64
C VAL ZA 130 -71.63 55.26 13.35
N ILE ZA 131 -71.66 56.47 13.90
CA ILE ZA 131 -72.87 57.02 14.49
C ILE ZA 131 -73.30 58.21 13.64
N THR ZA 132 -74.50 58.14 13.10
CA THR ZA 132 -75.00 59.15 12.18
C THR ZA 132 -76.06 59.99 12.87
N SER ZA 133 -76.15 61.26 12.49
CA SER ZA 133 -77.17 62.14 13.08
C SER ZA 133 -78.08 62.64 11.97
N PRO ZA 134 -79.42 62.54 12.10
CA PRO ZA 134 -80.32 62.96 11.05
C PRO ZA 134 -80.28 64.48 10.87
N ASP ZA 135 -79.54 65.17 11.74
CA ASP ZA 135 -79.47 66.65 11.69
C ASP ZA 135 -78.13 67.08 12.25
N ALA ZA 136 -77.77 68.35 12.11
CA ALA ZA 136 -76.44 68.81 12.56
C ALA ZA 136 -76.34 68.68 14.08
N ILE ZA 137 -75.16 68.91 14.62
CA ILE ZA 137 -74.92 68.76 16.06
C ILE ZA 137 -75.33 70.00 16.85
N GLY ZA 138 -75.36 71.17 16.23
CA GLY ZA 138 -75.78 72.36 16.94
C GLY ZA 138 -77.26 72.51 17.15
N THR ZA 139 -78.07 71.62 16.56
CA THR ZA 139 -79.52 71.67 16.71
C THR ZA 139 -79.94 70.92 17.95
N ASN ZA 140 -80.87 71.51 18.70
CA ASN ZA 140 -81.46 70.96 19.92
C ASN ZA 140 -80.43 70.67 21.02
N THR ZA 141 -80.90 70.34 22.21
CA THR ZA 141 -80.08 70.31 23.41
C THR ZA 141 -79.42 68.96 23.62
N ALA ZA 142 -78.24 68.99 24.24
CA ALA ZA 142 -77.47 67.80 24.56
C ALA ZA 142 -77.17 66.95 23.32
N ASP ZA 143 -77.06 67.59 22.16
CA ASP ZA 143 -76.80 66.85 20.93
C ASP ZA 143 -75.35 66.38 20.84
N ALA ZA 144 -74.40 67.22 21.25
CA ALA ZA 144 -73.01 66.77 21.28
C ALA ZA 144 -72.78 65.69 22.32
N TRP ZA 145 -73.31 65.89 23.52
CA TRP ZA 145 -73.25 64.83 24.53
C TRP ZA 145 -73.92 63.58 24.02
N ASN ZA 146 -75.01 63.71 23.26
CA ASN ZA 146 -75.70 62.54 22.72
C ASN ZA 146 -74.82 61.80 21.73
N PHE ZA 147 -74.09 62.53 20.88
CA PHE ZA 147 -73.09 61.89 20.02
C PHE ZA 147 -72.08 61.09 20.83
N VAL ZA 148 -71.46 61.74 21.82
CA VAL ZA 148 -70.40 61.06 22.56
C VAL ZA 148 -70.97 59.88 23.33
N ALA ZA 149 -72.19 60.01 23.83
CA ALA ZA 149 -72.82 58.92 24.56
C ALA ZA 149 -73.21 57.78 23.63
N ASP ZA 150 -73.63 58.08 22.41
CA ASP ZA 150 -73.88 57.02 21.44
C ASP ZA 150 -72.61 56.21 21.20
N ALA ZA 151 -71.49 56.91 21.00
CA ALA ZA 151 -70.24 56.21 20.76
C ALA ZA 151 -69.85 55.36 21.97
N GLU ZA 152 -69.94 55.91 23.17
CA GLU ZA 152 -69.59 55.14 24.36
C GLU ZA 152 -70.53 53.96 24.56
N GLU ZA 153 -71.83 54.16 24.31
CA GLU ZA 153 -72.81 53.11 24.46
C GLU ZA 153 -72.51 51.94 23.53
N ILE ZA 154 -72.22 52.22 22.27
CA ILE ZA 154 -71.97 51.13 21.34
C ILE ZA 154 -70.65 50.44 21.67
N MET ZA 155 -69.63 51.21 22.08
CA MET ZA 155 -68.36 50.61 22.46
C MET ZA 155 -68.54 49.71 23.68
N PHE ZA 156 -69.46 50.06 24.58
CA PHE ZA 156 -69.73 49.23 25.74
C PHE ZA 156 -70.53 47.99 25.37
N SER ZA 157 -71.55 48.16 24.53
CA SER ZA 157 -72.41 47.04 24.15
C SER ZA 157 -71.63 45.99 23.36
N ARG ZA 158 -70.73 46.44 22.49
CA ARG ZA 158 -69.88 45.49 21.76
C ARG ZA 158 -68.87 44.80 22.66
N GLU ZA 159 -68.74 45.23 23.91
CA GLU ZA 159 -67.80 44.65 24.86
C GLU ZA 159 -66.37 44.67 24.31
N LEU ZA 160 -66.01 45.79 23.68
CA LEU ZA 160 -64.66 45.99 23.18
C LEU ZA 160 -63.73 46.39 24.33
N ASN ZA 161 -62.48 46.00 24.20
CA ASN ZA 161 -61.50 46.29 25.24
C ASN ZA 161 -61.18 47.77 25.27
N ARG ZA 162 -61.23 48.37 26.45
CA ARG ZA 162 -60.98 49.80 26.60
C ARG ZA 162 -60.13 50.09 27.83
N ASP ZA 163 -59.19 49.21 28.16
CA ASP ZA 163 -58.35 49.41 29.33
C ASP ZA 163 -57.24 50.43 29.12
N MET ZA 164 -56.87 50.70 27.87
CA MET ZA 164 -55.83 51.67 27.57
C MET ZA 164 -56.38 53.06 27.33
N GLY ZA 165 -57.66 53.27 27.57
CA GLY ZA 165 -58.26 54.58 27.43
C GLY ZA 165 -58.92 54.75 26.09
N THR ZA 166 -59.98 55.55 26.06
CA THR ZA 166 -60.74 55.86 24.87
C THR ZA 166 -60.68 57.36 24.61
N SER ZA 167 -60.75 57.74 23.34
CA SER ZA 167 -60.56 59.13 22.94
C SER ZA 167 -61.63 59.53 21.95
N TYR ZA 168 -62.10 60.77 22.07
CA TYR ZA 168 -63.00 61.37 21.09
C TYR ZA 168 -62.34 62.63 20.54
N PHE ZA 169 -62.48 62.85 19.23
CA PHE ZA 169 -61.87 63.97 18.55
C PHE ZA 169 -62.95 64.68 17.76
N PHE ZA 170 -63.23 65.93 18.11
CA PHE ZA 170 -64.13 66.78 17.38
C PHE ZA 170 -63.35 67.61 16.37
N ASN ZA 171 -63.98 67.87 15.23
CA ASN ZA 171 -63.47 68.90 14.35
C ASN ZA 171 -63.77 70.26 14.97
N PRO ZA 172 -63.04 71.31 14.58
CA PRO ZA 172 -63.25 72.61 15.23
C PRO ZA 172 -64.67 73.12 15.12
N GLN ZA 173 -65.36 72.86 14.00
CA GLN ZA 173 -66.72 73.36 13.83
C GLN ZA 173 -67.69 72.68 14.81
N ASP ZA 174 -67.62 71.36 14.91
CA ASP ZA 174 -68.46 70.65 15.86
C ASP ZA 174 -68.07 70.97 17.29
N TYR ZA 175 -66.80 71.28 17.53
CA TYR ZA 175 -66.40 71.69 18.87
C TYR ZA 175 -67.01 73.03 19.24
N LYS ZA 176 -67.04 73.97 18.29
CA LYS ZA 176 -67.71 75.24 18.54
C LYS ZA 176 -69.21 75.02 18.76
N LYS ZA 177 -69.82 74.12 17.99
CA LYS ZA 177 -71.24 73.86 18.18
C LYS ZA 177 -71.53 73.22 19.53
N ALA ZA 178 -70.65 72.33 19.99
CA ALA ZA 178 -70.81 71.73 21.32
C ALA ZA 178 -70.65 72.75 22.43
N GLY ZA 179 -69.63 73.61 22.32
CA GLY ZA 179 -69.47 74.67 23.30
C GLY ZA 179 -70.63 75.64 23.32
N TYR ZA 180 -71.18 75.93 22.14
CA TYR ZA 180 -72.37 76.76 22.06
C TYR ZA 180 -73.55 76.07 22.73
N ASP ZA 181 -73.68 74.77 22.53
CA ASP ZA 181 -74.73 74.00 23.18
C ASP ZA 181 -74.62 74.13 24.69
N LEU ZA 182 -73.40 74.09 25.21
CA LEU ZA 182 -73.22 74.27 26.66
C LEU ZA 182 -73.52 75.69 27.10
N THR ZA 183 -73.14 76.69 26.29
CA THR ZA 183 -73.21 78.07 26.74
C THR ZA 183 -74.59 78.70 26.55
N LYS ZA 184 -75.43 78.13 25.71
CA LYS ZA 184 -76.79 78.64 25.54
C LYS ZA 184 -77.74 78.11 26.59
N ARG ZA 185 -77.22 77.68 27.72
CA ARG ZA 185 -77.91 76.78 28.63
C ARG ZA 185 -78.79 77.49 29.66
N ASP ZA 186 -78.87 78.81 29.64
CA ASP ZA 186 -79.71 79.56 30.59
C ASP ZA 186 -79.31 79.32 32.03
N ILE ZA 187 -78.06 78.89 32.24
CA ILE ZA 187 -77.53 78.66 33.58
C ILE ZA 187 -76.02 78.69 33.46
N PHE ZA 188 -75.35 79.10 34.54
CA PHE ZA 188 -73.89 79.15 34.59
C PHE ZA 188 -73.46 78.56 35.93
N GLY ZA 189 -73.30 77.24 36.01
CA GLY ZA 189 -72.76 76.72 37.24
C GLY ZA 189 -71.26 76.53 37.29
N ARG ZA 190 -70.73 75.53 36.57
CA ARG ZA 190 -69.29 75.40 36.43
C ARG ZA 190 -68.90 75.04 35.01
N ILE ZA 191 -69.67 74.16 34.39
CA ILE ZA 191 -69.38 73.64 33.07
C ILE ZA 191 -69.74 74.67 32.01
N PRO ZA 192 -70.93 75.28 32.04
CA PRO ZA 192 -71.17 76.40 31.12
C PRO ZA 192 -70.23 77.56 31.34
N GLU ZA 193 -69.82 77.82 32.58
CA GLU ZA 193 -68.87 78.89 32.83
C GLU ZA 193 -67.50 78.58 32.21
N GLU ZA 194 -67.05 77.34 32.31
CA GLU ZA 194 -65.82 76.95 31.65
C GLU ZA 194 -65.94 77.06 30.14
N ALA ZA 195 -67.06 76.58 29.58
CA ALA ZA 195 -67.27 76.69 28.14
C ALA ZA 195 -67.46 78.13 27.69
N TYR ZA 196 -67.75 79.04 28.62
CA TYR ZA 196 -67.87 80.45 28.27
C TYR ZA 196 -66.52 81.16 28.33
N ARG ZA 197 -65.87 81.14 29.49
CA ARG ZA 197 -64.59 81.82 29.63
C ARG ZA 197 -63.53 81.20 28.72
N ASP ZA 198 -63.49 79.87 28.66
CA ASP ZA 198 -62.62 79.16 27.73
C ASP ZA 198 -63.48 78.52 26.65
N GLY ZA 199 -62.86 78.17 25.54
CA GLY ZA 199 -63.67 77.51 24.54
C GLY ZA 199 -63.94 76.06 24.79
N THR ZA 200 -63.35 75.48 25.83
CA THR ZA 200 -63.37 74.04 26.03
C THR ZA 200 -64.70 73.59 26.61
N ILE ZA 201 -65.19 72.46 26.12
CA ILE ZA 201 -66.40 71.88 26.69
C ILE ZA 201 -66.12 71.16 28.01
N GLN ZA 202 -65.26 70.14 27.96
CA GLN ZA 202 -64.71 69.47 29.14
C GLN ZA 202 -63.77 68.39 28.63
N ARG ZA 203 -62.85 67.95 29.50
CA ARG ZA 203 -61.88 66.94 29.10
C ARG ZA 203 -62.49 65.55 29.02
N GLN ZA 204 -63.52 65.27 29.79
CA GLN ZA 204 -64.21 63.98 29.77
C GLN ZA 204 -65.68 64.25 29.55
N VAL ZA 205 -66.28 63.57 28.59
CA VAL ZA 205 -67.68 63.76 28.24
C VAL ZA 205 -68.31 62.41 27.97
N ALA ZA 206 -69.50 62.17 28.54
CA ALA ZA 206 -70.28 60.96 28.31
C ALA ZA 206 -69.48 59.70 28.59
N GLY ZA 207 -68.48 59.80 29.46
CA GLY ZA 207 -67.70 58.67 29.88
C GLY ZA 207 -66.38 58.50 29.15
N PHE ZA 208 -66.23 59.13 27.98
CA PHE ZA 208 -64.99 58.99 27.23
C PHE ZA 208 -63.84 59.60 28.03
N ASP ZA 209 -62.72 58.90 28.06
CA ASP ZA 209 -61.65 59.27 28.97
C ASP ZA 209 -60.91 60.52 28.54
N ASP ZA 210 -61.07 60.96 27.28
CA ASP ZA 210 -60.37 62.16 26.82
C ASP ZA 210 -61.06 62.66 25.56
N VAL ZA 211 -61.53 63.90 25.59
CA VAL ZA 211 -62.21 64.52 24.46
C VAL ZA 211 -61.40 65.73 24.03
N LEU ZA 212 -60.95 65.72 22.77
CA LEU ZA 212 -60.10 66.76 22.22
C LEU ZA 212 -60.69 67.30 20.94
N ARG ZA 213 -60.01 68.29 20.37
CA ARG ZA 213 -60.36 68.90 19.09
C ARG ZA 213 -59.21 68.70 18.13
N SER ZA 214 -59.51 68.14 16.96
CA SER ZA 214 -58.48 67.86 15.97
C SER ZA 214 -58.58 68.84 14.83
N PRO ZA 215 -57.55 69.65 14.57
CA PRO ZA 215 -57.65 70.66 13.51
C PRO ZA 215 -57.70 70.09 12.12
N LYS ZA 216 -57.26 68.85 11.91
CA LYS ZA 216 -57.11 68.31 10.57
C LYS ZA 216 -57.77 66.96 10.44
N LEU ZA 217 -59.02 66.88 10.88
CA LEU ZA 217 -59.83 65.72 10.56
C LEU ZA 217 -60.39 65.86 9.16
N PRO ZA 218 -60.51 64.77 8.40
CA PRO ZA 218 -60.83 64.89 6.98
C PRO ZA 218 -62.32 65.08 6.72
N VAL ZA 219 -62.63 65.42 5.48
CA VAL ZA 219 -63.99 65.60 5.01
C VAL ZA 219 -64.40 64.34 4.26
N LEU ZA 220 -65.31 63.58 4.83
CA LEU ZA 220 -65.79 62.35 4.19
C LEU ZA 220 -66.78 62.71 3.10
N THR ZA 221 -66.38 62.55 1.85
CA THR ZA 221 -67.28 62.78 0.74
C THR ZA 221 -68.39 61.75 0.75
N LYS ZA 222 -69.58 62.17 0.33
CA LYS ZA 222 -70.69 61.25 0.19
C LYS ZA 222 -70.39 60.21 -0.87
N SER ZA 223 -70.90 59.01 -0.67
CA SER ZA 223 -70.78 57.95 -1.65
C SER ZA 223 -71.96 58.05 -2.61
N THR ZA 224 -71.65 58.13 -3.90
CA THR ZA 224 -72.69 58.21 -4.92
C THR ZA 224 -73.29 56.86 -5.24
N ALA ZA 225 -72.78 55.79 -4.64
CA ALA ZA 225 -73.29 54.45 -4.92
C ALA ZA 225 -74.70 54.27 -4.38
N THR ZA 226 -75.53 53.60 -5.17
CA THR ZA 226 -76.90 53.32 -4.73
C THR ZA 226 -77.42 52.12 -5.51
N GLY ZA 227 -78.46 51.51 -4.96
CA GLY ZA 227 -79.06 50.34 -5.59
C GLY ZA 227 -78.13 49.16 -5.70
N ILE ZA 228 -77.38 48.87 -4.64
CA ILE ZA 228 -76.39 47.80 -4.62
C ILE ZA 228 -76.90 46.69 -3.73
N THR ZA 229 -76.85 45.46 -4.24
CA THR ZA 229 -77.23 44.28 -3.47
C THR ZA 229 -76.08 43.29 -3.47
N VAL ZA 230 -76.02 42.48 -2.41
CA VAL ZA 230 -75.00 41.45 -2.31
C VAL ZA 230 -75.21 40.42 -3.41
N SER ZA 231 -74.12 39.99 -4.04
CA SER ZA 231 -74.17 39.07 -5.18
C SER ZA 231 -73.69 37.70 -4.72
N GLY ZA 232 -74.62 36.80 -4.47
CA GLY ZA 232 -74.28 35.47 -4.01
C GLY ZA 232 -74.32 35.36 -2.50
N ALA ZA 233 -74.41 34.13 -2.01
CA ALA ZA 233 -74.41 33.85 -0.58
C ALA ZA 233 -72.99 33.60 -0.14
N GLN ZA 234 -72.44 34.51 0.64
CA GLN ZA 234 -71.04 34.44 1.07
C GLN ZA 234 -70.97 34.39 2.60
N SER ZA 235 -70.12 33.50 3.10
CA SER ZA 235 -69.86 33.41 4.53
C SER ZA 235 -68.35 33.34 4.73
N PHE ZA 236 -67.84 34.15 5.66
CA PHE ZA 236 -66.41 34.28 5.89
C PHE ZA 236 -66.02 33.54 7.14
N LYS ZA 237 -64.97 32.75 7.05
CA LYS ZA 237 -64.53 31.89 8.15
C LYS ZA 237 -63.31 32.47 8.81
N PRO ZA 238 -63.26 32.52 10.14
CA PRO ZA 238 -62.05 33.01 10.81
C PRO ZA 238 -60.94 31.98 10.75
N VAL ZA 239 -59.88 32.27 10.02
CA VAL ZA 239 -58.78 31.34 9.83
C VAL ZA 239 -57.48 32.03 10.18
N ALA ZA 240 -56.48 31.24 10.55
CA ALA ZA 240 -55.18 31.77 10.93
C ALA ZA 240 -54.17 31.75 9.80
N TRP ZA 241 -54.21 30.72 8.96
CA TRP ZA 241 -53.29 30.59 7.85
C TRP ZA 241 -54.06 30.08 6.63
N GLN ZA 242 -53.36 30.03 5.50
CA GLN ZA 242 -53.95 29.55 4.26
C GLN ZA 242 -52.85 28.90 3.44
N LEU ZA 243 -53.27 28.06 2.50
CA LEU ZA 243 -52.35 27.46 1.54
C LEU ZA 243 -52.38 28.28 0.26
N ASP ZA 244 -51.21 28.72 -0.19
CA ASP ZA 244 -51.13 29.54 -1.39
C ASP ZA 244 -51.09 28.64 -2.62
N ASN ZA 245 -50.92 29.26 -3.80
CA ASN ZA 245 -50.88 28.48 -5.03
C ASN ZA 245 -49.68 27.54 -5.08
N ASP ZA 246 -48.54 27.99 -4.56
CA ASP ZA 246 -47.35 27.13 -4.53
C ASP ZA 246 -47.45 26.01 -3.51
N GLY ZA 247 -48.44 26.04 -2.63
CA GLY ZA 247 -48.55 25.03 -1.61
C GLY ZA 247 -47.74 25.35 -0.37
N ASN ZA 248 -47.71 26.62 0.02
CA ASN ZA 248 -47.04 27.07 1.23
C ASN ZA 248 -48.05 27.72 2.17
N LYS ZA 249 -47.75 27.67 3.46
CA LYS ZA 249 -48.63 28.21 4.49
C LYS ZA 249 -48.34 29.70 4.65
N VAL ZA 250 -49.21 30.53 4.11
CA VAL ZA 250 -49.12 31.97 4.31
C VAL ZA 250 -50.05 32.33 5.45
N ASN ZA 251 -49.86 33.54 5.99
CA ASN ZA 251 -50.72 34.02 7.06
C ASN ZA 251 -51.88 34.83 6.48
N VAL ZA 252 -52.99 34.84 7.22
CA VAL ZA 252 -54.21 35.50 6.78
C VAL ZA 252 -54.52 36.64 7.75
N ASP ZA 253 -54.69 37.84 7.20
CA ASP ZA 253 -55.05 38.99 8.02
C ASP ZA 253 -56.51 38.87 8.44
N ASN ZA 254 -56.74 39.05 9.74
CA ASN ZA 254 -58.07 38.88 10.32
C ASN ZA 254 -58.96 40.08 10.12
N ARG ZA 255 -58.43 41.22 9.69
CA ARG ZA 255 -59.14 42.48 9.65
C ARG ZA 255 -59.68 42.82 8.27
N PHE ZA 256 -59.96 41.84 7.42
CA PHE ZA 256 -60.44 42.13 6.08
C PHE ZA 256 -61.33 41.02 5.59
N ALA ZA 257 -62.28 41.37 4.74
CA ALA ZA 257 -63.12 40.39 4.06
C ALA ZA 257 -63.49 40.91 2.68
N THR ZA 258 -63.32 40.07 1.67
CA THR ZA 258 -63.61 40.44 0.29
C THR ZA 258 -65.01 39.98 -0.08
N VAL ZA 259 -65.85 40.93 -0.50
CA VAL ZA 259 -67.26 40.69 -0.75
C VAL ZA 259 -67.58 40.94 -2.22
N THR ZA 260 -68.39 40.07 -2.79
CA THR ZA 260 -68.84 40.19 -4.18
C THR ZA 260 -70.21 40.88 -4.19
N LEU ZA 261 -70.23 42.12 -4.67
CA LEU ZA 261 -71.46 42.90 -4.72
C LEU ZA 261 -72.01 42.90 -6.14
N SER ZA 262 -73.17 43.55 -6.30
CA SER ZA 262 -73.76 43.65 -7.63
C SER ZA 262 -72.91 44.53 -8.54
N ALA ZA 263 -72.55 45.72 -8.08
CA ALA ZA 263 -71.68 46.60 -8.85
C ALA ZA 263 -71.12 47.65 -7.90
N THR ZA 264 -69.81 47.66 -7.73
CA THR ZA 264 -69.17 48.60 -6.80
C THR ZA 264 -68.87 49.93 -7.48
N THR ZA 265 -69.87 50.52 -8.11
CA THR ZA 265 -69.72 51.80 -8.77
C THR ZA 265 -70.14 52.92 -7.84
N GLY ZA 266 -69.24 53.87 -7.62
CA GLY ZA 266 -69.46 54.93 -6.67
C GLY ZA 266 -68.82 54.73 -5.32
N MET ZA 267 -68.48 53.50 -4.97
CA MET ZA 267 -67.75 53.25 -3.73
C MET ZA 267 -66.29 53.67 -3.87
N LYS ZA 268 -65.71 54.06 -2.75
CA LYS ZA 268 -64.30 54.40 -2.68
C LYS ZA 268 -63.82 54.12 -1.27
N ARG ZA 269 -62.51 54.05 -1.11
CA ARG ZA 269 -61.93 53.77 0.20
C ARG ZA 269 -62.44 54.75 1.23
N GLY ZA 270 -62.85 54.24 2.38
CA GLY ZA 270 -63.43 55.07 3.42
C GLY ZA 270 -64.92 55.24 3.32
N ASP ZA 271 -65.63 54.39 2.59
CA ASP ZA 271 -67.07 54.45 2.49
C ASP ZA 271 -67.69 53.54 3.54
N LYS ZA 272 -68.65 54.07 4.28
CA LYS ZA 272 -69.32 53.32 5.35
C LYS ZA 272 -70.56 52.64 4.80
N ILE ZA 273 -70.66 51.34 5.00
CA ILE ZA 273 -71.76 50.54 4.46
C ILE ZA 273 -72.35 49.69 5.57
N SER ZA 274 -73.52 49.14 5.29
CA SER ZA 274 -74.18 48.25 6.25
C SER ZA 274 -75.16 47.35 5.49
N PHE ZA 275 -75.07 46.05 5.72
CA PHE ZA 275 -75.98 45.11 5.07
C PHE ZA 275 -77.28 45.03 5.85
N ALA ZA 276 -78.38 44.82 5.12
CA ALA ZA 276 -79.71 44.88 5.74
C ALA ZA 276 -80.03 43.57 6.43
N GLY ZA 277 -80.45 43.65 7.69
CA GLY ZA 277 -80.79 42.48 8.46
C GLY ZA 277 -79.63 41.82 9.17
N VAL ZA 278 -78.44 42.39 9.10
CA VAL ZA 278 -77.27 41.87 9.79
C VAL ZA 278 -76.97 42.81 10.94
N LYS ZA 279 -76.97 42.28 12.16
CA LYS ZA 279 -76.82 43.08 13.37
C LYS ZA 279 -75.61 42.61 14.16
N PHE ZA 280 -75.07 43.53 14.96
CA PHE ZA 280 -73.86 43.24 15.72
C PHE ZA 280 -74.13 42.18 16.79
N LEU ZA 281 -73.06 41.76 17.45
CA LEU ZA 281 -73.12 40.84 18.56
C LEU ZA 281 -72.35 41.43 19.74
N GLY ZA 282 -72.42 40.74 20.88
CA GLY ZA 282 -71.70 41.20 22.05
C GLY ZA 282 -70.22 40.92 22.02
N GLN ZA 283 -69.79 39.96 21.21
CA GLN ZA 283 -68.38 39.62 21.01
C GLN ZA 283 -67.78 38.94 22.23
N MET ZA 284 -68.52 38.90 23.33
CA MET ZA 284 -68.20 38.01 24.43
C MET ZA 284 -69.36 37.08 24.75
N ALA ZA 285 -70.55 37.63 24.98
CA ALA ZA 285 -71.74 36.85 25.28
C ALA ZA 285 -72.48 36.38 24.05
N LYS ZA 286 -72.18 36.94 22.87
CA LYS ZA 286 -72.81 36.56 21.62
C LYS ZA 286 -74.32 36.75 21.66
N ASN ZA 287 -74.74 37.90 22.16
CA ASN ZA 287 -76.14 38.30 22.14
C ASN ZA 287 -76.36 39.39 21.12
N VAL ZA 288 -77.44 39.27 20.35
CA VAL ZA 288 -77.68 40.18 19.24
C VAL ZA 288 -77.93 41.58 19.77
N LEU ZA 289 -77.33 42.57 19.13
CA LEU ZA 289 -77.47 43.95 19.53
C LEU ZA 289 -78.61 44.61 18.75
N ALA ZA 290 -79.00 45.80 19.21
CA ALA ZA 290 -80.02 46.56 18.50
C ALA ZA 290 -79.47 47.23 17.26
N GLN ZA 291 -78.19 47.60 17.26
CA GLN ZA 291 -77.62 48.43 16.22
C GLN ZA 291 -77.12 47.56 15.08
N ASP ZA 292 -77.48 47.95 13.84
CA ASP ZA 292 -77.04 47.20 12.67
C ASP ZA 292 -75.53 47.18 12.59
N ALA ZA 293 -74.97 46.06 12.16
CA ALA ZA 293 -73.54 45.98 11.94
C ALA ZA 293 -73.16 46.94 10.83
N THR ZA 294 -72.11 47.72 11.07
CA THR ZA 294 -71.62 48.69 10.10
C THR ZA 294 -70.18 48.38 9.78
N PHE ZA 295 -69.84 48.41 8.50
CA PHE ZA 295 -68.49 48.14 8.04
C PHE ZA 295 -68.00 49.35 7.26
N SER ZA 296 -66.70 49.37 6.99
CA SER ZA 296 -66.10 50.43 6.17
C SER ZA 296 -65.24 49.78 5.11
N VAL ZA 297 -65.40 50.19 3.86
CA VAL ZA 297 -64.65 49.59 2.77
C VAL ZA 297 -63.25 50.17 2.76
N VAL ZA 298 -62.26 49.31 2.54
CA VAL ZA 298 -60.87 49.73 2.55
C VAL ZA 298 -60.21 49.67 1.19
N ARG ZA 299 -60.73 48.88 0.26
CA ARG ZA 299 -60.14 48.78 -1.07
C ARG ZA 299 -61.18 48.21 -2.02
N VAL ZA 300 -61.55 48.97 -3.04
CA VAL ZA 300 -62.42 48.48 -4.10
C VAL ZA 300 -61.52 47.78 -5.11
N VAL ZA 301 -61.50 46.44 -5.05
CA VAL ZA 301 -60.51 45.68 -5.83
C VAL ZA 301 -60.96 45.41 -7.25
N ASP ZA 302 -62.22 45.68 -7.59
CA ASP ZA 302 -62.77 45.28 -8.87
C ASP ZA 302 -64.07 46.05 -9.06
N GLY ZA 303 -64.66 45.90 -10.25
CA GLY ZA 303 -65.94 46.52 -10.49
C GLY ZA 303 -67.11 45.81 -9.83
N THR ZA 304 -66.89 44.60 -9.32
CA THR ZA 304 -67.94 43.85 -8.64
C THR ZA 304 -67.50 43.32 -7.28
N HIS ZA 305 -66.33 43.71 -6.80
CA HIS ZA 305 -65.79 43.24 -5.53
C HIS ZA 305 -65.41 44.44 -4.68
N VAL ZA 306 -65.35 44.21 -3.37
CA VAL ZA 306 -64.93 45.23 -2.41
C VAL ZA 306 -64.27 44.53 -1.24
N GLU ZA 307 -63.59 45.29 -0.39
CA GLU ZA 307 -62.96 44.75 0.82
C GLU ZA 307 -63.40 45.57 2.02
N ILE ZA 308 -63.98 44.91 3.01
CA ILE ZA 308 -64.54 45.57 4.18
C ILE ZA 308 -63.79 45.11 5.41
N THR ZA 309 -63.49 46.06 6.31
CA THR ZA 309 -62.48 45.82 7.33
C THR ZA 309 -62.92 44.96 8.52
N PRO ZA 310 -64.17 45.01 9.01
CA PRO ZA 310 -64.55 44.00 10.01
C PRO ZA 310 -65.05 42.74 9.31
N LYS ZA 311 -64.37 41.63 9.50
CA LYS ZA 311 -64.74 40.40 8.81
C LYS ZA 311 -66.07 39.90 9.36
N PRO ZA 312 -67.10 39.76 8.55
CA PRO ZA 312 -68.42 39.34 9.04
C PRO ZA 312 -68.51 37.84 9.35
N VAL ZA 313 -68.08 37.48 10.55
CA VAL ZA 313 -68.16 36.09 11.02
C VAL ZA 313 -69.54 35.90 11.64
N ALA ZA 314 -70.38 35.11 10.97
CA ALA ZA 314 -71.75 34.92 11.40
C ALA ZA 314 -71.85 33.92 12.54
N LEU ZA 315 -72.85 34.15 13.39
CA LEU ZA 315 -73.10 33.28 14.55
C LEU ZA 315 -73.82 32.00 14.18
N ASP ZA 316 -74.73 32.05 13.22
CA ASP ZA 316 -75.54 30.89 12.86
C ASP ZA 316 -74.93 30.06 11.74
N ASP ZA 317 -73.75 30.42 11.26
CA ASP ZA 317 -73.14 29.69 10.16
C ASP ZA 317 -72.90 28.24 10.55
N VAL ZA 318 -73.59 27.32 9.87
CA VAL ZA 318 -73.50 25.91 10.20
C VAL ZA 318 -72.16 25.31 9.80
N SER ZA 319 -71.40 26.00 8.97
CA SER ZA 319 -70.13 25.51 8.45
C SER ZA 319 -68.95 25.82 9.37
N LEU ZA 320 -69.18 26.46 10.51
CA LEU ZA 320 -68.11 26.93 11.36
C LEU ZA 320 -67.83 25.91 12.46
N SER ZA 321 -66.56 25.56 12.64
CA SER ZA 321 -66.17 24.68 13.72
C SER ZA 321 -66.42 25.38 15.06
N PRO ZA 322 -66.51 24.61 16.15
CA PRO ZA 322 -66.76 25.24 17.45
C PRO ZA 322 -65.71 26.28 17.83
N GLU ZA 323 -64.44 26.04 17.49
CA GLU ZA 323 -63.40 27.02 17.79
C GLU ZA 323 -63.51 28.23 16.88
N GLN ZA 324 -64.01 28.06 15.66
CA GLN ZA 324 -64.16 29.18 14.74
C GLN ZA 324 -65.35 30.05 15.10
N ARG ZA 325 -66.43 29.44 15.60
CA ARG ZA 325 -67.64 30.19 15.90
C ARG ZA 325 -67.50 31.04 17.16
N ALA ZA 326 -66.44 30.83 17.94
CA ALA ZA 326 -66.18 31.68 19.10
C ALA ZA 326 -65.84 33.10 18.72
N TYR ZA 327 -65.55 33.37 17.45
CA TYR ZA 327 -65.15 34.69 16.98
C TYR ZA 327 -66.26 35.43 16.27
N ALA ZA 328 -67.50 34.94 16.36
CA ALA ZA 328 -68.60 35.55 15.63
C ALA ZA 328 -68.84 36.97 16.09
N ASN ZA 329 -69.26 37.83 15.17
CA ASN ZA 329 -69.59 39.20 15.52
C ASN ZA 329 -70.85 39.73 14.83
N VAL ZA 330 -71.59 38.91 14.10
CA VAL ZA 330 -72.83 39.33 13.46
C VAL ZA 330 -73.85 38.21 13.60
N ASN ZA 331 -75.14 38.57 13.57
CA ASN ZA 331 -76.17 37.58 13.84
C ASN ZA 331 -76.36 36.63 12.67
N THR ZA 332 -76.29 37.14 11.45
CA THR ZA 332 -76.47 36.33 10.24
C THR ZA 332 -75.34 36.62 9.27
N SER ZA 333 -75.38 35.95 8.13
CA SER ZA 333 -74.38 36.07 7.09
C SER ZA 333 -74.95 36.81 5.88
N LEU ZA 334 -74.11 37.00 4.87
CA LEU ZA 334 -74.51 37.75 3.68
C LEU ZA 334 -75.32 36.84 2.77
N ALA ZA 335 -76.64 36.97 2.82
CA ALA ZA 335 -77.55 36.04 2.18
C ALA ZA 335 -77.98 36.58 0.83
N ASP ZA 336 -77.29 36.15 -0.23
CA ASP ZA 336 -77.59 36.48 -1.62
C ASP ZA 336 -78.06 37.91 -1.80
N ALA ZA 337 -79.28 38.08 -2.28
CA ALA ZA 337 -79.78 39.42 -2.56
C ALA ZA 337 -80.14 40.15 -1.27
N MET ZA 338 -79.15 40.82 -0.68
CA MET ZA 338 -79.34 41.62 0.52
C MET ZA 338 -78.97 43.06 0.21
N ALA ZA 339 -79.79 43.99 0.69
CA ALA ZA 339 -79.55 45.39 0.42
C ALA ZA 339 -78.31 45.88 1.16
N VAL ZA 340 -77.52 46.72 0.49
CA VAL ZA 340 -76.37 47.37 1.09
C VAL ZA 340 -76.69 48.85 1.20
N ASN ZA 341 -76.74 49.37 2.41
CA ASN ZA 341 -77.04 50.77 2.66
C ASN ZA 341 -75.75 51.55 2.82
N ILE ZA 342 -75.70 52.73 2.24
CA ILE ZA 342 -74.56 53.63 2.36
C ILE ZA 342 -74.85 54.63 3.48
N LEU ZA 343 -73.94 54.71 4.45
CA LEU ZA 343 -74.22 55.46 5.66
C LEU ZA 343 -73.66 56.87 5.64
N ASN ZA 344 -73.02 57.28 4.55
CA ASN ZA 344 -72.56 58.66 4.40
C ASN ZA 344 -73.30 59.24 3.19
N VAL ZA 345 -74.49 59.78 3.44
CA VAL ZA 345 -75.32 60.32 2.37
C VAL ZA 345 -75.10 61.81 2.17
N LYS ZA 346 -74.24 62.45 2.95
CA LYS ZA 346 -73.92 63.85 2.77
C LYS ZA 346 -72.47 64.10 3.15
N ASP ZA 347 -71.89 65.14 2.57
CA ASP ZA 347 -70.52 65.51 2.88
C ASP ZA 347 -70.45 66.16 4.26
N ALA ZA 348 -69.52 65.70 5.08
CA ALA ZA 348 -69.39 66.25 6.42
C ALA ZA 348 -68.02 65.87 6.99
N ARG ZA 349 -67.36 66.84 7.61
CA ARG ZA 349 -66.13 66.55 8.32
C ARG ZA 349 -66.41 65.56 9.43
N THR ZA 350 -65.51 64.61 9.60
CA THR ZA 350 -65.75 63.52 10.52
C THR ZA 350 -65.31 63.89 11.93
N ASN ZA 351 -66.05 63.38 12.91
CA ASN ZA 351 -65.61 63.30 14.29
C ASN ZA 351 -65.21 61.87 14.55
N VAL ZA 352 -64.04 61.66 15.16
CA VAL ZA 352 -63.45 60.33 15.21
C VAL ZA 352 -63.25 59.94 16.67
N PHE ZA 353 -63.77 58.77 17.04
CA PHE ZA 353 -63.51 58.22 18.36
C PHE ZA 353 -62.86 56.85 18.22
N TRP ZA 354 -62.10 56.46 19.23
CA TRP ZA 354 -61.42 55.18 19.19
C TRP ZA 354 -61.05 54.75 20.60
N ALA ZA 355 -60.55 53.53 20.70
CA ALA ZA 355 -59.76 53.10 21.85
C ALA ZA 355 -58.30 53.39 21.55
N ASP ZA 356 -57.55 53.72 22.59
CA ASP ZA 356 -56.19 54.20 22.38
C ASP ZA 356 -55.29 53.14 21.77
N ASP ZA 357 -55.56 51.86 22.07
CA ASP ZA 357 -54.75 50.78 21.53
C ASP ZA 357 -55.18 50.34 20.13
N ALA ZA 358 -56.24 50.93 19.58
CA ALA ZA 358 -56.68 50.54 18.25
C ALA ZA 358 -55.71 51.05 17.19
N ILE ZA 359 -55.56 52.35 17.07
CA ILE ZA 359 -54.63 52.97 16.13
C ILE ZA 359 -53.27 53.01 16.80
N ARG ZA 360 -52.25 52.48 16.12
CA ARG ZA 360 -50.90 52.54 16.64
C ARG ZA 360 -49.93 52.86 15.52
N ILE ZA 361 -48.84 53.55 15.89
CA ILE ZA 361 -47.84 54.02 14.95
C ILE ZA 361 -46.60 53.17 15.16
N VAL ZA 362 -46.37 52.19 14.29
CA VAL ZA 362 -45.16 51.39 14.36
C VAL ZA 362 -44.01 52.20 13.78
N SER ZA 363 -42.95 52.36 14.57
CA SER ZA 363 -41.78 53.13 14.14
C SER ZA 363 -40.56 52.42 14.70
N GLN ZA 364 -39.98 51.52 13.92
CA GLN ZA 364 -38.75 50.86 14.33
C GLN ZA 364 -37.65 51.90 14.55
N PRO ZA 365 -36.86 51.77 15.63
CA PRO ZA 365 -35.90 52.83 15.99
C PRO ZA 365 -35.02 53.25 14.82
N ILE ZA 366 -35.19 54.51 14.41
CA ILE ZA 366 -34.50 55.22 13.34
C ILE ZA 366 -34.70 54.52 11.99
N PRO ZA 367 -34.60 55.26 10.88
CA PRO ZA 367 -34.52 54.60 9.58
C PRO ZA 367 -33.21 53.84 9.41
N ALA ZA 368 -33.26 52.82 8.55
CA ALA ZA 368 -32.09 52.00 8.30
C ALA ZA 368 -30.94 52.84 7.77
N ASN ZA 369 -29.75 52.61 8.30
CA ASN ZA 369 -28.56 53.38 7.97
C ASN ZA 369 -27.78 52.76 6.82
N HIS ZA 370 -28.46 52.09 5.91
CA HIS ZA 370 -27.78 51.49 4.78
C HIS ZA 370 -28.47 51.84 3.47
N GLU ZA 371 -29.80 51.80 3.44
CA GLU ZA 371 -30.50 51.94 2.14
C GLU ZA 371 -30.53 53.38 1.65
N LEU ZA 372 -30.56 54.33 2.56
CA LEU ZA 372 -30.72 55.72 2.16
C LEU ZA 372 -29.65 56.64 2.71
N PHE ZA 373 -28.88 56.21 3.71
CA PHE ZA 373 -27.94 57.06 4.41
C PHE ZA 373 -26.52 56.52 4.38
N ALA ZA 374 -26.03 56.12 3.21
CA ALA ZA 374 -24.69 55.58 3.11
C ALA ZA 374 -23.68 56.70 2.90
N GLY ZA 375 -22.64 56.72 3.72
CA GLY ZA 375 -21.61 57.73 3.60
C GLY ZA 375 -22.06 59.11 4.02
N MET ZA 376 -23.11 59.21 4.81
CA MET ZA 376 -23.67 60.47 5.26
C MET ZA 376 -23.53 60.58 6.76
N LYS ZA 377 -23.20 61.77 7.25
CA LYS ZA 377 -23.13 61.99 8.69
C LYS ZA 377 -24.54 62.09 9.25
N THR ZA 378 -24.87 61.19 10.19
CA THR ZA 378 -26.23 61.02 10.66
C THR ZA 378 -26.34 61.40 12.13
N THR ZA 379 -27.35 62.22 12.46
CA THR ZA 379 -27.71 62.50 13.84
C THR ZA 379 -29.18 62.18 14.02
N SER ZA 380 -29.59 61.98 15.26
CA SER ZA 380 -30.97 61.67 15.59
C SER ZA 380 -31.58 62.80 16.40
N PHE ZA 381 -32.85 63.11 16.12
CA PHE ZA 381 -33.54 64.17 16.84
C PHE ZA 381 -34.94 63.74 17.20
N SER ZA 382 -35.47 64.35 18.25
CA SER ZA 382 -36.78 64.02 18.79
C SER ZA 382 -37.84 64.85 18.10
N ILE ZA 383 -38.72 64.20 17.37
CA ILE ZA 383 -39.87 64.90 16.79
C ILE ZA 383 -40.76 65.38 17.93
N PRO ZA 384 -41.12 66.66 17.98
CA PRO ZA 384 -41.88 67.18 19.12
C PRO ZA 384 -43.28 66.60 19.16
N ASP ZA 385 -43.89 66.69 20.34
CA ASP ZA 385 -45.28 66.32 20.57
C ASP ZA 385 -45.50 64.83 20.39
N VAL ZA 386 -45.46 64.36 19.14
CA VAL ZA 386 -45.59 62.93 18.86
C VAL ZA 386 -44.28 62.23 19.19
N GLY ZA 387 -44.36 61.07 19.82
CA GLY ZA 387 -43.18 60.37 20.27
C GLY ZA 387 -42.49 59.55 19.19
N LEU ZA 388 -41.79 60.22 18.28
CA LEU ZA 388 -41.03 59.54 17.24
C LEU ZA 388 -39.60 60.06 17.22
N ASN ZA 389 -38.79 59.47 16.36
CA ASN ZA 389 -37.38 59.83 16.23
C ASN ZA 389 -37.06 60.02 14.76
N GLY ZA 390 -36.66 61.23 14.39
CA GLY ZA 390 -36.20 61.45 13.04
C GLY ZA 390 -34.69 61.44 12.97
N ILE ZA 391 -34.17 61.31 11.75
CA ILE ZA 391 -32.74 61.35 11.54
C ILE ZA 391 -32.42 62.46 10.54
N PHE ZA 392 -31.17 62.89 10.58
CA PHE ZA 392 -30.73 64.03 9.79
C PHE ZA 392 -29.33 63.71 9.30
N ALA ZA 393 -29.17 63.63 7.98
CA ALA ZA 393 -27.93 63.16 7.37
C ALA ZA 393 -27.39 64.21 6.41
N THR ZA 394 -26.09 64.43 6.46
CA THR ZA 394 -25.44 65.42 5.60
C THR ZA 394 -24.30 64.78 4.81
N GLN ZA 395 -24.11 65.27 3.58
CA GLN ZA 395 -23.05 64.79 2.70
C GLN ZA 395 -22.53 65.95 1.88
N GLY ZA 396 -21.31 65.82 1.37
CA GLY ZA 396 -20.66 66.90 0.68
C GLY ZA 396 -20.01 66.45 -0.63
N ASP ZA 397 -19.86 67.41 -1.54
CA ASP ZA 397 -19.26 67.18 -2.85
C ASP ZA 397 -18.05 68.07 -3.00
N ILE ZA 398 -16.94 67.50 -3.47
CA ILE ZA 398 -15.69 68.26 -3.55
C ILE ZA 398 -15.63 69.04 -4.86
N SER ZA 399 -16.18 68.49 -5.94
CA SER ZA 399 -16.15 69.15 -7.23
C SER ZA 399 -16.92 70.44 -7.18
N THR ZA 400 -18.23 70.35 -6.99
CA THR ZA 400 -19.06 71.50 -6.68
C THR ZA 400 -19.10 71.65 -5.18
N LEU ZA 401 -18.55 72.75 -4.67
CA LEU ZA 401 -18.32 72.84 -3.24
C LEU ZA 401 -19.65 72.97 -2.52
N SER ZA 402 -20.47 71.93 -2.58
CA SER ZA 402 -21.84 71.97 -2.13
C SER ZA 402 -22.12 70.79 -1.22
N GLY ZA 403 -23.31 70.79 -0.62
CA GLY ZA 403 -23.69 69.74 0.29
C GLY ZA 403 -25.17 69.45 0.18
N LEU ZA 404 -25.53 68.27 0.65
CA LEU ZA 404 -26.92 67.82 0.70
C LEU ZA 404 -27.25 67.47 2.14
N CYS ZA 405 -28.38 67.96 2.64
CA CYS ZA 405 -28.89 67.53 3.92
C CYS ZA 405 -30.26 66.90 3.71
N ARG ZA 406 -30.53 65.84 4.46
CA ARG ZA 406 -31.74 65.06 4.30
C ARG ZA 406 -32.29 64.77 5.68
N ILE ZA 407 -33.50 65.25 5.94
CA ILE ZA 407 -34.20 64.97 7.18
C ILE ZA 407 -35.23 63.89 6.89
N ALA ZA 408 -35.09 62.73 7.52
CA ALA ZA 408 -35.96 61.60 7.25
C ALA ZA 408 -36.69 61.18 8.51
N LEU ZA 409 -37.89 60.63 8.31
CA LEU ZA 409 -38.69 60.07 9.39
C LEU ZA 409 -39.45 58.90 8.82
N TRP ZA 410 -39.27 57.72 9.41
CA TRP ZA 410 -39.88 56.49 8.92
C TRP ZA 410 -40.83 55.94 9.97
N TYR ZA 411 -42.07 55.68 9.57
CA TYR ZA 411 -43.09 55.19 10.49
C TYR ZA 411 -44.18 54.53 9.66
N GLY ZA 412 -45.15 53.95 10.36
CA GLY ZA 412 -46.31 53.39 9.71
C GLY ZA 412 -47.54 53.42 10.59
N VAL ZA 413 -48.64 53.98 10.10
CA VAL ZA 413 -49.87 54.08 10.88
C VAL ZA 413 -50.73 52.86 10.60
N ASN ZA 414 -50.85 51.99 11.59
CA ASN ZA 414 -51.64 50.78 11.47
C ASN ZA 414 -52.86 50.87 12.37
N ALA ZA 415 -53.97 50.35 11.88
CA ALA ZA 415 -55.24 50.29 12.62
C ALA ZA 415 -55.47 48.83 12.98
N THR ZA 416 -55.00 48.44 14.16
CA THR ZA 416 -55.07 47.03 14.54
C THR ZA 416 -56.43 46.62 15.07
N ARG ZA 417 -57.29 47.57 15.43
CA ARG ZA 417 -58.65 47.29 15.91
C ARG ZA 417 -59.64 48.16 15.16
N PRO ZA 418 -59.91 47.84 13.90
CA PRO ZA 418 -60.93 48.60 13.16
C PRO ZA 418 -62.30 48.47 13.78
N GLU ZA 419 -62.59 47.35 14.43
CA GLU ZA 419 -63.86 47.20 15.11
C GLU ZA 419 -63.98 48.11 16.33
N ALA ZA 420 -62.87 48.74 16.74
CA ALA ZA 420 -62.87 49.68 17.85
C ALA ZA 420 -62.67 51.12 17.43
N ILE ZA 421 -62.16 51.36 16.23
CA ILE ZA 421 -62.13 52.72 15.69
C ILE ZA 421 -63.52 53.06 15.17
N GLY ZA 422 -63.95 54.31 15.40
CA GLY ZA 422 -65.28 54.73 15.02
C GLY ZA 422 -65.26 56.05 14.28
N VAL ZA 423 -66.43 56.46 13.83
CA VAL ZA 423 -66.62 57.70 13.06
C VAL ZA 423 -67.99 58.28 13.37
N GLY ZA 424 -68.06 59.59 13.53
CA GLY ZA 424 -69.31 60.29 13.76
C GLY ZA 424 -69.64 61.20 12.59
N LEU ZA 425 -70.86 61.06 12.08
CA LEU ZA 425 -71.30 61.81 10.90
C LEU ZA 425 -72.59 62.57 11.20
N PRO ZA 426 -72.52 63.84 11.60
CA PRO ZA 426 -73.74 64.60 11.88
C PRO ZA 426 -74.35 65.16 10.60
N GLY ZA 427 -75.63 65.49 10.70
CA GLY ZA 427 -76.35 66.04 9.57
C GLY ZA 427 -76.46 65.12 8.38
N GLN ZA 428 -76.54 63.81 8.64
CA GLN ZA 428 -76.55 62.81 7.56
C GLN ZA 428 -77.95 62.62 7.01
N THR ZA 429 -78.49 63.70 6.44
CA THR ZA 429 -79.80 63.67 5.81
C THR ZA 429 -79.61 63.49 4.31
N ALA ZA 430 -80.27 62.48 3.76
CA ALA ZA 430 -80.15 62.14 2.34
C ALA ZA 430 -80.55 63.30 1.45
N ALA AB 2 -104.43 18.50 65.81
CA ALA AB 2 -103.01 18.74 65.62
C ALA AB 2 -102.75 19.44 64.28
N LEU AB 3 -102.56 18.63 63.24
CA LEU AB 3 -102.37 19.13 61.87
C LEU AB 3 -101.17 20.09 61.80
N ASN AB 4 -99.99 19.54 62.07
CA ASN AB 4 -98.74 20.25 61.84
C ASN AB 4 -98.25 19.81 60.46
N GLU AB 5 -98.53 20.64 59.45
CA GLU AB 5 -98.12 20.34 58.08
C GLU AB 5 -96.70 20.86 57.87
N GLY AB 6 -95.78 20.22 58.58
CA GLY AB 6 -94.39 20.64 58.59
C GLY AB 6 -93.68 20.23 57.34
N GLN AB 7 -92.46 19.73 57.48
CA GLN AB 7 -91.60 19.55 56.32
C GLN AB 7 -90.94 18.18 56.45
N ILE AB 8 -91.22 17.29 55.51
CA ILE AB 8 -90.87 15.89 55.65
C ILE AB 8 -89.51 15.63 55.01
N VAL AB 9 -88.65 14.94 55.76
CA VAL AB 9 -87.32 14.55 55.29
C VAL AB 9 -87.24 13.03 55.28
N THR AB 10 -86.11 12.53 54.78
CA THR AB 10 -85.78 11.11 54.82
C THR AB 10 -84.41 10.95 55.43
N LEU AB 11 -84.30 10.07 56.42
CA LEU AB 11 -83.07 9.87 57.17
C LEU AB 11 -82.47 8.52 56.81
N ALA AB 12 -81.23 8.53 56.35
CA ALA AB 12 -80.45 7.30 56.13
C ALA AB 12 -79.24 7.38 57.04
N VAL AB 13 -79.10 6.40 57.92
CA VAL AB 13 -78.01 6.36 58.88
C VAL AB 13 -76.98 5.35 58.40
N ASP AB 14 -75.70 5.71 58.53
CA ASP AB 14 -74.61 4.90 57.99
C ASP AB 14 -74.01 3.96 59.04
N GLU AB 15 -74.85 3.44 59.94
CA GLU AB 15 -74.51 2.28 60.75
C GLU AB 15 -75.07 1.06 60.05
N ILE AB 16 -74.20 0.27 59.42
CA ILE AB 16 -74.66 -0.82 58.57
C ILE AB 16 -75.14 -1.98 59.41
N ILE AB 17 -75.89 -2.87 58.79
CA ILE AB 17 -76.41 -4.07 59.42
C ILE AB 17 -75.67 -5.26 58.82
N GLU AB 18 -74.60 -5.69 59.48
CA GLU AB 18 -73.82 -6.81 58.97
C GLU AB 18 -74.67 -8.06 58.89
N THR AB 19 -74.49 -8.82 57.81
CA THR AB 19 -75.29 -10.02 57.61
C THR AB 19 -74.45 -11.25 57.31
N ILE AB 20 -73.29 -11.07 56.69
CA ILE AB 20 -72.47 -12.18 56.20
C ILE AB 20 -71.24 -12.31 57.10
N SER AB 21 -70.90 -13.55 57.45
CA SER AB 21 -69.69 -13.82 58.21
C SER AB 21 -69.24 -15.24 57.85
N ALA AB 22 -68.27 -15.34 56.96
CA ALA AB 22 -67.80 -16.63 56.47
C ALA AB 22 -66.48 -17.02 57.12
N ILE AB 23 -66.22 -18.32 57.16
CA ILE AB 23 -65.00 -18.87 57.76
C ILE AB 23 -64.22 -19.60 56.69
N THR AB 24 -62.90 -19.46 56.75
CA THR AB 24 -61.98 -19.99 55.73
C THR AB 24 -60.96 -20.88 56.40
N PRO AB 25 -61.29 -22.15 56.64
CA PRO AB 25 -60.36 -23.03 57.38
C PRO AB 25 -59.39 -23.82 56.52
N MET AB 26 -59.57 -23.90 55.22
CA MET AB 26 -58.67 -24.69 54.37
C MET AB 26 -57.62 -23.85 53.66
N ALA AB 27 -57.96 -22.63 53.27
CA ALA AB 27 -56.99 -21.79 52.56
C ALA AB 27 -55.87 -21.33 53.50
N GLN AB 28 -56.18 -21.12 54.77
CA GLN AB 28 -55.12 -20.81 55.73
C GLN AB 28 -54.24 -22.02 56.01
N LYS AB 29 -54.80 -23.22 55.89
CA LYS AB 29 -54.01 -24.42 56.12
C LYS AB 29 -53.12 -24.73 54.93
N ALA AB 30 -53.57 -24.44 53.72
CA ALA AB 30 -52.74 -24.65 52.54
C ALA AB 30 -51.55 -23.71 52.54
N LYS AB 31 -50.39 -24.21 52.12
CA LYS AB 31 -49.17 -23.43 52.13
C LYS AB 31 -49.05 -22.60 50.85
N LYS AB 32 -48.66 -21.34 51.01
CA LYS AB 32 -48.57 -20.43 49.88
C LYS AB 32 -47.14 -20.38 49.34
N TYR AB 33 -47.02 -20.32 48.02
CA TYR AB 33 -45.74 -20.22 47.35
C TYR AB 33 -45.81 -19.11 46.32
N THR AB 34 -44.74 -18.31 46.23
CA THR AB 34 -44.70 -17.16 45.34
C THR AB 34 -43.56 -17.30 44.34
N PRO AB 35 -43.83 -17.79 43.14
CA PRO AB 35 -42.76 -17.97 42.16
C PRO AB 35 -42.44 -16.67 41.44
N PRO AB 36 -41.17 -16.43 41.15
CA PRO AB 36 -40.79 -15.31 40.26
C PRO AB 36 -40.73 -15.78 38.81
N ALA AB 37 -41.90 -16.07 38.25
CA ALA AB 37 -41.97 -16.60 36.89
C ALA AB 37 -43.33 -16.22 36.31
N ALA AB 38 -43.35 -15.14 35.52
CA ALA AB 38 -44.58 -14.71 34.88
C ALA AB 38 -44.88 -15.48 33.60
N SER AB 39 -44.06 -16.46 33.25
CA SER AB 39 -44.35 -17.32 32.11
C SER AB 39 -45.53 -18.25 32.37
N MET AB 40 -46.05 -18.28 33.60
CA MET AB 40 -47.24 -19.07 33.90
C MET AB 40 -48.46 -18.27 33.49
N GLN AB 41 -48.24 -17.33 32.58
CA GLN AB 41 -49.24 -16.41 32.05
C GLN AB 41 -50.12 -17.20 31.11
N ARG AB 42 -50.82 -16.54 30.18
CA ARG AB 42 -51.75 -17.27 29.35
C ARG AB 42 -50.95 -18.23 28.48
N SER AB 43 -50.42 -19.26 29.14
CA SER AB 43 -49.50 -20.24 28.57
C SER AB 43 -49.53 -21.46 29.48
N SER AB 44 -48.99 -22.56 28.98
CA SER AB 44 -48.97 -23.84 29.69
C SER AB 44 -47.59 -24.17 30.23
N ASN AB 45 -46.85 -23.18 30.70
CA ASN AB 45 -45.53 -23.40 31.29
C ASN AB 45 -45.70 -23.57 32.80
N THR AB 46 -45.49 -24.78 33.28
CA THR AB 46 -45.64 -25.12 34.69
C THR AB 46 -44.26 -25.25 35.31
N ILE AB 47 -44.22 -25.54 36.62
CA ILE AB 47 -42.97 -25.80 37.33
C ILE AB 47 -42.92 -27.25 37.77
N TRP AB 48 -41.77 -27.87 37.56
CA TRP AB 48 -41.54 -29.28 37.81
C TRP AB 48 -40.69 -29.42 39.07
N MET AB 49 -41.17 -30.21 40.02
CA MET AB 49 -40.42 -30.44 41.24
C MET AB 49 -40.26 -31.94 41.46
N PRO AB 50 -39.16 -32.35 42.07
CA PRO AB 50 -38.87 -33.78 42.21
C PRO AB 50 -39.76 -34.45 43.24
N VAL AB 51 -39.82 -35.77 43.16
CA VAL AB 51 -40.53 -36.57 44.12
C VAL AB 51 -39.50 -37.34 44.93
N GLU AB 52 -39.85 -37.69 46.16
CA GLU AB 52 -38.95 -38.42 47.03
C GLU AB 52 -38.53 -39.73 46.38
N GLN AB 53 -37.22 -40.00 46.40
CA GLN AB 53 -36.68 -41.14 45.68
C GLN AB 53 -36.81 -42.42 46.50
N GLU AB 54 -37.02 -43.53 45.80
CA GLU AB 54 -37.05 -44.86 46.39
C GLU AB 54 -35.98 -45.72 45.74
N SER AB 55 -35.35 -46.58 46.54
CA SER AB 55 -34.19 -47.31 46.05
C SER AB 55 -34.40 -48.81 46.15
N PRO AB 56 -33.88 -49.58 45.20
CA PRO AB 56 -33.89 -51.04 45.32
C PRO AB 56 -32.64 -51.57 46.00
N THR AB 57 -32.76 -52.77 46.54
CA THR AB 57 -31.69 -53.40 47.29
C THR AB 57 -31.46 -54.82 46.80
N GLN AB 58 -30.20 -55.21 46.68
CA GLN AB 58 -29.82 -56.56 46.32
C GLN AB 58 -28.94 -57.14 47.40
N GLU AB 59 -28.95 -58.45 47.51
CA GLU AB 59 -28.32 -59.15 48.62
C GLU AB 59 -27.28 -60.13 48.10
N GLY AB 60 -26.15 -60.22 48.79
CA GLY AB 60 -25.10 -61.12 48.39
C GLY AB 60 -23.75 -60.47 48.37
N TRP AB 61 -22.71 -61.23 48.02
CA TRP AB 61 -21.35 -60.71 48.06
C TRP AB 61 -20.90 -60.22 46.68
N ASP AB 62 -20.98 -61.09 45.68
CA ASP AB 62 -20.49 -60.78 44.33
C ASP AB 62 -21.64 -60.19 43.52
N LEU AB 63 -21.52 -58.90 43.20
CA LEU AB 63 -22.56 -58.16 42.48
C LEU AB 63 -21.99 -57.52 41.24
N THR AB 64 -21.21 -58.28 40.48
CA THR AB 64 -20.61 -57.74 39.28
C THR AB 64 -21.65 -57.57 38.17
N ASP AB 65 -21.63 -56.41 37.53
CA ASP AB 65 -22.55 -56.09 36.43
C ASP AB 65 -24.00 -56.08 36.87
N LYS AB 66 -24.26 -55.86 38.16
CA LYS AB 66 -25.60 -55.78 38.69
C LYS AB 66 -25.90 -54.39 39.25
N ALA AB 67 -25.27 -53.37 38.69
CA ALA AB 67 -25.50 -52.02 39.15
C ALA AB 67 -26.85 -51.49 38.66
N THR AB 68 -27.26 -50.37 39.23
CA THR AB 68 -28.55 -49.76 38.96
C THR AB 68 -28.33 -48.29 38.63
N GLY AB 69 -29.21 -47.73 37.79
CA GLY AB 69 -29.19 -46.32 37.50
C GLY AB 69 -29.94 -45.51 38.54
N LEU AB 70 -30.08 -44.22 38.26
CA LEU AB 70 -30.86 -43.32 39.09
C LEU AB 70 -32.11 -42.89 38.34
N LEU AB 71 -33.27 -43.29 38.84
CA LEU AB 71 -34.56 -42.86 38.32
C LEU AB 71 -35.19 -41.94 39.35
N GLU AB 72 -35.35 -40.67 39.00
CA GLU AB 72 -36.01 -39.71 39.88
C GLU AB 72 -37.14 -39.05 39.11
N LEU AB 73 -38.34 -39.08 39.67
CA LEU AB 73 -39.53 -38.61 39.01
C LEU AB 73 -39.88 -37.19 39.46
N ASN AB 74 -40.81 -36.56 38.76
CA ASN AB 74 -41.16 -35.19 39.07
C ASN AB 74 -42.64 -34.97 38.80
N VAL AB 75 -43.19 -33.93 39.43
CA VAL AB 75 -44.56 -33.51 39.24
C VAL AB 75 -44.54 -32.04 38.84
N ALA AB 76 -45.71 -31.51 38.49
CA ALA AB 76 -45.79 -30.15 37.97
C ALA AB 76 -46.94 -29.40 38.62
N VAL AB 77 -46.73 -28.10 38.81
CA VAL AB 77 -47.75 -27.20 39.31
C VAL AB 77 -47.91 -26.01 38.37
N ASN AB 78 -49.15 -25.57 38.23
CA ASN AB 78 -49.50 -24.49 37.31
C ASN AB 78 -50.44 -23.49 37.98
N MET AB 79 -51.06 -22.61 37.20
CA MET AB 79 -52.01 -21.64 37.73
C MET AB 79 -53.17 -21.44 36.77
N GLY AB 80 -54.28 -20.94 37.31
CA GLY AB 80 -55.44 -20.62 36.53
C GLY AB 80 -55.45 -19.18 36.08
N GLU AB 81 -56.60 -18.72 35.61
CA GLU AB 81 -56.67 -17.32 35.26
C GLU AB 81 -57.23 -16.52 36.43
N PRO AB 82 -56.97 -15.20 36.49
CA PRO AB 82 -57.30 -14.45 37.70
C PRO AB 82 -58.77 -14.50 38.07
N ASP AB 83 -59.05 -14.10 39.31
CA ASP AB 83 -60.40 -13.91 39.82
C ASP AB 83 -60.60 -12.42 40.04
N ASN AB 84 -61.16 -11.76 39.05
CA ASN AB 84 -61.21 -10.31 39.01
C ASN AB 84 -62.42 -9.75 39.75
N ASP AB 85 -62.38 -8.44 39.96
CA ASP AB 85 -63.57 -7.65 40.26
C ASP AB 85 -63.44 -6.32 39.54
N PHE AB 86 -64.25 -6.12 38.50
CA PHE AB 86 -64.38 -4.85 37.82
C PHE AB 86 -65.37 -3.94 38.52
N PHE AB 87 -65.20 -2.65 38.29
CA PHE AB 87 -66.01 -1.64 38.95
C PHE AB 87 -65.82 -0.33 38.20
N GLN AB 88 -66.92 0.40 37.98
CA GLN AB 88 -66.84 1.65 37.24
C GLN AB 88 -67.72 2.69 37.89
N LEU AB 89 -67.15 3.88 38.09
CA LEU AB 89 -67.84 5.00 38.70
C LEU AB 89 -67.64 6.25 37.85
N ARG AB 90 -68.40 7.28 38.18
CA ARG AB 90 -68.24 8.62 37.61
C ARG AB 90 -67.79 9.56 38.71
N ALA AB 91 -67.31 10.74 38.32
CA ALA AB 91 -66.89 11.72 39.31
C ALA AB 91 -68.06 12.19 40.17
N ASP AB 92 -69.29 12.02 39.69
CA ASP AB 92 -70.46 12.26 40.53
C ASP AB 92 -70.40 11.45 41.81
N ASP AB 93 -70.37 10.13 41.66
CA ASP AB 93 -70.67 9.19 42.73
C ASP AB 93 -69.51 9.01 43.70
N LEU AB 94 -68.51 9.88 43.66
CA LEU AB 94 -67.39 9.79 44.59
C LEU AB 94 -67.35 10.96 45.56
N ARG AB 95 -68.46 11.68 45.69
CA ARG AB 95 -68.56 12.71 46.72
C ARG AB 95 -68.85 12.12 48.08
N ASP AB 96 -69.31 10.87 48.14
CA ASP AB 96 -69.57 10.18 49.40
C ASP AB 96 -68.47 9.17 49.73
N GLU AB 97 -68.11 8.32 48.78
CA GLU AB 97 -66.96 7.43 48.87
C GLU AB 97 -67.15 6.28 49.85
N THR AB 98 -68.23 6.30 50.63
CA THR AB 98 -68.46 5.21 51.56
C THR AB 98 -68.91 3.96 50.82
N ALA AB 99 -69.70 4.12 49.76
CA ALA AB 99 -70.03 3.00 48.90
C ALA AB 99 -68.78 2.43 48.25
N TYR AB 100 -67.88 3.31 47.81
CA TYR AB 100 -66.61 2.87 47.24
C TYR AB 100 -65.82 2.01 48.22
N ARG AB 101 -65.63 2.50 49.45
CA ARG AB 101 -64.88 1.76 50.44
C ARG AB 101 -65.54 0.43 50.76
N ARG AB 102 -66.85 0.43 50.97
CA ARG AB 102 -67.53 -0.80 51.32
C ARG AB 102 -67.46 -1.81 50.19
N ARG AB 103 -67.53 -1.35 48.94
CA ARG AB 103 -67.39 -2.25 47.81
C ARG AB 103 -66.02 -2.88 47.77
N ILE AB 104 -64.97 -2.10 48.04
CA ILE AB 104 -63.62 -2.65 48.04
C ILE AB 104 -63.47 -3.74 49.11
N GLN AB 105 -63.97 -3.45 50.31
CA GLN AB 105 -63.86 -4.43 51.40
C GLN AB 105 -64.63 -5.71 51.08
N SER AB 106 -65.85 -5.56 50.55
CA SER AB 106 -66.63 -6.73 50.18
C SER AB 106 -65.94 -7.53 49.10
N ALA AB 107 -65.27 -6.84 48.18
CA ALA AB 107 -64.52 -7.55 47.13
C ALA AB 107 -63.41 -8.40 47.73
N ALA AB 108 -62.68 -7.85 48.71
CA ALA AB 108 -61.63 -8.63 49.35
C ALA AB 108 -62.19 -9.88 50.03
N ARG AB 109 -63.31 -9.73 50.74
CA ARG AB 109 -63.93 -10.89 51.39
C ARG AB 109 -64.37 -11.93 50.37
N LYS AB 110 -64.99 -11.48 49.29
CA LYS AB 110 -65.45 -12.42 48.26
C LYS AB 110 -64.29 -13.17 47.63
N LEU AB 111 -63.18 -12.48 47.39
CA LEU AB 111 -62.03 -13.15 46.78
C LEU AB 111 -61.47 -14.21 47.71
N ALA AB 112 -61.39 -13.92 49.02
CA ALA AB 112 -60.93 -14.95 49.95
C ALA AB 112 -61.84 -16.17 49.91
N ASN AB 113 -63.15 -15.95 49.91
CA ASN AB 113 -64.08 -17.08 49.90
C ASN AB 113 -63.98 -17.88 48.60
N ASN AB 114 -63.77 -17.19 47.48
CA ASN AB 114 -63.57 -17.89 46.21
C ASN AB 114 -62.33 -18.77 46.25
N VAL AB 115 -61.24 -18.26 46.85
CA VAL AB 115 -60.02 -19.05 46.97
C VAL AB 115 -60.28 -20.33 47.75
N GLU AB 116 -61.01 -20.21 48.86
CA GLU AB 116 -61.23 -21.41 49.66
C GLU AB 116 -62.18 -22.39 48.99
N LEU AB 117 -63.19 -21.88 48.28
CA LEU AB 117 -64.06 -22.77 47.51
C LEU AB 117 -63.26 -23.56 46.49
N LYS AB 118 -62.33 -22.88 45.80
CA LYS AB 118 -61.48 -23.57 44.83
C LYS AB 118 -60.64 -24.64 45.49
N VAL AB 119 -60.06 -24.33 46.65
CA VAL AB 119 -59.22 -25.32 47.34
C VAL AB 119 -60.05 -26.55 47.70
N ALA AB 120 -61.23 -26.33 48.27
CA ALA AB 120 -62.06 -27.47 48.68
C ALA AB 120 -62.47 -28.32 47.48
N ASN AB 121 -62.87 -27.68 46.38
CA ASN AB 121 -63.26 -28.44 45.20
C ASN AB 121 -62.10 -29.26 44.65
N MET AB 122 -60.91 -28.66 44.56
CA MET AB 122 -59.76 -29.39 44.03
C MET AB 122 -59.39 -30.56 44.94
N ALA AB 123 -59.44 -30.35 46.25
CA ALA AB 123 -59.11 -31.44 47.17
C ALA AB 123 -60.10 -32.57 47.08
N ALA AB 124 -61.39 -32.26 46.92
CA ALA AB 124 -62.38 -33.33 46.81
C ALA AB 124 -62.30 -34.03 45.47
N GLU AB 125 -61.88 -33.32 44.42
CA GLU AB 125 -61.81 -33.94 43.09
C GLU AB 125 -60.58 -34.83 42.95
N MET AB 126 -59.40 -34.31 43.27
CA MET AB 126 -58.16 -35.07 43.11
C MET AB 126 -57.78 -35.82 44.38
N GLY AB 127 -58.72 -36.57 44.94
CA GLY AB 127 -58.44 -37.32 46.15
C GLY AB 127 -58.45 -38.81 45.93
N SER AB 128 -57.27 -39.43 45.94
CA SER AB 128 -57.18 -40.85 45.63
C SER AB 128 -57.81 -41.70 46.72
N LEU AB 129 -57.25 -41.63 47.93
CA LEU AB 129 -57.79 -42.40 49.05
C LEU AB 129 -59.25 -42.03 49.27
N VAL AB 130 -60.08 -43.04 49.46
CA VAL AB 130 -61.51 -42.83 49.65
C VAL AB 130 -62.04 -43.85 50.64
N ILE AB 131 -62.67 -43.38 51.70
CA ILE AB 131 -63.22 -44.22 52.75
C ILE AB 131 -64.73 -44.17 52.62
N THR AB 132 -65.34 -45.28 52.23
CA THR AB 132 -66.77 -45.35 51.99
C THR AB 132 -67.45 -46.14 53.09
N SER AB 133 -68.69 -45.79 53.39
CA SER AB 133 -69.49 -46.55 54.34
C SER AB 133 -70.89 -46.74 53.81
N PRO AB 134 -71.57 -47.82 54.18
CA PRO AB 134 -72.93 -48.07 53.67
C PRO AB 134 -74.06 -47.47 54.50
N ASP AB 135 -73.75 -46.64 55.49
CA ASP AB 135 -74.78 -46.03 56.31
C ASP AB 135 -74.29 -44.69 56.82
N ALA AB 136 -75.23 -43.86 57.27
CA ALA AB 136 -74.91 -42.51 57.67
C ALA AB 136 -73.97 -42.51 58.86
N ILE AB 137 -73.42 -41.33 59.14
CA ILE AB 137 -72.39 -41.17 60.17
C ILE AB 137 -73.04 -41.02 61.54
N GLY AB 138 -74.35 -41.25 61.60
CA GLY AB 138 -75.03 -41.25 62.89
C GLY AB 138 -75.56 -42.62 63.26
N THR AB 139 -75.43 -43.59 62.36
CA THR AB 139 -75.97 -44.92 62.57
C THR AB 139 -74.93 -45.80 63.25
N ASN AB 140 -75.32 -46.42 64.37
CA ASN AB 140 -74.44 -47.17 65.26
C ASN AB 140 -73.51 -46.24 66.04
N THR AB 141 -72.82 -46.78 67.04
CA THR AB 141 -72.03 -45.98 67.96
C THR AB 141 -70.59 -45.84 67.46
N ALA AB 142 -70.02 -44.65 67.67
CA ALA AB 142 -68.64 -44.35 67.31
C ALA AB 142 -68.37 -44.56 65.82
N ASP AB 143 -69.37 -44.31 64.98
CA ASP AB 143 -69.16 -44.39 63.54
C ASP AB 143 -68.34 -43.22 63.01
N ALA AB 144 -68.46 -42.04 63.62
CA ALA AB 144 -67.61 -40.93 63.24
C ALA AB 144 -66.15 -41.20 63.58
N TRP AB 145 -65.91 -41.71 64.79
CA TRP AB 145 -64.58 -42.14 65.14
C TRP AB 145 -64.10 -43.23 64.19
N ASN AB 146 -65.02 -44.11 63.77
CA ASN AB 146 -64.64 -45.15 62.81
C ASN AB 146 -64.18 -44.55 61.49
N PHE AB 147 -64.89 -43.52 61.01
CA PHE AB 147 -64.46 -42.84 59.79
C PHE AB 147 -63.06 -42.27 59.92
N VAL AB 148 -62.85 -41.47 60.97
CA VAL AB 148 -61.56 -40.80 61.11
C VAL AB 148 -60.45 -41.83 61.32
N ALA AB 149 -60.74 -42.89 62.07
CA ALA AB 149 -59.75 -43.92 62.31
C ALA AB 149 -59.45 -44.73 61.07
N ASP AB 150 -60.44 -44.96 60.20
CA ASP AB 150 -60.17 -45.65 58.95
C ASP AB 150 -59.26 -44.82 58.06
N ALA AB 151 -59.50 -43.51 58.01
CA ALA AB 151 -58.60 -42.64 57.24
C ALA AB 151 -57.18 -42.69 57.80
N GLU AB 152 -57.05 -42.59 59.13
CA GLU AB 152 -55.73 -42.61 59.74
C GLU AB 152 -55.05 -43.95 59.51
N GLU AB 153 -55.79 -45.05 59.60
CA GLU AB 153 -55.22 -46.37 59.44
C GLU AB 153 -54.78 -46.63 58.01
N ILE AB 154 -55.55 -46.18 57.02
CA ILE AB 154 -55.12 -46.38 55.65
C ILE AB 154 -53.87 -45.56 55.36
N MET AB 155 -53.79 -44.33 55.89
CA MET AB 155 -52.57 -43.55 55.71
C MET AB 155 -51.37 -44.23 56.37
N PHE AB 156 -51.55 -44.74 57.58
CA PHE AB 156 -50.45 -45.42 58.27
C PHE AB 156 -50.01 -46.67 57.52
N SER AB 157 -50.97 -47.45 57.01
CA SER AB 157 -50.64 -48.65 56.28
C SER AB 157 -49.90 -48.33 54.99
N ARG AB 158 -50.35 -47.31 54.26
CA ARG AB 158 -49.63 -46.90 53.06
C ARG AB 158 -48.29 -46.28 53.36
N GLU AB 159 -48.02 -45.91 54.62
CA GLU AB 159 -46.74 -45.34 55.02
C GLU AB 159 -46.45 -44.04 54.26
N LEU AB 160 -47.49 -43.25 54.04
CA LEU AB 160 -47.32 -41.94 53.46
C LEU AB 160 -46.69 -41.00 54.48
N ASN AB 161 -46.10 -39.92 53.99
CA ASN AB 161 -45.40 -38.98 54.86
C ASN AB 161 -46.41 -38.07 55.53
N ARG AB 162 -46.34 -38.00 56.86
CA ARG AB 162 -47.24 -37.18 57.65
C ARG AB 162 -46.48 -36.39 58.70
N ASP AB 163 -45.22 -36.06 58.40
CA ASP AB 163 -44.41 -35.27 59.32
C ASP AB 163 -44.97 -33.85 59.47
N MET AB 164 -45.41 -33.26 58.36
CA MET AB 164 -45.93 -31.91 58.38
C MET AB 164 -47.30 -31.80 59.02
N GLY AB 165 -47.95 -32.92 59.28
CA GLY AB 165 -49.24 -32.91 59.95
C GLY AB 165 -50.35 -33.41 59.04
N THR AB 166 -51.42 -33.86 59.67
CA THR AB 166 -52.61 -34.34 58.98
C THR AB 166 -53.81 -33.53 59.45
N SER AB 167 -54.84 -33.48 58.60
CA SER AB 167 -56.04 -32.74 58.95
C SER AB 167 -57.27 -33.41 58.35
N TYR AB 168 -58.35 -33.39 59.11
CA TYR AB 168 -59.64 -33.91 58.68
C TYR AB 168 -60.64 -32.77 58.67
N PHE AB 169 -61.50 -32.75 57.65
CA PHE AB 169 -62.52 -31.74 57.47
C PHE AB 169 -63.85 -32.43 57.31
N PHE AB 170 -64.77 -32.18 58.24
CA PHE AB 170 -66.16 -32.59 58.12
C PHE AB 170 -66.96 -31.50 57.46
N ASN AB 171 -68.02 -31.89 56.76
CA ASN AB 171 -69.02 -30.91 56.38
C ASN AB 171 -69.99 -30.73 57.54
N PRO AB 172 -70.67 -29.59 57.61
CA PRO AB 172 -71.43 -29.27 58.85
C PRO AB 172 -72.43 -30.33 59.27
N GLN AB 173 -73.10 -31.00 58.33
CA GLN AB 173 -74.09 -32.00 58.71
C GLN AB 173 -73.43 -33.20 59.39
N ASP AB 174 -72.33 -33.68 58.83
CA ASP AB 174 -71.65 -34.82 59.44
C ASP AB 174 -70.95 -34.41 60.72
N TYR AB 175 -70.49 -33.17 60.83
CA TYR AB 175 -70.01 -32.66 62.10
C TYR AB 175 -71.09 -32.70 63.17
N LYS AB 176 -72.30 -32.25 62.82
CA LYS AB 176 -73.40 -32.28 63.77
C LYS AB 176 -73.76 -33.69 64.15
N LYS AB 177 -73.76 -34.62 63.19
CA LYS AB 177 -74.07 -36.01 63.51
C LYS AB 177 -73.00 -36.63 64.41
N ALA AB 178 -71.73 -36.31 64.17
CA ALA AB 178 -70.67 -36.79 65.06
C ALA AB 178 -70.82 -36.24 66.47
N GLY AB 179 -71.12 -34.95 66.58
CA GLY AB 179 -71.39 -34.37 67.88
C GLY AB 179 -72.56 -35.04 68.57
N TYR AB 180 -73.60 -35.38 67.81
CA TYR AB 180 -74.74 -36.06 68.41
C TYR AB 180 -74.37 -37.45 68.87
N ASP AB 181 -73.54 -38.15 68.09
CA ASP AB 181 -73.04 -39.45 68.51
C ASP AB 181 -72.30 -39.35 69.83
N LEU AB 182 -71.53 -38.29 70.02
CA LEU AB 182 -70.88 -38.07 71.30
C LEU AB 182 -71.88 -37.73 72.40
N THR AB 183 -72.91 -36.95 72.07
CA THR AB 183 -73.81 -36.44 73.08
C THR AB 183 -74.73 -37.52 73.62
N LYS AB 184 -75.17 -38.42 72.78
CA LYS AB 184 -76.09 -39.45 73.26
C LYS AB 184 -75.40 -40.51 74.11
N ARG AB 185 -74.16 -40.29 74.53
CA ARG AB 185 -73.31 -41.35 75.07
C ARG AB 185 -73.60 -41.67 76.52
N ASP AB 186 -74.76 -41.24 77.05
CA ASP AB 186 -75.24 -41.67 78.37
C ASP AB 186 -74.21 -41.39 79.45
N ILE AB 187 -73.42 -40.34 79.26
CA ILE AB 187 -72.36 -39.98 80.20
C ILE AB 187 -71.92 -38.57 79.86
N PHE AB 188 -71.27 -37.91 80.82
CA PHE AB 188 -70.69 -36.59 80.56
C PHE AB 188 -69.38 -36.51 81.34
N GLY AB 189 -68.28 -36.95 80.73
CA GLY AB 189 -67.04 -36.85 81.45
C GLY AB 189 -66.26 -35.58 81.21
N ARG AB 190 -65.71 -35.41 80.02
CA ARG AB 190 -65.24 -34.09 79.58
C ARG AB 190 -65.63 -33.88 78.13
N ILE AB 191 -65.50 -34.93 77.33
CA ILE AB 191 -65.70 -34.82 75.89
C ILE AB 191 -67.19 -34.74 75.59
N PRO AB 192 -68.05 -35.58 76.17
CA PRO AB 192 -69.49 -35.34 76.03
C PRO AB 192 -69.93 -34.00 76.59
N GLU AB 193 -69.29 -33.52 77.65
CA GLU AB 193 -69.67 -32.22 78.20
C GLU AB 193 -69.38 -31.10 77.21
N GLU AB 194 -68.19 -31.12 76.60
CA GLU AB 194 -67.89 -30.11 75.59
C GLU AB 194 -68.80 -30.26 74.38
N ALA AB 195 -69.04 -31.49 73.92
CA ALA AB 195 -69.92 -31.70 72.79
C ALA AB 195 -71.36 -31.32 73.09
N TYR AB 196 -71.74 -31.27 74.36
CA TYR AB 196 -73.08 -30.83 74.72
C TYR AB 196 -73.17 -29.32 74.80
N ARG AB 197 -72.34 -28.69 75.64
CA ARG AB 197 -72.42 -27.25 75.80
C ARG AB 197 -72.07 -26.53 74.51
N ASP AB 198 -70.92 -26.84 73.93
CA ASP AB 198 -70.58 -26.37 72.60
C ASP AB 198 -70.81 -27.48 71.58
N GLY AB 199 -70.76 -27.12 70.31
CA GLY AB 199 -70.94 -28.16 69.32
C GLY AB 199 -69.70 -28.97 69.03
N THR AB 200 -68.56 -28.56 69.54
CA THR AB 200 -67.28 -29.15 69.15
C THR AB 200 -67.21 -30.62 69.55
N ILE AB 201 -66.83 -31.47 68.60
CA ILE AB 201 -66.56 -32.86 68.91
C ILE AB 201 -65.28 -32.87 69.74
N GLN AB 202 -64.18 -32.49 69.09
CA GLN AB 202 -62.86 -32.29 69.67
C GLN AB 202 -62.05 -31.59 68.59
N ARG AB 203 -60.79 -31.30 68.91
CA ARG AB 203 -59.86 -30.82 67.90
C ARG AB 203 -58.90 -31.90 67.42
N GLN AB 204 -58.86 -33.04 68.10
CA GLN AB 204 -58.03 -34.17 67.71
C GLN AB 204 -58.86 -35.43 67.88
N VAL AB 205 -59.07 -36.17 66.81
CA VAL AB 205 -59.90 -37.38 66.84
C VAL AB 205 -59.20 -38.49 66.09
N ALA AB 206 -59.13 -39.68 66.71
CA ALA AB 206 -58.67 -40.91 66.08
C ALA AB 206 -57.22 -40.82 65.61
N GLY AB 207 -56.47 -39.85 66.11
CA GLY AB 207 -55.07 -39.71 65.74
C GLY AB 207 -54.77 -38.60 64.76
N PHE AB 208 -55.76 -37.81 64.37
CA PHE AB 208 -55.52 -36.67 63.50
C PHE AB 208 -55.09 -35.47 64.31
N ASP AB 209 -54.25 -34.65 63.71
CA ASP AB 209 -53.74 -33.48 64.41
C ASP AB 209 -54.73 -32.33 64.46
N ASP AB 210 -55.73 -32.32 63.58
CA ASP AB 210 -56.67 -31.21 63.53
C ASP AB 210 -57.92 -31.68 62.79
N VAL AB 211 -59.05 -31.70 63.48
CA VAL AB 211 -60.34 -32.07 62.91
C VAL AB 211 -61.25 -30.85 62.95
N LEU AB 212 -61.63 -30.36 61.76
CA LEU AB 212 -62.39 -29.12 61.63
C LEU AB 212 -63.72 -29.39 60.92
N ARG AB 213 -64.49 -28.33 60.77
CA ARG AB 213 -65.74 -28.33 60.03
C ARG AB 213 -65.64 -27.30 58.90
N SER AB 214 -65.84 -27.74 57.67
CA SER AB 214 -65.69 -26.87 56.51
C SER AB 214 -67.03 -26.63 55.87
N PRO AB 215 -67.51 -25.39 55.80
CA PRO AB 215 -68.88 -25.16 55.33
C PRO AB 215 -69.09 -25.48 53.86
N LYS AB 216 -68.07 -25.36 53.02
CA LYS AB 216 -68.23 -25.45 51.58
C LYS AB 216 -67.51 -26.66 50.98
N LEU AB 217 -67.62 -27.80 51.64
CA LEU AB 217 -67.13 -29.04 51.08
C LEU AB 217 -68.12 -29.54 50.03
N PRO AB 218 -67.68 -29.91 48.83
CA PRO AB 218 -68.63 -30.10 47.73
C PRO AB 218 -69.49 -31.33 47.86
N VAL AB 219 -70.33 -31.58 46.85
CA VAL AB 219 -71.17 -32.77 46.79
C VAL AB 219 -70.66 -33.64 45.65
N LEU AB 220 -70.37 -34.90 45.95
CA LEU AB 220 -69.89 -35.84 44.94
C LEU AB 220 -71.08 -36.62 44.41
N THR AB 221 -71.62 -36.16 43.28
CA THR AB 221 -72.79 -36.79 42.68
C THR AB 221 -72.48 -38.23 42.30
N LYS AB 222 -73.48 -39.09 42.42
CA LYS AB 222 -73.30 -40.50 42.10
C LYS AB 222 -73.05 -40.69 40.61
N SER AB 223 -72.14 -41.60 40.29
CA SER AB 223 -71.81 -41.87 38.90
C SER AB 223 -72.81 -42.87 38.33
N THR AB 224 -73.30 -42.59 37.13
CA THR AB 224 -74.25 -43.46 36.45
C THR AB 224 -73.57 -44.54 35.62
N ALA AB 225 -72.24 -44.61 35.67
CA ALA AB 225 -71.52 -45.63 34.93
C ALA AB 225 -71.74 -47.01 35.54
N THR AB 226 -71.84 -48.02 34.68
CA THR AB 226 -71.96 -49.40 35.15
C THR AB 226 -71.54 -50.36 34.06
N GLY AB 227 -71.11 -51.55 34.47
CA GLY AB 227 -70.67 -52.58 33.57
C GLY AB 227 -69.45 -52.20 32.77
N ILE AB 228 -68.47 -51.57 33.40
CA ILE AB 228 -67.26 -51.09 32.74
C ILE AB 228 -66.09 -51.97 33.16
N THR AB 229 -65.28 -52.36 32.19
CA THR AB 229 -64.05 -53.09 32.45
C THR AB 229 -62.94 -52.52 31.61
N VAL AB 230 -61.71 -52.63 32.12
CA VAL AB 230 -60.57 -52.15 31.34
C VAL AB 230 -60.42 -53.02 30.10
N SER AB 231 -59.79 -52.48 29.08
CA SER AB 231 -59.63 -53.19 27.79
C SER AB 231 -58.15 -53.27 27.45
N GLY AB 232 -57.55 -54.43 27.69
CA GLY AB 232 -56.16 -54.65 27.36
C GLY AB 232 -55.33 -55.02 28.58
N ALA AB 233 -54.08 -55.36 28.31
CA ALA AB 233 -53.12 -55.58 29.39
C ALA AB 233 -52.25 -54.34 29.49
N GLN AB 234 -52.55 -53.49 30.47
CA GLN AB 234 -51.91 -52.19 30.57
C GLN AB 234 -50.94 -52.17 31.74
N SER AB 235 -49.68 -51.86 31.44
CA SER AB 235 -48.64 -51.70 32.45
C SER AB 235 -48.14 -50.28 32.39
N PHE AB 236 -48.08 -49.63 33.55
CA PHE AB 236 -47.68 -48.22 33.65
C PHE AB 236 -46.30 -48.15 34.29
N LYS AB 237 -45.37 -47.59 33.58
CA LYS AB 237 -44.00 -47.56 34.07
C LYS AB 237 -43.68 -46.18 34.61
N PRO AB 238 -43.05 -46.08 35.78
CA PRO AB 238 -42.60 -44.76 36.24
C PRO AB 238 -41.48 -44.26 35.36
N VAL AB 239 -41.72 -43.17 34.65
CA VAL AB 239 -40.69 -42.58 33.79
C VAL AB 239 -40.46 -41.15 34.24
N ALA AB 240 -39.24 -40.68 33.98
CA ALA AB 240 -38.87 -39.32 34.32
C ALA AB 240 -39.02 -38.36 33.15
N TRP AB 241 -38.96 -38.87 31.91
CA TRP AB 241 -39.01 -38.03 30.74
C TRP AB 241 -39.46 -38.86 29.54
N GLN AB 242 -39.91 -38.16 28.51
CA GLN AB 242 -40.44 -38.75 27.30
C GLN AB 242 -39.88 -37.99 26.12
N LEU AB 243 -40.06 -38.56 24.93
CA LEU AB 243 -39.63 -37.92 23.69
C LEU AB 243 -40.82 -37.24 23.03
N ASP AB 244 -40.66 -35.97 22.70
CA ASP AB 244 -41.71 -35.26 21.98
C ASP AB 244 -41.57 -35.51 20.48
N ASN AB 245 -42.44 -34.86 19.70
CA ASN AB 245 -42.41 -35.03 18.25
C ASN AB 245 -41.07 -34.56 17.67
N ASP AB 246 -40.57 -33.43 18.15
CA ASP AB 246 -39.28 -32.93 17.69
C ASP AB 246 -38.10 -33.73 18.24
N GLY AB 247 -38.35 -34.65 19.16
CA GLY AB 247 -37.29 -35.45 19.74
C GLY AB 247 -36.70 -34.90 21.01
N ASN AB 248 -37.29 -33.87 21.59
CA ASN AB 248 -36.80 -33.26 22.82
C ASN AB 248 -37.33 -34.01 24.02
N LYS AB 249 -36.56 -33.95 25.11
CA LYS AB 249 -36.95 -34.57 26.37
C LYS AB 249 -37.97 -33.68 27.05
N VAL AB 250 -39.18 -34.20 27.26
CA VAL AB 250 -40.23 -33.50 27.97
C VAL AB 250 -40.59 -34.30 29.21
N ASN AB 251 -40.66 -33.63 30.36
CA ASN AB 251 -40.90 -34.33 31.60
C ASN AB 251 -42.31 -34.91 31.63
N VAL AB 252 -42.51 -35.86 32.53
CA VAL AB 252 -43.78 -36.57 32.67
C VAL AB 252 -44.29 -36.39 34.09
N ASP AB 253 -45.58 -36.11 34.22
CA ASP AB 253 -46.20 -35.95 35.52
C ASP AB 253 -46.45 -37.32 36.12
N ASN AB 254 -45.97 -37.53 37.34
CA ASN AB 254 -46.18 -38.80 38.02
C ASN AB 254 -47.57 -38.92 38.61
N ARG AB 255 -48.32 -37.84 38.68
CA ARG AB 255 -49.63 -37.84 39.31
C ARG AB 255 -50.74 -38.32 38.41
N PHE AB 256 -50.46 -38.99 37.29
CA PHE AB 256 -51.53 -39.31 36.35
C PHE AB 256 -51.17 -40.55 35.55
N ALA AB 257 -52.20 -41.32 35.20
CA ALA AB 257 -52.05 -42.47 34.32
C ALA AB 257 -53.32 -42.64 33.51
N THR AB 258 -53.18 -42.66 32.19
CA THR AB 258 -54.33 -42.78 31.30
C THR AB 258 -54.66 -44.25 31.05
N VAL AB 259 -55.94 -44.59 31.13
CA VAL AB 259 -56.42 -45.96 31.10
C VAL AB 259 -57.45 -46.10 29.99
N THR AB 260 -57.33 -47.18 29.21
CA THR AB 260 -58.25 -47.50 28.13
C THR AB 260 -59.32 -48.46 28.65
N LEU AB 261 -60.54 -47.96 28.81
CA LEU AB 261 -61.63 -48.74 29.40
C LEU AB 261 -62.50 -49.33 28.30
N SER AB 262 -63.48 -50.13 28.71
CA SER AB 262 -64.48 -50.61 27.76
C SER AB 262 -65.27 -49.44 27.17
N ALA AB 263 -65.83 -48.60 28.03
CA ALA AB 263 -66.55 -47.40 27.60
C ALA AB 263 -66.72 -46.51 28.82
N THR AB 264 -66.31 -45.26 28.71
CA THR AB 264 -66.38 -44.32 29.83
C THR AB 264 -67.61 -43.43 29.68
N THR AB 265 -68.78 -44.04 29.88
CA THR AB 265 -70.06 -43.35 29.83
C THR AB 265 -70.57 -43.16 31.24
N GLY AB 266 -70.85 -41.91 31.61
CA GLY AB 266 -71.28 -41.58 32.94
C GLY AB 266 -70.18 -41.05 33.85
N MET AB 267 -68.92 -41.26 33.49
CA MET AB 267 -67.83 -40.77 34.32
C MET AB 267 -67.71 -39.26 34.23
N LYS AB 268 -67.03 -38.69 35.21
CA LYS AB 268 -66.82 -37.25 35.27
C LYS AB 268 -65.58 -36.97 36.12
N ARG AB 269 -65.20 -35.72 36.18
CA ARG AB 269 -64.08 -35.32 37.00
C ARG AB 269 -64.37 -35.61 38.47
N GLY AB 270 -63.37 -36.13 39.18
CA GLY AB 270 -63.52 -36.39 40.60
C GLY AB 270 -64.25 -37.65 40.94
N ASP AB 271 -64.68 -38.42 39.95
CA ASP AB 271 -65.32 -39.70 40.20
C ASP AB 271 -64.32 -40.66 40.81
N LYS AB 272 -64.78 -41.48 41.75
CA LYS AB 272 -63.93 -42.42 42.47
C LYS AB 272 -64.19 -43.83 41.97
N ILE AB 273 -63.13 -44.54 41.61
CA ILE AB 273 -63.24 -45.87 41.03
C ILE AB 273 -62.20 -46.79 41.66
N SER AB 274 -62.32 -48.08 41.38
CA SER AB 274 -61.35 -49.06 41.86
C SER AB 274 -61.42 -50.30 40.98
N PHE AB 275 -60.27 -50.77 40.51
CA PHE AB 275 -60.23 -51.98 39.71
C PHE AB 275 -60.28 -53.21 40.60
N ALA AB 276 -61.10 -54.17 40.22
CA ALA AB 276 -61.34 -55.34 41.06
C ALA AB 276 -60.20 -56.33 40.91
N GLY AB 277 -59.49 -56.60 42.00
CA GLY AB 277 -58.36 -57.51 42.02
C GLY AB 277 -57.06 -56.86 42.43
N VAL AB 278 -56.88 -55.58 42.12
CA VAL AB 278 -55.65 -54.88 42.44
C VAL AB 278 -55.77 -54.33 43.85
N LYS AB 279 -54.68 -54.37 44.60
CA LYS AB 279 -54.67 -53.96 45.99
C LYS AB 279 -53.47 -53.06 46.25
N PHE AB 280 -53.58 -52.28 47.31
CA PHE AB 280 -52.50 -51.37 47.68
C PHE AB 280 -51.31 -52.14 48.23
N LEU AB 281 -50.16 -51.49 48.20
CA LEU AB 281 -48.94 -52.01 48.83
C LEU AB 281 -48.57 -51.11 50.00
N GLY AB 282 -47.42 -51.38 50.59
CA GLY AB 282 -46.96 -50.59 51.72
C GLY AB 282 -46.16 -49.37 51.35
N GLN AB 283 -45.70 -49.28 50.11
CA GLN AB 283 -44.98 -48.13 49.57
C GLN AB 283 -43.56 -48.02 50.15
N MET AB 284 -43.26 -48.79 51.19
CA MET AB 284 -41.87 -48.99 51.59
C MET AB 284 -41.50 -50.46 51.70
N ALA AB 285 -42.31 -51.26 52.38
CA ALA AB 285 -42.05 -52.68 52.50
C ALA AB 285 -42.64 -53.47 51.35
N LYS AB 286 -43.44 -52.84 50.50
CA LYS AB 286 -44.05 -53.48 49.34
C LYS AB 286 -44.83 -54.74 49.74
N ASN AB 287 -45.48 -54.70 50.90
CA ASN AB 287 -46.33 -55.79 51.35
C ASN AB 287 -47.78 -55.50 51.00
N VAL AB 288 -48.51 -56.54 50.66
CA VAL AB 288 -49.86 -56.38 50.14
C VAL AB 288 -50.79 -56.02 51.26
N LEU AB 289 -51.59 -54.98 51.07
CA LEU AB 289 -52.55 -54.55 52.07
C LEU AB 289 -53.87 -55.29 51.90
N ALA AB 290 -54.73 -55.16 52.90
CA ALA AB 290 -56.06 -55.73 52.83
C ALA AB 290 -57.04 -54.86 52.07
N GLN AB 291 -56.71 -53.60 51.83
CA GLN AB 291 -57.63 -52.65 51.24
C GLN AB 291 -57.49 -52.64 49.74
N ASP AB 292 -58.63 -52.65 49.05
CA ASP AB 292 -58.64 -52.54 47.60
C ASP AB 292 -58.05 -51.19 47.18
N ALA AB 293 -57.29 -51.20 46.09
CA ALA AB 293 -56.68 -49.97 45.61
C ALA AB 293 -57.73 -49.09 44.95
N THR AB 294 -57.78 -47.83 45.36
CA THR AB 294 -58.78 -46.89 44.88
C THR AB 294 -58.11 -45.73 44.16
N PHE AB 295 -58.69 -45.32 43.05
CA PHE AB 295 -58.19 -44.25 42.21
C PHE AB 295 -59.30 -43.24 41.99
N SER AB 296 -58.92 -42.06 41.49
CA SER AB 296 -59.87 -41.01 41.18
C SER AB 296 -59.62 -40.52 39.77
N VAL AB 297 -60.64 -40.51 38.94
CA VAL AB 297 -60.49 -40.04 37.57
C VAL AB 297 -60.49 -38.52 37.56
N VAL AB 298 -59.47 -37.94 36.91
CA VAL AB 298 -59.34 -36.50 36.86
C VAL AB 298 -59.79 -35.91 35.53
N ARG AB 299 -59.88 -36.70 34.48
CA ARG AB 299 -60.20 -36.17 33.16
C ARG AB 299 -60.66 -37.30 32.27
N VAL AB 300 -61.86 -37.19 31.72
CA VAL AB 300 -62.34 -38.12 30.71
C VAL AB 300 -61.87 -37.57 29.37
N VAL AB 301 -60.65 -37.94 29.00
CA VAL AB 301 -60.04 -37.40 27.79
C VAL AB 301 -60.81 -37.84 26.55
N ASP AB 302 -61.36 -39.05 26.57
CA ASP AB 302 -61.92 -39.67 25.38
C ASP AB 302 -63.17 -40.44 25.77
N GLY AB 303 -63.93 -40.85 24.76
CA GLY AB 303 -65.03 -41.77 25.01
C GLY AB 303 -64.60 -43.16 25.40
N THR AB 304 -63.31 -43.45 25.33
CA THR AB 304 -62.75 -44.74 25.73
C THR AB 304 -61.69 -44.63 26.81
N HIS AB 305 -60.96 -43.52 26.89
CA HIS AB 305 -59.89 -43.35 27.85
C HIS AB 305 -60.35 -42.49 29.02
N VAL AB 306 -59.81 -42.78 30.19
CA VAL AB 306 -59.88 -41.91 31.36
C VAL AB 306 -58.45 -41.66 31.83
N GLU AB 307 -58.32 -40.88 32.91
CA GLU AB 307 -57.00 -40.49 33.41
C GLU AB 307 -57.09 -40.45 34.92
N ILE AB 308 -56.55 -41.48 35.58
CA ILE AB 308 -56.69 -41.68 37.02
C ILE AB 308 -55.47 -41.13 37.73
N THR AB 309 -55.68 -40.57 38.92
CA THR AB 309 -54.64 -39.76 39.55
C THR AB 309 -53.50 -40.54 40.23
N PRO AB 310 -53.70 -41.71 40.82
CA PRO AB 310 -52.52 -42.48 41.19
C PRO AB 310 -52.06 -43.32 40.01
N LYS AB 311 -50.77 -43.31 39.71
CA LYS AB 311 -50.28 -44.13 38.62
C LYS AB 311 -50.10 -45.55 39.12
N PRO AB 312 -50.84 -46.53 38.61
CA PRO AB 312 -50.73 -47.90 39.13
C PRO AB 312 -49.49 -48.63 38.63
N VAL AB 313 -48.37 -48.38 39.31
CA VAL AB 313 -47.14 -49.11 39.02
C VAL AB 313 -47.24 -50.47 39.70
N ALA AB 314 -47.40 -51.53 38.91
CA ALA AB 314 -47.59 -52.85 39.46
C ALA AB 314 -46.29 -53.40 40.02
N LEU AB 315 -46.41 -54.48 40.78
CA LEU AB 315 -45.27 -55.14 41.40
C LEU AB 315 -44.86 -56.40 40.67
N ASP AB 316 -45.81 -57.24 40.27
CA ASP AB 316 -45.48 -58.53 39.70
C ASP AB 316 -45.01 -58.45 38.25
N ASP AB 317 -45.36 -57.40 37.52
CA ASP AB 317 -45.02 -57.36 36.10
C ASP AB 317 -43.52 -57.22 35.90
N VAL AB 318 -43.03 -57.87 34.85
CA VAL AB 318 -41.60 -58.10 34.67
C VAL AB 318 -40.97 -57.13 33.69
N SER AB 319 -41.70 -56.12 33.25
CA SER AB 319 -41.16 -55.16 32.29
C SER AB 319 -40.37 -54.04 32.94
N LEU AB 320 -40.37 -53.95 34.27
CA LEU AB 320 -39.71 -52.86 34.95
C LEU AB 320 -38.29 -53.24 35.36
N SER AB 321 -37.37 -52.30 35.18
CA SER AB 321 -36.05 -52.43 35.77
C SER AB 321 -36.15 -52.27 37.28
N PRO AB 322 -35.15 -52.73 38.04
CA PRO AB 322 -35.25 -52.66 39.51
C PRO AB 322 -35.51 -51.28 40.07
N GLU AB 323 -34.86 -50.25 39.53
CA GLU AB 323 -35.10 -48.91 40.05
C GLU AB 323 -36.50 -48.44 39.74
N GLN AB 324 -37.13 -48.99 38.70
CA GLN AB 324 -38.52 -48.66 38.40
C GLN AB 324 -39.47 -49.46 39.28
N ARG AB 325 -39.16 -50.73 39.54
CA ARG AB 325 -40.00 -51.54 40.39
C ARG AB 325 -39.96 -51.08 41.84
N ALA AB 326 -38.96 -50.31 42.21
CA ALA AB 326 -38.92 -49.73 43.55
C ALA AB 326 -40.03 -48.73 43.80
N TYR AB 327 -40.75 -48.29 42.76
CA TYR AB 327 -41.80 -47.28 42.91
C TYR AB 327 -43.21 -47.86 42.91
N ALA AB 328 -43.34 -49.18 42.93
CA ALA AB 328 -44.65 -49.81 42.76
C ALA AB 328 -45.57 -49.51 43.94
N ASN AB 329 -46.86 -49.29 43.64
CA ASN AB 329 -47.85 -49.04 44.67
C ASN AB 329 -49.04 -49.97 44.64
N VAL AB 330 -49.15 -50.88 43.67
CA VAL AB 330 -50.18 -51.89 43.64
C VAL AB 330 -49.52 -53.24 43.42
N ASN AB 331 -50.23 -54.31 43.79
CA ASN AB 331 -49.64 -55.64 43.67
C ASN AB 331 -49.62 -56.10 42.22
N THR AB 332 -50.71 -55.87 41.47
CA THR AB 332 -50.85 -56.37 40.11
C THR AB 332 -51.32 -55.27 39.20
N SER AB 333 -51.15 -55.50 37.89
CA SER AB 333 -51.49 -54.53 36.88
C SER AB 333 -52.90 -54.77 36.34
N LEU AB 334 -53.29 -53.94 35.38
CA LEU AB 334 -54.63 -54.00 34.79
C LEU AB 334 -54.61 -55.04 33.68
N ALA AB 335 -55.44 -56.07 33.81
CA ALA AB 335 -55.39 -57.24 32.93
C ALA AB 335 -56.78 -57.47 32.32
N ASP AB 336 -56.85 -57.37 30.99
CA ASP AB 336 -58.00 -57.74 30.17
C ASP AB 336 -59.34 -57.40 30.79
N ALA AB 337 -60.22 -58.39 30.94
CA ALA AB 337 -61.55 -58.12 31.48
C ALA AB 337 -61.48 -57.90 32.98
N MET AB 338 -61.00 -56.74 33.39
CA MET AB 338 -60.93 -56.36 34.79
C MET AB 338 -62.01 -55.32 35.07
N ALA AB 339 -62.98 -55.70 35.90
CA ALA AB 339 -64.10 -54.81 36.15
C ALA AB 339 -63.68 -53.63 37.00
N VAL AB 340 -64.09 -52.43 36.60
CA VAL AB 340 -63.92 -51.26 37.45
C VAL AB 340 -65.21 -51.07 38.23
N ASN AB 341 -65.05 -50.67 39.49
CA ASN AB 341 -66.16 -50.50 40.40
C ASN AB 341 -66.22 -49.04 40.81
N ILE AB 342 -67.35 -48.40 40.60
CA ILE AB 342 -67.54 -47.04 41.06
C ILE AB 342 -67.75 -47.05 42.56
N LEU AB 343 -67.22 -46.04 43.24
CA LEU AB 343 -67.26 -46.00 44.69
C LEU AB 343 -68.21 -44.94 45.24
N ASN AB 344 -68.71 -44.05 44.41
CA ASN AB 344 -69.74 -43.09 44.80
C ASN AB 344 -71.05 -43.54 44.14
N VAL AB 345 -71.86 -44.29 44.88
CA VAL AB 345 -73.11 -44.82 44.35
C VAL AB 345 -74.32 -44.02 44.79
N LYS AB 346 -74.18 -43.05 45.70
CA LYS AB 346 -75.22 -42.07 45.93
C LYS AB 346 -74.59 -40.70 46.12
N ASP AB 347 -75.42 -39.66 46.10
CA ASP AB 347 -74.94 -38.31 46.32
C ASP AB 347 -74.62 -38.12 47.79
N ALA AB 348 -73.45 -37.56 48.07
CA ALA AB 348 -73.02 -37.37 49.45
C ALA AB 348 -72.06 -36.21 49.53
N ARG AB 349 -72.30 -35.31 50.48
CA ARG AB 349 -71.37 -34.21 50.72
C ARG AB 349 -70.07 -34.78 51.27
N THR AB 350 -68.96 -34.31 50.70
CA THR AB 350 -67.68 -34.93 50.96
C THR AB 350 -67.10 -34.51 52.31
N ASN AB 351 -66.39 -35.43 52.94
CA ASN AB 351 -65.48 -35.15 54.04
C ASN AB 351 -64.08 -35.35 53.51
N VAL AB 352 -63.20 -34.41 53.77
CA VAL AB 352 -61.89 -34.39 53.11
C VAL AB 352 -60.80 -34.40 54.17
N PHE AB 353 -59.95 -35.41 54.13
CA PHE AB 353 -58.75 -35.43 54.95
C PHE AB 353 -57.53 -35.39 54.05
N TRP AB 354 -56.42 -34.92 54.60
CA TRP AB 354 -55.19 -34.92 53.84
C TRP AB 354 -53.99 -34.85 54.78
N ALA AB 355 -52.83 -35.15 54.24
CA ALA AB 355 -51.58 -34.75 54.84
C ALA AB 355 -51.31 -33.30 54.48
N ASP AB 356 -50.87 -32.52 55.45
CA ASP AB 356 -50.94 -31.06 55.33
C ASP AB 356 -50.18 -30.54 54.12
N ASP AB 357 -49.11 -31.20 53.71
CA ASP AB 357 -48.29 -30.75 52.60
C ASP AB 357 -48.67 -31.41 51.28
N ALA AB 358 -49.94 -31.78 51.12
CA ALA AB 358 -50.41 -32.38 49.88
C ALA AB 358 -51.11 -31.40 48.95
N ILE AB 359 -51.64 -30.30 49.47
CA ILE AB 359 -52.25 -29.24 48.68
C ILE AB 359 -51.44 -27.97 48.90
N ARG AB 360 -51.03 -27.32 47.82
CA ARG AB 360 -50.34 -26.05 47.93
C ARG AB 360 -51.02 -25.01 47.05
N ILE AB 361 -50.81 -23.74 47.38
CA ILE AB 361 -51.34 -22.63 46.61
C ILE AB 361 -50.17 -21.81 46.10
N VAL AB 362 -50.10 -21.66 44.78
CA VAL AB 362 -49.04 -20.90 44.12
C VAL AB 362 -49.63 -19.57 43.71
N SER AB 363 -48.91 -18.48 43.95
CA SER AB 363 -49.46 -17.15 43.73
C SER AB 363 -48.40 -16.19 43.22
N GLN AB 364 -48.76 -15.39 42.22
CA GLN AB 364 -47.94 -14.31 41.72
C GLN AB 364 -48.77 -13.05 41.54
N PRO AB 365 -48.12 -11.89 41.48
CA PRO AB 365 -48.81 -10.69 41.01
C PRO AB 365 -49.07 -10.76 39.52
N ILE AB 366 -50.06 -10.01 39.08
CA ILE AB 366 -50.31 -9.91 37.64
C ILE AB 366 -49.09 -9.25 36.99
N PRO AB 367 -48.53 -9.82 35.93
CA PRO AB 367 -47.30 -9.24 35.36
C PRO AB 367 -47.54 -7.82 34.90
N ALA AB 368 -46.53 -6.97 35.13
CA ALA AB 368 -46.67 -5.54 34.91
C ALA AB 368 -46.58 -5.17 33.44
N ASN AB 369 -46.07 -6.05 32.59
CA ASN AB 369 -45.93 -5.79 31.17
C ASN AB 369 -47.11 -6.28 30.36
N HIS AB 370 -48.23 -6.58 31.02
CA HIS AB 370 -49.35 -7.22 30.35
C HIS AB 370 -49.96 -6.32 29.28
N GLU AB 371 -50.63 -6.95 28.31
CA GLU AB 371 -51.34 -6.20 27.28
C GLU AB 371 -52.46 -5.38 27.90
N LEU AB 372 -53.33 -6.02 28.69
CA LEU AB 372 -54.21 -5.28 29.56
C LEU AB 372 -53.38 -4.65 30.67
N PHE AB 373 -54.03 -3.91 31.56
CA PHE AB 373 -53.32 -3.15 32.59
C PHE AB 373 -52.28 -2.21 31.96
N ALA AB 374 -52.54 -1.77 30.73
CA ALA AB 374 -51.57 -0.95 30.03
C ALA AB 374 -51.48 0.45 30.64
N GLY AB 375 -52.62 1.09 30.85
CA GLY AB 375 -52.62 2.43 31.37
C GLY AB 375 -53.10 2.52 32.81
N MET AB 376 -53.27 1.37 33.46
CA MET AB 376 -53.81 1.31 34.80
C MET AB 376 -52.68 1.37 35.82
N LYS AB 377 -52.84 2.22 36.82
CA LYS AB 377 -51.89 2.29 37.92
C LYS AB 377 -52.24 1.24 38.95
N THR AB 378 -51.25 0.44 39.33
CA THR AB 378 -51.46 -0.75 40.14
C THR AB 378 -50.78 -0.62 41.50
N THR AB 379 -51.28 -1.40 42.45
CA THR AB 379 -50.67 -1.51 43.76
C THR AB 379 -51.05 -2.86 44.36
N SER AB 380 -50.43 -3.19 45.49
CA SER AB 380 -50.78 -4.43 46.16
C SER AB 380 -52.12 -4.32 46.86
N PHE AB 381 -52.74 -5.47 47.12
CA PHE AB 381 -54.08 -5.49 47.71
C PHE AB 381 -54.20 -6.81 48.49
N SER AB 382 -54.03 -6.75 49.79
CA SER AB 382 -54.05 -7.95 50.60
C SER AB 382 -55.43 -8.60 50.60
N ILE AB 383 -55.46 -9.90 50.81
CA ILE AB 383 -56.69 -10.67 50.94
C ILE AB 383 -56.81 -11.13 52.39
N PRO AB 384 -57.95 -10.94 53.04
CA PRO AB 384 -58.06 -11.33 54.44
C PRO AB 384 -57.97 -12.83 54.63
N ASP AB 385 -57.59 -13.23 55.84
CA ASP AB 385 -57.51 -14.62 56.26
C ASP AB 385 -56.51 -15.41 55.44
N VAL AB 386 -56.78 -15.60 54.15
CA VAL AB 386 -55.84 -16.30 53.28
C VAL AB 386 -54.58 -15.46 53.13
N GLY AB 387 -53.45 -16.13 52.99
CA GLY AB 387 -52.20 -15.42 52.86
C GLY AB 387 -51.87 -15.03 51.43
N LEU AB 388 -52.74 -14.24 50.81
CA LEU AB 388 -52.61 -13.91 49.41
C LEU AB 388 -52.67 -12.40 49.20
N ASN AB 389 -52.09 -11.98 48.08
CA ASN AB 389 -52.14 -10.60 47.64
C ASN AB 389 -52.64 -10.56 46.21
N GLY AB 390 -53.30 -9.48 45.85
CA GLY AB 390 -53.72 -9.24 44.49
C GLY AB 390 -53.31 -7.85 44.07
N ILE AB 391 -53.81 -7.40 42.92
CA ILE AB 391 -53.44 -6.12 42.35
C ILE AB 391 -54.67 -5.24 42.32
N PHE AB 392 -54.55 -4.03 42.86
CA PHE AB 392 -55.63 -3.05 42.87
C PHE AB 392 -55.36 -2.02 41.77
N ALA AB 393 -55.72 -2.37 40.54
CA ALA AB 393 -55.47 -1.47 39.44
C ALA AB 393 -56.60 -0.46 39.29
N THR AB 394 -56.24 0.74 38.85
CA THR AB 394 -57.24 1.80 38.66
C THR AB 394 -56.85 2.64 37.45
N GLN AB 395 -57.86 3.21 36.80
CA GLN AB 395 -57.65 4.02 35.61
C GLN AB 395 -58.77 5.04 35.50
N GLY AB 396 -58.52 6.10 34.72
CA GLY AB 396 -59.46 7.20 34.62
C GLY AB 396 -59.58 7.71 33.21
N ASP AB 397 -60.76 8.23 32.88
CA ASP AB 397 -61.10 8.72 31.56
C ASP AB 397 -61.59 10.16 31.66
N ILE AB 398 -60.99 11.04 30.87
CA ILE AB 398 -61.26 12.48 30.95
C ILE AB 398 -62.46 12.89 30.13
N SER AB 399 -62.70 12.21 29.00
CA SER AB 399 -63.85 12.57 28.16
C SER AB 399 -65.17 12.33 28.88
N THR AB 400 -65.28 11.22 29.61
CA THR AB 400 -66.48 10.91 30.37
C THR AB 400 -66.38 11.31 31.83
N LEU AB 401 -65.19 11.67 32.31
CA LEU AB 401 -64.95 11.92 33.74
C LEU AB 401 -65.33 10.69 34.55
N SER AB 402 -64.71 9.56 34.22
CA SER AB 402 -65.07 8.28 34.81
C SER AB 402 -63.84 7.59 35.35
N GLY AB 403 -64.07 6.62 36.25
CA GLY AB 403 -63.03 5.81 36.81
C GLY AB 403 -63.24 4.35 36.48
N LEU AB 404 -62.26 3.53 36.84
CA LEU AB 404 -62.30 2.10 36.54
C LEU AB 404 -61.39 1.39 37.52
N CYS AB 405 -61.96 0.61 38.43
CA CYS AB 405 -61.19 -0.20 39.37
C CYS AB 405 -61.27 -1.67 38.99
N ARG AB 406 -60.17 -2.38 39.22
CA ARG AB 406 -60.09 -3.81 38.95
C ARG AB 406 -59.21 -4.44 40.02
N ILE AB 407 -59.78 -5.30 40.82
CA ILE AB 407 -59.04 -6.06 41.82
C ILE AB 407 -58.80 -7.45 41.23
N ALA AB 408 -57.54 -7.77 40.95
CA ALA AB 408 -57.20 -8.99 40.24
C ALA AB 408 -56.30 -9.86 41.11
N LEU AB 409 -56.74 -11.07 41.41
CA LEU AB 409 -55.97 -12.00 42.23
C LEU AB 409 -55.69 -13.24 41.41
N TRP AB 410 -54.42 -13.63 41.36
CA TRP AB 410 -53.96 -14.68 40.47
C TRP AB 410 -53.32 -15.79 41.29
N TYR AB 411 -53.86 -16.99 41.22
CA TYR AB 411 -53.36 -18.09 42.02
C TYR AB 411 -53.69 -19.39 41.32
N GLY AB 412 -53.05 -20.46 41.77
CA GLY AB 412 -53.36 -21.81 41.34
C GLY AB 412 -53.18 -22.78 42.48
N VAL AB 413 -54.21 -23.54 42.78
CA VAL AB 413 -54.14 -24.54 43.85
C VAL AB 413 -53.85 -25.88 43.21
N ASN AB 414 -52.83 -26.57 43.73
CA ASN AB 414 -52.38 -27.82 43.17
C ASN AB 414 -52.36 -28.89 44.24
N ALA AB 415 -52.62 -30.12 43.79
CA ALA AB 415 -52.60 -31.31 44.64
C ALA AB 415 -51.36 -32.11 44.25
N THR AB 416 -50.27 -31.91 44.99
CA THR AB 416 -49.03 -32.58 44.62
C THR AB 416 -49.01 -34.03 45.05
N ARG AB 417 -49.78 -34.40 46.07
CA ARG AB 417 -49.83 -35.77 46.58
C ARG AB 417 -51.28 -36.21 46.67
N PRO AB 418 -51.90 -36.52 45.52
CA PRO AB 418 -53.26 -37.07 45.56
C PRO AB 418 -53.34 -38.39 46.29
N GLU AB 419 -52.25 -39.15 46.34
CA GLU AB 419 -52.23 -40.36 47.13
C GLU AB 419 -52.29 -40.07 48.63
N ALA AB 420 -51.93 -38.85 49.04
CA ALA AB 420 -52.07 -38.44 50.43
C ALA AB 420 -53.43 -37.81 50.70
N ILE AB 421 -53.96 -37.05 49.74
CA ILE AB 421 -55.30 -36.50 49.88
C ILE AB 421 -56.31 -37.63 49.87
N GLY AB 422 -57.31 -37.56 50.75
CA GLY AB 422 -58.35 -38.55 50.82
C GLY AB 422 -59.71 -37.91 50.88
N VAL AB 423 -60.73 -38.73 50.65
CA VAL AB 423 -62.12 -38.29 50.69
C VAL AB 423 -62.92 -39.32 51.48
N GLY AB 424 -64.03 -38.86 52.05
CA GLY AB 424 -64.85 -39.74 52.87
C GLY AB 424 -66.31 -39.70 52.52
N LEU AB 425 -66.88 -40.82 52.14
CA LEU AB 425 -68.25 -40.90 51.62
C LEU AB 425 -69.11 -41.75 52.54
N PRO AB 426 -69.90 -41.14 53.43
CA PRO AB 426 -70.77 -41.91 54.29
C PRO AB 426 -72.07 -42.28 53.59
N GLY AB 427 -72.63 -43.41 54.01
CA GLY AB 427 -73.90 -43.84 53.48
C GLY AB 427 -73.85 -44.11 51.99
N GLN AB 428 -72.83 -44.82 51.54
CA GLN AB 428 -72.70 -45.20 50.14
C GLN AB 428 -73.36 -46.56 49.88
N THR AB 429 -74.60 -46.71 50.30
CA THR AB 429 -75.29 -47.98 50.13
C THR AB 429 -75.82 -48.11 48.71
N ALA AB 430 -76.13 -49.34 48.32
CA ALA AB 430 -76.57 -49.62 46.96
C ALA AB 430 -77.87 -48.90 46.63
N THR BB 10 56.82 3.49 -3.85
CA THR BB 10 56.89 4.57 -4.86
C THR BB 10 57.27 5.87 -4.18
N LEU BB 11 56.43 6.36 -3.28
CA LEU BB 11 56.77 7.58 -2.53
C LEU BB 11 58.08 7.33 -1.78
N ALA BB 12 58.87 8.38 -1.55
CA ALA BB 12 60.20 8.20 -0.94
C ALA BB 12 60.18 8.49 0.56
N VAL BB 13 61.21 8.05 1.28
CA VAL BB 13 61.34 8.30 2.74
C VAL BB 13 61.85 9.74 2.91
N ASP BB 14 62.14 10.19 4.12
CA ASP BB 14 62.51 11.61 4.30
C ASP BB 14 64.02 11.78 4.49
N GLU BB 15 64.84 10.77 4.20
CA GLU BB 15 66.25 10.96 4.49
C GLU BB 15 66.96 11.32 3.20
N ILE BB 16 67.59 12.49 3.16
CA ILE BB 16 68.24 12.97 1.96
C ILE BB 16 69.61 12.31 1.84
N ILE BB 17 69.88 11.73 0.67
CA ILE BB 17 71.21 11.23 0.33
C ILE BB 17 72.07 12.43 0.00
N GLU BB 18 72.92 12.85 0.93
CA GLU BB 18 73.78 14.01 0.69
C GLU BB 18 74.88 13.61 -0.28
N THR BB 19 74.94 14.29 -1.43
CA THR BB 19 75.81 13.86 -2.51
C THR BB 19 76.96 14.81 -2.81
N ILE BB 20 76.79 16.11 -2.61
CA ILE BB 20 77.83 17.08 -2.92
C ILE BB 20 78.07 18.00 -1.75
N SER BB 21 79.25 18.60 -1.73
CA SER BB 21 79.63 19.55 -0.69
C SER BB 21 80.70 20.45 -1.26
N ALA BB 22 80.36 21.71 -1.48
CA ALA BB 22 81.26 22.68 -2.09
C ALA BB 22 81.79 23.65 -1.03
N ILE BB 23 82.98 24.19 -1.30
CA ILE BB 23 83.61 25.18 -0.44
C ILE BB 23 84.03 26.35 -1.32
N THR BB 24 83.91 27.57 -0.78
CA THR BB 24 84.09 28.81 -1.54
C THR BB 24 85.15 29.67 -0.87
N PRO BB 25 86.41 29.25 -0.91
CA PRO BB 25 87.46 29.97 -0.18
C PRO BB 25 87.78 31.34 -0.76
N MET BB 26 87.89 31.44 -2.08
CA MET BB 26 88.24 32.72 -2.68
C MET BB 26 87.15 33.76 -2.47
N ALA BB 27 85.88 33.36 -2.66
CA ALA BB 27 84.79 34.29 -2.44
C ALA BB 27 84.69 34.68 -0.97
N GLN BB 28 84.92 33.71 -0.07
CA GLN BB 28 84.92 34.05 1.35
C GLN BB 28 86.02 35.07 1.67
N LYS BB 29 87.19 34.90 1.07
CA LYS BB 29 88.33 35.73 1.41
C LYS BB 29 88.24 37.12 0.80
N ALA BB 30 87.67 37.24 -0.41
CA ALA BB 30 87.60 38.54 -1.07
C ALA BB 30 86.64 39.47 -0.37
N LYS BB 31 87.02 40.74 -0.25
CA LYS BB 31 86.21 41.71 0.47
C LYS BB 31 84.95 42.07 -0.33
N LYS BB 32 83.94 42.55 0.39
CA LYS BB 32 82.66 42.91 -0.20
C LYS BB 32 82.40 44.40 0.03
N TYR BB 33 81.90 45.08 -1.01
CA TYR BB 33 81.69 46.51 -1.00
C TYR BB 33 80.28 46.81 -1.49
N THR BB 34 79.55 47.64 -0.75
CA THR BB 34 78.17 48.02 -1.09
C THR BB 34 78.06 49.54 -1.13
N PRO BB 35 78.26 50.15 -2.29
CA PRO BB 35 78.14 51.61 -2.39
C PRO BB 35 76.69 52.05 -2.33
N PRO BB 36 76.44 53.34 -2.06
CA PRO BB 36 75.06 53.79 -1.88
C PRO BB 36 74.19 53.60 -3.13
N ALA BB 37 72.93 53.25 -2.89
CA ALA BB 37 72.08 52.72 -3.95
C ALA BB 37 71.58 53.81 -4.89
N ALA BB 38 71.12 54.93 -4.33
CA ALA BB 38 70.64 56.02 -5.19
C ALA BB 38 71.78 56.58 -6.03
N SER BB 39 72.94 56.78 -5.42
CA SER BB 39 74.10 57.25 -6.15
C SER BB 39 74.48 56.28 -7.26
N MET BB 40 74.47 54.98 -6.98
CA MET BB 40 74.78 54.02 -8.04
C MET BB 40 73.72 54.05 -9.14
N GLN BB 41 72.45 54.18 -8.77
CA GLN BB 41 71.39 54.19 -9.78
C GLN BB 41 71.57 55.34 -10.75
N ARG BB 42 71.83 56.53 -10.23
CA ARG BB 42 72.03 57.66 -11.13
C ARG BB 42 73.41 57.69 -11.75
N SER BB 43 74.37 56.95 -11.20
CA SER BB 43 75.73 56.90 -11.72
C SER BB 43 75.95 55.75 -12.68
N SER BB 44 74.90 54.99 -12.98
CA SER BB 44 74.97 53.89 -13.95
C SER BB 44 75.78 52.72 -13.39
N ASN BB 45 75.63 52.48 -12.09
CA ASN BB 45 76.21 51.33 -11.42
C ASN BB 45 77.73 51.28 -11.58
N THR BB 46 78.36 52.45 -11.56
CA THR BB 46 79.82 52.54 -11.59
C THR BB 46 80.25 53.61 -10.61
N ILE BB 47 81.41 53.40 -10.00
CA ILE BB 47 81.94 54.35 -9.03
C ILE BB 47 83.46 54.33 -9.09
N TRP BB 48 84.06 55.52 -8.99
CA TRP BB 48 85.49 55.71 -9.17
C TRP BB 48 86.20 55.86 -7.83
N MET BB 49 87.35 55.23 -7.70
CA MET BB 49 88.20 55.36 -6.53
C MET BB 49 89.59 55.84 -6.92
N PRO BB 50 90.17 56.77 -6.17
CA PRO BB 50 91.50 57.27 -6.52
C PRO BB 50 92.58 56.24 -6.22
N VAL BB 51 93.70 56.40 -6.92
CA VAL BB 51 94.85 55.52 -6.75
C VAL BB 51 95.93 56.29 -6.01
N GLU BB 52 96.71 55.57 -5.20
CA GLU BB 52 97.72 56.20 -4.36
C GLU BB 52 98.66 57.06 -5.19
N GLN BB 53 98.92 58.26 -4.69
CA GLN BB 53 99.63 59.28 -5.44
C GLN BB 53 101.13 59.04 -5.39
N GLU BB 54 101.77 59.10 -6.56
CA GLU BB 54 103.22 58.97 -6.69
C GLU BB 54 103.78 60.30 -7.16
N SER BB 55 104.83 60.76 -6.51
CA SER BB 55 105.34 62.10 -6.75
C SER BB 55 106.67 62.05 -7.50
N PRO BB 56 106.90 62.99 -8.40
CA PRO BB 56 108.20 63.11 -9.05
C PRO BB 56 109.20 63.83 -8.14
N THR BB 57 110.45 63.90 -8.58
CA THR BB 57 111.51 64.49 -7.77
C THR BB 57 112.66 64.91 -8.66
N GLN BB 58 113.07 66.17 -8.55
CA GLN BB 58 114.19 66.71 -9.29
C GLN BB 58 115.38 66.91 -8.36
N GLU BB 59 116.52 67.24 -8.95
CA GLU BB 59 117.72 67.56 -8.19
C GLU BB 59 118.39 68.78 -8.79
N GLY BB 60 118.71 69.75 -7.96
CA GLY BB 60 119.31 70.97 -8.44
C GLY BB 60 119.02 72.11 -7.49
N TRP BB 61 119.60 73.27 -7.81
CA TRP BB 61 119.49 74.46 -6.98
C TRP BB 61 118.45 75.44 -7.51
N ASP BB 62 118.60 75.90 -8.74
CA ASP BB 62 117.65 76.81 -9.35
C ASP BB 62 116.68 76.03 -10.21
N LEU BB 63 115.40 76.26 -10.00
CA LEU BB 63 114.34 75.50 -10.66
C LEU BB 63 113.34 76.42 -11.31
N THR BB 64 113.82 77.50 -11.92
CA THR BB 64 112.92 78.42 -12.60
C THR BB 64 112.19 77.72 -13.72
N ASP BB 65 110.86 77.85 -13.71
CA ASP BB 65 109.99 77.24 -14.72
C ASP BB 65 110.09 75.71 -14.71
N LYS BB 66 110.45 75.13 -13.56
CA LYS BB 66 110.53 73.69 -13.41
C LYS BB 66 109.50 73.16 -12.43
N ALA BB 67 108.61 74.00 -11.93
CA ALA BB 67 107.55 73.54 -11.04
C ALA BB 67 106.62 72.61 -11.79
N THR BB 68 106.33 71.46 -11.20
CA THR BB 68 105.44 70.50 -11.82
C THR BB 68 103.99 70.76 -11.38
N GLY BB 69 103.08 69.96 -11.91
CA GLY BB 69 101.71 69.98 -11.49
C GLY BB 69 101.36 68.80 -10.60
N LEU BB 70 100.07 68.51 -10.50
CA LEU BB 70 99.59 67.40 -9.71
C LEU BB 70 98.76 66.47 -10.59
N LEU BB 71 98.87 65.18 -10.35
CA LEU BB 71 98.15 64.16 -11.09
C LEU BB 71 97.70 63.09 -10.11
N GLU BB 72 96.48 62.59 -10.30
CA GLU BB 72 95.91 61.59 -9.39
C GLU BB 72 94.99 60.69 -10.21
N LEU BB 73 95.48 59.53 -10.60
CA LEU BB 73 94.71 58.60 -11.41
C LEU BB 73 93.66 57.90 -10.57
N ASN BB 74 92.79 57.14 -11.23
CA ASN BB 74 91.69 56.48 -10.54
C ASN BB 74 91.24 55.26 -11.32
N VAL BB 75 90.47 54.40 -10.66
CA VAL BB 75 89.92 53.19 -11.26
C VAL BB 75 88.41 53.17 -11.01
N ALA BB 76 87.72 52.33 -11.77
CA ALA BB 76 86.27 52.26 -11.70
C ALA BB 76 85.81 50.85 -11.37
N VAL BB 77 84.78 50.75 -10.53
CA VAL BB 77 84.17 49.47 -10.19
C VAL BB 77 82.70 49.53 -10.56
N ASN BB 78 82.22 48.50 -11.26
CA ASN BB 78 80.84 48.44 -11.73
C ASN BB 78 80.20 47.11 -11.39
N MET BB 79 79.00 46.87 -11.92
CA MET BB 79 78.27 45.64 -11.68
C MET BB 79 77.74 45.05 -12.97
N GLY BB 80 77.57 43.74 -12.97
CA GLY BB 80 77.09 43.04 -14.14
C GLY BB 80 75.60 42.80 -14.14
N GLU BB 81 75.19 41.54 -14.17
CA GLU BB 81 73.78 41.18 -14.24
C GLU BB 81 73.41 40.25 -13.09
N PRO BB 82 72.15 40.25 -12.68
CA PRO BB 82 71.73 39.35 -11.60
C PRO BB 82 71.89 37.89 -12.00
N ASP BB 83 72.19 37.07 -11.00
CA ASP BB 83 72.24 35.62 -11.15
C ASP BB 83 70.99 35.03 -10.51
N ASN BB 84 70.11 34.45 -11.32
CA ASN BB 84 68.79 34.04 -10.87
C ASN BB 84 68.68 32.53 -10.76
N ASP BB 85 67.61 32.10 -10.09
CA ASP BB 85 67.16 30.71 -10.04
C ASP BB 85 65.66 30.65 -10.25
N PHE BB 86 65.18 31.33 -11.29
CA PHE BB 86 63.78 31.30 -11.65
C PHE BB 86 63.30 29.88 -11.91
N PHE BB 87 62.27 29.45 -11.19
CA PHE BB 87 61.71 28.12 -11.40
C PHE BB 87 60.22 28.15 -11.13
N GLN BB 88 59.55 27.07 -11.51
CA GLN BB 88 58.10 26.99 -11.58
C GLN BB 88 57.56 25.95 -10.62
N LEU BB 89 56.29 26.11 -10.25
CA LEU BB 89 55.63 25.20 -9.32
C LEU BB 89 54.24 24.86 -9.84
N ARG BB 90 54.11 23.71 -10.50
CA ARG BB 90 52.79 23.27 -10.95
C ARG BB 90 51.91 22.98 -9.75
N ALA BB 91 50.64 23.36 -9.86
CA ALA BB 91 49.71 23.21 -8.74
C ALA BB 91 49.56 21.75 -8.34
N ASP BB 92 49.06 20.93 -9.27
CA ASP BB 92 48.74 19.53 -8.99
C ASP BB 92 49.93 18.65 -9.35
N ASP BB 93 50.92 18.64 -8.46
CA ASP BB 93 52.08 17.77 -8.63
C ASP BB 93 52.62 17.39 -7.26
N LEU BB 94 52.68 16.09 -6.98
CA LEU BB 94 53.36 15.62 -5.76
C LEU BB 94 54.85 15.93 -5.82
N ARG BB 95 55.47 15.74 -6.99
CA ARG BB 95 56.89 16.02 -7.13
C ARG BB 95 57.20 17.50 -6.94
N ASP BB 96 56.23 18.36 -7.24
CA ASP BB 96 56.42 19.80 -7.03
C ASP BB 96 56.06 20.22 -5.60
N GLU BB 97 55.09 19.56 -4.98
CA GLU BB 97 54.78 19.87 -3.59
C GLU BB 97 55.94 19.48 -2.68
N THR BB 98 56.45 18.26 -2.84
CA THR BB 98 57.70 17.94 -2.21
C THR BB 98 58.84 18.68 -2.91
N ALA BB 99 59.97 18.78 -2.22
CA ALA BB 99 61.24 19.21 -2.76
C ALA BB 99 61.28 20.68 -3.14
N TYR BB 100 60.21 21.44 -2.97
CA TYR BB 100 60.30 22.86 -3.30
C TYR BB 100 61.02 23.65 -2.24
N ARG BB 101 61.52 23.01 -1.18
CA ARG BB 101 62.43 23.62 -0.23
C ARG BB 101 63.86 23.13 -0.41
N ARG BB 102 64.04 21.86 -0.77
CA ARG BB 102 65.35 21.41 -1.20
C ARG BB 102 65.81 22.16 -2.44
N ARG BB 103 64.88 22.55 -3.29
CA ARG BB 103 65.22 23.39 -4.43
C ARG BB 103 65.75 24.73 -3.98
N ILE BB 104 65.15 25.32 -2.93
CA ILE BB 104 65.64 26.60 -2.43
C ILE BB 104 67.04 26.45 -1.85
N GLN BB 105 67.26 25.38 -1.09
CA GLN BB 105 68.61 25.14 -0.55
C GLN BB 105 69.64 24.98 -1.66
N SER BB 106 69.30 24.18 -2.67
CA SER BB 106 70.21 23.97 -3.79
C SER BB 106 70.46 25.27 -4.54
N ALA BB 107 69.44 26.12 -4.65
CA ALA BB 107 69.62 27.41 -5.29
C ALA BB 107 70.61 28.27 -4.51
N ALA BB 108 70.51 28.27 -3.18
CA ALA BB 108 71.46 29.03 -2.38
C ALA BB 108 72.89 28.55 -2.61
N ARG BB 109 73.10 27.23 -2.54
CA ARG BB 109 74.44 26.70 -2.74
C ARG BB 109 74.95 26.98 -4.14
N LYS BB 110 74.09 26.86 -5.15
CA LYS BB 110 74.51 27.11 -6.53
C LYS BB 110 74.87 28.58 -6.72
N LEU BB 111 74.15 29.49 -6.09
CA LEU BB 111 74.45 30.91 -6.24
C LEU BB 111 75.79 31.25 -5.59
N ALA BB 112 76.05 30.71 -4.40
CA ALA BB 112 77.36 30.91 -3.79
C ALA BB 112 78.48 30.34 -4.66
N ASN BB 113 78.25 29.15 -5.22
CA ASN BB 113 79.23 28.54 -6.11
C ASN BB 113 79.49 29.40 -7.34
N ASN BB 114 78.44 29.98 -7.91
CA ASN BB 114 78.63 30.84 -9.07
C ASN BB 114 79.44 32.07 -8.72
N VAL BB 115 79.18 32.66 -7.55
CA VAL BB 115 79.98 33.81 -7.12
C VAL BB 115 81.45 33.44 -7.03
N GLU BB 116 81.74 32.29 -6.43
CA GLU BB 116 83.14 31.88 -6.28
C GLU BB 116 83.78 31.61 -7.64
N LEU BB 117 83.03 31.00 -8.55
CA LEU BB 117 83.54 30.72 -9.88
C LEU BB 117 83.89 31.99 -10.62
N LYS BB 118 83.02 33.00 -10.55
CA LYS BB 118 83.32 34.26 -11.21
C LYS BB 118 84.53 34.95 -10.59
N VAL BB 119 84.68 34.87 -9.27
CA VAL BB 119 85.86 35.45 -8.63
C VAL BB 119 87.12 34.77 -9.15
N ALA BB 120 87.13 33.44 -9.20
CA ALA BB 120 88.32 32.72 -9.63
C ALA BB 120 88.65 33.01 -11.09
N ASN BB 121 87.64 33.02 -11.95
CA ASN BB 121 87.87 33.31 -13.36
C ASN BB 121 88.39 34.73 -13.56
N MET BB 122 87.81 35.70 -12.85
CA MET BB 122 88.29 37.08 -12.96
C MET BB 122 89.74 37.20 -12.52
N ALA BB 123 90.09 36.57 -11.39
CA ALA BB 123 91.46 36.62 -10.92
C ALA BB 123 92.41 36.01 -11.93
N ALA BB 124 92.06 34.85 -12.47
CA ALA BB 124 92.95 34.17 -13.39
C ALA BB 124 93.11 34.96 -14.69
N GLU BB 125 92.04 35.55 -15.19
CA GLU BB 125 92.08 36.19 -16.50
C GLU BB 125 92.45 37.67 -16.42
N MET BB 126 92.60 38.24 -15.22
CA MET BB 126 93.09 39.60 -15.10
C MET BB 126 94.31 39.69 -14.20
N GLY BB 127 94.92 38.58 -13.82
CA GLY BB 127 96.18 38.63 -13.10
C GLY BB 127 97.34 38.99 -13.99
N SER BB 128 98.04 40.07 -13.67
CA SER BB 128 99.13 40.52 -14.52
C SER BB 128 100.42 39.77 -14.23
N LEU BB 129 100.81 39.68 -12.96
CA LEU BB 129 102.03 38.98 -12.58
C LEU BB 129 101.93 37.51 -12.96
N VAL BB 130 102.83 37.05 -13.81
CA VAL BB 130 102.78 35.70 -14.34
C VAL BB 130 104.07 35.00 -13.98
N ILE BB 131 103.97 33.91 -13.23
CA ILE BB 131 105.10 33.05 -12.91
C ILE BB 131 104.94 31.78 -13.72
N THR BB 132 106.00 31.37 -14.41
CA THR BB 132 105.94 30.21 -15.28
C THR BB 132 107.06 29.24 -14.91
N SER BB 133 106.84 27.97 -15.22
CA SER BB 133 107.84 26.96 -14.98
C SER BB 133 108.00 26.09 -16.21
N PRO BB 134 109.19 25.53 -16.44
CA PRO BB 134 109.37 24.65 -17.61
C PRO BB 134 108.98 23.21 -17.38
N ASP BB 135 108.68 22.80 -16.16
CA ASP BB 135 108.33 21.41 -15.88
C ASP BB 135 107.31 21.36 -14.75
N ALA BB 136 106.76 20.17 -14.53
CA ALA BB 136 105.71 19.99 -13.53
C ALA BB 136 106.28 20.17 -12.13
N ILE BB 137 105.37 20.33 -11.17
CA ILE BB 137 105.78 20.67 -9.81
C ILE BB 137 106.49 19.49 -9.14
N GLY BB 138 106.01 18.27 -9.37
CA GLY BB 138 106.53 17.14 -8.63
C GLY BB 138 107.82 16.55 -9.18
N THR BB 139 108.52 17.29 -10.03
CA THR BB 139 109.72 16.73 -10.66
C THR BB 139 110.94 16.84 -9.75
N ASN BB 140 111.34 18.06 -9.41
CA ASN BB 140 112.49 18.28 -8.56
C ASN BB 140 112.06 18.52 -7.12
N THR BB 141 113.04 18.63 -6.23
CA THR BB 141 112.76 18.78 -4.81
C THR BB 141 112.42 20.22 -4.47
N ALA BB 142 111.41 20.39 -3.62
CA ALA BB 142 110.97 21.72 -3.15
C ALA BB 142 110.56 22.62 -4.31
N ASP BB 143 110.06 22.03 -5.40
CA ASP BB 143 109.65 22.83 -6.54
C ASP BB 143 108.37 23.61 -6.24
N ALA BB 144 107.46 23.04 -5.45
CA ALA BB 144 106.27 23.79 -5.06
C ALA BB 144 106.63 24.99 -4.18
N TRP BB 145 107.54 24.78 -3.22
CA TRP BB 145 108.02 25.91 -2.43
C TRP BB 145 108.67 26.95 -3.33
N ASN BB 146 109.43 26.49 -4.33
CA ASN BB 146 110.05 27.42 -5.25
C ASN BB 146 109.02 28.24 -6.01
N PHE BB 147 107.90 27.61 -6.36
CA PHE BB 147 106.81 28.33 -7.02
C PHE BB 147 106.23 29.42 -6.13
N VAL BB 148 105.87 29.05 -4.90
CA VAL BB 148 105.30 30.05 -3.99
C VAL BB 148 106.30 31.15 -3.70
N ALA BB 149 107.57 30.80 -3.54
CA ALA BB 149 108.60 31.79 -3.27
C ALA BB 149 108.83 32.69 -4.47
N ASP BB 150 108.71 32.16 -5.68
CA ASP BB 150 108.81 33.02 -6.87
C ASP BB 150 107.70 34.05 -6.88
N ALA BB 151 106.48 33.63 -6.55
CA ALA BB 151 105.39 34.59 -6.46
C ALA BB 151 105.70 35.66 -5.44
N GLU BB 152 106.13 35.27 -4.24
CA GLU BB 152 106.43 36.24 -3.20
C GLU BB 152 107.56 37.18 -3.61
N GLU BB 153 108.60 36.66 -4.26
CA GLU BB 153 109.73 37.49 -4.65
C GLU BB 153 109.36 38.48 -5.72
N ILE BB 154 108.51 38.08 -6.69
CA ILE BB 154 108.12 39.05 -7.71
C ILE BB 154 107.17 40.09 -7.13
N MET BB 155 106.40 39.74 -6.11
CA MET BB 155 105.59 40.77 -5.46
C MET BB 155 106.44 41.71 -4.61
N PHE BB 156 107.51 41.20 -4.00
CA PHE BB 156 108.35 42.04 -3.17
C PHE BB 156 109.21 42.98 -4.01
N SER BB 157 109.76 42.49 -5.12
CA SER BB 157 110.63 43.31 -5.94
C SER BB 157 109.91 44.52 -6.53
N ARG BB 158 108.61 44.38 -6.78
CA ARG BB 158 107.84 45.49 -7.40
C ARG BB 158 107.29 46.40 -6.31
N GLU BB 159 107.55 46.11 -5.04
CA GLU BB 159 107.13 46.97 -3.93
C GLU BB 159 105.63 47.24 -3.98
N LEU BB 160 104.86 46.15 -4.09
CA LEU BB 160 103.41 46.23 -4.01
C LEU BB 160 102.96 46.30 -2.56
N ASN BB 161 101.71 46.66 -2.36
CA ASN BB 161 101.15 46.87 -1.03
C ASN BB 161 100.53 45.57 -0.55
N ARG BB 162 101.27 44.84 0.29
CA ARG BB 162 100.77 43.61 0.88
C ARG BB 162 100.35 43.82 2.33
N ASP BB 163 99.88 45.03 2.65
CA ASP BB 163 99.60 45.40 4.03
C ASP BB 163 98.46 44.59 4.62
N MET BB 164 97.40 44.37 3.85
CA MET BB 164 96.22 43.68 4.38
C MET BB 164 96.20 42.20 4.07
N GLY BB 165 97.33 41.62 3.66
CA GLY BB 165 97.45 40.18 3.54
C GLY BB 165 97.69 39.75 2.12
N THR BB 166 98.15 38.52 1.99
CA THR BB 166 98.42 37.89 0.71
C THR BB 166 97.82 36.49 0.72
N SER BB 167 97.68 35.91 -0.46
CA SER BB 167 97.08 34.57 -0.52
C SER BB 167 97.54 33.85 -1.77
N TYR BB 168 97.74 32.54 -1.62
CA TYR BB 168 98.13 31.66 -2.72
C TYR BB 168 97.16 30.50 -2.77
N PHE BB 169 96.55 30.29 -3.93
CA PHE BB 169 95.59 29.23 -4.15
C PHE BB 169 96.19 28.21 -5.11
N PHE BB 170 96.32 26.97 -4.64
CA PHE BB 170 96.70 25.82 -5.44
C PHE BB 170 95.46 25.14 -6.00
N ASN BB 171 95.66 24.39 -7.07
CA ASN BB 171 94.64 23.44 -7.47
C ASN BB 171 94.92 22.10 -6.80
N PRO BB 172 93.92 21.21 -6.73
CA PRO BB 172 94.12 19.97 -5.96
C PRO BB 172 95.30 19.13 -6.43
N GLN BB 173 95.53 19.05 -7.74
CA GLN BB 173 96.64 18.23 -8.25
C GLN BB 173 97.97 18.76 -7.77
N ASP BB 174 98.18 20.08 -7.85
CA ASP BB 174 99.46 20.64 -7.43
C ASP BB 174 99.58 20.67 -5.92
N TYR BB 175 98.47 20.75 -5.20
CA TYR BB 175 98.52 20.57 -3.76
C TYR BB 175 99.00 19.17 -3.39
N LYS BB 176 98.49 18.16 -4.09
CA LYS BB 176 98.97 16.80 -3.84
C LYS BB 176 100.44 16.66 -4.23
N LYS BB 177 100.86 17.34 -5.30
CA LYS BB 177 102.27 17.30 -5.68
C LYS BB 177 103.16 17.90 -4.59
N ALA BB 178 102.73 19.03 -4.03
CA ALA BB 178 103.49 19.65 -2.95
C ALA BB 178 103.54 18.75 -1.71
N GLY BB 179 102.40 18.15 -1.35
CA GLY BB 179 102.39 17.23 -0.23
C GLY BB 179 103.29 16.02 -0.45
N TYR BB 180 103.28 15.49 -1.67
CA TYR BB 180 104.16 14.37 -2.01
C TYR BB 180 105.61 14.77 -1.88
N ASP BB 181 105.94 15.97 -2.36
CA ASP BB 181 107.31 16.47 -2.26
C ASP BB 181 107.73 16.60 -0.80
N LEU BB 182 106.79 16.96 0.07
CA LEU BB 182 107.13 17.10 1.49
C LEU BB 182 107.30 15.75 2.16
N THR BB 183 106.42 14.78 1.85
CA THR BB 183 106.50 13.49 2.55
C THR BB 183 107.64 12.62 2.05
N LYS BB 184 108.03 12.75 0.79
CA LYS BB 184 109.07 11.86 0.26
C LYS BB 184 110.46 12.20 0.78
N ARG BB 185 110.56 13.06 1.79
CA ARG BB 185 111.84 13.61 2.22
C ARG BB 185 112.74 12.59 2.91
N ASP BB 186 112.24 11.39 3.22
CA ASP BB 186 112.98 10.41 4.03
C ASP BB 186 113.33 10.97 5.40
N ILE BB 187 112.47 11.84 5.92
CA ILE BB 187 112.64 12.39 7.26
C ILE BB 187 111.26 12.80 7.78
N PHE BB 188 111.15 12.91 9.10
CA PHE BB 188 109.87 13.21 9.75
C PHE BB 188 110.13 14.11 10.95
N GLY BB 189 109.83 15.39 10.80
CA GLY BB 189 109.90 16.32 11.90
C GLY BB 189 108.52 16.73 12.35
N ARG BB 190 108.10 17.92 11.97
CA ARG BB 190 106.74 18.39 12.22
C ARG BB 190 106.01 18.72 10.93
N ILE BB 191 106.66 19.47 10.03
CA ILE BB 191 106.07 19.71 8.71
C ILE BB 191 105.88 18.41 7.93
N PRO BB 192 106.88 17.53 7.80
CA PRO BB 192 106.61 16.25 7.13
C PRO BB 192 105.56 15.41 7.83
N GLU BB 193 105.54 15.41 9.17
CA GLU BB 193 104.56 14.61 9.88
C GLU BB 193 103.15 15.11 9.61
N GLU BB 194 102.95 16.42 9.57
CA GLU BB 194 101.63 16.95 9.28
C GLU BB 194 101.24 16.72 7.82
N ALA BB 195 102.18 16.93 6.90
CA ALA BB 195 101.89 16.68 5.50
C ALA BB 195 101.69 15.20 5.21
N TYR BB 196 102.06 14.33 6.14
CA TYR BB 196 101.83 12.91 5.96
C TYR BB 196 100.51 12.48 6.60
N ARG BB 197 100.28 12.87 7.85
CA ARG BB 197 99.01 12.56 8.50
C ARG BB 197 97.86 13.21 7.76
N ASP BB 198 97.82 14.54 7.75
CA ASP BB 198 96.90 15.27 6.89
C ASP BB 198 97.56 15.56 5.56
N GLY BB 199 96.76 15.98 4.59
CA GLY BB 199 97.42 16.31 3.35
C GLY BB 199 98.02 17.69 3.30
N THR BB 200 97.81 18.50 4.33
CA THR BB 200 98.15 19.91 4.27
C THR BB 200 99.66 20.10 4.30
N ILE BB 201 100.17 20.88 3.35
CA ILE BB 201 101.59 21.21 3.34
C ILE BB 201 101.93 22.09 4.53
N GLN BB 202 101.37 23.29 4.56
CA GLN BB 202 101.43 24.24 5.67
C GLN BB 202 100.43 25.34 5.37
N ARG BB 203 100.21 26.22 6.34
CA ARG BB 203 99.30 27.33 6.09
C ARG BB 203 100.05 28.56 5.56
N GLN BB 204 101.15 28.92 6.20
CA GLN BB 204 102.08 29.91 5.65
C GLN BB 204 103.21 29.16 4.95
N VAL BB 205 103.48 29.53 3.71
CA VAL BB 205 104.57 28.92 2.95
C VAL BB 205 105.31 30.01 2.19
N ALA BB 206 106.62 30.07 2.36
CA ALA BB 206 107.52 30.91 1.57
C ALA BB 206 107.21 32.39 1.69
N GLY BB 207 106.41 32.81 2.67
CA GLY BB 207 106.14 34.21 2.93
C GLY BB 207 104.67 34.58 2.91
N PHE BB 208 103.87 33.88 2.10
CA PHE BB 208 102.44 34.14 2.08
C PHE BB 208 101.82 33.75 3.41
N ASP BB 209 100.90 34.57 3.90
CA ASP BB 209 100.25 34.28 5.17
C ASP BB 209 98.94 33.53 4.99
N ASP BB 210 98.67 33.01 3.79
CA ASP BB 210 97.52 32.13 3.57
C ASP BB 210 97.79 31.34 2.31
N VAL BB 211 97.87 30.02 2.42
CA VAL BB 211 98.12 29.15 1.28
C VAL BB 211 97.04 28.06 1.32
N LEU BB 212 96.04 28.20 0.46
CA LEU BB 212 94.92 27.28 0.40
C LEU BB 212 94.93 26.48 -0.89
N ARG BB 213 94.02 25.52 -0.96
CA ARG BB 213 93.79 24.74 -2.16
C ARG BB 213 92.37 25.00 -2.64
N SER BB 214 92.24 25.47 -3.87
CA SER BB 214 90.92 25.82 -4.39
C SER BB 214 90.45 24.78 -5.39
N PRO BB 215 89.21 24.29 -5.25
CA PRO BB 215 88.76 23.20 -6.13
C PRO BB 215 88.31 23.63 -7.51
N LYS BB 216 88.15 24.92 -7.77
CA LYS BB 216 87.58 25.37 -9.04
C LYS BB 216 88.38 26.52 -9.62
N LEU BB 217 89.70 26.37 -9.66
CA LEU BB 217 90.51 27.26 -10.46
C LEU BB 217 90.37 26.89 -11.93
N PRO BB 218 90.47 27.87 -12.83
CA PRO BB 218 90.27 27.57 -14.26
C PRO BB 218 91.43 26.80 -14.84
N VAL BB 219 91.28 26.42 -16.10
CA VAL BB 219 92.38 25.88 -16.90
C VAL BB 219 92.69 26.91 -17.97
N LEU BB 220 93.92 27.41 -17.97
CA LEU BB 220 94.34 28.44 -18.91
C LEU BB 220 94.84 27.74 -20.17
N THR BB 221 93.94 27.57 -21.13
CA THR BB 221 94.30 26.89 -22.37
C THR BB 221 95.36 27.67 -23.12
N LYS BB 222 96.21 26.93 -23.83
CA LYS BB 222 97.36 27.55 -24.48
C LYS BB 222 96.91 28.51 -25.58
N SER BB 223 97.78 29.46 -25.88
CA SER BB 223 97.52 30.46 -26.91
C SER BB 223 98.25 30.06 -28.19
N THR BB 224 97.51 29.95 -29.28
CA THR BB 224 98.08 29.56 -30.56
C THR BB 224 98.78 30.72 -31.25
N ALA BB 225 98.79 31.90 -30.65
CA ALA BB 225 99.40 33.06 -31.29
C ALA BB 225 100.89 32.84 -31.48
N THR BB 226 101.38 33.26 -32.64
CA THR BB 226 102.80 33.17 -32.91
C THR BB 226 103.15 34.21 -33.97
N GLY BB 227 104.40 34.68 -33.90
CA GLY BB 227 104.89 35.64 -34.88
C GLY BB 227 104.12 36.96 -34.90
N ILE BB 228 103.77 37.48 -33.73
CA ILE BB 228 103.11 38.77 -33.62
C ILE BB 228 104.15 39.80 -33.23
N THR BB 229 104.04 41.00 -33.79
CA THR BB 229 104.98 42.07 -33.49
C THR BB 229 104.18 43.36 -33.27
N VAL BB 230 104.78 44.27 -32.49
CA VAL BB 230 104.17 45.58 -32.28
C VAL BB 230 104.20 46.34 -33.59
N SER BB 231 103.10 47.02 -33.90
CA SER BB 231 102.94 47.79 -35.13
C SER BB 231 102.97 49.27 -34.81
N GLY BB 232 104.12 49.89 -35.00
CA GLY BB 232 104.25 51.31 -34.69
C GLY BB 232 104.61 51.54 -33.24
N ALA BB 233 105.42 52.56 -33.02
CA ALA BB 233 105.77 52.93 -31.66
C ALA BB 233 104.56 53.48 -30.94
N GLN BB 234 104.30 52.97 -29.74
CA GLN BB 234 103.18 53.41 -28.92
C GLN BB 234 103.66 53.82 -27.55
N SER BB 235 103.24 54.99 -27.10
CA SER BB 235 103.54 55.49 -25.78
C SER BB 235 102.24 55.69 -25.02
N PHE BB 236 102.16 55.11 -23.83
CA PHE BB 236 100.97 55.20 -22.99
C PHE BB 236 101.22 56.20 -21.88
N LYS BB 237 100.27 57.11 -21.68
CA LYS BB 237 100.43 58.20 -20.74
C LYS BB 237 99.34 58.14 -19.68
N PRO BB 238 99.70 58.17 -18.40
CA PRO BB 238 98.66 58.17 -17.36
C PRO BB 238 97.92 59.49 -17.36
N VAL BB 239 96.59 59.41 -17.30
CA VAL BB 239 95.74 60.58 -17.19
C VAL BB 239 94.66 60.28 -16.16
N ALA BB 240 94.10 61.34 -15.58
CA ALA BB 240 92.95 61.20 -14.70
C ALA BB 240 91.64 61.48 -15.42
N TRP BB 241 91.67 62.29 -16.47
CA TRP BB 241 90.49 62.57 -17.27
C TRP BB 241 90.95 63.01 -18.66
N GLN BB 242 90.00 63.00 -19.59
CA GLN BB 242 90.25 63.53 -20.92
C GLN BB 242 88.95 64.10 -21.46
N LEU BB 243 89.06 65.04 -22.40
CA LEU BB 243 87.89 65.73 -22.92
C LEU BB 243 87.27 64.94 -24.06
N ASP BB 244 85.94 64.86 -24.03
CA ASP BB 244 85.20 64.17 -25.08
C ASP BB 244 84.84 65.16 -26.19
N ASN BB 245 83.97 64.76 -27.10
CA ASN BB 245 83.60 65.62 -28.23
C ASN BB 245 82.91 66.90 -27.75
N ASP BB 246 82.21 66.84 -26.63
CA ASP BB 246 81.44 67.99 -26.14
C ASP BB 246 82.26 68.92 -25.26
N GLY BB 247 83.52 68.60 -25.01
CA GLY BB 247 84.31 69.34 -24.06
C GLY BB 247 84.15 68.88 -22.63
N ASN BB 248 83.25 67.94 -22.36
CA ASN BB 248 83.13 67.40 -21.02
C ASN BB 248 84.29 66.49 -20.69
N LYS BB 249 84.81 66.62 -19.48
CA LYS BB 249 85.94 65.82 -19.04
C LYS BB 249 85.40 64.50 -18.49
N VAL BB 250 85.69 63.41 -19.17
CA VAL BB 250 85.32 62.08 -18.73
C VAL BB 250 86.53 61.42 -18.09
N ASN BB 251 86.31 60.72 -16.99
CA ASN BB 251 87.39 60.05 -16.29
C ASN BB 251 87.96 58.92 -17.14
N VAL BB 252 89.25 58.65 -16.94
CA VAL BB 252 89.97 57.64 -17.70
C VAL BB 252 90.43 56.56 -16.74
N ASP BB 253 90.14 55.31 -17.08
CA ASP BB 253 90.53 54.19 -16.24
C ASP BB 253 92.01 53.88 -16.41
N ASN BB 254 92.66 53.52 -15.31
CA ASN BB 254 94.11 53.37 -15.29
C ASN BB 254 94.59 51.94 -15.45
N ARG BB 255 93.73 50.95 -15.23
CA ARG BB 255 94.14 49.56 -15.28
C ARG BB 255 93.89 48.90 -16.63
N PHE BB 256 93.90 49.67 -17.71
CA PHE BB 256 93.74 49.12 -19.05
C PHE BB 256 94.50 49.98 -20.04
N ALA BB 257 94.93 49.36 -21.14
CA ALA BB 257 95.57 50.10 -22.21
C ALA BB 257 95.41 49.34 -23.50
N THR BB 258 94.94 50.00 -24.55
CA THR BB 258 94.72 49.34 -25.84
C THR BB 258 95.94 49.55 -26.73
N VAL BB 259 96.44 48.45 -27.28
CA VAL BB 259 97.67 48.44 -28.05
C VAL BB 259 97.45 47.73 -29.38
N THR BB 260 98.05 48.26 -30.43
CA THR BB 260 97.91 47.73 -31.78
C THR BB 260 99.11 46.86 -32.14
N LEU BB 261 98.84 45.63 -32.55
CA LEU BB 261 99.83 44.66 -32.97
C LEU BB 261 99.65 44.35 -34.45
N SER BB 262 100.51 43.47 -34.97
CA SER BB 262 100.44 43.13 -36.39
C SER BB 262 99.15 42.39 -36.71
N ALA BB 263 98.83 41.36 -35.93
CA ALA BB 263 97.59 40.60 -36.11
C ALA BB 263 97.32 39.82 -34.85
N THR BB 264 96.14 40.02 -34.26
CA THR BB 264 95.78 39.33 -33.02
C THR BB 264 94.97 38.08 -33.33
N THR BB 265 95.67 37.10 -33.90
CA THR BB 265 95.08 35.80 -34.22
C THR BB 265 95.53 34.78 -33.18
N GLY BB 266 94.58 34.02 -32.66
CA GLY BB 266 94.86 33.08 -31.60
C GLY BB 266 94.86 33.68 -30.22
N MET BB 267 94.67 34.99 -30.09
CA MET BB 267 94.61 35.68 -28.82
C MET BB 267 93.18 35.73 -28.34
N LYS BB 268 93.01 35.73 -27.01
CA LYS BB 268 91.69 35.78 -26.39
C LYS BB 268 91.82 36.54 -25.07
N ARG BB 269 90.71 36.72 -24.38
CA ARG BB 269 90.76 37.29 -23.05
C ARG BB 269 91.41 36.29 -22.10
N GLY BB 270 92.56 36.66 -21.54
CA GLY BB 270 93.22 35.84 -20.55
C GLY BB 270 94.60 35.34 -20.93
N ASP BB 271 95.08 35.58 -22.15
CA ASP BB 271 96.44 35.17 -22.47
C ASP BB 271 97.44 36.12 -21.83
N LYS BB 272 98.58 35.57 -21.45
CA LYS BB 272 99.64 36.32 -20.80
C LYS BB 272 100.75 36.56 -21.81
N ILE BB 273 101.14 37.81 -21.97
CA ILE BB 273 102.12 38.20 -22.97
C ILE BB 273 103.28 38.93 -22.28
N SER BB 274 104.34 39.12 -23.04
CA SER BB 274 105.53 39.81 -22.56
C SER BB 274 106.31 40.29 -23.77
N PHE BB 275 106.44 41.59 -23.92
CA PHE BB 275 107.19 42.13 -25.05
C PHE BB 275 108.68 41.94 -24.81
N ALA BB 276 109.43 41.78 -25.90
CA ALA BB 276 110.86 41.50 -25.81
C ALA BB 276 111.61 42.81 -25.70
N GLY BB 277 112.16 43.09 -24.53
CA GLY BB 277 112.93 44.30 -24.33
C GLY BB 277 112.51 45.08 -23.11
N VAL BB 278 111.21 45.10 -22.82
CA VAL BB 278 110.69 45.84 -21.68
C VAL BB 278 110.98 45.05 -20.40
N LYS BB 279 111.09 45.77 -19.29
CA LYS BB 279 111.39 45.18 -17.99
C LYS BB 279 110.57 45.89 -16.93
N PHE BB 280 110.37 45.20 -15.82
CA PHE BB 280 109.67 45.81 -14.70
C PHE BB 280 110.54 46.89 -14.06
N LEU BB 281 109.89 47.74 -13.28
CA LEU BB 281 110.59 48.76 -12.51
C LEU BB 281 110.42 48.46 -11.02
N GLY BB 282 110.92 49.37 -10.20
CA GLY BB 282 110.78 49.23 -8.76
C GLY BB 282 109.57 49.97 -8.24
N GLN BB 283 108.74 50.44 -9.17
CA GLN BB 283 107.51 51.20 -8.80
C GLN BB 283 107.85 52.42 -7.95
N MET BB 284 108.19 52.21 -6.68
CA MET BB 284 108.47 53.34 -5.80
C MET BB 284 109.80 53.99 -6.13
N ALA BB 285 110.85 53.20 -6.30
CA ALA BB 285 112.18 53.73 -6.56
C ALA BB 285 112.54 53.79 -8.04
N LYS BB 286 111.79 53.09 -8.89
CA LYS BB 286 112.04 53.10 -10.36
C LYS BB 286 113.36 52.43 -10.69
N ASN BB 287 113.78 51.44 -9.91
CA ASN BB 287 114.99 50.69 -10.19
C ASN BB 287 114.65 49.54 -11.12
N VAL BB 288 115.40 49.41 -12.22
CA VAL BB 288 115.07 48.42 -13.22
C VAL BB 288 115.31 47.03 -12.69
N LEU BB 289 114.31 46.18 -12.81
CA LEU BB 289 114.39 44.78 -12.41
C LEU BB 289 114.99 43.94 -13.54
N ALA BB 290 115.33 42.71 -13.21
CA ALA BB 290 115.82 41.75 -14.20
C ALA BB 290 114.71 40.85 -14.72
N GLN BB 291 113.46 41.10 -14.33
CA GLN BB 291 112.33 40.27 -14.73
C GLN BB 291 111.55 40.98 -15.82
N ASP BB 292 111.32 40.27 -16.93
CA ASP BB 292 110.57 40.83 -18.04
C ASP BB 292 109.15 41.18 -17.60
N ALA BB 293 108.67 42.33 -18.06
CA ALA BB 293 107.33 42.76 -17.71
C ALA BB 293 106.30 41.85 -18.34
N THR BB 294 105.38 41.35 -17.54
CA THR BB 294 104.32 40.48 -17.99
C THR BB 294 103.01 41.24 -18.00
N PHE BB 295 102.23 41.09 -19.06
CA PHE BB 295 100.92 41.71 -19.19
C PHE BB 295 99.89 40.62 -19.46
N SER BB 296 98.63 40.98 -19.31
CA SER BB 296 97.51 40.07 -19.53
C SER BB 296 96.51 40.73 -20.45
N VAL BB 297 96.10 40.04 -21.51
CA VAL BB 297 95.15 40.62 -22.45
C VAL BB 297 93.73 40.39 -21.93
N VAL BB 298 92.97 41.48 -21.82
CA VAL BB 298 91.62 41.40 -21.25
C VAL BB 298 90.54 41.46 -22.30
N ARG BB 299 90.85 41.90 -23.52
CA ARG BB 299 89.86 41.97 -24.59
C ARG BB 299 90.61 41.95 -25.90
N VAL BB 300 90.07 41.23 -26.88
CA VAL BB 300 90.59 41.27 -28.23
C VAL BB 300 89.57 42.04 -29.06
N VAL BB 301 89.87 43.30 -29.32
CA VAL BB 301 89.05 44.17 -30.14
C VAL BB 301 89.72 44.31 -31.50
N ASP BB 302 88.92 44.29 -32.56
CA ASP BB 302 89.46 44.40 -33.91
C ASP BB 302 90.36 43.22 -34.23
N GLY BB 303 91.06 43.27 -35.36
CA GLY BB 303 91.98 42.21 -35.72
C GLY BB 303 93.41 42.63 -35.53
N THR BB 304 93.60 43.85 -35.05
CA THR BB 304 94.93 44.39 -34.80
C THR BB 304 95.04 45.11 -33.46
N HIS BB 305 94.03 45.02 -32.60
CA HIS BB 305 94.05 45.68 -31.31
C HIS BB 305 93.83 44.66 -30.21
N VAL BB 306 94.43 44.91 -29.05
CA VAL BB 306 94.08 44.19 -27.82
C VAL BB 306 94.06 45.21 -26.68
N GLU BB 307 93.50 44.78 -25.55
CA GLU BB 307 93.50 45.56 -24.32
C GLU BB 307 94.28 44.80 -23.28
N ILE BB 308 95.38 45.37 -22.82
CA ILE BB 308 96.25 44.72 -21.83
C ILE BB 308 96.10 45.47 -20.52
N THR BB 309 96.04 44.72 -19.42
CA THR BB 309 95.61 45.31 -18.16
C THR BB 309 96.66 46.17 -17.44
N PRO BB 310 97.95 45.85 -17.42
CA PRO BB 310 98.90 46.83 -16.87
C PRO BB 310 99.29 47.81 -17.94
N LYS BB 311 98.98 49.07 -17.73
CA LYS BB 311 99.32 50.07 -18.73
C LYS BB 311 100.82 50.30 -18.72
N PRO BB 312 101.53 50.03 -19.81
CA PRO BB 312 102.99 50.17 -19.80
C PRO BB 312 103.45 51.62 -19.92
N VAL BB 313 103.45 52.32 -18.79
CA VAL BB 313 104.04 53.65 -18.74
C VAL BB 313 105.55 53.49 -18.70
N ALA BB 314 106.23 54.01 -19.71
CA ALA BB 314 107.66 53.79 -19.86
C ALA BB 314 108.45 54.88 -19.18
N LEU BB 315 109.60 54.50 -18.61
CA LEU BB 315 110.45 55.45 -17.91
C LEU BB 315 111.25 56.33 -18.88
N ASP BB 316 111.63 55.80 -20.03
CA ASP BB 316 112.46 56.54 -20.97
C ASP BB 316 111.64 57.38 -21.94
N ASP BB 317 110.32 57.40 -21.80
CA ASP BB 317 109.46 58.20 -22.66
C ASP BB 317 109.85 59.67 -22.60
N VAL BB 318 109.90 60.30 -23.76
CA VAL BB 318 110.24 61.72 -23.82
C VAL BB 318 109.01 62.62 -23.78
N SER BB 319 107.85 62.11 -24.18
CA SER BB 319 106.63 62.88 -24.24
C SER BB 319 105.89 62.95 -22.91
N LEU BB 320 106.40 62.30 -21.88
CA LEU BB 320 105.74 62.27 -20.58
C LEU BB 320 106.22 63.43 -19.72
N SER BB 321 105.26 64.16 -19.14
CA SER BB 321 105.60 65.16 -18.16
C SER BB 321 106.10 64.47 -16.88
N PRO BB 322 106.92 65.16 -16.08
CA PRO BB 322 107.45 64.51 -14.88
C PRO BB 322 106.39 63.96 -13.94
N GLU BB 323 105.25 64.65 -13.80
CA GLU BB 323 104.22 64.13 -12.93
C GLU BB 323 103.57 62.87 -13.49
N GLN BB 324 103.70 62.65 -14.80
CA GLN BB 324 103.25 61.39 -15.39
C GLN BB 324 104.33 60.31 -15.31
N ARG BB 325 105.58 60.70 -15.52
CA ARG BB 325 106.70 59.79 -15.41
C ARG BB 325 106.85 59.25 -14.00
N ALA BB 326 106.33 59.96 -13.01
CA ALA BB 326 106.34 59.44 -11.65
C ALA BB 326 105.54 58.16 -11.52
N TYR BB 327 104.67 57.84 -12.47
CA TYR BB 327 103.85 56.64 -12.44
C TYR BB 327 104.40 55.54 -13.34
N ALA BB 328 105.63 55.66 -13.81
CA ALA BB 328 106.20 54.68 -14.72
C ALA BB 328 106.29 53.31 -14.08
N ASN BB 329 106.07 52.26 -14.87
CA ASN BB 329 106.24 50.90 -14.38
C ASN BB 329 107.02 50.01 -15.33
N VAL BB 330 107.52 50.53 -16.44
CA VAL BB 330 108.25 49.75 -17.44
C VAL BB 330 109.48 50.55 -17.85
N ASN BB 331 110.59 49.85 -18.10
CA ASN BB 331 111.85 50.57 -18.36
C ASN BB 331 111.85 51.27 -19.72
N THR BB 332 111.27 50.66 -20.75
CA THR BB 332 111.28 51.27 -22.08
C THR BB 332 109.93 51.07 -22.75
N SER BB 333 109.70 51.83 -23.81
CA SER BB 333 108.42 51.80 -24.51
C SER BB 333 108.50 50.92 -25.76
N LEU BB 334 107.33 50.51 -26.23
CA LEU BB 334 107.25 49.67 -27.42
C LEU BB 334 107.74 50.44 -28.64
N ALA BB 335 108.40 49.73 -29.55
CA ALA BB 335 109.19 50.39 -30.60
C ALA BB 335 108.97 49.74 -31.96
N ASP BB 336 107.71 49.47 -32.31
CA ASP BB 336 107.33 49.21 -33.69
C ASP BB 336 107.88 47.89 -34.24
N ALA BB 337 108.72 47.21 -33.46
CA ALA BB 337 109.22 45.92 -33.88
C ALA BB 337 109.29 44.91 -32.75
N MET BB 338 108.93 45.28 -31.52
CA MET BB 338 109.09 44.39 -30.39
C MET BB 338 108.28 43.13 -30.60
N ALA BB 339 108.97 42.00 -30.66
CA ALA BB 339 108.30 40.71 -30.67
C ALA BB 339 107.61 40.49 -29.34
N VAL BB 340 106.34 40.12 -29.39
CA VAL BB 340 105.55 39.86 -28.19
C VAL BB 340 105.50 38.35 -27.97
N ASN BB 341 106.13 37.89 -26.89
CA ASN BB 341 106.12 36.49 -26.53
C ASN BB 341 104.87 36.15 -25.74
N ILE BB 342 104.40 34.93 -25.92
CA ILE BB 342 103.23 34.41 -25.24
C ILE BB 342 103.70 33.42 -24.18
N LEU BB 343 103.29 33.63 -22.93
CA LEU BB 343 103.83 32.86 -21.83
C LEU BB 343 103.09 31.56 -21.56
N ASN BB 344 101.86 31.42 -22.03
CA ASN BB 344 101.07 30.20 -21.83
C ASN BB 344 101.16 29.39 -23.12
N VAL BB 345 102.21 28.58 -23.23
CA VAL BB 345 102.44 27.75 -24.41
C VAL BB 345 101.98 26.32 -24.21
N LYS BB 346 101.21 26.05 -23.16
CA LYS BB 346 100.69 24.71 -22.92
C LYS BB 346 99.52 24.81 -21.96
N ASP BB 347 98.54 23.92 -22.13
CA ASP BB 347 97.40 23.90 -21.24
C ASP BB 347 97.84 23.48 -19.84
N ALA BB 348 97.28 24.14 -18.83
CA ALA BB 348 97.61 23.82 -17.45
C ALA BB 348 96.61 24.51 -16.54
N ARG BB 349 96.16 23.79 -15.52
CA ARG BB 349 95.32 24.42 -14.51
C ARG BB 349 96.14 25.42 -13.71
N THR BB 350 95.55 26.57 -13.42
CA THR BB 350 96.28 27.70 -12.88
C THR BB 350 96.31 27.68 -11.36
N ASN BB 351 97.44 28.14 -10.82
CA ASN BB 351 97.53 28.56 -9.43
C ASN BB 351 97.45 30.08 -9.40
N VAL BB 352 96.77 30.63 -8.40
CA VAL BB 352 96.47 32.06 -8.39
C VAL BB 352 96.91 32.65 -7.06
N PHE BB 353 97.77 33.66 -7.10
CA PHE BB 353 98.15 34.39 -5.91
C PHE BB 353 97.75 35.85 -6.05
N TRP BB 354 97.45 36.49 -4.93
CA TRP BB 354 97.10 37.89 -4.97
C TRP BB 354 97.38 38.54 -3.63
N ALA BB 355 97.42 39.88 -3.65
CA ALA BB 355 97.27 40.66 -2.44
C ALA BB 355 95.80 40.73 -2.08
N ASP BB 356 95.49 40.60 -0.78
CA ASP BB 356 94.12 40.36 -0.37
C ASP BB 356 93.19 41.52 -0.68
N ASP BB 357 93.72 42.70 -1.02
CA ASP BB 357 92.90 43.87 -1.33
C ASP BB 357 92.87 44.17 -2.83
N ALA BB 358 93.13 43.19 -3.68
CA ALA BB 358 93.11 43.40 -5.11
C ALA BB 358 91.79 42.99 -5.76
N ILE BB 359 91.02 42.12 -5.14
CA ILE BB 359 89.73 41.68 -5.65
C ILE BB 359 88.66 42.16 -4.69
N ARG BB 360 87.61 42.78 -5.21
CA ARG BB 360 86.46 43.16 -4.41
C ARG BB 360 85.18 42.75 -5.12
N ILE BB 361 84.09 42.71 -4.36
CA ILE BB 361 82.80 42.26 -4.87
C ILE BB 361 81.79 43.38 -4.59
N VAL BB 362 81.54 44.22 -5.57
CA VAL BB 362 80.49 45.22 -5.44
C VAL BB 362 79.15 44.53 -5.37
N SER BB 363 78.26 45.01 -4.50
CA SER BB 363 76.96 44.39 -4.31
C SER BB 363 75.89 45.46 -4.22
N GLN BB 364 74.73 45.19 -4.82
CA GLN BB 364 73.59 46.10 -4.79
C GLN BB 364 72.33 45.34 -4.44
N PRO BB 365 71.38 45.99 -3.79
CA PRO BB 365 70.09 45.35 -3.53
C PRO BB 365 69.17 45.46 -4.72
N ILE BB 366 68.14 44.62 -4.71
CA ILE BB 366 67.06 44.73 -5.69
C ILE BB 366 65.82 45.12 -4.90
N PRO BB 367 65.46 46.39 -4.87
CA PRO BB 367 64.36 46.81 -4.00
C PRO BB 367 63.01 46.34 -4.48
N ALA BB 368 62.79 45.04 -4.49
CA ALA BB 368 61.51 44.47 -4.88
C ALA BB 368 60.53 44.37 -3.72
N ASN BB 369 60.92 44.78 -2.52
CA ASN BB 369 59.98 44.93 -1.42
C ASN BB 369 59.07 46.13 -1.61
N HIS BB 370 59.37 46.98 -2.58
CA HIS BB 370 58.67 48.24 -2.74
C HIS BB 370 57.19 47.99 -3.04
N GLU BB 371 56.36 48.99 -2.74
CA GLU BB 371 54.93 48.86 -2.92
C GLU BB 371 54.53 48.68 -4.39
N LEU BB 372 55.37 49.14 -5.32
CA LEU BB 372 55.06 48.95 -6.73
C LEU BB 372 54.97 47.47 -7.09
N PHE BB 373 55.65 46.62 -6.34
CA PHE BB 373 55.67 45.19 -6.60
C PHE BB 373 54.70 44.46 -5.67
N ALA BB 374 53.44 44.82 -5.82
CA ALA BB 374 52.37 44.21 -5.04
C ALA BB 374 51.84 42.98 -5.76
N GLY BB 375 51.46 41.98 -4.98
CA GLY BB 375 51.04 40.71 -5.55
C GLY BB 375 52.09 39.64 -5.36
N MET BB 376 53.36 40.03 -5.41
CA MET BB 376 54.46 39.11 -5.19
C MET BB 376 55.03 39.33 -3.80
N LYS BB 377 55.47 38.24 -3.16
CA LYS BB 377 55.97 38.28 -1.80
C LYS BB 377 57.47 38.06 -1.82
N THR BB 378 58.20 38.97 -1.15
CA THR BB 378 59.64 39.05 -1.26
C THR BB 378 60.27 39.00 0.12
N THR BB 379 61.36 38.26 0.23
CA THR BB 379 62.13 38.09 1.46
C THR BB 379 63.59 38.34 1.15
N SER BB 380 64.38 38.69 2.16
CA SER BB 380 65.82 38.71 2.02
C SER BB 380 66.34 37.29 2.01
N PHE BB 381 67.21 36.98 1.06
CA PHE BB 381 67.77 35.66 0.87
C PHE BB 381 69.26 35.74 1.16
N SER BB 382 69.76 34.81 1.96
CA SER BB 382 71.13 34.85 2.43
C SER BB 382 71.90 33.69 1.81
N ILE BB 383 72.80 33.98 0.89
CA ILE BB 383 73.57 32.86 0.34
C ILE BB 383 74.70 32.55 1.33
N PRO BB 384 75.02 31.29 1.54
CA PRO BB 384 75.94 30.93 2.63
C PRO BB 384 77.39 31.18 2.22
N ASP BB 385 78.28 30.95 3.18
CA ASP BB 385 79.72 31.08 2.96
C ASP BB 385 80.08 32.50 2.58
N VAL BB 386 79.65 32.92 1.38
CA VAL BB 386 79.84 34.30 0.97
C VAL BB 386 78.88 35.20 1.75
N GLY BB 387 79.30 36.43 1.99
CA GLY BB 387 78.45 37.38 2.69
C GLY BB 387 77.55 38.17 1.76
N LEU BB 388 76.71 37.47 1.00
CA LEU BB 388 75.86 38.12 0.02
C LEU BB 388 74.39 37.87 0.31
N ASN BB 389 73.60 38.92 0.10
CA ASN BB 389 72.16 38.92 0.28
C ASN BB 389 71.51 39.27 -1.04
N GLY BB 390 70.50 38.50 -1.42
CA GLY BB 390 69.66 38.83 -2.55
C GLY BB 390 68.22 38.82 -2.13
N ILE BB 391 67.31 38.70 -3.08
CA ILE BB 391 65.89 38.63 -2.79
C ILE BB 391 65.38 37.25 -3.18
N PHE BB 392 64.30 36.86 -2.52
CA PHE BB 392 63.55 35.64 -2.82
C PHE BB 392 62.11 36.09 -3.03
N ALA BB 393 61.61 35.97 -4.24
CA ALA BB 393 60.27 36.43 -4.57
C ALA BB 393 59.40 35.27 -5.02
N THR BB 394 58.11 35.37 -4.73
CA THR BB 394 57.13 34.37 -5.15
C THR BB 394 55.90 35.09 -5.67
N GLN BB 395 55.36 34.60 -6.78
CA GLN BB 395 54.10 35.12 -7.33
C GLN BB 395 53.34 33.92 -7.89
N GLY BB 396 52.23 34.19 -8.58
CA GLY BB 396 51.47 33.12 -9.17
C GLY BB 396 50.31 33.60 -10.03
N ASP BB 397 50.19 33.05 -11.23
CA ASP BB 397 49.17 33.43 -12.19
C ASP BB 397 48.14 32.31 -12.30
N ILE BB 398 46.89 32.61 -11.97
CA ILE BB 398 45.83 31.61 -12.06
C ILE BB 398 45.56 31.18 -13.50
N SER BB 399 46.06 31.94 -14.48
CA SER BB 399 45.89 31.56 -15.88
C SER BB 399 46.52 30.21 -16.16
N THR BB 400 47.73 29.98 -15.65
CA THR BB 400 48.39 28.69 -15.78
C THR BB 400 48.36 27.89 -14.50
N LEU BB 401 47.81 28.45 -13.43
CA LEU BB 401 47.69 27.76 -12.13
C LEU BB 401 49.04 27.23 -11.68
N SER BB 402 50.05 28.09 -11.74
CA SER BB 402 51.41 27.71 -11.41
C SER BB 402 52.07 28.87 -10.67
N GLY BB 403 52.43 28.66 -9.42
CA GLY BB 403 53.23 29.64 -8.71
C GLY BB 403 54.62 29.73 -9.33
N LEU BB 404 55.12 30.95 -9.47
CA LEU BB 404 56.47 31.19 -9.97
C LEU BB 404 57.34 31.66 -8.83
N CYS BB 405 58.46 30.99 -8.61
CA CYS BB 405 59.38 31.35 -7.55
C CYS BB 405 60.72 31.74 -8.17
N ARG BB 406 61.26 32.87 -7.72
CA ARG BB 406 62.50 33.41 -8.25
C ARG BB 406 63.43 33.75 -7.10
N ILE BB 407 64.72 33.57 -7.32
CA ILE BB 407 65.76 33.96 -6.37
C ILE BB 407 66.78 34.77 -7.14
N ALA BB 408 66.98 36.02 -6.74
CA ALA BB 408 67.88 36.91 -7.48
C ALA BB 408 68.93 37.47 -6.53
N LEU BB 409 70.11 37.75 -7.08
CA LEU BB 409 71.18 38.33 -6.28
C LEU BB 409 72.20 38.96 -7.20
N TRP BB 410 72.48 40.24 -6.97
CA TRP BB 410 73.18 41.10 -7.91
C TRP BB 410 74.54 41.49 -7.37
N TYR BB 411 75.59 41.20 -8.13
CA TYR BB 411 76.95 41.49 -7.69
C TYR BB 411 77.80 41.76 -8.91
N GLY BB 412 78.98 42.30 -8.66
CA GLY BB 412 79.98 42.47 -9.70
C GLY BB 412 81.37 42.26 -9.13
N VAL BB 413 82.14 41.37 -9.71
CA VAL BB 413 83.49 41.08 -9.24
C VAL BB 413 84.44 42.02 -9.96
N ASN BB 414 85.30 42.70 -9.20
CA ASN BB 414 86.23 43.66 -9.77
C ASN BB 414 87.64 43.37 -9.28
N ALA BB 415 88.60 43.52 -10.18
CA ALA BB 415 90.01 43.45 -9.86
C ALA BB 415 90.54 44.89 -9.88
N THR BB 416 90.62 45.51 -8.71
CA THR BB 416 91.01 46.91 -8.66
C THR BB 416 92.50 47.09 -8.92
N ARG BB 417 93.31 46.11 -8.53
CA ARG BB 417 94.76 46.16 -8.73
C ARG BB 417 95.19 44.88 -9.44
N PRO BB 418 95.08 44.85 -10.77
CA PRO BB 418 95.55 43.68 -11.50
C PRO BB 418 97.05 43.47 -11.43
N GLU BB 419 97.82 44.50 -11.07
CA GLU BB 419 99.26 44.34 -10.91
C GLU BB 419 99.61 43.58 -9.66
N ALA BB 420 98.66 43.34 -8.75
CA ALA BB 420 98.91 42.54 -7.57
C ALA BB 420 98.45 41.10 -7.73
N ILE BB 421 97.41 40.86 -8.53
CA ILE BB 421 96.95 39.50 -8.79
C ILE BB 421 97.97 38.79 -9.67
N GLY BB 422 98.06 37.47 -9.52
CA GLY BB 422 99.06 36.71 -10.23
C GLY BB 422 98.50 35.39 -10.74
N VAL BB 423 99.33 34.71 -11.52
CA VAL BB 423 98.99 33.41 -12.10
C VAL BB 423 100.25 32.56 -12.12
N GLY BB 424 100.20 31.38 -11.51
CA GLY BB 424 101.29 30.43 -11.56
C GLY BB 424 100.99 29.35 -12.58
N LEU BB 425 101.96 29.08 -13.44
CA LEU BB 425 101.79 28.22 -14.61
C LEU BB 425 102.89 27.17 -14.63
N PRO BB 426 102.68 26.03 -13.99
CA PRO BB 426 103.70 24.98 -14.02
C PRO BB 426 103.72 24.27 -15.35
N GLY BB 427 104.89 23.71 -15.67
CA GLY BB 427 105.02 22.87 -16.85
C GLY BB 427 104.70 23.56 -18.16
N GLN BB 428 105.19 24.78 -18.34
CA GLN BB 428 104.95 25.54 -19.57
C GLN BB 428 106.06 25.30 -20.60
N THR BB 429 106.34 24.04 -20.89
CA THR BB 429 107.36 23.73 -21.87
C THR BB 429 106.73 23.65 -23.26
N ALA BB 430 107.57 23.69 -24.29
CA ALA BB 430 107.13 23.75 -25.68
C ALA BB 430 106.20 24.93 -25.91
N THR CB 10 21.20 -47.07 23.62
CA THR CB 10 22.34 -47.71 24.34
C THR CB 10 22.99 -46.68 25.26
N LEU CB 11 23.43 -47.10 26.44
CA LEU CB 11 23.99 -46.14 27.42
C LEU CB 11 25.35 -46.61 27.95
N ALA CB 12 26.45 -46.06 27.44
CA ALA CB 12 27.76 -46.40 28.05
C ALA CB 12 27.75 -45.73 29.42
N VAL CB 13 28.40 -46.31 30.44
CA VAL CB 13 28.22 -45.73 31.80
C VAL CB 13 29.50 -45.53 32.60
N ASP CB 14 30.66 -45.35 31.96
CA ASP CB 14 31.90 -45.02 32.72
C ASP CB 14 31.99 -45.76 34.07
N GLU CB 15 31.62 -47.06 34.13
CA GLU CB 15 31.73 -47.91 35.35
C GLU CB 15 32.79 -48.95 35.00
N ILE CB 16 34.06 -48.64 35.22
CA ILE CB 16 35.16 -49.51 34.73
C ILE CB 16 35.11 -50.94 35.29
N ILE CB 17 34.92 -51.92 34.43
CA ILE CB 17 35.03 -53.34 34.75
C ILE CB 17 36.53 -53.66 34.81
N GLU CB 18 37.09 -53.59 36.02
CA GLU CB 18 38.52 -53.85 36.18
C GLU CB 18 38.80 -55.33 35.95
N THR CB 19 39.87 -55.61 35.21
CA THR CB 19 40.06 -56.98 34.77
C THR CB 19 41.42 -57.57 35.11
N ILE CB 20 42.48 -56.78 35.15
CA ILE CB 20 43.81 -57.33 35.35
C ILE CB 20 44.46 -56.68 36.57
N SER CB 21 45.42 -57.40 37.15
CA SER CB 21 46.18 -56.90 38.28
C SER CB 21 47.47 -57.71 38.36
N ALA CB 22 48.60 -57.08 38.11
CA ALA CB 22 49.90 -57.74 38.06
C ALA CB 22 50.76 -57.33 39.26
N ILE CB 23 52.01 -57.78 39.24
CA ILE CB 23 52.96 -57.49 40.32
C ILE CB 23 54.35 -57.64 39.73
N THR CB 24 55.30 -56.87 40.26
CA THR CB 24 56.68 -56.84 39.75
C THR CB 24 57.68 -57.00 40.88
N PRO CB 25 57.72 -58.18 41.52
CA PRO CB 25 58.65 -58.37 42.65
C PRO CB 25 60.12 -58.29 42.27
N MET CB 26 60.53 -59.00 41.21
CA MET CB 26 61.94 -58.99 40.82
C MET CB 26 62.40 -57.58 40.47
N ALA CB 27 61.59 -56.85 39.72
CA ALA CB 27 62.01 -55.52 39.28
C ALA CB 27 62.00 -54.53 40.43
N GLN CB 28 61.05 -54.64 41.36
CA GLN CB 28 61.09 -53.77 42.52
C GLN CB 28 62.16 -54.18 43.53
N LYS CB 29 62.72 -55.38 43.40
CA LYS CB 29 63.75 -55.84 44.31
C LYS CB 29 65.17 -55.56 43.79
N ALA CB 30 65.36 -55.56 42.47
CA ALA CB 30 66.69 -55.36 41.90
C ALA CB 30 67.21 -53.95 42.17
N LYS CB 31 68.52 -53.85 42.38
CA LYS CB 31 69.14 -52.57 42.65
C LYS CB 31 69.16 -51.72 41.39
N LYS CB 32 69.13 -50.40 41.58
CA LYS CB 32 69.07 -49.46 40.47
C LYS CB 32 70.23 -48.47 40.54
N TYR CB 33 70.81 -48.17 39.38
CA TYR CB 33 72.00 -47.36 39.27
C TYR CB 33 71.80 -46.32 38.18
N THR CB 34 72.11 -45.06 38.49
CA THR CB 34 71.94 -43.95 37.55
C THR CB 34 73.27 -43.21 37.42
N PRO CB 35 74.12 -43.62 36.50
CA PRO CB 35 75.43 -42.97 36.36
C PRO CB 35 75.28 -41.58 35.78
N PRO CB 36 76.30 -40.74 35.91
CA PRO CB 36 76.20 -39.37 35.40
C PRO CB 36 75.96 -39.34 33.89
N ALA CB 37 74.90 -38.65 33.49
CA ALA CB 37 74.47 -38.66 32.10
C ALA CB 37 75.48 -37.98 31.19
N ALA CB 38 76.12 -36.91 31.67
CA ALA CB 38 77.07 -36.19 30.83
C ALA CB 38 78.24 -37.07 30.43
N SER CB 39 78.75 -37.87 31.38
CA SER CB 39 79.85 -38.78 31.07
C SER CB 39 79.36 -40.00 30.30
N MET CB 40 78.15 -40.47 30.59
CA MET CB 40 77.66 -41.65 29.90
C MET CB 40 77.27 -41.35 28.45
N GLN CB 41 77.00 -40.10 28.11
CA GLN CB 41 76.80 -39.76 26.71
C GLN CB 41 78.07 -39.96 25.91
N ARG CB 42 79.21 -39.52 26.45
CA ARG CB 42 80.48 -39.63 25.75
C ARG CB 42 81.04 -41.04 25.80
N SER CB 43 80.83 -41.76 26.89
CA SER CB 43 81.41 -43.09 27.02
C SER CB 43 80.59 -44.15 26.32
N SER CB 44 79.75 -43.75 25.36
CA SER CB 44 78.96 -44.68 24.55
C SER CB 44 78.01 -45.53 25.40
N ASN CB 45 77.45 -44.91 26.44
CA ASN CB 45 76.40 -45.51 27.25
C ASN CB 45 76.85 -46.79 27.94
N THR CB 46 78.16 -46.93 28.17
CA THR CB 46 78.70 -48.06 28.91
C THR CB 46 79.71 -47.56 29.92
N ILE CB 47 79.74 -48.20 31.09
CA ILE CB 47 80.72 -47.86 32.11
C ILE CB 47 81.32 -49.14 32.68
N TRP CB 48 82.48 -48.99 33.29
CA TRP CB 48 83.24 -50.12 33.80
C TRP CB 48 83.32 -50.05 35.31
N MET CB 49 83.23 -51.22 35.95
CA MET CB 49 83.27 -51.32 37.40
C MET CB 49 84.27 -52.40 37.79
N PRO CB 50 85.16 -52.14 38.74
CA PRO CB 50 86.15 -53.14 39.13
C PRO CB 50 85.50 -54.30 39.86
N VAL CB 51 86.28 -55.37 40.02
CA VAL CB 51 85.85 -56.57 40.71
C VAL CB 51 86.78 -56.80 41.90
N GLU CB 52 86.22 -57.40 42.95
CA GLU CB 52 86.98 -57.64 44.17
C GLU CB 52 88.26 -58.41 43.86
N GLN CB 53 89.37 -57.94 44.41
CA GLN CB 53 90.69 -58.45 44.07
C GLN CB 53 90.98 -59.78 44.78
N GLU CB 54 91.72 -60.64 44.10
CA GLU CB 54 92.17 -61.92 44.64
C GLU CB 54 93.69 -61.97 44.60
N SER CB 55 94.30 -62.46 45.68
CA SER CB 55 95.74 -62.42 45.82
C SER CB 55 96.34 -63.80 45.69
N PRO CB 56 97.37 -63.98 44.87
CA PRO CB 56 98.13 -65.24 44.87
C PRO CB 56 98.97 -65.34 46.11
N THR CB 57 99.40 -66.57 46.42
CA THR CB 57 100.16 -66.80 47.63
C THR CB 57 101.14 -67.95 47.40
N GLN CB 58 102.38 -67.74 47.86
CA GLN CB 58 103.44 -68.74 47.81
C GLN CB 58 104.03 -68.87 49.21
N GLU CB 59 104.61 -70.02 49.50
CA GLU CB 59 105.30 -70.22 50.77
C GLU CB 59 106.72 -70.72 50.51
N GLY CB 60 107.65 -70.22 51.30
CA GLY CB 60 109.05 -70.51 51.12
C GLY CB 60 109.87 -69.44 51.80
N TRP CB 61 111.18 -69.54 51.63
CA TRP CB 61 112.12 -68.59 52.22
C TRP CB 61 112.84 -67.75 51.18
N ASP CB 62 113.30 -68.37 50.10
CA ASP CB 62 114.04 -67.68 49.05
C ASP CB 62 113.10 -67.49 47.87
N LEU CB 63 112.59 -66.28 47.72
CA LEU CB 63 111.59 -65.96 46.70
C LEU CB 63 112.15 -64.98 45.67
N THR CB 64 113.43 -65.13 45.33
CA THR CB 64 114.03 -64.24 44.35
C THR CB 64 113.44 -64.49 42.97
N ASP CB 65 113.24 -63.40 42.22
CA ASP CB 65 112.73 -63.43 40.86
C ASP CB 65 111.31 -63.98 40.77
N LYS CB 66 110.62 -64.07 41.90
CA LYS CB 66 109.29 -64.65 41.96
C LYS CB 66 108.27 -63.65 42.50
N ALA CB 67 108.52 -62.36 42.31
CA ALA CB 67 107.62 -61.33 42.80
C ALA CB 67 106.51 -61.10 41.78
N THR CB 68 105.28 -61.40 42.16
CA THR CB 68 104.17 -61.26 41.24
C THR CB 68 103.83 -59.80 41.01
N GLY CB 69 103.03 -59.55 39.98
CA GLY CB 69 102.52 -58.22 39.70
C GLY CB 69 101.16 -58.02 40.33
N LEU CB 70 100.36 -57.15 39.71
CA LEU CB 70 99.01 -56.89 40.16
C LEU CB 70 98.06 -57.05 38.99
N LEU CB 71 96.81 -57.35 39.30
CA LEU CB 71 95.80 -57.57 38.26
C LEU CB 71 94.43 -57.39 38.87
N GLU CB 72 93.65 -56.45 38.33
CA GLU CB 72 92.29 -56.18 38.79
C GLU CB 72 91.36 -56.22 37.61
N LEU CB 73 90.39 -57.12 37.65
CA LEU CB 73 89.46 -57.31 36.55
C LEU CB 73 88.28 -56.37 36.68
N ASN CB 74 87.49 -56.26 35.62
CA ASN CB 74 86.38 -55.33 35.60
C ASN CB 74 85.25 -55.87 34.73
N VAL CB 75 84.05 -55.34 34.98
CA VAL CB 75 82.87 -55.70 34.21
C VAL CB 75 82.27 -54.43 33.62
N ALA CB 76 81.57 -54.60 32.51
CA ALA CB 76 81.01 -53.48 31.76
C ALA CB 76 79.49 -53.53 31.84
N VAL CB 77 78.88 -52.40 32.15
CA VAL CB 77 77.43 -52.29 32.25
C VAL CB 77 76.98 -51.19 31.29
N ASN CB 78 76.06 -51.54 30.40
CA ASN CB 78 75.55 -50.61 29.41
C ASN CB 78 74.03 -50.64 29.38
N MET CB 79 73.43 -49.99 28.38
CA MET CB 79 72.00 -49.75 28.37
C MET CB 79 71.41 -50.11 27.01
N GLY CB 80 70.11 -50.39 27.01
CA GLY CB 80 69.41 -50.76 25.81
C GLY CB 80 68.77 -49.62 25.08
N GLU CB 81 67.52 -49.79 24.66
CA GLU CB 81 66.78 -48.80 23.90
C GLU CB 81 65.51 -48.42 24.64
N PRO CB 82 64.97 -47.22 24.41
CA PRO CB 82 63.78 -46.80 25.15
C PRO CB 82 62.59 -47.68 24.86
N ASP CB 83 61.70 -47.79 25.85
CA ASP CB 83 60.44 -48.51 25.71
C ASP CB 83 59.31 -47.50 25.79
N ASN CB 84 58.67 -47.25 24.65
CA ASN CB 84 57.72 -46.16 24.51
C ASN CB 84 56.28 -46.65 24.64
N ASP CB 85 55.36 -45.70 24.71
CA ASP CB 85 53.93 -45.93 24.56
C ASP CB 85 53.33 -44.86 23.66
N PHE CB 86 53.94 -44.67 22.50
CA PHE CB 86 53.41 -43.71 21.54
C PHE CB 86 51.97 -44.02 21.20
N PHE CB 87 51.09 -43.02 21.31
CA PHE CB 87 49.71 -43.18 20.86
C PHE CB 87 49.14 -41.81 20.52
N GLN CB 88 48.02 -41.82 19.79
CA GLN CB 88 47.47 -40.63 19.17
C GLN CB 88 46.15 -40.24 19.82
N LEU CB 89 46.06 -38.99 20.25
CA LEU CB 89 44.92 -38.48 20.99
C LEU CB 89 44.09 -37.56 20.09
N ARG CB 90 42.78 -37.78 20.06
CA ARG CB 90 41.87 -37.04 19.20
C ARG CB 90 40.80 -36.40 20.05
N ALA CB 91 40.77 -35.06 20.08
CA ALA CB 91 39.59 -34.39 20.56
C ALA CB 91 38.46 -34.58 19.55
N ASP CB 92 37.27 -34.09 19.89
CA ASP CB 92 36.09 -34.27 19.04
C ASP CB 92 35.77 -35.74 18.83
N ASP CB 93 35.92 -36.54 19.89
CA ASP CB 93 35.56 -37.94 19.78
C ASP CB 93 34.67 -38.44 20.91
N LEU CB 94 34.90 -37.98 22.14
CA LEU CB 94 34.15 -38.37 23.33
C LEU CB 94 34.39 -39.83 23.69
N ARG CB 95 35.08 -40.55 22.80
CA ARG CB 95 35.60 -41.87 23.12
C ARG CB 95 37.12 -41.86 23.25
N ASP CB 96 37.79 -40.84 22.73
CA ASP CB 96 39.18 -40.57 23.03
C ASP CB 96 39.34 -39.56 24.15
N GLU CB 97 38.24 -39.13 24.75
CA GLU CB 97 38.29 -38.26 25.92
C GLU CB 97 38.33 -39.08 27.20
N THR CB 98 37.49 -40.12 27.28
CA THR CB 98 37.49 -40.98 28.46
C THR CB 98 38.54 -42.08 28.35
N ALA CB 99 38.90 -42.48 27.14
CA ALA CB 99 39.87 -43.57 26.99
C ALA CB 99 41.28 -43.10 27.26
N TYR CB 100 41.59 -41.82 27.04
CA TYR CB 100 42.95 -41.34 27.20
C TYR CB 100 43.38 -41.34 28.66
N ARG CB 101 42.47 -40.92 29.54
CA ARG CB 101 42.76 -40.86 30.97
C ARG CB 101 43.16 -42.23 31.52
N ARG CB 102 42.57 -43.29 30.99
CA ARG CB 102 42.89 -44.66 31.40
C ARG CB 102 43.99 -45.27 30.58
N ARG CB 103 44.21 -44.77 29.36
CA ARG CB 103 45.32 -45.23 28.55
C ARG CB 103 46.64 -44.86 29.18
N ILE CB 104 46.72 -43.69 29.80
CA ILE CB 104 47.95 -43.30 30.50
C ILE CB 104 48.28 -44.30 31.61
N GLN CB 105 47.28 -44.67 32.41
CA GLN CB 105 47.51 -45.59 33.50
C GLN CB 105 47.87 -46.99 33.00
N SER CB 106 47.19 -47.45 31.96
CA SER CB 106 47.53 -48.74 31.38
C SER CB 106 48.94 -48.74 30.83
N ALA CB 107 49.37 -47.61 30.27
CA ALA CB 107 50.74 -47.48 29.80
C ALA CB 107 51.74 -47.61 30.94
N ALA CB 108 51.45 -46.96 32.06
CA ALA CB 108 52.38 -47.05 33.20
C ALA CB 108 52.49 -48.48 33.71
N ARG CB 109 51.36 -49.17 33.83
CA ARG CB 109 51.40 -50.56 34.28
C ARG CB 109 52.12 -51.45 33.28
N LYS CB 110 51.90 -51.21 31.98
CA LYS CB 110 52.56 -52.01 30.96
C LYS CB 110 54.07 -51.82 30.99
N LEU CB 111 54.52 -50.58 31.17
CA LEU CB 111 55.96 -50.34 31.22
C LEU CB 111 56.59 -51.00 32.44
N ALA CB 112 55.94 -50.92 33.59
CA ALA CB 112 56.47 -51.61 34.76
C ALA CB 112 56.56 -53.11 34.51
N ASN CB 113 55.52 -53.69 33.91
CA ASN CB 113 55.54 -55.12 33.61
C ASN CB 113 56.65 -55.47 32.64
N ASN CB 114 56.88 -54.64 31.63
CA ASN CB 114 57.96 -54.90 30.68
C ASN CB 114 59.32 -54.88 31.36
N VAL CB 115 59.54 -53.93 32.26
CA VAL CB 115 60.79 -53.89 33.02
C VAL CB 115 60.99 -55.18 33.79
N GLU CB 116 59.93 -55.63 34.46
CA GLU CB 116 60.05 -56.86 35.25
C GLU CB 116 60.32 -58.07 34.36
N LEU CB 117 59.69 -58.11 33.18
CA LEU CB 117 59.93 -59.20 32.24
C LEU CB 117 61.38 -59.23 31.79
N LYS CB 118 61.94 -58.07 31.48
CA LYS CB 118 63.35 -58.01 31.09
C LYS CB 118 64.25 -58.52 32.22
N VAL CB 119 63.96 -58.10 33.45
CA VAL CB 119 64.77 -58.54 34.59
C VAL CB 119 64.73 -60.05 34.73
N ALA CB 120 63.53 -60.63 34.68
CA ALA CB 120 63.39 -62.07 34.85
C ALA CB 120 64.07 -62.83 33.73
N ASN CB 121 63.92 -62.37 32.49
CA ASN CB 121 64.56 -63.05 31.37
C ASN CB 121 66.07 -62.98 31.46
N MET CB 122 66.62 -61.82 31.82
CA MET CB 122 68.07 -61.71 31.94
C MET CB 122 68.59 -62.63 33.02
N ALA CB 123 67.92 -62.67 34.18
CA ALA CB 123 68.36 -63.55 35.25
C ALA CB 123 68.29 -65.01 34.83
N ALA CB 124 67.21 -65.42 34.16
CA ALA CB 124 67.06 -66.81 33.78
C ALA CB 124 68.02 -67.25 32.69
N GLU CB 125 68.32 -66.38 31.73
CA GLU CB 125 69.24 -66.75 30.66
C GLU CB 125 70.70 -66.39 30.94
N MET CB 126 71.01 -65.80 32.09
CA MET CB 126 72.41 -65.62 32.45
C MET CB 126 72.75 -66.16 33.83
N GLY CB 127 71.85 -66.90 34.46
CA GLY CB 127 72.18 -67.55 35.72
C GLY CB 127 73.09 -68.73 35.54
N SER CB 128 74.34 -68.60 35.98
CA SER CB 128 75.32 -69.66 35.79
C SER CB 128 75.03 -70.88 36.66
N LEU CB 129 74.74 -70.65 37.94
CA LEU CB 129 74.49 -71.77 38.85
C LEU CB 129 73.16 -72.43 38.49
N VAL CB 130 73.20 -73.74 38.26
CA VAL CB 130 72.03 -74.50 37.85
C VAL CB 130 71.79 -75.62 38.85
N ILE CB 131 70.56 -75.73 39.33
CA ILE CB 131 70.14 -76.78 40.26
C ILE CB 131 69.06 -77.58 39.56
N THR CB 132 69.40 -78.76 39.08
CA THR CB 132 68.46 -79.59 38.33
C THR CB 132 67.96 -80.73 39.21
N SER CB 133 66.72 -81.13 38.99
CA SER CB 133 66.13 -82.23 39.74
C SER CB 133 65.55 -83.27 38.80
N PRO CB 134 65.58 -84.55 39.16
CA PRO CB 134 65.13 -85.59 38.23
C PRO CB 134 63.64 -85.83 38.22
N ASP CB 135 62.85 -85.11 39.01
CA ASP CB 135 61.40 -85.32 39.01
C ASP CB 135 60.73 -84.03 39.50
N ALA CB 136 59.41 -84.06 39.55
CA ALA CB 136 58.63 -82.89 39.93
C ALA CB 136 58.82 -82.61 41.42
N ILE CB 137 58.12 -81.58 41.91
CA ILE CB 137 58.33 -81.16 43.28
C ILE CB 137 57.41 -81.90 44.25
N GLY CB 138 56.25 -82.35 43.78
CA GLY CB 138 55.41 -83.11 44.67
C GLY CB 138 55.74 -84.58 44.78
N THR CB 139 56.90 -85.00 44.25
CA THR CB 139 57.22 -86.42 44.22
C THR CB 139 57.61 -86.93 45.60
N ASN CB 140 58.36 -86.15 46.37
CA ASN CB 140 58.86 -86.55 47.67
C ASN CB 140 58.46 -85.53 48.72
N THR CB 141 58.60 -85.92 49.98
CA THR CB 141 58.28 -85.03 51.08
C THR CB 141 59.44 -84.08 51.37
N ALA CB 142 59.10 -82.83 51.65
CA ALA CB 142 60.07 -81.74 51.84
C ALA CB 142 60.91 -81.54 50.58
N ASP CB 143 60.36 -81.84 49.41
CA ASP CB 143 61.12 -81.76 48.18
C ASP CB 143 61.36 -80.31 47.78
N ALA CB 144 60.39 -79.43 48.02
CA ALA CB 144 60.62 -78.01 47.77
C ALA CB 144 61.70 -77.44 48.68
N TRP CB 145 61.69 -77.85 49.95
CA TRP CB 145 62.75 -77.45 50.86
C TRP CB 145 64.10 -77.93 50.35
N ASN CB 146 64.17 -79.17 49.88
CA ASN CB 146 65.42 -79.68 49.32
C ASN CB 146 65.85 -78.84 48.13
N PHE CB 147 64.89 -78.44 47.30
CA PHE CB 147 65.20 -77.64 46.12
C PHE CB 147 65.79 -76.29 46.49
N VAL CB 148 65.24 -75.63 47.50
CA VAL CB 148 65.79 -74.34 47.93
C VAL CB 148 67.14 -74.54 48.63
N ALA CB 149 67.25 -75.58 49.45
CA ALA CB 149 68.48 -75.81 50.20
C ALA CB 149 69.63 -76.17 49.29
N ASP CB 150 69.37 -76.81 48.15
CA ASP CB 150 70.44 -77.07 47.20
C ASP CB 150 71.06 -75.77 46.69
N ALA CB 151 70.22 -74.79 46.35
CA ALA CB 151 70.72 -73.50 45.90
C ALA CB 151 71.53 -72.82 47.00
N GLU CB 152 71.00 -72.83 48.22
CA GLU CB 152 71.74 -72.22 49.32
C GLU CB 152 73.09 -72.91 49.51
N GLU CB 153 73.12 -74.24 49.40
CA GLU CB 153 74.37 -74.98 49.60
C GLU CB 153 75.38 -74.65 48.51
N ILE CB 154 74.94 -74.51 47.26
CA ILE CB 154 75.91 -74.20 46.22
C ILE CB 154 76.48 -72.79 46.40
N MET CB 155 75.64 -71.83 46.80
CA MET CB 155 76.16 -70.50 47.07
C MET CB 155 77.17 -70.53 48.21
N PHE CB 156 76.83 -71.24 49.29
CA PHE CB 156 77.75 -71.31 50.43
C PHE CB 156 79.07 -71.96 50.04
N SER CB 157 79.01 -73.08 49.32
CA SER CB 157 80.24 -73.79 48.94
C SER CB 157 81.10 -72.94 48.03
N ARG CB 158 80.50 -72.26 47.06
CA ARG CB 158 81.28 -71.37 46.20
C ARG CB 158 81.77 -70.15 46.95
N GLU CB 159 81.25 -69.89 48.16
CA GLU CB 159 81.67 -68.74 48.96
C GLU CB 159 81.51 -67.44 48.19
N LEU CB 160 80.30 -67.21 47.70
CA LEU CB 160 79.95 -65.99 47.01
C LEU CB 160 79.47 -64.94 48.00
N ASN CB 161 79.69 -63.68 47.66
CA ASN CB 161 79.31 -62.59 48.54
C ASN CB 161 77.79 -62.51 48.65
N ARG CB 162 77.26 -62.67 49.85
CA ARG CB 162 75.83 -62.62 50.10
C ARG CB 162 75.48 -61.64 51.22
N ASP CB 163 76.31 -60.60 51.42
CA ASP CB 163 76.02 -59.63 52.46
C ASP CB 163 74.73 -58.87 52.17
N MET CB 164 74.53 -58.46 50.92
CA MET CB 164 73.34 -57.68 50.58
C MET CB 164 72.07 -58.49 50.79
N GLY CB 165 72.11 -59.77 50.47
CA GLY CB 165 70.96 -60.63 50.68
C GLY CB 165 70.91 -61.69 49.60
N THR CB 166 69.89 -62.54 49.73
CA THR CB 166 69.64 -63.60 48.78
C THR CB 166 68.14 -63.72 48.58
N SER CB 167 67.73 -64.23 47.42
CA SER CB 167 66.31 -64.30 47.11
C SER CB 167 66.03 -65.49 46.21
N TYR CB 168 64.87 -66.12 46.42
CA TYR CB 168 64.44 -67.26 45.63
C TYR CB 168 63.03 -66.99 45.11
N PHE CB 169 62.85 -67.10 43.79
CA PHE CB 169 61.58 -66.86 43.14
C PHE CB 169 61.06 -68.16 42.57
N PHE CB 170 59.88 -68.56 43.01
CA PHE CB 170 59.14 -69.70 42.50
C PHE CB 170 58.17 -69.24 41.43
N ASN CB 171 57.79 -70.15 40.59
CA ASN CB 171 56.62 -69.90 39.76
C ASN CB 171 55.37 -70.35 40.51
N PRO CB 172 54.19 -69.93 40.07
CA PRO CB 172 52.97 -70.35 40.77
C PRO CB 172 52.80 -71.85 40.88
N GLN CB 173 53.13 -72.61 39.84
CA GLN CB 173 52.98 -74.06 39.87
C GLN CB 173 53.79 -74.67 41.01
N ASP CB 174 55.08 -74.37 41.07
CA ASP CB 174 55.93 -74.99 42.07
C ASP CB 174 55.68 -74.41 43.45
N TYR CB 175 55.27 -73.15 43.55
CA TYR CB 175 54.87 -72.60 44.84
C TYR CB 175 53.66 -73.33 45.39
N LYS CB 176 52.67 -73.62 44.53
CA LYS CB 176 51.51 -74.39 44.98
C LYS CB 176 51.90 -75.80 45.38
N LYS CB 177 52.83 -76.41 44.63
CA LYS CB 177 53.31 -77.73 45.01
C LYS CB 177 53.98 -77.71 46.37
N ALA CB 178 54.77 -76.69 46.65
CA ALA CB 178 55.42 -76.55 47.95
C ALA CB 178 54.39 -76.37 49.06
N GLY CB 179 53.38 -75.55 48.83
CA GLY CB 179 52.33 -75.38 49.83
C GLY CB 179 51.58 -76.67 50.09
N TYR CB 180 51.28 -77.42 49.04
CA TYR CB 180 50.61 -78.70 49.19
C TYR CB 180 51.45 -79.67 50.01
N ASP CB 181 52.76 -79.70 49.72
CA ASP CB 181 53.66 -80.52 50.52
C ASP CB 181 53.62 -80.12 51.98
N LEU CB 182 53.57 -78.82 52.26
CA LEU CB 182 53.53 -78.36 53.64
C LEU CB 182 52.24 -78.79 54.33
N THR CB 183 51.11 -78.67 53.65
CA THR CB 183 49.82 -78.98 54.28
C THR CB 183 49.57 -80.47 54.44
N LYS CB 184 50.16 -81.31 53.58
CA LYS CB 184 49.91 -82.74 53.65
C LYS CB 184 50.50 -83.40 54.89
N ARG CB 185 51.10 -82.65 55.79
CA ARG CB 185 51.96 -83.19 56.84
C ARG CB 185 51.21 -83.90 57.96
N ASP CB 186 49.88 -83.79 58.01
CA ASP CB 186 49.06 -84.34 59.09
C ASP CB 186 49.43 -83.76 60.46
N ILE CB 187 50.20 -82.67 60.49
CA ILE CB 187 50.52 -81.95 61.72
C ILE CB 187 50.35 -80.46 61.44
N PHE CB 188 49.82 -79.72 62.42
CA PHE CB 188 49.52 -78.31 62.25
C PHE CB 188 50.15 -77.54 63.41
N GLY CB 189 51.20 -76.78 63.10
CA GLY CB 189 51.90 -75.99 64.09
C GLY CB 189 51.66 -74.51 63.91
N ARG CB 190 52.59 -73.83 63.27
CA ARG CB 190 52.36 -72.50 62.77
C ARG CB 190 52.61 -72.39 61.27
N ILE CB 191 53.68 -73.03 60.79
CA ILE CB 191 53.94 -73.05 59.36
C ILE CB 191 52.88 -73.82 58.58
N PRO CB 192 52.47 -75.02 58.98
CA PRO CB 192 51.38 -75.69 58.26
C PRO CB 192 50.07 -74.92 58.31
N GLU CB 193 49.76 -74.25 59.43
CA GLU CB 193 48.54 -73.45 59.47
C GLU CB 193 48.62 -72.23 58.57
N GLU CB 194 49.80 -71.62 58.45
CA GLU CB 194 49.91 -70.50 57.51
C GLU CB 194 49.81 -70.99 56.08
N ALA CB 195 50.45 -72.11 55.75
CA ALA CB 195 50.34 -72.68 54.42
C ALA CB 195 48.95 -73.22 54.13
N TYR CB 196 48.13 -73.42 55.15
CA TYR CB 196 46.73 -73.78 54.96
C TYR CB 196 45.86 -72.54 54.73
N ARG CB 197 45.88 -71.60 55.67
CA ARG CB 197 45.04 -70.41 55.58
C ARG CB 197 45.37 -69.62 54.32
N ASP CB 198 46.65 -69.43 54.04
CA ASP CB 198 47.11 -68.75 52.84
C ASP CB 198 48.01 -69.69 52.05
N GLY CB 199 48.35 -69.30 50.84
CA GLY CB 199 49.22 -70.18 50.10
C GLY CB 199 50.67 -70.08 50.47
N THR CB 200 51.03 -69.18 51.37
CA THR CB 200 52.44 -68.90 51.65
C THR CB 200 53.11 -70.10 52.29
N ILE CB 201 54.31 -70.43 51.80
CA ILE CB 201 55.12 -71.43 52.47
C ILE CB 201 55.80 -70.83 53.70
N GLN CB 202 56.67 -69.86 53.49
CA GLN CB 202 57.21 -68.96 54.50
C GLN CB 202 57.95 -67.84 53.78
N ARG CB 203 58.21 -66.75 54.50
CA ARG CB 203 58.95 -65.65 53.92
C ARG CB 203 60.45 -65.94 53.82
N GLN CB 204 60.93 -66.94 54.56
CA GLN CB 204 62.32 -67.37 54.50
C GLN CB 204 62.34 -68.89 54.57
N VAL CB 205 62.98 -69.53 53.60
CA VAL CB 205 62.98 -70.98 53.50
C VAL CB 205 64.40 -71.44 53.19
N ALA CB 206 64.92 -72.35 54.01
CA ALA CB 206 66.22 -72.99 53.80
C ALA CB 206 67.36 -71.99 53.70
N GLY CB 207 67.25 -70.88 54.43
CA GLY CB 207 68.34 -69.93 54.57
C GLY CB 207 68.22 -68.69 53.72
N PHE CB 208 67.38 -68.70 52.69
CA PHE CB 208 67.20 -67.51 51.88
C PHE CB 208 66.46 -66.44 52.66
N ASP CB 209 66.78 -65.18 52.38
CA ASP CB 209 66.19 -64.08 53.12
C ASP CB 209 64.87 -63.61 52.53
N ASP CB 210 64.48 -64.11 51.36
CA ASP CB 210 63.21 -63.72 50.76
C ASP CB 210 62.83 -64.77 49.73
N VAL CB 211 61.77 -65.52 49.99
CA VAL CB 211 61.29 -66.55 49.10
C VAL CB 211 59.90 -66.15 48.62
N LEU CB 212 59.80 -65.74 47.37
CA LEU CB 212 58.57 -65.23 46.77
C LEU CB 212 58.14 -66.13 45.63
N ARG CB 213 57.00 -65.79 45.03
CA ARG CB 213 56.58 -66.38 43.77
C ARG CB 213 56.39 -65.27 42.75
N SER CB 214 56.95 -65.47 41.57
CA SER CB 214 56.93 -64.47 40.51
C SER CB 214 56.18 -65.03 39.31
N PRO CB 215 55.04 -64.47 38.92
CA PRO CB 215 54.24 -65.10 37.87
C PRO CB 215 54.88 -65.08 36.49
N LYS CB 216 55.83 -64.18 36.24
CA LYS CB 216 56.40 -64.00 34.90
C LYS CB 216 57.77 -64.64 34.77
N LEU CB 217 57.96 -65.79 35.40
CA LEU CB 217 59.21 -66.52 35.24
C LEU CB 217 59.22 -67.24 33.90
N PRO CB 218 60.28 -67.07 33.11
CA PRO CB 218 60.29 -67.67 31.77
C PRO CB 218 60.48 -69.18 31.84
N VAL CB 219 60.09 -69.83 30.77
CA VAL CB 219 60.22 -71.28 30.63
C VAL CB 219 61.45 -71.57 29.80
N LEU CB 220 62.35 -72.39 30.33
CA LEU CB 220 63.60 -72.74 29.65
C LEU CB 220 63.36 -73.99 28.83
N THR CB 221 63.21 -73.80 27.52
CA THR CB 221 62.87 -74.91 26.64
C THR CB 221 64.02 -75.89 26.53
N LYS CB 222 63.67 -77.14 26.23
CA LYS CB 222 64.66 -78.20 26.17
C LYS CB 222 65.65 -77.93 25.04
N SER CB 223 66.85 -78.46 25.19
CA SER CB 223 67.92 -78.27 24.23
C SER CB 223 68.11 -79.53 23.42
N THR CB 224 67.98 -79.41 22.10
CA THR CB 224 68.22 -80.51 21.18
C THR CB 224 69.67 -80.61 20.75
N ALA CB 225 70.59 -80.09 21.56
CA ALA CB 225 72.01 -80.24 21.28
C ALA CB 225 72.52 -81.55 21.86
N THR CB 226 73.14 -82.37 21.02
CA THR CB 226 73.63 -83.67 21.44
C THR CB 226 74.93 -83.99 20.73
N GLY CB 227 75.74 -84.83 21.37
CA GLY CB 227 76.99 -85.30 20.80
C GLY CB 227 77.98 -84.20 20.49
N ILE CB 228 78.19 -83.30 21.45
CA ILE CB 228 79.03 -82.12 21.27
C ILE CB 228 80.24 -82.26 22.17
N THR CB 229 81.42 -81.92 21.62
CA THR CB 229 82.67 -82.00 22.35
C THR CB 229 83.48 -80.74 22.09
N VAL CB 230 84.34 -80.41 23.05
CA VAL CB 230 85.25 -79.27 22.90
C VAL CB 230 86.19 -79.56 21.74
N SER CB 231 86.36 -78.58 20.86
CA SER CB 231 87.21 -78.74 19.69
C SER CB 231 88.57 -78.13 19.99
N GLY CB 232 89.53 -78.95 20.39
CA GLY CB 232 90.86 -78.47 20.69
C GLY CB 232 90.99 -77.90 22.08
N ALA CB 233 92.17 -78.01 22.67
CA ALA CB 233 92.38 -77.49 24.01
C ALA CB 233 92.31 -75.97 24.00
N GLN CB 234 91.60 -75.39 24.97
CA GLN CB 234 91.44 -73.95 25.08
C GLN CB 234 91.73 -73.52 26.51
N SER CB 235 92.61 -72.53 26.66
CA SER CB 235 92.96 -71.98 27.96
C SER CB 235 92.47 -70.54 28.03
N PHE CB 236 91.65 -70.25 29.03
CA PHE CB 236 91.08 -68.92 29.22
C PHE CB 236 91.79 -68.25 30.38
N LYS CB 237 92.31 -67.06 30.14
CA LYS CB 237 93.14 -66.36 31.10
C LYS CB 237 92.45 -65.08 31.55
N PRO CB 238 92.39 -64.82 32.85
CA PRO CB 238 91.89 -63.52 33.31
C PRO CB 238 92.78 -62.41 32.78
N VAL CB 239 92.14 -61.28 32.47
CA VAL CB 239 92.84 -60.14 31.90
C VAL CB 239 91.98 -58.92 32.17
N ALA CB 240 92.62 -57.74 32.17
CA ALA CB 240 91.93 -56.50 32.44
C ALA CB 240 91.89 -55.55 31.25
N TRP CB 241 92.74 -55.77 30.25
CA TRP CB 241 92.68 -55.05 28.99
C TRP CB 241 93.53 -55.80 27.98
N GLN CB 242 93.43 -55.36 26.73
CA GLN CB 242 94.29 -55.91 25.70
C GLN CB 242 94.56 -54.85 24.64
N LEU CB 243 95.64 -55.06 23.90
CA LEU CB 243 96.02 -54.14 22.83
C LEU CB 243 95.12 -54.33 21.61
N ASP CB 244 94.68 -53.21 21.04
CA ASP CB 244 93.90 -53.23 19.82
C ASP CB 244 94.84 -53.07 18.63
N ASN CB 245 94.27 -52.95 17.42
CA ASN CB 245 95.11 -52.87 16.22
C ASN CB 245 95.97 -51.62 16.20
N ASP CB 246 95.51 -50.55 16.85
CA ASP CB 246 96.22 -49.28 16.83
C ASP CB 246 97.18 -49.12 18.00
N GLY CB 247 97.34 -50.14 18.83
CA GLY CB 247 98.22 -50.06 19.98
C GLY CB 247 97.56 -49.53 21.23
N ASN CB 248 96.30 -49.10 21.16
CA ASN CB 248 95.59 -48.67 22.34
C ASN CB 248 95.25 -49.85 23.23
N LYS CB 249 94.94 -49.55 24.50
CA LYS CB 249 94.52 -50.57 25.44
C LYS CB 249 93.02 -50.48 25.65
N VAL CB 250 92.30 -51.54 25.31
CA VAL CB 250 90.85 -51.60 25.47
C VAL CB 250 90.53 -52.59 26.57
N ASN CB 251 89.66 -52.19 27.50
CA ASN CB 251 89.31 -53.04 28.62
C ASN CB 251 88.64 -54.32 28.13
N VAL CB 252 88.63 -55.34 29.00
CA VAL CB 252 88.07 -56.64 28.68
C VAL CB 252 87.02 -56.99 29.72
N ASP CB 253 85.85 -57.43 29.27
CA ASP CB 253 84.80 -57.89 30.16
C ASP CB 253 85.17 -59.25 30.72
N ASN CB 254 85.00 -59.41 32.03
CA ASN CB 254 85.46 -60.59 32.73
C ASN CB 254 84.44 -61.72 32.76
N ARG CB 255 83.22 -61.47 32.33
CA ARG CB 255 82.12 -62.40 32.55
C ARG CB 255 81.74 -63.17 31.30
N PHE CB 256 82.68 -63.45 30.41
CA PHE CB 256 82.37 -64.14 29.17
C PHE CB 256 83.60 -64.89 28.69
N ALA CB 257 83.35 -66.01 28.02
CA ALA CB 257 84.42 -66.80 27.42
C ALA CB 257 83.89 -67.51 26.19
N THR CB 258 84.58 -67.35 25.07
CA THR CB 258 84.16 -67.96 23.82
C THR CB 258 84.87 -69.30 23.64
N VAL CB 259 84.10 -70.38 23.60
CA VAL CB 259 84.63 -71.72 23.40
C VAL CB 259 84.34 -72.17 21.99
N THR CB 260 85.20 -73.05 21.48
CA THR CB 260 85.08 -73.67 20.17
C THR CB 260 84.66 -75.12 20.37
N LEU CB 261 83.44 -75.45 19.95
CA LEU CB 261 82.90 -76.78 20.08
C LEU CB 261 82.94 -77.51 18.74
N SER CB 262 82.54 -78.78 18.78
CA SER CB 262 82.46 -79.56 17.56
C SER CB 262 81.33 -79.06 16.66
N ALA CB 263 80.17 -78.77 17.25
CA ALA CB 263 79.03 -78.29 16.49
C ALA CB 263 78.03 -77.67 17.45
N THR CB 264 77.73 -76.40 17.28
CA THR CB 264 76.77 -75.70 18.14
C THR CB 264 75.39 -75.67 17.51
N THR CB 265 74.87 -76.85 17.21
CA THR CB 265 73.56 -77.00 16.59
C THR CB 265 72.54 -77.37 17.65
N GLY CB 266 71.47 -76.58 17.75
CA GLY CB 266 70.45 -76.77 18.75
C GLY CB 266 70.63 -75.94 20.00
N MET CB 267 71.81 -75.34 20.20
CA MET CB 267 72.02 -74.43 21.30
C MET CB 267 71.35 -73.08 21.04
N LYS CB 268 71.08 -72.37 22.13
CA LYS CB 268 70.46 -71.06 22.06
C LYS CB 268 70.86 -70.31 23.32
N ARG CB 269 70.53 -69.02 23.34
CA ARG CB 269 70.84 -68.19 24.49
C ARG CB 269 70.10 -68.69 25.71
N GLY CB 270 70.85 -69.00 26.76
CA GLY CB 270 70.29 -69.48 28.00
C GLY CB 270 70.43 -70.97 28.25
N ASP CB 271 71.01 -71.72 27.33
CA ASP CB 271 71.24 -73.14 27.55
C ASP CB 271 72.21 -73.35 28.70
N LYS CB 272 71.88 -74.29 29.58
CA LYS CB 272 72.75 -74.63 30.70
C LYS CB 272 73.58 -75.85 30.32
N ILE CB 273 74.91 -75.71 30.38
CA ILE CB 273 75.79 -76.79 29.98
C ILE CB 273 76.81 -77.04 31.08
N SER CB 274 77.57 -78.11 30.91
CA SER CB 274 78.59 -78.49 31.89
C SER CB 274 79.53 -79.48 31.24
N PHE CB 275 80.83 -79.18 31.27
CA PHE CB 275 81.80 -80.06 30.65
C PHE CB 275 82.13 -81.23 31.57
N ALA CB 276 82.49 -82.35 30.97
CA ALA CB 276 82.69 -83.59 31.72
C ALA CB 276 84.12 -83.65 32.26
N GLY CB 277 84.27 -83.40 33.55
CA GLY CB 277 85.57 -83.48 34.17
C GLY CB 277 85.95 -82.25 34.96
N VAL CB 278 85.38 -81.10 34.60
CA VAL CB 278 85.67 -79.87 35.32
C VAL CB 278 84.74 -79.75 36.51
N LYS CB 279 85.25 -79.17 37.60
CA LYS CB 279 84.52 -79.05 38.83
C LYS CB 279 84.69 -77.64 39.39
N PHE CB 280 83.70 -77.22 40.16
CA PHE CB 280 83.75 -75.91 40.80
C PHE CB 280 84.86 -75.88 41.85
N LEU CB 281 85.35 -74.68 42.12
CA LEU CB 281 86.34 -74.47 43.16
C LEU CB 281 85.71 -73.70 44.31
N GLY CB 282 86.52 -73.39 45.31
CA GLY CB 282 86.04 -72.65 46.45
C GLY CB 282 86.30 -71.16 46.32
N GLN CB 283 86.71 -70.72 45.14
CA GLN CB 283 87.02 -69.31 44.89
C GLN CB 283 88.13 -68.81 45.81
N MET CB 284 87.78 -68.53 47.07
CA MET CB 284 88.78 -67.95 47.98
C MET CB 284 89.84 -68.97 48.37
N ALA CB 285 89.44 -70.16 48.78
CA ALA CB 285 90.38 -71.16 49.26
C ALA CB 285 90.95 -72.03 48.15
N LYS CB 286 90.34 -72.01 46.97
CA LYS CB 286 90.76 -72.86 45.85
C LYS CB 286 90.77 -74.33 46.22
N ASN CB 287 89.72 -74.79 46.91
CA ASN CB 287 89.56 -76.21 47.19
C ASN CB 287 88.52 -76.78 46.25
N VAL CB 288 88.80 -77.98 45.73
CA VAL CB 288 87.97 -78.55 44.69
C VAL CB 288 86.67 -79.06 45.29
N LEU CB 289 85.55 -78.59 44.75
CA LEU CB 289 84.24 -79.09 45.12
C LEU CB 289 83.97 -80.41 44.43
N ALA CB 290 82.90 -81.08 44.83
CA ALA CB 290 82.45 -82.28 44.15
C ALA CB 290 81.42 -82.00 43.07
N GLN CB 291 80.94 -80.76 42.97
CA GLN CB 291 79.94 -80.40 41.99
C GLN CB 291 80.59 -80.23 40.62
N ASP CB 292 79.84 -80.56 39.58
CA ASP CB 292 80.28 -80.22 38.23
C ASP CB 292 80.09 -78.73 37.98
N ALA CB 293 81.11 -78.09 37.42
CA ALA CB 293 81.01 -76.69 37.08
C ALA CB 293 79.99 -76.51 35.97
N THR CB 294 79.05 -75.60 36.18
CA THR CB 294 77.98 -75.34 35.25
C THR CB 294 78.15 -73.97 34.62
N PHE CB 295 77.85 -73.88 33.33
CA PHE CB 295 77.97 -72.64 32.59
C PHE CB 295 76.67 -72.37 31.85
N SER CB 296 76.52 -71.14 31.39
CA SER CB 296 75.32 -70.70 30.69
C SER CB 296 75.72 -70.13 29.34
N VAL CB 297 75.06 -70.57 28.29
CA VAL CB 297 75.36 -70.10 26.94
C VAL CB 297 74.72 -68.73 26.77
N VAL CB 298 75.55 -67.72 26.53
CA VAL CB 298 75.09 -66.35 26.38
C VAL CB 298 74.82 -65.99 24.92
N ARG CB 299 75.63 -66.52 24.01
CA ARG CB 299 75.47 -66.22 22.60
C ARG CB 299 75.93 -67.42 21.79
N VAL CB 300 75.24 -67.69 20.70
CA VAL CB 300 75.68 -68.69 19.73
C VAL CB 300 76.27 -67.90 18.57
N VAL CB 301 77.56 -67.67 18.63
CA VAL CB 301 78.29 -66.95 17.61
C VAL CB 301 78.83 -67.95 16.60
N ASP CB 302 78.69 -67.63 15.32
CA ASP CB 302 79.21 -68.50 14.25
C ASP CB 302 78.46 -69.83 14.34
N GLY CB 303 79.10 -70.92 13.94
CA GLY CB 303 78.45 -72.21 13.93
C GLY CB 303 79.19 -73.24 14.74
N THR CB 304 80.45 -72.95 15.09
CA THR CB 304 81.25 -73.83 15.93
C THR CB 304 81.78 -73.12 17.17
N HIS CB 305 81.32 -71.91 17.45
CA HIS CB 305 81.70 -71.19 18.66
C HIS CB 305 80.45 -70.89 19.48
N VAL CB 306 80.60 -70.83 20.79
CA VAL CB 306 79.57 -70.27 21.66
C VAL CB 306 80.26 -69.41 22.71
N GLU CB 307 79.45 -68.68 23.47
CA GLU CB 307 79.94 -67.74 24.46
C GLU CB 307 79.29 -68.05 25.79
N ILE CB 308 80.04 -68.65 26.71
CA ILE CB 308 79.53 -69.07 28.01
C ILE CB 308 79.89 -68.02 29.05
N THR CB 309 79.03 -67.83 30.03
CA THR CB 309 79.20 -66.65 30.86
C THR CB 309 80.28 -66.80 31.94
N PRO CB 310 80.36 -67.89 32.71
CA PRO CB 310 81.44 -67.92 33.71
C PRO CB 310 82.73 -68.35 33.03
N LYS CB 311 83.67 -67.42 32.93
CA LYS CB 311 84.92 -67.74 32.27
C LYS CB 311 85.62 -68.86 33.03
N PRO CB 312 85.94 -69.96 32.38
CA PRO CB 312 86.50 -71.13 33.09
C PRO CB 312 88.00 -71.05 33.29
N VAL CB 313 88.43 -70.20 34.20
CA VAL CB 313 89.85 -70.14 34.55
C VAL CB 313 90.20 -71.40 35.32
N ALA CB 314 91.16 -72.15 34.80
CA ALA CB 314 91.51 -73.44 35.35
C ALA CB 314 92.59 -73.31 36.42
N LEU CB 315 92.51 -74.17 37.42
CA LEU CB 315 93.49 -74.14 38.50
C LEU CB 315 94.81 -74.77 38.07
N ASP CB 316 94.75 -75.84 37.29
CA ASP CB 316 95.95 -76.57 36.89
C ASP CB 316 96.58 -76.03 35.62
N ASP CB 317 96.08 -74.92 35.10
CA ASP CB 317 96.67 -74.32 33.90
C ASP CB 317 98.10 -73.87 34.19
N VAL CB 318 99.00 -74.18 33.27
CA VAL CB 318 100.40 -73.78 33.41
C VAL CB 318 100.74 -72.55 32.60
N SER CB 319 99.85 -72.10 31.72
CA SER CB 319 100.04 -70.85 30.99
C SER CB 319 99.51 -69.65 31.76
N LEU CB 320 99.02 -69.85 32.98
CA LEU CB 320 98.50 -68.78 33.80
C LEU CB 320 99.60 -68.26 34.72
N SER CB 321 99.89 -66.97 34.60
CA SER CB 321 100.78 -66.32 35.55
C SER CB 321 100.11 -66.32 36.92
N PRO CB 322 100.89 -66.35 38.01
CA PRO CB 322 100.27 -66.58 39.33
C PRO CB 322 99.15 -65.61 39.68
N GLU CB 323 99.26 -64.34 39.33
CA GLU CB 323 98.18 -63.42 39.64
C GLU CB 323 96.94 -63.72 38.80
N GLN CB 324 97.10 -64.32 37.62
CA GLN CB 324 95.95 -64.80 36.88
C GLN CB 324 95.38 -66.07 37.51
N ARG CB 325 96.24 -66.99 37.93
CA ARG CB 325 95.78 -68.20 38.58
C ARG CB 325 95.08 -67.91 39.89
N ALA CB 326 95.31 -66.71 40.44
CA ALA CB 326 94.61 -66.29 41.65
C ALA CB 326 93.10 -66.24 41.46
N TYR CB 327 92.62 -66.14 40.22
CA TYR CB 327 91.19 -66.01 39.93
C TYR CB 327 90.57 -67.33 39.47
N ALA CB 328 91.28 -68.44 39.61
CA ALA CB 328 90.78 -69.72 39.13
C ALA CB 328 89.48 -70.09 39.81
N ASN CB 329 88.49 -70.54 39.03
CA ASN CB 329 87.22 -70.99 39.58
C ASN CB 329 86.79 -72.34 39.04
N VAL CB 330 87.69 -73.08 38.39
CA VAL CB 330 87.43 -74.42 37.87
C VAL CB 330 88.69 -75.24 38.06
N ASN CB 331 88.52 -76.53 38.36
CA ASN CB 331 89.66 -77.36 38.72
C ASN CB 331 90.51 -77.75 37.51
N THR CB 332 89.93 -77.85 36.32
CA THR CB 332 90.65 -78.35 35.17
C THR CB 332 90.16 -77.66 33.91
N SER CB 333 91.07 -77.39 32.98
CA SER CB 333 90.73 -76.72 31.73
C SER CB 333 90.08 -77.71 30.76
N LEU CB 334 89.83 -77.26 29.54
CA LEU CB 334 89.13 -78.07 28.55
C LEU CB 334 90.14 -78.90 27.75
N ALA CB 335 89.82 -80.18 27.57
CA ALA CB 335 90.78 -81.18 27.13
C ALA CB 335 90.47 -81.70 25.73
N ASP CB 336 90.02 -80.82 24.86
CA ASP CB 336 90.02 -80.99 23.41
C ASP CB 336 89.11 -82.11 22.90
N ALA CB 337 88.53 -82.91 23.79
CA ALA CB 337 87.51 -83.85 23.40
C ALA CB 337 86.43 -84.06 24.44
N MET CB 338 86.46 -83.35 25.57
CA MET CB 338 85.53 -83.64 26.65
C MET CB 338 84.10 -83.35 26.22
N ALA CB 339 83.18 -84.21 26.68
CA ALA CB 339 81.78 -84.05 26.34
C ALA CB 339 81.17 -82.88 27.11
N VAL CB 340 80.42 -82.05 26.41
CA VAL CB 340 79.69 -80.95 27.05
C VAL CB 340 78.25 -81.39 27.24
N ASN CB 341 77.92 -81.80 28.46
CA ASN CB 341 76.59 -82.27 28.80
C ASN CB 341 75.62 -81.10 28.89
N ILE CB 342 74.37 -81.37 28.52
CA ILE CB 342 73.30 -80.37 28.53
C ILE CB 342 72.42 -80.62 29.74
N LEU CB 343 72.14 -79.57 30.51
CA LEU CB 343 71.43 -79.71 31.77
C LEU CB 343 69.93 -79.47 31.64
N ASN CB 344 69.48 -78.76 30.62
CA ASN CB 344 68.07 -78.47 30.41
C ASN CB 344 67.55 -79.44 29.34
N VAL CB 345 67.13 -80.63 29.77
CA VAL CB 345 66.69 -81.66 28.84
C VAL CB 345 65.18 -81.69 28.64
N LYS CB 346 64.42 -80.98 29.46
CA LYS CB 346 62.97 -80.91 29.32
C LYS CB 346 62.52 -79.48 29.47
N ASP CB 347 61.35 -79.19 28.91
CA ASP CB 347 60.75 -77.87 29.07
C ASP CB 347 60.26 -77.71 30.50
N ALA CB 348 60.71 -76.66 31.17
CA ALA CB 348 60.38 -76.47 32.57
C ALA CB 348 60.41 -74.99 32.89
N ARG CB 349 59.33 -74.46 33.44
CA ARG CB 349 59.33 -73.09 33.92
C ARG CB 349 60.29 -72.98 35.10
N THR CB 350 61.14 -71.96 35.06
CA THR CB 350 62.28 -71.90 35.95
C THR CB 350 61.95 -71.23 37.27
N ASN CB 351 62.58 -71.70 38.34
CA ASN CB 351 62.69 -71.00 39.60
C ASN CB 351 64.08 -70.38 39.67
N VAL CB 352 64.14 -69.10 40.03
CA VAL CB 352 65.36 -68.31 39.89
C VAL CB 352 65.78 -67.81 41.26
N PHE CB 353 67.00 -68.10 41.65
CA PHE CB 353 67.56 -67.57 42.87
C PHE CB 353 68.77 -66.70 42.56
N TRP CB 354 69.06 -65.75 43.44
CA TRP CB 354 70.21 -64.91 43.23
C TRP CB 354 70.65 -64.29 44.54
N ALA CB 355 71.83 -63.68 44.50
CA ALA CB 355 72.23 -62.70 45.49
C ALA CB 355 71.68 -61.35 45.08
N ASP CB 356 71.25 -60.56 46.06
CA ASP CB 356 70.49 -59.36 45.76
C ASP CB 356 71.30 -58.30 45.03
N ASP CB 357 72.63 -58.43 44.98
CA ASP CB 357 73.49 -57.44 44.35
C ASP CB 357 74.09 -57.94 43.04
N ALA CB 358 73.41 -58.86 42.35
CA ALA CB 358 73.91 -59.40 41.10
C ALA CB 358 73.23 -58.83 39.87
N ILE CB 359 72.00 -58.36 40.01
CA ILE CB 359 71.28 -57.68 38.93
C ILE CB 359 71.17 -56.21 39.29
N ARG CB 360 71.51 -55.35 38.34
CA ARG CB 360 71.23 -53.94 38.47
C ARG CB 360 70.49 -53.46 37.23
N ILE CB 361 69.82 -52.33 37.38
CA ILE CB 361 69.02 -51.75 36.31
C ILE CB 361 69.59 -50.35 36.09
N VAL CB 362 70.54 -50.23 35.17
CA VAL CB 362 71.08 -48.93 34.82
C VAL CB 362 69.98 -48.09 34.19
N SER CB 363 69.89 -46.84 34.60
CA SER CB 363 68.86 -45.95 34.07
C SER CB 363 69.48 -44.64 33.64
N GLN CB 364 68.89 -44.04 32.62
CA GLN CB 364 69.31 -42.77 32.06
C GLN CB 364 68.07 -41.91 31.83
N PRO CB 365 68.24 -40.60 31.71
CA PRO CB 365 67.11 -39.76 31.37
C PRO CB 365 66.99 -39.46 29.89
N ILE CB 366 65.84 -38.94 29.47
CA ILE CB 366 65.67 -38.46 28.11
C ILE CB 366 65.39 -36.97 28.21
N PRO CB 367 66.39 -36.12 28.05
CA PRO CB 367 66.19 -34.69 28.30
C PRO CB 367 65.35 -34.01 27.24
N ALA CB 368 64.04 -34.25 27.28
CA ALA CB 368 63.10 -33.62 26.36
C ALA CB 368 62.51 -32.34 26.91
N ASN CB 369 62.98 -31.87 28.06
CA ASN CB 369 62.58 -30.59 28.61
C ASN CB 369 63.48 -29.44 28.18
N HIS CB 370 64.42 -29.71 27.27
CA HIS CB 370 65.37 -28.71 26.82
C HIS CB 370 64.67 -27.63 26.00
N GLU CB 371 65.41 -26.55 25.72
CA GLU CB 371 64.90 -25.53 24.82
C GLU CB 371 64.75 -26.05 23.40
N LEU CB 372 65.52 -27.06 23.02
CA LEU CB 372 65.44 -27.58 21.66
C LEU CB 372 64.06 -28.15 21.37
N PHE CB 373 63.46 -28.84 22.34
CA PHE CB 373 62.17 -29.48 22.14
C PHE CB 373 61.06 -28.54 22.61
N ALA CB 374 61.08 -27.35 22.04
CA ALA CB 374 60.03 -26.37 22.25
C ALA CB 374 58.88 -26.70 21.33
N GLY CB 375 57.66 -26.53 21.83
CA GLY CB 375 56.47 -26.90 21.11
C GLY CB 375 55.88 -28.23 21.52
N MET CB 376 56.66 -29.08 22.18
CA MET CB 376 56.16 -30.31 22.77
C MET CB 376 56.37 -30.23 24.26
N LYS CB 377 55.32 -30.55 25.02
CA LYS CB 377 55.30 -30.34 26.45
C LYS CB 377 55.66 -31.64 27.14
N THR CB 378 56.75 -31.62 27.91
CA THR CB 378 57.34 -32.81 28.50
C THR CB 378 57.36 -32.68 30.00
N THR CB 379 56.84 -33.70 30.69
CA THR CB 379 56.88 -33.77 32.14
C THR CB 379 57.51 -35.09 32.57
N SER CB 380 57.84 -35.18 33.85
CA SER CB 380 58.31 -36.45 34.39
C SER CB 380 57.13 -37.42 34.51
N PHE CB 381 57.45 -38.70 34.64
CA PHE CB 381 56.42 -39.74 34.68
C PHE CB 381 56.96 -40.90 35.50
N SER CB 382 56.42 -41.11 36.68
CA SER CB 382 56.94 -42.13 37.58
C SER CB 382 56.31 -43.47 37.24
N ILE CB 383 57.14 -44.46 36.93
CA ILE CB 383 56.63 -45.81 36.73
C ILE CB 383 56.31 -46.42 38.09
N PRO CB 384 55.11 -46.93 38.31
CA PRO CB 384 54.75 -47.36 39.67
C PRO CB 384 55.46 -48.64 40.07
N ASP CB 385 55.33 -49.03 41.34
CA ASP CB 385 55.92 -50.25 41.85
C ASP CB 385 57.44 -50.19 41.76
N VAL CB 386 57.97 -50.29 40.55
CA VAL CB 386 59.41 -50.19 40.37
C VAL CB 386 59.85 -48.74 40.57
N GLY CB 387 61.12 -48.58 40.94
CA GLY CB 387 61.64 -47.25 41.17
C GLY CB 387 62.27 -46.62 39.95
N LEU CB 388 61.48 -46.30 38.95
CA LEU CB 388 62.02 -45.73 37.71
C LEU CB 388 61.21 -44.52 37.29
N ASN CB 389 61.87 -43.63 36.58
CA ASN CB 389 61.29 -42.37 36.14
C ASN CB 389 61.54 -42.21 34.65
N GLY CB 390 60.47 -41.97 33.88
CA GLY CB 390 60.59 -41.71 32.47
C GLY CB 390 59.99 -40.37 32.12
N ILE CB 391 59.79 -40.12 30.84
CA ILE CB 391 59.20 -38.86 30.39
C ILE CB 391 57.80 -39.13 29.86
N PHE CB 392 56.96 -38.10 29.93
CA PHE CB 392 55.64 -38.08 29.34
C PHE CB 392 55.55 -36.82 28.51
N ALA CB 393 55.52 -36.95 27.18
CA ALA CB 393 55.55 -35.81 26.30
C ALA CB 393 54.31 -35.80 25.42
N THR CB 394 53.74 -34.62 25.20
CA THR CB 394 52.59 -34.47 24.34
C THR CB 394 52.84 -33.34 23.36
N GLN CB 395 52.35 -33.48 22.14
CA GLN CB 395 52.36 -32.33 21.25
C GLN CB 395 51.21 -32.43 20.27
N GLY CB 396 50.56 -31.30 20.02
CA GLY CB 396 49.40 -31.27 19.16
C GLY CB 396 49.77 -31.24 17.70
N ASP CB 397 48.77 -31.38 16.86
CA ASP CB 397 49.01 -31.41 15.43
C ASP CB 397 48.88 -30.02 14.84
N ILE CB 398 49.35 -29.90 13.59
CA ILE CB 398 49.31 -28.64 12.86
C ILE CB 398 47.87 -28.12 12.74
N SER CB 399 46.90 -29.01 12.73
CA SER CB 399 45.50 -28.62 12.55
C SER CB 399 44.62 -29.68 13.22
N THR CB 400 43.36 -29.73 12.79
CA THR CB 400 42.42 -30.83 13.00
C THR CB 400 42.23 -31.20 14.48
N LEU CB 401 42.67 -30.35 15.41
CA LEU CB 401 42.31 -30.48 16.82
C LEU CB 401 42.66 -31.85 17.38
N SER CB 402 43.87 -32.31 17.09
CA SER CB 402 44.33 -33.63 17.51
C SER CB 402 45.62 -33.51 18.29
N GLY CB 403 46.25 -34.65 18.60
CA GLY CB 403 47.47 -34.61 19.39
C GLY CB 403 48.26 -35.89 19.23
N LEU CB 404 49.36 -35.96 19.97
CA LEU CB 404 50.17 -37.15 20.10
C LEU CB 404 50.73 -37.21 21.51
N CYS CB 405 50.77 -38.41 22.08
CA CYS CB 405 51.32 -38.66 23.39
C CYS CB 405 52.41 -39.72 23.29
N ARG CB 406 53.48 -39.54 24.05
CA ARG CB 406 54.58 -40.50 24.09
C ARG CB 406 55.08 -40.62 25.52
N ILE CB 407 54.97 -41.83 26.07
CA ILE CB 407 55.49 -42.15 27.39
C ILE CB 407 56.73 -43.01 27.17
N ALA CB 408 57.88 -42.51 27.59
CA ALA CB 408 59.15 -43.13 27.27
C ALA CB 408 59.94 -43.43 28.53
N LEU CB 409 60.73 -44.49 28.48
CA LEU CB 409 61.52 -44.94 29.63
C LEU CB 409 62.79 -45.59 29.11
N TRP CB 410 63.94 -45.15 29.61
CA TRP CB 410 65.24 -45.65 29.18
C TRP CB 410 65.92 -46.39 30.32
N TYR CB 411 66.33 -47.63 30.06
CA TYR CB 411 66.96 -48.45 31.09
C TYR CB 411 67.69 -49.60 30.41
N GLY CB 412 68.47 -50.32 31.21
CA GLY CB 412 69.18 -51.48 30.76
C GLY CB 412 69.46 -52.42 31.90
N VAL CB 413 69.11 -53.69 31.76
CA VAL CB 413 69.21 -54.66 32.84
C VAL CB 413 70.53 -55.40 32.70
N ASN CB 414 71.41 -55.25 33.68
CA ASN CB 414 72.74 -55.81 33.64
C ASN CB 414 72.91 -56.82 34.76
N ALA CB 415 73.56 -57.94 34.45
CA ALA CB 415 73.85 -59.00 35.40
C ALA CB 415 75.36 -58.95 35.67
N THR CB 416 75.74 -58.25 36.72
CA THR CB 416 77.15 -58.06 37.00
C THR CB 416 77.79 -59.30 37.61
N ARG CB 417 76.99 -60.20 38.19
CA ARG CB 417 77.47 -61.40 38.84
C ARG CB 417 76.69 -62.60 38.34
N PRO CB 418 76.96 -63.06 37.13
CA PRO CB 418 76.31 -64.28 36.64
C PRO CB 418 76.60 -65.49 37.49
N GLU CB 419 77.81 -65.58 38.06
CA GLU CB 419 78.11 -66.67 38.96
C GLU CB 419 77.30 -66.61 40.24
N ALA CB 420 76.72 -65.46 40.56
CA ALA CB 420 75.84 -65.34 41.72
C ALA CB 420 74.38 -65.47 41.37
N ILE CB 421 74.01 -65.32 40.10
CA ILE CB 421 72.65 -65.61 39.67
C ILE CB 421 72.52 -67.10 39.44
N GLY CB 422 71.33 -67.66 39.73
CA GLY CB 422 71.11 -69.08 39.62
C GLY CB 422 69.82 -69.40 38.90
N VAL CB 423 69.61 -70.69 38.65
CA VAL CB 423 68.42 -71.20 37.99
C VAL CB 423 68.08 -72.56 38.58
N GLY CB 424 66.79 -72.82 38.81
CA GLY CB 424 66.35 -74.11 39.28
C GLY CB 424 65.43 -74.81 38.30
N LEU CB 425 65.83 -76.00 37.86
CA LEU CB 425 65.12 -76.74 36.81
C LEU CB 425 64.58 -78.05 37.37
N PRO CB 426 63.29 -78.13 37.68
CA PRO CB 426 62.74 -79.37 38.23
C PRO CB 426 62.24 -80.30 37.14
N GLY CB 427 62.20 -81.58 37.48
CA GLY CB 427 61.76 -82.59 36.55
C GLY CB 427 62.68 -82.81 35.37
N GLN CB 428 63.99 -82.74 35.59
CA GLN CB 428 64.96 -82.88 34.50
C GLN CB 428 65.28 -84.34 34.22
N THR CB 429 64.26 -85.15 34.02
CA THR CB 429 64.44 -86.52 33.59
C THR CB 429 64.34 -86.57 32.06
N ALA CB 430 64.26 -87.78 31.50
CA ALA CB 430 64.15 -87.97 30.06
C ALA CB 430 65.29 -87.28 29.30
N THR DB 10 16.03 52.22 -13.48
CA THR DB 10 14.61 52.64 -13.35
C THR DB 10 14.40 53.30 -11.99
N LEU DB 11 15.20 52.93 -11.00
CA LEU DB 11 15.04 53.48 -9.63
C LEU DB 11 15.66 54.88 -9.61
N ALA DB 12 14.88 55.89 -9.23
CA ALA DB 12 15.37 57.29 -9.24
C ALA DB 12 16.25 57.57 -8.02
N VAL DB 13 16.63 58.83 -7.83
CA VAL DB 13 17.49 59.22 -6.68
C VAL DB 13 16.73 60.31 -5.90
N ASP DB 14 17.10 60.53 -4.64
CA ASP DB 14 16.36 61.51 -3.80
C ASP DB 14 17.08 62.86 -3.91
N GLU DB 15 16.78 63.61 -4.98
CA GLU DB 15 17.43 64.92 -5.21
C GLU DB 15 16.62 65.62 -6.29
N ILE DB 16 15.73 66.53 -5.89
CA ILE DB 16 14.86 67.22 -6.88
C ILE DB 16 15.64 68.40 -7.46
N ILE DB 17 15.86 68.40 -8.77
CA ILE DB 17 16.53 69.55 -9.45
C ILE DB 17 15.59 70.75 -9.40
N GLU DB 18 15.74 71.63 -8.41
CA GLU DB 18 14.92 72.83 -8.28
C GLU DB 18 15.22 73.79 -9.43
N THR DB 19 14.16 74.37 -10.00
CA THR DB 19 14.29 75.17 -11.20
C THR DB 19 13.84 76.62 -11.01
N ILE DB 20 12.67 76.85 -10.42
CA ILE DB 20 12.06 78.18 -10.41
C ILE DB 20 12.18 78.78 -9.02
N SER DB 21 12.19 80.12 -8.97
CA SER DB 21 12.24 80.84 -7.71
C SER DB 21 11.43 82.12 -7.87
N ALA DB 22 10.27 82.18 -7.23
CA ALA DB 22 9.37 83.31 -7.34
C ALA DB 22 9.51 84.24 -6.13
N ILE DB 23 9.19 85.51 -6.37
CA ILE DB 23 9.27 86.56 -5.36
C ILE DB 23 7.93 87.30 -5.36
N THR DB 24 7.44 87.64 -4.18
CA THR DB 24 6.13 88.28 -4.02
C THR DB 24 6.27 89.59 -3.24
N PRO DB 25 6.73 90.65 -3.88
CA PRO DB 25 6.75 91.95 -3.19
C PRO DB 25 5.38 92.61 -3.08
N MET DB 26 4.65 92.65 -4.18
CA MET DB 26 3.46 93.48 -4.25
C MET DB 26 2.36 92.94 -3.35
N ALA DB 27 2.07 91.65 -3.45
CA ALA DB 27 1.01 91.07 -2.65
C ALA DB 27 1.41 90.89 -1.19
N GLN DB 28 2.70 90.98 -0.89
CA GLN DB 28 3.11 90.93 0.51
C GLN DB 28 3.07 92.31 1.16
N LYS DB 29 3.22 93.39 0.38
CA LYS DB 29 3.02 94.71 0.97
C LYS DB 29 1.62 95.26 0.74
N ALA DB 30 0.76 94.55 0.03
CA ALA DB 30 -0.63 94.97 -0.08
C ALA DB 30 -1.40 94.60 1.18
N LYS DB 31 -2.15 95.55 1.72
CA LYS DB 31 -2.92 95.31 2.93
C LYS DB 31 -4.06 94.36 2.65
N LYS DB 32 -4.34 93.48 3.59
CA LYS DB 32 -5.36 92.45 3.44
C LYS DB 32 -6.47 92.67 4.46
N TYR DB 33 -7.71 92.57 4.00
CA TYR DB 33 -8.88 92.90 4.79
C TYR DB 33 -9.86 91.74 4.75
N THR DB 34 -10.49 91.45 5.89
CA THR DB 34 -11.45 90.35 6.01
C THR DB 34 -12.72 90.86 6.66
N PRO DB 35 -13.67 91.36 5.87
CA PRO DB 35 -14.93 91.83 6.43
C PRO DB 35 -15.75 90.67 6.94
N PRO DB 36 -16.68 90.91 7.87
CA PRO DB 36 -17.45 89.81 8.45
C PRO DB 36 -18.20 89.01 7.38
N ALA DB 37 -17.99 87.69 7.42
CA ALA DB 37 -18.54 86.81 6.41
C ALA DB 37 -20.06 86.69 6.54
N ALA DB 38 -20.57 86.72 7.77
CA ALA DB 38 -22.01 86.60 7.96
C ALA DB 38 -22.73 87.76 7.29
N SER DB 39 -22.22 88.98 7.46
CA SER DB 39 -22.82 90.13 6.80
C SER DB 39 -22.58 90.08 5.30
N MET DB 40 -21.38 89.68 4.87
CA MET DB 40 -21.06 89.71 3.46
C MET DB 40 -21.88 88.71 2.65
N GLN DB 41 -22.33 87.61 3.28
CA GLN DB 41 -23.16 86.65 2.58
C GLN DB 41 -24.48 87.28 2.13
N ARG DB 42 -25.16 87.98 3.04
CA ARG DB 42 -26.38 88.68 2.66
C ARG DB 42 -26.09 89.91 1.82
N SER DB 43 -24.92 90.53 2.00
CA SER DB 43 -24.60 91.76 1.27
C SER DB 43 -23.98 91.50 -0.08
N SER DB 44 -23.90 90.23 -0.49
CA SER DB 44 -23.55 89.87 -1.86
C SER DB 44 -22.09 90.17 -2.16
N ASN DB 45 -21.22 89.90 -1.19
CA ASN DB 45 -19.77 90.10 -1.33
C ASN DB 45 -19.46 91.51 -1.81
N THR DB 46 -19.85 92.50 -1.01
CA THR DB 46 -19.63 93.89 -1.36
C THR DB 46 -19.79 94.72 -0.09
N ILE DB 47 -18.84 95.60 0.15
CA ILE DB 47 -18.90 96.48 1.32
C ILE DB 47 -18.44 97.87 0.92
N TRP DB 48 -19.12 98.88 1.45
CA TRP DB 48 -18.86 100.28 1.12
C TRP DB 48 -18.07 100.94 2.24
N MET DB 49 -17.10 101.77 1.88
CA MET DB 49 -16.38 102.56 2.84
C MET DB 49 -16.36 104.02 2.42
N PRO DB 50 -16.54 104.94 3.36
CA PRO DB 50 -16.67 106.36 3.01
C PRO DB 50 -15.35 106.93 2.51
N VAL DB 51 -15.44 108.14 1.96
CA VAL DB 51 -14.29 108.85 1.44
C VAL DB 51 -14.13 110.13 2.25
N GLU DB 52 -12.87 110.56 2.40
CA GLU DB 52 -12.58 111.74 3.21
C GLU DB 52 -13.38 112.93 2.71
N GLN DB 53 -14.06 113.59 3.64
CA GLN DB 53 -15.01 114.64 3.31
C GLN DB 53 -14.28 115.90 2.87
N GLU DB 54 -14.85 116.60 1.91
CA GLU DB 54 -14.32 117.87 1.42
C GLU DB 54 -15.42 118.91 1.41
N SER DB 55 -15.11 120.09 1.93
CA SER DB 55 -16.09 121.13 2.20
C SER DB 55 -15.91 122.32 1.26
N PRO DB 56 -16.99 122.97 0.86
CA PRO DB 56 -16.90 124.20 0.08
C PRO DB 56 -16.55 125.38 0.99
N THR DB 57 -16.51 126.57 0.41
CA THR DB 57 -16.18 127.76 1.18
C THR DB 57 -16.70 128.99 0.45
N GLN DB 58 -17.27 129.92 1.22
CA GLN DB 58 -17.75 131.20 0.70
C GLN DB 58 -17.11 132.31 1.51
N GLU DB 59 -17.01 133.49 0.91
CA GLU DB 59 -16.62 134.66 1.67
C GLU DB 59 -17.61 135.77 1.39
N GLY DB 60 -17.87 136.57 2.41
CA GLY DB 60 -18.90 137.59 2.37
C GLY DB 60 -19.54 137.72 3.73
N TRP DB 61 -20.35 138.75 3.86
CA TRP DB 61 -21.05 139.00 5.11
C TRP DB 61 -22.46 138.43 5.11
N ASP DB 62 -23.27 138.81 4.13
CA ASP DB 62 -24.65 138.36 4.03
C ASP DB 62 -24.68 137.07 3.22
N LEU DB 63 -25.11 135.98 3.85
CA LEU DB 63 -25.13 134.67 3.21
C LEU DB 63 -26.53 134.07 3.21
N THR DB 64 -27.57 134.90 3.24
CA THR DB 64 -28.92 134.37 3.29
C THR DB 64 -29.22 133.53 2.06
N ASP DB 65 -29.84 132.37 2.29
CA ASP DB 65 -30.21 131.41 1.25
C ASP DB 65 -28.99 130.88 0.51
N LYS DB 66 -27.82 130.91 1.13
CA LYS DB 66 -26.61 130.33 0.56
C LYS DB 66 -26.03 129.25 1.46
N ALA DB 67 -26.88 128.57 2.23
CA ALA DB 67 -26.43 127.57 3.18
C ALA DB 67 -26.40 126.22 2.49
N THR DB 68 -25.20 125.77 2.14
CA THR DB 68 -25.06 124.49 1.46
C THR DB 68 -25.27 123.34 2.42
N GLY DB 69 -25.70 122.21 1.87
CA GLY DB 69 -25.94 121.01 2.64
C GLY DB 69 -24.66 120.26 2.94
N LEU DB 70 -24.75 118.95 2.98
CA LEU DB 70 -23.60 118.09 3.21
C LEU DB 70 -23.55 117.02 2.13
N LEU DB 71 -22.36 116.46 1.94
CA LEU DB 71 -22.17 115.43 0.92
C LEU DB 71 -21.04 114.51 1.36
N GLU DB 72 -21.34 113.21 1.45
CA GLU DB 72 -20.35 112.22 1.84
C GLU DB 72 -20.39 111.06 0.85
N LEU DB 73 -19.37 110.96 0.01
CA LEU DB 73 -19.26 109.92 -0.99
C LEU DB 73 -18.56 108.70 -0.41
N ASN DB 74 -18.60 107.60 -1.15
CA ASN DB 74 -17.91 106.40 -0.70
C ASN DB 74 -17.57 105.52 -1.89
N VAL DB 75 -16.80 104.47 -1.63
CA VAL DB 75 -16.36 103.53 -2.65
C VAL DB 75 -16.63 102.11 -2.17
N ALA DB 76 -16.95 101.24 -3.12
CA ALA DB 76 -17.35 99.88 -2.84
C ALA DB 76 -16.23 98.92 -3.18
N VAL DB 77 -16.12 97.84 -2.43
CA VAL DB 77 -15.17 96.78 -2.72
C VAL DB 77 -15.93 95.46 -2.77
N ASN DB 78 -15.58 94.62 -3.74
CA ASN DB 78 -16.26 93.36 -3.97
C ASN DB 78 -15.27 92.22 -4.07
N MET DB 79 -15.71 91.05 -4.53
CA MET DB 79 -14.84 89.88 -4.56
C MET DB 79 -15.01 89.11 -5.86
N GLY DB 80 -13.98 88.36 -6.20
CA GLY DB 80 -13.97 87.46 -7.34
C GLY DB 80 -14.49 86.09 -6.97
N GLU DB 81 -13.87 85.07 -7.52
CA GLU DB 81 -14.27 83.68 -7.32
C GLU DB 81 -13.04 82.84 -6.97
N PRO DB 82 -13.24 81.66 -6.39
CA PRO DB 82 -12.12 80.90 -5.85
C PRO DB 82 -11.07 80.56 -6.89
N ASP DB 83 -9.84 80.44 -6.42
CA ASP DB 83 -8.72 79.99 -7.23
C ASP DB 83 -8.35 78.59 -6.76
N ASN DB 84 -8.54 77.60 -7.61
CA ASN DB 84 -8.46 76.22 -7.20
C ASN DB 84 -7.20 75.54 -7.72
N ASP DB 85 -6.92 74.37 -7.17
CA ASP DB 85 -5.90 73.46 -7.64
C ASP DB 85 -6.44 72.04 -7.65
N PHE DB 86 -7.60 71.87 -8.26
CA PHE DB 86 -8.21 70.57 -8.40
C PHE DB 86 -7.29 69.61 -9.14
N PHE DB 87 -6.99 68.46 -8.55
CA PHE DB 87 -6.27 67.42 -9.26
C PHE DB 87 -6.74 66.07 -8.76
N GLN DB 88 -6.73 65.08 -9.65
CA GLN DB 88 -7.30 63.78 -9.34
C GLN DB 88 -6.21 62.72 -9.15
N LEU DB 89 -6.57 61.71 -8.37
CA LEU DB 89 -5.61 60.77 -7.77
C LEU DB 89 -6.14 59.38 -8.11
N ARG DB 90 -5.82 58.88 -9.29
CA ARG DB 90 -6.52 57.72 -9.84
C ARG DB 90 -5.81 56.42 -9.49
N ALA DB 91 -6.53 55.32 -9.70
CA ALA DB 91 -6.06 53.98 -9.36
C ALA DB 91 -5.14 53.38 -10.41
N ASP DB 92 -5.03 54.01 -11.58
CA ASP DB 92 -4.11 53.56 -12.63
C ASP DB 92 -2.81 54.36 -12.66
N ASP DB 93 -2.72 55.46 -11.91
CA ASP DB 93 -1.50 56.23 -11.85
C ASP DB 93 -0.40 55.42 -11.18
N LEU DB 94 0.80 55.50 -11.73
CA LEU DB 94 1.93 54.73 -11.21
C LEU DB 94 2.78 55.51 -10.23
N ARG DB 95 2.44 56.76 -9.95
CA ARG DB 95 3.29 57.63 -9.14
C ARG DB 95 3.22 57.23 -7.67
N ASP DB 96 3.83 58.06 -6.83
CA ASP DB 96 4.02 57.77 -5.41
C ASP DB 96 3.63 58.98 -4.56
N GLU DB 97 3.71 58.81 -3.22
CA GLU DB 97 3.38 59.90 -2.31
C GLU DB 97 4.10 61.18 -2.65
N THR DB 98 5.40 61.08 -2.90
CA THR DB 98 6.22 62.27 -3.09
C THR DB 98 5.74 63.08 -4.28
N ALA DB 99 5.22 62.42 -5.31
CA ALA DB 99 4.70 63.15 -6.45
C ALA DB 99 3.56 64.07 -6.03
N TYR DB 100 2.61 63.56 -5.26
CA TYR DB 100 1.46 64.37 -4.86
C TYR DB 100 1.85 65.44 -3.85
N ARG DB 101 2.78 65.11 -2.97
CA ARG DB 101 3.26 66.09 -1.98
C ARG DB 101 3.93 67.24 -2.74
N ARG DB 102 4.81 66.95 -3.69
CA ARG DB 102 5.44 67.97 -4.49
C ARG DB 102 4.41 68.77 -5.28
N ARG DB 103 3.34 68.12 -5.72
CA ARG DB 103 2.27 68.84 -6.41
C ARG DB 103 1.58 69.83 -5.49
N ILE DB 104 1.39 69.46 -4.21
CA ILE DB 104 0.81 70.41 -3.26
C ILE DB 104 1.73 71.61 -3.06
N GLN DB 105 3.03 71.37 -2.95
CA GLN DB 105 3.97 72.49 -2.83
C GLN DB 105 3.91 73.40 -4.06
N SER DB 106 3.86 72.80 -5.24
CA SER DB 106 3.75 73.58 -6.48
C SER DB 106 2.45 74.37 -6.50
N ALA DB 107 1.37 73.78 -6.00
CA ALA DB 107 0.09 74.49 -5.96
C ALA DB 107 0.17 75.73 -5.09
N ALA DB 108 0.81 75.61 -3.92
CA ALA DB 108 0.99 76.79 -3.08
C ALA DB 108 1.78 77.87 -3.81
N ARG DB 109 2.87 77.48 -4.47
CA ARG DB 109 3.68 78.46 -5.19
C ARG DB 109 2.87 79.14 -6.27
N LYS DB 110 2.10 78.36 -7.04
CA LYS DB 110 1.33 78.93 -8.15
C LYS DB 110 0.21 79.83 -7.67
N LEU DB 111 -0.44 79.47 -6.55
CA LEU DB 111 -1.50 80.32 -6.03
C LEU DB 111 -0.95 81.68 -5.58
N ALA DB 112 0.19 81.67 -4.90
CA ALA DB 112 0.82 82.94 -4.54
C ALA DB 112 1.20 83.74 -5.78
N ASN DB 113 1.71 83.06 -6.81
CA ASN DB 113 2.04 83.77 -8.03
C ASN DB 113 0.81 84.40 -8.66
N ASN DB 114 -0.31 83.67 -8.66
CA ASN DB 114 -1.53 84.19 -9.27
C ASN DB 114 -2.04 85.41 -8.55
N VAL DB 115 -2.03 85.39 -7.21
CA VAL DB 115 -2.50 86.57 -6.47
C VAL DB 115 -1.59 87.76 -6.74
N GLU DB 116 -0.28 87.54 -6.85
CA GLU DB 116 0.61 88.65 -7.19
C GLU DB 116 0.33 89.18 -8.58
N LEU DB 117 0.10 88.28 -9.53
CA LEU DB 117 -0.15 88.71 -10.91
C LEU DB 117 -1.40 89.56 -10.99
N LYS DB 118 -2.46 89.16 -10.27
CA LYS DB 118 -3.67 89.97 -10.30
C LYS DB 118 -3.48 91.30 -9.60
N VAL DB 119 -2.66 91.34 -8.54
CA VAL DB 119 -2.36 92.62 -7.91
C VAL DB 119 -1.68 93.55 -8.90
N ALA DB 120 -0.66 93.05 -9.60
CA ALA DB 120 0.07 93.87 -10.55
C ALA DB 120 -0.84 94.32 -11.69
N ASN DB 121 -1.69 93.42 -12.19
CA ASN DB 121 -2.59 93.77 -13.29
C ASN DB 121 -3.59 94.83 -12.87
N MET DB 122 -4.19 94.69 -11.69
CA MET DB 122 -5.14 95.69 -11.24
C MET DB 122 -4.47 97.03 -11.06
N ALA DB 123 -3.27 97.05 -10.46
CA ALA DB 123 -2.56 98.30 -10.29
C ALA DB 123 -2.28 98.96 -11.63
N ALA DB 124 -1.75 98.20 -12.58
CA ALA DB 124 -1.35 98.79 -13.86
C ALA DB 124 -2.52 99.15 -14.74
N GLU DB 125 -3.69 98.55 -14.53
CA GLU DB 125 -4.86 98.85 -15.35
C GLU DB 125 -5.79 99.87 -14.74
N MET DB 126 -5.68 100.14 -13.45
CA MET DB 126 -6.48 101.17 -12.81
C MET DB 126 -5.68 102.40 -12.42
N GLY DB 127 -4.36 102.36 -12.57
CA GLY DB 127 -3.55 103.51 -12.21
C GLY DB 127 -3.86 104.73 -13.04
N SER DB 128 -4.51 105.72 -12.44
CA SER DB 128 -4.89 106.93 -13.15
C SER DB 128 -3.66 107.75 -13.55
N LEU DB 129 -2.75 107.98 -12.61
CA LEU DB 129 -1.57 108.79 -12.89
C LEU DB 129 -0.68 108.09 -13.92
N VAL DB 130 -0.28 108.83 -14.95
CA VAL DB 130 0.55 108.30 -16.02
C VAL DB 130 1.78 109.17 -16.16
N ILE DB 131 2.95 108.54 -16.16
CA ILE DB 131 4.22 109.25 -16.30
C ILE DB 131 4.89 108.69 -17.54
N THR DB 132 4.79 109.39 -18.66
CA THR DB 132 5.32 108.91 -19.92
C THR DB 132 6.63 109.62 -20.26
N SER DB 133 7.47 108.91 -21.01
CA SER DB 133 8.73 109.47 -21.47
C SER DB 133 8.83 109.31 -22.97
N PRO DB 134 9.48 110.26 -23.66
CA PRO DB 134 9.65 110.12 -25.11
C PRO DB 134 10.88 109.30 -25.50
N ASP DB 135 11.59 108.74 -24.54
CA ASP DB 135 12.86 108.06 -24.80
C ASP DB 135 13.12 107.05 -23.70
N ALA DB 136 14.02 106.12 -23.98
CA ALA DB 136 14.31 105.03 -23.06
C ALA DB 136 15.01 105.56 -21.81
N ILE DB 137 15.22 104.66 -20.84
CA ILE DB 137 15.76 105.07 -19.55
C ILE DB 137 17.23 105.46 -19.66
N GLY DB 138 17.99 104.75 -20.47
CA GLY DB 138 19.42 105.00 -20.54
C GLY DB 138 19.84 106.15 -21.42
N THR DB 139 18.90 106.85 -22.06
CA THR DB 139 19.27 107.86 -23.03
C THR DB 139 20.07 108.99 -22.39
N ASN DB 140 19.47 109.72 -21.46
CA ASN DB 140 20.16 110.80 -20.77
C ASN DB 140 20.54 110.36 -19.37
N THR DB 141 21.59 110.98 -18.84
CA THR DB 141 22.04 110.66 -17.50
C THR DB 141 20.99 111.09 -16.48
N ALA DB 142 20.93 110.37 -15.37
CA ALA DB 142 19.97 110.60 -14.29
C ALA DB 142 18.53 110.48 -14.77
N ASP DB 143 18.30 109.77 -15.87
CA ASP DB 143 16.94 109.65 -16.38
C ASP DB 143 16.08 108.74 -15.51
N ALA DB 144 16.67 107.71 -14.90
CA ALA DB 144 15.91 106.88 -13.97
C ALA DB 144 15.48 107.68 -12.75
N TRP DB 145 16.40 108.47 -12.18
CA TRP DB 145 16.02 109.34 -11.09
C TRP DB 145 14.95 110.32 -11.52
N ASN DB 146 15.07 110.88 -12.71
CA ASN DB 146 14.04 111.77 -13.22
C ASN DB 146 12.70 111.05 -13.30
N PHE DB 147 12.72 109.79 -13.74
CA PHE DB 147 11.50 109.03 -13.87
C PHE DB 147 10.80 108.86 -12.53
N VAL DB 148 11.56 108.52 -11.49
CA VAL DB 148 10.96 108.35 -10.17
C VAL DB 148 10.50 109.69 -9.60
N ALA DB 149 11.31 110.74 -9.79
CA ALA DB 149 10.97 112.04 -9.22
C ALA DB 149 9.76 112.66 -9.89
N ASP DB 150 9.51 112.36 -11.17
CA ASP DB 150 8.32 112.89 -11.81
C ASP DB 150 7.05 112.32 -11.18
N ALA DB 151 7.06 111.02 -10.89
CA ALA DB 151 5.94 110.41 -10.18
C ALA DB 151 5.78 111.01 -8.79
N GLU DB 152 6.90 111.21 -8.08
CA GLU DB 152 6.81 111.83 -6.77
C GLU DB 152 6.23 113.24 -6.87
N GLU DB 153 6.66 114.00 -7.86
CA GLU DB 153 6.19 115.37 -8.01
C GLU DB 153 4.70 115.41 -8.30
N ILE DB 154 4.21 114.53 -9.18
CA ILE DB 154 2.78 114.58 -9.49
C ILE DB 154 1.96 114.14 -8.29
N MET DB 155 2.43 113.13 -7.55
CA MET DB 155 1.70 112.69 -6.36
C MET DB 155 1.70 113.74 -5.27
N PHE DB 156 2.76 114.56 -5.20
CA PHE DB 156 2.79 115.65 -4.23
C PHE DB 156 1.89 116.81 -4.67
N SER DB 157 1.93 117.16 -5.96
CA SER DB 157 1.13 118.28 -6.44
C SER DB 157 -0.35 117.98 -6.33
N ARG DB 158 -0.75 116.73 -6.57
CA ARG DB 158 -2.17 116.39 -6.46
C ARG DB 158 -2.66 116.42 -5.02
N GLU DB 159 -1.77 116.55 -4.04
CA GLU DB 159 -2.11 116.53 -2.62
C GLU DB 159 -2.85 115.25 -2.27
N LEU DB 160 -2.19 114.13 -2.51
CA LEU DB 160 -2.71 112.82 -2.15
C LEU DB 160 -2.15 112.41 -0.80
N ASN DB 161 -2.90 111.58 -0.09
CA ASN DB 161 -2.47 111.09 1.21
C ASN DB 161 -1.39 110.04 1.00
N ARG DB 162 -0.19 110.32 1.52
CA ARG DB 162 0.93 109.38 1.48
C ARG DB 162 1.43 109.09 2.89
N ASP DB 163 0.54 109.19 3.88
CA ASP DB 163 0.93 108.92 5.26
C ASP DB 163 1.33 107.46 5.43
N MET DB 164 0.58 106.54 4.81
CA MET DB 164 0.88 105.12 4.99
C MET DB 164 2.18 104.74 4.30
N GLY DB 165 2.60 105.50 3.30
CA GLY DB 165 3.84 105.18 2.60
C GLY DB 165 3.68 105.26 1.10
N THR DB 166 4.76 104.98 0.36
CA THR DB 166 4.74 105.00 -1.08
C THR DB 166 5.58 103.84 -1.59
N SER DB 167 5.43 103.52 -2.86
CA SER DB 167 6.15 102.38 -3.41
C SER DB 167 6.32 102.56 -4.90
N TYR DB 168 7.52 102.26 -5.39
CA TYR DB 168 7.81 102.24 -6.82
C TYR DB 168 8.32 100.85 -7.18
N PHE DB 169 7.85 100.33 -8.31
CA PHE DB 169 8.21 99.01 -8.79
C PHE DB 169 8.73 99.17 -10.20
N PHE DB 170 10.01 98.89 -10.38
CA PHE DB 170 10.64 98.84 -11.69
C PHE DB 170 10.47 97.46 -12.28
N ASN DB 171 10.46 97.39 -13.60
CA ASN DB 171 10.67 96.10 -14.24
C ASN DB 171 12.17 95.82 -14.27
N PRO DB 172 12.56 94.55 -14.45
CA PRO DB 172 14.00 94.25 -14.38
C PRO DB 172 14.84 95.00 -15.40
N GLN DB 173 14.31 95.24 -16.60
CA GLN DB 173 15.08 95.94 -17.62
C GLN DB 173 15.38 97.38 -17.20
N ASP DB 174 14.37 98.08 -16.71
CA ASP DB 174 14.58 99.46 -16.27
C ASP DB 174 15.41 99.53 -15.00
N TYR DB 175 15.27 98.53 -14.12
CA TYR DB 175 16.14 98.48 -12.95
C TYR DB 175 17.60 98.33 -13.35
N LYS DB 176 17.87 97.47 -14.33
CA LYS DB 176 19.23 97.31 -14.81
C LYS DB 176 19.72 98.58 -15.48
N LYS DB 177 18.86 99.26 -16.22
CA LYS DB 177 19.26 100.53 -16.83
C LYS DB 177 19.60 101.56 -15.77
N ALA DB 178 18.83 101.60 -14.68
CA ALA DB 178 19.13 102.54 -13.59
C ALA DB 178 20.45 102.21 -12.93
N GLY DB 179 20.71 100.92 -12.67
CA GLY DB 179 22.00 100.53 -12.14
C GLY DB 179 23.14 100.90 -13.07
N TYR DB 180 22.92 100.75 -14.38
CA TYR DB 180 23.94 101.13 -15.35
C TYR DB 180 24.22 102.63 -15.29
N ASP DB 181 23.17 103.42 -15.16
CA ASP DB 181 23.35 104.86 -15.02
C ASP DB 181 24.16 105.19 -13.78
N LEU DB 182 23.90 104.48 -12.69
CA LEU DB 182 24.68 104.72 -11.46
C LEU DB 182 26.14 104.33 -11.64
N THR DB 183 26.41 103.20 -12.30
CA THR DB 183 27.77 102.69 -12.37
C THR DB 183 28.64 103.43 -13.38
N LYS DB 184 28.06 103.94 -14.47
CA LYS DB 184 28.87 104.65 -15.44
C LYS DB 184 29.23 106.08 -15.00
N ARG DB 185 29.06 106.38 -13.71
CA ARG DB 185 29.22 107.72 -13.17
C ARG DB 185 30.68 108.19 -13.13
N ASP DB 186 31.64 107.33 -13.45
CA ASP DB 186 33.06 107.65 -13.39
C ASP DB 186 33.49 108.10 -12.00
N ILE DB 187 32.76 107.65 -10.97
CA ILE DB 187 33.14 107.90 -9.58
C ILE DB 187 32.57 106.76 -8.75
N PHE DB 188 33.09 106.61 -7.54
CA PHE DB 188 32.64 105.56 -6.63
C PHE DB 188 32.65 106.13 -5.22
N GLY DB 189 31.48 106.50 -4.73
CA GLY DB 189 31.31 106.91 -3.35
C GLY DB 189 30.70 105.78 -2.55
N ARG DB 190 29.40 105.85 -2.31
CA ARG DB 190 28.67 104.77 -1.67
C ARG DB 190 27.54 104.24 -2.53
N ILE DB 191 26.75 105.13 -3.13
CA ILE DB 191 25.70 104.68 -4.04
C ILE DB 191 26.28 103.98 -5.27
N PRO DB 192 27.26 104.55 -5.98
CA PRO DB 192 27.86 103.80 -7.10
C PRO DB 192 28.56 102.53 -6.66
N GLU DB 193 29.17 102.52 -5.46
CA GLU DB 193 29.79 101.29 -4.98
C GLU DB 193 28.76 100.20 -4.75
N GLU DB 194 27.62 100.55 -4.15
CA GLU DB 194 26.56 99.57 -3.97
C GLU DB 194 26.00 99.11 -5.30
N ALA DB 195 25.78 100.03 -6.24
CA ALA DB 195 25.27 99.65 -7.55
C ALA DB 195 26.28 98.86 -8.35
N TYR DB 196 27.56 98.92 -7.99
CA TYR DB 196 28.56 98.05 -8.62
C TYR DB 196 28.54 96.66 -8.00
N ARG DB 197 28.80 96.57 -6.69
CA ARG DB 197 28.87 95.26 -6.05
C ARG DB 197 27.54 94.52 -6.16
N ASP DB 198 26.46 95.16 -5.75
CA ASP DB 198 25.12 94.61 -5.90
C ASP DB 198 24.45 95.28 -7.08
N GLY DB 199 23.34 94.73 -7.51
CA GLY DB 199 22.61 95.40 -8.56
C GLY DB 199 21.77 96.56 -8.10
N THR DB 200 21.56 96.68 -6.79
CA THR DB 200 20.59 97.63 -6.26
C THR DB 200 21.01 99.06 -6.55
N ILE DB 201 20.02 99.88 -6.91
CA ILE DB 201 20.28 101.31 -7.07
C ILE DB 201 20.28 101.99 -5.71
N GLN DB 202 19.13 101.97 -5.03
CA GLN DB 202 19.01 102.28 -3.61
C GLN DB 202 17.69 101.69 -3.15
N ARG DB 203 17.48 101.74 -1.84
CA ARG DB 203 16.21 101.29 -1.28
C ARG DB 203 15.18 102.41 -1.21
N GLN DB 204 15.61 103.66 -1.36
CA GLN DB 204 14.73 104.82 -1.31
C GLN DB 204 15.29 105.85 -2.27
N VAL DB 205 14.53 106.19 -3.31
CA VAL DB 205 15.00 107.07 -4.37
C VAL DB 205 13.93 108.14 -4.62
N ALA DB 206 14.37 109.39 -4.71
CA ALA DB 206 13.54 110.51 -5.13
C ALA DB 206 12.31 110.69 -4.25
N GLY DB 207 12.39 110.31 -2.98
CA GLY DB 207 11.34 110.54 -2.03
C GLY DB 207 10.49 109.31 -1.74
N PHE DB 208 10.42 108.36 -2.67
CA PHE DB 208 9.71 107.12 -2.41
C PHE DB 208 10.43 106.34 -1.30
N ASP DB 209 9.66 105.75 -0.40
CA ASP DB 209 10.27 105.03 0.71
C ASP DB 209 10.36 103.52 0.47
N ASP DB 210 10.10 103.06 -0.75
CA ASP DB 210 10.40 101.68 -1.10
C ASP DB 210 10.45 101.57 -2.61
N VAL DB 211 11.62 101.32 -3.16
CA VAL DB 211 11.82 101.19 -4.59
C VAL DB 211 12.34 99.79 -4.87
N LEU DB 212 11.48 98.93 -5.37
CA LEU DB 212 11.83 97.55 -5.67
C LEU DB 212 11.79 97.31 -7.17
N ARG DB 213 12.12 96.09 -7.56
CA ARG DB 213 11.91 95.62 -8.93
C ARG DB 213 11.04 94.38 -8.88
N SER DB 214 10.14 94.24 -9.84
CA SER DB 214 9.21 93.14 -9.87
C SER DB 214 9.37 92.37 -11.17
N PRO DB 215 9.49 91.05 -11.13
CA PRO DB 215 9.66 90.27 -12.36
C PRO DB 215 8.38 90.11 -13.17
N LYS DB 216 7.22 90.45 -12.63
CA LYS DB 216 5.96 90.16 -13.29
C LYS DB 216 5.10 91.40 -13.44
N LEU DB 217 5.71 92.50 -13.84
CA LEU DB 217 4.92 93.67 -14.23
C LEU DB 217 4.39 93.47 -15.64
N PRO DB 218 3.22 94.01 -15.96
CA PRO DB 218 2.62 93.74 -17.27
C PRO DB 218 3.17 94.67 -18.33
N VAL DB 219 2.95 94.28 -19.58
CA VAL DB 219 3.33 95.09 -20.73
C VAL DB 219 2.08 95.76 -21.26
N LEU DB 220 2.10 97.10 -21.33
CA LEU DB 220 0.95 97.88 -21.76
C LEU DB 220 1.05 98.08 -23.26
N THR DB 221 0.27 97.31 -24.01
CA THR DB 221 0.33 97.37 -25.46
C THR DB 221 -0.20 98.71 -25.96
N LYS DB 222 0.37 99.16 -27.07
CA LYS DB 222 -0.08 100.39 -27.71
C LYS DB 222 -1.50 100.23 -28.20
N SER DB 223 -2.23 101.35 -28.21
CA SER DB 223 -3.62 101.36 -28.64
C SER DB 223 -3.70 101.93 -30.06
N THR DB 224 -4.33 101.18 -30.96
CA THR DB 224 -4.52 101.62 -32.32
C THR DB 224 -5.69 102.57 -32.48
N ALA DB 225 -6.24 103.06 -31.37
CA ALA DB 225 -7.27 104.09 -31.44
C ALA DB 225 -6.67 105.40 -31.91
N THR DB 226 -7.40 106.10 -32.77
CA THR DB 226 -6.91 107.36 -33.30
C THR DB 226 -8.08 108.21 -33.75
N GLY DB 227 -7.87 109.52 -33.73
CA GLY DB 227 -8.88 110.47 -34.18
C GLY DB 227 -10.18 110.35 -33.42
N ILE DB 228 -10.09 110.27 -32.10
CA ILE DB 228 -11.25 110.09 -31.24
C ILE DB 228 -11.53 111.39 -30.53
N THR DB 229 -12.81 111.75 -30.42
CA THR DB 229 -13.25 113.00 -29.85
C THR DB 229 -14.47 112.76 -28.98
N VAL DB 230 -14.68 113.66 -28.02
CA VAL DB 230 -15.87 113.60 -27.18
C VAL DB 230 -17.09 113.99 -27.99
N SER DB 231 -18.20 113.30 -27.75
CA SER DB 231 -19.45 113.55 -28.47
C SER DB 231 -20.51 114.00 -27.48
N GLY DB 232 -20.72 115.31 -27.39
CA GLY DB 232 -21.70 115.86 -26.48
C GLY DB 232 -21.09 116.38 -25.20
N ALA DB 233 -21.43 117.61 -24.84
CA ALA DB 233 -20.89 118.19 -23.61
C ALA DB 233 -21.41 117.42 -22.40
N GLN DB 234 -20.46 116.87 -21.63
CA GLN DB 234 -20.79 115.97 -20.53
C GLN DB 234 -20.36 116.58 -19.21
N SER DB 235 -21.17 116.34 -18.18
CA SER DB 235 -20.92 116.87 -16.85
C SER DB 235 -21.20 115.77 -15.84
N PHE DB 236 -20.20 115.45 -15.04
CA PHE DB 236 -20.29 114.39 -14.05
C PHE DB 236 -20.38 115.00 -12.67
N LYS DB 237 -21.37 114.57 -11.90
CA LYS DB 237 -21.63 115.15 -10.59
C LYS DB 237 -21.28 114.15 -9.50
N PRO DB 238 -20.60 114.58 -8.46
CA PRO DB 238 -20.35 113.66 -7.34
C PRO DB 238 -21.60 113.48 -6.50
N VAL DB 239 -22.23 112.33 -6.62
CA VAL DB 239 -23.38 112.00 -5.79
C VAL DB 239 -23.01 110.79 -4.95
N ALA DB 240 -23.77 110.58 -3.88
CA ALA DB 240 -23.56 109.43 -3.02
C ALA DB 240 -24.65 108.38 -3.13
N TRP DB 241 -25.84 108.74 -3.59
CA TRP DB 241 -26.86 107.75 -3.90
C TRP DB 241 -27.77 108.30 -4.97
N GLN DB 242 -28.62 107.43 -5.50
CA GLN DB 242 -29.58 107.82 -6.52
C GLN DB 242 -30.83 106.96 -6.40
N LEU DB 243 -31.95 107.49 -6.83
CA LEU DB 243 -33.20 106.73 -6.83
C LEU DB 243 -33.24 105.78 -8.01
N ASP DB 244 -33.73 104.58 -7.76
CA ASP DB 244 -33.88 103.58 -8.82
C ASP DB 244 -35.29 103.66 -9.42
N ASN DB 245 -35.66 102.65 -10.18
CA ASN DB 245 -36.98 102.62 -10.82
C ASN DB 245 -38.10 102.61 -9.78
N ASP DB 246 -37.95 101.81 -8.72
CA ASP DB 246 -38.97 101.73 -7.68
C ASP DB 246 -38.92 102.91 -6.73
N GLY DB 247 -37.78 103.61 -6.66
CA GLY DB 247 -37.61 104.73 -5.74
C GLY DB 247 -36.64 104.48 -4.62
N ASN DB 248 -36.07 103.28 -4.51
CA ASN DB 248 -35.08 103.01 -3.48
C ASN DB 248 -33.78 103.73 -3.80
N LYS DB 249 -33.07 104.11 -2.74
CA LYS DB 249 -31.81 104.83 -2.87
C LYS DB 249 -30.66 103.83 -2.92
N VAL DB 250 -29.97 103.78 -4.05
CA VAL DB 250 -28.85 102.88 -4.26
C VAL DB 250 -27.57 103.70 -4.34
N ASN DB 251 -26.50 103.17 -3.75
CA ASN DB 251 -25.25 103.92 -3.64
C ASN DB 251 -24.54 103.98 -4.99
N VAL DB 252 -23.68 104.99 -5.12
CA VAL DB 252 -22.95 105.27 -6.35
C VAL DB 252 -21.47 105.21 -6.06
N ASP DB 253 -20.74 104.43 -6.85
CA ASP DB 253 -19.29 104.35 -6.71
C ASP DB 253 -18.64 105.59 -7.28
N ASN DB 254 -17.71 106.16 -6.53
CA ASN DB 254 -17.08 107.42 -6.91
C ASN DB 254 -16.07 107.23 -8.03
N ARG DB 255 -15.47 106.05 -8.15
CA ARG DB 255 -14.28 105.86 -8.96
C ARG DB 255 -14.58 105.50 -10.41
N PHE DB 256 -15.72 105.93 -10.96
CA PHE DB 256 -16.02 105.56 -12.33
C PHE DB 256 -16.86 106.65 -12.98
N ALA DB 257 -16.68 106.82 -14.28
CA ALA DB 257 -17.53 107.71 -15.06
C ALA DB 257 -17.55 107.22 -16.49
N THR DB 258 -18.75 107.04 -17.05
CA THR DB 258 -18.90 106.56 -18.42
C THR DB 258 -19.08 107.75 -19.35
N VAL DB 259 -18.15 107.91 -20.29
CA VAL DB 259 -18.19 109.01 -21.23
C VAL DB 259 -18.54 108.48 -22.60
N THR DB 260 -19.19 109.35 -23.38
CA THR DB 260 -19.69 109.05 -24.71
C THR DB 260 -18.72 109.62 -25.74
N LEU DB 261 -17.96 108.76 -26.37
CA LEU DB 261 -17.01 109.16 -27.39
C LEU DB 261 -17.57 108.91 -28.78
N SER DB 262 -16.88 109.45 -29.78
CA SER DB 262 -17.31 109.25 -31.16
C SER DB 262 -17.20 107.78 -31.55
N ALA DB 263 -16.12 107.13 -31.16
CA ALA DB 263 -15.92 105.72 -31.50
C ALA DB 263 -14.90 105.14 -30.54
N THR DB 264 -15.27 104.09 -29.84
CA THR DB 264 -14.33 103.40 -28.95
C THR DB 264 -13.65 102.24 -29.66
N THR DB 265 -13.09 102.52 -30.82
CA THR DB 265 -12.51 101.48 -31.68
C THR DB 265 -11.00 101.47 -31.48
N GLY DB 266 -10.47 100.35 -31.04
CA GLY DB 266 -9.06 100.20 -30.80
C GLY DB 266 -8.63 100.36 -29.36
N MET DB 267 -9.56 100.50 -28.44
CA MET DB 267 -9.24 100.60 -27.02
C MET DB 267 -9.38 99.24 -26.34
N LYS DB 268 -9.11 99.24 -25.04
CA LYS DB 268 -9.32 98.10 -24.18
C LYS DB 268 -9.29 98.59 -22.74
N ARG DB 269 -9.41 97.66 -21.81
CA ARG DB 269 -9.26 97.99 -20.40
C ARG DB 269 -7.78 98.23 -20.11
N GLY DB 270 -7.49 99.35 -19.46
CA GLY DB 270 -6.12 99.66 -19.09
C GLY DB 270 -5.40 100.62 -20.01
N ASP DB 271 -6.08 101.23 -20.96
CA ASP DB 271 -5.46 102.27 -21.77
C ASP DB 271 -5.49 103.60 -21.04
N LYS DB 272 -4.44 104.38 -21.23
CA LYS DB 272 -4.29 105.69 -20.61
C LYS DB 272 -4.64 106.75 -21.64
N ILE DB 273 -5.56 107.64 -21.29
CA ILE DB 273 -6.02 108.69 -22.17
C ILE DB 273 -5.95 110.01 -21.42
N SER DB 274 -6.07 111.10 -22.17
CA SER DB 274 -6.18 112.42 -21.57
C SER DB 274 -6.78 113.35 -22.60
N PHE DB 275 -7.79 114.11 -22.19
CA PHE DB 275 -8.45 115.00 -23.13
C PHE DB 275 -7.65 116.29 -23.29
N ALA DB 276 -7.86 116.97 -24.41
CA ALA DB 276 -7.07 118.14 -24.77
C ALA DB 276 -7.72 119.38 -24.18
N GLY DB 277 -7.17 119.86 -23.07
CA GLY DB 277 -7.67 121.07 -22.45
C GLY DB 277 -7.98 120.95 -20.98
N VAL DB 278 -8.10 119.72 -20.48
CA VAL DB 278 -8.41 119.47 -19.08
C VAL DB 278 -7.10 119.35 -18.31
N LYS DB 279 -6.96 120.15 -17.26
CA LYS DB 279 -5.77 120.15 -16.43
C LYS DB 279 -6.12 119.68 -15.03
N PHE DB 280 -5.14 119.10 -14.36
CA PHE DB 280 -5.35 118.64 -12.99
C PHE DB 280 -5.56 119.83 -12.07
N LEU DB 281 -6.04 119.55 -10.88
CA LEU DB 281 -6.22 120.55 -9.84
C LEU DB 281 -5.46 120.12 -8.59
N GLY DB 282 -5.52 120.96 -7.57
CA GLY DB 282 -4.81 120.66 -6.35
C GLY DB 282 -5.67 120.04 -5.28
N GLN DB 283 -6.76 119.40 -5.69
CA GLN DB 283 -7.67 118.72 -4.77
C GLN DB 283 -8.10 119.61 -3.61
N MET DB 284 -7.26 119.73 -2.57
CA MET DB 284 -7.67 120.47 -1.39
C MET DB 284 -7.77 121.96 -1.67
N ALA DB 285 -6.81 122.53 -2.40
CA ALA DB 285 -6.81 123.95 -2.68
C ALA DB 285 -7.49 124.31 -3.99
N LYS DB 286 -7.63 123.35 -4.89
CA LYS DB 286 -8.33 123.57 -6.18
C LYS DB 286 -7.54 124.56 -7.05
N ASN DB 287 -6.22 124.59 -6.92
CA ASN DB 287 -5.36 125.42 -7.76
C ASN DB 287 -5.00 124.65 -9.02
N VAL DB 288 -5.10 125.33 -10.17
CA VAL DB 288 -4.87 124.67 -11.45
C VAL DB 288 -3.40 124.30 -11.58
N LEU DB 289 -3.14 123.07 -12.04
CA LEU DB 289 -1.79 122.62 -12.30
C LEU DB 289 -1.45 122.86 -13.77
N ALA DB 290 -0.22 122.50 -14.15
CA ALA DB 290 0.21 122.59 -15.53
C ALA DB 290 0.25 121.22 -16.20
N GLN DB 291 -0.37 120.22 -15.60
CA GLN DB 291 -0.31 118.85 -16.09
C GLN DB 291 -1.70 118.42 -16.57
N ASP DB 292 -1.75 117.79 -17.74
CA ASP DB 292 -3.00 117.28 -18.26
C ASP DB 292 -3.53 116.18 -17.38
N ALA DB 293 -4.83 116.24 -17.08
CA ALA DB 293 -5.46 115.20 -16.29
C ALA DB 293 -5.47 113.90 -17.08
N THR DB 294 -4.83 112.88 -16.55
CA THR DB 294 -4.75 111.58 -17.20
C THR DB 294 -5.75 110.63 -16.57
N PHE DB 295 -6.49 109.92 -17.41
CA PHE DB 295 -7.49 108.95 -16.99
C PHE DB 295 -7.12 107.59 -17.53
N SER DB 296 -7.71 106.56 -16.95
CA SER DB 296 -7.45 105.18 -17.33
C SER DB 296 -8.78 104.51 -17.62
N VAL DB 297 -8.97 104.05 -18.85
CA VAL DB 297 -10.24 103.43 -19.20
C VAL DB 297 -10.33 102.06 -18.54
N VAL DB 298 -11.37 101.88 -17.73
CA VAL DB 298 -11.56 100.66 -16.96
C VAL DB 298 -12.30 99.60 -17.77
N ARG DB 299 -13.32 100.00 -18.50
CA ARG DB 299 -14.11 99.07 -19.29
C ARG DB 299 -14.46 99.74 -20.60
N VAL DB 300 -14.75 98.91 -21.61
CA VAL DB 300 -15.31 99.42 -22.86
C VAL DB 300 -16.71 98.86 -23.00
N VAL DB 301 -17.68 99.63 -22.56
CA VAL DB 301 -19.09 99.24 -22.65
C VAL DB 301 -19.68 99.87 -23.91
N ASP DB 302 -20.42 99.07 -24.68
CA ASP DB 302 -20.93 99.50 -25.97
C ASP DB 302 -19.79 99.87 -26.92
N GLY DB 303 -20.14 100.54 -28.01
CA GLY DB 303 -19.15 100.91 -29.01
C GLY DB 303 -18.89 102.40 -29.04
N THR DB 304 -19.65 103.17 -28.28
CA THR DB 304 -19.43 104.60 -28.17
C THR DB 304 -19.29 105.07 -26.72
N HIS DB 305 -19.12 104.16 -25.77
CA HIS DB 305 -18.95 104.53 -24.37
C HIS DB 305 -17.71 103.88 -23.81
N VAL DB 306 -17.08 104.56 -22.85
CA VAL DB 306 -16.03 103.96 -22.02
C VAL DB 306 -16.26 104.35 -20.58
N GLU DB 307 -15.58 103.64 -19.69
CA GLU DB 307 -15.70 103.85 -18.25
C GLU DB 307 -14.31 104.24 -17.72
N ILE DB 308 -14.08 105.53 -17.57
CA ILE DB 308 -12.79 106.01 -17.09
C ILE DB 308 -12.83 106.12 -15.58
N THR DB 309 -11.71 105.78 -14.93
CA THR DB 309 -11.69 105.57 -13.49
C THR DB 309 -11.62 106.83 -12.62
N PRO DB 310 -10.94 107.91 -13.02
CA PRO DB 310 -11.08 109.13 -12.21
C PRO DB 310 -12.28 109.92 -12.69
N LYS DB 311 -13.27 110.12 -11.83
CA LYS DB 311 -14.44 110.90 -12.23
C LYS DB 311 -14.01 112.35 -12.47
N PRO DB 312 -14.24 112.89 -13.65
CA PRO DB 312 -13.80 114.27 -13.94
C PRO DB 312 -14.79 115.34 -13.46
N VAL DB 313 -14.72 115.63 -12.17
CA VAL DB 313 -15.54 116.70 -11.60
C VAL DB 313 -14.90 118.02 -11.97
N ALA DB 314 -15.63 118.83 -12.73
CA ALA DB 314 -15.10 120.08 -13.27
C ALA DB 314 -15.23 121.21 -12.26
N LEU DB 315 -14.21 122.05 -12.20
CA LEU DB 315 -14.27 123.21 -11.31
C LEU DB 315 -15.15 124.30 -11.89
N ASP DB 316 -15.18 124.44 -13.21
CA ASP DB 316 -15.92 125.51 -13.85
C ASP DB 316 -17.38 125.18 -14.12
N ASP DB 317 -17.79 123.95 -13.87
CA ASP DB 317 -19.17 123.55 -14.14
C ASP DB 317 -20.14 124.45 -13.40
N VAL DB 318 -21.15 124.94 -14.11
CA VAL DB 318 -22.20 125.74 -13.48
C VAL DB 318 -23.38 124.90 -13.03
N SER DB 319 -23.38 123.60 -13.32
CA SER DB 319 -24.46 122.72 -12.91
C SER DB 319 -24.19 122.04 -11.58
N LEU DB 320 -23.07 122.34 -10.94
CA LEU DB 320 -22.67 121.68 -9.71
C LEU DB 320 -23.13 122.49 -8.50
N SER DB 321 -23.78 121.82 -7.57
CA SER DB 321 -24.03 122.43 -6.28
C SER DB 321 -22.71 122.59 -5.53
N PRO DB 322 -22.58 123.61 -4.68
CA PRO DB 322 -21.27 123.88 -4.06
C PRO DB 322 -20.69 122.70 -3.29
N GLU DB 323 -21.52 121.91 -2.61
CA GLU DB 323 -20.98 120.76 -1.90
C GLU DB 323 -20.47 119.69 -2.86
N GLN DB 324 -20.91 119.73 -4.13
CA GLN DB 324 -20.35 118.86 -5.14
C GLN DB 324 -19.12 119.49 -5.79
N ARG DB 325 -19.14 120.80 -5.97
CA ARG DB 325 -17.99 121.50 -6.53
C ARG DB 325 -16.81 121.45 -5.60
N ALA DB 326 -17.03 121.17 -4.32
CA ALA DB 326 -15.93 120.94 -3.40
C ALA DB 326 -15.11 119.72 -3.76
N TYR DB 327 -15.61 118.84 -4.61
CA TYR DB 327 -14.92 117.61 -4.97
C TYR DB 327 -14.25 117.67 -6.33
N ALA DB 328 -14.12 118.87 -6.90
CA ALA DB 328 -13.56 119.01 -8.23
C ALA DB 328 -12.13 118.50 -8.29
N ASN DB 329 -11.79 117.84 -9.39
CA ASN DB 329 -10.42 117.42 -9.62
C ASN DB 329 -9.87 117.80 -10.98
N VAL DB 330 -10.64 118.48 -11.82
CA VAL DB 330 -10.19 118.95 -13.12
C VAL DB 330 -10.60 120.42 -13.25
N ASN DB 331 -9.82 121.20 -14.00
CA ASN DB 331 -10.08 122.62 -14.11
C ASN DB 331 -11.29 122.94 -14.98
N THR DB 332 -11.72 122.01 -15.83
CA THR DB 332 -12.85 122.26 -16.72
C THR DB 332 -13.55 120.94 -17.03
N SER DB 333 -14.49 120.98 -17.95
CA SER DB 333 -15.30 119.83 -18.33
C SER DB 333 -15.21 119.59 -19.84
N LEU DB 334 -15.61 118.39 -20.24
CA LEU DB 334 -15.58 118.02 -21.65
C LEU DB 334 -16.62 118.80 -22.42
N ALA DB 335 -16.31 119.15 -23.67
CA ALA DB 335 -17.09 120.13 -24.41
C ALA DB 335 -17.35 119.69 -25.84
N ASP DB 336 -17.73 118.43 -26.03
CA ASP DB 336 -18.35 117.98 -27.27
C ASP DB 336 -17.39 118.00 -28.47
N ALA DB 337 -16.19 118.53 -28.28
CA ALA DB 337 -15.24 118.60 -29.37
C ALA DB 337 -13.83 118.22 -28.97
N MET DB 338 -13.54 118.13 -27.67
CA MET DB 338 -12.18 117.98 -27.21
C MET DB 338 -11.62 116.64 -27.66
N ALA DB 339 -10.48 116.68 -28.33
CA ALA DB 339 -9.83 115.45 -28.76
C ALA DB 339 -9.27 114.73 -27.54
N VAL DB 340 -9.54 113.44 -27.45
CA VAL DB 340 -8.92 112.60 -26.43
C VAL DB 340 -7.65 112.02 -27.03
N ASN DB 341 -6.53 112.25 -26.35
CA ASN DB 341 -5.22 111.79 -26.79
C ASN DB 341 -4.84 110.54 -26.03
N ILE DB 342 -4.51 109.47 -26.76
CA ILE DB 342 -3.99 108.29 -26.12
C ILE DB 342 -2.56 108.57 -25.66
N LEU DB 343 -2.16 107.92 -24.56
CA LEU DB 343 -0.86 108.14 -23.99
C LEU DB 343 0.10 106.98 -24.22
N ASN DB 344 -0.40 105.78 -24.47
CA ASN DB 344 0.43 104.62 -24.76
C ASN DB 344 0.47 104.46 -26.27
N VAL DB 345 1.57 104.90 -26.88
CA VAL DB 345 1.75 104.85 -28.33
C VAL DB 345 2.83 103.84 -28.72
N LYS DB 346 3.25 102.98 -27.80
CA LYS DB 346 4.30 102.03 -28.08
C LYS DB 346 4.29 100.96 -27.01
N ASP DB 347 4.48 99.70 -27.41
CA ASP DB 347 4.55 98.61 -26.45
C ASP DB 347 5.68 98.85 -25.48
N ALA DB 348 5.39 98.73 -24.18
CA ALA DB 348 6.39 99.00 -23.16
C ALA DB 348 5.95 98.36 -21.86
N ARG DB 349 6.86 97.64 -21.21
CA ARG DB 349 6.59 97.13 -19.88
C ARG DB 349 6.43 98.28 -18.91
N THR DB 350 5.58 98.10 -17.91
CA THR DB 350 5.13 99.20 -17.07
C THR DB 350 5.83 99.16 -15.72
N ASN DB 351 6.44 100.28 -15.34
CA ASN DB 351 6.80 100.52 -13.96
C ASN DB 351 5.59 101.09 -13.24
N VAL DB 352 5.35 100.62 -12.02
CA VAL DB 352 4.12 100.91 -11.31
C VAL DB 352 4.46 101.51 -9.96
N PHE DB 353 3.86 102.65 -9.64
CA PHE DB 353 4.02 103.24 -8.32
C PHE DB 353 2.65 103.42 -7.69
N TRP DB 354 2.63 103.55 -6.37
CA TRP DB 354 1.37 103.79 -5.68
C TRP DB 354 1.64 104.30 -4.28
N ALA DB 355 0.57 104.75 -3.63
CA ALA DB 355 0.53 104.96 -2.20
C ALA DB 355 0.04 103.69 -1.54
N ASP DB 356 0.65 103.34 -0.41
CA ASP DB 356 0.49 101.99 0.13
C ASP DB 356 -0.93 101.68 0.54
N ASP DB 357 -1.79 102.69 0.69
CA ASP DB 357 -3.18 102.49 1.10
C ASP DB 357 -4.14 102.54 -0.08
N ALA DB 358 -3.70 102.13 -1.26
CA ALA DB 358 -4.54 102.12 -2.45
C ALA DB 358 -5.01 100.73 -2.84
N ILE DB 359 -4.11 99.76 -2.88
CA ILE DB 359 -4.44 98.40 -3.26
C ILE DB 359 -4.71 97.60 -1.99
N ARG DB 360 -5.84 96.91 -1.95
CA ARG DB 360 -6.27 96.13 -0.79
C ARG DB 360 -6.73 94.76 -1.26
N ILE DB 361 -6.44 93.73 -0.49
CA ILE DB 361 -6.76 92.36 -0.86
C ILE DB 361 -7.82 91.86 0.12
N VAL DB 362 -9.07 91.85 -0.30
CA VAL DB 362 -10.17 91.37 0.53
C VAL DB 362 -10.20 89.85 0.47
N SER DB 363 -10.40 89.21 1.61
CA SER DB 363 -10.38 87.75 1.68
C SER DB 363 -11.59 87.27 2.47
N GLN DB 364 -12.02 86.04 2.18
CA GLN DB 364 -13.21 85.47 2.79
C GLN DB 364 -13.04 83.97 2.96
N PRO DB 365 -13.67 83.39 3.97
CA PRO DB 365 -13.53 81.95 4.19
C PRO DB 365 -14.50 81.14 3.34
N ILE DB 366 -14.04 79.97 2.92
CA ILE DB 366 -14.91 78.98 2.30
C ILE DB 366 -15.26 77.96 3.38
N PRO DB 367 -16.39 78.08 4.04
CA PRO DB 367 -16.68 77.22 5.18
C PRO DB 367 -16.99 75.79 4.77
N ALA DB 368 -16.00 75.10 4.21
CA ALA DB 368 -16.13 73.67 3.95
C ALA DB 368 -15.81 72.83 5.16
N ASN DB 369 -15.51 73.46 6.30
CA ASN DB 369 -15.36 72.77 7.57
C ASN DB 369 -16.70 72.49 8.23
N HIS DB 370 -17.79 72.93 7.63
CA HIS DB 370 -19.12 72.70 8.13
C HIS DB 370 -19.44 71.21 8.24
N GLU DB 371 -20.48 70.90 9.01
CA GLU DB 371 -20.98 69.54 9.08
C GLU DB 371 -21.76 69.14 7.82
N LEU DB 372 -22.14 70.11 6.99
CA LEU DB 372 -22.80 69.78 5.74
C LEU DB 372 -21.87 69.01 4.81
N PHE DB 373 -20.59 69.38 4.77
CA PHE DB 373 -19.61 68.72 3.92
C PHE DB 373 -18.96 67.56 4.68
N ALA DB 374 -19.78 66.58 5.01
CA ALA DB 374 -19.31 65.34 5.62
C ALA DB 374 -18.97 64.35 4.54
N GLY DB 375 -17.93 63.55 4.79
CA GLY DB 375 -17.42 62.64 3.80
C GLY DB 375 -16.18 63.13 3.09
N MET DB 376 -15.89 64.42 3.16
CA MET DB 376 -14.62 64.94 2.68
C MET DB 376 -13.80 65.44 3.87
N LYS DB 377 -12.49 65.29 3.77
CA LYS DB 377 -11.58 65.72 4.82
C LYS DB 377 -11.04 67.09 4.43
N THR DB 378 -11.35 68.10 5.23
CA THR DB 378 -11.01 69.48 4.93
C THR DB 378 -10.20 70.08 6.05
N THR DB 379 -9.17 70.84 5.68
CA THR DB 379 -8.39 71.62 6.63
C THR DB 379 -8.15 72.99 6.02
N SER DB 380 -7.69 73.92 6.85
CA SER DB 380 -7.26 75.19 6.32
C SER DB 380 -5.99 75.01 5.51
N PHE DB 381 -5.57 76.07 4.83
CA PHE DB 381 -4.38 76.02 3.99
C PHE DB 381 -3.77 77.41 4.01
N SER DB 382 -2.78 77.61 4.88
CA SER DB 382 -2.16 78.92 5.02
C SER DB 382 -1.13 79.09 3.92
N ILE DB 383 -1.35 80.03 3.02
CA ILE DB 383 -0.31 80.34 2.03
C ILE DB 383 0.72 81.24 2.70
N PRO DB 384 1.99 80.89 2.70
CA PRO DB 384 3.00 81.81 3.20
C PRO DB 384 3.25 82.91 2.18
N ASP DB 385 4.28 83.72 2.38
CA ASP DB 385 4.52 84.86 1.51
C ASP DB 385 3.31 85.78 1.55
N VAL DB 386 2.39 85.63 0.60
CA VAL DB 386 1.15 86.38 0.65
C VAL DB 386 0.34 85.90 1.85
N GLY DB 387 -0.23 86.84 2.60
CA GLY DB 387 -0.87 86.47 3.84
C GLY DB 387 -2.30 86.02 3.70
N LEU DB 388 -2.55 84.97 2.93
CA LEU DB 388 -3.90 84.52 2.65
C LEU DB 388 -4.10 83.10 3.15
N ASN DB 389 -5.37 82.73 3.30
CA ASN DB 389 -5.77 81.41 3.77
C ASN DB 389 -6.83 80.84 2.85
N GLY DB 390 -6.63 79.59 2.42
CA GLY DB 390 -7.66 78.90 1.68
C GLY DB 390 -8.02 77.61 2.38
N ILE DB 391 -8.58 76.66 1.65
CA ILE DB 391 -8.92 75.35 2.20
C ILE DB 391 -8.27 74.27 1.34
N PHE DB 392 -8.03 73.13 1.97
CA PHE DB 392 -7.50 71.95 1.31
C PHE DB 392 -8.39 70.77 1.67
N ALA DB 393 -8.97 70.12 0.67
CA ALA DB 393 -9.95 69.07 0.92
C ALA DB 393 -9.68 67.87 0.03
N THR DB 394 -9.86 66.69 0.58
CA THR DB 394 -9.77 65.44 -0.18
C THR DB 394 -11.04 64.62 0.00
N GLN DB 395 -11.45 63.95 -1.06
CA GLN DB 395 -12.63 63.10 -1.03
C GLN DB 395 -12.39 61.87 -1.87
N GLY DB 396 -12.78 60.72 -1.33
CA GLY DB 396 -12.52 59.46 -2.00
C GLY DB 396 -13.74 58.79 -2.58
N ASP DB 397 -13.72 58.56 -3.88
CA ASP DB 397 -14.82 57.88 -4.57
C ASP DB 397 -14.50 56.39 -4.62
N ILE DB 398 -15.37 55.58 -4.02
CA ILE DB 398 -15.09 54.15 -3.88
C ILE DB 398 -15.77 53.32 -4.95
N SER DB 399 -16.66 53.91 -5.74
CA SER DB 399 -17.17 53.19 -6.91
C SER DB 399 -16.05 52.87 -7.88
N THR DB 400 -15.05 53.75 -7.97
CA THR DB 400 -13.92 53.56 -8.85
C THR DB 400 -12.59 53.45 -8.12
N LEU DB 401 -12.59 53.48 -6.79
CA LEU DB 401 -11.37 53.30 -5.98
C LEU DB 401 -10.31 54.36 -6.31
N SER DB 402 -10.74 55.60 -6.50
CA SER DB 402 -9.82 56.70 -6.72
C SER DB 402 -10.14 57.85 -5.77
N GLY DB 403 -9.48 58.99 -5.94
CA GLY DB 403 -9.65 60.11 -5.04
C GLY DB 403 -9.73 61.43 -5.79
N LEU DB 404 -9.89 62.49 -5.02
CA LEU DB 404 -9.95 63.85 -5.55
C LEU DB 404 -9.40 64.79 -4.50
N CYS DB 405 -8.53 65.71 -4.91
CA CYS DB 405 -7.94 66.66 -4.00
C CYS DB 405 -8.11 68.07 -4.57
N ARG DB 406 -8.43 69.02 -3.71
CA ARG DB 406 -8.71 70.39 -4.12
C ARG DB 406 -8.11 71.36 -3.14
N ILE DB 407 -7.62 72.49 -3.66
CA ILE DB 407 -7.05 73.56 -2.86
C ILE DB 407 -7.69 74.85 -3.35
N ALA DB 408 -8.60 75.40 -2.56
CA ALA DB 408 -9.35 76.57 -2.98
C ALA DB 408 -8.92 77.79 -2.18
N LEU DB 409 -9.06 78.97 -2.79
CA LEU DB 409 -8.65 80.21 -2.16
C LEU DB 409 -9.49 81.35 -2.69
N TRP DB 410 -10.18 82.06 -1.81
CA TRP DB 410 -11.14 83.09 -2.18
C TRP DB 410 -10.64 84.45 -1.74
N TYR DB 411 -10.58 85.39 -2.67
CA TYR DB 411 -10.06 86.74 -2.40
C TYR DB 411 -10.44 87.63 -3.58
N GLY DB 412 -10.12 88.91 -3.43
CA GLY DB 412 -10.36 89.88 -4.48
C GLY DB 412 -9.53 91.13 -4.28
N VAL DB 413 -8.85 91.58 -5.32
CA VAL DB 413 -8.00 92.76 -5.24
C VAL DB 413 -8.84 93.98 -5.57
N ASN DB 414 -8.60 95.08 -4.86
CA ASN DB 414 -9.36 96.30 -5.05
C ASN DB 414 -8.44 97.49 -5.03
N ALA DB 415 -8.70 98.43 -5.94
CA ALA DB 415 -7.96 99.69 -5.99
C ALA DB 415 -8.90 100.77 -5.46
N THR DB 416 -8.88 100.96 -4.15
CA THR DB 416 -9.83 101.88 -3.55
C THR DB 416 -9.53 103.34 -3.88
N ARG DB 417 -8.28 103.64 -4.24
CA ARG DB 417 -7.89 104.99 -4.65
C ARG DB 417 -7.15 104.87 -5.97
N PRO DB 418 -7.87 104.79 -7.09
CA PRO DB 418 -7.20 104.74 -8.39
C PRO DB 418 -6.40 105.98 -8.71
N GLU DB 419 -6.71 107.13 -8.09
CA GLU DB 419 -5.95 108.35 -8.35
C GLU DB 419 -4.63 108.36 -7.61
N ALA DB 420 -4.42 107.45 -6.67
CA ALA DB 420 -3.14 107.33 -5.99
C ALA DB 420 -2.26 106.24 -6.56
N ILE DB 421 -2.72 105.55 -7.60
CA ILE DB 421 -1.92 104.55 -8.30
C ILE DB 421 -1.44 105.16 -9.60
N GLY DB 422 -0.27 104.71 -10.06
CA GLY DB 422 0.33 105.29 -11.24
C GLY DB 422 1.04 104.25 -12.09
N VAL DB 423 1.38 104.65 -13.30
CA VAL DB 423 2.07 103.80 -14.26
C VAL DB 423 3.15 104.60 -14.95
N GLY DB 424 4.38 104.10 -14.92
CA GLY DB 424 5.49 104.71 -15.64
C GLY DB 424 5.68 104.02 -16.98
N LEU DB 425 5.78 104.83 -18.03
CA LEU DB 425 5.81 104.35 -19.41
C LEU DB 425 6.97 105.00 -20.12
N PRO DB 426 8.16 104.42 -20.03
CA PRO DB 426 9.30 104.95 -20.78
C PRO DB 426 9.17 104.64 -22.27
N GLY DB 427 9.83 105.46 -23.07
CA GLY DB 427 9.88 105.24 -24.50
C GLY DB 427 8.57 105.37 -25.23
N GLN DB 428 7.73 106.32 -24.81
CA GLN DB 428 6.43 106.51 -25.44
C GLN DB 428 6.53 107.54 -26.58
N THR DB 429 7.32 107.19 -27.57
CA THR DB 429 7.47 107.99 -28.76
C THR DB 429 6.78 107.31 -29.94
N ALA DB 430 6.85 107.94 -31.11
CA ALA DB 430 6.26 107.42 -32.33
C ALA DB 430 4.76 107.18 -32.15
N THR EB 10 -42.04 35.52 7.55
CA THR EB 10 -43.13 35.43 8.57
C THR EB 10 -42.59 35.85 9.94
N LEU EB 11 -42.39 37.16 10.13
CA LEU EB 11 -41.94 37.66 11.45
C LEU EB 11 -43.17 37.75 12.37
N ALA EB 12 -43.03 37.37 13.64
CA ALA EB 12 -44.17 37.37 14.56
C ALA EB 12 -43.71 37.82 15.94
N VAL EB 13 -44.62 38.37 16.75
CA VAL EB 13 -44.22 38.90 18.08
C VAL EB 13 -45.03 38.22 19.18
N ASP EB 14 -44.79 38.59 20.44
CA ASP EB 14 -45.51 37.99 21.60
C ASP EB 14 -46.44 39.03 22.22
N GLU EB 15 -46.49 40.23 21.65
CA GLU EB 15 -47.43 41.27 22.15
C GLU EB 15 -48.83 40.94 21.66
N ILE EB 16 -49.76 40.70 22.58
CA ILE EB 16 -51.14 40.30 22.19
C ILE EB 16 -52.02 41.56 22.08
N ILE EB 17 -52.80 41.65 21.01
CA ILE EB 17 -53.75 42.74 20.75
C ILE EB 17 -55.02 42.40 21.52
N GLU EB 18 -55.21 43.04 22.66
CA GLU EB 18 -56.40 42.80 23.46
C GLU EB 18 -57.62 43.36 22.75
N THR EB 19 -58.66 42.55 22.64
CA THR EB 19 -59.81 42.90 21.81
C THR EB 19 -61.13 42.99 22.57
N ILE EB 20 -61.34 42.18 23.61
CA ILE EB 20 -62.61 42.18 24.33
C ILE EB 20 -62.35 42.30 25.82
N SER EB 21 -63.37 42.82 26.52
CA SER EB 21 -63.28 43.00 27.96
C SER EB 21 -64.69 42.97 28.51
N ALA EB 22 -65.03 41.92 29.26
CA ALA EB 22 -66.37 41.71 29.76
C ALA EB 22 -66.47 42.08 31.24
N ILE EB 23 -67.67 42.48 31.64
CA ILE EB 23 -67.99 42.82 33.03
C ILE EB 23 -69.20 42.01 33.45
N THR EB 24 -69.12 41.41 34.64
CA THR EB 24 -70.15 40.49 35.13
C THR EB 24 -70.62 40.96 36.50
N PRO EB 25 -71.54 41.92 36.55
CA PRO EB 25 -71.99 42.43 37.85
C PRO EB 25 -73.05 41.57 38.55
N MET EB 26 -73.93 40.95 37.78
CA MET EB 26 -75.01 40.17 38.38
C MET EB 26 -74.48 38.96 39.11
N ALA EB 27 -73.52 38.25 38.52
CA ALA EB 27 -72.93 37.11 39.19
C ALA EB 27 -72.14 37.52 40.42
N GLN EB 28 -71.71 38.78 40.48
CA GLN EB 28 -71.07 39.28 41.69
C GLN EB 28 -72.11 39.50 42.78
N LYS EB 29 -73.24 40.11 42.42
CA LYS EB 29 -74.29 40.39 43.39
C LYS EB 29 -75.01 39.14 43.85
N ALA EB 30 -74.98 38.06 43.07
CA ALA EB 30 -75.66 36.84 43.43
C ALA EB 30 -74.90 36.09 44.53
N LYS EB 31 -75.59 35.76 45.61
CA LYS EB 31 -74.97 35.02 46.70
C LYS EB 31 -74.78 33.56 46.30
N LYS EB 32 -73.68 32.98 46.77
CA LYS EB 32 -73.27 31.65 46.36
C LYS EB 32 -73.35 30.69 47.54
N TYR EB 33 -73.95 29.52 47.30
CA TYR EB 33 -74.26 28.55 48.34
C TYR EB 33 -73.57 27.24 48.00
N THR EB 34 -72.94 26.62 49.00
CA THR EB 34 -72.14 25.41 48.80
C THR EB 34 -72.53 24.36 49.85
N PRO EB 35 -73.60 23.61 49.59
CA PRO EB 35 -74.06 22.62 50.55
C PRO EB 35 -73.16 21.40 50.57
N PRO EB 36 -73.28 20.55 51.60
CA PRO EB 36 -72.37 19.39 51.71
C PRO EB 36 -72.57 18.39 50.57
N ALA EB 37 -71.46 18.05 49.93
CA ALA EB 37 -71.50 17.18 48.75
C ALA EB 37 -71.86 15.74 49.11
N ALA EB 38 -71.42 15.27 50.28
CA ALA EB 38 -71.70 13.89 50.66
C ALA EB 38 -73.20 13.64 50.78
N SER EB 39 -73.92 14.60 51.36
CA SER EB 39 -75.37 14.49 51.44
C SER EB 39 -76.04 14.81 50.12
N MET EB 40 -75.51 15.78 49.37
CA MET EB 40 -76.10 16.12 48.08
C MET EB 40 -76.02 14.98 47.08
N GLN EB 41 -75.04 14.08 47.25
CA GLN EB 41 -74.96 12.94 46.35
C GLN EB 41 -76.20 12.07 46.44
N ARG EB 42 -76.71 11.87 47.64
CA ARG EB 42 -77.89 11.04 47.86
C ARG EB 42 -79.19 11.80 47.72
N SER EB 43 -79.23 13.06 48.14
CA SER EB 43 -80.48 13.80 48.07
C SER EB 43 -80.91 14.11 46.67
N SER EB 44 -80.16 13.64 45.68
CA SER EB 44 -80.44 13.87 44.26
C SER EB 44 -80.23 15.33 43.87
N ASN EB 45 -79.16 15.93 44.39
CA ASN EB 45 -78.78 17.30 44.05
C ASN EB 45 -79.91 18.28 44.30
N THR EB 46 -80.69 18.03 45.34
CA THR EB 46 -81.78 18.92 45.73
C THR EB 46 -81.68 19.17 47.23
N ILE EB 47 -81.95 20.40 47.64
CA ILE EB 47 -82.02 20.73 49.06
C ILE EB 47 -83.18 21.68 49.28
N TRP EB 48 -83.95 21.43 50.33
CA TRP EB 48 -85.17 22.17 50.59
C TRP EB 48 -84.95 23.19 51.70
N MET EB 49 -85.64 24.32 51.60
CA MET EB 49 -85.57 25.40 52.57
C MET EB 49 -86.98 25.82 52.95
N PRO EB 50 -87.21 26.19 54.20
CA PRO EB 50 -88.55 26.67 54.59
C PRO EB 50 -88.82 28.07 54.06
N VAL EB 51 -90.06 28.49 54.24
CA VAL EB 51 -90.49 29.84 53.88
C VAL EB 51 -91.08 30.49 55.12
N GLU EB 52 -90.72 31.75 55.34
CA GLU EB 52 -91.20 32.52 56.49
C GLU EB 52 -92.68 32.30 56.73
N GLN EB 53 -93.02 31.92 57.95
CA GLN EB 53 -94.39 31.53 58.25
C GLN EB 53 -95.31 32.74 58.31
N GLU EB 54 -96.54 32.54 57.84
CA GLU EB 54 -97.61 33.53 57.93
C GLU EB 54 -98.76 32.92 58.70
N SER EB 55 -99.35 33.70 59.61
CA SER EB 55 -100.32 33.12 60.51
C SER EB 55 -101.72 33.69 60.27
N PRO EB 56 -102.76 32.93 60.53
CA PRO EB 56 -104.12 33.45 60.45
C PRO EB 56 -104.52 34.12 61.77
N THR EB 57 -105.69 34.74 61.74
CA THR EB 57 -106.24 35.42 62.91
C THR EB 57 -107.75 35.29 62.90
N GLN EB 58 -108.35 35.47 64.08
CA GLN EB 58 -109.80 35.44 64.24
C GLN EB 58 -110.24 36.60 65.10
N GLU EB 59 -111.54 36.80 65.15
CA GLU EB 59 -112.17 37.85 65.95
C GLU EB 59 -113.27 37.23 66.79
N GLY EB 60 -113.45 37.73 68.00
CA GLY EB 60 -114.54 37.30 68.85
C GLY EB 60 -114.04 36.58 70.09
N TRP EB 61 -114.98 36.34 71.00
CA TRP EB 61 -114.69 35.72 72.28
C TRP EB 61 -114.76 34.20 72.20
N ASP EB 62 -115.92 33.68 71.86
CA ASP EB 62 -116.17 32.23 71.83
C ASP EB 62 -115.78 31.70 70.46
N LEU EB 63 -114.67 30.98 70.40
CA LEU EB 63 -114.16 30.44 69.15
C LEU EB 63 -113.85 28.96 69.30
N THR EB 64 -114.78 28.21 69.89
CA THR EB 64 -114.63 26.78 70.03
C THR EB 64 -114.62 26.10 68.67
N ASP EB 65 -113.81 25.06 68.53
CA ASP EB 65 -113.67 24.26 67.33
C ASP EB 65 -113.11 25.06 66.15
N LYS EB 66 -112.69 26.30 66.38
CA LYS EB 66 -112.11 27.12 65.34
C LYS EB 66 -110.60 27.23 65.44
N ALA EB 67 -109.98 26.40 66.30
CA ALA EB 67 -108.53 26.39 66.41
C ALA EB 67 -107.91 25.85 65.14
N THR EB 68 -106.90 26.55 64.63
CA THR EB 68 -106.20 26.17 63.42
C THR EB 68 -104.99 25.30 63.74
N GLY EB 69 -104.38 24.75 62.70
CA GLY EB 69 -103.14 24.02 62.80
C GLY EB 69 -101.96 24.90 62.46
N LEU EB 70 -100.88 24.27 62.01
CA LEU EB 70 -99.70 24.98 61.56
C LEU EB 70 -99.37 24.51 60.15
N LEU EB 71 -98.84 25.42 59.34
CA LEU EB 71 -98.52 25.08 57.96
C LEU EB 71 -97.33 25.92 57.51
N GLU EB 72 -96.21 25.26 57.27
CA GLU EB 72 -94.96 25.93 56.93
C GLU EB 72 -94.51 25.44 55.56
N LEU EB 73 -94.49 26.34 54.59
CA LEU EB 73 -94.18 25.99 53.21
C LEU EB 73 -92.67 25.90 53.01
N ASN EB 74 -92.29 25.45 51.82
CA ASN EB 74 -90.87 25.28 51.49
C ASN EB 74 -90.64 25.53 50.01
N VAL EB 75 -89.38 25.71 49.66
CA VAL EB 75 -88.94 25.74 48.27
C VAL EB 75 -87.74 24.81 48.15
N ALA EB 76 -87.40 24.46 46.92
CA ALA EB 76 -86.32 23.53 46.63
C ALA EB 76 -85.31 24.19 45.72
N VAL EB 77 -84.03 23.99 46.00
CA VAL EB 77 -82.96 24.50 45.17
C VAL EB 77 -82.11 23.32 44.70
N ASN EB 78 -81.85 23.28 43.40
CA ASN EB 78 -81.19 22.17 42.75
C ASN EB 78 -80.12 22.72 41.82
N MET EB 79 -79.58 21.87 40.96
CA MET EB 79 -78.50 22.28 40.07
C MET EB 79 -78.56 21.49 38.79
N GLY EB 80 -77.95 22.04 37.74
CA GLY EB 80 -78.04 21.47 36.42
C GLY EB 80 -76.91 20.54 36.05
N GLU EB 81 -76.11 20.96 35.08
CA GLU EB 81 -75.06 20.13 34.50
C GLU EB 81 -73.77 20.94 34.41
N PRO EB 82 -72.63 20.27 34.37
CA PRO EB 82 -71.35 20.99 34.26
C PRO EB 82 -71.29 21.85 33.02
N ASP EB 83 -70.31 22.74 33.01
CA ASP EB 83 -70.03 23.62 31.88
C ASP EB 83 -68.54 23.53 31.62
N ASN EB 84 -68.15 22.96 30.48
CA ASN EB 84 -66.78 22.54 30.24
C ASN EB 84 -66.13 23.34 29.12
N ASP EB 85 -64.82 23.19 29.01
CA ASP EB 85 -64.03 23.67 27.89
C ASP EB 85 -63.04 22.60 27.44
N PHE EB 86 -63.56 21.40 27.22
CA PHE EB 86 -62.79 20.30 26.65
C PHE EB 86 -62.13 20.73 25.34
N PHE EB 87 -60.80 20.64 25.27
CA PHE EB 87 -60.08 20.88 24.04
C PHE EB 87 -58.82 20.02 24.00
N GLN EB 88 -58.29 19.84 22.80
CA GLN EB 88 -57.25 18.85 22.53
C GLN EB 88 -56.01 19.53 21.96
N LEU EB 89 -54.84 19.06 22.41
CA LEU EB 89 -53.57 19.73 22.17
C LEU EB 89 -52.63 18.80 21.43
N ARG EB 90 -52.43 19.06 20.15
CA ARG EB 90 -51.44 18.31 19.37
C ARG EB 90 -50.05 18.80 19.75
N ALA EB 91 -49.15 17.86 20.00
CA ALA EB 91 -47.85 18.19 20.59
C ALA EB 91 -46.82 18.64 19.56
N ASP EB 92 -47.14 18.60 18.28
CA ASP EB 92 -46.19 18.99 17.24
C ASP EB 92 -46.55 20.31 16.55
N ASP EB 93 -47.83 20.71 16.59
CA ASP EB 93 -48.24 21.92 15.90
C ASP EB 93 -47.76 23.15 16.67
N LEU EB 94 -46.88 23.95 16.04
CA LEU EB 94 -46.35 25.12 16.72
C LEU EB 94 -47.46 26.10 17.08
N ARG EB 95 -48.47 26.23 16.21
CA ARG EB 95 -49.57 27.13 16.50
C ARG EB 95 -50.45 26.64 17.65
N ASP EB 96 -50.41 25.35 17.97
CA ASP EB 96 -51.02 24.88 19.20
C ASP EB 96 -50.12 25.07 20.40
N GLU EB 97 -48.80 24.90 20.24
CA GLU EB 97 -47.91 25.11 21.37
C GLU EB 97 -47.93 26.57 21.81
N THR EB 98 -48.14 27.49 20.87
CA THR EB 98 -48.04 28.91 21.16
C THR EB 98 -49.23 29.46 21.93
N ALA EB 99 -50.43 28.92 21.73
CA ALA EB 99 -51.65 29.55 22.20
C ALA EB 99 -52.29 28.87 23.40
N TYR EB 100 -51.62 27.89 24.01
CA TYR EB 100 -52.29 27.03 24.99
C TYR EB 100 -52.64 27.80 26.27
N ARG EB 101 -51.68 28.53 26.83
CA ARG EB 101 -51.93 29.22 28.09
C ARG EB 101 -52.93 30.34 27.93
N ARG EB 102 -52.87 31.06 26.82
CA ARG EB 102 -53.86 32.08 26.55
C ARG EB 102 -55.23 31.47 26.29
N ARG EB 103 -55.28 30.24 25.77
CA ARG EB 103 -56.55 29.54 25.66
C ARG EB 103 -57.11 29.20 27.03
N ILE EB 104 -56.25 28.85 27.98
CA ILE EB 104 -56.72 28.63 29.35
C ILE EB 104 -57.30 29.92 29.94
N GLN EB 105 -56.62 31.04 29.73
CA GLN EB 105 -57.14 32.32 30.20
C GLN EB 105 -58.51 32.63 29.60
N SER EB 106 -58.64 32.44 28.28
CA SER EB 106 -59.92 32.67 27.62
C SER EB 106 -60.99 31.71 28.13
N ALA EB 107 -60.61 30.49 28.48
CA ALA EB 107 -61.56 29.55 29.05
C ALA EB 107 -62.11 30.08 30.36
N ALA EB 108 -61.25 30.60 31.22
CA ALA EB 108 -61.74 31.15 32.48
C ALA EB 108 -62.69 32.33 32.23
N ARG EB 109 -62.33 33.22 31.31
CA ARG EB 109 -63.19 34.37 31.03
C ARG EB 109 -64.54 33.94 30.50
N LYS EB 110 -64.56 32.98 29.56
CA LYS EB 110 -65.82 32.55 28.98
C LYS EB 110 -66.67 31.76 29.95
N LEU EB 111 -66.06 31.00 30.86
CA LEU EB 111 -66.83 30.32 31.89
C LEU EB 111 -67.53 31.32 32.81
N ALA EB 112 -66.80 32.36 33.22
CA ALA EB 112 -67.45 33.39 34.05
C ALA EB 112 -68.58 34.07 33.28
N ASN EB 113 -68.35 34.36 32.00
CA ASN EB 113 -69.40 34.96 31.18
C ASN EB 113 -70.63 34.08 31.11
N ASN EB 114 -70.44 32.76 30.94
CA ASN EB 114 -71.58 31.85 30.92
C ASN EB 114 -72.35 31.90 32.22
N VAL EB 115 -71.64 31.93 33.35
CA VAL EB 115 -72.32 31.97 34.65
C VAL EB 115 -73.22 33.20 34.74
N GLU EB 116 -72.67 34.38 34.43
CA GLU EB 116 -73.48 35.57 34.63
C GLU EB 116 -74.58 35.70 33.59
N LEU EB 117 -74.36 35.17 32.38
CA LEU EB 117 -75.45 35.11 31.41
C LEU EB 117 -76.60 34.24 31.89
N LYS EB 118 -76.28 33.10 32.52
CA LYS EB 118 -77.33 32.26 33.07
C LYS EB 118 -78.08 32.97 34.17
N VAL EB 119 -77.36 33.68 35.04
CA VAL EB 119 -78.01 34.46 36.09
C VAL EB 119 -79.00 35.45 35.49
N ALA EB 120 -78.55 36.20 34.47
CA ALA EB 120 -79.41 37.20 33.84
C ALA EB 120 -80.63 36.56 33.21
N ASN EB 121 -80.45 35.43 32.51
CA ASN EB 121 -81.57 34.81 31.83
C ASN EB 121 -82.61 34.29 32.81
N MET EB 122 -82.16 33.65 33.90
CA MET EB 122 -83.13 33.17 34.88
C MET EB 122 -83.85 34.34 35.57
N ALA EB 123 -83.11 35.40 35.89
CA ALA EB 123 -83.75 36.55 36.52
C ALA EB 123 -84.79 37.18 35.61
N ALA EB 124 -84.50 37.26 34.32
CA ALA EB 124 -85.44 37.86 33.39
C ALA EB 124 -86.63 36.96 33.11
N GLU EB 125 -86.43 35.64 33.13
CA GLU EB 125 -87.48 34.71 32.75
C GLU EB 125 -88.28 34.17 33.93
N MET EB 126 -87.90 34.46 35.16
CA MET EB 126 -88.70 34.06 36.30
C MET EB 126 -89.04 35.23 37.20
N GLY EB 127 -88.98 36.44 36.68
CA GLY EB 127 -89.35 37.60 37.46
C GLY EB 127 -90.84 37.84 37.41
N SER EB 128 -91.52 37.69 38.55
CA SER EB 128 -92.97 37.87 38.58
C SER EB 128 -93.36 39.32 38.40
N LEU EB 129 -92.74 40.22 39.16
CA LEU EB 129 -93.07 41.64 39.07
C LEU EB 129 -92.75 42.16 37.67
N VAL EB 130 -93.69 42.88 37.07
CA VAL EB 130 -93.56 43.35 35.70
C VAL EB 130 -93.96 44.82 35.67
N ILE EB 131 -93.05 45.68 35.25
CA ILE EB 131 -93.29 47.12 35.19
C ILE EB 131 -93.19 47.51 33.72
N THR EB 132 -94.33 47.69 33.07
CA THR EB 132 -94.37 48.00 31.65
C THR EB 132 -94.63 49.49 31.44
N SER EB 133 -94.20 49.98 30.27
CA SER EB 133 -94.49 51.33 29.87
C SER EB 133 -94.93 51.35 28.40
N PRO EB 134 -95.89 52.20 28.05
CA PRO EB 134 -96.33 52.27 26.64
C PRO EB 134 -95.42 53.09 25.75
N ASP EB 135 -94.38 53.73 26.29
CA ASP EB 135 -93.48 54.55 25.51
C ASP EB 135 -92.05 54.30 25.97
N ALA EB 136 -91.10 54.70 25.14
CA ALA EB 136 -89.69 54.48 25.43
C ALA EB 136 -89.25 55.37 26.59
N ILE EB 137 -88.04 55.10 27.08
CA ILE EB 137 -87.52 55.84 28.22
C ILE EB 137 -87.01 57.23 27.82
N GLY EB 138 -86.71 57.45 26.55
CA GLY EB 138 -86.36 58.78 26.12
C GLY EB 138 -87.52 59.67 25.77
N THR EB 139 -88.76 59.23 26.02
CA THR EB 139 -89.92 59.96 25.53
C THR EB 139 -90.17 61.22 26.35
N ASN EB 140 -90.47 61.06 27.63
CA ASN EB 140 -90.77 62.18 28.51
C ASN EB 140 -89.58 62.47 29.41
N THR EB 141 -89.74 63.47 30.27
CA THR EB 141 -88.70 63.83 31.22
C THR EB 141 -88.90 63.07 32.52
N ALA EB 142 -87.78 62.58 33.06
CA ALA EB 142 -87.75 61.81 34.31
C ALA EB 142 -88.54 60.50 34.22
N ASP EB 143 -88.70 59.93 33.02
CA ASP EB 143 -89.37 58.65 32.94
C ASP EB 143 -88.46 57.47 33.27
N ALA EB 144 -87.13 57.64 33.21
CA ALA EB 144 -86.25 56.65 33.78
C ALA EB 144 -86.42 56.58 35.29
N TRP EB 145 -86.48 57.75 35.93
CA TRP EB 145 -86.81 57.78 37.35
C TRP EB 145 -88.20 57.22 37.60
N ASN EB 146 -89.14 57.45 36.69
CA ASN EB 146 -90.46 56.83 36.83
C ASN EB 146 -90.36 55.31 36.83
N PHE EB 147 -89.56 54.73 35.95
CA PHE EB 147 -89.35 53.29 35.96
C PHE EB 147 -88.81 52.81 37.30
N VAL EB 148 -87.71 53.41 37.75
CA VAL EB 148 -87.06 52.93 38.96
C VAL EB 148 -87.99 53.11 40.16
N ALA EB 149 -88.70 54.23 40.22
CA ALA EB 149 -89.63 54.46 41.31
C ALA EB 149 -90.84 53.55 41.24
N ASP EB 150 -91.28 53.16 40.05
CA ASP EB 150 -92.36 52.20 39.93
C ASP EB 150 -91.94 50.84 40.47
N ALA EB 151 -90.71 50.44 40.19
CA ALA EB 151 -90.20 49.20 40.77
C ALA EB 151 -90.14 49.28 42.29
N GLU EB 152 -89.60 50.38 42.80
CA GLU EB 152 -89.56 50.58 44.25
C GLU EB 152 -90.96 50.55 44.86
N GLU EB 153 -91.92 51.20 44.21
CA GLU EB 153 -93.26 51.28 44.76
C GLU EB 153 -93.95 49.93 44.76
N ILE EB 154 -93.80 49.14 43.69
CA ILE EB 154 -94.46 47.85 43.69
C ILE EB 154 -93.87 46.94 44.74
N MET EB 155 -92.54 46.98 44.93
CA MET EB 155 -91.96 46.20 46.02
C MET EB 155 -92.50 46.64 47.38
N PHE EB 156 -92.53 47.95 47.62
CA PHE EB 156 -93.00 48.45 48.90
C PHE EB 156 -94.45 48.04 49.16
N SER EB 157 -95.32 48.21 48.17
CA SER EB 157 -96.72 47.86 48.33
C SER EB 157 -96.91 46.37 48.55
N ARG EB 158 -96.18 45.50 47.87
CA ARG EB 158 -96.32 44.05 48.13
C ARG EB 158 -95.66 43.69 49.46
N GLU EB 159 -94.92 44.61 50.08
CA GLU EB 159 -94.35 44.35 51.40
C GLU EB 159 -93.40 43.18 51.36
N LEU EB 160 -92.57 43.14 50.33
CA LEU EB 160 -91.56 42.11 50.21
C LEU EB 160 -90.34 42.48 51.05
N ASN EB 161 -89.65 41.46 51.54
CA ASN EB 161 -88.44 41.71 52.32
C ASN EB 161 -87.36 42.27 51.43
N ARG EB 162 -86.72 43.35 51.88
CA ARG EB 162 -85.63 43.99 51.16
C ARG EB 162 -84.49 44.32 52.09
N ASP EB 163 -84.30 43.49 53.12
CA ASP EB 163 -83.33 43.81 54.16
C ASP EB 163 -81.89 43.69 53.66
N MET EB 164 -81.63 42.71 52.79
CA MET EB 164 -80.26 42.53 52.31
C MET EB 164 -79.88 43.58 51.27
N GLY EB 165 -80.85 44.10 50.53
CA GLY EB 165 -80.58 45.13 49.55
C GLY EB 165 -81.43 45.00 48.32
N THR EB 166 -81.26 45.91 47.37
CA THR EB 166 -82.01 45.90 46.12
C THR EB 166 -81.07 46.27 44.99
N SER EB 167 -81.45 45.91 43.77
CA SER EB 167 -80.59 46.17 42.63
C SER EB 167 -81.46 46.38 41.40
N TYR EB 168 -81.05 47.32 40.55
CA TYR EB 168 -81.71 47.60 39.29
C TYR EB 168 -80.65 47.63 38.20
N PHE EB 169 -80.76 46.71 37.24
CA PHE EB 169 -79.83 46.63 36.12
C PHE EB 169 -80.52 47.17 34.88
N PHE EB 170 -79.95 48.23 34.31
CA PHE EB 170 -80.34 48.79 33.03
C PHE EB 170 -79.56 48.10 31.93
N ASN EB 171 -80.15 48.06 30.74
CA ASN EB 171 -79.35 47.76 29.58
C ASN EB 171 -78.72 49.05 29.07
N PRO EB 172 -77.64 48.96 28.28
CA PRO EB 172 -76.94 50.20 27.87
C PRO EB 172 -77.82 51.19 27.15
N GLN EB 173 -78.80 50.72 26.37
CA GLN EB 173 -79.71 51.63 25.69
C GLN EB 173 -80.42 52.55 26.68
N ASP EB 174 -81.06 51.96 27.69
CA ASP EB 174 -81.82 52.74 28.64
C ASP EB 174 -80.93 53.47 29.62
N TYR EB 175 -79.74 52.97 29.90
CA TYR EB 175 -78.79 53.75 30.69
C TYR EB 175 -78.44 55.05 29.98
N LYS EB 176 -78.16 54.97 28.67
CA LYS EB 176 -77.89 56.20 27.93
C LYS EB 176 -79.10 57.09 27.87
N LYS EB 177 -80.30 56.50 27.75
CA LYS EB 177 -81.51 57.32 27.73
C LYS EB 177 -81.66 58.10 29.04
N ALA EB 178 -81.40 57.45 30.17
CA ALA EB 178 -81.46 58.13 31.46
C ALA EB 178 -80.39 59.22 31.57
N GLY EB 179 -79.18 58.94 31.09
CA GLY EB 179 -78.16 59.97 31.08
C GLY EB 179 -78.54 61.17 30.22
N TYR EB 180 -79.15 60.91 29.07
CA TYR EB 180 -79.63 61.99 28.21
C TYR EB 180 -80.69 62.80 28.93
N ASP EB 181 -81.61 62.12 29.61
CA ASP EB 181 -82.63 62.81 30.39
C ASP EB 181 -81.99 63.72 31.44
N LEU EB 182 -80.89 63.26 32.04
CA LEU EB 182 -80.23 64.06 33.06
C LEU EB 182 -79.52 65.27 32.47
N THR EB 183 -78.81 65.09 31.35
CA THR EB 183 -78.05 66.21 30.80
C THR EB 183 -78.88 67.19 30.00
N LYS EB 184 -80.08 66.81 29.58
CA LYS EB 184 -80.99 67.74 28.93
C LYS EB 184 -81.68 68.68 29.92
N ARG EB 185 -81.24 68.71 31.17
CA ARG EB 185 -81.98 69.41 32.21
C ARG EB 185 -81.80 70.92 32.15
N ASP EB 186 -80.91 71.43 31.29
CA ASP EB 186 -80.62 72.85 31.18
C ASP EB 186 -80.09 73.45 32.49
N ILE EB 187 -79.59 72.59 33.38
CA ILE EB 187 -78.93 73.01 34.60
C ILE EB 187 -77.80 72.04 34.86
N PHE EB 188 -76.87 72.46 35.74
CA PHE EB 188 -75.71 71.63 36.05
C PHE EB 188 -75.37 71.82 37.53
N GLY EB 189 -75.78 70.84 38.34
CA GLY EB 189 -75.41 70.82 39.74
C GLY EB 189 -74.44 69.69 40.04
N ARG EB 190 -74.89 68.69 40.78
CA ARG EB 190 -74.11 67.50 41.06
C ARG EB 190 -74.53 66.32 40.20
N ILE EB 191 -75.83 65.99 40.22
CA ILE EB 191 -76.33 64.88 39.40
C ILE EB 191 -76.14 65.15 37.91
N PRO EB 192 -76.60 66.27 37.34
CA PRO EB 192 -76.40 66.47 35.90
C PRO EB 192 -74.95 66.64 35.53
N GLU EB 193 -74.14 67.27 36.39
CA GLU EB 193 -72.73 67.42 36.09
C GLU EB 193 -72.01 66.07 36.05
N GLU EB 194 -72.34 65.19 37.00
CA GLU EB 194 -71.77 63.85 36.95
C GLU EB 194 -72.24 63.09 35.72
N ALA EB 195 -73.54 63.19 35.40
CA ALA EB 195 -74.06 62.51 34.22
C ALA EB 195 -73.50 63.06 32.93
N TYR EB 196 -73.00 64.29 32.94
CA TYR EB 196 -72.35 64.85 31.77
C TYR EB 196 -70.90 64.39 31.67
N ARG EB 197 -70.10 64.66 32.72
CA ARG EB 197 -68.68 64.31 32.66
C ARG EB 197 -68.48 62.82 32.49
N ASP EB 198 -69.22 62.01 33.25
CA ASP EB 198 -69.22 60.57 33.08
C ASP EB 198 -70.62 60.13 32.72
N GLY EB 199 -70.74 58.94 32.15
CA GLY EB 199 -72.07 58.52 31.78
C GLY EB 199 -72.98 58.20 32.94
N THR EB 200 -72.42 58.00 34.13
CA THR EB 200 -73.17 57.45 35.25
C THR EB 200 -74.28 58.39 35.67
N ILE EB 201 -75.51 57.87 35.71
CA ILE EB 201 -76.64 58.68 36.17
C ILE EB 201 -76.51 58.95 37.66
N GLN EB 202 -76.56 57.90 38.47
CA GLN EB 202 -76.24 57.94 39.88
C GLN EB 202 -76.15 56.51 40.37
N ARG EB 203 -75.53 56.34 41.54
CA ARG EB 203 -75.38 55.00 42.10
C ARG EB 203 -76.68 54.51 42.73
N GLN EB 204 -77.44 55.40 43.35
CA GLN EB 204 -78.76 55.11 43.90
C GLN EB 204 -79.78 55.96 43.20
N VAL EB 205 -80.88 55.37 42.77
CA VAL EB 205 -81.96 56.09 42.11
C VAL EB 205 -83.29 55.62 42.69
N ALA EB 206 -84.08 56.55 43.20
CA ALA EB 206 -85.47 56.30 43.57
C ALA EB 206 -85.62 55.17 44.58
N GLY EB 207 -84.68 55.08 45.52
CA GLY EB 207 -84.78 54.16 46.63
C GLY EB 207 -83.99 52.88 46.46
N PHE EB 208 -83.65 52.51 45.23
CA PHE EB 208 -82.76 51.39 45.01
C PHE EB 208 -81.35 51.77 45.45
N ASP EB 209 -80.69 50.88 46.17
CA ASP EB 209 -79.34 51.19 46.65
C ASP EB 209 -78.26 50.69 45.72
N ASP EB 210 -78.60 50.18 44.55
CA ASP EB 210 -77.59 49.81 43.56
C ASP EB 210 -78.25 49.83 42.18
N VAL EB 211 -77.97 50.87 41.41
CA VAL EB 211 -78.44 50.97 40.03
C VAL EB 211 -77.23 50.85 39.12
N LEU EB 212 -77.16 49.75 38.36
CA LEU EB 212 -76.04 49.45 37.49
C LEU EB 212 -76.53 49.32 36.06
N ARG EB 213 -75.58 49.22 35.13
CA ARG EB 213 -75.86 48.87 33.75
C ARG EB 213 -75.24 47.51 33.47
N SER EB 214 -75.96 46.68 32.70
CA SER EB 214 -75.54 45.32 32.46
C SER EB 214 -75.48 45.08 30.96
N PRO EB 215 -74.33 44.70 30.41
CA PRO EB 215 -74.22 44.57 28.95
C PRO EB 215 -74.92 43.36 28.37
N LYS EB 216 -75.35 42.40 29.18
CA LYS EB 216 -75.94 41.17 28.66
C LYS EB 216 -77.26 40.86 29.34
N LEU EB 217 -78.14 41.86 29.42
CA LEU EB 217 -79.52 41.58 29.77
C LEU EB 217 -80.26 41.07 28.54
N PRO EB 218 -81.17 40.12 28.70
CA PRO EB 218 -81.83 39.52 27.53
C PRO EB 218 -82.81 40.48 26.89
N VAL EB 219 -83.16 40.15 25.65
CA VAL EB 219 -84.24 40.82 24.93
C VAL EB 219 -85.43 39.88 24.93
N LEU EB 220 -86.58 40.36 25.40
CA LEU EB 220 -87.74 39.51 25.65
C LEU EB 220 -88.66 39.63 24.44
N THR EB 221 -88.79 38.53 23.69
CA THR EB 221 -89.54 38.54 22.45
C THR EB 221 -91.04 38.70 22.71
N LYS EB 222 -91.69 39.43 21.81
CA LYS EB 222 -93.13 39.57 21.88
C LYS EB 222 -93.82 38.23 21.73
N SER EB 223 -94.86 38.02 22.53
CA SER EB 223 -95.64 36.79 22.45
C SER EB 223 -96.68 36.91 21.35
N THR EB 224 -96.96 35.79 20.69
CA THR EB 224 -97.95 35.73 19.63
C THR EB 224 -99.33 35.40 20.16
N ALA EB 225 -99.51 35.29 21.47
CA ALA EB 225 -100.77 34.85 22.04
C ALA EB 225 -101.84 35.92 21.86
N THR EB 226 -103.05 35.49 21.49
CA THR EB 226 -104.20 36.36 21.38
C THR EB 226 -105.43 35.63 21.86
N GLY EB 227 -106.25 36.31 22.66
CA GLY EB 227 -107.55 35.79 23.04
C GLY EB 227 -107.51 34.47 23.77
N ILE EB 228 -106.66 34.36 24.78
CA ILE EB 228 -106.55 33.15 25.59
C ILE EB 228 -107.33 33.37 26.87
N THR EB 229 -108.10 32.36 27.27
CA THR EB 229 -108.94 32.43 28.45
C THR EB 229 -108.68 31.21 29.33
N VAL EB 230 -109.15 31.28 30.55
CA VAL EB 230 -108.95 30.20 31.51
C VAL EB 230 -110.05 29.16 31.36
N SER EB 231 -109.66 27.89 31.37
CA SER EB 231 -110.60 26.77 31.27
C SER EB 231 -110.90 26.26 32.67
N GLY EB 232 -112.11 26.54 33.14
CA GLY EB 232 -112.54 26.05 34.43
C GLY EB 232 -111.99 26.85 35.60
N ALA EB 233 -112.76 26.96 36.67
CA ALA EB 233 -112.26 27.59 37.88
C ALA EB 233 -111.18 26.69 38.50
N GLN EB 234 -110.07 27.30 38.91
CA GLN EB 234 -108.96 26.57 39.48
C GLN EB 234 -108.50 27.25 40.76
N SER EB 235 -108.57 26.53 41.87
CA SER EB 235 -108.14 27.03 43.16
C SER EB 235 -106.87 26.31 43.57
N PHE EB 236 -105.84 27.08 43.89
CA PHE EB 236 -104.54 26.55 44.27
C PHE EB 236 -104.36 26.72 45.76
N LYS EB 237 -103.88 25.67 46.42
CA LYS EB 237 -103.85 25.59 47.86
C LYS EB 237 -102.41 25.50 48.36
N PRO EB 238 -101.99 26.37 49.27
CA PRO EB 238 -100.62 26.30 49.80
C PRO EB 238 -100.44 25.05 50.65
N VAL EB 239 -99.62 24.12 50.18
CA VAL EB 239 -99.36 22.89 50.89
C VAL EB 239 -97.86 22.70 51.02
N ALA EB 240 -97.47 22.01 52.09
CA ALA EB 240 -96.06 21.72 52.35
C ALA EB 240 -95.64 20.34 51.90
N TRP EB 241 -96.57 19.40 51.82
CA TRP EB 241 -96.32 18.08 51.26
C TRP EB 241 -97.65 17.48 50.85
N GLN EB 242 -97.58 16.46 49.98
CA GLN EB 242 -98.78 15.72 49.63
C GLN EB 242 -98.44 14.25 49.51
N LEU EB 243 -99.46 13.41 49.65
CA LEU EB 243 -99.29 11.99 49.48
C LEU EB 243 -99.04 11.65 48.02
N ASP EB 244 -98.19 10.67 47.78
CA ASP EB 244 -97.99 10.19 46.43
C ASP EB 244 -98.75 8.87 46.25
N ASN EB 245 -98.52 8.20 45.13
CA ASN EB 245 -99.27 7.00 44.80
C ASN EB 245 -99.00 5.88 45.79
N ASP EB 246 -97.85 5.90 46.45
CA ASP EB 246 -97.43 4.84 47.36
C ASP EB 246 -97.78 5.13 48.82
N GLY EB 247 -98.39 6.27 49.10
CA GLY EB 247 -98.63 6.69 50.46
C GLY EB 247 -97.51 7.48 51.09
N ASN EB 248 -96.38 7.61 50.41
CA ASN EB 248 -95.29 8.42 50.94
C ASN EB 248 -95.60 9.90 50.78
N LYS EB 249 -95.26 10.69 51.78
CA LYS EB 249 -95.47 12.13 51.73
C LYS EB 249 -94.25 12.77 51.09
N VAL EB 250 -94.47 13.50 49.99
CA VAL EB 250 -93.39 14.15 49.26
C VAL EB 250 -93.66 15.65 49.23
N ASN EB 251 -92.59 16.43 49.17
CA ASN EB 251 -92.69 17.87 49.34
C ASN EB 251 -93.21 18.56 48.09
N VAL EB 252 -93.59 19.83 48.25
CA VAL EB 252 -94.16 20.64 47.18
C VAL EB 252 -93.39 21.96 47.10
N ASP EB 253 -92.92 22.31 45.91
CA ASP EB 253 -92.40 23.64 45.68
C ASP EB 253 -93.50 24.67 45.81
N ASN EB 254 -93.20 25.76 46.49
CA ASN EB 254 -94.16 26.83 46.71
C ASN EB 254 -94.16 27.87 45.60
N ARG EB 255 -93.32 27.71 44.58
CA ARG EB 255 -93.10 28.74 43.59
C ARG EB 255 -93.65 28.37 42.21
N PHE EB 256 -94.64 27.49 42.14
CA PHE EB 256 -95.16 27.08 40.84
C PHE EB 256 -96.65 26.79 40.98
N ALA EB 257 -97.38 27.07 39.91
CA ALA EB 257 -98.77 26.61 39.83
C ALA EB 257 -99.09 26.28 38.39
N THR EB 258 -99.76 25.15 38.17
CA THR EB 258 -100.12 24.70 36.83
C THR EB 258 -101.55 25.13 36.52
N VAL EB 259 -101.71 25.92 35.47
CA VAL EB 259 -102.97 26.53 35.09
C VAL EB 259 -103.40 25.96 33.76
N THR EB 260 -104.64 25.51 33.67
CA THR EB 260 -105.20 24.95 32.45
C THR EB 260 -105.96 26.03 31.71
N LEU EB 261 -105.45 26.43 30.56
CA LEU EB 261 -106.01 27.52 29.76
C LEU EB 261 -106.74 26.95 28.56
N SER EB 262 -107.38 27.84 27.80
CA SER EB 262 -108.11 27.41 26.61
C SER EB 262 -107.16 26.84 25.57
N ALA EB 263 -106.03 27.52 25.35
CA ALA EB 263 -105.02 27.05 24.41
C ALA EB 263 -103.73 27.79 24.70
N THR EB 264 -102.65 27.05 24.91
CA THR EB 264 -101.33 27.64 25.15
C THR EB 264 -100.50 27.64 23.88
N THR EB 265 -100.98 28.39 22.88
CA THR EB 265 -100.26 28.54 21.62
C THR EB 265 -99.66 29.94 21.56
N GLY EB 266 -98.38 30.00 21.22
CA GLY EB 266 -97.65 31.25 21.25
C GLY EB 266 -97.13 31.64 22.62
N MET EB 267 -97.31 30.79 23.63
CA MET EB 267 -96.78 31.03 24.95
C MET EB 267 -95.50 30.23 25.14
N LYS EB 268 -94.46 30.91 25.61
CA LYS EB 268 -93.16 30.29 25.82
C LYS EB 268 -92.66 30.63 27.21
N ARG EB 269 -91.58 29.97 27.61
CA ARG EB 269 -90.99 30.23 28.91
C ARG EB 269 -90.57 31.68 29.03
N GLY EB 270 -90.97 32.33 30.11
CA GLY EB 270 -90.60 33.70 30.38
C GLY EB 270 -91.62 34.75 29.98
N ASP EB 271 -92.69 34.36 29.31
CA ASP EB 271 -93.74 35.31 28.96
C ASP EB 271 -94.44 35.79 30.23
N LYS EB 272 -94.86 37.05 30.20
CA LYS EB 272 -95.49 37.70 31.34
C LYS EB 272 -96.97 37.89 31.08
N ILE EB 273 -97.80 37.44 32.02
CA ILE EB 273 -99.24 37.45 31.84
C ILE EB 273 -99.89 38.08 33.06
N SER EB 274 -101.18 38.39 32.93
CA SER EB 274 -101.98 38.86 34.04
C SER EB 274 -103.43 38.50 33.78
N PHE EB 275 -104.14 38.05 34.80
CA PHE EB 275 -105.54 37.68 34.65
C PHE EB 275 -106.43 38.87 34.96
N ALA EB 276 -107.43 39.09 34.11
CA ALA EB 276 -108.33 40.22 34.29
C ALA EB 276 -109.13 40.06 35.57
N GLY EB 277 -109.27 41.14 36.33
CA GLY EB 277 -109.97 41.13 37.59
C GLY EB 277 -109.11 40.73 38.77
N VAL EB 278 -108.20 39.78 38.58
CA VAL EB 278 -107.29 39.36 39.64
C VAL EB 278 -106.37 40.51 40.00
N LYS EB 279 -106.24 40.78 41.29
CA LYS EB 279 -105.50 41.92 41.79
C LYS EB 279 -104.46 41.45 42.79
N PHE EB 280 -103.43 42.25 42.99
CA PHE EB 280 -102.42 41.90 43.96
C PHE EB 280 -102.99 41.99 45.37
N LEU EB 281 -102.15 41.70 46.35
CA LEU EB 281 -102.53 41.80 47.74
C LEU EB 281 -101.42 42.48 48.50
N GLY EB 282 -101.69 42.82 49.75
CA GLY EB 282 -100.70 43.49 50.56
C GLY EB 282 -99.82 42.52 51.33
N GLN EB 283 -99.85 41.29 50.87
CA GLN EB 283 -99.08 40.22 51.54
C GLN EB 283 -99.42 40.19 53.02
N MET EB 284 -98.64 40.83 53.88
CA MET EB 284 -98.81 40.65 55.31
C MET EB 284 -100.20 41.10 55.77
N ALA EB 285 -100.61 42.30 55.36
CA ALA EB 285 -101.87 42.85 55.82
C ALA EB 285 -103.08 42.34 55.05
N LYS EB 286 -102.87 41.76 53.87
CA LYS EB 286 -103.96 41.21 53.02
C LYS EB 286 -104.93 42.31 52.60
N ASN EB 287 -104.41 43.48 52.24
CA ASN EB 287 -105.22 44.57 51.70
C ASN EB 287 -105.00 44.62 50.20
N VAL EB 288 -106.08 44.64 49.44
CA VAL EB 288 -105.94 44.63 47.98
C VAL EB 288 -105.28 45.91 47.52
N LEU EB 289 -104.53 45.81 46.43
CA LEU EB 289 -103.87 46.94 45.81
C LEU EB 289 -104.68 47.40 44.60
N ALA EB 290 -104.16 48.38 43.89
CA ALA EB 290 -104.79 48.88 42.67
C ALA EB 290 -104.14 48.34 41.42
N GLN EB 291 -103.20 47.42 41.55
CA GLN EB 291 -102.41 46.92 40.43
C GLN EB 291 -102.71 45.45 40.20
N ASP EB 292 -102.91 45.09 38.94
CA ASP EB 292 -103.18 43.70 38.59
C ASP EB 292 -101.98 42.83 38.96
N ALA EB 293 -102.27 41.64 39.48
CA ALA EB 293 -101.22 40.68 39.75
C ALA EB 293 -100.58 40.25 38.44
N THR EB 294 -99.27 40.11 38.44
CA THR EB 294 -98.51 39.72 37.26
C THR EB 294 -97.80 38.41 37.53
N PHE EB 295 -97.78 37.53 36.53
CA PHE EB 295 -97.18 36.22 36.65
C PHE EB 295 -96.25 35.99 35.47
N SER EB 296 -95.33 35.04 35.63
CA SER EB 296 -94.38 34.67 34.61
C SER EB 296 -94.53 33.19 34.33
N VAL EB 297 -94.82 32.84 33.08
CA VAL EB 297 -94.96 31.44 32.71
C VAL EB 297 -93.58 30.80 32.64
N VAL EB 298 -93.38 29.73 33.40
CA VAL EB 298 -92.09 29.09 33.50
C VAL EB 298 -91.95 27.97 32.48
N ARG EB 299 -92.96 27.12 32.38
CA ARG EB 299 -92.94 25.98 31.48
C ARG EB 299 -94.31 25.84 30.83
N VAL EB 300 -94.32 25.62 29.53
CA VAL EB 300 -95.56 25.37 28.79
C VAL EB 300 -95.66 23.86 28.64
N VAL EB 301 -96.32 23.23 29.60
CA VAL EB 301 -96.50 21.79 29.60
C VAL EB 301 -97.81 21.45 28.91
N ASP EB 302 -97.79 20.44 28.04
CA ASP EB 302 -98.92 20.09 27.18
C ASP EB 302 -99.29 21.26 26.29
N GLY EB 303 -100.47 21.19 25.66
CA GLY EB 303 -100.92 22.24 24.78
C GLY EB 303 -102.07 23.01 25.36
N THR EB 304 -102.40 22.71 26.62
CA THR EB 304 -103.45 23.45 27.31
C THR EB 304 -103.10 23.75 28.76
N HIS EB 305 -101.86 23.51 29.17
CA HIS EB 305 -101.41 23.80 30.54
C HIS EB 305 -100.19 24.69 30.49
N VAL EB 306 -100.02 25.52 31.51
CA VAL EB 306 -98.79 26.27 31.71
C VAL EB 306 -98.44 26.21 33.19
N GLU EB 307 -97.23 26.67 33.52
CA GLU EB 307 -96.76 26.69 34.89
C GLU EB 307 -96.25 28.09 35.20
N ILE EB 308 -97.02 28.84 35.99
CA ILE EB 308 -96.71 30.23 36.31
C ILE EB 308 -96.06 30.29 37.68
N THR EB 309 -95.01 31.10 37.80
CA THR EB 309 -94.08 31.05 38.93
C THR EB 309 -94.63 31.62 40.24
N PRO EB 310 -95.56 32.59 40.26
CA PRO EB 310 -96.24 32.87 41.53
C PRO EB 310 -97.51 32.05 41.64
N LYS EB 311 -97.72 31.38 42.76
CA LYS EB 311 -98.94 30.62 42.95
C LYS EB 311 -100.09 31.58 43.27
N PRO EB 312 -101.16 31.59 42.49
CA PRO EB 312 -102.28 32.52 42.76
C PRO EB 312 -103.21 32.01 43.85
N VAL EB 313 -102.83 32.26 45.10
CA VAL EB 313 -103.67 31.92 46.23
C VAL EB 313 -104.66 33.04 46.47
N ALA EB 314 -105.95 32.71 46.46
CA ALA EB 314 -107.00 33.71 46.46
C ALA EB 314 -107.49 33.98 47.87
N LEU EB 315 -107.59 35.26 48.23
CA LEU EB 315 -108.08 35.63 49.54
C LEU EB 315 -109.54 35.23 49.72
N ASP EB 316 -110.36 35.43 48.69
CA ASP EB 316 -111.79 35.15 48.80
C ASP EB 316 -112.10 33.67 48.63
N ASP EB 317 -111.08 32.83 48.45
CA ASP EB 317 -111.32 31.41 48.25
C ASP EB 317 -111.97 30.80 49.48
N VAL EB 318 -112.93 29.90 49.26
CA VAL EB 318 -113.68 29.31 50.36
C VAL EB 318 -113.23 27.90 50.69
N SER EB 319 -112.48 27.25 49.81
CA SER EB 319 -112.05 25.89 50.03
C SER EB 319 -110.72 25.80 50.78
N LEU EB 320 -110.15 26.94 51.17
CA LEU EB 320 -108.88 26.97 51.87
C LEU EB 320 -109.10 26.90 53.37
N SER EB 321 -108.28 26.09 54.03
CA SER EB 321 -108.19 26.16 55.48
C SER EB 321 -107.69 27.54 55.88
N PRO EB 322 -108.02 28.03 57.09
CA PRO EB 322 -107.58 29.38 57.47
C PRO EB 322 -106.07 29.58 57.43
N GLU EB 323 -105.28 28.58 57.82
CA GLU EB 323 -103.84 28.73 57.75
C GLU EB 323 -103.36 28.78 56.30
N GLN EB 324 -104.11 28.15 55.39
CA GLN EB 324 -103.77 28.25 53.97
C GLN EB 324 -104.16 29.60 53.40
N ARG EB 325 -105.33 30.11 53.80
CA ARG EB 325 -105.75 31.44 53.38
C ARG EB 325 -104.80 32.52 53.89
N ALA EB 326 -104.14 32.26 55.02
CA ALA EB 326 -103.15 33.20 55.52
C ALA EB 326 -101.97 33.41 54.58
N TYR EB 327 -101.89 32.65 53.49
CA TYR EB 327 -100.82 32.79 52.51
C TYR EB 327 -101.30 33.41 51.20
N ALA EB 328 -102.47 34.02 51.21
CA ALA EB 328 -103.05 34.55 49.98
C ALA EB 328 -102.28 35.78 49.50
N ASN EB 329 -101.95 35.81 48.21
CA ASN EB 329 -101.30 36.96 47.60
C ASN EB 329 -102.12 37.52 46.45
N VAL EB 330 -103.39 37.17 46.37
CA VAL EB 330 -104.27 37.54 45.26
C VAL EB 330 -105.68 37.63 45.80
N ASN EB 331 -106.44 38.62 45.32
CA ASN EB 331 -107.74 38.88 45.94
C ASN EB 331 -108.78 37.84 45.53
N THR EB 332 -108.77 37.39 44.28
CA THR EB 332 -109.80 36.50 43.80
C THR EB 332 -109.18 35.41 42.92
N SER EB 333 -109.87 34.27 42.85
CA SER EB 333 -109.37 33.11 42.14
C SER EB 333 -109.75 33.19 40.67
N LEU EB 334 -109.50 32.10 39.94
CA LEU EB 334 -109.75 32.03 38.50
C LEU EB 334 -111.17 31.53 38.26
N ALA EB 335 -111.84 32.10 37.25
CA ALA EB 335 -113.29 32.04 37.16
C ALA EB 335 -113.78 31.40 35.86
N ASP EB 336 -113.00 30.49 35.28
CA ASP EB 336 -113.45 29.63 34.19
C ASP EB 336 -113.71 30.39 32.90
N ALA EB 337 -113.68 31.72 32.97
CA ALA EB 337 -113.83 32.51 31.76
C ALA EB 337 -112.90 33.71 31.71
N MET EB 338 -112.26 34.08 32.80
CA MET EB 338 -111.51 35.33 32.86
C MET EB 338 -110.39 35.32 31.83
N ALA EB 339 -110.13 36.49 31.26
CA ALA EB 339 -109.17 36.62 30.19
C ALA EB 339 -107.78 36.82 30.76
N VAL EB 340 -106.87 35.93 30.40
CA VAL EB 340 -105.45 36.13 30.67
C VAL EB 340 -104.88 36.97 29.54
N ASN EB 341 -104.47 38.19 29.87
CA ASN EB 341 -103.92 39.12 28.90
C ASN EB 341 -102.42 39.19 29.06
N ILE EB 342 -101.73 39.25 27.92
CA ILE EB 342 -100.29 39.28 27.91
C ILE EB 342 -99.79 40.67 28.31
N LEU EB 343 -98.53 40.76 28.71
CA LEU EB 343 -97.94 42.04 29.04
C LEU EB 343 -96.77 42.44 28.16
N ASN EB 344 -96.13 41.48 27.49
CA ASN EB 344 -95.04 41.78 26.56
C ASN EB 344 -95.59 41.70 25.15
N VAL EB 345 -96.06 42.83 24.64
CA VAL EB 345 -96.71 42.89 23.33
C VAL EB 345 -95.79 43.47 22.26
N LYS EB 346 -94.51 43.62 22.56
CA LYS EB 346 -93.55 44.14 21.59
C LYS EB 346 -92.16 43.76 22.03
N ASP EB 347 -91.27 43.48 21.07
CA ASP EB 347 -89.90 43.13 21.40
C ASP EB 347 -89.22 44.29 22.09
N ALA EB 348 -88.53 44.01 23.20
CA ALA EB 348 -87.89 45.06 23.96
C ALA EB 348 -86.89 44.43 24.93
N ARG EB 349 -85.70 45.00 25.00
CA ARG EB 349 -84.73 44.57 25.99
C ARG EB 349 -85.22 44.91 27.39
N THR EB 350 -84.85 44.07 28.34
CA THR EB 350 -85.42 44.12 29.69
C THR EB 350 -84.43 44.74 30.66
N ASN EB 351 -84.90 45.71 31.43
CA ASN EB 351 -84.23 46.11 32.67
C ASN EB 351 -84.74 45.21 33.78
N VAL EB 352 -83.84 44.78 34.66
CA VAL EB 352 -84.19 43.76 35.65
C VAL EB 352 -83.84 44.26 37.04
N PHE EB 353 -84.82 44.24 37.94
CA PHE EB 353 -84.59 44.59 39.33
C PHE EB 353 -84.90 43.41 40.23
N TRP EB 354 -84.20 43.35 41.35
CA TRP EB 354 -84.47 42.29 42.31
C TRP EB 354 -83.99 42.69 43.70
N ALA EB 355 -84.54 42.04 44.70
CA ALA EB 355 -83.94 42.06 46.03
C ALA EB 355 -82.78 41.07 46.06
N ASP EB 356 -81.70 41.46 46.73
CA ASP EB 356 -80.44 40.73 46.58
C ASP EB 356 -80.52 39.29 47.08
N ASP EB 357 -81.54 38.95 47.86
CA ASP EB 357 -81.72 37.60 48.38
C ASP EB 357 -82.65 36.75 47.52
N ALA EB 358 -82.97 37.22 46.32
CA ALA EB 358 -83.91 36.52 45.45
C ALA EB 358 -83.26 35.43 44.61
N ILE EB 359 -81.97 35.56 44.29
CA ILE EB 359 -81.27 34.61 43.44
C ILE EB 359 -80.04 34.12 44.17
N ARG EB 360 -79.80 32.82 44.10
CA ARG EB 360 -78.60 32.23 44.67
C ARG EB 360 -77.95 31.32 43.64
N ILE EB 361 -76.70 30.95 43.90
CA ILE EB 361 -75.94 30.11 43.00
C ILE EB 361 -75.40 28.94 43.81
N VAL EB 362 -76.07 27.78 43.71
CA VAL EB 362 -75.54 26.57 44.31
C VAL EB 362 -74.33 26.11 43.51
N SER EB 363 -73.36 25.52 44.18
CA SER EB 363 -72.16 25.05 43.50
C SER EB 363 -71.71 23.73 44.12
N GLN EB 364 -71.14 22.86 43.29
CA GLN EB 364 -70.72 21.56 43.76
C GLN EB 364 -69.32 21.25 43.27
N PRO EB 365 -68.60 20.36 43.94
CA PRO EB 365 -67.29 19.95 43.46
C PRO EB 365 -67.34 18.71 42.59
N ILE EB 366 -66.30 18.56 41.78
CA ILE EB 366 -66.11 17.39 40.94
C ILE EB 366 -64.85 16.66 41.43
N PRO EB 367 -65.01 15.61 42.21
CA PRO EB 367 -63.82 14.96 42.80
C PRO EB 367 -63.11 14.05 41.81
N ALA EB 368 -62.49 14.66 40.81
CA ALA EB 368 -61.70 13.93 39.83
C ALA EB 368 -60.25 13.77 40.25
N ASN EB 369 -59.86 14.32 41.39
CA ASN EB 369 -58.54 14.09 41.95
C ASN EB 369 -58.44 12.77 42.70
N HIS EB 370 -59.55 12.06 42.84
CA HIS EB 370 -59.60 10.80 43.55
C HIS EB 370 -58.57 9.82 42.99
N GLU EB 371 -58.27 8.79 43.79
CA GLU EB 371 -57.37 7.74 43.33
C GLU EB 371 -58.02 6.83 42.31
N LEU EB 372 -59.32 6.93 42.09
CA LEU EB 372 -59.97 6.18 41.02
C LEU EB 372 -59.44 6.64 39.66
N PHE EB 373 -59.21 7.93 39.50
CA PHE EB 373 -58.85 8.50 38.20
C PHE EB 373 -57.33 8.59 38.07
N ALA EB 374 -56.72 7.44 37.88
CA ALA EB 374 -55.31 7.40 37.57
C ALA EB 374 -55.09 7.81 36.11
N GLY EB 375 -53.88 8.30 35.83
CA GLY EB 375 -53.54 8.79 34.51
C GLY EB 375 -53.92 10.23 34.27
N MET EB 376 -55.04 10.66 34.84
CA MET EB 376 -55.43 12.06 34.76
C MET EB 376 -54.75 12.86 35.87
N LYS EB 377 -54.39 14.10 35.55
CA LYS EB 377 -53.96 15.05 36.56
C LYS EB 377 -55.05 16.11 36.71
N THR EB 378 -55.67 16.15 37.87
CA THR EB 378 -56.76 17.07 38.15
C THR EB 378 -56.35 18.03 39.25
N THR EB 379 -56.55 19.31 39.02
CA THR EB 379 -56.26 20.33 40.01
C THR EB 379 -57.46 21.25 40.13
N SER EB 380 -57.43 22.11 41.14
CA SER EB 380 -58.49 23.09 41.27
C SER EB 380 -58.24 24.27 40.36
N PHE EB 381 -59.28 25.02 40.08
CA PHE EB 381 -59.22 26.09 39.08
C PHE EB 381 -60.23 27.15 39.49
N SER EB 382 -59.75 28.22 40.11
CA SER EB 382 -60.63 29.29 40.55
C SER EB 382 -61.10 30.09 39.35
N ILE EB 383 -62.40 30.16 39.13
CA ILE EB 383 -62.92 31.08 38.12
C ILE EB 383 -62.81 32.50 38.65
N PRO EB 384 -62.17 33.41 37.94
CA PRO EB 384 -62.08 34.79 38.42
C PRO EB 384 -63.44 35.48 38.33
N ASP EB 385 -63.47 36.78 38.64
CA ASP EB 385 -64.72 37.54 38.63
C ASP EB 385 -65.75 36.87 39.54
N VAL EB 386 -66.48 35.89 39.01
CA VAL EB 386 -67.46 35.20 39.82
C VAL EB 386 -66.73 34.39 40.89
N GLY EB 387 -67.41 34.13 42.00
CA GLY EB 387 -66.79 33.37 43.07
C GLY EB 387 -67.05 31.88 42.98
N LEU EB 388 -66.49 31.23 41.97
CA LEU EB 388 -66.76 29.82 41.74
C LEU EB 388 -65.45 29.06 41.55
N ASN EB 389 -65.51 27.77 41.84
CA ASN EB 389 -64.36 26.88 41.73
C ASN EB 389 -64.71 25.74 40.80
N GLY EB 390 -63.78 25.39 39.92
CA GLY EB 390 -63.97 24.24 39.07
C GLY EB 390 -62.74 23.37 39.07
N ILE EB 391 -62.71 22.38 38.19
CA ILE EB 391 -61.57 21.48 38.08
C ILE EB 391 -60.90 21.70 36.74
N PHE EB 392 -59.60 21.46 36.71
CA PHE EB 392 -58.77 21.54 35.52
C PHE EB 392 -58.07 20.20 35.39
N ALA EB 393 -58.44 19.42 34.38
CA ALA EB 393 -58.01 18.05 34.24
C ALA EB 393 -57.26 17.87 32.94
N THR EB 394 -56.12 17.20 33.00
CA THR EB 394 -55.32 16.90 31.83
C THR EB 394 -55.09 15.40 31.72
N GLN EB 395 -55.19 14.89 30.50
CA GLN EB 395 -54.87 13.49 30.24
C GLN EB 395 -54.23 13.37 28.87
N GLY EB 396 -52.98 12.92 28.84
CA GLY EB 396 -52.29 12.76 27.57
C GLY EB 396 -52.84 11.59 26.79
N ASP EB 397 -52.50 11.57 25.51
CA ASP EB 397 -52.97 10.52 24.60
C ASP EB 397 -51.91 10.23 23.55
N ILE EB 398 -51.88 8.98 23.09
CA ILE EB 398 -51.06 8.60 21.94
C ILE EB 398 -51.81 7.78 20.92
N SER EB 399 -53.07 7.43 21.18
CA SER EB 399 -53.93 6.95 20.10
C SER EB 399 -54.00 8.00 19.00
N THR EB 400 -53.81 9.27 19.36
CA THR EB 400 -53.68 10.36 18.42
C THR EB 400 -52.45 11.22 18.66
N LEU EB 401 -51.60 10.85 19.61
CA LEU EB 401 -50.37 11.60 19.94
C LEU EB 401 -50.73 13.05 20.26
N SER EB 402 -51.49 13.21 21.33
CA SER EB 402 -52.11 14.48 21.67
C SER EB 402 -52.21 14.57 23.18
N GLY EB 403 -53.02 15.50 23.65
CA GLY EB 403 -53.37 15.59 25.05
C GLY EB 403 -54.68 16.33 25.17
N LEU EB 404 -55.48 15.94 26.15
CA LEU EB 404 -56.81 16.49 26.33
C LEU EB 404 -56.84 17.31 27.61
N CYS EB 405 -57.36 18.52 27.50
CA CYS EB 405 -57.51 19.43 28.63
C CYS EB 405 -58.99 19.76 28.81
N ARG EB 406 -59.45 19.74 30.05
CA ARG EB 406 -60.87 19.94 30.34
C ARG EB 406 -61.01 20.78 31.59
N ILE EB 407 -61.67 21.93 31.47
CA ILE EB 407 -61.98 22.79 32.61
C ILE EB 407 -63.47 22.69 32.85
N ALA EB 408 -63.85 22.11 33.98
CA ALA EB 408 -65.24 21.83 34.28
C ALA EB 408 -65.70 22.63 35.48
N LEU EB 409 -66.99 22.98 35.47
CA LEU EB 409 -67.58 23.83 36.49
C LEU EB 409 -69.02 23.40 36.69
N TRP EB 410 -69.37 23.02 37.93
CA TRP EB 410 -70.67 22.47 38.24
C TRP EB 410 -71.38 23.39 39.23
N TYR EB 411 -72.43 24.06 38.75
CA TYR EB 411 -73.17 25.01 39.56
C TYR EB 411 -74.63 24.96 39.13
N GLY EB 412 -75.42 25.88 39.68
CA GLY EB 412 -76.80 26.01 39.29
C GLY EB 412 -77.42 27.25 39.91
N VAL EB 413 -78.04 28.07 39.11
CA VAL EB 413 -78.71 29.26 39.60
C VAL EB 413 -80.09 28.88 40.06
N ASN EB 414 -80.58 29.55 41.10
CA ASN EB 414 -81.89 29.26 41.65
C ASN EB 414 -82.54 30.56 42.09
N ALA EB 415 -83.76 30.80 41.60
CA ALA EB 415 -84.56 31.94 42.05
C ALA EB 415 -85.38 31.45 43.24
N THR EB 416 -84.91 31.75 44.45
CA THR EB 416 -85.63 31.30 45.63
C THR EB 416 -86.88 32.12 45.88
N ARG EB 417 -86.92 33.37 45.41
CA ARG EB 417 -88.09 34.23 45.54
C ARG EB 417 -88.38 34.86 44.19
N PRO EB 418 -89.09 34.16 43.31
CA PRO EB 418 -89.44 34.76 42.01
C PRO EB 418 -90.36 35.94 42.12
N GLU EB 419 -91.05 36.11 43.24
CA GLU EB 419 -91.92 37.26 43.43
C GLU EB 419 -91.15 38.51 43.86
N ALA EB 420 -89.88 38.37 44.25
CA ALA EB 420 -89.04 39.51 44.55
C ALA EB 420 -88.20 39.96 43.37
N ILE EB 421 -88.19 39.19 42.28
CA ILE EB 421 -87.53 39.62 41.06
C ILE EB 421 -88.52 40.36 40.17
N GLY EB 422 -88.00 41.18 39.28
CA GLY EB 422 -88.85 41.99 38.44
C GLY EB 422 -88.21 42.24 37.09
N VAL EB 423 -89.04 42.68 36.15
CA VAL EB 423 -88.60 43.02 34.81
C VAL EB 423 -89.23 44.33 34.41
N GLY EB 424 -88.43 45.26 33.90
CA GLY EB 424 -88.92 46.52 33.39
C GLY EB 424 -88.94 46.48 31.87
N LEU EB 425 -90.12 46.73 31.32
CA LEU EB 425 -90.38 46.58 29.88
C LEU EB 425 -90.82 47.93 29.32
N PRO EB 426 -89.91 48.70 28.75
CA PRO EB 426 -90.31 49.98 28.14
C PRO EB 426 -90.86 49.78 26.75
N GLY EB 427 -91.71 50.71 26.34
CA GLY EB 427 -92.25 50.68 24.98
C GLY EB 427 -93.17 49.51 24.70
N GLN EB 428 -94.02 49.14 25.65
CA GLN EB 428 -94.93 48.01 25.47
C GLN EB 428 -96.26 48.49 24.88
N THR EB 429 -96.17 49.15 23.74
CA THR EB 429 -97.34 49.59 23.00
C THR EB 429 -97.69 48.54 21.95
N ALA EB 430 -98.60 48.89 21.06
CA ALA EB 430 -99.06 48.00 20.00
C ALA EB 430 -99.70 46.75 20.58
N THR FB 10 -38.08 -24.51 30.57
CA THR FB 10 -38.82 -25.15 31.69
C THR FB 10 -38.41 -24.49 33.02
N LEU FB 11 -39.37 -24.27 33.91
CA LEU FB 11 -39.00 -23.74 35.25
C LEU FB 11 -39.01 -24.93 36.21
N ALA FB 12 -38.13 -24.95 37.20
CA ALA FB 12 -38.05 -26.11 38.09
C ALA FB 12 -37.54 -25.73 39.47
N VAL FB 13 -38.03 -26.38 40.52
CA VAL FB 13 -37.52 -26.13 41.90
C VAL FB 13 -37.10 -27.49 42.46
N ASP FB 14 -36.10 -27.53 43.33
CA ASP FB 14 -35.58 -28.85 43.79
C ASP FB 14 -36.05 -29.16 45.21
N GLU FB 15 -37.20 -28.64 45.63
CA GLU FB 15 -37.73 -29.02 46.96
C GLU FB 15 -38.25 -30.46 46.83
N ILE FB 16 -37.90 -31.35 47.77
CA ILE FB 16 -38.40 -32.69 47.55
C ILE FB 16 -39.83 -32.79 48.06
N ILE FB 17 -40.66 -33.55 47.34
CA ILE FB 17 -42.00 -33.88 47.81
C ILE FB 17 -41.89 -35.24 48.49
N GLU FB 18 -41.81 -35.23 49.81
CA GLU FB 18 -41.65 -36.47 50.55
C GLU FB 18 -42.92 -37.31 50.49
N THR FB 19 -42.74 -38.62 50.29
CA THR FB 19 -43.86 -39.53 50.13
C THR FB 19 -43.84 -40.73 51.05
N ILE FB 20 -42.75 -40.98 51.77
CA ILE FB 20 -42.61 -42.16 52.60
C ILE FB 20 -42.23 -41.72 54.01
N SER FB 21 -42.91 -42.26 55.01
CA SER FB 21 -42.56 -42.06 56.41
C SER FB 21 -42.66 -43.43 57.09
N ALA FB 22 -41.54 -44.14 57.13
CA ALA FB 22 -41.48 -45.47 57.72
C ALA FB 22 -40.98 -45.41 59.15
N ILE FB 23 -41.37 -46.40 59.94
CA ILE FB 23 -41.05 -46.46 61.37
C ILE FB 23 -40.53 -47.85 61.68
N THR FB 24 -39.60 -47.94 62.64
CA THR FB 24 -38.90 -49.18 62.96
C THR FB 24 -38.97 -49.50 64.45
N PRO FB 25 -40.08 -50.05 64.93
CA PRO FB 25 -40.12 -50.49 66.32
C PRO FB 25 -39.42 -51.81 66.59
N MET FB 26 -39.55 -52.79 65.69
CA MET FB 26 -39.06 -54.13 66.00
C MET FB 26 -37.54 -54.20 66.01
N ALA FB 27 -36.89 -53.64 64.99
CA ALA FB 27 -35.44 -53.66 64.96
C ALA FB 27 -34.83 -52.66 65.96
N GLN FB 28 -35.63 -51.72 66.45
CA GLN FB 28 -35.17 -50.87 67.56
C GLN FB 28 -35.22 -51.63 68.87
N LYS FB 29 -36.25 -52.44 69.07
CA LYS FB 29 -36.38 -53.20 70.31
C LYS FB 29 -35.46 -54.41 70.36
N ALA FB 30 -35.13 -55.01 69.22
CA ALA FB 30 -34.30 -56.20 69.22
C ALA FB 30 -32.85 -55.84 69.49
N LYS FB 31 -32.23 -56.52 70.45
CA LYS FB 31 -30.88 -56.20 70.87
C LYS FB 31 -29.87 -56.56 69.78
N LYS FB 32 -28.82 -55.76 69.66
CA LYS FB 32 -27.79 -55.93 68.65
C LYS FB 32 -26.54 -56.50 69.27
N TYR FB 33 -26.01 -57.56 68.66
CA TYR FB 33 -24.87 -58.31 69.20
C TYR FB 33 -23.74 -58.27 68.18
N THR FB 34 -22.53 -57.96 68.64
CA THR FB 34 -21.36 -57.80 67.78
C THR FB 34 -20.19 -58.60 68.36
N PRO FB 35 -20.07 -59.87 68.01
CA PRO FB 35 -18.99 -60.70 68.56
C PRO FB 35 -17.67 -60.39 67.87
N PRO FB 36 -16.55 -60.82 68.46
CA PRO FB 36 -15.23 -60.47 67.87
C PRO FB 36 -15.03 -61.02 66.48
N ALA FB 37 -14.44 -60.17 65.63
CA ALA FB 37 -14.42 -60.41 64.19
C ALA FB 37 -13.45 -61.51 63.81
N ALA FB 38 -12.27 -61.55 64.42
CA ALA FB 38 -11.31 -62.62 64.08
C ALA FB 38 -11.85 -63.98 64.48
N SER FB 39 -12.48 -64.05 65.66
CA SER FB 39 -13.08 -65.30 66.10
C SER FB 39 -14.17 -65.74 65.15
N MET FB 40 -15.05 -64.83 64.73
CA MET FB 40 -16.05 -65.22 63.74
C MET FB 40 -15.42 -65.63 62.42
N GLN FB 41 -14.38 -64.93 61.98
CA GLN FB 41 -13.76 -65.24 60.69
C GLN FB 41 -13.24 -66.66 60.66
N ARG FB 42 -12.49 -67.06 61.68
CA ARG FB 42 -11.99 -68.43 61.68
C ARG FB 42 -12.89 -69.38 62.44
N SER FB 43 -14.13 -68.97 62.74
CA SER FB 43 -15.11 -69.93 63.24
C SER FB 43 -16.34 -69.98 62.35
N SER FB 44 -16.26 -69.42 61.15
CA SER FB 44 -17.31 -69.52 60.14
C SER FB 44 -18.59 -68.79 60.57
N ASN FB 45 -18.40 -67.64 61.21
CA ASN FB 45 -19.50 -66.71 61.49
C ASN FB 45 -20.60 -67.36 62.31
N THR FB 46 -20.24 -68.24 63.23
CA THR FB 46 -21.18 -68.83 64.15
C THR FB 46 -20.59 -68.81 65.55
N ILE FB 47 -21.47 -68.65 66.54
CA ILE FB 47 -21.04 -68.67 67.94
C ILE FB 47 -22.11 -69.33 68.78
N TRP FB 48 -21.70 -70.13 69.76
CA TRP FB 48 -22.59 -70.91 70.60
C TRP FB 48 -22.74 -70.27 71.96
N MET FB 49 -23.97 -70.30 72.49
CA MET FB 49 -24.23 -69.84 73.83
C MET FB 49 -24.90 -70.95 74.62
N PRO FB 50 -24.51 -71.16 75.87
CA PRO FB 50 -25.15 -72.17 76.69
C PRO FB 50 -26.59 -71.80 77.02
N VAL FB 51 -27.34 -72.79 77.49
CA VAL FB 51 -28.74 -72.63 77.87
C VAL FB 51 -28.86 -72.89 79.35
N GLU FB 52 -29.74 -72.14 80.02
CA GLU FB 52 -29.91 -72.23 81.45
C GLU FB 52 -30.16 -73.66 81.88
N GLN FB 53 -29.44 -74.09 82.91
CA GLN FB 53 -29.38 -75.49 83.29
C GLN FB 53 -30.62 -75.89 84.09
N GLU FB 54 -31.06 -77.13 83.90
CA GLU FB 54 -32.16 -77.71 84.66
C GLU FB 54 -31.69 -78.98 85.34
N SER FB 55 -32.17 -79.19 86.57
CA SER FB 55 -31.70 -80.28 87.39
C SER FB 55 -32.77 -81.34 87.57
N PRO FB 56 -32.41 -82.62 87.51
CA PRO FB 56 -33.34 -83.68 87.91
C PRO FB 56 -33.34 -83.88 89.42
N THR FB 57 -34.42 -84.50 89.89
CA THR FB 57 -34.66 -84.69 91.32
C THR FB 57 -35.08 -86.13 91.58
N GLN FB 58 -34.52 -86.71 92.63
CA GLN FB 58 -34.90 -88.05 93.08
C GLN FB 58 -35.16 -88.00 94.57
N GLU FB 59 -36.24 -88.63 95.01
CA GLU FB 59 -36.54 -88.73 96.43
C GLU FB 59 -36.41 -90.18 96.88
N GLY FB 60 -35.79 -90.36 98.02
CA GLY FB 60 -35.50 -91.67 98.57
C GLY FB 60 -34.28 -91.59 99.46
N TRP FB 61 -34.04 -92.68 100.18
CA TRP FB 61 -32.90 -92.79 101.07
C TRP FB 61 -31.72 -93.50 100.40
N ASP FB 62 -31.98 -94.65 99.79
CA ASP FB 62 -30.93 -95.44 99.16
C ASP FB 62 -30.83 -95.04 97.70
N LEU FB 63 -29.72 -94.42 97.33
CA LEU FB 63 -29.52 -93.92 95.97
C LEU FB 63 -28.25 -94.49 95.36
N THR FB 64 -27.90 -95.72 95.70
CA THR FB 64 -26.70 -96.33 95.15
C THR FB 64 -26.89 -96.55 93.66
N ASP FB 65 -25.86 -96.21 92.88
CA ASP FB 65 -25.79 -96.36 91.43
C ASP FB 65 -26.73 -95.38 90.72
N LYS FB 66 -27.59 -94.67 91.43
CA LYS FB 66 -28.56 -93.79 90.81
C LYS FB 66 -28.07 -92.36 90.70
N ALA FB 67 -26.76 -92.14 90.75
CA ALA FB 67 -26.22 -90.79 90.59
C ALA FB 67 -26.31 -90.37 89.14
N THR FB 68 -26.82 -89.16 88.90
CA THR FB 68 -26.95 -88.64 87.55
C THR FB 68 -25.65 -87.98 87.10
N GLY FB 69 -25.61 -87.58 85.83
CA GLY FB 69 -24.54 -86.79 85.29
C GLY FB 69 -24.91 -85.33 85.16
N LEU FB 70 -24.18 -84.63 84.31
CA LEU FB 70 -24.44 -83.23 84.03
C LEU FB 70 -24.71 -83.05 82.55
N LEU FB 71 -25.69 -82.21 82.22
CA LEU FB 71 -26.04 -81.94 80.84
C LEU FB 71 -26.37 -80.46 80.71
N GLU FB 72 -25.67 -79.77 79.82
CA GLU FB 72 -25.84 -78.33 79.61
C GLU FB 72 -25.89 -78.07 78.11
N LEU FB 73 -27.08 -77.75 77.61
CA LEU FB 73 -27.31 -77.61 76.19
C LEU FB 73 -26.86 -76.23 75.70
N ASN FB 74 -26.92 -76.04 74.38
CA ASN FB 74 -26.41 -74.82 73.77
C ASN FB 74 -27.18 -74.53 72.50
N VAL FB 75 -27.13 -73.27 72.07
CA VAL FB 75 -27.73 -72.84 70.81
C VAL FB 75 -26.70 -72.03 70.03
N ALA FB 76 -26.92 -71.94 68.72
CA ALA FB 76 -25.97 -71.30 67.82
C ALA FB 76 -26.58 -70.10 67.15
N VAL FB 77 -25.82 -69.01 67.06
CA VAL FB 77 -26.23 -67.82 66.33
C VAL FB 77 -25.21 -67.57 65.22
N ASN FB 78 -25.71 -67.40 64.01
CA ASN FB 78 -24.86 -67.16 62.84
C ASN FB 78 -25.36 -65.94 62.08
N MET FB 79 -24.79 -65.68 60.90
CA MET FB 79 -25.21 -64.56 60.07
C MET FB 79 -25.47 -65.05 58.65
N GLY FB 80 -26.01 -64.15 57.83
CA GLY FB 80 -26.30 -64.45 56.45
C GLY FB 80 -25.30 -63.87 55.49
N GLU FB 81 -25.78 -63.09 54.53
CA GLU FB 81 -24.96 -62.45 53.52
C GLU FB 81 -25.30 -60.96 53.46
N PRO FB 82 -24.37 -60.13 53.01
CA PRO FB 82 -24.60 -58.68 53.04
C PRO FB 82 -25.78 -58.27 52.17
N ASP FB 83 -26.41 -57.17 52.56
CA ASP FB 83 -27.44 -56.54 51.76
C ASP FB 83 -26.88 -55.23 51.22
N ASN FB 84 -27.07 -54.99 49.93
CA ASN FB 84 -26.34 -53.94 49.24
C ASN FB 84 -27.27 -52.93 48.60
N ASP FB 85 -26.68 -51.83 48.14
CA ASP FB 85 -27.33 -50.82 47.31
C ASP FB 85 -26.40 -50.45 46.15
N PHE FB 86 -25.89 -51.45 45.47
CA PHE FB 86 -24.95 -51.24 44.38
C PHE FB 86 -25.65 -50.53 43.23
N PHE FB 87 -25.35 -49.25 43.02
CA PHE FB 87 -25.88 -48.50 41.89
C PHE FB 87 -24.75 -47.71 41.23
N GLN FB 88 -24.77 -47.67 39.91
CA GLN FB 88 -23.70 -47.06 39.15
C GLN FB 88 -23.96 -45.57 38.94
N LEU FB 89 -22.87 -44.81 38.93
CA LEU FB 89 -22.92 -43.38 38.68
C LEU FB 89 -22.53 -43.11 37.24
N ARG FB 90 -23.15 -42.10 36.64
CA ARG FB 90 -22.88 -41.74 35.25
C ARG FB 90 -23.06 -40.24 35.10
N ALA FB 91 -23.03 -39.78 33.85
CA ALA FB 91 -23.30 -38.38 33.56
C ALA FB 91 -24.79 -38.11 33.49
N ASP FB 92 -25.47 -38.73 32.52
CA ASP FB 92 -26.90 -38.55 32.27
C ASP FB 92 -27.30 -37.08 32.30
N ASP FB 93 -28.08 -36.67 33.29
CA ASP FB 93 -28.58 -35.30 33.37
C ASP FB 93 -27.97 -34.57 34.56
N LEU FB 94 -28.35 -33.29 34.69
CA LEU FB 94 -27.78 -32.42 35.71
C LEU FB 94 -28.15 -32.87 37.11
N ARG FB 95 -29.43 -33.12 37.35
CA ARG FB 95 -29.90 -33.41 38.70
C ARG FB 95 -29.45 -34.79 39.19
N ASP FB 96 -28.61 -35.48 38.41
CA ASP FB 96 -28.07 -36.75 38.89
C ASP FB 96 -27.27 -36.58 40.17
N GLU FB 97 -26.70 -35.38 40.35
CA GLU FB 97 -25.80 -35.23 41.52
C GLU FB 97 -26.61 -34.89 42.78
N THR FB 98 -27.82 -34.37 42.63
CA THR FB 98 -28.61 -34.24 43.84
C THR FB 98 -29.47 -35.46 44.10
N ALA FB 99 -29.92 -36.13 43.03
CA ALA FB 99 -30.46 -37.47 43.19
C ALA FB 99 -29.42 -38.43 43.72
N TYR FB 100 -28.13 -38.10 43.61
CA TYR FB 100 -27.09 -38.91 44.22
C TYR FB 100 -27.21 -38.92 45.74
N ARG FB 101 -27.31 -37.74 46.36
CA ARG FB 101 -27.49 -37.69 47.80
C ARG FB 101 -28.86 -38.21 48.20
N ARG FB 102 -29.90 -37.90 47.42
CA ARG FB 102 -31.21 -38.45 47.72
C ARG FB 102 -31.19 -39.98 47.66
N ARG FB 103 -30.42 -40.54 46.73
CA ARG FB 103 -30.31 -41.98 46.61
C ARG FB 103 -29.56 -42.58 47.78
N ILE FB 104 -28.51 -41.91 48.25
CA ILE FB 104 -27.80 -42.42 49.43
C ILE FB 104 -28.73 -42.47 50.63
N GLN FB 105 -29.48 -41.39 50.86
CA GLN FB 105 -30.39 -41.37 52.00
C GLN FB 105 -31.48 -42.42 51.87
N SER FB 106 -32.09 -42.52 50.69
CA SER FB 106 -33.13 -43.53 50.48
C SER FB 106 -32.57 -44.94 50.61
N ALA FB 107 -31.29 -45.13 50.26
CA ALA FB 107 -30.68 -46.44 50.40
C ALA FB 107 -30.53 -46.82 51.86
N ALA FB 108 -30.05 -45.89 52.69
CA ALA FB 108 -29.96 -46.18 54.12
C ALA FB 108 -31.33 -46.47 54.70
N ARG FB 109 -32.34 -45.72 54.27
CA ARG FB 109 -33.69 -45.93 54.79
C ARG FB 109 -34.23 -47.30 54.37
N LYS FB 110 -33.97 -47.71 53.12
CA LYS FB 110 -34.42 -49.01 52.66
C LYS FB 110 -33.69 -50.14 53.37
N LEU FB 111 -32.41 -49.96 53.68
CA LEU FB 111 -31.68 -50.98 54.43
C LEU FB 111 -32.30 -51.15 55.82
N ALA FB 112 -32.63 -50.05 56.48
CA ALA FB 112 -33.30 -50.14 57.76
C ALA FB 112 -34.62 -50.90 57.63
N ASN FB 113 -35.39 -50.58 56.59
CA ASN FB 113 -36.65 -51.30 56.37
C ASN FB 113 -36.41 -52.79 56.20
N ASN FB 114 -35.37 -53.17 55.46
CA ASN FB 114 -35.10 -54.59 55.24
C ASN FB 114 -34.78 -55.30 56.53
N VAL FB 115 -33.96 -54.68 57.40
CA VAL FB 115 -33.68 -55.30 58.70
C VAL FB 115 -34.96 -55.53 59.46
N GLU FB 116 -35.85 -54.53 59.47
CA GLU FB 116 -37.12 -54.72 60.15
C GLU FB 116 -37.93 -55.86 59.55
N LEU FB 117 -38.01 -55.91 58.23
CA LEU FB 117 -38.85 -56.90 57.59
C LEU FB 117 -38.37 -58.31 57.92
N LYS FB 118 -37.06 -58.53 57.90
CA LYS FB 118 -36.57 -59.86 58.25
C LYS FB 118 -36.71 -60.15 59.74
N VAL FB 119 -36.62 -59.14 60.61
CA VAL FB 119 -36.87 -59.38 62.03
C VAL FB 119 -38.30 -59.85 62.24
N ALA FB 120 -39.26 -59.14 61.65
CA ALA FB 120 -40.67 -59.50 61.81
C ALA FB 120 -40.96 -60.86 61.21
N ASN FB 121 -40.42 -61.14 60.02
CA ASN FB 121 -40.65 -62.43 59.39
C ASN FB 121 -40.05 -63.57 60.19
N MET FB 122 -38.83 -63.39 60.71
CA MET FB 122 -38.22 -64.44 61.51
C MET FB 122 -39.02 -64.69 62.77
N ALA FB 123 -39.50 -63.63 63.42
CA ALA FB 123 -40.33 -63.83 64.60
C ALA FB 123 -41.61 -64.58 64.25
N ALA FB 124 -42.26 -64.18 63.16
CA ALA FB 124 -43.54 -64.77 62.80
C ALA FB 124 -43.41 -66.18 62.27
N GLU FB 125 -42.21 -66.57 61.82
CA GLU FB 125 -42.02 -67.90 61.25
C GLU FB 125 -41.30 -68.85 62.20
N MET FB 126 -40.69 -68.34 63.27
CA MET FB 126 -40.10 -69.19 64.29
C MET FB 126 -40.85 -69.09 65.62
N GLY FB 127 -41.94 -68.34 65.69
CA GLY FB 127 -42.71 -68.25 66.90
C GLY FB 127 -43.46 -69.52 67.23
N SER FB 128 -43.06 -70.19 68.29
CA SER FB 128 -43.68 -71.46 68.64
C SER FB 128 -45.08 -71.28 69.20
N LEU FB 129 -45.25 -70.35 70.13
CA LEU FB 129 -46.54 -70.17 70.78
C LEU FB 129 -47.54 -69.56 69.81
N VAL FB 130 -48.73 -70.16 69.72
CA VAL FB 130 -49.74 -69.75 68.77
C VAL FB 130 -51.03 -69.51 69.54
N ILE FB 131 -51.57 -68.30 69.41
CA ILE FB 131 -52.80 -67.93 70.10
C ILE FB 131 -53.84 -67.68 69.03
N THR FB 132 -54.70 -68.67 68.78
CA THR FB 132 -55.71 -68.54 67.74
C THR FB 132 -57.03 -68.12 68.35
N SER FB 133 -57.86 -67.51 67.52
CA SER FB 133 -59.23 -67.16 67.88
C SER FB 133 -60.17 -67.60 66.78
N PRO FB 134 -61.39 -67.99 67.12
CA PRO FB 134 -62.34 -68.44 66.10
C PRO FB 134 -63.07 -67.32 65.38
N ASP FB 135 -62.83 -66.06 65.76
CA ASP FB 135 -63.50 -64.94 65.13
C ASP FB 135 -62.55 -63.76 65.09
N ALA FB 136 -62.97 -62.70 64.40
CA ALA FB 136 -62.12 -61.52 64.26
C ALA FB 136 -62.03 -60.78 65.59
N ILE FB 137 -61.34 -59.64 65.57
CA ILE FB 137 -61.16 -58.85 66.78
C ILE FB 137 -62.29 -57.84 66.99
N GLY FB 138 -63.02 -57.49 65.95
CA GLY FB 138 -64.12 -56.57 66.13
C GLY FB 138 -65.45 -57.18 66.52
N THR FB 139 -65.50 -58.48 66.81
CA THR FB 139 -66.78 -59.14 67.01
C THR FB 139 -67.31 -58.99 68.43
N ASN FB 140 -66.53 -59.44 69.41
CA ASN FB 140 -66.95 -59.35 70.81
C ASN FB 140 -66.29 -58.14 71.47
N THR FB 141 -66.80 -57.80 72.66
CA THR FB 141 -66.28 -56.67 73.40
C THR FB 141 -65.08 -57.10 74.24
N ALA FB 142 -64.07 -56.23 74.28
CA ALA FB 142 -62.83 -56.44 75.03
C ALA FB 142 -62.06 -57.64 74.55
N ASP FB 143 -62.31 -58.11 73.33
CA ASP FB 143 -61.59 -59.30 72.88
C ASP FB 143 -60.17 -59.00 72.41
N ALA FB 144 -59.85 -57.74 72.11
CA ALA FB 144 -58.44 -57.41 71.92
C ALA FB 144 -57.68 -57.56 73.23
N TRP FB 145 -58.28 -57.11 74.35
CA TRP FB 145 -57.69 -57.40 75.65
C TRP FB 145 -57.64 -58.89 75.91
N ASN FB 146 -58.68 -59.62 75.51
CA ASN FB 146 -58.67 -61.07 75.68
C ASN FB 146 -57.51 -61.70 74.93
N PHE FB 147 -57.21 -61.18 73.74
CA PHE FB 147 -56.15 -61.72 72.92
C PHE FB 147 -54.79 -61.47 73.56
N VAL FB 148 -54.55 -60.22 73.99
CA VAL FB 148 -53.29 -59.88 74.66
C VAL FB 148 -53.15 -60.67 75.96
N ALA FB 149 -54.24 -60.82 76.71
CA ALA FB 149 -54.18 -61.56 77.96
C ALA FB 149 -53.91 -63.04 77.73
N ASP FB 150 -54.45 -63.61 76.64
CA ASP FB 150 -54.13 -64.99 76.31
C ASP FB 150 -52.65 -65.14 76.02
N ALA FB 151 -52.07 -64.18 75.30
CA ALA FB 151 -50.63 -64.23 75.09
C ALA FB 151 -49.87 -64.21 76.41
N GLU FB 152 -50.24 -63.27 77.30
CA GLU FB 152 -49.54 -63.15 78.57
C GLU FB 152 -49.70 -64.41 79.41
N GLU FB 153 -50.89 -65.01 79.39
CA GLU FB 153 -51.15 -66.19 80.19
C GLU FB 153 -50.39 -67.41 79.67
N ILE FB 154 -50.27 -67.55 78.35
CA ILE FB 154 -49.49 -68.67 77.84
C ILE FB 154 -48.01 -68.48 78.15
N MET FB 155 -47.53 -67.23 78.18
CA MET FB 155 -46.15 -67.02 78.61
C MET FB 155 -45.98 -67.29 80.09
N PHE FB 156 -47.00 -66.98 80.91
CA PHE FB 156 -46.89 -67.15 82.35
C PHE FB 156 -46.97 -68.61 82.76
N SER FB 157 -47.90 -69.37 82.16
CA SER FB 157 -48.09 -70.75 82.56
C SER FB 157 -46.86 -71.60 82.28
N ARG FB 158 -46.16 -71.32 81.18
CA ARG FB 158 -44.98 -72.10 80.84
C ARG FB 158 -43.78 -71.74 81.70
N GLU FB 159 -43.92 -70.77 82.58
CA GLU FB 159 -42.81 -70.35 83.46
C GLU FB 159 -41.63 -69.87 82.59
N LEU FB 160 -41.91 -69.16 81.51
CA LEU FB 160 -40.86 -68.59 80.67
C LEU FB 160 -40.30 -67.33 81.30
N ASN FB 161 -39.04 -67.05 80.99
CA ASN FB 161 -38.36 -65.88 81.55
C ASN FB 161 -38.77 -64.63 80.78
N ARG FB 162 -39.24 -63.62 81.51
CA ARG FB 162 -39.65 -62.34 80.95
C ARG FB 162 -39.06 -61.20 81.76
N ASP FB 163 -37.83 -61.38 82.23
CA ASP FB 163 -37.22 -60.37 83.10
C ASP FB 163 -36.89 -59.09 82.35
N MET FB 164 -36.25 -59.21 81.19
CA MET FB 164 -35.82 -58.02 80.47
C MET FB 164 -36.97 -57.37 79.71
N GLY FB 165 -38.12 -58.03 79.66
CA GLY FB 165 -39.29 -57.38 79.10
C GLY FB 165 -40.14 -58.25 78.21
N THR FB 166 -41.28 -57.73 77.78
CA THR FB 166 -42.16 -58.42 76.86
C THR FB 166 -42.75 -57.40 75.90
N SER FB 167 -43.16 -57.86 74.73
CA SER FB 167 -43.64 -56.96 73.69
C SER FB 167 -44.75 -57.61 72.89
N TYR FB 168 -45.73 -56.80 72.50
CA TYR FB 168 -46.86 -57.25 71.69
C TYR FB 168 -47.11 -56.26 70.58
N PHE FB 169 -46.89 -56.68 69.33
CA PHE FB 169 -47.09 -55.84 68.15
C PHE FB 169 -48.37 -56.26 67.46
N PHE FB 170 -49.27 -55.29 67.28
CA PHE FB 170 -50.49 -55.44 66.51
C PHE FB 170 -50.24 -55.02 65.07
N ASN FB 171 -51.05 -55.53 64.18
CA ASN FB 171 -51.08 -54.92 62.87
C ASN FB 171 -52.11 -53.79 62.85
N PRO FB 172 -51.96 -52.82 61.94
CA PRO FB 172 -52.81 -51.62 62.03
C PRO FB 172 -54.31 -51.89 62.00
N GLN FB 173 -54.76 -52.90 61.26
CA GLN FB 173 -56.18 -53.24 61.23
C GLN FB 173 -56.68 -53.61 62.62
N ASP FB 174 -55.97 -54.54 63.29
CA ASP FB 174 -56.40 -54.98 64.61
C ASP FB 174 -56.18 -53.91 65.66
N TYR FB 175 -55.17 -53.06 65.49
CA TYR FB 175 -55.02 -51.92 66.40
C TYR FB 175 -56.21 -50.99 66.30
N LYS FB 176 -56.67 -50.71 65.08
CA LYS FB 176 -57.84 -49.87 64.93
C LYS FB 176 -59.07 -50.53 65.52
N LYS FB 177 -59.22 -51.85 65.35
CA LYS FB 177 -60.37 -52.54 65.92
C LYS FB 177 -60.34 -52.50 67.45
N ALA FB 178 -59.16 -52.63 68.05
CA ALA FB 178 -59.05 -52.50 69.50
C ALA FB 178 -59.42 -51.10 69.97
N GLY FB 179 -58.94 -50.08 69.25
CA GLY FB 179 -59.32 -48.72 69.60
C GLY FB 179 -60.82 -48.49 69.46
N TYR FB 180 -61.42 -49.10 68.44
CA TYR FB 180 -62.86 -49.00 68.27
C TYR FB 180 -63.60 -49.64 69.43
N ASP FB 181 -63.14 -50.81 69.85
CA ASP FB 181 -63.70 -51.46 71.03
C ASP FB 181 -63.63 -50.53 72.24
N LEU FB 182 -62.51 -49.81 72.38
CA LEU FB 182 -62.38 -48.90 73.51
C LEU FB 182 -63.31 -47.70 73.40
N THR FB 183 -63.46 -47.14 72.20
CA THR FB 183 -64.22 -45.91 72.06
C THR FB 183 -65.73 -46.13 71.98
N LYS FB 184 -66.18 -47.35 71.71
CA LYS FB 184 -67.61 -47.64 71.68
C LYS FB 184 -68.16 -47.97 73.05
N ARG FB 185 -67.47 -47.58 74.13
CA ARG FB 185 -67.76 -48.08 75.47
C ARG FB 185 -68.90 -47.36 76.17
N ASP FB 186 -69.44 -46.30 75.58
CA ASP FB 186 -70.52 -45.50 76.18
C ASP FB 186 -70.11 -44.91 77.53
N ILE FB 187 -68.82 -44.68 77.74
CA ILE FB 187 -68.33 -44.06 78.96
C ILE FB 187 -66.91 -43.57 78.69
N PHE FB 188 -66.60 -42.38 79.19
CA PHE FB 188 -65.28 -41.79 79.01
C PHE FB 188 -64.63 -41.59 80.38
N GLY FB 189 -63.49 -42.25 80.58
CA GLY FB 189 -62.68 -42.05 81.76
C GLY FB 189 -61.35 -41.42 81.38
N ARG FB 190 -60.28 -42.22 81.36
CA ARG FB 190 -59.00 -41.79 80.82
C ARG FB 190 -58.55 -42.64 79.64
N ILE FB 191 -58.67 -43.96 79.76
CA ILE FB 191 -58.35 -44.83 78.63
C ILE FB 191 -59.28 -44.59 77.45
N PRO FB 192 -60.61 -44.55 77.61
CA PRO FB 192 -61.45 -44.21 76.45
C PRO FB 192 -61.19 -42.83 75.89
N GLU FB 193 -60.88 -41.83 76.73
CA GLU FB 193 -60.59 -40.51 76.21
C GLU FB 193 -59.30 -40.48 75.40
N GLU FB 194 -58.28 -41.20 75.86
CA GLU FB 194 -57.05 -41.32 75.08
C GLU FB 194 -57.30 -42.03 73.77
N ALA FB 195 -58.03 -43.15 73.81
CA ALA FB 195 -58.33 -43.90 72.61
C ALA FB 195 -59.24 -43.13 71.67
N TYR FB 196 -59.91 -42.09 72.17
CA TYR FB 196 -60.73 -41.26 71.31
C TYR FB 196 -59.90 -40.16 70.65
N ARG FB 197 -59.23 -39.33 71.46
CA ARG FB 197 -58.45 -38.23 70.90
C ARG FB 197 -57.32 -38.77 70.02
N ASP FB 198 -56.51 -39.68 70.57
CA ASP FB 198 -55.48 -40.37 69.82
C ASP FB 198 -55.96 -41.78 69.51
N GLY FB 199 -55.28 -42.44 68.60
CA GLY FB 199 -55.69 -43.81 68.34
C GLY FB 199 -55.17 -44.82 69.33
N THR FB 200 -54.28 -44.42 70.24
CA THR FB 200 -53.57 -45.36 71.08
C THR FB 200 -54.50 -46.00 72.09
N ILE FB 201 -54.43 -47.32 72.23
CA ILE FB 201 -55.22 -48.01 73.23
C ILE FB 201 -54.58 -47.77 74.59
N GLN FB 202 -53.37 -48.28 74.78
CA GLN FB 202 -52.57 -48.05 75.98
C GLN FB 202 -51.17 -48.55 75.68
N ARG FB 203 -50.20 -48.05 76.44
CA ARG FB 203 -48.82 -48.49 76.26
C ARG FB 203 -48.59 -49.87 76.86
N GLN FB 204 -49.34 -50.23 77.90
CA GLN FB 204 -49.26 -51.54 78.52
C GLN FB 204 -50.67 -52.08 78.67
N VAL FB 205 -50.91 -53.27 78.12
CA VAL FB 205 -52.24 -53.87 78.12
C VAL FB 205 -52.11 -55.32 78.59
N ALA FB 206 -52.97 -55.72 79.52
CA ALA FB 206 -53.14 -57.11 79.94
C ALA FB 206 -51.84 -57.74 80.45
N GLY FB 207 -50.88 -56.93 80.88
CA GLY FB 207 -49.67 -57.47 81.45
C GLY FB 207 -48.41 -57.13 80.68
N PHE FB 208 -48.50 -57.16 79.35
CA PHE FB 208 -47.35 -56.79 78.53
C PHE FB 208 -46.93 -55.37 78.84
N ASP FB 209 -45.62 -55.15 78.93
CA ASP FB 209 -45.10 -53.84 79.27
C ASP FB 209 -44.73 -53.00 78.06
N ASP FB 210 -45.01 -53.48 76.85
CA ASP FB 210 -44.80 -52.69 75.64
C ASP FB 210 -45.72 -53.24 74.56
N VAL FB 211 -46.81 -52.53 74.29
CA VAL FB 211 -47.77 -52.90 73.25
C VAL FB 211 -47.73 -51.84 72.18
N LEU FB 212 -47.42 -52.25 70.96
CA LEU FB 212 -47.21 -51.36 69.83
C LEU FB 212 -48.04 -51.82 68.66
N ARG FB 213 -47.96 -51.08 67.56
CA ARG FB 213 -48.45 -51.54 66.27
C ARG FB 213 -47.32 -51.46 65.26
N SER FB 214 -47.29 -52.42 64.35
CA SER FB 214 -46.24 -52.49 63.35
C SER FB 214 -46.89 -52.63 61.98
N PRO FB 215 -46.48 -51.85 60.99
CA PRO FB 215 -47.07 -51.95 59.66
C PRO FB 215 -46.41 -52.99 58.77
N LYS FB 216 -45.33 -53.63 59.23
CA LYS FB 216 -44.58 -54.58 58.43
C LYS FB 216 -44.78 -56.01 58.92
N LEU FB 217 -45.80 -56.25 59.72
CA LEU FB 217 -46.10 -57.61 60.14
C LEU FB 217 -46.61 -58.41 58.94
N PRO FB 218 -46.17 -59.65 58.79
CA PRO FB 218 -46.54 -60.44 57.61
C PRO FB 218 -47.97 -60.93 57.70
N VAL FB 219 -48.38 -61.65 56.66
CA VAL FB 219 -49.67 -62.32 56.61
C VAL FB 219 -49.40 -63.81 56.44
N LEU FB 220 -49.89 -64.61 57.38
CA LEU FB 220 -49.62 -66.04 57.40
C LEU FB 220 -50.71 -66.76 56.61
N THR FB 221 -50.37 -67.20 55.40
CA THR FB 221 -51.35 -67.84 54.54
C THR FB 221 -51.78 -69.18 55.12
N LYS FB 222 -53.03 -69.53 54.85
CA LYS FB 222 -53.55 -70.82 55.29
C LYS FB 222 -52.78 -71.95 54.63
N SER FB 223 -52.66 -73.05 55.34
CA SER FB 223 -52.00 -74.24 54.82
C SER FB 223 -53.07 -75.24 54.42
N THR FB 224 -53.01 -75.67 53.17
CA THR FB 224 -53.97 -76.63 52.64
C THR FB 224 -53.69 -78.05 53.11
N ALA FB 225 -52.59 -78.26 53.83
CA ALA FB 225 -52.24 -79.59 54.30
C ALA FB 225 -53.32 -80.15 55.21
N THR FB 226 -53.65 -81.42 55.02
CA THR FB 226 -54.63 -82.09 55.85
C THR FB 226 -54.43 -83.60 55.76
N GLY FB 227 -54.98 -84.31 56.74
CA GLY FB 227 -54.82 -85.75 56.79
C GLY FB 227 -53.40 -86.22 56.94
N ILE FB 228 -52.64 -85.56 57.82
CA ILE FB 228 -51.23 -85.85 58.01
C ILE FB 228 -51.03 -86.41 59.42
N THR FB 229 -50.38 -87.56 59.50
CA THR FB 229 -50.18 -88.26 60.76
C THR FB 229 -48.71 -88.56 60.95
N VAL FB 230 -48.29 -88.63 62.21
CA VAL FB 230 -46.92 -89.00 62.52
C VAL FB 230 -46.65 -90.41 62.01
N SER FB 231 -45.52 -90.59 61.32
CA SER FB 231 -45.14 -91.88 60.78
C SER FB 231 -44.01 -92.45 61.64
N GLY FB 232 -44.34 -93.46 62.44
CA GLY FB 232 -43.37 -94.08 63.31
C GLY FB 232 -43.22 -93.39 64.63
N ALA FB 233 -43.14 -94.15 65.71
CA ALA FB 233 -42.93 -93.56 67.02
C ALA FB 233 -41.51 -93.04 67.12
N GLN FB 234 -41.37 -91.77 67.48
CA GLN FB 234 -40.07 -91.11 67.54
C GLN FB 234 -39.88 -90.47 68.89
N SER FB 235 -38.63 -90.42 69.34
CA SER FB 235 -38.26 -89.80 70.59
C SER FB 235 -37.06 -88.89 70.36
N PHE FB 236 -37.18 -87.63 70.79
CA PHE FB 236 -36.15 -86.63 70.60
C PHE FB 236 -35.52 -86.32 71.94
N LYS FB 237 -34.19 -86.33 71.99
CA LYS FB 237 -33.45 -86.35 73.22
C LYS FB 237 -32.61 -85.09 73.36
N PRO FB 238 -32.63 -84.43 74.51
CA PRO FB 238 -31.75 -83.26 74.72
C PRO FB 238 -30.29 -83.69 74.77
N VAL FB 239 -29.52 -83.24 73.78
CA VAL FB 239 -28.10 -83.56 73.69
C VAL FB 239 -27.34 -82.26 73.57
N ALA FB 240 -26.06 -82.32 73.94
CA ALA FB 240 -25.17 -81.17 73.85
C ALA FB 240 -24.13 -81.29 72.76
N TRP FB 241 -23.75 -82.51 72.41
CA TRP FB 241 -22.89 -82.76 71.26
C TRP FB 241 -23.08 -84.21 70.83
N GLN FB 242 -22.53 -84.54 69.67
CA GLN FB 242 -22.55 -85.91 69.19
C GLN FB 242 -21.36 -86.13 68.27
N LEU FB 243 -20.99 -87.39 68.10
CA LEU FB 243 -19.82 -87.72 67.32
C LEU FB 243 -20.13 -87.74 65.83
N ASP FB 244 -19.23 -87.16 65.04
CA ASP FB 244 -19.32 -87.28 63.59
C ASP FB 244 -18.68 -88.60 63.16
N ASN FB 245 -18.52 -88.78 61.85
CA ASN FB 245 -17.96 -90.03 61.34
C ASN FB 245 -16.51 -90.21 61.73
N ASP FB 246 -15.78 -89.11 61.95
CA ASP FB 246 -14.38 -89.17 62.31
C ASP FB 246 -14.14 -89.29 63.80
N GLY FB 247 -15.20 -89.31 64.61
CA GLY FB 247 -15.06 -89.35 66.05
C GLY FB 247 -15.01 -87.99 66.73
N ASN FB 248 -14.95 -86.90 65.96
CA ASN FB 248 -14.95 -85.58 66.58
C ASN FB 248 -16.32 -85.26 67.13
N LYS FB 249 -16.35 -84.70 68.33
CA LYS FB 249 -17.59 -84.30 68.96
C LYS FB 249 -17.99 -82.93 68.43
N VAL FB 250 -19.08 -82.86 67.69
CA VAL FB 250 -19.58 -81.61 67.14
C VAL FB 250 -20.85 -81.24 67.89
N ASN FB 251 -21.07 -79.94 68.05
CA ASN FB 251 -22.16 -79.41 68.85
C ASN FB 251 -23.49 -79.60 68.15
N VAL FB 252 -24.56 -79.61 68.94
CA VAL FB 252 -25.93 -79.81 68.45
C VAL FB 252 -26.78 -78.61 68.87
N ASP FB 253 -27.40 -77.95 67.89
CA ASP FB 253 -28.36 -76.90 68.19
C ASP FB 253 -29.61 -77.50 68.81
N ASN FB 254 -30.16 -76.80 69.79
CA ASN FB 254 -31.18 -77.37 70.66
C ASN FB 254 -32.60 -77.02 70.28
N ARG FB 255 -32.81 -76.06 69.37
CA ARG FB 255 -34.15 -75.60 69.03
C ARG FB 255 -34.68 -76.19 67.75
N PHE FB 256 -34.32 -77.43 67.41
CA PHE FB 256 -34.77 -78.00 66.15
C PHE FB 256 -34.93 -79.50 66.31
N ALA FB 257 -36.06 -80.02 65.84
CA ALA FB 257 -36.28 -81.45 65.82
C ALA FB 257 -36.82 -81.85 64.46
N THR FB 258 -36.26 -82.90 63.87
CA THR FB 258 -36.69 -83.40 62.58
C THR FB 258 -37.63 -84.57 62.78
N VAL FB 259 -38.88 -84.39 62.41
CA VAL FB 259 -39.90 -85.41 62.60
C VAL FB 259 -40.30 -85.97 61.24
N THR FB 260 -40.68 -87.24 61.24
CA THR FB 260 -41.15 -87.92 60.04
C THR FB 260 -42.66 -88.01 60.09
N LEU FB 261 -43.33 -87.52 59.07
CA LEU FB 261 -44.78 -87.57 58.96
C LEU FB 261 -45.17 -88.40 57.76
N SER FB 262 -46.47 -88.66 57.63
CA SER FB 262 -46.96 -89.48 56.54
C SER FB 262 -46.67 -88.85 55.19
N ALA FB 263 -46.92 -87.54 55.07
CA ALA FB 263 -46.66 -86.84 53.82
C ALA FB 263 -46.64 -85.34 54.09
N THR FB 264 -45.61 -84.66 53.60
CA THR FB 264 -45.50 -83.22 53.78
C THR FB 264 -46.00 -82.47 52.55
N THR FB 265 -47.28 -82.63 52.26
CA THR FB 265 -47.91 -81.96 51.13
C THR FB 265 -48.71 -80.78 51.66
N GLY FB 266 -48.30 -79.57 51.30
CA GLY FB 266 -48.99 -78.37 51.70
C GLY FB 266 -48.35 -77.59 52.82
N MET FB 267 -47.37 -78.15 53.51
CA MET FB 267 -46.70 -77.42 54.57
C MET FB 267 -45.60 -76.52 54.00
N LYS FB 268 -45.25 -75.51 54.78
CA LYS FB 268 -44.21 -74.57 54.38
C LYS FB 268 -43.69 -73.88 55.63
N ARG FB 269 -42.46 -73.38 55.52
CA ARG FB 269 -41.84 -72.64 56.61
C ARG FB 269 -42.76 -71.57 57.14
N GLY FB 270 -43.09 -71.66 58.43
CA GLY FB 270 -44.03 -70.77 59.08
C GLY FB 270 -45.32 -71.42 59.51
N ASP FB 271 -45.59 -72.64 59.06
CA ASP FB 271 -46.81 -73.34 59.45
C ASP FB 271 -46.81 -73.68 60.92
N LYS FB 272 -47.95 -73.48 61.57
CA LYS FB 272 -48.11 -73.81 62.98
C LYS FB 272 -48.90 -75.10 63.08
N ILE FB 273 -48.34 -76.09 63.77
CA ILE FB 273 -48.95 -77.40 63.91
C ILE FB 273 -49.08 -77.73 65.38
N SER FB 274 -49.77 -78.84 65.65
CA SER FB 274 -49.91 -79.36 67.00
C SER FB 274 -50.31 -80.82 66.90
N PHE FB 275 -49.68 -81.66 67.71
CA PHE FB 275 -49.93 -83.10 67.65
C PHE FB 275 -51.09 -83.47 68.58
N ALA FB 276 -51.97 -84.33 68.09
CA ALA FB 276 -53.20 -84.64 68.81
C ALA FB 276 -52.87 -85.49 70.04
N GLY FB 277 -52.86 -84.87 71.21
CA GLY FB 277 -52.65 -85.61 72.44
C GLY FB 277 -51.57 -85.07 73.34
N VAL FB 278 -50.54 -84.47 72.75
CA VAL FB 278 -49.43 -83.94 73.53
C VAL FB 278 -49.83 -82.60 74.12
N LYS FB 279 -49.39 -82.35 75.35
CA LYS FB 279 -49.75 -81.15 76.08
C LYS FB 279 -48.49 -80.47 76.58
N PHE FB 280 -48.60 -79.18 76.84
CA PHE FB 280 -47.49 -78.42 77.38
C PHE FB 280 -47.20 -78.85 78.81
N LEU FB 281 -46.02 -78.48 79.29
CA LEU FB 281 -45.63 -78.71 80.67
C LEU FB 281 -45.35 -77.38 81.34
N GLY FB 282 -44.85 -77.43 82.56
CA GLY FB 282 -44.53 -76.22 83.29
C GLY FB 282 -43.04 -75.94 83.32
N GLN FB 283 -42.29 -76.60 82.45
CA GLN FB 283 -40.85 -76.45 82.37
C GLN FB 283 -40.14 -76.66 83.71
N MET FB 284 -40.26 -75.70 84.63
CA MET FB 284 -39.53 -75.83 85.88
C MET FB 284 -40.16 -76.89 86.80
N ALA FB 285 -41.48 -76.91 86.88
CA ALA FB 285 -42.15 -77.86 87.76
C ALA FB 285 -42.64 -79.11 87.05
N LYS FB 286 -42.73 -79.07 85.73
CA LYS FB 286 -43.12 -80.25 84.91
C LYS FB 286 -44.55 -80.69 85.23
N ASN FB 287 -45.45 -79.74 85.47
CA ASN FB 287 -46.86 -80.04 85.66
C ASN FB 287 -47.57 -79.91 84.32
N VAL FB 288 -48.46 -80.86 84.03
CA VAL FB 288 -49.10 -80.89 82.73
C VAL FB 288 -50.10 -79.75 82.62
N LEU FB 289 -49.96 -78.96 81.56
CA LEU FB 289 -50.90 -77.89 81.27
C LEU FB 289 -52.12 -78.43 80.55
N ALA FB 290 -53.17 -77.62 80.49
CA ALA FB 290 -54.38 -77.98 79.79
C ALA FB 290 -54.41 -77.44 78.37
N GLN FB 291 -53.30 -76.89 77.90
CA GLN FB 291 -53.22 -76.32 76.56
C GLN FB 291 -52.36 -77.21 75.67
N ASP FB 292 -52.84 -77.47 74.46
CA ASP FB 292 -52.13 -78.33 73.53
C ASP FB 292 -50.80 -77.70 73.13
N ALA FB 293 -49.79 -78.54 72.97
CA ALA FB 293 -48.48 -78.07 72.57
C ALA FB 293 -48.51 -77.65 71.11
N THR FB 294 -47.94 -76.48 70.82
CA THR FB 294 -47.87 -75.95 69.47
C THR FB 294 -46.42 -75.92 69.00
N PHE FB 295 -46.22 -76.16 67.72
CA PHE FB 295 -44.91 -76.11 67.10
C PHE FB 295 -45.00 -75.32 65.81
N SER FB 296 -43.85 -74.87 65.32
CA SER FB 296 -43.78 -74.13 64.07
C SER FB 296 -42.75 -74.80 63.19
N VAL FB 297 -43.10 -75.09 61.95
CA VAL FB 297 -42.14 -75.74 61.05
C VAL FB 297 -41.17 -74.69 60.53
N VAL FB 298 -39.90 -75.06 60.47
CA VAL FB 298 -38.86 -74.14 60.03
C VAL FB 298 -38.23 -74.55 58.71
N ARG FB 299 -38.42 -75.79 58.27
CA ARG FB 299 -37.88 -76.24 57.00
C ARG FB 299 -38.50 -77.57 56.62
N VAL FB 300 -38.99 -77.69 55.39
CA VAL FB 300 -39.48 -78.97 54.88
C VAL FB 300 -38.30 -79.66 54.18
N VAL FB 301 -37.79 -80.71 54.80
CA VAL FB 301 -36.71 -81.51 54.24
C VAL FB 301 -37.30 -82.83 53.74
N ASP FB 302 -36.89 -83.24 52.55
CA ASP FB 302 -37.46 -84.44 51.90
C ASP FB 302 -38.94 -84.27 51.69
N GLY FB 303 -39.63 -85.36 51.39
CA GLY FB 303 -41.06 -85.31 51.16
C GLY FB 303 -41.85 -85.91 52.30
N THR FB 304 -41.16 -86.47 53.29
CA THR FB 304 -41.80 -87.07 54.45
C THR FB 304 -41.20 -86.61 55.77
N HIS FB 305 -40.27 -85.66 55.75
CA HIS FB 305 -39.66 -85.13 56.96
C HIS FB 305 -39.92 -83.63 57.06
N VAL FB 306 -39.93 -83.11 58.28
CA VAL FB 306 -39.97 -81.67 58.53
C VAL FB 306 -39.12 -81.36 59.74
N GLU FB 307 -38.90 -80.06 59.94
CA GLU FB 307 -38.11 -79.53 61.05
C GLU FB 307 -38.99 -78.57 61.83
N ILE FB 308 -39.20 -78.86 63.11
CA ILE FB 308 -40.05 -78.04 63.98
C ILE FB 308 -39.21 -77.50 65.11
N THR FB 309 -39.41 -76.22 65.45
CA THR FB 309 -38.45 -75.53 66.30
C THR FB 309 -38.58 -75.84 67.80
N PRO FB 310 -39.75 -76.14 68.37
CA PRO FB 310 -39.72 -76.62 69.76
C PRO FB 310 -39.39 -78.10 69.76
N LYS FB 311 -38.20 -78.44 70.20
CA LYS FB 311 -37.84 -79.84 70.22
C LYS FB 311 -38.72 -80.56 71.23
N PRO FB 312 -39.54 -81.53 70.80
CA PRO FB 312 -40.48 -82.16 71.73
C PRO FB 312 -39.84 -83.18 72.64
N VAL FB 313 -39.29 -82.74 73.76
CA VAL FB 313 -38.78 -83.66 74.77
C VAL FB 313 -39.95 -84.12 75.62
N ALA FB 314 -40.18 -85.44 75.62
CA ALA FB 314 -41.36 -85.97 76.32
C ALA FB 314 -41.06 -86.24 77.79
N LEU FB 315 -42.05 -86.02 78.63
CA LEU FB 315 -41.91 -86.28 80.05
C LEU FB 315 -41.95 -87.77 80.35
N ASP FB 316 -42.83 -88.51 79.67
CA ASP FB 316 -43.04 -89.92 79.92
C ASP FB 316 -42.10 -90.81 79.11
N ASP FB 317 -41.18 -90.21 78.36
CA ASP FB 317 -40.22 -91.00 77.53
C ASP FB 317 -39.31 -91.81 78.44
N VAL FB 318 -39.42 -93.14 78.38
CA VAL FB 318 -38.63 -93.98 79.27
C VAL FB 318 -37.19 -94.12 78.83
N SER FB 319 -36.89 -93.91 77.55
CA SER FB 319 -35.53 -94.08 77.06
C SER FB 319 -34.63 -92.89 77.36
N LEU FB 320 -35.17 -91.80 77.88
CA LEU FB 320 -34.37 -90.64 78.23
C LEU FB 320 -33.62 -90.88 79.53
N SER FB 321 -32.41 -90.36 79.60
CA SER FB 321 -31.69 -90.32 80.86
C SER FB 321 -32.37 -89.31 81.79
N PRO FB 322 -32.22 -89.46 83.11
CA PRO FB 322 -32.85 -88.48 84.02
C PRO FB 322 -32.41 -87.04 83.78
N GLU FB 323 -31.14 -86.81 83.46
CA GLU FB 323 -30.69 -85.45 83.19
C GLU FB 323 -31.31 -84.92 81.91
N GLN FB 324 -31.60 -85.79 80.94
CA GLN FB 324 -32.28 -85.34 79.73
C GLN FB 324 -33.75 -85.10 79.99
N ARG FB 325 -34.37 -85.96 80.80
CA ARG FB 325 -35.79 -85.77 81.16
C ARG FB 325 -35.95 -84.46 81.93
N ALA FB 326 -34.90 -84.02 82.62
CA ALA FB 326 -34.97 -82.73 83.30
C ALA FB 326 -35.28 -81.59 82.35
N TYR FB 327 -35.12 -81.78 81.05
CA TYR FB 327 -35.39 -80.76 80.05
C TYR FB 327 -36.71 -80.97 79.32
N ALA FB 328 -37.59 -81.83 79.85
CA ALA FB 328 -38.82 -82.16 79.18
C ALA FB 328 -39.77 -80.97 79.13
N ASN FB 329 -40.44 -80.79 78.00
CA ASN FB 329 -41.42 -79.72 77.84
C ASN FB 329 -42.76 -80.18 77.30
N VAL FB 330 -42.96 -81.48 77.12
CA VAL FB 330 -44.22 -82.02 76.63
C VAL FB 330 -44.50 -83.30 77.41
N ASN FB 331 -45.77 -83.59 77.68
CA ASN FB 331 -46.10 -84.72 78.52
C ASN FB 331 -45.96 -86.05 77.79
N THR FB 332 -46.17 -86.08 76.48
CA THR FB 332 -46.22 -87.33 75.73
C THR FB 332 -45.33 -87.23 74.50
N SER FB 333 -44.79 -88.37 74.08
CA SER FB 333 -44.02 -88.43 72.84
C SER FB 333 -44.97 -88.70 71.67
N LEU FB 334 -44.42 -88.92 70.49
CA LEU FB 334 -45.20 -89.20 69.31
C LEU FB 334 -45.48 -90.70 69.20
N ALA FB 335 -46.57 -91.05 68.53
CA ALA FB 335 -47.06 -92.42 68.66
C ALA FB 335 -47.51 -93.03 67.34
N ASP FB 336 -46.89 -92.65 66.22
CA ASP FB 336 -47.03 -93.35 64.95
C ASP FB 336 -48.43 -93.23 64.36
N ALA FB 337 -49.36 -92.62 65.10
CA ALA FB 337 -50.70 -92.43 64.57
C ALA FB 337 -51.28 -91.07 64.88
N MET FB 338 -50.65 -90.26 65.73
CA MET FB 338 -51.25 -89.01 66.14
C MET FB 338 -51.51 -88.11 64.94
N ALA FB 339 -52.66 -87.47 64.93
CA ALA FB 339 -52.95 -86.48 63.91
C ALA FB 339 -52.07 -85.25 64.11
N VAL FB 340 -51.74 -84.59 63.02
CA VAL FB 340 -50.99 -83.34 63.04
C VAL FB 340 -51.98 -82.25 62.69
N ASN FB 341 -52.61 -81.66 63.70
CA ASN FB 341 -53.55 -80.57 63.49
C ASN FB 341 -52.79 -79.35 63.01
N ILE FB 342 -53.37 -78.62 62.06
CA ILE FB 342 -52.78 -77.40 61.54
C ILE FB 342 -53.56 -76.23 62.09
N LEU FB 343 -52.87 -75.35 62.82
CA LEU FB 343 -53.56 -74.27 63.53
C LEU FB 343 -53.98 -73.14 62.60
N ASN FB 344 -53.21 -72.84 61.55
CA ASN FB 344 -53.54 -71.75 60.64
C ASN FB 344 -54.39 -72.30 59.50
N VAL FB 345 -55.68 -71.97 59.53
CA VAL FB 345 -56.63 -72.48 58.55
C VAL FB 345 -57.21 -71.40 57.67
N LYS FB 346 -56.94 -70.13 57.96
CA LYS FB 346 -57.38 -69.00 57.15
C LYS FB 346 -56.22 -68.03 56.97
N ASP FB 347 -56.25 -67.29 55.87
CA ASP FB 347 -55.26 -66.24 55.67
C ASP FB 347 -55.52 -65.12 56.68
N ALA FB 348 -54.47 -64.70 57.39
CA ALA FB 348 -54.67 -63.69 58.42
C ALA FB 348 -53.37 -62.95 58.66
N ARG FB 349 -53.46 -61.63 58.79
CA ARG FB 349 -52.32 -60.85 59.24
C ARG FB 349 -52.00 -61.19 60.68
N THR FB 350 -50.71 -61.25 60.99
CA THR FB 350 -50.26 -61.73 62.28
C THR FB 350 -50.09 -60.60 63.29
N ASN FB 351 -50.44 -60.90 64.53
CA ASN FB 351 -49.98 -60.14 65.68
C ASN FB 351 -48.91 -60.96 66.38
N VAL FB 352 -47.83 -60.32 66.80
CA VAL FB 352 -46.63 -61.03 67.23
C VAL FB 352 -46.21 -60.54 68.61
N PHE FB 353 -46.01 -61.47 69.53
CA PHE FB 353 -45.52 -61.14 70.86
C PHE FB 353 -44.25 -61.94 71.14
N TRP FB 354 -43.42 -61.39 72.02
CA TRP FB 354 -42.21 -62.11 72.41
C TRP FB 354 -41.67 -61.57 73.72
N ALA FB 355 -40.88 -62.41 74.40
CA ALA FB 355 -40.03 -61.93 75.46
C ALA FB 355 -38.85 -61.19 74.83
N ASP FB 356 -38.49 -60.05 75.44
CA ASP FB 356 -37.67 -59.07 74.74
C ASP FB 356 -36.28 -59.58 74.38
N ASP FB 357 -35.83 -60.68 74.98
CA ASP FB 357 -34.49 -61.18 74.73
C ASP FB 357 -34.46 -62.35 73.75
N ALA FB 358 -35.59 -62.71 73.15
CA ALA FB 358 -35.62 -63.84 72.23
C ALA FB 358 -34.96 -63.56 70.89
N ILE FB 359 -35.25 -62.41 70.28
CA ILE FB 359 -34.72 -62.04 68.98
C ILE FB 359 -33.50 -61.14 69.21
N ARG FB 360 -32.40 -61.47 68.54
CA ARG FB 360 -31.23 -60.60 68.54
C ARG FB 360 -30.75 -60.44 67.10
N ILE FB 361 -29.91 -59.44 66.89
CA ILE FB 361 -29.36 -59.11 65.58
C ILE FB 361 -27.84 -59.15 65.72
N VAL FB 362 -27.23 -60.21 65.21
CA VAL FB 362 -25.79 -60.39 65.25
C VAL FB 362 -25.18 -59.63 64.09
N SER FB 363 -24.27 -58.71 64.38
CA SER FB 363 -23.70 -57.83 63.38
C SER FB 363 -22.18 -58.02 63.28
N GLN FB 364 -21.66 -57.97 62.07
CA GLN FB 364 -20.25 -58.08 61.79
C GLN FB 364 -19.83 -56.94 60.86
N PRO FB 365 -18.56 -56.53 60.93
CA PRO FB 365 -18.08 -55.48 60.02
C PRO FB 365 -17.54 -56.05 58.72
N ILE FB 366 -17.46 -55.16 57.73
CA ILE FB 366 -16.83 -55.45 56.45
C ILE FB 366 -15.59 -54.58 56.33
N PRO FB 367 -14.42 -55.11 56.65
CA PRO FB 367 -13.22 -54.28 56.64
C PRO FB 367 -12.76 -53.95 55.24
N ALA FB 368 -13.53 -53.14 54.54
CA ALA FB 368 -13.15 -52.63 53.24
C ALA FB 368 -12.32 -51.36 53.35
N ASN FB 369 -12.04 -50.88 54.56
CA ASN FB 369 -11.14 -49.75 54.75
C ASN FB 369 -9.68 -50.16 54.77
N HIS FB 370 -9.40 -51.45 54.59
CA HIS FB 370 -8.06 -51.99 54.68
C HIS FB 370 -7.15 -51.39 53.59
N GLU FB 371 -5.86 -51.69 53.71
CA GLU FB 371 -4.92 -51.31 52.64
C GLU FB 371 -5.10 -52.19 51.42
N LEU FB 372 -5.58 -53.42 51.61
CA LEU FB 372 -5.76 -54.34 50.48
C LEU FB 372 -6.79 -53.83 49.49
N PHE FB 373 -7.60 -52.84 49.89
CA PHE FB 373 -8.58 -52.23 48.99
C PHE FB 373 -8.12 -50.81 48.71
N ALA FB 374 -7.30 -50.67 47.68
CA ALA FB 374 -6.84 -49.37 47.21
C ALA FB 374 -7.50 -49.05 45.88
N GLY FB 375 -7.68 -47.76 45.63
CA GLY FB 375 -8.42 -47.30 44.48
C GLY FB 375 -9.86 -47.02 44.82
N MET FB 376 -10.41 -47.74 45.80
CA MET FB 376 -11.75 -47.50 46.26
C MET FB 376 -11.72 -46.71 47.57
N LYS FB 377 -12.73 -45.87 47.76
CA LYS FB 377 -12.81 -45.03 48.93
C LYS FB 377 -13.98 -45.50 49.78
N THR FB 378 -13.69 -45.89 51.02
CA THR FB 378 -14.63 -46.56 51.89
C THR FB 378 -14.73 -45.86 53.22
N THR FB 379 -15.96 -45.60 53.66
CA THR FB 379 -16.23 -45.00 54.95
C THR FB 379 -17.22 -45.89 55.70
N SER FB 380 -17.34 -45.64 57.00
CA SER FB 380 -18.39 -46.28 57.78
C SER FB 380 -19.70 -45.55 57.56
N PHE FB 381 -20.81 -46.27 57.71
CA PHE FB 381 -22.12 -45.77 57.34
C PHE FB 381 -23.08 -46.16 58.46
N SER FB 382 -23.35 -45.22 59.36
CA SER FB 382 -24.24 -45.46 60.47
C SER FB 382 -25.68 -45.34 59.99
N ILE FB 383 -26.50 -46.33 60.34
CA ILE FB 383 -27.92 -46.25 60.01
C ILE FB 383 -28.66 -45.79 61.26
N PRO FB 384 -29.54 -44.81 61.15
CA PRO FB 384 -30.40 -44.45 62.29
C PRO FB 384 -31.49 -45.49 62.47
N ASP FB 385 -32.45 -45.23 63.36
CA ASP FB 385 -33.53 -46.18 63.61
C ASP FB 385 -32.95 -47.48 64.11
N VAL FB 386 -32.74 -48.44 63.20
CA VAL FB 386 -31.99 -49.64 63.56
C VAL FB 386 -30.58 -49.23 63.97
N GLY FB 387 -30.07 -49.84 65.03
CA GLY FB 387 -28.74 -49.49 65.50
C GLY FB 387 -27.65 -50.27 64.82
N LEU FB 388 -27.43 -50.04 63.52
CA LEU FB 388 -26.53 -50.86 62.74
C LEU FB 388 -25.54 -50.00 61.98
N ASN FB 389 -24.44 -50.63 61.60
CA ASN FB 389 -23.32 -49.97 60.92
C ASN FB 389 -22.96 -50.77 59.69
N GLY FB 390 -22.84 -50.10 58.55
CA GLY FB 390 -22.38 -50.74 57.34
C GLY FB 390 -21.22 -49.98 56.75
N ILE FB 391 -20.90 -50.26 55.50
CA ILE FB 391 -19.85 -49.52 54.81
C ILE FB 391 -20.43 -48.85 53.59
N PHE FB 392 -19.84 -47.74 53.21
CA PHE FB 392 -20.16 -47.02 51.99
C PHE FB 392 -18.89 -46.92 51.17
N ALA FB 393 -18.90 -47.51 49.97
CA ALA FB 393 -17.71 -47.59 49.14
C ALA FB 393 -18.00 -47.00 47.77
N THR FB 394 -17.02 -46.29 47.23
CA THR FB 394 -17.11 -45.67 45.93
C THR FB 394 -15.86 -45.98 45.13
N GLN FB 395 -16.03 -46.24 43.83
CA GLN FB 395 -14.90 -46.54 42.96
C GLN FB 395 -15.13 -45.89 41.61
N GLY FB 396 -14.21 -45.00 41.22
CA GLY FB 396 -14.31 -44.33 39.94
C GLY FB 396 -13.53 -45.04 38.85
N ASP FB 397 -14.19 -45.33 37.73
CA ASP FB 397 -13.58 -46.04 36.61
C ASP FB 397 -13.52 -45.10 35.41
N ILE FB 398 -12.33 -44.56 35.14
CA ILE FB 398 -12.15 -43.70 33.98
C ILE FB 398 -12.35 -44.46 32.67
N SER FB 399 -12.21 -45.79 32.68
CA SER FB 399 -12.28 -46.57 31.44
C SER FB 399 -13.57 -46.32 30.68
N THR FB 400 -14.71 -46.34 31.37
CA THR FB 400 -15.96 -45.84 30.80
C THR FB 400 -16.25 -44.43 31.29
N LEU FB 401 -15.31 -43.83 32.03
CA LEU FB 401 -15.48 -42.52 32.64
C LEU FB 401 -16.78 -42.49 33.44
N SER FB 402 -16.91 -43.47 34.33
CA SER FB 402 -18.08 -43.61 35.18
C SER FB 402 -17.59 -43.99 36.58
N GLY FB 403 -18.54 -44.31 37.45
CA GLY FB 403 -18.20 -44.70 38.81
C GLY FB 403 -19.29 -45.58 39.37
N LEU FB 404 -18.93 -46.28 40.44
CA LEU FB 404 -19.85 -47.18 41.12
C LEU FB 404 -19.92 -46.83 42.60
N CYS FB 405 -21.11 -46.99 43.18
CA CYS FB 405 -21.39 -46.71 44.57
C CYS FB 405 -22.05 -47.92 45.19
N ARG FB 406 -21.69 -48.25 46.42
CA ARG FB 406 -22.20 -49.47 47.06
C ARG FB 406 -22.27 -49.28 48.55
N ILE FB 407 -23.44 -49.51 49.13
CA ILE FB 407 -23.66 -49.44 50.57
C ILE FB 407 -23.98 -50.85 51.04
N ALA FB 408 -23.10 -51.42 51.85
CA ALA FB 408 -23.18 -52.83 52.22
C ALA FB 408 -23.33 -52.97 53.73
N LEU FB 409 -24.35 -53.70 54.15
CA LEU FB 409 -24.64 -53.92 55.57
C LEU FB 409 -24.70 -55.42 55.83
N TRP FB 410 -23.97 -55.87 56.83
CA TRP FB 410 -23.83 -57.28 57.14
C TRP FB 410 -24.37 -57.57 58.53
N TYR FB 411 -25.27 -58.55 58.63
CA TYR FB 411 -25.94 -58.88 59.88
C TYR FB 411 -26.75 -60.15 59.70
N GLY FB 412 -27.27 -60.66 60.81
CA GLY FB 412 -28.13 -61.82 60.81
C GLY FB 412 -29.11 -61.78 61.97
N VAL FB 413 -30.36 -62.13 61.72
CA VAL FB 413 -31.39 -62.09 62.75
C VAL FB 413 -31.56 -63.49 63.31
N ASN FB 414 -31.48 -63.62 64.64
CA ASN FB 414 -31.49 -64.93 65.27
C ASN FB 414 -32.53 -64.96 66.37
N ALA FB 415 -33.23 -66.08 66.46
CA ALA FB 415 -34.24 -66.32 67.50
C ALA FB 415 -33.68 -67.38 68.44
N THR FB 416 -33.10 -66.94 69.55
CA THR FB 416 -32.44 -67.87 70.45
C THR FB 416 -33.44 -68.71 71.24
N ARG FB 417 -34.60 -68.17 71.56
CA ARG FB 417 -35.65 -68.88 72.29
C ARG FB 417 -36.93 -68.82 71.48
N PRO FB 418 -37.10 -69.74 70.53
CA PRO FB 418 -38.36 -69.75 69.77
C PRO FB 418 -39.57 -70.02 70.64
N GLU FB 419 -39.40 -70.73 71.75
CA GLU FB 419 -40.52 -71.00 72.64
C GLU FB 419 -41.03 -69.73 73.32
N ALA FB 420 -40.26 -68.65 73.27
CA ALA FB 420 -40.69 -67.39 73.85
C ALA FB 420 -41.36 -66.48 72.84
N ILE FB 421 -41.10 -66.66 71.56
CA ILE FB 421 -41.76 -65.89 70.53
C ILE FB 421 -43.09 -66.54 70.20
N GLY FB 422 -44.11 -65.70 69.97
CA GLY FB 422 -45.44 -66.21 69.69
C GLY FB 422 -46.07 -65.49 68.51
N VAL FB 423 -47.26 -65.95 68.15
CA VAL FB 423 -48.01 -65.34 67.06
C VAL FB 423 -49.49 -65.34 67.46
N GLY FB 424 -50.21 -64.33 67.01
CA GLY FB 424 -51.62 -64.22 67.33
C GLY FB 424 -52.50 -64.21 66.10
N LEU FB 425 -53.31 -65.24 65.94
CA LEU FB 425 -54.09 -65.45 64.71
C LEU FB 425 -55.58 -65.35 65.01
N PRO FB 426 -56.20 -64.21 64.77
CA PRO FB 426 -57.65 -64.10 64.96
C PRO FB 426 -58.39 -64.55 63.72
N GLY FB 427 -59.66 -64.90 63.93
CA GLY FB 427 -60.50 -65.31 62.82
C GLY FB 427 -60.05 -66.58 62.16
N GLN FB 428 -59.62 -67.57 62.93
CA GLN FB 428 -59.20 -68.85 62.39
C GLN FB 428 -60.35 -69.84 62.35
N THR FB 429 -61.47 -69.43 61.77
CA THR FB 429 -62.66 -70.28 61.70
C THR FB 429 -62.65 -71.12 60.44
N ALA FB 430 -63.25 -72.31 60.53
CA ALA FB 430 -63.33 -73.25 59.42
C ALA FB 430 -61.95 -73.57 58.84
#